data_9OL6
#
_entry.id   9OL6
#
loop_
_entity.id
_entity.type
_entity.pdbx_description
1 polymer 'Ryanodine receptor 1'
2 polymer 'Peptidyl-prolyl cis-trans isomerase FKBP1B'
3 non-polymer 'CALCIUM ION'
4 non-polymer 'ZINC ION'
#
loop_
_entity_poly.entity_id
_entity_poly.type
_entity_poly.pdbx_seq_one_letter_code
_entity_poly.pdbx_strand_id
1 'polypeptide(L)'
;MGDGGEGEDEVQFLRTDDEVVLQCSATVLKEQLKLCLAAEGFGNRLCFLEPTSNAQNVPPDLAICCFTLEQSLSVRALQE
MLANTVEAGVESSQGGGHRTLLYGHAILLRHAHSRMYLSCLTTSRSMTDKLAFDVGLQEDATGEACWWTMHPASKQRSEG
EKVRVGDDLILVSVSSERYLHLSTASGELQVDASFMQTLWNMNPICSCCEEGYVTGGHVLRLFHGHMDECLTISAADSDD
QRRLVYYEGGAVCTHARSLWRLEPLRISWSGSHLRWGQPLRIRHVTTGRYLALTEDQGLVVVDACKAHTKATSFCFRVSK
EKLDTAPKRDVEGMGPPEIKYGESLCFVQHVASGLWLTYAAPDPKALRLGVLKKKAILHQEGHMDDALFLTRCQQEESQA
ARMIHSTAGLYNQFIKGLDSFSGKPRGSGPPAGPALPIEAVILSLQDLIGYFEPPSEELQHEEKQSKLRSLRNRQSLFQE
EGMLSLVLNCIDRLNVYTTAAHFAEYAGEEAAESWKEIVNLLYELLASLIRGNRANCALFSTNLDWVVSKLDRLEASSGI
LEVLYCVLIESPEVLNIIQENHIKSIISLLDKHGRNHKVLDVLCSLCVCNGVAVRSNQDLITENLLPGRELLLQTNLINY
VTSIRPNIFVGRAEGSTQYGKWYFEVMVDEVVPFLTAQATHLRVGWALTEGYSPYPGGGEGWGGNGVGDDLYSYGFDGLH
LWTGHVARPVTSPGQHLLAPEDVVSCCLDLSVPSISFRINGCPVQGVFEAFNLDGLFFPVVSFSAGVKVRFLLGGRHGEF
KFLPPPGYAPCHEAVLPRERLRLEPIKEYRREGPRGPHLVGPSRCLSHTDFVPCPVDTVQIVLPPHLERIREKLAENIHE
LWALTRIEQGWTYGPVRDDNKRLHPCLVNFHSLPEPERNYNLQMSGETLKTLLALGCHVGMADEKAEDNLKKTKLPKTYM
MSNGYKPAPLDLSHVRLTPAQTTLVDRLAENGHNVWARDRVAQGWSYSAVQDIPARRNPRLVPYRLLDEATKRSNRDSLC
QAVRTLLGYGYNIEPPDQEPSQVENQSRWDRVRIFRAEKSYTVQSGRWYFEFEAVTTGEMRVGWARPELRPDVELGADEL
AYVFNGHRGQRWHLGSEPFGRPWQSGDVVGCMIDLTENTIIFTLNGEVLMSDSGSETAFREIEIGDGFLPVCSLGPGQVG
HLNLGQDVSSLRFFAICGLQEGFEPFAINMQRPVTTWFSKSLPQFEPVPPEHPHYEVARMDGTVDTPPCLRLAHRTWGSQ
NSLVEMLFLRLSLPVQFHQHFRCTAGATPLAPPGLQPPAEDEARAAEPDPDYENLRRSAGGWGEAEGGKEGTAKEGTPGG
TPQPGVEAQPVRAENEKDATTEKNKKRGFLFKAKKAAMMTQPPATPALPRLPHDVVPADNRDDPEIILNTTTYYYSVRVF
AGQEPSCVWVGWVTPDYHQHDMNFDLSKVRAVTVTMGDEQGNVHSSLKCSNCYMVWGGDFVSPGQQGRISHTDLVIGCLV
DLATGLMTFTANGKESNTFFQVEPNTKLFPAVFVLPTHQNVIQFELGKQKNIMPLSAAMFLSERKNPAPQCPPRLEVQML
MPVSWSRMPNHFLQVETRRAGERLGWAVQCQDPLTMMALHIPEENRCMDILELSERLDLQRFHSHTLRLYRAVCALGNNR
VAHALCSHVDQAQLLHALEDAHLPGPLRAGYYDLLISIHLESACRSRRSMLSEYIVPLTPETRAITLFPPGRKGGNARRH
GLPGVGVTTSLRPPHHFSPPCFVAALPAAGVAEAPARLSPAIPLEALRDKALRMLGEAVRDGGQHARDPVGGSVEFQFVP
VLKLVSTLLVMGIFGDEDVKQILKMIEPEVFTEEEEEEEEEEEEEEEEEEDEEEKEEDEEEEEKEDAEKEEEEAPEGEKE
DLEEGLLQMKLPESVKLQMCNLLEYFCDQELQHRVESLAAFAERYVDKLQANQRSRYALLMRAFTMSAAETARRTREFRS
PPQEQINMLLHFKDEADEEDCPLPEDIRQDLQDFHQDLLAHCGIQLEGEEEEPEEETSLSSRLRSLLETVRLVKKKEEKP
EEELPAEEKKPQSLQELVSHMVVRWAQEDYVQSPELVRAMFSLLHRQYDGLGELLRALPRAYTISPSSVEDTMSLLECLG
QIRSLLIVQMGPQEENLMIQSIGNIMNNKVFYQHPNLMRALGMHETVMEVMVNVLGGGETKEIRFPKMVTSCCRFLCYFC
RISRQNQRSMFDHLSYLLENSGIGLGMQGSTPLDVAAASVIDNNELALALQEQDLEKVVSYLAGCGLQSCPMLLAKGYPD
IGWNPCGGERYLDFLRFAVFVNGESVEENANVVVRLLIRKPECFGPALRGEGGSGLLAAIEEAIRISEDPARDGPGVRRD
RRREHFGEEPPEENRVHLGHAIMSFYAALIDLLGRCAPEMHLIQAGKGEALRIRAILRSLVPLDDLVGIISLPLQIPTLG
KDGALVQPKMSASFVPDHKASMVLFLDRVYGIENQDFLLHVLDVGFLPDMRAAASLDTATFSTTEMALALNRYLCLAVLP
LITKCAPLFAGTEHRAIMVDSMLHTVYRLSRGRSLTKAQRDVIEDCLMALCRYIRPSMLQHLLRRLVFDVPILNEFAKMP
LKLLTNHYERCWKYYCLPTGWANFGVTSEEELHLTRKLFWGIFDSLAHKKYDQELYRMAMPCLCAIAGALPPDYVDASYS
SKAEKKATVDAEGNFDPRPVETLNVIIPEKLDSFINKFAEYTHEKWAFDKIQNNWSYGENVDEELKTHPMLRPYKTFSEK
DKEIYRWPIKESLKAMIAWEWTIEKAREGEEERTEKKKTRKISQTAQTYDPREGYNPQPPDLSGVTLSRELQAMAEQLAE
NYHNTWGRKKKQELEAKGGGTHPLLVPYDTLTAKEKARDREKAQELLKFLQMNGYAVTRGLKDMELDTSSIEKRFAFGFL
QQLLRWMDISQEFIAHLEAVVSSGRVEKSPHEQEIKFFAKILLPLINQYFTNHCLYFLSTPAKVLGSGGHASNKEKEMIT
SLFCKLAALVRHRVSLFGTDAPAVVNCLHILARSLDARTVMKSGPEIVKAGLRSFFESASEDIEKMVENLRLGKVSQART
QVKGVGQNLTYTTVALLPVLTTLFQHIAQHQFGDDVILDDVQVSCYRTLCSIYSLGTTKNTYVEKLRPALGECLARLAAA
MPVAFLEPQLNEYNACSVYTTKSPRERAILGLPNSVEEMCPDIPVLDRLMADIGGLAESGARYTEMPHVIEITLPMLCSY
LPRWWERGPEAPPPALPAGAPPPCTAVTSDHLNSLLGNILRIIVNNLGIDEATWMKRLAVFAQPIVSRARPELLHSHFIP
TIGRLRKRAGKVVAEEEQLRLEAKAEAEEGELLVRDEFSVLCRDLYALYPLLIRYVDNNRAHWLTEPNANAEELFRMVGE
IFIYWSKSHNFKREEQNFVVQNEINNMSFLTADSKSKMAKAGDAQSGGSDQERTKKKRRGDRYSVQTSLIVATLKKMLPI
GLNMCAPTDQDLIMLAKTRYALKDTDEEVREFLQNNLHLQGKVEGSPSLRWQMALYRGLPGREEDADDPEKIVRRVQEVS
AVLYHLEQTEHPYKSKKAVWHKLLSKQRRRAVVACFRMTPLYNLPTHRACNMFLESYKAAWILTEDHSFEDRMIDDLSKA
GEQEEEEEEVEEKKPDPLHQLVLHFSRTALTEKSKLDEDYLYMAYADIMAKSCHLEEGGENGEAEEEEVEVSFEEKEMEK
QRLLYQQSRLHTRGAAEMVLQMISACKGETGAMVSSTLKLGISILNGGNAEVQQKMLDYLKDKKEVGFFQSIQALMQTCS
VLDLNAFERQNKAEGLGMVNEDGTVINRQNGEKVMADDEFTQDLFRFLQLLCEGHNNDFQNYLRTQTGNTTTINIIICTV
DYLLRLQESISDFYWYYSGKDVIEEQGKRNFSKAMSVAKQVFNSLTEYIQGPCTGNQQSLAHSRLWDAVVGFLHVFAHMM
MKLAQDSSQIELLKELLDLQKDMVVMLLSLLEGNVVNGMIARQMVDMLVESSSNVEMILKFFDMFLKLKDIVGSEAFQDY
VTDPRGLISKKDFQKAMDSQKQFTGPEIQFLLSCSEADENEMINFEEFANRFQEPARDIGFNVAVLLTNLSEHVPHDPRL
RNFLELAESILEYFRPYLGRIEIMGASRRIERIYFEISETNRAQWEMPQVKESKRQFIFDVVNEGGEAEKMELFVSFCED
TIFEMQIAAQISEPEGEPEADEDEGMGEAAAEGAEEGAAGAEGAAGTVAAGATARLAAAAARALRGLSYRSLRRRVRRLR
RLTAREAATALAALLWAVVARAGAAGAGAAAGALRLLWGSLFGGGLVEGAKKVTVTELLAGMPDPTSDEVHGEQPAGPGG
DADGAGEGEGEGDAAEGDGDEEVAGHEAGPGGAEGVVAVADGGPFRPEGAGGLGDMGDTTPAEPPTPEGSPILKRKLGVD
GEEEELVPEPEPEPEPEPEKADEENGEKEEVPEAPPEPPKKAPPSPPAKKEEAGGAGMEFWGELEVQRVKFLNYLSRNFY
TLRFLALFLAFAINFILLFYKVSDSPPGEDDMEGSAAGDLAGAGSGGGSGWGSGAGEEAEGDEDENMVYYFLEESTGYME
PALWCLSLLHTLVAFLCIIGYNCLKVPLVIFKREKELARKLEFDGLYITEQPGDDDVKGQWDRLVLNTPSFPSNYWDKFV
KRKVLDKHGDIFGRERIAELLGMDLASLEITAHNERKPDPPPGLLTWLMSIDVKYQIWKFGVIFTDNSFLYLGWYMVMSL
LGHYNNFFFAAHLLDIAMGVKTLRTILSSVTHNGKQLVMTVGLLAVVVYLYTVVAFNFFRKFYNKSEDEDEPDMKCDDMM
TCYLFHMYVGVRAGGGIGDEIEDPAGDEYELYRVVFDITFFFFVIVILLAIIQGLIIDAFGELRDQQEQVKEDMETKCFI
CGIGSDYFDTTPHGFETHTLEEHNLANYMFFLMYLINKDETEHTGQESYVWKMYQERCWDFFPAGDCFRKQYEDQLS
;
A,G,M,S
2 'polypeptide(L)'
;SNAMGVEIETISPGDGRTFPKKGQTCVVHYTGMLQNGKKFDSSRDRNKPFKFRIGKQEVIKGFEEGAAQMSLGQRAKLTC
TPDVAYGATGHPGVIPPNATLIFDVELLNLE
;
B,H,N,T
#
loop_
_chem_comp.id
_chem_comp.type
_chem_comp.name
_chem_comp.formula
CA non-polymer 'CALCIUM ION' 'Ca 2'
ZN non-polymer 'ZINC ION' 'Zn 2'
#
# COMPACT_ATOMS: atom_id res chain seq x y z
N VAL A 11 0.23 -23.58 -20.35
CA VAL A 11 0.49 -24.91 -20.86
C VAL A 11 1.57 -24.81 -21.93
N GLN A 12 2.62 -25.62 -21.80
CA GLN A 12 3.76 -25.56 -22.70
C GLN A 12 3.61 -26.61 -23.80
N PHE A 13 3.93 -26.21 -25.03
CA PHE A 13 3.86 -27.09 -26.20
C PHE A 13 5.26 -27.32 -26.74
N LEU A 14 5.56 -28.56 -27.10
CA LEU A 14 6.85 -28.90 -27.66
C LEU A 14 6.98 -28.34 -29.07
N ARG A 15 8.23 -28.18 -29.52
CA ARG A 15 8.52 -27.69 -30.86
C ARG A 15 9.83 -28.32 -31.33
N THR A 16 10.11 -28.17 -32.63
CA THR A 16 11.36 -28.68 -33.17
C THR A 16 12.53 -27.88 -32.62
N ASP A 17 13.71 -28.50 -32.62
CA ASP A 17 14.96 -27.97 -32.11
C ASP A 17 15.00 -27.91 -30.59
N ASP A 18 13.99 -28.41 -29.90
CA ASP A 18 14.06 -28.50 -28.45
C ASP A 18 14.88 -29.73 -28.04
N GLU A 19 15.23 -29.78 -26.76
CA GLU A 19 16.08 -30.83 -26.22
C GLU A 19 15.31 -31.55 -25.12
N VAL A 20 15.15 -32.86 -25.26
CA VAL A 20 14.29 -33.64 -24.39
C VAL A 20 14.98 -34.94 -24.00
N VAL A 21 14.37 -35.66 -23.07
CA VAL A 21 14.82 -36.98 -22.66
C VAL A 21 13.61 -37.90 -22.58
N LEU A 22 13.86 -39.19 -22.75
CA LEU A 22 12.81 -40.21 -22.67
C LEU A 22 12.90 -40.91 -21.33
N GLN A 23 11.74 -41.18 -20.70
CA GLN A 23 11.65 -41.77 -19.33
C GLN A 23 10.58 -42.87 -19.15
N CYS A 24 10.80 -43.81 -18.25
CA CYS A 24 9.91 -44.97 -17.95
C CYS A 24 9.86 -45.19 -16.43
N SER A 25 8.84 -45.89 -15.91
CA SER A 25 8.72 -46.27 -14.48
C SER A 25 8.58 -47.78 -14.28
N ALA A 26 9.19 -48.32 -13.21
CA ALA A 26 9.12 -49.76 -12.86
C ALA A 26 9.10 -49.87 -11.33
N THR A 27 8.31 -50.80 -10.78
CA THR A 27 8.19 -50.92 -9.30
C THR A 27 8.90 -52.19 -8.81
N VAL A 28 10.21 -52.09 -8.55
CA VAL A 28 10.95 -53.27 -8.00
C VAL A 28 11.02 -53.10 -6.47
N LEU A 29 10.96 -54.19 -5.70
CA LEU A 29 10.94 -54.11 -4.21
C LEU A 29 9.90 -53.08 -3.79
N LYS A 30 8.66 -53.19 -4.28
CA LYS A 30 7.58 -52.22 -3.93
C LYS A 30 8.13 -50.80 -3.98
N GLU A 31 8.58 -50.34 -5.16
CA GLU A 31 9.21 -48.99 -5.28
C GLU A 31 9.09 -48.45 -6.70
N GLN A 32 8.34 -47.37 -6.89
CA GLN A 32 8.20 -46.74 -8.24
C GLN A 32 9.45 -45.92 -8.57
N LEU A 33 10.37 -46.47 -9.37
CA LEU A 33 11.63 -45.79 -9.73
C LEU A 33 11.51 -45.16 -11.12
N LYS A 34 12.37 -44.18 -11.44
CA LYS A 34 12.35 -43.58 -12.79
C LYS A 34 13.64 -43.97 -13.53
N LEU A 35 13.56 -44.36 -14.81
CA LEU A 35 14.74 -44.71 -15.62
C LEU A 35 14.69 -44.00 -16.99
N CYS A 36 15.81 -43.46 -17.48
CA CYS A 36 15.92 -42.73 -18.78
C CYS A 36 16.75 -43.51 -19.80
N LEU A 37 16.57 -43.30 -21.11
CA LEU A 37 17.30 -44.01 -22.19
C LEU A 37 18.64 -43.32 -22.43
N ALA A 38 19.75 -44.07 -22.40
CA ALA A 38 21.11 -43.55 -22.58
C ALA A 38 21.88 -44.36 -23.61
N ALA A 39 22.88 -43.78 -24.24
CA ALA A 39 23.77 -44.47 -25.23
C ALA A 39 25.13 -43.77 -25.21
N GLU A 40 26.23 -44.48 -25.46
CA GLU A 40 27.58 -43.88 -25.57
C GLU A 40 27.83 -43.42 -27.01
N GLY A 41 27.66 -44.29 -27.99
CA GLY A 41 27.79 -43.94 -29.43
C GLY A 41 29.11 -44.36 -30.03
N PHE A 42 30.21 -44.17 -29.33
CA PHE A 42 31.57 -44.52 -29.78
C PHE A 42 32.03 -45.72 -28.97
N GLY A 43 32.04 -46.92 -29.55
CA GLY A 43 32.42 -48.15 -28.82
C GLY A 43 31.22 -49.02 -28.50
N ASN A 44 30.04 -48.46 -28.38
CA ASN A 44 28.79 -49.24 -28.20
C ASN A 44 27.62 -48.51 -28.87
N ARG A 45 26.80 -49.24 -29.61
CA ARG A 45 25.60 -48.69 -30.24
C ARG A 45 24.32 -49.00 -29.47
N LEU A 46 24.32 -50.02 -28.61
CA LEU A 46 23.06 -50.45 -27.93
C LEU A 46 22.81 -49.55 -26.71
N CYS A 47 21.54 -49.20 -26.45
CA CYS A 47 21.16 -48.26 -25.36
C CYS A 47 21.05 -48.99 -24.01
N PHE A 48 20.84 -48.23 -22.92
CA PHE A 48 20.69 -48.82 -21.56
C PHE A 48 19.66 -47.97 -20.80
N LEU A 49 19.54 -48.11 -19.47
CA LEU A 49 18.61 -47.28 -18.66
C LEU A 49 19.33 -46.74 -17.42
N GLU A 50 19.44 -45.41 -17.29
CA GLU A 50 20.14 -44.73 -16.16
C GLU A 50 19.13 -44.42 -15.06
N PRO A 51 19.17 -45.04 -13.85
CA PRO A 51 18.24 -44.66 -12.79
C PRO A 51 18.51 -43.25 -12.27
N THR A 52 17.45 -42.61 -11.77
CA THR A 52 17.53 -41.25 -11.27
C THR A 52 16.79 -41.03 -9.97
N SER A 53 16.37 -42.09 -9.28
CA SER A 53 15.61 -41.92 -8.04
C SER A 53 16.48 -41.38 -6.92
N ASN A 54 17.73 -41.84 -6.82
CA ASN A 54 18.60 -41.54 -5.70
C ASN A 54 19.52 -40.36 -6.01
N ALA A 55 19.03 -39.38 -6.76
CA ALA A 55 19.87 -38.26 -7.18
C ALA A 55 20.46 -37.50 -5.99
N GLN A 56 19.79 -37.56 -4.84
CA GLN A 56 20.29 -36.84 -3.67
C GLN A 56 21.65 -37.36 -3.21
N ASN A 57 21.99 -38.60 -3.55
CA ASN A 57 23.24 -39.21 -3.11
C ASN A 57 24.11 -39.70 -4.25
N VAL A 58 23.52 -40.21 -5.32
CA VAL A 58 24.26 -40.75 -6.45
C VAL A 58 23.78 -40.05 -7.72
N PRO A 59 24.34 -38.89 -8.07
CA PRO A 59 23.85 -38.16 -9.23
C PRO A 59 23.97 -39.00 -10.49
N PRO A 60 22.98 -38.92 -11.40
CA PRO A 60 23.06 -39.71 -12.63
C PRO A 60 23.98 -39.08 -13.66
N ASP A 61 24.51 -39.93 -14.54
CA ASP A 61 25.34 -39.47 -15.65
C ASP A 61 24.43 -39.21 -16.86
N LEU A 62 23.78 -38.05 -16.82
CA LEU A 62 22.80 -37.70 -17.84
C LEU A 62 23.38 -36.89 -18.98
N ALA A 63 24.70 -36.73 -19.04
CA ALA A 63 25.31 -36.05 -20.17
C ALA A 63 25.02 -36.78 -21.48
N ILE A 64 24.73 -38.08 -21.41
CA ILE A 64 24.47 -38.89 -22.59
C ILE A 64 23.02 -39.32 -22.69
N CYS A 65 22.13 -38.75 -21.89
CA CYS A 65 20.72 -39.12 -21.91
C CYS A 65 19.85 -38.14 -22.68
N CYS A 66 20.44 -37.10 -23.27
CA CYS A 66 19.67 -36.04 -23.91
C CYS A 66 19.60 -36.25 -25.41
N PHE A 67 18.46 -35.88 -25.99
CA PHE A 67 18.22 -35.99 -27.42
C PHE A 67 17.67 -34.67 -27.94
N THR A 68 17.67 -34.53 -29.26
CA THR A 68 17.20 -33.32 -29.92
C THR A 68 16.15 -33.67 -30.96
N LEU A 69 15.14 -32.81 -31.07
CA LEU A 69 14.06 -33.02 -32.03
C LEU A 69 14.43 -32.33 -33.33
N GLU A 70 14.72 -33.12 -34.36
CA GLU A 70 15.19 -32.55 -35.62
C GLU A 70 14.03 -32.19 -36.54
N GLN A 71 13.13 -33.13 -36.79
CA GLN A 71 12.07 -32.92 -37.76
C GLN A 71 10.78 -33.56 -37.28
N SER A 72 9.67 -33.06 -37.80
CA SER A 72 8.35 -33.62 -37.55
C SER A 72 7.55 -33.57 -38.84
N LEU A 73 6.93 -34.67 -39.21
CA LEU A 73 6.21 -34.75 -40.47
C LEU A 73 5.08 -35.77 -40.36
N SER A 74 4.17 -35.71 -41.31
CA SER A 74 3.09 -36.69 -41.40
C SER A 74 3.56 -37.90 -42.21
N VAL A 75 2.85 -39.01 -42.03
CA VAL A 75 3.23 -40.25 -42.70
C VAL A 75 3.21 -40.08 -44.21
N ARG A 76 2.17 -39.43 -44.72
CA ARG A 76 2.07 -39.22 -46.16
C ARG A 76 3.26 -38.40 -46.67
N ALA A 77 3.58 -37.30 -45.98
CA ALA A 77 4.71 -36.49 -46.39
C ALA A 77 6.01 -37.29 -46.31
N LEU A 78 6.17 -38.07 -45.24
CA LEU A 78 7.39 -38.86 -45.07
C LEU A 78 7.58 -39.83 -46.22
N GLN A 79 6.54 -40.62 -46.53
CA GLN A 79 6.66 -41.60 -47.60
C GLN A 79 6.80 -40.94 -48.96
N GLU A 80 6.20 -39.76 -49.13
CA GLU A 80 6.40 -39.03 -50.38
C GLU A 80 7.85 -38.58 -50.52
N MET A 81 8.43 -38.11 -49.40
CA MET A 81 9.83 -37.61 -49.38
C MET A 81 10.77 -38.77 -49.60
N LEU A 82 10.40 -39.98 -49.16
CA LEU A 82 11.26 -41.15 -49.29
C LEU A 82 11.44 -41.58 -50.73
N ALA A 83 10.62 -41.08 -51.66
CA ALA A 83 10.76 -41.45 -53.05
C ALA A 83 12.11 -41.01 -53.60
N ASN A 84 12.57 -39.82 -53.24
CA ASN A 84 13.83 -39.31 -53.71
C ASN A 84 14.81 -39.13 -52.55
N HIS A 98 9.03 -22.22 -35.19
CA HIS A 98 9.31 -23.53 -35.78
C HIS A 98 8.03 -24.35 -35.91
N ARG A 99 8.19 -25.61 -36.29
CA ARG A 99 7.05 -26.50 -36.45
C ARG A 99 6.64 -27.06 -35.09
N THR A 100 5.34 -27.05 -34.82
CA THR A 100 4.83 -27.62 -33.59
C THR A 100 4.57 -29.11 -33.78
N LEU A 101 4.60 -29.85 -32.66
CA LEU A 101 4.40 -31.28 -32.71
C LEU A 101 2.92 -31.61 -32.62
N LEU A 102 2.48 -32.55 -33.46
CA LEU A 102 1.08 -32.98 -33.50
C LEU A 102 1.02 -34.50 -33.34
N TYR A 103 0.03 -34.97 -32.60
CA TYR A 103 -0.14 -36.40 -32.43
C TYR A 103 -0.33 -37.08 -33.78
N GLY A 104 0.26 -38.26 -33.93
CA GLY A 104 0.19 -38.99 -35.18
C GLY A 104 1.27 -38.64 -36.19
N HIS A 105 2.15 -37.68 -35.88
CA HIS A 105 3.24 -37.34 -36.77
C HIS A 105 4.40 -38.31 -36.57
N ALA A 106 5.42 -38.15 -37.41
CA ALA A 106 6.66 -38.90 -37.31
C ALA A 106 7.79 -37.94 -36.96
N ILE A 107 8.70 -38.37 -36.09
CA ILE A 107 9.77 -37.51 -35.59
C ILE A 107 11.11 -38.20 -35.79
N LEU A 108 12.16 -37.39 -35.76
CA LEU A 108 13.54 -37.85 -35.91
C LEU A 108 14.34 -37.34 -34.72
N LEU A 109 15.02 -38.24 -34.02
CA LEU A 109 15.76 -37.92 -32.81
C LEU A 109 17.25 -38.06 -33.05
N ARG A 110 18.01 -37.07 -32.63
CA ARG A 110 19.46 -37.05 -32.80
C ARG A 110 20.14 -36.97 -31.45
N HIS A 111 21.05 -37.89 -31.19
CA HIS A 111 21.80 -37.88 -29.94
C HIS A 111 22.67 -36.64 -29.88
N ALA A 112 22.70 -36.00 -28.71
CA ALA A 112 23.42 -34.74 -28.59
C ALA A 112 24.93 -34.94 -28.61
N HIS A 113 25.42 -35.92 -27.87
CA HIS A 113 26.87 -36.08 -27.72
C HIS A 113 27.52 -36.54 -29.01
N SER A 114 26.98 -37.58 -29.63
CA SER A 114 27.61 -38.23 -30.76
C SER A 114 27.03 -37.81 -32.11
N ARG A 115 25.97 -37.01 -32.11
CA ARG A 115 25.30 -36.58 -33.34
C ARG A 115 24.75 -37.75 -34.14
N MET A 116 24.51 -38.89 -33.50
CA MET A 116 23.99 -40.05 -34.18
C MET A 116 22.49 -40.18 -33.92
N TYR A 117 21.79 -40.81 -34.86
CA TYR A 117 20.34 -40.88 -34.84
C TYR A 117 19.86 -42.19 -34.23
N LEU A 118 18.91 -42.09 -33.31
CA LEU A 118 18.30 -43.28 -32.72
C LEU A 118 17.50 -44.03 -33.76
N SER A 119 17.59 -45.35 -33.74
CA SER A 119 16.95 -46.18 -34.75
C SER A 119 16.73 -47.58 -34.22
N CYS A 120 15.91 -48.34 -34.93
CA CYS A 120 15.64 -49.73 -34.58
C CYS A 120 16.52 -50.65 -35.40
N LEU A 121 17.25 -51.53 -34.70
CA LEU A 121 18.19 -52.41 -35.36
C LEU A 121 17.48 -53.68 -35.85
N THR A 122 18.27 -54.59 -36.42
CA THR A 122 17.72 -55.83 -36.99
C THR A 122 18.11 -57.07 -36.20
N THR A 123 19.09 -56.99 -35.31
CA THR A 123 19.55 -58.14 -34.54
C THR A 123 19.01 -58.06 -33.12
N SER A 124 18.92 -59.24 -32.49
CA SER A 124 18.40 -59.36 -31.14
C SER A 124 19.42 -60.11 -30.29
N ARG A 125 19.52 -59.73 -29.01
CA ARG A 125 20.46 -60.35 -28.10
C ARG A 125 19.78 -61.29 -27.11
N SER A 126 18.79 -60.77 -26.39
CA SER A 126 18.11 -61.56 -25.36
C SER A 126 17.29 -62.67 -26.00
N MET A 127 17.29 -63.85 -25.38
CA MET A 127 16.51 -64.98 -25.87
C MET A 127 15.15 -65.09 -25.21
N THR A 128 14.79 -64.18 -24.30
CA THR A 128 13.49 -64.27 -23.64
C THR A 128 12.35 -64.14 -24.63
N ASP A 129 12.43 -63.18 -25.56
CA ASP A 129 11.43 -62.98 -26.59
C ASP A 129 11.99 -63.46 -27.92
N LYS A 130 11.23 -64.32 -28.60
CA LYS A 130 11.71 -64.92 -29.85
C LYS A 130 11.48 -64.02 -31.05
N LEU A 131 10.84 -62.86 -30.87
CA LEU A 131 10.43 -62.03 -32.00
C LEU A 131 10.71 -60.55 -31.76
N ALA A 132 11.71 -60.23 -30.95
CA ALA A 132 12.06 -58.85 -30.64
C ALA A 132 13.32 -58.43 -31.39
N PHE A 133 13.55 -57.12 -31.44
CA PHE A 133 14.74 -56.54 -32.03
C PHE A 133 15.37 -55.57 -31.05
N ASP A 134 16.66 -55.33 -31.22
CA ASP A 134 17.37 -54.37 -30.39
C ASP A 134 17.21 -52.96 -30.95
N VAL A 135 17.45 -51.97 -30.10
CA VAL A 135 17.35 -50.56 -30.46
C VAL A 135 18.65 -49.88 -30.10
N GLY A 136 19.20 -49.12 -31.04
CA GLY A 136 20.46 -48.45 -30.80
C GLY A 136 20.63 -47.29 -31.75
N LEU A 137 21.84 -46.73 -31.74
CA LEU A 137 22.15 -45.56 -32.54
C LEU A 137 22.55 -45.95 -33.96
N GLN A 138 22.49 -44.98 -34.86
CA GLN A 138 22.77 -45.17 -36.27
C GLN A 138 23.59 -44.00 -36.78
N GLU A 139 24.42 -44.26 -37.80
CA GLU A 139 25.36 -43.24 -38.26
C GLU A 139 24.67 -42.15 -39.06
N ASP A 140 23.75 -42.52 -39.95
CA ASP A 140 23.14 -41.56 -40.87
C ASP A 140 21.63 -41.65 -40.76
N ALA A 141 20.97 -40.62 -41.29
CA ALA A 141 19.52 -40.48 -41.19
C ALA A 141 18.77 -41.12 -42.35
N THR A 142 19.47 -41.75 -43.28
CA THR A 142 18.82 -42.37 -44.42
C THR A 142 18.03 -43.60 -43.98
N GLY A 143 16.97 -43.89 -44.72
CA GLY A 143 16.12 -45.04 -44.43
C GLY A 143 15.01 -44.70 -43.46
N GLU A 144 14.10 -45.66 -43.30
CA GLU A 144 12.97 -45.49 -42.40
C GLU A 144 13.22 -46.05 -41.00
N ALA A 145 14.37 -46.70 -40.78
CA ALA A 145 14.62 -47.29 -39.47
C ALA A 145 14.82 -46.25 -38.38
N CYS A 146 15.05 -44.99 -38.76
CA CYS A 146 15.31 -43.93 -37.79
C CYS A 146 14.10 -43.02 -37.56
N TRP A 147 12.92 -43.44 -37.99
CA TRP A 147 11.70 -42.64 -37.83
C TRP A 147 10.74 -43.33 -36.86
N TRP A 148 10.11 -42.53 -36.01
CA TRP A 148 9.17 -43.02 -35.02
C TRP A 148 7.90 -42.18 -35.08
N THR A 149 6.77 -42.81 -34.76
CA THR A 149 5.48 -42.14 -34.69
C THR A 149 4.92 -42.30 -33.29
N MET A 150 4.27 -41.25 -32.79
CA MET A 150 3.77 -41.21 -31.43
C MET A 150 2.25 -41.19 -31.45
N HIS A 151 1.64 -41.87 -30.48
CA HIS A 151 0.19 -41.93 -30.36
C HIS A 151 -0.24 -41.60 -28.94
N PRO A 152 -1.44 -41.04 -28.75
CA PRO A 152 -1.89 -40.73 -27.40
C PRO A 152 -2.14 -41.99 -26.59
N ALA A 153 -1.94 -41.87 -25.27
CA ALA A 153 -2.12 -43.01 -24.38
C ALA A 153 -3.53 -43.13 -23.84
N SER A 154 -4.40 -42.16 -24.10
CA SER A 154 -5.75 -42.17 -23.55
C SER A 154 -6.68 -41.40 -24.49
N LYS A 155 -7.97 -41.67 -24.35
CA LYS A 155 -8.97 -41.02 -25.20
C LYS A 155 -9.04 -39.51 -24.96
N GLN A 156 -8.44 -39.01 -23.87
CA GLN A 156 -8.51 -37.58 -23.60
C GLN A 156 -7.96 -36.76 -24.75
N ARG A 157 -6.96 -37.29 -25.47
CA ARG A 157 -6.41 -36.65 -26.65
C ARG A 157 -6.66 -37.54 -27.86
N SER A 158 -6.65 -36.91 -29.03
CA SER A 158 -6.95 -37.61 -30.27
C SER A 158 -5.98 -37.16 -31.35
N GLU A 159 -5.91 -37.95 -32.42
CA GLU A 159 -4.99 -37.64 -33.50
C GLU A 159 -5.25 -36.25 -34.05
N GLY A 160 -4.17 -35.53 -34.34
CA GLY A 160 -4.25 -34.17 -34.82
C GLY A 160 -4.17 -33.11 -33.74
N GLU A 161 -4.42 -33.46 -32.49
CA GLU A 161 -4.33 -32.49 -31.41
C GLU A 161 -2.88 -32.21 -31.06
N LYS A 162 -2.62 -30.99 -30.62
CA LYS A 162 -1.27 -30.61 -30.22
C LYS A 162 -0.84 -31.42 -29.00
N VAL A 163 0.45 -31.73 -28.94
CA VAL A 163 1.04 -32.51 -27.85
C VAL A 163 1.67 -31.54 -26.87
N ARG A 164 1.37 -31.72 -25.59
CA ARG A 164 1.83 -30.83 -24.53
C ARG A 164 2.66 -31.61 -23.52
N VAL A 165 3.53 -30.89 -22.81
CA VAL A 165 4.38 -31.53 -21.81
C VAL A 165 3.52 -32.27 -20.80
N GLY A 166 4.08 -33.32 -20.22
CA GLY A 166 3.41 -34.10 -19.19
C GLY A 166 2.57 -35.25 -19.70
N ASP A 167 2.39 -35.37 -21.00
CA ASP A 167 1.57 -36.44 -21.54
C ASP A 167 2.34 -37.76 -21.54
N ASP A 168 1.61 -38.85 -21.77
CA ASP A 168 2.18 -40.18 -21.93
C ASP A 168 2.05 -40.59 -23.39
N LEU A 169 3.09 -41.22 -23.92
CA LEU A 169 3.19 -41.50 -25.35
C LEU A 169 3.41 -42.98 -25.60
N ILE A 170 3.05 -43.40 -26.81
CA ILE A 170 3.35 -44.74 -27.31
C ILE A 170 4.18 -44.59 -28.57
N LEU A 171 5.35 -45.21 -28.59
CA LEU A 171 6.29 -45.11 -29.71
C LEU A 171 6.29 -46.42 -30.48
N VAL A 172 6.05 -46.33 -31.79
CA VAL A 172 6.02 -47.49 -32.67
C VAL A 172 6.95 -47.22 -33.86
N SER A 173 7.82 -48.17 -34.14
CA SER A 173 8.71 -48.05 -35.29
C SER A 173 7.92 -48.05 -36.58
N VAL A 174 8.35 -47.24 -37.54
CA VAL A 174 7.65 -47.17 -38.83
C VAL A 174 7.72 -48.52 -39.53
N SER A 175 8.89 -49.15 -39.52
CA SER A 175 9.10 -50.33 -40.35
C SER A 175 8.55 -51.59 -39.68
N SER A 176 9.09 -51.95 -38.52
CA SER A 176 8.77 -53.24 -37.91
C SER A 176 7.41 -53.27 -37.24
N GLU A 177 6.78 -52.12 -37.01
CA GLU A 177 5.49 -52.08 -36.33
C GLU A 177 5.57 -52.76 -34.97
N ARG A 178 6.65 -52.48 -34.25
CA ARG A 178 6.86 -52.98 -32.90
C ARG A 178 6.94 -51.82 -31.93
N TYR A 179 6.34 -51.98 -30.76
CA TYR A 179 6.36 -50.93 -29.74
C TYR A 179 7.75 -50.80 -29.14
N LEU A 180 7.97 -49.69 -28.45
CA LEU A 180 9.21 -49.49 -27.70
C LEU A 180 9.09 -50.12 -26.33
N HIS A 181 9.06 -51.45 -26.29
CA HIS A 181 8.80 -52.17 -25.06
C HIS A 181 9.94 -52.02 -24.07
N LEU A 182 9.62 -52.22 -22.80
CA LEU A 182 10.60 -52.34 -21.73
C LEU A 182 10.56 -53.77 -21.21
N SER A 183 11.69 -54.47 -21.30
CA SER A 183 11.76 -55.89 -20.98
C SER A 183 12.32 -56.09 -19.58
N THR A 184 11.73 -57.02 -18.84
CA THR A 184 12.20 -57.37 -17.50
C THR A 184 12.14 -58.88 -17.28
N ALA A 185 12.34 -59.66 -18.34
CA ALA A 185 12.25 -61.12 -18.21
C ALA A 185 13.21 -61.63 -17.14
N SER A 186 14.46 -61.16 -17.17
CA SER A 186 15.41 -61.49 -16.12
C SER A 186 15.44 -60.36 -15.09
N GLY A 187 16.30 -60.51 -14.09
CA GLY A 187 16.41 -59.46 -13.07
C GLY A 187 16.83 -58.13 -13.66
N GLU A 188 17.81 -58.16 -14.56
CA GLU A 188 18.30 -56.93 -15.17
C GLU A 188 17.26 -56.36 -16.12
N LEU A 189 17.12 -55.03 -16.09
CA LEU A 189 16.19 -54.35 -16.98
C LEU A 189 16.85 -54.08 -18.33
N GLN A 190 16.05 -54.13 -19.39
CA GLN A 190 16.56 -53.94 -20.73
C GLN A 190 15.49 -53.27 -21.59
N VAL A 191 15.92 -52.73 -22.72
CA VAL A 191 15.04 -52.06 -23.67
C VAL A 191 15.11 -52.81 -24.99
N ASP A 192 14.02 -52.76 -25.75
CA ASP A 192 13.98 -53.41 -27.06
C ASP A 192 12.66 -53.05 -27.73
N ALA A 193 12.47 -53.57 -28.93
CA ALA A 193 11.24 -53.38 -29.69
C ALA A 193 10.46 -54.68 -29.71
N SER A 194 9.20 -54.62 -29.26
CA SER A 194 8.37 -55.81 -29.17
C SER A 194 6.94 -55.45 -29.53
N PHE A 195 6.02 -56.36 -29.23
CA PHE A 195 4.60 -56.18 -29.50
C PHE A 195 3.81 -55.76 -28.27
N MET A 196 4.47 -55.44 -27.16
CA MET A 196 3.82 -54.97 -25.95
C MET A 196 4.10 -53.48 -25.80
N GLN A 197 3.06 -52.70 -25.56
CA GLN A 197 3.21 -51.26 -25.46
C GLN A 197 3.78 -50.86 -24.09
N THR A 198 4.16 -49.59 -23.99
CA THR A 198 4.68 -49.04 -22.74
C THR A 198 4.59 -47.51 -22.81
N LEU A 199 4.39 -46.88 -21.66
CA LEU A 199 4.20 -45.44 -21.60
C LEU A 199 5.54 -44.74 -21.40
N TRP A 200 5.77 -43.69 -22.19
CA TRP A 200 7.02 -42.93 -22.13
C TRP A 200 6.69 -41.46 -21.95
N ASN A 201 7.49 -40.78 -21.11
CA ASN A 201 7.34 -39.36 -20.85
C ASN A 201 8.53 -38.61 -21.44
N MET A 202 8.26 -37.46 -22.04
CA MET A 202 9.29 -36.61 -22.62
C MET A 202 9.34 -35.29 -21.85
N ASN A 203 10.36 -35.16 -21.00
CA ASN A 203 10.53 -33.98 -20.18
C ASN A 203 11.47 -33.00 -20.86
N PRO A 204 11.03 -31.76 -21.14
CA PRO A 204 11.91 -30.83 -21.84
C PRO A 204 13.09 -30.42 -20.98
N ILE A 205 14.17 -30.02 -21.64
CA ILE A 205 15.38 -29.56 -20.98
C ILE A 205 15.69 -28.11 -21.34
N CYS A 206 15.52 -27.72 -22.59
CA CYS A 206 15.74 -26.33 -22.99
C CYS A 206 15.06 -26.10 -24.33
N SER A 207 14.70 -24.84 -24.57
CA SER A 207 14.05 -24.44 -25.81
C SER A 207 14.91 -23.48 -26.63
N CYS A 208 15.29 -22.34 -26.05
CA CYS A 208 16.11 -21.36 -26.78
C CYS A 208 16.79 -20.47 -25.76
N CYS A 209 18.12 -20.46 -25.75
CA CYS A 209 18.88 -19.65 -24.82
C CYS A 209 19.30 -18.34 -25.47
N GLU A 210 19.09 -17.24 -24.75
CA GLU A 210 19.51 -15.93 -25.25
C GLU A 210 21.02 -15.90 -25.41
N GLU A 211 21.47 -15.29 -26.52
CA GLU A 211 22.89 -15.28 -26.82
C GLU A 211 23.67 -14.57 -25.73
N GLY A 212 24.78 -15.18 -25.31
CA GLY A 212 25.67 -14.58 -24.35
C GLY A 212 25.36 -14.89 -22.90
N TYR A 213 24.25 -15.57 -22.61
CA TYR A 213 23.85 -15.84 -21.24
C TYR A 213 24.14 -17.29 -20.89
N VAL A 214 24.81 -17.49 -19.75
CA VAL A 214 25.15 -18.84 -19.32
C VAL A 214 23.88 -19.61 -19.00
N THR A 215 23.91 -20.92 -19.23
CA THR A 215 22.79 -21.79 -18.97
C THR A 215 23.29 -23.08 -18.36
N GLY A 216 22.40 -23.77 -17.65
CA GLY A 216 22.78 -25.02 -17.02
C GLY A 216 23.15 -26.08 -18.04
N GLY A 217 24.02 -27.00 -17.62
CA GLY A 217 24.44 -28.09 -18.47
C GLY A 217 25.54 -27.76 -19.46
N HIS A 218 26.09 -26.55 -19.41
CA HIS A 218 27.14 -26.18 -20.33
C HIS A 218 28.51 -26.61 -19.79
N VAL A 219 29.52 -26.48 -20.65
CA VAL A 219 30.90 -26.75 -20.29
C VAL A 219 31.69 -25.46 -20.49
N LEU A 220 32.47 -25.08 -19.49
CA LEU A 220 33.15 -23.79 -19.52
C LEU A 220 34.40 -23.85 -18.65
N ARG A 221 35.15 -22.76 -18.66
CA ARG A 221 36.37 -22.62 -17.87
C ARG A 221 36.18 -21.50 -16.85
N LEU A 222 36.84 -21.64 -15.70
CA LEU A 222 36.80 -20.65 -14.64
C LEU A 222 38.10 -19.86 -14.65
N PHE A 223 38.04 -18.61 -15.07
CA PHE A 223 39.21 -17.75 -15.19
C PHE A 223 39.23 -16.75 -14.04
N HIS A 224 40.37 -16.64 -13.37
CA HIS A 224 40.56 -15.69 -12.29
C HIS A 224 41.39 -14.51 -12.77
N GLY A 225 40.87 -13.30 -12.59
CA GLY A 225 41.60 -12.14 -13.07
C GLY A 225 41.50 -12.00 -14.58
N HIS A 226 42.42 -11.19 -15.12
CA HIS A 226 42.45 -10.91 -16.55
C HIS A 226 43.16 -12.04 -17.28
N MET A 227 42.46 -13.17 -17.35
CA MET A 227 42.94 -14.37 -18.03
C MET A 227 44.29 -14.84 -17.50
N ASP A 228 44.67 -14.40 -16.30
CA ASP A 228 45.97 -14.77 -15.75
C ASP A 228 46.08 -16.26 -15.48
N GLU A 229 45.03 -16.87 -14.92
CA GLU A 229 45.09 -18.28 -14.54
C GLU A 229 43.69 -18.87 -14.66
N CYS A 230 43.59 -20.15 -14.30
CA CYS A 230 42.33 -20.88 -14.35
C CYS A 230 42.39 -22.03 -13.36
N LEU A 231 41.21 -22.57 -13.06
CA LEU A 231 41.09 -23.66 -12.09
C LEU A 231 41.29 -25.00 -12.79
N THR A 232 42.23 -25.82 -12.33
CA THR A 232 42.58 -27.12 -12.98
C THR A 232 42.83 -28.20 -11.93
N ILE A 233 43.13 -29.42 -12.36
CA ILE A 233 43.50 -30.54 -11.43
C ILE A 233 44.98 -30.81 -11.70
N SER A 234 45.50 -31.96 -11.30
CA SER A 234 46.91 -32.34 -11.53
C SER A 234 47.10 -32.88 -12.95
N ALA A 235 48.32 -33.27 -13.36
CA ALA A 235 48.61 -33.97 -14.63
C ALA A 235 48.44 -35.47 -14.48
N ALA A 236 48.44 -36.23 -15.56
CA ALA A 236 48.06 -37.66 -15.58
C ALA A 236 48.89 -38.59 -14.69
N ASP A 237 50.21 -38.42 -14.58
CA ASP A 237 51.11 -39.34 -13.83
C ASP A 237 51.34 -38.92 -12.38
N SER A 238 50.70 -37.88 -11.86
CA SER A 238 51.00 -37.25 -10.54
C SER A 238 50.80 -38.12 -9.29
N ASP A 239 51.72 -38.05 -8.33
CA ASP A 239 51.65 -38.83 -7.06
C ASP A 239 50.42 -38.40 -6.29
N ASP A 240 49.89 -37.21 -6.60
CA ASP A 240 48.70 -36.64 -5.94
C ASP A 240 47.50 -37.54 -6.22
N GLN A 241 47.44 -38.19 -7.39
CA GLN A 241 46.31 -39.07 -7.83
C GLN A 241 45.19 -38.15 -8.32
N ARG A 242 45.50 -36.87 -8.58
CA ARG A 242 44.53 -35.88 -9.13
C ARG A 242 43.33 -35.70 -8.17
N ARG A 243 43.54 -35.53 -6.86
CA ARG A 243 42.44 -35.22 -5.91
C ARG A 243 42.54 -33.79 -5.35
N LEU A 244 43.50 -32.94 -5.78
CA LEU A 244 43.56 -31.56 -5.32
C LEU A 244 43.24 -30.60 -6.44
N VAL A 245 43.08 -29.33 -6.09
CA VAL A 245 42.71 -28.28 -7.02
C VAL A 245 43.73 -27.15 -6.92
N TYR A 246 44.05 -26.53 -8.05
CA TYR A 246 45.08 -25.51 -8.10
C TYR A 246 44.64 -24.38 -9.02
N TYR A 247 45.41 -23.29 -8.96
CA TYR A 247 45.33 -22.21 -9.94
C TYR A 247 46.58 -22.25 -10.79
N GLU A 248 46.42 -22.20 -12.11
CA GLU A 248 47.54 -22.31 -13.02
C GLU A 248 47.29 -21.45 -14.26
N GLY A 249 48.38 -21.17 -14.98
CA GLY A 249 48.32 -20.42 -16.21
C GLY A 249 49.27 -21.01 -17.23
N GLY A 250 49.14 -20.53 -18.47
CA GLY A 250 49.98 -21.00 -19.55
C GLY A 250 49.24 -21.88 -20.54
N ALA A 251 49.89 -22.96 -20.97
CA ALA A 251 49.27 -23.83 -21.96
C ALA A 251 48.07 -24.57 -21.39
N VAL A 252 48.02 -24.72 -20.06
CA VAL A 252 46.92 -25.46 -19.44
C VAL A 252 45.59 -24.77 -19.68
N CYS A 253 45.61 -23.53 -20.15
CA CYS A 253 44.37 -22.82 -20.46
C CYS A 253 43.68 -23.39 -21.68
N THR A 254 44.42 -24.14 -22.53
CA THR A 254 43.92 -24.76 -23.79
C THR A 254 43.78 -26.29 -23.64
N HIS A 255 44.16 -26.89 -22.51
CA HIS A 255 44.12 -28.36 -22.27
C HIS A 255 42.80 -28.87 -21.67
N ALA A 256 42.52 -30.17 -21.76
CA ALA A 256 41.23 -30.77 -21.30
C ALA A 256 41.14 -30.87 -19.78
N ARG A 257 42.25 -30.75 -19.05
CA ARG A 257 42.27 -30.93 -17.56
C ARG A 257 41.87 -29.64 -16.84
N SER A 258 41.33 -28.63 -17.55
CA SER A 258 40.89 -27.34 -16.94
C SER A 258 39.44 -27.04 -17.38
N LEU A 259 38.66 -28.07 -17.72
CA LEU A 259 37.23 -27.91 -18.17
C LEU A 259 36.26 -28.52 -17.14
N TRP A 260 35.05 -27.97 -17.01
CA TRP A 260 34.06 -28.35 -15.96
C TRP A 260 32.59 -28.20 -16.42
N ARG A 261 31.65 -28.96 -15.87
CA ARG A 261 30.25 -28.98 -16.28
C ARG A 261 29.35 -28.66 -15.10
N LEU A 262 28.31 -27.87 -15.34
CA LEU A 262 27.39 -27.42 -14.30
C LEU A 262 26.14 -28.28 -14.32
N GLU A 263 25.78 -28.83 -13.16
CA GLU A 263 24.66 -29.77 -13.03
C GLU A 263 23.68 -29.24 -11.98
N PRO A 264 22.65 -28.50 -12.39
CA PRO A 264 21.65 -28.06 -11.42
C PRO A 264 20.96 -29.24 -10.75
N LEU A 265 20.59 -29.04 -9.49
CA LEU A 265 20.02 -30.13 -8.71
C LEU A 265 18.70 -30.63 -9.30
N ARG A 266 17.83 -29.70 -9.71
CA ARG A 266 16.52 -30.06 -10.33
C ARG A 266 16.79 -30.71 -11.69
N ILE A 267 16.01 -31.72 -12.07
CA ILE A 267 16.20 -32.42 -13.35
C ILE A 267 15.43 -31.75 -14.47
N SER A 268 14.17 -31.38 -14.25
CA SER A 268 13.38 -30.75 -15.29
C SER A 268 13.88 -29.34 -15.56
N TRP A 269 13.94 -28.97 -16.84
CA TRP A 269 14.42 -27.65 -17.25
C TRP A 269 15.81 -27.38 -16.70
N SER A 270 16.67 -28.40 -16.76
CA SER A 270 18.05 -28.23 -16.35
C SER A 270 18.79 -27.24 -17.24
N GLY A 271 18.27 -26.95 -18.43
CA GLY A 271 18.84 -25.98 -19.33
C GLY A 271 18.41 -24.56 -19.09
N SER A 272 17.69 -24.30 -18.00
CA SER A 272 17.22 -22.96 -17.71
C SER A 272 18.40 -22.03 -17.44
N HIS A 273 18.20 -20.75 -17.74
CA HIS A 273 19.24 -19.76 -17.50
C HIS A 273 19.69 -19.80 -16.05
N LEU A 274 21.00 -19.77 -15.84
CA LEU A 274 21.53 -19.72 -14.48
C LEU A 274 21.13 -18.41 -13.81
N ARG A 275 20.88 -18.49 -12.51
CA ARG A 275 20.41 -17.36 -11.73
C ARG A 275 21.14 -17.33 -10.40
N TRP A 276 21.34 -16.11 -9.87
CA TRP A 276 22.11 -15.94 -8.66
C TRP A 276 21.50 -16.73 -7.51
N GLY A 277 22.38 -17.36 -6.72
CA GLY A 277 21.95 -18.12 -5.56
C GLY A 277 21.47 -19.52 -5.84
N GLN A 278 21.42 -19.94 -7.10
CA GLN A 278 20.95 -21.28 -7.42
C GLN A 278 21.95 -22.31 -6.90
N PRO A 279 21.49 -23.41 -6.29
CA PRO A 279 22.42 -24.47 -5.90
C PRO A 279 22.65 -25.43 -7.07
N LEU A 280 23.90 -25.88 -7.22
CA LEU A 280 24.26 -26.77 -8.31
C LEU A 280 25.54 -27.50 -7.99
N ARG A 281 25.82 -28.54 -8.76
CA ARG A 281 27.02 -29.34 -8.62
C ARG A 281 28.06 -28.95 -9.67
N ILE A 282 29.29 -29.39 -9.44
CA ILE A 282 30.41 -29.15 -10.36
C ILE A 282 31.06 -30.49 -10.65
N ARG A 283 31.36 -30.74 -11.92
CA ARG A 283 31.90 -32.02 -12.37
C ARG A 283 33.13 -31.81 -13.23
N HIS A 284 34.08 -32.72 -13.13
CA HIS A 284 35.26 -32.71 -13.99
C HIS A 284 35.03 -33.68 -15.15
N VAL A 285 35.13 -33.16 -16.37
CA VAL A 285 34.69 -33.93 -17.53
C VAL A 285 35.59 -35.15 -17.74
N THR A 286 36.91 -34.95 -17.75
CA THR A 286 37.81 -36.04 -18.11
C THR A 286 37.80 -37.14 -17.05
N THR A 287 37.88 -36.79 -15.77
CA THR A 287 37.96 -37.78 -14.71
C THR A 287 36.59 -38.18 -14.16
N GLY A 288 35.55 -37.39 -14.40
CA GLY A 288 34.24 -37.72 -13.89
C GLY A 288 34.13 -37.71 -12.38
N ARG A 289 34.83 -36.79 -11.72
CA ARG A 289 34.72 -36.63 -10.28
C ARG A 289 34.06 -35.30 -9.96
N TYR A 290 33.43 -35.23 -8.79
CA TYR A 290 32.65 -34.08 -8.38
C TYR A 290 33.38 -33.28 -7.32
N LEU A 291 33.39 -31.96 -7.50
CA LEU A 291 33.97 -31.07 -6.51
C LEU A 291 33.21 -31.18 -5.20
N ALA A 292 33.95 -31.28 -4.09
CA ALA A 292 33.32 -31.55 -2.80
C ALA A 292 34.19 -30.98 -1.69
N LEU A 293 33.60 -30.91 -0.50
CA LEU A 293 34.28 -30.47 0.71
C LEU A 293 34.26 -31.61 1.72
N THR A 294 35.43 -31.96 2.24
CA THR A 294 35.56 -33.04 3.22
C THR A 294 36.46 -32.58 4.35
N GLU A 295 36.08 -32.96 5.58
CA GLU A 295 36.85 -32.56 6.75
C GLU A 295 38.25 -33.16 6.74
N ASP A 296 38.38 -34.43 6.32
CA ASP A 296 39.67 -35.10 6.35
C ASP A 296 40.72 -34.37 5.51
N GLN A 297 40.32 -33.75 4.40
CA GLN A 297 41.29 -33.11 3.53
C GLN A 297 40.88 -31.70 3.09
N GLY A 298 39.70 -31.20 3.40
CA GLY A 298 39.21 -29.90 2.87
C GLY A 298 38.79 -30.00 1.42
N LEU A 299 39.00 -28.97 0.59
CA LEU A 299 38.57 -29.00 -0.84
C LEU A 299 39.29 -30.13 -1.56
N VAL A 300 38.55 -31.12 -2.03
CA VAL A 300 39.09 -32.27 -2.80
C VAL A 300 38.07 -32.58 -3.89
N VAL A 301 38.31 -33.56 -4.73
CA VAL A 301 37.33 -34.04 -5.75
C VAL A 301 37.10 -35.50 -5.40
N VAL A 302 35.85 -35.98 -5.36
CA VAL A 302 35.58 -37.34 -4.92
C VAL A 302 34.66 -38.02 -5.93
N ASP A 303 34.62 -39.35 -5.86
CA ASP A 303 33.83 -40.13 -6.80
C ASP A 303 32.34 -39.93 -6.55
N ALA A 304 31.54 -40.35 -7.53
CA ALA A 304 30.10 -40.23 -7.39
C ALA A 304 29.55 -41.17 -6.32
N CYS A 305 30.28 -42.23 -5.97
CA CYS A 305 29.80 -43.17 -4.97
C CYS A 305 29.64 -42.54 -3.60
N LYS A 306 30.31 -41.40 -3.36
CA LYS A 306 30.24 -40.72 -2.07
C LYS A 306 29.92 -39.24 -2.20
N ALA A 307 29.24 -38.82 -3.27
CA ALA A 307 28.94 -37.42 -3.49
C ALA A 307 27.54 -37.05 -3.01
N HIS A 308 27.31 -37.11 -1.70
CA HIS A 308 26.02 -36.72 -1.17
C HIS A 308 25.83 -35.21 -1.34
N THR A 309 24.57 -34.78 -1.37
CA THR A 309 24.26 -33.40 -1.71
C THR A 309 24.84 -32.41 -0.69
N LYS A 310 25.09 -32.87 0.54
CA LYS A 310 25.54 -31.95 1.57
C LYS A 310 26.89 -31.34 1.22
N ALA A 311 27.82 -32.16 0.73
CA ALA A 311 29.19 -31.71 0.52
C ALA A 311 29.48 -31.25 -0.90
N THR A 312 28.49 -31.26 -1.80
CA THR A 312 28.72 -30.97 -3.20
C THR A 312 27.91 -29.80 -3.73
N SER A 313 27.15 -29.10 -2.90
CA SER A 313 26.32 -28.01 -3.37
C SER A 313 27.09 -26.69 -3.32
N PHE A 314 26.95 -25.89 -4.38
CA PHE A 314 27.60 -24.59 -4.48
C PHE A 314 26.62 -23.61 -5.11
N CYS A 315 26.98 -22.33 -5.03
CA CYS A 315 26.16 -21.28 -5.61
C CYS A 315 27.03 -20.09 -5.98
N PHE A 316 26.50 -19.24 -6.85
CA PHE A 316 27.20 -18.06 -7.33
C PHE A 316 26.55 -16.81 -6.76
N ARG A 317 27.37 -15.92 -6.19
CA ARG A 317 26.90 -14.71 -5.53
C ARG A 317 27.41 -13.48 -6.26
N VAL A 318 26.57 -12.45 -6.34
CA VAL A 318 27.00 -11.18 -6.93
C VAL A 318 28.04 -10.52 -6.05
N SER A 319 27.88 -10.58 -4.73
CA SER A 319 28.84 -10.00 -3.80
C SER A 319 28.71 -10.73 -2.47
N LYS A 320 29.73 -10.55 -1.63
CA LYS A 320 29.76 -11.18 -0.32
C LYS A 320 28.80 -10.53 0.68
N GLU A 321 28.22 -9.38 0.35
CA GLU A 321 27.32 -8.72 1.28
C GLU A 321 26.09 -9.60 1.52
N LYS A 322 25.59 -9.53 2.75
CA LYS A 322 24.42 -10.31 3.14
C LYS A 322 23.16 -9.78 2.45
N ASP A 330 12.30 -22.69 -9.66
CA ASP A 330 10.84 -22.73 -9.39
C ASP A 330 10.10 -22.58 -10.72
N VAL A 331 10.49 -21.63 -11.58
CA VAL A 331 9.72 -21.33 -12.84
C VAL A 331 9.85 -22.52 -13.78
N GLU A 332 8.73 -23.01 -14.31
CA GLU A 332 8.72 -24.17 -15.24
C GLU A 332 8.84 -23.61 -16.65
N GLY A 333 10.01 -23.09 -17.00
CA GLY A 333 10.28 -22.55 -18.33
C GLY A 333 11.73 -22.12 -18.41
N MET A 334 12.17 -21.64 -19.55
CA MET A 334 13.59 -21.29 -19.73
C MET A 334 13.97 -20.34 -18.59
N GLY A 335 13.09 -19.43 -18.19
CA GLY A 335 13.32 -18.55 -17.02
C GLY A 335 14.01 -17.24 -17.38
N PRO A 336 14.43 -16.42 -16.40
CA PRO A 336 15.00 -15.10 -16.69
C PRO A 336 16.52 -15.09 -16.93
N PRO A 337 17.04 -14.48 -18.02
CA PRO A 337 18.49 -14.35 -18.19
C PRO A 337 19.07 -13.49 -17.06
N GLU A 338 20.22 -13.89 -16.49
CA GLU A 338 20.87 -13.21 -15.38
C GLU A 338 22.38 -13.13 -15.47
N ILE A 339 23.04 -13.89 -16.35
CA ILE A 339 24.49 -13.95 -16.40
C ILE A 339 24.94 -13.63 -17.82
N LYS A 340 26.19 -13.20 -17.95
CA LYS A 340 26.81 -12.92 -19.25
C LYS A 340 28.19 -13.56 -19.27
N TYR A 341 28.62 -13.98 -20.46
CA TYR A 341 29.94 -14.61 -20.59
C TYR A 341 31.02 -13.54 -20.67
N GLY A 342 32.02 -13.65 -19.80
CA GLY A 342 33.15 -12.74 -19.84
C GLY A 342 32.89 -11.37 -19.27
N GLU A 343 31.73 -11.13 -18.68
CA GLU A 343 31.39 -9.83 -18.12
C GLU A 343 30.85 -9.91 -16.70
N SER A 344 30.17 -10.99 -16.35
CA SER A 344 29.54 -11.11 -15.05
C SER A 344 30.52 -11.71 -14.06
N LEU A 345 31.09 -10.88 -13.19
CA LEU A 345 31.93 -11.37 -12.11
C LEU A 345 31.07 -12.14 -11.11
N CYS A 346 31.64 -13.20 -10.54
CA CYS A 346 30.89 -14.08 -9.66
C CYS A 346 31.80 -14.58 -8.54
N PHE A 347 31.18 -14.85 -7.40
CA PHE A 347 31.85 -15.44 -6.25
C PHE A 347 31.25 -16.83 -6.00
N VAL A 348 32.07 -17.75 -5.53
CA VAL A 348 31.66 -19.13 -5.29
C VAL A 348 31.62 -19.36 -3.79
N GLN A 349 30.49 -19.88 -3.32
CA GLN A 349 30.28 -20.14 -1.90
C GLN A 349 29.68 -21.52 -1.71
N HIS A 350 30.07 -22.18 -0.62
CA HIS A 350 29.49 -23.47 -0.26
C HIS A 350 28.24 -23.24 0.56
N VAL A 351 27.11 -23.79 0.11
CA VAL A 351 25.83 -23.47 0.73
C VAL A 351 25.78 -23.97 2.17
N ALA A 352 26.25 -25.20 2.43
CA ALA A 352 26.14 -25.75 3.77
C ALA A 352 26.93 -24.95 4.80
N SER A 353 28.16 -24.56 4.47
CA SER A 353 29.02 -23.85 5.42
C SER A 353 29.12 -22.36 5.15
N GLY A 354 28.81 -21.91 3.94
CA GLY A 354 28.92 -20.50 3.62
C GLY A 354 30.33 -20.03 3.36
N LEU A 355 31.31 -20.93 3.41
CA LEU A 355 32.69 -20.56 3.14
C LEU A 355 32.87 -20.14 1.69
N TRP A 356 33.80 -19.23 1.47
CA TRP A 356 34.08 -18.70 0.14
C TRP A 356 35.32 -19.37 -0.44
N LEU A 357 35.34 -19.49 -1.77
CA LEU A 357 36.46 -20.12 -2.45
C LEU A 357 37.56 -19.10 -2.70
N THR A 358 38.75 -19.40 -2.20
CA THR A 358 39.90 -18.50 -2.34
C THR A 358 41.16 -19.35 -2.42
N TYR A 359 42.31 -18.68 -2.48
CA TYR A 359 43.60 -19.34 -2.65
C TYR A 359 44.45 -19.15 -1.41
N ALA A 360 45.14 -20.21 -1.01
CA ALA A 360 46.01 -20.14 0.16
C ALA A 360 47.17 -19.19 -0.10
N ALA A 361 47.75 -18.67 0.99
CA ALA A 361 48.87 -17.76 0.86
C ALA A 361 50.07 -18.48 0.26
N PRO A 362 50.90 -17.79 -0.51
CA PRO A 362 52.04 -18.48 -1.15
C PRO A 362 53.04 -19.00 -0.12
N ASP A 363 53.68 -20.10 -0.47
CA ASP A 363 54.70 -20.69 0.40
C ASP A 363 56.08 -20.29 -0.12
N PRO A 364 56.90 -19.58 0.68
CA PRO A 364 58.23 -19.20 0.18
C PRO A 364 59.06 -20.38 -0.29
N LYS A 365 58.98 -21.51 0.40
CA LYS A 365 59.73 -22.70 -0.03
C LYS A 365 59.26 -23.16 -1.41
N ALA A 366 57.95 -23.21 -1.62
CA ALA A 366 57.43 -23.59 -2.94
C ALA A 366 57.77 -22.56 -4.00
N LEU A 367 57.68 -21.27 -3.65
CA LEU A 367 58.00 -20.22 -4.63
C LEU A 367 59.45 -20.31 -5.07
N ARG A 368 60.37 -20.54 -4.12
CA ARG A 368 61.77 -20.69 -4.48
C ARG A 368 61.99 -21.90 -5.37
N LEU A 369 61.18 -22.95 -5.19
CA LEU A 369 61.27 -24.14 -6.01
C LEU A 369 60.62 -23.99 -7.37
N GLY A 370 59.93 -22.87 -7.62
CA GLY A 370 59.28 -22.65 -8.90
C GLY A 370 57.89 -23.23 -9.02
N VAL A 371 57.25 -23.58 -7.90
CA VAL A 371 55.91 -24.16 -7.94
C VAL A 371 54.88 -23.05 -8.10
N LEU A 372 54.52 -22.76 -9.36
CA LEU A 372 53.55 -21.70 -9.62
C LEU A 372 52.17 -22.09 -9.09
N LYS A 373 51.81 -23.36 -9.19
CA LYS A 373 50.50 -23.85 -8.77
C LYS A 373 50.14 -23.35 -7.38
N LYS A 374 49.06 -22.58 -7.29
CA LYS A 374 48.57 -22.09 -6.00
C LYS A 374 47.40 -22.95 -5.56
N LYS A 375 47.55 -23.63 -4.43
CA LYS A 375 46.50 -24.49 -3.92
C LYS A 375 45.27 -23.66 -3.60
N ALA A 376 44.09 -24.21 -3.84
CA ALA A 376 42.84 -23.50 -3.58
C ALA A 376 42.10 -24.15 -2.42
N ILE A 377 41.49 -23.29 -1.58
CA ILE A 377 40.84 -23.74 -0.36
C ILE A 377 39.61 -22.88 -0.11
N LEU A 378 38.82 -23.28 0.89
CA LEU A 378 37.65 -22.54 1.33
C LEU A 378 37.98 -21.80 2.63
N HIS A 379 37.65 -20.51 2.66
CA HIS A 379 37.98 -19.66 3.80
C HIS A 379 36.76 -18.83 4.18
N GLN A 380 36.72 -18.42 5.44
CA GLN A 380 35.58 -17.67 5.95
C GLN A 380 35.47 -16.29 5.31
N GLU A 381 36.59 -15.60 5.12
CA GLU A 381 36.56 -14.24 4.59
C GLU A 381 37.24 -14.17 3.22
N GLY A 382 38.34 -14.90 3.05
CA GLY A 382 39.06 -14.85 1.80
C GLY A 382 39.66 -13.48 1.56
N HIS A 383 39.62 -13.04 0.30
CA HIS A 383 40.18 -11.76 -0.09
C HIS A 383 39.17 -11.03 -0.96
N MET A 384 39.59 -9.90 -1.52
CA MET A 384 38.72 -9.12 -2.40
C MET A 384 38.92 -9.44 -3.87
N ASP A 385 39.82 -10.37 -4.20
CA ASP A 385 40.12 -10.74 -5.57
C ASP A 385 39.70 -12.17 -5.90
N ASP A 386 38.62 -12.67 -5.29
CA ASP A 386 38.19 -14.04 -5.52
C ASP A 386 37.20 -14.15 -6.68
N ALA A 387 36.85 -13.05 -7.33
CA ALA A 387 35.90 -13.12 -8.43
C ALA A 387 36.48 -13.93 -9.59
N LEU A 388 35.59 -14.63 -10.30
CA LEU A 388 35.98 -15.50 -11.41
C LEU A 388 35.20 -15.12 -12.65
N PHE A 389 35.82 -15.32 -13.81
CA PHE A 389 35.17 -15.13 -15.10
C PHE A 389 34.73 -16.47 -15.66
N LEU A 390 33.70 -16.43 -16.50
CA LEU A 390 33.20 -17.62 -17.17
C LEU A 390 33.44 -17.49 -18.66
N THR A 391 34.12 -18.48 -19.23
CA THR A 391 34.48 -18.50 -20.64
C THR A 391 33.87 -19.71 -21.31
N ARG A 392 33.33 -19.50 -22.52
CA ARG A 392 32.65 -20.56 -23.28
C ARG A 392 33.67 -21.51 -23.92
N CYS A 393 33.30 -22.75 -24.16
CA CYS A 393 34.14 -23.78 -24.78
C CYS A 393 33.39 -24.38 -25.96
N GLN A 394 34.14 -24.74 -27.01
CA GLN A 394 33.52 -25.25 -28.22
C GLN A 394 33.00 -26.67 -28.04
N GLN A 395 32.25 -27.13 -29.04
CA GLN A 395 31.70 -28.48 -28.99
C GLN A 395 32.77 -29.55 -29.14
N GLU A 396 33.80 -29.26 -29.93
CA GLU A 396 34.81 -30.27 -30.23
C GLU A 396 35.59 -30.65 -28.99
N GLU A 397 35.96 -29.67 -28.17
CA GLU A 397 36.73 -29.98 -26.97
C GLU A 397 35.91 -30.81 -25.99
N SER A 398 34.62 -30.48 -25.82
CA SER A 398 33.78 -31.27 -24.93
C SER A 398 33.63 -32.69 -25.44
N GLN A 399 33.40 -32.86 -26.74
CA GLN A 399 33.29 -34.19 -27.31
C GLN A 399 34.59 -34.97 -27.09
N ALA A 400 35.73 -34.32 -27.29
CA ALA A 400 37.00 -34.98 -27.06
C ALA A 400 37.17 -35.40 -25.61
N ALA A 401 36.75 -34.54 -24.69
CA ALA A 401 36.86 -34.87 -23.27
C ALA A 401 36.03 -36.10 -22.92
N ARG A 402 34.80 -36.16 -23.42
CA ARG A 402 33.97 -37.33 -23.15
C ARG A 402 34.59 -38.59 -23.75
N MET A 403 35.09 -38.50 -24.98
CA MET A 403 35.73 -39.65 -25.58
C MET A 403 36.94 -40.10 -24.78
N ILE A 404 37.73 -39.15 -24.28
CA ILE A 404 38.89 -39.50 -23.47
C ILE A 404 38.44 -40.27 -22.24
N HIS A 405 37.42 -39.77 -21.55
CA HIS A 405 36.92 -40.45 -20.36
C HIS A 405 36.55 -41.90 -20.68
N SER A 406 35.72 -42.09 -21.71
CA SER A 406 35.21 -43.42 -22.00
C SER A 406 36.34 -44.37 -22.39
N THR A 407 37.20 -43.93 -23.32
CA THR A 407 38.26 -44.81 -23.81
C THR A 407 39.26 -45.14 -22.71
N ALA A 408 39.60 -44.17 -21.86
CA ALA A 408 40.49 -44.46 -20.77
C ALA A 408 39.92 -45.53 -19.86
N GLY A 409 38.63 -45.41 -19.51
CA GLY A 409 38.03 -46.45 -18.69
C GLY A 409 38.11 -47.82 -19.33
N LEU A 410 37.71 -47.90 -20.61
CA LEU A 410 37.67 -49.19 -21.28
C LEU A 410 39.05 -49.82 -21.38
N TYR A 411 40.05 -49.04 -21.76
CA TYR A 411 41.38 -49.63 -21.94
C TYR A 411 42.02 -49.99 -20.60
N ASN A 412 41.75 -49.24 -19.53
CA ASN A 412 42.23 -49.66 -18.23
C ASN A 412 41.62 -50.99 -17.84
N GLN A 413 40.32 -51.16 -18.08
CA GLN A 413 39.69 -52.45 -17.81
C GLN A 413 40.37 -53.56 -18.60
N PHE A 414 40.65 -53.31 -19.89
CA PHE A 414 41.25 -54.34 -20.72
C PHE A 414 42.65 -54.72 -20.22
N ILE A 415 43.44 -53.71 -19.83
CA ILE A 415 44.79 -53.98 -19.35
C ILE A 415 44.74 -54.82 -18.08
N LYS A 416 43.83 -54.47 -17.16
CA LYS A 416 43.72 -55.26 -15.94
C LYS A 416 43.30 -56.69 -16.25
N GLY A 417 42.34 -56.86 -17.17
CA GLY A 417 41.96 -58.21 -17.57
C GLY A 417 43.13 -59.00 -18.09
N LEU A 418 43.96 -58.38 -18.93
CA LEU A 418 45.14 -59.07 -19.45
C LEU A 418 46.10 -59.45 -18.33
N ASP A 419 46.35 -58.53 -17.41
CA ASP A 419 47.24 -58.84 -16.29
C ASP A 419 46.69 -59.93 -15.40
N SER A 420 45.38 -60.17 -15.43
CA SER A 420 44.80 -61.19 -14.56
C SER A 420 45.53 -62.53 -14.67
N PHE A 421 45.78 -63.00 -15.90
CA PHE A 421 46.37 -64.34 -16.11
C PHE A 421 47.80 -64.26 -16.60
N SER A 422 48.60 -63.34 -16.05
CA SER A 422 49.95 -63.15 -16.57
C SER A 422 50.77 -64.44 -16.54
N GLY A 423 50.76 -65.16 -15.43
CA GLY A 423 51.57 -66.36 -15.31
C GLY A 423 50.80 -67.56 -14.80
N LYS A 424 49.56 -67.73 -15.28
CA LYS A 424 48.65 -68.76 -14.81
C LYS A 424 48.15 -69.57 -16.01
N PRO A 425 48.96 -70.52 -16.49
CA PRO A 425 48.48 -71.37 -17.59
C PRO A 425 47.18 -72.07 -17.21
N ARG A 426 46.25 -72.10 -18.15
CA ARG A 426 44.92 -72.64 -17.86
C ARG A 426 44.89 -74.16 -17.94
N GLY A 427 45.93 -74.79 -18.46
CA GLY A 427 45.89 -76.23 -18.62
C GLY A 427 44.73 -76.64 -19.50
N SER A 428 43.98 -77.67 -19.12
CA SER A 428 42.87 -78.19 -19.95
C SER A 428 41.55 -77.53 -19.57
N GLY A 429 41.51 -76.74 -18.50
CA GLY A 429 40.25 -76.21 -17.99
C GLY A 429 39.91 -74.84 -18.52
N PRO A 430 39.04 -74.04 -17.87
CA PRO A 430 38.76 -72.68 -18.33
C PRO A 430 39.96 -71.75 -18.12
N PRO A 431 40.09 -70.63 -18.88
CA PRO A 431 41.14 -69.62 -18.63
C PRO A 431 40.82 -68.81 -17.37
N ALA A 432 41.74 -67.99 -16.86
CA ALA A 432 41.57 -67.19 -15.61
C ALA A 432 40.89 -65.85 -15.90
N GLY A 433 40.48 -65.13 -14.85
CA GLY A 433 39.87 -63.79 -14.98
C GLY A 433 38.45 -63.81 -15.51
N PRO A 434 37.70 -62.69 -15.45
CA PRO A 434 36.37 -62.60 -16.06
C PRO A 434 36.63 -62.51 -17.56
N ALA A 435 35.63 -62.49 -18.45
CA ALA A 435 35.97 -62.52 -19.89
C ALA A 435 36.63 -61.21 -20.34
N LEU A 436 37.26 -61.16 -21.53
CA LEU A 436 37.77 -59.88 -22.00
C LEU A 436 36.69 -59.16 -22.80
N PRO A 437 36.70 -57.82 -22.81
CA PRO A 437 35.77 -57.05 -23.66
C PRO A 437 36.26 -56.91 -25.10
N ILE A 438 36.31 -58.03 -25.82
CA ILE A 438 36.94 -58.03 -27.13
C ILE A 438 36.17 -57.16 -28.11
N GLU A 439 34.86 -57.36 -28.20
CA GLU A 439 34.07 -56.64 -29.20
C GLU A 439 34.10 -55.14 -28.95
N ALA A 440 33.99 -54.73 -27.69
CA ALA A 440 34.03 -53.31 -27.38
C ALA A 440 35.36 -52.70 -27.79
N VAL A 441 36.47 -53.39 -27.50
CA VAL A 441 37.78 -52.87 -27.86
C VAL A 441 37.90 -52.74 -29.38
N ILE A 442 37.48 -53.77 -30.11
CA ILE A 442 37.59 -53.73 -31.56
C ILE A 442 36.78 -52.57 -32.13
N LEU A 443 35.54 -52.41 -31.67
CA LEU A 443 34.70 -51.35 -32.19
C LEU A 443 35.26 -49.98 -31.84
N SER A 444 35.77 -49.83 -30.61
CA SER A 444 36.33 -48.55 -30.20
C SER A 444 37.54 -48.20 -31.06
N LEU A 445 38.42 -49.16 -31.30
CA LEU A 445 39.58 -48.89 -32.13
C LEU A 445 39.18 -48.51 -33.55
N GLN A 446 38.20 -49.24 -34.12
CA GLN A 446 37.75 -48.90 -35.46
C GLN A 446 37.17 -47.50 -35.51
N ASP A 447 36.40 -47.12 -34.49
CA ASP A 447 35.82 -45.77 -34.46
C ASP A 447 36.90 -44.71 -34.34
N LEU A 448 37.89 -44.93 -33.48
CA LEU A 448 38.92 -43.92 -33.29
C LEU A 448 39.79 -43.76 -34.53
N ILE A 449 40.07 -44.86 -35.24
CA ILE A 449 40.90 -44.75 -36.44
C ILE A 449 40.23 -43.85 -37.46
N GLY A 450 38.92 -43.99 -37.65
CA GLY A 450 38.18 -43.14 -38.54
C GLY A 450 37.97 -41.73 -38.04
N TYR A 451 38.28 -41.48 -36.77
CA TYR A 451 38.17 -40.16 -36.17
C TYR A 451 39.42 -39.31 -36.37
N PHE A 452 40.51 -39.90 -36.86
CA PHE A 452 41.79 -39.22 -37.00
C PHE A 452 42.29 -39.18 -38.44
N GLU A 453 41.57 -39.76 -39.38
CA GLU A 453 42.09 -39.85 -40.74
C GLU A 453 42.23 -38.46 -41.35
N PRO A 454 43.24 -38.28 -42.22
CA PRO A 454 43.55 -36.97 -42.75
C PRO A 454 42.65 -36.47 -43.89
N PRO A 455 42.71 -35.17 -44.22
CA PRO A 455 41.82 -34.60 -45.23
C PRO A 455 42.16 -35.13 -46.63
N SER A 456 41.18 -35.26 -47.52
CA SER A 456 41.38 -35.73 -48.91
C SER A 456 42.28 -34.75 -49.68
N GLU A 457 43.14 -35.28 -50.55
CA GLU A 457 44.05 -34.41 -51.34
C GLU A 457 43.31 -33.81 -52.55
N GLU A 458 41.98 -33.86 -52.58
CA GLU A 458 41.17 -33.27 -53.66
C GLU A 458 40.22 -32.19 -53.11
N LEU A 459 40.43 -31.71 -51.89
CA LEU A 459 39.61 -30.62 -51.30
C LEU A 459 40.17 -29.29 -51.77
N GLN A 460 39.41 -28.20 -51.70
CA GLN A 460 39.93 -26.85 -52.04
C GLN A 460 40.99 -26.49 -50.99
N HIS A 461 41.96 -25.63 -51.28
CA HIS A 461 43.11 -25.35 -50.38
C HIS A 461 42.62 -24.90 -49.01
N GLU A 462 41.77 -23.88 -48.89
CA GLU A 462 41.38 -23.21 -47.63
C GLU A 462 40.58 -24.15 -46.73
N GLU A 463 39.64 -24.92 -47.29
CA GLU A 463 38.84 -25.88 -46.49
C GLU A 463 39.81 -26.94 -45.94
N LYS A 464 40.79 -27.37 -46.73
CA LYS A 464 41.81 -28.35 -46.29
C LYS A 464 42.65 -27.76 -45.15
N GLN A 465 43.00 -26.48 -45.21
CA GLN A 465 43.81 -25.81 -44.15
C GLN A 465 42.99 -25.86 -42.87
N SER A 466 41.68 -25.62 -42.95
CA SER A 466 40.76 -25.70 -41.79
C SER A 466 40.74 -27.14 -41.27
N LYS A 467 40.75 -28.13 -42.17
CA LYS A 467 40.72 -29.57 -41.80
C LYS A 467 41.99 -29.93 -41.03
N LEU A 468 43.14 -29.39 -41.43
CA LEU A 468 44.45 -29.74 -40.82
C LEU A 468 44.58 -29.12 -39.41
N ARG A 469 44.04 -27.92 -39.16
CA ARG A 469 44.12 -27.24 -37.86
C ARG A 469 43.34 -28.03 -36.81
N SER A 470 42.10 -28.40 -37.14
CA SER A 470 41.27 -29.14 -36.18
C SER A 470 41.93 -30.47 -35.82
N LEU A 471 42.47 -31.17 -36.82
CA LEU A 471 43.10 -32.46 -36.56
C LEU A 471 44.30 -32.32 -35.64
N ARG A 472 45.13 -31.31 -35.86
CA ARG A 472 46.27 -31.08 -34.97
C ARG A 472 45.79 -30.81 -33.55
N ASN A 473 44.77 -29.97 -33.41
CA ASN A 473 44.26 -29.66 -32.08
C ASN A 473 43.78 -30.91 -31.37
N ARG A 474 43.03 -31.76 -32.07
CA ARG A 474 42.51 -32.98 -31.44
C ARG A 474 43.64 -33.93 -31.09
N GLN A 475 44.66 -34.05 -31.94
CA GLN A 475 45.79 -34.91 -31.61
C GLN A 475 46.48 -34.43 -30.34
N SER A 476 46.71 -33.13 -30.23
CA SER A 476 47.35 -32.61 -29.02
C SER A 476 46.48 -32.87 -27.80
N LEU A 477 45.18 -32.63 -27.91
CA LEU A 477 44.28 -32.87 -26.78
C LEU A 477 44.38 -34.32 -26.32
N PHE A 478 44.30 -35.26 -27.25
CA PHE A 478 44.34 -36.66 -26.86
C PHE A 478 45.69 -37.02 -26.25
N GLN A 479 46.77 -36.50 -26.82
CA GLN A 479 48.15 -36.80 -26.36
C GLN A 479 48.37 -36.29 -24.95
N GLU A 480 47.81 -35.14 -24.58
CA GLU A 480 48.13 -34.51 -23.30
C GLU A 480 47.58 -35.29 -22.11
N GLU A 481 46.56 -36.12 -22.33
CA GLU A 481 45.94 -36.87 -21.24
C GLU A 481 46.54 -38.26 -21.06
N GLY A 482 47.52 -38.64 -21.88
CA GLY A 482 48.21 -39.90 -21.68
C GLY A 482 47.62 -41.07 -22.42
N MET A 483 47.03 -40.86 -23.60
CA MET A 483 46.53 -41.98 -24.39
C MET A 483 47.65 -42.75 -25.05
N LEU A 484 48.72 -42.05 -25.46
CA LEU A 484 49.86 -42.74 -26.07
C LEU A 484 50.44 -43.76 -25.11
N SER A 485 50.60 -43.38 -23.84
CA SER A 485 51.10 -44.33 -22.86
C SER A 485 50.17 -45.52 -22.72
N LEU A 486 48.85 -45.28 -22.78
CA LEU A 486 47.90 -46.38 -22.62
C LEU A 486 48.02 -47.37 -23.77
N VAL A 487 48.08 -46.88 -25.01
CA VAL A 487 48.20 -47.78 -26.14
C VAL A 487 49.55 -48.49 -26.12
N LEU A 488 50.60 -47.79 -25.69
CA LEU A 488 51.91 -48.43 -25.59
C LEU A 488 51.88 -49.57 -24.57
N ASN A 489 51.23 -49.34 -23.43
CA ASN A 489 51.12 -50.40 -22.43
C ASN A 489 50.33 -51.59 -22.98
N CYS A 490 49.24 -51.31 -23.69
CA CYS A 490 48.46 -52.39 -24.28
C CYS A 490 49.31 -53.23 -25.22
N ILE A 491 50.05 -52.55 -26.11
CA ILE A 491 50.89 -53.28 -27.06
C ILE A 491 51.95 -54.08 -26.32
N ASP A 492 52.59 -53.48 -25.32
CA ASP A 492 53.61 -54.18 -24.56
C ASP A 492 53.05 -55.45 -23.96
N ARG A 493 51.89 -55.38 -23.34
CA ARG A 493 51.31 -56.56 -22.69
C ARG A 493 50.92 -57.61 -23.71
N LEU A 494 50.36 -57.19 -24.86
CA LEU A 494 50.01 -58.17 -25.88
C LEU A 494 51.23 -58.75 -26.58
N ASN A 495 52.32 -57.96 -26.65
CA ASN A 495 53.48 -58.36 -27.43
C ASN A 495 54.29 -59.48 -26.80
N VAL A 496 54.00 -59.85 -25.55
CA VAL A 496 54.80 -60.87 -24.89
C VAL A 496 54.52 -62.26 -25.42
N TYR A 497 53.51 -62.42 -26.27
CA TYR A 497 53.20 -63.71 -26.87
C TYR A 497 53.70 -63.75 -28.31
N THR A 498 54.23 -64.90 -28.72
CA THR A 498 54.84 -65.03 -30.02
C THR A 498 53.86 -65.38 -31.13
N THR A 499 52.73 -66.01 -30.79
CA THR A 499 51.78 -66.42 -31.81
C THR A 499 50.42 -66.62 -31.16
N ALA A 500 49.42 -66.87 -32.00
CA ALA A 500 48.05 -67.02 -31.50
C ALA A 500 47.91 -68.21 -30.56
N ALA A 501 48.55 -69.33 -30.90
CA ALA A 501 48.45 -70.51 -30.06
C ALA A 501 49.07 -70.28 -28.69
N HIS A 502 50.23 -69.61 -28.65
CA HIS A 502 50.84 -69.29 -27.37
C HIS A 502 49.93 -68.43 -26.52
N PHE A 503 49.14 -67.56 -27.15
CA PHE A 503 48.17 -66.75 -26.41
C PHE A 503 47.01 -67.60 -25.93
N ALA A 504 46.50 -68.48 -26.79
CA ALA A 504 45.37 -69.33 -26.41
C ALA A 504 45.75 -70.25 -25.26
N GLU A 505 47.02 -70.59 -25.14
CA GLU A 505 47.44 -71.42 -24.01
C GLU A 505 47.13 -70.77 -22.67
N TYR A 506 46.94 -69.45 -22.64
CA TYR A 506 46.65 -68.72 -21.41
C TYR A 506 45.22 -68.17 -21.40
N ALA A 507 44.79 -67.50 -22.47
CA ALA A 507 43.49 -66.86 -22.50
C ALA A 507 42.40 -67.75 -23.08
N GLY A 508 42.72 -68.93 -23.56
CA GLY A 508 41.72 -69.82 -24.12
C GLY A 508 41.50 -69.59 -25.60
N GLU A 509 41.15 -70.65 -26.33
CA GLU A 509 41.00 -70.55 -27.78
C GLU A 509 39.83 -69.66 -28.17
N GLU A 510 38.87 -69.42 -27.27
CA GLU A 510 37.71 -68.59 -27.61
C GLU A 510 38.10 -67.16 -27.94
N ALA A 511 39.14 -66.62 -27.31
CA ALA A 511 39.54 -65.24 -27.52
C ALA A 511 40.84 -65.08 -28.30
N ALA A 512 41.42 -66.18 -28.81
CA ALA A 512 42.68 -66.07 -29.54
C ALA A 512 42.47 -65.73 -31.00
N GLU A 513 41.22 -65.73 -31.48
CA GLU A 513 40.97 -65.40 -32.88
C GLU A 513 41.05 -63.90 -33.16
N SER A 514 40.99 -63.07 -32.12
CA SER A 514 41.06 -61.63 -32.29
C SER A 514 42.42 -61.04 -31.97
N TRP A 515 43.41 -61.89 -31.64
CA TRP A 515 44.72 -61.39 -31.21
C TRP A 515 45.40 -60.58 -32.31
N LYS A 516 45.51 -61.16 -33.51
CA LYS A 516 46.19 -60.47 -34.60
C LYS A 516 45.44 -59.22 -35.01
N GLU A 517 44.11 -59.30 -35.06
CA GLU A 517 43.30 -58.14 -35.44
C GLU A 517 43.51 -56.99 -34.46
N ILE A 518 43.51 -57.29 -33.16
CA ILE A 518 43.69 -56.25 -32.17
C ILE A 518 45.09 -55.65 -32.29
N VAL A 519 46.11 -56.48 -32.52
CA VAL A 519 47.46 -55.95 -32.64
C VAL A 519 47.55 -55.00 -33.82
N ASN A 520 47.01 -55.42 -34.97
CA ASN A 520 47.06 -54.57 -36.15
C ASN A 520 46.32 -53.26 -35.93
N LEU A 521 45.14 -53.32 -35.30
CA LEU A 521 44.38 -52.10 -35.06
C LEU A 521 45.14 -51.17 -34.12
N LEU A 522 45.80 -51.73 -33.10
CA LEU A 522 46.57 -50.88 -32.19
C LEU A 522 47.70 -50.17 -32.92
N TYR A 523 48.42 -50.89 -33.77
CA TYR A 523 49.49 -50.24 -34.51
C TYR A 523 48.95 -49.15 -35.44
N GLU A 524 47.83 -49.42 -36.10
CA GLU A 524 47.24 -48.43 -36.99
C GLU A 524 46.83 -47.18 -36.22
N LEU A 525 46.22 -47.36 -35.04
CA LEU A 525 45.81 -46.21 -34.24
C LEU A 525 47.02 -45.41 -33.77
N LEU A 526 48.09 -46.09 -33.37
CA LEU A 526 49.29 -45.36 -32.97
C LEU A 526 49.83 -44.53 -34.12
N ALA A 527 49.88 -45.10 -35.32
CA ALA A 527 50.33 -44.35 -36.48
C ALA A 527 49.43 -43.14 -36.71
N SER A 528 48.12 -43.32 -36.60
CA SER A 528 47.21 -42.19 -36.81
C SER A 528 47.44 -41.08 -35.79
N LEU A 529 47.67 -41.44 -34.53
CA LEU A 529 47.93 -40.43 -33.51
C LEU A 529 49.22 -39.68 -33.78
N ILE A 530 50.26 -40.37 -34.26
CA ILE A 530 51.57 -39.74 -34.41
C ILE A 530 51.67 -38.91 -35.68
N ARG A 531 50.97 -39.29 -36.74
CA ARG A 531 51.23 -38.74 -38.07
C ARG A 531 51.11 -37.23 -38.10
N GLY A 532 52.11 -36.58 -38.69
CA GLY A 532 52.04 -35.18 -39.03
C GLY A 532 52.21 -34.21 -37.88
N ASN A 533 52.56 -34.67 -36.69
CA ASN A 533 52.65 -33.83 -35.51
C ASN A 533 54.09 -33.86 -35.00
N ARG A 534 54.75 -32.70 -35.02
CA ARG A 534 56.15 -32.64 -34.62
C ARG A 534 56.30 -32.96 -33.13
N ALA A 535 55.46 -32.37 -32.29
CA ALA A 535 55.59 -32.55 -30.85
C ALA A 535 55.41 -34.00 -30.45
N ASN A 536 54.39 -34.67 -30.99
CA ASN A 536 54.17 -36.06 -30.65
C ASN A 536 55.30 -36.94 -31.14
N CYS A 537 55.81 -36.67 -32.35
CA CYS A 537 56.92 -37.47 -32.88
C CYS A 537 58.16 -37.32 -32.01
N ALA A 538 58.42 -36.11 -31.51
CA ALA A 538 59.64 -35.87 -30.75
C ALA A 538 59.73 -36.75 -29.50
N LEU A 539 58.60 -37.27 -29.01
CA LEU A 539 58.64 -38.07 -27.80
C LEU A 539 59.45 -39.35 -27.98
N PHE A 540 59.45 -39.91 -29.18
CA PHE A 540 60.10 -41.19 -29.40
C PHE A 540 61.63 -41.10 -29.41
N SER A 541 62.19 -39.92 -29.18
CA SER A 541 63.63 -39.77 -29.25
C SER A 541 64.34 -40.49 -28.10
N THR A 542 63.61 -40.95 -27.09
CA THR A 542 64.21 -41.60 -25.94
C THR A 542 64.04 -43.11 -25.92
N ASN A 543 63.10 -43.65 -26.69
CA ASN A 543 62.83 -45.09 -26.70
C ASN A 543 62.71 -45.60 -28.12
N LEU A 544 63.66 -45.23 -28.99
CA LEU A 544 63.63 -45.70 -30.36
C LEU A 544 63.88 -47.21 -30.44
N ASP A 545 64.69 -47.75 -29.52
CA ASP A 545 64.87 -49.20 -29.48
C ASP A 545 63.54 -49.91 -29.36
N TRP A 546 62.60 -49.35 -28.60
CA TRP A 546 61.29 -49.96 -28.46
C TRP A 546 60.63 -50.18 -29.80
N VAL A 547 60.93 -49.32 -30.78
CA VAL A 547 60.34 -49.47 -32.11
C VAL A 547 61.18 -50.40 -32.96
N VAL A 548 62.50 -50.18 -32.98
CA VAL A 548 63.34 -50.95 -33.91
C VAL A 548 63.33 -52.42 -33.57
N SER A 549 63.28 -52.77 -32.28
CA SER A 549 63.36 -54.17 -31.89
C SER A 549 62.18 -55.00 -32.38
N LYS A 550 61.09 -54.37 -32.80
CA LYS A 550 59.90 -55.10 -33.23
C LYS A 550 59.79 -55.25 -34.73
N LEU A 551 60.76 -54.78 -35.51
CA LEU A 551 60.60 -54.75 -36.95
C LEU A 551 60.51 -56.16 -37.54
N ASP A 552 61.05 -57.16 -36.86
CA ASP A 552 61.12 -58.51 -37.40
C ASP A 552 59.92 -59.37 -37.04
N ARG A 553 58.94 -58.84 -36.31
CA ARG A 553 57.77 -59.62 -35.97
C ARG A 553 56.96 -59.94 -37.22
N LEU A 554 56.49 -61.19 -37.32
CA LEU A 554 55.80 -61.62 -38.52
C LEU A 554 54.40 -61.06 -38.64
N GLU A 555 53.74 -60.76 -37.52
CA GLU A 555 52.42 -60.15 -37.57
C GLU A 555 52.54 -58.65 -37.36
N ALA A 556 51.85 -57.89 -38.21
CA ALA A 556 51.84 -56.43 -38.17
C ALA A 556 53.17 -55.82 -38.58
N SER A 557 53.90 -56.46 -39.49
CA SER A 557 55.16 -55.88 -39.95
C SER A 557 54.92 -54.57 -40.69
N SER A 558 53.90 -54.52 -41.55
CA SER A 558 53.61 -53.30 -42.29
C SER A 558 53.22 -52.15 -41.36
N GLY A 559 52.45 -52.45 -40.31
CA GLY A 559 52.09 -51.40 -39.37
C GLY A 559 53.29 -50.81 -38.66
N ILE A 560 54.21 -51.67 -38.22
CA ILE A 560 55.41 -51.16 -37.55
C ILE A 560 56.25 -50.34 -38.51
N LEU A 561 56.37 -50.80 -39.75
CA LEU A 561 57.12 -50.03 -40.74
C LEU A 561 56.48 -48.67 -40.96
N GLU A 562 55.15 -48.63 -41.02
CA GLU A 562 54.46 -47.35 -41.18
C GLU A 562 54.71 -46.43 -40.00
N VAL A 563 54.69 -46.97 -38.79
CA VAL A 563 54.97 -46.15 -37.61
C VAL A 563 56.37 -45.56 -37.70
N LEU A 564 57.34 -46.40 -38.06
CA LEU A 564 58.71 -45.92 -38.16
C LEU A 564 58.84 -44.83 -39.22
N TYR A 565 58.19 -45.03 -40.37
CA TYR A 565 58.25 -44.03 -41.42
C TYR A 565 57.64 -42.72 -40.97
N CYS A 566 56.49 -42.78 -40.28
CA CYS A 566 55.87 -41.55 -39.79
C CYS A 566 56.77 -40.83 -38.80
N VAL A 567 57.42 -41.58 -37.91
CA VAL A 567 58.28 -40.93 -36.92
C VAL A 567 59.48 -40.28 -37.60
N LEU A 568 60.14 -41.01 -38.50
CA LEU A 568 61.40 -40.53 -39.06
C LEU A 568 61.20 -39.26 -39.89
N ILE A 569 60.10 -39.18 -40.65
CA ILE A 569 59.95 -38.12 -41.63
C ILE A 569 59.55 -36.78 -41.01
N GLU A 570 59.45 -36.70 -39.69
CA GLU A 570 58.94 -35.50 -39.03
C GLU A 570 59.88 -34.88 -38.02
N SER A 571 60.61 -35.68 -37.25
CA SER A 571 61.38 -35.16 -36.12
C SER A 571 62.88 -35.15 -36.42
N PRO A 572 63.51 -33.99 -36.59
CA PRO A 572 64.97 -33.97 -36.71
C PRO A 572 65.69 -34.45 -35.47
N GLU A 573 65.03 -34.44 -34.30
CA GLU A 573 65.69 -34.85 -33.08
C GLU A 573 66.11 -36.32 -33.13
N VAL A 574 65.26 -37.19 -33.68
CA VAL A 574 65.59 -38.61 -33.73
C VAL A 574 66.77 -38.85 -34.66
N LEU A 575 66.87 -38.09 -35.74
CA LEU A 575 67.93 -38.32 -36.72
C LEU A 575 69.32 -38.23 -36.08
N ASN A 576 69.46 -37.46 -35.01
CA ASN A 576 70.76 -37.32 -34.36
C ASN A 576 71.03 -38.39 -33.32
N ILE A 577 70.12 -39.35 -33.16
CA ILE A 577 70.28 -40.41 -32.16
C ILE A 577 70.57 -41.76 -32.79
N ILE A 578 70.40 -41.91 -34.10
CA ILE A 578 70.55 -43.21 -34.73
C ILE A 578 71.96 -43.74 -34.54
N GLN A 579 72.09 -45.06 -34.53
CA GLN A 579 73.37 -45.74 -34.40
C GLN A 579 73.48 -46.86 -35.42
N GLU A 580 74.66 -47.46 -35.50
CA GLU A 580 74.91 -48.44 -36.55
C GLU A 580 74.01 -49.66 -36.41
N ASN A 581 73.71 -50.09 -35.19
CA ASN A 581 72.89 -51.29 -35.02
C ASN A 581 71.48 -51.08 -35.58
N HIS A 582 70.92 -49.87 -35.43
CA HIS A 582 69.62 -49.60 -36.02
C HIS A 582 69.67 -49.71 -37.55
N ILE A 583 70.72 -49.16 -38.15
CA ILE A 583 70.87 -49.23 -39.61
C ILE A 583 70.97 -50.69 -40.05
N LYS A 584 71.76 -51.48 -39.33
CA LYS A 584 71.91 -52.87 -39.69
C LYS A 584 70.60 -53.63 -39.53
N SER A 585 69.81 -53.29 -38.51
CA SER A 585 68.51 -53.92 -38.36
C SER A 585 67.60 -53.61 -39.53
N ILE A 586 67.59 -52.36 -39.97
CA ILE A 586 66.74 -51.99 -41.11
C ILE A 586 67.19 -52.71 -42.37
N ILE A 587 68.51 -52.73 -42.62
CA ILE A 587 69.10 -53.41 -43.83
C ILE A 587 68.81 -54.91 -43.66
N SER A 588 68.68 -55.38 -42.42
CA SER A 588 68.32 -56.80 -42.11
C SER A 588 66.93 -57.01 -42.69
N LEU A 589 66.06 -56.00 -42.64
CA LEU A 589 64.66 -56.06 -43.13
C LEU A 589 64.58 -56.33 -44.65
N LEU A 590 65.52 -55.87 -45.48
CA LEU A 590 65.41 -56.02 -46.96
C LEU A 590 65.95 -57.38 -47.38
N ASP A 591 66.92 -57.94 -46.64
CA ASP A 591 67.49 -59.27 -46.96
C ASP A 591 66.62 -60.35 -46.32
N LYS A 592 65.65 -59.98 -45.47
CA LYS A 592 64.74 -60.96 -44.81
C LYS A 592 63.33 -60.89 -45.40
N HIS A 593 62.82 -59.70 -45.78
CA HIS A 593 61.44 -59.60 -46.22
C HIS A 593 61.28 -59.42 -47.72
N GLY A 594 62.37 -59.26 -48.46
CA GLY A 594 62.29 -59.12 -49.90
C GLY A 594 62.48 -57.68 -50.35
N ARG A 595 62.26 -57.48 -51.65
CA ARG A 595 62.48 -56.17 -52.25
C ARG A 595 61.22 -55.31 -52.17
N ASN A 596 61.21 -54.39 -51.21
CA ASN A 596 60.09 -53.49 -50.97
C ASN A 596 60.62 -52.06 -51.00
N HIS A 597 59.95 -51.19 -51.77
CA HIS A 597 60.45 -49.82 -51.92
C HIS A 597 60.18 -48.96 -50.69
N LYS A 598 59.30 -49.40 -49.80
CA LYS A 598 59.06 -48.66 -48.57
C LYS A 598 60.32 -48.58 -47.74
N VAL A 599 61.09 -49.66 -47.68
CA VAL A 599 62.33 -49.66 -46.90
C VAL A 599 63.32 -48.68 -47.52
N LEU A 600 63.37 -48.62 -48.85
CA LEU A 600 64.25 -47.64 -49.50
C LEU A 600 63.82 -46.22 -49.18
N ASP A 601 62.51 -45.96 -49.14
CA ASP A 601 62.04 -44.64 -48.74
C ASP A 601 62.48 -44.31 -47.31
N VAL A 602 62.32 -45.27 -46.40
CA VAL A 602 62.74 -45.05 -45.01
C VAL A 602 64.22 -44.71 -44.95
N LEU A 603 65.04 -45.46 -45.69
CA LEU A 603 66.47 -45.20 -45.69
C LEU A 603 66.78 -43.82 -46.26
N CYS A 604 66.08 -43.42 -47.31
CA CYS A 604 66.28 -42.09 -47.86
C CYS A 604 65.93 -41.02 -46.83
N SER A 605 64.95 -41.31 -45.96
CA SER A 605 64.56 -40.33 -44.96
C SER A 605 65.60 -40.14 -43.87
N LEU A 606 66.59 -41.02 -43.77
CA LEU A 606 67.58 -40.94 -42.70
C LEU A 606 68.75 -40.03 -43.03
N CYS A 607 68.81 -39.49 -44.25
CA CYS A 607 70.00 -38.77 -44.69
C CYS A 607 69.85 -37.26 -44.60
N VAL A 608 68.73 -36.72 -45.07
CA VAL A 608 68.51 -35.28 -45.10
C VAL A 608 67.11 -34.98 -44.59
N CYS A 609 67.02 -34.00 -43.68
CA CYS A 609 65.75 -33.57 -43.13
C CYS A 609 65.71 -32.06 -43.09
N ASN A 610 64.70 -31.48 -43.73
CA ASN A 610 64.53 -30.03 -43.77
C ASN A 610 65.78 -29.33 -44.33
N GLY A 611 66.35 -29.90 -45.39
CA GLY A 611 67.49 -29.27 -46.03
C GLY A 611 68.77 -29.29 -45.24
N VAL A 612 68.92 -30.20 -44.30
CA VAL A 612 70.14 -30.36 -43.53
C VAL A 612 70.53 -31.83 -43.57
N ALA A 613 71.80 -32.10 -43.89
CA ALA A 613 72.27 -33.46 -44.04
C ALA A 613 73.04 -33.92 -42.80
N VAL A 614 72.96 -35.22 -42.54
CA VAL A 614 73.66 -35.85 -41.42
C VAL A 614 74.71 -36.77 -42.03
N ARG A 615 75.99 -36.41 -41.86
CA ARG A 615 77.05 -37.15 -42.51
C ARG A 615 77.15 -38.58 -41.97
N SER A 616 76.95 -38.75 -40.67
CA SER A 616 77.13 -40.07 -40.07
C SER A 616 76.19 -41.10 -40.69
N ASN A 617 74.92 -40.73 -40.88
CA ASN A 617 73.97 -41.68 -41.44
C ASN A 617 74.34 -42.05 -42.88
N GLN A 618 74.72 -41.06 -43.68
CA GLN A 618 75.12 -41.34 -45.05
C GLN A 618 76.30 -42.29 -45.08
N ASP A 619 77.31 -42.03 -44.25
CA ASP A 619 78.49 -42.88 -44.24
C ASP A 619 78.13 -44.30 -43.81
N LEU A 620 77.31 -44.44 -42.77
CA LEU A 620 76.96 -45.78 -42.29
C LEU A 620 76.18 -46.55 -43.35
N ILE A 621 75.21 -45.90 -43.99
CA ILE A 621 74.44 -46.58 -45.02
C ILE A 621 75.34 -47.02 -46.16
N THR A 622 76.21 -46.13 -46.63
CA THR A 622 77.10 -46.48 -47.73
C THR A 622 78.01 -47.64 -47.36
N GLU A 623 78.56 -47.62 -46.15
CA GLU A 623 79.47 -48.69 -45.74
C GLU A 623 78.76 -50.02 -45.63
N ASN A 624 77.53 -50.02 -45.12
CA ASN A 624 76.87 -51.28 -44.80
C ASN A 624 76.00 -51.82 -45.92
N LEU A 625 75.75 -51.05 -46.98
CA LEU A 625 74.79 -51.51 -47.99
C LEU A 625 75.45 -51.81 -49.34
N LEU A 626 76.29 -50.91 -49.84
CA LEU A 626 76.73 -50.98 -51.22
C LEU A 626 77.83 -52.01 -51.49
N PRO A 627 78.90 -52.07 -50.69
CA PRO A 627 80.09 -52.81 -51.14
C PRO A 627 79.84 -54.28 -51.43
N GLY A 628 78.91 -54.93 -50.73
CA GLY A 628 78.67 -56.34 -50.98
C GLY A 628 78.12 -56.64 -52.36
N ARG A 629 77.12 -55.89 -52.81
CA ARG A 629 76.50 -56.06 -54.13
C ARG A 629 75.71 -57.36 -54.24
N GLU A 630 74.84 -57.67 -53.27
CA GLU A 630 73.94 -58.82 -53.39
C GLU A 630 72.47 -58.44 -53.33
N LEU A 631 72.14 -57.22 -52.92
CA LEU A 631 70.74 -56.83 -52.71
C LEU A 631 70.18 -55.98 -53.86
N LEU A 632 70.86 -54.88 -54.18
CA LEU A 632 70.38 -54.02 -55.24
C LEU A 632 70.76 -54.57 -56.61
N LEU A 633 69.99 -54.17 -57.62
CA LEU A 633 70.26 -54.64 -58.98
C LEU A 633 71.45 -53.89 -59.57
N GLN A 634 72.26 -54.61 -60.35
CA GLN A 634 73.48 -54.08 -60.93
C GLN A 634 73.28 -53.77 -62.41
N THR A 635 74.21 -53.01 -62.98
CA THR A 635 74.12 -52.60 -64.37
C THR A 635 75.52 -52.55 -64.98
N ASN A 636 75.55 -52.58 -66.31
CA ASN A 636 76.84 -52.51 -67.02
C ASN A 636 76.56 -52.41 -68.50
N LEU A 637 77.58 -52.37 -69.31
CA LEU A 637 77.51 -52.44 -70.77
C LEU A 637 78.24 -53.68 -71.24
N ILE A 638 77.64 -54.42 -72.18
CA ILE A 638 78.20 -55.66 -72.68
C ILE A 638 78.07 -55.71 -74.20
N ASN A 639 78.87 -56.57 -74.82
CA ASN A 639 78.84 -56.73 -76.26
C ASN A 639 77.86 -57.82 -76.66
N TYR A 640 77.40 -57.75 -77.91
CA TYR A 640 76.62 -58.84 -78.48
C TYR A 640 77.52 -59.95 -78.96
N VAL A 641 76.96 -61.15 -79.06
CA VAL A 641 77.72 -62.33 -79.48
C VAL A 641 76.81 -63.19 -80.36
N THR A 642 77.42 -63.88 -81.33
CA THR A 642 76.69 -64.72 -82.26
C THR A 642 77.49 -65.97 -82.56
N SER A 643 76.86 -66.92 -83.26
CA SER A 643 77.46 -68.21 -83.57
C SER A 643 77.18 -68.60 -85.01
N ILE A 644 78.07 -69.40 -85.59
CA ILE A 644 77.97 -69.86 -86.96
C ILE A 644 78.40 -71.32 -87.02
N ARG A 645 77.75 -72.09 -87.89
CA ARG A 645 78.02 -73.50 -88.04
C ARG A 645 77.88 -73.92 -89.50
N PRO A 646 78.59 -74.97 -89.92
CA PRO A 646 78.24 -75.62 -91.18
C PRO A 646 77.25 -76.75 -90.97
N ASN A 647 76.48 -77.05 -92.02
CA ASN A 647 75.39 -78.02 -91.91
C ASN A 647 75.91 -79.45 -92.09
N ILE A 648 76.56 -79.94 -91.05
CA ILE A 648 76.97 -81.34 -90.95
C ILE A 648 76.66 -81.83 -89.54
N PHE A 649 76.14 -83.06 -89.44
CA PHE A 649 75.72 -83.61 -88.15
C PHE A 649 76.21 -85.04 -88.04
N VAL A 650 76.68 -85.41 -86.86
CA VAL A 650 77.22 -86.74 -86.59
C VAL A 650 76.77 -87.19 -85.22
N GLY A 651 76.56 -88.50 -85.02
CA GLY A 651 76.01 -89.00 -83.74
C GLY A 651 76.42 -90.42 -83.44
N ARG A 652 75.92 -91.00 -82.35
CA ARG A 652 76.27 -92.39 -81.92
C ARG A 652 74.99 -93.11 -81.52
N ALA A 653 74.76 -94.34 -81.99
CA ALA A 653 73.53 -95.12 -81.73
C ALA A 653 73.71 -96.59 -82.14
N GLU A 654 72.84 -97.49 -81.69
CA GLU A 654 72.89 -98.91 -82.07
C GLU A 654 72.26 -99.09 -83.44
N GLY A 655 72.98 -99.73 -84.35
CA GLY A 655 72.50 -99.92 -85.70
C GLY A 655 72.62 -98.72 -86.60
N SER A 656 73.33 -97.67 -86.15
CA SER A 656 73.49 -96.49 -86.99
C SER A 656 74.49 -96.78 -88.11
N THR A 657 74.37 -95.99 -89.18
CA THR A 657 75.24 -96.13 -90.35
C THR A 657 76.33 -95.07 -90.40
N GLN A 658 76.61 -94.39 -89.29
CA GLN A 658 77.56 -93.28 -89.30
C GLN A 658 78.90 -93.72 -88.74
N TYR A 659 79.96 -93.08 -89.23
CA TYR A 659 81.30 -93.30 -88.72
C TYR A 659 81.45 -92.67 -87.34
N GLY A 660 82.55 -92.99 -86.66
CA GLY A 660 82.70 -92.62 -85.27
C GLY A 660 83.80 -91.64 -84.92
N LYS A 661 84.59 -91.19 -85.89
CA LYS A 661 85.68 -90.27 -85.63
C LYS A 661 85.71 -89.18 -86.71
N TRP A 662 85.99 -87.96 -86.30
CA TRP A 662 85.91 -86.81 -87.20
C TRP A 662 86.94 -85.76 -86.80
N TYR A 663 87.21 -84.84 -87.73
CA TYR A 663 88.31 -83.89 -87.61
C TYR A 663 88.02 -82.65 -88.45
N PHE A 664 88.48 -81.50 -87.98
CA PHE A 664 88.38 -80.26 -88.74
C PHE A 664 89.29 -79.21 -88.09
N GLU A 665 89.56 -78.16 -88.86
CA GLU A 665 90.48 -77.10 -88.41
C GLU A 665 89.86 -75.73 -88.59
N VAL A 666 90.39 -74.71 -87.93
CA VAL A 666 89.98 -73.32 -88.07
C VAL A 666 91.23 -72.46 -88.15
N MET A 667 91.19 -71.45 -89.01
CA MET A 667 92.30 -70.53 -89.22
C MET A 667 91.80 -69.11 -89.00
N VAL A 668 92.52 -68.34 -88.20
CA VAL A 668 92.12 -66.98 -87.82
C VAL A 668 92.99 -66.00 -88.58
N ASP A 669 92.35 -64.99 -89.18
CA ASP A 669 93.04 -63.98 -89.98
C ASP A 669 93.26 -62.67 -89.25
N GLU A 670 92.21 -62.11 -88.65
CA GLU A 670 92.31 -60.80 -88.00
C GLU A 670 91.48 -60.79 -86.74
N VAL A 671 92.01 -60.17 -85.70
CA VAL A 671 91.27 -59.91 -84.47
C VAL A 671 91.73 -58.57 -83.91
N VAL A 672 90.77 -57.78 -83.43
CA VAL A 672 91.06 -56.51 -82.78
C VAL A 672 90.89 -56.72 -81.27
N PRO A 673 91.97 -56.73 -80.48
CA PRO A 673 91.82 -57.14 -79.08
C PRO A 673 90.84 -56.29 -78.29
N PHE A 674 90.77 -54.99 -78.54
CA PHE A 674 89.88 -54.10 -77.80
C PHE A 674 89.24 -53.13 -78.80
N LEU A 675 88.10 -53.54 -79.37
CA LEU A 675 87.34 -52.64 -80.23
C LEU A 675 86.46 -51.71 -79.41
N THR A 676 86.13 -52.10 -78.18
CA THR A 676 85.36 -51.27 -77.27
C THR A 676 85.93 -51.41 -75.86
N ALA A 677 85.19 -50.97 -74.85
CA ALA A 677 85.70 -51.04 -73.49
C ALA A 677 85.84 -52.48 -73.00
N GLN A 678 85.25 -53.45 -73.70
CA GLN A 678 85.27 -54.84 -73.28
C GLN A 678 86.06 -55.67 -74.29
N ALA A 679 86.77 -56.67 -73.78
CA ALA A 679 87.65 -57.48 -74.63
C ALA A 679 86.85 -58.26 -75.66
N THR A 680 87.48 -58.52 -76.80
CA THR A 680 86.81 -59.26 -77.87
C THR A 680 86.65 -60.73 -77.51
N HIS A 681 85.71 -61.39 -78.17
CA HIS A 681 85.31 -62.75 -77.83
C HIS A 681 85.53 -63.66 -79.04
N LEU A 682 86.08 -64.85 -78.79
CA LEU A 682 86.32 -65.81 -79.87
C LEU A 682 86.56 -67.18 -79.27
N ARG A 683 85.82 -68.19 -79.75
CA ARG A 683 85.95 -69.56 -79.25
C ARG A 683 85.58 -70.53 -80.35
N VAL A 684 86.05 -71.77 -80.21
CA VAL A 684 85.76 -72.84 -81.16
C VAL A 684 85.52 -74.13 -80.39
N GLY A 685 84.72 -75.02 -80.97
CA GLY A 685 84.44 -76.30 -80.33
C GLY A 685 83.28 -77.02 -80.98
N TRP A 686 82.69 -77.94 -80.22
CA TRP A 686 81.56 -78.75 -80.68
C TRP A 686 80.34 -78.41 -79.85
N ALA A 687 79.16 -78.77 -80.36
CA ALA A 687 77.90 -78.51 -79.68
C ALA A 687 76.89 -79.58 -80.06
N LEU A 688 75.87 -79.76 -79.21
CA LEU A 688 74.83 -80.81 -79.42
C LEU A 688 73.65 -80.23 -80.20
N THR A 689 72.91 -81.06 -80.92
CA THR A 689 71.73 -80.63 -81.73
C THR A 689 70.67 -80.07 -80.79
N GLU A 690 70.49 -80.66 -79.60
CA GLU A 690 69.47 -80.24 -78.61
C GLU A 690 70.14 -79.43 -77.50
N GLY A 691 69.47 -78.38 -77.02
CA GLY A 691 69.96 -77.58 -75.87
C GLY A 691 70.76 -76.36 -76.30
N TYR A 692 71.70 -76.51 -77.25
CA TYR A 692 72.49 -75.37 -77.78
C TYR A 692 71.54 -74.47 -78.58
N SER A 693 71.03 -73.39 -77.96
CA SER A 693 70.10 -72.43 -78.61
C SER A 693 70.37 -71.02 -78.04
N PRO A 694 71.51 -70.38 -78.40
CA PRO A 694 71.88 -69.08 -77.85
C PRO A 694 70.99 -67.98 -78.44
N TYR A 695 70.40 -67.13 -77.61
CA TYR A 695 69.46 -66.08 -78.07
C TYR A 695 70.15 -64.72 -77.91
N PRO A 696 70.04 -63.77 -78.86
CA PRO A 696 70.77 -62.50 -78.75
C PRO A 696 70.33 -61.69 -77.52
N GLY A 697 71.26 -61.19 -76.71
CA GLY A 697 70.94 -60.33 -75.56
C GLY A 697 71.41 -60.92 -74.25
N GLY A 698 70.51 -61.07 -73.28
CA GLY A 698 70.84 -61.56 -71.94
C GLY A 698 70.81 -63.06 -71.82
N GLY A 699 71.21 -63.58 -70.66
CA GLY A 699 71.24 -65.02 -70.38
C GLY A 699 71.89 -65.32 -69.05
N GLU A 700 72.90 -66.17 -69.03
CA GLU A 700 73.56 -66.63 -67.78
C GLU A 700 74.62 -65.61 -67.39
N GLY A 701 74.86 -65.40 -66.11
CA GLY A 701 75.81 -64.40 -65.59
C GLY A 701 75.58 -63.07 -66.26
N TRP A 702 76.64 -62.45 -66.76
CA TRP A 702 76.51 -61.22 -67.57
C TRP A 702 76.44 -61.78 -68.96
N GLY A 703 75.58 -61.26 -69.84
CA GLY A 703 75.32 -61.81 -71.19
C GLY A 703 76.51 -61.79 -72.14
N GLY A 704 76.27 -62.06 -73.43
CA GLY A 704 77.36 -62.18 -74.43
C GLY A 704 77.84 -63.61 -74.46
N ASN A 705 76.98 -64.60 -74.21
CA ASN A 705 77.40 -66.02 -74.13
C ASN A 705 77.85 -66.54 -75.50
N GLY A 706 78.91 -67.35 -75.56
CA GLY A 706 79.46 -67.91 -76.81
C GLY A 706 79.46 -69.43 -76.82
N VAL A 707 80.63 -70.07 -76.95
CA VAL A 707 80.76 -71.56 -77.03
C VAL A 707 81.31 -72.08 -75.69
N GLY A 708 80.49 -72.77 -74.88
CA GLY A 708 80.92 -73.37 -73.58
C GLY A 708 80.38 -72.62 -72.38
N ASP A 709 79.14 -72.12 -72.46
CA ASP A 709 78.48 -71.36 -71.36
C ASP A 709 77.31 -72.17 -70.84
N ASP A 710 77.23 -73.47 -71.17
CA ASP A 710 76.14 -74.39 -70.71
C ASP A 710 76.59 -75.84 -70.88
N LEU A 711 75.81 -76.81 -70.38
CA LEU A 711 76.16 -78.26 -70.43
C LEU A 711 75.69 -78.89 -71.75
N TYR A 712 75.93 -78.25 -72.89
CA TYR A 712 75.59 -78.82 -74.23
C TYR A 712 76.70 -78.53 -75.23
N SER A 713 77.69 -77.70 -74.88
CA SER A 713 78.76 -77.29 -75.79
C SER A 713 80.08 -77.33 -75.04
N TYR A 714 81.17 -77.42 -75.80
CA TYR A 714 82.51 -77.55 -75.24
C TYR A 714 83.46 -76.75 -76.10
N GLY A 715 84.13 -75.75 -75.51
CA GLY A 715 84.88 -74.79 -76.28
C GLY A 715 86.29 -74.61 -75.77
N PHE A 716 87.06 -73.84 -76.52
CA PHE A 716 88.46 -73.56 -76.24
C PHE A 716 88.83 -72.23 -76.85
N ASP A 717 89.64 -71.45 -76.13
CA ASP A 717 89.96 -70.09 -76.58
C ASP A 717 91.43 -69.74 -76.43
N GLY A 718 92.33 -70.71 -76.34
CA GLY A 718 93.75 -70.47 -76.26
C GLY A 718 94.34 -70.53 -74.87
N LEU A 719 93.52 -70.34 -73.83
CA LEU A 719 93.99 -70.40 -72.46
C LEU A 719 93.12 -71.22 -71.53
N HIS A 720 91.85 -71.44 -71.85
CA HIS A 720 90.93 -72.13 -70.94
C HIS A 720 90.08 -73.11 -71.72
N LEU A 721 89.50 -74.05 -70.99
CA LEU A 721 88.46 -74.93 -71.52
C LEU A 721 87.13 -74.53 -70.89
N TRP A 722 86.16 -74.20 -71.72
CA TRP A 722 84.89 -73.65 -71.27
C TRP A 722 83.82 -74.73 -71.31
N THR A 723 83.06 -74.85 -70.23
CA THR A 723 81.89 -75.72 -70.20
C THR A 723 81.10 -75.40 -68.94
N GLY A 724 79.78 -75.33 -69.10
CA GLY A 724 78.93 -74.96 -67.98
C GLY A 724 79.21 -73.58 -67.44
N HIS A 725 79.58 -72.64 -68.29
CA HIS A 725 79.84 -71.25 -67.90
C HIS A 725 80.96 -71.14 -66.89
N VAL A 726 81.93 -72.06 -66.92
CA VAL A 726 83.07 -72.04 -66.03
C VAL A 726 84.34 -72.19 -66.86
N ALA A 727 85.33 -71.34 -66.58
CA ALA A 727 86.61 -71.38 -67.29
C ALA A 727 87.64 -72.09 -66.42
N ARG A 728 88.37 -73.02 -67.03
CA ARG A 728 89.39 -73.79 -66.33
C ARG A 728 90.72 -73.65 -67.06
N PRO A 729 91.80 -73.23 -66.40
CA PRO A 729 93.05 -73.04 -67.13
C PRO A 729 93.59 -74.35 -67.68
N VAL A 730 94.27 -74.27 -68.82
CA VAL A 730 94.91 -75.41 -69.46
C VAL A 730 96.32 -74.99 -69.85
N THR A 731 97.20 -75.98 -69.98
CA THR A 731 98.60 -75.75 -70.24
C THR A 731 98.95 -76.17 -71.67
N SER A 732 99.79 -75.36 -72.32
CA SER A 732 100.24 -75.63 -73.68
C SER A 732 101.47 -74.78 -73.94
N PRO A 733 102.34 -75.22 -74.85
CA PRO A 733 103.51 -74.38 -75.18
C PRO A 733 103.08 -73.03 -75.75
N GLY A 734 103.78 -71.96 -75.36
CA GLY A 734 103.45 -70.60 -75.82
C GLY A 734 102.00 -70.26 -75.53
N GLN A 735 101.47 -70.72 -74.39
CA GLN A 735 100.04 -70.48 -74.01
C GLN A 735 99.73 -69.00 -74.15
N HIS A 736 98.67 -68.65 -74.89
CA HIS A 736 98.27 -67.24 -75.17
C HIS A 736 96.89 -67.26 -75.85
N LEU A 737 96.22 -66.12 -75.93
CA LEU A 737 94.88 -66.02 -76.57
C LEU A 737 95.01 -66.09 -78.09
N LEU A 738 93.97 -66.53 -78.80
CA LEU A 738 94.00 -66.71 -80.25
C LEU A 738 94.37 -65.40 -80.93
N ALA A 739 95.34 -65.47 -81.83
CA ALA A 739 95.92 -64.32 -82.50
C ALA A 739 96.02 -64.61 -83.98
N PRO A 740 96.16 -63.58 -84.82
CA PRO A 740 96.25 -63.82 -86.26
C PRO A 740 97.37 -64.79 -86.61
N GLU A 741 97.11 -65.63 -87.61
CA GLU A 741 97.98 -66.68 -88.12
C GLU A 741 97.91 -67.95 -87.28
N ASP A 742 97.12 -68.00 -86.22
CA ASP A 742 96.95 -69.22 -85.46
C ASP A 742 96.03 -70.18 -86.19
N VAL A 743 96.25 -71.47 -85.97
CA VAL A 743 95.43 -72.53 -86.54
C VAL A 743 95.06 -73.50 -85.42
N VAL A 744 93.79 -73.89 -85.37
CA VAL A 744 93.25 -74.76 -84.34
C VAL A 744 92.68 -75.99 -85.00
N SER A 745 92.73 -77.12 -84.30
CA SER A 745 92.20 -78.38 -84.79
C SER A 745 91.49 -79.12 -83.66
N CYS A 746 90.30 -79.64 -83.96
CA CYS A 746 89.48 -80.32 -82.97
C CYS A 746 89.19 -81.74 -83.45
N CYS A 747 89.25 -82.69 -82.52
CA CYS A 747 89.03 -84.09 -82.82
C CYS A 747 87.91 -84.63 -81.94
N LEU A 748 87.01 -85.39 -82.54
CA LEU A 748 85.87 -85.99 -81.84
C LEU A 748 85.93 -87.51 -81.97
N ASP A 749 85.84 -88.20 -80.84
CA ASP A 749 85.83 -89.66 -80.80
C ASP A 749 84.60 -90.13 -80.05
N LEU A 750 83.70 -90.81 -80.75
CA LEU A 750 82.43 -91.24 -80.17
C LEU A 750 82.47 -92.65 -79.60
N SER A 751 83.48 -93.45 -79.94
CA SER A 751 83.59 -94.77 -79.33
C SER A 751 83.72 -94.64 -77.82
N VAL A 752 84.65 -93.83 -77.36
CA VAL A 752 84.75 -93.38 -75.98
C VAL A 752 84.59 -91.86 -75.98
N PRO A 753 83.47 -91.32 -75.52
CA PRO A 753 83.25 -89.88 -75.67
C PRO A 753 84.47 -89.07 -75.22
N SER A 754 85.10 -88.38 -76.17
CA SER A 754 86.34 -87.66 -75.89
C SER A 754 86.53 -86.59 -76.94
N ILE A 755 87.00 -85.42 -76.50
CA ILE A 755 87.29 -84.30 -77.38
C ILE A 755 88.64 -83.72 -76.99
N SER A 756 89.50 -83.49 -77.98
CA SER A 756 90.83 -82.98 -77.75
C SER A 756 91.17 -81.93 -78.80
N PHE A 757 92.11 -81.05 -78.46
CA PHE A 757 92.48 -79.92 -79.31
C PHE A 757 93.97 -79.92 -79.55
N ARG A 758 94.38 -79.28 -80.64
CA ARG A 758 95.77 -78.98 -80.91
C ARG A 758 95.86 -77.59 -81.52
N ILE A 759 96.93 -76.86 -81.19
CA ILE A 759 97.16 -75.52 -81.70
C ILE A 759 98.55 -75.48 -82.32
N ASN A 760 98.61 -75.12 -83.61
CA ASN A 760 99.87 -75.08 -84.34
C ASN A 760 100.61 -76.41 -84.26
N GLY A 761 99.86 -77.51 -84.16
CA GLY A 761 100.43 -78.82 -84.04
C GLY A 761 100.84 -79.22 -82.64
N CYS A 762 100.83 -78.30 -81.69
CA CYS A 762 101.21 -78.64 -80.32
C CYS A 762 100.02 -79.25 -79.58
N PRO A 763 100.16 -80.43 -78.99
CA PRO A 763 99.05 -80.99 -78.22
C PRO A 763 98.66 -80.09 -77.05
N VAL A 764 97.37 -80.08 -76.69
CA VAL A 764 96.86 -79.28 -75.53
C VAL A 764 96.73 -80.23 -74.32
N GLN A 765 96.99 -79.76 -73.10
CA GLN A 765 96.98 -80.62 -71.88
C GLN A 765 95.59 -80.63 -71.23
N GLY A 766 94.56 -81.15 -71.93
CA GLY A 766 93.20 -81.26 -71.39
C GLY A 766 92.28 -82.03 -72.32
N VAL A 767 91.38 -82.88 -71.80
CA VAL A 767 90.39 -83.65 -72.62
C VAL A 767 89.01 -83.56 -71.96
N PHE A 768 87.94 -83.57 -72.77
CA PHE A 768 86.53 -83.57 -72.30
C PHE A 768 85.97 -84.98 -72.49
N GLU A 769 85.74 -85.77 -71.44
CA GLU A 769 85.32 -87.19 -71.58
C GLU A 769 84.04 -87.52 -70.83
N ALA A 770 83.41 -88.67 -71.14
CA ALA A 770 82.18 -89.13 -70.45
C ALA A 770 81.09 -88.05 -70.52
N PHE A 771 80.50 -87.82 -71.69
CA PHE A 771 79.42 -86.82 -71.88
C PHE A 771 78.18 -87.53 -72.47
N ASN A 772 77.02 -86.89 -72.42
CA ASN A 772 75.73 -87.46 -72.87
C ASN A 772 75.74 -87.53 -74.39
N LEU A 773 75.01 -88.48 -74.98
CA LEU A 773 74.98 -88.73 -76.42
C LEU A 773 73.54 -88.81 -76.92
N ASP A 774 72.70 -87.85 -76.55
CA ASP A 774 71.29 -87.90 -76.91
C ASP A 774 70.97 -87.21 -78.23
N GLY A 775 71.95 -86.68 -78.94
CA GLY A 775 71.67 -85.96 -80.16
C GLY A 775 72.83 -86.05 -81.13
N LEU A 776 72.88 -85.07 -82.03
CA LEU A 776 73.90 -85.00 -83.05
C LEU A 776 74.82 -83.82 -82.78
N PHE A 777 76.12 -84.01 -83.06
CA PHE A 777 77.11 -82.97 -82.86
C PHE A 777 77.40 -82.25 -84.16
N PHE A 778 77.86 -81.00 -84.05
CA PHE A 778 78.24 -80.22 -85.19
C PHE A 778 79.31 -79.21 -84.80
N PRO A 779 80.21 -78.85 -85.70
CA PRO A 779 81.20 -77.82 -85.38
C PRO A 779 80.54 -76.46 -85.24
N VAL A 780 81.17 -75.57 -84.47
CA VAL A 780 80.61 -74.26 -84.19
C VAL A 780 81.73 -73.31 -83.80
N VAL A 781 81.50 -72.02 -84.07
CA VAL A 781 82.40 -70.94 -83.67
C VAL A 781 81.54 -69.78 -83.20
N SER A 782 81.97 -69.12 -82.12
CA SER A 782 81.27 -67.97 -81.57
C SER A 782 82.24 -66.80 -81.48
N PHE A 783 81.70 -65.59 -81.59
CA PHE A 783 82.54 -64.41 -81.70
C PHE A 783 81.72 -63.16 -81.45
N SER A 784 82.41 -62.05 -81.28
CA SER A 784 81.81 -60.72 -81.28
C SER A 784 82.39 -59.92 -82.44
N ALA A 785 82.00 -58.66 -82.53
CA ALA A 785 82.42 -57.83 -83.66
C ALA A 785 83.93 -57.64 -83.66
N GLY A 786 84.52 -57.71 -84.86
CA GLY A 786 85.94 -57.44 -85.02
C GLY A 786 86.80 -58.67 -85.17
N VAL A 787 86.35 -59.64 -85.98
CA VAL A 787 87.11 -60.86 -86.21
C VAL A 787 86.97 -61.27 -87.67
N LYS A 788 87.84 -62.19 -88.09
CA LYS A 788 87.82 -62.74 -89.44
C LYS A 788 88.43 -64.13 -89.39
N VAL A 789 87.65 -65.15 -89.71
CA VAL A 789 88.05 -66.54 -89.54
C VAL A 789 87.69 -67.31 -90.80
N ARG A 790 88.36 -68.44 -91.01
CA ARG A 790 88.09 -69.34 -92.12
C ARG A 790 87.92 -70.77 -91.62
N PHE A 791 86.95 -71.47 -92.20
CA PHE A 791 86.73 -72.88 -91.91
C PHE A 791 87.51 -73.73 -92.92
N LEU A 792 88.16 -74.78 -92.42
CA LEU A 792 88.86 -75.74 -93.26
C LEU A 792 88.26 -77.12 -93.04
N LEU A 793 87.84 -77.77 -94.12
CA LEU A 793 87.15 -79.04 -94.03
C LEU A 793 87.73 -80.13 -94.93
N GLY A 794 88.77 -79.83 -95.70
CA GLY A 794 89.38 -80.81 -96.58
C GLY A 794 88.64 -80.95 -97.89
N GLY A 795 89.20 -81.79 -98.75
CA GLY A 795 88.59 -82.02 -100.05
C GLY A 795 88.59 -80.75 -100.89
N ARG A 796 87.54 -80.58 -101.69
CA ARG A 796 87.41 -79.38 -102.51
C ARG A 796 87.39 -78.11 -101.69
N HIS A 797 87.05 -78.20 -100.42
CA HIS A 797 87.06 -77.06 -99.51
C HIS A 797 88.45 -76.90 -98.91
N GLY A 798 88.54 -76.09 -97.86
CA GLY A 798 89.82 -75.79 -97.25
C GLY A 798 90.74 -76.98 -97.10
N GLU A 799 92.03 -76.79 -97.36
CA GLU A 799 93.00 -77.85 -97.23
C GLU A 799 93.70 -77.78 -95.88
N PHE A 800 93.76 -78.92 -95.19
CA PHE A 800 94.35 -78.94 -93.87
C PHE A 800 95.82 -78.55 -93.92
N LYS A 801 96.27 -77.81 -92.91
CA LYS A 801 97.69 -77.50 -92.75
C LYS A 801 98.43 -78.58 -91.97
N PHE A 802 97.72 -79.53 -91.39
CA PHE A 802 98.32 -80.64 -90.67
C PHE A 802 97.51 -81.90 -90.95
N LEU A 803 98.20 -82.99 -91.25
CA LEU A 803 97.49 -84.23 -91.57
C LEU A 803 96.74 -84.73 -90.34
N PRO A 804 95.52 -85.24 -90.51
CA PRO A 804 94.77 -85.71 -89.36
C PRO A 804 95.45 -86.92 -88.74
N PRO A 805 95.16 -87.20 -87.47
CA PRO A 805 95.68 -88.43 -86.85
C PRO A 805 95.04 -89.65 -87.48
N PRO A 806 95.63 -90.83 -87.30
CA PRO A 806 95.07 -92.03 -87.94
C PRO A 806 93.64 -92.30 -87.50
N GLY A 807 92.82 -92.73 -88.45
CA GLY A 807 91.46 -93.11 -88.17
C GLY A 807 90.45 -92.00 -88.15
N TYR A 808 90.87 -90.74 -88.26
CA TYR A 808 89.96 -89.61 -88.22
C TYR A 808 89.64 -89.16 -89.64
N ALA A 809 88.35 -88.94 -89.90
CA ALA A 809 87.92 -88.60 -91.25
C ALA A 809 87.74 -87.09 -91.39
N PRO A 810 87.93 -86.53 -92.59
CA PRO A 810 87.59 -85.13 -92.79
C PRO A 810 86.10 -84.89 -92.64
N CYS A 811 85.74 -83.68 -92.24
CA CYS A 811 84.35 -83.38 -91.93
C CYS A 811 83.48 -83.31 -93.18
N HIS A 812 84.07 -82.97 -94.33
CA HIS A 812 83.27 -82.79 -95.53
C HIS A 812 82.63 -84.09 -96.00
N GLU A 813 83.07 -85.23 -95.47
CA GLU A 813 82.52 -86.52 -95.91
C GLU A 813 81.15 -86.79 -95.33
N ALA A 814 80.66 -85.96 -94.41
CA ALA A 814 79.39 -86.22 -93.73
C ALA A 814 78.20 -85.54 -94.39
N VAL A 815 78.39 -84.90 -95.54
CA VAL A 815 77.28 -84.22 -96.20
C VAL A 815 76.29 -85.25 -96.73
N LEU A 816 75.00 -85.03 -96.49
CA LEU A 816 73.99 -85.97 -96.93
C LEU A 816 73.78 -85.85 -98.44
N PRO A 817 73.22 -86.89 -99.07
CA PRO A 817 73.06 -86.85 -100.53
C PRO A 817 72.19 -85.70 -101.02
N ARG A 818 71.16 -85.33 -100.27
CA ARG A 818 70.19 -84.36 -100.74
C ARG A 818 70.54 -82.92 -100.36
N GLU A 819 71.65 -82.71 -99.67
CA GLU A 819 71.98 -81.39 -99.12
C GLU A 819 73.19 -80.79 -99.83
N ARG A 820 73.34 -79.48 -99.66
CA ARG A 820 74.47 -78.73 -100.19
C ARG A 820 75.16 -78.01 -99.05
N LEU A 821 76.49 -78.04 -99.05
CA LEU A 821 77.25 -77.44 -97.95
C LEU A 821 77.05 -75.93 -97.92
N ARG A 822 76.98 -75.37 -96.72
CA ARG A 822 76.83 -73.94 -96.55
C ARG A 822 77.03 -73.59 -95.08
N LEU A 823 77.07 -72.28 -94.81
CA LEU A 823 77.19 -71.76 -93.45
C LEU A 823 75.91 -71.02 -93.07
N GLU A 824 75.43 -71.28 -91.87
CA GLU A 824 74.12 -70.80 -91.46
C GLU A 824 74.17 -70.42 -89.99
N PRO A 825 73.26 -69.56 -89.52
CA PRO A 825 73.11 -69.35 -88.08
C PRO A 825 72.39 -70.52 -87.43
N ILE A 826 72.11 -70.37 -86.14
CA ILE A 826 71.54 -71.44 -85.34
C ILE A 826 70.21 -70.97 -84.75
N LYS A 827 69.13 -71.63 -85.16
CA LYS A 827 67.80 -71.42 -84.58
C LYS A 827 67.46 -69.93 -84.47
N GLU A 828 67.61 -69.22 -85.58
CA GLU A 828 67.24 -67.81 -85.60
C GLU A 828 65.74 -67.65 -85.75
N TYR A 829 65.25 -66.47 -85.39
CA TYR A 829 63.84 -66.12 -85.55
C TYR A 829 63.66 -64.85 -86.37
N ARG A 830 64.60 -64.54 -87.26
CA ARG A 830 64.56 -63.29 -88.02
C ARG A 830 65.65 -63.34 -89.09
N ARG A 831 65.37 -62.67 -90.21
CA ARG A 831 66.38 -62.53 -91.25
C ARG A 831 65.99 -61.36 -92.14
N GLU A 832 66.97 -60.86 -92.88
CA GLU A 832 66.73 -59.75 -93.79
C GLU A 832 65.93 -60.22 -95.01
N GLY A 833 65.24 -59.28 -95.64
CA GLY A 833 64.41 -59.57 -96.79
C GLY A 833 64.51 -58.51 -97.86
N PRO A 834 63.94 -58.79 -99.03
CA PRO A 834 64.01 -57.80 -100.13
C PRO A 834 63.45 -56.45 -99.77
N ARG A 835 62.34 -56.41 -99.01
CA ARG A 835 61.71 -55.16 -98.62
C ARG A 835 61.74 -54.92 -97.13
N GLY A 836 61.98 -55.95 -96.32
CA GLY A 836 62.03 -55.80 -94.89
C GLY A 836 62.33 -57.11 -94.20
N PRO A 837 62.54 -57.08 -92.90
CA PRO A 837 62.84 -58.31 -92.17
C PRO A 837 61.69 -59.31 -92.24
N HIS A 838 62.05 -60.59 -92.30
CA HIS A 838 61.09 -61.67 -92.27
C HIS A 838 61.07 -62.32 -90.89
N LEU A 839 59.90 -62.74 -90.46
CA LEU A 839 59.75 -63.50 -89.22
C LEU A 839 59.79 -64.99 -89.53
N VAL A 840 60.50 -65.74 -88.70
CA VAL A 840 60.78 -67.15 -88.95
C VAL A 840 60.28 -67.97 -87.78
N GLY A 841 59.55 -69.05 -88.09
CA GLY A 841 59.09 -69.97 -87.06
C GLY A 841 60.13 -71.01 -86.74
N PRO A 842 59.78 -71.90 -85.82
CA PRO A 842 60.70 -72.98 -85.45
C PRO A 842 61.16 -73.79 -86.66
N SER A 843 62.20 -74.59 -86.50
CA SER A 843 62.77 -75.36 -87.60
C SER A 843 62.81 -76.83 -87.24
N ARG A 844 62.45 -77.68 -88.19
CA ARG A 844 62.54 -79.12 -88.00
C ARG A 844 63.99 -79.57 -88.04
N CYS A 845 64.34 -80.52 -87.17
CA CYS A 845 65.70 -81.00 -87.05
C CYS A 845 65.71 -82.52 -87.07
N LEU A 846 66.82 -83.08 -87.52
CA LEU A 846 66.99 -84.52 -87.56
C LEU A 846 67.31 -85.06 -86.17
N SER A 847 67.08 -86.35 -85.99
CA SER A 847 67.36 -87.04 -84.74
C SER A 847 68.36 -88.16 -84.99
N HIS A 848 69.15 -88.47 -83.96
CA HIS A 848 70.18 -89.49 -84.10
C HIS A 848 69.57 -90.87 -84.35
N THR A 849 68.28 -91.05 -84.13
CA THR A 849 67.62 -92.31 -84.42
C THR A 849 67.12 -92.41 -85.85
N ASP A 850 67.33 -91.38 -86.67
CA ASP A 850 66.88 -91.40 -88.05
C ASP A 850 67.91 -92.04 -88.99
N PHE A 851 69.05 -92.48 -88.47
CA PHE A 851 70.10 -93.07 -89.29
C PHE A 851 70.20 -94.58 -89.11
N VAL A 852 69.25 -95.20 -88.43
CA VAL A 852 69.22 -96.64 -88.20
C VAL A 852 68.02 -97.22 -88.93
N PRO A 853 68.20 -98.03 -90.01
CA PRO A 853 67.07 -98.53 -90.80
C PRO A 853 66.06 -99.37 -90.00
N CYS A 854 64.82 -99.54 -90.50
CA CYS A 854 63.75 -100.30 -89.81
C CYS A 854 62.94 -101.12 -90.82
N PRO A 855 63.46 -102.27 -91.32
CA PRO A 855 62.76 -103.12 -92.26
C PRO A 855 61.66 -103.94 -91.58
N VAL A 856 60.64 -104.33 -92.34
CA VAL A 856 59.56 -105.23 -91.84
C VAL A 856 60.16 -106.63 -91.71
N ASP A 857 61.27 -106.91 -92.40
CA ASP A 857 61.92 -108.24 -92.39
C ASP A 857 61.81 -108.88 -91.00
N THR A 858 60.99 -109.93 -90.86
CA THR A 858 60.85 -110.69 -89.58
C THR A 858 61.26 -112.12 -89.87
N VAL A 859 61.42 -112.96 -88.84
CA VAL A 859 61.84 -114.37 -89.00
C VAL A 859 60.75 -115.14 -89.75
N GLN A 860 59.50 -114.68 -89.70
CA GLN A 860 58.35 -115.35 -90.38
C GLN A 860 58.70 -115.69 -91.83
N ILE A 861 58.41 -116.92 -92.25
CA ILE A 861 58.63 -117.31 -93.67
C ILE A 861 57.27 -117.69 -94.27
N VAL A 862 57.03 -117.38 -95.55
CA VAL A 862 55.74 -117.68 -96.25
C VAL A 862 55.90 -119.00 -97.00
N LEU A 863 56.76 -119.06 -98.01
CA LEU A 863 56.98 -120.28 -98.84
C LEU A 863 55.63 -120.78 -99.38
N PRO A 864 54.78 -119.92 -99.98
CA PRO A 864 53.47 -120.35 -100.49
C PRO A 864 53.62 -121.32 -101.66
N PRO A 865 53.17 -122.59 -101.59
CA PRO A 865 53.39 -123.53 -102.70
C PRO A 865 52.69 -123.02 -103.96
N HIS A 866 51.62 -122.26 -103.78
CA HIS A 866 50.82 -121.74 -104.91
C HIS A 866 51.52 -120.58 -105.63
N LEU A 867 52.62 -120.04 -105.08
CA LEU A 867 53.36 -118.96 -105.74
C LEU A 867 54.73 -119.40 -106.28
N GLU A 868 55.04 -120.69 -106.19
CA GLU A 868 56.33 -121.18 -106.66
C GLU A 868 56.49 -121.09 -108.19
N ARG A 869 55.43 -121.37 -108.95
CA ARG A 869 55.54 -121.27 -110.42
C ARG A 869 55.77 -119.83 -110.82
N ILE A 870 55.03 -118.92 -110.21
CA ILE A 870 55.16 -117.55 -110.64
C ILE A 870 56.54 -117.02 -110.19
N ARG A 871 57.10 -117.55 -109.11
CA ARG A 871 58.46 -117.14 -108.72
C ARG A 871 59.44 -117.37 -109.89
N GLU A 872 59.35 -118.54 -110.50
CA GLU A 872 60.19 -118.92 -111.65
C GLU A 872 59.95 -118.00 -112.86
N LYS A 873 58.69 -117.81 -113.24
CA LYS A 873 58.36 -116.98 -114.38
C LYS A 873 58.76 -115.52 -114.15
N LEU A 874 58.59 -115.03 -112.91
CA LEU A 874 59.02 -113.70 -112.57
C LEU A 874 60.54 -113.55 -112.73
N ALA A 875 61.29 -114.50 -112.21
CA ALA A 875 62.76 -114.42 -112.32
C ALA A 875 63.16 -114.41 -113.80
N GLU A 876 62.49 -115.20 -114.62
CA GLU A 876 62.83 -115.27 -116.05
C GLU A 876 62.59 -113.90 -116.69
N ASN A 877 61.45 -113.26 -116.43
CA ASN A 877 61.23 -111.99 -117.07
C ASN A 877 62.13 -110.88 -116.56
N ILE A 878 62.43 -110.90 -115.26
CA ILE A 878 63.37 -109.94 -114.71
C ILE A 878 64.74 -110.04 -115.40
N HIS A 879 65.16 -111.27 -115.69
CA HIS A 879 66.42 -111.49 -116.42
C HIS A 879 66.37 -110.92 -117.83
N GLU A 880 65.27 -111.17 -118.54
CA GLU A 880 65.12 -110.63 -119.88
C GLU A 880 65.18 -109.12 -119.88
N LEU A 881 64.51 -108.49 -118.90
CA LEU A 881 64.52 -107.05 -118.80
C LEU A 881 65.92 -106.51 -118.48
N TRP A 882 66.61 -107.21 -117.58
CA TRP A 882 67.97 -106.81 -117.20
C TRP A 882 68.88 -106.89 -118.38
N ALA A 883 68.79 -107.99 -119.12
CA ALA A 883 69.65 -108.18 -120.28
C ALA A 883 69.39 -107.09 -121.35
N LEU A 884 68.12 -106.80 -121.59
CA LEU A 884 67.78 -105.71 -122.51
C LEU A 884 68.43 -104.38 -122.09
N THR A 885 68.36 -104.05 -120.80
CA THR A 885 68.91 -102.80 -120.25
C THR A 885 70.43 -102.77 -120.49
N ARG A 886 71.14 -103.90 -120.29
CA ARG A 886 72.60 -104.01 -120.54
C ARG A 886 72.89 -103.84 -122.03
N ILE A 887 72.13 -104.52 -122.88
CA ILE A 887 72.41 -104.53 -124.32
C ILE A 887 72.15 -103.15 -124.92
N GLU A 888 71.11 -102.45 -124.45
CA GLU A 888 70.92 -101.06 -124.88
C GLU A 888 72.11 -100.18 -124.57
N GLN A 889 72.78 -100.44 -123.45
CA GLN A 889 73.96 -99.68 -123.07
C GLN A 889 75.28 -100.23 -123.59
N GLY A 890 75.23 -101.03 -124.66
CA GLY A 890 76.43 -101.43 -125.36
C GLY A 890 77.08 -102.70 -124.82
N TRP A 891 76.44 -103.37 -123.86
CA TRP A 891 77.01 -104.62 -123.34
C TRP A 891 76.78 -105.76 -124.33
N THR A 892 77.76 -106.63 -124.39
CA THR A 892 77.71 -107.82 -125.25
C THR A 892 78.24 -109.01 -124.46
N TYR A 893 78.04 -110.21 -125.01
CA TYR A 893 78.46 -111.41 -124.29
C TYR A 893 79.97 -111.65 -124.30
N GLY A 894 80.47 -112.03 -123.13
CA GLY A 894 81.76 -112.67 -123.10
C GLY A 894 81.86 -113.54 -121.84
N PRO A 895 82.74 -114.55 -121.87
CA PRO A 895 82.74 -115.51 -120.76
C PRO A 895 83.31 -114.96 -119.47
N VAL A 896 84.10 -113.89 -119.57
CA VAL A 896 84.65 -113.22 -118.39
C VAL A 896 84.23 -111.77 -118.44
N ARG A 897 83.67 -111.29 -117.36
CA ARG A 897 83.25 -109.91 -117.27
C ARG A 897 84.39 -108.93 -117.54
N ASP A 898 84.10 -107.89 -118.34
CA ASP A 898 85.09 -106.83 -118.62
C ASP A 898 84.30 -105.55 -118.69
N ASP A 899 84.43 -104.70 -117.67
CA ASP A 899 83.66 -103.46 -117.58
C ASP A 899 84.03 -102.45 -118.66
N ASN A 900 85.29 -102.43 -119.08
CA ASN A 900 85.75 -101.47 -120.07
C ASN A 900 85.22 -101.82 -121.47
N LYS A 901 85.36 -103.07 -121.86
CA LYS A 901 84.81 -103.56 -123.13
C LYS A 901 83.29 -103.89 -123.05
N ARG A 902 82.71 -103.79 -121.85
CA ARG A 902 81.31 -104.08 -121.57
C ARG A 902 80.93 -105.48 -122.04
N LEU A 903 81.70 -106.45 -121.55
CA LEU A 903 81.43 -107.86 -121.79
C LEU A 903 80.86 -108.46 -120.50
N HIS A 904 79.80 -109.26 -120.62
CA HIS A 904 79.17 -109.85 -119.44
C HIS A 904 78.73 -111.27 -119.72
N PRO A 905 79.05 -112.21 -118.84
CA PRO A 905 78.68 -113.61 -119.09
C PRO A 905 77.22 -113.92 -118.84
N CYS A 906 76.46 -113.02 -118.24
CA CYS A 906 75.07 -113.33 -117.97
C CYS A 906 74.16 -113.02 -119.13
N LEU A 907 74.73 -112.56 -120.25
CA LEU A 907 73.92 -112.29 -121.44
C LEU A 907 73.74 -113.59 -122.25
N VAL A 908 72.95 -114.46 -121.63
CA VAL A 908 72.65 -115.82 -122.06
C VAL A 908 71.20 -116.08 -121.71
N ASN A 909 70.62 -117.16 -122.26
CA ASN A 909 69.30 -117.58 -121.82
C ASN A 909 69.29 -117.86 -120.32
N PHE A 910 68.18 -117.54 -119.66
CA PHE A 910 68.08 -117.74 -118.22
C PHE A 910 68.49 -119.16 -117.81
N HIS A 911 68.00 -120.15 -118.53
CA HIS A 911 68.23 -121.57 -118.26
C HIS A 911 69.69 -121.97 -118.48
N SER A 912 70.44 -121.09 -119.17
CA SER A 912 71.85 -121.32 -119.42
C SER A 912 72.80 -120.63 -118.43
N LEU A 913 72.25 -119.84 -117.52
CA LEU A 913 73.06 -119.31 -116.43
C LEU A 913 73.60 -120.44 -115.57
N PRO A 914 74.78 -120.23 -114.95
CA PRO A 914 75.26 -121.13 -113.91
C PRO A 914 74.23 -121.32 -112.80
N GLU A 915 74.17 -122.50 -112.22
CA GLU A 915 73.12 -122.82 -111.26
C GLU A 915 73.09 -121.84 -110.09
N PRO A 916 74.27 -121.44 -109.57
CA PRO A 916 74.23 -120.49 -108.44
C PRO A 916 73.63 -119.13 -108.81
N GLU A 917 73.81 -118.70 -110.05
CA GLU A 917 73.27 -117.43 -110.50
C GLU A 917 71.77 -117.56 -110.72
N ARG A 918 71.34 -118.66 -111.31
CA ARG A 918 69.91 -118.95 -111.43
C ARG A 918 69.25 -118.97 -110.04
N ASN A 919 69.91 -119.63 -109.10
CA ASN A 919 69.35 -119.75 -107.77
C ASN A 919 69.27 -118.39 -107.08
N TYR A 920 70.29 -117.56 -107.21
CA TYR A 920 70.22 -116.20 -106.67
C TYR A 920 69.04 -115.42 -107.28
N ASN A 921 68.83 -115.53 -108.59
CA ASN A 921 67.75 -114.83 -109.24
C ASN A 921 66.38 -115.31 -108.74
N LEU A 922 66.27 -116.61 -108.52
CA LEU A 922 65.03 -117.20 -108.00
C LEU A 922 64.82 -116.75 -106.57
N GLN A 923 65.90 -116.68 -105.79
CA GLN A 923 65.77 -116.20 -104.41
C GLN A 923 65.27 -114.76 -104.38
N MET A 924 65.80 -113.91 -105.27
CA MET A 924 65.42 -112.49 -105.30
C MET A 924 63.94 -112.31 -105.74
N SER A 925 63.52 -113.07 -106.75
CA SER A 925 62.13 -113.08 -107.18
C SER A 925 61.21 -113.51 -106.03
N GLY A 926 61.62 -114.55 -105.31
CA GLY A 926 60.86 -115.05 -104.18
C GLY A 926 60.80 -114.00 -103.08
N GLU A 927 61.88 -113.24 -102.89
CA GLU A 927 61.83 -112.25 -101.83
C GLU A 927 61.01 -111.02 -102.24
N THR A 928 60.85 -110.73 -103.54
CA THR A 928 59.87 -109.71 -103.93
C THR A 928 58.47 -110.17 -103.54
N LEU A 929 58.18 -111.42 -103.84
CA LEU A 929 56.88 -111.98 -103.52
C LEU A 929 56.67 -112.02 -102.01
N LYS A 930 57.67 -112.48 -101.24
CA LYS A 930 57.52 -112.56 -99.79
C LYS A 930 57.35 -111.17 -99.18
N THR A 931 58.03 -110.18 -99.76
CA THR A 931 57.91 -108.81 -99.21
C THR A 931 56.51 -108.24 -99.53
N LEU A 932 55.98 -108.52 -100.73
CA LEU A 932 54.57 -108.17 -101.00
C LEU A 932 53.65 -108.76 -99.96
N LEU A 933 53.83 -110.04 -99.64
CA LEU A 933 52.98 -110.67 -98.64
C LEU A 933 53.17 -110.08 -97.23
N ALA A 934 54.42 -109.69 -96.89
CA ALA A 934 54.69 -109.12 -95.58
C ALA A 934 54.04 -107.75 -95.46
N LEU A 935 53.92 -107.07 -96.59
CA LEU A 935 53.23 -105.77 -96.65
C LEU A 935 51.73 -105.96 -96.65
N GLY A 936 51.25 -107.19 -96.55
CA GLY A 936 49.83 -107.46 -96.42
C GLY A 936 49.07 -107.62 -97.72
N CYS A 937 49.76 -107.64 -98.86
CA CYS A 937 49.10 -107.84 -100.14
C CYS A 937 48.47 -109.24 -100.24
N HIS A 938 47.31 -109.29 -100.89
CA HIS A 938 46.64 -110.52 -101.27
C HIS A 938 47.08 -110.78 -102.72
N VAL A 939 47.73 -111.92 -102.98
CA VAL A 939 48.24 -112.23 -104.31
C VAL A 939 47.67 -113.57 -104.72
N GLY A 940 46.91 -113.58 -105.81
CA GLY A 940 46.23 -114.82 -106.20
C GLY A 940 45.81 -114.81 -107.66
N MET A 941 45.69 -115.98 -108.26
CA MET A 941 45.29 -116.06 -109.66
C MET A 941 43.88 -115.54 -109.86
N ALA A 942 43.71 -114.66 -110.84
CA ALA A 942 42.40 -114.10 -111.19
C ALA A 942 41.97 -114.36 -112.63
N ASP A 943 42.91 -114.36 -113.57
CA ASP A 943 42.59 -114.53 -114.98
C ASP A 943 43.45 -115.66 -115.52
N GLU A 944 42.88 -116.87 -115.57
CA GLU A 944 43.65 -118.03 -116.02
C GLU A 944 43.99 -117.97 -117.51
N LYS A 945 43.34 -117.08 -118.26
CA LYS A 945 43.62 -116.94 -119.70
C LYS A 945 44.77 -116.00 -120.00
N ALA A 946 45.19 -115.21 -119.01
CA ALA A 946 46.12 -114.15 -119.30
C ALA A 946 47.47 -114.67 -119.79
N GLU A 947 47.97 -115.73 -119.17
CA GLU A 947 49.31 -116.21 -119.52
C GLU A 947 49.40 -116.63 -121.02
N ASP A 948 48.44 -117.38 -121.54
CA ASP A 948 48.59 -117.81 -122.93
C ASP A 948 48.24 -116.72 -123.92
N ASN A 949 47.78 -115.58 -123.42
CA ASN A 949 47.63 -114.40 -124.28
C ASN A 949 48.82 -113.45 -124.23
N LEU A 950 49.79 -113.70 -123.36
CA LEU A 950 51.00 -112.87 -123.33
C LEU A 950 51.82 -113.03 -124.60
N LYS A 951 52.43 -111.93 -125.03
CA LYS A 951 53.37 -111.93 -126.13
C LYS A 951 54.68 -111.35 -125.66
N LYS A 952 55.75 -111.74 -126.33
CA LYS A 952 57.05 -111.18 -126.01
C LYS A 952 57.39 -110.04 -126.96
N THR A 953 58.17 -109.09 -126.45
CA THR A 953 58.71 -108.03 -127.30
C THR A 953 59.70 -108.60 -128.29
N LYS A 954 59.53 -108.25 -129.58
CA LYS A 954 60.39 -108.75 -130.64
C LYS A 954 61.40 -107.69 -131.04
N LEU A 955 62.63 -107.88 -130.57
CA LEU A 955 63.70 -106.91 -130.82
C LEU A 955 64.39 -107.19 -132.13
N PRO A 956 64.98 -106.16 -132.79
CA PRO A 956 65.74 -106.44 -133.99
C PRO A 956 67.05 -107.17 -133.74
N LYS A 957 67.66 -107.66 -134.82
CA LYS A 957 68.83 -108.54 -134.71
C LYS A 957 70.03 -107.84 -134.11
N THR A 958 69.96 -106.52 -134.05
CA THR A 958 70.99 -105.71 -133.41
C THR A 958 71.04 -105.89 -131.91
N TYR A 959 70.06 -106.63 -131.34
CA TYR A 959 70.04 -106.97 -129.95
C TYR A 959 70.50 -108.42 -129.67
N MET A 960 70.97 -109.07 -130.72
CA MET A 960 71.44 -110.45 -130.68
C MET A 960 72.90 -110.55 -130.21
N MET A 961 73.15 -111.43 -129.25
CA MET A 961 74.53 -111.68 -128.81
C MET A 961 75.19 -112.73 -129.67
N SER A 962 76.51 -112.86 -129.53
CA SER A 962 77.26 -113.78 -130.38
C SER A 962 76.97 -115.25 -130.12
N ASN A 963 76.34 -115.51 -128.99
CA ASN A 963 75.95 -116.87 -128.61
C ASN A 963 74.51 -117.18 -129.02
N GLY A 964 73.91 -116.28 -129.78
CA GLY A 964 72.53 -116.48 -130.24
C GLY A 964 71.43 -116.00 -129.32
N TYR A 965 71.79 -115.56 -128.13
CA TYR A 965 70.82 -115.05 -127.17
C TYR A 965 70.34 -113.67 -127.57
N LYS A 966 69.02 -113.49 -127.64
CA LYS A 966 68.41 -112.18 -127.80
C LYS A 966 67.32 -112.06 -126.75
N PRO A 967 67.35 -111.01 -125.95
CA PRO A 967 66.30 -110.92 -124.93
C PRO A 967 64.93 -110.77 -125.52
N ALA A 968 63.93 -111.26 -124.79
CA ALA A 968 62.54 -111.21 -125.23
C ALA A 968 61.65 -111.02 -124.01
N PRO A 969 61.74 -109.85 -123.40
CA PRO A 969 60.88 -109.61 -122.25
C PRO A 969 59.43 -109.56 -122.66
N LEU A 970 58.55 -109.85 -121.69
CA LEU A 970 57.13 -109.76 -121.97
C LEU A 970 56.71 -108.36 -122.41
N ASP A 971 55.78 -108.31 -123.36
CA ASP A 971 55.11 -107.06 -123.69
C ASP A 971 54.01 -106.83 -122.67
N LEU A 972 54.30 -105.94 -121.72
CA LEU A 972 53.34 -105.62 -120.67
C LEU A 972 52.68 -104.27 -120.91
N SER A 973 52.66 -103.82 -122.17
CA SER A 973 52.14 -102.47 -122.45
C SER A 973 50.67 -102.30 -122.08
N HIS A 974 49.91 -103.38 -122.01
CA HIS A 974 48.50 -103.33 -121.65
C HIS A 974 48.24 -103.27 -120.14
N VAL A 975 49.25 -103.56 -119.35
CA VAL A 975 49.09 -103.62 -117.90
C VAL A 975 49.07 -102.21 -117.31
N ARG A 976 48.11 -101.98 -116.43
CA ARG A 976 48.01 -100.70 -115.72
C ARG A 976 47.88 -100.95 -114.21
N LEU A 977 48.88 -100.53 -113.43
CA LEU A 977 48.78 -100.63 -111.95
C LEU A 977 47.57 -99.84 -111.45
N THR A 978 46.81 -100.44 -110.53
CA THR A 978 45.75 -99.75 -109.79
C THR A 978 46.42 -98.82 -108.76
N PRO A 979 45.65 -97.91 -108.16
CA PRO A 979 46.28 -97.08 -107.11
C PRO A 979 46.87 -97.90 -105.95
N ALA A 980 46.17 -98.93 -105.49
CA ALA A 980 46.68 -99.77 -104.42
C ALA A 980 47.97 -100.47 -104.83
N GLN A 981 48.06 -100.86 -106.11
CA GLN A 981 49.26 -101.52 -106.61
C GLN A 981 50.46 -100.57 -106.75
N THR A 982 50.20 -99.36 -107.19
CA THR A 982 51.21 -98.33 -107.24
C THR A 982 51.76 -98.11 -105.83
N THR A 983 50.86 -98.07 -104.86
CA THR A 983 51.25 -97.87 -103.48
C THR A 983 52.08 -99.04 -102.98
N LEU A 984 51.69 -100.21 -103.45
CA LEU A 984 52.39 -101.46 -103.13
C LEU A 984 53.81 -101.44 -103.69
N VAL A 985 54.01 -100.87 -104.89
CA VAL A 985 55.35 -100.74 -105.49
C VAL A 985 56.21 -99.74 -104.70
N ASP A 986 55.58 -98.63 -104.30
CA ASP A 986 56.27 -97.59 -103.52
C ASP A 986 56.71 -98.15 -102.16
N ARG A 987 55.90 -99.05 -101.59
CA ARG A 987 56.20 -99.70 -100.27
C ARG A 987 57.21 -100.83 -100.43
N LEU A 988 57.16 -101.58 -101.52
CA LEU A 988 58.02 -102.78 -101.72
C LEU A 988 59.46 -102.32 -101.91
N ALA A 989 59.69 -101.18 -102.56
CA ALA A 989 61.03 -100.72 -102.86
C ALA A 989 61.68 -100.09 -101.65
N GLU A 990 60.91 -99.32 -100.88
CA GLU A 990 61.46 -98.70 -99.68
C GLU A 990 61.90 -99.76 -98.68
N ASN A 991 61.09 -100.80 -98.49
CA ASN A 991 61.46 -101.86 -97.57
C ASN A 991 62.69 -102.60 -98.07
N GLY A 992 62.75 -102.90 -99.37
CA GLY A 992 63.89 -103.62 -99.91
C GLY A 992 65.18 -102.84 -99.73
N HIS A 993 65.12 -101.53 -99.96
CA HIS A 993 66.28 -100.69 -99.73
C HIS A 993 66.67 -100.68 -98.26
N ASN A 994 65.70 -100.60 -97.36
CA ASN A 994 66.03 -100.56 -95.94
C ASN A 994 66.66 -101.88 -95.48
N VAL A 995 66.15 -103.01 -95.97
CA VAL A 995 66.76 -104.30 -95.63
C VAL A 995 68.19 -104.38 -96.13
N TRP A 996 68.44 -103.92 -97.36
CA TRP A 996 69.81 -103.91 -97.86
C TRP A 996 70.68 -102.97 -97.02
N ALA A 997 70.11 -101.84 -96.61
CA ALA A 997 70.89 -100.87 -95.83
C ALA A 997 71.30 -101.49 -94.51
N ARG A 998 70.35 -102.12 -93.81
CA ARG A 998 70.66 -102.70 -92.51
C ARG A 998 71.60 -103.89 -92.67
N ASP A 999 71.53 -104.61 -93.78
CA ASP A 999 72.49 -105.67 -94.04
C ASP A 999 73.89 -105.11 -94.18
N ARG A 1000 74.02 -103.99 -94.88
CA ARG A 1000 75.35 -103.39 -95.01
C ARG A 1000 75.84 -102.84 -93.67
N VAL A 1001 74.92 -102.30 -92.87
CA VAL A 1001 75.31 -101.79 -91.56
C VAL A 1001 75.83 -102.93 -90.71
N ALA A 1002 75.13 -104.08 -90.76
CA ALA A 1002 75.60 -105.26 -90.04
C ALA A 1002 76.95 -105.71 -90.57
N GLN A 1003 77.20 -105.50 -91.85
CA GLN A 1003 78.49 -105.83 -92.43
C GLN A 1003 79.56 -104.79 -92.10
N GLY A 1004 79.17 -103.67 -91.49
CA GLY A 1004 80.12 -102.69 -91.01
C GLY A 1004 80.34 -101.46 -91.87
N TRP A 1005 79.58 -101.30 -92.94
CA TRP A 1005 79.72 -100.13 -93.78
C TRP A 1005 79.10 -98.90 -93.12
N SER A 1006 79.60 -97.73 -93.51
CA SER A 1006 79.14 -96.46 -92.96
C SER A 1006 78.95 -95.46 -94.09
N TYR A 1007 78.30 -94.33 -93.82
CA TYR A 1007 78.04 -93.30 -94.85
C TYR A 1007 79.30 -92.45 -95.07
N SER A 1008 79.52 -91.97 -96.30
CA SER A 1008 80.63 -91.04 -96.64
C SER A 1008 80.18 -90.22 -97.85
N ALA A 1009 80.89 -89.13 -98.17
CA ALA A 1009 80.61 -88.30 -99.35
C ALA A 1009 81.41 -88.86 -100.53
N VAL A 1010 82.31 -89.82 -100.28
CA VAL A 1010 83.18 -90.44 -101.33
C VAL A 1010 83.25 -91.95 -101.08
N GLN A 1011 83.18 -92.75 -102.15
CA GLN A 1011 83.23 -94.22 -102.01
C GLN A 1011 84.65 -94.69 -101.68
N ASP A 1012 84.80 -95.66 -100.77
CA ASP A 1012 86.09 -96.21 -100.35
C ASP A 1012 85.84 -97.69 -100.01
N ILE A 1013 86.09 -98.57 -100.98
CA ILE A 1013 85.84 -99.99 -100.76
C ILE A 1013 86.70 -100.54 -99.64
N PRO A 1014 88.02 -100.32 -99.61
CA PRO A 1014 88.81 -100.83 -98.48
C PRO A 1014 88.37 -100.26 -97.13
N ALA A 1015 87.87 -99.03 -97.11
CA ALA A 1015 87.38 -98.41 -95.89
C ALA A 1015 85.93 -98.75 -95.61
N ARG A 1016 85.28 -99.54 -96.47
CA ARG A 1016 83.90 -99.95 -96.28
C ARG A 1016 82.97 -98.74 -96.17
N ARG A 1017 83.20 -97.73 -97.02
CA ARG A 1017 82.36 -96.55 -97.07
C ARG A 1017 81.70 -96.47 -98.43
N ASN A 1018 80.37 -96.27 -98.44
CA ASN A 1018 79.58 -96.29 -99.66
C ASN A 1018 78.75 -95.02 -99.73
N PRO A 1019 78.67 -94.31 -100.88
CA PRO A 1019 77.94 -93.02 -100.92
C PRO A 1019 76.42 -93.03 -100.67
N ARG A 1020 75.72 -94.16 -100.82
CA ARG A 1020 74.23 -94.23 -100.70
C ARG A 1020 73.82 -95.17 -99.55
N LEU A 1021 74.59 -95.20 -98.46
CA LEU A 1021 74.31 -96.05 -97.30
C LEU A 1021 73.48 -95.26 -96.29
N VAL A 1022 72.26 -94.92 -96.71
CA VAL A 1022 71.33 -94.18 -95.87
C VAL A 1022 69.93 -94.76 -96.05
N PRO A 1023 69.07 -94.59 -95.05
CA PRO A 1023 67.69 -95.05 -95.19
C PRO A 1023 67.01 -94.44 -96.41
N TYR A 1024 65.95 -95.11 -96.85
CA TYR A 1024 65.19 -94.69 -98.05
C TYR A 1024 64.51 -93.36 -97.80
N ARG A 1025 64.04 -93.04 -96.58
CA ARG A 1025 63.34 -91.74 -96.43
C ARG A 1025 64.26 -90.66 -97.01
N LEU A 1026 65.54 -90.67 -96.64
CA LEU A 1026 66.49 -89.64 -97.12
C LEU A 1026 67.40 -90.25 -98.20
N LEU A 1027 66.94 -90.30 -99.45
CA LEU A 1027 67.70 -90.86 -100.59
C LEU A 1027 67.56 -89.90 -101.79
N ASP A 1028 68.40 -90.02 -102.83
CA ASP A 1028 68.22 -89.20 -104.01
C ASP A 1028 67.10 -89.74 -104.89
N GLU A 1029 66.41 -88.81 -105.55
CA GLU A 1029 65.26 -89.20 -106.37
C GLU A 1029 65.69 -90.03 -107.56
N ALA A 1030 66.90 -89.80 -108.08
CA ALA A 1030 67.36 -90.54 -109.25
C ALA A 1030 67.44 -92.04 -108.95
N THR A 1031 68.05 -92.41 -107.83
CA THR A 1031 68.09 -93.83 -107.50
C THR A 1031 66.76 -94.33 -106.96
N LYS A 1032 65.98 -93.49 -106.26
CA LYS A 1032 64.70 -93.99 -105.79
C LYS A 1032 63.83 -94.36 -106.99
N ARG A 1033 63.84 -93.52 -108.03
CA ARG A 1033 63.09 -93.81 -109.24
C ARG A 1033 63.68 -94.98 -109.98
N SER A 1034 65.02 -95.13 -109.99
CA SER A 1034 65.59 -96.24 -110.75
C SER A 1034 65.16 -97.58 -110.15
N ASN A 1035 65.45 -97.78 -108.85
CA ASN A 1035 65.19 -99.08 -108.17
C ASN A 1035 63.68 -99.28 -108.15
N ARG A 1036 62.94 -98.17 -108.11
CA ARG A 1036 61.47 -98.24 -108.09
C ARG A 1036 60.99 -98.86 -109.40
N ASP A 1037 61.70 -98.70 -110.53
CA ASP A 1037 61.10 -99.14 -111.78
C ASP A 1037 61.23 -100.65 -111.96
N SER A 1038 62.31 -101.23 -111.44
CA SER A 1038 62.48 -102.67 -111.51
C SER A 1038 61.36 -103.36 -110.73
N LEU A 1039 60.88 -102.74 -109.64
CA LEU A 1039 59.76 -103.31 -108.85
C LEU A 1039 58.39 -102.98 -109.46
N CYS A 1040 58.26 -101.94 -110.28
CA CYS A 1040 56.99 -101.57 -110.99
C CYS A 1040 56.80 -102.55 -112.15
N GLN A 1041 57.83 -102.79 -112.97
CA GLN A 1041 57.87 -103.76 -114.05
C GLN A 1041 57.60 -105.17 -113.52
N ALA A 1042 58.19 -105.51 -112.37
CA ALA A 1042 57.93 -106.82 -111.79
C ALA A 1042 56.45 -107.01 -111.47
N VAL A 1043 55.83 -105.98 -110.90
CA VAL A 1043 54.41 -106.08 -110.54
C VAL A 1043 53.56 -106.20 -111.79
N ARG A 1044 53.91 -105.47 -112.85
CA ARG A 1044 53.16 -105.57 -114.10
C ARG A 1044 53.27 -106.97 -114.68
N THR A 1045 54.46 -107.57 -114.62
CA THR A 1045 54.60 -108.96 -115.07
C THR A 1045 53.72 -109.88 -114.24
N LEU A 1046 53.73 -109.69 -112.92
CA LEU A 1046 52.92 -110.56 -112.06
C LEU A 1046 51.44 -110.42 -112.38
N LEU A 1047 50.97 -109.19 -112.62
CA LEU A 1047 49.58 -108.99 -113.00
C LEU A 1047 49.29 -109.64 -114.35
N GLY A 1048 50.21 -109.53 -115.30
CA GLY A 1048 50.02 -110.16 -116.60
C GLY A 1048 49.90 -111.66 -116.50
N TYR A 1049 50.63 -112.28 -115.57
CA TYR A 1049 50.53 -113.72 -115.40
C TYR A 1049 49.21 -114.17 -114.79
N GLY A 1050 48.24 -113.26 -114.60
CA GLY A 1050 46.92 -113.61 -114.16
C GLY A 1050 46.68 -113.46 -112.67
N TYR A 1051 47.74 -113.48 -111.86
CA TYR A 1051 47.59 -113.31 -110.43
C TYR A 1051 47.37 -111.84 -110.11
N ASN A 1052 46.37 -111.55 -109.30
CA ASN A 1052 46.00 -110.18 -108.96
C ASN A 1052 46.26 -109.92 -107.48
N ILE A 1053 46.69 -108.70 -107.17
CA ILE A 1053 46.96 -108.27 -105.81
C ILE A 1053 46.39 -106.87 -105.63
N GLU A 1054 45.87 -106.60 -104.43
CA GLU A 1054 45.21 -105.33 -104.16
C GLU A 1054 45.74 -104.70 -102.86
N SER A 1067 58.61 -81.35 -79.26
CA SER A 1067 57.77 -81.02 -78.11
C SER A 1067 56.65 -80.08 -78.53
N ARG A 1068 55.62 -79.96 -77.69
CA ARG A 1068 54.47 -79.13 -78.02
C ARG A 1068 54.85 -77.66 -78.10
N TRP A 1069 55.74 -77.20 -77.21
CA TRP A 1069 56.04 -75.77 -77.14
C TRP A 1069 56.93 -75.32 -78.28
N ASP A 1070 57.86 -76.16 -78.72
CA ASP A 1070 58.72 -75.80 -79.84
C ASP A 1070 58.00 -75.92 -81.19
N ARG A 1071 56.69 -76.09 -81.19
CA ARG A 1071 55.92 -76.22 -82.41
C ARG A 1071 55.16 -74.95 -82.78
N VAL A 1072 55.40 -73.83 -82.10
CA VAL A 1072 54.73 -72.58 -82.42
C VAL A 1072 55.48 -71.42 -81.77
N ARG A 1073 55.40 -70.26 -82.40
CA ARG A 1073 56.07 -69.06 -81.93
C ARG A 1073 55.17 -67.86 -82.19
N ILE A 1074 55.05 -66.98 -81.20
CA ILE A 1074 54.11 -65.86 -81.25
C ILE A 1074 54.88 -64.55 -81.24
N PHE A 1075 54.43 -63.60 -82.05
CA PHE A 1075 54.97 -62.25 -82.08
C PHE A 1075 53.84 -61.26 -81.86
N ARG A 1076 54.09 -60.22 -81.07
CA ARG A 1076 53.09 -59.20 -80.81
C ARG A 1076 53.80 -57.86 -80.56
N ALA A 1077 53.00 -56.80 -80.56
CA ALA A 1077 53.53 -55.48 -80.31
C ALA A 1077 53.59 -55.19 -78.81
N GLU A 1078 54.35 -54.15 -78.45
CA GLU A 1078 54.51 -53.79 -77.06
C GLU A 1078 53.22 -53.20 -76.50
N LYS A 1079 53.01 -53.39 -75.20
CA LYS A 1079 51.76 -52.97 -74.57
C LYS A 1079 51.53 -51.47 -74.67
N SER A 1080 52.59 -50.66 -74.66
CA SER A 1080 52.41 -49.22 -74.66
C SER A 1080 51.71 -48.74 -75.92
N TYR A 1081 51.68 -49.52 -76.98
CA TYR A 1081 51.00 -49.17 -78.22
C TYR A 1081 49.55 -49.62 -78.23
N THR A 1082 48.95 -49.86 -77.07
CA THR A 1082 47.58 -50.33 -77.03
C THR A 1082 46.64 -49.28 -77.62
N VAL A 1083 45.56 -49.73 -78.23
CA VAL A 1083 44.64 -48.87 -78.94
C VAL A 1083 43.24 -49.08 -78.38
N GLN A 1084 42.49 -47.99 -78.21
CA GLN A 1084 41.17 -48.04 -77.63
C GLN A 1084 40.12 -47.24 -78.39
N SER A 1085 40.44 -46.73 -79.57
CA SER A 1085 39.47 -45.99 -80.36
C SER A 1085 40.05 -45.75 -81.75
N GLY A 1086 39.19 -45.33 -82.67
CA GLY A 1086 39.61 -45.05 -84.03
C GLY A 1086 39.44 -46.25 -84.93
N ARG A 1087 40.15 -46.19 -86.06
CA ARG A 1087 40.12 -47.25 -87.06
C ARG A 1087 41.51 -47.43 -87.62
N TRP A 1088 42.01 -48.67 -87.60
CA TRP A 1088 43.41 -48.95 -87.89
C TRP A 1088 43.53 -50.11 -88.87
N TYR A 1089 44.69 -50.19 -89.52
CA TYR A 1089 44.92 -51.12 -90.62
C TYR A 1089 46.38 -51.54 -90.65
N PHE A 1090 46.62 -52.82 -90.94
CA PHE A 1090 47.98 -53.31 -91.16
C PHE A 1090 47.92 -54.55 -92.03
N GLU A 1091 49.08 -54.94 -92.57
CA GLU A 1091 49.18 -56.00 -93.57
C GLU A 1091 50.09 -57.12 -93.09
N PHE A 1092 49.86 -58.31 -93.64
CA PHE A 1092 50.65 -59.49 -93.34
C PHE A 1092 50.80 -60.33 -94.60
N GLU A 1093 52.03 -60.52 -95.05
CA GLU A 1093 52.31 -61.26 -96.27
C GLU A 1093 52.82 -62.65 -95.91
N ALA A 1094 52.31 -63.66 -96.59
CA ALA A 1094 52.69 -65.05 -96.34
C ALA A 1094 53.69 -65.50 -97.40
N VAL A 1095 54.90 -65.83 -96.95
CA VAL A 1095 55.91 -66.35 -97.88
C VAL A 1095 55.80 -67.86 -98.03
N THR A 1096 55.09 -68.53 -97.14
CA THR A 1096 54.86 -69.97 -97.22
C THR A 1096 53.37 -70.24 -96.99
N THR A 1097 52.91 -71.38 -97.48
CA THR A 1097 51.51 -71.73 -97.42
C THR A 1097 51.17 -72.67 -96.27
N GLY A 1098 51.93 -72.63 -95.18
CA GLY A 1098 51.73 -73.55 -94.07
C GLY A 1098 50.78 -73.00 -93.03
N GLU A 1099 51.04 -73.39 -91.77
CA GLU A 1099 50.18 -73.03 -90.65
C GLU A 1099 50.61 -71.68 -90.09
N MET A 1100 49.72 -70.69 -90.17
CA MET A 1100 49.99 -69.35 -89.67
C MET A 1100 48.68 -68.71 -89.25
N ARG A 1101 48.79 -67.66 -88.43
CA ARG A 1101 47.61 -66.94 -87.96
C ARG A 1101 47.96 -65.48 -87.76
N VAL A 1102 46.93 -64.64 -87.74
CA VAL A 1102 47.10 -63.20 -87.61
C VAL A 1102 45.77 -62.59 -87.20
N GLY A 1103 45.83 -61.50 -86.43
CA GLY A 1103 44.63 -60.84 -85.96
C GLY A 1103 44.90 -59.79 -84.91
N TRP A 1104 44.01 -59.69 -83.92
CA TRP A 1104 44.14 -58.73 -82.83
C TRP A 1104 44.02 -59.45 -81.50
N ALA A 1105 44.74 -58.96 -80.49
CA ALA A 1105 44.81 -59.62 -79.20
C ALA A 1105 44.79 -58.59 -78.08
N ARG A 1106 44.45 -59.06 -76.88
CA ARG A 1106 44.38 -58.19 -75.72
C ARG A 1106 45.73 -58.16 -74.98
N PRO A 1107 45.97 -57.13 -74.18
CA PRO A 1107 47.29 -56.99 -73.56
C PRO A 1107 47.72 -58.17 -72.69
N GLU A 1108 46.78 -58.85 -72.04
CA GLU A 1108 47.11 -59.88 -71.07
C GLU A 1108 47.17 -61.27 -71.69
N LEU A 1109 47.51 -61.36 -72.97
CA LEU A 1109 47.56 -62.64 -73.67
C LEU A 1109 48.61 -63.55 -73.03
N ARG A 1110 48.29 -64.84 -72.92
CA ARG A 1110 49.25 -65.81 -72.40
C ARG A 1110 50.19 -66.26 -73.52
N PRO A 1111 51.43 -66.66 -73.18
CA PRO A 1111 52.37 -67.05 -74.23
C PRO A 1111 52.32 -68.53 -74.59
N ASP A 1112 51.70 -69.37 -73.78
CA ASP A 1112 51.73 -70.82 -74.00
C ASP A 1112 50.39 -71.39 -74.45
N VAL A 1113 49.48 -70.55 -74.94
CA VAL A 1113 48.17 -70.98 -75.40
C VAL A 1113 48.03 -70.61 -76.87
N GLU A 1114 47.69 -71.59 -77.70
CA GLU A 1114 47.51 -71.34 -79.12
C GLU A 1114 46.49 -70.23 -79.34
N LEU A 1115 46.78 -69.35 -80.28
CA LEU A 1115 45.95 -68.17 -80.50
C LEU A 1115 44.52 -68.59 -80.84
N GLY A 1116 43.55 -67.89 -80.26
CA GLY A 1116 42.15 -68.08 -80.58
C GLY A 1116 41.46 -69.16 -79.79
N ALA A 1117 42.18 -69.93 -78.97
CA ALA A 1117 41.54 -70.95 -78.17
C ALA A 1117 40.94 -70.41 -76.88
N ASP A 1118 41.11 -69.12 -76.61
CA ASP A 1118 40.53 -68.48 -75.44
C ASP A 1118 39.88 -67.18 -75.87
N GLU A 1119 39.47 -66.37 -74.90
CA GLU A 1119 38.75 -65.14 -75.19
C GLU A 1119 39.67 -63.94 -75.41
N LEU A 1120 40.97 -64.16 -75.55
CA LEU A 1120 41.92 -63.06 -75.60
C LEU A 1120 42.47 -62.78 -76.99
N ALA A 1121 41.85 -63.31 -78.05
CA ALA A 1121 42.36 -63.06 -79.39
C ALA A 1121 41.27 -63.27 -80.41
N TYR A 1122 41.42 -62.61 -81.55
CA TYR A 1122 40.54 -62.76 -82.71
C TYR A 1122 41.44 -62.88 -83.93
N VAL A 1123 41.63 -64.09 -84.43
CA VAL A 1123 42.60 -64.35 -85.49
C VAL A 1123 41.94 -65.11 -86.62
N PHE A 1124 42.60 -65.10 -87.78
CA PHE A 1124 42.15 -65.79 -88.97
C PHE A 1124 43.25 -66.75 -89.43
N ASN A 1125 42.91 -68.02 -89.59
CA ASN A 1125 43.84 -69.05 -90.01
C ASN A 1125 43.74 -69.22 -91.51
N GLY A 1126 44.86 -69.03 -92.22
CA GLY A 1126 44.87 -69.08 -93.66
C GLY A 1126 45.23 -70.42 -94.26
N HIS A 1127 45.74 -71.36 -93.46
CA HIS A 1127 46.05 -72.68 -93.99
C HIS A 1127 44.79 -73.33 -94.56
N ARG A 1128 43.71 -73.35 -93.77
CA ARG A 1128 42.39 -73.72 -94.25
C ARG A 1128 41.42 -72.69 -93.72
N GLY A 1129 40.60 -72.13 -94.60
CA GLY A 1129 39.77 -70.99 -94.22
C GLY A 1129 39.03 -71.21 -92.92
N GLN A 1130 39.43 -70.47 -91.89
CA GLN A 1130 38.80 -70.57 -90.57
C GLN A 1130 38.98 -69.26 -89.83
N ARG A 1131 38.09 -69.03 -88.86
CA ARG A 1131 38.21 -67.92 -87.93
C ARG A 1131 38.13 -68.47 -86.51
N TRP A 1132 39.01 -67.97 -85.65
CA TRP A 1132 39.21 -68.54 -84.32
C TRP A 1132 38.88 -67.53 -83.24
N HIS A 1133 37.91 -67.88 -82.40
CA HIS A 1133 37.68 -67.18 -81.14
C HIS A 1133 36.88 -68.07 -80.21
N LEU A 1134 37.50 -68.56 -79.14
CA LEU A 1134 36.88 -69.55 -78.27
C LEU A 1134 36.47 -70.79 -79.06
N GLY A 1135 37.19 -71.08 -80.13
CA GLY A 1135 36.85 -72.18 -81.01
C GLY A 1135 37.20 -71.87 -82.45
N SER A 1136 36.54 -72.54 -83.40
CA SER A 1136 36.81 -72.35 -84.82
C SER A 1136 35.50 -72.42 -85.59
N GLU A 1137 35.50 -71.78 -86.77
CA GLU A 1137 34.36 -71.77 -87.67
C GLU A 1137 34.87 -71.56 -89.09
N PRO A 1138 34.23 -72.17 -90.09
CA PRO A 1138 34.66 -71.94 -91.47
C PRO A 1138 34.52 -70.48 -91.86
N PHE A 1139 35.45 -70.01 -92.68
CA PHE A 1139 35.46 -68.61 -93.09
C PHE A 1139 36.50 -68.43 -94.19
N GLY A 1140 36.17 -67.59 -95.17
CA GLY A 1140 37.15 -67.25 -96.19
C GLY A 1140 37.56 -68.45 -97.02
N ARG A 1141 38.75 -68.35 -97.61
CA ARG A 1141 39.31 -69.39 -98.44
C ARG A 1141 40.80 -69.49 -98.16
N PRO A 1142 41.41 -70.65 -98.42
CA PRO A 1142 42.86 -70.78 -98.17
C PRO A 1142 43.67 -69.89 -99.08
N TRP A 1143 44.82 -69.46 -98.58
CA TRP A 1143 45.71 -68.52 -99.29
C TRP A 1143 46.71 -69.26 -100.17
N GLN A 1144 47.58 -68.53 -100.84
CA GLN A 1144 48.67 -69.04 -101.67
C GLN A 1144 49.93 -68.24 -101.39
N SER A 1145 51.08 -68.84 -101.71
CA SER A 1145 52.34 -68.17 -101.46
C SER A 1145 52.37 -66.83 -102.16
N GLY A 1146 52.81 -65.79 -101.44
CA GLY A 1146 52.85 -64.45 -101.96
C GLY A 1146 51.62 -63.62 -101.70
N ASP A 1147 50.56 -64.23 -101.16
CA ASP A 1147 49.36 -63.48 -100.85
C ASP A 1147 49.57 -62.59 -99.63
N VAL A 1148 48.83 -61.50 -99.56
CA VAL A 1148 48.90 -60.55 -98.45
C VAL A 1148 47.51 -60.38 -97.87
N VAL A 1149 47.43 -60.36 -96.54
CA VAL A 1149 46.18 -60.26 -95.82
C VAL A 1149 46.14 -58.89 -95.13
N GLY A 1150 44.98 -58.24 -95.20
CA GLY A 1150 44.79 -56.96 -94.54
C GLY A 1150 43.81 -57.09 -93.38
N CYS A 1151 44.21 -56.58 -92.23
CA CYS A 1151 43.42 -56.64 -91.02
C CYS A 1151 42.96 -55.24 -90.64
N MET A 1152 41.67 -55.12 -90.33
CA MET A 1152 41.08 -53.83 -89.98
C MET A 1152 40.23 -53.98 -88.75
N ILE A 1153 40.27 -52.99 -87.87
CA ILE A 1153 39.45 -52.94 -86.67
C ILE A 1153 38.80 -51.57 -86.59
N ASP A 1154 37.52 -51.55 -86.26
CA ASP A 1154 36.74 -50.31 -86.14
C ASP A 1154 36.09 -50.29 -84.77
N LEU A 1155 36.55 -49.40 -83.89
CA LEU A 1155 36.03 -49.33 -82.54
C LEU A 1155 34.77 -48.49 -82.44
N THR A 1156 34.36 -47.80 -83.51
CA THR A 1156 33.10 -47.09 -83.50
C THR A 1156 31.91 -48.03 -83.66
N GLU A 1157 32.05 -49.08 -84.46
CA GLU A 1157 31.01 -50.09 -84.61
C GLU A 1157 31.37 -51.43 -83.95
N ASN A 1158 32.59 -51.58 -83.44
CA ASN A 1158 33.01 -52.82 -82.79
C ASN A 1158 32.93 -54.00 -83.76
N THR A 1159 33.70 -53.91 -84.84
CA THR A 1159 33.73 -54.95 -85.86
C THR A 1159 35.15 -55.15 -86.36
N ILE A 1160 35.41 -56.32 -86.91
CA ILE A 1160 36.71 -56.69 -87.45
C ILE A 1160 36.49 -57.26 -88.85
N ILE A 1161 37.32 -56.82 -89.80
CA ILE A 1161 37.18 -57.18 -91.20
C ILE A 1161 38.51 -57.70 -91.72
N PHE A 1162 38.48 -58.76 -92.51
CA PHE A 1162 39.66 -59.32 -93.15
C PHE A 1162 39.52 -59.22 -94.66
N THR A 1163 40.64 -58.98 -95.34
CA THR A 1163 40.68 -58.90 -96.78
C THR A 1163 41.85 -59.71 -97.30
N LEU A 1164 41.75 -60.17 -98.54
CA LEU A 1164 42.80 -60.97 -99.17
C LEU A 1164 43.06 -60.43 -100.56
N ASN A 1165 44.27 -59.91 -100.78
CA ASN A 1165 44.65 -59.32 -102.05
C ASN A 1165 43.67 -58.23 -102.47
N GLY A 1166 43.24 -57.43 -101.50
CA GLY A 1166 42.34 -56.32 -101.75
C GLY A 1166 40.87 -56.69 -101.84
N GLU A 1167 40.54 -57.97 -101.70
CA GLU A 1167 39.15 -58.43 -101.82
C GLU A 1167 38.64 -58.84 -100.44
N VAL A 1168 37.55 -58.21 -100.01
CA VAL A 1168 36.99 -58.49 -98.69
C VAL A 1168 36.52 -59.94 -98.64
N LEU A 1169 36.98 -60.67 -97.63
CA LEU A 1169 36.59 -62.07 -97.46
C LEU A 1169 35.14 -62.14 -96.98
N MET A 1170 34.41 -63.13 -97.48
CA MET A 1170 32.99 -63.23 -97.22
C MET A 1170 32.70 -64.48 -96.39
N SER A 1171 31.84 -64.32 -95.39
CA SER A 1171 31.45 -65.46 -94.57
C SER A 1171 30.50 -66.37 -95.35
N ASP A 1172 30.43 -67.63 -94.91
CA ASP A 1172 29.53 -68.59 -95.56
C ASP A 1172 28.08 -68.17 -95.43
N SER A 1173 27.69 -67.65 -94.27
CA SER A 1173 26.30 -67.27 -94.01
C SER A 1173 25.96 -65.88 -94.54
N GLY A 1174 26.75 -65.34 -95.46
CA GLY A 1174 26.46 -64.04 -96.03
C GLY A 1174 26.83 -62.85 -95.16
N SER A 1175 27.66 -63.05 -94.15
CA SER A 1175 28.09 -61.95 -93.30
C SER A 1175 29.41 -61.37 -93.80
N GLU A 1176 29.50 -60.04 -93.80
CA GLU A 1176 30.68 -59.36 -94.32
C GLU A 1176 31.69 -59.00 -93.24
N THR A 1177 31.41 -59.32 -91.98
CA THR A 1177 32.31 -59.02 -90.87
C THR A 1177 32.65 -60.30 -90.14
N ALA A 1178 33.95 -60.50 -89.85
CA ALA A 1178 34.37 -61.70 -89.16
C ALA A 1178 33.79 -61.75 -87.75
N PHE A 1179 33.86 -60.65 -87.01
CA PHE A 1179 33.38 -60.59 -85.64
C PHE A 1179 32.61 -59.30 -85.44
N ARG A 1180 31.71 -59.31 -84.44
CA ARG A 1180 30.88 -58.16 -84.15
C ARG A 1180 30.57 -58.13 -82.67
N GLU A 1181 30.05 -56.98 -82.23
CA GLU A 1181 29.57 -56.79 -80.86
C GLU A 1181 30.68 -56.98 -79.83
N ILE A 1182 31.92 -56.71 -80.20
CA ILE A 1182 33.01 -56.80 -79.24
C ILE A 1182 33.01 -55.56 -78.35
N GLU A 1183 33.68 -55.65 -77.21
CA GLU A 1183 33.74 -54.55 -76.27
C GLU A 1183 35.17 -54.01 -76.18
N ILE A 1184 35.28 -52.70 -75.95
CA ILE A 1184 36.59 -52.06 -75.96
C ILE A 1184 37.48 -52.66 -74.88
N GLY A 1185 36.94 -52.84 -73.68
CA GLY A 1185 37.74 -53.42 -72.61
C GLY A 1185 38.98 -52.60 -72.36
N ASP A 1186 40.13 -53.26 -72.43
CA ASP A 1186 41.41 -52.59 -72.18
C ASP A 1186 42.12 -52.14 -73.45
N GLY A 1187 41.80 -52.73 -74.59
CA GLY A 1187 42.41 -52.37 -75.85
C GLY A 1187 42.77 -53.59 -76.68
N PHE A 1188 43.51 -53.34 -77.75
CA PHE A 1188 43.91 -54.38 -78.69
C PHE A 1188 45.31 -54.09 -79.22
N LEU A 1189 45.98 -55.16 -79.65
CA LEU A 1189 47.30 -55.10 -80.26
C LEU A 1189 47.36 -56.04 -81.45
N PRO A 1190 48.12 -55.70 -82.49
CA PRO A 1190 48.35 -56.66 -83.57
C PRO A 1190 49.15 -57.86 -83.08
N VAL A 1191 48.90 -59.02 -83.68
CA VAL A 1191 49.51 -60.26 -83.25
C VAL A 1191 49.59 -61.21 -84.43
N CYS A 1192 50.56 -62.12 -84.37
CA CYS A 1192 50.68 -63.16 -85.38
C CYS A 1192 51.47 -64.32 -84.79
N SER A 1193 51.32 -65.49 -85.40
CA SER A 1193 52.02 -66.69 -84.95
C SER A 1193 52.47 -67.48 -86.17
N LEU A 1194 53.56 -68.22 -86.00
CA LEU A 1194 54.17 -68.98 -87.09
C LEU A 1194 54.47 -70.39 -86.62
N GLY A 1195 54.15 -71.38 -87.46
CA GLY A 1195 54.46 -72.75 -87.15
C GLY A 1195 55.81 -73.16 -87.69
N PRO A 1196 56.18 -74.40 -87.44
CA PRO A 1196 57.50 -74.88 -87.86
C PRO A 1196 57.68 -74.76 -89.36
N GLY A 1197 58.84 -74.25 -89.77
CA GLY A 1197 59.19 -74.14 -91.16
C GLY A 1197 58.51 -73.03 -91.92
N GLN A 1198 57.79 -72.13 -91.24
CA GLN A 1198 57.05 -71.07 -91.91
C GLN A 1198 57.84 -69.77 -91.88
N VAL A 1199 57.46 -68.85 -92.77
CA VAL A 1199 58.07 -67.53 -92.86
C VAL A 1199 56.97 -66.53 -93.19
N GLY A 1200 57.10 -65.32 -92.65
CA GLY A 1200 56.11 -64.29 -92.91
C GLY A 1200 56.76 -62.92 -92.87
N HIS A 1201 56.02 -61.94 -93.39
CA HIS A 1201 56.45 -60.54 -93.40
C HIS A 1201 55.32 -59.70 -92.83
N LEU A 1202 55.64 -58.87 -91.85
CA LEU A 1202 54.66 -58.04 -91.16
C LEU A 1202 54.98 -56.58 -91.42
N ASN A 1203 53.94 -55.79 -91.70
CA ASN A 1203 54.10 -54.38 -92.05
C ASN A 1203 53.04 -53.57 -91.33
N LEU A 1204 53.45 -52.85 -90.29
CA LEU A 1204 52.53 -52.00 -89.54
C LEU A 1204 52.23 -50.69 -90.26
N GLY A 1205 52.93 -50.38 -91.34
CA GLY A 1205 52.58 -49.24 -92.15
C GLY A 1205 53.25 -47.95 -91.78
N GLN A 1206 54.49 -48.00 -91.27
CA GLN A 1206 55.21 -46.77 -90.98
C GLN A 1206 55.43 -45.97 -92.26
N ASP A 1207 55.76 -46.64 -93.35
CA ASP A 1207 55.89 -46.01 -94.67
C ASP A 1207 54.63 -46.33 -95.46
N VAL A 1208 53.86 -45.29 -95.78
CA VAL A 1208 52.57 -45.51 -96.43
C VAL A 1208 52.75 -46.12 -97.81
N SER A 1209 53.79 -45.71 -98.54
CA SER A 1209 54.03 -46.24 -99.87
C SER A 1209 54.30 -47.74 -99.87
N SER A 1210 54.84 -48.28 -98.77
CA SER A 1210 55.12 -49.70 -98.69
C SER A 1210 53.86 -50.56 -98.82
N LEU A 1211 52.74 -50.10 -98.29
CA LEU A 1211 51.51 -50.88 -98.37
C LEU A 1211 51.14 -51.11 -99.82
N ARG A 1212 50.60 -52.30 -100.12
CA ARG A 1212 50.33 -52.70 -101.49
C ARG A 1212 48.85 -52.74 -101.83
N PHE A 1213 47.97 -52.79 -100.83
CA PHE A 1213 46.53 -52.81 -101.08
C PHE A 1213 45.77 -51.83 -100.19
N PHE A 1214 46.45 -50.87 -99.57
CA PHE A 1214 45.74 -49.90 -98.73
C PHE A 1214 44.81 -49.04 -99.55
N ALA A 1215 45.23 -48.63 -100.74
CA ALA A 1215 44.39 -47.78 -101.58
C ALA A 1215 43.13 -48.50 -102.03
N ILE A 1216 43.23 -49.79 -102.37
CA ILE A 1216 42.07 -50.51 -102.89
C ILE A 1216 40.95 -50.54 -101.88
N CYS A 1217 41.26 -50.87 -100.62
CA CYS A 1217 40.24 -50.99 -99.59
C CYS A 1217 40.79 -50.47 -98.28
N GLY A 1218 40.15 -49.44 -97.72
CA GLY A 1218 40.53 -48.89 -96.44
C GLY A 1218 40.84 -47.42 -96.48
N LEU A 1219 41.49 -46.96 -97.55
CA LEU A 1219 41.84 -45.54 -97.64
C LEU A 1219 40.61 -44.66 -97.72
N GLN A 1220 39.63 -45.05 -98.53
CA GLN A 1220 38.42 -44.26 -98.68
C GLN A 1220 37.39 -44.52 -97.59
N GLU A 1221 37.59 -45.56 -96.78
CA GLU A 1221 36.68 -45.87 -95.69
C GLU A 1221 37.07 -45.19 -94.39
N GLY A 1222 38.20 -44.47 -94.35
CA GLY A 1222 38.59 -43.76 -93.15
C GLY A 1222 39.56 -44.50 -92.26
N PHE A 1223 40.08 -45.64 -92.69
CA PHE A 1223 41.05 -46.38 -91.91
C PHE A 1223 42.44 -45.78 -92.09
N GLU A 1224 43.26 -45.92 -91.06
CA GLU A 1224 44.61 -45.36 -91.07
C GLU A 1224 45.63 -46.43 -90.73
N PRO A 1225 46.86 -46.32 -91.23
CA PRO A 1225 47.89 -47.31 -90.86
C PRO A 1225 48.17 -47.25 -89.37
N PHE A 1226 48.50 -48.42 -88.81
CA PHE A 1226 48.69 -48.53 -87.37
C PHE A 1226 49.86 -47.68 -86.90
N ALA A 1227 50.96 -47.70 -87.64
CA ALA A 1227 52.19 -47.05 -87.22
C ALA A 1227 52.41 -45.70 -87.91
N ILE A 1228 51.35 -44.99 -88.26
CA ILE A 1228 51.51 -43.70 -88.91
C ILE A 1228 51.99 -42.67 -87.91
N ASN A 1229 52.87 -41.77 -88.37
CA ASN A 1229 53.37 -40.68 -87.55
C ASN A 1229 54.19 -41.20 -86.37
N MET A 1230 55.15 -42.05 -86.65
CA MET A 1230 56.07 -42.58 -85.65
C MET A 1230 57.51 -42.32 -86.09
N GLN A 1231 58.31 -41.79 -85.17
CA GLN A 1231 59.70 -41.50 -85.49
C GLN A 1231 60.52 -42.77 -85.65
N ARG A 1232 60.21 -43.80 -84.87
CA ARG A 1232 61.03 -45.01 -84.82
C ARG A 1232 60.17 -46.25 -85.08
N PRO A 1233 60.77 -47.34 -85.51
CA PRO A 1233 60.00 -48.56 -85.74
C PRO A 1233 59.38 -49.07 -84.45
N VAL A 1234 58.23 -49.74 -84.58
CA VAL A 1234 57.51 -50.25 -83.43
C VAL A 1234 58.28 -51.41 -82.82
N THR A 1235 58.25 -51.50 -81.48
CA THR A 1235 58.92 -52.57 -80.77
C THR A 1235 58.00 -53.79 -80.67
N THR A 1236 58.59 -54.97 -80.72
CA THR A 1236 57.85 -56.22 -80.70
C THR A 1236 58.42 -57.15 -79.64
N TRP A 1237 57.55 -58.00 -79.10
CA TRP A 1237 57.93 -59.04 -78.17
C TRP A 1237 57.56 -60.39 -78.75
N PHE A 1238 58.26 -61.43 -78.32
CA PHE A 1238 58.03 -62.78 -78.81
C PHE A 1238 58.12 -63.76 -77.65
N SER A 1239 57.58 -64.95 -77.86
CA SER A 1239 57.55 -65.98 -76.84
C SER A 1239 58.80 -66.85 -76.94
N LYS A 1240 59.59 -66.89 -75.88
CA LYS A 1240 60.83 -67.64 -75.84
C LYS A 1240 60.63 -68.93 -75.06
N SER A 1241 60.98 -70.05 -75.67
CA SER A 1241 60.80 -71.36 -75.05
C SER A 1241 62.08 -71.80 -74.32
N LEU A 1242 62.36 -71.11 -73.22
CA LEU A 1242 63.44 -71.47 -72.33
C LEU A 1242 62.89 -71.57 -70.92
N PRO A 1243 62.74 -72.77 -70.36
CA PRO A 1243 62.06 -72.89 -69.06
C PRO A 1243 62.76 -72.08 -67.97
N GLN A 1244 61.95 -71.51 -67.07
CA GLN A 1244 62.44 -70.69 -65.98
C GLN A 1244 61.61 -70.96 -64.73
N PHE A 1245 62.14 -70.59 -63.58
CA PHE A 1245 61.44 -70.78 -62.32
C PHE A 1245 60.70 -69.51 -61.92
N GLU A 1246 59.45 -69.66 -61.52
CA GLU A 1246 58.62 -68.55 -61.07
C GLU A 1246 57.82 -68.99 -59.86
N PRO A 1247 57.35 -68.04 -59.05
CA PRO A 1247 56.55 -68.41 -57.88
C PRO A 1247 55.23 -69.05 -58.30
N VAL A 1248 54.74 -69.95 -57.46
CA VAL A 1248 53.45 -70.60 -57.73
C VAL A 1248 52.32 -69.62 -57.45
N PRO A 1249 51.43 -69.36 -58.40
CA PRO A 1249 50.39 -68.34 -58.18
C PRO A 1249 49.51 -68.69 -57.00
N PRO A 1250 49.05 -67.70 -56.23
CA PRO A 1250 48.14 -68.02 -55.12
C PRO A 1250 46.83 -68.63 -55.57
N GLU A 1251 46.43 -68.44 -56.83
CA GLU A 1251 45.15 -68.91 -57.34
C GLU A 1251 45.29 -69.99 -58.40
N HIS A 1252 46.30 -70.83 -58.30
CA HIS A 1252 46.46 -71.90 -59.27
C HIS A 1252 45.26 -72.85 -59.16
N PRO A 1253 44.70 -73.32 -60.27
CA PRO A 1253 43.51 -74.17 -60.17
C PRO A 1253 43.80 -75.60 -59.76
N HIS A 1254 45.06 -75.99 -59.64
CA HIS A 1254 45.42 -77.38 -59.35
C HIS A 1254 46.37 -77.57 -58.19
N TYR A 1255 47.19 -76.57 -57.86
CA TYR A 1255 48.20 -76.71 -56.83
C TYR A 1255 48.01 -75.70 -55.72
N GLU A 1256 48.33 -76.11 -54.50
CA GLU A 1256 48.20 -75.26 -53.32
C GLU A 1256 49.41 -75.50 -52.42
N VAL A 1257 49.94 -74.42 -51.86
CA VAL A 1257 51.07 -74.48 -50.94
C VAL A 1257 50.68 -73.74 -49.66
N ALA A 1258 50.92 -74.38 -48.52
CA ALA A 1258 50.52 -73.85 -47.23
C ALA A 1258 51.73 -73.73 -46.32
N ARG A 1259 51.82 -72.61 -45.59
CA ARG A 1259 52.91 -72.37 -44.66
C ARG A 1259 52.48 -72.77 -43.27
N MET A 1260 53.20 -73.71 -42.67
CA MET A 1260 52.92 -74.18 -41.32
C MET A 1260 53.99 -73.65 -40.38
N ASP A 1261 53.56 -73.12 -39.24
CA ASP A 1261 54.49 -72.58 -38.26
C ASP A 1261 54.98 -73.68 -37.34
N GLY A 1262 56.18 -73.47 -36.79
CA GLY A 1262 56.79 -74.48 -35.95
C GLY A 1262 56.12 -74.59 -34.60
N THR A 1263 56.34 -75.73 -33.96
CA THR A 1263 55.80 -76.01 -32.63
C THR A 1263 56.93 -76.50 -31.72
N VAL A 1264 56.56 -76.95 -30.53
CA VAL A 1264 57.56 -77.48 -29.60
C VAL A 1264 58.16 -78.77 -30.13
N ASP A 1265 57.38 -79.54 -30.89
CA ASP A 1265 57.81 -80.85 -31.37
C ASP A 1265 58.13 -80.90 -32.85
N THR A 1266 57.72 -79.90 -33.63
CA THR A 1266 57.93 -79.91 -35.07
C THR A 1266 58.51 -78.59 -35.54
N PRO A 1267 59.26 -78.59 -36.64
CA PRO A 1267 59.82 -77.36 -37.16
C PRO A 1267 58.90 -76.72 -38.19
N PRO A 1268 59.23 -75.54 -38.69
CA PRO A 1268 58.43 -74.94 -39.75
C PRO A 1268 58.48 -75.78 -41.02
N CYS A 1269 57.43 -75.68 -41.83
CA CYS A 1269 57.30 -76.53 -43.01
C CYS A 1269 56.57 -75.78 -44.11
N LEU A 1270 56.71 -76.29 -45.33
CA LEU A 1270 55.93 -75.87 -46.49
C LEU A 1270 55.44 -77.12 -47.19
N ARG A 1271 54.12 -77.32 -47.18
CA ARG A 1271 53.54 -78.54 -47.74
C ARG A 1271 52.73 -78.21 -48.98
N LEU A 1272 52.72 -79.16 -49.91
CA LEU A 1272 52.02 -79.03 -51.19
C LEU A 1272 50.82 -79.96 -51.19
N ALA A 1273 49.72 -79.50 -51.80
CA ALA A 1273 48.50 -80.28 -51.91
C ALA A 1273 47.94 -80.18 -53.32
N HIS A 1274 47.32 -81.27 -53.77
CA HIS A 1274 46.64 -81.32 -55.05
C HIS A 1274 45.16 -81.12 -54.79
N ARG A 1275 44.58 -80.08 -55.35
CA ARG A 1275 43.22 -79.66 -55.01
C ARG A 1275 42.16 -80.15 -55.99
N THR A 1276 42.51 -81.05 -56.91
CA THR A 1276 41.51 -81.65 -57.79
C THR A 1276 41.74 -83.14 -57.97
N TRP A 1277 42.43 -83.78 -57.03
CA TRP A 1277 42.72 -85.20 -57.16
C TRP A 1277 41.43 -86.01 -57.15
N GLY A 1278 41.31 -86.92 -58.12
CA GLY A 1278 40.17 -87.82 -58.20
C GLY A 1278 39.00 -87.28 -58.98
N SER A 1279 39.00 -86.02 -59.37
CA SER A 1279 37.88 -85.48 -60.13
C SER A 1279 38.03 -85.85 -61.61
N GLN A 1280 36.97 -85.57 -62.38
CA GLN A 1280 36.95 -85.97 -63.78
C GLN A 1280 37.93 -85.17 -64.62
N ASN A 1281 38.38 -84.01 -64.14
CA ASN A 1281 39.26 -83.13 -64.91
C ASN A 1281 40.52 -82.78 -64.13
N SER A 1282 41.06 -83.74 -63.39
CA SER A 1282 42.32 -83.51 -62.69
C SER A 1282 43.47 -83.49 -63.68
N LEU A 1283 44.56 -82.83 -63.27
CA LEU A 1283 45.75 -82.70 -64.09
C LEU A 1283 46.92 -83.40 -63.39
N VAL A 1284 47.56 -84.32 -64.09
CA VAL A 1284 48.67 -85.10 -63.55
C VAL A 1284 49.83 -85.01 -64.54
N GLU A 1285 51.00 -84.59 -64.05
CA GLU A 1285 52.19 -84.47 -64.88
C GLU A 1285 53.37 -84.16 -63.97
N MET A 1286 54.57 -84.29 -64.53
CA MET A 1286 55.78 -84.08 -63.76
C MET A 1286 55.83 -82.66 -63.21
N LEU A 1287 56.39 -82.52 -62.02
CA LEU A 1287 56.43 -81.24 -61.32
C LEU A 1287 57.84 -81.01 -60.81
N PHE A 1288 58.38 -79.82 -61.06
CA PHE A 1288 59.74 -79.45 -60.64
C PHE A 1288 59.64 -78.27 -59.69
N LEU A 1289 60.24 -78.39 -58.52
CA LEU A 1289 60.13 -77.39 -57.47
C LEU A 1289 61.51 -77.06 -56.91
N ARG A 1290 61.65 -75.83 -56.43
CA ARG A 1290 62.85 -75.40 -55.72
C ARG A 1290 62.50 -74.23 -54.81
N LEU A 1291 63.33 -74.02 -53.80
CA LEU A 1291 63.19 -72.86 -52.94
C LEU A 1291 63.87 -71.66 -53.59
N SER A 1292 63.55 -70.47 -53.08
CA SER A 1292 63.90 -69.25 -53.79
C SER A 1292 65.22 -68.64 -53.37
N LEU A 1293 65.96 -69.26 -52.44
CA LEU A 1293 67.23 -68.69 -52.02
C LEU A 1293 68.34 -69.75 -52.05
N PRO A 1294 69.54 -69.40 -52.49
CA PRO A 1294 70.62 -70.38 -52.57
C PRO A 1294 71.53 -70.38 -51.34
N VAL A 1295 72.42 -71.35 -51.30
CA VAL A 1295 73.51 -71.42 -50.33
C VAL A 1295 74.82 -71.41 -51.11
N GLN A 1296 75.80 -70.67 -50.62
CA GLN A 1296 77.04 -70.44 -51.33
C GLN A 1296 78.22 -71.05 -50.57
N PHE A 1297 79.06 -71.78 -51.30
CA PHE A 1297 80.24 -72.38 -50.69
C PHE A 1297 81.36 -71.36 -50.52
N HIS A 1298 82.28 -71.66 -49.62
CA HIS A 1298 83.34 -70.72 -49.30
C HIS A 1298 84.30 -70.58 -50.47
N GLN A 1299 85.04 -69.45 -50.48
CA GLN A 1299 85.89 -69.13 -51.62
C GLN A 1299 87.11 -70.05 -51.72
N HIS A 1300 87.48 -70.71 -50.63
CA HIS A 1300 88.61 -71.64 -50.65
C HIS A 1300 88.44 -72.67 -49.54
N PHE A 1301 88.81 -73.90 -49.83
CA PHE A 1301 88.67 -74.99 -48.88
C PHE A 1301 89.94 -75.16 -48.05
N ARG A 1302 89.79 -75.86 -46.94
CA ARG A 1302 90.92 -76.09 -46.05
C ARG A 1302 91.84 -77.16 -46.62
N CYS A 1303 93.10 -77.11 -46.19
CA CYS A 1303 94.10 -78.10 -46.62
C CYS A 1303 94.25 -78.09 -48.14
N ASN A 1420 71.05 -85.13 -26.11
CA ASN A 1420 70.09 -84.27 -26.80
C ASN A 1420 70.60 -82.83 -26.86
N ARG A 1421 71.29 -82.41 -25.81
CA ARG A 1421 71.83 -81.07 -25.76
C ARG A 1421 72.95 -80.90 -26.77
N ASP A 1422 73.24 -79.64 -27.11
CA ASP A 1422 74.27 -79.30 -28.07
C ASP A 1422 75.40 -78.55 -27.38
N ASP A 1423 76.62 -78.94 -27.68
CA ASP A 1423 77.78 -78.27 -27.11
C ASP A 1423 77.92 -76.88 -27.75
N PRO A 1424 77.89 -75.80 -26.99
CA PRO A 1424 77.89 -74.46 -27.63
C PRO A 1424 79.08 -74.22 -28.54
N GLU A 1425 80.28 -74.64 -28.14
CA GLU A 1425 81.45 -74.39 -28.99
C GLU A 1425 81.35 -75.15 -30.31
N ILE A 1426 80.94 -76.41 -30.25
CA ILE A 1426 80.87 -77.22 -31.47
C ILE A 1426 79.90 -76.59 -32.46
N ILE A 1427 78.71 -76.23 -31.99
CA ILE A 1427 77.71 -75.68 -32.89
C ILE A 1427 78.13 -74.30 -33.38
N LEU A 1428 78.78 -73.50 -32.52
CA LEU A 1428 79.18 -72.16 -32.94
C LEU A 1428 80.32 -72.19 -33.94
N ASN A 1429 81.13 -73.26 -33.94
CA ASN A 1429 82.25 -73.37 -34.86
C ASN A 1429 81.99 -74.30 -36.03
N THR A 1430 80.78 -74.83 -36.17
CA THR A 1430 80.50 -75.77 -37.23
C THR A 1430 80.19 -75.04 -38.54
N THR A 1431 80.31 -75.77 -39.64
CA THR A 1431 79.95 -75.27 -40.96
C THR A 1431 79.12 -76.28 -41.75
N THR A 1432 78.26 -77.03 -41.07
CA THR A 1432 77.41 -78.03 -41.69
C THR A 1432 75.95 -77.66 -41.47
N TYR A 1433 75.15 -77.73 -42.53
CA TYR A 1433 73.76 -77.34 -42.50
C TYR A 1433 72.90 -78.49 -43.02
N TYR A 1434 71.63 -78.49 -42.62
CA TYR A 1434 70.78 -79.65 -42.79
C TYR A 1434 69.37 -79.23 -43.18
N TYR A 1435 68.70 -80.10 -43.94
CA TYR A 1435 67.28 -79.94 -44.24
C TYR A 1435 66.76 -81.27 -44.76
N SER A 1436 65.44 -81.48 -44.61
CA SER A 1436 64.86 -82.78 -44.89
C SER A 1436 63.51 -82.60 -45.58
N VAL A 1437 63.04 -83.69 -46.18
CA VAL A 1437 61.78 -83.73 -46.91
C VAL A 1437 60.98 -84.93 -46.43
N ARG A 1438 59.68 -84.74 -46.23
CA ARG A 1438 58.77 -85.80 -45.82
C ARG A 1438 57.77 -86.06 -46.94
N VAL A 1439 57.60 -87.34 -47.29
CA VAL A 1439 56.66 -87.75 -48.33
C VAL A 1439 55.56 -88.56 -47.65
N PHE A 1440 54.32 -88.08 -47.76
CA PHE A 1440 53.22 -88.67 -47.02
C PHE A 1440 52.82 -90.02 -47.62
N ALA A 1441 52.19 -90.84 -46.78
CA ALA A 1441 51.71 -92.14 -47.22
C ALA A 1441 50.67 -91.97 -48.33
N GLY A 1442 50.73 -92.85 -49.31
CA GLY A 1442 49.91 -92.75 -50.50
C GLY A 1442 50.64 -92.18 -51.70
N GLN A 1443 51.78 -91.54 -51.49
CA GLN A 1443 52.63 -91.08 -52.57
C GLN A 1443 53.74 -92.10 -52.78
N GLU A 1444 53.87 -92.59 -54.00
CA GLU A 1444 54.83 -93.64 -54.28
C GLU A 1444 56.25 -93.10 -54.16
N PRO A 1445 57.09 -93.67 -53.30
CA PRO A 1445 58.48 -93.20 -53.25
C PRO A 1445 59.24 -93.41 -54.54
N SER A 1446 58.76 -94.29 -55.42
CA SER A 1446 59.41 -94.51 -56.70
C SER A 1446 59.24 -93.33 -57.65
N CYS A 1447 58.40 -92.36 -57.31
CA CYS A 1447 58.15 -91.19 -58.16
C CYS A 1447 58.60 -89.89 -57.51
N VAL A 1448 59.68 -89.91 -56.75
CA VAL A 1448 60.17 -88.73 -56.04
C VAL A 1448 61.69 -88.69 -56.12
N TRP A 1449 62.23 -87.50 -56.42
CA TRP A 1449 63.66 -87.26 -56.41
C TRP A 1449 63.94 -86.05 -55.53
N VAL A 1450 64.99 -86.16 -54.71
CA VAL A 1450 65.31 -85.14 -53.72
C VAL A 1450 66.78 -84.79 -53.83
N GLY A 1451 67.10 -83.50 -53.68
CA GLY A 1451 68.48 -83.06 -53.73
C GLY A 1451 68.66 -81.57 -53.94
N TRP A 1452 69.58 -81.19 -54.83
CA TRP A 1452 69.91 -79.80 -55.08
C TRP A 1452 69.95 -79.55 -56.57
N VAL A 1453 70.19 -78.30 -56.95
CA VAL A 1453 70.24 -77.90 -58.35
C VAL A 1453 70.94 -76.56 -58.46
N THR A 1454 71.67 -76.36 -59.55
CA THR A 1454 72.42 -75.13 -59.79
C THR A 1454 71.56 -74.13 -60.54
N PRO A 1455 71.95 -72.84 -60.53
CA PRO A 1455 71.10 -71.82 -61.16
C PRO A 1455 70.97 -71.95 -62.67
N ASP A 1456 71.58 -72.95 -63.30
CA ASP A 1456 71.52 -73.12 -64.75
C ASP A 1456 70.82 -74.41 -65.14
N TYR A 1457 69.68 -74.72 -64.52
CA TYR A 1457 68.89 -75.90 -64.84
C TYR A 1457 67.66 -75.47 -65.64
N HIS A 1458 67.49 -76.03 -66.85
CA HIS A 1458 66.38 -75.67 -67.71
C HIS A 1458 65.79 -76.86 -68.45
N GLN A 1459 65.78 -78.05 -67.87
CA GLN A 1459 65.41 -79.24 -68.64
C GLN A 1459 63.90 -79.31 -68.89
N HIS A 1460 63.11 -79.44 -67.83
CA HIS A 1460 61.67 -79.62 -67.96
C HIS A 1460 61.34 -80.80 -68.87
N ASP A 1461 61.75 -81.98 -68.43
CA ASP A 1461 61.51 -83.22 -69.16
C ASP A 1461 60.28 -83.90 -68.59
N MET A 1462 59.49 -84.54 -69.46
CA MET A 1462 58.26 -85.17 -69.03
C MET A 1462 58.44 -86.65 -68.71
N ASN A 1463 59.64 -87.19 -68.83
CA ASN A 1463 59.95 -88.58 -68.51
C ASN A 1463 61.24 -88.65 -67.71
N PHE A 1464 61.34 -87.80 -66.69
CA PHE A 1464 62.61 -87.60 -66.00
C PHE A 1464 63.10 -88.90 -65.36
N ASP A 1465 64.36 -89.23 -65.64
CA ASP A 1465 65.08 -90.29 -64.96
C ASP A 1465 66.48 -89.79 -64.66
N LEU A 1466 67.12 -90.38 -63.64
CA LEU A 1466 68.47 -89.95 -63.29
C LEU A 1466 69.45 -90.15 -64.43
N SER A 1467 69.12 -90.99 -65.40
CA SER A 1467 70.01 -91.19 -66.55
C SER A 1467 69.97 -90.02 -67.52
N LYS A 1468 68.99 -89.14 -67.40
CA LYS A 1468 68.87 -88.00 -68.31
C LYS A 1468 69.55 -86.75 -67.78
N VAL A 1469 70.21 -86.82 -66.63
CA VAL A 1469 70.88 -85.65 -66.08
C VAL A 1469 72.14 -85.36 -66.86
N ARG A 1470 72.35 -84.09 -67.21
CA ARG A 1470 73.55 -83.70 -67.94
C ARG A 1470 74.77 -83.87 -67.06
N ALA A 1471 75.87 -84.34 -67.65
CA ALA A 1471 77.11 -84.53 -66.91
C ALA A 1471 78.27 -84.50 -67.90
N VAL A 1472 79.46 -84.24 -67.36
CA VAL A 1472 80.68 -84.20 -68.15
C VAL A 1472 81.87 -84.26 -67.20
N THR A 1473 82.98 -84.81 -67.70
CA THR A 1473 84.21 -84.92 -66.95
C THR A 1473 85.33 -84.24 -67.72
N VAL A 1474 86.16 -83.47 -67.01
CA VAL A 1474 87.28 -82.75 -67.60
C VAL A 1474 88.54 -83.19 -66.89
N THR A 1475 89.55 -83.59 -67.66
CA THR A 1475 90.79 -84.15 -67.14
C THR A 1475 91.97 -83.34 -67.63
N MET A 1476 92.98 -83.19 -66.78
CA MET A 1476 94.19 -82.46 -67.10
C MET A 1476 95.41 -83.34 -66.82
N GLY A 1477 96.45 -83.14 -67.60
CA GLY A 1477 97.66 -83.92 -67.45
C GLY A 1477 98.92 -83.14 -67.75
N ASP A 1478 100.00 -83.84 -68.09
CA ASP A 1478 101.28 -83.24 -68.39
C ASP A 1478 101.70 -83.65 -69.80
N GLU A 1479 102.90 -83.22 -70.21
CA GLU A 1479 103.40 -83.57 -71.52
C GLU A 1479 103.54 -85.08 -71.67
N GLN A 1480 104.05 -85.76 -70.65
CA GLN A 1480 104.17 -87.21 -70.67
C GLN A 1480 102.81 -87.90 -70.67
N GLY A 1481 101.76 -87.19 -70.27
CA GLY A 1481 100.43 -87.75 -70.23
C GLY A 1481 99.96 -88.23 -68.86
N ASN A 1482 100.71 -87.93 -67.80
CA ASN A 1482 100.33 -88.36 -66.46
C ASN A 1482 99.20 -87.49 -65.95
N VAL A 1483 98.03 -88.10 -65.71
CA VAL A 1483 96.88 -87.37 -65.21
C VAL A 1483 97.11 -86.99 -63.75
N HIS A 1484 96.74 -85.76 -63.40
CA HIS A 1484 96.88 -85.28 -62.04
C HIS A 1484 95.68 -84.49 -61.53
N SER A 1485 94.57 -84.46 -62.27
CA SER A 1485 93.36 -83.82 -61.78
C SER A 1485 92.19 -84.22 -62.68
N SER A 1486 91.11 -84.69 -62.06
CA SER A 1486 89.89 -85.05 -62.76
C SER A 1486 88.70 -84.48 -61.99
N LEU A 1487 87.81 -83.79 -62.71
CA LEU A 1487 86.68 -83.11 -62.10
C LEU A 1487 85.39 -83.55 -62.77
N LYS A 1488 84.35 -83.73 -61.97
CA LYS A 1488 83.02 -84.07 -62.48
C LYS A 1488 82.12 -82.86 -62.34
N CYS A 1489 81.42 -82.51 -63.42
CA CYS A 1489 80.58 -81.33 -63.47
C CYS A 1489 79.16 -81.72 -63.84
N SER A 1490 78.20 -81.02 -63.25
CA SER A 1490 76.78 -81.28 -63.53
C SER A 1490 75.98 -80.07 -63.07
N ASN A 1491 74.66 -80.17 -63.21
CA ASN A 1491 73.76 -79.14 -62.73
C ASN A 1491 72.62 -79.68 -61.87
N CYS A 1492 72.70 -80.94 -61.44
CA CYS A 1492 71.61 -81.57 -60.72
C CYS A 1492 72.17 -82.69 -59.87
N TYR A 1493 72.08 -82.54 -58.54
CA TYR A 1493 72.63 -83.50 -57.58
C TYR A 1493 71.46 -84.03 -56.75
N MET A 1494 70.96 -85.21 -57.10
CA MET A 1494 69.76 -85.75 -56.45
C MET A 1494 69.93 -87.24 -56.21
N VAL A 1495 69.02 -87.77 -55.40
CA VAL A 1495 68.95 -89.19 -55.08
C VAL A 1495 67.53 -89.66 -55.31
N TRP A 1496 67.39 -90.87 -55.84
CA TRP A 1496 66.09 -91.41 -56.18
C TRP A 1496 65.40 -91.95 -54.94
N GLY A 1497 64.09 -91.70 -54.84
CA GLY A 1497 63.33 -92.17 -53.70
C GLY A 1497 63.13 -93.67 -53.70
N GLY A 1498 63.24 -94.30 -54.87
CA GLY A 1498 63.06 -95.74 -54.95
C GLY A 1498 64.20 -96.53 -54.35
N ASP A 1499 65.34 -95.89 -54.10
CA ASP A 1499 66.48 -96.61 -53.54
C ASP A 1499 66.27 -96.97 -52.07
N PHE A 1500 65.33 -96.31 -51.39
CA PHE A 1500 65.06 -96.55 -49.98
C PHE A 1500 63.74 -97.25 -49.74
N VAL A 1501 63.16 -97.86 -50.78
CA VAL A 1501 61.88 -98.52 -50.65
C VAL A 1501 61.95 -99.60 -49.59
N HIS A 1511 50.34 -97.61 -45.78
CA HIS A 1511 51.79 -97.65 -45.62
C HIS A 1511 52.21 -96.69 -44.51
N THR A 1512 53.41 -96.11 -44.64
CA THR A 1512 53.93 -95.18 -43.64
C THR A 1512 54.78 -94.13 -44.35
N ASP A 1513 54.99 -93.01 -43.65
CA ASP A 1513 55.72 -91.90 -44.23
C ASP A 1513 57.21 -92.22 -44.34
N LEU A 1514 57.87 -91.53 -45.26
CA LEU A 1514 59.31 -91.67 -45.50
C LEU A 1514 59.95 -90.29 -45.42
N VAL A 1515 61.12 -90.22 -44.79
CA VAL A 1515 61.81 -88.96 -44.56
C VAL A 1515 63.23 -89.09 -45.09
N ILE A 1516 63.68 -88.08 -45.83
CA ILE A 1516 65.02 -88.05 -46.42
C ILE A 1516 65.71 -86.79 -45.96
N GLY A 1517 66.96 -86.91 -45.56
CA GLY A 1517 67.74 -85.79 -45.06
C GLY A 1517 68.94 -85.51 -45.96
N CYS A 1518 69.32 -84.24 -46.03
CA CYS A 1518 70.43 -83.80 -46.86
C CYS A 1518 71.40 -82.97 -46.02
N LEU A 1519 72.69 -83.17 -46.24
CA LEU A 1519 73.73 -82.45 -45.51
C LEU A 1519 74.70 -81.82 -46.51
N VAL A 1520 75.30 -80.71 -46.09
CA VAL A 1520 76.32 -80.02 -46.87
C VAL A 1520 77.33 -79.41 -45.92
N ASP A 1521 78.59 -79.40 -46.34
CA ASP A 1521 79.66 -78.75 -45.59
C ASP A 1521 80.26 -77.68 -46.49
N LEU A 1522 79.99 -76.41 -46.16
CA LEU A 1522 80.41 -75.31 -47.03
C LEU A 1522 81.91 -75.09 -47.04
N ALA A 1523 82.65 -75.67 -46.10
CA ALA A 1523 84.09 -75.49 -46.03
C ALA A 1523 84.87 -76.59 -46.74
N THR A 1524 84.21 -77.65 -47.18
CA THR A 1524 84.89 -78.75 -47.86
C THR A 1524 84.20 -79.20 -49.14
N GLY A 1525 83.00 -78.71 -49.45
CA GLY A 1525 82.33 -79.11 -50.66
C GLY A 1525 81.92 -80.55 -50.72
N LEU A 1526 81.35 -81.10 -49.65
CA LEU A 1526 80.93 -82.49 -49.60
C LEU A 1526 79.44 -82.57 -49.29
N MET A 1527 78.76 -83.53 -49.92
CA MET A 1527 77.32 -83.71 -49.77
C MET A 1527 77.03 -85.16 -49.43
N THR A 1528 76.04 -85.37 -48.55
CA THR A 1528 75.67 -86.71 -48.13
C THR A 1528 74.17 -86.74 -47.85
N PHE A 1529 73.61 -87.95 -47.84
CA PHE A 1529 72.18 -88.14 -47.68
C PHE A 1529 71.91 -89.24 -46.66
N THR A 1530 70.74 -89.16 -46.01
CA THR A 1530 70.30 -90.17 -45.06
C THR A 1530 68.81 -90.41 -45.26
N ALA A 1531 68.40 -91.67 -45.05
CA ALA A 1531 67.00 -92.07 -45.16
C ALA A 1531 66.57 -92.73 -43.86
N ASN A 1532 65.53 -92.16 -43.23
CA ASN A 1532 65.02 -92.68 -41.96
C ASN A 1532 66.13 -92.83 -40.94
N GLY A 1533 67.06 -91.88 -40.93
CA GLY A 1533 68.15 -91.88 -39.98
C GLY A 1533 69.30 -92.80 -40.31
N LYS A 1534 69.27 -93.46 -41.47
CA LYS A 1534 70.33 -94.38 -41.87
C LYS A 1534 71.09 -93.79 -43.06
N GLU A 1535 72.41 -93.73 -42.94
CA GLU A 1535 73.21 -93.11 -43.99
C GLU A 1535 73.08 -93.88 -45.29
N SER A 1536 73.58 -93.28 -46.36
CA SER A 1536 73.58 -93.87 -47.68
C SER A 1536 74.99 -93.77 -48.28
N ASN A 1537 75.23 -94.60 -49.30
CA ASN A 1537 76.55 -94.64 -49.91
C ASN A 1537 76.74 -93.54 -50.96
N THR A 1538 75.68 -92.85 -51.34
CA THR A 1538 75.79 -91.79 -52.34
C THR A 1538 76.43 -90.54 -51.74
N PHE A 1539 77.27 -89.87 -52.52
CA PHE A 1539 77.85 -88.61 -52.11
C PHE A 1539 78.38 -87.88 -53.34
N PHE A 1540 78.57 -86.58 -53.19
CA PHE A 1540 79.02 -85.73 -54.29
C PHE A 1540 80.10 -84.78 -53.78
N GLN A 1541 80.71 -84.06 -54.71
CA GLN A 1541 81.70 -83.04 -54.39
C GLN A 1541 81.62 -81.92 -55.41
N VAL A 1542 81.84 -80.68 -54.95
CA VAL A 1542 81.70 -79.50 -55.78
C VAL A 1542 82.91 -78.60 -55.60
N GLU A 1543 82.89 -77.46 -56.29
CA GLU A 1543 84.01 -76.55 -56.30
C GLU A 1543 83.75 -75.34 -55.40
N PRO A 1544 84.79 -74.55 -55.10
CA PRO A 1544 84.67 -73.56 -54.02
C PRO A 1544 83.53 -72.56 -54.16
N ASN A 1545 83.24 -72.06 -55.35
CA ASN A 1545 82.38 -70.89 -55.49
C ASN A 1545 81.02 -71.21 -56.09
N THR A 1546 80.41 -72.34 -55.75
CA THR A 1546 79.16 -72.73 -56.39
C THR A 1546 77.96 -72.28 -55.55
N LYS A 1547 76.81 -72.19 -56.23
CA LYS A 1547 75.53 -71.91 -55.60
C LYS A 1547 74.63 -73.11 -55.78
N LEU A 1548 73.77 -73.38 -54.79
CA LEU A 1548 72.85 -74.51 -54.84
C LEU A 1548 71.50 -74.11 -54.30
N PHE A 1549 70.45 -74.64 -54.91
CA PHE A 1549 69.08 -74.43 -54.47
C PHE A 1549 68.49 -75.75 -54.03
N PRO A 1550 67.79 -75.84 -52.89
CA PRO A 1550 67.04 -77.05 -52.60
C PRO A 1550 65.97 -77.29 -53.65
N ALA A 1551 65.75 -78.56 -53.99
CA ALA A 1551 64.84 -78.89 -55.06
C ALA A 1551 64.20 -80.25 -54.81
N VAL A 1552 63.05 -80.47 -55.45
CA VAL A 1552 62.31 -81.73 -55.36
C VAL A 1552 61.51 -81.89 -56.65
N PHE A 1553 61.63 -83.06 -57.27
CA PHE A 1553 60.83 -83.42 -58.43
C PHE A 1553 59.89 -84.55 -58.03
N VAL A 1554 58.63 -84.46 -58.44
CA VAL A 1554 57.63 -85.43 -58.01
C VAL A 1554 56.56 -85.56 -59.07
N LEU A 1555 55.97 -86.75 -59.16
CA LEU A 1555 54.80 -87.00 -59.97
C LEU A 1555 53.64 -87.36 -59.05
N PRO A 1556 52.71 -86.44 -58.79
CA PRO A 1556 51.75 -86.67 -57.70
C PRO A 1556 50.86 -87.87 -57.96
N THR A 1557 50.51 -88.56 -56.87
CA THR A 1557 49.56 -89.66 -56.90
C THR A 1557 48.60 -89.65 -55.71
N HIS A 1558 48.47 -88.53 -55.02
CA HIS A 1558 47.64 -88.45 -53.83
C HIS A 1558 47.30 -86.99 -53.56
N GLN A 1559 46.32 -86.78 -52.69
CA GLN A 1559 45.97 -85.41 -52.32
C GLN A 1559 47.11 -84.73 -51.57
N ASN A 1560 47.75 -85.43 -50.65
CA ASN A 1560 48.90 -84.92 -49.90
C ASN A 1560 50.16 -85.49 -50.54
N VAL A 1561 51.11 -84.61 -50.89
CA VAL A 1561 52.22 -85.04 -51.73
C VAL A 1561 53.55 -84.95 -50.99
N ILE A 1562 53.99 -83.75 -50.67
CA ILE A 1562 55.35 -83.48 -50.20
C ILE A 1562 55.30 -82.37 -49.15
N GLN A 1563 56.33 -82.32 -48.31
CA GLN A 1563 56.44 -81.32 -47.27
C GLN A 1563 57.91 -81.02 -47.00
N PHE A 1564 58.33 -79.79 -47.32
CA PHE A 1564 59.65 -79.32 -46.92
C PHE A 1564 59.68 -79.15 -45.41
N GLU A 1565 60.82 -79.47 -44.80
CA GLU A 1565 61.03 -79.28 -43.37
C GLU A 1565 62.34 -78.55 -43.17
N LEU A 1566 62.34 -77.57 -42.27
CA LEU A 1566 63.51 -76.73 -42.02
C LEU A 1566 64.03 -76.89 -40.60
N GLY A 1567 64.08 -78.12 -40.09
CA GLY A 1567 64.56 -78.36 -38.75
C GLY A 1567 66.07 -78.40 -38.68
N LYS A 1568 66.61 -79.12 -37.70
CA LYS A 1568 68.05 -79.26 -37.54
C LYS A 1568 68.36 -80.60 -36.90
N GLN A 1569 69.62 -80.82 -36.57
CA GLN A 1569 70.08 -82.05 -35.94
C GLN A 1569 71.08 -81.69 -34.85
N LYS A 1570 71.54 -82.72 -34.14
CA LYS A 1570 72.52 -82.51 -33.08
C LYS A 1570 73.80 -81.90 -33.64
N ASN A 1571 74.16 -80.74 -33.10
CA ASN A 1571 75.38 -80.03 -33.49
C ASN A 1571 75.40 -79.67 -34.97
N ILE A 1572 74.23 -79.44 -35.57
CA ILE A 1572 74.13 -79.07 -36.98
C ILE A 1572 73.15 -77.90 -37.09
N MET A 1573 73.56 -76.87 -37.82
CA MET A 1573 72.77 -75.67 -37.93
C MET A 1573 71.66 -75.84 -38.97
N PRO A 1574 70.57 -75.09 -38.86
CA PRO A 1574 69.56 -75.08 -39.92
C PRO A 1574 69.97 -74.19 -41.07
N LEU A 1575 69.38 -74.44 -42.24
CA LEU A 1575 69.83 -73.74 -43.44
C LEU A 1575 69.42 -72.27 -43.45
N SER A 1576 68.51 -71.86 -42.58
CA SER A 1576 68.21 -70.44 -42.46
C SER A 1576 69.38 -69.66 -41.90
N ALA A 1577 70.33 -70.34 -41.23
CA ALA A 1577 71.55 -69.69 -40.79
C ALA A 1577 72.54 -69.50 -41.93
N ALA A 1578 72.43 -70.26 -43.00
CA ALA A 1578 73.31 -70.09 -44.15
C ALA A 1578 72.69 -69.17 -45.19
N MET A 1579 71.36 -69.11 -45.24
CA MET A 1579 70.70 -68.31 -46.26
C MET A 1579 70.78 -66.82 -45.94
N PHE A 1580 70.67 -66.46 -44.67
CA PHE A 1580 70.56 -65.07 -44.25
C PHE A 1580 71.77 -64.66 -43.43
N LEU A 1581 72.35 -63.51 -43.78
CA LEU A 1581 73.56 -63.05 -43.11
C LEU A 1581 73.31 -62.74 -41.64
N SER A 1582 72.15 -62.17 -41.33
CA SER A 1582 71.88 -61.76 -39.96
C SER A 1582 71.86 -62.97 -39.01
N GLU A 1583 71.27 -64.08 -39.43
CA GLU A 1583 71.12 -65.25 -38.60
C GLU A 1583 72.30 -66.20 -38.69
N ARG A 1584 73.48 -65.70 -39.02
CA ARG A 1584 74.62 -66.60 -39.25
C ARG A 1584 75.01 -67.35 -37.98
N LYS A 1585 74.57 -66.89 -36.82
CA LYS A 1585 74.94 -67.52 -35.54
C LYS A 1585 73.72 -67.84 -34.68
N ASN A 1586 72.54 -67.96 -35.28
CA ASN A 1586 71.33 -68.24 -34.53
C ASN A 1586 70.85 -69.65 -34.86
N PRO A 1587 70.89 -70.60 -33.91
CA PRO A 1587 70.47 -71.97 -34.21
C PRO A 1587 68.97 -72.20 -34.13
N ALA A 1588 68.16 -71.16 -34.09
CA ALA A 1588 66.71 -71.34 -34.04
C ALA A 1588 66.14 -71.42 -35.45
N PRO A 1589 65.44 -72.48 -35.82
CA PRO A 1589 64.87 -72.55 -37.17
C PRO A 1589 63.92 -71.40 -37.46
N GLN A 1590 63.91 -70.96 -38.71
CA GLN A 1590 63.07 -69.85 -39.13
C GLN A 1590 62.61 -70.07 -40.56
N CYS A 1591 61.71 -69.21 -41.02
CA CYS A 1591 61.17 -69.27 -42.39
C CYS A 1591 60.58 -67.91 -42.74
N PRO A 1592 61.41 -66.93 -43.01
CA PRO A 1592 60.92 -65.57 -43.28
C PRO A 1592 60.09 -65.52 -44.55
N PRO A 1593 59.36 -64.43 -44.77
CA PRO A 1593 58.48 -64.37 -45.94
C PRO A 1593 59.19 -64.48 -47.27
N ARG A 1594 60.47 -64.11 -47.35
CA ARG A 1594 61.16 -64.12 -48.63
C ARG A 1594 61.37 -65.52 -49.16
N LEU A 1595 61.21 -66.54 -48.30
CA LEU A 1595 61.47 -67.91 -48.70
C LEU A 1595 60.17 -68.58 -49.13
N GLU A 1596 60.13 -69.06 -50.36
CA GLU A 1596 58.92 -69.65 -50.91
C GLU A 1596 59.29 -70.63 -52.02
N VAL A 1597 58.33 -71.46 -52.41
CA VAL A 1597 58.58 -72.47 -53.43
C VAL A 1597 58.29 -71.88 -54.80
N GLN A 1598 58.99 -72.40 -55.81
CA GLN A 1598 58.83 -71.96 -57.19
C GLN A 1598 58.71 -73.18 -58.09
N MET A 1599 57.96 -73.03 -59.18
CA MET A 1599 57.77 -74.09 -60.15
C MET A 1599 58.37 -73.67 -61.49
N LEU A 1600 58.54 -74.64 -62.38
CA LEU A 1600 59.19 -74.42 -63.66
C LEU A 1600 58.14 -74.23 -64.75
N MET A 1601 58.17 -73.09 -65.43
CA MET A 1601 57.26 -72.81 -66.53
C MET A 1601 57.99 -72.93 -67.86
N PRO A 1602 57.32 -73.40 -68.92
CA PRO A 1602 58.05 -73.72 -70.15
C PRO A 1602 58.21 -72.58 -71.14
N VAL A 1603 57.46 -71.48 -71.02
CA VAL A 1603 57.51 -70.40 -72.00
C VAL A 1603 57.35 -69.07 -71.31
N SER A 1604 57.95 -68.02 -71.88
CA SER A 1604 57.88 -66.67 -71.33
C SER A 1604 58.03 -65.65 -72.45
N TRP A 1605 57.60 -64.43 -72.16
CA TRP A 1605 57.74 -63.33 -73.12
C TRP A 1605 59.15 -62.75 -73.06
N SER A 1606 59.56 -62.15 -74.17
CA SER A 1606 60.88 -61.54 -74.25
C SER A 1606 60.85 -60.44 -75.31
N ARG A 1607 61.87 -59.57 -75.27
CA ARG A 1607 61.91 -58.38 -76.12
C ARG A 1607 62.91 -58.57 -77.24
N MET A 1608 62.53 -58.20 -78.45
CA MET A 1608 63.41 -58.30 -79.60
C MET A 1608 64.34 -57.09 -79.65
N PRO A 1609 65.65 -57.28 -79.83
CA PRO A 1609 66.53 -56.13 -79.98
C PRO A 1609 66.14 -55.28 -81.17
N ASN A 1610 66.67 -54.05 -81.20
CA ASN A 1610 66.37 -53.14 -82.29
C ASN A 1610 67.38 -53.28 -83.44
N HIS A 1611 68.60 -53.74 -83.14
CA HIS A 1611 69.63 -53.91 -84.16
C HIS A 1611 70.32 -55.25 -83.96
N PHE A 1612 70.84 -55.79 -85.04
CA PHE A 1612 71.49 -57.10 -85.05
C PHE A 1612 72.84 -57.00 -85.72
N LEU A 1613 73.72 -57.95 -85.40
CA LEU A 1613 75.04 -57.98 -86.00
C LEU A 1613 74.95 -58.33 -87.48
N GLN A 1614 75.85 -57.75 -88.27
CA GLN A 1614 75.96 -58.09 -89.68
C GLN A 1614 77.14 -59.04 -89.88
N VAL A 1615 76.87 -60.19 -90.49
CA VAL A 1615 77.87 -61.23 -90.72
C VAL A 1615 77.91 -61.55 -92.20
N GLU A 1616 79.12 -61.64 -92.76
CA GLU A 1616 79.33 -61.97 -94.16
C GLU A 1616 79.92 -63.36 -94.27
N THR A 1617 79.36 -64.18 -95.15
CA THR A 1617 79.82 -65.55 -95.36
C THR A 1617 79.92 -65.81 -96.86
N ARG A 1618 80.99 -66.50 -97.26
CA ARG A 1618 81.18 -66.85 -98.66
C ARG A 1618 82.29 -67.88 -98.77
N ARG A 1619 82.34 -68.52 -99.94
CA ARG A 1619 83.37 -69.52 -100.21
C ARG A 1619 84.59 -68.83 -100.81
N ALA A 1620 85.66 -68.73 -100.03
CA ALA A 1620 86.85 -68.01 -100.50
C ALA A 1620 87.46 -68.67 -101.73
N GLY A 1621 87.56 -69.99 -101.73
CA GLY A 1621 88.15 -70.69 -102.86
C GLY A 1621 88.32 -72.16 -102.56
N GLU A 1622 88.92 -72.85 -103.53
CA GLU A 1622 89.13 -74.29 -103.37
C GLU A 1622 90.09 -74.58 -102.23
N ARG A 1623 91.14 -73.78 -102.08
CA ARG A 1623 92.18 -74.06 -101.11
C ARG A 1623 92.00 -73.32 -99.79
N LEU A 1624 91.21 -72.24 -99.78
CA LEU A 1624 91.08 -71.42 -98.59
C LEU A 1624 89.87 -71.79 -97.74
N GLY A 1625 88.81 -72.31 -98.35
CA GLY A 1625 87.64 -72.71 -97.59
C GLY A 1625 86.61 -71.60 -97.49
N TRP A 1626 85.83 -71.64 -96.42
CA TRP A 1626 84.76 -70.68 -96.19
C TRP A 1626 85.22 -69.64 -95.18
N ALA A 1627 84.70 -68.42 -95.29
CA ALA A 1627 85.12 -67.30 -94.47
C ALA A 1627 83.94 -66.64 -93.78
N VAL A 1628 84.18 -66.10 -92.60
CA VAL A 1628 83.19 -65.35 -91.83
C VAL A 1628 83.81 -64.03 -91.43
N GLN A 1629 82.98 -63.02 -91.20
CA GLN A 1629 83.48 -61.67 -90.98
C GLN A 1629 82.44 -60.85 -90.24
N CYS A 1630 82.91 -59.89 -89.43
CA CYS A 1630 82.04 -59.00 -88.68
C CYS A 1630 82.86 -57.83 -88.18
N GLN A 1631 82.40 -56.62 -88.49
CA GLN A 1631 83.18 -55.41 -88.22
C GLN A 1631 82.46 -54.38 -87.36
N ASP A 1632 81.16 -54.20 -87.56
CA ASP A 1632 80.43 -53.14 -86.87
C ASP A 1632 80.10 -53.56 -85.45
N PRO A 1633 80.47 -52.79 -84.43
CA PRO A 1633 80.20 -53.21 -83.05
C PRO A 1633 78.79 -52.85 -82.60
N LEU A 1634 78.31 -53.61 -81.61
CA LEU A 1634 77.04 -53.34 -80.96
C LEU A 1634 77.18 -53.61 -79.48
N THR A 1635 76.35 -52.94 -78.68
CA THR A 1635 76.41 -53.10 -77.23
C THR A 1635 75.04 -52.75 -76.65
N MET A 1636 74.79 -53.24 -75.44
CA MET A 1636 73.54 -52.96 -74.75
C MET A 1636 73.81 -52.84 -73.26
N MET A 1637 72.85 -52.23 -72.56
CA MET A 1637 72.93 -52.00 -71.13
C MET A 1637 72.17 -53.13 -70.42
N ALA A 1638 72.87 -53.88 -69.58
CA ALA A 1638 72.30 -55.07 -68.96
C ALA A 1638 71.90 -54.78 -67.52
N LEU A 1639 71.01 -55.61 -67.00
CA LEU A 1639 70.55 -55.56 -65.63
C LEU A 1639 70.73 -56.94 -65.01
N HIS A 1640 71.41 -57.01 -63.88
CA HIS A 1640 71.81 -58.27 -63.27
C HIS A 1640 71.05 -58.48 -61.97
N ILE A 1641 70.58 -59.70 -61.74
CA ILE A 1641 69.90 -60.08 -60.50
C ILE A 1641 70.89 -60.93 -59.70
N PRO A 1642 71.47 -60.41 -58.62
CA PRO A 1642 72.59 -61.12 -58.01
C PRO A 1642 72.29 -62.54 -57.54
N GLU A 1643 71.11 -62.78 -56.98
CA GLU A 1643 70.87 -64.08 -56.37
C GLU A 1643 70.65 -65.18 -57.40
N GLU A 1644 70.02 -64.87 -58.52
CA GLU A 1644 69.75 -65.87 -59.54
C GLU A 1644 70.87 -66.01 -60.55
N ASN A 1645 71.81 -65.07 -60.60
CA ASN A 1645 72.94 -65.14 -61.50
C ASN A 1645 72.49 -65.15 -62.96
N ARG A 1646 71.73 -64.13 -63.34
CA ARG A 1646 71.27 -63.98 -64.70
C ARG A 1646 70.98 -62.51 -64.96
N CYS A 1647 70.93 -62.14 -66.24
CA CYS A 1647 70.78 -60.75 -66.64
C CYS A 1647 69.73 -60.64 -67.73
N MET A 1648 69.23 -59.42 -67.91
CA MET A 1648 68.26 -59.11 -68.95
C MET A 1648 68.48 -57.68 -69.42
N ASP A 1649 67.96 -57.38 -70.60
CA ASP A 1649 68.06 -56.03 -71.13
C ASP A 1649 67.31 -55.06 -70.23
N ILE A 1650 67.92 -53.92 -69.93
CA ILE A 1650 67.28 -52.92 -69.07
C ILE A 1650 66.01 -52.38 -69.71
N LEU A 1651 65.92 -52.41 -71.04
CA LEU A 1651 64.73 -51.91 -71.71
C LEU A 1651 63.51 -52.80 -71.48
N GLU A 1652 63.70 -53.99 -70.91
CA GLU A 1652 62.56 -54.84 -70.59
C GLU A 1652 61.75 -54.30 -69.42
N LEU A 1653 62.26 -53.29 -68.71
CA LEU A 1653 61.55 -52.75 -67.57
C LEU A 1653 60.33 -51.93 -67.96
N SER A 1654 60.10 -51.70 -69.25
CA SER A 1654 58.89 -51.00 -69.68
C SER A 1654 57.65 -51.85 -69.50
N GLU A 1655 57.80 -53.15 -69.25
CA GLU A 1655 56.66 -54.03 -69.01
C GLU A 1655 56.71 -54.73 -67.66
N ARG A 1656 57.80 -54.61 -66.92
CA ARG A 1656 57.91 -55.16 -65.57
C ARG A 1656 57.89 -54.00 -64.60
N LEU A 1657 56.69 -53.69 -64.08
CA LEU A 1657 56.50 -52.45 -63.35
C LEU A 1657 57.11 -52.49 -61.96
N ASP A 1658 57.03 -53.62 -61.27
CA ASP A 1658 57.56 -53.69 -59.90
C ASP A 1658 59.06 -53.47 -59.89
N LEU A 1659 59.78 -54.14 -60.78
CA LEU A 1659 61.23 -53.94 -60.87
C LEU A 1659 61.55 -52.52 -61.27
N GLN A 1660 60.74 -51.93 -62.15
CA GLN A 1660 60.97 -50.54 -62.55
C GLN A 1660 60.86 -49.61 -61.34
N ARG A 1661 59.82 -49.79 -60.54
CA ARG A 1661 59.66 -48.95 -59.35
C ARG A 1661 60.80 -49.16 -58.37
N PHE A 1662 61.21 -50.40 -58.14
CA PHE A 1662 62.31 -50.64 -57.22
C PHE A 1662 63.59 -49.98 -57.70
N HIS A 1663 63.88 -50.08 -59.00
CA HIS A 1663 65.11 -49.48 -59.50
C HIS A 1663 65.07 -47.95 -59.45
N SER A 1664 63.91 -47.36 -59.73
CA SER A 1664 63.81 -45.90 -59.62
C SER A 1664 64.05 -45.45 -58.20
N HIS A 1665 63.50 -46.17 -57.22
CA HIS A 1665 63.75 -45.81 -55.83
C HIS A 1665 65.21 -46.06 -55.45
N THR A 1666 65.85 -47.06 -56.06
CA THR A 1666 67.27 -47.26 -55.82
C THR A 1666 68.08 -46.08 -56.32
N LEU A 1667 67.75 -45.56 -57.50
CA LEU A 1667 68.42 -44.36 -57.98
C LEU A 1667 68.18 -43.19 -57.05
N ARG A 1668 66.97 -43.06 -56.52
CA ARG A 1668 66.70 -42.00 -55.55
C ARG A 1668 67.59 -42.13 -54.33
N LEU A 1669 67.75 -43.35 -53.80
CA LEU A 1669 68.63 -43.54 -52.64
C LEU A 1669 70.07 -43.18 -52.97
N TYR A 1670 70.57 -43.62 -54.12
CA TYR A 1670 71.90 -43.20 -54.55
C TYR A 1670 72.02 -41.69 -54.53
N ARG A 1671 71.05 -41.01 -55.14
CA ARG A 1671 71.09 -39.56 -55.21
C ARG A 1671 70.99 -38.91 -53.84
N ALA A 1672 70.44 -39.63 -52.86
CA ALA A 1672 70.29 -39.06 -51.53
C ALA A 1672 71.54 -39.22 -50.67
N VAL A 1673 72.24 -40.35 -50.80
CA VAL A 1673 73.38 -40.57 -49.90
C VAL A 1673 74.56 -39.66 -50.21
N CYS A 1674 74.53 -38.93 -51.32
CA CYS A 1674 75.62 -38.03 -51.69
C CYS A 1674 75.18 -36.58 -51.76
N ALA A 1675 74.14 -36.20 -51.03
CA ALA A 1675 73.57 -34.88 -51.17
C ALA A 1675 74.30 -33.87 -50.31
N LEU A 1676 74.32 -32.62 -50.79
CA LEU A 1676 74.86 -31.48 -50.04
C LEU A 1676 76.33 -31.67 -49.71
N GLY A 1677 77.14 -31.83 -50.77
CA GLY A 1677 78.58 -31.71 -50.63
C GLY A 1677 79.30 -32.86 -49.95
N ASN A 1678 78.74 -34.07 -49.99
CA ASN A 1678 79.43 -35.24 -49.47
C ASN A 1678 80.25 -35.85 -50.61
N ASN A 1679 81.46 -35.32 -50.78
CA ASN A 1679 82.26 -35.66 -51.96
C ASN A 1679 82.88 -37.05 -51.85
N ARG A 1680 83.13 -37.54 -50.65
CA ARG A 1680 83.71 -38.87 -50.52
C ARG A 1680 82.74 -39.94 -51.03
N VAL A 1681 81.47 -39.82 -50.66
CA VAL A 1681 80.48 -40.77 -51.17
C VAL A 1681 80.29 -40.60 -52.66
N ALA A 1682 80.40 -39.37 -53.15
CA ALA A 1682 80.31 -39.15 -54.60
C ALA A 1682 81.44 -39.88 -55.32
N HIS A 1683 82.66 -39.80 -54.78
CA HIS A 1683 83.76 -40.56 -55.36
C HIS A 1683 83.49 -42.05 -55.31
N ALA A 1684 82.93 -42.53 -54.19
CA ALA A 1684 82.65 -43.96 -54.06
C ALA A 1684 81.63 -44.43 -55.09
N LEU A 1685 80.61 -43.63 -55.35
CA LEU A 1685 79.54 -44.05 -56.25
C LEU A 1685 80.02 -44.22 -57.68
N CYS A 1686 81.18 -43.68 -58.04
CA CYS A 1686 81.66 -43.80 -59.41
C CYS A 1686 82.02 -45.24 -59.78
N SER A 1687 82.20 -46.11 -58.80
CA SER A 1687 82.45 -47.52 -59.11
C SER A 1687 81.17 -48.30 -59.38
N HIS A 1688 80.01 -47.74 -59.03
CA HIS A 1688 78.75 -48.40 -59.27
C HIS A 1688 78.03 -47.88 -60.51
N VAL A 1689 78.31 -46.64 -60.91
CA VAL A 1689 77.77 -46.07 -62.15
C VAL A 1689 78.88 -45.27 -62.82
N ASP A 1690 79.50 -45.85 -63.84
CA ASP A 1690 80.65 -45.22 -64.47
C ASP A 1690 80.21 -44.25 -65.57
N GLN A 1691 81.20 -43.61 -66.20
CA GLN A 1691 80.92 -42.60 -67.21
C GLN A 1691 80.15 -43.20 -68.39
N ALA A 1692 80.58 -44.37 -68.86
CA ALA A 1692 79.98 -44.93 -70.06
C ALA A 1692 78.49 -45.17 -69.86
N GLN A 1693 78.10 -45.69 -68.70
CA GLN A 1693 76.69 -45.93 -68.44
C GLN A 1693 75.90 -44.63 -68.48
N LEU A 1694 76.41 -43.59 -67.84
CA LEU A 1694 75.69 -42.34 -67.78
C LEU A 1694 75.51 -41.74 -69.16
N LEU A 1695 76.58 -41.71 -69.95
CA LEU A 1695 76.47 -41.14 -71.29
C LEU A 1695 75.54 -41.97 -72.18
N HIS A 1696 75.64 -43.29 -72.10
CA HIS A 1696 74.73 -44.14 -72.86
C HIS A 1696 73.28 -43.87 -72.50
N ALA A 1697 73.00 -43.78 -71.19
CA ALA A 1697 71.63 -43.49 -70.75
C ALA A 1697 71.18 -42.12 -71.24
N LEU A 1698 72.09 -41.15 -71.27
CA LEU A 1698 71.73 -39.83 -71.78
C LEU A 1698 71.31 -39.91 -73.25
N GLU A 1699 72.03 -40.68 -74.05
CA GLU A 1699 71.70 -40.77 -75.47
C GLU A 1699 70.47 -41.63 -75.74
N ASP A 1700 70.20 -42.64 -74.93
CA ASP A 1700 69.21 -43.66 -75.27
C ASP A 1700 67.84 -43.05 -75.46
N ALA A 1701 67.07 -43.60 -76.41
CA ALA A 1701 65.77 -43.07 -76.77
C ALA A 1701 64.60 -43.98 -76.40
N HIS A 1702 64.87 -45.25 -76.08
CA HIS A 1702 63.83 -46.19 -75.74
C HIS A 1702 63.64 -46.37 -74.24
N LEU A 1703 64.35 -45.59 -73.43
CA LEU A 1703 64.31 -45.77 -71.99
C LEU A 1703 62.98 -45.24 -71.43
N PRO A 1704 62.42 -45.87 -70.40
CA PRO A 1704 61.22 -45.31 -69.78
C PRO A 1704 61.51 -43.97 -69.13
N GLY A 1705 60.45 -43.18 -68.97
CA GLY A 1705 60.59 -41.81 -68.50
C GLY A 1705 61.18 -41.70 -67.11
N PRO A 1706 60.66 -42.47 -66.15
CA PRO A 1706 61.19 -42.38 -64.79
C PRO A 1706 62.68 -42.68 -64.71
N LEU A 1707 63.15 -43.69 -65.42
CA LEU A 1707 64.58 -44.02 -65.39
C LEU A 1707 65.40 -42.95 -66.09
N ARG A 1708 64.87 -42.39 -67.19
CA ARG A 1708 65.55 -41.30 -67.87
C ARG A 1708 65.78 -40.12 -66.93
N ALA A 1709 64.72 -39.68 -66.25
CA ALA A 1709 64.85 -38.57 -65.31
C ALA A 1709 65.78 -38.94 -64.16
N GLY A 1710 65.68 -40.16 -63.66
CA GLY A 1710 66.54 -40.58 -62.57
C GLY A 1710 68.01 -40.52 -62.95
N TYR A 1711 68.35 -40.96 -64.16
CA TYR A 1711 69.74 -40.95 -64.58
C TYR A 1711 70.25 -39.54 -64.82
N TYR A 1712 69.44 -38.66 -65.41
CA TYR A 1712 69.86 -37.28 -65.55
C TYR A 1712 70.15 -36.66 -64.18
N ASP A 1713 69.24 -36.85 -63.23
CA ASP A 1713 69.44 -36.29 -61.90
C ASP A 1713 70.65 -36.91 -61.21
N LEU A 1714 70.88 -38.20 -61.41
CA LEU A 1714 72.05 -38.83 -60.81
C LEU A 1714 73.33 -38.24 -61.34
N LEU A 1715 73.42 -38.03 -62.65
CA LEU A 1715 74.61 -37.39 -63.21
C LEU A 1715 74.82 -36.03 -62.59
N ILE A 1716 73.76 -35.21 -62.55
CA ILE A 1716 73.91 -33.86 -62.01
C ILE A 1716 74.36 -33.91 -60.56
N SER A 1717 73.76 -34.79 -59.75
CA SER A 1717 74.08 -34.85 -58.34
C SER A 1717 75.52 -35.29 -58.11
N ILE A 1718 75.98 -36.31 -58.85
CA ILE A 1718 77.33 -36.82 -58.60
C ILE A 1718 78.38 -35.82 -59.06
N HIS A 1719 78.17 -35.18 -60.21
CA HIS A 1719 79.28 -34.51 -60.87
C HIS A 1719 79.24 -32.99 -60.86
N LEU A 1720 78.08 -32.36 -60.65
CA LEU A 1720 77.96 -30.93 -60.85
C LEU A 1720 77.31 -30.15 -59.72
N GLU A 1721 76.67 -30.82 -58.75
CA GLU A 1721 75.85 -30.10 -57.78
C GLU A 1721 76.69 -29.16 -56.93
N SER A 1722 77.79 -29.65 -56.36
CA SER A 1722 78.57 -28.84 -55.44
C SER A 1722 79.14 -27.60 -56.11
N ALA A 1723 79.72 -27.76 -57.30
CA ALA A 1723 80.29 -26.61 -57.99
C ALA A 1723 79.22 -25.58 -58.32
N CYS A 1724 78.05 -26.03 -58.77
CA CYS A 1724 76.96 -25.11 -59.09
C CYS A 1724 76.53 -24.34 -57.84
N ARG A 1725 76.39 -25.03 -56.71
CA ARG A 1725 76.00 -24.35 -55.48
C ARG A 1725 77.02 -23.31 -55.08
N SER A 1726 78.31 -23.68 -55.12
CA SER A 1726 79.35 -22.75 -54.72
C SER A 1726 79.35 -21.52 -55.63
N ARG A 1727 79.25 -21.73 -56.94
CA ARG A 1727 79.23 -20.60 -57.86
C ARG A 1727 78.02 -19.72 -57.63
N ARG A 1728 76.86 -20.33 -57.38
CA ARG A 1728 75.64 -19.55 -57.21
C ARG A 1728 75.70 -18.72 -55.94
N SER A 1729 76.37 -19.21 -54.90
CA SER A 1729 76.43 -18.47 -53.65
C SER A 1729 77.15 -17.14 -53.81
N MET A 1730 78.08 -17.04 -54.76
CA MET A 1730 78.87 -15.84 -54.96
C MET A 1730 78.40 -15.00 -56.15
N LEU A 1731 77.21 -15.24 -56.67
CA LEU A 1731 76.77 -14.55 -57.87
C LEU A 1731 76.03 -13.25 -57.58
N SER A 1732 75.91 -12.87 -56.31
CA SER A 1732 75.19 -11.66 -55.93
C SER A 1732 76.12 -10.54 -55.49
N GLU A 1733 77.42 -10.67 -55.75
CA GLU A 1733 78.40 -9.66 -55.36
C GLU A 1733 79.23 -9.28 -56.58
N TYR A 1734 79.76 -8.06 -56.57
CA TYR A 1734 80.48 -7.50 -57.70
C TYR A 1734 81.76 -6.85 -57.20
N ILE A 1735 82.89 -7.54 -57.35
CA ILE A 1735 84.21 -6.99 -57.05
C ILE A 1735 84.89 -6.73 -58.38
N VAL A 1736 85.03 -5.48 -58.75
CA VAL A 1736 85.52 -5.09 -60.07
C VAL A 1736 86.96 -4.61 -59.91
N PRO A 1737 87.94 -5.30 -60.49
CA PRO A 1737 89.31 -4.79 -60.47
C PRO A 1737 89.56 -3.78 -61.57
N LEU A 1738 90.44 -2.82 -61.30
CA LEU A 1738 90.76 -1.76 -62.23
C LEU A 1738 91.91 -2.22 -63.12
N THR A 1739 91.59 -2.65 -64.33
CA THR A 1739 92.56 -3.18 -65.27
C THR A 1739 92.25 -2.64 -66.66
N PRO A 1740 93.19 -2.76 -67.59
CA PRO A 1740 92.96 -2.22 -68.94
C PRO A 1740 91.70 -2.74 -69.60
N GLU A 1741 91.39 -4.02 -69.44
CA GLU A 1741 90.19 -4.57 -70.07
C GLU A 1741 88.92 -4.06 -69.39
N THR A 1742 89.01 -3.70 -68.11
CA THR A 1742 87.87 -3.09 -67.44
C THR A 1742 87.54 -1.74 -68.06
N ARG A 1743 88.56 -0.97 -68.42
CA ARG A 1743 88.34 0.37 -68.95
C ARG A 1743 87.65 0.36 -70.31
N ALA A 1744 87.57 -0.80 -70.97
CA ALA A 1744 87.02 -0.88 -72.31
C ALA A 1744 85.54 -1.24 -72.34
N ILE A 1745 84.87 -1.31 -71.18
CA ILE A 1745 83.48 -1.73 -71.15
C ILE A 1745 82.57 -0.52 -71.33
N THR A 1746 81.57 -0.66 -72.19
CA THR A 1746 80.61 0.39 -72.45
C THR A 1746 79.20 -0.20 -72.48
N LEU A 1747 78.21 0.65 -72.20
CA LEU A 1747 76.83 0.17 -72.15
C LEU A 1747 76.38 -0.34 -73.51
N PHE A 1748 76.73 0.37 -74.59
CA PHE A 1748 76.29 0.02 -75.92
C PHE A 1748 77.48 -0.20 -76.84
N PRO A 1749 77.32 -0.99 -77.90
CA PRO A 1749 78.40 -1.14 -78.87
C PRO A 1749 78.49 0.08 -79.77
N PRO A 1750 79.60 0.24 -80.49
CA PRO A 1750 79.76 1.45 -81.32
C PRO A 1750 78.65 1.67 -82.33
N ALA A 1757 72.22 6.68 -76.81
CA ALA A 1757 71.41 5.46 -76.81
C ALA A 1757 71.38 4.86 -78.21
N ARG A 1758 71.60 3.56 -78.29
CA ARG A 1758 71.65 2.83 -79.55
C ARG A 1758 70.99 1.48 -79.37
N ARG A 1759 71.19 0.60 -80.36
CA ARG A 1759 70.61 -0.73 -80.30
C ARG A 1759 71.23 -1.54 -79.18
N HIS A 1760 70.41 -2.34 -78.50
CA HIS A 1760 70.89 -3.18 -77.42
C HIS A 1760 71.80 -4.29 -77.96
N GLY A 1761 72.79 -4.67 -77.17
CA GLY A 1761 73.60 -5.82 -77.49
C GLY A 1761 72.95 -7.11 -77.05
N LEU A 1762 73.52 -8.23 -77.48
CA LEU A 1762 73.00 -9.53 -77.08
C LEU A 1762 73.34 -9.80 -75.62
N PRO A 1763 72.41 -10.34 -74.84
CA PRO A 1763 72.70 -10.60 -73.43
C PRO A 1763 73.62 -11.80 -73.26
N GLY A 1764 74.52 -11.68 -72.28
CA GLY A 1764 75.40 -12.78 -71.93
C GLY A 1764 76.69 -12.85 -72.71
N VAL A 1765 76.81 -12.13 -73.83
CA VAL A 1765 78.03 -12.13 -74.61
C VAL A 1765 78.86 -10.93 -74.21
N GLY A 1766 80.16 -11.01 -74.49
CA GLY A 1766 81.09 -9.95 -74.14
C GLY A 1766 81.97 -10.32 -72.96
N VAL A 1767 82.85 -9.38 -72.62
CA VAL A 1767 83.83 -9.64 -71.57
C VAL A 1767 83.31 -9.14 -70.23
N THR A 1768 83.62 -9.89 -69.17
CA THR A 1768 83.28 -9.51 -67.81
C THR A 1768 84.53 -9.62 -66.96
N THR A 1769 84.56 -8.85 -65.86
CA THR A 1769 85.75 -8.77 -65.03
C THR A 1769 85.49 -9.01 -63.55
N SER A 1770 84.26 -9.24 -63.14
CA SER A 1770 83.99 -9.51 -61.73
C SER A 1770 84.68 -10.78 -61.30
N LEU A 1771 85.19 -10.79 -60.07
CA LEU A 1771 85.95 -11.94 -59.58
C LEU A 1771 85.03 -13.09 -59.21
N ARG A 1772 85.41 -14.30 -59.62
CA ARG A 1772 84.70 -15.52 -59.26
C ARG A 1772 85.75 -16.62 -59.18
N PRO A 1773 85.86 -17.31 -58.05
CA PRO A 1773 86.90 -18.33 -57.92
C PRO A 1773 86.63 -19.51 -58.86
N PRO A 1774 87.67 -20.22 -59.29
CA PRO A 1774 87.46 -21.31 -60.25
C PRO A 1774 86.95 -22.57 -59.56
N HIS A 1775 86.74 -23.60 -60.37
CA HIS A 1775 86.29 -24.89 -59.89
C HIS A 1775 87.47 -25.83 -59.70
N HIS A 1776 87.27 -26.83 -58.85
CA HIS A 1776 88.29 -27.83 -58.55
C HIS A 1776 87.70 -29.22 -58.64
N PHE A 1777 88.39 -30.11 -59.36
CA PHE A 1777 87.96 -31.49 -59.51
C PHE A 1777 89.17 -32.39 -59.41
N SER A 1778 88.92 -33.67 -59.09
CA SER A 1778 89.95 -34.68 -59.06
C SER A 1778 89.47 -35.92 -59.80
N PRO A 1779 90.38 -36.70 -60.40
CA PRO A 1779 89.96 -37.88 -61.14
C PRO A 1779 89.73 -39.06 -60.22
N PRO A 1780 88.69 -39.86 -60.48
CA PRO A 1780 88.49 -41.06 -59.66
C PRO A 1780 89.53 -42.13 -59.97
N CYS A 1781 89.89 -42.91 -58.96
CA CYS A 1781 90.86 -43.98 -59.11
C CYS A 1781 90.78 -44.87 -57.87
N PHE A 1782 90.69 -46.18 -58.09
CA PHE A 1782 90.49 -47.13 -56.99
C PHE A 1782 91.69 -48.07 -56.83
N VAL A 1783 92.89 -47.60 -57.17
CA VAL A 1783 94.12 -48.35 -56.90
C VAL A 1783 95.15 -47.50 -56.16
N ALA A 1784 94.84 -46.24 -55.88
CA ALA A 1784 95.78 -45.39 -55.16
C ALA A 1784 95.92 -45.88 -53.72
N ALA A 1785 97.14 -45.77 -53.19
CA ALA A 1785 97.39 -46.19 -51.82
C ALA A 1785 96.67 -45.26 -50.84
N LEU A 1786 96.09 -45.85 -49.80
CA LEU A 1786 95.44 -45.04 -48.80
C LEU A 1786 96.45 -44.48 -47.82
N PRO A 1787 96.18 -43.32 -47.20
CA PRO A 1787 97.10 -42.74 -46.21
C PRO A 1787 97.08 -43.47 -44.87
N ALA A 1794 94.01 -34.69 -43.07
CA ALA A 1794 92.71 -35.10 -43.56
C ALA A 1794 92.10 -34.03 -44.46
N PRO A 1795 92.76 -33.72 -45.57
CA PRO A 1795 92.25 -32.69 -46.47
C PRO A 1795 90.93 -33.10 -47.10
N ALA A 1796 90.10 -32.11 -47.40
CA ALA A 1796 88.81 -32.37 -48.01
C ALA A 1796 88.96 -32.93 -49.41
N ARG A 1797 87.95 -33.67 -49.86
CA ARG A 1797 87.95 -34.28 -51.18
C ARG A 1797 87.25 -33.37 -52.17
N LEU A 1798 87.72 -33.41 -53.42
CA LEU A 1798 87.06 -32.67 -54.49
C LEU A 1798 86.06 -33.56 -55.20
N SER A 1799 85.22 -32.94 -56.03
CA SER A 1799 84.23 -33.69 -56.78
C SER A 1799 84.89 -34.51 -57.88
N PRO A 1800 84.31 -35.66 -58.24
CA PRO A 1800 84.85 -36.43 -59.36
C PRO A 1800 84.81 -35.62 -60.65
N ALA A 1801 85.81 -35.84 -61.51
CA ALA A 1801 85.92 -35.07 -62.73
C ALA A 1801 85.18 -35.77 -63.88
N ILE A 1802 84.93 -35.01 -64.93
CA ILE A 1802 84.29 -35.52 -66.15
C ILE A 1802 84.52 -34.48 -67.24
N PRO A 1803 84.82 -34.89 -68.48
CA PRO A 1803 85.08 -33.90 -69.53
C PRO A 1803 83.87 -32.99 -69.71
N LEU A 1804 84.12 -31.70 -69.90
CA LEU A 1804 83.04 -30.72 -69.89
C LEU A 1804 82.70 -30.21 -71.28
N GLU A 1805 83.71 -30.02 -72.14
CA GLU A 1805 83.42 -29.54 -73.49
C GLU A 1805 82.60 -30.56 -74.27
N ALA A 1806 82.96 -31.84 -74.18
CA ALA A 1806 82.18 -32.87 -74.84
C ALA A 1806 80.77 -32.91 -74.30
N LEU A 1807 80.62 -32.77 -72.98
CA LEU A 1807 79.29 -32.78 -72.38
C LEU A 1807 78.44 -31.62 -72.88
N ARG A 1808 79.03 -30.43 -72.97
CA ARG A 1808 78.26 -29.27 -73.44
C ARG A 1808 77.87 -29.43 -74.90
N ASP A 1809 78.79 -29.94 -75.72
CA ASP A 1809 78.44 -30.20 -77.13
C ASP A 1809 77.30 -31.20 -77.21
N LYS A 1810 77.36 -32.27 -76.41
CA LYS A 1810 76.30 -33.26 -76.40
C LYS A 1810 74.96 -32.63 -76.01
N ALA A 1811 74.98 -31.80 -74.97
CA ALA A 1811 73.74 -31.18 -74.52
C ALA A 1811 73.15 -30.27 -75.59
N LEU A 1812 73.99 -29.46 -76.23
CA LEU A 1812 73.49 -28.59 -77.29
C LEU A 1812 72.90 -29.40 -78.43
N ARG A 1813 73.58 -30.47 -78.83
CA ARG A 1813 73.07 -31.29 -79.93
C ARG A 1813 71.73 -31.90 -79.56
N MET A 1814 71.61 -32.43 -78.35
CA MET A 1814 70.35 -33.04 -77.93
C MET A 1814 69.22 -32.03 -77.89
N LEU A 1815 69.48 -30.84 -77.36
CA LEU A 1815 68.42 -29.83 -77.31
C LEU A 1815 68.01 -29.40 -78.71
N GLY A 1816 68.98 -29.22 -79.61
CA GLY A 1816 68.63 -28.88 -80.97
C GLY A 1816 67.78 -29.94 -81.63
N GLU A 1817 68.15 -31.21 -81.44
CA GLU A 1817 67.36 -32.30 -82.01
C GLU A 1817 65.94 -32.28 -81.47
N ALA A 1818 65.80 -32.10 -80.16
CA ALA A 1818 64.47 -32.08 -79.57
C ALA A 1818 63.63 -30.95 -80.13
N VAL A 1819 64.20 -29.75 -80.22
CA VAL A 1819 63.43 -28.61 -80.74
C VAL A 1819 63.05 -28.86 -82.18
N ARG A 1820 63.98 -29.37 -82.99
CA ARG A 1820 63.69 -29.59 -84.41
C ARG A 1820 62.59 -30.63 -84.59
N ASP A 1821 62.63 -31.70 -83.80
CA ASP A 1821 61.63 -32.76 -83.95
C ASP A 1821 60.32 -32.43 -83.26
N GLY A 1822 60.28 -31.39 -82.43
CA GLY A 1822 59.02 -31.00 -81.82
C GLY A 1822 57.97 -30.58 -82.83
N GLY A 1823 58.39 -30.08 -83.99
CA GLY A 1823 57.46 -29.62 -85.00
C GLY A 1823 56.77 -30.73 -85.76
N GLN A 1824 57.25 -31.96 -85.66
CA GLN A 1824 56.65 -33.08 -86.37
C GLN A 1824 55.39 -33.61 -85.70
N HIS A 1825 55.07 -33.15 -84.49
CA HIS A 1825 53.92 -33.64 -83.74
C HIS A 1825 53.76 -35.15 -83.89
N ALA A 1826 54.82 -35.89 -83.57
CA ALA A 1826 54.80 -37.33 -83.65
C ALA A 1826 54.00 -37.93 -82.51
N ARG A 1827 53.73 -39.23 -82.61
CA ARG A 1827 52.91 -39.92 -81.64
C ARG A 1827 53.73 -40.74 -80.63
N ASP A 1828 55.05 -40.73 -80.73
CA ASP A 1828 55.91 -41.49 -79.82
C ASP A 1828 57.04 -40.60 -79.32
N PRO A 1829 56.73 -39.64 -78.46
CA PRO A 1829 57.79 -38.79 -77.90
C PRO A 1829 58.74 -39.59 -77.02
N VAL A 1830 59.98 -39.11 -76.95
CA VAL A 1830 60.99 -39.78 -76.13
C VAL A 1830 60.57 -39.73 -74.67
N GLY A 1831 60.60 -40.88 -74.00
CA GLY A 1831 60.19 -40.97 -72.63
C GLY A 1831 58.69 -41.12 -72.43
N GLY A 1832 57.91 -41.13 -73.50
CA GLY A 1832 56.48 -41.31 -73.40
C GLY A 1832 55.67 -40.04 -73.28
N SER A 1833 56.30 -38.88 -73.18
CA SER A 1833 55.58 -37.62 -73.10
C SER A 1833 56.52 -36.47 -73.40
N VAL A 1834 55.94 -35.31 -73.66
CA VAL A 1834 56.75 -34.13 -73.95
C VAL A 1834 57.52 -33.68 -72.72
N GLU A 1835 56.88 -33.76 -71.55
CA GLU A 1835 57.56 -33.37 -70.32
C GLU A 1835 58.81 -34.19 -70.10
N PHE A 1836 58.70 -35.51 -70.22
CA PHE A 1836 59.87 -36.37 -70.04
C PHE A 1836 60.91 -36.15 -71.11
N GLN A 1837 60.51 -35.68 -72.29
CA GLN A 1837 61.49 -35.41 -73.34
C GLN A 1837 62.25 -34.12 -73.07
N PHE A 1838 61.59 -33.12 -72.48
CA PHE A 1838 62.16 -31.78 -72.44
C PHE A 1838 62.77 -31.41 -71.10
N VAL A 1839 62.13 -31.78 -69.98
CA VAL A 1839 62.60 -31.27 -68.69
C VAL A 1839 64.04 -31.66 -68.40
N PRO A 1840 64.47 -32.91 -68.59
CA PRO A 1840 65.85 -33.26 -68.21
C PRO A 1840 66.91 -32.47 -68.95
N VAL A 1841 66.78 -32.32 -70.27
CA VAL A 1841 67.80 -31.60 -71.02
C VAL A 1841 67.83 -30.14 -70.63
N LEU A 1842 66.67 -29.54 -70.36
CA LEU A 1842 66.64 -28.16 -69.90
C LEU A 1842 67.32 -28.02 -68.55
N LYS A 1843 67.10 -28.96 -67.64
CA LYS A 1843 67.81 -28.91 -66.36
C LYS A 1843 69.31 -28.99 -66.57
N LEU A 1844 69.76 -29.90 -67.43
CA LEU A 1844 71.19 -30.05 -67.67
C LEU A 1844 71.79 -28.78 -68.25
N VAL A 1845 71.11 -28.19 -69.23
CA VAL A 1845 71.66 -27.01 -69.89
C VAL A 1845 71.67 -25.82 -68.94
N SER A 1846 70.63 -25.70 -68.09
CA SER A 1846 70.64 -24.63 -67.10
C SER A 1846 71.80 -24.79 -66.14
N THR A 1847 72.03 -26.00 -65.64
CA THR A 1847 73.14 -26.22 -64.72
C THR A 1847 74.46 -25.89 -65.38
N LEU A 1848 74.65 -26.32 -66.63
CA LEU A 1848 75.90 -26.02 -67.31
C LEU A 1848 76.06 -24.52 -67.54
N LEU A 1849 74.96 -23.83 -67.83
CA LEU A 1849 75.02 -22.41 -68.15
C LEU A 1849 75.37 -21.58 -66.93
N VAL A 1850 74.77 -21.89 -65.78
CA VAL A 1850 75.05 -21.11 -64.58
C VAL A 1850 76.52 -21.23 -64.19
N MET A 1851 77.10 -22.41 -64.38
CA MET A 1851 78.50 -22.62 -64.01
C MET A 1851 79.48 -21.87 -64.89
N GLY A 1852 79.02 -21.29 -66.00
CA GLY A 1852 79.93 -20.57 -66.88
C GLY A 1852 80.77 -21.44 -67.78
N ILE A 1853 80.20 -22.53 -68.30
CA ILE A 1853 80.95 -23.42 -69.17
C ILE A 1853 80.82 -23.04 -70.64
N PHE A 1854 79.79 -22.30 -71.01
CA PHE A 1854 79.54 -21.98 -72.42
C PHE A 1854 80.34 -20.76 -72.85
N GLY A 1855 80.64 -20.70 -74.15
CA GLY A 1855 81.29 -19.56 -74.75
C GLY A 1855 80.31 -18.68 -75.51
N ASP A 1856 80.88 -17.72 -76.24
CA ASP A 1856 80.06 -16.76 -76.98
C ASP A 1856 79.24 -17.46 -78.06
N GLU A 1857 79.86 -18.35 -78.82
CA GLU A 1857 79.14 -19.05 -79.88
C GLU A 1857 78.05 -19.94 -79.31
N ASP A 1858 78.31 -20.63 -78.22
CA ASP A 1858 77.30 -21.52 -77.63
C ASP A 1858 76.10 -20.74 -77.14
N VAL A 1859 76.34 -19.63 -76.43
CA VAL A 1859 75.23 -18.83 -75.95
C VAL A 1859 74.48 -18.21 -77.12
N LYS A 1860 75.20 -17.86 -78.19
CA LYS A 1860 74.52 -17.37 -79.39
C LYS A 1860 73.60 -18.43 -79.96
N GLN A 1861 74.06 -19.68 -80.01
CA GLN A 1861 73.21 -20.77 -80.50
C GLN A 1861 71.99 -20.94 -79.62
N ILE A 1862 72.17 -20.90 -78.30
CA ILE A 1862 71.04 -21.08 -77.38
C ILE A 1862 70.02 -19.98 -77.59
N LEU A 1863 70.48 -18.73 -77.66
CA LEU A 1863 69.56 -17.62 -77.90
C LEU A 1863 68.85 -17.78 -79.23
N LYS A 1864 69.58 -18.21 -80.26
CA LYS A 1864 68.97 -18.41 -81.57
C LYS A 1864 67.86 -19.44 -81.50
N MET A 1865 68.07 -20.53 -80.78
CA MET A 1865 67.05 -21.57 -80.68
C MET A 1865 65.99 -21.28 -79.63
N ILE A 1866 66.13 -20.19 -78.87
CA ILE A 1866 65.04 -19.75 -78.00
C ILE A 1866 64.05 -18.91 -78.78
N GLU A 1867 64.53 -17.92 -79.52
CA GLU A 1867 63.69 -17.04 -80.32
C GLU A 1867 64.52 -16.49 -81.46
N PRO A 1868 64.51 -17.13 -82.63
CA PRO A 1868 65.41 -16.70 -83.71
C PRO A 1868 65.16 -15.28 -84.19
N GLU A 1869 63.91 -14.81 -84.18
CA GLU A 1869 63.61 -13.51 -84.77
C GLU A 1869 64.25 -12.38 -83.98
N VAL A 1870 64.11 -12.39 -82.65
CA VAL A 1870 64.59 -11.28 -81.84
C VAL A 1870 66.11 -11.25 -81.81
N PHE A 1871 66.74 -12.41 -81.64
CA PHE A 1871 68.19 -12.49 -81.48
C PHE A 1871 68.87 -12.86 -82.80
N THR A 1872 69.03 -11.85 -83.65
CA THR A 1872 69.71 -12.01 -84.92
C THR A 1872 70.35 -10.68 -85.30
N GLU A 1873 71.50 -10.74 -85.95
CA GLU A 1873 72.22 -9.54 -86.38
C GLU A 1873 72.32 -9.47 -87.90
N GLU A 1924 61.20 -22.41 -85.87
CA GLU A 1924 60.30 -21.98 -84.82
C GLU A 1924 60.96 -22.16 -83.47
N GLY A 1925 60.87 -21.14 -82.63
CA GLY A 1925 61.52 -21.17 -81.33
C GLY A 1925 60.72 -21.94 -80.30
N LEU A 1926 61.28 -21.98 -79.08
CA LEU A 1926 60.61 -22.68 -77.99
C LEU A 1926 59.36 -21.93 -77.54
N LEU A 1927 59.43 -20.60 -77.47
CA LEU A 1927 58.33 -19.84 -76.92
C LEU A 1927 57.06 -19.96 -77.76
N GLN A 1928 57.18 -20.31 -79.04
CA GLN A 1928 56.03 -20.37 -79.93
C GLN A 1928 55.36 -21.74 -79.94
N MET A 1929 55.81 -22.68 -79.13
CA MET A 1929 55.22 -24.00 -79.10
C MET A 1929 54.24 -24.13 -77.93
N LYS A 1930 53.56 -25.27 -77.88
CA LYS A 1930 52.65 -25.59 -76.79
C LYS A 1930 53.39 -26.45 -75.78
N LEU A 1931 53.39 -26.02 -74.51
CA LEU A 1931 54.19 -26.68 -73.50
C LEU A 1931 53.38 -26.86 -72.22
N PRO A 1932 53.65 -27.91 -71.45
CA PRO A 1932 53.04 -28.02 -70.12
C PRO A 1932 53.75 -27.10 -69.12
N GLU A 1933 53.32 -27.22 -67.86
CA GLU A 1933 53.79 -26.28 -66.83
C GLU A 1933 55.28 -26.45 -66.56
N SER A 1934 55.77 -27.68 -66.52
CA SER A 1934 57.16 -27.91 -66.13
C SER A 1934 58.13 -27.26 -67.11
N VAL A 1935 57.86 -27.39 -68.41
CA VAL A 1935 58.74 -26.77 -69.39
C VAL A 1935 58.72 -25.26 -69.23
N LYS A 1936 57.56 -24.68 -68.90
CA LYS A 1936 57.49 -23.25 -68.68
C LYS A 1936 58.34 -22.84 -67.47
N LEU A 1937 58.30 -23.64 -66.41
CA LEU A 1937 59.13 -23.33 -65.25
C LEU A 1937 60.61 -23.37 -65.63
N GLN A 1938 61.00 -24.34 -66.45
CA GLN A 1938 62.40 -24.40 -66.89
C GLN A 1938 62.76 -23.18 -67.72
N MET A 1939 61.86 -22.73 -68.60
CA MET A 1939 62.15 -21.54 -69.39
C MET A 1939 62.31 -20.30 -68.51
N CYS A 1940 61.50 -20.18 -67.46
CA CYS A 1940 61.67 -19.08 -66.53
C CYS A 1940 63.05 -19.13 -65.87
N ASN A 1941 63.45 -20.33 -65.44
CA ASN A 1941 64.78 -20.49 -64.87
C ASN A 1941 65.86 -20.07 -65.86
N LEU A 1942 65.67 -20.35 -67.15
CA LEU A 1942 66.66 -19.96 -68.14
C LEU A 1942 66.72 -18.45 -68.31
N LEU A 1943 65.57 -17.78 -68.35
CA LEU A 1943 65.55 -16.34 -68.60
C LEU A 1943 66.12 -15.55 -67.43
N GLU A 1944 65.95 -16.06 -66.20
CA GLU A 1944 66.53 -15.36 -65.06
C GLU A 1944 68.03 -15.13 -65.25
N TYR A 1945 68.73 -16.10 -65.83
CA TYR A 1945 70.17 -15.99 -65.98
C TYR A 1945 70.55 -14.80 -66.86
N PHE A 1946 69.86 -14.63 -67.99
CA PHE A 1946 70.17 -13.52 -68.87
C PHE A 1946 69.81 -12.18 -68.24
N CYS A 1947 68.72 -12.14 -67.47
CA CYS A 1947 68.42 -10.91 -66.75
C CYS A 1947 69.57 -10.54 -65.80
N ASP A 1948 70.08 -11.52 -65.06
CA ASP A 1948 71.19 -11.26 -64.15
C ASP A 1948 72.43 -10.79 -64.92
N GLN A 1949 72.69 -11.38 -66.08
CA GLN A 1949 73.84 -10.96 -66.88
C GLN A 1949 73.71 -9.49 -67.29
N GLU A 1950 72.51 -9.07 -67.70
CA GLU A 1950 72.32 -7.67 -68.05
C GLU A 1950 72.60 -6.76 -66.86
N LEU A 1951 72.10 -7.14 -65.68
CA LEU A 1951 72.37 -6.32 -64.49
C LEU A 1951 73.86 -6.20 -64.22
N GLN A 1952 74.59 -7.31 -64.33
CA GLN A 1952 76.03 -7.29 -64.11
C GLN A 1952 76.73 -6.36 -65.10
N HIS A 1953 76.29 -6.42 -66.36
CA HIS A 1953 76.88 -5.53 -67.37
C HIS A 1953 76.68 -4.07 -67.00
N ARG A 1954 75.47 -3.72 -66.54
CA ARG A 1954 75.22 -2.35 -66.12
C ARG A 1954 76.19 -1.94 -65.02
N VAL A 1955 76.35 -2.79 -64.00
CA VAL A 1955 77.21 -2.42 -62.88
C VAL A 1955 78.65 -2.19 -63.36
N GLU A 1956 79.16 -3.10 -64.20
CA GLU A 1956 80.54 -2.96 -64.66
C GLU A 1956 80.74 -1.69 -65.46
N SER A 1957 79.79 -1.36 -66.35
CA SER A 1957 79.90 -0.13 -67.11
C SER A 1957 79.94 1.08 -66.19
N LEU A 1958 79.08 1.07 -65.16
CA LEU A 1958 79.07 2.20 -64.23
C LEU A 1958 80.41 2.36 -63.54
N ALA A 1959 81.01 1.24 -63.10
CA ALA A 1959 82.31 1.34 -62.43
C ALA A 1959 83.39 1.91 -63.36
N ALA A 1960 83.42 1.45 -64.61
CA ALA A 1960 84.42 1.98 -65.54
C ALA A 1960 84.26 3.48 -65.73
N PHE A 1961 83.02 3.94 -65.94
CA PHE A 1961 82.81 5.37 -66.10
C PHE A 1961 83.22 6.13 -64.85
N ALA A 1962 82.95 5.56 -63.67
CA ALA A 1962 83.32 6.23 -62.44
C ALA A 1962 84.82 6.47 -62.39
N GLU A 1963 85.62 5.46 -62.74
CA GLU A 1963 87.07 5.65 -62.76
C GLU A 1963 87.47 6.77 -63.73
N ARG A 1964 86.96 6.69 -64.97
CA ARG A 1964 87.35 7.69 -65.96
C ARG A 1964 86.99 9.09 -65.52
N TYR A 1965 85.84 9.26 -64.86
CA TYR A 1965 85.42 10.58 -64.40
C TYR A 1965 86.27 11.07 -63.23
N VAL A 1966 86.60 10.18 -62.30
CA VAL A 1966 87.37 10.59 -61.14
C VAL A 1966 88.73 11.11 -61.57
N ASP A 1967 89.32 10.50 -62.60
CA ASP A 1967 90.61 11.01 -63.07
C ASP A 1967 90.53 12.49 -63.42
N LYS A 1968 89.55 12.86 -64.26
CA LYS A 1968 89.43 14.25 -64.70
C LYS A 1968 89.09 15.16 -63.52
N LEU A 1969 88.23 14.70 -62.61
CA LEU A 1969 87.89 15.53 -61.46
C LEU A 1969 89.14 15.86 -60.64
N GLN A 1970 89.98 14.86 -60.39
CA GLN A 1970 91.20 15.11 -59.63
C GLN A 1970 92.11 16.09 -60.35
N ALA A 1971 92.28 15.90 -61.67
CA ALA A 1971 93.13 16.82 -62.42
C ALA A 1971 92.62 18.26 -62.32
N ASN A 1972 91.31 18.44 -62.50
CA ASN A 1972 90.74 19.78 -62.45
C ASN A 1972 90.91 20.42 -61.08
N GLN A 1973 90.70 19.64 -60.02
CA GLN A 1973 90.88 20.19 -58.68
C GLN A 1973 92.33 20.60 -58.45
N ARG A 1974 93.27 19.77 -58.93
CA ARG A 1974 94.68 20.15 -58.83
C ARG A 1974 94.94 21.49 -59.50
N SER A 1975 94.45 21.64 -60.73
CA SER A 1975 94.70 22.89 -61.46
C SER A 1975 94.08 24.08 -60.73
N ARG A 1976 92.84 23.93 -60.25
CA ARG A 1976 92.17 25.04 -59.58
C ARG A 1976 92.90 25.43 -58.30
N TYR A 1977 93.34 24.45 -57.52
CA TYR A 1977 94.08 24.78 -56.30
C TYR A 1977 95.39 25.48 -56.64
N ALA A 1978 96.10 25.00 -57.66
CA ALA A 1978 97.33 25.67 -58.06
C ALA A 1978 97.05 27.12 -58.45
N LEU A 1979 95.97 27.37 -59.18
CA LEU A 1979 95.64 28.73 -59.57
C LEU A 1979 95.31 29.60 -58.36
N LEU A 1980 94.58 29.04 -57.38
CA LEU A 1980 94.10 29.87 -56.27
C LEU A 1980 95.24 30.54 -55.51
N MET A 1981 96.43 29.92 -55.48
CA MET A 1981 97.52 30.46 -54.71
C MET A 1981 98.04 31.79 -55.25
N ARG A 1982 97.64 32.18 -56.46
CA ARG A 1982 98.05 33.45 -57.03
C ARG A 1982 96.83 34.33 -57.32
N THR A 1991 87.07 35.43 -53.08
CA THR A 1991 86.68 35.60 -51.68
C THR A 1991 87.19 34.45 -50.84
N ALA A 1992 87.31 34.68 -49.53
CA ALA A 1992 87.81 33.66 -48.63
C ALA A 1992 86.87 32.45 -48.55
N ARG A 1993 85.59 32.63 -48.87
CA ARG A 1993 84.65 31.52 -48.82
C ARG A 1993 85.03 30.42 -49.81
N ARG A 1994 85.73 30.79 -50.89
CA ARG A 1994 86.13 29.80 -51.89
C ARG A 1994 87.16 28.82 -51.36
N THR A 1995 87.77 29.10 -50.21
CA THR A 1995 88.80 28.23 -49.65
C THR A 1995 88.24 27.16 -48.72
N ARG A 1996 86.92 27.10 -48.54
CA ARG A 1996 86.35 26.08 -47.67
C ARG A 1996 86.38 24.69 -48.30
N GLU A 1997 86.48 24.61 -49.63
CA GLU A 1997 86.48 23.31 -50.29
C GLU A 1997 87.66 22.47 -49.84
N PHE A 1998 88.84 23.08 -49.74
CA PHE A 1998 90.07 22.33 -49.50
C PHE A 1998 90.33 22.06 -48.03
N ARG A 1999 89.43 22.44 -47.14
CA ARG A 1999 89.58 22.19 -45.70
C ARG A 1999 88.36 21.44 -45.19
N SER A 2000 87.88 20.48 -45.98
CA SER A 2000 86.74 19.65 -45.65
C SER A 2000 87.04 18.22 -46.03
N PRO A 2001 86.37 17.25 -45.41
CA PRO A 2001 86.67 15.85 -45.71
C PRO A 2001 86.35 15.53 -47.16
N PRO A 2002 87.06 14.57 -47.76
CA PRO A 2002 86.86 14.29 -49.19
C PRO A 2002 85.43 13.95 -49.55
N GLN A 2003 84.71 13.26 -48.67
CA GLN A 2003 83.33 12.91 -48.97
C GLN A 2003 82.49 14.16 -49.22
N GLU A 2004 82.64 15.18 -48.37
CA GLU A 2004 81.91 16.43 -48.58
C GLU A 2004 82.32 17.11 -49.87
N GLN A 2005 83.62 17.08 -50.19
CA GLN A 2005 84.08 17.69 -51.44
C GLN A 2005 83.40 17.04 -52.64
N ILE A 2006 83.41 15.72 -52.70
CA ILE A 2006 82.80 15.04 -53.85
C ILE A 2006 81.29 15.24 -53.83
N ASN A 2007 80.67 15.29 -52.65
CA ASN A 2007 79.23 15.53 -52.58
C ASN A 2007 78.89 16.88 -53.17
N MET A 2008 79.67 17.90 -52.84
CA MET A 2008 79.37 19.24 -53.35
C MET A 2008 79.73 19.38 -54.82
N LEU A 2009 80.68 18.57 -55.29
CA LEU A 2009 81.06 18.64 -56.70
C LEU A 2009 80.01 18.08 -57.63
N LEU A 2010 79.01 17.37 -57.11
CA LEU A 2010 77.97 16.74 -57.92
C LEU A 2010 76.60 17.36 -57.73
N HIS A 2011 76.53 18.60 -57.25
CA HIS A 2011 75.25 19.23 -56.92
C HIS A 2011 74.66 20.03 -58.07
N PHE A 2012 74.97 19.68 -59.32
CA PHE A 2012 74.53 20.45 -60.48
C PHE A 2012 73.53 19.70 -61.35
N LYS A 2013 72.72 18.81 -60.76
CA LYS A 2013 71.75 18.07 -61.56
C LYS A 2013 70.74 19.01 -62.20
N ASP A 2014 70.32 20.05 -61.44
CA ASP A 2014 69.34 21.06 -61.93
C ASP A 2014 70.07 22.39 -62.14
N GLU A 2015 69.57 23.24 -63.04
CA GLU A 2015 70.19 24.55 -63.35
C GLU A 2015 70.10 25.45 -62.12
N ALA A 2016 69.07 25.27 -61.28
CA ALA A 2016 68.90 26.05 -60.03
C ALA A 2016 70.03 25.70 -59.06
N ASP A 2017 70.53 24.46 -59.11
CA ASP A 2017 71.62 23.98 -58.22
C ASP A 2017 72.97 24.21 -58.92
N GLU A 2018 72.97 24.87 -60.09
CA GLU A 2018 74.20 25.16 -60.87
C GLU A 2018 74.73 26.55 -60.51
N GLU A 2019 74.92 26.86 -59.22
CA GLU A 2019 75.50 28.12 -58.77
C GLU A 2019 76.76 27.89 -57.94
N ASP A 2020 76.77 26.83 -57.13
CA ASP A 2020 77.88 26.56 -56.23
C ASP A 2020 78.87 25.54 -56.76
N CYS A 2021 78.70 25.10 -58.00
CA CYS A 2021 79.64 24.15 -58.59
C CYS A 2021 80.81 24.90 -59.21
N PRO A 2022 82.04 24.74 -58.71
CA PRO A 2022 83.18 25.41 -59.35
C PRO A 2022 83.49 24.89 -60.74
N LEU A 2023 82.88 23.79 -61.19
CA LEU A 2023 83.20 23.08 -62.47
C LEU A 2023 83.05 23.90 -63.77
N PRO A 2024 83.51 23.36 -64.92
CA PRO A 2024 83.26 23.88 -66.29
C PRO A 2024 82.03 23.25 -66.96
N GLU A 2025 81.69 23.58 -68.22
CA GLU A 2025 80.46 23.06 -68.80
C GLU A 2025 80.67 21.71 -69.46
N ASP A 2026 81.86 21.47 -70.03
CA ASP A 2026 82.09 20.21 -70.74
C ASP A 2026 82.00 19.01 -69.81
N ILE A 2027 82.54 19.11 -68.60
CA ILE A 2027 82.48 18.00 -67.66
C ILE A 2027 81.03 17.68 -67.30
N ARG A 2028 80.24 18.72 -67.02
CA ARG A 2028 78.84 18.51 -66.71
C ARG A 2028 78.11 17.88 -67.89
N GLN A 2029 78.43 18.32 -69.11
CA GLN A 2029 77.81 17.74 -70.28
C GLN A 2029 78.16 16.26 -70.41
N ASP A 2030 79.42 15.91 -70.14
CA ASP A 2030 79.82 14.51 -70.19
C ASP A 2030 79.03 13.67 -69.20
N LEU A 2031 78.91 14.14 -67.96
CA LEU A 2031 78.15 13.38 -66.97
C LEU A 2031 76.68 13.28 -67.38
N GLN A 2032 76.12 14.35 -67.92
CA GLN A 2032 74.73 14.31 -68.36
C GLN A 2032 74.54 13.29 -69.47
N ASP A 2033 75.48 13.24 -70.42
CA ASP A 2033 75.38 12.28 -71.50
C ASP A 2033 75.42 10.85 -70.96
N PHE A 2034 76.33 10.58 -70.03
CA PHE A 2034 76.39 9.24 -69.45
C PHE A 2034 75.09 8.90 -68.74
N HIS A 2035 74.55 9.85 -67.98
CA HIS A 2035 73.31 9.59 -67.25
C HIS A 2035 72.17 9.29 -68.21
N GLN A 2036 72.07 10.05 -69.31
CA GLN A 2036 71.02 9.79 -70.28
C GLN A 2036 71.18 8.43 -70.91
N ASP A 2037 72.41 8.04 -71.24
CA ASP A 2037 72.63 6.71 -71.80
C ASP A 2037 72.23 5.62 -70.82
N LEU A 2038 72.59 5.79 -69.55
CA LEU A 2038 72.23 4.79 -68.55
C LEU A 2038 70.72 4.67 -68.40
N LEU A 2039 70.02 5.80 -68.41
CA LEU A 2039 68.56 5.74 -68.36
C LEU A 2039 68.01 5.02 -69.58
N ALA A 2040 68.57 5.29 -70.76
CA ALA A 2040 68.08 4.63 -71.97
C ALA A 2040 68.28 3.13 -71.88
N HIS A 2041 69.41 2.69 -71.31
CA HIS A 2041 69.66 1.26 -71.21
C HIS A 2041 68.63 0.56 -70.34
N CYS A 2042 68.16 1.21 -69.28
CA CYS A 2042 67.19 0.60 -68.37
C CYS A 2042 65.78 0.64 -68.91
N GLY A 2043 65.57 1.03 -70.16
CA GLY A 2043 64.24 1.03 -70.75
C GLY A 2043 63.39 2.24 -70.46
N ILE A 2044 63.93 3.24 -69.78
CA ILE A 2044 63.17 4.45 -69.47
C ILE A 2044 63.23 5.39 -70.66
N GLN A 2045 62.09 5.64 -71.28
CA GLN A 2045 62.04 6.55 -72.41
C GLN A 2045 62.36 7.97 -71.96
N LEU A 2046 63.11 8.70 -72.77
CA LEU A 2046 63.47 10.07 -72.46
C LEU A 2046 63.61 10.89 -73.73
N LYS A 2090 56.16 -6.58 -82.69
CA LYS A 2090 57.51 -6.80 -83.18
C LYS A 2090 58.54 -6.42 -82.12
N PRO A 2091 58.59 -7.16 -81.02
CA PRO A 2091 59.55 -6.85 -79.96
C PRO A 2091 60.97 -6.95 -80.45
N GLN A 2092 61.82 -6.06 -79.92
CA GLN A 2092 63.22 -5.99 -80.33
C GLN A 2092 64.16 -5.96 -79.13
N SER A 2093 63.72 -6.44 -77.98
CA SER A 2093 64.55 -6.42 -76.78
C SER A 2093 64.09 -7.52 -75.84
N LEU A 2094 64.96 -7.83 -74.87
CA LEU A 2094 64.63 -8.86 -73.90
C LEU A 2094 63.43 -8.47 -73.05
N GLN A 2095 63.34 -7.20 -72.65
CA GLN A 2095 62.27 -6.77 -71.76
C GLN A 2095 60.91 -6.93 -72.41
N GLU A 2096 60.76 -6.46 -73.65
CA GLU A 2096 59.47 -6.55 -74.32
C GLU A 2096 59.08 -8.00 -74.53
N LEU A 2097 60.03 -8.83 -74.94
CA LEU A 2097 59.75 -10.24 -75.14
C LEU A 2097 59.26 -10.89 -73.86
N VAL A 2098 59.95 -10.63 -72.75
CA VAL A 2098 59.57 -11.25 -71.48
C VAL A 2098 58.18 -10.79 -71.06
N SER A 2099 57.92 -9.48 -71.15
CA SER A 2099 56.62 -8.97 -70.75
C SER A 2099 55.51 -9.61 -71.57
N HIS A 2100 55.67 -9.63 -72.90
CA HIS A 2100 54.63 -10.20 -73.75
C HIS A 2100 54.42 -11.68 -73.45
N MET A 2101 55.50 -12.43 -73.27
CA MET A 2101 55.36 -13.86 -73.02
C MET A 2101 54.62 -14.10 -71.71
N VAL A 2102 54.99 -13.38 -70.65
CA VAL A 2102 54.37 -13.61 -69.36
C VAL A 2102 52.88 -13.26 -69.42
N VAL A 2103 52.55 -12.12 -70.04
CA VAL A 2103 51.14 -11.73 -70.10
C VAL A 2103 50.35 -12.74 -70.92
N ARG A 2104 50.90 -13.18 -72.05
CA ARG A 2104 50.19 -14.13 -72.90
C ARG A 2104 49.95 -15.45 -72.18
N TRP A 2105 50.97 -15.94 -71.48
CA TRP A 2105 50.79 -17.16 -70.70
C TRP A 2105 49.70 -16.97 -69.66
N ALA A 2106 49.72 -15.85 -68.96
CA ALA A 2106 48.75 -15.63 -67.90
C ALA A 2106 47.32 -15.60 -68.44
N GLN A 2107 47.12 -14.92 -69.57
CA GLN A 2107 45.77 -14.76 -70.09
C GLN A 2107 45.34 -15.87 -71.04
N GLU A 2108 46.22 -16.84 -71.33
CA GLU A 2108 45.80 -17.97 -72.14
C GLU A 2108 45.01 -18.99 -71.33
N ASP A 2109 45.37 -19.18 -70.06
CA ASP A 2109 44.71 -20.19 -69.25
C ASP A 2109 44.96 -19.91 -67.77
N TYR A 2110 44.25 -20.65 -66.93
CA TYR A 2110 44.34 -20.49 -65.48
C TYR A 2110 45.37 -21.47 -64.95
N VAL A 2111 46.58 -20.98 -64.68
CA VAL A 2111 47.68 -21.86 -64.30
C VAL A 2111 47.48 -22.36 -62.88
N GLN A 2112 47.96 -23.58 -62.61
CA GLN A 2112 47.69 -24.26 -61.36
C GLN A 2112 48.89 -24.37 -60.43
N SER A 2113 50.11 -24.36 -60.97
CA SER A 2113 51.29 -24.55 -60.14
C SER A 2113 51.68 -23.24 -59.49
N PRO A 2114 51.68 -23.15 -58.15
CA PRO A 2114 52.09 -21.87 -57.51
C PRO A 2114 53.51 -21.46 -57.82
N GLU A 2115 54.45 -22.41 -57.97
CA GLU A 2115 55.83 -22.04 -58.23
C GLU A 2115 55.95 -21.31 -59.57
N LEU A 2116 55.24 -21.79 -60.58
CA LEU A 2116 55.27 -21.11 -61.87
C LEU A 2116 54.71 -19.70 -61.76
N VAL A 2117 53.64 -19.52 -60.99
CA VAL A 2117 53.06 -18.19 -60.82
C VAL A 2117 54.08 -17.26 -60.19
N ARG A 2118 54.73 -17.72 -59.12
CA ARG A 2118 55.71 -16.88 -58.45
C ARG A 2118 56.84 -16.51 -59.40
N ALA A 2119 57.32 -17.49 -60.19
CA ALA A 2119 58.42 -17.20 -61.11
C ALA A 2119 58.01 -16.16 -62.15
N MET A 2120 56.84 -16.36 -62.77
CA MET A 2120 56.41 -15.42 -63.80
C MET A 2120 56.29 -14.01 -63.24
N PHE A 2121 55.68 -13.87 -62.08
CA PHE A 2121 55.43 -12.52 -61.59
C PHE A 2121 56.72 -11.87 -61.07
N SER A 2122 57.64 -12.65 -60.54
CA SER A 2122 58.94 -12.08 -60.19
C SER A 2122 59.65 -11.58 -61.44
N LEU A 2123 59.62 -12.35 -62.53
CA LEU A 2123 60.25 -11.89 -63.76
C LEU A 2123 59.60 -10.60 -64.26
N LEU A 2124 58.27 -10.55 -64.25
CA LEU A 2124 57.58 -9.37 -64.74
C LEU A 2124 57.93 -8.15 -63.91
N HIS A 2125 57.96 -8.28 -62.58
CA HIS A 2125 58.32 -7.15 -61.74
C HIS A 2125 59.73 -6.69 -62.04
N ARG A 2126 60.67 -7.63 -62.20
CA ARG A 2126 62.03 -7.23 -62.55
C ARG A 2126 62.07 -6.46 -63.85
N GLN A 2127 61.27 -6.88 -64.84
CA GLN A 2127 61.30 -6.20 -66.12
C GLN A 2127 60.73 -4.79 -66.04
N TYR A 2128 59.56 -4.62 -65.44
CA TYR A 2128 58.92 -3.30 -65.46
C TYR A 2128 59.74 -2.26 -64.72
N ASP A 2129 60.31 -2.61 -63.57
CA ASP A 2129 61.08 -1.67 -62.77
C ASP A 2129 62.55 -1.87 -63.11
N GLY A 2130 63.13 -0.90 -63.80
CA GLY A 2130 64.48 -1.03 -64.31
C GLY A 2130 65.57 -0.74 -63.30
N LEU A 2131 65.61 0.48 -62.78
CA LEU A 2131 66.72 0.92 -61.95
C LEU A 2131 66.53 0.67 -60.47
N GLY A 2132 65.36 0.16 -60.06
CA GLY A 2132 65.22 -0.27 -58.68
C GLY A 2132 66.18 -1.38 -58.32
N GLU A 2133 66.36 -2.32 -59.26
CA GLU A 2133 67.31 -3.45 -59.08
C GLU A 2133 68.74 -2.92 -59.02
N LEU A 2134 69.08 -1.91 -59.83
CA LEU A 2134 70.40 -1.30 -59.77
C LEU A 2134 70.63 -0.64 -58.42
N LEU A 2135 69.62 0.07 -57.92
CA LEU A 2135 69.73 0.69 -56.61
C LEU A 2135 69.95 -0.36 -55.52
N ARG A 2136 69.17 -1.45 -55.56
CA ARG A 2136 69.32 -2.47 -54.53
C ARG A 2136 70.64 -3.23 -54.64
N ALA A 2137 71.24 -3.29 -55.83
CA ALA A 2137 72.47 -4.04 -56.02
C ALA A 2137 73.72 -3.22 -55.78
N LEU A 2138 73.66 -1.90 -55.93
CA LEU A 2138 74.83 -1.07 -55.77
C LEU A 2138 75.53 -1.25 -54.42
N PRO A 2139 74.78 -1.41 -53.32
CA PRO A 2139 75.45 -1.57 -52.01
C PRO A 2139 76.48 -2.69 -51.99
N ARG A 2140 76.29 -3.72 -52.81
CA ARG A 2140 77.20 -4.85 -52.85
C ARG A 2140 78.23 -4.74 -53.97
N ALA A 2141 78.59 -3.52 -54.38
CA ALA A 2141 79.61 -3.30 -55.39
C ALA A 2141 80.86 -2.73 -54.75
N TYR A 2142 82.00 -3.02 -55.36
CA TYR A 2142 83.28 -2.59 -54.81
C TYR A 2142 84.31 -2.55 -55.93
N THR A 2143 85.35 -1.74 -55.71
CA THR A 2143 86.46 -1.62 -56.66
C THR A 2143 87.77 -1.94 -55.94
N ILE A 2144 88.71 -2.48 -56.70
CA ILE A 2144 89.93 -3.05 -56.13
C ILE A 2144 91.09 -2.73 -57.05
N SER A 2145 92.24 -2.43 -56.46
CA SER A 2145 93.46 -2.27 -57.24
C SER A 2145 93.94 -3.63 -57.73
N PRO A 2146 94.53 -3.72 -58.92
CA PRO A 2146 94.90 -5.04 -59.45
C PRO A 2146 95.90 -5.79 -58.61
N SER A 2147 96.66 -5.11 -57.74
CA SER A 2147 97.68 -5.79 -56.95
C SER A 2147 97.07 -6.70 -55.88
N SER A 2148 95.81 -6.54 -55.54
CA SER A 2148 95.18 -7.30 -54.46
C SER A 2148 94.33 -8.46 -54.96
N VAL A 2149 94.42 -8.79 -56.25
CA VAL A 2149 93.53 -9.81 -56.80
C VAL A 2149 93.79 -11.16 -56.15
N GLU A 2150 95.06 -11.53 -55.98
CA GLU A 2150 95.37 -12.84 -55.42
C GLU A 2150 94.85 -12.97 -54.01
N ASP A 2151 95.08 -11.96 -53.17
CA ASP A 2151 94.59 -12.01 -51.80
C ASP A 2151 93.08 -12.06 -51.76
N THR A 2152 92.41 -11.27 -52.61
CA THR A 2152 90.96 -11.28 -52.63
C THR A 2152 90.42 -12.64 -53.02
N MET A 2153 91.03 -13.27 -54.03
CA MET A 2153 90.59 -14.60 -54.45
C MET A 2153 90.78 -15.62 -53.34
N SER A 2154 91.94 -15.57 -52.67
CA SER A 2154 92.19 -16.49 -51.57
C SER A 2154 91.16 -16.30 -50.46
N LEU A 2155 90.81 -15.05 -50.15
CA LEU A 2155 89.81 -14.80 -49.13
C LEU A 2155 88.44 -15.32 -49.56
N LEU A 2156 88.09 -15.13 -50.83
CA LEU A 2156 86.79 -15.59 -51.31
C LEU A 2156 86.67 -17.10 -51.22
N GLU A 2157 87.75 -17.82 -51.52
CA GLU A 2157 87.71 -19.28 -51.39
C GLU A 2157 87.31 -19.69 -49.98
N CYS A 2158 88.00 -19.12 -48.98
CA CYS A 2158 87.70 -19.49 -47.59
C CYS A 2158 86.30 -19.07 -47.19
N LEU A 2159 85.87 -17.89 -47.63
CA LEU A 2159 84.52 -17.44 -47.28
C LEU A 2159 83.48 -18.39 -47.84
N GLY A 2160 83.63 -18.80 -49.10
CA GLY A 2160 82.71 -19.76 -49.67
C GLY A 2160 82.74 -21.09 -48.96
N GLN A 2161 83.93 -21.54 -48.57
CA GLN A 2161 84.03 -22.79 -47.85
C GLN A 2161 83.27 -22.72 -46.54
N ILE A 2162 83.38 -21.60 -45.82
CA ILE A 2162 82.64 -21.44 -44.58
C ILE A 2162 81.14 -21.43 -44.86
N ARG A 2163 80.73 -20.68 -45.88
CA ARG A 2163 79.31 -20.62 -46.21
C ARG A 2163 78.75 -22.01 -46.49
N SER A 2164 79.55 -22.88 -47.11
CA SER A 2164 79.06 -24.20 -47.48
C SER A 2164 78.62 -25.01 -46.26
N LEU A 2165 79.27 -24.82 -45.12
CA LEU A 2165 78.98 -25.62 -43.93
C LEU A 2165 77.80 -25.08 -43.13
N LEU A 2166 76.95 -24.26 -43.74
CA LEU A 2166 75.77 -23.75 -43.05
C LEU A 2166 74.57 -24.68 -43.17
N ILE A 2167 74.70 -25.80 -43.88
CA ILE A 2167 73.57 -26.68 -44.16
C ILE A 2167 73.89 -28.13 -43.80
N VAL A 2168 74.78 -28.35 -42.83
CA VAL A 2168 75.15 -29.69 -42.41
C VAL A 2168 75.28 -29.74 -40.90
N GLN A 2169 74.86 -30.85 -40.32
CA GLN A 2169 75.04 -31.06 -38.89
C GLN A 2169 76.52 -31.07 -38.56
N MET A 2170 76.88 -30.48 -37.43
CA MET A 2170 78.28 -30.29 -37.09
C MET A 2170 78.93 -31.62 -36.70
N GLY A 2171 80.19 -31.76 -37.10
CA GLY A 2171 80.99 -32.92 -36.76
C GLY A 2171 82.45 -32.54 -36.67
N PRO A 2172 83.30 -33.47 -36.21
CA PRO A 2172 84.72 -33.12 -36.01
C PRO A 2172 85.40 -32.58 -37.24
N GLN A 2173 85.12 -33.17 -38.42
CA GLN A 2173 85.74 -32.68 -39.64
C GLN A 2173 85.31 -31.24 -39.94
N GLU A 2174 84.01 -30.96 -39.78
CA GLU A 2174 83.54 -29.60 -39.99
C GLU A 2174 84.18 -28.64 -39.02
N GLU A 2175 84.31 -29.05 -37.76
CA GLU A 2175 84.95 -28.20 -36.76
C GLU A 2175 86.38 -27.86 -37.18
N ASN A 2176 87.15 -28.88 -37.57
CA ASN A 2176 88.52 -28.63 -37.98
C ASN A 2176 88.58 -27.72 -39.21
N LEU A 2177 87.69 -27.96 -40.17
CA LEU A 2177 87.70 -27.15 -41.38
C LEU A 2177 87.40 -25.68 -41.07
N MET A 2178 86.40 -25.43 -40.24
CA MET A 2178 86.07 -24.05 -39.87
C MET A 2178 87.22 -23.39 -39.13
N ILE A 2179 87.84 -24.11 -38.19
CA ILE A 2179 88.96 -23.52 -37.46
C ILE A 2179 90.06 -23.13 -38.42
N GLN A 2180 90.40 -24.04 -39.35
CA GLN A 2180 91.46 -23.76 -40.30
C GLN A 2180 91.11 -22.57 -41.19
N SER A 2181 89.86 -22.52 -41.66
CA SER A 2181 89.47 -21.43 -42.56
C SER A 2181 89.51 -20.08 -41.84
N ILE A 2182 89.03 -20.03 -40.61
CA ILE A 2182 89.10 -18.78 -39.86
C ILE A 2182 90.54 -18.36 -39.64
N GLY A 2183 91.40 -19.31 -39.27
CA GLY A 2183 92.80 -18.99 -39.11
C GLY A 2183 93.39 -18.42 -40.39
N ASN A 2184 93.05 -19.01 -41.53
CA ASN A 2184 93.54 -18.50 -42.80
C ASN A 2184 93.04 -17.09 -43.06
N ILE A 2185 91.77 -16.83 -42.78
CA ILE A 2185 91.21 -15.51 -43.07
C ILE A 2185 91.89 -14.45 -42.21
N MET A 2186 92.09 -14.73 -40.93
CA MET A 2186 92.62 -13.70 -40.03
C MET A 2186 94.06 -13.35 -40.36
N ASN A 2187 94.74 -14.14 -41.18
CA ASN A 2187 96.12 -13.84 -41.56
C ASN A 2187 96.24 -13.09 -42.87
N ASN A 2188 95.12 -12.72 -43.50
CA ASN A 2188 95.15 -12.01 -44.77
C ASN A 2188 95.17 -10.50 -44.53
N LYS A 2189 95.95 -9.79 -45.34
CA LYS A 2189 96.05 -8.34 -45.16
C LYS A 2189 94.79 -7.63 -45.61
N VAL A 2190 94.08 -8.19 -46.59
CA VAL A 2190 92.85 -7.56 -47.07
C VAL A 2190 91.82 -7.49 -45.97
N PHE A 2191 91.88 -8.41 -45.00
CA PHE A 2191 90.95 -8.37 -43.89
C PHE A 2191 91.12 -7.10 -43.07
N TYR A 2192 92.29 -6.47 -43.16
CA TYR A 2192 92.57 -5.23 -42.44
C TYR A 2192 92.49 -4.00 -43.33
N GLN A 2193 92.91 -4.11 -44.59
CA GLN A 2193 92.98 -2.94 -45.46
C GLN A 2193 91.62 -2.51 -45.98
N HIS A 2194 90.65 -3.42 -46.07
CA HIS A 2194 89.33 -3.12 -46.64
C HIS A 2194 88.23 -3.60 -45.72
N PRO A 2195 88.11 -3.02 -44.52
CA PRO A 2195 87.05 -3.47 -43.59
C PRO A 2195 85.66 -3.28 -44.16
N ASN A 2196 85.42 -2.24 -44.95
CA ASN A 2196 84.10 -2.04 -45.52
C ASN A 2196 83.71 -3.20 -46.43
N LEU A 2197 84.67 -3.71 -47.20
CA LEU A 2197 84.38 -4.85 -48.07
C LEU A 2197 83.93 -6.05 -47.25
N MET A 2198 84.64 -6.34 -46.16
CA MET A 2198 84.27 -7.47 -45.31
C MET A 2198 82.88 -7.25 -44.73
N ARG A 2199 82.60 -6.04 -44.27
CA ARG A 2199 81.27 -5.77 -43.72
C ARG A 2199 80.20 -5.89 -44.79
N ALA A 2200 80.55 -5.68 -46.06
CA ALA A 2200 79.57 -5.79 -47.14
C ALA A 2200 79.26 -7.25 -47.47
N LEU A 2201 80.16 -8.16 -47.15
CA LEU A 2201 79.92 -9.58 -47.42
C LEU A 2201 79.17 -10.28 -46.28
N GLY A 2202 78.99 -9.62 -45.14
CA GLY A 2202 78.25 -10.21 -44.05
C GLY A 2202 78.89 -11.44 -43.45
N MET A 2203 80.22 -11.44 -43.29
CA MET A 2203 80.88 -12.60 -42.71
C MET A 2203 80.46 -12.80 -41.26
N HIS A 2204 80.34 -11.72 -40.50
CA HIS A 2204 80.00 -11.85 -39.09
C HIS A 2204 78.65 -12.52 -38.90
N GLU A 2205 77.68 -12.20 -39.76
CA GLU A 2205 76.37 -12.84 -39.66
C GLU A 2205 76.49 -14.35 -39.86
N THR A 2206 77.28 -14.76 -40.85
CA THR A 2206 77.50 -16.18 -41.07
C THR A 2206 78.14 -16.84 -39.86
N VAL A 2207 79.14 -16.18 -39.27
CA VAL A 2207 79.83 -16.76 -38.13
C VAL A 2207 78.87 -16.92 -36.95
N MET A 2208 78.04 -15.91 -36.68
CA MET A 2208 77.09 -16.04 -35.59
C MET A 2208 76.04 -17.11 -35.89
N GLU A 2209 75.61 -17.23 -37.14
CA GLU A 2209 74.67 -18.29 -37.48
C GLU A 2209 75.26 -19.66 -37.17
N VAL A 2210 76.51 -19.88 -37.57
CA VAL A 2210 77.16 -21.15 -37.27
C VAL A 2210 77.27 -21.35 -35.77
N MET A 2211 77.64 -20.28 -35.06
CA MET A 2211 77.80 -20.39 -33.60
C MET A 2211 76.51 -20.81 -32.93
N VAL A 2212 75.40 -20.18 -33.32
CA VAL A 2212 74.12 -20.50 -32.69
C VAL A 2212 73.67 -21.91 -33.08
N ASN A 2213 73.93 -22.33 -34.31
CA ASN A 2213 73.45 -23.64 -34.75
C ASN A 2213 73.94 -24.75 -33.83
N VAL A 2214 75.11 -24.57 -33.23
CA VAL A 2214 75.67 -25.59 -32.34
C VAL A 2214 75.39 -25.20 -30.90
N LEU A 2215 74.38 -24.35 -30.70
CA LEU A 2215 74.06 -23.84 -29.37
C LEU A 2215 72.55 -23.76 -29.17
N ILE A 2223 77.16 -28.03 -24.56
CA ILE A 2223 77.86 -27.36 -25.71
C ILE A 2223 78.06 -28.40 -26.83
N ARG A 2224 78.88 -29.44 -26.60
CA ARG A 2224 79.12 -30.53 -27.58
C ARG A 2224 80.24 -30.13 -28.57
N PHE A 2225 80.65 -28.86 -28.63
CA PHE A 2225 81.74 -28.37 -29.52
C PHE A 2225 82.44 -27.18 -28.84
N PRO A 2226 83.31 -27.42 -27.83
CA PRO A 2226 83.97 -26.33 -27.10
C PRO A 2226 85.04 -25.54 -27.89
N LYS A 2227 85.81 -26.18 -28.76
CA LYS A 2227 86.84 -25.49 -29.62
C LYS A 2227 86.24 -24.58 -30.70
N MET A 2228 85.04 -24.84 -31.22
CA MET A 2228 84.32 -24.06 -32.27
C MET A 2228 83.87 -22.72 -31.68
N VAL A 2229 83.35 -22.69 -30.45
CA VAL A 2229 82.82 -21.46 -29.86
C VAL A 2229 83.96 -20.54 -29.47
N THR A 2230 85.06 -21.08 -28.95
CA THR A 2230 86.19 -20.24 -28.59
C THR A 2230 86.74 -19.52 -29.81
N SER A 2231 86.97 -20.25 -30.90
CA SER A 2231 87.51 -19.63 -32.10
C SER A 2231 86.57 -18.57 -32.65
N CYS A 2232 85.27 -18.88 -32.70
CA CYS A 2232 84.31 -17.91 -33.24
C CYS A 2232 84.27 -16.67 -32.38
N CYS A 2233 84.28 -16.82 -31.05
CA CYS A 2233 84.24 -15.66 -30.18
C CYS A 2233 85.49 -14.82 -30.35
N ARG A 2234 86.65 -15.46 -30.43
CA ARG A 2234 87.89 -14.70 -30.65
C ARG A 2234 87.84 -13.94 -31.96
N PHE A 2235 87.37 -14.59 -33.01
CA PHE A 2235 87.27 -13.92 -34.31
C PHE A 2235 86.33 -12.72 -34.24
N LEU A 2236 85.19 -12.88 -33.57
CA LEU A 2236 84.24 -11.79 -33.48
C LEU A 2236 84.78 -10.62 -32.67
N CYS A 2237 85.48 -10.91 -31.57
CA CYS A 2237 86.09 -9.84 -30.79
C CYS A 2237 87.13 -9.09 -31.61
N TYR A 2238 87.97 -9.83 -32.35
CA TYR A 2238 88.95 -9.17 -33.20
C TYR A 2238 88.26 -8.32 -34.26
N PHE A 2239 87.17 -8.84 -34.84
CA PHE A 2239 86.43 -8.08 -35.83
C PHE A 2239 85.90 -6.78 -35.23
N CYS A 2240 85.36 -6.84 -34.02
CA CYS A 2240 84.87 -5.63 -33.37
C CYS A 2240 86.00 -4.63 -33.16
N ARG A 2241 87.18 -5.12 -32.76
CA ARG A 2241 88.28 -4.22 -32.41
C ARG A 2241 88.81 -3.43 -33.59
N ILE A 2242 88.45 -3.79 -34.82
CA ILE A 2242 89.03 -3.13 -35.99
C ILE A 2242 88.56 -1.69 -36.09
N SER A 2243 87.25 -1.46 -35.97
CA SER A 2243 86.70 -0.14 -36.25
C SER A 2243 85.38 0.02 -35.50
N ARG A 2244 84.90 1.27 -35.46
CA ARG A 2244 83.65 1.56 -34.76
C ARG A 2244 82.44 1.07 -35.54
N GLN A 2245 82.50 1.09 -36.87
CA GLN A 2245 81.38 0.61 -37.66
C GLN A 2245 81.12 -0.87 -37.38
N ASN A 2246 82.19 -1.67 -37.31
CA ASN A 2246 82.03 -3.07 -36.93
C ASN A 2246 81.45 -3.17 -35.53
N GLN A 2247 81.88 -2.29 -34.63
CA GLN A 2247 81.39 -2.30 -33.28
C GLN A 2247 79.88 -2.11 -33.25
N ARG A 2248 79.38 -1.13 -34.02
CA ARG A 2248 77.94 -0.92 -34.09
C ARG A 2248 77.24 -2.12 -34.74
N SER A 2249 77.85 -2.68 -35.79
CA SER A 2249 77.24 -3.80 -36.48
C SER A 2249 77.00 -4.96 -35.52
N MET A 2250 78.01 -5.29 -34.71
CA MET A 2250 77.84 -6.34 -33.72
C MET A 2250 76.91 -5.90 -32.58
N PHE A 2251 76.93 -4.62 -32.21
CA PHE A 2251 76.01 -4.10 -31.19
C PHE A 2251 74.57 -4.34 -31.59
N ASP A 2252 74.30 -4.35 -32.90
CA ASP A 2252 72.93 -4.58 -33.37
C ASP A 2252 72.36 -5.89 -32.84
N HIS A 2253 73.16 -6.93 -32.73
CA HIS A 2253 72.69 -8.25 -32.33
C HIS A 2253 72.91 -8.53 -30.85
N LEU A 2254 72.99 -7.49 -30.02
CA LEU A 2254 73.31 -7.68 -28.61
C LEU A 2254 72.23 -8.50 -27.91
N SER A 2255 70.96 -8.19 -28.17
CA SER A 2255 69.87 -8.93 -27.54
C SER A 2255 69.91 -10.40 -27.93
N TYR A 2256 70.17 -10.67 -29.20
CA TYR A 2256 70.23 -12.05 -29.66
C TYR A 2256 71.38 -12.78 -28.97
N LEU A 2257 72.54 -12.14 -28.87
CA LEU A 2257 73.67 -12.76 -28.20
C LEU A 2257 73.34 -13.06 -26.75
N LEU A 2258 72.67 -12.17 -26.05
CA LEU A 2258 72.42 -12.37 -24.60
C LEU A 2258 71.51 -13.56 -24.35
N GLU A 2259 70.47 -13.80 -25.16
CA GLU A 2259 69.49 -14.91 -24.97
C GLU A 2259 70.24 -16.23 -24.83
N ASN A 2260 71.30 -16.45 -25.62
CA ASN A 2260 72.09 -17.71 -25.61
C ASN A 2260 73.11 -17.68 -24.48
N SER A 2261 73.72 -18.83 -24.14
CA SER A 2261 74.75 -18.94 -23.09
C SER A 2261 74.26 -18.28 -21.79
N GLY A 2262 73.11 -18.73 -21.26
CA GLY A 2262 72.52 -18.19 -20.01
C GLY A 2262 72.65 -19.16 -18.85
N ILE A 2263 72.85 -20.45 -19.10
CA ILE A 2263 73.06 -21.52 -18.06
C ILE A 2263 74.38 -22.24 -18.39
N GLY A 2264 74.64 -22.58 -19.67
CA GLY A 2264 75.85 -23.31 -20.12
C GLY A 2264 77.03 -22.39 -20.40
N LEU A 2265 78.01 -22.28 -19.49
CA LEU A 2265 79.16 -21.37 -19.63
C LEU A 2265 80.22 -21.96 -20.54
N GLY A 2266 80.52 -23.25 -20.45
CA GLY A 2266 81.66 -23.73 -21.25
C GLY A 2266 82.77 -22.79 -20.83
N MET A 2267 82.99 -22.65 -19.53
CA MET A 2267 83.81 -21.57 -18.95
C MET A 2267 85.26 -21.58 -19.44
N GLN A 2268 85.81 -22.68 -19.88
CA GLN A 2268 87.26 -22.70 -20.16
C GLN A 2268 87.60 -21.64 -21.20
N GLY A 2269 86.77 -21.40 -22.22
CA GLY A 2269 87.14 -20.50 -23.33
C GLY A 2269 86.16 -19.41 -23.64
N SER A 2270 86.59 -18.35 -24.34
CA SER A 2270 85.75 -17.16 -24.69
C SER A 2270 84.35 -17.59 -25.08
N THR A 2271 83.32 -16.90 -24.59
CA THR A 2271 81.90 -17.23 -24.87
C THR A 2271 81.18 -16.05 -25.55
N PRO A 2272 79.84 -16.14 -25.82
CA PRO A 2272 79.07 -15.05 -26.42
C PRO A 2272 79.02 -13.80 -25.56
N LEU A 2273 78.99 -13.96 -24.24
CA LEU A 2273 79.02 -12.80 -23.37
C LEU A 2273 80.28 -11.97 -23.58
N ASP A 2274 81.41 -12.62 -23.88
CA ASP A 2274 82.65 -11.89 -24.10
C ASP A 2274 82.53 -10.99 -25.32
N VAL A 2275 82.01 -11.50 -26.44
CA VAL A 2275 81.85 -10.65 -27.62
C VAL A 2275 80.81 -9.57 -27.35
N ALA A 2276 79.76 -9.90 -26.61
CA ALA A 2276 78.77 -8.89 -26.25
C ALA A 2276 79.43 -7.73 -25.52
N ALA A 2277 80.29 -8.04 -24.55
CA ALA A 2277 81.01 -7.00 -23.83
C ALA A 2277 81.93 -6.24 -24.76
N ALA A 2278 82.65 -6.95 -25.63
CA ALA A 2278 83.59 -6.30 -26.52
C ALA A 2278 82.90 -5.37 -27.50
N SER A 2279 81.60 -5.59 -27.75
CA SER A 2279 80.88 -4.77 -28.70
C SER A 2279 80.56 -3.37 -28.18
N VAL A 2280 80.79 -3.10 -26.90
CA VAL A 2280 80.40 -1.83 -26.30
C VAL A 2280 81.53 -1.17 -25.52
N ILE A 2281 82.79 -1.57 -25.74
CA ILE A 2281 83.88 -1.03 -24.95
C ILE A 2281 84.21 0.38 -25.41
N ASP A 2282 84.27 1.30 -24.47
CA ASP A 2282 84.80 2.65 -24.70
C ASP A 2282 84.10 3.35 -25.86
N ASN A 2283 82.77 3.25 -25.93
CA ASN A 2283 81.97 3.92 -26.95
C ASN A 2283 80.81 4.61 -26.25
N ASN A 2284 80.90 5.92 -26.07
CA ASN A 2284 79.87 6.65 -25.35
C ASN A 2284 78.52 6.53 -26.05
N GLU A 2285 78.51 6.66 -27.37
CA GLU A 2285 77.24 6.63 -28.10
C GLU A 2285 76.55 5.29 -27.93
N LEU A 2286 77.28 4.19 -28.15
CA LEU A 2286 76.69 2.87 -28.02
C LEU A 2286 76.23 2.61 -26.60
N ALA A 2287 77.03 3.00 -25.61
CA ALA A 2287 76.65 2.80 -24.22
C ALA A 2287 75.38 3.57 -23.88
N LEU A 2288 75.26 4.82 -24.34
CA LEU A 2288 74.05 5.58 -24.10
C LEU A 2288 72.85 4.92 -24.79
N ALA A 2289 73.05 4.44 -26.02
CA ALA A 2289 71.96 3.82 -26.76
C ALA A 2289 71.54 2.48 -26.17
N LEU A 2290 72.29 1.95 -25.21
CA LEU A 2290 71.97 0.65 -24.65
C LEU A 2290 70.53 0.62 -24.14
N GLN A 2291 69.83 -0.46 -24.47
CA GLN A 2291 68.45 -0.65 -24.05
C GLN A 2291 68.45 -1.04 -22.57
N GLU A 2292 67.32 -0.92 -21.86
CA GLU A 2292 67.21 -1.24 -20.41
C GLU A 2292 66.69 -2.67 -20.26
N GLN A 2293 66.13 -3.23 -21.33
CA GLN A 2293 65.59 -4.62 -21.35
C GLN A 2293 66.77 -5.61 -21.28
N ASP A 2294 67.94 -5.21 -21.80
CA ASP A 2294 69.17 -6.06 -21.77
C ASP A 2294 69.74 -6.05 -20.35
N LEU A 2295 69.43 -5.02 -19.55
CA LEU A 2295 69.99 -4.86 -18.19
C LEU A 2295 69.24 -5.76 -17.20
N GLU A 2296 67.91 -5.82 -17.25
CA GLU A 2296 67.10 -6.61 -16.33
C GLU A 2296 67.25 -8.09 -16.61
N LYS A 2297 67.42 -8.48 -17.88
CA LYS A 2297 67.59 -9.88 -18.19
C LYS A 2297 68.90 -10.41 -17.62
N VAL A 2298 69.97 -9.63 -17.73
CA VAL A 2298 71.25 -10.04 -17.18
C VAL A 2298 71.17 -10.13 -15.67
N VAL A 2299 70.49 -9.18 -15.03
CA VAL A 2299 70.33 -9.23 -13.59
C VAL A 2299 69.54 -10.46 -13.18
N SER A 2300 68.52 -10.82 -13.97
CA SER A 2300 67.78 -12.04 -13.68
C SER A 2300 68.67 -13.26 -13.79
N TYR A 2301 69.48 -13.33 -14.85
CA TYR A 2301 70.45 -14.42 -14.95
C TYR A 2301 71.32 -14.48 -13.70
N LEU A 2302 71.81 -13.32 -13.25
CA LEU A 2302 72.66 -13.29 -12.07
C LEU A 2302 71.94 -13.83 -10.84
N ALA A 2303 70.67 -13.44 -10.68
CA ALA A 2303 69.93 -13.87 -9.51
C ALA A 2303 69.97 -15.38 -9.33
N GLY A 2304 69.89 -16.13 -10.44
CA GLY A 2304 69.98 -17.58 -10.34
C GLY A 2304 71.30 -18.05 -9.80
N CYS A 2305 72.40 -17.42 -10.23
CA CYS A 2305 73.73 -17.85 -9.80
C CYS A 2305 73.88 -17.76 -8.30
N GLY A 2306 73.08 -16.93 -7.65
CA GLY A 2306 73.13 -16.81 -6.21
C GLY A 2306 72.21 -17.75 -5.46
N LEU A 2307 71.65 -18.75 -6.13
CA LEU A 2307 70.70 -19.67 -5.52
C LEU A 2307 71.07 -21.14 -5.65
N GLN A 2308 71.66 -21.57 -6.76
CA GLN A 2308 71.92 -22.97 -7.00
C GLN A 2308 73.35 -23.17 -7.46
N SER A 2309 73.96 -24.26 -7.00
CA SER A 2309 75.32 -24.57 -7.40
C SER A 2309 75.36 -25.06 -8.85
N CYS A 2310 76.55 -25.06 -9.42
CA CYS A 2310 76.73 -25.47 -10.80
C CYS A 2310 76.64 -26.99 -10.90
N PRO A 2311 75.76 -27.54 -11.75
CA PRO A 2311 75.71 -29.00 -11.87
C PRO A 2311 77.03 -29.61 -12.32
N MET A 2312 77.81 -28.89 -13.12
CA MET A 2312 79.07 -29.45 -13.60
C MET A 2312 80.01 -29.78 -12.44
N LEU A 2313 80.13 -28.86 -11.48
CA LEU A 2313 80.98 -29.13 -10.33
C LEU A 2313 80.46 -30.32 -9.53
N LEU A 2314 79.14 -30.41 -9.36
CA LEU A 2314 78.57 -31.54 -8.63
C LEU A 2314 78.91 -32.85 -9.32
N ALA A 2315 78.83 -32.88 -10.66
CA ALA A 2315 79.17 -34.08 -11.39
C ALA A 2315 80.61 -34.49 -11.13
N LYS A 2316 81.49 -33.52 -10.87
CA LYS A 2316 82.89 -33.81 -10.59
C LYS A 2316 83.16 -34.08 -9.12
N GLY A 2317 82.13 -34.06 -8.27
CA GLY A 2317 82.29 -34.43 -6.88
C GLY A 2317 82.58 -33.29 -5.95
N TYR A 2318 82.51 -32.05 -6.41
CA TYR A 2318 82.77 -30.92 -5.54
C TYR A 2318 81.67 -30.81 -4.48
N PRO A 2319 82.00 -30.28 -3.30
CA PRO A 2319 80.97 -30.08 -2.28
C PRO A 2319 79.93 -29.07 -2.74
N ASP A 2320 78.70 -29.25 -2.25
CA ASP A 2320 77.60 -28.44 -2.72
C ASP A 2320 77.34 -27.26 -1.78
N ILE A 2321 77.19 -26.08 -2.37
CA ILE A 2321 76.76 -24.89 -1.65
C ILE A 2321 75.71 -24.19 -2.50
N GLY A 2322 74.93 -23.32 -1.87
CA GLY A 2322 73.76 -22.77 -2.50
C GLY A 2322 74.02 -21.60 -3.42
N TRP A 2323 75.09 -21.65 -4.21
CA TRP A 2323 75.32 -20.60 -5.21
C TRP A 2323 76.55 -20.96 -6.02
N ASN A 2324 76.68 -20.28 -7.16
CA ASN A 2324 77.72 -20.55 -8.15
C ASN A 2324 78.47 -19.26 -8.45
N PRO A 2325 79.57 -18.98 -7.75
CA PRO A 2325 80.24 -17.68 -7.91
C PRO A 2325 80.75 -17.39 -9.31
N CYS A 2326 81.08 -18.41 -10.10
CA CYS A 2326 81.73 -18.17 -11.39
C CYS A 2326 80.83 -17.34 -12.31
N GLY A 2327 79.59 -17.78 -12.51
CA GLY A 2327 78.68 -17.02 -13.33
C GLY A 2327 78.46 -15.63 -12.77
N GLY A 2328 78.41 -15.52 -11.45
CA GLY A 2328 78.25 -14.20 -10.84
C GLY A 2328 79.36 -13.25 -11.25
N GLU A 2329 80.59 -13.71 -11.17
CA GLU A 2329 81.71 -12.83 -11.54
C GLU A 2329 81.68 -12.53 -13.03
N ARG A 2330 81.29 -13.49 -13.87
CA ARG A 2330 81.20 -13.20 -15.30
C ARG A 2330 80.20 -12.08 -15.58
N TYR A 2331 78.99 -12.21 -15.03
CA TYR A 2331 77.98 -11.20 -15.28
C TYR A 2331 78.38 -9.85 -14.67
N LEU A 2332 79.03 -9.88 -13.51
CA LEU A 2332 79.50 -8.63 -12.92
C LEU A 2332 80.55 -7.96 -13.79
N ASP A 2333 81.43 -8.75 -14.41
CA ASP A 2333 82.39 -8.17 -15.34
C ASP A 2333 81.68 -7.51 -16.50
N PHE A 2334 80.67 -8.17 -17.06
CA PHE A 2334 79.92 -7.55 -18.16
C PHE A 2334 79.31 -6.22 -17.71
N LEU A 2335 78.68 -6.22 -16.54
CA LEU A 2335 78.05 -5.00 -16.06
C LEU A 2335 79.08 -3.89 -15.87
N ARG A 2336 80.24 -4.22 -15.31
CA ARG A 2336 81.29 -3.22 -15.15
C ARG A 2336 81.67 -2.61 -16.49
N PHE A 2337 81.90 -3.45 -17.50
CA PHE A 2337 82.22 -2.92 -18.81
C PHE A 2337 81.09 -2.05 -19.34
N ALA A 2338 79.85 -2.35 -18.96
CA ALA A 2338 78.72 -1.57 -19.46
C ALA A 2338 78.62 -0.21 -18.78
N VAL A 2339 79.01 -0.11 -17.52
CA VAL A 2339 78.74 1.11 -16.74
C VAL A 2339 79.86 2.13 -16.84
N PHE A 2340 81.11 1.68 -16.89
CA PHE A 2340 82.27 2.57 -16.82
C PHE A 2340 82.95 2.62 -18.18
N VAL A 2341 83.20 3.82 -18.69
CA VAL A 2341 83.85 4.01 -19.98
C VAL A 2341 84.95 5.06 -19.84
N ASN A 2342 86.16 4.70 -20.26
CA ASN A 2342 87.29 5.63 -20.34
C ASN A 2342 87.37 6.53 -19.11
N GLY A 2343 87.47 5.91 -17.93
CA GLY A 2343 87.74 6.65 -16.72
C GLY A 2343 86.59 7.49 -16.22
N GLU A 2344 85.39 7.31 -16.75
CA GLU A 2344 84.23 8.10 -16.34
C GLU A 2344 83.02 7.19 -16.19
N SER A 2345 82.09 7.62 -15.34
CA SER A 2345 80.88 6.86 -15.04
C SER A 2345 79.67 7.52 -15.68
N VAL A 2346 78.90 6.75 -16.43
CA VAL A 2346 77.66 7.23 -17.02
C VAL A 2346 76.55 7.05 -16.00
N GLU A 2347 75.88 8.14 -15.64
CA GLU A 2347 75.00 8.12 -14.49
C GLU A 2347 73.70 7.37 -14.76
N GLU A 2348 73.20 7.39 -15.99
CA GLU A 2348 71.91 6.77 -16.26
C GLU A 2348 71.97 5.27 -16.02
N ASN A 2349 72.94 4.59 -16.64
CA ASN A 2349 73.08 3.16 -16.43
C ASN A 2349 73.42 2.84 -14.99
N ALA A 2350 74.22 3.69 -14.34
CA ALA A 2350 74.54 3.46 -12.94
C ALA A 2350 73.27 3.43 -12.10
N ASN A 2351 72.41 4.44 -12.27
CA ASN A 2351 71.17 4.48 -11.50
C ASN A 2351 70.30 3.28 -11.81
N VAL A 2352 70.17 2.95 -13.10
CA VAL A 2352 69.30 1.84 -13.47
C VAL A 2352 69.80 0.54 -12.83
N VAL A 2353 71.09 0.28 -12.92
CA VAL A 2353 71.62 -1.00 -12.45
C VAL A 2353 71.58 -1.07 -10.93
N VAL A 2354 71.88 0.03 -10.25
CA VAL A 2354 71.82 -0.01 -8.79
C VAL A 2354 70.38 -0.22 -8.33
N ARG A 2355 69.42 0.43 -9.00
CA ARG A 2355 68.03 0.21 -8.66
C ARG A 2355 67.63 -1.25 -8.86
N LEU A 2356 67.99 -1.82 -10.00
CA LEU A 2356 67.66 -3.22 -10.26
C LEU A 2356 68.28 -4.12 -9.21
N LEU A 2357 69.55 -3.87 -8.85
CA LEU A 2357 70.21 -4.73 -7.86
C LEU A 2357 69.50 -4.65 -6.52
N ILE A 2358 69.23 -3.44 -6.04
CA ILE A 2358 68.56 -3.33 -4.74
C ILE A 2358 67.20 -3.99 -4.79
N ARG A 2359 66.57 -4.00 -5.97
CA ARG A 2359 65.27 -4.66 -6.09
C ARG A 2359 65.34 -6.15 -5.77
N LYS A 2360 66.51 -6.77 -5.91
CA LYS A 2360 66.69 -8.20 -5.65
C LYS A 2360 67.85 -8.38 -4.69
N PRO A 2361 67.60 -8.31 -3.37
CA PRO A 2361 68.70 -8.39 -2.41
C PRO A 2361 69.45 -9.71 -2.44
N GLU A 2362 68.87 -10.77 -2.99
CA GLU A 2362 69.56 -12.06 -3.02
C GLU A 2362 70.77 -12.06 -3.94
N CYS A 2363 70.83 -11.12 -4.89
CA CYS A 2363 71.94 -11.09 -5.82
C CYS A 2363 73.25 -10.71 -5.14
N PHE A 2364 73.21 -10.03 -4.01
CA PHE A 2364 74.41 -9.58 -3.32
C PHE A 2364 75.20 -10.72 -2.71
N GLY A 2365 74.65 -11.92 -2.66
CA GLY A 2365 75.35 -13.06 -2.10
C GLY A 2365 74.99 -13.31 -0.65
N PRO A 2366 75.38 -14.46 -0.12
CA PRO A 2366 74.96 -14.82 1.25
C PRO A 2366 75.38 -13.81 2.29
N ALA A 2367 76.56 -13.21 2.17
CA ALA A 2367 77.05 -12.31 3.21
C ALA A 2367 76.12 -11.11 3.38
N LEU A 2368 75.66 -10.54 2.27
CA LEU A 2368 74.81 -9.36 2.31
C LEU A 2368 73.33 -9.70 2.28
N ARG A 2369 72.98 -10.97 2.51
CA ARG A 2369 71.59 -11.37 2.49
C ARG A 2369 70.76 -10.60 3.51
N GLY A 2370 71.38 -10.11 4.58
CA GLY A 2370 70.65 -9.40 5.62
C GLY A 2370 70.33 -10.28 6.80
N GLU A 2371 69.08 -10.72 6.89
CA GLU A 2371 68.66 -11.60 7.97
C GLU A 2371 69.56 -12.83 8.02
N GLY A 2372 70.33 -12.97 9.10
CA GLY A 2372 71.24 -14.08 9.23
C GLY A 2372 72.48 -13.98 8.39
N GLY A 2373 72.71 -12.85 7.73
CA GLY A 2373 73.87 -12.70 6.88
C GLY A 2373 75.06 -12.10 7.60
N SER A 2374 76.20 -12.78 7.55
CA SER A 2374 77.41 -12.28 8.18
C SER A 2374 78.04 -11.19 7.32
N GLY A 2375 78.91 -10.40 7.95
CA GLY A 2375 79.57 -9.32 7.24
C GLY A 2375 80.60 -9.84 6.27
N LEU A 2376 81.09 -8.93 5.42
CA LEU A 2376 82.07 -9.31 4.42
C LEU A 2376 83.35 -9.83 5.06
N LEU A 2377 83.80 -9.18 6.13
CA LEU A 2377 85.06 -9.58 6.75
C LEU A 2377 84.99 -11.02 7.22
N ALA A 2378 83.90 -11.39 7.91
CA ALA A 2378 83.75 -12.77 8.37
C ALA A 2378 83.70 -13.74 7.19
N ALA A 2379 82.99 -13.38 6.13
CA ALA A 2379 82.90 -14.27 4.98
C ALA A 2379 84.27 -14.51 4.36
N ILE A 2380 85.07 -13.46 4.21
CA ILE A 2380 86.36 -13.62 3.57
C ILE A 2380 87.33 -14.38 4.49
N GLU A 2381 87.24 -14.15 5.80
CA GLU A 2381 88.04 -14.94 6.72
C GLU A 2381 87.68 -16.42 6.63
N GLU A 2382 86.38 -16.71 6.56
CA GLU A 2382 85.94 -18.10 6.39
C GLU A 2382 86.47 -18.68 5.10
N ALA A 2383 86.46 -17.90 4.02
CA ALA A 2383 86.99 -18.39 2.75
C ALA A 2383 88.47 -18.69 2.86
N ILE A 2384 89.23 -17.81 3.53
CA ILE A 2384 90.65 -18.05 3.70
C ILE A 2384 90.88 -19.36 4.45
N ARG A 2385 90.14 -19.56 5.55
CA ARG A 2385 90.29 -20.79 6.31
C ARG A 2385 89.89 -22.01 5.46
N ILE A 2386 88.86 -21.87 4.64
CA ILE A 2386 88.47 -22.96 3.75
C ILE A 2386 89.61 -23.31 2.82
N SER A 2387 90.34 -22.30 2.35
CA SER A 2387 91.40 -22.55 1.39
C SER A 2387 92.45 -23.50 1.94
N GLU A 2388 92.55 -23.66 3.25
CA GLU A 2388 93.52 -24.57 3.84
C GLU A 2388 93.09 -26.03 3.74
N ASP A 2389 91.80 -26.31 3.88
CA ASP A 2389 91.32 -27.70 3.91
C ASP A 2389 91.09 -28.21 2.50
N PRO A 2390 91.79 -29.25 2.04
CA PRO A 2390 91.47 -29.83 0.74
C PRO A 2390 90.04 -30.37 0.66
N ALA A 2391 89.52 -30.89 1.76
CA ALA A 2391 88.17 -31.44 1.75
C ALA A 2391 87.13 -30.38 1.41
N ARG A 2392 87.26 -29.20 1.99
CA ARG A 2392 86.29 -28.13 1.76
C ARG A 2392 86.58 -27.32 0.50
N ASP A 2393 87.70 -27.60 -0.17
CA ASP A 2393 88.08 -26.83 -1.35
C ASP A 2393 87.97 -27.62 -2.64
N GLY A 2394 87.84 -28.94 -2.57
CA GLY A 2394 87.78 -29.76 -3.76
C GLY A 2394 87.32 -31.17 -3.48
N PRO A 2395 87.36 -32.04 -4.50
CA PRO A 2395 86.96 -33.44 -4.36
C PRO A 2395 87.65 -34.15 -3.20
N ARG A 2415 92.30 -27.62 -10.84
CA ARG A 2415 91.96 -26.74 -11.95
C ARG A 2415 90.98 -25.65 -11.52
N VAL A 2416 90.50 -25.74 -10.28
CA VAL A 2416 89.58 -24.75 -9.74
C VAL A 2416 89.52 -24.93 -8.23
N HIS A 2417 89.41 -23.82 -7.52
CA HIS A 2417 89.34 -23.82 -6.06
C HIS A 2417 88.22 -22.89 -5.62
N LEU A 2418 87.68 -23.15 -4.43
CA LEU A 2418 86.48 -22.44 -4.01
C LEU A 2418 86.79 -21.12 -3.30
N GLY A 2419 87.79 -21.10 -2.42
CA GLY A 2419 88.10 -19.88 -1.72
C GLY A 2419 88.43 -18.75 -2.68
N HIS A 2420 89.26 -19.04 -3.67
CA HIS A 2420 89.61 -18.02 -4.66
C HIS A 2420 88.38 -17.56 -5.41
N ALA A 2421 87.48 -18.47 -5.76
CA ALA A 2421 86.27 -18.10 -6.48
C ALA A 2421 85.41 -17.16 -5.65
N ILE A 2422 85.25 -17.47 -4.36
CA ILE A 2422 84.43 -16.62 -3.49
C ILE A 2422 85.04 -15.24 -3.37
N MET A 2423 86.35 -15.19 -3.14
CA MET A 2423 87.09 -13.91 -2.95
C MET A 2423 87.07 -13.09 -4.25
N SER A 2424 87.06 -13.73 -5.41
CA SER A 2424 86.95 -13.03 -6.69
C SER A 2424 85.54 -12.50 -6.89
N PHE A 2425 84.53 -13.28 -6.53
CA PHE A 2425 83.15 -12.81 -6.68
C PHE A 2425 82.92 -11.56 -5.85
N TYR A 2426 83.32 -11.58 -4.58
CA TYR A 2426 83.10 -10.41 -3.74
C TYR A 2426 83.88 -9.21 -4.23
N ALA A 2427 85.11 -9.43 -4.68
CA ALA A 2427 85.92 -8.33 -5.20
C ALA A 2427 85.26 -7.71 -6.42
N ALA A 2428 84.75 -8.55 -7.32
CA ALA A 2428 84.09 -8.02 -8.51
C ALA A 2428 82.85 -7.22 -8.14
N LEU A 2429 82.06 -7.72 -7.19
CA LEU A 2429 80.87 -6.98 -6.77
C LEU A 2429 81.24 -5.62 -6.21
N ILE A 2430 82.24 -5.59 -5.32
CA ILE A 2430 82.63 -4.31 -4.71
C ILE A 2430 83.17 -3.37 -5.76
N ASP A 2431 83.94 -3.88 -6.71
CA ASP A 2431 84.45 -3.02 -7.77
C ASP A 2431 83.33 -2.42 -8.61
N LEU A 2432 82.33 -3.23 -8.94
CA LEU A 2432 81.17 -2.72 -9.67
C LEU A 2432 80.50 -1.60 -8.89
N LEU A 2433 80.20 -1.86 -7.62
CA LEU A 2433 79.52 -0.84 -6.83
C LEU A 2433 80.34 0.43 -6.75
N GLY A 2434 81.65 0.31 -6.57
CA GLY A 2434 82.50 1.49 -6.53
C GLY A 2434 82.45 2.27 -7.83
N ARG A 2435 82.48 1.56 -8.96
CA ARG A 2435 82.40 2.24 -10.25
C ARG A 2435 81.05 2.92 -10.44
N CYS A 2436 80.00 2.40 -9.81
CA CYS A 2436 78.68 2.98 -10.01
C CYS A 2436 78.50 4.32 -9.31
N ALA A 2437 79.43 4.72 -8.45
CA ALA A 2437 79.26 5.95 -7.70
C ALA A 2437 79.35 7.16 -8.62
N PRO A 2438 78.75 8.28 -8.25
CA PRO A 2438 78.75 9.46 -9.13
C PRO A 2438 80.01 10.31 -8.93
N GLU A 2439 80.13 11.30 -9.82
CA GLU A 2439 81.27 12.20 -9.78
C GLU A 2439 81.08 13.28 -8.71
N MET A 2440 82.19 13.93 -8.36
CA MET A 2440 82.17 14.92 -7.28
C MET A 2440 81.56 16.24 -7.72
N HIS A 2441 81.71 16.62 -8.99
CA HIS A 2441 81.11 17.86 -9.44
C HIS A 2441 79.60 17.83 -9.34
N LEU A 2442 78.98 16.66 -9.59
CA LEU A 2442 77.55 16.54 -9.35
C LEU A 2442 77.21 16.70 -7.89
N ILE A 2443 78.03 16.14 -6.99
CA ILE A 2443 77.78 16.32 -5.57
C ILE A 2443 77.78 17.79 -5.20
N GLN A 2444 78.69 18.57 -5.80
CA GLN A 2444 78.71 20.00 -5.51
C GLN A 2444 77.39 20.67 -5.88
N ALA A 2445 76.79 20.29 -7.00
CA ALA A 2445 75.49 20.84 -7.37
C ALA A 2445 74.37 20.38 -6.45
N GLY A 2446 74.63 19.41 -5.58
CA GLY A 2446 73.61 18.94 -4.66
C GLY A 2446 72.45 18.23 -5.35
N LYS A 2447 72.73 17.43 -6.37
CA LYS A 2447 71.69 16.67 -7.03
C LYS A 2447 71.05 15.69 -6.07
N GLY A 2448 69.73 15.64 -6.06
CA GLY A 2448 69.03 14.73 -5.17
C GLY A 2448 69.34 13.27 -5.48
N GLU A 2449 69.34 12.92 -6.77
CA GLU A 2449 69.60 11.53 -7.14
C GLU A 2449 71.00 11.11 -6.76
N ALA A 2450 71.99 11.98 -7.01
CA ALA A 2450 73.36 11.64 -6.66
C ALA A 2450 73.49 11.42 -5.15
N LEU A 2451 72.88 12.30 -4.36
CA LEU A 2451 72.96 12.15 -2.92
C LEU A 2451 72.27 10.88 -2.45
N ARG A 2452 71.11 10.56 -3.02
CA ARG A 2452 70.42 9.33 -2.65
C ARG A 2452 71.29 8.11 -2.96
N ILE A 2453 71.90 8.11 -4.15
CA ILE A 2453 72.74 6.97 -4.54
C ILE A 2453 73.92 6.84 -3.60
N ARG A 2454 74.59 7.95 -3.30
CA ARG A 2454 75.74 7.90 -2.41
C ARG A 2454 75.34 7.42 -1.02
N ALA A 2455 74.21 7.90 -0.52
CA ALA A 2455 73.75 7.45 0.80
C ALA A 2455 73.46 5.97 0.79
N ILE A 2456 72.82 5.46 -0.26
CA ILE A 2456 72.54 4.03 -0.34
C ILE A 2456 73.83 3.24 -0.32
N LEU A 2457 74.78 3.61 -1.18
CA LEU A 2457 76.04 2.87 -1.25
C LEU A 2457 76.76 2.91 0.09
N ARG A 2458 76.80 4.07 0.73
CA ARG A 2458 77.44 4.17 2.03
C ARG A 2458 76.76 3.27 3.05
N SER A 2459 75.43 3.21 3.03
CA SER A 2459 74.73 2.34 3.96
C SER A 2459 75.01 0.87 3.69
N LEU A 2460 75.27 0.51 2.44
CA LEU A 2460 75.44 -0.89 2.10
C LEU A 2460 76.72 -1.48 2.70
N VAL A 2461 77.82 -0.73 2.70
CA VAL A 2461 79.12 -1.27 3.12
C VAL A 2461 79.71 -0.42 4.24
N PRO A 2462 79.93 -0.97 5.43
CA PRO A 2462 80.57 -0.19 6.49
C PRO A 2462 82.02 0.12 6.16
N LEU A 2463 82.50 1.26 6.68
CA LEU A 2463 83.88 1.65 6.46
C LEU A 2463 84.84 0.73 7.18
N ASP A 2464 84.57 0.43 8.44
CA ASP A 2464 85.44 -0.45 9.21
C ASP A 2464 85.62 -1.80 8.54
N ASP A 2465 84.62 -2.28 7.81
CA ASP A 2465 84.78 -3.54 7.08
C ASP A 2465 85.87 -3.41 6.02
N LEU A 2466 85.85 -2.31 5.26
CA LEU A 2466 86.89 -2.10 4.26
C LEU A 2466 88.26 -2.00 4.93
N VAL A 2467 88.34 -1.25 6.02
CA VAL A 2467 89.63 -1.10 6.70
C VAL A 2467 90.14 -2.46 7.17
N GLY A 2468 89.25 -3.29 7.73
CA GLY A 2468 89.66 -4.61 8.16
C GLY A 2468 90.12 -5.47 7.01
N ILE A 2469 89.43 -5.39 5.88
CA ILE A 2469 89.81 -6.19 4.71
C ILE A 2469 91.20 -5.79 4.24
N ILE A 2470 91.46 -4.48 4.14
CA ILE A 2470 92.75 -4.03 3.63
C ILE A 2470 93.88 -4.49 4.55
N SER A 2471 93.62 -4.50 5.86
CA SER A 2471 94.66 -4.79 6.84
C SER A 2471 95.00 -6.28 6.93
N LEU A 2472 94.33 -7.14 6.18
CA LEU A 2472 94.62 -8.56 6.29
C LEU A 2472 96.04 -8.85 5.77
N PRO A 2473 96.69 -9.88 6.27
CA PRO A 2473 98.07 -10.16 5.84
C PRO A 2473 98.12 -10.91 4.52
N LEU A 2474 99.32 -10.94 3.95
CA LEU A 2474 99.58 -11.62 2.69
C LEU A 2474 100.75 -12.59 2.86
N GLN A 2475 100.66 -13.72 2.19
CA GLN A 2475 101.76 -14.68 2.19
C GLN A 2475 102.82 -14.25 1.18
N ILE A 2476 104.08 -14.50 1.52
CA ILE A 2476 105.20 -14.05 0.69
C ILE A 2476 106.14 -15.23 0.42
N PRO A 2477 106.87 -15.22 -0.70
CA PRO A 2477 107.82 -16.31 -0.94
C PRO A 2477 108.95 -16.29 0.07
N THR A 2478 109.55 -17.45 0.28
CA THR A 2478 110.65 -17.58 1.24
C THR A 2478 111.60 -18.67 0.75
N LEU A 2479 112.78 -18.68 1.33
CA LEU A 2479 113.84 -19.63 0.98
C LEU A 2479 113.85 -20.76 2.00
N GLY A 2480 113.60 -21.98 1.54
CA GLY A 2480 113.52 -23.14 2.40
C GLY A 2480 114.81 -23.93 2.43
N LYS A 2481 114.70 -25.15 2.95
CA LYS A 2481 115.87 -26.02 3.04
C LYS A 2481 116.34 -26.43 1.65
N ASP A 2482 117.66 -26.62 1.53
CA ASP A 2482 118.29 -27.06 0.28
C ASP A 2482 118.16 -26.02 -0.82
N GLY A 2483 117.94 -24.75 -0.46
CA GLY A 2483 117.85 -23.70 -1.45
C GLY A 2483 116.55 -23.67 -2.23
N ALA A 2484 115.56 -24.47 -1.83
CA ALA A 2484 114.31 -24.52 -2.56
C ALA A 2484 113.51 -23.25 -2.32
N LEU A 2485 112.82 -22.78 -3.36
CA LEU A 2485 111.96 -21.61 -3.24
C LEU A 2485 110.54 -22.05 -2.97
N VAL A 2486 109.88 -21.37 -2.03
CA VAL A 2486 108.51 -21.65 -1.65
C VAL A 2486 107.64 -20.50 -2.14
N GLN A 2487 106.64 -20.81 -2.97
CA GLN A 2487 105.76 -19.81 -3.54
C GLN A 2487 104.32 -20.26 -3.35
N PRO A 2488 103.44 -19.38 -2.84
CA PRO A 2488 102.02 -19.75 -2.78
C PRO A 2488 101.43 -19.89 -4.17
N LYS A 2489 100.41 -20.74 -4.27
CA LYS A 2489 99.69 -20.91 -5.54
C LYS A 2489 98.75 -19.72 -5.71
N MET A 2490 99.11 -18.83 -6.64
CA MET A 2490 98.30 -17.63 -6.83
C MET A 2490 96.88 -17.96 -7.26
N SER A 2491 96.68 -19.10 -7.90
CA SER A 2491 95.35 -19.50 -8.33
C SER A 2491 94.44 -19.89 -7.18
N ALA A 2492 94.98 -20.10 -5.98
CA ALA A 2492 94.16 -20.55 -4.86
C ALA A 2492 94.53 -19.85 -3.55
N SER A 2493 94.71 -18.54 -3.56
CA SER A 2493 95.09 -17.82 -2.35
C SER A 2493 94.68 -16.36 -2.46
N PHE A 2494 94.65 -15.70 -1.31
CA PHE A 2494 94.41 -14.27 -1.26
C PHE A 2494 95.49 -13.52 -2.04
N VAL A 2495 95.07 -12.57 -2.88
CA VAL A 2495 96.00 -11.82 -3.72
C VAL A 2495 95.64 -10.35 -3.70
N PRO A 2496 96.59 -9.49 -4.07
CA PRO A 2496 96.33 -8.04 -3.99
C PRO A 2496 95.16 -7.57 -4.83
N ASP A 2497 94.83 -8.27 -5.91
CA ASP A 2497 93.69 -7.85 -6.72
C ASP A 2497 92.40 -7.84 -5.92
N HIS A 2498 92.34 -8.59 -4.82
CA HIS A 2498 91.19 -8.51 -3.92
C HIS A 2498 91.25 -7.28 -3.02
N LYS A 2499 92.38 -6.57 -2.99
CA LYS A 2499 92.50 -5.34 -2.23
C LYS A 2499 92.34 -4.11 -3.11
N ALA A 2500 92.71 -4.21 -4.38
CA ALA A 2500 92.61 -3.06 -5.27
C ALA A 2500 91.17 -2.59 -5.39
N SER A 2501 90.23 -3.52 -5.52
CA SER A 2501 88.82 -3.14 -5.64
C SER A 2501 88.33 -2.44 -4.38
N MET A 2502 88.72 -2.93 -3.20
CA MET A 2502 88.32 -2.28 -1.97
C MET A 2502 88.89 -0.87 -1.88
N VAL A 2503 90.15 -0.70 -2.30
CA VAL A 2503 90.75 0.63 -2.29
C VAL A 2503 89.98 1.56 -3.21
N LEU A 2504 89.62 1.07 -4.40
CA LEU A 2504 88.86 1.89 -5.33
C LEU A 2504 87.52 2.30 -4.73
N PHE A 2505 86.82 1.36 -4.11
CA PHE A 2505 85.54 1.69 -3.49
C PHE A 2505 85.71 2.74 -2.41
N LEU A 2506 86.70 2.55 -1.53
CA LEU A 2506 86.92 3.50 -0.46
C LEU A 2506 87.21 4.88 -1.00
N ASP A 2507 88.04 4.97 -2.05
CA ASP A 2507 88.37 6.26 -2.63
C ASP A 2507 87.13 6.93 -3.21
N ARG A 2508 86.36 6.19 -4.00
CA ARG A 2508 85.30 6.82 -4.77
C ARG A 2508 84.09 7.15 -3.91
N VAL A 2509 83.79 6.35 -2.90
CA VAL A 2509 82.59 6.55 -2.09
C VAL A 2509 82.87 7.41 -0.87
N TYR A 2510 83.77 6.98 0.00
CA TYR A 2510 84.00 7.68 1.26
C TYR A 2510 84.96 8.85 1.13
N GLY A 2511 86.12 8.63 0.53
CA GLY A 2511 87.11 9.69 0.42
C GLY A 2511 87.86 9.89 1.72
N ILE A 2512 88.74 10.88 1.71
CA ILE A 2512 89.57 11.23 2.86
C ILE A 2512 89.38 12.71 3.16
N GLU A 2513 89.06 13.03 4.41
CA GLU A 2513 88.82 14.41 4.79
C GLU A 2513 89.40 14.81 6.14
N ASN A 2514 90.13 13.92 6.82
CA ASN A 2514 90.71 14.27 8.12
C ASN A 2514 92.03 13.55 8.27
N GLN A 2515 92.99 14.23 8.91
CA GLN A 2515 94.35 13.72 8.98
C GLN A 2515 94.42 12.43 9.80
N ASP A 2516 93.67 12.36 10.90
CA ASP A 2516 93.77 11.20 11.78
C ASP A 2516 93.36 9.91 11.07
N PHE A 2517 92.28 9.97 10.29
CA PHE A 2517 91.85 8.78 9.56
C PHE A 2517 92.89 8.34 8.55
N LEU A 2518 93.49 9.30 7.83
CA LEU A 2518 94.54 8.96 6.89
C LEU A 2518 95.72 8.32 7.59
N LEU A 2519 96.11 8.87 8.74
CA LEU A 2519 97.22 8.31 9.49
C LEU A 2519 96.92 6.88 9.91
N HIS A 2520 95.70 6.64 10.41
CA HIS A 2520 95.33 5.30 10.84
C HIS A 2520 95.37 4.31 9.68
N VAL A 2521 94.77 4.70 8.55
CA VAL A 2521 94.74 3.80 7.39
C VAL A 2521 96.16 3.50 6.94
N LEU A 2522 97.00 4.53 6.85
CA LEU A 2522 98.37 4.32 6.38
C LEU A 2522 99.12 3.40 7.34
N ASP A 2523 98.93 3.60 8.64
CA ASP A 2523 99.65 2.81 9.62
C ASP A 2523 99.25 1.34 9.56
N VAL A 2524 97.95 1.07 9.43
CA VAL A 2524 97.50 -0.32 9.54
C VAL A 2524 97.50 -1.02 8.20
N GLY A 2525 97.08 -0.36 7.13
CA GLY A 2525 96.83 -1.04 5.87
C GLY A 2525 97.98 -1.07 4.89
N PHE A 2526 98.51 0.10 4.53
CA PHE A 2526 99.41 0.17 3.39
C PHE A 2526 100.87 -0.05 3.79
N LEU A 2527 101.32 0.58 4.87
CA LEU A 2527 102.75 0.56 5.18
C LEU A 2527 103.31 -0.86 5.23
N PRO A 2528 102.67 -1.83 5.89
CA PRO A 2528 103.22 -3.20 5.83
C PRO A 2528 103.33 -3.73 4.41
N ASP A 2529 102.35 -3.43 3.56
CA ASP A 2529 102.39 -3.93 2.20
C ASP A 2529 103.55 -3.32 1.42
N MET A 2530 103.78 -2.01 1.57
CA MET A 2530 104.88 -1.32 0.83
C MET A 2530 106.22 -1.73 1.43
N ARG A 2531 106.23 -2.17 2.69
CA ARG A 2531 107.45 -2.67 3.37
C ARG A 2531 107.78 -4.06 2.82
N ALA A 2532 106.75 -4.90 2.60
CA ALA A 2532 106.94 -6.24 2.02
C ALA A 2532 107.39 -6.14 0.58
N ALA A 2533 106.77 -5.24 -0.19
CA ALA A 2533 107.15 -5.06 -1.58
C ALA A 2533 108.61 -4.65 -1.70
N ALA A 2534 109.04 -3.70 -0.87
CA ALA A 2534 110.43 -3.26 -0.90
C ALA A 2534 111.38 -4.38 -0.52
N SER A 2535 110.99 -5.23 0.44
CA SER A 2535 111.87 -6.29 0.90
C SER A 2535 112.24 -7.28 -0.20
N LEU A 2536 111.48 -7.32 -1.29
CA LEU A 2536 111.71 -8.27 -2.37
C LEU A 2536 112.61 -7.72 -3.47
N ASP A 2537 113.52 -6.80 -3.14
CA ASP A 2537 114.44 -6.28 -4.14
C ASP A 2537 115.50 -7.30 -4.54
N THR A 2538 115.65 -8.38 -3.79
CA THR A 2538 116.66 -9.38 -4.10
C THR A 2538 116.40 -9.99 -5.47
N ALA A 2539 117.49 -10.31 -6.18
CA ALA A 2539 117.36 -10.94 -7.48
C ALA A 2539 116.64 -12.27 -7.40
N THR A 2540 116.71 -12.96 -6.27
CA THR A 2540 116.03 -14.24 -6.12
C THR A 2540 114.52 -14.09 -6.09
N PHE A 2541 114.01 -12.90 -5.81
CA PHE A 2541 112.57 -12.68 -5.70
C PHE A 2541 112.01 -11.64 -6.67
N SER A 2542 112.85 -10.80 -7.28
CA SER A 2542 112.32 -9.72 -8.10
C SER A 2542 111.43 -10.23 -9.21
N THR A 2543 111.67 -11.45 -9.70
CA THR A 2543 110.90 -12.00 -10.81
C THR A 2543 109.73 -12.86 -10.38
N THR A 2544 109.52 -13.05 -9.08
CA THR A 2544 108.40 -13.84 -8.61
C THR A 2544 107.08 -13.16 -8.95
N GLU A 2545 106.11 -13.93 -9.42
CA GLU A 2545 104.84 -13.35 -9.83
C GLU A 2545 104.17 -12.58 -8.69
N MET A 2546 104.40 -13.00 -7.45
CA MET A 2546 103.86 -12.26 -6.33
C MET A 2546 104.44 -10.84 -6.28
N ALA A 2547 105.73 -10.71 -6.57
CA ALA A 2547 106.35 -9.39 -6.59
C ALA A 2547 105.73 -8.51 -7.66
N LEU A 2548 105.50 -9.06 -8.86
CA LEU A 2548 104.87 -8.28 -9.91
C LEU A 2548 103.46 -7.88 -9.52
N ALA A 2549 102.71 -8.79 -8.89
CA ALA A 2549 101.37 -8.46 -8.45
C ALA A 2549 101.40 -7.32 -7.45
N LEU A 2550 102.33 -7.38 -6.49
CA LEU A 2550 102.43 -6.31 -5.50
C LEU A 2550 102.79 -4.98 -6.18
N ASN A 2551 103.73 -5.01 -7.12
CA ASN A 2551 104.12 -3.79 -7.80
C ASN A 2551 102.93 -3.18 -8.53
N ARG A 2552 102.17 -4.00 -9.26
CA ARG A 2552 101.02 -3.47 -9.98
C ARG A 2552 99.97 -2.93 -9.03
N TYR A 2553 99.70 -3.65 -7.94
CA TYR A 2553 98.70 -3.21 -6.98
C TYR A 2553 99.09 -1.86 -6.38
N LEU A 2554 100.38 -1.70 -6.05
CA LEU A 2554 100.83 -0.42 -5.50
C LEU A 2554 100.73 0.69 -6.53
N CYS A 2555 101.20 0.44 -7.75
CA CYS A 2555 101.30 1.50 -8.73
C CYS A 2555 99.94 1.88 -9.31
N LEU A 2556 98.91 1.05 -9.12
CA LEU A 2556 97.60 1.35 -9.66
C LEU A 2556 96.61 1.87 -8.63
N ALA A 2557 96.82 1.55 -7.35
CA ALA A 2557 95.84 1.84 -6.32
C ALA A 2557 96.36 2.79 -5.25
N VAL A 2558 97.50 2.49 -4.63
CA VAL A 2558 97.89 3.18 -3.41
C VAL A 2558 98.54 4.53 -3.71
N LEU A 2559 99.63 4.51 -4.46
CA LEU A 2559 100.41 5.74 -4.65
C LEU A 2559 99.59 6.89 -5.19
N PRO A 2560 98.70 6.72 -6.18
CA PRO A 2560 97.87 7.86 -6.58
C PRO A 2560 97.04 8.43 -5.44
N LEU A 2561 96.49 7.56 -4.59
CA LEU A 2561 95.72 8.03 -3.45
C LEU A 2561 96.60 8.82 -2.48
N ILE A 2562 97.81 8.32 -2.22
CA ILE A 2562 98.72 9.03 -1.35
C ILE A 2562 99.06 10.39 -1.94
N THR A 2563 99.30 10.43 -3.25
CA THR A 2563 99.61 11.70 -3.90
C THR A 2563 98.46 12.69 -3.74
N LYS A 2564 97.23 12.23 -3.94
CA LYS A 2564 96.09 13.12 -3.77
C LYS A 2564 95.98 13.62 -2.33
N CYS A 2565 96.22 12.74 -1.35
CA CYS A 2565 96.04 13.11 0.05
C CYS A 2565 97.26 13.80 0.65
N ALA A 2566 98.34 13.96 -0.10
CA ALA A 2566 99.54 14.57 0.45
C ALA A 2566 99.31 15.90 1.16
N PRO A 2567 98.51 16.83 0.63
CA PRO A 2567 98.38 18.14 1.29
C PRO A 2567 97.98 18.08 2.74
N LEU A 2568 97.55 16.92 3.25
CA LEU A 2568 97.15 16.82 4.65
C LEU A 2568 98.32 16.60 5.59
N PHE A 2569 99.55 16.57 5.08
CA PHE A 2569 100.71 16.34 5.93
C PHE A 2569 101.30 17.61 6.52
N ALA A 2570 100.67 18.76 6.29
CA ALA A 2570 101.27 20.04 6.67
C ALA A 2570 101.58 20.08 8.17
N GLY A 2571 100.61 19.76 9.01
CA GLY A 2571 100.73 19.90 10.44
C GLY A 2571 101.08 18.64 11.20
N THR A 2572 101.63 17.62 10.54
CA THR A 2572 101.88 16.35 11.19
C THR A 2572 103.16 16.36 12.01
N GLU A 2573 103.27 17.31 12.95
CA GLU A 2573 104.46 17.38 13.78
C GLU A 2573 104.64 16.09 14.57
N HIS A 2574 103.58 15.60 15.20
CA HIS A 2574 103.66 14.36 15.94
C HIS A 2574 103.71 13.17 14.98
N ARG A 2575 104.08 12.02 15.52
CA ARG A 2575 104.16 10.77 14.76
C ARG A 2575 105.12 10.87 13.58
N ALA A 2576 106.22 11.59 13.74
CA ALA A 2576 107.19 11.71 12.66
C ALA A 2576 107.89 10.39 12.37
N ILE A 2577 107.83 9.43 13.30
CA ILE A 2577 108.53 8.17 13.10
C ILE A 2577 107.96 7.43 11.89
N MET A 2578 106.64 7.28 11.84
CA MET A 2578 106.04 6.59 10.71
C MET A 2578 106.24 7.38 9.42
N VAL A 2579 106.24 8.71 9.51
CA VAL A 2579 106.43 9.52 8.32
C VAL A 2579 107.81 9.27 7.72
N ASP A 2580 108.84 9.30 8.56
CA ASP A 2580 110.18 9.04 8.06
C ASP A 2580 110.31 7.60 7.56
N SER A 2581 109.65 6.66 8.24
CA SER A 2581 109.67 5.28 7.77
C SER A 2581 109.07 5.18 6.36
N MET A 2582 107.93 5.83 6.14
CA MET A 2582 107.30 5.79 4.82
C MET A 2582 108.19 6.45 3.78
N LEU A 2583 108.82 7.56 4.14
CA LEU A 2583 109.70 8.24 3.19
C LEU A 2583 110.86 7.33 2.78
N HIS A 2584 111.48 6.68 3.77
CA HIS A 2584 112.65 5.79 3.54
C HIS A 2584 112.17 4.54 2.79
N THR A 2585 110.91 4.11 2.92
CA THR A 2585 110.37 2.98 2.17
C THR A 2585 110.14 3.35 0.72
N VAL A 2586 109.49 4.49 0.47
CA VAL A 2586 109.23 4.88 -0.90
C VAL A 2586 110.53 5.15 -1.64
N TYR A 2587 111.50 5.76 -0.97
CA TYR A 2587 112.79 6.01 -1.62
C TYR A 2587 113.44 4.69 -2.03
N ARG A 2588 113.53 3.74 -1.09
CA ARG A 2588 114.13 2.45 -1.41
C ARG A 2588 113.36 1.74 -2.50
N LEU A 2589 112.05 1.97 -2.56
CA LEU A 2589 111.24 1.33 -3.60
C LEU A 2589 111.47 1.97 -4.96
N SER A 2590 111.87 3.25 -4.97
CA SER A 2590 112.03 3.96 -6.23
C SER A 2590 113.11 3.33 -7.11
N ARG A 2591 114.06 2.63 -6.49
CA ARG A 2591 115.20 2.08 -7.22
C ARG A 2591 115.11 0.56 -7.38
N GLY A 2592 113.92 0.03 -7.60
CA GLY A 2592 113.79 -1.39 -7.88
C GLY A 2592 114.38 -1.73 -9.24
N ARG A 2593 114.60 -3.03 -9.46
CA ARG A 2593 115.27 -3.48 -10.68
C ARG A 2593 114.28 -3.94 -11.73
N SER A 2594 113.11 -4.45 -11.32
CA SER A 2594 112.16 -5.05 -12.25
C SER A 2594 111.00 -4.12 -12.60
N LEU A 2595 111.07 -2.84 -12.24
CA LEU A 2595 109.98 -1.93 -12.52
C LEU A 2595 110.08 -1.36 -13.93
N THR A 2596 108.94 -0.93 -14.45
CA THR A 2596 108.87 -0.30 -15.76
C THR A 2596 108.78 1.22 -15.62
N LYS A 2597 108.87 1.91 -16.75
CA LYS A 2597 108.83 3.36 -16.72
C LYS A 2597 107.52 3.87 -16.15
N ALA A 2598 106.40 3.26 -16.56
CA ALA A 2598 105.09 3.69 -16.09
C ALA A 2598 104.93 3.56 -14.59
N GLN A 2599 105.76 2.77 -13.93
CA GLN A 2599 105.75 2.62 -12.48
C GLN A 2599 106.79 3.50 -11.79
N ARG A 2600 108.00 3.57 -12.35
CA ARG A 2600 109.02 4.41 -11.77
C ARG A 2600 108.59 5.88 -11.79
N ASP A 2601 107.99 6.33 -12.89
CA ASP A 2601 107.54 7.71 -12.96
C ASP A 2601 106.47 7.98 -11.90
N VAL A 2602 105.55 7.04 -11.69
CA VAL A 2602 104.51 7.24 -10.68
C VAL A 2602 105.14 7.34 -9.29
N ILE A 2603 106.09 6.46 -8.99
CA ILE A 2603 106.72 6.51 -7.67
C ILE A 2603 107.45 7.83 -7.47
N GLU A 2604 108.17 8.28 -8.50
CA GLU A 2604 108.89 9.54 -8.40
C GLU A 2604 107.93 10.70 -8.18
N ASP A 2605 106.81 10.70 -8.91
CA ASP A 2605 105.83 11.77 -8.74
C ASP A 2605 105.27 11.77 -7.33
N CYS A 2606 104.95 10.60 -6.80
CA CYS A 2606 104.43 10.53 -5.44
C CYS A 2606 105.44 11.08 -4.44
N LEU A 2607 106.70 10.68 -4.58
CA LEU A 2607 107.72 11.13 -3.64
C LEU A 2607 107.89 12.64 -3.71
N MET A 2608 108.00 13.18 -4.93
CA MET A 2608 108.17 14.62 -5.08
C MET A 2608 106.97 15.37 -4.52
N ALA A 2609 105.76 14.90 -4.77
CA ALA A 2609 104.58 15.56 -4.25
C ALA A 2609 104.57 15.55 -2.73
N LEU A 2610 104.95 14.43 -2.11
CA LEU A 2610 105.01 14.39 -0.64
C LEU A 2610 106.04 15.37 -0.11
N CYS A 2611 107.19 15.46 -0.77
CA CYS A 2611 108.30 16.22 -0.19
C CYS A 2611 108.00 17.71 -0.12
N ARG A 2612 107.09 18.21 -0.95
CA ARG A 2612 106.87 19.66 -1.01
C ARG A 2612 105.87 20.16 0.02
N TYR A 2613 105.32 19.29 0.86
CA TYR A 2613 104.38 19.70 1.89
C TYR A 2613 104.83 19.39 3.30
N ILE A 2614 105.79 18.49 3.49
CA ILE A 2614 106.22 18.12 4.83
C ILE A 2614 107.06 19.23 5.43
N ARG A 2615 107.02 19.33 6.75
CA ARG A 2615 107.79 20.35 7.45
C ARG A 2615 109.28 20.12 7.20
N PRO A 2616 110.06 21.17 6.89
CA PRO A 2616 111.47 20.94 6.53
C PRO A 2616 112.28 20.31 7.65
N SER A 2617 111.86 20.46 8.90
CA SER A 2617 112.63 19.90 10.01
C SER A 2617 112.44 18.39 10.14
N MET A 2618 111.77 17.76 9.19
CA MET A 2618 111.54 16.31 9.26
C MET A 2618 112.28 15.55 8.18
N LEU A 2619 113.04 16.22 7.32
CA LEU A 2619 113.70 15.56 6.21
C LEU A 2619 115.19 15.33 6.42
N GLN A 2620 115.70 15.56 7.64
CA GLN A 2620 117.12 15.36 7.88
C GLN A 2620 117.50 13.89 7.69
N HIS A 2621 116.64 12.97 8.14
CA HIS A 2621 116.95 11.56 7.98
C HIS A 2621 117.00 11.17 6.51
N LEU A 2622 116.08 11.67 5.70
CA LEU A 2622 116.15 11.39 4.27
C LEU A 2622 117.39 12.01 3.64
N LEU A 2623 117.73 13.24 4.05
CA LEU A 2623 118.92 13.88 3.52
C LEU A 2623 120.17 13.08 3.86
N ARG A 2624 120.19 12.46 5.04
CA ARG A 2624 121.35 11.66 5.48
C ARG A 2624 121.58 10.52 4.49
N ARG A 2625 120.52 9.84 4.03
CA ARG A 2625 120.66 8.78 3.04
C ARG A 2625 120.99 9.36 1.67
N LEU A 2626 120.41 10.51 1.33
CA LEU A 2626 120.65 11.10 0.03
C LEU A 2626 122.12 11.48 -0.15
N VAL A 2627 122.75 11.98 0.91
CA VAL A 2627 124.11 12.47 0.80
C VAL A 2627 125.05 11.37 0.36
N PHE A 2628 124.85 10.15 0.87
CA PHE A 2628 125.74 9.05 0.52
C PHE A 2628 125.59 8.66 -0.95
N ASP A 2629 124.36 8.67 -1.47
CA ASP A 2629 124.09 8.10 -2.79
C ASP A 2629 124.28 9.11 -3.92
N VAL A 2630 123.87 10.36 -3.71
CA VAL A 2630 123.86 11.32 -4.82
C VAL A 2630 125.24 11.52 -5.43
N PRO A 2631 126.32 11.74 -4.67
CA PRO A 2631 127.61 12.04 -5.30
C PRO A 2631 128.13 10.96 -6.22
N ILE A 2632 127.59 9.75 -6.17
CA ILE A 2632 127.94 8.70 -7.12
C ILE A 2632 127.04 8.92 -8.34
N LEU A 2633 127.57 9.62 -9.35
CA LEU A 2633 126.77 10.04 -10.49
C LEU A 2633 126.46 8.86 -11.41
N ASN A 2634 125.52 8.02 -11.01
CA ASN A 2634 125.07 6.91 -11.84
C ASN A 2634 123.88 7.36 -12.69
N GLU A 2635 123.38 6.45 -13.52
CA GLU A 2635 122.19 6.76 -14.31
C GLU A 2635 120.95 6.94 -13.45
N PHE A 2636 120.78 6.08 -12.43
CA PHE A 2636 119.59 6.12 -11.54
C PHE A 2636 119.61 7.37 -10.64
N ALA A 2637 120.71 8.12 -10.58
CA ALA A 2637 120.82 9.25 -9.66
C ALA A 2637 120.30 10.55 -10.24
N LYS A 2638 119.53 10.52 -11.32
CA LYS A 2638 119.02 11.76 -11.91
C LYS A 2638 117.89 12.34 -11.08
N MET A 2639 116.96 11.50 -10.63
CA MET A 2639 115.77 12.02 -9.97
C MET A 2639 116.09 12.79 -8.69
N PRO A 2640 116.97 12.31 -7.81
CA PRO A 2640 117.19 13.03 -6.54
C PRO A 2640 117.54 14.49 -6.73
N LEU A 2641 118.20 14.83 -7.84
CA LEU A 2641 118.59 16.22 -8.06
C LEU A 2641 117.36 17.13 -8.14
N LYS A 2642 116.30 16.68 -8.81
CA LYS A 2642 115.10 17.50 -8.90
C LYS A 2642 114.53 17.81 -7.53
N LEU A 2643 114.38 16.79 -6.68
CA LEU A 2643 113.77 17.03 -5.38
C LEU A 2643 114.69 17.86 -4.49
N LEU A 2644 116.00 17.65 -4.60
CA LEU A 2644 116.92 18.50 -3.83
C LEU A 2644 116.82 19.95 -4.26
N THR A 2645 116.78 20.20 -5.57
CA THR A 2645 116.65 21.56 -6.07
C THR A 2645 115.37 22.20 -5.54
N ASN A 2646 114.25 21.48 -5.68
CA ASN A 2646 112.99 22.05 -5.22
C ASN A 2646 113.01 22.32 -3.73
N HIS A 2647 113.54 21.37 -2.94
CA HIS A 2647 113.56 21.54 -1.49
C HIS A 2647 114.40 22.75 -1.09
N TYR A 2648 115.58 22.89 -1.70
CA TYR A 2648 116.44 24.00 -1.29
C TYR A 2648 115.94 25.33 -1.85
N GLU A 2649 115.13 25.31 -2.90
CA GLU A 2649 114.49 26.54 -3.35
C GLU A 2649 113.35 26.94 -2.43
N ARG A 2650 112.61 25.96 -1.91
CA ARG A 2650 111.48 26.27 -1.04
C ARG A 2650 111.95 26.85 0.29
N CYS A 2651 112.92 26.20 0.93
CA CYS A 2651 113.26 26.47 2.33
C CYS A 2651 114.62 27.13 2.48
N TRP A 2652 115.00 28.04 1.57
CA TRP A 2652 116.28 28.70 1.72
C TRP A 2652 116.32 29.61 2.94
N LYS A 2653 115.18 30.20 3.30
CA LYS A 2653 115.14 31.03 4.49
C LYS A 2653 115.37 30.22 5.76
N TYR A 2654 114.86 29.00 5.81
CA TYR A 2654 115.00 28.20 7.02
C TYR A 2654 116.47 27.94 7.34
N TYR A 2655 117.35 28.06 6.35
CA TYR A 2655 118.78 27.86 6.57
C TYR A 2655 119.53 29.19 6.67
N CYS A 2656 119.36 30.06 5.68
CA CYS A 2656 120.20 31.25 5.59
C CYS A 2656 119.96 32.22 6.73
N LEU A 2657 118.71 32.57 7.00
CA LEU A 2657 118.43 33.60 7.98
C LEU A 2657 118.85 33.15 9.38
N PRO A 2658 119.45 34.01 10.19
CA PRO A 2658 119.76 33.61 11.57
C PRO A 2658 118.52 33.27 12.38
N THR A 2659 117.40 33.93 12.12
CA THR A 2659 116.17 33.70 12.86
C THR A 2659 115.27 32.67 12.19
N GLY A 2660 115.68 32.09 11.08
CA GLY A 2660 114.88 31.05 10.45
C GLY A 2660 113.64 31.62 9.76
N TRP A 2661 112.75 30.71 9.41
CA TRP A 2661 111.52 31.07 8.71
C TRP A 2661 110.51 31.60 9.73
N ALA A 2662 109.27 31.79 9.30
CA ALA A 2662 108.26 32.39 10.16
C ALA A 2662 107.99 31.53 11.39
N ASN A 2663 107.46 30.33 11.18
CA ASN A 2663 107.15 29.43 12.28
C ASN A 2663 107.79 28.06 12.13
N PHE A 2664 108.60 27.83 11.09
CA PHE A 2664 109.26 26.56 10.90
C PHE A 2664 110.55 26.44 11.71
N GLY A 2665 110.90 27.47 12.48
CA GLY A 2665 112.11 27.40 13.27
C GLY A 2665 113.35 27.70 12.45
N VAL A 2666 114.49 27.28 12.98
CA VAL A 2666 115.78 27.49 12.34
C VAL A 2666 116.55 26.18 12.35
N THR A 2667 117.50 26.05 11.44
CA THR A 2667 118.26 24.82 11.30
C THR A 2667 119.26 24.66 12.45
N SER A 2668 119.90 23.51 12.47
CA SER A 2668 120.98 23.23 13.41
C SER A 2668 122.28 22.98 12.65
N GLU A 2669 123.37 22.84 13.40
CA GLU A 2669 124.67 22.69 12.77
C GLU A 2669 124.75 21.44 11.91
N GLU A 2670 123.94 20.42 12.22
CA GLU A 2670 124.07 19.14 11.54
C GLU A 2670 123.56 19.23 10.11
N GLU A 2671 122.42 19.90 9.92
CA GLU A 2671 121.80 20.03 8.57
C GLU A 2671 122.69 20.92 7.70
N LEU A 2672 123.38 21.91 8.28
CA LEU A 2672 124.32 22.73 7.53
C LEU A 2672 125.58 21.95 7.16
N HIS A 2673 126.08 21.14 8.10
CA HIS A 2673 127.28 20.32 7.88
C HIS A 2673 127.00 19.30 6.78
N LEU A 2674 125.80 18.71 6.75
CA LEU A 2674 125.42 17.77 5.69
C LEU A 2674 125.32 18.47 4.35
N THR A 2675 124.72 19.66 4.33
CA THR A 2675 124.58 20.40 3.08
C THR A 2675 125.94 20.76 2.50
N ARG A 2676 126.86 21.22 3.35
CA ARG A 2676 128.20 21.55 2.88
C ARG A 2676 128.89 20.33 2.32
N LYS A 2677 128.77 19.16 3.00
CA LYS A 2677 129.39 17.87 2.59
C LYS A 2677 128.78 17.42 1.26
N LEU A 2678 127.49 17.69 1.01
CA LEU A 2678 126.86 17.36 -0.27
C LEU A 2678 127.36 18.26 -1.38
N PHE A 2679 127.41 19.57 -1.12
CA PHE A 2679 127.85 20.50 -2.15
C PHE A 2679 129.26 20.18 -2.59
N TRP A 2680 130.18 20.01 -1.64
CA TRP A 2680 131.56 19.78 -2.01
C TRP A 2680 131.73 18.44 -2.71
N GLY A 2681 131.01 17.41 -2.27
CA GLY A 2681 131.08 16.12 -2.94
C GLY A 2681 130.62 16.20 -4.37
N ILE A 2682 129.49 16.85 -4.62
CA ILE A 2682 128.99 16.98 -5.98
C ILE A 2682 129.98 17.75 -6.84
N PHE A 2683 130.51 18.85 -6.30
CA PHE A 2683 131.46 19.65 -7.06
C PHE A 2683 132.68 18.83 -7.44
N ASP A 2684 133.26 18.12 -6.47
CA ASP A 2684 134.44 17.32 -6.75
C ASP A 2684 134.15 16.23 -7.77
N SER A 2685 133.01 15.53 -7.62
CA SER A 2685 132.69 14.47 -8.55
C SER A 2685 132.50 15.00 -9.97
N LEU A 2686 131.84 16.15 -10.10
CA LEU A 2686 131.60 16.71 -11.42
C LEU A 2686 132.83 17.39 -11.98
N ALA A 2687 133.86 17.61 -11.15
CA ALA A 2687 135.05 18.31 -11.63
C ALA A 2687 135.73 17.56 -12.77
N HIS A 2688 135.88 16.24 -12.65
CA HIS A 2688 136.64 15.46 -13.61
C HIS A 2688 135.79 14.45 -14.37
N LYS A 2689 134.47 14.63 -14.41
CA LYS A 2689 133.61 13.73 -15.16
C LYS A 2689 133.60 14.09 -16.63
N LYS A 2690 133.38 13.09 -17.48
CA LYS A 2690 133.28 13.33 -18.91
C LYS A 2690 132.06 14.19 -19.21
N TYR A 2691 132.18 15.03 -20.24
CA TYR A 2691 131.10 15.95 -20.60
C TYR A 2691 129.84 15.18 -20.95
N ASP A 2692 128.70 15.72 -20.53
CA ASP A 2692 127.39 15.13 -20.82
C ASP A 2692 126.35 16.22 -20.67
N GLN A 2693 125.73 16.62 -21.78
CA GLN A 2693 124.88 17.80 -21.75
C GLN A 2693 123.73 17.64 -20.77
N GLU A 2694 123.12 16.46 -20.70
CA GLU A 2694 122.02 16.27 -19.76
C GLU A 2694 122.50 16.34 -18.32
N LEU A 2695 123.58 15.62 -18.01
CA LEU A 2695 124.08 15.60 -16.64
C LEU A 2695 124.36 17.02 -16.17
N TYR A 2696 125.06 17.80 -16.97
CA TYR A 2696 125.29 19.20 -16.63
C TYR A 2696 123.98 19.95 -16.50
N ARG A 2697 123.04 19.68 -17.40
CA ARG A 2697 121.80 20.47 -17.44
C ARG A 2697 121.04 20.36 -16.14
N MET A 2698 120.86 19.14 -15.61
CA MET A 2698 120.16 19.07 -14.33
C MET A 2698 121.11 19.01 -13.13
N ALA A 2699 122.41 19.19 -13.33
CA ALA A 2699 123.30 19.31 -12.19
C ALA A 2699 123.54 20.76 -11.81
N MET A 2700 123.62 21.65 -12.78
CA MET A 2700 123.94 23.04 -12.47
C MET A 2700 122.90 23.69 -11.56
N PRO A 2701 121.59 23.51 -11.78
CA PRO A 2701 120.61 24.17 -10.90
C PRO A 2701 120.72 23.75 -9.45
N CYS A 2702 121.04 22.48 -9.19
CA CYS A 2702 121.18 22.03 -7.82
C CYS A 2702 122.35 22.74 -7.14
N LEU A 2703 123.47 22.86 -7.83
CA LEU A 2703 124.60 23.60 -7.28
C LEU A 2703 124.23 25.05 -7.02
N CYS A 2704 123.52 25.67 -7.96
CA CYS A 2704 123.11 27.06 -7.74
C CYS A 2704 122.22 27.20 -6.52
N ALA A 2705 121.29 26.28 -6.33
CA ALA A 2705 120.41 26.36 -5.17
C ALA A 2705 121.17 26.17 -3.86
N ILE A 2706 121.99 25.12 -3.79
CA ILE A 2706 122.73 24.86 -2.55
C ILE A 2706 123.64 26.04 -2.23
N ALA A 2707 124.45 26.47 -3.20
CA ALA A 2707 125.24 27.67 -3.02
C ALA A 2707 124.31 28.88 -3.09
N GLY A 2708 123.83 29.32 -1.95
CA GLY A 2708 122.77 30.29 -1.87
C GLY A 2708 121.81 29.92 -0.77
N ALA A 2709 121.66 28.63 -0.53
CA ALA A 2709 120.97 28.18 0.68
C ALA A 2709 121.83 28.39 1.92
N LEU A 2710 123.15 28.17 1.79
CA LEU A 2710 124.03 28.23 2.96
C LEU A 2710 124.36 29.68 3.30
N PRO A 2711 124.75 29.96 4.55
CA PRO A 2711 125.29 31.27 4.88
C PRO A 2711 126.78 31.32 4.59
N PRO A 2712 127.28 32.44 4.06
CA PRO A 2712 128.72 32.48 3.70
C PRO A 2712 129.65 32.23 4.88
N ASP A 2713 129.28 32.68 6.07
CA ASP A 2713 130.18 32.68 7.22
C ASP A 2713 130.08 31.42 8.06
N TYR A 2714 129.29 30.43 7.63
CA TYR A 2714 129.17 29.20 8.41
C TYR A 2714 130.54 28.55 8.58
N VAL A 2715 130.80 28.04 9.78
CA VAL A 2715 132.06 27.38 10.12
C VAL A 2715 131.76 25.94 10.49
N ASP A 2716 132.48 25.01 9.88
CA ASP A 2716 132.29 23.60 10.15
C ASP A 2716 133.09 23.21 11.39
N ALA A 2717 132.38 22.92 12.49
CA ALA A 2717 133.07 22.60 13.74
C ALA A 2717 133.95 21.37 13.59
N SER A 2718 133.43 20.31 12.97
CA SER A 2718 134.20 19.09 12.78
C SER A 2718 135.14 19.15 11.58
N TYR A 2719 135.06 20.21 10.78
CA TYR A 2719 135.89 20.34 9.58
C TYR A 2719 135.69 19.14 8.66
N PRO A 2737 130.77 1.68 2.78
CA PRO A 2737 131.98 1.84 3.60
C PRO A 2737 133.18 1.01 3.11
N ARG A 2738 134.35 1.63 3.03
CA ARG A 2738 135.55 0.95 2.60
C ARG A 2738 136.67 1.26 3.58
N PRO A 2739 136.65 0.61 4.74
CA PRO A 2739 137.72 0.84 5.74
C PRO A 2739 139.08 0.48 5.14
N VAL A 2740 140.13 1.18 5.54
CA VAL A 2740 141.46 0.94 4.96
C VAL A 2740 141.93 -0.51 5.24
N GLU A 2741 142.55 -1.11 4.23
CA GLU A 2741 142.96 -2.51 4.24
C GLU A 2741 144.25 -2.62 5.07
N THR A 2742 144.21 -3.36 6.19
CA THR A 2742 145.31 -3.41 7.20
C THR A 2742 145.98 -4.78 7.23
N LEU A 2743 145.50 -5.71 6.41
CA LEU A 2743 145.89 -7.10 6.62
C LEU A 2743 147.40 -7.31 6.43
N ASN A 2744 147.97 -6.72 5.39
CA ASN A 2744 149.40 -6.84 5.13
C ASN A 2744 150.23 -5.65 5.66
N VAL A 2745 149.65 -4.81 6.52
CA VAL A 2745 150.39 -3.67 7.05
C VAL A 2745 151.16 -4.16 8.28
N ILE A 2746 152.47 -3.89 8.32
CA ILE A 2746 153.35 -4.34 9.41
C ILE A 2746 153.65 -3.18 10.37
N ILE A 2747 153.36 -3.34 11.64
CA ILE A 2747 153.77 -2.34 12.64
C ILE A 2747 155.25 -2.57 12.96
N PRO A 2748 156.06 -1.50 12.93
CA PRO A 2748 157.45 -1.67 13.37
C PRO A 2748 157.58 -2.16 14.80
N GLU A 2749 158.55 -3.03 15.01
CA GLU A 2749 158.86 -3.61 16.31
C GLU A 2749 158.90 -2.59 17.42
N LYS A 2750 159.45 -1.40 17.18
CA LYS A 2750 159.65 -0.46 18.29
C LYS A 2750 158.35 0.18 18.81
N LEU A 2751 157.21 -0.13 18.18
CA LEU A 2751 155.94 0.27 18.73
C LEU A 2751 155.34 -0.73 19.64
N ASP A 2752 155.96 -1.93 19.74
CA ASP A 2752 155.33 -2.94 20.61
C ASP A 2752 155.15 -2.47 22.07
N SER A 2753 156.12 -1.70 22.55
CA SER A 2753 156.10 -1.23 23.92
C SER A 2753 154.91 -0.24 24.11
N PHE A 2754 154.71 0.67 23.17
CA PHE A 2754 153.56 1.60 23.19
C PHE A 2754 152.22 0.84 23.15
N ILE A 2755 152.15 -0.19 22.31
CA ILE A 2755 150.98 -1.01 22.19
C ILE A 2755 150.60 -1.65 23.54
N ASN A 2756 151.55 -2.28 24.21
CA ASN A 2756 151.22 -2.82 25.53
C ASN A 2756 150.87 -1.79 26.57
N LYS A 2757 151.55 -0.65 26.58
CA LYS A 2757 151.23 0.40 27.57
C LYS A 2757 149.83 0.95 27.37
N PHE A 2758 149.49 1.18 26.10
CA PHE A 2758 148.19 1.73 25.79
C PHE A 2758 147.14 0.66 26.02
N ALA A 2759 147.46 -0.61 25.73
CA ALA A 2759 146.49 -1.70 26.03
C ALA A 2759 146.24 -1.75 27.56
N GLU A 2760 147.31 -1.68 28.32
CA GLU A 2760 147.18 -1.66 29.77
C GLU A 2760 146.35 -0.46 30.23
N TYR A 2761 146.61 0.70 29.65
CA TYR A 2761 145.78 1.88 29.93
C TYR A 2761 144.29 1.65 29.67
N THR A 2762 143.94 1.16 28.48
CA THR A 2762 142.56 0.93 28.11
C THR A 2762 141.87 -0.05 29.08
N HIS A 2763 142.59 -1.12 29.43
CA HIS A 2763 142.06 -2.04 30.43
C HIS A 2763 141.79 -1.36 31.82
N GLU A 2764 142.77 -0.60 32.30
CA GLU A 2764 142.68 0.11 33.60
C GLU A 2764 141.53 1.09 33.63
N LYS A 2765 141.33 1.80 32.52
CA LYS A 2765 140.22 2.72 32.41
C LYS A 2765 138.88 2.00 32.57
N TRP A 2766 138.72 0.90 31.84
CA TRP A 2766 137.53 0.04 31.89
C TRP A 2766 137.31 -0.52 33.29
N ALA A 2767 138.40 -0.99 33.90
CA ALA A 2767 138.35 -1.58 35.23
C ALA A 2767 137.97 -0.54 36.26
N PHE A 2768 138.60 0.63 36.18
CA PHE A 2768 138.28 1.79 37.00
C PHE A 2768 136.78 2.10 36.94
N ASP A 2769 136.22 2.17 35.73
CA ASP A 2769 134.79 2.50 35.61
C ASP A 2769 133.93 1.35 36.24
N LYS A 2770 134.30 0.09 36.01
CA LYS A 2770 133.63 -1.07 36.67
C LYS A 2770 133.63 -1.04 38.21
N ILE A 2771 134.81 -0.80 38.76
CA ILE A 2771 135.02 -0.73 40.21
C ILE A 2771 134.24 0.43 40.86
N GLN A 2772 134.13 1.57 40.17
CA GLN A 2772 133.32 2.70 40.65
C GLN A 2772 131.82 2.37 40.70
N ASN A 2773 131.40 1.39 39.90
CA ASN A 2773 130.05 0.86 39.98
C ASN A 2773 130.01 -0.44 40.76
N ASN A 2774 130.97 -0.60 41.66
CA ASN A 2774 130.99 -1.72 42.60
C ASN A 2774 131.06 -3.14 42.02
N TRP A 2775 131.60 -3.28 40.79
CA TRP A 2775 131.99 -4.59 40.27
C TRP A 2775 133.22 -5.10 41.00
N SER A 2776 133.41 -6.40 41.04
CA SER A 2776 134.60 -6.95 41.70
C SER A 2776 135.06 -8.15 40.90
N TYR A 2777 136.29 -8.62 41.15
CA TYR A 2777 136.73 -9.85 40.52
C TYR A 2777 135.74 -10.96 40.88
N GLY A 2778 135.53 -11.86 39.94
CA GLY A 2778 134.79 -13.10 40.17
C GLY A 2778 135.25 -14.03 39.06
N GLU A 2779 135.10 -15.34 39.27
CA GLU A 2779 135.61 -16.32 38.31
C GLU A 2779 134.81 -16.29 37.01
N ASN A 2780 133.52 -15.96 37.12
CA ASN A 2780 132.59 -15.85 36.00
C ASN A 2780 132.06 -14.43 35.85
N VAL A 2781 131.71 -14.04 34.62
CA VAL A 2781 130.92 -12.83 34.37
C VAL A 2781 129.48 -13.04 34.87
N ASP A 2782 129.01 -12.12 35.69
CA ASP A 2782 127.71 -12.28 36.36
C ASP A 2782 127.15 -10.89 36.56
N GLU A 2783 126.15 -10.53 35.76
CA GLU A 2783 125.52 -9.21 35.81
C GLU A 2783 124.71 -8.93 37.09
N GLU A 2784 124.17 -9.98 37.71
CA GLU A 2784 123.45 -9.79 38.97
C GLU A 2784 124.44 -9.49 40.10
N LEU A 2785 125.47 -10.31 40.23
CA LEU A 2785 126.52 -10.14 41.24
C LEU A 2785 127.60 -9.07 40.87
N LYS A 2786 127.59 -8.56 39.65
CA LYS A 2786 128.60 -7.60 39.18
C LYS A 2786 130.01 -8.11 39.42
N THR A 2787 130.27 -9.35 38.96
CA THR A 2787 131.63 -9.91 38.96
C THR A 2787 132.12 -9.99 37.52
N HIS A 2788 133.43 -9.83 37.35
CA HIS A 2788 134.05 -10.06 36.06
C HIS A 2788 135.48 -10.57 36.26
N PRO A 2789 135.87 -11.68 35.57
CA PRO A 2789 137.19 -12.28 35.74
C PRO A 2789 138.31 -11.41 35.17
N MET A 2790 137.96 -10.40 34.39
CA MET A 2790 139.00 -9.48 33.93
C MET A 2790 139.29 -8.32 34.88
N LEU A 2791 138.55 -8.29 36.00
CA LEU A 2791 138.81 -7.29 37.03
C LEU A 2791 140.00 -7.67 37.89
N ARG A 2792 141.17 -7.56 37.27
CA ARG A 2792 142.46 -7.83 37.88
C ARG A 2792 143.53 -7.16 36.99
N PRO A 2793 144.79 -7.09 37.47
CA PRO A 2793 145.85 -6.40 36.72
C PRO A 2793 146.10 -6.96 35.34
N TYR A 2794 146.24 -6.06 34.36
CA TYR A 2794 146.60 -6.45 32.99
C TYR A 2794 147.84 -7.31 33.01
N LYS A 2795 148.76 -7.04 33.92
CA LYS A 2795 150.00 -7.80 33.98
C LYS A 2795 149.76 -9.30 34.24
N THR A 2796 148.63 -9.62 34.86
CA THR A 2796 148.34 -11.01 35.22
C THR A 2796 147.59 -11.78 34.10
N PHE A 2797 147.32 -11.13 32.97
CA PHE A 2797 146.65 -11.78 31.85
C PHE A 2797 147.54 -12.72 31.05
N SER A 2798 146.92 -13.75 30.47
CA SER A 2798 147.54 -14.52 29.37
C SER A 2798 147.74 -13.61 28.13
N GLU A 2799 148.52 -14.06 27.16
CA GLU A 2799 148.62 -13.34 25.88
C GLU A 2799 147.25 -13.21 25.18
N LYS A 2800 146.45 -14.27 25.17
CA LYS A 2800 145.10 -14.19 24.60
C LYS A 2800 144.26 -13.03 25.21
N ASP A 2801 144.30 -12.88 26.53
CA ASP A 2801 143.52 -11.84 27.18
C ASP A 2801 144.10 -10.43 26.99
N LYS A 2802 145.43 -10.31 26.91
CA LYS A 2802 146.03 -9.02 26.58
C LYS A 2802 145.63 -8.62 25.16
N GLU A 2803 145.58 -9.61 24.27
CA GLU A 2803 145.20 -9.38 22.88
C GLU A 2803 143.80 -8.76 22.69
N ILE A 2804 142.92 -9.00 23.66
CA ILE A 2804 141.61 -8.36 23.66
C ILE A 2804 141.76 -6.82 23.58
N TYR A 2805 142.76 -6.29 24.28
CA TYR A 2805 143.01 -4.88 24.32
C TYR A 2805 144.00 -4.45 23.23
N ARG A 2806 145.02 -5.29 22.95
CA ARG A 2806 146.05 -4.94 21.93
C ARG A 2806 145.52 -4.95 20.45
N TRP A 2807 144.62 -5.89 20.10
CA TRP A 2807 144.09 -6.01 18.72
C TRP A 2807 143.57 -4.70 18.14
N PRO A 2808 142.61 -4.04 18.88
CA PRO A 2808 142.03 -2.82 18.31
C PRO A 2808 143.05 -1.67 18.19
N ILE A 2809 144.03 -1.64 19.08
CA ILE A 2809 145.09 -0.64 19.03
C ILE A 2809 145.95 -0.92 17.83
N LYS A 2810 146.33 -2.17 17.62
CA LYS A 2810 147.05 -2.56 16.39
C LYS A 2810 146.29 -2.18 15.13
N GLU A 2811 144.99 -2.38 15.11
CA GLU A 2811 144.20 -2.00 13.93
C GLU A 2811 144.23 -0.47 13.67
N SER A 2812 144.13 0.33 14.73
CA SER A 2812 144.30 1.80 14.59
C SER A 2812 145.68 2.16 14.04
N LEU A 2813 146.73 1.62 14.64
CA LEU A 2813 148.10 1.95 14.14
C LEU A 2813 148.34 1.51 12.68
N LYS A 2814 147.86 0.33 12.32
CA LYS A 2814 147.95 -0.12 10.96
C LYS A 2814 147.23 0.81 9.97
N ALA A 2815 146.06 1.34 10.31
CA ALA A 2815 145.44 2.35 9.44
C ALA A 2815 146.33 3.61 9.29
N MET A 2816 146.86 4.12 10.40
CA MET A 2816 147.77 5.27 10.30
C MET A 2816 148.99 4.98 9.39
N ILE A 2817 149.59 3.78 9.54
CA ILE A 2817 150.76 3.37 8.72
C ILE A 2817 150.34 3.22 7.26
N ALA A 2818 149.18 2.60 7.04
CA ALA A 2818 148.60 2.50 5.70
C ALA A 2818 148.44 3.86 4.98
N TRP A 2819 148.13 4.89 5.75
CA TRP A 2819 147.90 6.27 5.22
C TRP A 2819 149.23 7.04 5.07
N GLU A 2820 150.34 6.37 5.39
CA GLU A 2820 151.72 6.91 5.38
C GLU A 2820 151.97 8.05 6.35
N TRP A 2821 151.35 7.95 7.54
CA TRP A 2821 151.60 8.90 8.59
C TRP A 2821 152.88 8.44 9.27
N THR A 2822 153.64 9.35 9.82
CA THR A 2822 154.84 8.94 10.56
C THR A 2822 154.56 8.99 12.05
N ILE A 2823 155.10 8.03 12.77
CA ILE A 2823 154.92 7.94 14.21
C ILE A 2823 156.34 7.79 14.79
N GLU A 2824 156.85 8.84 15.43
CA GLU A 2824 158.25 8.83 15.91
C GLU A 2824 158.35 9.30 17.36
N LYS A 2825 159.15 8.60 18.17
CA LYS A 2825 159.35 8.98 19.57
C LYS A 2825 160.30 10.21 19.59
N ALA A 2826 159.72 11.40 19.64
CA ALA A 2826 160.49 12.63 19.52
C ALA A 2826 160.99 13.15 20.87
N ARG A 2827 160.26 12.79 21.94
CA ARG A 2827 160.55 13.25 23.28
C ARG A 2827 160.47 12.14 24.31
N GLU A 2828 160.97 12.41 25.51
CA GLU A 2828 160.71 11.53 26.64
C GLU A 2828 159.20 11.64 26.96
N GLY A 2829 158.57 10.58 27.48
CA GLY A 2829 157.14 10.62 27.91
C GLY A 2829 156.95 11.42 29.19
N GLU A 2830 155.69 11.77 29.53
CA GLU A 2830 155.38 12.71 30.66
C GLU A 2830 155.68 12.18 32.07
N TYR A 2855 142.41 -5.26 44.08
CA TYR A 2855 142.90 -4.59 42.87
C TYR A 2855 142.33 -3.18 42.77
N ASN A 2856 143.22 -2.20 42.57
CA ASN A 2856 142.85 -0.80 42.66
C ASN A 2856 143.44 0.07 41.51
N PRO A 2857 142.85 -0.03 40.30
CA PRO A 2857 143.39 0.68 39.13
C PRO A 2857 143.21 2.17 39.27
N GLN A 2858 144.28 2.92 39.07
CA GLN A 2858 144.18 4.37 38.98
C GLN A 2858 144.88 4.78 37.68
N PRO A 2859 144.16 4.75 36.53
CA PRO A 2859 144.80 5.07 35.26
C PRO A 2859 145.07 6.57 35.14
N PRO A 2860 146.07 6.96 34.32
CA PRO A 2860 146.32 8.39 34.14
C PRO A 2860 145.08 9.10 33.62
N ASP A 2861 144.97 10.39 33.93
CA ASP A 2861 143.87 11.21 33.42
C ASP A 2861 144.34 11.86 32.10
N LEU A 2862 143.53 11.76 31.04
CA LEU A 2862 143.91 12.32 29.73
C LEU A 2862 143.11 13.59 29.42
N SER A 2863 142.50 14.15 30.48
CA SER A 2863 141.63 15.31 30.37
C SER A 2863 142.40 16.55 29.98
N GLY A 2864 143.64 16.60 30.48
CA GLY A 2864 144.50 17.76 30.33
C GLY A 2864 145.41 17.70 29.13
N VAL A 2865 145.22 16.69 28.28
CA VAL A 2865 146.05 16.61 27.08
C VAL A 2865 145.32 17.34 25.95
N THR A 2866 146.00 18.35 25.40
CA THR A 2866 145.47 19.16 24.30
C THR A 2866 146.10 18.71 22.99
N LEU A 2867 145.27 18.42 22.00
CA LEU A 2867 145.78 18.04 20.69
C LEU A 2867 145.76 19.29 19.80
N SER A 2868 146.81 19.45 19.01
CA SER A 2868 146.84 20.53 18.01
C SER A 2868 145.63 20.43 17.11
N ARG A 2869 145.28 21.52 16.43
CA ARG A 2869 144.25 21.42 15.37
C ARG A 2869 144.56 20.33 14.35
N GLU A 2870 145.84 20.24 13.96
CA GLU A 2870 146.34 19.25 13.03
C GLU A 2870 146.06 17.79 13.47
N LEU A 2871 146.39 17.49 14.72
CA LEU A 2871 146.09 16.19 15.32
C LEU A 2871 144.59 15.91 15.47
N GLN A 2872 143.82 16.95 15.82
CA GLN A 2872 142.36 16.83 15.86
C GLN A 2872 141.83 16.48 14.45
N ALA A 2873 142.41 17.11 13.42
CA ALA A 2873 142.04 16.76 12.02
C ALA A 2873 142.34 15.30 11.67
N MET A 2874 143.55 14.86 12.06
CA MET A 2874 143.92 13.44 11.93
C MET A 2874 142.95 12.51 12.67
N ALA A 2875 142.52 12.90 13.87
CA ALA A 2875 141.51 12.15 14.63
C ALA A 2875 140.25 11.96 13.80
N GLU A 2876 139.87 12.93 12.95
CA GLU A 2876 138.67 12.83 12.08
C GLU A 2876 138.79 11.72 11.06
N GLN A 2877 139.99 11.54 10.47
CA GLN A 2877 140.21 10.47 9.54
C GLN A 2877 140.18 9.10 10.25
N LEU A 2878 140.80 9.03 11.42
CA LEU A 2878 140.69 7.81 12.23
C LEU A 2878 139.22 7.48 12.58
N ALA A 2879 138.47 8.48 13.06
CA ALA A 2879 137.08 8.27 13.44
C ALA A 2879 136.25 7.79 12.27
N GLU A 2880 136.44 8.41 11.11
CA GLU A 2880 135.72 7.99 9.93
C GLU A 2880 136.06 6.56 9.57
N ASN A 2881 137.34 6.18 9.71
CA ASN A 2881 137.71 4.79 9.47
C ASN A 2881 137.05 3.82 10.50
N TYR A 2882 137.03 4.17 11.78
CA TYR A 2882 136.28 3.32 12.72
C TYR A 2882 134.82 3.17 12.30
N HIS A 2883 134.20 4.28 11.91
CA HIS A 2883 132.79 4.20 11.42
C HIS A 2883 132.65 3.28 10.19
N ASN A 2884 133.61 3.34 9.25
CA ASN A 2884 133.54 2.52 8.05
C ASN A 2884 133.78 1.08 8.38
N THR A 2885 134.66 0.83 9.34
CA THR A 2885 134.88 -0.57 9.79
C THR A 2885 133.60 -1.16 10.44
N TRP A 2886 133.01 -0.39 11.35
CA TRP A 2886 131.73 -0.76 11.96
C TRP A 2886 130.65 -0.97 10.89
N GLY A 2887 130.57 -0.06 9.90
CA GLY A 2887 129.46 -0.08 8.94
C GLY A 2887 129.63 -1.28 8.01
N ARG A 2888 130.87 -1.61 7.63
CA ARG A 2888 131.11 -2.75 6.74
C ARG A 2888 130.79 -4.07 7.45
N LYS A 2889 131.26 -4.18 8.68
CA LYS A 2889 130.94 -5.36 9.49
C LYS A 2889 129.44 -5.45 9.73
N LYS A 2890 128.81 -4.32 9.95
CA LYS A 2890 127.37 -4.30 10.24
C LYS A 2890 126.54 -4.74 9.02
N LYS A 2891 126.96 -4.31 7.83
CA LYS A 2891 126.25 -4.78 6.63
C LYS A 2891 126.40 -6.29 6.49
N GLN A 2892 127.57 -6.83 6.83
CA GLN A 2892 127.74 -8.28 6.73
C GLN A 2892 126.86 -9.00 7.76
N GLU A 2893 126.80 -8.43 8.95
CA GLU A 2893 126.02 -9.03 10.03
C GLU A 2893 124.52 -9.05 9.65
N LEU A 2894 124.03 -7.92 9.14
CA LEU A 2894 122.63 -7.85 8.71
C LEU A 2894 122.30 -8.89 7.63
N GLU A 2895 123.15 -8.99 6.62
CA GLU A 2895 122.93 -9.96 5.54
C GLU A 2895 122.95 -11.38 6.09
N ALA A 2896 123.89 -11.66 6.98
CA ALA A 2896 123.99 -13.01 7.58
C ALA A 2896 122.73 -13.41 8.35
N LYS A 2897 121.98 -12.41 8.85
CA LYS A 2897 120.82 -12.61 9.71
C LYS A 2897 119.49 -12.41 8.97
N GLY A 2898 119.51 -12.23 7.65
CA GLY A 2898 118.27 -12.17 6.92
C GLY A 2898 117.95 -10.86 6.26
N GLY A 2899 118.82 -9.87 6.45
CA GLY A 2899 118.66 -8.57 5.81
C GLY A 2899 118.15 -7.56 6.83
N GLY A 2900 117.83 -6.37 6.36
CA GLY A 2900 117.41 -5.33 7.29
C GLY A 2900 118.33 -4.15 7.22
N THR A 2901 118.14 -3.21 8.13
CA THR A 2901 118.80 -1.92 8.00
C THR A 2901 119.22 -1.40 9.36
N HIS A 2902 119.95 -0.28 9.35
CA HIS A 2902 120.43 0.33 10.58
C HIS A 2902 120.53 1.83 10.31
N PRO A 2903 119.99 2.65 11.23
CA PRO A 2903 119.96 4.09 10.91
C PRO A 2903 121.36 4.73 10.83
N LEU A 2904 122.39 4.12 11.44
CA LEU A 2904 123.74 4.69 11.31
C LEU A 2904 124.52 4.24 10.08
N LEU A 2905 123.93 3.40 9.20
CA LEU A 2905 124.58 3.07 7.94
C LEU A 2905 124.52 4.25 6.94
N VAL A 2906 125.13 5.37 7.33
CA VAL A 2906 125.30 6.52 6.43
C VAL A 2906 126.76 6.97 6.54
N PRO A 2907 127.24 7.79 5.57
CA PRO A 2907 128.60 8.31 5.62
C PRO A 2907 128.83 9.06 6.89
N TYR A 2908 130.04 8.86 7.47
CA TYR A 2908 130.46 9.50 8.69
C TYR A 2908 130.15 11.03 8.70
N ASP A 2909 130.42 11.70 7.59
CA ASP A 2909 130.22 13.16 7.52
C ASP A 2909 128.77 13.61 7.65
N THR A 2910 127.83 12.70 7.41
CA THR A 2910 126.42 13.01 7.48
C THR A 2910 125.91 12.74 8.92
N LEU A 2911 126.73 12.07 9.76
CA LEU A 2911 126.35 11.80 11.14
C LEU A 2911 126.20 13.13 11.92
N THR A 2912 125.41 13.10 12.99
CA THR A 2912 125.29 14.24 13.88
C THR A 2912 126.53 14.29 14.78
N ALA A 2913 126.78 15.46 15.37
CA ALA A 2913 127.84 15.52 16.39
C ALA A 2913 127.64 14.44 17.44
N LYS A 2914 126.41 14.22 17.90
CA LYS A 2914 126.20 13.20 18.91
C LYS A 2914 126.64 11.79 18.44
N GLU A 2915 126.27 11.48 17.20
CA GLU A 2915 126.56 10.20 16.53
C GLU A 2915 128.07 9.99 16.27
N LYS A 2916 128.78 11.09 16.04
CA LYS A 2916 130.25 11.03 15.82
C LYS A 2916 131.07 10.87 17.10
N ALA A 2917 130.48 11.17 18.24
CA ALA A 2917 131.26 11.30 19.50
C ALA A 2917 132.12 10.09 19.87
N ARG A 2918 131.54 8.89 19.75
CA ARG A 2918 132.19 7.68 20.23
C ARG A 2918 133.43 7.41 19.33
N ASP A 2919 133.34 7.70 18.03
CA ASP A 2919 134.48 7.42 17.15
C ASP A 2919 135.56 8.51 17.36
N ARG A 2920 135.11 9.73 17.61
CA ARG A 2920 136.03 10.85 17.92
C ARG A 2920 136.75 10.58 19.22
N GLU A 2921 136.02 10.07 20.20
CA GLU A 2921 136.66 9.84 21.49
C GLU A 2921 137.73 8.78 21.44
N LYS A 2922 137.46 7.71 20.70
CA LYS A 2922 138.43 6.64 20.50
C LYS A 2922 139.72 7.13 19.78
N ALA A 2923 139.51 7.86 18.67
CA ALA A 2923 140.62 8.49 17.91
C ALA A 2923 141.41 9.50 18.77
N GLN A 2924 140.71 10.38 19.52
CA GLN A 2924 141.42 11.28 20.42
C GLN A 2924 142.22 10.54 21.51
N GLU A 2925 141.66 9.47 22.12
CA GLU A 2925 142.36 8.80 23.20
C GLU A 2925 143.70 8.27 22.70
N LEU A 2926 143.71 7.67 21.52
CA LEU A 2926 144.93 7.12 20.94
C LEU A 2926 145.98 8.22 20.69
N LEU A 2927 145.53 9.29 20.07
CA LEU A 2927 146.48 10.38 19.73
C LEU A 2927 146.97 11.07 21.01
N LYS A 2928 146.09 11.23 22.00
CA LYS A 2928 146.52 11.78 23.31
C LYS A 2928 147.54 10.90 24.03
N PHE A 2929 147.33 9.59 23.97
CA PHE A 2929 148.28 8.69 24.69
C PHE A 2929 149.67 8.64 23.99
N LEU A 2930 149.64 8.65 22.66
CA LEU A 2930 150.82 8.81 21.87
C LEU A 2930 151.57 10.07 22.27
N GLN A 2931 150.86 11.21 22.29
CA GLN A 2931 151.49 12.48 22.62
C GLN A 2931 152.11 12.42 24.02
N MET A 2932 151.33 11.90 24.97
CA MET A 2932 151.78 11.78 26.34
C MET A 2932 153.04 10.93 26.48
N ASN A 2933 153.17 9.92 25.65
CA ASN A 2933 154.36 9.07 25.65
C ASN A 2933 155.50 9.63 24.78
N GLY A 2934 155.36 10.88 24.31
CA GLY A 2934 156.39 11.62 23.53
C GLY A 2934 156.47 11.33 22.03
N TYR A 2935 155.39 10.78 21.45
CA TYR A 2935 155.40 10.45 20.03
C TYR A 2935 154.88 11.65 19.29
N ALA A 2936 155.58 11.99 18.22
CA ALA A 2936 155.07 12.94 17.22
C ALA A 2936 154.42 12.12 16.10
N VAL A 2937 153.19 12.49 15.74
CA VAL A 2937 152.42 11.91 14.65
C VAL A 2937 152.22 12.97 13.57
N THR A 2938 152.71 12.71 12.37
CA THR A 2938 152.68 13.71 11.27
C THR A 2938 152.26 13.03 9.96
N ARG A 2939 151.85 13.78 8.96
CA ARG A 2939 151.52 13.07 7.73
C ARG A 2939 152.23 13.54 6.50
N SER A 2950 140.60 29.54 11.64
CA SER A 2950 139.30 30.04 12.06
C SER A 2950 138.54 30.63 10.88
N ILE A 2951 138.97 31.82 10.44
CA ILE A 2951 138.35 32.50 9.31
C ILE A 2951 138.50 31.62 8.08
N GLU A 2952 139.63 30.95 7.96
CA GLU A 2952 139.89 30.11 6.79
C GLU A 2952 138.92 28.95 6.70
N LYS A 2953 138.19 28.64 7.78
CA LYS A 2953 137.26 27.52 7.76
C LYS A 2953 135.90 27.90 7.18
N ARG A 2954 135.68 29.17 6.86
CA ARG A 2954 134.39 29.59 6.33
C ARG A 2954 134.19 29.08 4.91
N PHE A 2955 132.93 28.86 4.55
CA PHE A 2955 132.61 28.27 3.25
C PHE A 2955 133.08 29.16 2.11
N ALA A 2956 132.82 30.47 2.21
CA ALA A 2956 133.20 31.38 1.14
C ALA A 2956 134.69 31.35 0.88
N PHE A 2957 135.50 31.18 1.92
CA PHE A 2957 136.95 31.15 1.74
C PHE A 2957 137.35 30.01 0.82
N GLY A 2958 136.89 28.79 1.11
CA GLY A 2958 137.23 27.66 0.27
C GLY A 2958 136.66 27.79 -1.12
N PHE A 2959 135.43 28.31 -1.23
CA PHE A 2959 134.83 28.50 -2.55
C PHE A 2959 135.70 29.42 -3.40
N LEU A 2960 136.13 30.54 -2.83
CA LEU A 2960 136.96 31.48 -3.57
C LEU A 2960 138.33 30.88 -3.89
N GLN A 2961 138.87 30.08 -2.97
CA GLN A 2961 140.14 29.42 -3.23
C GLN A 2961 140.03 28.53 -4.46
N GLN A 2962 138.97 27.72 -4.53
CA GLN A 2962 138.79 26.85 -5.69
C GLN A 2962 138.58 27.67 -6.95
N LEU A 2963 137.82 28.76 -6.86
CA LEU A 2963 137.61 29.61 -8.02
C LEU A 2963 138.93 30.16 -8.54
N LEU A 2964 139.80 30.62 -7.64
CA LEU A 2964 141.09 31.15 -8.06
C LEU A 2964 141.96 30.07 -8.67
N ARG A 2965 141.95 28.86 -8.10
CA ARG A 2965 142.71 27.77 -8.69
C ARG A 2965 142.25 27.50 -10.12
N TRP A 2966 140.93 27.47 -10.33
CA TRP A 2966 140.43 27.21 -11.66
C TRP A 2966 140.74 28.35 -12.62
N MET A 2967 140.73 29.59 -12.11
CA MET A 2967 141.13 30.73 -12.94
C MET A 2967 142.58 30.58 -13.39
N ASP A 2968 143.45 30.15 -12.47
CA ASP A 2968 144.84 29.91 -12.85
C ASP A 2968 144.95 28.81 -13.89
N ILE A 2969 144.13 27.76 -13.74
CA ILE A 2969 144.06 26.65 -14.74
C ILE A 2969 143.72 27.29 -16.09
N SER A 2970 142.76 28.21 -16.12
CA SER A 2970 142.27 28.88 -17.36
C SER A 2970 143.41 29.62 -18.08
N GLN A 2971 144.34 30.24 -17.35
CA GLN A 2971 145.51 30.88 -18.00
C GLN A 2971 146.12 29.90 -19.01
N GLU A 2972 146.08 28.59 -18.74
CA GLU A 2972 146.73 27.55 -19.59
C GLU A 2972 145.96 27.21 -20.87
N PHE A 2973 144.65 26.93 -20.82
CA PHE A 2973 143.89 26.45 -22.01
C PHE A 2973 143.55 27.61 -22.96
N ILE A 2974 143.58 28.87 -22.50
CA ILE A 2974 143.35 30.06 -23.38
C ILE A 2974 144.63 30.27 -24.20
N ALA A 2975 145.80 29.83 -23.70
CA ALA A 2975 147.11 29.97 -24.34
C ALA A 2975 147.19 28.98 -25.51
N HIS A 2976 146.90 27.70 -25.27
CA HIS A 2976 147.01 26.66 -26.32
C HIS A 2976 146.04 26.96 -27.47
N LEU A 2977 144.83 27.42 -27.18
CA LEU A 2977 143.84 27.79 -28.23
C LEU A 2977 144.25 29.13 -28.86
N PRO A 2990 141.98 18.25 -26.58
CA PRO A 2990 143.07 18.12 -25.61
C PRO A 2990 142.62 18.40 -24.19
N HIS A 2991 141.80 19.44 -24.01
CA HIS A 2991 141.30 19.80 -22.69
C HIS A 2991 139.81 20.13 -22.73
N GLU A 2992 139.08 19.67 -23.74
CA GLU A 2992 137.71 20.12 -23.94
C GLU A 2992 136.86 19.92 -22.70
N GLN A 2993 137.17 18.91 -21.89
CA GLN A 2993 136.45 18.73 -20.63
C GLN A 2993 136.59 19.96 -19.75
N GLU A 2994 137.80 20.49 -19.63
CA GLU A 2994 138.02 21.69 -18.83
C GLU A 2994 137.28 22.89 -19.42
N ILE A 2995 137.31 23.04 -20.75
CA ILE A 2995 136.62 24.15 -21.38
C ILE A 2995 135.14 24.10 -21.06
N LYS A 2996 134.53 22.92 -21.21
CA LYS A 2996 133.10 22.80 -20.97
C LYS A 2996 132.77 23.02 -19.50
N PHE A 2997 133.58 22.48 -18.59
CA PHE A 2997 133.32 22.68 -17.18
C PHE A 2997 133.39 24.16 -16.83
N PHE A 2998 134.39 24.87 -17.35
CA PHE A 2998 134.53 26.28 -17.04
C PHE A 2998 133.38 27.09 -17.61
N ALA A 2999 133.01 26.82 -18.87
CA ALA A 2999 132.02 27.66 -19.53
C ALA A 2999 130.61 27.39 -19.03
N LYS A 3000 130.25 26.12 -18.85
CA LYS A 3000 128.87 25.74 -18.60
C LYS A 3000 128.52 25.67 -17.12
N ILE A 3001 129.49 25.76 -16.22
CA ILE A 3001 129.26 25.59 -14.79
C ILE A 3001 129.76 26.79 -13.99
N LEU A 3002 131.04 27.14 -14.15
CA LEU A 3002 131.61 28.18 -13.29
C LEU A 3002 130.94 29.52 -13.49
N LEU A 3003 130.70 29.93 -14.73
CA LEU A 3003 130.14 31.24 -14.96
C LEU A 3003 128.73 31.40 -14.40
N PRO A 3004 127.78 30.52 -14.70
CA PRO A 3004 126.46 30.67 -14.08
C PRO A 3004 126.50 30.57 -12.57
N LEU A 3005 127.37 29.72 -12.03
CA LEU A 3005 127.47 29.61 -10.58
C LEU A 3005 127.97 30.89 -9.96
N ILE A 3006 128.98 31.51 -10.55
CA ILE A 3006 129.47 32.78 -10.05
C ILE A 3006 128.37 33.83 -10.12
N ASN A 3007 127.70 33.90 -11.27
CA ASN A 3007 126.64 34.89 -11.44
C ASN A 3007 125.60 34.74 -10.35
N GLN A 3008 125.08 33.53 -10.17
CA GLN A 3008 124.04 33.32 -9.17
C GLN A 3008 124.54 33.61 -7.76
N TYR A 3009 125.74 33.12 -7.43
CA TYR A 3009 126.22 33.25 -6.06
C TYR A 3009 126.44 34.71 -5.69
N PHE A 3010 127.06 35.48 -6.56
CA PHE A 3010 127.35 36.87 -6.24
C PHE A 3010 126.19 37.81 -6.52
N THR A 3011 125.17 37.36 -7.25
CA THR A 3011 123.93 38.14 -7.30
C THR A 3011 123.31 38.24 -5.92
N ASN A 3012 123.31 37.14 -5.18
CA ASN A 3012 122.97 37.16 -3.76
C ASN A 3012 124.24 37.36 -2.95
N HIS A 3013 124.06 37.58 -1.64
CA HIS A 3013 125.21 37.75 -0.76
C HIS A 3013 126.06 38.95 -1.20
N CYS A 3014 125.49 39.84 -2.00
CA CYS A 3014 126.23 41.02 -2.42
C CYS A 3014 126.57 41.91 -1.23
N LEU A 3015 125.63 42.06 -0.30
CA LEU A 3015 125.85 42.92 0.86
C LEU A 3015 126.86 42.32 1.84
N TYR A 3016 126.93 40.99 1.94
CA TYR A 3016 127.85 40.39 2.90
C TYR A 3016 129.28 40.83 2.63
N PHE A 3017 129.64 41.05 1.37
CA PHE A 3017 131.05 41.35 0.98
C PHE A 3017 131.36 42.83 1.22
N LEU A 3018 130.35 43.69 1.16
CA LEU A 3018 130.52 45.15 1.35
C LEU A 3018 129.92 45.58 2.69
N SER A 3019 129.48 44.62 3.52
CA SER A 3019 128.99 44.90 4.89
C SER A 3019 130.09 45.65 5.62
N THR A 3020 131.24 45.00 5.84
CA THR A 3020 132.40 45.57 6.58
C THR A 3020 132.07 45.55 8.08
N PRO A 3021 133.03 45.61 9.01
CA PRO A 3021 132.71 45.57 10.43
C PRO A 3021 131.97 46.84 10.88
N ALA A 3022 132.01 47.92 10.09
CA ALA A 3022 131.29 49.19 10.38
C ALA A 3022 130.35 49.45 9.21
N LYS A 3023 129.19 50.06 9.47
CA LYS A 3023 128.20 50.38 8.42
C LYS A 3023 127.78 49.09 7.70
N VAL A 3024 127.53 48.01 8.44
CA VAL A 3024 127.03 46.73 7.85
C VAL A 3024 125.74 47.03 7.10
N LEU A 3025 125.60 46.51 5.88
CA LEU A 3025 124.38 46.70 5.06
C LEU A 3025 123.50 45.47 5.21
N GLY A 3026 124.10 44.28 5.34
CA GLY A 3026 123.36 43.04 5.36
C GLY A 3026 122.69 42.76 6.69
N SER A 3027 121.92 41.67 6.71
CA SER A 3027 121.22 41.29 7.93
C SER A 3027 122.19 41.01 9.07
N GLY A 3028 123.27 40.29 8.79
CA GLY A 3028 124.26 39.99 9.80
C GLY A 3028 125.57 39.50 9.22
N GLY A 3029 126.67 39.75 9.91
CA GLY A 3029 127.96 39.30 9.45
C GLY A 3029 128.58 40.23 8.42
N HIS A 3030 129.89 40.09 8.21
CA HIS A 3030 130.60 40.91 7.24
C HIS A 3030 131.88 40.20 6.85
N ALA A 3031 132.22 40.29 5.57
CA ALA A 3031 133.39 39.59 5.06
C ALA A 3031 134.67 40.16 5.67
N SER A 3032 135.67 39.31 5.77
CA SER A 3032 136.98 39.73 6.26
C SER A 3032 137.82 40.31 5.13
N ASN A 3033 138.93 40.94 5.50
CA ASN A 3033 139.78 41.57 4.50
C ASN A 3033 140.30 40.57 3.49
N LYS A 3034 140.57 39.33 3.94
CA LYS A 3034 141.06 38.31 3.01
C LYS A 3034 140.05 38.05 1.91
N GLU A 3035 138.77 37.96 2.25
CA GLU A 3035 137.74 37.70 1.26
C GLU A 3035 137.68 38.84 0.24
N LYS A 3036 137.74 40.08 0.72
CA LYS A 3036 137.70 41.22 -0.19
C LYS A 3036 138.91 41.20 -1.12
N GLU A 3037 140.08 40.89 -0.58
CA GLU A 3037 141.27 40.81 -1.42
C GLU A 3037 141.14 39.73 -2.47
N MET A 3038 140.63 38.56 -2.09
CA MET A 3038 140.49 37.48 -3.06
C MET A 3038 139.50 37.84 -4.15
N ILE A 3039 138.38 38.48 -3.78
CA ILE A 3039 137.39 38.81 -4.80
C ILE A 3039 137.93 39.86 -5.74
N THR A 3040 138.66 40.85 -5.21
CA THR A 3040 139.26 41.85 -6.09
C THR A 3040 140.25 41.21 -7.05
N SER A 3041 141.09 40.29 -6.54
CA SER A 3041 142.03 39.61 -7.41
C SER A 3041 141.31 38.80 -8.49
N LEU A 3042 140.21 38.13 -8.10
CA LEU A 3042 139.45 37.36 -9.07
C LEU A 3042 138.90 38.27 -10.17
N PHE A 3043 138.35 39.41 -9.78
CA PHE A 3043 137.82 40.34 -10.78
C PHE A 3043 138.93 40.80 -11.72
N CYS A 3044 140.08 41.16 -11.16
CA CYS A 3044 141.19 41.63 -11.99
C CYS A 3044 141.62 40.55 -12.97
N LYS A 3045 141.79 39.31 -12.50
CA LYS A 3045 142.24 38.24 -13.37
C LYS A 3045 141.21 37.96 -14.46
N LEU A 3046 139.93 37.89 -14.11
CA LEU A 3046 138.91 37.61 -15.11
C LEU A 3046 138.86 38.71 -16.16
N ALA A 3047 138.96 39.98 -15.73
CA ALA A 3047 138.97 41.06 -16.69
C ALA A 3047 140.18 40.97 -17.62
N ALA A 3048 141.35 40.67 -17.06
CA ALA A 3048 142.54 40.57 -17.88
C ALA A 3048 142.45 39.41 -18.87
N LEU A 3049 141.72 38.36 -18.50
CA LEU A 3049 141.66 37.18 -19.37
C LEU A 3049 141.07 37.51 -20.73
N VAL A 3050 139.98 38.28 -20.76
CA VAL A 3050 139.23 38.48 -22.00
C VAL A 3050 139.88 39.51 -22.91
N ARG A 3051 140.84 40.28 -22.41
CA ARG A 3051 141.42 41.37 -23.19
C ARG A 3051 141.82 40.91 -24.58
N HIS A 3052 141.22 41.51 -25.61
CA HIS A 3052 141.55 41.26 -27.00
C HIS A 3052 141.29 39.82 -27.41
N ARG A 3053 140.41 39.12 -26.71
CA ARG A 3053 140.12 37.72 -27.00
C ARG A 3053 138.62 37.42 -26.95
N VAL A 3054 137.78 38.39 -27.29
CA VAL A 3054 136.34 38.19 -27.20
C VAL A 3054 135.88 37.12 -28.18
N SER A 3055 136.42 37.13 -29.40
CA SER A 3055 135.98 36.20 -30.42
C SER A 3055 136.21 34.74 -30.04
N LEU A 3056 137.24 34.45 -29.24
CA LEU A 3056 137.55 33.07 -28.90
C LEU A 3056 136.38 32.43 -28.14
N PHE A 3057 135.80 33.15 -27.19
CA PHE A 3057 134.70 32.60 -26.40
C PHE A 3057 133.43 32.44 -27.22
N GLY A 3058 133.32 33.12 -28.35
CA GLY A 3058 132.17 32.98 -29.21
C GLY A 3058 130.87 33.37 -28.54
N THR A 3059 129.92 32.43 -28.50
CA THR A 3059 128.59 32.72 -27.96
C THR A 3059 128.60 32.95 -26.45
N ASP A 3060 129.70 32.66 -25.77
CA ASP A 3060 129.75 32.79 -24.32
C ASP A 3060 130.15 34.18 -23.84
N ALA A 3061 130.45 35.10 -24.76
CA ALA A 3061 130.80 36.45 -24.35
C ALA A 3061 129.75 37.10 -23.45
N PRO A 3062 128.45 37.00 -23.74
CA PRO A 3062 127.46 37.60 -22.83
C PRO A 3062 127.56 37.09 -21.41
N ALA A 3063 127.81 35.79 -21.23
CA ALA A 3063 127.90 35.24 -19.88
C ALA A 3063 129.07 35.84 -19.11
N VAL A 3064 130.23 35.94 -19.76
CA VAL A 3064 131.40 36.46 -19.06
C VAL A 3064 131.24 37.95 -18.78
N VAL A 3065 130.66 38.71 -19.71
CA VAL A 3065 130.46 40.13 -19.44
C VAL A 3065 129.45 40.32 -18.32
N ASN A 3066 128.43 39.46 -18.26
CA ASN A 3066 127.48 39.54 -17.16
C ASN A 3066 128.16 39.22 -15.84
N CYS A 3067 129.05 38.23 -15.83
CA CYS A 3067 129.80 37.93 -14.61
C CYS A 3067 130.63 39.12 -14.18
N LEU A 3068 131.28 39.79 -15.14
CA LEU A 3068 132.05 40.97 -14.81
C LEU A 3068 131.16 42.07 -14.24
N HIS A 3069 129.99 42.28 -14.85
CA HIS A 3069 129.04 43.25 -14.31
C HIS A 3069 128.69 42.94 -12.87
N ILE A 3070 128.35 41.68 -12.59
CA ILE A 3070 127.95 41.31 -11.24
C ILE A 3070 129.11 41.52 -10.27
N LEU A 3071 130.32 41.11 -10.66
CA LEU A 3071 131.47 41.27 -9.78
C LEU A 3071 131.74 42.74 -9.47
N ALA A 3072 131.61 43.61 -10.47
CA ALA A 3072 131.90 45.02 -10.26
C ALA A 3072 131.03 45.60 -9.16
N ARG A 3073 129.84 45.04 -8.94
CA ARG A 3073 128.90 45.59 -7.92
C ARG A 3073 129.29 45.14 -6.51
N SER A 3074 130.23 44.20 -6.34
CA SER A 3074 130.55 43.64 -5.02
C SER A 3074 131.96 43.99 -4.57
N LEU A 3075 132.56 45.03 -5.11
CA LEU A 3075 133.91 45.42 -4.73
C LEU A 3075 133.87 46.49 -3.65
N ASP A 3076 134.68 46.30 -2.61
CA ASP A 3076 134.89 47.28 -1.55
C ASP A 3076 136.32 47.76 -1.69
N ALA A 3077 136.53 48.76 -2.53
CA ALA A 3077 137.89 49.20 -2.86
C ALA A 3077 138.52 50.02 -1.73
N ARG A 3078 137.72 50.65 -0.89
CA ARG A 3078 138.28 51.53 0.13
C ARG A 3078 139.24 50.78 1.04
N THR A 3079 138.78 49.67 1.62
CA THR A 3079 139.60 48.94 2.58
C THR A 3079 140.86 48.39 1.92
N VAL A 3080 140.72 47.74 0.78
CA VAL A 3080 141.87 47.11 0.13
C VAL A 3080 142.89 48.16 -0.26
N MET A 3081 142.45 49.26 -0.87
CA MET A 3081 143.38 50.30 -1.28
C MET A 3081 144.04 50.98 -0.10
N LYS A 3082 143.28 51.27 0.96
CA LYS A 3082 143.87 51.90 2.14
C LYS A 3082 144.87 50.98 2.81
N SER A 3083 144.59 49.68 2.85
CA SER A 3083 145.48 48.71 3.49
C SER A 3083 145.36 47.39 2.75
N GLY A 3084 146.46 46.93 2.17
CA GLY A 3084 146.48 45.65 1.50
C GLY A 3084 147.80 45.39 0.81
N PRO A 3085 148.05 44.14 0.45
CA PRO A 3085 149.30 43.82 -0.25
C PRO A 3085 149.40 44.53 -1.58
N GLU A 3086 150.63 44.91 -1.94
CA GLU A 3086 150.82 45.69 -3.15
C GLU A 3086 150.58 44.86 -4.41
N ILE A 3087 150.59 43.53 -4.28
CA ILE A 3087 150.47 42.68 -5.47
C ILE A 3087 149.12 42.89 -6.14
N VAL A 3088 148.04 42.91 -5.36
CA VAL A 3088 146.71 43.07 -5.95
C VAL A 3088 146.53 44.49 -6.47
N LYS A 3089 147.03 45.49 -5.74
CA LYS A 3089 146.89 46.87 -6.18
C LYS A 3089 147.65 47.10 -7.48
N ALA A 3090 148.76 46.39 -7.68
CA ALA A 3090 149.47 46.50 -8.94
C ALA A 3090 148.59 46.07 -10.11
N GLY A 3091 147.93 44.93 -9.97
CA GLY A 3091 147.03 44.48 -11.02
C GLY A 3091 145.87 45.43 -11.22
N LEU A 3092 145.33 45.96 -10.12
CA LEU A 3092 144.22 46.90 -10.23
C LEU A 3092 144.63 48.14 -11.02
N ARG A 3093 145.80 48.70 -10.71
CA ARG A 3093 146.28 49.85 -11.47
C ARG A 3093 146.53 49.48 -12.92
N SER A 3094 147.11 48.30 -13.16
CA SER A 3094 147.34 47.86 -14.53
C SER A 3094 146.04 47.77 -15.30
N PHE A 3095 144.94 47.42 -14.63
CA PHE A 3095 143.65 47.36 -15.30
C PHE A 3095 143.27 48.72 -15.89
N PHE A 3096 143.34 49.77 -15.05
CA PHE A 3096 143.03 51.11 -15.54
C PHE A 3096 144.00 51.54 -16.63
N GLU A 3097 145.29 51.23 -16.45
CA GLU A 3097 146.27 51.64 -17.47
C GLU A 3097 145.96 50.99 -18.80
N SER A 3098 145.65 49.70 -18.80
CA SER A 3098 145.32 49.00 -20.04
C SER A 3098 144.05 49.55 -20.64
N ALA A 3099 143.05 49.87 -19.81
CA ALA A 3099 141.83 50.46 -20.34
C ALA A 3099 142.11 51.78 -21.04
N SER A 3100 142.92 52.63 -20.41
CA SER A 3100 143.26 53.92 -21.01
C SER A 3100 144.01 53.73 -22.33
N GLU A 3101 144.98 52.81 -22.34
CA GLU A 3101 145.74 52.58 -23.56
C GLU A 3101 144.84 52.09 -24.69
N ASP A 3102 143.95 51.15 -24.37
CA ASP A 3102 143.04 50.64 -25.39
C ASP A 3102 142.12 51.72 -25.91
N ILE A 3103 141.60 52.56 -25.01
CA ILE A 3103 140.73 53.66 -25.43
C ILE A 3103 141.48 54.59 -26.37
N GLU A 3104 142.72 54.94 -26.01
CA GLU A 3104 143.49 55.85 -26.86
C GLU A 3104 143.73 55.24 -28.23
N LYS A 3105 144.13 53.97 -28.28
CA LYS A 3105 144.39 53.33 -29.56
C LYS A 3105 143.13 53.29 -30.40
N MET A 3106 141.99 52.91 -29.80
CA MET A 3106 140.74 52.70 -30.59
C MET A 3106 140.08 54.04 -30.96
N VAL A 3107 140.47 55.18 -30.37
CA VAL A 3107 139.90 56.52 -30.69
C VAL A 3107 140.80 57.22 -31.71
N GLU A 3108 142.11 56.94 -31.75
CA GLU A 3108 143.03 57.49 -32.77
C GLU A 3108 142.65 56.83 -34.10
N ASN A 3109 142.57 55.50 -34.11
CA ASN A 3109 142.14 54.72 -35.26
C ASN A 3109 140.77 55.18 -35.75
N LEU A 3110 139.87 55.50 -34.82
CA LEU A 3110 138.51 55.91 -35.21
C LEU A 3110 138.56 57.14 -36.10
N ARG A 3111 139.35 58.14 -35.73
CA ARG A 3111 139.48 59.34 -36.55
C ARG A 3111 140.03 58.95 -37.92
N GLY A 3126 140.27 45.97 -35.95
CA GLY A 3126 138.85 46.05 -35.63
C GLY A 3126 138.49 45.17 -34.46
N GLN A 3127 139.30 44.15 -34.19
CA GLN A 3127 139.03 43.26 -33.06
C GLN A 3127 139.04 44.04 -31.75
N ASN A 3128 140.03 44.92 -31.57
CA ASN A 3128 140.08 45.72 -30.36
C ASN A 3128 138.91 46.69 -30.30
N LEU A 3129 138.49 47.24 -31.44
CA LEU A 3129 137.35 48.13 -31.45
C LEU A 3129 136.09 47.41 -30.99
N THR A 3130 135.87 46.19 -31.50
CA THR A 3130 134.71 45.42 -31.07
C THR A 3130 134.80 45.06 -29.59
N TYR A 3131 136.00 44.68 -29.14
CA TYR A 3131 136.18 44.36 -27.73
C TYR A 3131 135.85 45.56 -26.84
N THR A 3132 136.32 46.75 -27.24
CA THR A 3132 136.05 47.95 -26.45
C THR A 3132 134.58 48.30 -26.47
N THR A 3133 133.94 48.23 -27.63
CA THR A 3133 132.55 48.67 -27.74
C THR A 3133 131.60 47.65 -27.13
N VAL A 3134 132.05 46.42 -26.93
CA VAL A 3134 131.17 45.37 -26.40
C VAL A 3134 131.40 45.14 -24.92
N ALA A 3135 132.66 45.05 -24.49
CA ALA A 3135 132.99 44.66 -23.13
C ALA A 3135 133.52 45.83 -22.28
N LEU A 3136 134.48 46.58 -22.80
CA LEU A 3136 135.16 47.57 -21.96
C LEU A 3136 134.20 48.65 -21.47
N LEU A 3137 133.45 49.27 -22.38
CA LEU A 3137 132.64 50.42 -21.99
C LEU A 3137 131.57 50.06 -20.98
N PRO A 3138 130.78 49.00 -21.16
CA PRO A 3138 129.74 48.70 -20.15
C PRO A 3138 130.31 48.43 -18.77
N VAL A 3139 131.34 47.58 -18.67
CA VAL A 3139 131.89 47.24 -17.36
C VAL A 3139 132.51 48.46 -16.72
N LEU A 3140 133.22 49.27 -17.51
CA LEU A 3140 133.82 50.47 -16.96
C LEU A 3140 132.76 51.43 -16.44
N THR A 3141 131.67 51.61 -17.19
CA THR A 3141 130.59 52.46 -16.74
C THR A 3141 129.98 51.94 -15.45
N THR A 3142 129.74 50.64 -15.37
CA THR A 3142 129.17 50.07 -14.15
C THR A 3142 130.10 50.28 -12.97
N LEU A 3143 131.40 50.08 -13.17
CA LEU A 3143 132.35 50.26 -12.08
C LEU A 3143 132.36 51.70 -11.60
N PHE A 3144 132.38 52.66 -12.53
CA PHE A 3144 132.39 54.06 -12.11
C PHE A 3144 131.10 54.45 -11.40
N GLN A 3145 129.96 53.96 -11.88
CA GLN A 3145 128.71 54.25 -11.19
C GLN A 3145 128.71 53.67 -9.79
N HIS A 3146 129.21 52.44 -9.64
CA HIS A 3146 129.26 51.83 -8.32
C HIS A 3146 130.16 52.63 -7.39
N ILE A 3147 131.31 53.07 -7.89
CA ILE A 3147 132.20 53.88 -7.06
C ILE A 3147 131.51 55.16 -6.64
N ALA A 3148 130.83 55.82 -7.57
CA ALA A 3148 130.17 57.08 -7.26
C ALA A 3148 129.08 56.89 -6.20
N GLN A 3149 128.33 55.79 -6.31
CA GLN A 3149 127.21 55.59 -5.40
C GLN A 3149 127.68 55.47 -3.95
N HIS A 3150 128.83 54.86 -3.73
CA HIS A 3150 129.34 54.62 -2.38
C HIS A 3150 130.44 55.59 -1.97
N GLN A 3151 130.66 56.66 -2.72
CA GLN A 3151 131.69 57.65 -2.43
C GLN A 3151 133.01 56.99 -2.01
N PHE A 3152 133.54 56.16 -2.90
CA PHE A 3152 134.91 55.67 -2.75
C PHE A 3152 135.91 56.44 -3.60
N GLY A 3153 135.46 57.48 -4.30
CA GLY A 3153 136.34 58.14 -5.25
C GLY A 3153 137.59 58.72 -4.62
N ASP A 3154 137.43 59.44 -3.51
CA ASP A 3154 138.58 60.07 -2.88
C ASP A 3154 139.57 59.07 -2.34
N ASP A 3155 139.12 57.87 -1.95
CA ASP A 3155 140.00 56.87 -1.35
C ASP A 3155 140.60 55.90 -2.36
N VAL A 3156 140.17 55.96 -3.62
CA VAL A 3156 140.59 54.99 -4.62
C VAL A 3156 141.37 55.65 -5.75
N ILE A 3157 140.84 56.75 -6.27
CA ILE A 3157 141.39 57.46 -7.45
C ILE A 3157 142.42 58.42 -6.93
N LEU A 3158 143.61 57.95 -6.65
CA LEU A 3158 144.75 58.80 -6.23
C LEU A 3158 145.93 58.26 -7.02
N ASP A 3159 146.96 59.05 -7.28
CA ASP A 3159 148.18 58.63 -8.01
C ASP A 3159 147.93 58.17 -9.46
N ASP A 3160 148.39 56.98 -9.91
CA ASP A 3160 148.42 56.56 -11.35
C ASP A 3160 147.07 56.49 -12.04
N VAL A 3161 146.06 55.88 -11.44
CA VAL A 3161 144.68 55.82 -11.87
C VAL A 3161 144.18 57.22 -12.21
N GLN A 3162 144.58 58.23 -11.45
CA GLN A 3162 144.18 59.59 -11.75
C GLN A 3162 144.71 60.03 -13.11
N VAL A 3163 145.97 59.69 -13.41
CA VAL A 3163 146.54 60.03 -14.70
C VAL A 3163 145.79 59.33 -15.82
N SER A 3164 145.47 58.05 -15.62
CA SER A 3164 144.74 57.31 -16.64
C SER A 3164 143.38 57.93 -16.89
N CYS A 3165 142.67 58.31 -15.83
CA CYS A 3165 141.37 58.95 -15.98
C CYS A 3165 141.50 60.27 -16.71
N TYR A 3166 142.54 61.06 -16.38
CA TYR A 3166 142.77 62.32 -17.07
C TYR A 3166 142.93 62.07 -18.57
N ARG A 3167 143.76 61.08 -18.93
CA ARG A 3167 144.01 60.80 -20.33
C ARG A 3167 142.72 60.34 -21.03
N THR A 3168 141.93 59.50 -20.37
CA THR A 3168 140.69 59.03 -20.96
C THR A 3168 139.74 60.20 -21.20
N LEU A 3169 139.65 61.10 -20.22
CA LEU A 3169 138.73 62.28 -20.27
C LEU A 3169 139.19 63.24 -21.38
N CYS A 3170 140.50 63.40 -21.60
CA CYS A 3170 141.00 64.23 -22.70
C CYS A 3170 140.71 63.58 -24.04
N SER A 3171 140.95 62.28 -24.16
CA SER A 3171 140.69 61.59 -25.43
C SER A 3171 139.22 61.68 -25.81
N ILE A 3172 138.34 61.39 -24.86
CA ILE A 3172 136.91 61.41 -25.15
C ILE A 3172 136.48 62.80 -25.59
N TYR A 3173 136.89 63.83 -24.85
CA TYR A 3173 136.47 65.18 -25.21
C TYR A 3173 137.02 65.58 -26.58
N SER A 3174 138.28 65.27 -26.85
CA SER A 3174 138.86 65.57 -28.16
C SER A 3174 138.14 64.85 -29.28
N LEU A 3175 137.58 63.67 -29.00
CA LEU A 3175 136.86 62.95 -30.04
C LEU A 3175 135.72 63.78 -30.62
N GLY A 3176 135.17 64.71 -29.85
CA GLY A 3176 134.00 65.46 -30.29
C GLY A 3176 134.20 66.24 -31.58
N THR A 3177 135.33 66.93 -31.72
CA THR A 3177 135.53 67.79 -32.87
C THR A 3177 135.44 67.04 -34.20
N THR A 3178 135.84 65.78 -34.23
CA THR A 3178 135.82 65.01 -35.46
C THR A 3178 134.38 64.71 -35.90
N LYS A 3179 134.23 64.43 -37.19
CA LYS A 3179 132.94 64.09 -37.76
C LYS A 3179 133.08 62.81 -38.58
N ASN A 3180 132.23 61.82 -38.30
CA ASN A 3180 132.28 60.55 -39.00
C ASN A 3180 130.93 59.86 -38.84
N THR A 3181 130.67 58.93 -39.75
CA THR A 3181 129.43 58.16 -39.67
C THR A 3181 129.44 57.18 -38.50
N TYR A 3182 130.58 56.54 -38.25
CA TYR A 3182 130.65 55.54 -37.19
C TYR A 3182 130.35 56.14 -35.82
N VAL A 3183 130.89 57.32 -35.53
CA VAL A 3183 130.68 57.93 -34.23
C VAL A 3183 129.21 58.20 -33.99
N GLU A 3184 128.42 58.34 -35.06
CA GLU A 3184 127.02 58.70 -34.90
C GLU A 3184 126.27 57.69 -34.02
N LYS A 3185 126.56 56.41 -34.21
CA LYS A 3185 125.93 55.37 -33.40
C LYS A 3185 126.70 55.06 -32.13
N LEU A 3186 127.82 55.74 -31.90
CA LEU A 3186 128.68 55.42 -30.77
C LEU A 3186 128.68 56.50 -29.69
N ARG A 3187 128.10 57.67 -29.98
CA ARG A 3187 128.12 58.78 -29.02
C ARG A 3187 127.43 58.48 -27.69
N PRO A 3188 126.21 57.94 -27.64
CA PRO A 3188 125.54 57.81 -26.34
C PRO A 3188 126.31 57.01 -25.32
N ALA A 3189 126.98 55.92 -25.73
CA ALA A 3189 127.77 55.15 -24.77
C ALA A 3189 128.88 55.99 -24.18
N LEU A 3190 129.59 56.74 -25.01
CA LEU A 3190 130.64 57.62 -24.52
C LEU A 3190 130.06 58.67 -23.59
N GLY A 3191 128.89 59.23 -23.94
CA GLY A 3191 128.27 60.21 -23.07
C GLY A 3191 127.98 59.65 -21.69
N GLU A 3192 127.40 58.46 -21.65
CA GLU A 3192 127.09 57.84 -20.37
C GLU A 3192 128.36 57.58 -19.56
N CYS A 3193 129.39 57.03 -20.23
CA CYS A 3193 130.63 56.72 -19.53
C CYS A 3193 131.25 57.98 -18.95
N LEU A 3194 131.29 59.05 -19.74
CA LEU A 3194 131.87 60.30 -19.25
C LEU A 3194 131.03 60.91 -18.15
N ALA A 3195 129.70 60.79 -18.23
CA ALA A 3195 128.85 61.31 -17.17
C ALA A 3195 129.15 60.61 -15.85
N ARG A 3196 129.31 59.28 -15.89
CA ARG A 3196 129.68 58.58 -14.67
C ARG A 3196 131.08 58.98 -14.20
N LEU A 3197 132.02 59.14 -15.14
CA LEU A 3197 133.37 59.54 -14.77
C LEU A 3197 133.35 60.87 -14.01
N ALA A 3198 132.55 61.83 -14.50
CA ALA A 3198 132.52 63.14 -13.87
C ALA A 3198 132.12 63.06 -12.41
N ALA A 3199 131.11 62.25 -12.09
CA ALA A 3199 130.75 62.05 -10.69
C ALA A 3199 131.84 61.32 -9.93
N ALA A 3200 132.49 60.34 -10.56
CA ALA A 3200 133.51 59.56 -9.86
C ALA A 3200 134.69 60.43 -9.45
N MET A 3201 135.13 61.33 -10.31
CA MET A 3201 136.34 62.09 -10.06
C MET A 3201 136.25 62.84 -8.74
N PRO A 3202 137.28 62.81 -7.89
CA PRO A 3202 137.26 63.59 -6.64
C PRO A 3202 137.92 64.97 -6.72
N VAL A 3203 138.45 65.35 -7.88
CA VAL A 3203 139.12 66.64 -8.04
C VAL A 3203 138.46 67.39 -9.18
N ALA A 3204 138.09 68.65 -8.92
CA ALA A 3204 137.52 69.50 -9.95
C ALA A 3204 138.57 69.76 -11.02
N PHE A 3205 138.17 69.68 -12.29
CA PHE A 3205 139.09 69.90 -13.40
C PHE A 3205 138.64 71.00 -14.34
N LEU A 3206 137.43 71.53 -14.17
CA LEU A 3206 136.96 72.66 -14.95
C LEU A 3206 137.38 74.00 -14.36
N GLU A 3207 137.87 74.02 -13.12
CA GLU A 3207 138.34 75.24 -12.48
C GLU A 3207 139.68 74.96 -11.80
N PRO A 3208 140.73 74.78 -12.60
CA PRO A 3208 142.03 74.40 -12.01
C PRO A 3208 142.60 75.43 -11.06
N GLN A 3209 142.24 76.70 -11.20
CA GLN A 3209 142.83 77.76 -10.38
C GLN A 3209 142.52 77.64 -8.90
N LEU A 3210 141.74 76.64 -8.46
CA LEU A 3210 141.48 76.44 -7.04
C LEU A 3210 141.96 75.10 -6.51
N ASN A 3211 142.59 74.27 -7.35
CA ASN A 3211 143.01 72.94 -6.92
C ASN A 3211 144.04 72.99 -5.79
N GLU A 3212 144.69 74.14 -5.60
CA GLU A 3212 145.69 74.23 -4.53
C GLU A 3212 145.10 73.91 -3.16
N TYR A 3213 143.82 74.15 -2.96
CA TYR A 3213 143.17 73.86 -1.69
C TYR A 3213 142.59 72.45 -1.63
N ASN A 3214 142.71 71.67 -2.71
CA ASN A 3214 142.20 70.30 -2.71
C ASN A 3214 143.27 69.35 -2.20
N ALA A 3215 142.92 68.57 -1.18
CA ALA A 3215 143.88 67.64 -0.60
C ALA A 3215 144.11 66.41 -1.46
N CYS A 3216 143.18 66.08 -2.36
CA CYS A 3216 143.28 64.89 -3.17
C CYS A 3216 144.06 65.10 -4.47
N SER A 3217 144.48 66.32 -4.76
CA SER A 3217 145.24 66.58 -5.97
C SER A 3217 146.56 65.82 -5.94
N VAL A 3218 146.99 65.32 -7.10
CA VAL A 3218 148.26 64.61 -7.17
C VAL A 3218 149.40 65.55 -6.82
N TYR A 3219 149.34 66.79 -7.31
CA TYR A 3219 150.40 67.74 -7.03
C TYR A 3219 150.54 68.01 -5.54
N THR A 3220 149.42 68.18 -4.83
CA THR A 3220 149.49 68.46 -3.40
C THR A 3220 150.16 67.34 -2.64
N THR A 3221 149.83 66.08 -2.97
CA THR A 3221 150.34 64.95 -2.19
C THR A 3221 151.81 64.68 -2.50
N LYS A 3222 152.20 64.75 -3.77
CA LYS A 3222 153.54 64.36 -4.20
C LYS A 3222 154.44 65.59 -4.26
N SER A 3223 155.67 65.44 -3.79
CA SER A 3223 156.64 66.52 -3.86
C SER A 3223 157.05 66.75 -5.31
N PRO A 3224 157.49 67.98 -5.64
CA PRO A 3224 157.88 68.25 -7.03
C PRO A 3224 158.99 67.34 -7.54
N ARG A 3225 159.93 66.96 -6.67
CA ARG A 3225 161.02 66.08 -7.12
C ARG A 3225 160.48 64.73 -7.55
N GLU A 3226 159.56 64.15 -6.78
CA GLU A 3226 159.01 62.85 -7.14
C GLU A 3226 158.28 62.92 -8.47
N ARG A 3227 157.47 63.96 -8.68
CA ARG A 3227 156.76 64.11 -9.94
C ARG A 3227 157.73 64.28 -11.10
N ALA A 3228 158.74 65.13 -10.91
CA ALA A 3228 159.75 65.32 -11.95
C ALA A 3228 160.52 64.04 -12.24
N ILE A 3229 160.55 63.10 -11.28
CA ILE A 3229 161.20 61.82 -11.50
C ILE A 3229 160.63 61.08 -12.70
N LEU A 3230 159.38 61.39 -13.08
CA LEU A 3230 158.75 60.76 -14.23
C LEU A 3230 157.87 61.79 -14.91
N GLY A 3231 157.00 61.34 -15.81
CA GLY A 3231 156.33 62.23 -16.74
C GLY A 3231 155.04 62.90 -16.27
N LEU A 3232 155.08 63.62 -15.16
CA LEU A 3232 153.97 64.49 -14.79
C LEU A 3232 154.28 65.92 -15.22
N PRO A 3233 153.41 66.56 -16.02
CA PRO A 3233 153.68 67.95 -16.40
C PRO A 3233 153.81 68.85 -15.17
N ASN A 3234 154.72 69.81 -15.25
CA ASN A 3234 155.04 70.64 -14.10
C ASN A 3234 153.90 71.55 -13.69
N SER A 3235 152.87 71.69 -14.52
CA SER A 3235 151.74 72.57 -14.24
C SER A 3235 150.44 71.80 -14.38
N VAL A 3236 149.40 72.33 -13.74
CA VAL A 3236 148.08 71.70 -13.81
C VAL A 3236 147.27 72.26 -14.97
N GLU A 3237 147.36 73.58 -15.21
CA GLU A 3237 146.61 74.18 -16.30
C GLU A 3237 147.02 73.62 -17.65
N GLU A 3238 148.28 73.24 -17.82
CA GLU A 3238 148.75 72.73 -19.11
C GLU A 3238 148.06 71.43 -19.51
N MET A 3239 147.87 70.51 -18.57
CA MET A 3239 147.18 69.27 -18.89
C MET A 3239 145.71 69.55 -19.17
N CYS A 3240 145.11 68.71 -19.99
CA CYS A 3240 143.75 68.92 -20.47
C CYS A 3240 143.65 70.27 -21.17
N PRO A 3241 144.56 70.56 -22.10
CA PRO A 3241 144.54 71.89 -22.74
C PRO A 3241 143.27 72.18 -23.51
N ASP A 3242 142.58 71.15 -24.00
CA ASP A 3242 141.42 71.37 -24.84
C ASP A 3242 140.12 71.54 -24.06
N ILE A 3243 140.17 71.45 -22.74
CA ILE A 3243 138.98 71.58 -21.91
C ILE A 3243 138.82 73.04 -21.52
N PRO A 3244 137.76 73.73 -21.96
CA PRO A 3244 137.58 75.12 -21.55
C PRO A 3244 137.12 75.23 -20.10
N VAL A 3245 137.19 76.44 -19.57
CA VAL A 3245 136.76 76.68 -18.20
C VAL A 3245 135.24 76.63 -18.12
N LEU A 3246 134.74 76.56 -16.88
CA LEU A 3246 133.30 76.42 -16.67
C LEU A 3246 132.54 77.62 -17.23
N ASP A 3247 133.05 78.83 -16.96
CA ASP A 3247 132.32 80.03 -17.38
C ASP A 3247 132.17 80.07 -18.90
N ARG A 3248 133.22 79.72 -19.63
CA ARG A 3248 133.12 79.69 -21.08
C ARG A 3248 132.08 78.69 -21.55
N LEU A 3249 132.03 77.51 -20.92
CA LEU A 3249 131.04 76.51 -21.27
C LEU A 3249 129.63 77.04 -21.06
N MET A 3250 129.38 77.66 -19.90
CA MET A 3250 128.04 78.18 -19.63
C MET A 3250 127.68 79.28 -20.63
N ALA A 3251 128.62 80.18 -20.92
CA ALA A 3251 128.33 81.24 -21.88
C ALA A 3251 128.02 80.67 -23.25
N ASP A 3252 128.80 79.69 -23.69
CA ASP A 3252 128.55 79.09 -25.00
C ASP A 3252 127.20 78.39 -25.03
N ILE A 3253 126.86 77.67 -23.97
CA ILE A 3253 125.56 76.99 -23.93
C ILE A 3253 124.43 78.00 -24.02
N GLY A 3254 124.53 79.08 -23.24
CA GLY A 3254 123.48 80.08 -23.30
C GLY A 3254 123.35 80.72 -24.66
N GLY A 3255 124.48 81.11 -25.25
CA GLY A 3255 124.46 81.73 -26.56
C GLY A 3255 123.90 80.82 -27.63
N LEU A 3256 124.22 79.53 -27.56
CA LEU A 3256 123.70 78.58 -28.54
C LEU A 3256 122.22 78.32 -28.32
N ALA A 3257 121.78 78.27 -27.07
CA ALA A 3257 120.37 78.05 -26.79
C ALA A 3257 119.51 79.21 -27.27
N GLU A 3258 119.95 80.44 -26.98
CA GLU A 3258 119.15 81.59 -27.38
C GLU A 3258 119.08 81.74 -28.90
N SER A 3259 120.06 81.18 -29.62
CA SER A 3259 120.12 81.33 -31.07
C SER A 3259 119.09 80.46 -31.78
N GLY A 3260 118.44 79.54 -31.09
CA GLY A 3260 117.49 78.66 -31.74
C GLY A 3260 118.11 77.62 -32.65
N ALA A 3261 119.31 77.15 -32.34
CA ALA A 3261 119.96 76.16 -33.17
C ALA A 3261 119.23 74.82 -33.09
N ARG A 3262 119.51 73.95 -34.06
CA ARG A 3262 118.91 72.63 -34.13
C ARG A 3262 119.90 71.55 -33.74
N TYR A 3263 119.38 70.34 -33.52
CA TYR A 3263 120.21 69.23 -33.10
C TYR A 3263 121.24 68.87 -34.16
N THR A 3264 120.95 69.19 -35.43
CA THR A 3264 121.83 68.77 -36.51
C THR A 3264 123.21 69.37 -36.39
N GLU A 3265 123.31 70.65 -36.01
CA GLU A 3265 124.58 71.36 -36.00
C GLU A 3265 125.28 71.33 -34.65
N MET A 3266 124.76 70.59 -33.68
CA MET A 3266 125.40 70.51 -32.37
C MET A 3266 125.09 69.17 -31.70
N PRO A 3267 125.39 68.05 -32.34
CA PRO A 3267 125.13 66.76 -31.67
C PRO A 3267 126.10 66.46 -30.55
N HIS A 3268 127.37 66.83 -30.70
CA HIS A 3268 128.36 66.56 -29.67
C HIS A 3268 128.02 67.28 -28.37
N VAL A 3269 127.54 68.52 -28.48
CA VAL A 3269 127.22 69.29 -27.27
C VAL A 3269 126.14 68.58 -26.48
N ILE A 3270 125.08 68.13 -27.15
CA ILE A 3270 123.96 67.48 -26.47
C ILE A 3270 124.40 66.12 -25.92
N GLU A 3271 125.11 65.35 -26.73
CA GLU A 3271 125.37 63.96 -26.38
C GLU A 3271 126.46 63.80 -25.32
N ILE A 3272 127.33 64.79 -25.15
CA ILE A 3272 128.48 64.68 -24.27
C ILE A 3272 128.48 65.76 -23.20
N THR A 3273 128.53 67.03 -23.62
CA THR A 3273 128.73 68.12 -22.66
C THR A 3273 127.61 68.19 -21.64
N LEU A 3274 126.37 68.07 -22.08
CA LEU A 3274 125.24 68.21 -21.16
C LEU A 3274 125.26 67.17 -20.06
N PRO A 3275 125.41 65.87 -20.35
CA PRO A 3275 125.56 64.89 -19.26
C PRO A 3275 126.74 65.19 -18.36
N MET A 3276 127.86 65.66 -18.92
CA MET A 3276 129.00 66.01 -18.09
C MET A 3276 128.61 67.06 -17.07
N LEU A 3277 128.00 68.15 -17.53
CA LEU A 3277 127.61 69.22 -16.61
C LEU A 3277 126.59 68.72 -15.60
N CYS A 3278 125.62 67.93 -16.05
CA CYS A 3278 124.58 67.44 -15.16
C CYS A 3278 125.16 66.59 -14.04
N SER A 3279 126.13 65.73 -14.36
CA SER A 3279 126.77 64.91 -13.34
C SER A 3279 127.81 65.66 -12.53
N TYR A 3280 128.30 66.79 -13.05
CA TYR A 3280 129.37 67.51 -12.38
C TYR A 3280 128.82 68.48 -11.34
N LEU A 3281 127.90 69.35 -11.74
CA LEU A 3281 127.47 70.43 -10.85
C LEU A 3281 126.94 69.91 -9.52
N PRO A 3282 126.02 68.94 -9.49
CA PRO A 3282 125.54 68.44 -8.18
C PRO A 3282 126.64 67.84 -7.33
N ARG A 3283 127.63 67.18 -7.93
CA ARG A 3283 128.70 66.55 -7.18
C ARG A 3283 129.61 67.54 -6.49
N TRP A 3284 129.52 68.83 -6.82
CA TRP A 3284 130.34 69.86 -6.21
C TRP A 3284 129.53 70.92 -5.48
N TRP A 3285 128.24 71.07 -5.77
CA TRP A 3285 127.46 72.11 -5.09
C TRP A 3285 127.47 71.91 -3.59
N GLU A 3286 127.26 70.67 -3.13
CA GLU A 3286 127.25 70.40 -1.70
C GLU A 3286 128.60 70.72 -1.07
N ARG A 3287 129.69 70.65 -1.82
CA ARG A 3287 131.01 71.00 -1.30
C ARG A 3287 131.32 72.48 -1.44
N GLY A 3288 130.44 73.25 -2.09
CA GLY A 3288 130.67 74.66 -2.27
C GLY A 3288 130.27 75.47 -1.06
N PRO A 3289 130.46 76.78 -1.16
CA PRO A 3289 130.13 77.65 -0.02
C PRO A 3289 128.66 77.61 0.38
N GLU A 3290 127.75 77.30 -0.55
CA GLU A 3290 126.33 77.33 -0.24
C GLU A 3290 125.93 76.35 0.84
N ALA A 3291 126.73 75.31 1.09
CA ALA A 3291 126.39 74.33 2.11
C ALA A 3291 127.15 74.60 3.40
N PRO A 3301 140.00 76.34 5.98
CA PRO A 3301 139.42 75.33 5.07
C PRO A 3301 138.78 75.97 3.84
N PRO A 3302 139.57 76.64 3.03
CA PRO A 3302 139.03 77.30 1.84
C PRO A 3302 138.52 76.30 0.83
N PRO A 3303 137.26 76.39 0.42
CA PRO A 3303 136.74 75.44 -0.57
C PRO A 3303 137.39 75.65 -1.93
N CYS A 3304 137.43 74.57 -2.71
CA CYS A 3304 138.06 74.58 -4.02
C CYS A 3304 137.06 74.77 -5.16
N THR A 3305 135.82 75.12 -4.85
CA THR A 3305 134.79 75.31 -5.88
C THR A 3305 133.90 76.47 -5.47
N ALA A 3306 133.36 77.16 -6.48
CA ALA A 3306 132.53 78.34 -6.25
C ALA A 3306 131.20 78.26 -7.00
N VAL A 3307 130.65 77.05 -7.16
CA VAL A 3307 129.36 76.92 -7.83
C VAL A 3307 128.25 77.35 -6.88
N THR A 3308 127.14 77.82 -7.48
CA THR A 3308 125.99 78.25 -6.71
C THR A 3308 124.73 77.85 -7.45
N SER A 3309 123.58 78.01 -6.78
CA SER A 3309 122.32 77.63 -7.39
C SER A 3309 122.06 78.41 -8.67
N ASP A 3310 122.70 79.57 -8.83
CA ASP A 3310 122.53 80.35 -10.05
C ASP A 3310 122.99 79.56 -11.27
N HIS A 3311 124.10 78.82 -11.13
CA HIS A 3311 124.56 78.00 -12.25
C HIS A 3311 123.52 76.97 -12.64
N LEU A 3312 122.95 76.29 -11.65
CA LEU A 3312 121.95 75.27 -11.94
C LEU A 3312 120.71 75.89 -12.57
N ASN A 3313 120.28 77.05 -12.08
CA ASN A 3313 119.12 77.71 -12.66
C ASN A 3313 119.37 78.08 -14.12
N SER A 3314 120.55 78.66 -14.39
CA SER A 3314 120.85 79.04 -15.77
C SER A 3314 120.92 77.81 -16.67
N LEU A 3315 121.54 76.74 -16.20
CA LEU A 3315 121.63 75.53 -17.01
C LEU A 3315 120.24 74.96 -17.29
N LEU A 3316 119.37 74.96 -16.28
CA LEU A 3316 118.02 74.45 -16.48
C LEU A 3316 117.26 75.29 -17.49
N GLY A 3317 117.38 76.61 -17.40
CA GLY A 3317 116.73 77.47 -18.38
C GLY A 3317 117.24 77.21 -19.77
N ASN A 3318 118.56 77.09 -19.92
CA ASN A 3318 119.13 76.87 -21.25
C ASN A 3318 118.66 75.54 -21.82
N ILE A 3319 118.66 74.48 -21.01
CA ILE A 3319 118.23 73.18 -21.52
C ILE A 3319 116.75 73.21 -21.87
N LEU A 3320 115.93 73.94 -21.10
CA LEU A 3320 114.53 74.08 -21.46
C LEU A 3320 114.38 74.77 -22.80
N ARG A 3321 115.16 75.83 -23.05
CA ARG A 3321 115.12 76.49 -24.35
C ARG A 3321 115.51 75.51 -25.45
N ILE A 3322 116.56 74.72 -25.22
CA ILE A 3322 117.01 73.78 -26.23
C ILE A 3322 115.91 72.78 -26.56
N ILE A 3323 115.27 72.22 -25.53
CA ILE A 3323 114.24 71.20 -25.78
C ILE A 3323 113.06 71.82 -26.51
N VAL A 3324 112.63 73.02 -26.10
CA VAL A 3324 111.47 73.62 -26.76
C VAL A 3324 111.78 73.98 -28.21
N ASN A 3325 113.05 74.31 -28.51
CA ASN A 3325 113.39 74.71 -29.87
C ASN A 3325 113.18 73.59 -30.87
N ASN A 3326 113.06 72.34 -30.43
CA ASN A 3326 113.02 71.19 -31.32
C ASN A 3326 111.72 70.39 -31.21
N LEU A 3327 110.57 71.07 -31.19
CA LEU A 3327 109.30 70.36 -31.07
C LEU A 3327 108.89 69.71 -32.38
N GLY A 3328 109.19 70.34 -33.51
CA GLY A 3328 108.71 69.88 -34.79
C GLY A 3328 109.46 68.73 -35.42
N ILE A 3329 110.56 68.28 -34.81
CA ILE A 3329 111.34 67.20 -35.39
C ILE A 3329 110.51 65.91 -35.40
N ASP A 3330 110.53 65.22 -36.54
CA ASP A 3330 109.78 63.98 -36.66
C ASP A 3330 110.42 62.85 -35.87
N GLU A 3331 111.76 62.78 -35.88
CA GLU A 3331 112.48 61.70 -35.22
C GLU A 3331 113.61 62.31 -34.39
N ALA A 3332 113.55 62.12 -33.07
CA ALA A 3332 114.62 62.55 -32.16
C ALA A 3332 114.55 61.65 -30.93
N THR A 3333 115.45 60.67 -30.86
CA THR A 3333 115.45 59.73 -29.76
C THR A 3333 116.30 60.20 -28.58
N TRP A 3334 117.08 61.27 -28.77
CA TRP A 3334 117.95 61.75 -27.70
C TRP A 3334 117.18 62.46 -26.60
N MET A 3335 115.90 62.78 -26.83
CA MET A 3335 115.16 63.58 -25.88
C MET A 3335 115.00 62.86 -24.54
N LYS A 3336 114.64 61.58 -24.58
CA LYS A 3336 114.44 60.85 -23.33
C LYS A 3336 115.75 60.71 -22.57
N ARG A 3337 116.85 60.43 -23.28
CA ARG A 3337 118.15 60.33 -22.62
C ARG A 3337 118.52 61.64 -21.95
N LEU A 3338 118.31 62.76 -22.66
CA LEU A 3338 118.62 64.06 -22.08
C LEU A 3338 117.75 64.32 -20.85
N ALA A 3339 116.47 63.95 -20.92
CA ALA A 3339 115.58 64.19 -19.80
C ALA A 3339 116.02 63.40 -18.57
N VAL A 3340 116.36 62.12 -18.76
CA VAL A 3340 116.78 61.32 -17.62
C VAL A 3340 118.10 61.84 -17.06
N PHE A 3341 119.00 62.30 -17.93
CA PHE A 3341 120.25 62.87 -17.43
C PHE A 3341 120.01 64.13 -16.62
N ALA A 3342 119.08 64.98 -17.07
CA ALA A 3342 118.87 66.26 -16.42
C ALA A 3342 117.97 66.19 -15.20
N GLN A 3343 117.24 65.09 -15.02
CA GLN A 3343 116.31 65.00 -13.90
C GLN A 3343 116.94 65.29 -12.54
N PRO A 3344 118.12 64.77 -12.19
CA PRO A 3344 118.62 64.95 -10.82
C PRO A 3344 118.79 66.39 -10.39
N ILE A 3345 119.17 67.29 -11.31
CA ILE A 3345 119.47 68.66 -10.89
C ILE A 3345 118.23 69.50 -10.70
N VAL A 3346 117.07 69.03 -11.16
CA VAL A 3346 115.86 69.83 -11.05
C VAL A 3346 115.44 70.06 -9.61
N SER A 3347 116.00 69.32 -8.66
CA SER A 3347 115.63 69.46 -7.27
C SER A 3347 115.99 70.81 -6.68
N ARG A 3348 116.90 71.56 -7.32
CA ARG A 3348 117.31 72.90 -6.85
C ARG A 3348 117.00 73.92 -7.95
N ALA A 3349 115.88 74.64 -7.84
CA ALA A 3349 115.52 75.67 -8.79
C ALA A 3349 114.72 76.75 -8.09
N ARG A 3350 114.79 77.96 -8.63
CA ARG A 3350 114.07 79.09 -8.06
C ARG A 3350 112.64 79.13 -8.57
N PRO A 3351 111.72 79.72 -7.79
CA PRO A 3351 110.32 79.77 -8.23
C PRO A 3351 110.11 80.52 -9.53
N GLU A 3352 110.93 81.52 -9.82
CA GLU A 3352 110.71 82.32 -11.03
C GLU A 3352 110.74 81.47 -12.29
N LEU A 3353 111.39 80.31 -12.23
CA LEU A 3353 111.49 79.47 -13.41
C LEU A 3353 110.11 79.04 -13.90
N LEU A 3354 109.20 78.75 -12.97
CA LEU A 3354 107.86 78.34 -13.35
C LEU A 3354 107.22 79.35 -14.30
N HIS A 3355 107.23 80.62 -13.91
CA HIS A 3355 106.68 81.66 -14.77
C HIS A 3355 107.53 81.86 -16.01
N SER A 3356 108.84 81.64 -15.89
CA SER A 3356 109.74 81.97 -16.99
C SER A 3356 109.50 81.10 -18.22
N HIS A 3357 109.47 79.78 -18.06
CA HIS A 3357 109.50 78.88 -19.20
C HIS A 3357 108.32 77.92 -19.28
N PHE A 3358 107.83 77.43 -18.15
CA PHE A 3358 106.87 76.33 -18.18
C PHE A 3358 105.56 76.76 -18.84
N ILE A 3359 105.04 77.92 -18.49
CA ILE A 3359 103.68 78.29 -18.90
C ILE A 3359 103.61 78.41 -20.41
N PRO A 3360 104.50 79.15 -21.07
CA PRO A 3360 104.40 79.24 -22.54
C PRO A 3360 104.54 77.90 -23.24
N THR A 3361 105.43 77.04 -22.75
CA THR A 3361 105.61 75.74 -23.39
C THR A 3361 104.35 74.90 -23.28
N ILE A 3362 103.79 74.82 -22.08
CA ILE A 3362 102.58 74.01 -21.92
C ILE A 3362 101.41 74.63 -22.68
N GLY A 3363 101.38 75.96 -22.80
CA GLY A 3363 100.34 76.59 -23.59
C GLY A 3363 100.43 76.22 -25.06
N ARG A 3364 101.65 76.24 -25.61
CA ARG A 3364 101.82 75.81 -27.00
C ARG A 3364 101.43 74.35 -27.16
N LEU A 3365 101.77 73.52 -26.17
CA LEU A 3365 101.39 72.12 -26.23
C LEU A 3365 99.87 71.96 -26.24
N ARG A 3366 99.18 72.74 -25.41
CA ARG A 3366 97.72 72.69 -25.40
C ARG A 3366 97.14 73.14 -26.74
N LYS A 3367 97.73 74.19 -27.32
CA LYS A 3367 97.26 74.65 -28.62
C LYS A 3367 97.40 73.53 -29.66
N ARG A 3368 98.54 72.85 -29.67
CA ARG A 3368 98.75 71.76 -30.61
C ARG A 3368 97.74 70.64 -30.38
N ALA A 3369 97.49 70.30 -29.12
CA ALA A 3369 96.53 69.24 -28.81
C ALA A 3369 95.14 69.62 -29.30
N GLY A 3370 94.73 70.86 -29.06
CA GLY A 3370 93.44 71.31 -29.56
C GLY A 3370 93.35 71.25 -31.07
N LYS A 3371 94.39 71.68 -31.77
CA LYS A 3371 94.37 71.65 -33.22
C LYS A 3371 94.21 70.21 -33.72
N VAL A 3372 94.99 69.29 -33.16
CA VAL A 3372 94.96 67.92 -33.66
C VAL A 3372 93.61 67.27 -33.35
N VAL A 3373 93.07 67.51 -32.16
CA VAL A 3373 91.81 66.88 -31.82
C VAL A 3373 90.68 67.46 -32.68
N ALA A 3374 90.72 68.76 -32.96
CA ALA A 3374 89.73 69.34 -33.85
C ALA A 3374 89.83 68.73 -35.24
N GLU A 3375 91.06 68.55 -35.74
CA GLU A 3375 91.22 67.94 -37.05
C GLU A 3375 90.65 66.52 -37.06
N GLU A 3376 90.93 65.74 -36.02
CA GLU A 3376 90.39 64.38 -35.96
C GLU A 3376 88.87 64.40 -35.94
N GLU A 3377 88.28 65.28 -35.14
CA GLU A 3377 86.83 65.35 -35.08
C GLU A 3377 86.23 65.71 -36.43
N GLN A 3378 86.80 66.66 -37.16
CA GLN A 3378 86.33 67.01 -38.53
C GLN A 3378 86.29 65.76 -39.41
N LEU A 3379 87.31 64.90 -39.36
CA LEU A 3379 87.38 63.64 -40.15
C LEU A 3379 86.25 62.70 -39.72
N ARG A 3380 85.92 62.62 -38.44
CA ARG A 3380 84.79 61.79 -37.96
C ARG A 3380 83.52 62.36 -38.58
N LEU A 3381 83.42 63.68 -38.69
CA LEU A 3381 82.19 64.36 -39.19
C LEU A 3381 81.90 63.93 -40.63
N GLU A 3382 82.93 63.80 -41.47
CA GLU A 3382 82.76 63.33 -42.87
C GLU A 3382 83.39 61.94 -42.98
N ALA A 3383 82.64 60.92 -43.42
CA ALA A 3383 83.14 59.53 -43.48
C ALA A 3383 83.42 59.15 -44.93
N LYS A 3384 84.64 58.69 -45.21
CA LYS A 3384 85.07 58.35 -46.60
C LYS A 3384 86.25 57.39 -46.59
N ALA A 3385 86.57 56.75 -47.71
CA ALA A 3385 87.78 55.92 -47.86
C ALA A 3385 88.96 56.88 -47.67
N GLU A 3386 88.82 58.11 -48.16
CA GLU A 3386 89.87 59.16 -48.05
C GLU A 3386 90.11 59.40 -46.57
N ALA A 3387 89.06 59.32 -45.75
CA ALA A 3387 89.15 59.55 -44.29
C ALA A 3387 90.12 58.52 -43.72
N GLU A 3388 90.12 57.30 -44.26
CA GLU A 3388 91.03 56.23 -43.79
C GLU A 3388 92.47 56.72 -43.98
N GLU A 3389 92.75 57.42 -45.08
CA GLU A 3389 94.08 58.03 -45.32
C GLU A 3389 94.39 59.06 -44.22
N GLY A 3390 93.40 59.85 -43.80
CA GLY A 3390 93.59 60.90 -42.77
C GLY A 3390 94.01 60.33 -41.42
N GLU A 3391 93.44 59.23 -40.99
CA GLU A 3391 93.75 58.59 -39.68
C GLU A 3391 95.24 58.46 -39.40
N LEU A 3392 96.08 58.25 -40.40
CA LEU A 3392 97.50 57.97 -40.27
C LEU A 3392 98.28 59.24 -39.91
N LEU A 3393 97.98 60.35 -40.57
CA LEU A 3393 98.69 61.59 -40.26
C LEU A 3393 98.43 62.04 -38.83
N VAL A 3394 97.17 62.00 -38.39
CA VAL A 3394 96.87 62.43 -37.03
C VAL A 3394 97.46 61.45 -36.02
N ARG A 3395 97.57 60.17 -36.37
CA ARG A 3395 98.24 59.22 -35.49
C ARG A 3395 99.72 59.56 -35.36
N ASP A 3396 100.36 59.95 -36.47
CA ASP A 3396 101.75 60.39 -36.39
C ASP A 3396 101.87 61.64 -35.52
N GLU A 3397 100.92 62.56 -35.67
CA GLU A 3397 100.92 63.75 -34.83
C GLU A 3397 100.77 63.39 -33.36
N PHE A 3398 99.89 62.43 -33.06
CA PHE A 3398 99.73 61.97 -31.69
C PHE A 3398 101.01 61.32 -31.18
N SER A 3399 101.71 60.59 -32.04
CA SER A 3399 102.98 60.00 -31.64
C SER A 3399 103.98 61.08 -31.27
N VAL A 3400 104.06 62.14 -32.09
CA VAL A 3400 104.97 63.24 -31.80
C VAL A 3400 104.58 63.89 -30.48
N LEU A 3401 103.28 64.09 -30.27
CA LEU A 3401 102.82 64.74 -29.05
C LEU A 3401 103.15 63.88 -27.83
N CYS A 3402 102.96 62.58 -27.93
CA CYS A 3402 103.30 61.69 -26.81
C CYS A 3402 104.80 61.73 -26.52
N ARG A 3403 105.61 61.73 -27.57
CA ARG A 3403 107.06 61.83 -27.37
C ARG A 3403 107.41 63.11 -26.63
N ASP A 3404 106.83 64.23 -27.05
CA ASP A 3404 107.12 65.50 -26.38
C ASP A 3404 106.63 65.49 -24.94
N LEU A 3405 105.44 64.93 -24.71
CA LEU A 3405 104.91 64.86 -23.34
C LEU A 3405 105.83 64.06 -22.45
N TYR A 3406 106.32 62.92 -22.93
CA TYR A 3406 107.18 62.09 -22.10
C TYR A 3406 108.56 62.71 -21.94
N ALA A 3407 108.97 63.57 -22.88
CA ALA A 3407 110.23 64.27 -22.72
C ALA A 3407 110.11 65.41 -21.71
N LEU A 3408 108.93 66.01 -21.59
CA LEU A 3408 108.76 67.20 -20.77
C LEU A 3408 108.27 66.91 -19.36
N TYR A 3409 107.32 66.00 -19.20
CA TYR A 3409 106.59 65.91 -17.94
C TYR A 3409 107.44 65.64 -16.72
N PRO A 3410 108.36 64.66 -16.71
CA PRO A 3410 109.02 64.32 -15.44
C PRO A 3410 109.68 65.50 -14.75
N LEU A 3411 110.25 66.43 -15.52
CA LEU A 3411 110.83 67.63 -14.91
C LEU A 3411 109.76 68.41 -14.16
N LEU A 3412 108.60 68.60 -14.78
CA LEU A 3412 107.52 69.31 -14.10
C LEU A 3412 107.03 68.54 -12.89
N ILE A 3413 107.01 67.21 -12.98
CA ILE A 3413 106.59 66.40 -11.84
C ILE A 3413 107.49 66.65 -10.65
N ARG A 3414 108.80 66.61 -10.88
CA ARG A 3414 109.73 66.88 -9.78
C ARG A 3414 109.58 68.30 -9.26
N TYR A 3415 109.43 69.26 -10.17
CA TYR A 3415 109.27 70.65 -9.75
C TYR A 3415 108.07 70.82 -8.83
N VAL A 3416 106.92 70.27 -9.22
CA VAL A 3416 105.72 70.43 -8.40
C VAL A 3416 105.86 69.66 -7.09
N ASP A 3417 106.43 68.45 -7.14
CA ASP A 3417 106.64 67.70 -5.92
C ASP A 3417 107.47 68.51 -4.93
N ASN A 3418 108.44 69.27 -5.42
CA ASN A 3418 109.28 70.07 -4.53
C ASN A 3418 108.52 71.29 -4.02
N ASN A 3419 107.79 71.97 -4.90
CA ASN A 3419 107.28 73.30 -4.58
C ASN A 3419 105.81 73.32 -4.16
N ARG A 3420 105.16 72.17 -4.00
CA ARG A 3420 103.73 72.19 -3.66
C ARG A 3420 103.46 72.85 -2.31
N ALA A 3421 104.39 72.70 -1.36
CA ALA A 3421 104.13 73.17 -0.01
C ALA A 3421 103.91 74.68 0.02
N HIS A 3422 104.79 75.44 -0.63
CA HIS A 3422 104.67 76.89 -0.61
C HIS A 3422 103.37 77.33 -1.29
N TRP A 3423 103.04 76.71 -2.42
CA TRP A 3423 101.80 77.07 -3.09
C TRP A 3423 100.59 76.79 -2.21
N LEU A 3424 100.58 75.65 -1.52
CA LEU A 3424 99.47 75.36 -0.61
C LEU A 3424 99.40 76.37 0.52
N THR A 3425 100.55 76.75 1.09
CA THR A 3425 100.55 77.75 2.15
C THR A 3425 100.06 79.11 1.65
N GLU A 3426 100.52 79.53 0.46
CA GLU A 3426 100.14 80.81 -0.11
C GLU A 3426 99.74 80.59 -1.56
N PRO A 3427 98.45 80.64 -1.89
CA PRO A 3427 98.03 80.38 -3.26
C PRO A 3427 98.66 81.36 -4.24
N ASN A 3428 98.96 80.86 -5.45
CA ASN A 3428 99.55 81.65 -6.51
C ASN A 3428 98.73 81.48 -7.78
N ALA A 3429 98.55 82.57 -8.52
CA ALA A 3429 97.76 82.50 -9.75
C ALA A 3429 98.40 81.58 -10.77
N ASN A 3430 99.73 81.64 -10.88
CA ASN A 3430 100.41 80.84 -11.90
C ASN A 3430 100.15 79.36 -11.70
N ALA A 3431 100.13 78.90 -10.45
CA ALA A 3431 99.81 77.51 -10.18
C ALA A 3431 98.41 77.16 -10.68
N GLU A 3432 97.46 78.07 -10.49
CA GLU A 3432 96.10 77.82 -10.98
C GLU A 3432 96.07 77.72 -12.49
N GLU A 3433 96.79 78.61 -13.18
CA GLU A 3433 96.83 78.54 -14.63
C GLU A 3433 97.43 77.23 -15.10
N LEU A 3434 98.53 76.80 -14.45
CA LEU A 3434 99.15 75.53 -14.79
C LEU A 3434 98.17 74.38 -14.59
N PHE A 3435 97.44 74.40 -13.48
CA PHE A 3435 96.46 73.35 -13.22
C PHE A 3435 95.38 73.34 -14.29
N ARG A 3436 94.90 74.51 -14.69
CA ARG A 3436 93.89 74.59 -15.73
C ARG A 3436 94.39 73.93 -17.02
N MET A 3437 95.60 74.29 -17.45
CA MET A 3437 96.07 73.78 -18.74
C MET A 3437 96.37 72.29 -18.67
N VAL A 3438 96.91 71.82 -17.55
CA VAL A 3438 97.15 70.39 -17.40
C VAL A 3438 95.83 69.63 -17.42
N GLY A 3439 94.82 70.16 -16.75
CA GLY A 3439 93.52 69.51 -16.77
C GLY A 3439 92.92 69.47 -18.17
N GLU A 3440 93.11 70.55 -18.94
CA GLU A 3440 92.64 70.56 -20.31
C GLU A 3440 93.33 69.48 -21.13
N ILE A 3441 94.64 69.33 -20.96
CA ILE A 3441 95.37 68.28 -21.67
C ILE A 3441 94.83 66.91 -21.27
N PHE A 3442 94.58 66.72 -19.98
CA PHE A 3442 94.06 65.43 -19.51
C PHE A 3442 92.70 65.15 -20.11
N ILE A 3443 91.83 66.16 -20.18
CA ILE A 3443 90.51 65.98 -20.76
C ILE A 3443 90.64 65.56 -22.23
N TYR A 3444 91.50 66.27 -22.97
CA TYR A 3444 91.69 65.93 -24.38
C TYR A 3444 92.16 64.48 -24.51
N TRP A 3445 93.10 64.06 -23.66
CA TRP A 3445 93.57 62.69 -23.71
C TRP A 3445 92.44 61.71 -23.42
N SER A 3446 91.63 62.00 -22.42
CA SER A 3446 90.56 61.08 -22.04
C SER A 3446 89.51 60.94 -23.15
N LYS A 3447 89.11 62.04 -23.77
CA LYS A 3447 88.01 61.98 -24.73
C LYS A 3447 88.36 61.13 -25.93
N SER A 3448 89.49 61.42 -26.57
CA SER A 3448 89.86 60.73 -27.80
C SER A 3448 90.31 59.30 -27.52
N HIS A 3449 90.22 58.46 -28.55
CA HIS A 3449 90.64 57.06 -28.46
C HIS A 3449 91.99 56.81 -29.13
N ASN A 3450 92.22 57.41 -30.31
CA ASN A 3450 93.51 57.24 -30.98
C ASN A 3450 94.66 57.70 -30.08
N PHE A 3451 94.40 58.70 -29.23
CA PHE A 3451 95.46 59.21 -28.36
C PHE A 3451 95.98 58.11 -27.44
N LYS A 3452 95.05 57.39 -26.79
CA LYS A 3452 95.46 56.34 -25.86
C LYS A 3452 96.21 55.23 -26.57
N ARG A 3453 95.71 54.79 -27.72
CA ARG A 3453 96.38 53.73 -28.46
C ARG A 3453 97.76 54.16 -28.91
N GLU A 3454 97.90 55.39 -29.39
CA GLU A 3454 99.20 55.87 -29.82
C GLU A 3454 100.17 55.95 -28.66
N GLU A 3455 99.71 56.41 -27.50
CA GLU A 3455 100.56 56.45 -26.32
C GLU A 3455 101.00 55.05 -25.93
N GLN A 3456 100.07 54.09 -25.98
CA GLN A 3456 100.41 52.72 -25.65
C GLN A 3456 101.47 52.18 -26.62
N ASN A 3457 101.32 52.47 -27.90
CA ASN A 3457 102.32 52.04 -28.89
C ASN A 3457 103.67 52.66 -28.57
N PHE A 3458 103.72 53.90 -28.09
CA PHE A 3458 104.99 54.59 -27.77
C PHE A 3458 105.72 53.94 -26.61
N VAL A 3459 105.07 53.74 -25.49
CA VAL A 3459 105.74 53.23 -24.27
C VAL A 3459 106.30 51.83 -24.53
N VAL A 3460 105.55 50.96 -25.20
CA VAL A 3460 106.05 49.60 -25.54
C VAL A 3460 107.23 49.65 -26.52
N GLN A 3461 107.17 50.46 -27.57
CA GLN A 3461 108.23 50.49 -28.61
C GLN A 3461 109.50 50.99 -27.95
N ASN A 3462 109.39 52.03 -27.14
CA ASN A 3462 110.53 52.53 -26.34
C ASN A 3462 110.62 51.59 -25.13
N GLU A 3463 111.70 51.63 -24.39
CA GLU A 3463 111.95 50.72 -23.23
C GLU A 3463 111.60 51.52 -21.99
N ILE A 3464 110.82 52.59 -22.12
CA ILE A 3464 110.60 53.56 -21.03
C ILE A 3464 110.02 52.89 -19.80
N ASN A 3465 110.47 53.31 -18.62
CA ASN A 3465 110.05 52.77 -17.31
C ASN A 3465 109.59 53.95 -16.45
N ASN A 3466 108.76 53.75 -15.43
CA ASN A 3466 108.21 54.89 -14.67
C ASN A 3466 109.34 55.66 -14.00
N MET A 3467 109.36 56.99 -14.15
CA MET A 3467 110.37 57.89 -13.54
C MET A 3467 110.24 57.93 -12.02
N SER A 3468 109.02 57.98 -11.49
CA SER A 3468 108.76 58.11 -10.04
C SER A 3468 109.76 57.29 -9.23
N GLN A 3506 98.12 50.00 -17.55
CA GLN A 3506 99.29 50.68 -16.98
C GLN A 3506 98.91 52.07 -16.51
N THR A 3507 99.80 52.67 -15.71
CA THR A 3507 99.59 54.02 -15.19
C THR A 3507 100.39 55.00 -16.03
N SER A 3508 99.71 55.89 -16.73
CA SER A 3508 100.36 56.86 -17.59
C SER A 3508 100.93 58.02 -16.77
N LEU A 3509 101.76 58.82 -17.42
CA LEU A 3509 102.28 60.01 -16.77
C LEU A 3509 101.21 61.08 -16.61
N ILE A 3510 100.26 61.14 -17.55
CA ILE A 3510 99.25 62.20 -17.52
C ILE A 3510 98.41 62.10 -16.26
N VAL A 3511 97.90 60.90 -15.95
CA VAL A 3511 97.06 60.75 -14.78
C VAL A 3511 97.86 61.00 -13.51
N ALA A 3512 99.11 60.54 -13.48
CA ALA A 3512 99.94 60.75 -12.29
C ALA A 3512 100.15 62.23 -12.03
N THR A 3513 100.50 63.00 -13.06
CA THR A 3513 100.72 64.42 -12.86
C THR A 3513 99.41 65.13 -12.52
N LEU A 3514 98.29 64.67 -13.09
CA LEU A 3514 97.02 65.29 -12.74
C LEU A 3514 96.71 65.06 -11.27
N LYS A 3515 96.95 63.85 -10.77
CA LYS A 3515 96.76 63.59 -9.35
C LYS A 3515 97.68 64.47 -8.51
N LYS A 3516 98.93 64.63 -8.94
CA LYS A 3516 99.85 65.48 -8.21
C LYS A 3516 99.35 66.92 -8.14
N MET A 3517 98.80 67.42 -9.25
CA MET A 3517 98.39 68.81 -9.32
C MET A 3517 97.01 69.04 -8.71
N LEU A 3518 96.24 67.98 -8.48
CA LEU A 3518 94.86 68.15 -8.02
C LEU A 3518 94.72 68.90 -6.71
N PRO A 3519 95.50 68.63 -5.67
CA PRO A 3519 95.22 69.27 -4.37
C PRO A 3519 95.16 70.78 -4.42
N ILE A 3520 96.03 71.43 -5.20
CA ILE A 3520 95.94 72.88 -5.30
C ILE A 3520 94.63 73.29 -5.97
N GLY A 3521 94.22 72.56 -7.01
CA GLY A 3521 92.95 72.85 -7.64
C GLY A 3521 91.80 72.76 -6.65
N LEU A 3522 91.79 71.72 -5.82
CA LEU A 3522 90.76 71.63 -4.79
C LEU A 3522 90.86 72.79 -3.81
N ASN A 3523 92.08 73.14 -3.39
CA ASN A 3523 92.25 74.25 -2.47
C ASN A 3523 91.80 75.58 -3.06
N MET A 3524 91.70 75.66 -4.39
CA MET A 3524 91.31 76.92 -5.01
C MET A 3524 89.89 77.33 -4.61
N CYS A 3525 88.97 76.39 -4.52
CA CYS A 3525 87.58 76.67 -4.22
C CYS A 3525 87.27 76.36 -2.75
N ALA A 3526 86.38 77.15 -2.17
CA ALA A 3526 86.04 76.98 -0.76
C ALA A 3526 85.09 75.81 -0.56
N PRO A 3527 85.05 75.21 0.63
CA PRO A 3527 84.15 74.06 0.87
C PRO A 3527 82.68 74.38 0.68
N THR A 3528 82.28 75.64 0.91
CA THR A 3528 80.87 75.98 0.81
C THR A 3528 80.29 75.60 -0.55
N ASP A 3529 81.10 75.60 -1.60
CA ASP A 3529 80.65 75.30 -2.94
C ASP A 3529 80.57 73.80 -3.23
N GLN A 3530 80.52 72.96 -2.18
CA GLN A 3530 80.61 71.52 -2.39
C GLN A 3530 79.45 71.00 -3.23
N ASP A 3531 78.22 71.41 -2.90
CA ASP A 3531 77.04 70.82 -3.53
C ASP A 3531 77.02 71.09 -5.03
N LEU A 3532 77.38 72.32 -5.43
CA LEU A 3532 77.41 72.63 -6.85
C LEU A 3532 78.33 71.71 -7.62
N ILE A 3533 79.36 71.15 -6.97
CA ILE A 3533 80.25 70.22 -7.65
C ILE A 3533 79.53 68.92 -7.98
N MET A 3534 78.81 68.35 -7.01
CA MET A 3534 77.92 67.23 -7.33
C MET A 3534 76.91 67.57 -8.40
N LEU A 3535 76.31 68.76 -8.33
CA LEU A 3535 75.34 69.13 -9.36
C LEU A 3535 75.97 69.14 -10.74
N ALA A 3536 77.17 69.73 -10.86
CA ALA A 3536 77.86 69.76 -12.13
C ALA A 3536 78.24 68.37 -12.59
N LYS A 3537 78.68 67.51 -11.67
CA LYS A 3537 79.02 66.14 -12.03
C LYS A 3537 77.80 65.41 -12.59
N THR A 3538 76.66 65.58 -11.93
CA THR A 3538 75.44 64.96 -12.44
C THR A 3538 75.09 65.48 -13.81
N ARG A 3539 75.15 66.80 -14.00
CA ARG A 3539 74.86 67.37 -15.32
C ARG A 3539 75.85 66.90 -16.36
N TYR A 3540 77.07 66.57 -15.96
CA TYR A 3540 78.05 66.00 -16.87
C TYR A 3540 77.80 64.51 -17.12
N ALA A 3541 77.05 63.85 -16.25
CA ALA A 3541 76.63 62.48 -16.56
C ALA A 3541 75.92 62.43 -17.90
N LEU A 3542 74.98 63.36 -18.11
CA LEU A 3542 74.47 63.62 -19.44
C LEU A 3542 75.41 64.58 -20.17
N LYS A 3543 75.38 64.57 -21.50
CA LYS A 3543 76.27 65.42 -22.34
C LYS A 3543 75.79 66.87 -22.28
N ASP A 3544 75.87 67.51 -21.12
CA ASP A 3544 75.48 68.94 -20.96
C ASP A 3544 76.66 69.75 -21.48
N THR A 3545 76.51 70.41 -22.63
CA THR A 3545 77.59 71.26 -23.22
C THR A 3545 78.19 72.10 -22.10
N ASP A 3546 79.48 72.42 -22.14
CA ASP A 3546 80.16 73.23 -21.13
C ASP A 3546 79.47 74.58 -20.96
N GLU A 3547 79.24 75.29 -22.06
CA GLU A 3547 78.57 76.58 -21.96
C GLU A 3547 77.14 76.42 -21.45
N GLU A 3548 76.48 75.31 -21.79
CA GLU A 3548 75.14 75.07 -21.27
C GLU A 3548 75.17 74.97 -19.75
N VAL A 3549 76.12 74.22 -19.20
CA VAL A 3549 76.26 74.15 -17.75
C VAL A 3549 76.59 75.53 -17.18
N ARG A 3550 77.49 76.24 -17.84
CA ARG A 3550 77.89 77.56 -17.34
C ARG A 3550 76.68 78.46 -17.19
N GLU A 3551 75.88 78.60 -18.25
CA GLU A 3551 74.69 79.44 -18.15
C GLU A 3551 73.69 78.87 -17.15
N PHE A 3552 73.53 77.55 -17.11
CA PHE A 3552 72.57 76.95 -16.19
C PHE A 3552 72.86 77.36 -14.75
N LEU A 3553 74.11 77.17 -14.31
CA LEU A 3553 74.50 77.44 -12.90
C LEU A 3553 74.52 78.95 -12.67
N GLN A 3554 74.58 79.74 -13.73
CA GLN A 3554 74.54 81.23 -13.63
C GLN A 3554 73.28 81.63 -12.86
N ASN A 3555 72.18 80.86 -12.97
CA ASN A 3555 70.92 81.14 -12.23
C ASN A 3555 70.75 80.35 -10.91
N ASN A 3556 71.28 79.13 -10.72
CA ASN A 3556 71.01 78.35 -9.52
C ASN A 3556 72.04 78.59 -8.42
N LEU A 3557 72.75 79.72 -8.47
CA LEU A 3557 73.82 79.97 -7.51
C LEU A 3557 73.31 79.90 -6.07
N HIS A 3558 72.06 80.33 -5.84
CA HIS A 3558 71.54 80.43 -4.49
C HIS A 3558 71.55 79.09 -3.77
N LEU A 3559 71.59 77.98 -4.49
CA LEU A 3559 71.53 76.66 -3.85
C LEU A 3559 72.78 76.32 -3.07
N GLN A 3560 73.83 77.14 -3.14
CA GLN A 3560 75.10 76.92 -2.40
C GLN A 3560 74.82 76.62 -0.94
N GLY A 3561 75.72 75.90 -0.27
CA GLY A 3561 75.48 75.49 1.13
C GLY A 3561 75.37 76.67 2.06
N LYS A 3562 74.39 76.68 2.96
CA LYS A 3562 74.18 77.76 3.96
C LYS A 3562 75.24 77.67 5.07
N VAL A 3563 75.66 78.81 5.62
CA VAL A 3563 76.61 78.82 6.77
C VAL A 3563 75.89 78.15 7.94
N GLU A 3564 74.61 78.46 8.12
CA GLU A 3564 73.80 77.76 9.14
C GLU A 3564 73.79 76.35 8.59
N GLY A 3565 73.92 75.33 9.42
CA GLY A 3565 74.11 73.99 8.84
C GLY A 3565 74.95 73.11 9.71
N SER A 3566 75.67 72.19 9.10
CA SER A 3566 76.40 71.12 9.80
C SER A 3566 77.57 71.58 10.65
N PRO A 3567 77.98 70.76 11.64
CA PRO A 3567 79.15 71.03 12.42
C PRO A 3567 80.33 71.00 11.45
N SER A 3568 80.31 70.13 10.44
CA SER A 3568 81.48 69.93 9.56
C SER A 3568 81.88 71.22 8.86
N LEU A 3569 80.92 71.99 8.38
CA LEU A 3569 81.21 73.26 7.65
C LEU A 3569 81.91 74.23 8.61
N ARG A 3570 81.57 74.22 9.90
CA ARG A 3570 82.05 75.23 10.89
C ARG A 3570 83.57 75.26 11.00
N TRP A 3571 84.21 74.14 11.37
CA TRP A 3571 85.68 74.13 11.61
C TRP A 3571 86.45 74.23 10.30
N GLN A 3572 85.89 73.76 9.19
CA GLN A 3572 86.51 73.89 7.88
C GLN A 3572 86.62 75.35 7.45
N MET A 3573 85.54 76.11 7.62
CA MET A 3573 85.56 77.52 7.30
C MET A 3573 86.53 78.27 8.20
N ALA A 3574 86.60 77.91 9.46
CA ALA A 3574 87.64 78.52 10.31
C ALA A 3574 88.92 78.57 9.48
N LEU A 3575 89.38 77.42 8.99
CA LEU A 3575 90.63 77.32 8.19
C LEU A 3575 90.59 78.04 6.84
N TYR A 3576 89.50 78.01 6.06
CA TYR A 3576 89.55 78.62 4.71
C TYR A 3576 89.78 80.10 4.87
N ARG A 3577 89.10 80.75 5.79
CA ARG A 3577 89.42 82.15 6.15
C ARG A 3577 90.73 82.03 6.92
N GLY A 3578 91.60 83.03 6.93
CA GLY A 3578 92.92 82.93 7.57
C GLY A 3578 93.98 82.39 6.65
N LEU A 3579 93.65 82.09 5.40
CA LEU A 3579 94.66 81.77 4.38
C LEU A 3579 95.30 83.12 4.11
N PRO A 3580 96.51 83.24 3.55
CA PRO A 3580 97.16 84.54 3.49
C PRO A 3580 96.33 85.54 2.68
N GLY A 3581 95.74 85.13 1.58
CA GLY A 3581 94.88 86.02 0.77
C GLY A 3581 93.92 86.79 1.66
N PRO A 3589 81.96 86.65 -8.66
CA PRO A 3589 80.79 85.77 -8.62
C PRO A 3589 80.82 84.74 -9.74
N GLU A 3590 80.77 85.20 -10.99
CA GLU A 3590 80.88 84.28 -12.12
C GLU A 3590 82.17 83.46 -12.05
N LYS A 3591 83.22 84.01 -11.45
CA LYS A 3591 84.43 83.23 -11.21
C LYS A 3591 84.09 81.96 -10.42
N ILE A 3592 83.10 82.04 -9.54
CA ILE A 3592 82.73 80.88 -8.73
C ILE A 3592 82.23 79.76 -9.63
N VAL A 3593 81.28 80.07 -10.52
CA VAL A 3593 80.76 79.04 -11.41
C VAL A 3593 81.85 78.53 -12.34
N ARG A 3594 82.73 79.44 -12.78
CA ARG A 3594 83.84 79.01 -13.62
C ARG A 3594 84.69 77.96 -12.91
N ARG A 3595 85.07 78.26 -11.66
CA ARG A 3595 85.88 77.32 -10.89
C ARG A 3595 85.17 76.00 -10.70
N VAL A 3596 83.88 76.06 -10.36
CA VAL A 3596 83.15 74.83 -10.09
C VAL A 3596 83.07 73.98 -11.34
N GLN A 3597 82.77 74.59 -12.49
CA GLN A 3597 82.70 73.83 -13.73
C GLN A 3597 84.05 73.22 -14.07
N GLU A 3598 85.12 74.01 -13.93
CA GLU A 3598 86.46 73.51 -14.27
C GLU A 3598 86.82 72.31 -13.41
N VAL A 3599 86.60 72.41 -12.11
CA VAL A 3599 86.93 71.31 -11.22
C VAL A 3599 86.06 70.10 -11.52
N SER A 3600 84.76 70.32 -11.71
CA SER A 3600 83.82 69.21 -11.89
C SER A 3600 84.11 68.43 -13.16
N ALA A 3601 84.48 69.12 -14.24
CA ALA A 3601 84.76 68.41 -15.49
C ALA A 3601 85.84 67.37 -15.28
N VAL A 3602 86.98 67.79 -14.72
CA VAL A 3602 88.10 66.87 -14.53
C VAL A 3602 87.73 65.81 -13.51
N LEU A 3603 86.97 66.18 -12.47
CA LEU A 3603 86.58 65.18 -11.49
C LEU A 3603 85.76 64.08 -12.13
N TYR A 3604 84.75 64.44 -12.92
CA TYR A 3604 83.91 63.45 -13.57
C TYR A 3604 84.71 62.60 -14.53
N HIS A 3605 85.57 63.23 -15.33
CA HIS A 3605 86.36 62.47 -16.29
C HIS A 3605 87.30 61.50 -15.59
N LEU A 3606 87.95 61.93 -14.51
CA LEU A 3606 88.82 61.04 -13.76
C LEU A 3606 88.03 59.88 -13.16
N GLU A 3607 86.84 60.16 -12.63
CA GLU A 3607 86.03 59.09 -12.07
C GLU A 3607 85.64 58.07 -13.14
N GLN A 3608 85.31 58.54 -14.34
CA GLN A 3608 84.93 57.62 -15.39
C GLN A 3608 86.02 56.63 -15.73
N THR A 3609 87.25 56.85 -15.26
CA THR A 3609 88.36 55.94 -15.51
C THR A 3609 88.97 55.47 -14.21
N GLU A 3610 88.14 55.09 -13.25
CA GLU A 3610 88.62 54.58 -11.97
C GLU A 3610 89.46 53.33 -12.15
N MET A 3638 91.26 15.77 -44.07
CA MET A 3638 91.47 17.14 -44.51
C MET A 3638 92.41 17.19 -45.71
N THR A 3639 92.86 16.02 -46.17
CA THR A 3639 93.75 15.96 -47.31
C THR A 3639 93.02 16.36 -48.59
N PRO A 3640 93.72 16.88 -49.58
CA PRO A 3640 93.08 17.20 -50.86
C PRO A 3640 92.56 15.95 -51.55
N LEU A 3641 91.47 16.13 -52.31
CA LEU A 3641 90.88 14.99 -53.00
C LEU A 3641 91.82 14.40 -54.05
N TYR A 3642 92.77 15.20 -54.55
CA TYR A 3642 93.63 14.73 -55.62
C TYR A 3642 94.81 13.91 -55.13
N ASN A 3643 94.84 13.54 -53.85
CA ASN A 3643 95.93 12.75 -53.30
C ASN A 3643 95.52 11.34 -52.90
N LEU A 3644 94.22 11.03 -52.89
CA LEU A 3644 93.77 9.73 -52.46
C LEU A 3644 94.03 8.67 -53.55
N PRO A 3645 94.10 7.40 -53.17
CA PRO A 3645 94.21 6.34 -54.18
C PRO A 3645 92.95 6.29 -55.04
N THR A 3646 93.13 5.81 -56.28
CA THR A 3646 92.05 5.88 -57.25
C THR A 3646 90.82 5.09 -56.79
N HIS A 3647 91.02 3.90 -56.25
CA HIS A 3647 89.89 3.03 -55.94
C HIS A 3647 89.02 3.62 -54.83
N ARG A 3648 89.64 4.22 -53.81
CA ARG A 3648 88.83 4.85 -52.77
C ARG A 3648 88.01 5.99 -53.33
N ALA A 3649 88.60 6.80 -54.20
CA ALA A 3649 87.85 7.87 -54.85
C ALA A 3649 86.70 7.30 -55.67
N CYS A 3650 86.93 6.18 -56.36
CA CYS A 3650 85.87 5.56 -57.14
C CYS A 3650 84.72 5.12 -56.25
N ASN A 3651 85.03 4.50 -55.11
CA ASN A 3651 83.97 4.07 -54.21
C ASN A 3651 83.18 5.26 -53.69
N MET A 3652 83.87 6.33 -53.30
CA MET A 3652 83.17 7.52 -52.83
C MET A 3652 82.29 8.11 -53.93
N PHE A 3653 82.80 8.14 -55.15
CA PHE A 3653 82.01 8.66 -56.26
C PHE A 3653 80.77 7.83 -56.49
N LEU A 3654 80.90 6.51 -56.43
CA LEU A 3654 79.71 5.66 -56.60
C LEU A 3654 78.69 5.95 -55.52
N GLU A 3655 79.14 6.07 -54.27
CA GLU A 3655 78.22 6.37 -53.19
C GLU A 3655 77.49 7.68 -53.47
N SER A 3656 78.23 8.74 -53.79
CA SER A 3656 77.61 10.04 -54.00
C SER A 3656 76.66 10.02 -55.19
N TYR A 3657 77.06 9.39 -56.29
CA TYR A 3657 76.22 9.35 -57.47
C TYR A 3657 74.92 8.62 -57.18
N LYS A 3658 74.99 7.51 -56.45
CA LYS A 3658 73.76 6.80 -56.08
C LYS A 3658 72.88 7.69 -55.21
N ALA A 3659 73.48 8.37 -54.24
CA ALA A 3659 72.69 9.17 -53.31
C ALA A 3659 71.99 10.33 -54.00
N ALA A 3660 72.69 11.00 -54.92
CA ALA A 3660 72.21 12.26 -55.45
C ALA A 3660 71.47 12.13 -56.77
N TRP A 3661 71.94 11.27 -57.67
CA TRP A 3661 71.44 11.26 -59.04
C TRP A 3661 70.49 10.11 -59.35
N ILE A 3662 70.62 8.97 -58.66
CA ILE A 3662 69.84 7.79 -59.01
C ILE A 3662 68.46 7.86 -58.39
N LEU A 3663 68.39 7.88 -57.06
CA LEU A 3663 67.10 7.77 -56.41
C LEU A 3663 66.24 9.03 -56.56
N THR A 3664 66.84 10.17 -56.88
CA THR A 3664 66.06 11.37 -57.13
C THR A 3664 65.24 11.28 -58.41
N GLU A 3665 65.60 10.38 -59.32
CA GLU A 3665 64.86 10.24 -60.57
C GLU A 3665 63.44 9.78 -60.29
N ASP A 3666 62.50 10.28 -61.07
CA ASP A 3666 61.10 9.89 -60.97
C ASP A 3666 60.70 9.05 -62.17
N HIS A 3667 59.89 8.02 -61.92
CA HIS A 3667 59.43 7.15 -62.98
C HIS A 3667 58.14 6.50 -62.54
N SER A 3668 57.04 6.84 -63.21
CA SER A 3668 55.71 6.32 -62.89
C SER A 3668 55.35 5.23 -63.89
N PHE A 3669 55.08 4.04 -63.38
CA PHE A 3669 54.72 2.91 -64.24
C PHE A 3669 53.54 2.13 -63.67
N GLU A 3670 53.13 2.44 -62.45
CA GLU A 3670 52.13 1.62 -61.78
C GLU A 3670 50.81 1.61 -62.55
N ASP A 3671 50.35 2.77 -62.99
CA ASP A 3671 49.10 2.83 -63.72
C ASP A 3671 49.16 2.01 -64.99
N ARG A 3672 50.25 2.14 -65.75
CA ARG A 3672 50.38 1.38 -66.98
C ARG A 3672 50.44 -0.11 -66.69
N MET A 3673 51.15 -0.48 -65.61
CA MET A 3673 51.33 -1.91 -65.24
C MET A 3673 50.00 -2.52 -64.83
N ILE A 3674 49.12 -1.78 -64.14
CA ILE A 3674 47.81 -2.30 -63.75
C ILE A 3674 46.89 -2.35 -64.96
N ASP A 3675 46.95 -1.33 -65.82
CA ASP A 3675 46.12 -1.32 -67.01
C ASP A 3675 46.46 -2.51 -67.91
N ASP A 3676 47.74 -2.80 -68.07
CA ASP A 3676 48.15 -3.94 -68.89
C ASP A 3676 47.68 -5.25 -68.28
N LEU A 3677 47.81 -5.39 -66.96
CA LEU A 3677 47.45 -6.64 -66.32
C LEU A 3677 45.95 -6.85 -66.24
N SER A 3678 45.16 -5.79 -66.38
CA SER A 3678 43.71 -5.90 -66.23
C SER A 3678 42.99 -6.34 -67.50
N LYS A 3679 43.68 -6.39 -68.64
CA LYS A 3679 43.02 -6.76 -69.89
C LYS A 3679 42.94 -8.27 -70.03
N ALA A 3680 42.20 -8.70 -71.05
CA ALA A 3680 42.07 -10.11 -71.40
C ALA A 3680 41.98 -10.25 -72.90
N GLY A 3681 42.33 -11.43 -73.40
CA GLY A 3681 42.32 -11.71 -74.82
C GLY A 3681 41.08 -12.45 -75.26
N GLU A 3682 41.17 -13.04 -76.46
CA GLU A 3682 40.05 -13.79 -77.02
C GLU A 3682 38.83 -12.90 -77.21
N LYS A 3693 33.77 -17.70 -67.14
CA LYS A 3693 34.98 -17.00 -67.54
C LYS A 3693 36.10 -17.27 -66.53
N LYS A 3694 37.31 -17.43 -67.04
CA LYS A 3694 38.47 -17.68 -66.19
C LYS A 3694 39.08 -16.36 -65.72
N PRO A 3695 39.80 -16.37 -64.61
CA PRO A 3695 40.36 -15.11 -64.08
C PRO A 3695 41.39 -14.51 -65.02
N ASP A 3696 41.50 -13.19 -64.98
CA ASP A 3696 42.53 -12.48 -65.71
C ASP A 3696 43.77 -12.34 -64.83
N PRO A 3697 44.92 -11.95 -65.39
CA PRO A 3697 46.18 -12.04 -64.63
C PRO A 3697 46.16 -11.36 -63.28
N LEU A 3698 45.57 -10.17 -63.16
CA LEU A 3698 45.52 -9.49 -61.87
C LEU A 3698 44.74 -10.31 -60.84
N HIS A 3699 43.62 -10.89 -61.27
CA HIS A 3699 42.86 -11.76 -60.39
C HIS A 3699 43.70 -12.94 -59.93
N GLN A 3700 44.48 -13.54 -60.84
CA GLN A 3700 45.31 -14.67 -60.48
C GLN A 3700 46.37 -14.26 -59.45
N LEU A 3701 46.97 -13.09 -59.62
CA LEU A 3701 47.96 -12.62 -58.66
C LEU A 3701 47.34 -12.46 -57.28
N VAL A 3702 46.17 -11.81 -57.22
CA VAL A 3702 45.50 -11.61 -55.93
C VAL A 3702 45.17 -12.95 -55.30
N LEU A 3703 44.68 -13.90 -56.11
CA LEU A 3703 44.35 -15.22 -55.57
C LEU A 3703 45.58 -15.92 -55.04
N HIS A 3704 46.72 -15.78 -55.71
CA HIS A 3704 47.94 -16.40 -55.23
C HIS A 3704 48.33 -15.85 -53.87
N PHE A 3705 48.27 -14.52 -53.71
CA PHE A 3705 48.63 -13.95 -52.42
C PHE A 3705 47.66 -14.38 -51.33
N SER A 3706 46.36 -14.47 -51.66
CA SER A 3706 45.40 -14.98 -50.69
C SER A 3706 45.73 -16.40 -50.27
N ARG A 3707 46.08 -17.24 -51.25
CA ARG A 3707 46.44 -18.62 -50.94
C ARG A 3707 47.62 -18.67 -49.98
N THR A 3708 48.64 -17.86 -50.25
CA THR A 3708 49.79 -17.85 -49.34
C THR A 3708 49.39 -17.39 -47.95
N ALA A 3709 48.49 -16.39 -47.87
CA ALA A 3709 48.05 -15.90 -46.56
C ALA A 3709 47.30 -16.97 -45.77
N LEU A 3710 46.46 -17.75 -46.45
CA LEU A 3710 45.59 -18.69 -45.75
C LEU A 3710 46.30 -19.94 -45.24
N THR A 3711 47.53 -20.20 -45.68
CA THR A 3711 48.23 -21.40 -45.25
C THR A 3711 48.43 -21.39 -43.75
N GLU A 3712 48.27 -22.56 -43.12
CA GLU A 3712 48.38 -22.68 -41.67
C GLU A 3712 49.85 -22.74 -41.28
N LYS A 3713 50.32 -21.74 -40.54
CA LYS A 3713 51.70 -21.67 -40.10
C LYS A 3713 51.78 -20.93 -38.78
N SER A 3714 52.91 -21.12 -38.08
CA SER A 3714 53.09 -20.48 -36.80
C SER A 3714 53.44 -19.00 -36.94
N LYS A 3715 54.24 -18.66 -37.96
CA LYS A 3715 54.72 -17.29 -38.14
C LYS A 3715 54.60 -16.92 -39.61
N LEU A 3716 54.42 -15.63 -39.87
CA LEU A 3716 54.32 -15.12 -41.23
C LEU A 3716 55.72 -14.73 -41.72
N ASP A 3717 56.19 -15.45 -42.74
CA ASP A 3717 57.52 -15.16 -43.29
C ASP A 3717 57.49 -13.89 -44.12
N GLU A 3718 58.54 -13.09 -44.01
CA GLU A 3718 58.64 -11.86 -44.77
C GLU A 3718 59.16 -12.14 -46.17
N ASP A 3719 58.43 -11.67 -47.18
CA ASP A 3719 58.83 -11.82 -48.57
C ASP A 3719 58.70 -10.49 -49.28
N TYR A 3720 59.70 -10.13 -50.06
CA TYR A 3720 59.75 -8.80 -50.67
C TYR A 3720 58.77 -8.68 -51.84
N LEU A 3721 58.44 -9.79 -52.51
CA LEU A 3721 57.56 -9.69 -53.67
C LEU A 3721 56.20 -9.16 -53.28
N TYR A 3722 55.63 -9.66 -52.18
CA TYR A 3722 54.33 -9.20 -51.74
C TYR A 3722 54.38 -7.71 -51.42
N MET A 3723 55.43 -7.26 -50.74
CA MET A 3723 55.54 -5.85 -50.39
C MET A 3723 55.62 -4.98 -51.64
N ALA A 3724 56.42 -5.40 -52.63
CA ALA A 3724 56.54 -4.62 -53.85
C ALA A 3724 55.21 -4.51 -54.57
N TYR A 3725 54.50 -5.63 -54.71
CA TYR A 3725 53.25 -5.60 -55.47
C TYR A 3725 52.16 -4.85 -54.69
N ALA A 3726 52.16 -4.97 -53.36
CA ALA A 3726 51.23 -4.18 -52.57
C ALA A 3726 51.48 -2.69 -52.75
N ASP A 3727 52.75 -2.29 -52.77
CA ASP A 3727 53.07 -0.89 -52.97
C ASP A 3727 52.60 -0.43 -54.36
N ILE A 3728 52.81 -1.26 -55.37
CA ILE A 3728 52.35 -0.90 -56.71
C ILE A 3728 50.84 -0.71 -56.73
N MET A 3729 50.10 -1.69 -56.20
CA MET A 3729 48.64 -1.59 -56.21
C MET A 3729 48.17 -0.36 -55.46
N ALA A 3730 48.76 -0.09 -54.29
CA ALA A 3730 48.36 1.07 -53.51
C ALA A 3730 48.59 2.36 -54.29
N LYS A 3731 49.74 2.48 -54.94
CA LYS A 3731 50.02 3.70 -55.68
C LYS A 3731 49.20 3.80 -56.96
N SER A 3732 48.61 2.71 -57.41
CA SER A 3732 47.78 2.79 -58.62
C SER A 3732 46.52 3.62 -58.39
N CYS A 3733 46.11 3.81 -57.13
CA CYS A 3733 44.94 4.68 -56.78
C CYS A 3733 45.44 6.04 -56.30
N HIS A 3734 45.15 7.11 -57.04
CA HIS A 3734 45.55 8.50 -56.65
C HIS A 3734 44.95 8.83 -55.29
N VAL A 3751 38.64 25.18 -59.24
CA VAL A 3751 37.78 24.51 -58.28
C VAL A 3751 36.38 24.34 -58.87
N SER A 3752 36.33 24.07 -60.18
CA SER A 3752 35.05 23.89 -60.84
C SER A 3752 34.35 22.63 -60.33
N PHE A 3753 33.02 22.64 -60.42
CA PHE A 3753 32.24 21.48 -60.01
C PHE A 3753 32.50 20.28 -60.91
N GLU A 3754 32.59 20.51 -62.22
CA GLU A 3754 32.72 19.41 -63.16
C GLU A 3754 34.02 18.65 -62.96
N GLU A 3755 35.13 19.38 -62.80
CA GLU A 3755 36.42 18.71 -62.61
C GLU A 3755 36.42 17.86 -61.35
N LYS A 3756 35.87 18.38 -60.24
CA LYS A 3756 35.89 17.64 -59.00
C LYS A 3756 34.91 16.47 -59.02
N GLU A 3757 33.85 16.55 -59.84
CA GLU A 3757 32.98 15.39 -59.99
C GLU A 3757 33.66 14.30 -60.82
N MET A 3758 34.31 14.70 -61.92
CA MET A 3758 34.98 13.70 -62.75
C MET A 3758 36.15 13.06 -62.02
N GLU A 3759 36.83 13.82 -61.17
CA GLU A 3759 37.92 13.23 -60.39
C GLU A 3759 37.39 12.17 -59.42
N LYS A 3760 36.25 12.44 -58.79
CA LYS A 3760 35.64 11.44 -57.92
C LYS A 3760 35.25 10.21 -58.72
N GLN A 3761 34.69 10.41 -59.91
CA GLN A 3761 34.34 9.26 -60.74
C GLN A 3761 35.57 8.43 -61.10
N ARG A 3762 36.67 9.10 -61.45
CA ARG A 3762 37.89 8.39 -61.80
C ARG A 3762 38.44 7.61 -60.60
N LEU A 3763 38.41 8.22 -59.41
CA LEU A 3763 38.88 7.52 -58.23
C LEU A 3763 38.01 6.30 -57.94
N LEU A 3764 36.70 6.43 -58.08
CA LEU A 3764 35.82 5.28 -57.88
C LEU A 3764 36.13 4.18 -58.88
N TYR A 3765 36.38 4.54 -60.13
CA TYR A 3765 36.71 3.52 -61.13
C TYR A 3765 38.01 2.82 -60.78
N GLN A 3766 39.01 3.58 -60.35
CA GLN A 3766 40.29 2.98 -60.01
C GLN A 3766 40.15 2.03 -58.83
N GLN A 3767 39.37 2.41 -57.82
CA GLN A 3767 39.19 1.53 -56.67
C GLN A 3767 38.39 0.28 -57.05
N SER A 3768 37.41 0.43 -57.94
CA SER A 3768 36.67 -0.75 -58.39
C SER A 3768 37.59 -1.71 -59.13
N ARG A 3769 38.47 -1.18 -59.97
CA ARG A 3769 39.41 -2.03 -60.70
C ARG A 3769 40.09 -3.04 -59.79
N LEU A 3770 40.32 -2.68 -58.53
CA LEU A 3770 40.96 -3.59 -57.59
C LEU A 3770 39.94 -4.40 -56.78
N HIS A 3771 38.95 -3.73 -56.18
CA HIS A 3771 38.10 -4.44 -55.24
C HIS A 3771 37.11 -5.37 -55.93
N THR A 3772 37.01 -5.31 -57.27
CA THR A 3772 36.19 -6.29 -57.97
C THR A 3772 36.89 -7.63 -58.11
N ARG A 3773 38.18 -7.71 -57.74
CA ARG A 3773 38.97 -8.93 -57.90
C ARG A 3773 39.45 -9.48 -56.57
N GLY A 3774 38.81 -9.08 -55.47
CA GLY A 3774 39.08 -9.70 -54.18
C GLY A 3774 40.27 -9.14 -53.42
N ALA A 3775 40.43 -7.82 -53.37
CA ALA A 3775 41.56 -7.27 -52.63
C ALA A 3775 41.23 -7.06 -51.15
N ALA A 3776 39.96 -6.73 -50.85
CA ALA A 3776 39.58 -6.51 -49.46
C ALA A 3776 39.76 -7.76 -48.63
N GLU A 3777 39.33 -8.91 -49.17
CA GLU A 3777 39.52 -10.17 -48.47
C GLU A 3777 40.99 -10.45 -48.24
N MET A 3778 41.83 -10.15 -49.24
CA MET A 3778 43.26 -10.35 -49.07
C MET A 3778 43.81 -9.49 -47.94
N VAL A 3779 43.38 -8.23 -47.88
CA VAL A 3779 43.86 -7.35 -46.82
C VAL A 3779 43.47 -7.90 -45.45
N LEU A 3780 42.21 -8.31 -45.31
CA LEU A 3780 41.77 -8.84 -44.03
C LEU A 3780 42.53 -10.10 -43.65
N GLN A 3781 42.75 -10.99 -44.63
CA GLN A 3781 43.45 -12.23 -44.36
C GLN A 3781 44.89 -11.96 -43.92
N MET A 3782 45.57 -11.03 -44.58
CA MET A 3782 46.94 -10.72 -44.20
C MET A 3782 47.00 -10.13 -42.80
N ILE A 3783 46.07 -9.23 -42.47
CA ILE A 3783 46.07 -8.67 -41.13
C ILE A 3783 45.84 -9.76 -40.09
N SER A 3784 44.94 -10.70 -40.38
CA SER A 3784 44.72 -11.80 -39.46
C SER A 3784 45.98 -12.65 -39.32
N ALA A 3785 46.68 -12.90 -40.43
CA ALA A 3785 47.86 -13.75 -40.40
C ALA A 3785 49.03 -13.11 -39.66
N CYS A 3786 49.16 -11.79 -39.66
CA CYS A 3786 50.30 -11.16 -39.00
C CYS A 3786 50.38 -11.54 -37.52
N LYS A 3787 49.25 -11.85 -36.89
CA LYS A 3787 49.22 -12.26 -35.48
C LYS A 3787 49.81 -11.20 -34.56
N GLY A 3788 49.53 -9.94 -34.84
CA GLY A 3788 49.93 -8.86 -33.98
C GLY A 3788 51.41 -8.64 -33.85
N GLU A 3789 52.18 -8.79 -34.94
CA GLU A 3789 53.60 -8.55 -34.93
C GLU A 3789 53.93 -7.41 -35.86
N THR A 3790 54.61 -6.38 -35.33
CA THR A 3790 54.98 -5.24 -36.15
C THR A 3790 56.00 -5.64 -37.20
N GLY A 3791 55.96 -4.95 -38.33
CA GLY A 3791 56.87 -5.25 -39.41
C GLY A 3791 56.46 -4.50 -40.67
N ALA A 3792 57.21 -4.79 -41.74
CA ALA A 3792 56.92 -4.13 -43.01
C ALA A 3792 55.68 -4.70 -43.68
N MET A 3793 55.39 -5.98 -43.46
CA MET A 3793 54.25 -6.60 -44.12
C MET A 3793 52.95 -5.95 -43.67
N VAL A 3794 52.74 -5.84 -42.36
CA VAL A 3794 51.51 -5.24 -41.86
C VAL A 3794 51.43 -3.77 -42.25
N SER A 3795 52.57 -3.08 -42.27
CA SER A 3795 52.58 -1.68 -42.67
C SER A 3795 52.09 -1.53 -44.11
N SER A 3796 52.64 -2.34 -45.03
CA SER A 3796 52.20 -2.25 -46.41
C SER A 3796 50.75 -2.67 -46.57
N THR A 3797 50.29 -3.66 -45.81
CA THR A 3797 48.90 -4.05 -45.87
C THR A 3797 47.98 -2.91 -45.43
N LEU A 3798 48.33 -2.22 -44.35
CA LEU A 3798 47.52 -1.08 -43.92
C LEU A 3798 47.54 0.02 -44.96
N LYS A 3799 48.69 0.26 -45.59
CA LYS A 3799 48.73 1.26 -46.64
C LYS A 3799 47.79 0.91 -47.77
N LEU A 3800 47.79 -0.36 -48.20
CA LEU A 3800 46.90 -0.78 -49.27
C LEU A 3800 45.44 -0.63 -48.87
N GLY A 3801 45.10 -1.00 -47.63
CA GLY A 3801 43.74 -0.83 -47.16
C GLY A 3801 43.30 0.62 -47.18
N ILE A 3802 44.15 1.51 -46.67
CA ILE A 3802 43.85 2.94 -46.71
C ILE A 3802 43.60 3.38 -48.14
N SER A 3803 44.50 3.00 -49.05
CA SER A 3803 44.37 3.46 -50.43
C SER A 3803 43.09 2.97 -51.07
N ILE A 3804 42.69 1.73 -50.82
CA ILE A 3804 41.50 1.20 -51.46
C ILE A 3804 40.22 1.65 -50.77
N LEU A 3805 40.31 2.15 -49.54
CA LEU A 3805 39.14 2.52 -48.77
C LEU A 3805 38.89 4.02 -48.68
N ASN A 3806 39.67 4.84 -49.39
CA ASN A 3806 39.56 6.28 -49.27
C ASN A 3806 38.19 6.76 -49.72
N GLY A 3807 37.74 7.86 -49.13
CA GLY A 3807 36.49 8.48 -49.51
C GLY A 3807 35.24 7.79 -49.02
N GLY A 3808 35.36 6.87 -48.06
CA GLY A 3808 34.20 6.19 -47.55
C GLY A 3808 33.47 5.37 -48.59
N ASN A 3809 34.21 4.58 -49.36
CA ASN A 3809 33.61 3.72 -50.37
C ASN A 3809 32.67 2.72 -49.69
N ALA A 3810 31.40 2.71 -50.10
CA ALA A 3810 30.41 1.87 -49.43
C ALA A 3810 30.53 0.41 -49.83
N GLU A 3811 30.82 0.13 -51.10
CA GLU A 3811 30.90 -1.26 -51.53
C GLU A 3811 31.99 -2.01 -50.79
N VAL A 3812 33.15 -1.38 -50.60
CA VAL A 3812 34.24 -2.03 -49.89
C VAL A 3812 33.84 -2.33 -48.46
N GLN A 3813 33.18 -1.37 -47.80
CA GLN A 3813 32.74 -1.60 -46.43
C GLN A 3813 31.77 -2.77 -46.36
N GLN A 3814 30.82 -2.82 -47.28
CA GLN A 3814 29.85 -3.91 -47.28
C GLN A 3814 30.54 -5.25 -47.49
N LYS A 3815 31.50 -5.31 -48.43
CA LYS A 3815 32.19 -6.57 -48.68
C LYS A 3815 32.99 -7.01 -47.48
N MET A 3816 33.73 -6.10 -46.85
CA MET A 3816 34.49 -6.47 -45.67
C MET A 3816 33.58 -6.97 -44.56
N LEU A 3817 32.48 -6.27 -44.30
CA LEU A 3817 31.59 -6.70 -43.23
C LEU A 3817 31.00 -8.07 -43.52
N ASP A 3818 30.58 -8.30 -44.76
CA ASP A 3818 30.01 -9.60 -45.12
C ASP A 3818 31.04 -10.71 -44.93
N TYR A 3819 32.26 -10.49 -45.39
CA TYR A 3819 33.30 -11.51 -45.23
C TYR A 3819 33.55 -11.82 -43.76
N LEU A 3820 33.70 -10.77 -42.95
CA LEU A 3820 33.99 -10.96 -41.54
C LEU A 3820 32.86 -11.72 -40.85
N LYS A 3821 31.61 -11.35 -41.12
CA LYS A 3821 30.50 -12.05 -40.50
C LYS A 3821 30.38 -13.49 -41.00
N ASP A 3822 30.79 -13.75 -42.24
CA ASP A 3822 30.66 -15.10 -42.78
C ASP A 3822 31.69 -16.04 -42.17
N LYS A 3823 32.95 -15.59 -42.08
CA LYS A 3823 34.00 -16.49 -41.60
C LYS A 3823 33.94 -16.74 -40.10
N LYS A 3824 33.50 -15.75 -39.31
CA LYS A 3824 33.44 -15.90 -37.86
C LYS A 3824 34.79 -16.27 -37.26
N GLU A 3825 35.85 -15.58 -37.68
CA GLU A 3825 37.19 -15.82 -37.16
C GLU A 3825 37.59 -14.72 -36.19
N VAL A 3826 38.30 -15.11 -35.13
CA VAL A 3826 38.65 -14.17 -34.07
C VAL A 3826 40.08 -13.65 -34.18
N GLY A 3827 40.84 -14.09 -35.19
CA GLY A 3827 42.20 -13.61 -35.32
C GLY A 3827 42.30 -12.13 -35.63
N PHE A 3828 41.35 -11.60 -36.40
CA PHE A 3828 41.44 -10.23 -36.87
C PHE A 3828 41.50 -9.25 -35.70
N PHE A 3829 40.54 -9.35 -34.79
CA PHE A 3829 40.47 -8.37 -33.70
C PHE A 3829 41.54 -8.63 -32.66
N GLN A 3830 41.94 -9.89 -32.45
CA GLN A 3830 43.06 -10.15 -31.56
C GLN A 3830 44.33 -9.51 -32.08
N SER A 3831 44.60 -9.62 -33.37
CA SER A 3831 45.78 -9.00 -33.95
C SER A 3831 45.69 -7.48 -33.83
N ILE A 3832 44.51 -6.91 -34.09
CA ILE A 3832 44.37 -5.45 -33.98
C ILE A 3832 44.64 -5.01 -32.55
N GLN A 3833 44.10 -5.74 -31.57
CA GLN A 3833 44.31 -5.39 -30.17
C GLN A 3833 45.79 -5.44 -29.81
N ALA A 3834 46.48 -6.49 -30.23
CA ALA A 3834 47.91 -6.59 -29.95
C ALA A 3834 48.67 -5.43 -30.60
N LEU A 3835 48.35 -5.12 -31.85
CA LEU A 3835 49.02 -4.02 -32.53
C LEU A 3835 48.82 -2.71 -31.78
N MET A 3836 47.60 -2.45 -31.32
CA MET A 3836 47.35 -1.23 -30.55
C MET A 3836 48.16 -1.24 -29.26
N GLN A 3837 48.21 -2.37 -28.56
CA GLN A 3837 48.97 -2.43 -27.33
C GLN A 3837 50.47 -2.22 -27.55
N THR A 3838 50.97 -2.51 -28.76
CA THR A 3838 52.39 -2.35 -29.03
C THR A 3838 52.78 -0.93 -29.44
N CYS A 3839 51.82 -0.01 -29.57
CA CYS A 3839 52.14 1.33 -30.04
C CYS A 3839 52.96 2.08 -29.00
N SER A 3840 53.76 3.04 -29.47
CA SER A 3840 54.69 3.76 -28.62
C SER A 3840 54.19 5.18 -28.32
N VAL A 3841 54.82 5.80 -27.32
CA VAL A 3841 54.49 7.15 -26.87
C VAL A 3841 55.79 7.88 -26.55
N LEU A 3842 55.67 9.12 -26.10
CA LEU A 3842 56.85 9.91 -25.74
C LEU A 3842 57.56 9.31 -24.54
N ASP A 3843 58.88 9.48 -24.50
CA ASP A 3843 59.71 9.01 -23.41
C ASP A 3843 60.79 10.04 -23.12
N LEU A 3844 60.91 10.44 -21.86
CA LEU A 3844 61.90 11.45 -21.50
C LEU A 3844 63.31 10.86 -21.44
N ASN A 3845 63.45 9.61 -20.99
CA ASN A 3845 64.78 9.03 -20.84
C ASN A 3845 65.49 8.95 -22.19
N ALA A 3846 64.79 8.51 -23.23
CA ALA A 3846 65.41 8.44 -24.54
C ALA A 3846 65.80 9.83 -25.03
N PHE A 3847 64.95 10.83 -24.78
CA PHE A 3847 65.27 12.19 -25.19
C PHE A 3847 66.53 12.69 -24.51
N GLU A 3848 66.64 12.46 -23.20
CA GLU A 3848 67.83 12.90 -22.47
C GLU A 3848 69.07 12.17 -22.95
N ARG A 3849 68.96 10.86 -23.20
CA ARG A 3849 70.09 10.11 -23.72
C ARG A 3849 70.53 10.66 -25.06
N GLN A 3850 69.58 10.97 -25.94
CA GLN A 3850 69.93 11.51 -27.25
C GLN A 3850 70.60 12.87 -27.12
N ASN A 3851 70.10 13.72 -26.22
CA ASN A 3851 70.73 15.01 -26.00
C ASN A 3851 72.16 14.84 -25.52
N LYS A 3852 72.36 13.92 -24.57
CA LYS A 3852 73.71 13.63 -24.01
C LYS A 3852 74.63 13.16 -25.14
N ALA A 3853 74.13 12.28 -26.02
CA ALA A 3853 74.93 11.75 -27.11
C ALA A 3853 75.32 12.85 -28.10
N GLU A 3854 74.36 13.71 -28.45
CA GLU A 3854 74.66 14.81 -29.36
C GLU A 3854 75.63 15.80 -28.72
N GLY A 3855 75.63 15.88 -27.39
CA GLY A 3855 76.59 16.75 -26.71
C GLY A 3855 78.03 16.39 -26.97
N LEU A 3856 78.31 15.16 -27.41
CA LEU A 3856 79.67 14.74 -27.71
C LEU A 3856 80.17 15.21 -29.07
N LYS A 3873 65.17 6.03 -30.96
CA LYS A 3873 64.68 7.40 -30.92
C LYS A 3873 63.40 7.46 -30.09
N VAL A 3874 62.71 8.61 -30.14
CA VAL A 3874 61.47 8.82 -29.42
C VAL A 3874 60.34 8.94 -30.43
N MET A 3875 59.33 8.08 -30.30
CA MET A 3875 58.21 8.04 -31.23
C MET A 3875 58.71 7.83 -32.66
N ALA A 3876 59.42 6.72 -32.86
CA ALA A 3876 59.98 6.42 -34.17
C ALA A 3876 58.98 5.78 -35.12
N ASP A 3877 57.83 5.33 -34.62
CA ASP A 3877 56.82 4.68 -35.44
C ASP A 3877 55.50 5.44 -35.45
N ASP A 3878 55.54 6.77 -35.45
CA ASP A 3878 54.32 7.55 -35.41
C ASP A 3878 53.46 7.31 -36.65
N GLU A 3879 54.08 7.24 -37.83
CA GLU A 3879 53.31 7.06 -39.04
C GLU A 3879 52.53 5.75 -39.03
N PHE A 3880 53.10 4.69 -38.45
CA PHE A 3880 52.36 3.43 -38.35
C PHE A 3880 51.12 3.59 -37.48
N THR A 3881 51.23 4.28 -36.35
CA THR A 3881 50.07 4.51 -35.50
C THR A 3881 49.02 5.33 -36.23
N GLN A 3882 49.45 6.37 -36.93
CA GLN A 3882 48.49 7.18 -37.69
C GLN A 3882 47.78 6.33 -38.73
N ASP A 3883 48.52 5.47 -39.43
CA ASP A 3883 47.90 4.62 -40.43
C ASP A 3883 46.90 3.66 -39.80
N LEU A 3884 47.25 3.06 -38.67
CA LEU A 3884 46.34 2.13 -38.02
C LEU A 3884 45.03 2.83 -37.65
N PHE A 3885 45.12 4.00 -37.02
CA PHE A 3885 43.91 4.66 -36.58
C PHE A 3885 43.12 5.24 -37.75
N ARG A 3886 43.80 5.69 -38.81
CA ARG A 3886 43.10 6.12 -40.00
C ARG A 3886 42.33 4.96 -40.63
N PHE A 3887 42.94 3.78 -40.67
CA PHE A 3887 42.27 2.61 -41.21
C PHE A 3887 41.03 2.29 -40.38
N LEU A 3888 41.16 2.33 -39.05
CA LEU A 3888 39.99 2.06 -38.21
C LEU A 3888 38.90 3.09 -38.46
N GLN A 3889 39.28 4.36 -38.61
CA GLN A 3889 38.28 5.41 -38.86
C GLN A 3889 37.55 5.17 -40.17
N LEU A 3890 38.28 4.83 -41.24
CA LEU A 3890 37.66 4.74 -42.56
C LEU A 3890 36.59 3.66 -42.63
N LEU A 3891 36.59 2.71 -41.69
CA LEU A 3891 35.56 1.67 -41.71
C LEU A 3891 34.19 2.22 -41.34
N CYS A 3892 34.14 3.18 -40.42
CA CYS A 3892 32.88 3.74 -39.95
C CYS A 3892 32.45 5.00 -40.68
N GLU A 3893 33.30 5.54 -41.56
CA GLU A 3893 32.99 6.81 -42.20
C GLU A 3893 31.73 6.70 -43.05
N GLY A 3894 30.95 7.78 -43.07
CA GLY A 3894 29.68 7.79 -43.77
C GLY A 3894 28.50 7.41 -42.92
N HIS A 3895 28.65 7.36 -41.60
CA HIS A 3895 27.56 6.99 -40.70
C HIS A 3895 27.09 5.56 -40.98
N ASN A 3896 28.03 4.62 -40.96
CA ASN A 3896 27.71 3.21 -41.16
C ASN A 3896 27.36 2.60 -39.81
N ASN A 3897 26.07 2.40 -39.55
CA ASN A 3897 25.65 1.88 -38.26
C ASN A 3897 26.12 0.45 -38.05
N ASP A 3898 26.10 -0.36 -39.10
CA ASP A 3898 26.43 -1.78 -38.94
C ASP A 3898 27.86 -1.95 -38.41
N PHE A 3899 28.82 -1.28 -39.03
CA PHE A 3899 30.20 -1.40 -38.57
C PHE A 3899 30.38 -0.75 -37.21
N GLN A 3900 29.68 0.35 -36.96
CA GLN A 3900 29.79 1.00 -35.66
C GLN A 3900 29.35 0.06 -34.54
N ASN A 3901 28.29 -0.71 -34.77
CA ASN A 3901 27.86 -1.68 -33.78
C ASN A 3901 28.79 -2.89 -33.73
N TYR A 3902 29.26 -3.35 -34.89
CA TYR A 3902 30.10 -4.54 -34.91
C TYR A 3902 31.40 -4.33 -34.15
N LEU A 3903 31.98 -3.12 -34.23
CA LEU A 3903 33.24 -2.84 -33.55
C LEU A 3903 33.13 -2.98 -32.04
N ARG A 3904 31.92 -2.90 -31.48
CA ARG A 3904 31.74 -2.99 -30.04
C ARG A 3904 31.54 -4.44 -29.58
N THR A 3905 30.77 -5.21 -30.34
CA THR A 3905 30.51 -6.60 -29.97
C THR A 3905 30.34 -7.43 -31.24
N GLN A 3906 30.95 -8.62 -31.23
CA GLN A 3906 30.81 -9.59 -32.31
C GLN A 3906 29.85 -10.67 -31.82
N THR A 3907 28.78 -10.89 -32.58
CA THR A 3907 27.70 -11.75 -32.11
C THR A 3907 28.05 -13.23 -32.26
N GLY A 3908 28.29 -13.68 -33.49
CA GLY A 3908 28.47 -15.09 -33.75
C GLY A 3908 29.77 -15.64 -33.22
N ASN A 3909 30.75 -14.77 -32.97
CA ASN A 3909 32.06 -15.23 -32.55
C ASN A 3909 32.01 -15.85 -31.16
N THR A 3910 32.96 -16.76 -30.91
CA THR A 3910 33.05 -17.39 -29.60
C THR A 3910 33.37 -16.37 -28.52
N THR A 3911 34.27 -15.43 -28.79
CA THR A 3911 34.63 -14.39 -27.85
C THR A 3911 34.45 -13.03 -28.51
N THR A 3912 34.55 -11.99 -27.70
CA THR A 3912 34.31 -10.63 -28.16
C THR A 3912 35.40 -9.70 -27.63
N ILE A 3913 35.71 -8.68 -28.41
CA ILE A 3913 36.68 -7.66 -28.04
C ILE A 3913 36.10 -6.29 -28.35
N ASN A 3914 36.27 -5.34 -27.44
CA ASN A 3914 35.76 -3.99 -27.59
C ASN A 3914 36.90 -3.07 -27.99
N ILE A 3915 36.75 -2.39 -29.13
CA ILE A 3915 37.82 -1.55 -29.64
C ILE A 3915 37.80 -0.14 -29.05
N ILE A 3916 36.63 0.33 -28.61
CA ILE A 3916 36.55 1.67 -28.04
C ILE A 3916 37.39 1.74 -26.77
N ILE A 3917 37.35 0.69 -25.96
CA ILE A 3917 38.14 0.66 -24.73
C ILE A 3917 39.62 0.74 -25.06
N CYS A 3918 40.06 0.00 -26.08
CA CYS A 3918 41.47 0.04 -26.46
C CYS A 3918 41.86 1.44 -26.92
N THR A 3919 41.00 2.08 -27.71
CA THR A 3919 41.31 3.43 -28.19
C THR A 3919 41.45 4.39 -27.01
N VAL A 3920 40.53 4.33 -26.05
CA VAL A 3920 40.61 5.26 -24.92
C VAL A 3920 41.84 4.96 -24.08
N ASP A 3921 42.21 3.69 -23.94
CA ASP A 3921 43.41 3.36 -23.18
C ASP A 3921 44.65 3.98 -23.82
N TYR A 3922 44.79 3.84 -25.14
CA TYR A 3922 45.93 4.44 -25.81
C TYR A 3922 45.91 5.95 -25.65
N LEU A 3923 44.72 6.56 -25.75
CA LEU A 3923 44.63 8.00 -25.58
C LEU A 3923 45.10 8.43 -24.19
N LEU A 3924 44.73 7.65 -23.17
CA LEU A 3924 45.16 7.98 -21.81
C LEU A 3924 46.68 7.90 -21.68
N ARG A 3925 47.29 6.86 -22.25
CA ARG A 3925 48.74 6.76 -22.18
C ARG A 3925 49.41 7.96 -22.85
N LEU A 3926 48.91 8.34 -24.03
CA LEU A 3926 49.49 9.47 -24.74
C LEU A 3926 49.34 10.76 -23.92
N GLN A 3927 48.17 10.95 -23.30
CA GLN A 3927 47.95 12.14 -22.50
C GLN A 3927 48.93 12.21 -21.34
N GLU A 3928 49.15 11.08 -20.66
CA GLU A 3928 50.11 11.08 -19.56
C GLU A 3928 51.51 11.43 -20.05
N SER A 3929 51.92 10.89 -21.20
CA SER A 3929 53.24 11.23 -21.73
C SER A 3929 53.36 12.73 -21.99
N ILE A 3930 52.33 13.31 -22.60
CA ILE A 3930 52.38 14.74 -22.91
C ILE A 3930 52.43 15.57 -21.63
N SER A 3931 51.69 15.16 -20.61
CA SER A 3931 51.73 15.88 -19.34
C SER A 3931 53.12 15.84 -18.74
N ASP A 3932 53.77 14.68 -18.79
CA ASP A 3932 55.14 14.59 -18.28
C ASP A 3932 56.06 15.52 -19.05
N PHE A 3933 55.93 15.56 -20.37
CA PHE A 3933 56.77 16.45 -21.16
C PHE A 3933 56.58 17.91 -20.76
N TYR A 3934 55.33 18.33 -20.59
CA TYR A 3934 55.11 19.73 -20.20
C TYR A 3934 55.68 20.01 -18.82
N TRP A 3935 55.52 19.06 -17.89
CA TRP A 3935 56.09 19.26 -16.57
C TRP A 3935 57.60 19.44 -16.65
N TYR A 3936 58.25 18.64 -17.50
CA TYR A 3936 59.69 18.81 -17.69
C TYR A 3936 60.02 20.20 -18.20
N TYR A 3937 59.24 20.69 -19.17
CA TYR A 3937 59.59 21.95 -19.83
C TYR A 3937 59.05 23.19 -19.14
N SER A 3938 58.24 23.06 -18.09
CA SER A 3938 57.55 24.22 -17.55
C SER A 3938 58.52 25.26 -17.01
N GLY A 3939 59.52 24.82 -16.24
CA GLY A 3939 60.38 25.77 -15.55
C GLY A 3939 61.11 26.73 -16.46
N LYS A 3940 61.72 26.22 -17.52
CA LYS A 3940 62.42 27.09 -18.47
C LYS A 3940 61.41 27.75 -19.40
N ASP A 3941 61.88 28.76 -20.12
CA ASP A 3941 60.98 29.58 -20.95
C ASP A 3941 61.09 29.23 -22.43
N VAL A 3942 62.31 29.24 -22.97
CA VAL A 3942 62.49 29.01 -24.39
C VAL A 3942 62.38 27.52 -24.70
N ILE A 3943 62.22 27.22 -25.99
CA ILE A 3943 62.17 25.84 -26.47
C ILE A 3943 63.01 25.73 -27.72
N GLU A 3944 63.81 24.66 -27.81
CA GLU A 3944 64.62 24.45 -29.00
C GLU A 3944 63.86 23.63 -30.03
N GLU A 3945 64.56 23.26 -31.10
CA GLU A 3945 63.90 22.62 -32.24
C GLU A 3945 63.32 21.26 -31.87
N GLN A 3946 64.07 20.45 -31.11
CA GLN A 3946 63.65 19.09 -30.85
C GLN A 3946 62.34 19.05 -30.07
N GLY A 3947 62.21 19.88 -29.04
CA GLY A 3947 60.97 19.93 -28.29
C GLY A 3947 59.80 20.30 -29.16
N LYS A 3948 59.99 21.29 -30.04
CA LYS A 3948 58.90 21.71 -30.92
C LYS A 3948 58.50 20.59 -31.87
N ARG A 3949 59.48 19.89 -32.43
CA ARG A 3949 59.17 18.79 -33.34
C ARG A 3949 58.39 17.69 -32.63
N ASN A 3950 58.85 17.31 -31.44
CA ASN A 3950 58.16 16.27 -30.68
C ASN A 3950 56.74 16.70 -30.33
N PHE A 3951 56.58 17.96 -29.93
CA PHE A 3951 55.24 18.46 -29.62
C PHE A 3951 54.35 18.38 -30.84
N SER A 3952 54.86 18.80 -31.99
CA SER A 3952 54.06 18.80 -33.20
C SER A 3952 53.61 17.39 -33.56
N LYS A 3953 54.52 16.41 -33.50
CA LYS A 3953 54.14 15.06 -33.91
C LYS A 3953 53.19 14.41 -32.90
N ALA A 3954 53.42 14.61 -31.60
CA ALA A 3954 52.49 14.08 -30.62
C ALA A 3954 51.12 14.69 -30.80
N MET A 3955 51.05 15.99 -31.08
CA MET A 3955 49.75 16.64 -31.29
C MET A 3955 49.08 16.11 -32.55
N SER A 3956 49.85 15.81 -33.59
CA SER A 3956 49.26 15.21 -34.78
C SER A 3956 48.63 13.87 -34.47
N VAL A 3957 49.33 13.02 -33.73
CA VAL A 3957 48.76 11.72 -33.37
C VAL A 3957 47.50 11.90 -32.52
N ALA A 3958 47.54 12.85 -31.59
CA ALA A 3958 46.37 13.11 -30.76
C ALA A 3958 45.18 13.55 -31.61
N LYS A 3959 45.47 14.39 -32.61
CA LYS A 3959 44.42 14.94 -33.51
C LYS A 3959 43.80 13.80 -34.33
N GLN A 3960 44.60 12.81 -34.76
CA GLN A 3960 44.07 11.65 -35.47
C GLN A 3960 43.19 10.81 -34.55
N VAL A 3961 43.63 10.59 -33.31
CA VAL A 3961 42.84 9.77 -32.39
C VAL A 3961 41.51 10.44 -32.09
N PHE A 3962 41.51 11.77 -31.92
CA PHE A 3962 40.27 12.47 -31.65
C PHE A 3962 39.31 12.35 -32.82
N ASN A 3963 39.82 12.46 -34.04
CA ASN A 3963 38.96 12.32 -35.21
C ASN A 3963 38.36 10.92 -35.27
N SER A 3964 39.16 9.90 -34.96
CA SER A 3964 38.64 8.54 -34.95
C SER A 3964 37.53 8.38 -33.92
N LEU A 3965 37.74 8.94 -32.72
CA LEU A 3965 36.71 8.84 -31.69
C LEU A 3965 35.44 9.55 -32.13
N THR A 3966 35.56 10.70 -32.76
CA THR A 3966 34.37 11.40 -33.27
C THR A 3966 33.65 10.52 -34.27
N GLU A 3967 34.38 9.89 -35.19
CA GLU A 3967 33.74 9.06 -36.20
C GLU A 3967 33.01 7.88 -35.57
N TYR A 3968 33.52 7.35 -34.45
CA TYR A 3968 32.84 6.23 -33.81
C TYR A 3968 31.43 6.58 -33.33
N ILE A 3969 31.14 7.86 -33.10
CA ILE A 3969 29.94 8.26 -32.37
C ILE A 3969 28.84 8.77 -33.30
N GLN A 3970 29.20 9.66 -34.23
CA GLN A 3970 28.19 10.39 -34.99
C GLN A 3970 27.17 9.45 -35.62
N GLY A 3971 26.00 10.01 -35.92
CA GLY A 3971 24.94 9.27 -36.57
C GLY A 3971 23.57 9.46 -35.93
N PRO A 3972 23.48 9.44 -34.59
CA PRO A 3972 24.43 8.95 -33.58
C PRO A 3972 24.26 7.47 -33.28
N CYS A 3973 25.23 6.84 -32.62
CA CYS A 3973 25.12 5.45 -32.18
C CYS A 3973 25.02 5.45 -30.66
N THR A 3974 23.91 4.94 -30.13
CA THR A 3974 23.66 5.04 -28.70
C THR A 3974 24.59 4.14 -27.90
N GLY A 3975 24.81 2.90 -28.36
CA GLY A 3975 25.67 1.99 -27.63
C GLY A 3975 27.07 2.54 -27.43
N ASN A 3976 27.64 3.14 -28.48
CA ASN A 3976 28.98 3.70 -28.37
C ASN A 3976 29.01 4.85 -27.38
N GLN A 3977 28.00 5.73 -27.41
CA GLN A 3977 27.96 6.83 -26.47
C GLN A 3977 27.88 6.32 -25.04
N GLN A 3978 27.05 5.32 -24.80
CA GLN A 3978 26.95 4.76 -23.45
C GLN A 3978 28.27 4.14 -23.02
N SER A 3979 28.93 3.41 -23.92
CA SER A 3979 30.22 2.82 -23.57
C SER A 3979 31.24 3.91 -23.22
N LEU A 3980 31.28 4.98 -24.00
CA LEU A 3980 32.25 6.04 -23.73
C LEU A 3980 31.94 6.75 -22.42
N ALA A 3981 30.66 6.97 -22.12
CA ALA A 3981 30.32 7.70 -20.91
C ALA A 3981 30.86 7.01 -19.66
N HIS A 3982 30.95 5.69 -19.68
CA HIS A 3982 31.50 4.93 -18.56
C HIS A 3982 32.99 4.66 -18.70
N SER A 3983 33.63 5.20 -19.74
CA SER A 3983 35.04 4.98 -19.97
C SER A 3983 35.87 5.94 -19.11
N ARG A 3984 37.17 6.00 -19.40
CA ARG A 3984 38.11 6.80 -18.63
C ARG A 3984 38.52 8.08 -19.34
N LEU A 3985 37.88 8.34 -20.49
CA LEU A 3985 38.20 9.50 -21.36
C LEU A 3985 37.95 10.80 -20.61
N TRP A 3986 37.23 10.77 -19.49
CA TRP A 3986 36.97 11.97 -18.65
C TRP A 3986 38.27 12.52 -18.11
N ASP A 3987 39.17 11.64 -17.73
CA ASP A 3987 40.46 12.04 -17.10
C ASP A 3987 41.39 12.62 -18.15
N ALA A 3988 41.39 12.10 -19.38
CA ALA A 3988 42.18 12.59 -20.50
C ALA A 3988 41.77 14.00 -20.88
N VAL A 3989 40.46 14.27 -20.91
CA VAL A 3989 40.00 15.61 -21.24
C VAL A 3989 40.48 16.62 -20.20
N VAL A 3990 40.44 16.24 -18.92
CA VAL A 3990 40.90 17.15 -17.88
C VAL A 3990 42.38 17.48 -18.06
N GLY A 3991 43.20 16.45 -18.27
CA GLY A 3991 44.62 16.69 -18.47
C GLY A 3991 44.87 17.57 -19.68
N PHE A 3992 44.14 17.32 -20.76
CA PHE A 3992 44.32 18.12 -21.97
C PHE A 3992 43.94 19.57 -21.72
N LEU A 3993 42.88 19.80 -20.96
CA LEU A 3993 42.50 21.17 -20.64
C LEU A 3993 43.60 21.88 -19.86
N HIS A 3994 44.15 21.21 -18.86
CA HIS A 3994 45.23 21.82 -18.08
C HIS A 3994 46.41 22.17 -18.98
N VAL A 3995 46.82 21.22 -19.81
CA VAL A 3995 47.98 21.44 -20.68
C VAL A 3995 47.69 22.58 -21.65
N PHE A 3996 46.50 22.61 -22.25
CA PHE A 3996 46.18 23.68 -23.18
C PHE A 3996 46.25 25.04 -22.49
N ALA A 3997 45.64 25.17 -21.32
CA ALA A 3997 45.65 26.45 -20.63
C ALA A 3997 47.08 26.92 -20.40
N HIS A 3998 47.91 26.07 -19.80
CA HIS A 3998 49.24 26.52 -19.43
C HIS A 3998 50.13 26.75 -20.64
N MET A 3999 50.03 25.88 -21.65
CA MET A 3999 50.79 26.10 -22.88
C MET A 3999 50.40 27.40 -23.56
N MET A 4000 49.09 27.70 -23.61
CA MET A 4000 48.67 28.95 -24.23
C MET A 4000 49.25 30.14 -23.47
N MET A 4001 49.15 30.12 -22.15
CA MET A 4001 49.72 31.20 -21.37
C MET A 4001 51.20 31.36 -21.67
N LYS A 4002 51.95 30.26 -21.64
CA LYS A 4002 53.39 30.34 -21.84
C LYS A 4002 53.76 30.84 -23.23
N LEU A 4003 53.01 30.39 -24.26
CA LEU A 4003 53.29 30.64 -25.70
C LEU A 4003 52.98 32.03 -26.22
N ALA A 4004 53.29 32.29 -27.50
CA ALA A 4004 52.89 33.53 -28.21
C ALA A 4004 53.31 34.79 -27.45
N GLN A 4005 54.33 34.73 -26.60
CA GLN A 4005 54.90 35.95 -25.95
C GLN A 4005 56.12 36.28 -26.81
N ASP A 4006 56.37 35.49 -27.86
CA ASP A 4006 57.47 35.73 -28.84
C ASP A 4006 56.98 35.07 -30.13
N SER A 4007 57.11 35.74 -31.28
CA SER A 4007 56.61 35.22 -32.57
C SER A 4007 57.45 34.05 -33.08
N SER A 4008 58.51 33.66 -32.38
CA SER A 4008 59.39 32.53 -32.75
C SER A 4008 58.60 31.24 -32.95
N GLN A 4009 57.54 31.05 -32.16
CA GLN A 4009 56.75 29.79 -32.23
C GLN A 4009 55.25 30.12 -32.22
N ILE A 4010 54.80 31.11 -33.01
CA ILE A 4010 53.33 31.35 -33.10
C ILE A 4010 52.72 30.15 -33.82
N GLU A 4011 53.47 29.49 -34.71
CA GLU A 4011 52.99 28.30 -35.47
C GLU A 4011 52.53 27.22 -34.50
N LEU A 4012 53.25 26.96 -33.40
CA LEU A 4012 52.91 26.03 -32.34
C LEU A 4012 51.57 26.38 -31.71
N LEU A 4013 51.34 27.67 -31.46
CA LEU A 4013 50.04 28.08 -30.91
C LEU A 4013 48.92 27.76 -31.89
N LYS A 4014 49.18 27.95 -33.18
CA LYS A 4014 48.16 27.64 -34.18
C LYS A 4014 47.78 26.17 -34.13
N GLU A 4015 48.78 25.29 -34.10
CA GLU A 4015 48.49 23.86 -34.05
C GLU A 4015 47.78 23.48 -32.76
N LEU A 4016 48.19 24.07 -31.64
CA LEU A 4016 47.52 23.78 -30.38
C LEU A 4016 46.06 24.19 -30.44
N LEU A 4017 45.77 25.35 -31.02
CA LEU A 4017 44.38 25.80 -31.14
C LEU A 4017 43.59 24.86 -32.03
N ASP A 4018 44.19 24.38 -33.13
CA ASP A 4018 43.49 23.44 -33.99
C ASP A 4018 43.15 22.17 -33.25
N LEU A 4019 44.10 21.64 -32.47
CA LEU A 4019 43.83 20.44 -31.69
C LEU A 4019 42.71 20.67 -30.69
N GLN A 4020 42.70 21.85 -30.05
CA GLN A 4020 41.62 22.19 -29.15
C GLN A 4020 40.28 22.19 -29.86
N LYS A 4021 40.24 22.78 -31.06
CA LYS A 4021 39.01 22.81 -31.83
C LYS A 4021 38.50 21.40 -32.08
N ASP A 4022 39.39 20.50 -32.49
CA ASP A 4022 38.97 19.13 -32.75
C ASP A 4022 38.46 18.45 -31.49
N MET A 4023 39.12 18.66 -30.35
CA MET A 4023 38.65 18.04 -29.12
C MET A 4023 37.26 18.54 -28.75
N VAL A 4024 37.02 19.84 -28.88
CA VAL A 4024 35.71 20.36 -28.50
C VAL A 4024 34.64 19.88 -29.48
N VAL A 4025 34.97 19.72 -30.76
CA VAL A 4025 34.01 19.13 -31.69
C VAL A 4025 33.67 17.71 -31.28
N MET A 4026 34.68 16.93 -30.88
CA MET A 4026 34.41 15.59 -30.40
C MET A 4026 33.49 15.60 -29.20
N LEU A 4027 33.71 16.54 -28.28
CA LEU A 4027 32.82 16.65 -27.12
C LEU A 4027 31.40 16.97 -27.54
N LEU A 4028 31.24 17.92 -28.45
CA LEU A 4028 29.91 18.28 -28.93
C LEU A 4028 29.21 17.07 -29.52
N SER A 4029 29.94 16.22 -30.22
CA SER A 4029 29.32 15.07 -30.87
C SER A 4029 28.63 14.15 -29.88
N LEU A 4030 29.00 14.20 -28.60
CA LEU A 4030 28.41 13.33 -27.60
C LEU A 4030 27.03 13.79 -27.13
N LEU A 4031 26.61 15.00 -27.50
CA LEU A 4031 25.33 15.54 -27.07
C LEU A 4031 24.25 15.40 -28.12
N GLU A 4032 24.51 14.70 -29.22
CA GLU A 4032 23.48 14.48 -30.23
C GLU A 4032 22.33 13.69 -29.63
N GLY A 4033 21.11 14.15 -29.88
CA GLY A 4033 19.95 13.44 -29.39
C GLY A 4033 19.88 13.30 -27.89
N ASN A 4034 20.21 14.34 -27.14
CA ASN A 4034 20.16 14.25 -25.69
C ASN A 4034 18.76 14.61 -25.20
N VAL A 4035 18.53 14.35 -23.91
CA VAL A 4035 17.26 14.63 -23.25
C VAL A 4035 17.55 15.49 -22.04
N VAL A 4036 16.54 16.24 -21.59
CA VAL A 4036 16.71 17.08 -20.43
C VAL A 4036 17.10 16.22 -19.24
N ASN A 4037 18.09 16.67 -18.49
CA ASN A 4037 18.62 15.94 -17.34
C ASN A 4037 19.16 14.57 -17.73
N GLY A 4038 19.75 14.46 -18.92
CA GLY A 4038 20.38 13.21 -19.30
C GLY A 4038 21.63 12.94 -18.47
N MET A 4039 22.03 11.67 -18.44
CA MET A 4039 23.19 11.29 -17.64
C MET A 4039 24.49 11.82 -18.24
N ILE A 4040 24.61 11.83 -19.57
CA ILE A 4040 25.83 12.31 -20.19
C ILE A 4040 26.03 13.79 -19.89
N ALA A 4041 24.96 14.58 -19.94
CA ALA A 4041 25.07 15.99 -19.60
C ALA A 4041 25.54 16.18 -18.17
N ARG A 4042 25.01 15.39 -17.25
CA ARG A 4042 25.41 15.52 -15.85
C ARG A 4042 26.89 15.20 -15.69
N GLN A 4043 27.37 14.14 -16.33
CA GLN A 4043 28.79 13.82 -16.21
C GLN A 4043 29.65 14.91 -16.83
N MET A 4044 29.22 15.47 -17.96
CA MET A 4044 29.97 16.58 -18.55
C MET A 4044 30.04 17.77 -17.59
N VAL A 4045 28.93 18.05 -16.90
CA VAL A 4045 28.93 19.15 -15.94
C VAL A 4045 29.90 18.87 -14.82
N ASP A 4046 29.93 17.63 -14.33
CA ASP A 4046 30.87 17.28 -13.27
C ASP A 4046 32.31 17.50 -13.73
N MET A 4047 32.62 17.06 -14.95
CA MET A 4047 33.98 17.22 -15.45
C MET A 4047 34.35 18.70 -15.58
N LEU A 4048 33.39 19.51 -16.04
CA LEU A 4048 33.67 20.94 -16.15
C LEU A 4048 33.92 21.55 -14.78
N VAL A 4049 33.13 21.15 -13.78
CA VAL A 4049 33.34 21.65 -12.43
C VAL A 4049 34.76 21.29 -11.97
N GLU A 4050 35.20 20.08 -12.29
CA GLU A 4050 36.56 19.69 -11.94
C GLU A 4050 37.60 20.58 -12.64
N SER A 4051 37.41 20.85 -13.92
CA SER A 4051 38.37 21.64 -14.69
C SER A 4051 38.18 23.16 -14.51
N SER A 4052 37.31 23.56 -13.57
CA SER A 4052 36.97 24.96 -13.36
C SER A 4052 38.17 25.89 -13.55
N SER A 4053 39.27 25.65 -12.85
CA SER A 4053 40.37 26.63 -12.88
C SER A 4053 40.95 26.79 -14.28
N ASN A 4054 41.24 25.68 -14.95
CA ASN A 4054 41.83 25.76 -16.28
C ASN A 4054 40.86 26.37 -17.28
N VAL A 4055 39.58 26.01 -17.20
CA VAL A 4055 38.61 26.60 -18.11
C VAL A 4055 38.49 28.10 -17.86
N GLU A 4056 38.60 28.51 -16.59
CA GLU A 4056 38.59 29.93 -16.27
C GLU A 4056 39.78 30.64 -16.90
N MET A 4057 40.96 30.03 -16.82
CA MET A 4057 42.12 30.64 -17.45
C MET A 4057 41.92 30.78 -18.96
N ILE A 4058 41.36 29.74 -19.60
CA ILE A 4058 41.14 29.82 -21.04
C ILE A 4058 40.15 30.93 -21.38
N LEU A 4059 38.98 30.90 -20.73
CA LEU A 4059 37.93 31.92 -20.95
C LEU A 4059 38.61 33.27 -20.74
N LYS A 4060 39.46 33.31 -19.72
CA LYS A 4060 40.22 34.56 -19.45
C LYS A 4060 41.12 34.83 -20.65
N PHE A 4061 41.43 33.84 -21.48
CA PHE A 4061 42.40 34.01 -22.59
C PHE A 4061 41.72 34.58 -23.84
N PHE A 4062 40.40 34.43 -23.96
CA PHE A 4062 39.70 34.90 -25.20
C PHE A 4062 39.10 36.29 -24.98
N ASP A 4063 38.38 36.50 -23.88
CA ASP A 4063 37.68 37.81 -23.70
C ASP A 4063 38.72 38.94 -23.67
N MET A 4064 39.81 38.77 -22.92
CA MET A 4064 40.85 39.83 -22.81
C MET A 4064 41.27 40.27 -24.21
N PHE A 4065 41.65 39.30 -25.06
CA PHE A 4065 42.04 39.60 -26.47
C PHE A 4065 40.84 40.14 -27.26
N LEU A 4066 39.62 39.70 -26.92
CA LEU A 4066 38.42 40.27 -27.58
C LEU A 4066 38.30 41.76 -27.22
N LYS A 4067 38.47 42.12 -25.95
CA LYS A 4067 38.33 43.53 -25.50
C LYS A 4067 39.48 44.37 -26.05
N LEU A 4068 40.70 43.84 -26.01
CA LEU A 4068 41.83 44.56 -26.60
C LEU A 4068 41.50 45.04 -28.01
N LYS A 4069 40.71 44.26 -28.75
CA LYS A 4069 40.37 44.63 -30.12
C LYS A 4069 39.58 45.94 -30.15
N ASP A 4070 38.62 46.11 -29.24
CA ASP A 4070 37.83 47.34 -29.21
C ASP A 4070 38.53 48.48 -28.49
N ILE A 4071 39.48 48.19 -27.62
CA ILE A 4071 40.20 49.25 -26.91
C ILE A 4071 41.10 50.02 -27.86
N VAL A 4072 41.85 49.31 -28.70
CA VAL A 4072 42.78 49.96 -29.62
C VAL A 4072 42.03 50.84 -30.62
N GLY A 4073 40.79 50.51 -30.94
CA GLY A 4073 39.98 51.34 -31.80
C GLY A 4073 39.26 52.47 -31.10
N SER A 4074 39.36 52.56 -29.78
CA SER A 4074 38.69 53.60 -29.03
C SER A 4074 39.40 54.94 -29.21
N GLU A 4075 38.65 56.02 -29.00
CA GLU A 4075 39.21 57.36 -29.12
C GLU A 4075 40.20 57.66 -28.01
N ALA A 4076 39.95 57.15 -26.80
CA ALA A 4076 40.85 57.39 -25.68
C ALA A 4076 42.22 56.78 -25.92
N PHE A 4077 42.26 55.57 -26.48
CA PHE A 4077 43.54 54.93 -26.77
C PHE A 4077 44.32 55.71 -27.82
N GLN A 4078 43.64 56.22 -28.85
CA GLN A 4078 44.31 56.97 -29.89
C GLN A 4078 44.93 58.26 -29.38
N ASP A 4079 44.40 58.81 -28.27
CA ASP A 4079 45.01 60.00 -27.68
C ASP A 4079 46.42 59.74 -27.20
N TYR A 4080 46.72 58.54 -26.72
CA TYR A 4080 48.06 58.18 -26.29
C TYR A 4080 49.01 57.94 -27.45
N VAL A 4081 48.51 57.42 -28.56
CA VAL A 4081 49.35 57.13 -29.72
C VAL A 4081 49.85 58.45 -30.30
N THR A 4082 51.14 58.71 -30.17
CA THR A 4082 51.76 59.94 -30.68
C THR A 4082 52.75 59.70 -31.81
N ASP A 4083 53.24 58.48 -31.95
CA ASP A 4083 54.20 58.18 -33.02
C ASP A 4083 53.51 58.27 -34.37
N PRO A 4084 54.06 59.05 -35.31
CA PRO A 4084 53.42 59.13 -36.64
C PRO A 4084 53.39 57.79 -37.38
N ARG A 4085 54.32 56.89 -37.08
CA ARG A 4085 54.34 55.59 -37.76
C ARG A 4085 53.16 54.71 -37.36
N GLY A 4086 52.45 55.05 -36.30
CA GLY A 4086 51.36 54.24 -35.82
C GLY A 4086 51.72 53.22 -34.76
N LEU A 4087 52.82 53.43 -34.05
CA LEU A 4087 53.27 52.54 -32.99
C LEU A 4087 53.02 53.19 -31.63
N ILE A 4088 53.29 52.42 -30.58
CA ILE A 4088 53.11 52.91 -29.21
C ILE A 4088 54.11 52.19 -28.32
N SER A 4089 54.73 52.96 -27.41
CA SER A 4089 55.70 52.38 -26.51
C SER A 4089 55.02 51.58 -25.41
N LYS A 4090 55.80 50.69 -24.80
CA LYS A 4090 55.26 49.83 -23.74
C LYS A 4090 54.82 50.66 -22.55
N LYS A 4091 55.61 51.68 -22.18
CA LYS A 4091 55.20 52.56 -21.09
C LYS A 4091 53.93 53.32 -21.46
N ASP A 4092 53.84 53.81 -22.69
CA ASP A 4092 52.61 54.44 -23.15
C ASP A 4092 51.46 53.43 -23.21
N PHE A 4093 51.76 52.21 -23.65
CA PHE A 4093 50.74 51.16 -23.65
C PHE A 4093 50.30 50.84 -22.23
N GLN A 4094 51.24 50.83 -21.28
CA GLN A 4094 50.89 50.54 -19.89
C GLN A 4094 49.92 51.57 -19.33
N LYS A 4095 50.18 52.86 -19.58
CA LYS A 4095 49.30 53.89 -19.06
C LYS A 4095 48.01 54.00 -19.88
N ALA A 4096 47.99 53.45 -21.09
CA ALA A 4096 46.77 53.47 -21.88
C ALA A 4096 45.76 52.44 -21.37
N MET A 4097 46.23 51.24 -21.02
CA MET A 4097 45.32 50.16 -20.67
C MET A 4097 44.68 50.39 -19.30
N ASP A 4098 45.47 50.78 -18.31
CA ASP A 4098 44.92 50.99 -16.98
C ASP A 4098 44.02 52.22 -16.91
N SER A 4099 44.13 53.13 -17.88
CA SER A 4099 43.18 54.24 -17.95
C SER A 4099 41.81 53.78 -18.41
N GLN A 4100 41.73 52.63 -19.10
CA GLN A 4100 40.44 52.08 -19.49
C GLN A 4100 39.72 51.40 -18.34
N LYS A 4101 40.44 51.05 -17.27
CA LYS A 4101 39.87 50.40 -16.09
C LYS A 4101 39.15 49.10 -16.45
N GLN A 4102 39.68 48.34 -17.41
CA GLN A 4102 39.11 47.07 -17.80
C GLN A 4102 40.02 45.87 -17.50
N PHE A 4103 41.32 46.07 -17.45
CA PHE A 4103 42.26 45.02 -17.12
C PHE A 4103 42.89 45.29 -15.76
N THR A 4104 43.44 44.23 -15.16
CA THR A 4104 44.13 44.32 -13.89
C THR A 4104 45.62 44.45 -14.12
N GLY A 4105 46.38 44.41 -13.02
CA GLY A 4105 47.82 44.49 -13.07
C GLY A 4105 48.46 43.38 -13.88
N PRO A 4106 48.29 42.13 -13.44
CA PRO A 4106 48.88 41.02 -14.19
C PRO A 4106 48.39 40.91 -15.62
N GLU A 4107 47.12 41.26 -15.88
CA GLU A 4107 46.58 41.15 -17.23
C GLU A 4107 47.30 42.09 -18.18
N ILE A 4108 47.58 43.33 -17.75
CA ILE A 4108 48.31 44.27 -18.58
C ILE A 4108 49.73 43.78 -18.83
N GLN A 4109 50.37 43.23 -17.79
CA GLN A 4109 51.72 42.70 -17.95
C GLN A 4109 51.74 41.54 -18.93
N PHE A 4110 50.73 40.67 -18.87
CA PHE A 4110 50.66 39.56 -19.82
C PHE A 4110 50.48 40.07 -21.25
N LEU A 4111 49.66 41.12 -21.43
CA LEU A 4111 49.47 41.69 -22.76
C LEU A 4111 50.77 42.29 -23.28
N LEU A 4112 51.57 42.90 -22.39
CA LEU A 4112 52.86 43.44 -22.80
C LEU A 4112 53.79 42.32 -23.28
N SER A 4113 53.78 41.18 -22.58
CA SER A 4113 54.61 40.06 -23.00
C SER A 4113 54.16 39.52 -24.36
N CYS A 4114 52.84 39.43 -24.57
CA CYS A 4114 52.34 38.95 -25.85
C CYS A 4114 52.63 39.92 -26.98
N SER A 4115 52.67 41.21 -26.70
CA SER A 4115 52.97 42.20 -27.72
C SER A 4115 54.42 42.04 -28.18
N GLU A 4116 54.61 42.01 -29.49
CA GLU A 4116 55.94 41.81 -30.08
C GLU A 4116 56.69 43.14 -30.17
N ALA A 4117 57.02 43.68 -29.00
CA ALA A 4117 57.76 44.93 -28.94
C ALA A 4117 59.16 44.76 -29.50
N ASP A 4118 59.60 45.74 -30.27
CA ASP A 4118 60.91 45.69 -30.90
C ASP A 4118 61.97 46.12 -29.88
N GLU A 4119 63.20 46.36 -30.37
CA GLU A 4119 64.27 46.78 -29.49
C GLU A 4119 64.02 48.18 -28.93
N ASN A 4120 63.15 48.96 -29.57
CA ASN A 4120 62.79 50.30 -29.11
C ASN A 4120 61.51 50.29 -28.28
N GLU A 4121 61.05 49.12 -27.86
CA GLU A 4121 59.84 48.96 -27.06
C GLU A 4121 58.61 49.52 -27.77
N MET A 4122 58.61 49.51 -29.10
CA MET A 4122 57.47 49.99 -29.87
C MET A 4122 56.56 48.83 -30.22
N ILE A 4123 55.25 49.03 -30.07
CA ILE A 4123 54.26 47.99 -30.26
C ILE A 4123 53.37 48.37 -31.43
N ASN A 4124 53.24 47.46 -32.39
CA ASN A 4124 52.30 47.63 -33.50
C ASN A 4124 50.96 47.09 -33.04
N PHE A 4125 50.17 47.96 -32.41
CA PHE A 4125 48.91 47.53 -31.83
C PHE A 4125 47.87 47.14 -32.88
N GLU A 4126 48.04 47.58 -34.12
CA GLU A 4126 47.10 47.20 -35.17
C GLU A 4126 47.15 45.70 -35.43
N GLU A 4127 48.36 45.15 -35.62
CA GLU A 4127 48.49 43.71 -35.82
C GLU A 4127 48.35 42.94 -34.52
N PHE A 4128 48.69 43.57 -33.39
CA PHE A 4128 48.57 42.89 -32.10
C PHE A 4128 47.11 42.54 -31.80
N ALA A 4129 46.20 43.47 -32.07
CA ALA A 4129 44.79 43.22 -31.79
C ALA A 4129 44.22 42.14 -32.70
N ASN A 4130 44.65 42.13 -33.97
CA ASN A 4130 44.11 41.20 -34.96
C ASN A 4130 44.89 39.89 -35.03
N ARG A 4131 45.89 39.70 -34.17
CA ARG A 4131 46.72 38.50 -34.26
C ARG A 4131 45.94 37.24 -33.92
N PHE A 4132 45.10 37.29 -32.88
CA PHE A 4132 44.40 36.11 -32.40
C PHE A 4132 42.91 36.12 -32.72
N GLN A 4133 42.40 37.15 -33.38
CA GLN A 4133 40.96 37.22 -33.64
C GLN A 4133 40.51 36.10 -34.57
N GLU A 4134 41.28 35.83 -35.62
CA GLU A 4134 40.90 34.80 -36.58
C GLU A 4134 41.22 33.38 -36.07
N PRO A 4135 42.47 33.09 -35.63
CA PRO A 4135 42.84 31.73 -35.24
C PRO A 4135 42.10 31.27 -33.98
N ALA A 4136 41.49 32.22 -33.26
CA ALA A 4136 40.82 31.87 -31.99
C ALA A 4136 39.32 32.15 -32.07
N ARG A 4137 38.83 32.73 -33.18
CA ARG A 4137 37.37 32.95 -33.35
C ARG A 4137 36.67 31.59 -33.30
N ASP A 4138 37.13 30.62 -34.07
CA ASP A 4138 36.49 29.28 -34.18
C ASP A 4138 36.24 28.69 -32.78
N ILE A 4139 37.27 28.59 -31.94
CA ILE A 4139 37.20 27.94 -30.63
C ILE A 4139 36.24 28.69 -29.73
N GLY A 4140 36.23 30.02 -29.81
CA GLY A 4140 35.28 30.78 -29.02
C GLY A 4140 33.85 30.42 -29.36
N PHE A 4141 33.53 30.36 -30.65
CA PHE A 4141 32.17 30.03 -31.04
C PHE A 4141 31.79 28.64 -30.57
N ASN A 4142 32.70 27.67 -30.71
CA ASN A 4142 32.37 26.30 -30.33
C ASN A 4142 32.17 26.17 -28.82
N VAL A 4143 33.03 26.80 -28.02
CA VAL A 4143 32.84 26.71 -26.58
C VAL A 4143 31.56 27.43 -26.16
N ALA A 4144 31.23 28.53 -26.83
CA ALA A 4144 29.96 29.19 -26.53
C ALA A 4144 28.78 28.27 -26.82
N VAL A 4145 28.82 27.58 -27.96
CA VAL A 4145 27.74 26.66 -28.28
C VAL A 4145 27.65 25.56 -27.24
N LEU A 4146 28.79 25.02 -26.82
CA LEU A 4146 28.78 23.96 -25.81
C LEU A 4146 28.12 24.45 -24.53
N LEU A 4147 28.52 25.61 -24.04
CA LEU A 4147 27.96 26.12 -22.80
C LEU A 4147 26.46 26.38 -22.93
N THR A 4148 26.05 26.96 -24.06
CA THR A 4148 24.62 27.23 -24.26
C THR A 4148 23.82 25.94 -24.24
N ASN A 4149 24.29 24.92 -24.95
CA ASN A 4149 23.57 23.65 -24.98
C ASN A 4149 23.48 23.04 -23.60
N LEU A 4150 24.60 23.03 -22.87
CA LEU A 4150 24.59 22.47 -21.52
C LEU A 4150 23.60 23.19 -20.64
N SER A 4151 23.60 24.53 -20.66
CA SER A 4151 22.68 25.27 -19.81
C SER A 4151 21.24 25.03 -20.21
N GLU A 4152 20.97 24.85 -21.50
CA GLU A 4152 19.60 24.63 -21.94
C GLU A 4152 19.08 23.25 -21.54
N HIS A 4153 19.95 22.24 -21.49
CA HIS A 4153 19.49 20.89 -21.18
C HIS A 4153 19.65 20.49 -19.72
N VAL A 4154 20.25 21.33 -18.89
CA VAL A 4154 20.37 21.05 -17.45
C VAL A 4154 20.10 22.35 -16.70
N PRO A 4155 18.86 22.80 -16.62
CA PRO A 4155 18.61 24.19 -16.19
C PRO A 4155 18.69 24.41 -14.68
N HIS A 4156 18.48 23.37 -13.88
CA HIS A 4156 18.33 23.55 -12.44
C HIS A 4156 19.64 23.48 -11.67
N ASP A 4157 20.75 23.14 -12.31
CA ASP A 4157 22.01 22.99 -11.60
C ASP A 4157 22.57 24.37 -11.22
N PRO A 4158 22.88 24.63 -9.95
CA PRO A 4158 23.41 25.95 -9.60
C PRO A 4158 24.86 26.14 -9.96
N ARG A 4159 25.66 25.07 -10.01
CA ARG A 4159 27.08 25.23 -10.29
C ARG A 4159 27.32 25.80 -11.68
N LEU A 4160 26.53 25.37 -12.67
CA LEU A 4160 26.71 25.87 -14.03
C LEU A 4160 26.48 27.38 -14.11
N ARG A 4161 25.76 27.94 -13.14
CA ARG A 4161 25.49 29.37 -13.16
C ARG A 4161 26.79 30.18 -13.07
N ASN A 4162 27.73 29.72 -12.24
CA ASN A 4162 28.99 30.44 -12.12
C ASN A 4162 29.73 30.47 -13.44
N PHE A 4163 29.79 29.32 -14.12
CA PHE A 4163 30.42 29.30 -15.43
C PHE A 4163 29.72 30.24 -16.41
N LEU A 4164 28.39 30.19 -16.44
CA LEU A 4164 27.67 31.09 -17.34
C LEU A 4164 27.96 32.54 -17.02
N GLU A 4165 28.20 32.85 -15.74
CA GLU A 4165 28.54 34.21 -15.36
C GLU A 4165 29.95 34.59 -15.79
N LEU A 4166 30.88 33.64 -15.74
CA LEU A 4166 32.26 33.94 -16.12
C LEU A 4166 32.41 34.12 -17.63
N ALA A 4167 31.53 33.53 -18.43
CA ALA A 4167 31.64 33.56 -19.88
C ALA A 4167 30.70 34.55 -20.53
N GLU A 4168 30.11 35.47 -19.75
CA GLU A 4168 29.14 36.39 -20.31
C GLU A 4168 29.73 37.23 -21.44
N SER A 4169 31.03 37.50 -21.40
CA SER A 4169 31.63 38.36 -22.42
C SER A 4169 31.55 37.70 -23.79
N ILE A 4170 32.04 36.46 -23.91
CA ILE A 4170 32.02 35.79 -25.21
C ILE A 4170 30.59 35.46 -25.61
N LEU A 4171 29.75 35.09 -24.64
CA LEU A 4171 28.36 34.80 -24.96
C LEU A 4171 27.68 36.01 -25.56
N GLU A 4172 27.96 37.20 -25.01
CA GLU A 4172 27.39 38.41 -25.58
C GLU A 4172 28.00 38.73 -26.94
N TYR A 4173 29.31 38.51 -27.09
CA TYR A 4173 29.95 38.83 -28.36
C TYR A 4173 29.39 37.98 -29.49
N PHE A 4174 29.14 36.70 -29.23
CA PHE A 4174 28.67 35.78 -30.25
C PHE A 4174 27.16 35.69 -30.34
N ARG A 4175 26.43 36.45 -29.54
CA ARG A 4175 24.97 36.35 -29.54
C ARG A 4175 24.35 36.54 -30.91
N PRO A 4176 24.69 37.58 -31.68
CA PRO A 4176 24.02 37.75 -32.98
C PRO A 4176 24.32 36.65 -33.98
N TYR A 4177 25.41 35.91 -33.82
CA TYR A 4177 25.83 34.93 -34.82
C TYR A 4177 25.46 33.50 -34.48
N LEU A 4178 24.75 33.27 -33.38
CA LEU A 4178 24.38 31.92 -32.97
C LEU A 4178 22.89 31.71 -33.23
N GLY A 4179 22.57 30.78 -34.12
CA GLY A 4179 21.20 30.49 -34.48
C GLY A 4179 20.78 29.12 -34.01
N ARG A 4180 19.50 28.98 -33.65
CA ARG A 4180 18.96 27.72 -33.16
C ARG A 4180 17.59 27.48 -33.79
N ILE A 4181 17.26 26.20 -33.96
CA ILE A 4181 15.98 25.79 -34.52
C ILE A 4181 15.54 24.50 -33.83
N GLU A 4182 14.37 24.01 -34.25
CA GLU A 4182 13.84 22.75 -33.75
C GLU A 4182 13.37 21.90 -34.92
N ILE A 4183 13.44 20.57 -34.75
CA ILE A 4183 13.02 19.64 -35.77
C ILE A 4183 12.46 18.39 -35.11
N MET A 4184 11.76 17.59 -35.91
CA MET A 4184 11.21 16.31 -35.45
C MET A 4184 12.23 15.23 -35.76
N GLY A 4185 13.02 14.86 -34.77
CA GLY A 4185 14.14 13.97 -35.00
C GLY A 4185 13.72 12.59 -35.45
N ALA A 4186 14.71 11.80 -35.84
CA ALA A 4186 14.46 10.45 -36.31
C ALA A 4186 13.91 9.55 -35.21
N SER A 4187 14.24 9.83 -33.96
CA SER A 4187 13.79 9.03 -32.83
C SER A 4187 12.37 9.37 -32.40
N ARG A 4188 11.62 10.10 -33.22
CA ARG A 4188 10.27 10.53 -32.87
C ARG A 4188 10.29 11.46 -31.66
N ARG A 4189 11.21 12.42 -31.67
CA ARG A 4189 11.39 13.35 -30.57
C ARG A 4189 11.79 14.71 -31.11
N ILE A 4190 11.46 15.75 -30.37
CA ILE A 4190 11.87 17.10 -30.74
C ILE A 4190 13.30 17.32 -30.30
N GLU A 4191 14.04 18.11 -31.08
CA GLU A 4191 15.45 18.35 -30.82
C GLU A 4191 15.79 19.77 -31.21
N ARG A 4192 16.91 20.27 -30.69
CA ARG A 4192 17.41 21.59 -31.03
C ARG A 4192 18.74 21.47 -31.76
N ILE A 4193 18.98 22.38 -32.70
CA ILE A 4193 20.18 22.38 -33.52
C ILE A 4193 20.80 23.77 -33.46
N TYR A 4194 22.09 23.82 -33.19
CA TYR A 4194 22.83 25.08 -33.10
C TYR A 4194 23.82 25.16 -34.25
N PHE A 4195 23.86 26.31 -34.92
CA PHE A 4195 24.72 26.49 -36.07
C PHE A 4195 25.22 27.92 -36.13
N GLU A 4196 26.04 28.20 -37.13
CA GLU A 4196 26.71 29.49 -37.28
C GLU A 4196 26.04 30.30 -38.38
N ILE A 4197 25.93 31.61 -38.16
CA ILE A 4197 25.37 32.52 -39.15
C ILE A 4197 26.45 33.53 -39.53
N SER A 4198 26.74 33.63 -40.82
CA SER A 4198 27.73 34.59 -41.29
C SER A 4198 27.20 36.01 -41.17
N GLU A 4199 28.11 36.95 -40.91
CA GLU A 4199 27.70 38.34 -40.72
C GLU A 4199 27.09 38.92 -41.99
N THR A 4200 27.68 38.62 -43.14
CA THR A 4200 27.19 39.21 -44.39
C THR A 4200 25.75 38.83 -44.66
N ASN A 4201 25.39 37.56 -44.41
CA ASN A 4201 24.02 37.14 -44.63
C ASN A 4201 23.05 37.90 -43.74
N ARG A 4202 23.38 38.03 -42.46
CA ARG A 4202 22.51 38.77 -41.56
C ARG A 4202 22.37 40.21 -42.00
N ALA A 4203 23.48 40.82 -42.45
CA ALA A 4203 23.40 42.18 -42.94
C ALA A 4203 22.46 42.28 -44.14
N GLN A 4204 22.65 41.39 -45.11
CA GLN A 4204 21.87 41.48 -46.35
C GLN A 4204 20.39 41.17 -46.11
N TRP A 4205 20.07 40.44 -45.04
CA TRP A 4205 18.68 40.11 -44.78
C TRP A 4205 17.86 41.31 -44.33
N GLU A 4206 18.49 42.47 -44.12
CA GLU A 4206 17.82 43.60 -43.50
C GLU A 4206 17.39 44.70 -44.48
N MET A 4207 17.64 44.55 -45.78
CA MET A 4207 17.24 45.57 -46.73
C MET A 4207 15.73 45.72 -46.72
N PRO A 4208 15.22 46.93 -46.97
CA PRO A 4208 13.76 47.09 -46.97
C PRO A 4208 13.05 46.29 -48.05
N GLN A 4209 13.67 46.10 -49.22
CA GLN A 4209 12.97 45.41 -50.29
C GLN A 4209 12.69 43.95 -49.92
N VAL A 4210 13.65 43.28 -49.28
CA VAL A 4210 13.41 41.90 -48.87
C VAL A 4210 12.34 41.84 -47.79
N LYS A 4211 12.32 42.83 -46.89
CA LYS A 4211 11.27 42.88 -45.88
C LYS A 4211 9.90 43.06 -46.52
N GLU A 4212 9.80 43.92 -47.53
CA GLU A 4212 8.53 44.08 -48.22
C GLU A 4212 8.11 42.80 -48.92
N SER A 4213 9.07 42.11 -49.54
CA SER A 4213 8.75 40.83 -50.18
C SER A 4213 8.24 39.83 -49.15
N LYS A 4214 8.87 39.77 -47.99
CA LYS A 4214 8.42 38.86 -46.94
C LYS A 4214 7.01 39.21 -46.49
N ARG A 4215 6.74 40.50 -46.32
CA ARG A 4215 5.39 40.92 -45.91
C ARG A 4215 4.37 40.49 -46.95
N GLN A 4216 4.69 40.69 -48.22
CA GLN A 4216 3.76 40.29 -49.28
C GLN A 4216 3.54 38.78 -49.26
N PHE A 4217 4.60 38.00 -49.06
CA PHE A 4217 4.46 36.56 -49.03
C PHE A 4217 3.55 36.12 -47.89
N ILE A 4218 3.75 36.70 -46.71
CA ILE A 4218 2.92 36.33 -45.56
C ILE A 4218 1.47 36.71 -45.83
N PHE A 4219 1.25 37.91 -46.38
CA PHE A 4219 -0.12 38.32 -46.70
C PHE A 4219 -0.77 37.32 -47.64
N ASP A 4220 -0.08 36.94 -48.71
CA ASP A 4220 -0.66 36.01 -49.67
C ASP A 4220 -0.98 34.68 -49.02
N VAL A 4221 -0.03 34.14 -48.25
CA VAL A 4221 -0.23 32.82 -47.66
C VAL A 4221 -1.42 32.84 -46.71
N VAL A 4222 -1.49 33.86 -45.85
CA VAL A 4222 -2.58 33.91 -44.89
C VAL A 4222 -3.92 34.14 -45.58
N ASN A 4223 -3.92 34.95 -46.64
CA ASN A 4223 -5.17 35.29 -47.29
C ASN A 4223 -5.75 34.11 -48.05
N GLU A 4224 -4.90 33.38 -48.79
CA GLU A 4224 -5.40 32.28 -49.61
C GLU A 4224 -4.58 31.00 -49.49
N GLY A 4225 -3.45 31.02 -48.81
CA GLY A 4225 -2.60 29.83 -48.75
C GLY A 4225 -3.34 28.64 -48.14
N GLY A 4226 -3.12 27.47 -48.71
CA GLY A 4226 -3.70 26.27 -48.17
C GLY A 4226 -3.04 25.84 -46.88
N GLU A 4227 -3.77 25.07 -46.08
CA GLU A 4227 -3.24 24.62 -44.79
C GLU A 4227 -2.30 23.45 -44.93
N ALA A 4228 -2.30 22.77 -46.08
CA ALA A 4228 -1.47 21.58 -46.26
C ALA A 4228 -0.15 21.91 -46.91
N GLU A 4229 -0.18 22.61 -48.04
CA GLU A 4229 1.02 22.89 -48.82
C GLU A 4229 1.78 24.11 -48.33
N LYS A 4230 1.54 24.56 -47.11
CA LYS A 4230 2.18 25.78 -46.63
C LYS A 4230 3.70 25.64 -46.61
N MET A 4231 4.20 24.49 -46.19
CA MET A 4231 5.64 24.30 -46.10
C MET A 4231 6.31 24.35 -47.46
N GLU A 4232 5.65 23.81 -48.49
CA GLU A 4232 6.20 23.90 -49.83
C GLU A 4232 6.35 25.35 -50.26
N LEU A 4233 5.33 26.17 -50.02
CA LEU A 4233 5.43 27.59 -50.35
C LEU A 4233 6.55 28.25 -49.56
N PHE A 4234 6.68 27.90 -48.29
CA PHE A 4234 7.72 28.50 -47.47
C PHE A 4234 9.11 28.19 -48.02
N VAL A 4235 9.34 26.93 -48.38
CA VAL A 4235 10.67 26.57 -48.89
C VAL A 4235 10.92 27.21 -50.25
N SER A 4236 9.90 27.32 -51.09
CA SER A 4236 10.10 28.02 -52.36
C SER A 4236 10.47 29.47 -52.12
N PHE A 4237 9.80 30.12 -51.16
CA PHE A 4237 10.14 31.51 -50.83
C PHE A 4237 11.58 31.60 -50.33
N CYS A 4238 12.02 30.65 -49.51
CA CYS A 4238 13.39 30.66 -49.02
C CYS A 4238 14.38 30.55 -50.18
N GLU A 4239 14.09 29.66 -51.13
CA GLU A 4239 14.99 29.51 -52.27
C GLU A 4239 15.07 30.79 -53.09
N ASP A 4240 13.93 31.43 -53.33
CA ASP A 4240 13.95 32.68 -54.09
C ASP A 4240 14.76 33.74 -53.36
N THR A 4241 14.58 33.85 -52.03
CA THR A 4241 15.33 34.84 -51.27
C THR A 4241 16.83 34.56 -51.34
N ILE A 4242 17.21 33.29 -51.27
CA ILE A 4242 18.62 32.95 -51.35
C ILE A 4242 19.20 33.37 -52.70
N PHE A 4243 18.46 33.11 -53.78
CA PHE A 4243 18.96 33.51 -55.10
C PHE A 4243 19.09 35.03 -55.19
N GLU A 4244 18.12 35.77 -54.66
CA GLU A 4244 18.22 37.22 -54.67
C GLU A 4244 19.44 37.69 -53.89
N MET A 4245 19.71 37.06 -52.74
CA MET A 4245 20.89 37.43 -51.97
C MET A 4245 22.16 37.18 -52.79
N GLN A 4246 22.21 36.06 -53.49
CA GLN A 4246 23.38 35.79 -54.33
C GLN A 4246 23.57 36.87 -55.37
N ILE A 4247 22.50 37.25 -56.07
CA ILE A 4247 22.61 38.28 -57.10
C ILE A 4247 23.09 39.60 -56.50
N ALA A 4248 22.47 40.00 -55.39
CA ALA A 4248 22.82 41.29 -54.78
C ALA A 4248 24.27 41.30 -54.34
N ALA A 4249 24.74 40.21 -53.73
CA ALA A 4249 26.15 40.13 -53.38
C ALA A 4249 27.03 40.21 -54.61
N GLN A 4250 26.59 39.60 -55.71
CA GLN A 4250 27.40 39.61 -56.92
C GLN A 4250 27.58 41.03 -57.46
N ILE A 4251 26.49 41.78 -57.63
CA ILE A 4251 26.62 43.07 -58.29
C ILE A 4251 27.44 44.07 -57.48
N SER A 4252 27.26 44.12 -56.16
CA SER A 4252 27.99 45.08 -55.36
C SER A 4252 29.49 44.78 -55.37
N GLU A 4253 30.29 45.83 -55.34
CA GLU A 4253 31.74 45.67 -55.39
C GLU A 4253 32.31 45.38 -54.00
N GLY A 4542 40.12 43.38 -75.16
CA GLY A 4542 41.08 43.27 -74.05
C GLY A 4542 40.48 43.69 -72.73
N GLU A 4543 40.74 44.93 -72.32
CA GLU A 4543 40.22 45.45 -71.07
C GLU A 4543 38.79 45.97 -71.18
N LEU A 4544 38.21 45.92 -72.38
CA LEU A 4544 36.83 46.38 -72.55
C LEU A 4544 35.87 45.65 -71.63
N GLU A 4545 36.18 44.40 -71.27
CA GLU A 4545 35.30 43.63 -70.41
C GLU A 4545 35.16 44.29 -69.05
N VAL A 4546 36.25 44.85 -68.52
CA VAL A 4546 36.19 45.50 -67.22
C VAL A 4546 35.23 46.69 -67.27
N GLN A 4547 35.34 47.51 -68.31
CA GLN A 4547 34.42 48.63 -68.44
C GLN A 4547 32.99 48.15 -68.63
N ARG A 4548 32.81 47.08 -69.41
CA ARG A 4548 31.46 46.58 -69.64
C ARG A 4548 30.81 46.13 -68.35
N VAL A 4549 31.53 45.36 -67.53
CA VAL A 4549 30.95 44.87 -66.29
C VAL A 4549 30.75 46.01 -65.31
N LYS A 4550 31.68 46.97 -65.28
CA LYS A 4550 31.48 48.15 -64.43
C LYS A 4550 30.18 48.86 -64.81
N PHE A 4551 29.99 49.10 -66.10
CA PHE A 4551 28.81 49.81 -66.56
C PHE A 4551 27.53 49.05 -66.22
N LEU A 4552 27.54 47.73 -66.47
CA LEU A 4552 26.35 46.94 -66.19
C LEU A 4552 26.03 46.89 -64.71
N ASN A 4553 27.05 46.76 -63.86
CA ASN A 4553 26.79 46.79 -62.42
C ASN A 4553 26.26 48.14 -61.98
N TYR A 4554 26.82 49.22 -62.52
CA TYR A 4554 26.32 50.54 -62.17
C TYR A 4554 24.85 50.70 -62.57
N LEU A 4555 24.49 50.20 -63.75
CA LEU A 4555 23.10 50.27 -64.18
C LEU A 4555 22.22 49.45 -63.26
N SER A 4556 22.66 48.25 -62.87
CA SER A 4556 21.82 47.38 -62.06
C SER A 4556 21.64 47.95 -60.65
N ARG A 4557 22.63 48.68 -60.15
CA ARG A 4557 22.53 49.20 -58.79
C ARG A 4557 21.57 50.38 -58.70
N ASN A 4558 21.32 51.08 -59.80
CA ASN A 4558 20.54 52.30 -59.78
C ASN A 4558 19.30 52.22 -60.66
N PHE A 4559 18.55 51.12 -60.60
CA PHE A 4559 17.35 50.97 -61.43
C PHE A 4559 16.27 51.96 -61.02
N TYR A 4560 15.95 52.00 -59.73
CA TYR A 4560 14.84 52.82 -59.25
C TYR A 4560 15.15 54.31 -59.37
N THR A 4561 16.39 54.71 -59.16
CA THR A 4561 16.75 56.11 -59.37
C THR A 4561 16.49 56.51 -60.83
N LEU A 4562 16.86 55.65 -61.77
CA LEU A 4562 16.59 55.96 -63.17
C LEU A 4562 15.10 56.04 -63.45
N ARG A 4563 14.31 55.16 -62.85
CA ARG A 4563 12.85 55.24 -63.05
C ARG A 4563 12.30 56.56 -62.54
N PHE A 4564 12.71 56.97 -61.34
CA PHE A 4564 12.25 58.24 -60.79
C PHE A 4564 12.68 59.41 -61.68
N LEU A 4565 13.90 59.36 -62.19
CA LEU A 4565 14.37 60.42 -63.08
C LEU A 4565 13.52 60.49 -64.34
N ALA A 4566 13.17 59.33 -64.90
CA ALA A 4566 12.31 59.32 -66.09
C ALA A 4566 10.97 59.98 -65.80
N LEU A 4567 10.38 59.65 -64.65
CA LEU A 4567 9.10 60.27 -64.29
C LEU A 4567 9.24 61.79 -64.18
N PHE A 4568 10.31 62.26 -63.53
CA PHE A 4568 10.51 63.69 -63.37
C PHE A 4568 10.66 64.38 -64.72
N LEU A 4569 11.43 63.78 -65.63
CA LEU A 4569 11.60 64.38 -66.95
C LEU A 4569 10.27 64.43 -67.71
N ALA A 4570 9.47 63.38 -67.60
CA ALA A 4570 8.17 63.41 -68.26
C ALA A 4570 7.31 64.56 -67.74
N PHE A 4571 7.30 64.74 -66.42
CA PHE A 4571 6.53 65.86 -65.86
C PHE A 4571 7.05 67.20 -66.37
N ALA A 4572 8.37 67.37 -66.44
CA ALA A 4572 8.91 68.64 -66.91
C ALA A 4572 8.50 68.91 -68.35
N ILE A 4573 8.60 67.90 -69.22
CA ILE A 4573 8.24 68.09 -70.62
C ILE A 4573 6.76 68.46 -70.73
N ASN A 4574 5.90 67.76 -70.00
CA ASN A 4574 4.48 68.03 -70.12
C ASN A 4574 4.14 69.41 -69.58
N PHE A 4575 4.83 69.87 -68.53
CA PHE A 4575 4.60 71.24 -68.07
C PHE A 4575 5.00 72.24 -69.14
N ILE A 4576 6.14 72.02 -69.80
CA ILE A 4576 6.56 72.96 -70.83
C ILE A 4576 5.58 72.97 -71.99
N LEU A 4577 4.92 71.84 -72.24
CA LEU A 4577 4.00 71.78 -73.39
C LEU A 4577 2.77 72.66 -73.20
N LEU A 4578 2.54 73.19 -72.00
CA LEU A 4578 1.33 73.98 -71.77
C LEU A 4578 1.35 75.32 -72.49
N PHE A 4579 2.47 75.72 -73.08
CA PHE A 4579 2.59 77.03 -73.70
C PHE A 4579 2.38 77.01 -75.21
N TYR A 4580 1.86 75.92 -75.75
CA TYR A 4580 1.69 75.82 -77.20
C TYR A 4580 0.56 76.73 -77.67
N LYS A 4581 0.57 77.02 -78.96
CA LYS A 4581 -0.41 77.90 -79.58
C LYS A 4581 -0.57 77.51 -81.04
N VAL A 4582 -1.70 77.90 -81.62
CA VAL A 4582 -2.00 77.62 -83.02
C VAL A 4582 -2.40 78.92 -83.71
N SER A 4583 -1.96 79.08 -84.95
CA SER A 4583 -2.27 80.27 -85.72
C SER A 4583 -2.12 79.95 -87.20
N ASP A 4584 -2.66 80.83 -88.03
CA ASP A 4584 -2.61 80.66 -89.49
C ASP A 4584 -1.24 80.96 -90.07
N SER A 4585 -0.45 81.83 -89.44
CA SER A 4585 0.89 82.16 -89.91
C SER A 4585 1.80 82.32 -88.71
N PRO A 4586 3.12 82.12 -88.86
CA PRO A 4586 4.02 82.31 -87.73
C PRO A 4586 4.07 83.76 -87.26
N MET A 4627 -3.16 75.94 -94.44
CA MET A 4627 -2.97 75.09 -93.27
C MET A 4627 -2.67 75.95 -92.04
N VAL A 4628 -2.36 75.31 -90.92
CA VAL A 4628 -2.18 75.99 -89.65
C VAL A 4628 -0.81 75.66 -89.08
N TYR A 4629 -0.33 76.53 -88.21
CA TYR A 4629 1.00 76.41 -87.61
C TYR A 4629 0.87 76.21 -86.10
N TYR A 4630 1.68 75.31 -85.56
CA TYR A 4630 1.82 75.12 -84.13
C TYR A 4630 3.18 75.65 -83.69
N PHE A 4631 3.20 76.43 -82.62
CA PHE A 4631 4.46 76.99 -82.15
C PHE A 4631 4.31 77.39 -80.69
N LEU A 4632 5.45 77.48 -80.01
CA LEU A 4632 5.47 77.93 -78.62
C LEU A 4632 5.31 79.44 -78.57
N GLU A 4633 5.08 79.94 -77.35
CA GLU A 4633 4.86 81.37 -77.13
C GLU A 4633 5.26 81.71 -75.71
N GLU A 4634 6.45 82.31 -75.55
CA GLU A 4634 6.95 82.74 -74.26
C GLU A 4634 7.91 83.91 -74.47
N SER A 4635 8.06 84.71 -73.42
CA SER A 4635 8.93 85.88 -73.49
C SER A 4635 10.41 85.51 -73.38
N THR A 4636 10.75 84.56 -72.51
CA THR A 4636 12.15 84.26 -72.23
C THR A 4636 12.88 83.75 -73.47
N GLY A 4637 12.26 82.86 -74.25
CA GLY A 4637 12.92 82.23 -75.36
C GLY A 4637 13.81 81.06 -75.00
N TYR A 4638 13.80 80.62 -73.74
CA TYR A 4638 14.68 79.56 -73.29
C TYR A 4638 14.01 78.20 -73.18
N MET A 4639 12.71 78.08 -73.48
CA MET A 4639 12.06 76.79 -73.36
C MET A 4639 12.13 75.99 -74.66
N GLU A 4640 12.15 76.66 -75.81
CA GLU A 4640 12.30 75.92 -77.06
C GLU A 4640 13.60 75.14 -77.09
N PRO A 4641 14.76 75.73 -76.77
CA PRO A 4641 15.97 74.90 -76.71
C PRO A 4641 15.90 73.82 -75.65
N ALA A 4642 15.28 74.10 -74.51
CA ALA A 4642 15.25 73.13 -73.41
C ALA A 4642 14.44 71.91 -73.77
N LEU A 4643 13.39 72.08 -74.58
CA LEU A 4643 12.54 70.96 -74.92
C LEU A 4643 13.32 69.88 -75.67
N TRP A 4644 14.16 70.30 -76.61
CA TRP A 4644 14.96 69.35 -77.38
C TRP A 4644 15.87 68.51 -76.47
N CYS A 4645 16.59 69.19 -75.57
CA CYS A 4645 17.48 68.47 -74.66
C CYS A 4645 16.70 67.53 -73.76
N LEU A 4646 15.56 67.98 -73.24
CA LEU A 4646 14.78 67.12 -72.36
C LEU A 4646 14.29 65.89 -73.10
N SER A 4647 13.88 66.05 -74.35
CA SER A 4647 13.43 64.89 -75.14
C SER A 4647 14.57 63.88 -75.30
N LEU A 4648 15.74 64.35 -75.72
CA LEU A 4648 16.85 63.43 -75.91
C LEU A 4648 17.20 62.71 -74.61
N LEU A 4649 17.25 63.46 -73.51
CA LEU A 4649 17.58 62.87 -72.22
C LEU A 4649 16.56 61.82 -71.82
N HIS A 4650 15.27 62.11 -72.04
CA HIS A 4650 14.23 61.15 -71.68
C HIS A 4650 14.40 59.86 -72.46
N THR A 4651 14.66 59.95 -73.77
CA THR A 4651 14.86 58.73 -74.55
C THR A 4651 16.04 57.93 -74.03
N LEU A 4652 17.15 58.61 -73.75
CA LEU A 4652 18.34 57.90 -73.26
C LEU A 4652 18.04 57.19 -71.94
N VAL A 4653 17.36 57.89 -71.03
CA VAL A 4653 17.08 57.30 -69.72
C VAL A 4653 16.17 56.09 -69.86
N ALA A 4654 15.19 56.16 -70.75
CA ALA A 4654 14.32 55.00 -70.96
C ALA A 4654 15.13 53.80 -71.46
N PHE A 4655 16.04 54.03 -72.40
CA PHE A 4655 16.85 52.92 -72.89
C PHE A 4655 17.69 52.32 -71.77
N LEU A 4656 18.30 53.17 -70.95
CA LEU A 4656 19.11 52.67 -69.84
C LEU A 4656 18.26 51.87 -68.87
N CYS A 4657 17.02 52.31 -68.63
CA CYS A 4657 16.13 51.56 -67.75
C CYS A 4657 15.87 50.17 -68.32
N ILE A 4658 15.64 50.07 -69.63
CA ILE A 4658 15.42 48.76 -70.22
C ILE A 4658 16.63 47.86 -69.99
N ILE A 4659 17.83 48.38 -70.24
CA ILE A 4659 19.02 47.56 -70.06
C ILE A 4659 19.17 47.12 -68.61
N GLY A 4660 18.95 48.05 -67.68
CA GLY A 4660 19.08 47.70 -66.28
C GLY A 4660 18.11 46.61 -65.85
N TYR A 4661 16.85 46.73 -66.27
CA TYR A 4661 15.89 45.68 -65.95
C TYR A 4661 16.34 44.35 -66.52
N ASN A 4662 16.79 44.36 -67.78
CA ASN A 4662 17.23 43.11 -68.38
C ASN A 4662 18.36 42.47 -67.58
N CYS A 4663 19.23 43.30 -67.00
CA CYS A 4663 20.38 42.77 -66.28
C CYS A 4663 20.13 42.53 -64.80
N LEU A 4664 18.96 42.90 -64.27
CA LEU A 4664 18.69 42.75 -62.85
C LEU A 4664 17.60 41.74 -62.51
N LYS A 4665 16.52 41.70 -63.28
CA LYS A 4665 15.34 40.93 -62.89
C LYS A 4665 15.12 39.68 -63.73
N VAL A 4666 15.71 39.59 -64.91
CA VAL A 4666 15.54 38.39 -65.74
C VAL A 4666 16.03 37.13 -65.03
N PRO A 4667 17.20 37.12 -64.39
CA PRO A 4667 17.68 35.86 -63.81
C PRO A 4667 16.70 35.19 -62.86
N LEU A 4668 15.96 35.96 -62.06
CA LEU A 4668 15.00 35.33 -61.17
C LEU A 4668 13.91 34.62 -61.97
N VAL A 4669 13.42 35.24 -63.04
CA VAL A 4669 12.39 34.61 -63.86
C VAL A 4669 12.90 33.31 -64.45
N ILE A 4670 14.13 33.34 -65.00
CA ILE A 4670 14.68 32.13 -65.58
C ILE A 4670 14.86 31.06 -64.51
N PHE A 4671 15.34 31.46 -63.32
CA PHE A 4671 15.53 30.52 -62.23
C PHE A 4671 14.22 29.82 -61.88
N LYS A 4672 13.15 30.59 -61.74
CA LYS A 4672 11.87 30.00 -61.37
C LYS A 4672 11.35 29.08 -62.46
N ARG A 4673 11.46 29.49 -63.73
CA ARG A 4673 10.99 28.60 -64.80
C ARG A 4673 11.75 27.29 -64.79
N GLU A 4674 13.07 27.35 -64.67
CA GLU A 4674 13.87 26.13 -64.67
C GLU A 4674 13.52 25.26 -63.47
N LYS A 4675 13.35 25.87 -62.30
CA LYS A 4675 13.03 25.09 -61.11
C LYS A 4675 11.72 24.33 -61.28
N GLU A 4676 10.66 25.02 -61.69
CA GLU A 4676 9.39 24.33 -61.91
C GLU A 4676 9.51 23.24 -62.97
N LEU A 4677 10.22 23.52 -64.06
CA LEU A 4677 10.33 22.50 -65.10
C LEU A 4677 11.01 21.25 -64.58
N ALA A 4678 12.12 21.43 -63.84
CA ALA A 4678 12.84 20.28 -63.31
C ALA A 4678 11.97 19.51 -62.32
N ARG A 4679 11.27 20.22 -61.44
CA ARG A 4679 10.43 19.54 -60.46
C ARG A 4679 9.36 18.71 -61.14
N LYS A 4680 8.66 19.30 -62.11
CA LYS A 4680 7.61 18.55 -62.79
C LYS A 4680 8.18 17.36 -63.53
N LEU A 4681 9.28 17.53 -64.25
CA LEU A 4681 9.88 16.40 -64.96
C LEU A 4681 10.22 15.28 -64.00
N GLU A 4682 10.86 15.60 -62.88
CA GLU A 4682 11.38 14.56 -62.00
C GLU A 4682 10.27 13.85 -61.25
N PHE A 4683 9.31 14.60 -60.70
CA PHE A 4683 8.33 13.99 -59.81
C PHE A 4683 7.01 13.63 -60.49
N ASP A 4684 6.85 13.94 -61.78
CA ASP A 4684 5.62 13.60 -62.49
C ASP A 4684 5.84 12.97 -63.86
N GLY A 4685 7.06 12.94 -64.36
CA GLY A 4685 7.28 12.42 -65.70
C GLY A 4685 6.44 13.13 -66.74
N LEU A 4686 6.39 14.46 -66.68
CA LEU A 4686 5.45 15.21 -67.51
C LEU A 4686 5.58 14.83 -68.99
N TYR A 4687 6.80 14.72 -69.52
CA TYR A 4687 6.99 14.27 -70.94
C TYR A 4687 7.07 12.73 -71.01
N ILE A 4688 7.69 12.07 -70.03
CA ILE A 4688 7.92 10.60 -70.01
C ILE A 4688 6.60 9.83 -70.02
N THR A 4689 5.70 10.11 -69.08
CA THR A 4689 4.44 9.35 -68.90
C THR A 4689 3.26 10.19 -69.39
N GLU A 4690 3.07 11.39 -68.84
CA GLU A 4690 1.98 12.32 -69.26
C GLU A 4690 2.37 12.90 -70.62
N GLN A 4691 1.52 13.75 -71.20
CA GLN A 4691 1.81 14.45 -72.48
C GLN A 4691 0.87 15.66 -72.54
N PRO A 4692 1.26 16.85 -72.02
CA PRO A 4692 0.37 18.01 -71.97
C PRO A 4692 -0.21 18.30 -73.37
N GLY A 4693 -1.53 18.52 -73.49
CA GLY A 4693 -2.16 18.85 -74.75
C GLY A 4693 -1.79 20.24 -75.24
N ASP A 4694 -2.30 20.55 -76.43
CA ASP A 4694 -1.97 21.83 -77.08
C ASP A 4694 -2.49 23.03 -76.29
N ASP A 4695 -3.43 22.84 -75.37
CA ASP A 4695 -3.94 23.97 -74.61
C ASP A 4695 -2.86 24.65 -73.79
N ASP A 4696 -1.99 23.86 -73.13
CA ASP A 4696 -0.92 24.40 -72.31
C ASP A 4696 0.21 24.86 -73.21
N VAL A 4697 0.18 26.13 -73.60
CA VAL A 4697 1.22 26.67 -74.47
C VAL A 4697 2.57 26.66 -73.76
N LYS A 4698 2.57 26.83 -72.44
CA LYS A 4698 3.82 26.85 -71.70
C LYS A 4698 4.56 25.53 -71.86
N GLY A 4699 3.86 24.41 -71.72
CA GLY A 4699 4.50 23.12 -71.90
C GLY A 4699 5.02 22.92 -73.31
N GLN A 4700 4.23 23.31 -74.30
CA GLN A 4700 4.69 23.20 -75.68
C GLN A 4700 5.99 23.97 -75.88
N TRP A 4701 6.04 25.22 -75.41
CA TRP A 4701 7.25 26.00 -75.57
C TRP A 4701 8.42 25.38 -74.81
N ASP A 4702 8.18 24.93 -73.58
CA ASP A 4702 9.24 24.32 -72.79
C ASP A 4702 9.80 23.07 -73.45
N ARG A 4703 8.98 22.35 -74.24
CA ARG A 4703 9.47 21.18 -74.93
C ARG A 4703 10.76 21.44 -75.70
N LEU A 4704 11.04 22.71 -76.03
CA LEU A 4704 12.15 23.04 -76.90
C LEU A 4704 13.50 22.98 -76.17
N VAL A 4705 13.51 23.13 -74.85
CA VAL A 4705 14.78 23.23 -74.12
C VAL A 4705 15.26 21.89 -73.57
N LEU A 4706 14.42 20.86 -73.56
CA LEU A 4706 14.76 19.63 -72.86
C LEU A 4706 16.12 19.09 -73.28
N ASN A 4707 16.35 18.95 -74.57
CA ASN A 4707 17.54 18.28 -75.06
C ASN A 4707 18.72 19.20 -75.25
N THR A 4708 18.75 20.36 -74.58
CA THR A 4708 19.87 21.26 -74.71
C THR A 4708 21.01 20.84 -73.77
N PRO A 4709 22.25 21.20 -74.10
CA PRO A 4709 23.38 20.81 -73.24
C PRO A 4709 23.63 21.74 -72.06
N SER A 4710 22.80 22.77 -71.87
CA SER A 4710 22.98 23.71 -70.76
C SER A 4710 21.68 24.00 -70.04
N PHE A 4711 20.74 23.04 -70.02
CA PHE A 4711 19.40 23.29 -69.48
C PHE A 4711 19.40 23.84 -68.06
N PRO A 4712 20.08 23.24 -67.09
CA PRO A 4712 20.08 23.83 -65.73
C PRO A 4712 21.12 24.93 -65.59
N SER A 4713 20.93 26.00 -66.37
CA SER A 4713 21.92 27.08 -66.38
C SER A 4713 21.87 27.91 -65.11
N ASN A 4714 20.68 28.27 -64.64
CA ASN A 4714 20.53 29.08 -63.44
C ASN A 4714 20.22 28.27 -62.19
N TYR A 4715 19.29 27.32 -62.28
CA TYR A 4715 19.05 26.43 -61.16
C TYR A 4715 20.32 25.65 -60.84
N TRP A 4716 20.61 25.51 -59.54
CA TRP A 4716 21.92 25.03 -59.11
C TRP A 4716 22.02 23.51 -59.07
N ASP A 4717 20.95 22.78 -59.36
CA ASP A 4717 21.00 21.33 -59.33
C ASP A 4717 21.41 20.81 -60.70
N LYS A 4718 22.62 20.26 -60.79
CA LYS A 4718 23.20 19.85 -62.10
C LYS A 4718 22.95 18.36 -62.34
N PHE A 4719 22.30 17.63 -61.42
CA PHE A 4719 22.10 16.19 -61.57
C PHE A 4719 20.67 15.82 -61.89
N VAL A 4720 19.87 16.75 -62.42
CA VAL A 4720 18.47 16.44 -62.73
C VAL A 4720 18.39 15.32 -63.76
N LYS A 4721 19.21 15.41 -64.81
CA LYS A 4721 19.15 14.42 -65.87
C LYS A 4721 19.49 13.03 -65.35
N ARG A 4722 20.54 12.93 -64.54
CA ARG A 4722 20.93 11.63 -64.00
C ARG A 4722 19.83 11.04 -63.13
N LYS A 4723 19.23 11.88 -62.29
CA LYS A 4723 18.17 11.38 -61.41
C LYS A 4723 16.98 10.89 -62.22
N VAL A 4724 16.55 11.66 -63.21
CA VAL A 4724 15.40 11.25 -64.02
C VAL A 4724 15.73 9.95 -64.75
N LEU A 4725 16.93 9.85 -65.30
CA LEU A 4725 17.31 8.62 -65.99
C LEU A 4725 17.26 7.43 -65.03
N ASP A 4726 17.93 7.54 -63.89
CA ASP A 4726 17.93 6.44 -62.94
C ASP A 4726 16.53 6.06 -62.52
N LYS A 4727 15.62 7.03 -62.46
CA LYS A 4727 14.26 6.74 -62.04
C LYS A 4727 13.46 6.01 -63.10
N HIS A 4728 13.58 6.41 -64.37
CA HIS A 4728 12.61 5.97 -65.38
C HIS A 4728 13.18 5.11 -66.50
N GLY A 4729 14.50 4.96 -66.61
CA GLY A 4729 15.08 4.29 -67.76
C GLY A 4729 14.66 2.85 -67.90
N ASP A 4730 14.64 2.09 -66.81
CA ASP A 4730 14.33 0.67 -66.89
C ASP A 4730 12.95 0.45 -67.51
N ILE A 4731 11.95 1.18 -67.02
CA ILE A 4731 10.60 1.01 -67.53
C ILE A 4731 10.49 1.54 -68.95
N PHE A 4732 11.02 2.74 -69.19
CA PHE A 4732 10.82 3.41 -70.47
C PHE A 4732 12.02 3.32 -71.40
N GLY A 4733 13.05 2.59 -71.04
CA GLY A 4733 14.17 2.38 -71.93
C GLY A 4733 15.22 3.44 -71.80
N ARG A 4734 16.44 3.09 -71.38
CA ARG A 4734 17.52 4.08 -71.15
C ARG A 4734 18.01 4.61 -72.49
N GLU A 4735 17.66 3.96 -73.60
CA GLU A 4735 17.99 4.43 -74.98
C GLU A 4735 16.96 5.48 -75.42
N ARG A 4736 15.70 5.38 -74.96
CA ARG A 4736 14.63 6.35 -75.33
C ARG A 4736 14.88 7.65 -74.57
N ILE A 4737 15.26 7.59 -73.29
CA ILE A 4737 15.48 8.76 -72.46
C ILE A 4737 16.74 9.50 -72.87
N ALA A 4738 17.81 8.75 -73.18
CA ALA A 4738 19.03 9.40 -73.65
C ALA A 4738 18.77 10.19 -74.92
N GLU A 4739 17.97 9.65 -75.83
CA GLU A 4739 17.61 10.40 -77.03
C GLU A 4739 16.81 11.65 -76.67
N LEU A 4740 15.86 11.52 -75.76
CA LEU A 4740 15.00 12.65 -75.44
C LEU A 4740 15.79 13.78 -74.79
N LEU A 4741 16.72 13.45 -73.91
CA LEU A 4741 17.44 14.46 -73.14
C LEU A 4741 18.83 14.75 -73.69
N GLY A 4742 19.15 14.27 -74.89
CA GLY A 4742 20.46 14.52 -75.48
C GLY A 4742 21.58 14.19 -74.54
N MET A 4743 21.73 12.91 -74.19
CA MET A 4743 22.74 12.47 -73.25
C MET A 4743 23.45 11.24 -73.80
N ASP A 4744 24.72 11.10 -73.45
CA ASP A 4744 25.52 9.96 -73.89
C ASP A 4744 25.42 8.85 -72.86
N LEU A 4745 24.83 7.71 -73.26
CA LEU A 4745 24.74 6.57 -72.37
C LEU A 4745 26.13 6.05 -71.98
N ALA A 4746 27.09 6.10 -72.90
CA ALA A 4746 28.43 5.63 -72.60
C ALA A 4746 29.08 6.38 -71.45
N SER A 4747 28.64 7.60 -71.17
CA SER A 4747 29.20 8.39 -70.08
C SER A 4747 28.14 9.29 -69.48
N THR A 4766 36.42 30.76 -81.36
CA THR A 4766 36.23 31.88 -80.40
C THR A 4766 34.77 31.94 -79.96
N TRP A 4767 34.16 33.12 -80.00
CA TRP A 4767 32.72 33.22 -79.65
C TRP A 4767 31.84 32.95 -80.86
N LEU A 4768 32.40 32.32 -81.90
CA LEU A 4768 31.56 31.89 -83.05
C LEU A 4768 30.80 30.67 -82.54
N MET A 4769 31.52 29.62 -82.16
CA MET A 4769 30.87 28.46 -81.50
C MET A 4769 30.78 28.82 -80.02
N SER A 4770 30.39 27.91 -79.11
CA SER A 4770 30.27 28.12 -77.64
C SER A 4770 28.93 28.80 -77.33
N ILE A 4771 28.10 29.10 -78.34
CA ILE A 4771 26.75 29.69 -78.13
C ILE A 4771 25.75 28.59 -78.50
N ASP A 4772 24.80 28.29 -77.63
CA ASP A 4772 23.76 27.29 -77.94
C ASP A 4772 22.61 28.12 -78.49
N VAL A 4773 22.34 27.98 -79.76
CA VAL A 4773 21.30 28.79 -80.44
C VAL A 4773 19.99 28.42 -79.77
N LYS A 4774 19.77 27.15 -79.47
CA LYS A 4774 18.48 26.66 -78.91
C LYS A 4774 18.20 27.22 -77.51
N TYR A 4775 19.16 27.31 -76.58
CA TYR A 4775 18.87 27.78 -75.24
C TYR A 4775 18.59 29.28 -75.24
N GLN A 4776 19.37 30.04 -76.00
CA GLN A 4776 19.15 31.48 -76.08
C GLN A 4776 17.78 31.79 -76.67
N ILE A 4777 17.39 31.04 -77.71
CA ILE A 4777 16.08 31.25 -78.31
C ILE A 4777 14.98 31.00 -77.29
N TRP A 4778 15.11 29.90 -76.54
CA TRP A 4778 14.09 29.61 -75.52
C TRP A 4778 14.03 30.72 -74.48
N LYS A 4779 15.19 31.19 -74.04
CA LYS A 4779 15.20 32.22 -72.99
C LYS A 4779 14.59 33.51 -73.50
N PHE A 4780 14.89 33.89 -74.74
CA PHE A 4780 14.30 35.11 -75.28
C PHE A 4780 12.79 34.96 -75.44
N GLY A 4781 12.33 33.79 -75.88
CA GLY A 4781 10.91 33.54 -75.91
C GLY A 4781 10.24 33.66 -74.56
N VAL A 4782 10.91 33.19 -73.51
CA VAL A 4782 10.38 33.36 -72.16
C VAL A 4782 10.32 34.84 -71.80
N ILE A 4783 11.40 35.57 -72.09
CA ILE A 4783 11.48 36.98 -71.69
C ILE A 4783 10.38 37.79 -72.36
N PHE A 4784 10.17 37.58 -73.66
CA PHE A 4784 9.25 38.42 -74.40
C PHE A 4784 7.80 38.23 -74.02
N THR A 4785 7.51 37.42 -73.01
CA THR A 4785 6.14 37.27 -72.52
C THR A 4785 5.93 37.88 -71.14
N ASP A 4786 7.01 38.26 -70.45
CA ASP A 4786 6.87 38.90 -69.14
C ASP A 4786 6.15 40.23 -69.27
N ASN A 4787 5.34 40.58 -68.28
CA ASN A 4787 4.55 41.81 -68.35
C ASN A 4787 5.45 43.04 -68.21
N SER A 4788 6.39 43.01 -67.27
CA SER A 4788 7.22 44.19 -67.03
C SER A 4788 8.06 44.53 -68.26
N PHE A 4789 8.61 43.51 -68.92
CA PHE A 4789 9.40 43.77 -70.12
C PHE A 4789 8.55 44.42 -71.21
N LEU A 4790 7.33 43.93 -71.40
CA LEU A 4790 6.45 44.54 -72.40
C LEU A 4790 6.12 45.97 -72.02
N TYR A 4791 5.90 46.23 -70.74
CA TYR A 4791 5.61 47.60 -70.30
C TYR A 4791 6.77 48.53 -70.62
N LEU A 4792 8.00 48.09 -70.34
CA LEU A 4792 9.15 48.92 -70.62
C LEU A 4792 9.32 49.13 -72.12
N GLY A 4793 9.05 48.09 -72.92
CA GLY A 4793 9.13 48.25 -74.36
C GLY A 4793 8.13 49.27 -74.88
N TRP A 4794 6.91 49.23 -74.35
CA TRP A 4794 5.90 50.23 -74.73
C TRP A 4794 6.36 51.63 -74.32
N TYR A 4795 6.94 51.75 -73.14
CA TYR A 4795 7.53 53.03 -72.74
C TYR A 4795 8.54 53.51 -73.77
N MET A 4796 9.43 52.63 -74.21
CA MET A 4796 10.45 53.01 -75.17
C MET A 4796 9.84 53.45 -76.50
N VAL A 4797 8.87 52.70 -77.02
CA VAL A 4797 8.32 53.05 -78.32
C VAL A 4797 7.57 54.37 -78.24
N MET A 4798 6.85 54.60 -77.14
CA MET A 4798 6.22 55.90 -76.97
C MET A 4798 7.24 57.03 -76.93
N SER A 4799 8.35 56.82 -76.22
CA SER A 4799 9.38 57.85 -76.17
C SER A 4799 9.93 58.13 -77.57
N LEU A 4800 10.17 57.08 -78.35
CA LEU A 4800 10.68 57.28 -79.70
C LEU A 4800 9.67 58.04 -80.55
N LEU A 4801 8.39 57.67 -80.47
CA LEU A 4801 7.36 58.40 -81.22
C LEU A 4801 7.28 59.85 -80.79
N GLY A 4802 7.68 60.14 -79.54
CA GLY A 4802 7.63 61.50 -79.07
C GLY A 4802 8.39 62.48 -79.94
N HIS A 4803 9.46 62.03 -80.60
CA HIS A 4803 10.24 62.93 -81.45
C HIS A 4803 9.54 63.24 -82.77
N TYR A 4804 8.66 62.36 -83.24
CA TYR A 4804 7.91 62.63 -84.46
C TYR A 4804 6.84 63.69 -84.21
N ASN A 4805 6.28 63.72 -83.00
CA ASN A 4805 5.28 64.69 -82.62
C ASN A 4805 5.34 64.86 -81.11
N ASN A 4806 5.60 66.08 -80.64
CA ASN A 4806 5.92 66.28 -79.23
C ASN A 4806 4.75 65.95 -78.31
N PHE A 4807 3.54 65.81 -78.83
CA PHE A 4807 2.40 65.58 -77.96
C PHE A 4807 2.28 64.13 -77.51
N PHE A 4808 3.09 63.22 -78.05
CA PHE A 4808 3.04 61.84 -77.60
C PHE A 4808 3.68 61.67 -76.23
N PHE A 4809 4.39 62.67 -75.73
CA PHE A 4809 5.00 62.59 -74.41
C PHE A 4809 3.96 62.67 -73.30
N ALA A 4810 2.70 62.99 -73.62
CA ALA A 4810 1.65 62.97 -72.61
C ALA A 4810 1.41 61.57 -72.08
N ALA A 4811 1.50 60.56 -72.95
CA ALA A 4811 1.19 59.20 -72.53
C ALA A 4811 2.08 58.72 -71.40
N HIS A 4812 3.24 59.32 -71.19
CA HIS A 4812 4.13 58.89 -70.13
C HIS A 4812 3.65 59.32 -68.76
N LEU A 4813 2.63 60.17 -68.68
CA LEU A 4813 2.10 60.57 -67.38
C LEU A 4813 1.28 59.46 -66.73
N LEU A 4814 0.86 58.45 -67.50
CA LEU A 4814 0.15 57.32 -66.90
C LEU A 4814 1.07 56.47 -66.03
N ASP A 4815 2.38 56.71 -66.13
CA ASP A 4815 3.39 55.96 -65.33
C ASP A 4815 3.15 56.16 -63.83
N ILE A 4816 2.45 57.23 -63.41
CA ILE A 4816 2.30 57.51 -61.99
C ILE A 4816 1.52 56.41 -61.29
N ALA A 4817 0.59 55.77 -62.01
CA ALA A 4817 -0.17 54.70 -61.40
C ALA A 4817 0.72 53.57 -60.93
N MET A 4818 1.70 53.17 -61.75
CA MET A 4818 2.62 52.12 -61.34
C MET A 4818 3.74 52.67 -60.46
N GLY A 4819 3.95 53.99 -60.47
CA GLY A 4819 5.11 54.55 -59.78
C GLY A 4819 4.86 54.90 -58.33
N VAL A 4820 3.60 54.95 -57.91
CA VAL A 4820 3.23 55.36 -56.57
C VAL A 4820 2.38 54.27 -55.93
N LYS A 4821 2.75 53.86 -54.72
CA LYS A 4821 2.03 52.78 -54.05
C LYS A 4821 0.62 53.20 -53.65
N THR A 4822 0.46 54.41 -53.12
CA THR A 4822 -0.86 54.82 -52.64
C THR A 4822 -1.85 54.94 -53.78
N LEU A 4823 -1.39 55.39 -54.95
CA LEU A 4823 -2.26 55.41 -56.12
C LEU A 4823 -2.71 54.00 -56.48
N ARG A 4824 -1.79 53.04 -56.41
CA ARG A 4824 -2.16 51.66 -56.69
C ARG A 4824 -3.19 51.15 -55.70
N THR A 4825 -3.02 51.46 -54.41
CA THR A 4825 -4.00 51.03 -53.42
C THR A 4825 -5.36 51.64 -53.70
N ILE A 4826 -5.41 52.91 -54.06
CA ILE A 4826 -6.68 53.56 -54.34
C ILE A 4826 -7.33 52.94 -55.56
N LEU A 4827 -6.56 52.66 -56.61
CA LEU A 4827 -7.13 52.11 -57.84
C LEU A 4827 -7.54 50.66 -57.68
N SER A 4828 -6.93 49.94 -56.73
CA SER A 4828 -7.31 48.56 -56.51
C SER A 4828 -8.79 48.43 -56.17
N SER A 4829 -9.36 49.44 -55.50
CA SER A 4829 -10.79 49.41 -55.22
C SER A 4829 -11.60 49.41 -56.50
N VAL A 4830 -11.23 50.23 -57.48
CA VAL A 4830 -11.93 50.22 -58.77
C VAL A 4830 -11.73 48.89 -59.47
N THR A 4831 -10.50 48.36 -59.47
CA THR A 4831 -10.24 47.13 -60.20
C THR A 4831 -10.65 45.88 -59.44
N HIS A 4832 -11.07 46.01 -58.18
CA HIS A 4832 -11.44 44.83 -57.41
C HIS A 4832 -12.66 44.14 -57.99
N ASN A 4833 -13.56 44.91 -58.61
CA ASN A 4833 -14.82 44.39 -59.13
C ASN A 4833 -15.08 44.85 -60.56
N GLY A 4834 -14.08 44.72 -61.44
CA GLY A 4834 -14.27 45.16 -62.81
C GLY A 4834 -15.36 44.40 -63.54
N LYS A 4835 -15.44 43.09 -63.33
CA LYS A 4835 -16.39 42.27 -64.07
C LYS A 4835 -17.82 42.70 -63.75
N GLN A 4836 -18.11 42.98 -62.49
CA GLN A 4836 -19.44 43.44 -62.12
C GLN A 4836 -19.76 44.77 -62.80
N LEU A 4837 -18.80 45.68 -62.86
CA LEU A 4837 -19.03 46.96 -63.51
C LEU A 4837 -19.34 46.77 -65.00
N VAL A 4838 -18.60 45.89 -65.66
CA VAL A 4838 -18.84 45.63 -67.08
C VAL A 4838 -20.23 45.06 -67.28
N MET A 4839 -20.61 44.09 -66.45
CA MET A 4839 -21.95 43.51 -66.56
C MET A 4839 -23.03 44.55 -66.32
N THR A 4840 -22.81 45.46 -65.38
CA THR A 4840 -23.77 46.52 -65.13
C THR A 4840 -23.93 47.42 -66.34
N VAL A 4841 -22.81 47.76 -67.00
CA VAL A 4841 -22.90 48.59 -68.21
C VAL A 4841 -23.71 47.86 -69.28
N GLY A 4842 -23.47 46.56 -69.45
CA GLY A 4842 -24.25 45.80 -70.42
C GLY A 4842 -25.74 45.81 -70.10
N LEU A 4843 -26.08 45.64 -68.82
CA LEU A 4843 -27.48 45.65 -68.43
C LEU A 4843 -28.12 47.01 -68.72
N LEU A 4844 -27.38 48.09 -68.47
CA LEU A 4844 -27.88 49.41 -68.81
C LEU A 4844 -28.16 49.51 -70.31
N ALA A 4845 -27.25 48.99 -71.13
CA ALA A 4845 -27.46 49.02 -72.57
C ALA A 4845 -28.75 48.31 -72.95
N VAL A 4846 -28.99 47.13 -72.39
CA VAL A 4846 -30.19 46.38 -72.75
C VAL A 4846 -31.46 47.14 -72.34
N VAL A 4847 -31.46 47.70 -71.14
CA VAL A 4847 -32.65 48.42 -70.66
C VAL A 4847 -32.94 49.60 -71.58
N VAL A 4848 -31.90 50.36 -71.94
CA VAL A 4848 -32.12 51.50 -72.82
C VAL A 4848 -32.63 51.02 -74.17
N TYR A 4849 -32.18 49.87 -74.64
CA TYR A 4849 -32.68 49.35 -75.91
C TYR A 4849 -34.17 49.07 -75.84
N LEU A 4850 -34.64 48.48 -74.75
CA LEU A 4850 -36.08 48.22 -74.63
C LEU A 4850 -36.87 49.53 -74.64
N TYR A 4851 -36.38 50.52 -73.91
CA TYR A 4851 -37.06 51.82 -73.94
C TYR A 4851 -37.08 52.39 -75.35
N THR A 4852 -35.99 52.20 -76.09
CA THR A 4852 -35.95 52.66 -77.48
C THR A 4852 -37.02 52.00 -78.32
N VAL A 4853 -37.19 50.68 -78.16
CA VAL A 4853 -38.21 49.98 -78.92
C VAL A 4853 -39.58 50.57 -78.65
N VAL A 4854 -39.92 50.76 -77.37
CA VAL A 4854 -41.24 51.29 -77.05
C VAL A 4854 -41.41 52.68 -77.65
N ALA A 4855 -40.39 53.54 -77.50
CA ALA A 4855 -40.50 54.90 -78.01
C ALA A 4855 -40.70 54.91 -79.52
N PHE A 4856 -39.89 54.13 -80.23
CA PHE A 4856 -40.01 54.08 -81.68
C PHE A 4856 -41.39 53.62 -82.10
N ASN A 4857 -41.99 52.70 -81.37
CA ASN A 4857 -43.29 52.20 -81.80
C ASN A 4857 -44.43 53.18 -81.50
N PHE A 4858 -44.38 53.88 -80.36
CA PHE A 4858 -45.57 54.60 -79.90
C PHE A 4858 -45.46 56.11 -79.79
N PHE A 4859 -44.27 56.67 -79.55
CA PHE A 4859 -44.15 58.09 -79.23
C PHE A 4859 -43.31 58.86 -80.24
N ARG A 4860 -43.42 58.57 -81.54
CA ARG A 4860 -42.52 59.19 -82.51
C ARG A 4860 -42.71 60.70 -82.58
N LYS A 4861 -43.95 61.17 -82.54
CA LYS A 4861 -44.23 62.58 -82.80
C LYS A 4861 -43.53 63.52 -81.82
N PHE A 4862 -43.16 63.04 -80.63
CA PHE A 4862 -42.61 63.91 -79.61
C PHE A 4862 -41.13 64.19 -79.79
N TYR A 4863 -40.46 63.54 -80.74
CA TYR A 4863 -39.02 63.62 -80.86
C TYR A 4863 -38.54 64.62 -81.91
N ASN A 4864 -39.29 65.70 -82.12
CA ASN A 4864 -38.85 66.74 -83.03
C ASN A 4864 -38.02 67.78 -82.29
N LYS A 4865 -36.87 68.14 -82.86
CA LYS A 4865 -35.93 69.01 -82.20
C LYS A 4865 -35.66 70.31 -82.95
N SER A 4866 -36.24 70.50 -84.13
CA SER A 4866 -36.02 71.73 -84.87
C SER A 4866 -36.80 72.87 -84.24
N GLU A 4867 -36.29 74.09 -84.41
CA GLU A 4867 -36.93 75.29 -83.89
C GLU A 4867 -37.73 76.03 -84.93
N ASP A 4868 -37.92 75.45 -86.11
CA ASP A 4868 -38.69 76.10 -87.18
C ASP A 4868 -39.50 75.03 -87.91
N GLU A 4869 -40.59 75.47 -88.53
CA GLU A 4869 -41.47 74.56 -89.25
C GLU A 4869 -41.01 74.30 -90.68
N ASP A 4870 -39.94 74.95 -91.13
CA ASP A 4870 -39.47 74.76 -92.50
C ASP A 4870 -38.47 73.62 -92.63
N GLU A 4871 -37.71 73.32 -91.57
CA GLU A 4871 -36.69 72.28 -91.59
C GLU A 4871 -36.87 71.38 -90.38
N PRO A 4872 -37.92 70.57 -90.36
CA PRO A 4872 -38.12 69.65 -89.22
C PRO A 4872 -36.96 68.68 -89.09
N ASP A 4873 -36.60 68.37 -87.85
CA ASP A 4873 -35.54 67.43 -87.53
C ASP A 4873 -36.10 66.40 -86.56
N MET A 4874 -36.18 65.15 -86.99
CA MET A 4874 -36.78 64.08 -86.21
C MET A 4874 -35.69 63.09 -85.82
N LYS A 4875 -35.62 62.75 -84.53
CA LYS A 4875 -34.56 61.85 -84.00
C LYS A 4875 -35.07 60.41 -83.88
N CYS A 4876 -36.35 60.13 -84.17
CA CYS A 4876 -36.94 58.77 -83.99
C CYS A 4876 -37.56 58.25 -85.30
N ASP A 4877 -37.07 58.70 -86.46
CA ASP A 4877 -37.55 58.23 -87.78
C ASP A 4877 -36.86 56.90 -88.12
N ASP A 4878 -35.87 56.47 -87.33
CA ASP A 4878 -35.15 55.23 -87.56
C ASP A 4878 -34.70 54.69 -86.21
N MET A 4879 -34.52 53.38 -86.14
CA MET A 4879 -34.23 52.76 -84.84
C MET A 4879 -32.82 53.11 -84.38
N MET A 4880 -31.85 53.09 -85.28
CA MET A 4880 -30.47 53.36 -84.88
C MET A 4880 -30.33 54.77 -84.34
N THR A 4881 -30.96 55.73 -85.05
CA THR A 4881 -30.91 57.17 -84.70
C THR A 4881 -31.65 57.43 -83.39
N CYS A 4882 -32.79 56.78 -83.16
CA CYS A 4882 -33.55 56.93 -81.89
C CYS A 4882 -32.71 56.27 -80.79
N TYR A 4883 -32.02 55.14 -81.05
CA TYR A 4883 -31.25 54.41 -80.01
C TYR A 4883 -30.03 55.22 -79.57
N LEU A 4884 -29.24 55.79 -80.50
CA LEU A 4884 -28.11 56.67 -80.19
C LEU A 4884 -28.57 57.89 -79.40
N PHE A 4885 -29.74 58.44 -79.76
CA PHE A 4885 -30.26 59.58 -79.02
C PHE A 4885 -30.51 59.23 -77.57
N HIS A 4886 -31.11 58.07 -77.32
CA HIS A 4886 -31.39 57.66 -75.95
C HIS A 4886 -30.10 57.44 -75.16
N MET A 4887 -29.10 56.83 -75.79
CA MET A 4887 -27.88 56.53 -75.06
C MET A 4887 -27.03 57.77 -74.81
N TYR A 4888 -27.06 58.73 -75.73
CA TYR A 4888 -26.17 59.88 -75.63
C TYR A 4888 -26.80 61.04 -74.87
N VAL A 4889 -28.08 61.33 -75.11
CA VAL A 4889 -28.72 62.49 -74.52
C VAL A 4889 -29.62 62.06 -73.37
N GLY A 4890 -29.90 60.77 -73.26
CA GLY A 4890 -30.82 60.31 -72.24
C GLY A 4890 -30.15 60.11 -70.90
N VAL A 4891 -29.13 59.25 -70.85
CA VAL A 4891 -28.54 58.90 -69.57
C VAL A 4891 -27.81 60.07 -68.92
N ARG A 4892 -27.20 60.95 -69.70
CA ARG A 4892 -26.44 62.06 -69.14
C ARG A 4892 -27.32 63.17 -68.60
N ALA A 4893 -28.61 63.17 -68.89
CA ALA A 4893 -29.49 64.21 -68.40
C ALA A 4893 -29.77 64.02 -66.91
N GLY A 4894 -30.04 65.15 -66.24
CA GLY A 4894 -30.30 65.10 -64.81
C GLY A 4894 -31.59 64.39 -64.46
N GLY A 4895 -32.64 64.65 -65.22
CA GLY A 4895 -33.95 64.08 -64.98
C GLY A 4895 -34.36 62.96 -65.90
N GLY A 4896 -33.43 62.40 -66.68
CA GLY A 4896 -33.78 61.34 -67.60
C GLY A 4896 -34.19 61.87 -68.96
N ILE A 4897 -34.83 61.00 -69.73
CA ILE A 4897 -35.20 61.34 -71.10
C ILE A 4897 -36.27 62.41 -71.13
N GLY A 4898 -37.14 62.46 -70.12
CA GLY A 4898 -38.23 63.41 -70.12
C GLY A 4898 -37.79 64.87 -70.14
N ASP A 4899 -36.52 65.14 -69.82
CA ASP A 4899 -36.04 66.52 -69.81
C ASP A 4899 -35.77 67.05 -71.21
N GLU A 4900 -35.70 66.18 -72.22
CA GLU A 4900 -35.29 66.58 -73.56
C GLU A 4900 -36.34 66.27 -74.62
N ILE A 4901 -37.62 66.26 -74.25
CA ILE A 4901 -38.70 65.89 -75.17
C ILE A 4901 -39.82 66.90 -75.00
N GLU A 4902 -40.69 66.95 -76.01
CA GLU A 4902 -41.81 67.88 -75.99
C GLU A 4902 -42.75 67.57 -74.83
N ASP A 4903 -43.40 68.61 -74.34
CA ASP A 4903 -44.32 68.49 -73.21
C ASP A 4903 -45.55 67.71 -73.62
N PRO A 4904 -45.94 66.64 -72.91
CA PRO A 4904 -47.11 65.85 -73.32
C PRO A 4904 -48.44 66.42 -72.87
N ALA A 4905 -48.46 67.57 -72.20
CA ALA A 4905 -49.72 68.10 -71.68
C ALA A 4905 -50.72 68.33 -72.81
N GLY A 4906 -51.96 67.91 -72.58
CA GLY A 4906 -53.03 68.10 -73.52
C GLY A 4906 -53.23 66.97 -74.53
N ASP A 4907 -52.36 65.97 -74.51
CA ASP A 4907 -52.48 64.86 -75.45
C ASP A 4907 -53.23 63.70 -74.82
N GLU A 4908 -53.70 62.79 -75.68
CA GLU A 4908 -54.44 61.63 -75.19
C GLU A 4908 -53.54 60.62 -74.51
N TYR A 4909 -52.27 60.54 -74.91
CA TYR A 4909 -51.31 59.61 -74.34
C TYR A 4909 -50.52 60.23 -73.20
N GLU A 4910 -51.10 61.19 -72.48
CA GLU A 4910 -50.37 61.89 -71.44
C GLU A 4910 -49.91 60.93 -70.33
N LEU A 4911 -50.83 60.11 -69.83
CA LEU A 4911 -50.49 59.23 -68.72
C LEU A 4911 -49.41 58.22 -69.10
N TYR A 4912 -49.49 57.68 -70.32
CA TYR A 4912 -48.45 56.78 -70.77
C TYR A 4912 -47.10 57.49 -70.82
N ARG A 4913 -47.12 58.76 -71.24
CA ARG A 4913 -45.90 59.59 -71.37
C ARG A 4913 -45.30 59.89 -70.00
N VAL A 4914 -46.11 60.03 -68.94
CA VAL A 4914 -45.59 60.30 -67.60
C VAL A 4914 -45.08 59.01 -66.98
N VAL A 4915 -45.75 57.89 -67.24
CA VAL A 4915 -45.24 56.61 -66.75
C VAL A 4915 -43.90 56.30 -67.40
N PHE A 4916 -43.80 56.53 -68.71
CA PHE A 4916 -42.52 56.35 -69.41
C PHE A 4916 -41.42 57.14 -68.73
N ASP A 4917 -41.65 58.44 -68.49
CA ASP A 4917 -40.63 59.29 -67.91
C ASP A 4917 -40.24 58.80 -66.52
N ILE A 4918 -41.22 58.57 -65.66
CA ILE A 4918 -40.91 58.24 -64.27
C ILE A 4918 -40.17 56.92 -64.18
N THR A 4919 -40.61 55.92 -64.95
CA THR A 4919 -39.92 54.64 -64.91
C THR A 4919 -38.49 54.76 -65.44
N PHE A 4920 -38.28 55.53 -66.52
CA PHE A 4920 -36.91 55.74 -66.97
C PHE A 4920 -36.07 56.35 -65.86
N PHE A 4921 -36.59 57.39 -65.20
CA PHE A 4921 -35.86 58.05 -64.14
C PHE A 4921 -35.51 57.09 -63.02
N PHE A 4922 -36.47 56.26 -62.61
CA PHE A 4922 -36.23 55.35 -61.49
C PHE A 4922 -35.21 54.29 -61.86
N PHE A 4923 -35.41 53.60 -62.98
CA PHE A 4923 -34.59 52.42 -63.25
C PHE A 4923 -33.20 52.79 -63.74
N VAL A 4924 -33.07 53.87 -64.51
CA VAL A 4924 -31.77 54.19 -65.08
C VAL A 4924 -31.00 55.10 -64.15
N ILE A 4925 -31.54 56.27 -63.86
CA ILE A 4925 -30.79 57.31 -63.16
C ILE A 4925 -30.56 56.92 -61.70
N VAL A 4926 -31.57 56.42 -61.02
CA VAL A 4926 -31.49 56.25 -59.58
C VAL A 4926 -30.83 54.93 -59.21
N ILE A 4927 -31.34 53.82 -59.75
CA ILE A 4927 -30.94 52.51 -59.24
C ILE A 4927 -29.58 52.10 -59.81
N LEU A 4928 -29.42 52.16 -61.12
CA LEU A 4928 -28.20 51.62 -61.72
C LEU A 4928 -26.95 52.38 -61.27
N LEU A 4929 -27.02 53.70 -61.16
CA LEU A 4929 -25.89 54.43 -60.62
C LEU A 4929 -25.65 54.06 -59.16
N ALA A 4930 -26.71 53.79 -58.41
CA ALA A 4930 -26.53 53.32 -57.04
C ALA A 4930 -25.78 52.01 -57.01
N ILE A 4931 -26.08 51.10 -57.94
CA ILE A 4931 -25.36 49.83 -58.02
C ILE A 4931 -23.90 50.09 -58.32
N ILE A 4932 -23.63 50.97 -59.28
CA ILE A 4932 -22.24 51.24 -59.67
C ILE A 4932 -21.46 51.80 -58.50
N GLN A 4933 -22.09 52.65 -57.70
CA GLN A 4933 -21.39 53.25 -56.57
C GLN A 4933 -21.23 52.27 -55.42
N GLY A 4934 -22.21 51.40 -55.22
CA GLY A 4934 -22.09 50.38 -54.18
C GLY A 4934 -20.97 49.40 -54.48
N LEU A 4935 -20.82 49.03 -55.75
CA LEU A 4935 -19.75 48.11 -56.11
C LEU A 4935 -18.38 48.68 -55.78
N ILE A 4936 -18.25 50.01 -55.75
CA ILE A 4936 -16.98 50.62 -55.38
C ILE A 4936 -16.86 50.74 -53.87
N ILE A 4937 -17.93 51.19 -53.22
CA ILE A 4937 -17.87 51.39 -51.77
C ILE A 4937 -17.62 50.07 -51.04
N ASP A 4938 -18.01 48.96 -51.68
CA ASP A 4938 -17.87 47.60 -51.08
C ASP A 4938 -16.41 47.16 -51.08
N ALA A 4939 -15.56 47.67 -51.97
CA ALA A 4939 -14.18 47.22 -52.09
C ALA A 4939 -13.33 47.72 -50.92
N PHE A 4940 -13.53 48.96 -50.48
CA PHE A 4940 -12.77 49.46 -49.35
C PHE A 4940 -12.96 48.59 -48.12
N GLY A 4941 -14.22 48.29 -47.79
CA GLY A 4941 -14.48 47.45 -46.64
C GLY A 4941 -13.88 46.07 -46.78
N GLU A 4942 -14.02 45.48 -47.97
CA GLU A 4942 -13.47 44.14 -48.17
C GLU A 4942 -11.97 44.11 -47.96
N LEU A 4943 -11.25 45.07 -48.55
CA LEU A 4943 -9.80 45.10 -48.43
C LEU A 4943 -9.36 45.35 -46.99
N ARG A 4944 -10.04 46.26 -46.30
CA ARG A 4944 -9.70 46.51 -44.90
C ARG A 4944 -9.91 45.26 -44.07
N ASP A 4945 -11.00 44.53 -44.32
CA ASP A 4945 -11.24 43.31 -43.58
C ASP A 4945 -10.14 42.29 -43.84
N GLN A 4946 -9.71 42.15 -45.09
CA GLN A 4946 -8.61 41.23 -45.39
C GLN A 4946 -7.37 41.60 -44.58
N GLN A 4947 -7.01 42.88 -44.60
CA GLN A 4947 -5.79 43.29 -43.89
C GLN A 4947 -5.89 43.01 -42.41
N GLU A 4948 -7.02 43.36 -41.79
CA GLU A 4948 -7.18 43.14 -40.36
C GLU A 4948 -7.13 41.66 -40.03
N GLN A 4949 -7.76 40.83 -40.85
CA GLN A 4949 -7.75 39.39 -40.60
C GLN A 4949 -6.32 38.86 -40.64
N VAL A 4950 -5.54 39.31 -41.62
CA VAL A 4950 -4.15 38.85 -41.69
C VAL A 4950 -3.40 39.25 -40.43
N LYS A 4951 -3.57 40.50 -40.01
CA LYS A 4951 -2.88 40.95 -38.79
C LYS A 4951 -3.24 40.08 -37.60
N GLU A 4952 -4.54 39.87 -37.39
CA GLU A 4952 -4.97 39.10 -36.23
C GLU A 4952 -4.44 37.68 -36.28
N ASP A 4953 -4.45 37.09 -37.48
CA ASP A 4953 -4.01 35.67 -37.68
C ASP A 4953 -2.55 35.57 -37.32
N MET A 4954 -1.73 36.50 -37.81
CA MET A 4954 -0.31 36.48 -37.49
C MET A 4954 -0.04 36.79 -36.03
N GLU A 4955 -0.95 37.50 -35.36
CA GLU A 4955 -0.74 37.88 -33.97
C GLU A 4955 -1.31 36.87 -32.97
N THR A 4956 -2.05 35.86 -33.42
CA THR A 4956 -2.72 34.98 -32.47
C THR A 4956 -2.11 33.58 -32.37
N LYS A 4957 -1.46 33.08 -33.42
CA LYS A 4957 -0.93 31.73 -33.42
C LYS A 4957 0.46 31.71 -34.05
N CYS A 4958 1.22 30.68 -33.71
CA CYS A 4958 2.55 30.52 -34.28
C CYS A 4958 2.43 30.06 -35.73
N PHE A 4959 3.28 30.62 -36.60
CA PHE A 4959 3.21 30.28 -38.01
C PHE A 4959 3.65 28.85 -38.27
N ILE A 4960 4.62 28.37 -37.49
CA ILE A 4960 5.23 27.07 -37.79
C ILE A 4960 4.40 25.93 -37.18
N CYS A 4961 4.27 25.92 -35.86
CA CYS A 4961 3.63 24.80 -35.18
C CYS A 4961 2.12 24.96 -35.03
N GLY A 4962 1.63 26.18 -34.97
CA GLY A 4962 0.19 26.42 -34.88
C GLY A 4962 -0.39 26.41 -33.49
N ILE A 4963 0.44 26.37 -32.45
CA ILE A 4963 -0.07 26.41 -31.08
C ILE A 4963 -0.59 27.80 -30.78
N GLY A 4964 -1.66 27.88 -29.98
CA GLY A 4964 -2.22 29.16 -29.64
C GLY A 4964 -1.33 29.94 -28.68
N SER A 4965 -1.46 31.26 -28.74
CA SER A 4965 -0.63 32.11 -27.87
C SER A 4965 -1.02 31.98 -26.42
N ASP A 4966 -2.28 31.63 -26.14
CA ASP A 4966 -2.72 31.48 -24.76
C ASP A 4966 -1.91 30.44 -24.01
N TYR A 4967 -1.51 29.36 -24.68
CA TYR A 4967 -0.70 28.34 -24.03
C TYR A 4967 0.64 28.90 -23.58
N PHE A 4968 1.31 29.63 -24.46
CA PHE A 4968 2.63 30.16 -24.13
C PHE A 4968 2.55 31.29 -23.12
N ASP A 4969 1.42 32.00 -23.07
CA ASP A 4969 1.32 33.17 -22.21
C ASP A 4969 1.25 32.79 -20.74
N THR A 4970 1.16 31.48 -20.44
CA THR A 4970 1.20 31.05 -19.05
C THR A 4970 2.48 31.51 -18.36
N THR A 4971 3.56 31.72 -19.11
CA THR A 4971 4.79 32.30 -18.62
C THR A 4971 4.90 33.73 -19.09
N PRO A 4972 5.44 34.65 -18.28
CA PRO A 4972 5.53 36.05 -18.72
C PRO A 4972 6.24 36.18 -20.05
N HIS A 4973 5.54 36.76 -21.02
CA HIS A 4973 6.09 37.02 -22.35
C HIS A 4973 6.49 35.74 -23.06
N GLY A 4974 5.75 34.66 -22.84
CA GLY A 4974 6.08 33.40 -23.47
C GLY A 4974 6.00 33.47 -24.98
N PHE A 4975 4.94 34.10 -25.50
CA PHE A 4975 4.73 34.11 -26.95
C PHE A 4975 5.82 34.87 -27.67
N GLU A 4976 6.26 36.01 -27.10
CA GLU A 4976 7.31 36.78 -27.75
C GLU A 4976 8.59 35.96 -27.86
N THR A 4977 8.98 35.31 -26.77
CA THR A 4977 10.19 34.48 -26.81
C THR A 4977 10.03 33.34 -27.80
N HIS A 4978 8.87 32.69 -27.81
CA HIS A 4978 8.65 31.59 -28.74
C HIS A 4978 8.82 32.05 -30.17
N THR A 4979 8.21 33.17 -30.53
CA THR A 4979 8.26 33.64 -31.91
C THR A 4979 9.58 34.29 -32.27
N LEU A 4980 10.39 34.68 -31.28
CA LEU A 4980 11.65 35.35 -31.58
C LEU A 4980 12.85 34.42 -31.58
N GLU A 4981 12.87 33.40 -30.72
CA GLU A 4981 14.05 32.58 -30.58
C GLU A 4981 13.79 31.09 -30.47
N GLU A 4982 12.58 30.61 -30.74
CA GLU A 4982 12.30 29.18 -30.78
C GLU A 4982 11.80 28.75 -32.15
N HIS A 4983 10.83 29.45 -32.71
CA HIS A 4983 10.27 29.14 -34.02
C HIS A 4983 10.40 30.33 -34.97
N ASN A 4984 11.54 31.01 -34.90
CA ASN A 4984 11.76 32.16 -35.77
C ASN A 4984 11.83 31.70 -37.22
N LEU A 4985 11.38 32.56 -38.14
CA LEU A 4985 11.37 32.18 -39.55
C LEU A 4985 12.74 32.36 -40.20
N ALA A 4986 13.38 33.50 -39.96
CA ALA A 4986 14.66 33.76 -40.60
C ALA A 4986 15.68 32.67 -40.30
N ASN A 4987 15.58 32.06 -39.12
CA ASN A 4987 16.54 31.03 -38.75
C ASN A 4987 16.49 29.84 -39.68
N TYR A 4988 15.29 29.49 -40.17
CA TYR A 4988 15.19 28.36 -41.08
C TYR A 4988 15.87 28.66 -42.41
N MET A 4989 15.70 29.88 -42.93
CA MET A 4989 16.40 30.25 -44.16
C MET A 4989 17.90 30.22 -43.94
N PHE A 4990 18.35 30.75 -42.80
CA PHE A 4990 19.78 30.73 -42.52
C PHE A 4990 20.31 29.31 -42.44
N PHE A 4991 19.55 28.41 -41.82
CA PHE A 4991 19.96 27.01 -41.76
C PHE A 4991 20.03 26.39 -43.13
N LEU A 4992 19.07 26.70 -44.00
CA LEU A 4992 19.11 26.18 -45.35
C LEU A 4992 20.36 26.64 -46.10
N MET A 4993 20.69 27.92 -45.98
CA MET A 4993 21.90 28.43 -46.60
C MET A 4993 23.13 27.73 -46.04
N TYR A 4994 23.17 27.57 -44.72
CA TYR A 4994 24.32 26.94 -44.08
C TYR A 4994 24.49 25.51 -44.56
N LEU A 4995 23.38 24.78 -44.69
CA LEU A 4995 23.45 23.42 -45.22
C LEU A 4995 23.96 23.41 -46.66
N ILE A 4996 23.39 24.26 -47.51
CA ILE A 4996 23.78 24.24 -48.91
C ILE A 4996 25.25 24.56 -49.08
N ASN A 4997 25.77 25.52 -48.31
CA ASN A 4997 27.15 25.92 -48.47
C ASN A 4997 28.12 24.77 -48.19
N LYS A 4998 28.14 24.28 -46.95
CA LYS A 4998 29.18 23.34 -46.55
C LYS A 4998 29.03 22.02 -47.27
N ASP A 4999 30.15 21.33 -47.46
CA ASP A 4999 30.19 20.08 -48.20
C ASP A 4999 29.62 18.94 -47.38
N GLU A 5000 29.13 17.91 -48.08
CA GLU A 5000 28.49 16.78 -47.41
C GLU A 5000 29.44 16.06 -46.47
N THR A 5001 30.73 16.04 -46.81
CA THR A 5001 31.68 15.24 -46.04
C THR A 5001 31.76 15.67 -44.58
N GLU A 5002 31.31 16.88 -44.25
CA GLU A 5002 31.36 17.37 -42.88
C GLU A 5002 30.01 17.35 -42.19
N HIS A 5003 28.94 17.01 -42.90
CA HIS A 5003 27.62 16.98 -42.29
C HIS A 5003 27.62 16.05 -41.09
N THR A 5004 26.96 16.47 -40.00
CA THR A 5004 26.78 15.61 -38.85
C THR A 5004 25.55 14.73 -39.07
N GLY A 5005 25.17 13.99 -38.04
CA GLY A 5005 24.02 13.11 -38.16
C GLY A 5005 22.74 13.87 -38.45
N GLN A 5006 22.47 14.93 -37.68
CA GLN A 5006 21.23 15.69 -37.87
C GLN A 5006 21.25 16.45 -39.18
N GLU A 5007 22.38 17.08 -39.52
CA GLU A 5007 22.47 17.80 -40.78
C GLU A 5007 22.25 16.86 -41.95
N SER A 5008 22.87 15.68 -41.91
CA SER A 5008 22.69 14.72 -43.00
C SER A 5008 21.24 14.23 -43.07
N TYR A 5009 20.62 13.99 -41.92
CA TYR A 5009 19.21 13.59 -41.91
C TYR A 5009 18.35 14.65 -42.61
N VAL A 5010 18.52 15.91 -42.21
CA VAL A 5010 17.73 16.98 -42.80
C VAL A 5010 18.02 17.11 -44.28
N TRP A 5011 19.29 16.98 -44.66
CA TRP A 5011 19.66 17.11 -46.07
C TRP A 5011 18.99 16.04 -46.90
N LYS A 5012 19.02 14.79 -46.43
CA LYS A 5012 18.38 13.72 -47.17
C LYS A 5012 16.88 13.95 -47.28
N MET A 5013 16.25 14.39 -46.18
CA MET A 5013 14.81 14.62 -46.23
C MET A 5013 14.47 15.74 -47.21
N TYR A 5014 15.31 16.78 -47.27
CA TYR A 5014 15.06 17.88 -48.19
C TYR A 5014 15.29 17.45 -49.64
N GLN A 5015 16.25 16.57 -49.87
CA GLN A 5015 16.50 16.09 -51.23
C GLN A 5015 15.26 15.40 -51.80
N GLU A 5016 14.66 14.50 -51.01
CA GLU A 5016 13.46 13.79 -51.45
C GLU A 5016 12.22 14.67 -51.42
N ARG A 5017 12.30 15.85 -50.84
CA ARG A 5017 11.17 16.78 -50.78
C ARG A 5017 10.06 16.24 -49.87
N CYS A 5018 10.44 15.85 -48.66
CA CYS A 5018 9.52 15.44 -47.62
C CYS A 5018 9.62 16.43 -46.47
N TRP A 5019 8.51 17.04 -46.08
CA TRP A 5019 8.49 18.10 -45.10
C TRP A 5019 8.06 17.62 -43.71
N ASP A 5020 8.43 16.40 -43.33
CA ASP A 5020 8.02 15.87 -42.04
C ASP A 5020 8.88 16.35 -40.88
N PHE A 5021 10.03 16.98 -41.16
CA PHE A 5021 10.90 17.40 -40.07
C PHE A 5021 10.46 18.73 -39.46
N PHE A 5022 9.55 19.45 -40.09
CA PHE A 5022 9.01 20.65 -39.48
C PHE A 5022 8.10 20.27 -38.32
N PRO A 5023 8.28 20.84 -37.14
CA PRO A 5023 7.36 20.54 -36.04
C PRO A 5023 5.94 20.98 -36.39
N ALA A 5024 4.96 20.20 -35.94
CA ALA A 5024 3.56 20.49 -36.22
C ALA A 5024 2.71 19.95 -35.10
N GLY A 5025 2.14 20.85 -34.30
CA GLY A 5025 1.35 20.42 -33.15
C GLY A 5025 2.17 20.00 -31.96
N ASP A 5026 3.47 20.31 -31.94
CA ASP A 5026 4.33 19.95 -30.82
C ASP A 5026 5.51 20.92 -30.79
N CYS A 5027 6.16 20.98 -29.64
CA CYS A 5027 7.30 21.87 -29.47
C CYS A 5027 8.16 21.36 -28.33
N PHE A 5028 9.38 21.90 -28.25
CA PHE A 5028 10.31 21.48 -27.21
C PHE A 5028 9.76 21.76 -25.83
N ARG A 5029 9.17 22.94 -25.63
CA ARG A 5029 8.65 23.30 -24.32
C ARG A 5029 7.52 22.37 -23.90
N LYS A 5030 6.62 22.04 -24.81
CA LYS A 5030 5.51 21.15 -24.49
C LYS A 5030 6.01 19.74 -24.18
N GLN A 5031 7.04 19.29 -24.89
CA GLN A 5031 7.51 17.93 -24.73
C GLN A 5031 8.01 17.66 -23.31
N TYR A 5032 8.83 18.54 -22.78
CA TYR A 5032 9.50 18.31 -21.51
C TYR A 5032 8.92 19.16 -20.38
N GLU A 5033 7.65 19.57 -20.50
CA GLU A 5033 7.05 20.40 -19.45
C GLU A 5033 7.04 19.67 -18.12
N ASP A 5034 7.05 18.34 -18.13
CA ASP A 5034 7.08 17.58 -16.88
C ASP A 5034 8.36 17.85 -16.10
N GLN A 5035 9.49 17.91 -16.80
CA GLN A 5035 10.79 18.09 -16.17
C GLN A 5035 11.20 19.55 -16.11
N LEU A 5036 10.24 20.47 -16.06
CA LEU A 5036 10.55 21.89 -16.00
C LEU A 5036 9.56 22.61 -15.09
N GLY B 5 104.74 -62.28 -52.74
CA GLY B 5 103.57 -63.17 -52.72
C GLY B 5 102.50 -62.72 -53.70
N VAL B 6 102.83 -62.65 -54.98
CA VAL B 6 101.88 -62.25 -56.03
C VAL B 6 101.97 -63.25 -57.18
N GLU B 7 100.81 -63.70 -57.67
CA GLU B 7 100.75 -64.65 -58.80
C GLU B 7 100.57 -63.85 -60.09
N ILE B 8 101.35 -64.20 -61.10
CA ILE B 8 101.29 -63.50 -62.42
C ILE B 8 101.09 -64.54 -63.50
N GLU B 9 100.16 -64.29 -64.41
CA GLU B 9 99.90 -65.18 -65.55
C GLU B 9 99.93 -64.35 -66.83
N THR B 10 100.50 -64.91 -67.89
CA THR B 10 100.63 -64.20 -69.17
C THR B 10 99.41 -64.44 -70.05
N ILE B 11 99.00 -63.40 -70.78
CA ILE B 11 97.85 -63.50 -71.72
C ILE B 11 98.37 -63.29 -73.14
N SER B 12 99.18 -62.26 -73.36
CA SER B 12 99.77 -61.99 -74.69
C SER B 12 101.26 -61.70 -74.50
N PRO B 13 102.11 -62.05 -75.47
CA PRO B 13 103.53 -61.79 -75.34
C PRO B 13 103.88 -60.31 -75.55
N GLY B 14 105.02 -59.91 -75.00
CA GLY B 14 105.53 -58.54 -75.19
C GLY B 14 106.83 -58.55 -75.96
N ASP B 15 107.52 -57.41 -75.98
CA ASP B 15 108.82 -57.31 -76.69
C ASP B 15 109.83 -58.25 -76.03
N GLY B 16 109.77 -58.40 -74.70
CA GLY B 16 110.71 -59.25 -73.95
C GLY B 16 112.07 -58.63 -73.73
N ARG B 17 112.30 -57.38 -74.10
CA ARG B 17 113.64 -56.75 -73.95
C ARG B 17 113.58 -55.46 -73.14
N THR B 18 112.45 -54.77 -73.09
CA THR B 18 112.32 -53.49 -72.37
C THR B 18 111.55 -53.74 -71.08
N PHE B 19 112.11 -53.30 -69.96
CA PHE B 19 111.48 -53.47 -68.65
C PHE B 19 111.50 -52.15 -67.90
N PRO B 20 110.58 -51.94 -66.95
CA PRO B 20 110.58 -50.70 -66.19
C PRO B 20 111.90 -50.49 -65.45
N LYS B 21 112.35 -49.24 -65.41
CA LYS B 21 113.61 -48.88 -64.73
C LYS B 21 113.37 -47.72 -63.80
N LYS B 22 114.25 -47.56 -62.81
CA LYS B 22 114.08 -46.49 -61.81
C LYS B 22 114.02 -45.14 -62.50
N GLY B 23 113.09 -44.29 -62.07
CA GLY B 23 112.95 -42.94 -62.62
C GLY B 23 112.07 -42.87 -63.86
N GLN B 24 111.33 -43.94 -64.16
CA GLN B 24 110.43 -43.95 -65.32
C GLN B 24 108.98 -43.93 -64.86
N THR B 25 108.08 -43.63 -65.78
CA THR B 25 106.64 -43.57 -65.52
C THR B 25 105.95 -44.60 -66.40
N CYS B 26 105.08 -45.40 -65.82
CA CYS B 26 104.38 -46.47 -66.56
C CYS B 26 102.99 -46.00 -66.94
N VAL B 27 102.62 -46.23 -68.19
CA VAL B 27 101.26 -45.89 -68.70
C VAL B 27 100.57 -47.20 -69.03
N VAL B 28 99.48 -47.49 -68.35
CA VAL B 28 98.80 -48.81 -68.50
C VAL B 28 97.29 -48.65 -68.62
N HIS B 29 96.65 -49.66 -69.21
CA HIS B 29 95.18 -49.75 -69.22
C HIS B 29 94.85 -51.00 -68.41
N TYR B 30 94.02 -50.85 -67.39
CA TYR B 30 93.74 -51.95 -66.46
C TYR B 30 92.25 -52.10 -66.20
N THR B 31 91.86 -53.31 -65.81
CA THR B 31 90.47 -53.61 -65.41
C THR B 31 90.54 -54.41 -64.12
N GLY B 32 89.82 -53.97 -63.10
CA GLY B 32 89.84 -54.62 -61.79
C GLY B 32 88.53 -55.29 -61.47
N MET B 33 88.60 -56.38 -60.72
CA MET B 33 87.37 -57.11 -60.31
C MET B 33 87.67 -57.91 -59.05
N LEU B 34 86.62 -58.29 -58.36
CA LEU B 34 86.77 -59.08 -57.13
C LEU B 34 86.98 -60.56 -57.47
N GLN B 35 87.24 -61.37 -56.45
CA GLN B 35 87.50 -62.81 -56.66
C GLN B 35 86.26 -63.52 -57.16
N ASN B 36 85.07 -62.93 -56.99
CA ASN B 36 83.77 -63.55 -57.40
C ASN B 36 83.35 -63.04 -58.79
N GLY B 37 84.21 -62.31 -59.50
CA GLY B 37 83.91 -61.83 -60.86
C GLY B 37 83.10 -60.56 -60.89
N LYS B 38 82.96 -59.87 -59.76
CA LYS B 38 82.22 -58.60 -59.70
C LYS B 38 83.17 -57.45 -60.02
N LYS B 39 83.00 -56.86 -61.20
CA LYS B 39 83.88 -55.74 -61.59
C LYS B 39 83.64 -54.54 -60.69
N PHE B 40 84.70 -53.81 -60.37
CA PHE B 40 84.58 -52.61 -59.52
C PHE B 40 85.36 -51.42 -60.08
N ASP B 41 86.22 -51.61 -61.06
CA ASP B 41 86.98 -50.48 -61.64
C ASP B 41 87.49 -50.87 -63.02
N SER B 42 87.60 -49.89 -63.90
CA SER B 42 88.11 -50.10 -65.26
C SER B 42 88.51 -48.74 -65.84
N SER B 43 89.77 -48.60 -66.22
CA SER B 43 90.25 -47.33 -66.81
C SER B 43 89.72 -47.15 -68.24
N ARG B 44 89.32 -48.23 -68.89
CA ARG B 44 88.85 -48.13 -70.30
C ARG B 44 87.48 -47.46 -70.37
N ASP B 45 86.69 -47.51 -69.29
CA ASP B 45 85.39 -46.82 -69.28
C ASP B 45 85.60 -45.32 -69.42
N ARG B 46 86.59 -44.78 -68.74
CA ARG B 46 86.90 -43.34 -68.81
C ARG B 46 87.68 -43.00 -70.08
N ASN B 47 88.16 -44.01 -70.81
CA ASN B 47 88.91 -43.78 -72.07
C ASN B 47 90.14 -42.91 -71.79
N LYS B 48 90.83 -43.17 -70.69
CA LYS B 48 92.02 -42.38 -70.32
C LYS B 48 93.03 -43.29 -69.64
N PRO B 49 94.23 -43.50 -70.19
CA PRO B 49 95.20 -44.35 -69.55
C PRO B 49 95.66 -43.80 -68.20
N PHE B 50 96.04 -44.70 -67.31
CA PHE B 50 96.48 -44.32 -65.95
C PHE B 50 98.01 -44.25 -65.89
N LYS B 51 98.53 -43.18 -65.32
CA LYS B 51 99.99 -42.99 -65.21
C LYS B 51 100.41 -43.03 -63.74
N PHE B 52 101.48 -43.74 -63.45
CA PHE B 52 102.03 -43.79 -62.08
C PHE B 52 103.54 -43.97 -62.16
N ARG B 53 104.22 -43.62 -61.08
CA ARG B 53 105.69 -43.64 -61.04
C ARG B 53 106.16 -44.57 -59.93
N ILE B 54 107.22 -45.32 -60.20
CA ILE B 54 107.69 -46.36 -59.27
C ILE B 54 108.45 -45.74 -58.10
N GLY B 55 108.29 -46.31 -56.92
CA GLY B 55 109.09 -45.91 -55.75
C GLY B 55 108.50 -44.78 -54.94
N LYS B 56 107.43 -44.14 -55.40
CA LYS B 56 106.86 -42.96 -54.70
C LYS B 56 105.60 -43.36 -53.96
N GLN B 57 105.26 -44.65 -53.91
CA GLN B 57 104.10 -45.15 -53.15
C GLN B 57 102.84 -44.42 -53.61
N GLU B 58 102.50 -44.58 -54.88
CA GLU B 58 101.28 -43.94 -55.44
C GLU B 58 100.17 -44.97 -55.60
N VAL B 59 100.51 -46.26 -55.63
CA VAL B 59 99.50 -47.34 -55.80
C VAL B 59 99.81 -48.45 -54.81
N ILE B 60 98.90 -49.39 -54.71
CA ILE B 60 99.08 -50.53 -53.78
C ILE B 60 100.33 -51.31 -54.18
N LYS B 61 100.87 -52.06 -53.23
CA LYS B 61 102.11 -52.82 -53.48
C LYS B 61 101.88 -53.87 -54.56
N GLY B 62 100.74 -54.55 -54.51
CA GLY B 62 100.48 -55.62 -55.49
C GLY B 62 100.63 -55.10 -56.91
N PHE B 63 100.04 -53.96 -57.20
CA PHE B 63 100.07 -53.41 -58.57
C PHE B 63 101.52 -53.10 -58.98
N GLU B 64 102.29 -52.49 -58.08
CA GLU B 64 103.68 -52.09 -58.44
C GLU B 64 104.53 -53.33 -58.69
N GLU B 65 104.45 -54.32 -57.81
CA GLU B 65 105.25 -55.55 -57.98
C GLU B 65 104.80 -56.27 -59.26
N GLY B 66 103.50 -56.31 -59.54
CA GLY B 66 103.01 -56.95 -60.76
C GLY B 66 103.53 -56.24 -62.00
N ALA B 67 103.52 -54.91 -62.01
CA ALA B 67 103.96 -54.13 -63.18
C ALA B 67 105.48 -54.24 -63.36
N ALA B 68 106.23 -54.33 -62.27
CA ALA B 68 107.71 -54.32 -62.35
C ALA B 68 108.21 -55.55 -63.14
N GLN B 69 107.41 -56.61 -63.22
CA GLN B 69 107.86 -57.86 -63.89
C GLN B 69 107.31 -57.97 -65.31
N MET B 70 106.71 -56.90 -65.84
CA MET B 70 106.08 -56.96 -67.17
C MET B 70 106.95 -56.23 -68.20
N SER B 71 106.96 -56.76 -69.42
CA SER B 71 107.70 -56.14 -70.53
C SER B 71 106.76 -55.19 -71.29
N LEU B 72 107.34 -54.32 -72.09
CA LEU B 72 106.54 -53.35 -72.86
C LEU B 72 105.63 -54.09 -73.83
N GLY B 73 104.36 -53.69 -73.85
CA GLY B 73 103.38 -54.30 -74.77
C GLY B 73 102.81 -55.61 -74.28
N GLN B 74 103.17 -56.05 -73.07
CA GLN B 74 102.69 -57.35 -72.57
C GLN B 74 101.34 -57.21 -71.88
N ARG B 75 100.48 -58.21 -72.05
CA ARG B 75 99.17 -58.26 -71.37
C ARG B 75 99.19 -59.44 -70.42
N ALA B 76 98.91 -59.20 -69.15
CA ALA B 76 98.99 -60.26 -68.13
C ALA B 76 97.94 -60.03 -67.06
N LYS B 77 97.72 -61.05 -66.23
CA LYS B 77 96.75 -61.00 -65.13
C LYS B 77 97.49 -61.06 -63.81
N LEU B 78 97.01 -60.28 -62.83
CA LEU B 78 97.67 -60.21 -61.51
C LEU B 78 96.67 -60.58 -60.42
N THR B 79 97.16 -61.23 -59.37
CA THR B 79 96.33 -61.58 -58.20
C THR B 79 97.02 -61.05 -56.95
N CYS B 80 96.28 -60.33 -56.12
CA CYS B 80 96.83 -59.72 -54.90
C CYS B 80 96.09 -60.22 -53.68
N THR B 81 96.83 -60.61 -52.65
CA THR B 81 96.21 -61.10 -51.40
C THR B 81 95.72 -59.91 -50.57
N PRO B 82 94.81 -60.14 -49.61
CA PRO B 82 94.26 -59.03 -48.84
C PRO B 82 95.36 -58.25 -48.08
N ASP B 83 96.37 -58.94 -47.59
CA ASP B 83 97.43 -58.29 -46.79
C ASP B 83 98.30 -57.36 -47.65
N VAL B 84 98.20 -57.46 -48.98
CA VAL B 84 99.09 -56.66 -49.87
C VAL B 84 98.32 -55.52 -50.55
N ALA B 85 96.99 -55.53 -50.54
CA ALA B 85 96.18 -54.52 -51.26
C ALA B 85 95.53 -53.54 -50.27
N TYR B 86 94.63 -54.02 -49.41
CA TYR B 86 93.90 -53.11 -48.49
C TYR B 86 93.79 -53.64 -47.06
N GLY B 87 94.08 -54.90 -46.81
CA GLY B 87 94.04 -55.43 -45.44
C GLY B 87 92.64 -55.57 -44.92
N ALA B 88 92.45 -55.37 -43.62
CA ALA B 88 91.14 -55.60 -42.96
C ALA B 88 90.26 -54.36 -42.96
N THR B 89 90.67 -53.27 -43.58
CA THR B 89 89.87 -52.03 -43.64
C THR B 89 89.13 -51.92 -44.97
N GLY B 90 89.84 -52.12 -46.08
CA GLY B 90 89.22 -52.00 -47.41
C GLY B 90 88.91 -50.58 -47.80
N HIS B 91 88.22 -50.42 -48.92
CA HIS B 91 87.81 -49.09 -49.42
C HIS B 91 86.34 -48.90 -49.08
N PRO B 92 85.96 -47.98 -48.17
CA PRO B 92 84.56 -47.85 -47.80
C PRO B 92 83.62 -47.68 -49.00
N GLY B 93 82.65 -48.57 -49.12
CA GLY B 93 81.63 -48.46 -50.19
C GLY B 93 82.06 -49.06 -51.51
N VAL B 94 83.26 -49.59 -51.61
CA VAL B 94 83.77 -50.16 -52.89
C VAL B 94 84.25 -51.58 -52.66
N ILE B 95 85.20 -51.76 -51.75
CA ILE B 95 85.81 -53.09 -51.51
C ILE B 95 85.52 -53.48 -50.05
N PRO B 96 85.02 -54.69 -49.79
CA PRO B 96 84.78 -55.09 -48.41
C PRO B 96 86.09 -55.53 -47.73
N PRO B 97 86.09 -55.69 -46.39
CA PRO B 97 87.29 -56.11 -45.70
C PRO B 97 87.77 -57.49 -46.13
N ASN B 98 89.08 -57.70 -46.09
CA ASN B 98 89.68 -59.03 -46.41
C ASN B 98 89.19 -59.51 -47.77
N ALA B 99 89.53 -58.76 -48.82
CA ALA B 99 89.11 -59.10 -50.20
C ALA B 99 90.33 -59.37 -51.06
N THR B 100 90.25 -60.38 -51.92
CA THR B 100 91.34 -60.70 -52.88
C THR B 100 91.02 -60.02 -54.21
N LEU B 101 92.00 -59.34 -54.77
CA LEU B 101 91.78 -58.55 -56.00
C LEU B 101 92.43 -59.21 -57.19
N ILE B 102 91.78 -59.12 -58.34
CA ILE B 102 92.32 -59.67 -59.61
C ILE B 102 92.32 -58.55 -60.63
N PHE B 103 93.44 -58.39 -61.34
CA PHE B 103 93.61 -57.28 -62.29
C PHE B 103 93.97 -57.80 -63.67
N ASP B 104 93.54 -57.07 -64.70
CA ASP B 104 93.88 -57.37 -66.10
C ASP B 104 94.66 -56.17 -66.60
N VAL B 105 95.99 -56.24 -66.53
CA VAL B 105 96.85 -55.08 -66.83
C VAL B 105 97.54 -55.25 -68.17
N GLU B 106 97.59 -54.18 -68.96
CA GLU B 106 98.33 -54.16 -70.23
C GLU B 106 99.24 -52.94 -70.21
N LEU B 107 100.52 -53.14 -70.54
CA LEU B 107 101.49 -52.04 -70.53
C LEU B 107 101.55 -51.43 -71.92
N LEU B 108 101.27 -50.14 -72.02
CA LEU B 108 101.21 -49.46 -73.33
C LEU B 108 102.54 -48.80 -73.68
N ASN B 109 103.01 -47.89 -72.84
CA ASN B 109 104.24 -47.12 -73.14
C ASN B 109 105.03 -46.88 -71.87
N LEU B 110 106.33 -46.67 -72.02
CA LEU B 110 107.22 -46.37 -70.88
C LEU B 110 107.91 -45.03 -71.13
N GLU B 111 108.09 -44.25 -70.07
CA GLU B 111 108.75 -42.93 -70.19
C GLU B 111 109.20 -42.49 -68.80
N VAL C 11 -28.49 -8.70 9.08
CA VAL C 11 -29.51 -9.52 9.74
C VAL C 11 -30.33 -10.20 8.66
N GLN C 12 -30.48 -11.52 8.77
CA GLN C 12 -31.16 -12.31 7.76
C GLN C 12 -32.61 -12.53 8.16
N PHE C 13 -33.52 -12.41 7.20
CA PHE C 13 -34.95 -12.59 7.41
C PHE C 13 -35.42 -13.80 6.63
N LEU C 14 -36.26 -14.62 7.25
CA LEU C 14 -36.79 -15.81 6.58
C LEU C 14 -37.81 -15.40 5.51
N ARG C 15 -38.03 -16.30 4.57
CA ARG C 15 -39.00 -16.10 3.50
C ARG C 15 -39.58 -17.44 3.09
N THR C 16 -40.65 -17.39 2.29
CA THR C 16 -41.25 -18.61 1.80
C THR C 16 -40.31 -19.30 0.81
N ASP C 17 -40.49 -20.61 0.68
CA ASP C 17 -39.69 -21.48 -0.17
C ASP C 17 -38.29 -21.74 0.39
N ASP C 18 -37.98 -21.25 1.58
CA ASP C 18 -36.72 -21.59 2.21
C ASP C 18 -36.81 -22.97 2.86
N GLU C 19 -35.67 -23.51 3.24
CA GLU C 19 -35.57 -24.84 3.81
C GLU C 19 -34.95 -24.73 5.19
N VAL C 20 -35.66 -25.24 6.21
CA VAL C 20 -35.30 -25.03 7.60
C VAL C 20 -35.47 -26.33 8.37
N VAL C 21 -34.99 -26.33 9.61
CA VAL C 21 -35.16 -27.45 10.52
C VAL C 21 -35.59 -26.90 11.88
N LEU C 22 -36.29 -27.73 12.64
CA LEU C 22 -36.75 -27.37 13.98
C LEU C 22 -35.84 -28.02 15.02
N GLN C 23 -35.50 -27.26 16.08
CA GLN C 23 -34.53 -27.72 17.13
C GLN C 23 -34.94 -27.39 18.58
N CYS C 24 -34.52 -28.20 19.54
CA CYS C 24 -34.84 -28.07 21.00
C CYS C 24 -33.57 -28.39 21.82
N SER C 25 -33.50 -27.96 23.07
CA SER C 25 -32.39 -28.28 24.02
C SER C 25 -32.89 -28.95 25.31
N ALA C 26 -32.11 -29.91 25.83
CA ALA C 26 -32.42 -30.65 27.08
C ALA C 26 -31.11 -30.93 27.80
N THR C 27 -31.08 -30.82 29.14
CA THR C 27 -29.83 -31.03 29.91
C THR C 27 -29.88 -32.35 30.68
N VAL C 28 -29.49 -33.45 30.04
CA VAL C 28 -29.44 -34.76 30.75
C VAL C 28 -27.99 -35.00 31.22
N LEU C 29 -27.80 -35.61 32.39
CA LEU C 29 -26.42 -35.81 32.95
C LEU C 29 -25.68 -34.46 32.89
N LYS C 30 -26.27 -33.38 33.41
CA LYS C 30 -25.64 -32.04 33.42
C LYS C 30 -25.02 -31.78 32.03
N GLU C 31 -25.84 -31.74 30.97
CA GLU C 31 -25.29 -31.57 29.59
C GLU C 31 -26.35 -30.97 28.66
N GLN C 32 -26.10 -29.76 28.16
CA GLN C 32 -27.05 -29.11 27.21
C GLN C 32 -26.88 -29.70 25.81
N LEU C 33 -27.76 -30.62 25.41
CA LEU C 33 -27.68 -31.29 24.09
C LEU C 33 -28.67 -30.65 23.12
N LYS C 34 -28.45 -30.83 21.81
CA LYS C 34 -29.40 -30.29 20.81
C LYS C 34 -30.12 -31.45 20.12
N LEU C 35 -31.45 -31.37 19.93
CA LEU C 35 -32.24 -32.42 19.24
C LEU C 35 -33.15 -31.80 18.18
N CYS C 36 -33.27 -32.41 16.99
CA CYS C 36 -34.10 -31.91 15.85
C CYS C 36 -35.28 -32.84 15.58
N LEU C 37 -36.38 -32.37 14.97
CA LEU C 37 -37.59 -33.17 14.68
C LEU C 37 -37.39 -33.93 13.36
N ALA C 38 -37.60 -35.23 13.36
CA ALA C 38 -37.41 -36.11 12.18
C ALA C 38 -38.64 -37.00 11.96
N ALA C 39 -38.87 -37.46 10.73
CA ALA C 39 -39.96 -38.38 10.38
C ALA C 39 -39.54 -39.20 9.15
N GLU C 40 -39.97 -40.44 9.01
CA GLU C 40 -39.68 -41.27 7.81
C GLU C 40 -40.76 -41.02 6.75
N GLY C 41 -42.04 -41.15 7.08
CA GLY C 41 -43.16 -40.85 6.17
C GLY C 41 -43.76 -42.07 5.54
N PHE C 42 -42.96 -43.03 5.11
CA PHE C 42 -43.42 -44.29 4.47
C PHE C 42 -43.16 -45.41 5.48
N GLY C 43 -44.21 -45.93 6.12
CA GLY C 43 -44.06 -46.98 7.14
C GLY C 43 -44.24 -46.46 8.55
N ASN C 44 -43.99 -45.19 8.79
CA ASN C 44 -44.28 -44.57 10.10
C ASN C 44 -44.67 -43.10 9.89
N ARG C 45 -45.72 -42.63 10.56
CA ARG C 45 -46.14 -41.24 10.51
C ARG C 45 -45.69 -40.44 11.73
N LEU C 46 -45.37 -41.10 12.86
CA LEU C 46 -45.05 -40.34 14.11
C LEU C 46 -43.59 -39.88 14.06
N CYS C 47 -43.31 -38.67 14.57
CA CYS C 47 -41.95 -38.06 14.53
C CYS C 47 -41.07 -38.55 15.68
N PHE C 48 -39.79 -38.17 15.68
CA PHE C 48 -38.83 -38.56 16.76
C PHE C 48 -37.87 -37.39 16.97
N LEU C 49 -36.76 -37.58 17.69
CA LEU C 49 -35.75 -36.50 17.89
C LEU C 49 -34.34 -37.04 17.62
N GLU C 50 -33.63 -36.49 16.62
CA GLU C 50 -32.27 -36.93 16.22
C GLU C 50 -31.22 -36.09 16.97
N PRO C 51 -30.41 -36.64 17.91
CA PRO C 51 -29.37 -35.83 18.55
C PRO C 51 -28.27 -35.44 17.57
N THR C 52 -27.62 -34.31 17.85
CA THR C 52 -26.59 -33.77 16.99
C THR C 52 -25.38 -33.24 17.76
N SER C 53 -25.28 -33.52 19.06
CA SER C 53 -24.15 -33.00 19.83
C SER C 53 -22.84 -33.66 19.43
N ASN C 54 -22.85 -34.96 19.17
CA ASN C 54 -21.63 -35.73 18.95
C ASN C 54 -21.31 -35.87 17.46
N ALA C 55 -21.61 -34.83 16.68
CA ALA C 55 -21.42 -34.92 15.24
C ALA C 55 -19.98 -35.23 14.86
N GLN C 56 -19.02 -34.89 15.72
CA GLN C 56 -17.63 -35.14 15.40
C GLN C 56 -17.33 -36.62 15.27
N ASN C 57 -18.14 -37.48 15.86
CA ASN C 57 -17.90 -38.92 15.86
C ASN C 57 -19.07 -39.72 15.30
N VAL C 58 -20.29 -39.30 15.55
CA VAL C 58 -21.48 -40.02 15.10
C VAL C 58 -22.35 -39.05 14.30
N PRO C 59 -22.11 -38.89 13.00
CA PRO C 59 -22.88 -37.90 12.23
C PRO C 59 -24.37 -38.22 12.28
N PRO C 60 -25.22 -37.21 12.35
CA PRO C 60 -26.66 -37.47 12.40
C PRO C 60 -27.22 -37.76 11.02
N ASP C 61 -28.35 -38.49 11.03
CA ASP C 61 -29.08 -38.79 9.79
C ASP C 61 -30.12 -37.68 9.56
N LEU C 62 -29.63 -36.55 9.06
CA LEU C 62 -30.47 -35.37 8.89
C LEU C 62 -31.10 -35.27 7.51
N ALA C 63 -30.97 -36.31 6.67
CA ALA C 63 -31.63 -36.29 5.38
C ALA C 63 -33.15 -36.20 5.53
N ILE C 64 -33.67 -36.62 6.69
CA ILE C 64 -35.11 -36.62 6.94
C ILE C 64 -35.52 -35.59 7.98
N CYS C 65 -34.63 -34.67 8.35
CA CYS C 65 -34.93 -33.66 9.35
C CYS C 65 -35.26 -32.30 8.75
N CYS C 66 -35.28 -32.18 7.43
CA CYS C 66 -35.46 -30.89 6.78
C CYS C 66 -36.91 -30.69 6.34
N PHE C 67 -37.36 -29.44 6.44
CA PHE C 67 -38.71 -29.05 6.06
C PHE C 67 -38.64 -27.84 5.14
N THR C 68 -39.77 -27.56 4.48
CA THR C 68 -39.86 -26.44 3.55
C THR C 68 -41.04 -25.55 3.95
N LEU C 69 -40.86 -24.25 3.78
CA LEU C 69 -41.89 -23.28 4.10
C LEU C 69 -42.72 -23.03 2.85
N GLU C 70 -43.97 -23.50 2.87
CA GLU C 70 -44.82 -23.41 1.69
C GLU C 70 -45.58 -22.09 1.64
N GLN C 71 -46.29 -21.75 2.72
CA GLN C 71 -47.16 -20.59 2.70
C GLN C 71 -47.12 -19.90 4.05
N SER C 72 -47.45 -18.61 4.05
CA SER C 72 -47.59 -17.82 5.26
C SER C 72 -48.79 -16.91 5.09
N LEU C 73 -49.66 -16.86 6.10
CA LEU C 73 -50.88 -16.09 6.01
C LEU C 73 -51.31 -15.67 7.41
N SER C 74 -52.23 -14.71 7.44
CA SER C 74 -52.83 -14.28 8.70
C SER C 74 -54.03 -15.15 9.03
N VAL C 75 -54.42 -15.13 10.31
CA VAL C 75 -55.53 -15.98 10.75
C VAL C 75 -56.81 -15.62 10.01
N ARG C 76 -57.07 -14.31 9.86
CA ARG C 76 -58.28 -13.89 9.16
C ARG C 76 -58.27 -14.40 7.72
N ALA C 77 -57.16 -14.24 7.01
CA ALA C 77 -57.08 -14.74 5.64
C ALA C 77 -57.24 -16.25 5.60
N LEU C 78 -56.60 -16.95 6.54
CA LEU C 78 -56.69 -18.41 6.57
C LEU C 78 -58.14 -18.87 6.72
N GLN C 79 -58.83 -18.33 7.72
CA GLN C 79 -60.21 -18.76 7.95
C GLN C 79 -61.12 -18.31 6.82
N GLU C 80 -60.83 -17.19 6.18
CA GLU C 80 -61.61 -16.78 5.01
C GLU C 80 -61.41 -17.77 3.87
N MET C 81 -60.16 -18.21 3.67
CA MET C 81 -59.79 -19.14 2.58
C MET C 81 -60.43 -20.49 2.87
N LEU C 82 -60.59 -20.85 4.15
CA LEU C 82 -61.14 -22.16 4.51
C LEU C 82 -62.60 -22.29 4.14
N ALA C 83 -63.28 -21.18 3.82
CA ALA C 83 -64.69 -21.27 3.45
C ALA C 83 -64.87 -22.10 2.20
N ASN C 84 -63.99 -21.95 1.21
CA ASN C 84 -64.08 -22.69 -0.03
C ASN C 84 -62.89 -23.61 -0.19
N HIS C 98 -40.45 -13.06 -2.63
CA HIS C 98 -41.51 -13.86 -2.04
C HIS C 98 -42.11 -13.16 -0.83
N ARG C 99 -42.98 -13.87 -0.12
CA ARG C 99 -43.62 -13.31 1.07
C ARG C 99 -42.68 -13.48 2.26
N THR C 100 -42.53 -12.42 3.05
CA THR C 100 -41.73 -12.47 4.25
C THR C 100 -42.56 -12.97 5.42
N LEU C 101 -41.89 -13.55 6.41
CA LEU C 101 -42.57 -14.09 7.57
C LEU C 101 -42.76 -13.01 8.62
N LEU C 102 -43.95 -12.98 9.21
CA LEU C 102 -44.30 -12.01 10.24
C LEU C 102 -44.82 -12.74 11.46
N TYR C 103 -44.45 -12.26 12.64
CA TYR C 103 -44.94 -12.86 13.88
C TYR C 103 -46.45 -12.82 13.92
N GLY C 104 -47.06 -13.89 14.43
CA GLY C 104 -48.50 -13.99 14.49
C GLY C 104 -49.15 -14.57 13.26
N HIS C 105 -48.39 -14.87 12.22
CA HIS C 105 -48.95 -15.48 11.03
C HIS C 105 -49.08 -17.00 11.22
N ALA C 106 -49.69 -17.63 10.22
CA ALA C 106 -49.81 -19.09 10.18
C ALA C 106 -48.99 -19.62 9.00
N ILE C 107 -48.31 -20.75 9.22
CA ILE C 107 -47.41 -21.31 8.24
C ILE C 107 -47.78 -22.76 7.96
N LEU C 108 -47.29 -23.25 6.82
CA LEU C 108 -47.52 -24.62 6.38
C LEU C 108 -46.16 -25.24 6.06
N LEU C 109 -45.87 -26.39 6.68
CA LEU C 109 -44.58 -27.05 6.55
C LEU C 109 -44.73 -28.34 5.79
N ARG C 110 -43.86 -28.57 4.81
CA ARG C 110 -43.89 -29.76 3.97
C ARG C 110 -42.58 -30.51 4.12
N HIS C 111 -42.68 -31.80 4.44
CA HIS C 111 -41.48 -32.63 4.56
C HIS C 111 -40.81 -32.75 3.20
N ALA C 112 -39.48 -32.65 3.18
CA ALA C 112 -38.77 -32.64 1.91
C ALA C 112 -38.74 -34.03 1.27
N HIS C 113 -38.46 -35.06 2.06
CA HIS C 113 -38.28 -36.39 1.48
C HIS C 113 -39.58 -36.96 0.95
N SER C 114 -40.64 -36.93 1.76
CA SER C 114 -41.89 -37.61 1.44
C SER C 114 -42.95 -36.68 0.88
N ARG C 115 -42.70 -35.37 0.83
CA ARG C 115 -43.66 -34.39 0.35
C ARG C 115 -44.94 -34.37 1.18
N MET C 116 -44.88 -34.86 2.42
CA MET C 116 -46.05 -34.89 3.29
C MET C 116 -46.00 -33.71 4.27
N TYR C 117 -47.17 -33.29 4.72
CA TYR C 117 -47.31 -32.09 5.54
C TYR C 117 -47.37 -32.45 7.01
N LEU C 118 -46.58 -31.75 7.82
CA LEU C 118 -46.62 -31.93 9.26
C LEU C 118 -47.95 -31.45 9.81
N SER C 119 -48.51 -32.19 10.77
CA SER C 119 -49.82 -31.90 11.29
C SER C 119 -49.98 -32.50 12.68
N CYS C 120 -51.02 -32.07 13.38
CA CYS C 120 -51.33 -32.58 14.70
C CYS C 120 -52.39 -33.67 14.60
N LEU C 121 -52.10 -34.84 15.15
CA LEU C 121 -52.99 -35.98 15.05
C LEU C 121 -54.03 -35.94 16.15
N THR C 122 -54.88 -36.97 16.21
CA THR C 122 -55.96 -37.04 17.17
C THR C 122 -55.77 -38.12 18.23
N THR C 123 -54.85 -39.06 18.02
CA THR C 123 -54.63 -40.14 18.95
C THR C 123 -53.36 -39.90 19.77
N SER C 124 -53.32 -40.50 20.95
CA SER C 124 -52.21 -40.35 21.87
C SER C 124 -51.69 -41.73 22.25
N ARG C 125 -50.38 -41.83 22.44
CA ARG C 125 -49.74 -43.10 22.78
C ARG C 125 -49.32 -43.14 24.25
N SER C 126 -48.53 -42.16 24.69
CA SER C 126 -48.01 -42.16 26.04
C SER C 126 -49.14 -41.91 27.04
N MET C 127 -49.09 -42.60 28.18
CA MET C 127 -50.09 -42.44 29.22
C MET C 127 -49.67 -41.44 30.30
N THR C 128 -48.49 -40.83 30.18
CA THR C 128 -48.04 -39.88 31.18
C THR C 128 -48.97 -38.68 31.28
N ASP C 129 -49.38 -38.12 30.14
CA ASP C 129 -50.30 -36.99 30.09
C ASP C 129 -51.65 -37.49 29.61
N LYS C 130 -52.71 -37.18 30.36
CA LYS C 130 -54.04 -37.68 30.04
C LYS C 130 -54.74 -36.83 29.00
N LEU C 131 -54.14 -35.74 28.54
CA LEU C 131 -54.83 -34.78 27.67
C LEU C 131 -53.93 -34.32 26.52
N ALA C 132 -52.99 -35.15 26.09
CA ALA C 132 -52.08 -34.79 25.00
C ALA C 132 -52.45 -35.54 23.72
N PHE C 133 -51.91 -35.06 22.61
CA PHE C 133 -52.09 -35.68 21.30
C PHE C 133 -50.72 -35.89 20.65
N ASP C 134 -50.67 -36.84 19.73
CA ASP C 134 -49.45 -37.08 18.99
C ASP C 134 -49.35 -36.15 17.78
N VAL C 135 -48.14 -35.99 17.28
CA VAL C 135 -47.86 -35.14 16.13
C VAL C 135 -47.11 -35.96 15.09
N GLY C 136 -47.59 -35.89 13.85
CA GLY C 136 -46.97 -36.67 12.79
C GLY C 136 -47.31 -36.07 11.44
N LEU C 137 -46.95 -36.82 10.40
CA LEU C 137 -47.13 -36.36 9.02
C LEU C 137 -48.54 -36.67 8.53
N GLN C 138 -48.93 -35.97 7.46
CA GLN C 138 -50.25 -36.08 6.88
C GLN C 138 -50.13 -36.10 5.36
N GLU C 139 -51.08 -36.77 4.71
CA GLU C 139 -50.97 -36.98 3.26
C GLU C 139 -51.28 -35.72 2.47
N ASP C 140 -52.31 -34.97 2.86
CA ASP C 140 -52.77 -33.82 2.10
C ASP C 140 -52.84 -32.60 2.99
N ALA C 141 -52.92 -31.43 2.35
CA ALA C 141 -52.88 -30.15 3.05
C ALA C 141 -54.27 -29.64 3.43
N THR C 142 -55.32 -30.41 3.16
CA THR C 142 -56.67 -29.97 3.49
C THR C 142 -56.89 -29.99 5.00
N GLY C 143 -57.76 -29.12 5.46
CA GLY C 143 -58.08 -29.03 6.88
C GLY C 143 -57.15 -28.08 7.61
N GLU C 144 -57.50 -27.82 8.87
CA GLU C 144 -56.71 -26.92 9.70
C GLU C 144 -55.69 -27.65 10.57
N ALA C 145 -55.67 -28.98 10.54
CA ALA C 145 -54.73 -29.71 11.39
C ALA C 145 -53.29 -29.53 10.96
N CYS C 146 -53.06 -29.03 9.75
CA CYS C 146 -51.71 -28.87 9.22
C CYS C 146 -51.21 -27.43 9.27
N TRP C 147 -51.87 -26.56 10.03
CA TRP C 147 -51.49 -25.16 10.12
C TRP C 147 -51.00 -24.85 11.53
N TRP C 148 -49.93 -24.06 11.62
CA TRP C 148 -49.35 -23.65 12.89
C TRP C 148 -49.13 -22.16 12.90
N THR C 149 -49.23 -21.56 14.09
CA THR C 149 -48.98 -20.15 14.29
C THR C 149 -47.84 -19.97 15.29
N MET C 150 -46.99 -18.98 15.04
CA MET C 150 -45.79 -18.75 15.84
C MET C 150 -45.93 -17.45 16.60
N HIS C 151 -45.42 -17.44 17.83
CA HIS C 151 -45.46 -16.26 18.68
C HIS C 151 -44.07 -15.95 19.24
N PRO C 152 -43.76 -14.70 19.53
CA PRO C 152 -42.46 -14.37 20.09
C PRO C 152 -42.30 -14.93 21.49
N ALA C 153 -41.05 -15.25 21.85
CA ALA C 153 -40.77 -15.82 23.16
C ALA C 153 -40.44 -14.77 24.21
N SER C 154 -40.34 -13.51 23.83
CA SER C 154 -39.97 -12.45 24.77
C SER C 154 -40.55 -11.14 24.29
N LYS C 155 -40.65 -10.18 25.22
CA LYS C 155 -41.21 -8.88 24.91
C LYS C 155 -40.35 -8.09 23.92
N GLN C 156 -39.10 -8.53 23.68
CA GLN C 156 -38.24 -7.80 22.76
C GLN C 156 -38.88 -7.66 21.39
N ARG C 157 -39.66 -8.65 20.97
CA ARG C 157 -40.39 -8.61 19.71
C ARG C 157 -41.88 -8.64 20.01
N SER C 158 -42.66 -8.14 19.05
CA SER C 158 -44.10 -8.05 19.23
C SER C 158 -44.79 -8.46 17.93
N GLU C 159 -46.08 -8.74 18.05
CA GLU C 159 -46.85 -9.19 16.90
C GLU C 159 -46.75 -8.18 15.76
N GLY C 160 -46.61 -8.69 14.54
CA GLY C 160 -46.45 -7.86 13.37
C GLY C 160 -45.03 -7.56 12.98
N GLU C 161 -44.06 -7.74 13.89
CA GLU C 161 -42.67 -7.50 13.56
C GLU C 161 -42.12 -8.65 12.74
N LYS C 162 -41.16 -8.33 11.87
CA LYS C 162 -40.53 -9.35 11.06
C LYS C 162 -39.75 -10.32 11.94
N VAL C 163 -39.72 -11.58 11.52
CA VAL C 163 -39.03 -12.65 12.24
C VAL C 163 -37.68 -12.87 11.60
N ARG C 164 -36.63 -12.91 12.41
CA ARG C 164 -35.26 -13.04 11.95
C ARG C 164 -34.63 -14.29 12.53
N VAL C 165 -33.61 -14.78 11.82
CA VAL C 165 -32.91 -15.99 12.26
C VAL C 165 -32.40 -15.79 13.67
N GLY C 166 -32.29 -16.90 14.41
CA GLY C 166 -31.76 -16.88 15.75
C GLY C 166 -32.79 -16.66 16.84
N ASP C 167 -34.03 -16.36 16.49
CA ASP C 167 -35.05 -16.12 17.51
C ASP C 167 -35.56 -17.44 18.08
N ASP C 168 -36.30 -17.33 19.19
CA ASP C 168 -36.97 -18.45 19.81
C ASP C 168 -38.47 -18.31 19.58
N LEU C 169 -39.13 -19.41 19.29
CA LEU C 169 -40.53 -19.40 18.86
C LEU C 169 -41.38 -20.29 19.75
N ILE C 170 -42.67 -20.01 19.75
CA ILE C 170 -43.68 -20.85 20.39
C ILE C 170 -44.68 -21.27 19.33
N LEU C 171 -44.87 -22.58 19.17
CA LEU C 171 -45.75 -23.13 18.15
C LEU C 171 -47.01 -23.67 18.80
N VAL C 172 -48.16 -23.21 18.31
CA VAL C 172 -49.46 -23.63 18.83
C VAL C 172 -50.33 -24.07 17.67
N SER C 173 -50.92 -25.25 17.80
CA SER C 173 -51.82 -25.75 16.77
C SER C 173 -53.05 -24.87 16.66
N VAL C 174 -53.52 -24.68 15.43
CA VAL C 174 -54.69 -23.84 15.21
C VAL C 174 -55.91 -24.46 15.89
N SER C 175 -56.08 -25.77 15.76
CA SER C 175 -57.31 -26.40 16.19
C SER C 175 -57.32 -26.68 17.69
N SER C 176 -56.39 -27.51 18.15
CA SER C 176 -56.42 -27.99 19.53
C SER C 176 -55.96 -26.96 20.55
N GLU C 177 -55.31 -25.88 20.12
CA GLU C 177 -54.79 -24.87 21.04
C GLU C 177 -53.84 -25.51 22.06
N ARG C 178 -52.99 -26.41 21.58
CA ARG C 178 -51.98 -27.05 22.41
C ARG C 178 -50.59 -26.70 21.89
N TYR C 179 -49.67 -26.47 22.81
CA TYR C 179 -48.31 -26.12 22.44
C TYR C 179 -47.59 -27.34 21.87
N LEU C 180 -46.47 -27.07 21.20
CA LEU C 180 -45.61 -28.14 20.71
C LEU C 180 -44.66 -28.58 21.82
N HIS C 181 -45.21 -29.23 22.84
CA HIS C 181 -44.44 -29.58 24.03
C HIS C 181 -43.39 -30.64 23.72
N LEU C 182 -42.37 -30.68 24.57
CA LEU C 182 -41.38 -31.75 24.57
C LEU C 182 -41.54 -32.51 25.88
N SER C 183 -41.83 -33.80 25.78
CA SER C 183 -42.16 -34.63 26.94
C SER C 183 -40.94 -35.44 27.36
N THR C 184 -40.73 -35.53 28.67
CA THR C 184 -39.65 -36.32 29.25
C THR C 184 -40.10 -37.07 30.49
N ALA C 185 -41.39 -37.46 30.54
CA ALA C 185 -41.91 -38.14 31.72
C ALA C 185 -41.09 -39.37 32.05
N SER C 186 -40.81 -40.20 31.04
CA SER C 186 -39.93 -41.34 31.21
C SER C 186 -38.51 -40.97 30.78
N GLY C 187 -37.61 -41.94 30.86
CA GLY C 187 -36.23 -41.67 30.44
C GLY C 187 -36.14 -41.27 28.98
N GLU C 188 -36.88 -41.97 28.11
CA GLU C 188 -36.85 -41.66 26.69
C GLU C 188 -37.53 -40.33 26.41
N LEU C 189 -36.95 -39.56 25.51
CA LEU C 189 -37.53 -38.28 25.12
C LEU C 189 -38.56 -38.48 24.02
N GLN C 190 -39.60 -37.66 24.04
CA GLN C 190 -40.69 -37.77 23.08
C GLN C 190 -41.24 -36.38 22.79
N VAL C 191 -41.99 -36.29 21.69
CA VAL C 191 -42.62 -35.05 21.26
C VAL C 191 -44.13 -35.27 21.23
N ASP C 192 -44.88 -34.20 21.44
CA ASP C 192 -46.32 -34.27 21.42
C ASP C 192 -46.88 -32.86 21.56
N ALA C 193 -48.21 -32.76 21.55
CA ALA C 193 -48.91 -31.51 21.74
C ALA C 193 -49.56 -31.49 23.12
N SER C 194 -49.24 -30.47 23.91
CA SER C 194 -49.75 -30.37 25.27
C SER C 194 -50.03 -28.92 25.59
N PHE C 195 -50.24 -28.64 26.88
CA PHE C 195 -50.52 -27.30 27.37
C PHE C 195 -49.30 -26.62 27.98
N MET C 196 -48.11 -27.21 27.86
CA MET C 196 -46.88 -26.61 28.34
C MET C 196 -46.08 -26.13 27.15
N GLN C 197 -45.61 -24.88 27.21
CA GLN C 197 -44.87 -24.31 26.09
C GLN C 197 -43.43 -24.82 26.06
N THR C 198 -42.75 -24.52 24.96
CA THR C 198 -41.35 -24.88 24.79
C THR C 198 -40.76 -24.03 23.67
N LEU C 199 -39.47 -23.74 23.78
CA LEU C 199 -38.80 -22.86 22.82
C LEU C 199 -38.19 -23.68 21.68
N TRP C 200 -38.42 -23.22 20.45
CA TRP C 200 -37.94 -23.90 19.26
C TRP C 200 -37.16 -22.92 18.40
N ASN C 201 -36.06 -23.39 17.83
CA ASN C 201 -35.21 -22.60 16.95
C ASN C 201 -35.31 -23.13 15.53
N MET C 202 -35.37 -22.22 14.57
CA MET C 202 -35.44 -22.57 13.15
C MET C 202 -34.17 -22.09 12.47
N ASN C 203 -33.26 -23.02 12.17
CA ASN C 203 -31.99 -22.70 11.55
C ASN C 203 -32.09 -22.90 10.04
N PRO C 204 -31.85 -21.86 9.24
CA PRO C 204 -31.99 -22.03 7.79
C PRO C 204 -30.94 -22.96 7.22
N ILE C 205 -31.28 -23.56 6.08
CA ILE C 205 -30.38 -24.47 5.38
C ILE C 205 -30.03 -23.95 3.99
N CYS C 206 -31.00 -23.40 3.28
CA CYS C 206 -30.74 -22.82 1.97
C CYS C 206 -31.90 -21.91 1.59
N SER C 207 -31.59 -20.93 0.74
CA SER C 207 -32.59 -19.98 0.26
C SER C 207 -32.82 -20.09 -1.23
N CYS C 208 -31.78 -19.94 -2.05
CA CYS C 208 -31.93 -20.02 -3.50
C CYS C 208 -30.58 -20.31 -4.11
N CYS C 209 -30.45 -21.44 -4.80
CA CYS C 209 -29.20 -21.82 -5.43
C CYS C 209 -29.18 -21.41 -6.89
N GLU C 210 -28.07 -20.80 -7.31
CA GLU C 210 -27.91 -20.43 -8.70
C GLU C 210 -27.92 -21.66 -9.59
N GLU C 211 -28.61 -21.55 -10.72
CA GLU C 211 -28.75 -22.70 -11.61
C GLU C 211 -27.39 -23.19 -12.09
N GLY C 212 -27.20 -24.51 -12.05
CA GLY C 212 -25.99 -25.12 -12.55
C GLY C 212 -24.86 -25.24 -11.57
N TYR C 213 -25.00 -24.69 -10.36
CA TYR C 213 -23.91 -24.72 -9.38
C TYR C 213 -24.20 -25.75 -8.30
N VAL C 214 -23.22 -26.61 -8.05
CA VAL C 214 -23.38 -27.64 -7.03
C VAL C 214 -23.54 -27.00 -5.66
N THR C 215 -24.32 -27.66 -4.80
CA THR C 215 -24.56 -27.18 -3.45
C THR C 215 -24.53 -28.36 -2.50
N GLY C 216 -24.28 -28.07 -1.22
CA GLY C 216 -24.22 -29.11 -0.23
C GLY C 216 -25.57 -29.80 -0.05
N GLY C 217 -25.52 -31.06 0.35
CA GLY C 217 -26.72 -31.83 0.60
C GLY C 217 -27.37 -32.43 -0.64
N HIS C 218 -26.75 -32.30 -1.81
CA HIS C 218 -27.32 -32.86 -3.01
C HIS C 218 -26.92 -34.32 -3.18
N VAL C 219 -27.53 -34.97 -4.15
CA VAL C 219 -27.22 -36.35 -4.54
C VAL C 219 -26.77 -36.33 -5.99
N LEU C 220 -25.64 -36.97 -6.27
CA LEU C 220 -25.05 -36.89 -7.60
C LEU C 220 -24.19 -38.13 -7.83
N ARG C 221 -23.66 -38.22 -9.05
CA ARG C 221 -22.78 -39.30 -9.47
C ARG C 221 -21.40 -38.75 -9.79
N LEU C 222 -20.37 -39.56 -9.55
CA LEU C 222 -18.99 -39.20 -9.84
C LEU C 222 -18.55 -39.92 -11.10
N PHE C 223 -18.38 -39.17 -12.18
CA PHE C 223 -18.01 -39.71 -13.49
C PHE C 223 -16.56 -39.41 -13.76
N HIS C 224 -15.81 -40.44 -14.17
CA HIS C 224 -14.41 -40.28 -14.52
C HIS C 224 -14.27 -40.33 -16.04
N GLY C 225 -13.61 -39.31 -16.59
CA GLY C 225 -13.47 -39.26 -18.03
C GLY C 225 -14.77 -38.87 -18.72
N HIS C 226 -14.82 -39.15 -20.02
CA HIS C 226 -15.98 -38.79 -20.85
C HIS C 226 -17.07 -39.84 -20.66
N MET C 227 -17.68 -39.81 -19.48
CA MET C 227 -18.78 -40.72 -19.13
C MET C 227 -18.39 -42.18 -19.26
N ASP C 228 -17.09 -42.47 -19.29
CA ASP C 228 -16.65 -43.86 -19.47
C ASP C 228 -17.05 -44.73 -18.29
N GLU C 229 -16.90 -44.26 -17.07
CA GLU C 229 -17.17 -45.07 -15.89
C GLU C 229 -17.65 -44.16 -14.77
N CYS C 230 -17.90 -44.78 -13.61
CA CYS C 230 -18.37 -44.07 -12.44
C CYS C 230 -17.98 -44.85 -11.19
N LEU C 231 -18.04 -44.19 -10.04
CA LEU C 231 -17.66 -44.78 -8.78
C LEU C 231 -18.86 -45.51 -8.16
N THR C 232 -18.71 -46.81 -7.86
CA THR C 232 -19.84 -47.64 -7.34
C THR C 232 -19.34 -48.57 -6.22
N ILE C 233 -20.24 -49.38 -5.64
CA ILE C 233 -19.86 -50.39 -4.63
C ILE C 233 -20.09 -51.74 -5.30
N SER C 234 -20.20 -52.83 -4.54
CA SER C 234 -20.44 -54.19 -5.10
C SER C 234 -21.93 -54.39 -5.38
N ALA C 235 -22.37 -55.53 -5.89
CA ALA C 235 -23.79 -55.93 -6.05
C ALA C 235 -24.32 -56.57 -4.77
N ALA C 236 -25.62 -56.78 -4.65
CA ALA C 236 -26.29 -57.16 -3.39
C ALA C 236 -25.82 -58.49 -2.78
N ASP C 237 -25.55 -59.53 -3.53
CA ASP C 237 -25.20 -60.88 -3.02
C ASP C 237 -23.69 -61.11 -2.85
N SER C 238 -22.83 -60.12 -3.08
CA SER C 238 -21.35 -60.28 -3.15
C SER C 238 -20.63 -60.75 -1.89
N ASP C 239 -19.66 -61.67 -2.03
CA ASP C 239 -18.87 -62.20 -0.88
C ASP C 239 -18.08 -61.07 -0.25
N ASP C 240 -17.89 -59.97 -0.99
CA ASP C 240 -17.16 -58.77 -0.52
C ASP C 240 -17.91 -58.15 0.67
N GLN C 241 -19.23 -58.25 0.71
CA GLN C 241 -20.10 -57.66 1.77
C GLN C 241 -20.25 -56.16 1.46
N ARG C 242 -19.90 -55.74 0.25
CA ARG C 242 -20.04 -54.33 -0.21
C ARG C 242 -19.21 -53.37 0.67
N ARG C 243 -17.93 -53.69 0.97
CA ARG C 243 -17.04 -52.76 1.70
C ARG C 243 -15.92 -52.21 0.81
N LEU C 244 -15.84 -52.53 -0.50
CA LEU C 244 -14.82 -51.97 -1.37
C LEU C 244 -15.44 -51.02 -2.38
N VAL C 245 -14.57 -50.31 -3.10
CA VAL C 245 -14.99 -49.31 -4.08
C VAL C 245 -14.32 -49.63 -5.41
N TYR C 246 -15.04 -49.40 -6.50
CA TYR C 246 -14.55 -49.75 -7.83
C TYR C 246 -14.91 -48.67 -8.83
N TYR C 247 -14.33 -48.77 -10.01
CA TYR C 247 -14.74 -48.01 -11.18
C TYR C 247 -15.42 -48.96 -12.15
N GLU C 248 -16.59 -48.57 -12.64
CA GLU C 248 -17.35 -49.43 -13.54
C GLU C 248 -18.11 -48.59 -14.55
N GLY C 249 -18.54 -49.24 -15.63
CA GLY C 249 -19.33 -48.62 -16.66
C GLY C 249 -20.42 -49.55 -17.14
N GLY C 250 -21.32 -49.00 -17.94
CA GLY C 250 -22.42 -49.77 -18.48
C GLY C 250 -23.75 -49.42 -17.84
N ALA C 251 -24.56 -50.44 -17.56
CA ALA C 251 -25.88 -50.20 -16.98
C ALA C 251 -25.79 -49.64 -15.58
N VAL C 252 -24.68 -49.90 -14.88
CA VAL C 252 -24.53 -49.43 -13.50
C VAL C 252 -24.56 -47.92 -13.42
N CYS C 253 -24.45 -47.22 -14.55
CA CYS C 253 -24.51 -45.77 -14.58
C CYS C 253 -25.92 -45.28 -14.29
N THR C 254 -26.94 -46.13 -14.46
CA THR C 254 -28.38 -45.82 -14.26
C THR C 254 -28.92 -46.49 -12.98
N HIS C 255 -28.15 -47.30 -12.26
CA HIS C 255 -28.57 -48.05 -11.05
C HIS C 255 -28.37 -47.27 -9.74
N ALA C 256 -29.03 -47.68 -8.64
CA ALA C 256 -29.00 -46.96 -7.34
C ALA C 256 -27.69 -47.20 -6.58
N ARG C 257 -26.88 -48.19 -6.95
CA ARG C 257 -25.64 -48.54 -6.22
C ARG C 257 -24.45 -47.67 -6.68
N SER C 258 -24.69 -46.60 -7.43
CA SER C 258 -23.63 -45.67 -7.92
C SER C 258 -24.00 -44.22 -7.57
N LEU C 259 -24.83 -44.01 -6.54
CA LEU C 259 -25.29 -42.65 -6.09
C LEU C 259 -24.72 -42.30 -4.71
N TRP C 260 -24.46 -41.02 -4.43
CA TRP C 260 -23.76 -40.53 -3.20
C TRP C 260 -24.23 -39.14 -2.74
N ARG C 261 -24.15 -38.81 -1.44
CA ARG C 261 -24.65 -37.57 -0.87
C ARG C 261 -23.52 -36.85 -0.16
N LEU C 262 -23.49 -35.52 -0.29
CA LEU C 262 -22.44 -34.69 0.28
C LEU C 262 -22.93 -34.05 1.57
N GLU C 263 -22.17 -34.22 2.64
CA GLU C 263 -22.56 -33.76 3.97
C GLU C 263 -21.48 -32.84 4.53
N PRO C 264 -21.59 -31.52 4.34
CA PRO C 264 -20.63 -30.60 4.93
C PRO C 264 -20.60 -30.73 6.46
N LEU C 265 -19.41 -30.51 7.03
CA LEU C 265 -19.24 -30.71 8.46
C LEU C 265 -20.09 -29.75 9.28
N ARG C 266 -20.14 -28.47 8.86
CA ARG C 266 -20.95 -27.44 9.56
C ARG C 266 -22.43 -27.77 9.34
N ILE C 267 -23.29 -27.55 10.34
CA ILE C 267 -24.71 -27.85 10.24
C ILE C 267 -25.49 -26.67 9.67
N SER C 268 -25.24 -25.46 10.15
CA SER C 268 -25.96 -24.31 9.66
C SER C 268 -25.54 -23.98 8.24
N TRP C 269 -26.53 -23.62 7.41
CA TRP C 269 -26.28 -23.30 6.00
C TRP C 269 -25.55 -24.45 5.31
N SER C 270 -25.98 -25.67 5.59
CA SER C 270 -25.42 -26.82 4.90
C SER C 270 -25.73 -26.82 3.41
N GLY C 271 -26.71 -26.03 2.99
CA GLY C 271 -27.04 -25.88 1.58
C GLY C 271 -26.25 -24.84 0.85
N SER C 272 -25.22 -24.27 1.49
CA SER C 272 -24.41 -23.25 0.84
C SER C 272 -23.66 -23.82 -0.35
N HIS C 273 -23.40 -22.97 -1.33
CA HIS C 273 -22.66 -23.39 -2.51
C HIS C 273 -21.34 -24.03 -2.10
N LEU C 274 -21.03 -25.16 -2.74
CA LEU C 274 -19.75 -25.81 -2.49
C LEU C 274 -18.61 -24.92 -2.99
N ARG C 275 -17.50 -24.96 -2.25
CA ARG C 275 -16.34 -24.12 -2.53
C ARG C 275 -15.07 -24.94 -2.39
N TRP C 276 -14.07 -24.59 -3.18
CA TRP C 276 -12.83 -25.35 -3.21
C TRP C 276 -12.20 -25.43 -1.83
N GLY C 277 -11.70 -26.61 -1.49
CA GLY C 277 -11.01 -26.82 -0.23
C GLY C 277 -11.92 -27.07 0.95
N GLN C 278 -13.23 -27.03 0.78
CA GLN C 278 -14.14 -27.26 1.89
C GLN C 278 -14.03 -28.71 2.35
N PRO C 279 -14.02 -28.97 3.67
CA PRO C 279 -14.05 -30.36 4.14
C PRO C 279 -15.49 -30.85 4.25
N LEU C 280 -15.71 -32.11 3.87
CA LEU C 280 -17.06 -32.68 3.89
C LEU C 280 -16.98 -34.19 3.90
N ARG C 281 -18.10 -34.82 4.21
CA ARG C 281 -18.22 -36.27 4.25
C ARG C 281 -18.91 -36.78 2.98
N ILE C 282 -18.78 -38.09 2.75
CA ILE C 282 -19.40 -38.76 1.62
C ILE C 282 -20.19 -39.94 2.15
N ARG C 283 -21.41 -40.11 1.66
CA ARG C 283 -22.32 -41.14 2.16
C ARG C 283 -22.90 -41.94 0.99
N HIS C 284 -23.12 -43.23 1.23
CA HIS C 284 -23.80 -44.08 0.25
C HIS C 284 -25.27 -44.18 0.60
N VAL C 285 -26.14 -43.80 -0.33
CA VAL C 285 -27.55 -43.63 0.00
C VAL C 285 -28.19 -44.96 0.35
N THR C 286 -28.00 -45.98 -0.49
CA THR C 286 -28.72 -47.24 -0.30
C THR C 286 -28.27 -47.96 0.96
N THR C 287 -26.95 -48.06 1.19
CA THR C 287 -26.43 -48.78 2.33
C THR C 287 -26.23 -47.93 3.57
N GLY C 288 -26.18 -46.61 3.42
CA GLY C 288 -25.98 -45.75 4.56
C GLY C 288 -24.63 -45.89 5.23
N ARG C 289 -23.58 -46.13 4.46
CA ARG C 289 -22.23 -46.20 4.98
C ARG C 289 -21.42 -45.02 4.47
N TYR C 290 -20.39 -44.65 5.23
CA TYR C 290 -19.59 -43.46 4.95
C TYR C 290 -18.23 -43.85 4.40
N LEU C 291 -17.81 -43.17 3.34
CA LEU C 291 -16.49 -43.38 2.77
C LEU C 291 -15.43 -43.01 3.80
N ALA C 292 -14.41 -43.87 3.95
CA ALA C 292 -13.43 -43.68 5.00
C ALA C 292 -12.12 -44.31 4.58
N LEU C 293 -11.07 -43.97 5.32
CA LEU C 293 -9.74 -44.54 5.15
C LEU C 293 -9.33 -45.25 6.42
N THR C 294 -8.92 -46.51 6.29
CA THR C 294 -8.50 -47.33 7.43
C THR C 294 -7.21 -48.04 7.10
N GLU C 295 -6.31 -48.11 8.08
CA GLU C 295 -5.02 -48.75 7.86
C GLU C 295 -5.17 -50.24 7.57
N ASP C 296 -6.08 -50.91 8.27
CA ASP C 296 -6.24 -52.35 8.12
C ASP C 296 -6.59 -52.75 6.68
N GLN C 297 -7.34 -51.91 5.96
CA GLN C 297 -7.77 -52.26 4.61
C GLN C 297 -7.57 -51.15 3.60
N GLY C 298 -7.18 -49.94 3.97
CA GLY C 298 -7.13 -48.79 3.04
C GLY C 298 -8.52 -48.24 2.74
N LEU C 299 -8.79 -47.77 1.52
CA LEU C 299 -10.11 -47.17 1.18
C LEU C 299 -11.20 -48.23 1.34
N VAL C 300 -12.11 -48.03 2.28
CA VAL C 300 -13.25 -48.93 2.54
C VAL C 300 -14.45 -48.05 2.85
N VAL C 301 -15.61 -48.61 3.12
CA VAL C 301 -16.82 -47.85 3.55
C VAL C 301 -17.17 -48.45 4.92
N VAL C 302 -17.45 -47.64 5.94
CA VAL C 302 -17.66 -48.16 7.28
C VAL C 302 -18.94 -47.56 7.85
N ASP C 303 -19.46 -48.21 8.88
CA ASP C 303 -20.72 -47.77 9.49
C ASP C 303 -20.52 -46.45 10.22
N ALA C 304 -21.65 -45.81 10.55
CA ALA C 304 -21.59 -44.56 11.28
C ALA C 304 -21.10 -44.74 12.71
N CYS C 305 -21.19 -45.95 13.26
CA CYS C 305 -20.74 -46.18 14.63
C CYS C 305 -19.24 -45.95 14.79
N LYS C 306 -18.47 -45.98 13.70
CA LYS C 306 -17.03 -45.80 13.77
C LYS C 306 -16.53 -44.76 12.77
N ALA C 307 -17.37 -43.81 12.37
CA ALA C 307 -16.98 -42.80 11.38
C ALA C 307 -16.51 -41.50 12.04
N HIS C 308 -15.38 -41.56 12.75
CA HIS C 308 -14.84 -40.35 13.34
C HIS C 308 -14.35 -39.40 12.25
N THR C 309 -14.30 -38.11 12.58
CA THR C 309 -14.02 -37.10 11.57
C THR C 309 -12.64 -37.26 10.95
N LYS C 310 -11.72 -37.90 11.66
CA LYS C 310 -10.34 -37.99 11.17
C LYS C 310 -10.28 -38.78 9.87
N ALA C 311 -11.00 -39.90 9.79
CA ALA C 311 -10.87 -40.80 8.65
C ALA C 311 -11.93 -40.58 7.57
N THR C 312 -12.81 -39.60 7.73
CA THR C 312 -13.92 -39.42 6.82
C THR C 312 -13.96 -38.06 6.13
N SER C 313 -12.97 -37.20 6.36
CA SER C 313 -12.99 -35.86 5.78
C SER C 313 -12.31 -35.87 4.41
N PHE C 314 -12.92 -35.17 3.46
CA PHE C 314 -12.39 -35.05 2.10
C PHE C 314 -12.60 -33.63 1.62
N CYS C 315 -11.94 -33.29 0.51
CA CYS C 315 -12.07 -31.97 -0.09
C CYS C 315 -11.82 -32.06 -1.58
N PHE C 316 -12.28 -31.04 -2.29
CA PHE C 316 -12.13 -30.97 -3.74
C PHE C 316 -11.12 -29.88 -4.10
N ARG C 317 -10.16 -30.22 -4.95
CA ARG C 317 -9.08 -29.31 -5.34
C ARG C 317 -9.16 -29.02 -6.83
N VAL C 318 -8.85 -27.77 -7.19
CA VAL C 318 -8.79 -27.40 -8.59
C VAL C 318 -7.62 -28.09 -9.28
N SER C 319 -6.48 -28.20 -8.61
CA SER C 319 -5.32 -28.88 -9.16
C SER C 319 -4.45 -29.36 -8.00
N LYS C 320 -3.53 -30.28 -8.32
CA LYS C 320 -2.64 -30.83 -7.31
C LYS C 320 -1.54 -29.85 -6.89
N GLU C 321 -1.37 -28.74 -7.59
CA GLU C 321 -0.34 -27.78 -7.22
C GLU C 321 -0.60 -27.21 -5.83
N LYS C 322 0.49 -26.95 -5.12
CA LYS C 322 0.39 -26.42 -3.75
C LYS C 322 -0.10 -24.97 -3.78
N ASP C 330 -17.50 -20.26 6.53
CA ASP C 330 -17.40 -19.09 7.44
C ASP C 330 -18.58 -18.16 7.16
N VAL C 331 -18.91 -17.87 5.90
CA VAL C 331 -19.97 -16.87 5.56
C VAL C 331 -21.33 -17.42 5.99
N GLU C 332 -22.11 -16.63 6.71
CA GLU C 332 -23.45 -17.05 7.21
C GLU C 332 -24.46 -16.64 6.14
N GLY C 333 -24.45 -17.31 5.00
CA GLY C 333 -25.38 -17.04 3.90
C GLY C 333 -25.14 -18.04 2.80
N MET C 334 -25.91 -18.00 1.73
CA MET C 334 -25.79 -19.00 0.66
C MET C 334 -24.34 -19.03 0.23
N GLY C 335 -23.65 -17.88 0.17
CA GLY C 335 -22.20 -17.84 -0.12
C GLY C 335 -21.90 -17.71 -1.60
N PRO C 336 -20.63 -17.80 -2.04
CA PRO C 336 -20.26 -17.59 -3.45
C PRO C 336 -20.35 -18.83 -4.34
N PRO C 337 -21.01 -18.78 -5.52
CA PRO C 337 -20.98 -19.91 -6.44
C PRO C 337 -19.54 -20.17 -6.92
N GLU C 338 -19.11 -21.44 -6.98
CA GLU C 338 -17.76 -21.83 -7.37
C GLU C 338 -17.69 -23.06 -8.26
N ILE C 339 -18.75 -23.85 -8.40
CA ILE C 339 -18.70 -25.11 -9.14
C ILE C 339 -19.80 -25.10 -10.19
N LYS C 340 -19.61 -25.92 -11.22
CA LYS C 340 -20.60 -26.09 -12.28
C LYS C 340 -20.79 -27.59 -12.54
N TYR C 341 -22.00 -27.97 -12.93
CA TYR C 341 -22.27 -29.37 -13.22
C TYR C 341 -21.79 -29.73 -14.61
N GLY C 342 -20.97 -30.78 -14.69
CA GLY C 342 -20.51 -31.28 -15.97
C GLY C 342 -19.43 -30.47 -16.63
N GLU C 343 -18.90 -29.45 -15.96
CA GLU C 343 -17.86 -28.61 -16.52
C GLU C 343 -16.67 -28.42 -15.59
N SER C 344 -16.87 -28.45 -14.29
CA SER C 344 -15.81 -28.18 -13.33
C SER C 344 -15.11 -29.49 -12.98
N LEU C 345 -13.92 -29.69 -13.55
CA LEU C 345 -13.10 -30.83 -13.17
C LEU C 345 -12.61 -30.65 -11.74
N CYS C 346 -12.52 -31.76 -11.01
CA CYS C 346 -12.17 -31.71 -9.61
C CYS C 346 -11.31 -32.91 -9.24
N PHE C 347 -10.45 -32.71 -8.24
CA PHE C 347 -9.63 -33.77 -7.67
C PHE C 347 -10.05 -33.99 -6.22
N VAL C 348 -9.97 -35.23 -5.77
CA VAL C 348 -10.40 -35.62 -4.42
C VAL C 348 -9.16 -35.94 -3.61
N GLN C 349 -9.04 -35.33 -2.44
CA GLN C 349 -7.90 -35.52 -1.55
C GLN C 349 -8.39 -35.72 -0.13
N HIS C 350 -7.67 -36.57 0.61
CA HIS C 350 -7.96 -36.78 2.02
C HIS C 350 -7.22 -35.74 2.85
N VAL C 351 -7.98 -34.99 3.65
CA VAL C 351 -7.38 -33.84 4.34
C VAL C 351 -6.31 -34.30 5.32
N ALA C 352 -6.57 -35.34 6.11
CA ALA C 352 -5.62 -35.74 7.14
C ALA C 352 -4.29 -36.19 6.56
N SER C 353 -4.31 -36.98 5.48
CA SER C 353 -3.08 -37.51 4.89
C SER C 353 -2.66 -36.80 3.61
N GLY C 354 -3.57 -36.11 2.94
CA GLY C 354 -3.23 -35.45 1.70
C GLY C 354 -3.14 -36.37 0.50
N LEU C 355 -3.42 -37.66 0.68
CA LEU C 355 -3.37 -38.60 -0.42
C LEU C 355 -4.47 -38.30 -1.42
N TRP C 356 -4.19 -38.60 -2.68
CA TRP C 356 -5.13 -38.35 -3.77
C TRP C 356 -5.85 -39.64 -4.16
N LEU C 357 -7.09 -39.50 -4.62
CA LEU C 357 -7.88 -40.66 -5.02
C LEU C 357 -7.56 -41.04 -6.46
N THR C 358 -7.14 -42.29 -6.66
CA THR C 358 -6.78 -42.78 -7.98
C THR C 358 -7.11 -44.27 -8.04
N TYR C 359 -6.78 -44.90 -9.16
CA TYR C 359 -7.11 -46.29 -9.42
C TYR C 359 -5.84 -47.12 -9.49
N ALA C 360 -5.88 -48.30 -8.89
CA ALA C 360 -4.73 -49.20 -8.91
C ALA C 360 -4.45 -49.66 -10.33
N ALA C 361 -3.21 -50.07 -10.58
CA ALA C 361 -2.83 -50.54 -11.89
C ALA C 361 -3.57 -51.83 -12.22
N PRO C 362 -3.90 -52.06 -13.50
CA PRO C 362 -4.67 -53.26 -13.84
C PRO C 362 -3.89 -54.55 -13.56
N ASP C 363 -4.63 -55.59 -13.21
CA ASP C 363 -4.02 -56.89 -12.95
C ASP C 363 -4.19 -57.78 -14.17
N PRO C 364 -3.10 -58.25 -14.80
CA PRO C 364 -3.27 -59.11 -15.99
C PRO C 364 -4.13 -60.32 -15.73
N LYS C 365 -4.02 -60.95 -14.56
CA LYS C 365 -4.85 -62.10 -14.25
C LYS C 365 -6.33 -61.70 -14.23
N ALA C 366 -6.65 -60.59 -13.58
CA ALA C 366 -8.04 -60.12 -13.57
C ALA C 366 -8.51 -59.72 -14.97
N LEU C 367 -7.65 -59.05 -15.74
CA LEU C 367 -8.05 -58.63 -17.08
C LEU C 367 -8.35 -59.84 -17.96
N ARG C 368 -7.52 -60.88 -17.88
CA ARG C 368 -7.79 -62.09 -18.64
C ARG C 368 -9.09 -62.75 -18.21
N LEU C 369 -9.46 -62.61 -16.94
CA LEU C 369 -10.71 -63.15 -16.43
C LEU C 369 -11.91 -62.29 -16.78
N GLY C 370 -11.72 -61.11 -17.36
CA GLY C 370 -12.82 -60.24 -17.71
C GLY C 370 -13.30 -59.33 -16.60
N VAL C 371 -12.51 -59.14 -15.54
CA VAL C 371 -12.91 -58.29 -14.42
C VAL C 371 -12.65 -56.84 -14.79
N LEU C 372 -13.68 -56.17 -15.33
CA LEU C 372 -13.53 -54.77 -15.71
C LEU C 372 -13.34 -53.88 -14.49
N LYS C 373 -14.02 -54.22 -13.38
CA LYS C 373 -13.97 -53.41 -12.17
C LYS C 373 -12.54 -53.07 -11.79
N LYS C 374 -12.21 -51.79 -11.76
CA LYS C 374 -10.88 -51.34 -11.34
C LYS C 374 -10.96 -50.85 -9.90
N LYS C 375 -10.24 -51.51 -9.01
CA LYS C 375 -10.24 -51.13 -7.61
C LYS C 375 -9.69 -49.72 -7.46
N ALA C 376 -10.25 -48.95 -6.52
CA ALA C 376 -9.82 -47.59 -6.29
C ALA C 376 -9.11 -47.47 -4.95
N ILE C 377 -8.05 -46.67 -4.92
CA ILE C 377 -7.20 -46.54 -3.74
C ILE C 377 -6.71 -45.10 -3.63
N LEU C 378 -6.06 -44.80 -2.52
CA LEU C 378 -5.44 -43.51 -2.28
C LEU C 378 -3.93 -43.62 -2.46
N HIS C 379 -3.36 -42.70 -3.25
CA HIS C 379 -1.94 -42.75 -3.57
C HIS C 379 -1.34 -41.35 -3.40
N GLN C 380 -0.03 -41.33 -3.18
CA GLN C 380 0.65 -40.06 -2.93
C GLN C 380 0.66 -39.16 -4.16
N GLU C 381 0.89 -39.73 -5.34
CA GLU C 381 1.00 -38.94 -6.56
C GLU C 381 -0.13 -39.26 -7.54
N GLY C 382 -0.50 -40.53 -7.63
CA GLY C 382 -1.55 -40.91 -8.56
C GLY C 382 -1.11 -40.70 -9.99
N HIS C 383 -2.04 -40.24 -10.82
CA HIS C 383 -1.79 -40.00 -12.24
C HIS C 383 -2.35 -38.63 -12.61
N MET C 384 -2.32 -38.32 -13.91
CA MET C 384 -2.84 -37.05 -14.39
C MET C 384 -4.29 -37.15 -14.86
N ASP C 385 -4.90 -38.33 -14.77
CA ASP C 385 -6.27 -38.53 -15.22
C ASP C 385 -7.22 -38.84 -14.07
N ASP C 386 -6.98 -38.28 -12.88
CA ASP C 386 -7.83 -38.56 -11.74
C ASP C 386 -8.99 -37.59 -11.61
N ALA C 387 -9.13 -36.63 -12.52
CA ALA C 387 -10.22 -35.68 -12.43
C ALA C 387 -11.56 -36.38 -12.59
N LEU C 388 -12.58 -35.88 -11.90
CA LEU C 388 -13.92 -36.45 -11.91
C LEU C 388 -14.94 -35.40 -12.30
N PHE C 389 -16.01 -35.85 -12.95
CA PHE C 389 -17.13 -34.98 -13.30
C PHE C 389 -18.26 -35.19 -12.29
N LEU C 390 -19.08 -34.15 -12.13
CA LEU C 390 -20.24 -34.21 -11.25
C LEU C 390 -21.51 -34.11 -12.09
N THR C 391 -22.39 -35.09 -11.93
CA THR C 391 -23.63 -35.17 -12.71
C THR C 391 -24.81 -35.15 -11.76
N ARG C 392 -25.84 -34.39 -12.13
CA ARG C 392 -27.05 -34.23 -11.30
C ARG C 392 -27.95 -35.47 -11.39
N CYS C 393 -28.74 -35.73 -10.36
CA CYS C 393 -29.67 -36.86 -10.29
C CYS C 393 -31.06 -36.34 -9.93
N GLN C 394 -32.08 -36.97 -10.49
CA GLN C 394 -33.44 -36.50 -10.29
C GLN C 394 -33.94 -36.82 -8.88
N GLN C 395 -35.11 -36.25 -8.55
CA GLN C 395 -35.69 -36.46 -7.24
C GLN C 395 -36.21 -37.88 -7.07
N GLU C 396 -36.70 -38.49 -8.15
CA GLU C 396 -37.33 -39.80 -8.04
C GLU C 396 -36.31 -40.86 -7.66
N GLU C 397 -35.12 -40.81 -8.25
CA GLU C 397 -34.11 -41.81 -7.92
C GLU C 397 -33.67 -41.70 -6.46
N SER C 398 -33.48 -40.47 -5.97
CA SER C 398 -33.10 -40.29 -4.57
C SER C 398 -34.19 -40.79 -3.64
N GLN C 399 -35.45 -40.48 -3.94
CA GLN C 399 -36.55 -40.96 -3.12
C GLN C 399 -36.57 -42.48 -3.11
N ALA C 400 -36.38 -43.10 -4.28
CA ALA C 400 -36.36 -44.55 -4.36
C ALA C 400 -35.22 -45.13 -3.55
N ALA C 401 -34.04 -44.50 -3.58
CA ALA C 401 -32.92 -45.00 -2.80
C ALA C 401 -33.22 -44.97 -1.31
N ARG C 402 -33.79 -43.86 -0.83
CA ARG C 402 -34.13 -43.80 0.59
C ARG C 402 -35.15 -44.86 0.96
N MET C 403 -36.18 -45.04 0.13
CA MET C 403 -37.18 -46.06 0.41
C MET C 403 -36.54 -47.44 0.44
N ILE C 404 -35.62 -47.72 -0.49
CA ILE C 404 -34.94 -49.00 -0.49
C ILE C 404 -34.21 -49.22 0.82
N HIS C 405 -33.46 -48.21 1.27
CA HIS C 405 -32.74 -48.33 2.53
C HIS C 405 -33.69 -48.68 3.67
N SER C 406 -34.76 -47.91 3.82
CA SER C 406 -35.65 -48.11 4.96
C SER C 406 -36.31 -49.47 4.92
N THR C 407 -36.88 -49.83 3.76
CA THR C 407 -37.61 -51.09 3.66
C THR C 407 -36.70 -52.28 3.84
N ALA C 408 -35.48 -52.22 3.29
CA ALA C 408 -34.54 -53.32 3.49
C ALA C 408 -34.26 -53.51 4.97
N GLY C 409 -33.99 -52.42 5.69
CA GLY C 409 -33.76 -52.56 7.12
C GLY C 409 -34.93 -53.21 7.83
N LEU C 410 -36.14 -52.70 7.57
CA LEU C 410 -37.31 -53.20 8.29
C LEU C 410 -37.56 -54.68 8.00
N TYR C 411 -37.47 -55.08 6.74
CA TYR C 411 -37.77 -56.46 6.40
C TYR C 411 -36.68 -57.42 6.89
N ASN C 412 -35.42 -56.97 6.91
CA ASN C 412 -34.40 -57.81 7.51
C ASN C 412 -34.67 -58.03 8.99
N GLN C 413 -35.08 -56.97 9.69
CA GLN C 413 -35.45 -57.14 11.09
C GLN C 413 -36.58 -58.14 11.24
N PHE C 414 -37.61 -58.03 10.38
CA PHE C 414 -38.75 -58.93 10.49
C PHE C 414 -38.34 -60.38 10.25
N ILE C 415 -37.49 -60.62 9.25
CA ILE C 415 -37.06 -61.97 8.95
C ILE C 415 -36.29 -62.56 10.12
N LYS C 416 -35.39 -61.77 10.70
CA LYS C 416 -34.65 -62.27 11.86
C LYS C 416 -35.60 -62.58 13.01
N GLY C 417 -36.57 -61.70 13.26
CA GLY C 417 -37.54 -61.99 14.31
C GLY C 417 -38.27 -63.31 14.07
N LEU C 418 -38.68 -63.54 12.83
CA LEU C 418 -39.34 -64.81 12.52
C LEU C 418 -38.42 -66.00 12.76
N ASP C 419 -37.17 -65.90 12.32
CA ASP C 419 -36.23 -66.99 12.54
C ASP C 419 -35.95 -67.23 14.02
N SER C 420 -36.20 -66.23 14.86
CA SER C 420 -35.91 -66.40 16.29
C SER C 420 -36.53 -67.66 16.87
N PHE C 421 -37.82 -67.92 16.59
CA PHE C 421 -38.54 -69.04 17.19
C PHE C 421 -38.82 -70.15 16.17
N SER C 422 -37.87 -70.46 15.30
CA SER C 422 -38.12 -71.42 14.23
C SER C 422 -38.59 -72.76 14.78
N GLY C 423 -37.92 -73.31 15.78
CA GLY C 423 -38.27 -74.61 16.31
C GLY C 423 -38.39 -74.64 17.81
N LYS C 424 -39.01 -73.60 18.39
CA LYS C 424 -39.11 -73.42 19.83
C LYS C 424 -40.58 -73.21 20.19
N PRO C 425 -41.36 -74.29 20.29
CA PRO C 425 -42.75 -74.14 20.72
C PRO C 425 -42.83 -73.45 22.07
N ARG C 426 -43.76 -72.51 22.20
CA ARG C 426 -43.85 -71.71 23.41
C ARG C 426 -44.58 -72.43 24.53
N GLY C 427 -45.23 -73.55 24.25
CA GLY C 427 -46.01 -74.22 25.28
C GLY C 427 -47.07 -73.30 25.83
N SER C 428 -47.24 -73.24 27.14
CA SER C 428 -48.31 -72.42 27.77
C SER C 428 -47.80 -71.02 28.13
N GLY C 429 -46.50 -70.78 27.99
CA GLY C 429 -45.92 -69.52 28.47
C GLY C 429 -45.83 -68.46 27.40
N PRO C 430 -44.97 -67.41 27.53
CA PRO C 430 -44.81 -66.43 26.47
C PRO C 430 -44.11 -67.01 25.24
N PRO C 431 -44.29 -66.43 24.02
CA PRO C 431 -43.54 -66.86 22.82
C PRO C 431 -42.08 -66.38 22.91
N ALA C 432 -41.19 -66.84 22.01
CA ALA C 432 -39.75 -66.51 22.03
C ALA C 432 -39.47 -65.21 21.26
N GLY C 433 -38.25 -64.66 21.37
CA GLY C 433 -37.83 -63.45 20.63
C GLY C 433 -38.44 -62.17 21.18
N PRO C 434 -37.96 -60.97 20.75
CA PRO C 434 -38.59 -59.70 21.12
C PRO C 434 -39.87 -59.63 20.30
N ALA C 435 -40.74 -58.63 20.44
CA ALA C 435 -42.03 -58.70 19.70
C ALA C 435 -41.79 -58.53 18.19
N LEU C 436 -42.78 -58.83 17.33
CA LEU C 436 -42.60 -58.55 15.92
C LEU C 436 -43.09 -57.14 15.61
N PRO C 437 -42.52 -56.47 14.61
CA PRO C 437 -43.02 -55.16 14.17
C PRO C 437 -44.21 -55.26 13.20
N ILE C 438 -45.34 -55.75 13.72
CA ILE C 438 -46.46 -56.07 12.85
C ILE C 438 -47.03 -54.82 12.19
N GLU C 439 -47.31 -53.79 13.00
CA GLU C 439 -47.95 -52.60 12.46
C GLU C 439 -47.07 -51.91 11.43
N ALA C 440 -45.77 -51.82 11.70
CA ALA C 440 -44.87 -51.19 10.74
C ALA C 440 -44.87 -51.95 9.43
N VAL C 441 -44.82 -53.28 9.48
CA VAL C 441 -44.80 -54.08 8.26
C VAL C 441 -46.09 -53.86 7.48
N ILE C 442 -47.23 -53.89 8.17
CA ILE C 442 -48.51 -53.73 7.47
C ILE C 442 -48.57 -52.38 6.79
N LEU C 443 -48.20 -51.32 7.52
CA LEU C 443 -48.28 -49.98 6.95
C LEU C 443 -47.31 -49.82 5.78
N SER C 444 -46.11 -50.38 5.90
CA SER C 444 -45.14 -50.28 4.82
C SER C 444 -45.64 -50.99 3.57
N LEU C 445 -46.21 -52.18 3.73
CA LEU C 445 -46.74 -52.89 2.58
C LEU C 445 -47.88 -52.13 1.93
N GLN C 446 -48.79 -51.58 2.75
CA GLN C 446 -49.88 -50.80 2.18
C GLN C 446 -49.36 -49.59 1.41
N ASP C 447 -48.34 -48.91 1.95
CA ASP C 447 -47.79 -47.76 1.26
C ASP C 447 -47.13 -48.15 -0.04
N LEU C 448 -46.36 -49.25 -0.04
CA LEU C 448 -45.66 -49.65 -1.25
C LEU C 448 -46.64 -50.10 -2.34
N ILE C 449 -47.73 -50.77 -1.96
CA ILE C 449 -48.68 -51.22 -2.96
C ILE C 449 -49.26 -50.04 -3.72
N GLY C 450 -49.60 -48.98 -3.00
CA GLY C 450 -50.09 -47.76 -3.63
C GLY C 450 -49.05 -46.97 -4.36
N TYR C 451 -47.78 -47.31 -4.18
CA TYR C 451 -46.68 -46.65 -4.86
C TYR C 451 -46.37 -47.25 -6.23
N PHE C 452 -46.98 -48.39 -6.56
CA PHE C 452 -46.70 -49.10 -7.80
C PHE C 452 -47.93 -49.29 -8.68
N GLU C 453 -49.09 -48.80 -8.26
CA GLU C 453 -50.30 -49.07 -9.02
C GLU C 453 -50.23 -48.38 -10.39
N PRO C 454 -50.85 -49.02 -11.41
CA PRO C 454 -50.72 -48.53 -12.77
C PRO C 454 -51.59 -47.33 -13.14
N PRO C 455 -51.33 -46.67 -14.29
CA PRO C 455 -52.05 -45.47 -14.66
C PRO C 455 -53.51 -45.79 -15.02
N SER C 456 -54.45 -44.88 -14.78
CA SER C 456 -55.89 -45.06 -15.10
C SER C 456 -56.07 -45.20 -16.61
N GLU C 457 -57.01 -46.05 -17.03
CA GLU C 457 -57.26 -46.26 -18.48
C GLU C 457 -58.15 -45.12 -19.04
N GLU C 458 -58.31 -44.03 -18.31
CA GLU C 458 -59.09 -42.86 -18.79
C GLU C 458 -58.20 -41.61 -18.86
N LEU C 459 -56.89 -41.74 -18.83
CA LEU C 459 -55.96 -40.59 -18.97
C LEU C 459 -55.74 -40.33 -20.46
N GLN C 460 -55.27 -39.15 -20.84
CA GLN C 460 -54.94 -38.84 -22.27
C GLN C 460 -53.76 -39.74 -22.66
N HIS C 461 -53.56 -40.07 -23.92
CA HIS C 461 -52.54 -41.06 -24.36
C HIS C 461 -51.15 -40.64 -23.88
N GLU C 462 -50.68 -39.43 -24.15
CA GLU C 462 -49.28 -38.97 -23.92
C GLU C 462 -48.95 -38.91 -22.43
N GLU C 463 -49.86 -38.41 -21.59
CA GLU C 463 -49.64 -38.35 -20.12
C GLU C 463 -49.52 -39.78 -19.62
N LYS C 464 -50.34 -40.71 -20.14
CA LYS C 464 -50.29 -42.14 -19.76
C LYS C 464 -48.94 -42.74 -20.17
N GLN C 465 -48.40 -42.38 -21.33
CA GLN C 465 -47.10 -42.91 -21.81
C GLN C 465 -46.04 -42.45 -20.82
N SER C 466 -46.12 -41.21 -20.34
CA SER C 466 -45.19 -40.65 -19.33
C SER C 466 -45.35 -41.45 -18.03
N LYS C 467 -46.59 -41.80 -17.66
CA LYS C 467 -46.88 -42.57 -16.42
C LYS C 467 -46.25 -43.95 -16.50
N LEU C 468 -46.27 -44.59 -17.67
CA LEU C 468 -45.76 -45.97 -17.84
C LEU C 468 -44.23 -46.00 -17.80
N ARG C 469 -43.52 -44.99 -18.30
CA ARG C 469 -42.06 -44.93 -18.30
C ARG C 469 -41.53 -44.82 -16.88
N SER C 470 -42.09 -43.91 -16.09
CA SER C 470 -41.61 -43.75 -14.72
C SER C 470 -41.82 -45.02 -13.91
N LEU C 471 -42.97 -45.67 -14.09
CA LEU C 471 -43.25 -46.90 -13.35
C LEU C 471 -42.25 -47.99 -13.70
N ARG C 472 -41.95 -48.16 -14.98
CA ARG C 472 -40.95 -49.15 -15.37
C ARG C 472 -39.60 -48.84 -14.75
N ASN C 473 -39.21 -47.57 -14.77
CA ASN C 473 -37.92 -47.21 -14.20
C ASN C 473 -37.87 -47.55 -12.71
N ARG C 474 -38.93 -47.22 -11.98
CA ARG C 474 -38.94 -47.50 -10.55
C ARG C 474 -38.93 -49.00 -10.27
N GLN C 475 -39.67 -49.77 -11.07
CA GLN C 475 -39.65 -51.22 -10.88
C GLN C 475 -38.25 -51.77 -11.07
N SER C 476 -37.56 -51.34 -12.13
CA SER C 476 -36.19 -51.81 -12.35
C SER C 476 -35.29 -51.42 -11.19
N LEU C 477 -35.39 -50.16 -10.73
CA LEU C 477 -34.56 -49.71 -9.62
C LEU C 477 -34.77 -50.60 -8.40
N PHE C 478 -36.02 -50.85 -8.03
CA PHE C 478 -36.28 -51.66 -6.84
C PHE C 478 -35.78 -53.08 -7.03
N GLN C 479 -35.96 -53.64 -8.22
CA GLN C 479 -35.58 -55.04 -8.53
C GLN C 479 -34.06 -55.20 -8.44
N GLU C 480 -33.27 -54.20 -8.87
CA GLU C 480 -31.83 -54.37 -8.97
C GLU C 480 -31.16 -54.49 -7.61
N GLU C 481 -31.80 -54.01 -6.55
CA GLU C 481 -31.21 -54.04 -5.22
C GLU C 481 -31.60 -55.28 -4.42
N GLY C 482 -32.41 -56.17 -4.99
CA GLY C 482 -32.72 -57.41 -4.32
C GLY C 482 -33.95 -57.38 -3.44
N MET C 483 -34.96 -56.59 -3.78
CA MET C 483 -36.19 -56.59 -3.01
C MET C 483 -37.03 -57.82 -3.30
N LEU C 484 -37.01 -58.31 -4.54
CA LEU C 484 -37.75 -59.52 -4.87
C LEU C 484 -37.29 -60.69 -4.02
N SER C 485 -35.97 -60.83 -3.86
CA SER C 485 -35.46 -61.90 -3.00
C SER C 485 -35.93 -61.72 -1.57
N LEU C 486 -36.00 -60.49 -1.09
CA LEU C 486 -36.42 -60.26 0.28
C LEU C 486 -37.86 -60.67 0.50
N VAL C 487 -38.76 -60.27 -0.41
CA VAL C 487 -40.16 -60.64 -0.26
C VAL C 487 -40.33 -62.14 -0.43
N LEU C 488 -39.55 -62.75 -1.33
CA LEU C 488 -39.63 -64.20 -1.49
C LEU C 488 -39.21 -64.92 -0.22
N ASN C 489 -38.15 -64.45 0.44
CA ASN C 489 -37.73 -65.05 1.69
C ASN C 489 -38.80 -64.87 2.76
N CYS C 490 -39.41 -63.69 2.83
CA CYS C 490 -40.48 -63.49 3.81
C CYS C 490 -41.61 -64.46 3.60
N ILE C 491 -42.05 -64.61 2.34
CA ILE C 491 -43.14 -65.54 2.05
C ILE C 491 -42.75 -66.96 2.40
N ASP C 492 -41.53 -67.36 2.03
CA ASP C 492 -41.07 -68.71 2.33
C ASP C 492 -41.13 -68.97 3.83
N ARG C 493 -40.64 -68.04 4.63
CA ARG C 493 -40.63 -68.26 6.08
C ARG C 493 -42.04 -68.29 6.64
N LEU C 494 -42.93 -67.42 6.16
CA LEU C 494 -44.30 -67.44 6.66
C LEU C 494 -45.07 -68.65 6.14
N ASN C 495 -44.70 -69.17 4.98
CA ASN C 495 -45.48 -70.22 4.33
C ASN C 495 -45.33 -71.58 5.01
N VAL C 496 -44.39 -71.72 5.96
CA VAL C 496 -44.18 -73.03 6.57
C VAL C 496 -45.29 -73.40 7.54
N TYR C 497 -46.21 -72.49 7.83
CA TYR C 497 -47.33 -72.77 8.71
C TYR C 497 -48.60 -72.97 7.89
N THR C 498 -49.41 -73.94 8.30
CA THR C 498 -50.58 -74.31 7.54
C THR C 498 -51.81 -73.47 7.86
N THR C 499 -51.89 -72.89 9.05
CA THR C 499 -53.06 -72.11 9.44
C THR C 499 -52.67 -71.17 10.57
N ALA C 500 -53.62 -70.30 10.93
CA ALA C 500 -53.35 -69.31 11.96
C ALA C 500 -53.05 -69.94 13.30
N ALA C 501 -53.78 -70.99 13.67
CA ALA C 501 -53.55 -71.64 14.97
C ALA C 501 -52.17 -72.27 15.02
N HIS C 502 -51.74 -72.91 13.94
CA HIS C 502 -50.41 -73.49 13.90
C HIS C 502 -49.35 -72.42 14.09
N PHE C 503 -49.60 -71.21 13.58
CA PHE C 503 -48.67 -70.11 13.80
C PHE C 503 -48.70 -69.62 15.23
N ALA C 504 -49.90 -69.49 15.80
CA ALA C 504 -50.03 -69.03 17.18
C ALA C 504 -49.36 -70.00 18.15
N GLU C 505 -49.29 -71.27 17.79
CA GLU C 505 -48.61 -72.23 18.65
C GLU C 505 -47.15 -71.86 18.89
N TYR C 506 -46.57 -71.04 18.01
CA TYR C 506 -45.18 -70.62 18.13
C TYR C 506 -45.04 -69.14 18.46
N ALA C 507 -45.75 -68.27 17.75
CA ALA C 507 -45.61 -66.83 17.94
C ALA C 507 -46.60 -66.25 18.93
N GLY C 508 -47.53 -67.05 19.44
CA GLY C 508 -48.50 -66.55 20.40
C GLY C 508 -49.74 -66.01 19.73
N GLU C 509 -50.88 -66.12 20.41
CA GLU C 509 -52.15 -65.70 19.81
C GLU C 509 -52.22 -64.20 19.60
N GLU C 510 -51.40 -63.42 20.28
CA GLU C 510 -51.43 -61.97 20.13
C GLU C 510 -51.07 -61.51 18.73
N ALA C 511 -50.18 -62.22 18.04
CA ALA C 511 -49.74 -61.84 16.71
C ALA C 511 -50.26 -62.73 15.60
N ALA C 512 -51.13 -63.69 15.91
CA ALA C 512 -51.64 -64.58 14.87
C ALA C 512 -52.82 -64.00 14.12
N GLU C 513 -53.35 -62.86 14.56
CA GLU C 513 -54.48 -62.25 13.87
C GLU C 513 -54.07 -61.52 12.61
N SER C 514 -52.78 -61.22 12.44
CA SER C 514 -52.30 -60.52 11.26
C SER C 514 -51.65 -61.45 10.24
N TRP C 515 -51.65 -62.76 10.49
CA TRP C 515 -50.93 -63.69 9.63
C TRP C 515 -51.50 -63.67 8.21
N LYS C 516 -52.82 -63.88 8.09
CA LYS C 516 -53.44 -63.92 6.77
C LYS C 516 -53.32 -62.59 6.05
N GLU C 517 -53.51 -61.49 6.79
CA GLU C 517 -53.42 -60.17 6.18
C GLU C 517 -52.02 -59.92 5.62
N ILE C 518 -51.00 -60.28 6.38
CA ILE C 518 -49.63 -60.08 5.91
C ILE C 518 -49.36 -60.94 4.69
N VAL C 519 -49.84 -62.18 4.69
CA VAL C 519 -49.60 -63.06 3.54
C VAL C 519 -50.25 -62.46 2.29
N ASN C 520 -51.49 -62.01 2.42
CA ASN C 520 -52.18 -61.44 1.27
C ASN C 520 -51.47 -60.20 0.76
N LEU C 521 -51.05 -59.32 1.68
CA LEU C 521 -50.35 -58.11 1.27
C LEU C 521 -49.04 -58.43 0.56
N LEU C 522 -48.32 -59.44 1.06
CA LEU C 522 -47.06 -59.82 0.40
C LEU C 522 -47.31 -60.30 -1.03
N TYR C 523 -48.33 -61.14 -1.22
CA TYR C 523 -48.62 -61.60 -2.57
C TYR C 523 -49.02 -60.43 -3.47
N GLU C 524 -49.83 -59.52 -2.96
CA GLU C 524 -50.24 -58.37 -3.76
C GLU C 524 -49.03 -57.52 -4.16
N LEU C 525 -48.12 -57.28 -3.22
CA LEU C 525 -46.93 -56.49 -3.54
C LEU C 525 -46.05 -57.18 -4.57
N LEU C 526 -45.90 -58.51 -4.46
CA LEU C 526 -45.13 -59.22 -5.46
C LEU C 526 -45.75 -59.07 -6.84
N ALA C 527 -47.07 -59.21 -6.93
CA ALA C 527 -47.74 -59.02 -8.21
C ALA C 527 -47.51 -57.62 -8.75
N SER C 528 -47.59 -56.60 -7.88
CA SER C 528 -47.37 -55.24 -8.33
C SER C 528 -45.95 -55.05 -8.85
N LEU C 529 -44.96 -55.62 -8.18
CA LEU C 529 -43.58 -55.50 -8.66
C LEU C 529 -43.39 -56.18 -10.00
N ILE C 530 -44.03 -57.32 -10.22
CA ILE C 530 -43.78 -58.10 -11.44
C ILE C 530 -44.55 -57.56 -12.64
N ARG C 531 -45.72 -56.98 -12.43
CA ARG C 531 -46.64 -56.71 -13.52
C ARG C 531 -46.03 -55.84 -14.61
N GLY C 532 -46.18 -56.28 -15.85
CA GLY C 532 -45.89 -55.44 -17.00
C GLY C 532 -44.43 -55.29 -17.35
N ASN C 533 -43.53 -56.02 -16.68
CA ASN C 533 -42.09 -55.86 -16.88
C ASN C 533 -41.53 -57.18 -17.39
N ARG C 534 -40.99 -57.16 -18.61
CA ARG C 534 -40.48 -58.38 -19.22
C ARG C 534 -39.28 -58.92 -18.45
N ALA C 535 -38.34 -58.04 -18.09
CA ALA C 535 -37.12 -58.49 -17.45
C ALA C 535 -37.40 -59.13 -16.10
N ASN C 536 -38.26 -58.50 -15.29
CA ASN C 536 -38.59 -59.08 -13.99
C ASN C 536 -39.31 -60.40 -14.13
N CYS C 537 -40.23 -60.50 -15.09
CA CYS C 537 -40.96 -61.75 -15.30
C CYS C 537 -40.01 -62.87 -15.70
N ALA C 538 -39.01 -62.56 -16.53
CA ALA C 538 -38.12 -63.60 -17.03
C ALA C 538 -37.39 -64.32 -15.91
N LEU C 539 -37.26 -63.71 -14.73
CA LEU C 539 -36.52 -64.34 -13.64
C LEU C 539 -37.17 -65.65 -13.20
N PHE C 540 -38.49 -65.74 -13.27
CA PHE C 540 -39.19 -66.90 -12.75
C PHE C 540 -39.03 -68.14 -13.61
N SER C 541 -38.27 -68.06 -14.70
CA SER C 541 -38.14 -69.20 -15.59
C SER C 541 -37.36 -70.35 -14.96
N THR C 542 -36.72 -70.12 -13.81
CA THR C 542 -35.92 -71.15 -13.16
C THR C 542 -36.58 -71.77 -11.94
N ASN C 543 -37.58 -71.11 -11.35
CA ASN C 543 -38.24 -71.61 -10.14
C ASN C 543 -39.75 -71.53 -10.29
N LEU C 544 -40.27 -72.01 -11.42
CA LEU C 544 -41.72 -72.00 -11.62
C LEU C 544 -42.43 -72.95 -10.66
N ASP C 545 -41.77 -74.06 -10.29
CA ASP C 545 -42.35 -74.94 -9.29
C ASP C 545 -42.67 -74.20 -8.01
N TRP C 546 -41.82 -73.25 -7.63
CA TRP C 546 -42.07 -72.47 -6.43
C TRP C 546 -43.44 -71.79 -6.48
N VAL C 547 -43.91 -71.45 -7.68
CA VAL C 547 -45.21 -70.81 -7.81
C VAL C 547 -46.31 -71.85 -7.91
N VAL C 548 -46.13 -72.86 -8.76
CA VAL C 548 -47.21 -73.80 -9.02
C VAL C 548 -47.55 -74.60 -7.77
N SER C 549 -46.55 -74.94 -6.95
CA SER C 549 -46.80 -75.77 -5.79
C SER C 549 -47.70 -75.12 -4.75
N LYS C 550 -47.91 -73.80 -4.82
CA LYS C 550 -48.71 -73.08 -3.84
C LYS C 550 -50.13 -72.81 -4.28
N LEU C 551 -50.53 -73.28 -5.46
CA LEU C 551 -51.84 -72.89 -6.00
C LEU C 551 -52.98 -73.42 -5.14
N ASP C 552 -52.75 -74.49 -4.40
CA ASP C 552 -53.82 -75.15 -3.65
C ASP C 552 -53.97 -74.62 -2.22
N ARG C 553 -53.18 -73.64 -1.82
CA ARG C 553 -53.32 -73.09 -0.47
C ARG C 553 -54.64 -72.36 -0.33
N LEU C 554 -55.30 -72.57 0.81
CA LEU C 554 -56.64 -72.01 0.99
C LEU C 554 -56.61 -70.52 1.26
N GLU C 555 -55.54 -70.00 1.84
CA GLU C 555 -55.43 -68.56 2.04
C GLU C 555 -54.57 -67.95 0.95
N ALA C 556 -55.06 -66.84 0.39
CA ALA C 556 -54.39 -66.10 -0.67
C ALA C 556 -54.39 -66.85 -1.99
N SER C 557 -55.42 -67.65 -2.27
CA SER C 557 -55.48 -68.34 -3.56
C SER C 557 -55.58 -67.36 -4.72
N SER C 558 -56.42 -66.33 -4.56
CA SER C 558 -56.57 -65.36 -5.64
C SER C 558 -55.27 -64.60 -5.90
N GLY C 559 -54.52 -64.26 -4.85
CA GLY C 559 -53.26 -63.58 -5.05
C GLY C 559 -52.26 -64.42 -5.83
N ILE C 560 -52.17 -65.71 -5.50
CA ILE C 560 -51.24 -66.59 -6.21
C ILE C 560 -51.68 -66.73 -7.66
N LEU C 561 -52.98 -66.86 -7.89
CA LEU C 561 -53.46 -66.94 -9.27
C LEU C 561 -53.12 -65.67 -10.05
N GLU C 562 -53.27 -64.51 -9.40
CA GLU C 562 -52.91 -63.26 -10.07
C GLU C 562 -51.43 -63.20 -10.39
N VAL C 563 -50.58 -63.66 -9.48
CA VAL C 563 -49.15 -63.68 -9.75
C VAL C 563 -48.85 -64.56 -10.95
N LEU C 564 -49.46 -65.74 -10.99
CA LEU C 564 -49.22 -66.65 -12.11
C LEU C 564 -49.68 -66.03 -13.42
N TYR C 565 -50.86 -65.40 -13.41
CA TYR C 565 -51.36 -64.77 -14.63
C TYR C 565 -50.44 -63.67 -15.10
N CYS C 566 -49.94 -62.84 -14.16
CA CYS C 566 -49.02 -61.78 -14.55
C CYS C 566 -47.74 -62.34 -15.15
N VAL C 567 -47.21 -63.41 -14.57
CA VAL C 567 -45.98 -63.99 -15.09
C VAL C 567 -46.19 -64.57 -16.48
N LEU C 568 -47.27 -65.34 -16.66
CA LEU C 568 -47.46 -66.07 -17.90
C LEU C 568 -47.66 -65.13 -19.09
N ILE C 569 -48.40 -64.04 -18.89
CA ILE C 569 -48.83 -63.21 -20.02
C ILE C 569 -47.73 -62.30 -20.54
N GLU C 570 -46.51 -62.39 -20.00
CA GLU C 570 -45.45 -61.46 -20.36
C GLU C 570 -44.19 -62.11 -20.90
N SER C 571 -43.78 -63.26 -20.38
CA SER C 571 -42.48 -63.84 -20.69
C SER C 571 -42.62 -65.05 -21.59
N PRO C 572 -42.21 -64.97 -22.86
CA PRO C 572 -42.18 -66.19 -23.69
C PRO C 572 -41.22 -67.25 -23.20
N GLU C 573 -40.23 -66.88 -22.39
CA GLU C 573 -39.26 -67.85 -21.91
C GLU C 573 -39.90 -68.93 -21.05
N VAL C 574 -40.85 -68.56 -20.20
CA VAL C 574 -41.49 -69.54 -19.32
C VAL C 574 -42.32 -70.51 -20.14
N LEU C 575 -42.95 -70.03 -21.22
CA LEU C 575 -43.84 -70.89 -21.99
C LEU C 575 -43.11 -72.12 -22.52
N ASN C 576 -41.80 -72.04 -22.73
CA ASN C 576 -41.05 -73.17 -23.25
C ASN C 576 -40.56 -74.11 -22.16
N ILE C 577 -40.92 -73.85 -20.90
CA ILE C 577 -40.46 -74.68 -19.79
C ILE C 577 -41.59 -75.51 -19.19
N ILE C 578 -42.85 -75.22 -19.53
CA ILE C 578 -43.97 -75.90 -18.89
C ILE C 578 -43.90 -77.40 -19.15
N GLN C 579 -44.46 -78.17 -18.24
CA GLN C 579 -44.53 -79.62 -18.34
C GLN C 579 -45.92 -80.10 -17.98
N GLU C 580 -46.17 -81.40 -18.19
CA GLU C 580 -47.50 -81.93 -18.02
C GLU C 580 -47.99 -81.80 -16.58
N ASN C 581 -47.11 -81.97 -15.60
CA ASN C 581 -47.55 -81.90 -14.21
C ASN C 581 -48.08 -80.51 -13.85
N HIS C 582 -47.47 -79.45 -14.40
CA HIS C 582 -48.00 -78.11 -14.17
C HIS C 582 -49.40 -77.96 -14.74
N ILE C 583 -49.61 -78.48 -15.96
CA ILE C 583 -50.93 -78.40 -16.58
C ILE C 583 -51.95 -79.14 -15.73
N LYS C 584 -51.59 -80.33 -15.26
CA LYS C 584 -52.51 -81.09 -14.44
C LYS C 584 -52.80 -80.40 -13.12
N SER C 585 -51.81 -79.73 -12.54
CA SER C 585 -52.05 -78.96 -11.32
C SER C 585 -53.05 -77.84 -11.57
N ILE C 586 -52.91 -77.12 -12.68
CA ILE C 586 -53.84 -76.03 -12.97
C ILE C 586 -55.25 -76.58 -13.20
N ILE C 587 -55.36 -77.66 -13.97
CA ILE C 587 -56.68 -78.30 -14.26
C ILE C 587 -57.21 -78.83 -12.93
N SER C 588 -56.32 -79.18 -12.00
CA SER C 588 -56.69 -79.62 -10.64
C SER C 588 -57.42 -78.46 -9.98
N LEU C 589 -57.00 -77.22 -10.27
CA LEU C 589 -57.59 -75.98 -9.69
C LEU C 589 -59.07 -75.80 -10.07
N LEU C 590 -59.54 -76.24 -11.24
CA LEU C 590 -60.94 -75.97 -11.68
C LEU C 590 -61.88 -77.04 -11.13
N ASP C 591 -61.36 -78.26 -10.91
CA ASP C 591 -62.18 -79.37 -10.36
C ASP C 591 -62.15 -79.28 -8.82
N LYS C 592 -61.32 -78.40 -8.24
CA LYS C 592 -61.22 -78.23 -6.77
C LYS C 592 -61.84 -76.90 -6.33
N HIS C 593 -61.71 -75.81 -7.10
CA HIS C 593 -62.17 -74.51 -6.64
C HIS C 593 -63.46 -74.05 -7.31
N GLY C 594 -63.96 -74.77 -8.30
CA GLY C 594 -65.18 -74.39 -8.97
C GLY C 594 -64.95 -73.77 -10.32
N ARG C 595 -66.05 -73.26 -10.89
CA ARG C 595 -66.01 -72.68 -12.23
C ARG C 595 -65.65 -71.20 -12.19
N ASN C 596 -64.39 -70.88 -12.46
CA ASN C 596 -63.88 -69.52 -12.46
C ASN C 596 -63.25 -69.24 -13.81
N HIS C 597 -63.61 -68.12 -14.43
CA HIS C 597 -63.11 -67.83 -15.77
C HIS C 597 -61.66 -67.37 -15.77
N LYS C 598 -61.12 -66.98 -14.61
CA LYS C 598 -59.72 -66.61 -14.53
C LYS C 598 -58.82 -67.78 -14.91
N VAL C 599 -59.18 -68.99 -14.47
CA VAL C 599 -58.38 -70.16 -14.80
C VAL C 599 -58.42 -70.40 -16.31
N LEU C 600 -59.59 -70.20 -16.94
CA LEU C 600 -59.67 -70.35 -18.38
C LEU C 600 -58.79 -69.32 -19.09
N ASP C 601 -58.75 -68.09 -18.58
CA ASP C 601 -57.86 -67.10 -19.17
C ASP C 601 -56.40 -67.54 -19.04
N VAL C 602 -56.02 -68.04 -17.88
CA VAL C 602 -54.65 -68.50 -17.68
C VAL C 602 -54.32 -69.61 -18.68
N LEU C 603 -55.24 -70.56 -18.86
CA LEU C 603 -55.00 -71.64 -19.80
C LEU C 603 -54.89 -71.12 -21.22
N CYS C 604 -55.72 -70.14 -21.59
CA CYS C 604 -55.60 -69.55 -22.92
C CYS C 604 -54.24 -68.89 -23.10
N SER C 605 -53.67 -68.35 -22.03
CA SER C 605 -52.39 -67.69 -22.14
C SER C 605 -51.23 -68.65 -22.37
N LEU C 606 -51.46 -69.95 -22.19
CA LEU C 606 -50.37 -70.93 -22.33
C LEU C 606 -50.18 -71.42 -23.75
N CYS C 607 -51.01 -70.99 -24.69
CA CYS C 607 -50.99 -71.57 -26.03
C CYS C 607 -50.28 -70.69 -27.04
N VAL C 608 -50.55 -69.39 -27.05
CA VAL C 608 -49.98 -68.48 -28.03
C VAL C 608 -49.50 -67.23 -27.31
N CYS C 609 -48.27 -66.80 -27.61
CA CYS C 609 -47.70 -65.60 -27.04
C CYS C 609 -47.00 -64.81 -28.14
N ASN C 610 -47.41 -63.56 -28.31
CA ASN C 610 -46.84 -62.68 -29.33
C ASN C 610 -46.93 -63.29 -30.72
N GLY C 611 -48.07 -63.90 -31.04
CA GLY C 611 -48.28 -64.44 -32.37
C GLY C 611 -47.47 -65.66 -32.70
N VAL C 612 -47.01 -66.40 -31.69
CA VAL C 612 -46.28 -67.65 -31.90
C VAL C 612 -46.93 -68.71 -31.03
N ALA C 613 -47.22 -69.86 -31.61
CA ALA C 613 -47.92 -70.94 -30.91
C ALA C 613 -46.95 -72.01 -30.45
N VAL C 614 -47.28 -72.64 -29.34
CA VAL C 614 -46.49 -73.73 -28.77
C VAL C 614 -47.34 -74.99 -28.89
N ARG C 615 -46.92 -75.91 -29.75
CA ARG C 615 -47.75 -77.10 -30.02
C ARG C 615 -47.88 -77.98 -28.78
N SER C 616 -46.80 -78.11 -28.00
CA SER C 616 -46.82 -79.03 -26.87
C SER C 616 -47.91 -78.65 -25.88
N ASN C 617 -48.02 -77.36 -25.56
CA ASN C 617 -49.02 -76.94 -24.59
C ASN C 617 -50.43 -77.19 -25.09
N GLN C 618 -50.70 -76.89 -26.37
CA GLN C 618 -52.01 -77.14 -26.94
C GLN C 618 -52.35 -78.62 -26.85
N ASP C 619 -51.41 -79.48 -27.23
CA ASP C 619 -51.67 -80.91 -27.20
C ASP C 619 -51.94 -81.40 -25.78
N LEU C 620 -51.14 -80.94 -24.81
CA LEU C 620 -51.32 -81.39 -23.44
C LEU C 620 -52.66 -80.95 -22.90
N ILE C 621 -53.04 -79.69 -23.14
CA ILE C 621 -54.33 -79.20 -22.65
C ILE C 621 -55.47 -80.01 -23.26
N THR C 622 -55.42 -80.22 -24.57
CA THR C 622 -56.48 -80.96 -25.24
C THR C 622 -56.58 -82.38 -24.69
N GLU C 623 -55.44 -83.04 -24.50
CA GLU C 623 -55.47 -84.41 -24.01
C GLU C 623 -56.01 -84.49 -22.58
N ASN C 624 -55.65 -83.54 -21.73
CA ASN C 624 -55.97 -83.67 -20.32
C ASN C 624 -57.28 -83.02 -19.92
N LEU C 625 -57.92 -82.24 -20.80
CA LEU C 625 -59.10 -81.50 -20.38
C LEU C 625 -60.39 -81.98 -21.06
N LEU C 626 -60.37 -82.15 -22.37
CA LEU C 626 -61.61 -82.34 -23.13
C LEU C 626 -62.20 -83.75 -23.03
N PRO C 627 -61.42 -84.82 -23.22
CA PRO C 627 -62.04 -86.13 -23.46
C PRO C 627 -62.96 -86.61 -22.37
N GLY C 628 -62.70 -86.26 -21.10
CA GLY C 628 -63.56 -86.72 -20.03
C GLY C 628 -64.98 -86.18 -20.09
N ARG C 629 -65.13 -84.87 -20.31
CA ARG C 629 -66.44 -84.23 -20.40
C ARG C 629 -67.18 -84.20 -19.07
N GLU C 630 -66.51 -83.77 -17.98
CA GLU C 630 -67.20 -83.56 -16.72
C GLU C 630 -67.10 -82.14 -16.20
N LEU C 631 -66.23 -81.30 -16.76
CA LEU C 631 -66.00 -79.95 -16.24
C LEU C 631 -66.70 -78.88 -17.05
N LEU C 632 -66.46 -78.83 -18.36
CA LEU C 632 -67.06 -77.81 -19.19
C LEU C 632 -68.50 -78.19 -19.54
N LEU C 633 -69.30 -77.18 -19.86
CA LEU C 633 -70.70 -77.41 -20.21
C LEU C 633 -70.80 -77.96 -21.63
N GLN C 634 -71.74 -78.88 -21.84
CA GLN C 634 -71.93 -79.55 -23.12
C GLN C 634 -73.14 -78.98 -23.84
N THR C 635 -73.24 -79.29 -25.13
CA THR C 635 -74.31 -78.78 -25.98
C THR C 635 -74.72 -79.85 -26.99
N ASN C 636 -75.92 -79.68 -27.54
CA ASN C 636 -76.41 -80.60 -28.56
C ASN C 636 -77.72 -80.07 -29.09
N LEU C 637 -78.35 -80.79 -29.99
CA LEU C 637 -79.69 -80.53 -30.51
C LEU C 637 -80.60 -81.70 -30.15
N ILE C 638 -81.80 -81.39 -29.67
CA ILE C 638 -82.75 -82.42 -29.25
C ILE C 638 -84.14 -82.08 -29.77
N ASN C 639 -85.00 -83.09 -29.80
CA ASN C 639 -86.37 -82.90 -30.26
C ASN C 639 -87.29 -82.56 -29.10
N TYR C 640 -88.42 -81.94 -29.43
CA TYR C 640 -89.46 -81.72 -28.45
C TYR C 640 -90.30 -82.97 -28.28
N VAL C 641 -90.96 -83.09 -27.13
CA VAL C 641 -91.79 -84.24 -26.82
C VAL C 641 -93.02 -83.77 -26.07
N THR C 642 -94.14 -84.47 -26.26
CA THR C 642 -95.41 -84.12 -25.64
C THR C 642 -96.16 -85.38 -25.25
N SER C 643 -97.24 -85.21 -24.50
CA SER C 643 -98.04 -86.32 -23.98
C SER C 643 -99.52 -86.03 -24.13
N ILE C 644 -100.30 -87.10 -24.25
CA ILE C 644 -101.76 -87.02 -24.41
C ILE C 644 -102.40 -88.11 -23.56
N ARG C 645 -103.57 -87.80 -23.01
CA ARG C 645 -104.31 -88.72 -22.17
C ARG C 645 -105.80 -88.57 -22.38
N PRO C 646 -106.57 -89.62 -22.14
CA PRO C 646 -108.02 -89.45 -22.00
C PRO C 646 -108.41 -89.21 -20.54
N ASN C 647 -109.54 -88.54 -20.35
CA ASN C 647 -109.96 -88.12 -19.02
C ASN C 647 -110.70 -89.24 -18.29
N ILE C 648 -109.93 -90.22 -17.83
CA ILE C 648 -110.42 -91.29 -16.96
C ILE C 648 -109.40 -91.49 -15.86
N PHE C 649 -109.88 -91.69 -14.63
CA PHE C 649 -109.01 -91.83 -13.47
C PHE C 649 -109.49 -92.98 -12.61
N VAL C 650 -108.54 -93.76 -12.09
CA VAL C 650 -108.84 -94.93 -11.27
C VAL C 650 -107.84 -94.99 -10.13
N GLY C 651 -108.25 -95.52 -8.96
CA GLY C 651 -107.37 -95.51 -7.77
C GLY C 651 -107.68 -96.62 -6.80
N ARG C 652 -107.01 -96.66 -5.65
CA ARG C 652 -107.19 -97.73 -4.63
C ARG C 652 -107.25 -97.06 -3.25
N ALA C 653 -108.23 -97.42 -2.40
CA ALA C 653 -108.45 -96.81 -1.08
C ALA C 653 -109.44 -97.63 -0.25
N GLU C 654 -109.50 -97.43 1.07
CA GLU C 654 -110.46 -98.11 1.94
C GLU C 654 -111.81 -97.44 1.85
N GLY C 655 -112.84 -98.23 1.57
CA GLY C 655 -114.18 -97.70 1.41
C GLY C 655 -114.45 -97.06 0.07
N SER C 656 -113.54 -97.19 -0.90
CA SER C 656 -113.75 -96.61 -2.21
C SER C 656 -114.81 -97.40 -2.98
N THR C 657 -115.44 -96.74 -3.95
CA THR C 657 -116.46 -97.35 -4.77
C THR C 657 -115.96 -97.74 -6.15
N GLN C 658 -114.65 -97.81 -6.35
CA GLN C 658 -114.09 -98.06 -7.67
C GLN C 658 -113.66 -99.52 -7.82
N TYR C 659 -113.73 -100.01 -9.05
CA TYR C 659 -113.26 -101.35 -9.37
C TYR C 659 -111.73 -101.38 -9.36
N GLY C 660 -111.18 -102.59 -9.41
CA GLY C 660 -109.75 -102.76 -9.19
C GLY C 660 -108.92 -103.25 -10.36
N LYS C 661 -109.53 -103.54 -11.51
CA LYS C 661 -108.80 -104.04 -12.66
C LYS C 661 -109.28 -103.35 -13.92
N TRP C 662 -108.36 -103.03 -14.82
CA TRP C 662 -108.67 -102.24 -16.00
C TRP C 662 -107.78 -102.65 -17.16
N TYR C 663 -108.18 -102.26 -18.37
CA TYR C 663 -107.57 -102.74 -19.60
C TYR C 663 -107.81 -101.74 -20.73
N PHE C 664 -106.84 -101.63 -21.63
CA PHE C 664 -106.98 -100.80 -22.82
C PHE C 664 -105.88 -101.15 -23.79
N GLU C 665 -106.08 -100.71 -25.05
CA GLU C 665 -105.14 -101.04 -26.14
C GLU C 665 -104.77 -99.79 -26.91
N VAL C 666 -103.67 -99.84 -27.67
CA VAL C 666 -103.23 -98.77 -28.55
C VAL C 666 -102.81 -99.38 -29.89
N MET C 667 -103.15 -98.70 -30.97
CA MET C 667 -102.84 -99.15 -32.33
C MET C 667 -102.08 -98.04 -33.03
N VAL C 668 -100.96 -98.40 -33.66
CA VAL C 668 -100.07 -97.44 -34.30
C VAL C 668 -100.24 -97.56 -35.81
N ASP C 669 -100.40 -96.42 -36.47
CA ASP C 669 -100.62 -96.37 -37.91
C ASP C 669 -99.37 -96.01 -38.70
N GLU C 670 -98.67 -94.93 -38.34
CA GLU C 670 -97.53 -94.47 -39.09
C GLU C 670 -96.46 -93.96 -38.15
N VAL C 671 -95.20 -94.27 -38.46
CA VAL C 671 -94.05 -93.71 -37.76
C VAL C 671 -92.93 -93.52 -38.77
N VAL C 672 -92.24 -92.39 -38.66
CA VAL C 672 -91.07 -92.11 -39.49
C VAL C 672 -89.83 -92.32 -38.62
N PRO C 673 -89.03 -93.36 -38.85
CA PRO C 673 -87.97 -93.68 -37.89
C PRO C 673 -86.97 -92.56 -37.68
N PHE C 674 -86.64 -91.79 -38.73
CA PHE C 674 -85.67 -90.70 -38.62
C PHE C 674 -86.20 -89.51 -39.42
N LEU C 675 -86.98 -88.66 -38.76
CA LEU C 675 -87.42 -87.42 -39.39
C LEU C 675 -86.36 -86.33 -39.28
N THR C 676 -85.45 -86.46 -38.31
CA THR C 676 -84.34 -85.54 -38.15
C THR C 676 -83.10 -86.33 -37.76
N ALA C 677 -82.06 -85.64 -37.30
CA ALA C 677 -80.83 -86.33 -36.94
C ALA C 677 -80.99 -87.24 -35.74
N GLN C 678 -82.10 -87.13 -35.00
CA GLN C 678 -82.33 -87.91 -33.80
C GLN C 678 -83.52 -88.83 -34.00
N ALA C 679 -83.46 -90.03 -33.41
CA ALA C 679 -84.49 -91.04 -33.63
C ALA C 679 -85.82 -90.58 -33.05
N THR C 680 -86.90 -91.06 -33.65
CA THR C 680 -88.24 -90.69 -33.20
C THR C 680 -88.56 -91.35 -31.87
N HIS C 681 -89.52 -90.78 -31.14
CA HIS C 681 -89.84 -91.17 -29.79
C HIS C 681 -91.30 -91.62 -29.72
N LEU C 682 -91.56 -92.72 -29.01
CA LEU C 682 -92.92 -93.23 -28.86
C LEU C 682 -92.96 -94.22 -27.72
N ARG C 683 -93.89 -94.03 -26.79
CA ARG C 683 -94.03 -94.90 -25.63
C ARG C 683 -95.48 -94.91 -25.16
N VAL C 684 -95.85 -95.95 -24.42
CA VAL C 684 -97.19 -96.08 -23.86
C VAL C 684 -97.09 -96.66 -22.46
N GLY C 685 -98.06 -96.33 -21.62
CA GLY C 685 -98.06 -96.83 -20.25
C GLY C 685 -99.07 -96.11 -19.37
N TRP C 686 -98.84 -96.19 -18.07
CA TRP C 686 -99.69 -95.58 -17.06
C TRP C 686 -98.90 -94.49 -16.33
N ALA C 687 -99.62 -93.59 -15.66
CA ALA C 687 -99.00 -92.51 -14.92
C ALA C 687 -99.89 -92.12 -13.75
N LEU C 688 -99.30 -91.49 -12.72
CA LEU C 688 -100.03 -91.10 -11.49
C LEU C 688 -100.57 -89.68 -11.64
N THR C 689 -101.65 -89.35 -10.91
CA THR C 689 -102.29 -88.00 -10.95
C THR C 689 -101.29 -86.97 -10.43
N GLU C 690 -100.49 -87.32 -9.41
CA GLU C 690 -99.51 -86.40 -8.78
C GLU C 690 -98.11 -86.74 -9.27
N GLY C 691 -97.27 -85.72 -9.51
CA GLY C 691 -95.86 -85.92 -9.90
C GLY C 691 -95.64 -85.93 -11.40
N TYR C 692 -96.49 -86.64 -12.16
CA TYR C 692 -96.39 -86.65 -13.65
C TYR C 692 -96.79 -85.26 -14.16
N SER C 693 -95.82 -84.39 -14.44
CA SER C 693 -96.05 -83.00 -14.94
C SER C 693 -94.91 -82.63 -15.90
N PRO C 694 -94.86 -83.20 -17.12
CA PRO C 694 -93.76 -82.96 -18.05
C PRO C 694 -93.89 -81.56 -18.66
N TYR C 695 -92.83 -80.76 -18.63
CA TYR C 695 -92.85 -79.36 -19.13
C TYR C 695 -92.06 -79.28 -20.43
N PRO C 696 -92.51 -78.56 -21.47
CA PRO C 696 -91.79 -78.57 -22.76
C PRO C 696 -90.38 -77.98 -22.63
N GLY C 697 -89.36 -78.64 -23.16
CA GLY C 697 -87.98 -78.13 -23.15
C GLY C 697 -87.02 -79.04 -22.43
N GLY C 698 -86.31 -78.52 -21.44
CA GLY C 698 -85.28 -79.26 -20.69
C GLY C 698 -85.82 -80.01 -19.50
N GLY C 699 -84.98 -80.80 -18.84
CA GLY C 699 -85.35 -81.58 -17.67
C GLY C 699 -84.24 -82.51 -17.24
N GLU C 700 -84.51 -83.80 -17.12
CA GLU C 700 -83.53 -84.79 -16.61
C GLU C 700 -82.64 -85.25 -17.76
N GLY C 701 -81.38 -85.56 -17.51
CA GLY C 701 -80.41 -85.95 -18.55
C GLY C 701 -80.44 -84.98 -19.69
N TRP C 702 -80.53 -85.48 -20.91
CA TRP C 702 -80.73 -84.62 -22.11
C TRP C 702 -82.23 -84.62 -22.22
N GLY C 703 -82.86 -83.47 -22.53
CA GLY C 703 -84.33 -83.32 -22.54
C GLY C 703 -85.07 -84.16 -23.56
N GLY C 704 -86.36 -83.88 -23.76
CA GLY C 704 -87.22 -84.69 -24.67
C GLY C 704 -87.83 -85.82 -23.86
N ASN C 705 -88.12 -85.63 -22.57
CA ASN C 705 -88.62 -86.72 -21.68
C ASN C 705 -90.04 -87.13 -22.11
N GLY C 706 -90.36 -88.43 -22.08
CA GLY C 706 -91.68 -88.96 -22.46
C GLY C 706 -92.35 -89.73 -21.32
N VAL C 707 -92.65 -91.03 -21.52
CA VAL C 707 -93.35 -91.88 -20.50
C VAL C 707 -92.34 -92.83 -19.85
N GLY C 708 -91.97 -92.61 -18.57
CA GLY C 708 -91.05 -93.48 -17.83
C GLY C 708 -89.69 -92.85 -17.59
N ASP C 709 -89.64 -91.52 -17.36
CA ASP C 709 -88.38 -90.76 -17.13
C ASP C 709 -88.37 -90.27 -15.69
N ASP C 710 -89.24 -90.80 -14.82
CA ASP C 710 -89.32 -90.42 -13.38
C ASP C 710 -90.06 -91.49 -12.60
N LEU C 711 -90.10 -91.40 -11.26
CA LEU C 711 -90.75 -92.42 -10.38
C LEU C 711 -92.25 -92.13 -10.20
N TYR C 712 -92.98 -91.81 -11.28
CA TYR C 712 -94.45 -91.60 -11.23
C TYR C 712 -95.12 -92.23 -12.44
N SER C 713 -94.37 -92.71 -13.44
CA SER C 713 -94.91 -93.26 -14.67
C SER C 713 -94.14 -94.53 -15.02
N TYR C 714 -94.77 -95.37 -15.83
CA TYR C 714 -94.22 -96.67 -16.21
C TYR C 714 -94.56 -96.93 -17.67
N GLY C 715 -93.54 -97.09 -18.50
CA GLY C 715 -93.74 -97.12 -19.93
C GLY C 715 -93.09 -98.31 -20.59
N PHE C 716 -93.36 -98.46 -21.88
CA PHE C 716 -92.87 -99.54 -22.70
C PHE C 716 -92.80 -99.09 -24.15
N ASP C 717 -91.75 -99.49 -24.86
CA ASP C 717 -91.53 -99.02 -26.21
C ASP C 717 -91.12 -100.11 -27.18
N GLY C 718 -91.38 -101.38 -26.89
CA GLY C 718 -91.09 -102.47 -27.78
C GLY C 718 -89.82 -103.23 -27.47
N LEU C 719 -88.88 -102.61 -26.75
CA LEU C 719 -87.63 -103.27 -26.39
C LEU C 719 -87.23 -103.10 -24.94
N HIS C 720 -87.73 -102.08 -24.24
CA HIS C 720 -87.28 -101.80 -22.89
C HIS C 720 -88.48 -101.43 -22.02
N LEU C 721 -88.30 -101.54 -20.71
CA LEU C 721 -89.24 -101.01 -19.74
C LEU C 721 -88.61 -99.79 -19.08
N TRP C 722 -89.30 -98.65 -19.16
CA TRP C 722 -88.75 -97.37 -18.72
C TRP C 722 -89.36 -97.01 -17.38
N THR C 723 -88.49 -96.60 -16.45
CA THR C 723 -88.95 -96.05 -15.18
C THR C 723 -87.75 -95.42 -14.48
N GLY C 724 -87.97 -94.24 -13.91
CA GLY C 724 -86.88 -93.51 -13.27
C GLY C 724 -85.77 -93.15 -14.23
N HIS C 725 -86.10 -92.86 -15.49
CA HIS C 725 -85.13 -92.43 -16.49
C HIS C 725 -84.07 -93.50 -16.75
N VAL C 726 -84.42 -94.77 -16.57
CA VAL C 726 -83.51 -95.88 -16.81
C VAL C 726 -84.21 -96.90 -17.71
N ALA C 727 -83.51 -97.36 -18.75
CA ALA C 727 -84.05 -98.34 -19.66
C ALA C 727 -83.50 -99.72 -19.32
N ARG C 728 -84.38 -100.71 -19.27
CA ARG C 728 -84.01 -102.08 -18.93
C ARG C 728 -84.49 -103.02 -20.03
N PRO C 729 -83.63 -103.82 -20.64
CA PRO C 729 -84.09 -104.68 -21.74
C PRO C 729 -85.10 -105.70 -21.26
N VAL C 730 -86.03 -106.03 -22.15
CA VAL C 730 -87.05 -107.06 -21.89
C VAL C 730 -87.10 -107.98 -23.10
N THR C 731 -87.58 -109.20 -22.87
CA THR C 731 -87.59 -110.24 -23.90
C THR C 731 -89.02 -110.51 -24.35
N SER C 732 -89.18 -110.70 -25.65
CA SER C 732 -90.47 -111.00 -26.25
C SER C 732 -90.24 -111.57 -27.64
N PRO C 733 -91.16 -112.38 -28.15
CA PRO C 733 -91.00 -112.90 -29.51
C PRO C 733 -90.96 -111.77 -30.52
N GLY C 734 -90.08 -111.88 -31.53
CA GLY C 734 -89.93 -110.85 -32.57
C GLY C 734 -89.64 -109.50 -31.94
N GLN C 735 -88.87 -109.46 -30.85
CA GLN C 735 -88.55 -108.20 -30.12
C GLN C 735 -88.05 -107.16 -31.13
N HIS C 736 -88.65 -105.96 -31.15
CA HIS C 736 -88.33 -104.86 -32.09
C HIS C 736 -89.06 -103.60 -31.65
N LEU C 737 -88.69 -102.44 -32.18
CA LEU C 737 -89.34 -101.15 -31.82
C LEU C 737 -90.73 -101.04 -32.47
N LEU C 738 -91.63 -100.26 -31.88
CA LEU C 738 -93.00 -100.15 -32.36
C LEU C 738 -93.01 -99.69 -33.81
N ALA C 739 -93.76 -100.39 -34.64
CA ALA C 739 -93.82 -100.20 -36.07
C ALA C 739 -95.27 -100.19 -36.52
N PRO C 740 -95.55 -99.66 -37.71
CA PRO C 740 -96.94 -99.61 -38.17
C PRO C 740 -97.57 -100.99 -38.17
N GLU C 741 -98.87 -101.03 -37.84
CA GLU C 741 -99.71 -102.22 -37.71
C GLU C 741 -99.52 -102.93 -36.38
N ASP C 742 -98.65 -102.45 -35.49
CA ASP C 742 -98.52 -103.06 -34.18
C ASP C 742 -99.66 -102.63 -33.28
N VAL C 743 -100.01 -103.51 -32.34
CA VAL C 743 -101.06 -103.25 -31.36
C VAL C 743 -100.51 -103.60 -29.98
N VAL C 744 -100.74 -102.72 -29.01
CA VAL C 744 -100.24 -102.90 -27.66
C VAL C 744 -101.42 -102.91 -26.70
N SER C 745 -101.28 -103.64 -25.60
CA SER C 745 -102.32 -103.73 -24.59
C SER C 745 -101.69 -103.69 -23.20
N CYS C 746 -102.27 -102.89 -22.31
CA CYS C 746 -101.76 -102.70 -20.97
C CYS C 746 -102.82 -103.10 -19.95
N CYS C 747 -102.41 -103.77 -18.89
CA CYS C 747 -103.31 -104.25 -17.85
C CYS C 747 -102.84 -103.70 -16.50
N LEU C 748 -103.79 -103.23 -15.70
CA LEU C 748 -103.52 -102.68 -14.38
C LEU C 748 -104.29 -103.47 -13.34
N ASP C 749 -103.59 -103.93 -12.30
CA ASP C 749 -104.20 -104.65 -11.20
C ASP C 749 -103.83 -103.97 -9.89
N LEU C 750 -104.83 -103.43 -9.20
CA LEU C 750 -104.60 -102.67 -7.99
C LEU C 750 -104.70 -103.51 -6.71
N SER C 751 -105.28 -104.71 -6.77
CA SER C 751 -105.29 -105.56 -5.60
C SER C 751 -103.88 -105.86 -5.14
N VAL C 752 -103.03 -106.31 -6.05
CA VAL C 752 -101.58 -106.40 -5.86
C VAL C 752 -100.94 -105.51 -6.91
N PRO C 753 -100.38 -104.35 -6.55
CA PRO C 753 -99.90 -103.42 -7.57
C PRO C 753 -99.06 -104.13 -8.62
N SER C 754 -99.54 -104.16 -9.85
CA SER C 754 -98.87 -104.89 -10.92
C SER C 754 -99.34 -104.34 -12.26
N ILE C 755 -98.39 -104.22 -13.19
CA ILE C 755 -98.67 -103.76 -14.55
C ILE C 755 -97.96 -104.68 -15.52
N SER C 756 -98.67 -105.12 -16.55
CA SER C 756 -98.12 -106.04 -17.54
C SER C 756 -98.57 -105.62 -18.93
N PHE C 757 -97.81 -106.04 -19.93
CA PHE C 757 -98.05 -105.65 -21.32
C PHE C 757 -98.14 -106.88 -22.20
N ARG C 758 -98.80 -106.72 -23.34
CA ARG C 758 -98.79 -107.70 -24.41
C ARG C 758 -98.72 -106.98 -25.75
N ILE C 759 -98.02 -107.58 -26.70
CA ILE C 759 -97.87 -107.02 -28.03
C ILE C 759 -98.30 -108.08 -29.05
N ASN C 760 -99.29 -107.74 -29.87
CA ASN C 760 -99.82 -108.66 -30.87
C ASN C 760 -100.26 -109.97 -30.23
N GLY C 761 -100.71 -109.90 -28.97
CA GLY C 761 -101.14 -111.07 -28.24
C GLY C 761 -100.02 -111.85 -27.57
N CYS C 762 -98.77 -111.53 -27.86
CA CYS C 762 -97.66 -112.25 -27.25
C CYS C 762 -97.36 -111.67 -25.87
N PRO C 763 -97.33 -112.48 -24.82
CA PRO C 763 -96.98 -111.93 -23.49
C PRO C 763 -95.58 -111.35 -23.48
N VAL C 764 -95.35 -110.31 -22.68
CA VAL C 764 -94.00 -109.66 -22.52
C VAL C 764 -93.36 -110.23 -21.25
N GLN C 765 -92.03 -110.42 -21.22
CA GLN C 765 -91.32 -111.04 -20.08
C GLN C 765 -90.86 -109.97 -19.08
N GLY C 766 -91.79 -109.25 -18.44
CA GLY C 766 -91.47 -108.22 -17.43
C GLY C 766 -92.72 -107.68 -16.75
N VAL C 767 -92.70 -107.43 -15.44
CA VAL C 767 -93.85 -106.84 -14.69
C VAL C 767 -93.35 -105.74 -13.76
N PHE C 768 -94.17 -104.70 -13.53
CA PHE C 768 -93.86 -103.58 -12.60
C PHE C 768 -94.70 -103.79 -11.34
N GLU C 769 -94.12 -104.17 -10.19
CA GLU C 769 -94.90 -104.50 -8.97
C GLU C 769 -94.49 -103.69 -7.74
N ALA C 770 -95.30 -103.69 -6.69
CA ALA C 770 -95.00 -102.99 -5.42
C ALA C 770 -94.68 -101.51 -5.68
N PHE C 771 -95.68 -100.71 -6.03
CA PHE C 771 -95.51 -99.25 -6.29
C PHE C 771 -96.44 -98.47 -5.36
N ASN C 772 -96.22 -97.16 -5.21
CA ASN C 772 -96.98 -96.29 -4.29
C ASN C 772 -98.38 -96.08 -4.88
N LEU C 773 -99.38 -95.83 -4.03
CA LEU C 773 -100.77 -95.70 -4.41
C LEU C 773 -101.39 -94.44 -3.82
N ASP C 774 -100.71 -93.30 -3.93
CA ASP C 774 -101.18 -92.07 -3.31
C ASP C 774 -102.09 -91.23 -4.20
N GLY C 775 -102.40 -91.69 -5.41
CA GLY C 775 -103.21 -90.89 -6.29
C GLY C 775 -104.02 -91.75 -7.23
N LEU C 776 -104.40 -91.15 -8.36
CA LEU C 776 -105.19 -91.83 -9.38
C LEU C 776 -104.36 -92.06 -10.63
N PHE C 777 -104.58 -93.20 -11.27
CA PHE C 777 -103.85 -93.55 -12.48
C PHE C 777 -104.68 -93.23 -13.71
N PHE C 778 -104.01 -93.01 -14.83
CA PHE C 778 -104.66 -92.75 -16.10
C PHE C 778 -103.77 -93.21 -17.24
N PRO C 779 -104.36 -93.65 -18.36
CA PRO C 779 -103.53 -94.02 -19.51
C PRO C 779 -102.86 -92.80 -20.12
N VAL C 780 -101.74 -93.03 -20.79
CA VAL C 780 -100.97 -91.93 -21.37
C VAL C 780 -100.10 -92.46 -22.50
N VAL C 781 -99.81 -91.58 -23.45
CA VAL C 781 -98.90 -91.86 -24.56
C VAL C 781 -98.04 -90.63 -24.80
N SER C 782 -96.75 -90.84 -25.06
CA SER C 782 -95.83 -89.75 -25.32
C SER C 782 -95.15 -90.01 -26.66
N PHE C 783 -94.76 -88.92 -27.33
CA PHE C 783 -94.28 -89.03 -28.70
C PHE C 783 -93.58 -87.73 -29.09
N SER C 784 -92.88 -87.79 -30.22
CA SER C 784 -92.35 -86.62 -30.91
C SER C 784 -92.99 -86.52 -32.28
N ALA C 785 -92.56 -85.54 -33.05
CA ALA C 785 -93.18 -85.29 -34.36
C ALA C 785 -92.97 -86.48 -35.29
N GLY C 786 -94.01 -86.82 -36.03
CA GLY C 786 -93.93 -87.85 -37.05
C GLY C 786 -94.53 -89.18 -36.64
N VAL C 787 -95.70 -89.15 -36.01
CA VAL C 787 -96.39 -90.38 -35.60
C VAL C 787 -97.88 -90.22 -35.82
N LYS C 788 -98.58 -91.35 -35.76
CA LYS C 788 -100.04 -91.40 -35.89
C LYS C 788 -100.55 -92.62 -35.16
N VAL C 789 -101.34 -92.41 -34.11
CA VAL C 789 -101.76 -93.48 -33.21
C VAL C 789 -103.26 -93.35 -32.97
N ARG C 790 -103.88 -94.46 -32.57
CA ARG C 790 -105.29 -94.50 -32.21
C ARG C 790 -105.48 -95.16 -30.85
N PHE C 791 -106.38 -94.59 -30.06
CA PHE C 791 -106.77 -95.16 -28.77
C PHE C 791 -107.96 -96.09 -28.96
N LEU C 792 -107.93 -97.24 -28.31
CA LEU C 792 -109.04 -98.19 -28.31
C LEU C 792 -109.49 -98.39 -26.87
N LEU C 793 -110.78 -98.20 -26.61
CA LEU C 793 -111.31 -98.27 -25.26
C LEU C 793 -112.54 -99.16 -25.13
N GLY C 794 -113.01 -99.77 -26.22
CA GLY C 794 -114.17 -100.62 -26.15
C GLY C 794 -115.48 -99.86 -26.22
N GLY C 795 -116.57 -100.61 -26.23
CA GLY C 795 -117.87 -100.00 -26.28
C GLY C 795 -118.08 -99.23 -27.57
N ARG C 796 -118.81 -98.11 -27.48
CA ARG C 796 -119.04 -97.27 -28.64
C ARG C 796 -117.75 -96.74 -29.25
N HIS C 797 -116.67 -96.71 -28.48
CA HIS C 797 -115.37 -96.29 -28.96
C HIS C 797 -114.63 -97.49 -29.55
N GLY C 798 -113.33 -97.33 -29.77
CA GLY C 798 -112.55 -98.36 -30.42
C GLY C 798 -112.85 -99.77 -29.94
N GLU C 799 -112.89 -100.72 -30.87
CA GLU C 799 -113.17 -102.12 -30.53
C GLU C 799 -111.86 -102.88 -30.39
N PHE C 800 -111.73 -103.62 -29.30
CA PHE C 800 -110.50 -104.36 -29.03
C PHE C 800 -110.26 -105.40 -30.12
N LYS C 801 -108.98 -105.57 -30.48
CA LYS C 801 -108.60 -106.64 -31.39
C LYS C 801 -108.30 -107.94 -30.65
N PHE C 802 -108.25 -107.91 -29.32
CA PHE C 802 -108.04 -109.10 -28.51
C PHE C 802 -108.91 -109.00 -27.27
N LEU C 803 -109.60 -110.09 -26.93
CA LEU C 803 -110.48 -110.06 -25.78
C LEU C 803 -109.66 -109.87 -24.50
N PRO C 804 -110.15 -109.07 -23.56
CA PRO C 804 -109.39 -108.85 -22.34
C PRO C 804 -109.29 -110.14 -21.53
N PRO C 805 -108.30 -110.25 -20.65
CA PRO C 805 -108.24 -111.40 -19.76
C PRO C 805 -109.38 -111.37 -18.76
N PRO C 806 -109.69 -112.49 -18.11
CA PRO C 806 -110.83 -112.53 -17.20
C PRO C 806 -110.68 -111.51 -16.07
N GLY C 807 -111.79 -110.87 -15.71
CA GLY C 807 -111.83 -109.96 -14.59
C GLY C 807 -111.40 -108.54 -14.89
N TYR C 808 -110.92 -108.26 -16.09
CA TYR C 808 -110.47 -106.91 -16.45
C TYR C 808 -111.57 -106.19 -17.20
N ALA C 809 -111.83 -104.95 -16.80
CA ALA C 809 -112.92 -104.19 -17.39
C ALA C 809 -112.40 -103.24 -18.47
N PRO C 810 -113.21 -102.93 -19.48
CA PRO C 810 -112.81 -101.91 -20.45
C PRO C 810 -112.70 -100.54 -19.77
N CYS C 811 -111.84 -99.69 -20.34
CA CYS C 811 -111.55 -98.41 -19.70
C CYS C 811 -112.72 -97.44 -19.81
N HIS C 812 -113.55 -97.58 -20.85
CA HIS C 812 -114.62 -96.61 -21.06
C HIS C 812 -115.66 -96.64 -19.95
N GLU C 813 -115.65 -97.68 -19.11
CA GLU C 813 -116.64 -97.79 -18.05
C GLU C 813 -116.35 -96.85 -16.88
N ALA C 814 -115.21 -96.17 -16.87
CA ALA C 814 -114.83 -95.34 -15.74
C ALA C 814 -115.23 -93.88 -15.89
N VAL C 815 -115.96 -93.52 -16.95
CA VAL C 815 -116.35 -92.13 -17.14
C VAL C 815 -117.36 -91.74 -16.08
N LEU C 816 -117.14 -90.56 -15.47
CA LEU C 816 -118.03 -90.10 -14.43
C LEU C 816 -119.36 -89.61 -15.02
N PRO C 817 -120.42 -89.57 -14.22
CA PRO C 817 -121.72 -89.17 -14.77
C PRO C 817 -121.74 -87.77 -15.36
N ARG C 818 -120.99 -86.83 -14.79
CA ARG C 818 -121.07 -85.44 -15.21
C ARG C 818 -120.08 -85.08 -16.31
N GLU C 819 -119.26 -86.03 -16.77
CA GLU C 819 -118.18 -85.74 -17.70
C GLU C 819 -118.45 -86.34 -19.06
N ARG C 820 -117.72 -85.84 -20.06
CA ARG C 820 -117.76 -86.33 -21.42
C ARG C 820 -116.37 -86.75 -21.85
N LEU C 821 -116.27 -87.89 -22.52
CA LEU C 821 -114.98 -88.42 -22.91
C LEU C 821 -114.29 -87.50 -23.92
N ARG C 822 -112.98 -87.36 -23.80
CA ARG C 822 -112.22 -86.53 -24.73
C ARG C 822 -110.73 -86.76 -24.49
N LEU C 823 -109.91 -86.18 -25.37
CA LEU C 823 -108.46 -86.25 -25.27
C LEU C 823 -107.91 -84.85 -25.00
N GLU C 824 -106.98 -84.76 -24.04
CA GLU C 824 -106.52 -83.49 -23.55
C GLU C 824 -105.02 -83.58 -23.26
N PRO C 825 -104.31 -82.45 -23.23
CA PRO C 825 -102.95 -82.45 -22.72
C PRO C 825 -102.94 -82.53 -21.20
N ILE C 826 -101.74 -82.44 -20.62
CA ILE C 826 -101.53 -82.63 -19.20
C ILE C 826 -100.92 -81.36 -18.62
N LYS C 827 -101.66 -80.70 -17.73
CA LYS C 827 -101.16 -79.56 -16.96
C LYS C 827 -100.44 -78.54 -17.85
N GLU C 828 -101.12 -78.13 -18.92
CA GLU C 828 -100.54 -77.11 -19.78
C GLU C 828 -100.74 -75.72 -19.18
N TYR C 829 -99.95 -74.78 -19.66
CA TYR C 829 -100.05 -73.38 -19.25
C TYR C 829 -100.25 -72.46 -20.45
N ARG C 830 -100.83 -72.94 -21.53
CA ARG C 830 -100.97 -72.17 -22.75
C ARG C 830 -101.86 -72.93 -23.72
N ARG C 831 -102.59 -72.18 -24.54
CA ARG C 831 -103.38 -72.79 -25.61
C ARG C 831 -103.71 -71.72 -26.65
N GLU C 832 -104.06 -72.19 -27.84
CA GLU C 832 -104.42 -71.28 -28.92
C GLU C 832 -105.78 -70.63 -28.64
N GLY C 833 -105.99 -69.47 -29.25
CA GLY C 833 -107.22 -68.73 -29.07
C GLY C 833 -107.71 -68.10 -30.35
N PRO C 834 -108.93 -67.56 -30.33
CA PRO C 834 -109.48 -66.95 -31.56
C PRO C 834 -108.62 -65.84 -32.12
N ARG C 835 -108.02 -65.02 -31.26
CA ARG C 835 -107.18 -63.91 -31.71
C ARG C 835 -105.72 -64.07 -31.28
N GLY C 836 -105.43 -64.92 -30.31
CA GLY C 836 -104.07 -65.12 -29.86
C GLY C 836 -104.01 -66.15 -28.76
N PRO C 837 -102.81 -66.52 -28.34
CA PRO C 837 -102.67 -67.52 -27.29
C PRO C 837 -103.26 -67.04 -25.98
N HIS C 838 -103.84 -67.98 -25.23
CA HIS C 838 -104.38 -67.71 -23.90
C HIS C 838 -103.42 -68.24 -22.84
N LEU C 839 -103.33 -67.53 -21.73
CA LEU C 839 -102.56 -67.99 -20.59
C LEU C 839 -103.48 -68.72 -19.62
N VAL C 840 -103.00 -69.84 -19.08
CA VAL C 840 -103.82 -70.74 -18.28
C VAL C 840 -103.17 -70.92 -16.92
N GLY C 841 -103.96 -70.80 -15.86
CA GLY C 841 -103.48 -71.04 -14.53
C GLY C 841 -103.57 -72.50 -14.15
N PRO C 842 -103.16 -72.80 -12.91
CA PRO C 842 -103.23 -74.19 -12.44
C PRO C 842 -104.62 -74.77 -12.58
N SER C 843 -104.74 -76.09 -12.46
CA SER C 843 -106.01 -76.78 -12.64
C SER C 843 -106.32 -77.62 -11.41
N ARG C 844 -107.59 -77.58 -10.98
CA ARG C 844 -108.02 -78.40 -9.88
C ARG C 844 -108.13 -79.86 -10.31
N CYS C 845 -107.73 -80.77 -9.43
CA CYS C 845 -107.72 -82.20 -9.73
C CYS C 845 -108.40 -82.97 -8.60
N LEU C 846 -108.96 -84.11 -8.96
CA LEU C 846 -109.61 -84.97 -7.97
C LEU C 846 -108.57 -85.75 -7.18
N SER C 847 -109.00 -86.23 -6.01
CA SER C 847 -108.15 -87.01 -5.12
C SER C 847 -108.77 -88.39 -4.92
N HIS C 848 -107.93 -89.38 -4.67
CA HIS C 848 -108.41 -90.75 -4.51
C HIS C 848 -109.28 -90.89 -3.27
N THR C 849 -109.27 -89.91 -2.36
CA THR C 849 -110.13 -89.95 -1.19
C THR C 849 -111.49 -89.33 -1.45
N ASP C 850 -111.76 -88.85 -2.66
CA ASP C 850 -113.06 -88.26 -2.99
C ASP C 850 -114.08 -89.29 -3.44
N PHE C 851 -113.72 -90.58 -3.50
CA PHE C 851 -114.62 -91.63 -3.94
C PHE C 851 -115.10 -92.50 -2.79
N VAL C 852 -114.85 -92.11 -1.55
CA VAL C 852 -115.27 -92.85 -0.37
C VAL C 852 -116.29 -92.01 0.39
N PRO C 853 -117.59 -92.39 0.46
CA PRO C 853 -118.62 -91.55 1.11
C PRO C 853 -118.36 -91.25 2.59
N CYS C 854 -118.97 -90.20 3.15
CA CYS C 854 -118.77 -89.78 4.56
C CYS C 854 -120.11 -89.35 5.18
N PRO C 855 -121.01 -90.28 5.56
CA PRO C 855 -122.28 -89.96 6.17
C PRO C 855 -122.12 -89.55 7.64
N VAL C 856 -123.06 -88.76 8.15
CA VAL C 856 -123.09 -88.37 9.59
C VAL C 856 -123.54 -89.61 10.37
N ASP C 857 -124.18 -90.58 9.72
CA ASP C 857 -124.69 -91.81 10.38
C ASP C 857 -123.75 -92.26 11.49
N THR C 858 -124.13 -92.11 12.75
CA THR C 858 -123.34 -92.59 13.93
C THR C 858 -124.19 -93.62 14.66
N VAL C 859 -123.62 -94.33 15.63
CA VAL C 859 -124.35 -95.38 16.39
C VAL C 859 -125.44 -94.72 17.23
N GLN C 860 -125.30 -93.42 17.55
CA GLN C 860 -126.29 -92.68 18.37
C GLN C 860 -127.71 -92.91 17.85
N ILE C 861 -128.66 -93.20 18.75
CA ILE C 861 -130.09 -93.36 18.35
C ILE C 861 -130.90 -92.29 19.08
N VAL C 862 -131.94 -91.73 18.45
CA VAL C 862 -132.80 -90.67 19.06
C VAL C 862 -134.03 -91.35 19.66
N LEU C 863 -134.89 -91.94 18.83
CA LEU C 863 -136.15 -92.60 19.29
C LEU C 863 -136.97 -91.62 20.14
N PRO C 864 -137.20 -90.36 19.69
CA PRO C 864 -137.95 -89.38 20.49
C PRO C 864 -139.42 -89.82 20.65
N PRO C 865 -139.94 -90.08 21.87
CA PRO C 865 -141.32 -90.55 22.00
C PRO C 865 -142.29 -89.51 21.46
N HIS C 866 -141.89 -88.24 21.52
CA HIS C 866 -142.75 -87.11 21.09
C HIS C 866 -142.82 -87.00 19.57
N LEU C 867 -142.00 -87.75 18.81
CA LEU C 867 -142.06 -87.73 17.34
C LEU C 867 -142.62 -89.02 16.73
N GLU C 868 -143.07 -89.95 17.57
CA GLU C 868 -143.60 -91.22 17.06
C GLU C 868 -144.92 -91.06 16.30
N ARG C 869 -145.82 -90.18 16.74
CA ARG C 869 -147.07 -89.97 16.00
C ARG C 869 -146.79 -89.39 14.65
N ILE C 870 -145.91 -88.40 14.59
CA ILE C 870 -145.69 -87.74 13.34
C ILE C 870 -144.94 -88.72 12.40
N ARG C 871 -144.15 -89.65 12.95
CA ARG C 871 -143.50 -90.66 12.09
C ARG C 871 -144.57 -91.42 11.27
N GLU C 872 -145.63 -91.83 11.95
CA GLU C 872 -146.75 -92.54 11.30
C GLU C 872 -147.47 -91.67 10.25
N LYS C 873 -147.82 -90.45 10.62
CA LYS C 873 -148.51 -89.56 9.68
C LYS C 873 -147.64 -89.22 8.48
N LEU C 874 -146.33 -89.02 8.72
CA LEU C 874 -145.40 -88.77 7.64
C LEU C 874 -145.36 -89.96 6.66
N ALA C 875 -145.24 -91.17 7.21
CA ALA C 875 -145.19 -92.34 6.34
C ALA C 875 -146.47 -92.44 5.50
N GLU C 876 -147.62 -92.14 6.11
CA GLU C 876 -148.90 -92.22 5.39
C GLU C 876 -148.89 -91.22 4.23
N ASN C 877 -148.46 -89.99 4.46
CA ASN C 877 -148.51 -89.04 3.35
C ASN C 877 -147.48 -89.34 2.28
N ILE C 878 -146.32 -89.82 2.68
CA ILE C 878 -145.32 -90.22 1.69
C ILE C 878 -145.87 -91.33 0.76
N HIS C 879 -146.62 -92.25 1.34
CA HIS C 879 -147.27 -93.31 0.55
C HIS C 879 -148.29 -92.75 -0.44
N GLU C 880 -149.13 -91.83 0.03
CA GLU C 880 -150.11 -91.21 -0.85
C GLU C 880 -149.43 -90.49 -2.00
N LEU C 881 -148.34 -89.78 -1.72
CA LEU C 881 -147.63 -89.08 -2.77
C LEU C 881 -146.98 -90.05 -3.76
N TRP C 882 -146.42 -91.12 -3.23
CA TRP C 882 -145.79 -92.14 -4.07
C TRP C 882 -146.81 -92.77 -4.99
N ALA C 883 -147.97 -93.12 -4.42
CA ALA C 883 -149.01 -93.76 -5.21
C ALA C 883 -149.51 -92.81 -6.32
N LEU C 884 -149.71 -91.55 -5.98
CA LEU C 884 -150.09 -90.56 -6.98
C LEU C 884 -149.08 -90.50 -8.14
N THR C 885 -147.79 -90.49 -7.82
CA THR C 885 -146.70 -90.42 -8.82
C THR C 885 -146.79 -91.65 -9.74
N ARG C 886 -147.03 -92.86 -9.19
CA ARG C 886 -147.17 -94.12 -9.97
C ARG C 886 -148.41 -94.03 -10.86
N ILE C 887 -149.53 -93.59 -10.31
CA ILE C 887 -150.79 -93.61 -11.04
C ILE C 887 -150.76 -92.59 -12.18
N GLU C 888 -150.12 -91.43 -11.96
CA GLU C 888 -149.91 -90.50 -13.08
C GLU C 888 -149.15 -91.11 -14.24
N GLN C 889 -148.22 -92.00 -13.93
CA GLN C 889 -147.43 -92.68 -14.96
C GLN C 889 -148.04 -93.99 -15.44
N GLY C 890 -149.35 -94.19 -15.27
CA GLY C 890 -150.04 -95.28 -15.88
C GLY C 890 -150.06 -96.56 -15.05
N TRP C 891 -149.54 -96.52 -13.82
CA TRP C 891 -149.58 -97.71 -12.96
C TRP C 891 -150.99 -97.92 -12.41
N THR C 892 -151.33 -99.19 -12.29
CA THR C 892 -152.62 -99.60 -11.73
C THR C 892 -152.39 -100.77 -10.79
N TYR C 893 -153.42 -101.12 -10.02
CA TYR C 893 -153.27 -102.20 -9.05
C TYR C 893 -153.24 -103.59 -9.65
N GLY C 894 -152.32 -104.40 -9.15
CA GLY C 894 -152.46 -105.83 -9.34
C GLY C 894 -151.71 -106.55 -8.22
N PRO C 895 -152.09 -107.81 -7.93
CA PRO C 895 -151.52 -108.47 -6.76
C PRO C 895 -150.08 -108.90 -6.95
N VAL C 896 -149.63 -109.01 -8.20
CA VAL C 896 -148.24 -109.33 -8.49
C VAL C 896 -147.69 -108.24 -9.39
N ARG C 897 -146.55 -107.69 -9.00
CA ARG C 897 -145.92 -106.66 -9.77
C ARG C 897 -145.64 -107.09 -11.21
N ASP C 898 -145.92 -106.20 -12.16
CA ASP C 898 -145.63 -106.45 -13.58
C ASP C 898 -145.20 -105.12 -14.16
N ASP C 899 -143.90 -104.99 -14.44
CA ASP C 899 -143.35 -103.72 -14.92
C ASP C 899 -143.85 -103.34 -16.33
N ASN C 900 -144.10 -104.34 -17.17
CA ASN C 900 -144.54 -104.08 -18.54
C ASN C 900 -145.99 -103.57 -18.58
N LYS C 901 -146.87 -104.26 -17.87
CA LYS C 901 -148.27 -103.83 -17.73
C LYS C 901 -148.47 -102.71 -16.67
N ARG C 902 -147.41 -102.37 -15.94
CA ARG C 902 -147.39 -101.38 -14.88
C ARG C 902 -148.45 -101.68 -13.84
N LEU C 903 -148.38 -102.90 -13.31
CA LEU C 903 -149.22 -103.34 -12.21
C LEU C 903 -148.38 -103.37 -10.94
N HIS C 904 -148.93 -102.86 -9.84
CA HIS C 904 -148.17 -102.81 -8.57
C HIS C 904 -149.09 -103.11 -7.41
N PRO C 905 -148.67 -104.00 -6.51
CA PRO C 905 -149.54 -104.34 -5.38
C PRO C 905 -149.58 -103.31 -4.28
N CYS C 906 -148.72 -102.31 -4.31
CA CYS C 906 -148.72 -101.32 -3.23
C CYS C 906 -149.70 -100.20 -3.48
N LEU C 907 -150.46 -100.28 -4.57
CA LEU C 907 -151.48 -99.25 -4.84
C LEU C 907 -152.78 -99.61 -4.12
N VAL C 908 -152.68 -99.50 -2.80
CA VAL C 908 -153.68 -99.86 -1.80
C VAL C 908 -153.61 -98.80 -0.70
N ASN C 909 -154.61 -98.76 0.17
CA ASN C 909 -154.52 -97.93 1.37
C ASN C 909 -153.30 -98.30 2.20
N PHE C 910 -152.66 -97.32 2.81
CA PHE C 910 -151.46 -97.58 3.60
C PHE C 910 -151.67 -98.70 4.61
N HIS C 911 -152.80 -98.66 5.31
CA HIS C 911 -153.16 -99.61 6.36
C HIS C 911 -153.40 -101.01 5.81
N SER C 912 -153.58 -101.10 4.48
CA SER C 912 -153.79 -102.37 3.81
C SER C 912 -152.52 -102.99 3.22
N LEU C 913 -151.39 -102.28 3.27
CA LEU C 913 -150.13 -102.88 2.91
C LEU C 913 -149.79 -104.03 3.83
N PRO C 914 -149.05 -105.04 3.31
CA PRO C 914 -148.46 -106.08 4.17
C PRO C 914 -147.66 -105.47 5.30
N GLU C 915 -147.65 -106.12 6.46
CA GLU C 915 -147.01 -105.54 7.64
C GLU C 915 -145.54 -105.21 7.40
N PRO C 916 -144.79 -106.09 6.70
CA PRO C 916 -143.38 -105.77 6.48
C PRO C 916 -143.16 -104.52 5.62
N GLU C 917 -144.08 -104.24 4.70
CA GLU C 917 -143.98 -103.07 3.84
C GLU C 917 -144.35 -101.83 4.63
N ARG C 918 -145.40 -101.93 5.44
CA ARG C 918 -145.75 -100.84 6.35
C ARG C 918 -144.57 -100.52 7.29
N ASN C 919 -143.96 -101.57 7.83
CA ASN C 919 -142.87 -101.37 8.76
C ASN C 919 -141.65 -100.72 8.06
N TYR C 920 -141.33 -101.16 6.86
CA TYR C 920 -140.27 -100.51 6.09
C TYR C 920 -140.56 -99.00 5.89
N ASN C 921 -141.80 -98.67 5.53
CA ASN C 921 -142.17 -97.29 5.31
C ASN C 921 -142.05 -96.46 6.59
N LEU C 922 -142.43 -97.05 7.70
CA LEU C 922 -142.34 -96.38 9.00
C LEU C 922 -140.87 -96.22 9.37
N GLN C 923 -140.05 -97.22 9.08
CA GLN C 923 -138.61 -97.09 9.36
C GLN C 923 -138.01 -95.96 8.55
N MET C 924 -138.39 -95.82 7.28
CA MET C 924 -137.83 -94.79 6.41
C MET C 924 -138.26 -93.37 6.86
N SER C 925 -139.54 -93.23 7.22
CA SER C 925 -140.04 -91.98 7.79
C SER C 925 -139.29 -91.61 9.05
N GLY C 926 -139.06 -92.59 9.92
CA GLY C 926 -138.32 -92.40 11.15
C GLY C 926 -136.89 -91.99 10.86
N GLU C 927 -136.30 -92.56 9.81
CA GLU C 927 -134.91 -92.20 9.53
C GLU C 927 -134.82 -90.81 8.87
N THR C 928 -135.87 -90.32 8.20
CA THR C 928 -135.86 -88.91 7.78
C THR C 928 -135.83 -88.01 9.02
N LEU C 929 -136.66 -88.34 9.98
CA LEU C 929 -136.73 -87.58 11.21
C LEU C 929 -135.41 -87.67 11.98
N LYS C 930 -134.84 -88.87 12.11
CA LYS C 930 -133.59 -89.02 12.85
C LYS C 930 -132.45 -88.29 12.15
N THR C 931 -132.47 -88.26 10.82
CA THR C 931 -131.40 -87.57 10.09
C THR C 931 -131.56 -86.04 10.26
N LEU C 932 -132.79 -85.53 10.25
CA LEU C 932 -133.00 -84.12 10.62
C LEU C 932 -132.40 -83.80 11.96
N LEU C 933 -132.66 -84.65 12.97
CA LEU C 933 -132.12 -84.41 14.29
C LEU C 933 -130.58 -84.51 14.32
N ALA C 934 -130.01 -85.42 13.52
CA ALA C 934 -128.55 -85.59 13.50
C ALA C 934 -127.92 -84.37 12.86
N LEU C 935 -128.64 -83.74 11.94
CA LEU C 935 -128.18 -82.49 11.32
C LEU C 935 -128.38 -81.30 12.23
N GLY C 936 -128.87 -81.54 13.46
CA GLY C 936 -128.99 -80.48 14.44
C GLY C 936 -130.31 -79.71 14.43
N CYS C 937 -131.27 -80.13 13.60
CA CYS C 937 -132.57 -79.44 13.58
C CYS C 937 -133.30 -79.60 14.91
N HIS C 938 -134.01 -78.53 15.28
CA HIS C 938 -134.95 -78.52 16.40
C HIS C 938 -136.32 -78.79 15.77
N VAL C 939 -136.99 -79.86 16.17
CA VAL C 939 -138.28 -80.24 15.58
C VAL C 939 -139.29 -80.37 16.71
N GLY C 940 -140.33 -79.55 16.67
CA GLY C 940 -141.27 -79.52 17.79
C GLY C 940 -142.61 -78.92 17.39
N MET C 941 -143.67 -79.31 18.09
CA MET C 941 -145.00 -78.78 17.78
C MET C 941 -145.06 -77.29 18.04
N ALA C 942 -145.57 -76.54 17.07
CA ALA C 942 -145.75 -75.09 17.19
C ALA C 942 -147.19 -74.61 17.01
N ASP C 943 -147.96 -75.27 16.14
CA ASP C 943 -149.33 -74.85 15.85
C ASP C 943 -150.23 -76.06 16.02
N GLU C 944 -150.85 -76.18 17.20
CA GLU C 944 -151.68 -77.33 17.48
C GLU C 944 -152.98 -77.35 16.66
N LYS C 945 -153.31 -76.23 16.01
CA LYS C 945 -154.52 -76.16 15.17
C LYS C 945 -154.27 -76.62 13.74
N ALA C 946 -153.01 -76.73 13.34
CA ALA C 946 -152.73 -76.96 11.94
C ALA C 946 -153.28 -78.27 11.42
N GLU C 947 -153.15 -79.34 12.20
CA GLU C 947 -153.55 -80.65 11.73
C GLU C 947 -155.07 -80.68 11.37
N ASP C 948 -155.95 -80.17 12.22
CA ASP C 948 -157.37 -80.29 11.90
C ASP C 948 -157.82 -79.28 10.84
N ASN C 949 -156.90 -78.39 10.44
CA ASN C 949 -157.17 -77.53 9.28
C ASN C 949 -156.61 -78.07 7.97
N LEU C 950 -155.85 -79.16 8.01
CA LEU C 950 -155.36 -79.78 6.77
C LEU C 950 -156.51 -80.35 5.94
N LYS C 951 -156.36 -80.25 4.62
CA LYS C 951 -157.27 -80.86 3.68
C LYS C 951 -156.48 -81.75 2.76
N LYS C 952 -157.16 -82.75 2.21
CA LYS C 952 -156.52 -83.63 1.25
C LYS C 952 -156.86 -83.19 -0.17
N THR C 953 -155.91 -83.45 -1.07
CA THR C 953 -156.16 -83.25 -2.50
C THR C 953 -157.22 -84.20 -3.00
N LYS C 954 -158.23 -83.68 -3.70
CA LYS C 954 -159.33 -84.48 -4.23
C LYS C 954 -159.14 -84.74 -5.71
N LEU C 955 -158.69 -85.95 -6.01
CA LEU C 955 -158.41 -86.33 -7.39
C LEU C 955 -159.65 -86.85 -8.08
N PRO C 956 -159.73 -86.72 -9.44
CA PRO C 956 -160.88 -87.31 -10.12
C PRO C 956 -160.85 -88.84 -10.15
N LYS C 957 -161.98 -89.42 -10.55
CA LYS C 957 -162.17 -90.87 -10.46
C LYS C 957 -161.23 -91.63 -11.36
N THR C 958 -160.61 -90.92 -12.28
CA THR C 958 -159.59 -91.50 -13.17
C THR C 958 -158.31 -91.87 -12.43
N TYR C 959 -158.22 -91.51 -11.14
CA TYR C 959 -157.11 -91.88 -10.30
C TYR C 959 -157.46 -93.05 -9.34
N MET C 960 -158.64 -93.60 -9.54
CA MET C 960 -159.17 -94.71 -8.74
C MET C 960 -158.67 -96.07 -9.23
N MET C 961 -158.16 -96.90 -8.31
CA MET C 961 -157.76 -98.26 -8.66
C MET C 961 -158.94 -99.20 -8.57
N SER C 962 -158.76 -100.41 -9.10
CA SER C 962 -159.86 -101.38 -9.17
C SER C 962 -160.29 -101.90 -7.82
N ASN C 963 -159.44 -101.69 -6.83
CA ASN C 963 -159.73 -102.10 -5.44
C ASN C 963 -160.35 -100.98 -4.63
N GLY C 964 -160.70 -99.88 -5.29
CA GLY C 964 -161.31 -98.73 -4.62
C GLY C 964 -160.37 -97.71 -4.02
N TYR C 965 -159.08 -97.98 -4.06
CA TYR C 965 -158.08 -97.07 -3.53
C TYR C 965 -157.87 -95.90 -4.48
N LYS C 966 -157.97 -94.69 -3.94
CA LYS C 966 -157.60 -93.48 -4.67
C LYS C 966 -156.70 -92.66 -3.75
N PRO C 967 -155.51 -92.29 -4.22
CA PRO C 967 -154.66 -91.53 -3.34
C PRO C 967 -155.23 -90.19 -2.97
N ALA C 968 -154.88 -89.72 -1.77
CA ALA C 968 -155.37 -88.44 -1.28
C ALA C 968 -154.26 -87.78 -0.45
N PRO C 969 -153.20 -87.37 -1.12
CA PRO C 969 -152.14 -86.70 -0.37
C PRO C 969 -152.62 -85.39 0.19
N LEU C 970 -151.94 -84.94 1.25
CA LEU C 970 -152.29 -83.64 1.82
C LEU C 970 -152.10 -82.52 0.81
N ASP C 971 -153.01 -81.55 0.86
CA ASP C 971 -152.81 -80.29 0.13
C ASP C 971 -151.89 -79.41 0.96
N LEU C 972 -150.63 -79.37 0.55
CA LEU C 972 -149.64 -78.56 1.25
C LEU C 972 -149.31 -77.28 0.47
N SER C 973 -150.24 -76.83 -0.37
CA SER C 973 -149.95 -75.67 -1.22
C SER C 973 -149.66 -74.39 -0.42
N HIS C 974 -150.14 -74.30 0.80
CA HIS C 974 -149.92 -73.14 1.65
C HIS C 974 -148.57 -73.14 2.36
N VAL C 975 -147.89 -74.27 2.37
CA VAL C 975 -146.63 -74.41 3.10
C VAL C 975 -145.49 -73.77 2.31
N ARG C 976 -144.68 -72.99 2.99
CA ARG C 976 -143.50 -72.38 2.39
C ARG C 976 -142.27 -72.64 3.27
N LEU C 977 -141.30 -73.40 2.76
CA LEU C 977 -140.03 -73.61 3.49
C LEU C 977 -139.34 -72.26 3.74
N THR C 978 -138.83 -72.08 4.96
CA THR C 978 -137.96 -70.95 5.30
C THR C 978 -136.58 -71.23 4.68
N PRO C 979 -135.72 -70.21 4.65
CA PRO C 979 -134.36 -70.49 4.14
C PRO C 979 -133.63 -71.59 4.93
N ALA C 980 -133.72 -71.59 6.25
CA ALA C 980 -133.08 -72.64 7.05
C ALA C 980 -133.65 -74.01 6.74
N GLN C 981 -134.97 -74.07 6.45
CA GLN C 981 -135.58 -75.35 6.11
C GLN C 981 -135.20 -75.85 4.72
N THR C 982 -135.08 -74.95 3.76
CA THR C 982 -134.59 -75.30 2.45
C THR C 982 -133.18 -75.87 2.57
N THR C 983 -132.37 -75.25 3.42
CA THR C 983 -131.02 -75.72 3.63
C THR C 983 -131.02 -77.09 4.27
N LEU C 984 -131.98 -77.27 5.16
CA LEU C 984 -132.18 -78.55 5.86
C LEU C 984 -132.55 -79.64 4.88
N VAL C 985 -133.36 -79.34 3.86
CA VAL C 985 -133.72 -80.31 2.81
C VAL C 985 -132.51 -80.67 1.94
N ASP C 986 -131.72 -79.64 1.60
CA ASP C 986 -130.51 -79.82 0.78
C ASP C 986 -129.50 -80.70 1.54
N ARG C 987 -129.45 -80.57 2.87
CA ARG C 987 -128.53 -81.35 3.74
C ARG C 987 -129.08 -82.76 4.00
N LEU C 988 -130.39 -82.92 4.13
CA LEU C 988 -131.02 -84.22 4.49
C LEU C 988 -130.86 -85.18 3.33
N ALA C 989 -130.92 -84.69 2.08
CA ALA C 989 -130.88 -85.55 0.90
C ALA C 989 -129.46 -85.98 0.60
N GLU C 990 -128.50 -85.06 0.74
CA GLU C 990 -127.11 -85.42 0.49
C GLU C 990 -126.65 -86.49 1.46
N ASN C 991 -127.01 -86.35 2.75
CA ASN C 991 -126.60 -87.35 3.71
C ASN C 991 -127.27 -88.70 3.43
N GLY C 992 -128.55 -88.67 3.09
CA GLY C 992 -129.25 -89.92 2.80
C GLY C 992 -128.65 -90.65 1.62
N HIS C 993 -128.28 -89.89 0.59
CA HIS C 993 -127.62 -90.50 -0.57
C HIS C 993 -126.26 -91.07 -0.17
N ASN C 994 -125.50 -90.35 0.66
CA ASN C 994 -124.19 -90.85 1.04
C ASN C 994 -124.29 -92.12 1.88
N VAL C 995 -125.27 -92.18 2.79
CA VAL C 995 -125.47 -93.40 3.58
C VAL C 995 -125.83 -94.57 2.68
N TRP C 996 -126.72 -94.35 1.71
CA TRP C 996 -127.04 -95.42 0.76
C TRP C 996 -125.82 -95.82 -0.04
N ALA C 997 -125.00 -94.85 -0.41
CA ALA C 997 -123.81 -95.14 -1.22
C ALA C 997 -122.86 -96.02 -0.43
N ARG C 998 -122.59 -95.65 0.83
CA ARG C 998 -121.65 -96.42 1.63
C ARG C 998 -122.23 -97.78 1.96
N ASP C 999 -123.55 -97.90 2.07
CA ASP C 999 -124.16 -99.21 2.27
C ASP C 999 -123.92 -100.10 1.06
N ARG C 1000 -124.05 -99.53 -0.14
CA ARG C 1000 -123.80 -100.34 -1.33
C ARG C 1000 -122.32 -100.69 -1.44
N VAL C 1001 -121.44 -99.77 -1.05
CA VAL C 1001 -120.02 -100.06 -1.09
C VAL C 1001 -119.70 -101.21 -0.14
N ALA C 1002 -120.30 -101.19 1.05
CA ALA C 1002 -120.13 -102.29 1.99
C ALA C 1002 -120.69 -103.59 1.40
N GLN C 1003 -121.73 -103.49 0.58
CA GLN C 1003 -122.28 -104.64 -0.09
C GLN C 1003 -121.44 -105.09 -1.28
N GLY C 1004 -120.44 -104.29 -1.67
CA GLY C 1004 -119.50 -104.69 -2.69
C GLY C 1004 -119.71 -104.11 -4.08
N TRP C 1005 -120.67 -103.21 -4.24
CA TRP C 1005 -120.90 -102.60 -5.55
C TRP C 1005 -119.83 -101.57 -5.87
N SER C 1006 -119.63 -101.34 -7.16
CA SER C 1006 -118.62 -100.41 -7.64
C SER C 1006 -119.22 -99.56 -8.75
N TYR C 1007 -118.53 -98.48 -9.15
CA TYR C 1007 -119.02 -97.58 -10.20
C TYR C 1007 -118.75 -98.17 -11.59
N SER C 1008 -119.63 -97.92 -12.56
CA SER C 1008 -119.43 -98.33 -13.98
C SER C 1008 -120.18 -97.35 -14.86
N ALA C 1009 -119.94 -97.35 -16.17
CA ALA C 1009 -120.66 -96.50 -17.14
C ALA C 1009 -121.90 -97.27 -17.62
N VAL C 1010 -122.01 -98.55 -17.27
CA VAL C 1010 -123.14 -99.44 -17.70
C VAL C 1010 -123.58 -100.28 -16.51
N GLN C 1011 -124.89 -100.46 -16.30
CA GLN C 1011 -125.41 -101.26 -15.18
C GLN C 1011 -125.20 -102.76 -15.44
N ASP C 1012 -124.79 -103.52 -14.42
CA ASP C 1012 -124.55 -104.96 -14.49
C ASP C 1012 -124.90 -105.54 -13.12
N ILE C 1013 -126.13 -106.04 -13.00
CA ILE C 1013 -126.58 -106.58 -11.72
C ILE C 1013 -125.74 -107.78 -11.29
N PRO C 1014 -125.50 -108.79 -12.13
CA PRO C 1014 -124.64 -109.89 -11.70
C PRO C 1014 -123.24 -109.46 -11.34
N ALA C 1015 -122.71 -108.42 -12.00
CA ALA C 1015 -121.39 -107.90 -11.70
C ALA C 1015 -121.41 -106.88 -10.57
N ARG C 1016 -122.58 -106.59 -10.00
CA ARG C 1016 -122.70 -105.64 -8.89
C ARG C 1016 -122.16 -104.27 -9.27
N ARG C 1017 -122.47 -103.83 -10.47
CA ARG C 1017 -122.07 -102.51 -10.95
C ARG C 1017 -123.31 -101.68 -11.23
N ASN C 1018 -123.34 -100.45 -10.68
CA ASN C 1018 -124.51 -99.59 -10.76
C ASN C 1018 -124.10 -98.24 -11.31
N PRO C 1019 -124.82 -97.62 -12.27
CA PRO C 1019 -124.35 -96.34 -12.87
C PRO C 1019 -124.26 -95.10 -11.96
N ARG C 1020 -124.96 -95.06 -10.82
CA ARG C 1020 -125.00 -93.84 -9.93
C ARG C 1020 -124.41 -94.15 -8.56
N LEU C 1021 -123.39 -95.01 -8.47
CA LEU C 1021 -122.73 -95.39 -7.21
C LEU C 1021 -121.56 -94.45 -6.96
N VAL C 1022 -121.89 -93.18 -6.74
CA VAL C 1022 -120.89 -92.14 -6.47
C VAL C 1022 -121.43 -91.23 -5.38
N PRO C 1023 -120.53 -90.57 -4.65
CA PRO C 1023 -120.98 -89.61 -3.63
C PRO C 1023 -121.86 -88.53 -4.24
N TYR C 1024 -122.64 -87.88 -3.36
CA TYR C 1024 -123.60 -86.84 -3.78
C TYR C 1024 -122.84 -85.63 -4.32
N ARG C 1025 -121.66 -85.28 -3.80
CA ARG C 1025 -121.01 -84.06 -4.34
C ARG C 1025 -120.98 -84.19 -5.87
N LEU C 1026 -120.54 -85.35 -6.37
CA LEU C 1026 -120.45 -85.56 -7.85
C LEU C 1026 -121.60 -86.45 -8.31
N LEU C 1027 -122.79 -85.88 -8.54
CA LEU C 1027 -123.99 -86.62 -9.00
C LEU C 1027 -124.65 -85.83 -10.13
N ASP C 1028 -125.56 -86.43 -10.91
CA ASP C 1028 -126.28 -85.67 -11.92
C ASP C 1028 -127.41 -84.85 -11.28
N GLU C 1029 -127.65 -83.68 -11.89
CA GLU C 1029 -128.64 -82.77 -11.35
C GLU C 1029 -130.04 -83.36 -11.45
N ALA C 1030 -130.30 -84.19 -12.46
CA ALA C 1030 -131.63 -84.75 -12.62
C ALA C 1030 -132.02 -85.62 -11.43
N THR C 1031 -131.11 -86.51 -11.00
CA THR C 1031 -131.43 -87.31 -9.83
C THR C 1031 -131.28 -86.52 -8.54
N LYS C 1032 -130.35 -85.56 -8.47
CA LYS C 1032 -130.27 -84.79 -7.24
C LYS C 1032 -131.57 -84.05 -7.00
N ARG C 1033 -132.13 -83.46 -8.06
CA ARG C 1033 -133.40 -82.78 -7.96
C ARG C 1033 -134.54 -83.75 -7.70
N SER C 1034 -134.50 -84.95 -8.29
CA SER C 1034 -135.60 -85.87 -8.07
C SER C 1034 -135.69 -86.28 -6.60
N ASN C 1035 -134.60 -86.84 -6.07
CA ASN C 1035 -134.57 -87.38 -4.68
C ASN C 1035 -134.77 -86.20 -3.74
N ARG C 1036 -134.32 -85.03 -4.15
CA ARG C 1036 -134.46 -83.82 -3.32
C ARG C 1036 -135.93 -83.51 -3.15
N ASP C 1037 -136.81 -83.84 -4.12
CA ASP C 1037 -138.19 -83.35 -3.99
C ASP C 1037 -138.98 -84.19 -3.00
N SER C 1038 -138.69 -85.49 -2.91
CA SER C 1038 -139.36 -86.33 -1.97
C SER C 1038 -139.05 -85.86 -0.53
N LEU C 1039 -137.85 -85.32 -0.30
CA LEU C 1039 -137.48 -84.79 1.04
C LEU C 1039 -138.01 -83.36 1.26
N CYS C 1040 -138.29 -82.59 0.21
CA CYS C 1040 -138.88 -81.22 0.31
C CYS C 1040 -140.36 -81.35 0.65
N GLN C 1041 -141.11 -82.22 -0.04
CA GLN C 1041 -142.50 -82.56 0.22
C GLN C 1041 -142.67 -83.13 1.62
N ALA C 1042 -141.73 -83.99 2.05
CA ALA C 1042 -141.81 -84.53 3.40
C ALA C 1042 -141.72 -83.41 4.45
N VAL C 1043 -140.82 -82.45 4.25
CA VAL C 1043 -140.66 -81.37 5.20
C VAL C 1043 -141.90 -80.49 5.22
N ARG C 1044 -142.50 -80.25 4.05
CA ARG C 1044 -143.73 -79.47 4.01
C ARG C 1044 -144.85 -80.16 4.76
N THR C 1045 -144.96 -81.49 4.60
CA THR C 1045 -145.96 -82.22 5.39
C THR C 1045 -145.69 -82.09 6.87
N LEU C 1046 -144.43 -82.21 7.28
CA LEU C 1046 -144.09 -82.10 8.70
C LEU C 1046 -144.46 -80.72 9.22
N LEU C 1047 -144.18 -79.67 8.46
CA LEU C 1047 -144.54 -78.32 8.88
C LEU C 1047 -146.06 -78.17 8.97
N GLY C 1048 -146.79 -78.75 8.00
CA GLY C 1048 -148.23 -78.69 8.05
C GLY C 1048 -148.81 -79.36 9.27
N TYR C 1049 -148.19 -80.44 9.73
CA TYR C 1049 -148.68 -81.12 10.93
C TYR C 1049 -148.43 -80.31 12.21
N GLY C 1050 -147.95 -79.08 12.10
CA GLY C 1050 -147.82 -78.19 13.24
C GLY C 1050 -146.44 -78.17 13.87
N TYR C 1051 -145.64 -79.21 13.66
CA TYR C 1051 -144.29 -79.23 14.20
C TYR C 1051 -143.39 -78.36 13.35
N ASN C 1052 -142.61 -77.49 14.00
CA ASN C 1052 -141.74 -76.54 13.31
C ASN C 1052 -140.28 -76.88 13.59
N ILE C 1053 -139.44 -76.68 12.57
CA ILE C 1053 -138.00 -76.92 12.67
C ILE C 1053 -137.28 -75.76 12.00
N GLU C 1054 -136.14 -75.38 12.57
CA GLU C 1054 -135.40 -74.22 12.07
C GLU C 1054 -133.92 -74.56 11.87
N SER C 1067 -101.49 -77.63 -2.55
CA SER C 1067 -100.40 -76.93 -1.90
C SER C 1067 -100.46 -75.44 -2.18
N ARG C 1068 -99.73 -74.66 -1.38
CA ARG C 1068 -99.77 -73.20 -1.53
C ARG C 1068 -99.18 -72.78 -2.88
N TRP C 1069 -98.09 -73.43 -3.31
CA TRP C 1069 -97.38 -72.99 -4.50
C TRP C 1069 -98.14 -73.34 -5.77
N ASP C 1070 -98.82 -74.48 -5.82
CA ASP C 1070 -99.60 -74.84 -6.99
C ASP C 1070 -100.91 -74.07 -7.09
N ARG C 1071 -101.11 -73.04 -6.27
CA ARG C 1071 -102.32 -72.24 -6.28
C ARG C 1071 -102.16 -70.91 -6.98
N VAL C 1072 -101.04 -70.66 -7.67
CA VAL C 1072 -100.84 -69.40 -8.37
C VAL C 1072 -99.69 -69.57 -9.36
N ARG C 1073 -99.75 -68.81 -10.44
CA ARG C 1073 -98.75 -68.87 -11.51
C ARG C 1073 -98.54 -67.45 -12.04
N ILE C 1074 -97.27 -67.07 -12.23
CA ILE C 1074 -96.91 -65.70 -12.59
C ILE C 1074 -96.27 -65.70 -13.96
N PHE C 1075 -96.62 -64.70 -14.78
CA PHE C 1075 -96.01 -64.48 -16.07
C PHE C 1075 -95.47 -63.06 -16.13
N ARG C 1076 -94.30 -62.88 -16.71
CA ARG C 1076 -93.70 -61.56 -16.85
C ARG C 1076 -92.84 -61.52 -18.11
N ALA C 1077 -92.43 -60.31 -18.49
CA ALA C 1077 -91.59 -60.14 -19.65
C ALA C 1077 -90.12 -60.29 -19.28
N GLU C 1078 -89.29 -60.47 -20.31
CA GLU C 1078 -87.86 -60.66 -20.09
C GLU C 1078 -87.21 -59.35 -19.62
N LYS C 1079 -86.16 -59.49 -18.82
CA LYS C 1079 -85.51 -58.32 -18.23
C LYS C 1079 -84.96 -57.35 -19.28
N SER C 1080 -84.51 -57.85 -20.42
CA SER C 1080 -83.91 -56.97 -21.41
C SER C 1080 -84.88 -55.92 -21.92
N TYR C 1081 -86.18 -56.13 -21.76
CA TYR C 1081 -87.18 -55.17 -22.18
C TYR C 1081 -87.52 -54.16 -21.09
N THR C 1082 -86.64 -53.97 -20.11
CA THR C 1082 -86.93 -53.04 -19.04
C THR C 1082 -87.06 -51.62 -19.57
N VAL C 1083 -87.91 -50.83 -18.93
CA VAL C 1083 -88.25 -49.49 -19.38
C VAL C 1083 -87.96 -48.51 -18.26
N GLN C 1084 -87.39 -47.35 -18.62
CA GLN C 1084 -87.00 -46.34 -17.64
C GLN C 1084 -87.43 -44.94 -18.01
N SER C 1085 -88.23 -44.75 -19.04
CA SER C 1085 -88.70 -43.42 -19.42
C SER C 1085 -89.79 -43.57 -20.47
N GLY C 1086 -90.50 -42.48 -20.71
CA GLY C 1086 -91.56 -42.47 -21.70
C GLY C 1086 -92.91 -42.78 -21.09
N ARG C 1087 -93.84 -43.18 -21.97
CA ARG C 1087 -95.20 -43.51 -21.57
C ARG C 1087 -95.66 -44.69 -22.41
N TRP C 1088 -96.14 -45.74 -21.73
CA TRP C 1088 -96.41 -47.03 -22.36
C TRP C 1088 -97.77 -47.55 -21.97
N TYR C 1089 -98.30 -48.47 -22.78
CA TYR C 1089 -99.67 -48.95 -22.66
C TYR C 1089 -99.75 -50.40 -23.12
N PHE C 1090 -100.55 -51.20 -22.42
CA PHE C 1090 -100.84 -52.56 -22.84
C PHE C 1090 -102.17 -52.99 -22.24
N GLU C 1091 -102.72 -54.08 -22.78
CA GLU C 1091 -104.07 -54.52 -22.46
C GLU C 1091 -104.05 -55.94 -21.89
N PHE C 1092 -105.09 -56.26 -21.12
CA PHE C 1092 -105.27 -57.57 -20.52
C PHE C 1092 -106.75 -57.91 -20.49
N GLU C 1093 -107.13 -58.98 -21.19
CA GLU C 1093 -108.52 -59.40 -21.28
C GLU C 1093 -108.76 -60.59 -20.36
N ALA C 1094 -109.85 -60.55 -19.61
CA ALA C 1094 -110.20 -61.60 -18.68
C ALA C 1094 -111.26 -62.51 -19.29
N VAL C 1095 -110.91 -63.78 -19.51
CA VAL C 1095 -111.87 -64.74 -20.02
C VAL C 1095 -112.69 -65.38 -18.90
N THR C 1096 -112.23 -65.26 -17.66
CA THR C 1096 -112.95 -65.77 -16.51
C THR C 1096 -112.99 -64.70 -15.43
N THR C 1097 -113.96 -64.79 -14.54
CA THR C 1097 -114.18 -63.78 -13.51
C THR C 1097 -113.59 -64.16 -12.17
N GLY C 1098 -112.53 -64.96 -12.14
CA GLY C 1098 -111.96 -65.44 -10.90
C GLY C 1098 -110.86 -64.52 -10.37
N GLU C 1099 -109.89 -65.14 -9.71
CA GLU C 1099 -108.80 -64.42 -9.06
C GLU C 1099 -107.67 -64.20 -10.07
N MET C 1100 -107.38 -62.94 -10.37
CA MET C 1100 -106.34 -62.57 -11.31
C MET C 1100 -105.78 -61.22 -10.92
N ARG C 1101 -104.58 -60.91 -11.43
CA ARG C 1101 -103.94 -59.63 -11.15
C ARG C 1101 -103.09 -59.22 -12.35
N VAL C 1102 -102.81 -57.92 -12.43
CA VAL C 1102 -102.05 -57.37 -13.54
C VAL C 1102 -101.53 -56.00 -13.12
N GLY C 1103 -100.36 -55.63 -13.67
CA GLY C 1103 -99.75 -54.36 -13.33
C GLY C 1103 -98.32 -54.22 -13.82
N TRP C 1104 -97.47 -53.59 -13.03
CA TRP C 1104 -96.07 -53.39 -13.37
C TRP C 1104 -95.20 -53.88 -12.21
N ALA C 1105 -94.02 -54.40 -12.55
CA ALA C 1105 -93.15 -55.01 -11.54
C ALA C 1105 -91.70 -54.65 -11.85
N ARG C 1106 -90.86 -54.79 -10.83
CA ARG C 1106 -89.45 -54.49 -10.95
C ARG C 1106 -88.66 -55.73 -11.37
N PRO C 1107 -87.46 -55.55 -11.94
CA PRO C 1107 -86.73 -56.71 -12.49
C PRO C 1107 -86.43 -57.81 -11.47
N GLU C 1108 -86.23 -57.46 -10.20
CA GLU C 1108 -85.78 -58.42 -9.19
C GLU C 1108 -86.94 -59.07 -8.45
N LEU C 1109 -88.10 -59.18 -9.10
CA LEU C 1109 -89.27 -59.77 -8.45
C LEU C 1109 -89.00 -61.21 -8.06
N ARG C 1110 -89.49 -61.61 -6.88
CA ARG C 1110 -89.38 -62.99 -6.44
C ARG C 1110 -90.49 -63.84 -7.06
N PRO C 1111 -90.26 -65.14 -7.26
CA PRO C 1111 -91.29 -65.97 -7.89
C PRO C 1111 -92.26 -66.61 -6.92
N ASP C 1112 -91.95 -66.64 -5.63
CA ASP C 1112 -92.78 -67.35 -4.65
C ASP C 1112 -93.54 -66.43 -3.72
N VAL C 1113 -93.70 -65.16 -4.07
CA VAL C 1113 -94.41 -64.19 -3.24
C VAL C 1113 -95.58 -63.65 -4.07
N GLU C 1114 -96.77 -63.71 -3.49
CA GLU C 1114 -97.95 -63.20 -4.18
C GLU C 1114 -97.76 -61.74 -4.55
N LEU C 1115 -98.19 -61.38 -5.77
CA LEU C 1115 -97.94 -60.05 -6.29
C LEU C 1115 -98.55 -59.00 -5.38
N GLY C 1116 -97.81 -57.92 -5.16
CA GLY C 1116 -98.30 -56.78 -4.41
C GLY C 1116 -98.12 -56.86 -2.92
N ALA C 1117 -97.66 -57.99 -2.39
CA ALA C 1117 -97.44 -58.10 -0.95
C ALA C 1117 -96.10 -57.52 -0.51
N ASP C 1118 -95.28 -57.07 -1.46
CA ASP C 1118 -94.00 -56.44 -1.15
C ASP C 1118 -93.88 -55.16 -1.96
N GLU C 1119 -92.69 -54.57 -1.95
CA GLU C 1119 -92.47 -53.30 -2.61
C GLU C 1119 -92.08 -53.44 -4.07
N LEU C 1120 -92.18 -54.62 -4.66
CA LEU C 1120 -91.66 -54.88 -5.99
C LEU C 1120 -92.74 -54.97 -7.05
N ALA C 1121 -93.96 -54.54 -6.78
CA ALA C 1121 -95.01 -54.62 -7.79
C ALA C 1121 -96.12 -53.62 -7.46
N TYR C 1122 -96.84 -53.23 -8.52
CA TYR C 1122 -98.03 -52.39 -8.42
C TYR C 1122 -99.09 -53.01 -9.31
N VAL C 1123 -100.06 -53.69 -8.70
CA VAL C 1123 -101.03 -54.47 -9.46
C VAL C 1123 -102.44 -54.10 -9.01
N PHE C 1124 -103.41 -54.48 -9.84
CA PHE C 1124 -104.83 -54.25 -9.58
C PHE C 1124 -105.56 -55.58 -9.63
N ASN C 1125 -106.28 -55.90 -8.57
CA ASN C 1125 -107.02 -57.15 -8.47
C ASN C 1125 -108.45 -56.90 -8.90
N GLY C 1126 -108.90 -57.64 -9.92
CA GLY C 1126 -110.22 -57.44 -10.48
C GLY C 1126 -111.31 -58.31 -9.91
N HIS C 1127 -110.96 -59.36 -9.16
CA HIS C 1127 -111.99 -60.19 -8.54
C HIS C 1127 -112.88 -59.36 -7.64
N ARG C 1128 -112.29 -58.58 -6.74
CA ARG C 1128 -112.98 -57.57 -5.97
C ARG C 1128 -112.13 -56.32 -6.01
N GLY C 1129 -112.75 -55.19 -6.36
CA GLY C 1129 -111.99 -53.99 -6.62
C GLY C 1129 -110.98 -53.67 -5.54
N GLN C 1130 -109.70 -53.80 -5.87
CA GLN C 1130 -108.63 -53.54 -4.92
C GLN C 1130 -107.37 -53.15 -5.68
N ARG C 1131 -106.48 -52.45 -5.00
CA ARG C 1131 -105.15 -52.15 -5.51
C ARG C 1131 -104.12 -52.58 -4.47
N TRP C 1132 -103.05 -53.22 -4.95
CA TRP C 1132 -102.10 -53.89 -4.07
C TRP C 1132 -100.73 -53.27 -4.21
N HIS C 1133 -100.19 -52.77 -3.10
CA HIS C 1133 -98.78 -52.43 -2.98
C HIS C 1133 -98.41 -52.36 -1.51
N LEU C 1134 -97.60 -53.30 -1.04
CA LEU C 1134 -97.31 -53.42 0.39
C LEU C 1134 -98.60 -53.56 1.21
N GLY C 1135 -99.62 -54.15 0.60
CA GLY C 1135 -100.92 -54.27 1.24
C GLY C 1135 -102.04 -54.17 0.24
N SER C 1136 -103.24 -53.79 0.69
CA SER C 1136 -104.40 -53.69 -0.19
C SER C 1136 -105.25 -52.48 0.23
N GLU C 1137 -106.02 -51.97 -0.73
CA GLU C 1137 -106.92 -50.86 -0.51
C GLU C 1137 -108.05 -50.94 -1.52
N PRO C 1138 -109.27 -50.55 -1.14
CA PRO C 1138 -110.37 -50.57 -2.11
C PRO C 1138 -110.09 -49.65 -3.29
N PHE C 1139 -110.55 -50.07 -4.47
CA PHE C 1139 -110.30 -49.31 -5.69
C PHE C 1139 -111.13 -49.92 -6.82
N GLY C 1140 -111.66 -49.06 -7.68
CA GLY C 1140 -112.35 -49.54 -8.86
C GLY C 1140 -113.58 -50.37 -8.52
N ARG C 1141 -113.96 -51.23 -9.46
CA ARG C 1141 -115.12 -52.09 -9.32
C ARG C 1141 -114.78 -53.45 -9.90
N PRO C 1142 -115.46 -54.51 -9.47
CA PRO C 1142 -115.18 -55.84 -10.02
C PRO C 1142 -115.54 -55.94 -11.49
N TRP C 1143 -114.79 -56.79 -12.19
CA TRP C 1143 -114.95 -56.93 -13.66
C TRP C 1143 -115.97 -58.02 -13.99
N GLN C 1144 -116.19 -58.28 -15.28
CA GLN C 1144 -117.06 -59.33 -15.79
C GLN C 1144 -116.35 -60.04 -16.93
N SER C 1145 -116.80 -61.26 -17.22
CA SER C 1145 -116.18 -62.04 -18.27
C SER C 1145 -116.22 -61.28 -19.59
N GLY C 1146 -115.09 -61.24 -20.29
CA GLY C 1146 -114.96 -60.52 -21.53
C GLY C 1146 -114.47 -59.10 -21.39
N ASP C 1147 -114.35 -58.59 -20.17
CA ASP C 1147 -113.84 -57.24 -19.97
C ASP C 1147 -112.34 -57.19 -20.23
N VAL C 1148 -111.86 -56.01 -20.64
CA VAL C 1148 -110.46 -55.78 -20.93
C VAL C 1148 -109.98 -54.61 -20.10
N VAL C 1149 -108.80 -54.76 -19.52
CA VAL C 1149 -108.19 -53.76 -18.64
C VAL C 1149 -106.99 -53.15 -19.34
N GLY C 1150 -106.87 -51.83 -19.27
CA GLY C 1150 -105.74 -51.13 -19.85
C GLY C 1150 -104.85 -50.56 -18.76
N CYS C 1151 -103.55 -50.84 -18.88
CA CYS C 1151 -102.55 -50.39 -17.91
C CYS C 1151 -101.65 -49.35 -18.57
N MET C 1152 -101.42 -48.25 -17.86
CA MET C 1152 -100.60 -47.15 -18.36
C MET C 1152 -99.63 -46.71 -17.30
N ILE C 1153 -98.41 -46.39 -17.71
CA ILE C 1153 -97.38 -45.87 -16.82
C ILE C 1153 -96.77 -44.63 -17.47
N ASP C 1154 -96.57 -43.59 -16.68
CA ASP C 1154 -96.00 -42.34 -17.15
C ASP C 1154 -94.81 -42.00 -16.25
N LEU C 1155 -93.60 -42.09 -16.80
CA LEU C 1155 -92.40 -41.83 -16.03
C LEU C 1155 -92.04 -40.35 -15.95
N THR C 1156 -92.74 -39.49 -16.69
CA THR C 1156 -92.53 -38.06 -16.56
C THR C 1156 -93.19 -37.49 -15.30
N GLU C 1157 -94.35 -38.02 -14.92
CA GLU C 1157 -95.01 -37.61 -13.68
C GLU C 1157 -94.97 -38.69 -12.60
N ASN C 1158 -94.49 -39.89 -12.91
CA ASN C 1158 -94.40 -40.97 -11.94
C ASN C 1158 -95.78 -41.35 -11.42
N THR C 1159 -96.66 -41.78 -12.34
CA THR C 1159 -98.02 -42.16 -12.00
C THR C 1159 -98.43 -43.38 -12.80
N ILE C 1160 -99.42 -44.10 -12.28
CA ILE C 1160 -99.96 -45.30 -12.90
C ILE C 1160 -101.47 -45.18 -12.95
N ILE C 1161 -102.06 -45.50 -14.10
CA ILE C 1161 -103.49 -45.33 -14.33
C ILE C 1161 -104.06 -46.64 -14.86
N PHE C 1162 -105.24 -47.01 -14.38
CA PHE C 1162 -105.95 -48.19 -14.83
C PHE C 1162 -107.27 -47.77 -15.47
N THR C 1163 -107.68 -48.49 -16.51
CA THR C 1163 -108.94 -48.24 -17.19
C THR C 1163 -109.65 -49.57 -17.40
N LEU C 1164 -110.97 -49.52 -17.52
CA LEU C 1164 -111.80 -50.70 -17.72
C LEU C 1164 -112.79 -50.42 -18.84
N ASN C 1165 -112.64 -51.14 -19.95
CA ASN C 1165 -113.51 -50.96 -21.11
C ASN C 1165 -113.49 -49.52 -21.58
N GLY C 1166 -112.31 -48.91 -21.56
CA GLY C 1166 -112.13 -47.54 -22.02
C GLY C 1166 -112.50 -46.47 -21.02
N GLU C 1167 -112.95 -46.85 -19.83
CA GLU C 1167 -113.37 -45.89 -18.82
C GLU C 1167 -112.36 -45.89 -17.67
N VAL C 1168 -111.80 -44.71 -17.39
CA VAL C 1168 -110.79 -44.60 -16.35
C VAL C 1168 -111.42 -44.93 -15.00
N LEU C 1169 -110.79 -45.85 -14.27
CA LEU C 1169 -111.28 -46.25 -12.96
C LEU C 1169 -111.00 -45.15 -11.95
N MET C 1170 -111.94 -44.93 -11.04
CA MET C 1170 -111.87 -43.82 -10.10
C MET C 1170 -111.69 -44.34 -8.69
N SER C 1171 -110.80 -43.71 -7.94
CA SER C 1171 -110.60 -44.07 -6.55
C SER C 1171 -111.77 -43.61 -5.70
N ASP C 1172 -111.93 -44.25 -4.54
CA ASP C 1172 -113.01 -43.86 -3.62
C ASP C 1172 -112.84 -42.44 -3.13
N SER C 1173 -111.60 -42.03 -2.82
CA SER C 1173 -111.32 -40.71 -2.29
C SER C 1173 -111.21 -39.63 -3.36
N GLY C 1174 -111.74 -39.88 -4.56
CA GLY C 1174 -111.71 -38.88 -5.61
C GLY C 1174 -110.39 -38.76 -6.33
N SER C 1175 -109.49 -39.72 -6.21
CA SER C 1175 -108.21 -39.67 -6.90
C SER C 1175 -108.30 -40.42 -8.22
N GLU C 1176 -107.72 -39.82 -9.27
CA GLU C 1176 -107.77 -40.40 -10.60
C GLU C 1176 -106.57 -41.25 -10.95
N THR C 1177 -105.60 -41.38 -10.04
CA THR C 1177 -104.40 -42.17 -10.29
C THR C 1177 -104.27 -43.23 -9.21
N ALA C 1178 -103.99 -44.47 -9.62
CA ALA C 1178 -103.86 -45.55 -8.65
C ALA C 1178 -102.67 -45.33 -7.72
N PHE C 1179 -101.52 -44.94 -8.29
CA PHE C 1179 -100.31 -44.73 -7.52
C PHE C 1179 -99.63 -43.46 -7.99
N ARG C 1180 -98.83 -42.87 -7.11
CA ARG C 1180 -98.13 -41.63 -7.40
C ARG C 1180 -96.81 -41.60 -6.66
N GLU C 1181 -95.96 -40.66 -7.07
CA GLU C 1181 -94.70 -40.38 -6.38
C GLU C 1181 -93.76 -41.58 -6.40
N ILE C 1182 -93.86 -42.44 -7.40
CA ILE C 1182 -92.94 -43.56 -7.51
C ILE C 1182 -91.62 -43.08 -8.08
N GLU C 1183 -90.57 -43.89 -7.88
CA GLU C 1183 -89.24 -43.54 -8.35
C GLU C 1183 -88.81 -44.49 -9.45
N ILE C 1184 -88.03 -43.97 -10.40
CA ILE C 1184 -87.65 -44.75 -11.56
C ILE C 1184 -86.87 -46.00 -11.13
N GLY C 1185 -85.91 -45.82 -10.23
CA GLY C 1185 -85.15 -46.97 -9.77
C GLY C 1185 -84.45 -47.65 -10.92
N ASP C 1186 -84.70 -48.95 -11.07
CA ASP C 1186 -84.08 -49.74 -12.12
C ASP C 1186 -84.96 -49.90 -13.35
N GLY C 1187 -86.28 -49.74 -13.22
CA GLY C 1187 -87.19 -49.87 -14.33
C GLY C 1187 -88.43 -50.65 -13.95
N PHE C 1188 -89.22 -50.98 -14.97
CA PHE C 1188 -90.48 -51.69 -14.78
C PHE C 1188 -90.71 -52.64 -15.94
N LEU C 1189 -91.51 -53.68 -15.67
CA LEU C 1189 -91.91 -54.66 -16.66
C LEU C 1189 -93.39 -55.00 -16.48
N PRO C 1190 -94.10 -55.30 -17.56
CA PRO C 1190 -95.47 -55.80 -17.40
C PRO C 1190 -95.49 -57.16 -16.73
N VAL C 1191 -96.55 -57.43 -15.98
CA VAL C 1191 -96.65 -58.65 -15.19
C VAL C 1191 -98.12 -59.00 -15.01
N CYS C 1192 -98.39 -60.28 -14.81
CA CYS C 1192 -99.74 -60.75 -14.52
C CYS C 1192 -99.64 -62.10 -13.82
N SER C 1193 -100.71 -62.46 -13.11
CA SER C 1193 -100.78 -63.73 -12.40
C SER C 1193 -102.17 -64.31 -12.56
N LEU C 1194 -102.25 -65.64 -12.50
CA LEU C 1194 -103.50 -66.36 -12.70
C LEU C 1194 -103.66 -67.40 -11.61
N GLY C 1195 -104.87 -67.48 -11.05
CA GLY C 1195 -105.18 -68.48 -10.07
C GLY C 1195 -105.72 -69.75 -10.69
N PRO C 1196 -106.01 -70.73 -9.83
CA PRO C 1196 -106.48 -72.02 -10.36
C PRO C 1196 -107.77 -71.87 -11.15
N GLY C 1197 -107.80 -72.53 -12.31
CA GLY C 1197 -108.98 -72.53 -13.15
C GLY C 1197 -109.23 -71.27 -13.94
N GLN C 1198 -108.29 -70.33 -13.95
CA GLN C 1198 -108.48 -69.07 -14.63
C GLN C 1198 -107.83 -69.08 -16.00
N VAL C 1199 -108.26 -68.15 -16.85
CA VAL C 1199 -107.71 -67.99 -18.19
C VAL C 1199 -107.66 -66.50 -18.51
N GLY C 1200 -106.65 -66.08 -19.25
CA GLY C 1200 -106.50 -64.69 -19.62
C GLY C 1200 -105.82 -64.55 -20.96
N HIS C 1201 -105.92 -63.35 -21.52
CA HIS C 1201 -105.29 -63.01 -22.79
C HIS C 1201 -104.50 -61.73 -22.60
N LEU C 1202 -103.23 -61.74 -22.98
CA LEU C 1202 -102.34 -60.61 -22.80
C LEU C 1202 -101.91 -60.10 -24.17
N ASN C 1203 -101.90 -58.78 -24.33
CA ASN C 1203 -101.59 -58.15 -25.61
C ASN C 1203 -100.68 -56.95 -25.36
N LEU C 1204 -99.39 -57.11 -25.69
CA LEU C 1204 -98.44 -56.03 -25.53
C LEU C 1204 -98.53 -54.99 -26.64
N GLY C 1205 -99.31 -55.26 -27.69
CA GLY C 1205 -99.57 -54.25 -28.70
C GLY C 1205 -98.60 -54.24 -29.86
N GLN C 1206 -98.08 -55.40 -30.25
CA GLN C 1206 -97.22 -55.44 -31.43
C GLN C 1206 -97.99 -55.01 -32.67
N ASP C 1207 -99.24 -55.44 -32.80
CA ASP C 1207 -100.14 -55.03 -33.87
C ASP C 1207 -101.09 -53.99 -33.30
N VAL C 1208 -100.99 -52.76 -33.81
CA VAL C 1208 -101.78 -51.67 -33.24
C VAL C 1208 -103.26 -51.90 -33.45
N SER C 1209 -103.65 -52.46 -34.60
CA SER C 1209 -105.06 -52.71 -34.87
C SER C 1209 -105.68 -53.70 -33.89
N SER C 1210 -104.89 -54.60 -33.32
CA SER C 1210 -105.42 -55.57 -32.37
C SER C 1210 -106.01 -54.92 -31.13
N LEU C 1211 -105.44 -53.81 -30.67
CA LEU C 1211 -105.94 -53.14 -29.47
C LEU C 1211 -107.38 -52.71 -29.71
N ARG C 1212 -108.21 -52.81 -28.66
CA ARG C 1212 -109.64 -52.55 -28.79
C ARG C 1212 -110.09 -51.26 -28.13
N PHE C 1213 -109.28 -50.70 -27.22
CA PHE C 1213 -109.63 -49.45 -26.56
C PHE C 1213 -108.48 -48.46 -26.51
N PHE C 1214 -107.45 -48.64 -27.33
CA PHE C 1214 -106.33 -47.71 -27.34
C PHE C 1214 -106.77 -46.34 -27.84
N ALA C 1215 -107.63 -46.30 -28.86
CA ALA C 1215 -108.08 -45.02 -29.40
C ALA C 1215 -108.90 -44.24 -28.39
N ILE C 1216 -109.75 -44.91 -27.62
CA ILE C 1216 -110.63 -44.22 -26.69
C ILE C 1216 -109.83 -43.44 -25.66
N CYS C 1217 -108.83 -44.07 -25.06
CA CYS C 1217 -108.04 -43.43 -24.02
C CYS C 1217 -106.59 -43.85 -24.16
N GLY C 1218 -105.71 -42.88 -24.36
CA GLY C 1218 -104.29 -43.15 -24.43
C GLY C 1218 -103.64 -42.67 -25.71
N LEU C 1219 -104.35 -42.80 -26.83
CA LEU C 1219 -103.78 -42.38 -28.11
C LEU C 1219 -103.57 -40.87 -28.16
N GLN C 1220 -104.55 -40.11 -27.69
CA GLN C 1220 -104.44 -38.66 -27.71
C GLN C 1220 -103.67 -38.10 -26.53
N GLU C 1221 -103.39 -38.93 -25.53
CA GLU C 1221 -102.62 -38.48 -24.37
C GLU C 1221 -101.12 -38.68 -24.55
N GLY C 1222 -100.68 -39.30 -25.65
CA GLY C 1222 -99.27 -39.47 -25.89
C GLY C 1222 -98.71 -40.81 -25.49
N PHE C 1223 -99.55 -41.74 -25.07
CA PHE C 1223 -99.09 -43.07 -24.70
C PHE C 1223 -98.87 -43.91 -25.96
N GLU C 1224 -97.94 -44.86 -25.86
CA GLU C 1224 -97.59 -45.72 -26.98
C GLU C 1224 -97.67 -47.18 -26.57
N PRO C 1225 -97.96 -48.08 -27.50
CA PRO C 1225 -97.97 -49.51 -27.15
C PRO C 1225 -96.59 -49.97 -26.72
N PHE C 1226 -96.57 -50.92 -25.79
CA PHE C 1226 -95.31 -51.38 -25.22
C PHE C 1226 -94.41 -52.01 -26.28
N ALA C 1227 -94.99 -52.84 -27.15
CA ALA C 1227 -94.23 -53.63 -28.10
C ALA C 1227 -94.24 -53.03 -29.50
N ILE C 1228 -94.33 -51.71 -29.61
CA ILE C 1228 -94.35 -51.09 -30.94
C ILE C 1228 -92.95 -51.15 -31.54
N ASN C 1229 -92.90 -51.36 -32.86
CA ASN C 1229 -91.64 -51.38 -33.60
C ASN C 1229 -90.74 -52.52 -33.16
N MET C 1230 -91.29 -53.73 -33.13
CA MET C 1230 -90.54 -54.93 -32.80
C MET C 1230 -90.70 -55.95 -33.93
N GLN C 1231 -89.57 -56.52 -34.37
CA GLN C 1231 -89.62 -57.50 -35.44
C GLN C 1231 -90.25 -58.82 -34.99
N ARG C 1232 -90.04 -59.19 -33.74
CA ARG C 1232 -90.44 -60.50 -33.24
C ARG C 1232 -91.28 -60.35 -31.98
N PRO C 1233 -92.10 -61.34 -31.65
CA PRO C 1233 -92.90 -61.27 -30.42
C PRO C 1233 -92.01 -61.20 -29.19
N VAL C 1234 -92.52 -60.54 -28.15
CA VAL C 1234 -91.77 -60.37 -26.92
C VAL C 1234 -91.66 -61.72 -26.20
N THR C 1235 -90.51 -61.95 -25.57
CA THR C 1235 -90.29 -63.17 -24.82
C THR C 1235 -90.80 -63.02 -23.40
N THR C 1236 -91.32 -64.12 -22.84
CA THR C 1236 -91.90 -64.12 -21.51
C THR C 1236 -91.30 -65.24 -20.67
N TRP C 1237 -91.27 -65.01 -19.37
CA TRP C 1237 -90.85 -66.02 -18.40
C TRP C 1237 -92.00 -66.29 -17.44
N PHE C 1238 -92.01 -67.48 -16.85
CA PHE C 1238 -93.06 -67.88 -15.93
C PHE C 1238 -92.43 -68.63 -14.76
N SER C 1239 -93.19 -68.74 -13.68
CA SER C 1239 -92.72 -69.40 -12.47
C SER C 1239 -93.09 -70.88 -12.52
N LYS C 1240 -92.09 -71.74 -12.47
CA LYS C 1240 -92.28 -73.18 -12.54
C LYS C 1240 -92.16 -73.78 -11.15
N SER C 1241 -93.16 -74.55 -10.75
CA SER C 1241 -93.19 -75.16 -9.41
C SER C 1241 -92.62 -76.58 -9.46
N LEU C 1242 -91.32 -76.66 -9.68
CA LEU C 1242 -90.57 -77.90 -9.60
C LEU C 1242 -89.40 -77.72 -8.64
N PRO C 1243 -89.43 -78.29 -7.44
CA PRO C 1243 -88.37 -77.98 -6.47
C PRO C 1243 -86.99 -78.34 -6.99
N GLN C 1244 -86.00 -77.52 -6.61
CA GLN C 1244 -84.62 -77.70 -7.03
C GLN C 1244 -83.70 -77.34 -5.88
N PHE C 1245 -82.46 -77.79 -5.96
CA PHE C 1245 -81.47 -77.50 -4.94
C PHE C 1245 -80.63 -76.30 -5.33
N GLU C 1246 -80.43 -75.38 -4.40
CA GLU C 1246 -79.62 -74.19 -4.61
C GLU C 1246 -78.80 -73.93 -3.37
N PRO C 1247 -77.69 -73.18 -3.50
CA PRO C 1247 -76.88 -72.88 -2.31
C PRO C 1247 -77.64 -72.02 -1.32
N VAL C 1248 -77.32 -72.19 -0.05
CA VAL C 1248 -77.96 -71.38 1.00
C VAL C 1248 -77.38 -69.98 0.97
N PRO C 1249 -78.19 -68.93 0.85
CA PRO C 1249 -77.64 -67.57 0.72
C PRO C 1249 -76.81 -67.19 1.93
N PRO C 1250 -75.73 -66.44 1.76
CA PRO C 1250 -74.95 -66.00 2.92
C PRO C 1250 -75.73 -65.11 3.88
N GLU C 1251 -76.81 -64.48 3.42
CA GLU C 1251 -77.57 -63.55 4.23
C GLU C 1251 -78.99 -64.03 4.52
N HIS C 1252 -79.17 -65.34 4.66
CA HIS C 1252 -80.50 -65.85 4.99
C HIS C 1252 -80.92 -65.33 6.36
N PRO C 1253 -82.16 -64.91 6.55
CA PRO C 1253 -82.55 -64.34 7.85
C PRO C 1253 -82.78 -65.37 8.94
N HIS C 1254 -82.73 -66.66 8.61
CA HIS C 1254 -83.05 -67.70 9.58
C HIS C 1254 -82.00 -68.80 9.71
N TYR C 1255 -81.20 -69.05 8.68
CA TYR C 1255 -80.26 -70.15 8.68
C TYR C 1255 -78.84 -69.65 8.48
N GLU C 1256 -77.90 -70.33 9.12
CA GLU C 1256 -76.49 -69.99 9.03
C GLU C 1256 -75.68 -71.28 8.95
N VAL C 1257 -74.66 -71.28 8.10
CA VAL C 1257 -73.77 -72.42 7.94
C VAL C 1257 -72.34 -71.93 8.12
N ALA C 1258 -71.58 -72.64 8.93
CA ALA C 1258 -70.21 -72.25 9.29
C ALA C 1258 -69.24 -73.37 8.94
N ARG C 1259 -68.11 -73.00 8.36
CA ARG C 1259 -67.08 -73.96 7.98
C ARG C 1259 -66.03 -74.02 9.09
N MET C 1260 -65.83 -75.21 9.66
CA MET C 1260 -64.86 -75.43 10.71
C MET C 1260 -63.70 -76.22 10.15
N ASP C 1261 -62.48 -75.77 10.44
CA ASP C 1261 -61.28 -76.45 9.96
C ASP C 1261 -60.89 -77.58 10.91
N GLY C 1262 -60.22 -78.58 10.35
CA GLY C 1262 -59.86 -79.74 11.13
C GLY C 1262 -58.75 -79.45 12.12
N THR C 1263 -58.65 -80.31 13.13
CA THR C 1263 -57.62 -80.22 14.17
C THR C 1263 -56.93 -81.57 14.31
N VAL C 1264 -56.09 -81.68 15.33
CA VAL C 1264 -55.41 -82.94 15.60
C VAL C 1264 -56.39 -84.01 16.02
N ASP C 1265 -57.48 -83.62 16.70
CA ASP C 1265 -58.43 -84.56 17.25
C ASP C 1265 -59.76 -84.62 16.50
N THR C 1266 -60.06 -83.63 15.65
CA THR C 1266 -61.34 -83.58 14.96
C THR C 1266 -61.13 -83.34 13.47
N PRO C 1267 -62.05 -83.80 12.63
CA PRO C 1267 -61.93 -83.55 11.20
C PRO C 1267 -62.66 -82.29 10.79
N PRO C 1268 -62.56 -81.90 9.52
CA PRO C 1268 -63.33 -80.73 9.05
C PRO C 1268 -64.82 -80.99 9.12
N CYS C 1269 -65.59 -79.92 9.28
CA CYS C 1269 -67.02 -80.05 9.49
C CYS C 1269 -67.75 -78.87 8.85
N LEU C 1270 -69.06 -79.05 8.66
CA LEU C 1270 -69.97 -77.98 8.26
C LEU C 1270 -71.19 -78.07 9.17
N ARG C 1271 -71.38 -77.06 10.02
CA ARG C 1271 -72.45 -77.08 11.00
C ARG C 1271 -73.50 -76.03 10.67
N LEU C 1272 -74.75 -76.34 10.99
CA LEU C 1272 -75.89 -75.48 10.74
C LEU C 1272 -76.40 -74.92 12.05
N ALA C 1273 -76.84 -73.66 12.03
CA ALA C 1273 -77.38 -73.00 13.21
C ALA C 1273 -78.65 -72.25 12.84
N HIS C 1274 -79.57 -72.19 13.79
CA HIS C 1274 -80.81 -71.43 13.66
C HIS C 1274 -80.61 -70.12 14.40
N ARG C 1275 -80.71 -69.01 13.68
CA ARG C 1275 -80.33 -67.71 14.22
C ARG C 1275 -81.51 -66.88 14.73
N THR C 1276 -82.71 -67.48 14.85
CA THR C 1276 -83.84 -66.79 15.45
C THR C 1276 -84.63 -67.71 16.38
N TRP C 1277 -84.01 -68.77 16.88
CA TRP C 1277 -84.73 -69.71 17.73
C TRP C 1277 -85.17 -69.02 19.01
N GLY C 1278 -86.45 -69.22 19.36
CA GLY C 1278 -87.00 -68.69 20.58
C GLY C 1278 -87.58 -67.29 20.49
N SER C 1279 -87.37 -66.59 19.37
CA SER C 1279 -87.92 -65.25 19.24
C SER C 1279 -89.39 -65.32 18.83
N GLN C 1280 -90.04 -64.16 18.87
CA GLN C 1280 -91.47 -64.10 18.58
C GLN C 1280 -91.80 -64.40 17.13
N ASN C 1281 -90.82 -64.28 16.22
CA ASN C 1281 -91.06 -64.45 14.80
C ASN C 1281 -90.11 -65.48 14.20
N SER C 1282 -89.81 -66.54 14.95
CA SER C 1282 -88.97 -67.61 14.41
C SER C 1282 -89.75 -68.41 13.37
N LEU C 1283 -89.01 -69.07 12.48
CA LEU C 1283 -89.58 -69.89 11.42
C LEU C 1283 -89.17 -71.34 11.63
N VAL C 1284 -90.14 -72.24 11.68
CA VAL C 1284 -89.90 -73.66 11.91
C VAL C 1284 -90.64 -74.44 10.84
N GLU C 1285 -89.93 -75.30 10.12
CA GLU C 1285 -90.52 -76.10 9.06
C GLU C 1285 -89.47 -77.11 8.59
N MET C 1286 -89.92 -78.10 7.83
CA MET C 1286 -89.04 -79.14 7.36
C MET C 1286 -87.93 -78.56 6.50
N LEU C 1287 -86.75 -79.16 6.58
CA LEU C 1287 -85.55 -78.67 5.91
C LEU C 1287 -84.88 -79.83 5.20
N PHE C 1288 -84.54 -79.66 3.93
CA PHE C 1288 -83.89 -80.68 3.12
C PHE C 1288 -82.53 -80.16 2.68
N LEU C 1289 -81.48 -80.94 2.94
CA LEU C 1289 -80.11 -80.51 2.68
C LEU C 1289 -79.35 -81.60 1.95
N ARG C 1290 -78.37 -81.19 1.15
CA ARG C 1290 -77.46 -82.10 0.50
C ARG C 1290 -76.16 -81.36 0.19
N LEU C 1291 -75.09 -82.13 0.01
CA LEU C 1291 -73.83 -81.56 -0.43
C LEU C 1291 -73.83 -81.43 -1.94
N SER C 1292 -72.88 -80.65 -2.46
CA SER C 1292 -72.96 -80.22 -3.84
C SER C 1292 -72.20 -81.10 -4.82
N LEU C 1293 -71.58 -82.20 -4.35
CA LEU C 1293 -70.84 -83.05 -5.27
C LEU C 1293 -71.23 -84.51 -5.06
N PRO C 1294 -71.38 -85.29 -6.13
CA PRO C 1294 -71.78 -86.69 -6.00
C PRO C 1294 -70.59 -87.65 -5.97
N VAL C 1295 -70.92 -88.91 -5.69
CA VAL C 1295 -69.99 -90.03 -5.82
C VAL C 1295 -70.58 -91.01 -6.82
N GLN C 1296 -69.72 -91.55 -7.69
CA GLN C 1296 -70.16 -92.37 -8.80
C GLN C 1296 -69.64 -93.80 -8.64
N PHE C 1297 -70.53 -94.77 -8.84
CA PHE C 1297 -70.15 -96.17 -8.75
C PHE C 1297 -69.47 -96.63 -10.03
N HIS C 1298 -68.71 -97.71 -9.91
CA HIS C 1298 -67.92 -98.20 -11.04
C HIS C 1298 -68.82 -98.75 -12.13
N GLN C 1299 -68.28 -98.80 -13.36
CA GLN C 1299 -69.10 -99.18 -14.50
C GLN C 1299 -69.47 -100.65 -14.50
N HIS C 1300 -68.75 -101.48 -13.76
CA HIS C 1300 -69.09 -102.90 -13.66
C HIS C 1300 -68.55 -103.45 -12.35
N PHE C 1301 -69.33 -104.35 -11.74
CA PHE C 1301 -68.96 -104.93 -10.46
C PHE C 1301 -68.19 -106.22 -10.65
N ARG C 1302 -67.50 -106.63 -9.59
CA ARG C 1302 -66.71 -107.86 -9.64
C ARG C 1302 -67.60 -109.08 -9.57
N CYS C 1303 -67.10 -110.20 -10.08
CA CYS C 1303 -67.82 -111.46 -10.04
C CYS C 1303 -69.16 -111.35 -10.75
N ASN C 1420 -54.47 -98.81 15.70
CA ASN C 1420 -54.79 -97.45 15.28
C ASN C 1420 -54.18 -97.15 13.91
N ARG C 1421 -52.99 -97.70 13.67
CA ARG C 1421 -52.31 -97.49 12.41
C ARG C 1421 -53.05 -98.19 11.27
N ASP C 1422 -52.79 -97.75 10.05
CA ASP C 1422 -53.41 -98.29 8.86
C ASP C 1422 -52.37 -98.98 7.99
N ASP C 1423 -52.71 -100.17 7.52
CA ASP C 1423 -51.80 -100.91 6.65
C ASP C 1423 -51.77 -100.23 5.28
N PRO C 1424 -50.60 -99.77 4.80
CA PRO C 1424 -50.60 -99.01 3.54
C PRO C 1424 -51.21 -99.75 2.36
N GLU C 1425 -50.94 -101.05 2.21
CA GLU C 1425 -51.48 -101.77 1.06
C GLU C 1425 -53.00 -101.85 1.13
N ILE C 1426 -53.54 -102.15 2.32
CA ILE C 1426 -54.98 -102.29 2.46
C ILE C 1426 -55.68 -100.99 2.08
N ILE C 1427 -55.21 -99.87 2.64
CA ILE C 1427 -55.86 -98.60 2.37
C ILE C 1427 -55.66 -98.18 0.91
N LEU C 1428 -54.49 -98.48 0.34
CA LEU C 1428 -54.25 -98.07 -1.04
C LEU C 1428 -55.06 -98.90 -2.02
N ASN C 1429 -55.45 -100.11 -1.65
CA ASN C 1429 -56.22 -100.97 -2.54
C ASN C 1429 -57.70 -101.03 -2.18
N THR C 1430 -58.16 -100.24 -1.22
CA THR C 1430 -59.55 -100.30 -0.81
C THR C 1430 -60.43 -99.45 -1.73
N THR C 1431 -61.73 -99.74 -1.69
CA THR C 1431 -62.72 -98.97 -2.44
C THR C 1431 -63.94 -98.64 -1.57
N THR C 1432 -63.72 -98.40 -0.29
CA THR C 1432 -64.80 -98.09 0.66
C THR C 1432 -64.56 -96.70 1.23
N TYR C 1433 -65.62 -95.89 1.26
CA TYR C 1433 -65.53 -94.51 1.71
C TYR C 1433 -66.57 -94.27 2.79
N TYR C 1434 -66.31 -93.26 3.63
CA TYR C 1434 -67.05 -93.09 4.88
C TYR C 1434 -67.33 -91.62 5.14
N TYR C 1435 -68.44 -91.36 5.82
CA TYR C 1435 -68.77 -90.02 6.31
C TYR C 1435 -69.86 -90.17 7.37
N SER C 1436 -69.93 -89.19 8.26
CA SER C 1436 -70.80 -89.29 9.43
C SER C 1436 -71.45 -87.95 9.72
N VAL C 1437 -72.50 -87.99 10.53
CA VAL C 1437 -73.28 -86.83 10.91
C VAL C 1437 -73.45 -86.82 12.43
N ARG C 1438 -73.29 -85.66 13.04
CA ARG C 1438 -73.47 -85.50 14.48
C ARG C 1438 -74.66 -84.59 14.74
N VAL C 1439 -75.55 -85.03 15.63
CA VAL C 1439 -76.74 -84.27 16.00
C VAL C 1439 -76.58 -83.86 17.46
N PHE C 1440 -76.57 -82.55 17.71
CA PHE C 1440 -76.26 -82.02 19.02
C PHE C 1440 -77.41 -82.27 19.99
N ALA C 1441 -77.07 -82.28 21.28
CA ALA C 1441 -78.08 -82.45 22.32
C ALA C 1441 -79.07 -81.31 22.28
N GLY C 1442 -80.34 -81.64 22.50
CA GLY C 1442 -81.43 -80.70 22.36
C GLY C 1442 -82.20 -80.83 21.07
N GLN C 1443 -81.63 -81.52 20.07
CA GLN C 1443 -82.33 -81.82 18.84
C GLN C 1443 -82.87 -83.25 18.93
N GLU C 1444 -84.17 -83.40 18.73
CA GLU C 1444 -84.80 -84.70 18.90
C GLU C 1444 -84.34 -85.65 17.81
N PRO C 1445 -83.72 -86.80 18.14
CA PRO C 1445 -83.36 -87.75 17.08
C PRO C 1445 -84.55 -88.28 16.32
N SER C 1446 -85.76 -88.17 16.86
CA SER C 1446 -86.95 -88.62 16.16
C SER C 1446 -87.31 -87.73 14.97
N CYS C 1447 -86.65 -86.59 14.82
CA CYS C 1447 -86.92 -85.65 13.74
C CYS C 1447 -85.73 -85.48 12.81
N VAL C 1448 -84.97 -86.54 12.56
CA VAL C 1448 -83.78 -86.47 11.72
C VAL C 1448 -83.71 -87.73 10.86
N TRP C 1449 -83.40 -87.54 9.58
CA TRP C 1449 -83.18 -88.63 8.64
C TRP C 1449 -81.83 -88.42 7.96
N VAL C 1450 -81.05 -89.48 7.84
CA VAL C 1450 -79.69 -89.41 7.32
C VAL C 1450 -79.52 -90.48 6.23
N GLY C 1451 -78.80 -90.11 5.17
CA GLY C 1451 -78.53 -91.06 4.10
C GLY C 1451 -78.05 -90.42 2.81
N TRP C 1452 -78.61 -90.87 1.68
CA TRP C 1452 -78.20 -90.41 0.37
C TRP C 1452 -79.42 -90.07 -0.46
N VAL C 1453 -79.19 -89.59 -1.67
CA VAL C 1453 -80.27 -89.20 -2.58
C VAL C 1453 -79.71 -89.10 -3.99
N THR C 1454 -80.55 -89.44 -4.97
CA THR C 1454 -80.17 -89.41 -6.37
C THR C 1454 -80.48 -88.06 -6.99
N PRO C 1455 -79.89 -87.76 -8.14
CA PRO C 1455 -80.07 -86.42 -8.72
C PRO C 1455 -81.48 -86.12 -9.18
N ASP C 1456 -82.44 -87.03 -9.01
CA ASP C 1456 -83.81 -86.83 -9.45
C ASP C 1456 -84.79 -86.82 -8.28
N TYR C 1457 -84.46 -86.12 -7.20
CA TYR C 1457 -85.34 -85.98 -6.04
C TYR C 1457 -85.97 -84.59 -6.04
N HIS C 1458 -87.30 -84.54 -6.03
CA HIS C 1458 -88.01 -83.26 -6.09
C HIS C 1458 -89.25 -83.23 -5.19
N GLN C 1459 -89.25 -83.92 -4.06
CA GLN C 1459 -90.49 -84.08 -3.30
C GLN C 1459 -90.86 -82.80 -2.56
N HIS C 1460 -90.04 -82.37 -1.62
CA HIS C 1460 -90.36 -81.21 -0.78
C HIS C 1460 -91.72 -81.38 -0.11
N ASP C 1461 -91.80 -82.39 0.75
CA ASP C 1461 -93.02 -82.69 1.50
C ASP C 1461 -92.90 -82.08 2.89
N MET C 1462 -94.03 -81.58 3.40
CA MET C 1462 -94.03 -80.93 4.71
C MET C 1462 -94.38 -81.88 5.85
N ASN C 1463 -94.61 -83.16 5.57
CA ASN C 1463 -94.90 -84.17 6.58
C ASN C 1463 -94.10 -85.43 6.29
N PHE C 1464 -92.81 -85.25 6.02
CA PHE C 1464 -92.01 -86.34 5.50
C PHE C 1464 -91.96 -87.52 6.47
N ASP C 1465 -92.24 -88.71 5.94
CA ASP C 1465 -92.02 -89.96 6.65
C ASP C 1465 -91.42 -90.95 5.66
N LEU C 1466 -90.72 -91.95 6.19
CA LEU C 1466 -90.10 -92.94 5.32
C LEU C 1466 -91.12 -93.68 4.47
N SER C 1467 -92.40 -93.66 4.87
CA SER C 1467 -93.42 -94.34 4.09
C SER C 1467 -93.79 -93.57 2.83
N LYS C 1468 -93.39 -92.29 2.73
CA LYS C 1468 -93.71 -91.48 1.58
C LYS C 1468 -92.63 -91.51 0.50
N VAL C 1469 -91.58 -92.30 0.68
CA VAL C 1469 -90.52 -92.36 -0.31
C VAL C 1469 -90.99 -93.17 -1.51
N ARG C 1470 -90.73 -92.65 -2.71
CA ARG C 1470 -91.11 -93.35 -3.92
C ARG C 1470 -90.29 -94.62 -4.08
N ALA C 1471 -90.93 -95.68 -4.54
CA ALA C 1471 -90.26 -96.96 -4.75
C ALA C 1471 -91.02 -97.76 -5.77
N VAL C 1472 -90.32 -98.73 -6.37
CA VAL C 1472 -90.92 -99.62 -7.36
C VAL C 1472 -89.99 -100.81 -7.55
N THR C 1473 -90.59 -101.95 -7.92
CA THR C 1473 -89.86 -103.17 -8.17
C THR C 1473 -90.15 -103.64 -9.59
N VAL C 1474 -89.11 -104.08 -10.30
CA VAL C 1474 -89.23 -104.58 -11.67
C VAL C 1474 -88.68 -105.99 -11.71
N THR C 1475 -89.47 -106.92 -12.24
CA THR C 1475 -89.13 -108.34 -12.26
C THR C 1475 -89.11 -108.84 -13.68
N MET C 1476 -88.19 -109.77 -13.97
CA MET C 1476 -88.07 -110.38 -15.29
C MET C 1476 -88.09 -111.89 -15.14
N GLY C 1477 -88.62 -112.56 -16.16
CA GLY C 1477 -88.72 -114.00 -16.14
C GLY C 1477 -88.55 -114.63 -17.52
N ASP C 1478 -89.06 -115.84 -17.68
CA ASP C 1478 -88.97 -116.58 -18.94
C ASP C 1478 -90.38 -116.91 -19.42
N GLU C 1479 -90.45 -117.64 -20.54
CA GLU C 1479 -91.74 -118.03 -21.07
C GLU C 1479 -92.52 -118.89 -20.09
N GLN C 1480 -91.84 -119.83 -19.43
CA GLN C 1480 -92.49 -120.65 -18.41
C GLN C 1480 -92.90 -119.85 -17.20
N GLY C 1481 -92.33 -118.66 -17.00
CA GLY C 1481 -92.64 -117.81 -15.87
C GLY C 1481 -91.67 -117.89 -14.72
N ASN C 1482 -90.52 -118.55 -14.89
CA ASN C 1482 -89.55 -118.66 -13.82
C ASN C 1482 -88.81 -117.34 -13.66
N VAL C 1483 -88.96 -116.71 -12.50
CA VAL C 1483 -88.29 -115.44 -12.24
C VAL C 1483 -86.80 -115.68 -12.05
N HIS C 1484 -85.97 -114.81 -12.63
CA HIS C 1484 -84.53 -114.92 -12.49
C HIS C 1484 -83.84 -113.59 -12.24
N SER C 1485 -84.58 -112.51 -11.99
CA SER C 1485 -83.97 -111.24 -11.63
C SER C 1485 -85.04 -110.30 -11.10
N SER C 1486 -84.77 -109.71 -9.93
CA SER C 1486 -85.67 -108.74 -9.31
C SER C 1486 -84.84 -107.58 -8.81
N LEU C 1487 -85.25 -106.37 -9.14
CA LEU C 1487 -84.51 -105.16 -8.81
C LEU C 1487 -85.42 -104.17 -8.09
N LYS C 1488 -84.87 -103.50 -7.08
CA LYS C 1488 -85.57 -102.47 -6.35
C LYS C 1488 -85.01 -101.11 -6.72
N CYS C 1489 -85.88 -100.17 -7.06
CA CYS C 1489 -85.48 -98.86 -7.52
C CYS C 1489 -86.10 -97.79 -6.64
N SER C 1490 -85.35 -96.71 -6.43
CA SER C 1490 -85.83 -95.60 -5.61
C SER C 1490 -84.96 -94.38 -5.90
N ASN C 1491 -85.24 -93.30 -5.19
CA ASN C 1491 -84.45 -92.09 -5.29
C ASN C 1491 -84.01 -91.54 -3.94
N CYS C 1492 -84.15 -92.30 -2.87
CA CYS C 1492 -83.88 -91.82 -1.52
C CYS C 1492 -83.56 -93.00 -0.63
N TYR C 1493 -82.31 -93.06 -0.15
CA TYR C 1493 -81.82 -94.16 0.67
C TYR C 1493 -81.40 -93.57 2.02
N MET C 1494 -82.28 -93.69 3.03
CA MET C 1494 -82.04 -93.06 4.31
C MET C 1494 -82.44 -93.99 5.44
N VAL C 1495 -82.03 -93.61 6.65
CA VAL C 1495 -82.37 -94.33 7.87
C VAL C 1495 -82.90 -93.31 8.88
N TRP C 1496 -83.92 -93.71 9.62
CA TRP C 1496 -84.57 -92.82 10.58
C TRP C 1496 -83.76 -92.70 11.85
N GLY C 1497 -83.67 -91.49 12.38
CA GLY C 1497 -82.91 -91.27 13.60
C GLY C 1497 -83.58 -91.86 14.82
N GLY C 1498 -84.89 -92.08 14.76
CA GLY C 1498 -85.61 -92.63 15.89
C GLY C 1498 -85.32 -94.09 16.14
N ASP C 1499 -84.72 -94.79 15.17
CA ASP C 1499 -84.42 -96.21 15.34
C ASP C 1499 -83.29 -96.44 16.32
N PHE C 1500 -82.48 -95.43 16.61
CA PHE C 1500 -81.34 -95.55 17.50
C PHE C 1500 -81.55 -94.83 18.82
N VAL C 1501 -82.78 -94.46 19.14
CA VAL C 1501 -83.07 -93.73 20.36
C VAL C 1501 -82.58 -94.51 21.57
N HIS C 1511 -79.28 -84.27 27.72
CA HIS C 1511 -79.03 -85.55 27.06
C HIS C 1511 -77.58 -85.61 26.57
N THR C 1512 -77.35 -86.32 25.47
CA THR C 1512 -76.01 -86.45 24.90
C THR C 1512 -76.10 -86.53 23.39
N ASP C 1513 -74.98 -86.26 22.73
CA ASP C 1513 -74.95 -86.23 21.28
C ASP C 1513 -75.06 -87.64 20.70
N LEU C 1514 -75.53 -87.70 19.45
CA LEU C 1514 -75.68 -88.94 18.72
C LEU C 1514 -74.96 -88.81 17.38
N VAL C 1515 -74.27 -89.87 16.99
CA VAL C 1515 -73.45 -89.87 15.77
C VAL C 1515 -73.86 -91.05 14.91
N ILE C 1516 -74.04 -90.80 13.62
CA ILE C 1516 -74.45 -91.82 12.66
C ILE C 1516 -73.44 -91.85 11.53
N GLY C 1517 -73.03 -93.05 11.14
CA GLY C 1517 -72.02 -93.23 10.10
C GLY C 1517 -72.60 -93.95 8.91
N CYS C 1518 -72.08 -93.63 7.72
CA CYS C 1518 -72.53 -94.21 6.47
C CYS C 1518 -71.33 -94.75 5.69
N LEU C 1519 -71.51 -95.91 5.09
CA LEU C 1519 -70.46 -96.55 4.30
C LEU C 1519 -70.99 -96.90 2.91
N VAL C 1520 -70.08 -96.92 1.94
CA VAL C 1520 -70.41 -97.32 0.57
C VAL C 1520 -69.19 -98.02 -0.02
N ASP C 1521 -69.45 -99.01 -0.85
CA ASP C 1521 -68.41 -99.72 -1.59
C ASP C 1521 -68.69 -99.54 -3.08
N LEU C 1522 -67.88 -98.73 -3.75
CA LEU C 1522 -68.14 -98.38 -5.14
C LEU C 1522 -67.92 -99.54 -6.10
N ALA C 1523 -67.28 -100.62 -5.66
CA ALA C 1523 -67.01 -101.76 -6.53
C ALA C 1523 -68.05 -102.86 -6.40
N THR C 1524 -68.98 -102.77 -5.45
CA THR C 1524 -70.01 -103.78 -5.27
C THR C 1524 -71.40 -103.21 -5.08
N GLY C 1525 -71.56 -101.90 -4.96
CA GLY C 1525 -72.87 -101.32 -4.81
C GLY C 1525 -73.60 -101.70 -3.54
N LEU C 1526 -72.92 -101.67 -2.39
CA LEU C 1526 -73.53 -102.02 -1.12
C LEU C 1526 -73.41 -100.85 -0.15
N MET C 1527 -74.45 -100.65 0.65
CA MET C 1527 -74.51 -99.54 1.61
C MET C 1527 -74.87 -100.08 2.99
N THR C 1528 -74.26 -99.50 4.01
CA THR C 1528 -74.49 -99.91 5.39
C THR C 1528 -74.38 -98.70 6.30
N PHE C 1529 -74.94 -98.83 7.51
CA PHE C 1529 -75.00 -97.74 8.46
C PHE C 1529 -74.59 -98.23 9.84
N THR C 1530 -74.09 -97.30 10.65
CA THR C 1530 -73.70 -97.59 12.04
C THR C 1530 -74.12 -96.42 12.92
N ALA C 1531 -74.50 -96.74 14.15
CA ALA C 1531 -74.90 -95.73 15.13
C ALA C 1531 -74.06 -95.91 16.39
N ASN C 1532 -73.33 -94.86 16.77
CA ASN C 1532 -72.47 -94.89 17.95
C ASN C 1532 -71.52 -96.08 17.90
N GLY C 1533 -71.03 -96.39 16.70
CA GLY C 1533 -70.09 -97.46 16.53
C GLY C 1533 -70.69 -98.86 16.48
N LYS C 1534 -72.01 -98.97 16.52
CA LYS C 1534 -72.68 -100.26 16.47
C LYS C 1534 -73.42 -100.41 15.16
N GLU C 1535 -73.17 -101.53 14.46
CA GLU C 1535 -73.77 -101.74 13.16
C GLU C 1535 -75.30 -101.78 13.27
N SER C 1536 -75.95 -101.73 12.10
CA SER C 1536 -77.39 -101.81 11.99
C SER C 1536 -77.76 -102.86 10.95
N ASN C 1537 -79.01 -103.31 11.02
CA ASN C 1537 -79.47 -104.35 10.11
C ASN C 1537 -79.91 -103.79 8.76
N THR C 1538 -80.04 -102.47 8.64
CA THR C 1538 -80.47 -101.88 7.38
C THR C 1538 -79.34 -101.90 6.36
N PHE C 1539 -79.68 -102.15 5.10
CA PHE C 1539 -78.70 -102.07 4.02
C PHE C 1539 -79.44 -101.95 2.70
N PHE C 1540 -78.72 -101.47 1.68
CA PHE C 1540 -79.30 -101.25 0.37
C PHE C 1540 -78.34 -101.77 -0.70
N GLN C 1541 -78.81 -101.78 -1.94
CA GLN C 1541 -77.99 -102.16 -3.09
C GLN C 1541 -78.42 -101.37 -4.30
N VAL C 1542 -77.45 -101.00 -5.15
CA VAL C 1542 -77.69 -100.15 -6.30
C VAL C 1542 -77.04 -100.76 -7.54
N GLU C 1543 -77.16 -100.06 -8.64
CA GLU C 1543 -76.68 -100.54 -9.93
C GLU C 1543 -75.37 -99.86 -10.32
N PRO C 1544 -74.68 -100.40 -11.32
CA PRO C 1544 -73.28 -99.97 -11.56
C PRO C 1544 -73.06 -98.47 -11.77
N ASN C 1545 -73.93 -97.79 -12.48
CA ASN C 1545 -73.63 -96.44 -12.96
C ASN C 1545 -74.42 -95.35 -12.26
N THR C 1546 -74.65 -95.47 -10.96
CA THR C 1546 -75.50 -94.49 -10.29
C THR C 1546 -74.66 -93.38 -9.65
N LYS C 1547 -75.32 -92.25 -9.39
CA LYS C 1547 -74.76 -91.13 -8.68
C LYS C 1547 -75.52 -90.94 -7.37
N LEU C 1548 -74.82 -90.52 -6.33
CA LEU C 1548 -75.43 -90.29 -5.03
C LEU C 1548 -74.88 -89.02 -4.40
N PHE C 1549 -75.76 -88.30 -3.70
CA PHE C 1549 -75.39 -87.10 -2.96
C PHE C 1549 -75.62 -87.34 -1.48
N PRO C 1550 -74.69 -86.98 -0.59
CA PRO C 1550 -75.02 -87.00 0.83
C PRO C 1550 -76.16 -86.04 1.13
N ALA C 1551 -77.03 -86.44 2.06
CA ALA C 1551 -78.22 -85.65 2.35
C ALA C 1551 -78.64 -85.83 3.79
N VAL C 1552 -79.41 -84.87 4.29
CA VAL C 1552 -79.93 -84.89 5.66
C VAL C 1552 -81.22 -84.08 5.67
N PHE C 1553 -82.28 -84.66 6.22
CA PHE C 1553 -83.55 -83.96 6.43
C PHE C 1553 -83.77 -83.81 7.93
N VAL C 1554 -84.20 -82.63 8.35
CA VAL C 1554 -84.32 -82.33 9.77
C VAL C 1554 -85.42 -81.32 9.99
N LEU C 1555 -86.07 -81.40 11.15
CA LEU C 1555 -87.01 -80.40 11.61
C LEU C 1555 -86.43 -79.75 12.86
N PRO C 1556 -85.87 -78.54 12.77
CA PRO C 1556 -85.08 -78.02 13.89
C PRO C 1556 -85.91 -77.82 15.15
N THR C 1557 -85.26 -78.05 16.31
CA THR C 1557 -85.86 -77.80 17.60
C THR C 1557 -84.87 -77.18 18.58
N HIS C 1558 -83.77 -76.60 18.10
CA HIS C 1558 -82.73 -76.06 18.97
C HIS C 1558 -81.88 -75.10 18.16
N GLN C 1559 -81.09 -74.29 18.87
CA GLN C 1559 -80.19 -73.36 18.20
C GLN C 1559 -79.13 -74.10 17.39
N ASN C 1560 -78.56 -75.16 17.96
CA ASN C 1560 -77.58 -76.00 17.29
C ASN C 1560 -78.29 -77.25 16.79
N VAL C 1561 -78.13 -77.56 15.50
CA VAL C 1561 -78.98 -78.58 14.90
C VAL C 1561 -78.18 -79.79 14.44
N ILE C 1562 -77.32 -79.61 13.44
CA ILE C 1562 -76.66 -80.70 12.73
C ILE C 1562 -75.25 -80.28 12.36
N GLN C 1563 -74.39 -81.26 12.13
CA GLN C 1563 -73.00 -81.03 11.76
C GLN C 1563 -72.51 -82.16 10.87
N PHE C 1564 -72.23 -81.85 9.61
CA PHE C 1564 -71.55 -82.80 8.73
C PHE C 1564 -70.12 -82.98 9.20
N GLU C 1565 -69.62 -84.21 9.10
CA GLU C 1565 -68.23 -84.52 9.45
C GLU C 1565 -67.62 -85.31 8.29
N LEU C 1566 -66.39 -84.97 7.93
CA LEU C 1566 -65.70 -85.58 6.79
C LEU C 1566 -64.46 -86.34 7.24
N GLY C 1567 -64.54 -87.07 8.34
CA GLY C 1567 -63.39 -87.83 8.82
C GLY C 1567 -63.22 -89.14 8.08
N LYS C 1568 -62.61 -90.12 8.74
CA LYS C 1568 -62.40 -91.44 8.16
C LYS C 1568 -62.38 -92.47 9.27
N GLN C 1569 -62.09 -93.72 8.91
CA GLN C 1569 -62.02 -94.82 9.85
C GLN C 1569 -60.80 -95.67 9.51
N LYS C 1570 -60.57 -96.71 10.32
CA LYS C 1570 -59.45 -97.59 10.10
C LYS C 1570 -59.56 -98.28 8.75
N ASN C 1571 -58.55 -98.11 7.91
CA ASN C 1571 -58.49 -98.71 6.59
C ASN C 1571 -59.66 -98.30 5.71
N ILE C 1572 -60.19 -97.10 5.88
CA ILE C 1572 -61.30 -96.59 5.09
C ILE C 1572 -60.98 -95.17 4.67
N MET C 1573 -61.15 -94.88 3.38
CA MET C 1573 -60.79 -93.57 2.85
C MET C 1573 -61.90 -92.55 3.14
N PRO C 1574 -61.56 -91.27 3.19
CA PRO C 1574 -62.59 -90.23 3.28
C PRO C 1574 -63.19 -89.93 1.91
N LEU C 1575 -64.40 -89.37 1.93
CA LEU C 1575 -65.13 -89.20 0.68
C LEU C 1575 -64.54 -88.13 -0.20
N SER C 1576 -63.65 -87.28 0.32
CA SER C 1576 -62.96 -86.33 -0.54
C SER C 1576 -62.02 -87.03 -1.50
N ALA C 1577 -61.64 -88.27 -1.21
CA ALA C 1577 -60.85 -89.06 -2.15
C ALA C 1577 -61.70 -89.62 -3.28
N ALA C 1578 -63.02 -89.73 -3.08
CA ALA C 1578 -63.89 -90.20 -4.16
C ALA C 1578 -64.47 -89.05 -4.94
N MET C 1579 -64.60 -87.88 -4.31
CA MET C 1579 -65.23 -86.75 -4.98
C MET C 1579 -64.28 -86.13 -6.01
N PHE C 1580 -62.99 -86.06 -5.69
CA PHE C 1580 -62.02 -85.33 -6.50
C PHE C 1580 -61.01 -86.29 -7.10
N LEU C 1581 -60.77 -86.14 -8.40
CA LEU C 1581 -59.87 -87.06 -9.10
C LEU C 1581 -58.44 -86.94 -8.60
N SER C 1582 -58.01 -85.71 -8.29
CA SER C 1582 -56.62 -85.50 -7.89
C SER C 1582 -56.29 -86.24 -6.60
N GLU C 1583 -57.21 -86.23 -5.64
CA GLU C 1583 -56.98 -86.82 -4.33
C GLU C 1583 -57.38 -88.29 -4.27
N ARG C 1584 -57.36 -88.99 -5.40
CA ARG C 1584 -57.86 -90.37 -5.43
C ARG C 1584 -57.02 -91.29 -4.53
N LYS C 1585 -55.81 -90.87 -4.18
CA LYS C 1585 -54.91 -91.71 -3.38
C LYS C 1585 -54.39 -90.99 -2.15
N ASN C 1586 -55.08 -89.95 -1.69
CA ASN C 1586 -54.64 -89.18 -0.53
C ASN C 1586 -55.57 -89.42 0.64
N PRO C 1587 -55.14 -90.09 1.72
CA PRO C 1587 -56.04 -90.37 2.83
C PRO C 1587 -56.19 -89.23 3.83
N ALA C 1588 -55.78 -88.02 3.49
CA ALA C 1588 -55.93 -86.89 4.40
C ALA C 1588 -57.27 -86.21 4.17
N PRO C 1589 -58.13 -86.09 5.19
CA PRO C 1589 -59.42 -85.44 4.97
C PRO C 1589 -59.25 -84.00 4.48
N GLN C 1590 -60.18 -83.56 3.64
CA GLN C 1590 -60.15 -82.22 3.08
C GLN C 1590 -61.58 -81.71 2.90
N CYS C 1591 -61.68 -80.44 2.54
CA CYS C 1591 -62.97 -79.78 2.30
C CYS C 1591 -62.76 -78.54 1.45
N PRO C 1592 -62.50 -78.72 0.16
CA PRO C 1592 -62.18 -77.57 -0.69
C PRO C 1592 -63.37 -76.63 -0.82
N PRO C 1593 -63.16 -75.42 -1.34
CA PRO C 1593 -64.26 -74.45 -1.42
C PRO C 1593 -65.44 -74.89 -2.26
N ARG C 1594 -65.23 -75.78 -3.23
CA ARG C 1594 -66.33 -76.15 -4.12
C ARG C 1594 -67.39 -76.95 -3.39
N LEU C 1595 -67.09 -77.47 -2.20
CA LEU C 1595 -68.02 -78.32 -1.48
C LEU C 1595 -68.80 -77.48 -0.47
N GLU C 1596 -70.13 -77.48 -0.60
CA GLU C 1596 -70.98 -76.67 0.24
C GLU C 1596 -72.36 -77.29 0.32
N VAL C 1597 -73.16 -76.84 1.29
CA VAL C 1597 -74.49 -77.38 1.48
C VAL C 1597 -75.49 -76.61 0.63
N GLN C 1598 -76.55 -77.30 0.24
CA GLN C 1598 -77.61 -76.72 -0.58
C GLN C 1598 -78.97 -77.08 0.03
N MET C 1599 -79.93 -76.19 -0.15
CA MET C 1599 -81.29 -76.40 0.34
C MET C 1599 -82.25 -76.48 -0.84
N LEU C 1600 -83.45 -76.96 -0.55
CA LEU C 1600 -84.45 -77.20 -1.59
C LEU C 1600 -85.44 -76.04 -1.63
N MET C 1601 -85.54 -75.38 -2.79
CA MET C 1601 -86.48 -74.28 -2.97
C MET C 1601 -87.67 -74.74 -3.81
N PRO C 1602 -88.88 -74.24 -3.55
CA PRO C 1602 -90.07 -74.81 -4.20
C PRO C 1602 -90.43 -74.21 -5.54
N VAL C 1603 -89.92 -73.04 -5.93
CA VAL C 1603 -90.33 -72.38 -7.16
C VAL C 1603 -89.13 -71.69 -7.79
N SER C 1604 -89.13 -71.58 -9.12
CA SER C 1604 -88.06 -70.93 -9.86
C SER C 1604 -88.60 -70.36 -11.16
N TRP C 1605 -87.85 -69.43 -11.73
CA TRP C 1605 -88.22 -68.84 -13.02
C TRP C 1605 -87.79 -69.75 -14.16
N SER C 1606 -88.49 -69.62 -15.29
CA SER C 1606 -88.18 -70.42 -16.47
C SER C 1606 -88.65 -69.67 -17.71
N ARG C 1607 -88.15 -70.09 -18.87
CA ARG C 1607 -88.39 -69.40 -20.12
C ARG C 1607 -89.40 -70.16 -20.97
N MET C 1608 -90.35 -69.45 -21.54
CA MET C 1608 -91.35 -70.06 -22.41
C MET C 1608 -90.79 -70.23 -23.81
N PRO C 1609 -90.92 -71.40 -24.42
CA PRO C 1609 -90.48 -71.55 -25.82
C PRO C 1609 -91.22 -70.60 -26.74
N ASN C 1610 -90.65 -70.42 -27.94
CA ASN C 1610 -91.27 -69.54 -28.92
C ASN C 1610 -92.26 -70.28 -29.80
N HIS C 1611 -92.10 -71.59 -29.97
CA HIS C 1611 -93.00 -72.38 -30.81
C HIS C 1611 -93.33 -73.67 -30.08
N PHE C 1612 -94.51 -74.21 -30.41
CA PHE C 1612 -95.02 -75.41 -29.76
C PHE C 1612 -95.47 -76.40 -30.83
N LEU C 1613 -95.52 -77.68 -30.44
CA LEU C 1613 -95.95 -78.72 -31.36
C LEU C 1613 -97.44 -78.57 -31.67
N GLN C 1614 -97.82 -78.92 -32.88
CA GLN C 1614 -99.23 -78.95 -33.27
C GLN C 1614 -99.72 -80.40 -33.27
N VAL C 1615 -100.79 -80.65 -32.51
CA VAL C 1615 -101.37 -81.98 -32.36
C VAL C 1615 -102.84 -81.93 -32.74
N GLU C 1616 -103.27 -82.91 -33.53
CA GLU C 1616 -104.65 -83.02 -33.98
C GLU C 1616 -105.30 -84.21 -33.29
N THR C 1617 -106.50 -84.00 -32.76
CA THR C 1617 -107.24 -85.04 -32.06
C THR C 1617 -108.69 -85.02 -32.54
N ARG C 1618 -109.26 -86.21 -32.75
CA ARG C 1618 -110.65 -86.30 -33.17
C ARG C 1618 -111.11 -87.75 -33.01
N ARG C 1619 -112.43 -87.93 -33.04
CA ARG C 1619 -113.02 -89.26 -32.95
C ARG C 1619 -113.15 -89.84 -34.36
N ALA C 1620 -112.32 -90.84 -34.67
CA ALA C 1620 -112.32 -91.41 -36.01
C ALA C 1620 -113.66 -92.05 -36.35
N GLY C 1621 -114.23 -92.79 -35.42
CA GLY C 1621 -115.49 -93.47 -35.67
C GLY C 1621 -115.85 -94.40 -34.54
N GLU C 1622 -116.97 -95.10 -34.73
CA GLU C 1622 -117.44 -96.03 -33.70
C GLU C 1622 -116.46 -97.18 -33.52
N ARG C 1623 -115.89 -97.68 -34.60
CA ARG C 1623 -115.05 -98.87 -34.54
C ARG C 1623 -113.56 -98.55 -34.45
N LEU C 1624 -113.15 -97.35 -34.84
CA LEU C 1624 -111.73 -97.02 -34.88
C LEU C 1624 -111.24 -96.32 -33.62
N GLY C 1625 -112.11 -95.58 -32.94
CA GLY C 1625 -111.70 -94.91 -31.72
C GLY C 1625 -111.22 -93.49 -31.97
N TRP C 1626 -110.34 -93.03 -31.09
CA TRP C 1626 -109.80 -91.68 -31.16
C TRP C 1626 -108.41 -91.71 -31.76
N ALA C 1627 -108.02 -90.64 -32.44
CA ALA C 1627 -106.76 -90.57 -33.16
C ALA C 1627 -105.97 -89.35 -32.74
N VAL C 1628 -104.64 -89.48 -32.79
CA VAL C 1628 -103.71 -88.38 -32.52
C VAL C 1628 -102.72 -88.31 -33.66
N GLN C 1629 -102.15 -87.14 -33.89
CA GLN C 1629 -101.31 -86.92 -35.06
C GLN C 1629 -100.38 -85.75 -34.82
N CYS C 1630 -99.20 -85.80 -35.45
CA CYS C 1630 -98.21 -84.73 -35.35
C CYS C 1630 -97.18 -84.92 -36.45
N GLN C 1631 -96.97 -83.87 -37.25
CA GLN C 1631 -96.14 -83.97 -38.44
C GLN C 1631 -94.98 -82.98 -38.47
N ASP C 1632 -95.19 -81.75 -38.01
CA ASP C 1632 -94.18 -80.71 -38.14
C ASP C 1632 -93.11 -80.88 -37.06
N PRO C 1633 -91.84 -80.99 -37.42
CA PRO C 1633 -90.81 -81.18 -36.40
C PRO C 1633 -90.36 -79.88 -35.74
N LEU C 1634 -89.85 -80.02 -34.52
CA LEU C 1634 -89.25 -78.92 -33.79
C LEU C 1634 -88.03 -79.42 -33.05
N THR C 1635 -87.10 -78.50 -32.78
CA THR C 1635 -85.86 -78.86 -32.10
C THR C 1635 -85.30 -77.62 -31.41
N MET C 1636 -84.46 -77.86 -30.41
CA MET C 1636 -83.83 -76.77 -29.68
C MET C 1636 -82.40 -77.17 -29.31
N MET C 1637 -81.60 -76.17 -28.96
CA MET C 1637 -80.21 -76.37 -28.58
C MET C 1637 -80.14 -76.41 -27.06
N ALA C 1638 -79.65 -77.52 -26.52
CA ALA C 1638 -79.65 -77.73 -25.08
C ALA C 1638 -78.27 -77.48 -24.48
N LEU C 1639 -78.25 -77.22 -23.18
CA LEU C 1639 -77.03 -77.04 -22.41
C LEU C 1639 -77.06 -77.98 -21.22
N HIS C 1640 -76.02 -78.78 -21.06
CA HIS C 1640 -76.00 -79.85 -20.08
C HIS C 1640 -74.98 -79.53 -18.99
N ILE C 1641 -75.36 -79.77 -17.74
CA ILE C 1641 -74.47 -79.60 -16.60
C ILE C 1641 -74.04 -80.99 -16.14
N PRO C 1642 -72.79 -81.40 -16.39
CA PRO C 1642 -72.45 -82.82 -16.19
C PRO C 1642 -72.68 -83.35 -14.78
N GLU C 1643 -72.38 -82.56 -13.75
CA GLU C 1643 -72.42 -83.11 -12.40
C GLU C 1643 -73.83 -83.32 -11.89
N GLU C 1644 -74.76 -82.43 -12.27
CA GLU C 1644 -76.13 -82.53 -11.79
C GLU C 1644 -77.01 -83.39 -12.69
N ASN C 1645 -76.56 -83.71 -13.90
CA ASN C 1645 -77.31 -84.57 -14.81
C ASN C 1645 -78.66 -83.94 -15.16
N ARG C 1646 -78.61 -82.72 -15.68
CA ARG C 1646 -79.82 -82.02 -16.12
C ARG C 1646 -79.42 -81.00 -17.18
N CYS C 1647 -80.41 -80.57 -17.96
CA CYS C 1647 -80.17 -79.67 -19.07
C CYS C 1647 -81.20 -78.56 -19.07
N MET C 1648 -80.87 -77.47 -19.78
CA MET C 1648 -81.75 -76.33 -19.94
C MET C 1648 -81.53 -75.73 -21.31
N ASP C 1649 -82.50 -74.94 -21.76
CA ASP C 1649 -82.37 -74.25 -23.04
C ASP C 1649 -81.21 -73.27 -22.99
N ILE C 1650 -80.39 -73.27 -24.05
CA ILE C 1650 -79.25 -72.37 -24.09
C ILE C 1650 -79.69 -70.92 -24.10
N LEU C 1651 -80.89 -70.63 -24.58
CA LEU C 1651 -81.38 -69.26 -24.61
C LEU C 1651 -81.66 -68.71 -23.22
N GLU C 1652 -81.67 -69.55 -22.19
CA GLU C 1652 -81.84 -69.07 -20.83
C GLU C 1652 -80.63 -68.32 -20.33
N LEU C 1653 -79.52 -68.35 -21.05
CA LEU C 1653 -78.31 -67.66 -20.62
C LEU C 1653 -78.41 -66.15 -20.74
N SER C 1654 -79.49 -65.63 -21.34
CA SER C 1654 -79.66 -64.19 -21.41
C SER C 1654 -79.98 -63.58 -20.05
N GLU C 1655 -80.31 -64.40 -19.05
CA GLU C 1655 -80.57 -63.92 -17.71
C GLU C 1655 -79.67 -64.54 -16.65
N ARG C 1656 -78.85 -65.53 -17.01
CA ARG C 1656 -77.88 -66.11 -16.09
C ARG C 1656 -76.50 -65.67 -16.55
N LEU C 1657 -76.02 -64.59 -15.93
CA LEU C 1657 -74.84 -63.91 -16.46
C LEU C 1657 -73.55 -64.69 -16.18
N ASP C 1658 -73.42 -65.30 -15.00
CA ASP C 1658 -72.19 -66.01 -14.67
C ASP C 1658 -71.95 -67.18 -15.62
N LEU C 1659 -73.00 -67.98 -15.86
CA LEU C 1659 -72.85 -69.09 -16.79
C LEU C 1659 -72.56 -68.59 -18.20
N GLN C 1660 -73.17 -67.45 -18.58
CA GLN C 1660 -72.89 -66.89 -19.89
C GLN C 1660 -71.43 -66.53 -20.04
N ARG C 1661 -70.86 -65.87 -19.02
CA ARG C 1661 -69.45 -65.50 -19.07
C ARG C 1661 -68.56 -66.74 -19.12
N PHE C 1662 -68.87 -67.74 -18.30
CA PHE C 1662 -68.06 -68.96 -18.31
C PHE C 1662 -68.09 -69.63 -19.68
N HIS C 1663 -69.27 -69.71 -20.30
CA HIS C 1663 -69.35 -70.37 -21.59
C HIS C 1663 -68.65 -69.57 -22.68
N SER C 1664 -68.74 -68.24 -22.64
CA SER C 1664 -68.03 -67.45 -23.63
C SER C 1664 -66.52 -67.65 -23.50
N HIS C 1665 -66.00 -67.70 -22.27
CA HIS C 1665 -64.58 -67.98 -22.11
C HIS C 1665 -64.23 -69.40 -22.52
N THR C 1666 -65.15 -70.35 -22.36
CA THR C 1666 -64.91 -71.70 -22.86
C THR C 1666 -64.76 -71.71 -24.38
N LEU C 1667 -65.62 -70.96 -25.07
CA LEU C 1667 -65.49 -70.85 -26.51
C LEU C 1667 -64.16 -70.21 -26.89
N ARG C 1668 -63.73 -69.22 -26.12
CA ARG C 1668 -62.43 -68.61 -26.38
C ARG C 1668 -61.30 -69.63 -26.24
N LEU C 1669 -61.35 -70.47 -25.20
CA LEU C 1669 -60.33 -71.50 -25.03
C LEU C 1669 -60.34 -72.49 -26.18
N TYR C 1670 -61.52 -72.94 -26.59
CA TYR C 1670 -61.61 -73.79 -27.78
C TYR C 1670 -60.92 -73.13 -28.96
N ARG C 1671 -61.24 -71.87 -29.22
CA ARG C 1671 -60.68 -71.15 -30.35
C ARG C 1671 -59.18 -70.99 -30.21
N ALA C 1672 -58.66 -71.03 -28.99
CA ALA C 1672 -57.22 -70.83 -28.78
C ALA C 1672 -56.42 -72.12 -28.96
N VAL C 1673 -56.97 -73.27 -28.54
CA VAL C 1673 -56.16 -74.48 -28.60
C VAL C 1673 -55.94 -74.98 -30.02
N CYS C 1674 -56.63 -74.40 -31.01
CA CYS C 1674 -56.49 -74.81 -32.41
C CYS C 1674 -55.95 -73.70 -33.29
N ALA C 1675 -55.22 -72.75 -32.73
CA ALA C 1675 -54.81 -71.57 -33.47
C ALA C 1675 -53.53 -71.82 -34.26
N LEU C 1676 -53.43 -71.14 -35.40
CA LEU C 1676 -52.22 -71.15 -36.21
C LEU C 1676 -51.88 -72.55 -36.71
N GLY C 1677 -52.81 -73.13 -37.45
CA GLY C 1677 -52.52 -74.32 -38.23
C GLY C 1677 -52.36 -75.61 -37.47
N ASN C 1678 -52.96 -75.75 -36.28
CA ASN C 1678 -52.95 -77.02 -35.56
C ASN C 1678 -54.16 -77.82 -36.01
N ASN C 1679 -53.99 -78.56 -37.10
CA ASN C 1679 -55.12 -79.21 -37.74
C ASN C 1679 -55.58 -80.45 -36.99
N ARG C 1680 -54.68 -81.11 -36.26
CA ARG C 1680 -55.10 -82.30 -35.52
C ARG C 1680 -56.11 -81.93 -34.43
N VAL C 1681 -55.84 -80.85 -33.69
CA VAL C 1681 -56.79 -80.40 -32.67
C VAL C 1681 -58.07 -79.91 -33.32
N ALA C 1682 -57.97 -79.30 -34.50
CA ALA C 1682 -59.17 -78.88 -35.22
C ALA C 1682 -60.04 -80.08 -35.56
N HIS C 1683 -59.42 -81.17 -36.02
CA HIS C 1683 -60.17 -82.40 -36.27
C HIS C 1683 -60.80 -82.92 -34.99
N ALA C 1684 -60.05 -82.87 -33.88
CA ALA C 1684 -60.59 -83.37 -32.62
C ALA C 1684 -61.80 -82.58 -32.17
N LEU C 1685 -61.77 -81.25 -32.34
CA LEU C 1685 -62.86 -80.42 -31.83
C LEU C 1685 -64.18 -80.67 -32.55
N CYS C 1686 -64.15 -81.33 -33.71
CA CYS C 1686 -65.40 -81.57 -34.43
C CYS C 1686 -66.32 -82.53 -33.70
N SER C 1687 -65.82 -83.29 -32.73
CA SER C 1687 -66.67 -84.16 -31.94
C SER C 1687 -67.36 -83.42 -30.81
N HIS C 1688 -66.91 -82.23 -30.47
CA HIS C 1688 -67.52 -81.43 -29.42
C HIS C 1688 -68.46 -80.37 -29.95
N VAL C 1689 -68.26 -79.91 -31.18
CA VAL C 1689 -69.17 -78.97 -31.84
C VAL C 1689 -69.32 -79.38 -33.29
N ASP C 1690 -70.44 -80.04 -33.60
CA ASP C 1690 -70.64 -80.60 -34.92
C ASP C 1690 -71.23 -79.56 -35.88
N GLN C 1691 -71.42 -79.97 -37.13
CA GLN C 1691 -71.93 -79.06 -38.15
C GLN C 1691 -73.30 -78.52 -37.79
N ALA C 1692 -74.20 -79.39 -37.35
CA ALA C 1692 -75.57 -78.97 -37.10
C ALA C 1692 -75.63 -77.85 -36.07
N GLN C 1693 -74.85 -77.99 -34.99
CA GLN C 1693 -74.84 -76.95 -33.97
C GLN C 1693 -74.37 -75.61 -34.54
N LEU C 1694 -73.29 -75.63 -35.33
CA LEU C 1694 -72.77 -74.38 -35.86
C LEU C 1694 -73.76 -73.72 -36.78
N LEU C 1695 -74.36 -74.49 -37.69
CA LEU C 1695 -75.33 -73.88 -38.61
C LEU C 1695 -76.55 -73.36 -37.87
N HIS C 1696 -77.06 -74.12 -36.90
CA HIS C 1696 -78.19 -73.65 -36.11
C HIS C 1696 -77.85 -72.35 -35.40
N ALA C 1697 -76.68 -72.27 -34.79
CA ALA C 1697 -76.28 -71.05 -34.11
C ALA C 1697 -76.15 -69.90 -35.10
N LEU C 1698 -75.68 -70.17 -36.30
CA LEU C 1698 -75.59 -69.12 -37.31
C LEU C 1698 -76.97 -68.57 -37.64
N GLU C 1699 -77.98 -69.44 -37.76
CA GLU C 1699 -79.31 -68.96 -38.11
C GLU C 1699 -80.03 -68.30 -36.95
N ASP C 1700 -79.77 -68.72 -35.72
CA ASP C 1700 -80.59 -68.34 -34.58
C ASP C 1700 -80.62 -66.82 -34.39
N ALA C 1701 -81.78 -66.30 -33.97
CA ALA C 1701 -81.97 -64.87 -33.85
C ALA C 1701 -82.14 -64.40 -32.40
N HIS C 1702 -82.40 -65.31 -31.47
CA HIS C 1702 -82.59 -64.95 -30.07
C HIS C 1702 -81.33 -65.13 -29.23
N LEU C 1703 -80.21 -65.48 -29.84
CA LEU C 1703 -79.01 -65.77 -29.08
C LEU C 1703 -78.38 -64.48 -28.57
N PRO C 1704 -77.78 -64.49 -27.38
CA PRO C 1704 -77.08 -63.29 -26.91
C PRO C 1704 -75.88 -62.96 -27.79
N GLY C 1705 -75.49 -61.69 -27.77
CA GLY C 1705 -74.47 -61.20 -28.66
C GLY C 1705 -73.12 -61.88 -28.48
N PRO C 1706 -72.64 -61.97 -27.24
CA PRO C 1706 -71.32 -62.60 -27.02
C PRO C 1706 -71.26 -64.02 -27.55
N LEU C 1707 -72.30 -64.83 -27.33
CA LEU C 1707 -72.30 -66.19 -27.82
C LEU C 1707 -72.40 -66.25 -29.34
N ARG C 1708 -73.17 -65.33 -29.93
CA ARG C 1708 -73.25 -65.25 -31.38
C ARG C 1708 -71.88 -65.01 -31.99
N ALA C 1709 -71.16 -64.00 -31.48
CA ALA C 1709 -69.83 -63.71 -31.99
C ALA C 1709 -68.89 -64.87 -31.74
N GLY C 1710 -68.97 -65.49 -30.56
CA GLY C 1710 -68.10 -66.60 -30.25
C GLY C 1710 -68.29 -67.76 -31.21
N TYR C 1711 -69.54 -68.07 -31.56
CA TYR C 1711 -69.79 -69.18 -32.48
C TYR C 1711 -69.35 -68.86 -33.89
N TYR C 1712 -69.57 -67.63 -34.37
CA TYR C 1712 -69.05 -67.28 -35.68
C TYR C 1712 -67.53 -67.43 -35.72
N ASP C 1713 -66.84 -66.91 -34.71
CA ASP C 1713 -65.39 -67.02 -34.68
C ASP C 1713 -64.94 -68.46 -34.57
N LEU C 1714 -65.66 -69.29 -33.82
CA LEU C 1714 -65.29 -70.69 -33.70
C LEU C 1714 -65.40 -71.39 -35.04
N LEU C 1715 -66.48 -71.15 -35.78
CA LEU C 1715 -66.60 -71.75 -37.10
C LEU C 1715 -65.43 -71.33 -37.98
N ILE C 1716 -65.13 -70.04 -38.02
CA ILE C 1716 -64.04 -69.57 -38.87
C ILE C 1716 -62.73 -70.22 -38.47
N SER C 1717 -62.45 -70.28 -37.16
CA SER C 1717 -61.18 -70.82 -36.71
C SER C 1717 -61.04 -72.30 -37.04
N ILE C 1718 -62.11 -73.07 -36.83
CA ILE C 1718 -61.99 -74.52 -37.05
C ILE C 1718 -61.88 -74.83 -38.53
N HIS C 1719 -62.66 -74.15 -39.38
CA HIS C 1719 -62.85 -74.65 -40.73
C HIS C 1719 -62.18 -73.84 -41.83
N LEU C 1720 -61.83 -72.58 -41.61
CA LEU C 1720 -61.39 -71.72 -42.70
C LEU C 1720 -60.10 -70.96 -42.47
N GLU C 1721 -59.57 -70.92 -41.25
CA GLU C 1721 -58.46 -70.02 -40.96
C GLU C 1721 -57.21 -70.40 -41.75
N SER C 1722 -56.83 -71.68 -41.72
CA SER C 1722 -55.57 -72.09 -42.35
C SER C 1722 -55.58 -71.84 -43.85
N ALA C 1723 -56.67 -72.20 -44.52
CA ALA C 1723 -56.75 -72.00 -45.96
C ALA C 1723 -56.69 -70.52 -46.31
N CYS C 1724 -57.38 -69.68 -45.54
CA CYS C 1724 -57.35 -68.25 -45.81
C CYS C 1724 -55.95 -67.69 -45.63
N ARG C 1725 -55.25 -68.11 -44.57
CA ARG C 1725 -53.88 -67.63 -44.38
C ARG C 1725 -52.99 -68.05 -45.53
N SER C 1726 -53.07 -69.32 -45.93
CA SER C 1726 -52.21 -69.79 -47.02
C SER C 1726 -52.49 -69.03 -48.30
N ARG C 1727 -53.77 -68.84 -48.63
CA ARG C 1727 -54.11 -68.10 -49.85
C ARG C 1727 -53.61 -66.67 -49.77
N ARG C 1728 -53.76 -66.03 -48.61
CA ARG C 1728 -53.36 -64.64 -48.49
C ARG C 1728 -51.85 -64.48 -48.62
N SER C 1729 -51.10 -65.46 -48.16
CA SER C 1729 -49.64 -65.34 -48.23
C SER C 1729 -49.14 -65.26 -49.67
N MET C 1730 -49.87 -65.84 -50.62
CA MET C 1730 -49.46 -65.88 -52.02
C MET C 1730 -50.19 -64.87 -52.89
N LEU C 1731 -50.87 -63.89 -52.30
CA LEU C 1731 -51.69 -62.98 -53.08
C LEU C 1731 -50.93 -61.74 -53.54
N SER C 1732 -49.64 -61.64 -53.24
CA SER C 1732 -48.82 -60.50 -53.61
C SER C 1732 -47.86 -60.80 -54.75
N GLU C 1733 -48.03 -61.91 -55.45
CA GLU C 1733 -47.17 -62.31 -56.55
C GLU C 1733 -48.02 -62.62 -57.76
N TYR C 1734 -47.44 -62.46 -58.95
CA TYR C 1734 -48.15 -62.61 -60.21
C TYR C 1734 -47.30 -63.45 -61.17
N ILE C 1735 -47.64 -64.72 -61.29
CA ILE C 1735 -47.02 -65.62 -62.26
C ILE C 1735 -48.05 -65.86 -63.36
N VAL C 1736 -47.82 -65.27 -64.53
CA VAL C 1736 -48.79 -65.28 -65.63
C VAL C 1736 -48.32 -66.29 -66.66
N PRO C 1737 -49.06 -67.37 -66.90
CA PRO C 1737 -48.69 -68.29 -67.99
C PRO C 1737 -49.22 -67.80 -69.33
N LEU C 1738 -48.48 -68.12 -70.38
CA LEU C 1738 -48.84 -67.70 -71.73
C LEU C 1738 -49.73 -68.76 -72.36
N THR C 1739 -51.03 -68.50 -72.37
CA THR C 1739 -52.02 -69.45 -72.86
C THR C 1739 -53.05 -68.69 -73.68
N PRO C 1740 -53.87 -69.39 -74.46
CA PRO C 1740 -54.85 -68.70 -75.31
C PRO C 1740 -55.79 -67.78 -74.53
N GLU C 1741 -56.23 -68.19 -73.34
CA GLU C 1741 -57.13 -67.34 -72.57
C GLU C 1741 -56.40 -66.12 -72.01
N THR C 1742 -55.10 -66.23 -71.79
CA THR C 1742 -54.33 -65.06 -71.38
C THR C 1742 -54.32 -64.00 -72.46
N ARG C 1743 -54.22 -64.42 -73.73
CA ARG C 1743 -54.13 -63.48 -74.83
C ARG C 1743 -55.42 -62.68 -75.02
N ALA C 1744 -56.51 -63.08 -74.38
CA ALA C 1744 -57.80 -62.43 -74.59
C ALA C 1744 -58.11 -61.35 -73.56
N ILE C 1745 -57.15 -61.01 -72.68
CA ILE C 1745 -57.43 -60.04 -71.63
C ILE C 1745 -57.14 -58.63 -72.13
N THR C 1746 -58.06 -57.72 -71.86
CA THR C 1746 -57.91 -56.32 -72.25
C THR C 1746 -58.31 -55.43 -71.09
N LEU C 1747 -57.77 -54.21 -71.09
CA LEU C 1747 -58.06 -53.28 -70.00
C LEU C 1747 -59.53 -52.92 -69.94
N PHE C 1748 -60.16 -52.69 -71.09
CA PHE C 1748 -61.55 -52.27 -71.15
C PHE C 1748 -62.37 -53.24 -71.99
N PRO C 1749 -63.67 -53.34 -71.75
CA PRO C 1749 -64.53 -54.17 -72.60
C PRO C 1749 -64.78 -53.48 -73.94
N PRO C 1750 -65.28 -54.22 -74.94
CA PRO C 1750 -65.47 -53.61 -76.27
C PRO C 1750 -66.38 -52.40 -76.26
N ALA C 1757 -59.78 -45.33 -74.36
CA ALA C 1757 -60.38 -45.25 -73.04
C ALA C 1757 -61.90 -45.29 -73.14
N ARG C 1758 -62.53 -46.13 -72.33
CA ARG C 1758 -63.97 -46.33 -72.33
C ARG C 1758 -64.46 -46.48 -70.90
N ARG C 1759 -65.70 -46.93 -70.76
CA ARG C 1759 -66.29 -47.11 -69.44
C ARG C 1759 -65.57 -48.24 -68.69
N HIS C 1760 -65.40 -48.05 -67.39
CA HIS C 1760 -64.75 -49.06 -66.56
C HIS C 1760 -65.64 -50.29 -66.43
N GLY C 1761 -65.01 -51.46 -66.34
CA GLY C 1761 -65.73 -52.67 -66.04
C GLY C 1761 -65.96 -52.83 -64.54
N LEU C 1762 -66.77 -53.82 -64.20
CA LEU C 1762 -67.03 -54.09 -62.79
C LEU C 1762 -65.80 -54.76 -62.17
N PRO C 1763 -65.42 -54.37 -60.95
CA PRO C 1763 -64.24 -54.98 -60.32
C PRO C 1763 -64.53 -56.39 -59.84
N GLY C 1764 -63.54 -57.25 -59.99
CA GLY C 1764 -63.62 -58.61 -59.49
C GLY C 1764 -64.25 -59.61 -60.44
N VAL C 1765 -64.92 -59.17 -61.48
CA VAL C 1765 -65.52 -60.08 -62.45
C VAL C 1765 -64.57 -60.24 -63.62
N GLY C 1766 -64.74 -61.34 -64.36
CA GLY C 1766 -63.90 -61.65 -65.48
C GLY C 1766 -62.92 -62.78 -65.19
N VAL C 1767 -62.13 -63.11 -66.20
CA VAL C 1767 -61.22 -64.24 -66.08
C VAL C 1767 -59.85 -63.77 -65.63
N THR C 1768 -59.20 -64.59 -64.80
CA THR C 1768 -57.85 -64.33 -64.34
C THR C 1768 -57.02 -65.59 -64.57
N THR C 1769 -55.71 -65.42 -64.70
CA THR C 1769 -54.82 -66.51 -65.04
C THR C 1769 -53.61 -66.66 -64.12
N SER C 1770 -53.45 -65.79 -63.12
CA SER C 1770 -52.33 -65.93 -62.20
C SER C 1770 -52.44 -67.24 -61.44
N LEU C 1771 -51.30 -67.87 -61.18
CA LEU C 1771 -51.29 -69.17 -60.53
C LEU C 1771 -51.55 -69.03 -59.04
N ARG C 1772 -52.42 -69.89 -58.51
CA ARG C 1772 -52.69 -69.95 -57.08
C ARG C 1772 -53.00 -71.42 -56.76
N PRO C 1773 -52.27 -72.05 -55.84
CA PRO C 1773 -52.52 -73.46 -55.57
C PRO C 1773 -53.89 -73.67 -54.94
N PRO C 1774 -54.50 -74.83 -55.13
CA PRO C 1774 -55.85 -75.06 -54.59
C PRO C 1774 -55.83 -75.37 -53.11
N HIS C 1775 -57.03 -75.56 -52.56
CA HIS C 1775 -57.19 -75.91 -51.16
C HIS C 1775 -57.33 -77.42 -50.99
N HIS C 1776 -57.02 -77.91 -49.80
CA HIS C 1776 -57.10 -79.31 -49.47
C HIS C 1776 -57.84 -79.50 -48.15
N PHE C 1777 -58.81 -80.42 -48.15
CA PHE C 1777 -59.59 -80.72 -46.96
C PHE C 1777 -59.79 -82.22 -46.86
N SER C 1778 -60.08 -82.69 -45.66
CA SER C 1778 -60.41 -84.09 -45.42
C SER C 1778 -61.65 -84.19 -44.56
N PRO C 1779 -62.44 -85.24 -44.70
CA PRO C 1779 -63.67 -85.35 -43.90
C PRO C 1779 -63.37 -85.90 -42.51
N PRO C 1780 -64.04 -85.39 -41.48
CA PRO C 1780 -63.84 -85.95 -40.14
C PRO C 1780 -64.50 -87.32 -40.02
N CYS C 1781 -63.90 -88.17 -39.20
CA CYS C 1781 -64.42 -89.52 -38.97
C CYS C 1781 -63.71 -90.11 -37.76
N PHE C 1782 -64.48 -90.64 -36.82
CA PHE C 1782 -63.94 -91.14 -35.56
C PHE C 1782 -64.09 -92.65 -35.41
N VAL C 1783 -64.10 -93.38 -36.53
CA VAL C 1783 -64.07 -94.84 -36.51
C VAL C 1783 -62.96 -95.41 -37.37
N ALA C 1784 -62.18 -94.57 -38.04
CA ALA C 1784 -61.09 -95.06 -38.86
C ALA C 1784 -59.99 -95.66 -37.98
N ALA C 1785 -59.37 -96.72 -38.47
CA ALA C 1785 -58.30 -97.37 -37.73
C ALA C 1785 -57.09 -96.46 -37.64
N LEU C 1786 -56.46 -96.44 -36.46
CA LEU C 1786 -55.26 -95.63 -36.32
C LEU C 1786 -54.04 -96.38 -36.86
N PRO C 1787 -53.01 -95.66 -37.33
CA PRO C 1787 -51.80 -96.32 -37.84
C PRO C 1787 -50.92 -96.87 -36.73
N ALA C 1794 -45.74 -90.16 -40.95
CA ALA C 1794 -46.47 -89.17 -40.16
C ALA C 1794 -46.85 -87.97 -41.01
N PRO C 1795 -47.65 -88.20 -42.05
CA PRO C 1795 -48.06 -87.09 -42.92
C PRO C 1795 -48.91 -86.08 -42.17
N ALA C 1796 -48.83 -84.83 -42.61
CA ALA C 1796 -49.59 -83.76 -41.98
C ALA C 1796 -51.08 -83.95 -42.23
N ARG C 1797 -51.88 -83.38 -41.34
CA ARG C 1797 -53.33 -83.48 -41.43
C ARG C 1797 -53.90 -82.26 -42.15
N LEU C 1798 -54.99 -82.47 -42.88
CA LEU C 1798 -55.68 -81.37 -43.54
C LEU C 1798 -56.79 -80.84 -42.63
N SER C 1799 -57.34 -79.69 -43.01
CA SER C 1799 -58.41 -79.10 -42.22
C SER C 1799 -59.70 -79.90 -42.42
N PRO C 1800 -60.57 -79.91 -41.41
CA PRO C 1800 -61.87 -80.59 -41.59
C PRO C 1800 -62.67 -79.94 -42.70
N ALA C 1801 -63.45 -80.75 -43.40
CA ALA C 1801 -64.21 -80.25 -44.54
C ALA C 1801 -65.60 -79.79 -44.11
N ILE C 1802 -66.23 -79.01 -44.98
CA ILE C 1802 -67.60 -78.54 -44.76
C ILE C 1802 -68.11 -78.03 -46.10
N PRO C 1803 -69.37 -78.29 -46.48
CA PRO C 1803 -69.86 -77.83 -47.79
C PRO C 1803 -69.73 -76.32 -47.91
N LEU C 1804 -69.30 -75.85 -49.09
CA LEU C 1804 -68.97 -74.44 -49.24
C LEU C 1804 -70.03 -73.68 -50.02
N GLU C 1805 -70.62 -74.30 -51.04
CA GLU C 1805 -71.64 -73.59 -51.80
C GLU C 1805 -72.86 -73.27 -50.93
N ALA C 1806 -73.30 -74.23 -50.14
CA ALA C 1806 -74.41 -73.99 -49.23
C ALA C 1806 -74.06 -72.89 -48.24
N LEU C 1807 -72.84 -72.91 -47.72
CA LEU C 1807 -72.42 -71.89 -46.77
C LEU C 1807 -72.43 -70.51 -47.40
N ARG C 1808 -71.94 -70.38 -48.64
CA ARG C 1808 -71.92 -69.08 -49.29
C ARG C 1808 -73.33 -68.59 -49.57
N ASP C 1809 -74.23 -69.49 -50.00
CA ASP C 1809 -75.61 -69.09 -50.21
C ASP C 1809 -76.23 -68.61 -48.90
N LYS C 1810 -75.97 -69.34 -47.81
CA LYS C 1810 -76.48 -68.94 -46.51
C LYS C 1810 -75.97 -67.56 -46.12
N ALA C 1811 -74.68 -67.31 -46.32
CA ALA C 1811 -74.10 -66.02 -45.95
C ALA C 1811 -74.72 -64.90 -46.76
N LEU C 1812 -74.87 -65.10 -48.07
CA LEU C 1812 -75.48 -64.05 -48.90
C LEU C 1812 -76.90 -63.77 -48.46
N ARG C 1813 -77.68 -64.82 -48.18
CA ARG C 1813 -79.06 -64.63 -47.75
C ARG C 1813 -79.11 -63.85 -46.45
N MET C 1814 -78.26 -64.21 -45.49
CA MET C 1814 -78.27 -63.53 -44.20
C MET C 1814 -77.89 -62.06 -44.34
N LEU C 1815 -76.86 -61.77 -45.15
CA LEU C 1815 -76.47 -60.38 -45.34
C LEU C 1815 -77.57 -59.59 -46.01
N GLY C 1816 -78.22 -60.16 -47.02
CA GLY C 1816 -79.32 -59.47 -47.67
C GLY C 1816 -80.45 -59.18 -46.70
N GLU C 1817 -80.80 -60.16 -45.86
CA GLU C 1817 -81.85 -59.95 -44.87
C GLU C 1817 -81.48 -58.82 -43.92
N ALA C 1818 -80.24 -58.82 -43.44
CA ALA C 1818 -79.81 -57.78 -42.51
C ALA C 1818 -79.90 -56.41 -43.16
N VAL C 1819 -79.40 -56.27 -44.39
CA VAL C 1819 -79.44 -54.97 -45.06
C VAL C 1819 -80.88 -54.53 -45.26
N ARG C 1820 -81.74 -55.44 -45.71
CA ARG C 1820 -83.13 -55.08 -45.97
C ARG C 1820 -83.84 -54.64 -44.70
N ASP C 1821 -83.60 -55.33 -43.59
CA ASP C 1821 -84.27 -55.00 -42.34
C ASP C 1821 -83.62 -53.83 -41.62
N GLY C 1822 -82.43 -53.41 -42.03
CA GLY C 1822 -81.81 -52.24 -41.41
C GLY C 1822 -82.63 -50.97 -41.60
N GLY C 1823 -83.42 -50.90 -42.67
CA GLY C 1823 -84.20 -49.70 -42.94
C GLY C 1823 -85.42 -49.55 -42.07
N GLN C 1824 -85.82 -50.59 -41.35
CA GLN C 1824 -87.00 -50.54 -40.50
C GLN C 1824 -86.74 -49.84 -39.18
N HIS C 1825 -85.49 -49.54 -38.85
CA HIS C 1825 -85.12 -48.92 -37.57
C HIS C 1825 -85.93 -49.52 -36.42
N ALA C 1826 -85.86 -50.85 -36.30
CA ALA C 1826 -86.58 -51.54 -35.24
C ALA C 1826 -85.88 -51.36 -33.90
N ARG C 1827 -86.56 -51.76 -32.83
CA ARG C 1827 -86.05 -51.57 -31.48
C ARG C 1827 -85.45 -52.84 -30.89
N ASP C 1828 -85.42 -53.95 -31.63
CA ASP C 1828 -84.87 -55.21 -31.14
C ASP C 1828 -83.93 -55.81 -32.18
N PRO C 1829 -82.76 -55.21 -32.38
CA PRO C 1829 -81.80 -55.76 -33.34
C PRO C 1829 -81.29 -57.12 -32.87
N VAL C 1830 -80.90 -57.94 -33.85
CA VAL C 1830 -80.37 -59.27 -33.54
C VAL C 1830 -79.09 -59.13 -32.75
N GLY C 1831 -78.99 -59.84 -31.64
CA GLY C 1831 -77.83 -59.75 -30.78
C GLY C 1831 -77.84 -58.60 -29.81
N GLY C 1832 -78.87 -57.76 -29.83
CA GLY C 1832 -78.98 -56.65 -28.91
C GLY C 1832 -78.39 -55.34 -29.38
N SER C 1833 -77.74 -55.32 -30.55
CA SER C 1833 -77.18 -54.08 -31.07
C SER C 1833 -76.88 -54.27 -32.55
N VAL C 1834 -76.65 -53.14 -33.22
CA VAL C 1834 -76.32 -53.17 -34.66
C VAL C 1834 -74.96 -53.81 -34.88
N GLU C 1835 -74.00 -53.51 -34.00
CA GLU C 1835 -72.67 -54.08 -34.14
C GLU C 1835 -72.72 -55.60 -34.09
N PHE C 1836 -73.42 -56.15 -33.09
CA PHE C 1836 -73.53 -57.59 -32.98
C PHE C 1836 -74.31 -58.20 -34.14
N GLN C 1837 -75.19 -57.43 -34.78
CA GLN C 1837 -75.93 -57.95 -35.92
C GLN C 1837 -75.07 -57.99 -37.17
N PHE C 1838 -74.16 -57.03 -37.31
CA PHE C 1838 -73.48 -56.84 -38.59
C PHE C 1838 -72.06 -57.39 -38.64
N VAL C 1839 -71.28 -57.22 -37.57
CA VAL C 1839 -69.86 -57.58 -37.65
C VAL C 1839 -69.65 -59.04 -38.00
N PRO C 1840 -70.33 -60.01 -37.37
CA PRO C 1840 -70.03 -61.41 -37.68
C PRO C 1840 -70.26 -61.79 -39.13
N VAL C 1841 -71.39 -61.38 -39.72
CA VAL C 1841 -71.66 -61.78 -41.10
C VAL C 1841 -70.67 -61.13 -42.05
N LEU C 1842 -70.27 -59.88 -41.76
CA LEU C 1842 -69.25 -59.24 -42.60
C LEU C 1842 -67.92 -59.97 -42.50
N LYS C 1843 -67.54 -60.40 -41.30
CA LYS C 1843 -66.31 -61.19 -41.19
C LYS C 1843 -66.40 -62.48 -42.00
N LEU C 1844 -67.54 -63.17 -41.91
CA LEU C 1844 -67.68 -64.43 -42.63
C LEU C 1844 -67.61 -64.20 -44.14
N VAL C 1845 -68.30 -63.17 -44.62
CA VAL C 1845 -68.32 -62.93 -46.06
C VAL C 1845 -66.95 -62.50 -46.56
N SER C 1846 -66.23 -61.70 -45.77
CA SER C 1846 -64.87 -61.32 -46.17
C SER C 1846 -63.97 -62.55 -46.26
N THR C 1847 -64.05 -63.42 -45.26
CA THR C 1847 -63.21 -64.63 -45.30
C THR C 1847 -63.54 -65.48 -46.51
N LEU C 1848 -64.84 -65.65 -46.80
CA LEU C 1848 -65.21 -66.45 -47.96
C LEU C 1848 -64.75 -65.79 -49.25
N LEU C 1849 -64.80 -64.46 -49.31
CA LEU C 1849 -64.47 -63.75 -50.54
C LEU C 1849 -62.98 -63.84 -50.84
N VAL C 1850 -62.14 -63.65 -49.82
CA VAL C 1850 -60.70 -63.71 -50.05
C VAL C 1850 -60.29 -65.07 -50.58
N MET C 1851 -60.92 -66.13 -50.08
CA MET C 1851 -60.56 -67.49 -50.49
C MET C 1851 -60.94 -67.79 -51.93
N GLY C 1852 -61.72 -66.94 -52.58
CA GLY C 1852 -62.11 -67.20 -53.95
C GLY C 1852 -63.23 -68.20 -54.11
N ILE C 1853 -64.21 -68.18 -53.21
CA ILE C 1853 -65.32 -69.13 -53.30
C ILE C 1853 -66.48 -68.58 -54.12
N PHE C 1854 -66.58 -67.27 -54.29
CA PHE C 1854 -67.71 -66.67 -54.98
C PHE C 1854 -67.51 -66.67 -56.48
N GLY C 1855 -68.62 -66.67 -57.22
CA GLY C 1855 -68.62 -66.56 -58.66
C GLY C 1855 -68.99 -65.16 -59.13
N ASP C 1856 -69.17 -65.03 -60.44
CA ASP C 1856 -69.48 -63.74 -61.02
C ASP C 1856 -70.83 -63.21 -60.53
N GLU C 1857 -71.85 -64.06 -60.51
CA GLU C 1857 -73.16 -63.63 -60.04
C GLU C 1857 -73.14 -63.24 -58.57
N ASP C 1858 -72.44 -63.99 -57.74
CA ASP C 1858 -72.38 -63.69 -56.30
C ASP C 1858 -71.70 -62.36 -56.06
N VAL C 1859 -70.56 -62.11 -56.71
CA VAL C 1859 -69.88 -60.85 -56.54
C VAL C 1859 -70.72 -59.70 -57.09
N LYS C 1860 -71.46 -59.97 -58.17
CA LYS C 1860 -72.38 -58.95 -58.67
C LYS C 1860 -73.43 -58.60 -57.63
N GLN C 1861 -73.99 -59.62 -56.96
CA GLN C 1861 -74.97 -59.36 -55.92
C GLN C 1861 -74.36 -58.55 -54.77
N ILE C 1862 -73.14 -58.90 -54.37
CA ILE C 1862 -72.50 -58.19 -53.26
C ILE C 1862 -72.28 -56.73 -53.64
N LEU C 1863 -71.77 -56.48 -54.84
CA LEU C 1863 -71.58 -55.11 -55.29
C LEU C 1863 -72.91 -54.37 -55.35
N LYS C 1864 -73.95 -55.04 -55.82
CA LYS C 1864 -75.26 -54.41 -55.90
C LYS C 1864 -75.74 -53.98 -54.52
N MET C 1865 -75.55 -54.83 -53.52
CA MET C 1865 -76.01 -54.51 -52.18
C MET C 1865 -75.03 -53.64 -51.40
N ILE C 1866 -73.87 -53.33 -51.97
CA ILE C 1866 -72.99 -52.33 -51.37
C ILE C 1866 -73.40 -50.93 -51.82
N GLU C 1867 -73.59 -50.73 -53.12
CA GLU C 1867 -73.99 -49.43 -53.65
C GLU C 1867 -74.70 -49.68 -54.98
N PRO C 1868 -76.04 -49.80 -54.96
CA PRO C 1868 -76.73 -50.17 -56.20
C PRO C 1868 -76.57 -49.17 -57.33
N GLU C 1869 -76.46 -47.87 -57.02
CA GLU C 1869 -76.45 -46.87 -58.08
C GLU C 1869 -75.19 -46.97 -58.93
N VAL C 1870 -74.02 -47.07 -58.30
CA VAL C 1870 -72.77 -47.06 -59.06
C VAL C 1870 -72.60 -48.34 -59.85
N PHE C 1871 -72.91 -49.48 -59.25
CA PHE C 1871 -72.67 -50.78 -59.88
C PHE C 1871 -73.96 -51.32 -60.50
N THR C 1872 -74.27 -50.81 -61.69
CA THR C 1872 -75.42 -51.26 -62.45
C THR C 1872 -75.11 -51.08 -63.93
N GLU C 1873 -75.64 -51.98 -64.76
CA GLU C 1873 -75.44 -51.91 -66.21
C GLU C 1873 -76.76 -51.72 -66.94
N GLU C 1924 -81.52 -49.12 -50.63
CA GLU C 1924 -80.47 -48.30 -50.05
C GLU C 1924 -79.27 -49.18 -49.70
N GLY C 1925 -78.08 -48.73 -50.08
CA GLY C 1925 -76.88 -49.51 -49.85
C GLY C 1925 -76.37 -49.39 -48.44
N LEU C 1926 -75.25 -50.07 -48.20
CA LEU C 1926 -74.62 -50.04 -46.89
C LEU C 1926 -74.00 -48.68 -46.59
N LEU C 1927 -73.35 -48.08 -47.60
CA LEU C 1927 -72.62 -46.84 -47.37
C LEU C 1927 -73.54 -45.70 -46.96
N GLN C 1928 -74.82 -45.77 -47.29
CA GLN C 1928 -75.74 -44.68 -47.00
C GLN C 1928 -76.41 -44.79 -45.64
N MET C 1929 -76.05 -45.78 -44.84
CA MET C 1929 -76.65 -45.95 -43.52
C MET C 1929 -75.74 -45.37 -42.45
N LYS C 1930 -76.24 -45.38 -41.22
CA LYS C 1930 -75.49 -44.94 -40.05
C LYS C 1930 -74.89 -46.17 -39.37
N LEU C 1931 -73.57 -46.17 -39.18
CA LEU C 1931 -72.88 -47.34 -38.68
C LEU C 1931 -71.89 -46.94 -37.60
N PRO C 1932 -71.63 -47.84 -36.64
CA PRO C 1932 -70.54 -47.60 -35.70
C PRO C 1932 -69.19 -47.89 -36.34
N GLU C 1933 -68.14 -47.80 -35.50
CA GLU C 1933 -66.78 -47.90 -36.02
C GLU C 1933 -66.48 -49.28 -36.57
N SER C 1934 -66.93 -50.34 -35.88
CA SER C 1934 -66.57 -51.69 -36.27
C SER C 1934 -67.09 -52.02 -37.66
N VAL C 1935 -68.33 -51.64 -37.97
CA VAL C 1935 -68.86 -51.92 -39.29
C VAL C 1935 -68.05 -51.17 -40.34
N LYS C 1936 -67.62 -49.95 -40.04
CA LYS C 1936 -66.79 -49.21 -40.98
C LYS C 1936 -65.47 -49.92 -41.23
N LEU C 1937 -64.86 -50.45 -40.18
CA LEU C 1937 -63.62 -51.21 -40.36
C LEU C 1937 -63.86 -52.41 -41.26
N GLN C 1938 -64.98 -53.10 -41.08
CA GLN C 1938 -65.28 -54.24 -41.95
C GLN C 1938 -65.46 -53.80 -43.40
N MET C 1939 -66.12 -52.67 -43.62
CA MET C 1939 -66.30 -52.18 -44.98
C MET C 1939 -64.95 -51.85 -45.62
N CYS C 1940 -64.03 -51.26 -44.85
CA CYS C 1940 -62.70 -51.01 -45.39
C CYS C 1940 -62.02 -52.32 -45.79
N ASN C 1941 -62.12 -53.33 -44.93
CA ASN C 1941 -61.57 -54.64 -45.28
C ASN C 1941 -62.17 -55.18 -46.56
N LEU C 1942 -63.46 -54.94 -46.78
CA LEU C 1942 -64.10 -55.42 -48.00
C LEU C 1942 -63.58 -54.69 -49.23
N LEU C 1943 -63.43 -53.37 -49.14
CA LEU C 1943 -63.04 -52.59 -50.31
C LEU C 1943 -61.59 -52.86 -50.72
N GLU C 1944 -60.73 -53.18 -49.75
CA GLU C 1944 -59.35 -53.51 -50.09
C GLU C 1944 -59.29 -54.63 -51.13
N TYR C 1945 -60.18 -55.62 -51.01
CA TYR C 1945 -60.14 -56.76 -51.91
C TYR C 1945 -60.38 -56.34 -53.35
N PHE C 1946 -61.37 -55.48 -53.58
CA PHE C 1946 -61.65 -55.05 -54.94
C PHE C 1946 -60.53 -54.17 -55.49
N CYS C 1947 -59.92 -53.35 -54.64
CA CYS C 1947 -58.75 -52.60 -55.10
C CYS C 1947 -57.66 -53.54 -55.59
N ASP C 1948 -57.37 -54.59 -54.81
CA ASP C 1948 -56.36 -55.55 -55.22
C ASP C 1948 -56.72 -56.24 -56.52
N GLN C 1949 -58.01 -56.57 -56.70
CA GLN C 1949 -58.43 -57.20 -57.95
C GLN C 1949 -58.18 -56.28 -59.15
N GLU C 1950 -58.46 -54.98 -59.00
CA GLU C 1950 -58.19 -54.06 -60.09
C GLU C 1950 -56.70 -54.04 -60.43
N LEU C 1951 -55.84 -54.01 -59.41
CA LEU C 1951 -54.40 -54.01 -59.66
C LEU C 1951 -53.98 -55.27 -60.42
N GLN C 1952 -54.51 -56.43 -60.01
CA GLN C 1952 -54.16 -57.67 -60.69
C GLN C 1952 -54.60 -57.63 -62.14
N HIS C 1953 -55.79 -57.09 -62.41
CA HIS C 1953 -56.26 -56.98 -63.78
C HIS C 1953 -55.30 -56.13 -64.61
N ARG C 1954 -54.85 -55.01 -64.06
CA ARG C 1954 -53.89 -54.17 -64.78
C ARG C 1954 -52.65 -54.96 -65.14
N VAL C 1955 -52.10 -55.69 -64.18
CA VAL C 1955 -50.85 -56.42 -64.43
C VAL C 1955 -51.06 -57.45 -65.55
N GLU C 1956 -52.16 -58.20 -65.50
CA GLU C 1956 -52.40 -59.24 -66.50
C GLU C 1956 -52.55 -58.62 -67.89
N SER C 1957 -53.28 -57.52 -68.00
CA SER C 1957 -53.42 -56.87 -69.30
C SER C 1957 -52.06 -56.44 -69.83
N LEU C 1958 -51.21 -55.88 -68.96
CA LEU C 1958 -49.89 -55.46 -69.40
C LEU C 1958 -49.09 -56.64 -69.94
N ALA C 1959 -49.13 -57.78 -69.25
CA ALA C 1959 -48.38 -58.94 -69.72
C ALA C 1959 -48.87 -59.41 -71.09
N ALA C 1960 -50.19 -59.47 -71.28
CA ALA C 1960 -50.71 -59.89 -72.58
C ALA C 1960 -50.23 -58.97 -73.69
N PHE C 1961 -50.33 -57.65 -73.48
CA PHE C 1961 -49.86 -56.73 -74.50
C PHE C 1961 -48.38 -56.90 -74.77
N ALA C 1962 -47.60 -57.16 -73.72
CA ALA C 1962 -46.16 -57.34 -73.90
C ALA C 1962 -45.88 -58.50 -74.85
N GLU C 1963 -46.58 -59.62 -74.65
CA GLU C 1963 -46.38 -60.75 -75.56
C GLU C 1963 -46.74 -60.37 -76.99
N ARG C 1964 -47.92 -59.77 -77.18
CA ARG C 1964 -48.35 -59.44 -78.54
C ARG C 1964 -47.37 -58.51 -79.22
N TYR C 1965 -46.80 -57.56 -78.47
CA TYR C 1965 -45.85 -56.61 -79.05
C TYR C 1965 -44.53 -57.28 -79.38
N VAL C 1966 -44.04 -58.15 -78.49
CA VAL C 1966 -42.75 -58.79 -78.74
C VAL C 1966 -42.80 -59.61 -80.01
N ASP C 1967 -43.94 -60.25 -80.29
CA ASP C 1967 -44.04 -61.01 -81.53
C ASP C 1967 -43.70 -60.14 -82.75
N LYS C 1968 -44.38 -58.99 -82.86
CA LYS C 1968 -44.17 -58.13 -84.01
C LYS C 1968 -42.76 -57.56 -84.03
N LEU C 1969 -42.21 -57.22 -82.86
CA LEU C 1969 -40.85 -56.70 -82.83
C LEU C 1969 -39.87 -57.73 -83.38
N GLN C 1970 -40.01 -58.99 -82.97
CA GLN C 1970 -39.11 -60.01 -83.48
C GLN C 1970 -39.26 -60.18 -84.99
N ALA C 1971 -40.50 -60.20 -85.48
CA ALA C 1971 -40.71 -60.34 -86.92
C ALA C 1971 -40.03 -59.20 -87.68
N ASN C 1972 -40.22 -57.96 -87.21
CA ASN C 1972 -39.65 -56.82 -87.90
C ASN C 1972 -38.12 -56.88 -87.89
N GLN C 1973 -37.53 -57.25 -86.76
CA GLN C 1973 -36.07 -57.35 -86.72
C GLN C 1973 -35.57 -58.41 -87.69
N ARG C 1974 -36.28 -59.54 -87.76
CA ARG C 1974 -35.90 -60.57 -88.73
C ARG C 1974 -35.90 -60.00 -90.14
N SER C 1975 -36.97 -59.31 -90.51
CA SER C 1975 -37.06 -58.77 -91.87
C SER C 1975 -35.95 -57.76 -92.14
N ARG C 1976 -35.69 -56.87 -91.18
CA ARG C 1976 -34.66 -55.86 -91.38
C ARG C 1976 -33.28 -56.50 -91.53
N TYR C 1977 -32.96 -57.49 -90.70
CA TYR C 1977 -31.68 -58.16 -90.83
C TYR C 1977 -31.56 -58.86 -92.17
N ALA C 1978 -32.63 -59.53 -92.62
CA ALA C 1978 -32.58 -60.16 -93.92
C ALA C 1978 -32.32 -59.14 -95.02
N LEU C 1979 -32.97 -57.98 -94.94
CA LEU C 1979 -32.75 -56.95 -95.95
C LEU C 1979 -31.31 -56.44 -95.92
N LEU C 1980 -30.74 -56.25 -94.73
CA LEU C 1980 -29.42 -55.61 -94.64
C LEU C 1980 -28.36 -56.37 -95.41
N MET C 1981 -28.50 -57.69 -95.55
CA MET C 1981 -27.47 -58.48 -96.22
C MET C 1981 -27.34 -58.16 -97.70
N ARG C 1982 -28.29 -57.43 -98.28
CA ARG C 1982 -28.21 -57.04 -99.68
C ARG C 1982 -28.19 -55.52 -99.82
N THR C 1991 -24.74 -47.37 -93.80
CA THR C 1991 -23.45 -47.19 -93.15
C THR C 1991 -23.14 -48.34 -92.20
N ALA C 1992 -21.86 -48.54 -91.90
CA ALA C 1992 -21.47 -49.63 -91.02
C ALA C 1992 -22.00 -49.45 -89.61
N ARG C 1993 -22.31 -48.21 -89.20
CA ARG C 1993 -22.84 -47.99 -87.86
C ARG C 1993 -24.17 -48.69 -87.65
N ARG C 1994 -24.92 -48.93 -88.73
CA ARG C 1994 -26.21 -49.60 -88.61
C ARG C 1994 -26.07 -51.06 -88.19
N THR C 1995 -24.86 -51.62 -88.25
CA THR C 1995 -24.66 -53.02 -87.91
C THR C 1995 -24.34 -53.24 -86.44
N ARG C 1996 -24.32 -52.18 -85.62
CA ARG C 1996 -24.03 -52.34 -84.20
C ARG C 1996 -25.20 -52.96 -83.45
N GLU C 1997 -26.41 -52.87 -83.99
CA GLU C 1997 -27.57 -53.42 -83.29
C GLU C 1997 -27.44 -54.92 -83.09
N PHE C 1998 -26.97 -55.63 -84.12
CA PHE C 1998 -26.99 -57.09 -84.10
C PHE C 1998 -25.76 -57.70 -83.44
N ARG C 1999 -24.87 -56.88 -82.89
CA ARG C 1999 -23.69 -57.37 -82.18
C ARG C 1999 -23.66 -56.80 -80.77
N SER C 2000 -24.82 -56.74 -80.13
CA SER C 2000 -24.98 -56.24 -78.78
C SER C 2000 -25.93 -57.16 -78.02
N PRO C 2001 -25.85 -57.17 -76.69
CA PRO C 2001 -26.71 -58.08 -75.93
C PRO C 2001 -28.17 -57.74 -76.12
N PRO C 2002 -29.06 -58.73 -76.02
CA PRO C 2002 -30.48 -58.46 -76.30
C PRO C 2002 -31.08 -57.35 -75.45
N GLN C 2003 -30.65 -57.23 -74.19
CA GLN C 2003 -31.19 -56.19 -73.34
C GLN C 2003 -30.94 -54.81 -73.94
N GLU C 2004 -29.72 -54.57 -74.43
CA GLU C 2004 -29.43 -53.29 -75.06
C GLU C 2004 -30.25 -53.08 -76.32
N GLN C 2005 -30.44 -54.14 -77.10
CA GLN C 2005 -31.25 -54.03 -78.31
C GLN C 2005 -32.67 -53.57 -77.97
N ILE C 2006 -33.30 -54.24 -77.01
CA ILE C 2006 -34.66 -53.87 -76.66
C ILE C 2006 -34.70 -52.50 -76.01
N ASN C 2007 -33.67 -52.14 -75.24
CA ASN C 2007 -33.62 -50.81 -74.64
C ASN C 2007 -33.60 -49.74 -75.72
N MET C 2008 -32.79 -49.93 -76.75
CA MET C 2008 -32.68 -48.93 -77.79
C MET C 2008 -33.91 -48.94 -78.70
N LEU C 2009 -34.62 -50.06 -78.78
CA LEU C 2009 -35.80 -50.12 -79.62
C LEU C 2009 -36.98 -49.35 -79.04
N LEU C 2010 -36.90 -48.94 -77.77
CA LEU C 2010 -38.00 -48.25 -77.10
C LEU C 2010 -37.66 -46.80 -76.76
N HIS C 2011 -36.70 -46.20 -77.45
CA HIS C 2011 -36.25 -44.86 -77.12
C HIS C 2011 -36.98 -43.77 -77.88
N PHE C 2012 -38.23 -44.00 -78.29
CA PHE C 2012 -38.96 -43.04 -79.12
C PHE C 2012 -40.15 -42.43 -78.40
N LYS C 2013 -40.08 -42.29 -77.06
CA LYS C 2013 -41.20 -41.71 -76.34
C LYS C 2013 -41.45 -40.26 -76.77
N ASP C 2014 -40.36 -39.52 -77.02
CA ASP C 2014 -40.43 -38.10 -77.46
C ASP C 2014 -39.98 -38.02 -78.92
N GLU C 2015 -40.46 -37.01 -79.66
CA GLU C 2015 -40.11 -36.82 -81.10
C GLU C 2015 -38.62 -36.50 -81.21
N ALA C 2016 -38.03 -35.86 -80.20
CA ALA C 2016 -36.59 -35.53 -80.18
C ALA C 2016 -35.78 -36.81 -80.10
N ASP C 2017 -36.32 -37.86 -79.46
CA ASP C 2017 -35.64 -39.17 -79.31
C ASP C 2017 -36.06 -40.08 -80.46
N GLU C 2018 -36.82 -39.57 -81.44
CA GLU C 2018 -37.28 -40.34 -82.62
C GLU C 2018 -36.31 -40.15 -83.79
N GLU C 2019 -35.00 -40.36 -83.58
CA GLU C 2019 -34.00 -40.30 -84.64
C GLU C 2019 -33.26 -41.62 -84.78
N ASP C 2020 -32.98 -42.29 -83.66
CA ASP C 2020 -32.20 -43.51 -83.67
C ASP C 2020 -33.04 -44.78 -83.65
N CYS C 2021 -34.36 -44.65 -83.73
CA CYS C 2021 -35.22 -45.83 -83.76
C CYS C 2021 -35.34 -46.34 -85.19
N PRO C 2022 -34.87 -47.55 -85.50
CA PRO C 2022 -35.04 -48.08 -86.87
C PRO C 2022 -36.49 -48.38 -87.22
N LEU C 2023 -37.44 -48.34 -86.26
CA LEU C 2023 -38.87 -48.75 -86.43
C LEU C 2023 -39.68 -48.00 -87.49
N PRO C 2024 -40.92 -48.48 -87.81
CA PRO C 2024 -41.93 -47.78 -88.64
C PRO C 2024 -42.90 -46.94 -87.80
N GLU C 2025 -43.92 -46.28 -88.39
CA GLU C 2025 -44.77 -45.41 -87.59
C GLU C 2025 -45.94 -46.16 -86.96
N ASP C 2026 -46.45 -47.19 -87.64
CA ASP C 2026 -47.62 -47.90 -87.12
C ASP C 2026 -47.32 -48.58 -85.79
N ILE C 2027 -46.14 -49.18 -85.65
CA ILE C 2027 -45.79 -49.84 -84.40
C ILE C 2027 -45.73 -48.84 -83.26
N ARG C 2028 -45.09 -47.69 -83.51
CA ARG C 2028 -45.02 -46.66 -82.48
C ARG C 2028 -46.42 -46.16 -82.13
N GLN C 2029 -47.28 -46.00 -83.13
CA GLN C 2029 -48.65 -45.58 -82.84
C GLN C 2029 -49.38 -46.60 -81.98
N ASP C 2030 -49.17 -47.89 -82.26
CA ASP C 2030 -49.81 -48.92 -81.45
C ASP C 2030 -49.35 -48.84 -80.00
N LEU C 2031 -48.05 -48.71 -79.77
CA LEU C 2031 -47.55 -48.61 -78.41
C LEU C 2031 -48.08 -47.35 -77.73
N GLN C 2032 -48.15 -46.24 -78.46
CA GLN C 2032 -48.67 -45.01 -77.89
C GLN C 2032 -50.14 -45.17 -77.49
N ASP C 2033 -50.93 -45.85 -78.33
CA ASP C 2033 -52.33 -46.08 -78.01
C ASP C 2033 -52.45 -46.91 -76.74
N PHE C 2034 -51.67 -47.98 -76.64
CA PHE C 2034 -51.73 -48.79 -75.42
C PHE C 2034 -51.35 -47.98 -74.20
N HIS C 2035 -50.30 -47.16 -74.31
CA HIS C 2035 -49.87 -46.36 -73.17
C HIS C 2035 -50.95 -45.38 -72.74
N GLN C 2036 -51.61 -44.74 -73.71
CA GLN C 2036 -52.68 -43.81 -73.38
C GLN C 2036 -53.84 -44.53 -72.69
N ASP C 2037 -54.19 -45.72 -73.18
CA ASP C 2037 -55.25 -46.49 -72.54
C ASP C 2037 -54.88 -46.85 -71.11
N LEU C 2038 -53.64 -47.29 -70.90
CA LEU C 2038 -53.21 -47.65 -69.56
C LEU C 2038 -53.27 -46.45 -68.62
N LEU C 2039 -52.83 -45.28 -69.09
CA LEU C 2039 -52.94 -44.08 -68.27
C LEU C 2039 -54.40 -43.77 -67.95
N ALA C 2040 -55.28 -43.91 -68.93
CA ALA C 2040 -56.69 -43.64 -68.68
C ALA C 2040 -57.25 -44.59 -67.63
N HIS C 2041 -56.84 -45.85 -67.65
CA HIS C 2041 -57.35 -46.80 -66.67
C HIS C 2041 -56.96 -46.42 -65.26
N CYS C 2042 -55.77 -45.86 -65.06
CA CYS C 2042 -55.31 -45.50 -63.73
C CYS C 2042 -55.88 -44.19 -63.23
N GLY C 2043 -56.86 -43.61 -63.93
CA GLY C 2043 -57.50 -42.39 -63.49
C GLY C 2043 -56.78 -41.11 -63.82
N ILE C 2044 -55.68 -41.17 -64.57
CA ILE C 2044 -54.95 -39.98 -64.95
C ILE C 2044 -55.60 -39.37 -66.18
N GLN C 2045 -56.14 -38.16 -66.02
CA GLN C 2045 -56.77 -37.48 -67.14
C GLN C 2045 -55.72 -37.11 -68.17
N LEU C 2046 -56.07 -37.25 -69.45
CA LEU C 2046 -55.15 -36.90 -70.54
C LEU C 2046 -55.93 -36.41 -71.75
N LYS C 2090 -72.20 -37.39 -58.51
CA LYS C 2090 -72.62 -38.59 -59.25
C LYS C 2090 -71.42 -39.43 -59.64
N PRO C 2091 -70.75 -40.02 -58.65
CA PRO C 2091 -69.58 -40.85 -58.95
C PRO C 2091 -69.94 -42.04 -59.82
N GLN C 2092 -69.02 -42.40 -60.71
CA GLN C 2092 -69.23 -43.48 -61.66
C GLN C 2092 -68.06 -44.46 -61.68
N SER C 2093 -67.27 -44.51 -60.61
CA SER C 2093 -66.13 -45.40 -60.57
C SER C 2093 -65.79 -45.73 -59.12
N LEU C 2094 -64.98 -46.77 -58.94
CA LEU C 2094 -64.59 -47.18 -57.61
C LEU C 2094 -63.77 -46.10 -56.92
N GLN C 2095 -62.86 -45.45 -57.66
CA GLN C 2095 -61.97 -44.47 -57.06
C GLN C 2095 -62.74 -43.29 -56.48
N GLU C 2096 -63.65 -42.72 -57.28
CA GLU C 2096 -64.41 -41.56 -56.81
C GLU C 2096 -65.26 -41.93 -55.60
N LEU C 2097 -65.91 -43.09 -55.65
CA LEU C 2097 -66.74 -43.52 -54.53
C LEU C 2097 -65.90 -43.64 -53.27
N VAL C 2098 -64.74 -44.28 -53.36
CA VAL C 2098 -63.90 -44.48 -52.18
C VAL C 2098 -63.44 -43.14 -51.63
N SER C 2099 -62.98 -42.25 -52.50
CA SER C 2099 -62.51 -40.95 -52.04
C SER C 2099 -63.62 -40.19 -51.33
N HIS C 2100 -64.79 -40.13 -51.94
CA HIS C 2100 -65.89 -39.39 -51.32
C HIS C 2100 -66.28 -40.00 -49.99
N MET C 2101 -66.37 -41.33 -49.91
CA MET C 2101 -66.77 -41.96 -48.66
C MET C 2101 -65.76 -41.68 -47.56
N VAL C 2102 -64.47 -41.80 -47.86
CA VAL C 2102 -63.47 -41.60 -46.83
C VAL C 2102 -63.51 -40.15 -46.34
N VAL C 2103 -63.58 -39.20 -47.26
CA VAL C 2103 -63.58 -37.79 -46.85
C VAL C 2103 -64.83 -37.49 -46.02
N ARG C 2104 -65.98 -37.99 -46.45
CA ARG C 2104 -67.22 -37.73 -45.72
C ARG C 2104 -67.17 -38.32 -44.32
N TRP C 2105 -66.68 -39.55 -44.18
CA TRP C 2105 -66.52 -40.13 -42.86
C TRP C 2105 -65.60 -39.28 -42.00
N ALA C 2106 -64.48 -38.84 -42.57
CA ALA C 2106 -63.51 -38.08 -41.78
C ALA C 2106 -64.11 -36.77 -41.29
N GLN C 2107 -64.84 -36.07 -42.16
CA GLN C 2107 -65.36 -34.76 -41.79
C GLN C 2107 -66.73 -34.80 -41.12
N GLU C 2108 -67.32 -35.99 -40.97
CA GLU C 2108 -68.59 -36.06 -40.25
C GLU C 2108 -68.37 -36.04 -38.73
N ASP C 2109 -67.29 -36.65 -38.26
CA ASP C 2109 -67.06 -36.73 -36.82
C ASP C 2109 -65.59 -37.04 -36.56
N TYR C 2110 -65.21 -36.95 -35.29
CA TYR C 2110 -63.83 -37.18 -34.85
C TYR C 2110 -63.70 -38.64 -34.45
N VAL C 2111 -63.15 -39.47 -35.33
CA VAL C 2111 -63.10 -40.90 -35.09
C VAL C 2111 -62.06 -41.21 -34.03
N GLN C 2112 -62.31 -42.28 -33.27
CA GLN C 2112 -61.51 -42.59 -32.09
C GLN C 2112 -60.63 -43.82 -32.26
N SER C 2113 -61.00 -44.77 -33.11
CA SER C 2113 -60.24 -46.01 -33.26
C SER C 2113 -59.04 -45.78 -34.17
N PRO C 2114 -57.81 -45.95 -33.69
CA PRO C 2114 -56.65 -45.77 -34.58
C PRO C 2114 -56.62 -46.72 -35.77
N GLU C 2115 -57.08 -47.96 -35.60
CA GLU C 2115 -57.05 -48.91 -36.70
C GLU C 2115 -57.92 -48.43 -37.87
N LEU C 2116 -59.10 -47.89 -37.56
CA LEU C 2116 -59.95 -47.36 -38.60
C LEU C 2116 -59.28 -46.21 -39.33
N VAL C 2117 -58.61 -45.32 -38.58
CA VAL C 2117 -57.93 -44.19 -39.21
C VAL C 2117 -56.86 -44.69 -40.17
N ARG C 2118 -56.06 -45.65 -39.73
CA ARG C 2118 -55.01 -46.17 -40.58
C ARG C 2118 -55.60 -46.79 -41.85
N ALA C 2119 -56.68 -47.56 -41.70
CA ALA C 2119 -57.29 -48.19 -42.86
C ALA C 2119 -57.81 -47.16 -43.85
N MET C 2120 -58.56 -46.17 -43.36
CA MET C 2120 -59.10 -45.15 -44.24
C MET C 2120 -58.01 -44.44 -45.00
N PHE C 2121 -56.94 -44.04 -44.31
CA PHE C 2121 -55.94 -43.23 -45.00
C PHE C 2121 -55.09 -44.07 -45.94
N SER C 2122 -54.86 -45.35 -45.61
CA SER C 2122 -54.21 -46.22 -46.56
C SER C 2122 -55.03 -46.36 -47.84
N LEU C 2123 -56.35 -46.54 -47.70
CA LEU C 2123 -57.21 -46.64 -48.87
C LEU C 2123 -57.15 -45.37 -49.70
N LEU C 2124 -57.22 -44.22 -49.03
CA LEU C 2124 -57.21 -42.95 -49.76
C LEU C 2124 -55.90 -42.77 -50.52
N HIS C 2125 -54.77 -43.08 -49.88
CA HIS C 2125 -53.50 -42.96 -50.56
C HIS C 2125 -53.44 -43.88 -51.77
N ARG C 2126 -53.92 -45.11 -51.63
CA ARG C 2126 -53.93 -46.01 -52.78
C ARG C 2126 -54.77 -45.44 -53.91
N GLN C 2127 -55.89 -44.82 -53.59
CA GLN C 2127 -56.76 -44.29 -54.65
C GLN C 2127 -56.12 -43.11 -55.36
N TYR C 2128 -55.59 -42.13 -54.63
CA TYR C 2128 -55.10 -40.92 -55.29
C TYR C 2128 -53.91 -41.21 -56.20
N ASP C 2129 -52.99 -42.06 -55.75
CA ASP C 2129 -51.79 -42.38 -56.53
C ASP C 2129 -52.06 -43.67 -57.29
N GLY C 2130 -52.21 -43.56 -58.60
CA GLY C 2130 -52.60 -44.69 -59.41
C GLY C 2130 -51.48 -45.63 -59.78
N LEU C 2131 -50.48 -45.14 -60.50
CA LEU C 2131 -49.46 -46.00 -61.08
C LEU C 2131 -48.25 -46.21 -60.17
N GLY C 2132 -48.20 -45.54 -59.01
CA GLY C 2132 -47.16 -45.85 -58.05
C GLY C 2132 -47.24 -47.29 -57.57
N GLU C 2133 -48.48 -47.77 -57.36
CA GLU C 2133 -48.74 -49.16 -56.93
C GLU C 2133 -48.33 -50.12 -58.05
N LEU C 2134 -48.59 -49.77 -59.31
CA LEU C 2134 -48.15 -50.59 -60.44
C LEU C 2134 -46.63 -50.67 -60.48
N LEU C 2135 -45.96 -49.54 -60.28
CA LEU C 2135 -44.50 -49.55 -60.25
C LEU C 2135 -43.97 -50.44 -59.15
N ARG C 2136 -44.55 -50.32 -57.95
CA ARG C 2136 -44.07 -51.12 -56.83
C ARG C 2136 -44.37 -52.61 -57.01
N ALA C 2137 -45.42 -52.95 -57.76
CA ALA C 2137 -45.81 -54.34 -57.92
C ALA C 2137 -45.13 -55.04 -59.08
N LEU C 2138 -44.70 -54.29 -60.10
CA LEU C 2138 -44.09 -54.89 -61.27
C LEU C 2138 -42.91 -55.79 -60.93
N PRO C 2139 -42.05 -55.42 -59.97
CA PRO C 2139 -40.89 -56.28 -59.66
C PRO C 2139 -41.27 -57.72 -59.37
N ARG C 2140 -42.47 -57.95 -58.83
CA ARG C 2140 -42.93 -59.29 -58.48
C ARG C 2140 -43.79 -59.91 -59.57
N ALA C 2141 -43.59 -59.54 -60.82
CA ALA C 2141 -44.31 -60.12 -61.93
C ALA C 2141 -43.38 -61.01 -62.76
N TYR C 2142 -43.96 -62.03 -63.39
CA TYR C 2142 -43.18 -62.99 -64.15
C TYR C 2142 -44.07 -63.66 -65.18
N THR C 2143 -43.45 -64.17 -66.23
CA THR C 2143 -44.13 -64.88 -67.29
C THR C 2143 -43.53 -66.28 -67.44
N ILE C 2144 -44.36 -67.23 -67.84
CA ILE C 2144 -44.00 -68.65 -67.82
C ILE C 2144 -44.59 -69.32 -69.06
N SER C 2145 -43.82 -70.24 -69.63
CA SER C 2145 -44.35 -71.07 -70.70
C SER C 2145 -45.35 -72.08 -70.13
N PRO C 2146 -46.40 -72.42 -70.88
CA PRO C 2146 -47.42 -73.31 -70.30
C PRO C 2146 -46.90 -74.69 -69.91
N SER C 2147 -45.77 -75.13 -70.46
CA SER C 2147 -45.26 -76.46 -70.16
C SER C 2147 -44.76 -76.59 -68.72
N SER C 2148 -44.49 -75.49 -68.04
CA SER C 2148 -43.91 -75.51 -66.70
C SER C 2148 -44.93 -75.30 -65.59
N VAL C 2149 -46.22 -75.32 -65.92
CA VAL C 2149 -47.24 -74.99 -64.93
C VAL C 2149 -47.23 -75.99 -63.78
N GLU C 2150 -47.12 -77.28 -64.11
CA GLU C 2150 -47.16 -78.30 -63.06
C GLU C 2150 -45.99 -78.15 -62.10
N ASP C 2151 -44.79 -77.98 -62.64
CA ASP C 2151 -43.62 -77.82 -61.78
C ASP C 2151 -43.74 -76.55 -60.94
N THR C 2152 -44.22 -75.47 -61.53
CA THR C 2152 -44.36 -74.23 -60.77
C THR C 2152 -45.35 -74.40 -59.63
N MET C 2153 -46.48 -75.07 -59.89
CA MET C 2153 -47.46 -75.28 -58.84
C MET C 2153 -46.90 -76.15 -57.73
N SER C 2154 -46.19 -77.22 -58.10
CA SER C 2154 -45.57 -78.06 -57.07
C SER C 2154 -44.59 -77.28 -56.23
N LEU C 2155 -43.79 -76.41 -56.85
CA LEU C 2155 -42.86 -75.60 -56.09
C LEU C 2155 -43.58 -74.64 -55.17
N LEU C 2156 -44.67 -74.03 -55.65
CA LEU C 2156 -45.42 -73.07 -54.83
C LEU C 2156 -46.00 -73.75 -53.61
N GLU C 2157 -46.49 -74.98 -53.76
CA GLU C 2157 -47.01 -75.70 -52.59
C GLU C 2157 -45.95 -75.80 -51.50
N CYS C 2158 -44.76 -76.27 -51.85
CA CYS C 2158 -43.70 -76.42 -50.86
C CYS C 2158 -43.27 -75.09 -50.28
N LEU C 2159 -43.19 -74.05 -51.11
CA LEU C 2159 -42.79 -72.74 -50.59
C LEU C 2159 -43.80 -72.24 -49.58
N GLY C 2160 -45.09 -72.37 -49.87
CA GLY C 2160 -46.10 -71.97 -48.92
C GLY C 2160 -46.04 -72.79 -47.64
N GLN C 2161 -45.78 -74.09 -47.77
CA GLN C 2161 -45.68 -74.92 -46.58
C GLN C 2161 -44.54 -74.45 -45.69
N ILE C 2162 -43.40 -74.11 -46.30
CA ILE C 2162 -42.27 -73.60 -45.51
C ILE C 2162 -42.65 -72.28 -44.86
N ARG C 2163 -43.27 -71.38 -45.63
CA ARG C 2163 -43.68 -70.09 -45.06
C ARG C 2163 -44.57 -70.27 -43.85
N SER C 2164 -45.44 -71.28 -43.87
CA SER C 2164 -46.38 -71.47 -42.78
C SER C 2164 -45.68 -71.71 -41.45
N LEU C 2165 -44.52 -72.35 -41.46
CA LEU C 2165 -43.82 -72.69 -40.21
C LEU C 2165 -42.98 -71.56 -39.67
N LEU C 2166 -43.23 -70.31 -40.09
CA LEU C 2166 -42.50 -69.17 -39.58
C LEU C 2166 -43.11 -68.61 -38.31
N ILE C 2167 -44.22 -69.16 -37.83
CA ILE C 2167 -44.95 -68.60 -36.70
C ILE C 2167 -45.24 -69.66 -35.63
N VAL C 2168 -44.39 -70.69 -35.53
CA VAL C 2168 -44.57 -71.74 -34.55
C VAL C 2168 -43.22 -72.12 -33.97
N GLN C 2169 -43.23 -72.43 -32.67
CA GLN C 2169 -42.02 -72.92 -32.03
C GLN C 2169 -41.60 -74.24 -32.65
N MET C 2170 -40.29 -74.42 -32.81
CA MET C 2170 -39.79 -75.58 -33.55
C MET C 2170 -39.97 -76.86 -32.73
N GLY C 2171 -40.28 -77.94 -33.45
CA GLY C 2171 -40.41 -79.25 -32.87
C GLY C 2171 -40.05 -80.32 -33.87
N PRO C 2172 -39.97 -81.58 -33.43
CA PRO C 2172 -39.51 -82.64 -34.34
C PRO C 2172 -40.34 -82.74 -35.62
N GLN C 2173 -41.66 -82.61 -35.52
CA GLN C 2173 -42.49 -82.69 -36.71
C GLN C 2173 -42.17 -81.55 -37.68
N GLU C 2174 -42.01 -80.34 -37.15
CA GLU C 2174 -41.66 -79.22 -38.01
C GLU C 2174 -40.29 -79.43 -38.66
N GLU C 2175 -39.34 -79.97 -37.90
CA GLU C 2175 -38.03 -80.25 -38.45
C GLU C 2175 -38.13 -81.21 -39.63
N ASN C 2176 -38.85 -82.31 -39.43
CA ASN C 2176 -39.00 -83.29 -40.50
C ASN C 2176 -39.69 -82.67 -41.71
N LEU C 2177 -40.74 -81.88 -41.47
CA LEU C 2177 -41.47 -81.28 -42.58
C LEU C 2177 -40.58 -80.34 -43.39
N MET C 2178 -39.80 -79.50 -42.71
CA MET C 2178 -38.91 -78.59 -43.42
C MET C 2178 -37.86 -79.36 -44.20
N ILE C 2179 -37.28 -80.39 -43.61
CA ILE C 2179 -36.27 -81.17 -44.32
C ILE C 2179 -36.87 -81.76 -45.59
N GLN C 2180 -38.07 -82.35 -45.47
CA GLN C 2180 -38.71 -82.95 -46.63
C GLN C 2180 -39.02 -81.91 -47.69
N SER C 2181 -39.52 -80.75 -47.29
CA SER C 2181 -39.88 -79.72 -48.25
C SER C 2181 -38.65 -79.19 -48.99
N ILE C 2182 -37.56 -78.97 -48.27
CA ILE C 2182 -36.33 -78.51 -48.92
C ILE C 2182 -35.84 -79.57 -49.91
N GLY C 2183 -35.85 -80.83 -49.48
CA GLY C 2183 -35.44 -81.89 -50.40
C GLY C 2183 -36.29 -81.90 -51.66
N ASN C 2184 -37.60 -81.71 -51.50
CA ASN C 2184 -38.48 -81.67 -52.67
C ASN C 2184 -38.15 -80.49 -53.57
N ILE C 2185 -37.89 -79.32 -52.99
CA ILE C 2185 -37.61 -78.14 -53.79
C ILE C 2185 -36.33 -78.33 -54.59
N MET C 2186 -35.28 -78.84 -53.96
CA MET C 2186 -33.99 -78.92 -54.63
C MET C 2186 -34.00 -79.92 -55.79
N ASN C 2187 -35.03 -80.75 -55.88
CA ASN C 2187 -35.12 -81.71 -56.98
C ASN C 2187 -35.96 -81.22 -58.15
N ASN C 2188 -36.45 -79.98 -58.09
CA ASN C 2188 -37.28 -79.45 -59.17
C ASN C 2188 -36.40 -78.75 -60.21
N LYS C 2189 -36.75 -78.92 -61.49
CA LYS C 2189 -35.95 -78.30 -62.54
C LYS C 2189 -36.15 -76.79 -62.59
N VAL C 2190 -37.34 -76.31 -62.21
CA VAL C 2190 -37.60 -74.88 -62.24
C VAL C 2190 -36.66 -74.15 -61.29
N PHE C 2191 -36.20 -74.82 -60.23
CA PHE C 2191 -35.26 -74.19 -59.33
C PHE C 2191 -33.96 -73.84 -60.03
N TYR C 2192 -33.66 -74.49 -61.15
CA TYR C 2192 -32.46 -74.23 -61.93
C TYR C 2192 -32.72 -73.40 -63.17
N GLN C 2193 -33.86 -73.61 -63.82
CA GLN C 2193 -34.13 -72.93 -65.09
C GLN C 2193 -34.52 -71.47 -64.92
N HIS C 2194 -35.08 -71.09 -63.77
CA HIS C 2194 -35.57 -69.73 -63.54
C HIS C 2194 -35.05 -69.19 -62.22
N PRO C 2195 -33.74 -68.99 -62.10
CA PRO C 2195 -33.19 -68.47 -60.84
C PRO C 2195 -33.74 -67.10 -60.47
N ASN C 2196 -34.01 -66.25 -61.46
CA ASN C 2196 -34.55 -64.92 -61.16
C ASN C 2196 -35.90 -65.03 -60.47
N LEU C 2197 -36.73 -65.98 -60.90
CA LEU C 2197 -38.03 -66.15 -60.25
C LEU C 2197 -37.86 -66.52 -58.78
N MET C 2198 -36.95 -67.45 -58.50
CA MET C 2198 -36.72 -67.84 -57.10
C MET C 2198 -36.22 -66.65 -56.30
N ARG C 2199 -35.29 -65.88 -56.86
CA ARG C 2199 -34.80 -64.70 -56.15
C ARG C 2199 -35.90 -63.67 -55.94
N ALA C 2200 -36.92 -63.66 -56.81
CA ALA C 2200 -38.02 -62.71 -56.65
C ALA C 2200 -38.97 -63.11 -55.55
N LEU C 2201 -39.01 -64.40 -55.19
CA LEU C 2201 -39.88 -64.87 -54.12
C LEU C 2201 -39.23 -64.77 -52.75
N GLY C 2202 -37.94 -64.46 -52.68
CA GLY C 2202 -37.27 -64.31 -51.39
C GLY C 2202 -37.23 -65.57 -50.57
N MET C 2203 -36.97 -66.72 -51.19
CA MET C 2203 -36.90 -67.97 -50.43
C MET C 2203 -35.73 -67.96 -49.46
N HIS C 2204 -34.58 -67.43 -49.89
CA HIS C 2204 -33.40 -67.44 -49.03
C HIS C 2204 -33.65 -66.66 -47.75
N GLU C 2205 -34.35 -65.54 -47.84
CA GLU C 2205 -34.65 -64.77 -46.64
C GLU C 2205 -35.48 -65.60 -45.66
N THR C 2206 -36.49 -66.31 -46.17
CA THR C 2206 -37.29 -67.17 -45.31
C THR C 2206 -36.43 -68.24 -44.65
N VAL C 2207 -35.53 -68.85 -45.43
CA VAL C 2207 -34.70 -69.92 -44.89
C VAL C 2207 -33.81 -69.38 -43.78
N MET C 2208 -33.18 -68.22 -43.99
CA MET C 2208 -32.35 -67.64 -42.95
C MET C 2208 -33.16 -67.25 -41.73
N GLU C 2209 -34.38 -66.74 -41.92
CA GLU C 2209 -35.22 -66.42 -40.78
C GLU C 2209 -35.48 -67.66 -39.94
N VAL C 2210 -35.85 -68.76 -40.60
CA VAL C 2210 -36.07 -70.01 -39.87
C VAL C 2210 -34.80 -70.43 -39.16
N MET C 2211 -33.66 -70.34 -39.84
CA MET C 2211 -32.39 -70.77 -39.25
C MET C 2211 -32.09 -69.98 -37.99
N VAL C 2212 -32.26 -68.66 -38.04
CA VAL C 2212 -31.94 -67.85 -36.87
C VAL C 2212 -32.93 -68.11 -35.74
N ASN C 2213 -34.21 -68.34 -36.07
CA ASN C 2213 -35.21 -68.52 -35.03
C ASN C 2213 -34.83 -69.64 -34.07
N VAL C 2214 -34.11 -70.65 -34.56
CA VAL C 2214 -33.72 -71.78 -33.73
C VAL C 2214 -32.27 -71.58 -33.28
N LEU C 2215 -31.80 -70.34 -33.32
CA LEU C 2215 -30.42 -70.02 -32.96
C LEU C 2215 -30.34 -68.74 -32.16
N ILE C 2223 -27.68 -75.54 -29.48
CA ILE C 2223 -28.36 -75.62 -30.81
C ILE C 2223 -29.79 -76.13 -30.62
N ARG C 2224 -29.96 -77.38 -30.17
CA ARG C 2224 -31.30 -77.98 -29.88
C ARG C 2224 -31.92 -78.56 -31.17
N PHE C 2225 -31.39 -78.25 -32.37
CA PHE C 2225 -31.88 -78.79 -33.66
C PHE C 2225 -30.69 -78.91 -34.64
N PRO C 2226 -29.81 -79.92 -34.50
CA PRO C 2226 -28.63 -80.06 -35.37
C PRO C 2226 -28.90 -80.43 -36.83
N LYS C 2227 -29.91 -81.26 -37.12
CA LYS C 2227 -30.28 -81.65 -38.51
C LYS C 2227 -30.91 -80.51 -39.33
N MET C 2228 -31.59 -79.55 -38.73
CA MET C 2228 -32.25 -78.37 -39.36
C MET C 2228 -31.17 -77.40 -39.89
N VAL C 2229 -30.11 -77.15 -39.13
CA VAL C 2229 -29.08 -76.18 -39.52
C VAL C 2229 -28.24 -76.74 -40.65
N THR C 2230 -27.92 -78.03 -40.59
CA THR C 2230 -27.13 -78.64 -41.66
C THR C 2230 -27.86 -78.54 -43.00
N SER C 2231 -29.14 -78.92 -43.02
CA SER C 2231 -29.89 -78.87 -44.26
C SER C 2231 -30.00 -77.45 -44.79
N CYS C 2232 -30.30 -76.50 -43.91
CA CYS C 2232 -30.44 -75.11 -44.34
C CYS C 2232 -29.13 -74.58 -44.91
N CYS C 2233 -28.01 -74.88 -44.24
CA CYS C 2233 -26.72 -74.42 -44.73
C CYS C 2233 -26.39 -75.03 -46.09
N ARG C 2234 -26.66 -76.32 -46.25
CA ARG C 2234 -26.41 -76.95 -47.54
C ARG C 2234 -27.26 -76.32 -48.63
N PHE C 2235 -28.53 -76.06 -48.33
CA PHE C 2235 -29.40 -75.43 -49.31
C PHE C 2235 -28.89 -74.05 -49.69
N LEU C 2236 -28.47 -73.27 -48.69
CA LEU C 2236 -28.00 -71.92 -48.98
C LEU C 2236 -26.72 -71.95 -49.80
N CYS C 2237 -25.80 -72.86 -49.50
CA CYS C 2237 -24.58 -72.97 -50.29
C CYS C 2237 -24.90 -73.33 -51.73
N TYR C 2238 -25.80 -74.29 -51.92
CA TYR C 2238 -26.20 -74.65 -53.27
C TYR C 2238 -26.85 -73.47 -53.99
N PHE C 2239 -27.67 -72.71 -53.28
CA PHE C 2239 -28.29 -71.53 -53.87
C PHE C 2239 -27.24 -70.53 -54.32
N CYS C 2240 -26.23 -70.31 -53.48
CA CYS C 2240 -25.15 -69.39 -53.86
C CYS C 2240 -24.43 -69.88 -55.11
N ARG C 2241 -24.20 -71.19 -55.20
CA ARG C 2241 -23.40 -71.72 -56.29
C ARG C 2241 -24.07 -71.58 -57.65
N ILE C 2242 -25.35 -71.25 -57.70
CA ILE C 2242 -26.06 -71.23 -58.98
C ILE C 2242 -25.57 -70.09 -59.85
N SER C 2243 -25.47 -68.88 -59.30
CA SER C 2243 -25.19 -67.70 -60.11
C SER C 2243 -24.56 -66.62 -59.23
N ARG C 2244 -24.02 -65.59 -59.89
CA ARG C 2244 -23.37 -64.51 -59.17
C ARG C 2244 -24.38 -63.59 -58.50
N GLN C 2245 -25.57 -63.42 -59.09
CA GLN C 2245 -26.58 -62.58 -58.47
C GLN C 2245 -27.00 -63.15 -57.11
N ASN C 2246 -27.20 -64.47 -57.04
CA ASN C 2246 -27.47 -65.09 -55.77
C ASN C 2246 -26.31 -64.89 -54.80
N GLN C 2247 -25.09 -64.97 -55.32
CA GLN C 2247 -23.91 -64.77 -54.48
C GLN C 2247 -23.94 -63.39 -53.84
N ARG C 2248 -24.24 -62.36 -54.62
CA ARG C 2248 -24.35 -61.02 -54.06
C ARG C 2248 -25.50 -60.92 -53.08
N SER C 2249 -26.63 -61.55 -53.41
CA SER C 2249 -27.79 -61.47 -52.52
C SER C 2249 -27.45 -62.02 -51.15
N MET C 2250 -26.79 -63.17 -51.09
CA MET C 2250 -26.37 -63.71 -49.81
C MET C 2250 -25.24 -62.89 -49.18
N PHE C 2251 -24.34 -62.33 -50.00
CA PHE C 2251 -23.29 -61.46 -49.48
C PHE C 2251 -23.88 -60.29 -48.71
N ASP C 2252 -25.07 -59.85 -49.11
CA ASP C 2252 -25.71 -58.72 -48.41
C ASP C 2252 -25.85 -58.97 -46.93
N HIS C 2253 -26.14 -60.21 -46.51
CA HIS C 2253 -26.39 -60.54 -45.12
C HIS C 2253 -25.17 -61.11 -44.41
N LEU C 2254 -23.97 -60.79 -44.89
CA LEU C 2254 -22.76 -61.38 -44.33
C LEU C 2254 -22.58 -60.99 -42.87
N SER C 2255 -22.80 -59.72 -42.55
CA SER C 2255 -22.63 -59.28 -41.17
C SER C 2255 -23.63 -59.98 -40.25
N TYR C 2256 -24.86 -60.13 -40.71
CA TYR C 2256 -25.87 -60.79 -39.91
C TYR C 2256 -25.48 -62.24 -39.67
N LEU C 2257 -25.00 -62.92 -40.71
CA LEU C 2257 -24.58 -64.31 -40.56
C LEU C 2257 -23.44 -64.42 -39.57
N LEU C 2258 -22.48 -63.51 -39.59
CA LEU C 2258 -21.29 -63.65 -38.72
C LEU C 2258 -21.66 -63.52 -37.24
N GLU C 2259 -22.58 -62.62 -36.86
CA GLU C 2259 -22.98 -62.37 -35.45
C GLU C 2259 -23.37 -63.69 -34.78
N ASN C 2260 -24.08 -64.57 -35.50
CA ASN C 2260 -24.56 -65.88 -34.97
C ASN C 2260 -23.44 -66.93 -35.06
N SER C 2261 -23.59 -68.06 -34.38
CA SER C 2261 -22.60 -69.18 -34.40
C SER C 2261 -21.19 -68.63 -34.10
N GLY C 2262 -21.01 -67.97 -32.95
CA GLY C 2262 -19.70 -67.41 -32.53
C GLY C 2262 -19.08 -68.20 -31.38
N ILE C 2263 -19.86 -68.98 -30.63
CA ILE C 2263 -19.36 -69.86 -29.52
C ILE C 2263 -19.86 -71.28 -29.80
N GLY C 2264 -21.13 -71.48 -30.22
CA GLY C 2264 -21.75 -72.79 -30.49
C GLY C 2264 -21.50 -73.28 -31.91
N LEU C 2265 -20.57 -74.21 -32.12
CA LEU C 2265 -20.19 -74.70 -33.46
C LEU C 2265 -21.16 -75.75 -33.95
N GLY C 2266 -21.63 -76.67 -33.11
CA GLY C 2266 -22.45 -77.75 -33.68
C GLY C 2266 -21.58 -78.28 -34.78
N MET C 2267 -20.33 -78.61 -34.46
CA MET C 2267 -19.27 -78.87 -35.46
C MET C 2267 -19.59 -80.01 -36.41
N GLN C 2268 -20.42 -80.97 -36.06
CA GLN C 2268 -20.55 -82.17 -36.92
C GLN C 2268 -21.00 -81.74 -38.32
N GLY C 2269 -21.87 -80.75 -38.49
CA GLY C 2269 -22.45 -80.44 -39.81
C GLY C 2269 -22.32 -79.00 -40.24
N SER C 2270 -22.45 -78.72 -41.54
CA SER C 2270 -22.32 -77.36 -42.13
C SER C 2270 -22.98 -76.31 -41.24
N THR C 2271 -22.33 -75.17 -41.02
CA THR C 2271 -22.85 -74.09 -40.15
C THR C 2271 -23.00 -72.77 -40.93
N PRO C 2272 -23.39 -71.64 -40.28
CA PRO C 2272 -23.52 -70.34 -40.94
C PRO C 2272 -22.21 -69.81 -41.49
N LEU C 2273 -21.10 -70.08 -40.80
CA LEU C 2273 -19.81 -69.66 -41.33
C LEU C 2273 -19.53 -70.29 -42.70
N ASP C 2274 -19.99 -71.52 -42.91
CA ASP C 2274 -19.77 -72.16 -44.21
C ASP C 2274 -20.48 -71.41 -45.33
N VAL C 2275 -21.74 -71.04 -45.12
CA VAL C 2275 -22.44 -70.29 -46.17
C VAL C 2275 -21.82 -68.91 -46.32
N ALA C 2276 -21.40 -68.30 -45.22
CA ALA C 2276 -20.72 -67.01 -45.31
C ALA C 2276 -19.50 -67.11 -46.22
N ALA C 2277 -18.69 -68.15 -46.03
CA ALA C 2277 -17.53 -68.36 -46.89
C ALA C 2277 -17.96 -68.61 -48.32
N ALA C 2278 -18.99 -69.43 -48.52
CA ALA C 2278 -19.42 -69.76 -49.87
C ALA C 2278 -19.96 -68.55 -50.60
N SER C 2279 -20.37 -67.51 -49.87
CA SER C 2279 -20.94 -66.33 -50.49
C SER C 2279 -19.89 -65.44 -51.15
N VAL C 2280 -18.60 -65.71 -50.96
CA VAL C 2280 -17.54 -64.84 -51.46
C VAL C 2280 -16.46 -65.60 -52.21
N ILE C 2281 -16.72 -66.82 -52.65
CA ILE C 2281 -15.68 -67.62 -53.30
C ILE C 2281 -15.46 -67.12 -54.72
N ASP C 2282 -14.20 -66.85 -55.06
CA ASP C 2282 -13.79 -66.58 -56.43
C ASP C 2282 -14.58 -65.44 -57.06
N ASN C 2283 -14.79 -64.36 -56.33
CA ASN C 2283 -15.48 -63.18 -56.83
C ASN C 2283 -14.66 -61.95 -56.44
N ASN C 2284 -13.91 -61.41 -57.41
CA ASN C 2284 -13.04 -60.28 -57.11
C ASN C 2284 -13.83 -59.08 -56.61
N GLU C 2285 -14.96 -58.78 -57.25
CA GLU C 2285 -15.74 -57.61 -56.86
C GLU C 2285 -16.23 -57.73 -55.42
N LEU C 2286 -16.84 -58.86 -55.09
CA LEU C 2286 -17.35 -59.04 -53.74
C LEU C 2286 -16.23 -59.02 -52.71
N ALA C 2287 -15.10 -59.67 -53.01
CA ALA C 2287 -13.98 -59.66 -52.09
C ALA C 2287 -13.45 -58.26 -51.86
N LEU C 2288 -13.33 -57.46 -52.92
CA LEU C 2288 -12.89 -56.08 -52.75
C LEU C 2288 -13.89 -55.29 -51.93
N ALA C 2289 -15.18 -55.49 -52.18
CA ALA C 2289 -16.20 -54.76 -51.45
C ALA C 2289 -16.30 -55.17 -49.99
N LEU C 2290 -15.61 -56.23 -49.59
CA LEU C 2290 -15.70 -56.71 -48.22
C LEU C 2290 -15.38 -55.59 -47.23
N GLN C 2291 -16.21 -55.48 -46.20
CA GLN C 2291 -16.02 -54.48 -45.17
C GLN C 2291 -14.87 -54.91 -44.26
N GLU C 2292 -14.27 -54.01 -43.47
CA GLU C 2292 -13.13 -54.32 -42.58
C GLU C 2292 -13.66 -54.61 -41.17
N GLN C 2293 -14.91 -54.25 -40.90
CA GLN C 2293 -15.58 -54.50 -39.59
C GLN C 2293 -15.85 -55.99 -39.44
N ASP C 2294 -16.04 -56.70 -40.56
CA ASP C 2294 -16.27 -58.17 -40.56
C ASP C 2294 -14.96 -58.89 -40.29
N LEU C 2295 -13.82 -58.24 -40.56
CA LEU C 2295 -12.47 -58.86 -40.42
C LEU C 2295 -12.05 -58.84 -38.94
N GLU C 2296 -12.24 -57.73 -38.22
CA GLU C 2296 -11.82 -57.59 -36.83
C GLU C 2296 -12.71 -58.42 -35.91
N LYS C 2297 -14.00 -58.54 -36.24
CA LYS C 2297 -14.88 -59.35 -35.41
C LYS C 2297 -14.48 -60.82 -35.46
N VAL C 2298 -14.15 -61.31 -36.65
CA VAL C 2298 -13.73 -62.70 -36.79
C VAL C 2298 -12.42 -62.93 -36.05
N VAL C 2299 -11.49 -61.97 -36.14
CA VAL C 2299 -10.23 -62.10 -35.42
C VAL C 2299 -10.48 -62.12 -33.93
N SER C 2300 -11.42 -61.30 -33.46
CA SER C 2300 -11.76 -61.33 -32.03
C SER C 2300 -12.32 -62.68 -31.63
N TYR C 2301 -13.21 -63.24 -32.44
CA TYR C 2301 -13.70 -64.59 -32.18
C TYR C 2301 -12.53 -65.56 -32.07
N LEU C 2302 -11.58 -65.47 -33.01
CA LEU C 2302 -10.44 -66.37 -32.99
C LEU C 2302 -9.64 -66.22 -31.71
N ALA C 2303 -9.43 -64.99 -31.26
CA ALA C 2303 -8.63 -64.76 -30.06
C ALA C 2303 -9.14 -65.58 -28.89
N GLY C 2304 -10.45 -65.72 -28.75
CA GLY C 2304 -10.99 -66.53 -27.67
C GLY C 2304 -10.60 -67.99 -27.78
N CYS C 2305 -10.63 -68.53 -29.01
CA CYS C 2305 -10.30 -69.94 -29.21
C CYS C 2305 -8.90 -70.27 -28.72
N GLY C 2306 -8.02 -69.28 -28.67
CA GLY C 2306 -6.69 -69.49 -28.18
C GLY C 2306 -6.51 -69.31 -26.69
N LEU C 2307 -7.60 -69.24 -25.93
CA LEU C 2307 -7.52 -68.98 -24.50
C LEU C 2307 -8.24 -70.01 -23.65
N GLN C 2308 -9.38 -70.55 -24.10
CA GLN C 2308 -10.18 -71.44 -23.28
C GLN C 2308 -10.55 -72.69 -24.06
N SER C 2309 -10.57 -73.82 -23.38
CA SER C 2309 -10.95 -75.07 -24.02
C SER C 2309 -12.45 -75.10 -24.28
N CYS C 2310 -12.87 -76.02 -25.13
CA CYS C 2310 -14.27 -76.15 -25.49
C CYS C 2310 -15.03 -76.82 -24.36
N PRO C 2311 -16.10 -76.21 -23.83
CA PRO C 2311 -16.86 -76.89 -22.76
C PRO C 2311 -17.41 -78.24 -23.18
N MET C 2312 -17.75 -78.42 -24.46
CA MET C 2312 -18.31 -79.69 -24.90
C MET C 2312 -17.34 -80.83 -24.66
N LEU C 2313 -16.07 -80.63 -25.01
CA LEU C 2313 -15.08 -81.68 -24.78
C LEU C 2313 -14.92 -81.97 -23.30
N LEU C 2314 -14.92 -80.92 -22.47
CA LEU C 2314 -14.81 -81.12 -21.03
C LEU C 2314 -15.97 -81.95 -20.51
N ALA C 2315 -17.18 -81.67 -20.99
CA ALA C 2315 -18.34 -82.46 -20.58
C ALA C 2315 -18.16 -83.94 -20.92
N LYS C 2316 -17.43 -84.23 -22.00
CA LYS C 2316 -17.18 -85.61 -22.40
C LYS C 2316 -15.97 -86.21 -21.72
N GLY C 2317 -15.29 -85.46 -20.85
CA GLY C 2317 -14.19 -86.02 -20.09
C GLY C 2317 -12.83 -85.84 -20.71
N TYR C 2318 -12.71 -85.08 -21.79
CA TYR C 2318 -11.41 -84.88 -22.40
C TYR C 2318 -10.51 -84.07 -21.48
N PRO C 2319 -9.20 -84.28 -21.56
CA PRO C 2319 -8.28 -83.47 -20.74
C PRO C 2319 -8.35 -82.01 -21.15
N ASP C 2320 -8.09 -81.13 -20.18
CA ASP C 2320 -8.25 -79.70 -20.40
C ASP C 2320 -6.92 -79.05 -20.75
N ILE C 2321 -6.94 -78.24 -21.80
CA ILE C 2321 -5.82 -77.39 -22.18
C ILE C 2321 -6.35 -76.01 -22.50
N GLY C 2322 -5.47 -75.01 -22.47
CA GLY C 2322 -5.91 -73.64 -22.53
C GLY C 2322 -6.20 -73.12 -23.93
N TRP C 2323 -6.83 -73.91 -24.77
CA TRP C 2323 -7.25 -73.43 -26.08
C TRP C 2323 -8.03 -74.51 -26.80
N ASN C 2324 -8.74 -74.10 -27.84
CA ASN C 2324 -9.67 -74.95 -28.59
C ASN C 2324 -9.31 -74.89 -30.07
N PRO C 2325 -8.47 -75.81 -30.56
CA PRO C 2325 -7.98 -75.68 -31.94
C PRO C 2325 -9.07 -75.74 -33.01
N CYS C 2326 -10.20 -76.41 -32.74
CA CYS C 2326 -11.19 -76.62 -33.80
C CYS C 2326 -11.74 -75.29 -34.32
N GLY C 2327 -12.21 -74.44 -33.42
CA GLY C 2327 -12.69 -73.14 -33.86
C GLY C 2327 -11.60 -72.35 -34.56
N GLY C 2328 -10.37 -72.47 -34.07
CA GLY C 2328 -9.28 -71.77 -34.72
C GLY C 2328 -9.12 -72.16 -36.17
N GLU C 2329 -9.15 -73.47 -36.44
CA GLU C 2329 -9.00 -73.90 -37.83
C GLU C 2329 -10.20 -73.49 -38.66
N ARG C 2330 -11.41 -73.50 -38.08
CA ARG C 2330 -12.57 -73.05 -38.84
C ARG C 2330 -12.41 -71.59 -39.27
N TYR C 2331 -12.08 -70.71 -38.32
CA TYR C 2331 -11.96 -69.30 -38.64
C TYR C 2331 -10.79 -69.06 -39.60
N LEU C 2332 -9.70 -69.83 -39.45
CA LEU C 2332 -8.60 -69.68 -40.38
C LEU C 2332 -9.00 -70.09 -41.79
N ASP C 2333 -9.81 -71.14 -41.91
CA ASP C 2333 -10.32 -71.52 -43.23
C ASP C 2333 -11.13 -70.39 -43.84
N PHE C 2334 -12.01 -69.77 -43.05
CA PHE C 2334 -12.78 -68.65 -43.58
C PHE C 2334 -11.85 -67.54 -44.05
N LEU C 2335 -10.85 -67.19 -43.25
CA LEU C 2335 -9.94 -66.12 -43.63
C LEU C 2335 -9.21 -66.47 -44.92
N ARG C 2336 -8.75 -67.71 -45.06
CA ARG C 2336 -8.08 -68.12 -46.28
C ARG C 2336 -8.98 -67.91 -47.48
N PHE C 2337 -10.24 -68.37 -47.38
CA PHE C 2337 -11.16 -68.16 -48.50
C PHE C 2337 -11.35 -66.68 -48.78
N ALA C 2338 -11.24 -65.84 -47.75
CA ALA C 2338 -11.44 -64.41 -47.95
C ALA C 2338 -10.26 -63.75 -48.63
N VAL C 2339 -9.04 -64.25 -48.40
CA VAL C 2339 -7.84 -63.52 -48.83
C VAL C 2339 -7.39 -63.94 -50.22
N PHE C 2340 -7.51 -65.22 -50.56
CA PHE C 2340 -6.98 -65.76 -51.80
C PHE C 2340 -8.11 -66.10 -52.75
N VAL C 2341 -8.03 -65.62 -54.00
CA VAL C 2341 -9.04 -65.86 -55.00
C VAL C 2341 -8.37 -66.29 -56.30
N ASN C 2342 -8.81 -67.43 -56.84
CA ASN C 2342 -8.37 -67.92 -58.15
C ASN C 2342 -6.87 -67.74 -58.36
N GLY C 2343 -6.07 -68.32 -57.47
CA GLY C 2343 -4.64 -68.37 -57.67
C GLY C 2343 -3.91 -67.07 -57.48
N GLU C 2344 -4.58 -66.04 -56.94
CA GLU C 2344 -3.97 -64.73 -56.75
C GLU C 2344 -4.34 -64.18 -55.38
N SER C 2345 -3.46 -63.32 -54.86
CA SER C 2345 -3.63 -62.74 -53.54
C SER C 2345 -4.03 -61.26 -53.68
N VAL C 2346 -5.09 -60.88 -53.00
CA VAL C 2346 -5.51 -59.48 -52.96
C VAL C 2346 -4.77 -58.80 -51.82
N GLU C 2347 -4.03 -57.74 -52.14
CA GLU C 2347 -3.08 -57.19 -51.19
C GLU C 2347 -3.76 -56.43 -50.05
N GLU C 2348 -4.89 -55.78 -50.32
CA GLU C 2348 -5.53 -54.96 -49.29
C GLU C 2348 -5.96 -55.81 -48.10
N ASN C 2349 -6.72 -56.87 -48.36
CA ASN C 2349 -7.16 -57.74 -47.28
C ASN C 2349 -5.96 -58.43 -46.63
N ALA C 2350 -4.95 -58.78 -47.41
CA ALA C 2350 -3.77 -59.40 -46.84
C ALA C 2350 -3.13 -58.47 -45.80
N ASN C 2351 -2.92 -57.20 -46.17
CA ASN C 2351 -2.32 -56.26 -45.25
C ASN C 2351 -3.20 -56.07 -44.01
N VAL C 2352 -4.50 -55.92 -44.23
CA VAL C 2352 -5.40 -55.69 -43.10
C VAL C 2352 -5.34 -56.86 -42.13
N VAL C 2353 -5.43 -58.08 -42.65
CA VAL C 2353 -5.52 -59.24 -41.78
C VAL C 2353 -4.20 -59.49 -41.07
N VAL C 2354 -3.07 -59.31 -41.76
CA VAL C 2354 -1.79 -59.52 -41.11
C VAL C 2354 -1.59 -58.48 -40.01
N ARG C 2355 -1.99 -57.23 -40.27
CA ARG C 2355 -1.89 -56.21 -39.24
C ARG C 2355 -2.74 -56.57 -38.02
N LEU C 2356 -3.99 -56.98 -38.26
CA LEU C 2356 -4.85 -57.36 -37.14
C LEU C 2356 -4.26 -58.52 -36.37
N LEU C 2357 -3.72 -59.52 -37.06
CA LEU C 2357 -3.15 -60.67 -36.36
C LEU C 2357 -1.98 -60.25 -35.50
N ILE C 2358 -1.03 -59.49 -36.06
CA ILE C 2358 0.12 -59.09 -35.26
C ILE C 2358 -0.33 -58.25 -34.08
N ARG C 2359 -1.45 -57.53 -34.22
CA ARG C 2359 -1.95 -56.74 -33.10
C ARG C 2359 -2.31 -57.60 -31.90
N LYS C 2360 -2.61 -58.88 -32.09
CA LYS C 2360 -2.98 -59.80 -31.02
C LYS C 2360 -2.10 -61.03 -31.09
N PRO C 2361 -0.91 -60.99 -30.48
CA PRO C 2361 0.02 -62.13 -30.59
C PRO C 2361 -0.52 -63.42 -30.01
N GLU C 2362 -1.53 -63.37 -29.14
CA GLU C 2362 -2.05 -64.60 -28.55
C GLU C 2362 -2.77 -65.48 -29.56
N CYS C 2363 -3.22 -64.91 -30.68
CA CYS C 2363 -3.95 -65.68 -31.68
C CYS C 2363 -3.07 -66.72 -32.36
N PHE C 2364 -1.75 -66.51 -32.39
CA PHE C 2364 -0.84 -67.42 -33.05
C PHE C 2364 -0.73 -68.77 -32.36
N GLY C 2365 -1.24 -68.91 -31.16
CA GLY C 2365 -1.19 -70.17 -30.45
C GLY C 2365 -0.02 -70.22 -29.48
N PRO C 2366 -0.02 -71.22 -28.60
CA PRO C 2366 1.02 -71.28 -27.56
C PRO C 2366 2.44 -71.29 -28.10
N ALA C 2367 2.68 -71.98 -29.21
CA ALA C 2367 4.05 -72.11 -29.71
C ALA C 2367 4.64 -70.75 -30.04
N LEU C 2368 3.86 -69.89 -30.69
CA LEU C 2368 4.34 -68.58 -31.12
C LEU C 2368 4.04 -67.49 -30.09
N ARG C 2369 3.65 -67.87 -28.88
CA ARG C 2369 3.35 -66.88 -27.85
C ARG C 2369 4.53 -65.96 -27.58
N GLY C 2370 5.76 -66.41 -27.81
CA GLY C 2370 6.93 -65.62 -27.55
C GLY C 2370 7.58 -65.97 -26.23
N GLU C 2371 7.36 -65.15 -25.21
CA GLU C 2371 7.91 -65.42 -23.88
C GLU C 2371 7.51 -66.80 -23.42
N GLY C 2372 8.47 -67.70 -23.27
CA GLY C 2372 8.17 -69.06 -22.87
C GLY C 2372 7.57 -69.92 -23.94
N GLY C 2373 7.50 -69.44 -25.18
CA GLY C 2373 6.89 -70.21 -26.25
C GLY C 2373 7.90 -71.03 -27.02
N SER C 2374 7.66 -72.34 -27.12
CA SER C 2374 8.54 -73.21 -27.86
C SER C 2374 8.30 -73.07 -29.36
N GLY C 2375 9.29 -73.49 -30.14
CA GLY C 2375 9.18 -73.40 -31.58
C GLY C 2375 8.16 -74.38 -32.15
N LEU C 2376 7.85 -74.20 -33.43
CA LEU C 2376 6.86 -75.06 -34.07
C LEU C 2376 7.32 -76.51 -34.08
N LEU C 2377 8.60 -76.74 -34.36
CA LEU C 2377 9.09 -78.11 -34.46
C LEU C 2377 8.88 -78.86 -33.15
N ALA C 2378 9.24 -78.23 -32.03
CA ALA C 2378 9.04 -78.88 -30.74
C ALA C 2378 7.57 -79.13 -30.46
N ALA C 2379 6.70 -78.17 -30.80
CA ALA C 2379 5.28 -78.34 -30.57
C ALA C 2379 4.73 -79.53 -31.36
N ILE C 2380 5.13 -79.66 -32.62
CA ILE C 2380 4.59 -80.74 -33.44
C ILE C 2380 5.17 -82.07 -33.00
N GLU C 2381 6.43 -82.11 -32.58
CA GLU C 2381 6.98 -83.34 -32.03
C GLU C 2381 6.22 -83.76 -30.78
N GLU C 2382 5.92 -82.79 -29.90
CA GLU C 2382 5.14 -83.09 -28.71
C GLU C 2382 3.76 -83.62 -29.09
N ALA C 2383 3.14 -83.03 -30.11
CA ALA C 2383 1.83 -83.52 -30.55
C ALA C 2383 1.93 -84.96 -31.06
N ILE C 2384 2.96 -85.26 -31.82
CA ILE C 2384 3.14 -86.62 -32.32
C ILE C 2384 3.26 -87.59 -31.15
N ARG C 2385 4.09 -87.24 -30.16
CA ARG C 2385 4.25 -88.12 -29.00
C ARG C 2385 2.93 -88.26 -28.24
N ILE C 2386 2.17 -87.17 -28.14
CA ILE C 2386 0.86 -87.24 -27.49
C ILE C 2386 -0.03 -88.23 -28.21
N SER C 2387 0.05 -88.26 -29.54
CA SER C 2387 -0.83 -89.14 -30.30
C SER C 2387 -0.66 -90.60 -29.92
N GLU C 2388 0.46 -90.97 -29.31
CA GLU C 2388 0.67 -92.35 -28.89
C GLU C 2388 -0.09 -92.71 -27.62
N ASP C 2389 -0.21 -91.78 -26.67
CA ASP C 2389 -0.82 -92.07 -25.38
C ASP C 2389 -2.33 -91.89 -25.45
N PRO C 2390 -3.13 -92.94 -25.24
CA PRO C 2390 -4.58 -92.74 -25.17
C PRO C 2390 -5.01 -91.80 -24.06
N ALA C 2391 -4.29 -91.80 -22.94
CA ALA C 2391 -4.66 -90.93 -21.83
C ALA C 2391 -4.58 -89.46 -22.21
N ARG C 2392 -3.54 -89.06 -22.93
CA ARG C 2392 -3.36 -87.67 -23.32
C ARG C 2392 -4.11 -87.31 -24.59
N ASP C 2393 -4.74 -88.28 -25.25
CA ASP C 2393 -5.43 -88.02 -26.50
C ASP C 2393 -6.94 -88.11 -26.39
N GLY C 2394 -7.47 -88.67 -25.31
CA GLY C 2394 -8.89 -88.84 -25.16
C GLY C 2394 -9.29 -89.21 -23.75
N PRO C 2395 -10.57 -89.51 -23.53
CA PRO C 2395 -11.10 -89.89 -22.22
C PRO C 2395 -10.31 -91.03 -21.58
N ARG C 2415 -13.91 -90.45 -32.04
CA ARG C 2415 -14.56 -89.54 -32.97
C ARG C 2415 -13.78 -88.23 -33.09
N VAL C 2416 -12.76 -88.06 -32.26
CA VAL C 2416 -11.91 -86.87 -32.29
C VAL C 2416 -10.64 -87.16 -31.51
N HIS C 2417 -9.52 -86.62 -31.98
CA HIS C 2417 -8.23 -86.80 -31.35
C HIS C 2417 -7.52 -85.46 -31.28
N LEU C 2418 -6.61 -85.32 -30.32
CA LEU C 2418 -6.04 -84.02 -30.04
C LEU C 2418 -4.80 -83.74 -30.89
N GLY C 2419 -3.92 -84.72 -31.07
CA GLY C 2419 -2.73 -84.48 -31.87
C GLY C 2419 -3.06 -84.04 -33.26
N HIS C 2420 -4.02 -84.73 -33.89
CA HIS C 2420 -4.42 -84.35 -35.25
C HIS C 2420 -5.01 -82.94 -35.26
N ALA C 2421 -5.79 -82.59 -34.24
CA ALA C 2421 -6.38 -81.26 -34.19
C ALA C 2421 -5.29 -80.19 -34.11
N ILE C 2422 -4.28 -80.42 -33.26
CA ILE C 2422 -3.22 -79.44 -33.10
C ILE C 2422 -2.45 -79.27 -34.41
N MET C 2423 -2.10 -80.41 -35.03
CA MET C 2423 -1.32 -80.43 -36.29
C MET C 2423 -2.12 -79.78 -37.42
N SER C 2424 -3.45 -79.90 -37.43
CA SER C 2424 -4.30 -79.25 -38.42
C SER C 2424 -4.37 -77.75 -38.16
N PHE C 2425 -4.47 -77.34 -36.90
CA PHE C 2425 -4.51 -75.92 -36.59
C PHE C 2425 -3.24 -75.23 -37.07
N TYR C 2426 -2.08 -75.79 -36.73
CA TYR C 2426 -0.83 -75.15 -37.14
C TYR C 2426 -0.70 -75.12 -38.65
N ALA C 2427 -1.07 -76.22 -39.32
CA ALA C 2427 -1.00 -76.25 -40.77
C ALA C 2427 -1.88 -75.18 -41.40
N ALA C 2428 -3.10 -75.02 -40.89
CA ALA C 2428 -4.00 -74.00 -41.42
C ALA C 2428 -3.41 -72.61 -41.22
N LEU C 2429 -2.85 -72.35 -40.04
CA LEU C 2429 -2.26 -71.04 -39.79
C LEU C 2429 -1.12 -70.76 -40.77
N ILE C 2430 -0.23 -71.73 -40.96
CA ILE C 2430 0.91 -71.53 -41.85
C ILE C 2430 0.43 -71.33 -43.28
N ASP C 2431 -0.58 -72.09 -43.69
CA ASP C 2431 -1.11 -71.92 -45.04
C ASP C 2431 -1.70 -70.53 -45.24
N LEU C 2432 -2.44 -70.03 -44.24
CA LEU C 2432 -2.97 -68.67 -44.33
C LEU C 2432 -1.84 -67.66 -44.49
N LEU C 2433 -0.83 -67.75 -43.62
CA LEU C 2433 0.27 -66.79 -43.69
C LEU C 2433 0.95 -66.86 -45.05
N GLY C 2434 1.18 -68.07 -45.56
CA GLY C 2434 1.79 -68.19 -46.87
C GLY C 2434 0.96 -67.54 -47.96
N ARG C 2435 -0.36 -67.75 -47.92
CA ARG C 2435 -1.22 -67.13 -48.92
C ARG C 2435 -1.21 -65.60 -48.79
N CYS C 2436 -0.96 -65.08 -47.59
CA CYS C 2436 -1.00 -63.63 -47.42
C CYS C 2436 0.20 -62.92 -48.05
N ALA C 2437 1.22 -63.65 -48.47
CA ALA C 2437 2.41 -63.01 -48.99
C ALA C 2437 2.12 -62.33 -50.33
N PRO C 2438 2.90 -61.32 -50.70
CA PRO C 2438 2.62 -60.59 -51.94
C PRO C 2438 3.27 -61.25 -53.14
N GLU C 2439 2.93 -60.71 -54.31
CA GLU C 2439 3.45 -61.23 -55.57
C GLU C 2439 4.85 -60.70 -55.83
N MET C 2440 5.55 -61.37 -56.74
CA MET C 2440 6.94 -61.04 -57.02
C MET C 2440 7.08 -59.78 -57.88
N HIS C 2441 6.12 -59.52 -58.76
CA HIS C 2441 6.20 -58.32 -59.57
C HIS C 2441 6.15 -57.06 -58.71
N LEU C 2442 5.37 -57.08 -57.63
CA LEU C 2442 5.40 -55.97 -56.68
C LEU C 2442 6.76 -55.84 -56.03
N ILE C 2443 7.39 -56.95 -55.67
CA ILE C 2443 8.72 -56.90 -55.08
C ILE C 2443 9.69 -56.22 -56.03
N GLN C 2444 9.56 -56.49 -57.33
CA GLN C 2444 10.45 -55.84 -58.29
C GLN C 2444 10.30 -54.33 -58.25
N ALA C 2445 9.08 -53.82 -58.11
CA ALA C 2445 8.88 -52.38 -58.01
C ALA C 2445 9.42 -51.82 -56.70
N GLY C 2446 9.79 -52.67 -55.75
CA GLY C 2446 10.31 -52.18 -54.49
C GLY C 2446 9.30 -51.45 -53.63
N LYS C 2447 8.06 -51.93 -53.60
CA LYS C 2447 7.04 -51.31 -52.77
C LYS C 2447 7.42 -51.42 -51.30
N GLY C 2448 7.30 -50.32 -50.57
CA GLY C 2448 7.64 -50.34 -49.16
C GLY C 2448 6.76 -51.27 -48.36
N GLU C 2449 5.45 -51.25 -48.63
CA GLU C 2449 4.53 -52.10 -47.88
C GLU C 2449 4.81 -53.56 -48.15
N ALA C 2450 5.05 -53.93 -49.41
CA ALA C 2450 5.33 -55.32 -49.73
C ALA C 2450 6.59 -55.79 -49.02
N LEU C 2451 7.63 -54.96 -49.03
CA LEU C 2451 8.88 -55.34 -48.36
C LEU C 2451 8.68 -55.46 -46.86
N ARG C 2452 7.93 -54.54 -46.25
CA ARG C 2452 7.66 -54.64 -44.81
C ARG C 2452 6.93 -55.94 -44.50
N ILE C 2453 5.91 -56.27 -45.30
CA ILE C 2453 5.14 -57.49 -45.05
C ILE C 2453 6.03 -58.71 -45.17
N ARG C 2454 6.84 -58.76 -46.23
CA ARG C 2454 7.70 -59.92 -46.43
C ARG C 2454 8.70 -60.05 -45.30
N ALA C 2455 9.27 -58.93 -44.85
CA ALA C 2455 10.21 -58.97 -43.74
C ALA C 2455 9.54 -59.48 -42.47
N ILE C 2456 8.32 -59.02 -42.20
CA ILE C 2456 7.60 -59.48 -41.01
C ILE C 2456 7.39 -60.99 -41.09
N LEU C 2457 6.87 -61.45 -42.21
CA LEU C 2457 6.58 -62.88 -42.35
C LEU C 2457 7.86 -63.70 -42.21
N ARG C 2458 8.94 -63.25 -42.82
CA ARG C 2458 10.20 -63.96 -42.70
C ARG C 2458 10.67 -64.01 -41.26
N SER C 2459 10.51 -62.90 -40.52
CA SER C 2459 10.91 -62.89 -39.12
C SER C 2459 10.05 -63.83 -38.28
N LEU C 2460 8.79 -64.03 -38.67
CA LEU C 2460 7.89 -64.83 -37.85
C LEU C 2460 8.28 -66.30 -37.83
N VAL C 2461 8.70 -66.86 -38.96
CA VAL C 2461 8.94 -68.30 -39.07
C VAL C 2461 10.37 -68.56 -39.55
N PRO C 2462 11.22 -69.22 -38.76
CA PRO C 2462 12.56 -69.53 -39.24
C PRO C 2462 12.53 -70.55 -40.38
N LEU C 2463 13.53 -70.48 -41.25
CA LEU C 2463 13.62 -71.41 -42.36
C LEU C 2463 13.94 -72.83 -41.87
N ASP C 2464 14.92 -72.94 -40.98
CA ASP C 2464 15.30 -74.25 -40.47
C ASP C 2464 14.13 -74.99 -39.83
N ASP C 2465 13.18 -74.24 -39.24
CA ASP C 2465 12.00 -74.90 -38.70
C ASP C 2465 11.20 -75.58 -39.80
N LEU C 2466 10.99 -74.88 -40.92
CA LEU C 2466 10.27 -75.50 -42.03
C LEU C 2466 11.03 -76.71 -42.55
N VAL C 2467 12.35 -76.60 -42.70
CA VAL C 2467 13.13 -77.73 -43.20
C VAL C 2467 13.00 -78.92 -42.26
N GLY C 2468 13.06 -78.67 -40.94
CA GLY C 2468 12.91 -79.75 -39.99
C GLY C 2468 11.54 -80.39 -40.07
N ILE C 2469 10.50 -79.57 -40.23
CA ILE C 2469 9.15 -80.11 -40.32
C ILE C 2469 9.01 -81.01 -41.54
N ILE C 2470 9.51 -80.55 -42.69
CA ILE C 2470 9.36 -81.35 -43.90
C ILE C 2470 10.09 -82.68 -43.77
N SER C 2471 11.24 -82.69 -43.10
CA SER C 2471 12.07 -83.88 -43.01
C SER C 2471 11.53 -84.93 -42.05
N LEU C 2472 10.43 -84.67 -41.35
CA LEU C 2472 9.93 -85.64 -40.40
C LEU C 2472 9.46 -86.90 -41.14
N PRO C 2473 9.52 -88.07 -40.52
CA PRO C 2473 9.12 -89.30 -41.19
C PRO C 2473 7.61 -89.50 -41.21
N LEU C 2474 7.20 -90.44 -42.05
CA LEU C 2474 5.79 -90.80 -42.20
C LEU C 2474 5.62 -92.30 -42.02
N GLN C 2475 4.52 -92.69 -41.39
CA GLN C 2475 4.20 -94.11 -41.25
C GLN C 2475 3.57 -94.62 -42.54
N ILE C 2476 3.87 -95.88 -42.88
CA ILE C 2476 3.42 -96.46 -44.14
C ILE C 2476 2.74 -97.80 -43.87
N PRO C 2477 1.81 -98.24 -44.70
CA PRO C 2477 1.20 -99.55 -44.49
C PRO C 2477 2.20 -100.67 -44.68
N THR C 2478 1.94 -101.80 -44.04
CA THR C 2478 2.83 -102.95 -44.12
C THR C 2478 2.00 -104.23 -44.00
N LEU C 2479 2.62 -105.34 -44.38
CA LEU C 2479 1.98 -106.65 -44.37
C LEU C 2479 2.40 -107.39 -43.10
N GLY C 2480 1.43 -107.71 -42.26
CA GLY C 2480 1.69 -108.37 -40.99
C GLY C 2480 1.49 -109.86 -41.06
N LYS C 2481 1.41 -110.48 -39.88
CA LYS C 2481 1.21 -111.92 -39.80
C LYS C 2481 -0.17 -112.30 -40.33
N ASP C 2482 -0.25 -113.49 -40.90
CA ASP C 2482 -1.50 -114.04 -41.43
C ASP C 2482 -2.06 -113.23 -42.59
N GLY C 2483 -1.19 -112.48 -43.28
CA GLY C 2483 -1.63 -111.70 -44.41
C GLY C 2483 -2.43 -110.46 -44.08
N ALA C 2484 -2.51 -110.08 -42.81
CA ALA C 2484 -3.29 -108.92 -42.42
C ALA C 2484 -2.58 -107.64 -42.85
N LEU C 2485 -3.37 -106.65 -43.27
CA LEU C 2485 -2.82 -105.36 -43.64
C LEU C 2485 -2.89 -104.41 -42.46
N VAL C 2486 -1.81 -103.67 -42.24
CA VAL C 2486 -1.71 -102.70 -41.16
C VAL C 2486 -1.72 -101.31 -41.76
N GLN C 2487 -2.68 -100.49 -41.35
CA GLN C 2487 -2.83 -99.14 -41.88
C GLN C 2487 -2.97 -98.17 -40.71
N PRO C 2488 -2.23 -97.07 -40.69
CA PRO C 2488 -2.45 -96.06 -39.65
C PRO C 2488 -3.80 -95.39 -39.81
N LYS C 2489 -4.35 -94.95 -38.69
CA LYS C 2489 -5.61 -94.21 -38.70
C LYS C 2489 -5.35 -92.79 -39.19
N MET C 2490 -5.75 -92.49 -40.42
CA MET C 2490 -5.47 -91.17 -40.98
C MET C 2490 -6.12 -90.06 -40.16
N SER C 2491 -7.21 -90.36 -39.46
CA SER C 2491 -7.87 -89.35 -38.66
C SER C 2491 -7.08 -88.97 -37.41
N ALA C 2492 -6.06 -89.74 -37.04
CA ALA C 2492 -5.32 -89.45 -35.82
C ALA C 2492 -3.81 -89.62 -35.98
N SER C 2493 -3.23 -89.13 -37.07
CA SER C 2493 -1.81 -89.28 -37.30
C SER C 2493 -1.31 -88.18 -38.22
N PHE C 2494 0.02 -88.01 -38.23
CA PHE C 2494 0.66 -87.09 -39.15
C PHE C 2494 0.38 -87.51 -40.59
N VAL C 2495 0.01 -86.54 -41.43
CA VAL C 2495 -0.35 -86.82 -42.82
C VAL C 2495 0.28 -85.77 -43.72
N PRO C 2496 0.41 -86.08 -45.02
CA PRO C 2496 1.09 -85.14 -45.93
C PRO C 2496 0.45 -83.77 -46.01
N ASP C 2497 -0.86 -83.66 -45.77
CA ASP C 2497 -1.50 -82.36 -45.82
C ASP C 2497 -0.89 -81.39 -44.83
N HIS C 2498 -0.22 -81.90 -43.78
CA HIS C 2498 0.51 -81.03 -42.87
C HIS C 2498 1.86 -80.61 -43.44
N LYS C 2499 2.28 -81.22 -44.55
CA LYS C 2499 3.52 -80.83 -45.22
C LYS C 2499 3.26 -79.93 -46.42
N ALA C 2500 2.10 -80.09 -47.05
CA ALA C 2500 1.79 -79.28 -48.23
C ALA C 2500 1.77 -77.80 -47.88
N SER C 2501 1.18 -77.43 -46.75
CA SER C 2501 1.11 -76.03 -46.35
C SER C 2501 2.51 -75.47 -46.10
N MET C 2502 3.38 -76.24 -45.45
CA MET C 2502 4.74 -75.77 -45.21
C MET C 2502 5.47 -75.58 -46.53
N VAL C 2503 5.28 -76.48 -47.48
CA VAL C 2503 5.92 -76.32 -48.78
C VAL C 2503 5.43 -75.05 -49.46
N LEU C 2504 4.12 -74.81 -49.40
CA LEU C 2504 3.57 -73.58 -49.99
C LEU C 2504 4.18 -72.35 -49.36
N PHE C 2505 4.28 -72.32 -48.03
CA PHE C 2505 4.86 -71.17 -47.35
C PHE C 2505 6.30 -70.97 -47.77
N LEU C 2506 7.08 -72.05 -47.80
CA LEU C 2506 8.49 -71.93 -48.16
C LEU C 2506 8.63 -71.40 -49.59
N ASP C 2507 7.80 -71.89 -50.50
CA ASP C 2507 7.88 -71.42 -51.88
C ASP C 2507 7.54 -69.94 -51.98
N ARG C 2508 6.43 -69.53 -51.34
CA ARG C 2508 5.92 -68.18 -51.58
C ARG C 2508 6.75 -67.12 -50.84
N VAL C 2509 7.28 -67.45 -49.68
CA VAL C 2509 7.98 -66.46 -48.87
C VAL C 2509 9.48 -66.46 -49.16
N TYR C 2510 10.15 -67.59 -48.95
CA TYR C 2510 11.60 -67.64 -49.06
C TYR C 2510 12.07 -67.85 -50.49
N GLY C 2511 11.54 -68.84 -51.18
CA GLY C 2511 11.99 -69.13 -52.54
C GLY C 2511 13.31 -69.88 -52.53
N ILE C 2512 13.80 -70.13 -53.74
CA ILE C 2512 15.05 -70.85 -53.95
C ILE C 2512 15.94 -69.98 -54.84
N GLU C 2513 17.18 -69.76 -54.39
CA GLU C 2513 18.10 -68.92 -55.15
C GLU C 2513 19.54 -69.44 -55.18
N ASN C 2514 19.83 -70.61 -54.63
CA ASN C 2514 21.18 -71.15 -54.66
C ASN C 2514 21.12 -72.66 -54.75
N GLN C 2515 22.07 -73.23 -55.48
CA GLN C 2515 22.03 -74.66 -55.79
C GLN C 2515 22.21 -75.50 -54.53
N ASP C 2516 23.10 -75.07 -53.62
CA ASP C 2516 23.39 -75.90 -52.45
C ASP C 2516 22.15 -76.07 -51.57
N PHE C 2517 21.39 -75.00 -51.36
CA PHE C 2517 20.19 -75.11 -50.56
C PHE C 2517 19.18 -76.05 -51.19
N LEU C 2518 19.00 -75.95 -52.51
CA LEU C 2518 18.08 -76.86 -53.20
C LEU C 2518 18.54 -78.30 -53.04
N LEU C 2519 19.84 -78.54 -53.19
CA LEU C 2519 20.37 -79.90 -53.03
C LEU C 2519 20.09 -80.43 -51.63
N HIS C 2520 20.34 -79.60 -50.63
CA HIS C 2520 20.11 -80.03 -49.25
C HIS C 2520 18.64 -80.36 -49.01
N VAL C 2521 17.74 -79.47 -49.45
CA VAL C 2521 16.32 -79.72 -49.24
C VAL C 2521 15.89 -80.99 -49.94
N LEU C 2522 16.34 -81.17 -51.19
CA LEU C 2522 15.95 -82.37 -51.94
C LEU C 2522 16.47 -83.62 -51.25
N ASP C 2523 17.71 -83.57 -50.76
CA ASP C 2523 18.30 -84.74 -50.14
C ASP C 2523 17.57 -85.13 -48.87
N VAL C 2524 17.23 -84.14 -48.03
CA VAL C 2524 16.69 -84.48 -46.73
C VAL C 2524 15.17 -84.62 -46.76
N GLY C 2525 14.47 -83.74 -47.47
CA GLY C 2525 13.03 -83.67 -47.34
C GLY C 2525 12.22 -84.49 -48.33
N PHE C 2526 12.46 -84.30 -49.63
CA PHE C 2526 11.54 -84.85 -50.63
C PHE C 2526 11.92 -86.26 -51.05
N LEU C 2527 13.20 -86.50 -51.31
CA LEU C 2527 13.60 -87.77 -51.90
C LEU C 2527 13.08 -88.97 -51.13
N PRO C 2528 13.18 -89.03 -49.80
CA PRO C 2528 12.58 -90.16 -49.09
C PRO C 2528 11.09 -90.29 -49.33
N ASP C 2529 10.38 -89.17 -49.40
CA ASP C 2529 8.94 -89.23 -49.61
C ASP C 2529 8.61 -89.79 -50.98
N MET C 2530 9.33 -89.36 -52.03
CA MET C 2530 9.06 -89.81 -53.43
C MET C 2530 9.54 -91.26 -53.58
N ARG C 2531 10.48 -91.70 -52.72
CA ARG C 2531 10.97 -93.10 -52.71
C ARG C 2531 9.89 -93.97 -52.07
N ALA C 2532 9.25 -93.50 -50.99
CA ALA C 2532 8.17 -94.23 -50.34
C ALA C 2532 6.94 -94.32 -51.24
N ALA C 2533 6.60 -93.21 -51.90
CA ALA C 2533 5.46 -93.23 -52.81
C ALA C 2533 5.66 -94.24 -53.93
N ALA C 2534 6.86 -94.26 -54.52
CA ALA C 2534 7.14 -95.21 -55.58
C ALA C 2534 7.08 -96.64 -55.09
N SER C 2535 7.53 -96.89 -53.85
CA SER C 2535 7.56 -98.26 -53.33
C SER C 2535 6.18 -98.89 -53.24
N LEU C 2536 5.11 -98.09 -53.26
CA LEU C 2536 3.75 -98.59 -53.11
C LEU C 2536 3.07 -98.88 -54.45
N ASP C 2537 3.84 -99.25 -55.48
CA ASP C 2537 3.25 -99.60 -56.76
C ASP C 2537 2.55 -100.95 -56.71
N THR C 2538 2.76 -101.74 -55.67
CA THR C 2538 2.13 -103.06 -55.58
C THR C 2538 0.61 -102.92 -55.57
N ALA C 2539 -0.06 -103.88 -56.19
CA ALA C 2539 -1.52 -103.87 -56.19
C ALA C 2539 -2.09 -103.95 -54.78
N THR C 2540 -1.36 -104.54 -53.84
CA THR C 2540 -1.85 -104.64 -52.46
C THR C 2540 -1.88 -103.28 -51.77
N PHE C 2541 -1.15 -102.29 -52.28
CA PHE C 2541 -1.08 -100.97 -51.65
C PHE C 2541 -1.55 -99.83 -52.52
N SER C 2542 -1.65 -100.01 -53.84
CA SER C 2542 -1.96 -98.88 -54.72
C SER C 2542 -3.26 -98.20 -54.33
N THR C 2543 -4.21 -98.93 -53.74
CA THR C 2543 -5.51 -98.38 -53.39
C THR C 2543 -5.59 -97.89 -51.96
N THR C 2544 -4.53 -98.02 -51.17
CA THR C 2544 -4.56 -97.55 -49.80
C THR C 2544 -4.67 -96.03 -49.77
N GLU C 2545 -5.51 -95.52 -48.87
CA GLU C 2545 -5.74 -94.07 -48.82
C GLU C 2545 -4.44 -93.31 -48.57
N MET C 2546 -3.49 -93.93 -47.86
CA MET C 2546 -2.19 -93.27 -47.67
C MET C 2546 -1.50 -93.07 -49.01
N ALA C 2547 -1.59 -94.04 -49.91
CA ALA C 2547 -0.97 -93.90 -51.23
C ALA C 2547 -1.61 -92.76 -52.00
N LEU C 2548 -2.94 -92.65 -51.96
CA LEU C 2548 -3.59 -91.54 -52.66
C LEU C 2548 -3.19 -90.20 -52.05
N ALA C 2549 -3.09 -90.14 -50.72
CA ALA C 2549 -2.66 -88.90 -50.08
C ALA C 2549 -1.27 -88.52 -50.53
N LEU C 2550 -0.35 -89.49 -50.58
CA LEU C 2550 1.01 -89.20 -51.03
C LEU C 2550 1.01 -88.73 -52.48
N ASN C 2551 0.23 -89.39 -53.35
CA ASN C 2551 0.18 -88.99 -54.74
C ASN C 2551 -0.29 -87.56 -54.88
N ARG C 2552 -1.37 -87.20 -54.16
CA ARG C 2552 -1.89 -85.85 -54.26
C ARG C 2552 -0.88 -84.84 -53.72
N TYR C 2553 -0.24 -85.15 -52.59
CA TYR C 2553 0.72 -84.23 -52.01
C TYR C 2553 1.88 -83.99 -52.97
N LEU C 2554 2.35 -85.05 -53.63
CA LEU C 2554 3.44 -84.88 -54.58
C LEU C 2554 2.99 -84.06 -55.78
N CYS C 2555 1.83 -84.40 -56.34
CA CYS C 2555 1.42 -83.78 -57.61
C CYS C 2555 0.95 -82.35 -57.41
N LEU C 2556 0.68 -81.93 -56.18
CA LEU C 2556 0.20 -80.57 -55.94
C LEU C 2556 1.28 -79.64 -55.39
N ALA C 2557 2.30 -80.19 -54.73
CA ALA C 2557 3.27 -79.38 -54.00
C ALA C 2557 4.69 -79.51 -54.55
N VAL C 2558 5.20 -80.74 -54.66
CA VAL C 2558 6.63 -80.93 -54.88
C VAL C 2558 7.00 -80.75 -56.35
N LEU C 2559 6.41 -81.56 -57.23
CA LEU C 2559 6.85 -81.57 -58.62
C LEU C 2559 6.80 -80.21 -59.28
N PRO C 2560 5.77 -79.38 -59.08
CA PRO C 2560 5.83 -78.03 -59.67
C PRO C 2560 7.03 -77.23 -59.19
N LEU C 2561 7.37 -77.33 -57.91
CA LEU C 2561 8.53 -76.63 -57.38
C LEU C 2561 9.81 -77.14 -58.04
N ILE C 2562 9.93 -78.47 -58.18
CA ILE C 2562 11.11 -79.03 -58.84
C ILE C 2562 11.19 -78.54 -60.27
N THR C 2563 10.06 -78.49 -60.97
CA THR C 2563 10.06 -78.02 -62.34
C THR C 2563 10.52 -76.58 -62.42
N LYS C 2564 10.05 -75.73 -61.51
CA LYS C 2564 10.50 -74.34 -61.51
C LYS C 2564 11.99 -74.24 -61.23
N CYS C 2565 12.51 -75.03 -60.30
CA CYS C 2565 13.90 -74.94 -59.90
C CYS C 2565 14.85 -75.70 -60.80
N ALA C 2566 14.33 -76.43 -61.79
CA ALA C 2566 15.20 -77.24 -62.66
C ALA C 2566 16.39 -76.48 -63.23
N PRO C 2567 16.25 -75.25 -63.73
CA PRO C 2567 17.40 -74.59 -64.37
C PRO C 2567 18.64 -74.52 -63.50
N LEU C 2568 18.56 -74.82 -62.21
CA LEU C 2568 19.73 -74.76 -61.34
C LEU C 2568 20.59 -76.02 -61.41
N PHE C 2569 20.22 -76.99 -62.25
CA PHE C 2569 20.98 -78.24 -62.32
C PHE C 2569 22.12 -78.19 -63.34
N ALA C 2570 22.35 -77.04 -63.96
CA ALA C 2570 23.30 -76.98 -65.07
C ALA C 2570 24.69 -77.46 -64.65
N GLY C 2571 25.21 -76.94 -63.55
CA GLY C 2571 26.57 -77.21 -63.14
C GLY C 2571 26.73 -78.26 -62.06
N THR C 2572 25.74 -79.13 -61.87
CA THR C 2572 25.78 -80.08 -60.77
C THR C 2572 26.65 -81.29 -61.11
N GLU C 2573 27.91 -81.06 -61.49
CA GLU C 2573 28.78 -82.18 -61.81
C GLU C 2573 28.94 -83.12 -60.63
N HIS C 2574 29.20 -82.56 -59.45
CA HIS C 2574 29.33 -83.37 -58.25
C HIS C 2574 27.95 -83.86 -57.79
N ARG C 2575 27.97 -84.84 -56.90
CA ARG C 2575 26.75 -85.41 -56.32
C ARG C 2575 25.82 -85.97 -57.39
N ALA C 2576 26.37 -86.58 -58.44
CA ALA C 2576 25.54 -87.17 -59.47
C ALA C 2576 24.77 -88.37 -58.97
N ILE C 2577 25.17 -88.96 -57.85
CA ILE C 2577 24.50 -90.15 -57.35
C ILE C 2577 23.05 -89.84 -57.00
N MET C 2578 22.83 -88.78 -56.22
CA MET C 2578 21.46 -88.44 -55.85
C MET C 2578 20.67 -88.00 -57.08
N VAL C 2579 21.33 -87.35 -58.03
CA VAL C 2579 20.63 -86.91 -59.24
C VAL C 2579 20.11 -88.10 -60.02
N ASP C 2580 20.96 -89.11 -60.23
CA ASP C 2580 20.50 -90.30 -60.94
C ASP C 2580 19.44 -91.04 -60.14
N SER C 2581 19.59 -91.06 -58.81
CA SER C 2581 18.56 -91.69 -57.99
C SER C 2581 17.22 -91.02 -58.17
N MET C 2582 17.19 -89.69 -58.16
CA MET C 2582 15.94 -88.95 -58.34
C MET C 2582 15.37 -89.20 -59.73
N LEU C 2583 16.23 -89.24 -60.75
CA LEU C 2583 15.75 -89.49 -62.11
C LEU C 2583 15.09 -90.85 -62.19
N HIS C 2584 15.76 -91.88 -61.64
CA HIS C 2584 15.24 -93.28 -61.66
C HIS C 2584 13.98 -93.38 -60.79
N THR C 2585 13.82 -92.54 -59.75
CA THR C 2585 12.61 -92.53 -58.94
C THR C 2585 11.45 -91.92 -59.69
N VAL C 2586 11.67 -90.75 -60.32
CA VAL C 2586 10.58 -90.10 -61.04
C VAL C 2586 10.15 -90.95 -62.22
N TYR C 2587 11.10 -91.58 -62.91
CA TYR C 2587 10.73 -92.45 -64.03
C TYR C 2587 9.85 -93.59 -63.55
N ARG C 2588 10.28 -94.30 -62.51
CA ARG C 2588 9.49 -95.41 -61.98
C ARG C 2588 8.13 -94.92 -61.49
N LEU C 2589 8.06 -93.69 -61.01
CA LEU C 2589 6.79 -93.15 -60.54
C LEU C 2589 5.88 -92.81 -61.71
N SER C 2590 6.45 -92.50 -62.87
CA SER C 2590 5.65 -92.07 -64.00
C SER C 2590 4.68 -93.16 -64.46
N ARG C 2591 5.00 -94.42 -64.19
CA ARG C 2591 4.21 -95.54 -64.66
C ARG C 2591 3.40 -96.20 -63.55
N GLY C 2592 2.86 -95.42 -62.62
CA GLY C 2592 1.99 -95.99 -61.62
C GLY C 2592 0.67 -96.43 -62.22
N ARG C 2593 -0.08 -97.24 -61.45
CA ARG C 2593 -1.31 -97.82 -61.98
C ARG C 2593 -2.54 -97.04 -61.55
N SER C 2594 -2.49 -96.38 -60.39
CA SER C 2594 -3.66 -95.72 -59.83
C SER C 2594 -3.67 -94.21 -60.07
N LEU C 2595 -2.79 -93.69 -60.91
CA LEU C 2595 -2.73 -92.26 -61.13
C LEU C 2595 -3.74 -91.83 -62.19
N THR C 2596 -4.11 -90.55 -62.13
CA THR C 2596 -5.03 -89.97 -63.11
C THR C 2596 -4.24 -89.15 -64.13
N LYS C 2597 -4.95 -88.69 -65.16
CA LYS C 2597 -4.29 -87.93 -66.22
C LYS C 2597 -3.67 -86.65 -65.68
N ALA C 2598 -4.40 -85.94 -64.81
CA ALA C 2598 -3.90 -84.69 -64.25
C ALA C 2598 -2.63 -84.87 -63.45
N GLN C 2599 -2.31 -86.09 -63.02
CA GLN C 2599 -1.07 -86.38 -62.31
C GLN C 2599 0.02 -86.94 -63.22
N ARG C 2600 -0.36 -87.84 -64.13
CA ARG C 2600 0.62 -88.38 -65.06
C ARG C 2600 1.21 -87.28 -65.94
N ASP C 2601 0.37 -86.35 -66.40
CA ASP C 2601 0.88 -85.27 -67.23
C ASP C 2601 1.85 -84.39 -66.45
N VAL C 2602 1.55 -84.12 -65.18
CA VAL C 2602 2.45 -83.31 -64.36
C VAL C 2602 3.78 -84.01 -64.19
N ILE C 2603 3.75 -85.31 -63.91
CA ILE C 2603 5.01 -86.04 -63.73
C ILE C 2603 5.82 -86.03 -65.02
N GLU C 2604 5.16 -86.26 -66.16
CA GLU C 2604 5.87 -86.24 -67.43
C GLU C 2604 6.48 -84.87 -67.70
N ASP C 2605 5.74 -83.80 -67.42
CA ASP C 2605 6.26 -82.46 -67.64
C ASP C 2605 7.49 -82.22 -66.77
N CYS C 2606 7.43 -82.63 -65.50
CA CYS C 2606 8.58 -82.44 -64.61
C CYS C 2606 9.79 -83.19 -65.15
N LEU C 2607 9.60 -84.44 -65.56
CA LEU C 2607 10.73 -85.23 -66.04
C LEU C 2607 11.33 -84.60 -67.29
N MET C 2608 10.49 -84.22 -68.25
CA MET C 2608 11.00 -83.62 -69.48
C MET C 2608 11.73 -82.32 -69.18
N ALA C 2609 11.18 -81.50 -68.30
CA ALA C 2609 11.84 -80.24 -67.97
C ALA C 2609 13.20 -80.48 -67.32
N LEU C 2610 13.31 -81.47 -66.43
CA LEU C 2610 14.60 -81.78 -65.83
C LEU C 2610 15.60 -82.25 -66.87
N CYS C 2611 15.14 -83.09 -67.81
CA CYS C 2611 16.08 -83.73 -68.73
C CYS C 2611 16.77 -82.74 -69.64
N ARG C 2612 16.17 -81.58 -69.89
CA ARG C 2612 16.73 -80.66 -70.88
C ARG C 2612 17.78 -79.73 -70.31
N TYR C 2613 18.11 -79.83 -69.02
CA TYR C 2613 19.13 -78.99 -68.41
C TYR C 2613 20.30 -79.77 -67.83
N ILE C 2614 20.15 -81.06 -67.59
CA ILE C 2614 21.23 -81.83 -66.98
C ILE C 2614 22.33 -82.08 -68.00
N ARG C 2615 23.55 -82.23 -67.51
CA ARG C 2615 24.69 -82.48 -68.39
C ARG C 2615 24.49 -83.81 -69.09
N PRO C 2616 24.73 -83.90 -70.41
CA PRO C 2616 24.43 -85.15 -71.13
C PRO C 2616 25.23 -86.34 -70.62
N SER C 2617 26.38 -86.12 -70.00
CA SER C 2617 27.19 -87.23 -69.53
C SER C 2617 26.65 -87.84 -68.25
N MET C 2618 25.45 -87.44 -67.82
CA MET C 2618 24.86 -87.98 -66.59
C MET C 2618 23.63 -88.83 -66.84
N LEU C 2619 23.22 -88.98 -68.10
CA LEU C 2619 21.99 -89.69 -68.41
C LEU C 2619 22.21 -91.10 -68.92
N GLN C 2620 23.44 -91.62 -68.86
CA GLN C 2620 23.69 -92.97 -69.35
C GLN C 2620 22.91 -94.00 -68.53
N HIS C 2621 22.85 -93.81 -67.22
CA HIS C 2621 22.11 -94.76 -66.39
C HIS C 2621 20.63 -94.76 -66.73
N LEU C 2622 20.03 -93.59 -66.96
CA LEU C 2622 18.64 -93.56 -67.38
C LEU C 2622 18.46 -94.19 -68.75
N LEU C 2623 19.38 -93.93 -69.67
CA LEU C 2623 19.28 -94.53 -70.99
C LEU C 2623 19.35 -96.05 -70.91
N ARG C 2624 20.13 -96.57 -69.96
CA ARG C 2624 20.29 -98.04 -69.79
C ARG C 2624 18.91 -98.64 -69.47
N ARG C 2625 18.12 -97.99 -68.60
CA ARG C 2625 16.79 -98.49 -68.29
C ARG C 2625 15.84 -98.26 -69.46
N LEU C 2626 15.98 -97.13 -70.15
CA LEU C 2626 15.10 -96.82 -71.26
C LEU C 2626 15.23 -97.84 -72.38
N VAL C 2627 16.45 -98.30 -72.64
CA VAL C 2627 16.69 -99.20 -73.76
C VAL C 2627 15.88 -100.48 -73.62
N PHE C 2628 15.79 -101.00 -72.39
CA PHE C 2628 15.07 -102.25 -72.18
C PHE C 2628 13.57 -102.07 -72.42
N ASP C 2629 13.00 -100.95 -72.00
CA ASP C 2629 11.56 -100.78 -71.97
C ASP C 2629 11.00 -100.26 -73.29
N VAL C 2630 11.69 -99.31 -73.94
CA VAL C 2630 11.11 -98.64 -75.10
C VAL C 2630 10.77 -99.61 -76.22
N PRO C 2631 11.65 -100.54 -76.62
CA PRO C 2631 11.32 -101.38 -77.78
C PRO C 2631 10.06 -102.22 -77.63
N ILE C 2632 9.54 -102.38 -76.42
CA ILE C 2632 8.26 -103.03 -76.21
C ILE C 2632 7.18 -101.96 -76.42
N LEU C 2633 6.63 -101.91 -77.63
CA LEU C 2633 5.73 -100.82 -78.00
C LEU C 2633 4.36 -101.00 -77.34
N ASN C 2634 4.27 -100.70 -76.05
CA ASN C 2634 3.01 -100.73 -75.33
C ASN C 2634 2.34 -99.36 -75.40
N GLU C 2635 1.16 -99.24 -74.79
CA GLU C 2635 0.48 -97.96 -74.74
C GLU C 2635 1.24 -96.96 -73.87
N PHE C 2636 1.75 -97.41 -72.72
CA PHE C 2636 2.48 -96.53 -71.75
C PHE C 2636 3.82 -96.06 -72.33
N ALA C 2637 4.30 -96.63 -73.45
CA ALA C 2637 5.62 -96.31 -73.96
C ALA C 2637 5.62 -95.12 -74.90
N LYS C 2638 4.57 -94.30 -74.91
CA LYS C 2638 4.54 -93.15 -75.82
C LYS C 2638 5.45 -92.03 -75.32
N MET C 2639 5.40 -91.74 -74.03
CA MET C 2639 6.13 -90.58 -73.51
C MET C 2639 7.63 -90.67 -73.73
N PRO C 2640 8.29 -91.80 -73.47
CA PRO C 2640 9.76 -91.84 -73.60
C PRO C 2640 10.25 -91.37 -74.95
N LEU C 2641 9.47 -91.57 -76.01
CA LEU C 2641 9.90 -91.16 -77.33
C LEU C 2641 10.12 -89.66 -77.41
N LYS C 2642 9.24 -88.87 -76.80
CA LYS C 2642 9.41 -87.43 -76.82
C LYS C 2642 10.73 -87.01 -76.19
N LEU C 2643 11.03 -87.54 -75.00
CA LEU C 2643 12.25 -87.10 -74.32
C LEU C 2643 13.48 -87.62 -75.06
N LEU C 2644 13.41 -88.82 -75.64
CA LEU C 2644 14.53 -89.31 -76.42
C LEU C 2644 14.78 -88.42 -77.63
N THR C 2645 13.71 -88.05 -78.33
CA THR C 2645 13.86 -87.17 -79.48
C THR C 2645 14.49 -85.85 -79.08
N ASN C 2646 13.97 -85.23 -78.02
CA ASN C 2646 14.51 -83.95 -77.59
C ASN C 2646 15.98 -84.08 -77.18
N HIS C 2647 16.31 -85.13 -76.44
CA HIS C 2647 17.68 -85.31 -75.98
C HIS C 2647 18.64 -85.48 -77.14
N TYR C 2648 18.26 -86.31 -78.12
CA TYR C 2648 19.17 -86.54 -79.23
C TYR C 2648 19.22 -85.36 -80.19
N GLU C 2649 18.20 -84.51 -80.18
CA GLU C 2649 18.27 -83.28 -80.96
C GLU C 2649 19.18 -82.26 -80.28
N ARG C 2650 19.15 -82.21 -78.94
CA ARG C 2650 19.98 -81.24 -78.24
C ARG C 2650 21.46 -81.57 -78.36
N CYS C 2651 21.83 -82.83 -78.12
CA CYS C 2651 23.23 -83.19 -77.93
C CYS C 2651 23.77 -84.05 -79.07
N TRP C 2652 23.38 -83.76 -80.31
CA TRP C 2652 23.90 -84.55 -81.43
C TRP C 2652 25.40 -84.32 -81.62
N LYS C 2653 25.89 -83.12 -81.31
CA LYS C 2653 27.31 -82.85 -81.42
C LYS C 2653 28.12 -83.67 -80.41
N TYR C 2654 27.59 -83.85 -79.21
CA TYR C 2654 28.33 -84.59 -78.19
C TYR C 2654 28.64 -86.01 -78.63
N TYR C 2655 27.87 -86.54 -79.58
CA TYR C 2655 28.10 -87.88 -80.09
C TYR C 2655 28.83 -87.86 -81.44
N CYS C 2656 28.31 -87.13 -82.41
CA CYS C 2656 28.81 -87.22 -83.78
C CYS C 2656 30.24 -86.72 -83.90
N LEU C 2657 30.53 -85.53 -83.39
CA LEU C 2657 31.84 -84.93 -83.60
C LEU C 2657 32.92 -85.75 -82.92
N PRO C 2658 34.08 -85.95 -83.55
CA PRO C 2658 35.18 -86.64 -82.84
C PRO C 2658 35.65 -85.89 -81.60
N THR C 2659 35.60 -84.57 -81.62
CA THR C 2659 36.06 -83.76 -80.50
C THR C 2659 34.94 -83.41 -79.53
N GLY C 2660 33.72 -83.87 -79.77
CA GLY C 2660 32.64 -83.61 -78.84
C GLY C 2660 32.17 -82.16 -78.91
N TRP C 2661 31.37 -81.80 -77.91
CA TRP C 2661 30.80 -80.46 -77.82
C TRP C 2661 31.86 -79.50 -77.27
N ALA C 2662 31.45 -78.27 -76.93
CA ALA C 2662 32.41 -77.26 -76.51
C ALA C 2662 33.11 -77.68 -75.22
N ASN C 2663 32.35 -77.79 -74.12
CA ASN C 2663 32.91 -78.16 -72.84
C ASN C 2663 32.24 -79.37 -72.21
N PHE C 2664 31.29 -80.00 -72.89
CA PHE C 2664 30.61 -81.17 -72.37
C PHE C 2664 31.38 -82.45 -72.61
N GLY C 2665 32.56 -82.36 -73.25
CA GLY C 2665 33.34 -83.56 -73.50
C GLY C 2665 32.85 -84.31 -74.71
N VAL C 2666 33.22 -85.58 -74.78
CA VAL C 2666 32.85 -86.47 -75.87
C VAL C 2666 32.36 -87.79 -75.29
N THR C 2667 31.56 -88.51 -76.07
CA THR C 2667 30.97 -89.75 -75.60
C THR C 2667 32.02 -90.86 -75.53
N SER C 2668 31.59 -91.99 -75.00
CA SER C 2668 32.40 -93.20 -74.96
C SER C 2668 31.72 -94.29 -75.78
N GLU C 2669 32.42 -95.44 -75.92
CA GLU C 2669 31.89 -96.50 -76.75
C GLU C 2669 30.59 -97.05 -76.21
N GLU C 2670 30.37 -96.93 -74.90
CA GLU C 2670 29.21 -97.57 -74.29
C GLU C 2670 27.92 -96.86 -74.69
N GLU C 2671 27.94 -95.53 -74.68
CA GLU C 2671 26.74 -94.72 -75.00
C GLU C 2671 26.42 -94.88 -76.49
N LEU C 2672 27.43 -95.06 -77.35
CA LEU C 2672 27.20 -95.33 -78.77
C LEU C 2672 26.63 -96.72 -78.98
N HIS C 2673 27.17 -97.70 -78.25
CA HIS C 2673 26.71 -99.11 -78.37
C HIS C 2673 25.25 -99.20 -77.91
N LEU C 2674 24.87 -98.47 -76.85
CA LEU C 2674 23.48 -98.45 -76.39
C LEU C 2674 22.57 -97.79 -77.41
N THR C 2675 23.03 -96.67 -78.00
CA THR C 2675 22.21 -95.98 -78.99
C THR C 2675 21.98 -96.87 -80.22
N ARG C 2676 23.02 -97.55 -80.68
CA ARG C 2676 22.85 -98.44 -81.82
C ARG C 2676 21.86 -99.55 -81.50
N LYS C 2677 21.97 -100.14 -80.29
CA LYS C 2677 21.08 -101.26 -79.82
C LYS C 2677 19.64 -100.75 -79.71
N LEU C 2678 19.42 -99.47 -79.35
CA LEU C 2678 18.09 -98.90 -79.29
C LEU C 2678 17.52 -98.69 -80.68
N PHE C 2679 18.33 -98.11 -81.58
CA PHE C 2679 17.85 -97.85 -82.93
C PHE C 2679 17.43 -99.13 -83.62
N TRP C 2680 18.29 -100.16 -83.56
CA TRP C 2680 17.98 -101.39 -84.27
C TRP C 2680 16.77 -102.09 -83.65
N GLY C 2681 16.66 -102.06 -82.31
CA GLY C 2681 15.51 -102.66 -81.68
C GLY C 2681 14.22 -102.00 -82.07
N ILE C 2682 14.20 -100.67 -82.08
CA ILE C 2682 12.98 -99.96 -82.47
C ILE C 2682 12.63 -100.27 -83.92
N PHE C 2683 13.64 -100.26 -84.79
CA PHE C 2683 13.38 -100.53 -86.20
C PHE C 2683 12.79 -101.92 -86.38
N ASP C 2684 13.40 -102.93 -85.75
CA ASP C 2684 12.90 -104.29 -85.89
C ASP C 2684 11.49 -104.42 -85.34
N SER C 2685 11.22 -103.83 -84.17
CA SER C 2685 9.89 -103.94 -83.60
C SER C 2685 8.85 -103.27 -84.47
N LEU C 2686 9.17 -102.11 -85.05
CA LEU C 2686 8.21 -101.41 -85.88
C LEU C 2686 8.10 -102.02 -87.27
N ALA C 2687 9.02 -102.92 -87.63
CA ALA C 2687 9.00 -103.50 -88.96
C ALA C 2687 7.72 -104.27 -89.23
N HIS C 2688 7.26 -105.08 -88.27
CA HIS C 2688 6.13 -105.97 -88.48
C HIS C 2688 4.93 -105.62 -87.60
N LYS C 2689 4.87 -104.40 -87.06
CA LYS C 2689 3.74 -104.01 -86.24
C LYS C 2689 2.56 -103.57 -87.12
N LYS C 2690 1.35 -103.75 -86.60
CA LYS C 2690 0.17 -103.31 -87.33
C LYS C 2690 0.17 -101.79 -87.46
N TYR C 2691 -0.37 -101.30 -88.57
CA TYR C 2691 -0.39 -99.87 -88.84
C TYR C 2691 -1.14 -99.12 -87.75
N ASP C 2692 -0.63 -97.95 -87.38
CA ASP C 2692 -1.25 -97.10 -86.38
C ASP C 2692 -0.73 -95.69 -86.59
N GLN C 2693 -1.61 -94.77 -87.02
CA GLN C 2693 -1.15 -93.46 -87.45
C GLN C 2693 -0.43 -92.72 -86.32
N GLU C 2694 -0.93 -92.83 -85.09
CA GLU C 2694 -0.27 -92.13 -83.99
C GLU C 2694 1.10 -92.74 -83.71
N LEU C 2695 1.15 -94.07 -83.60
CA LEU C 2695 2.41 -94.73 -83.29
C LEU C 2695 3.48 -94.33 -84.29
N TYR C 2696 3.15 -94.41 -85.57
CA TYR C 2696 4.09 -93.96 -86.60
C TYR C 2696 4.42 -92.48 -86.42
N ARG C 2697 3.42 -91.67 -86.10
CA ARG C 2697 3.61 -90.23 -86.06
C ARG C 2697 4.67 -89.85 -85.04
N MET C 2698 4.60 -90.39 -83.81
CA MET C 2698 5.67 -90.04 -82.87
C MET C 2698 6.79 -91.08 -82.83
N ALA C 2699 6.79 -92.06 -83.73
CA ALA C 2699 7.95 -92.95 -83.80
C ALA C 2699 8.94 -92.47 -84.85
N MET C 2700 8.46 -91.95 -85.97
CA MET C 2700 9.37 -91.55 -87.04
C MET C 2700 10.38 -90.50 -86.60
N PRO C 2701 10.00 -89.44 -85.88
CA PRO C 2701 11.00 -88.42 -85.51
C PRO C 2701 12.12 -88.96 -84.65
N CYS C 2702 11.83 -89.92 -83.75
CA CYS C 2702 12.88 -90.50 -82.93
C CYS C 2702 13.89 -91.23 -83.78
N LEU C 2703 13.41 -92.01 -84.76
CA LEU C 2703 14.33 -92.70 -85.66
C LEU C 2703 15.16 -91.69 -86.44
N CYS C 2704 14.53 -90.61 -86.92
CA CYS C 2704 15.28 -89.61 -87.65
C CYS C 2704 16.38 -88.99 -86.80
N ALA C 2705 16.07 -88.68 -85.53
CA ALA C 2705 17.07 -88.09 -84.66
C ALA C 2705 18.22 -89.05 -84.39
N ILE C 2706 17.90 -90.29 -83.99
CA ILE C 2706 18.97 -91.24 -83.68
C ILE C 2706 19.84 -91.49 -84.90
N ALA C 2707 19.23 -91.78 -86.04
CA ALA C 2707 19.97 -91.88 -87.28
C ALA C 2707 20.35 -90.48 -87.72
N GLY C 2708 21.55 -90.04 -87.33
CA GLY C 2708 21.94 -88.66 -87.47
C GLY C 2708 22.69 -88.22 -86.25
N ALA C 2709 22.32 -88.78 -85.10
CA ALA C 2709 23.15 -88.61 -83.91
C ALA C 2709 24.42 -89.45 -84.00
N LEU C 2710 24.33 -90.64 -84.57
CA LEU C 2710 25.47 -91.55 -84.60
C LEU C 2710 26.44 -91.17 -85.71
N PRO C 2711 27.71 -91.56 -85.61
CA PRO C 2711 28.62 -91.41 -86.74
C PRO C 2711 28.51 -92.61 -87.67
N PRO C 2712 28.56 -92.39 -88.99
CA PRO C 2712 28.38 -93.53 -89.91
C PRO C 2712 29.41 -94.63 -89.73
N ASP C 2713 30.65 -94.30 -89.38
CA ASP C 2713 31.75 -95.25 -89.37
C ASP C 2713 31.94 -95.93 -88.02
N TYR C 2714 31.06 -95.69 -87.05
CA TYR C 2714 31.21 -96.33 -85.76
C TYR C 2714 31.19 -97.85 -85.91
N VAL C 2715 32.08 -98.52 -85.17
CA VAL C 2715 32.20 -99.97 -85.21
C VAL C 2715 31.88 -100.51 -83.82
N ASP C 2716 30.98 -101.49 -83.75
CA ASP C 2716 30.60 -102.09 -82.48
C ASP C 2716 31.61 -103.16 -82.11
N ALA C 2717 32.40 -102.88 -81.07
CA ALA C 2717 33.44 -103.83 -80.68
C ALA C 2717 32.85 -105.17 -80.27
N SER C 2718 31.79 -105.17 -79.46
CA SER C 2718 31.14 -106.39 -79.03
C SER C 2718 30.18 -106.96 -80.06
N TYR C 2719 29.91 -106.24 -81.15
CA TYR C 2719 28.98 -106.69 -82.16
C TYR C 2719 27.61 -106.96 -81.55
N PRO C 2737 14.32 -110.60 -68.37
CA PRO C 2737 15.22 -111.68 -68.79
C PRO C 2737 14.53 -113.04 -68.99
N ARG C 2738 14.82 -113.70 -70.10
CA ARG C 2738 14.23 -114.99 -70.39
C ARG C 2738 15.35 -115.95 -70.81
N PRO C 2739 16.10 -116.46 -69.84
CA PRO C 2739 17.18 -117.40 -70.14
C PRO C 2739 16.61 -118.64 -70.85
N VAL C 2740 17.36 -119.25 -71.75
CA VAL C 2740 16.85 -120.41 -72.50
C VAL C 2740 16.51 -121.58 -71.55
N GLU C 2741 15.39 -122.24 -71.84
CA GLU C 2741 14.84 -123.29 -71.01
C GLU C 2741 15.64 -124.58 -71.25
N THR C 2742 16.32 -125.09 -70.21
CA THR C 2742 17.29 -126.22 -70.33
C THR C 2742 16.77 -127.49 -69.65
N LEU C 2743 15.59 -127.41 -69.04
CA LEU C 2743 15.21 -128.48 -68.13
C LEU C 2743 15.08 -129.83 -68.83
N ASN C 2744 14.46 -129.86 -70.00
CA ASN C 2744 14.29 -131.08 -70.77
C ASN C 2744 15.35 -131.27 -71.88
N VAL C 2745 16.43 -130.50 -71.85
CA VAL C 2745 17.48 -130.64 -72.85
C VAL C 2745 18.43 -131.75 -72.38
N ILE C 2746 18.69 -132.72 -73.26
CA ILE C 2746 19.55 -133.88 -72.93
C ILE C 2746 20.94 -133.71 -73.56
N ILE C 2747 21.99 -133.75 -72.76
CA ILE C 2747 23.34 -133.76 -73.31
C ILE C 2747 23.67 -135.18 -73.78
N PRO C 2748 24.17 -135.33 -75.01
CA PRO C 2748 24.60 -136.67 -75.43
C PRO C 2748 25.70 -137.27 -74.54
N GLU C 2749 25.57 -138.56 -74.31
CA GLU C 2749 26.52 -139.32 -73.51
C GLU C 2749 27.96 -139.02 -73.82
N LYS C 2750 28.31 -138.86 -75.10
CA LYS C 2750 29.72 -138.74 -75.45
C LYS C 2750 30.36 -137.39 -75.03
N LEU C 2751 29.57 -136.48 -74.46
CA LEU C 2751 30.13 -135.29 -73.87
C LEU C 2751 30.45 -135.44 -72.44
N ASP C 2752 30.08 -136.58 -71.83
CA ASP C 2752 30.36 -136.71 -70.39
C ASP C 2752 31.86 -136.55 -70.04
N SER C 2753 32.70 -137.07 -70.92
CA SER C 2753 34.13 -137.03 -70.71
C SER C 2753 34.64 -135.56 -70.73
N PHE C 2754 34.18 -134.76 -71.71
CA PHE C 2754 34.51 -133.33 -71.79
C PHE C 2754 34.02 -132.57 -70.54
N ILE C 2755 32.81 -132.90 -70.08
CA ILE C 2755 32.25 -132.29 -68.90
C ILE C 2755 33.15 -132.51 -67.68
N ASN C 2756 33.55 -133.74 -67.42
CA ASN C 2756 34.47 -133.95 -66.30
C ASN C 2756 35.82 -133.31 -66.45
N LYS C 2757 36.39 -133.32 -67.65
CA LYS C 2757 37.71 -132.68 -67.87
C LYS C 2757 37.64 -131.18 -67.64
N PHE C 2758 36.58 -130.57 -68.15
CA PHE C 2758 36.42 -129.13 -68.01
C PHE C 2758 36.07 -128.82 -66.56
N ALA C 2759 35.30 -129.68 -65.91
CA ALA C 2759 35.01 -129.45 -64.47
C ALA C 2759 36.33 -129.52 -63.67
N GLU C 2760 37.15 -130.52 -63.97
CA GLU C 2760 38.44 -130.63 -63.31
C GLU C 2760 39.29 -129.40 -63.57
N TYR C 2761 39.32 -128.95 -64.83
CA TYR C 2761 40.00 -127.69 -65.15
C TYR C 2761 39.54 -126.49 -64.32
N THR C 2762 38.23 -126.25 -64.25
CA THR C 2762 37.67 -125.13 -63.52
C THR C 2762 38.07 -125.21 -62.02
N HIS C 2763 37.98 -126.41 -61.46
CA HIS C 2763 38.43 -126.59 -60.07
C HIS C 2763 39.95 -126.26 -59.87
N GLU C 2764 40.79 -126.77 -60.76
CA GLU C 2764 42.25 -126.56 -60.70
C GLU C 2764 42.62 -125.10 -60.83
N LYS C 2765 41.90 -124.39 -61.70
CA LYS C 2765 42.12 -122.96 -61.86
C LYS C 2765 41.83 -122.21 -60.56
N TRP C 2766 40.68 -122.50 -59.95
CA TRP C 2766 40.25 -121.94 -58.67
C TRP C 2766 41.25 -122.26 -57.57
N ALA C 2767 41.68 -123.53 -57.52
CA ALA C 2767 42.61 -124.00 -56.50
C ALA C 2767 43.95 -123.31 -56.66
N PHE C 2768 44.46 -123.26 -57.89
CA PHE C 2768 45.67 -122.54 -58.25
C PHE C 2768 45.61 -121.10 -57.74
N ASP C 2769 44.51 -120.38 -57.99
CA ASP C 2769 44.43 -118.99 -57.53
C ASP C 2769 44.42 -118.94 -55.97
N LYS C 2770 43.70 -119.85 -55.32
CA LYS C 2770 43.73 -119.97 -53.83
C LYS C 2770 45.11 -120.21 -53.23
N ILE C 2771 45.81 -121.18 -53.78
CA ILE C 2771 47.16 -121.55 -53.35
C ILE C 2771 48.19 -120.43 -53.53
N GLN C 2772 48.05 -119.65 -54.62
CA GLN C 2772 48.91 -118.46 -54.85
C GLN C 2772 48.68 -117.37 -53.79
N ASN C 2773 47.51 -117.37 -53.18
CA ASN C 2773 47.23 -116.51 -52.04
C ASN C 2773 47.36 -117.25 -50.73
N ASN C 2774 48.18 -118.29 -50.73
CA ASN C 2774 48.53 -119.03 -49.53
C ASN C 2774 47.40 -119.71 -48.74
N TRP C 2775 46.29 -120.04 -49.42
CA TRP C 2775 45.27 -120.94 -48.86
C TRP C 2775 45.82 -122.37 -48.83
N SER C 2776 45.30 -123.19 -47.94
CA SER C 2776 45.75 -124.59 -47.87
C SER C 2776 44.56 -125.44 -47.56
N TYR C 2777 44.67 -126.75 -47.73
CA TYR C 2777 43.62 -127.65 -47.30
C TYR C 2777 43.37 -127.43 -45.81
N GLY C 2778 42.11 -127.54 -45.42
CA GLY C 2778 41.71 -127.59 -44.01
C GLY C 2778 40.35 -128.25 -44.01
N GLU C 2779 39.95 -128.82 -42.87
CA GLU C 2779 38.71 -129.59 -42.80
C GLU C 2779 37.49 -128.68 -42.94
N ASN C 2780 37.63 -127.44 -42.47
CA ASN C 2780 36.59 -126.40 -42.54
C ASN C 2780 37.03 -125.23 -43.38
N VAL C 2781 36.07 -124.53 -44.00
CA VAL C 2781 36.30 -123.20 -44.59
C VAL C 2781 36.55 -122.18 -43.47
N ASP C 2782 37.65 -121.44 -43.57
CA ASP C 2782 38.06 -120.52 -42.49
C ASP C 2782 38.79 -119.40 -43.17
N GLU C 2783 38.16 -118.23 -43.24
CA GLU C 2783 38.72 -117.04 -43.88
C GLU C 2783 39.92 -116.43 -43.14
N GLU C 2784 39.98 -116.59 -41.82
CA GLU C 2784 41.12 -116.09 -41.05
C GLU C 2784 42.36 -116.96 -41.33
N LEU C 2785 42.19 -118.28 -41.21
CA LEU C 2785 43.27 -119.25 -41.46
C LEU C 2785 43.50 -119.56 -42.97
N LYS C 2786 42.62 -119.09 -43.85
CA LYS C 2786 42.71 -119.40 -45.29
C LYS C 2786 42.82 -120.89 -45.54
N THR C 2787 41.89 -121.66 -44.96
CA THR C 2787 41.75 -123.09 -45.25
C THR C 2787 40.47 -123.30 -46.04
N HIS C 2788 40.50 -124.32 -46.91
CA HIS C 2788 39.30 -124.75 -47.60
C HIS C 2788 39.38 -126.26 -47.87
N PRO C 2789 38.30 -127.02 -47.53
CA PRO C 2789 38.31 -128.47 -47.70
C PRO C 2789 38.28 -128.89 -49.17
N MET C 2790 37.98 -127.96 -50.07
CA MET C 2790 38.06 -128.30 -51.49
C MET C 2790 39.45 -128.12 -52.11
N LEU C 2791 40.39 -127.67 -51.29
CA LEU C 2791 41.77 -127.56 -51.75
C LEU C 2791 42.48 -128.89 -51.73
N ARG C 2792 42.07 -129.74 -52.68
CA ARG C 2792 42.62 -131.07 -52.90
C ARG C 2792 42.20 -131.49 -54.32
N PRO C 2793 42.77 -132.60 -54.82
CA PRO C 2793 42.48 -133.02 -56.20
C PRO C 2793 41.02 -133.30 -56.49
N TYR C 2794 40.55 -132.81 -57.64
CA TYR C 2794 39.19 -133.07 -58.10
C TYR C 2794 38.93 -134.57 -58.09
N LYS C 2795 39.95 -135.37 -58.40
CA LYS C 2795 39.77 -136.81 -58.47
C LYS C 2795 39.34 -137.40 -57.11
N THR C 2796 39.65 -136.70 -56.02
CA THR C 2796 39.34 -137.21 -54.68
C THR C 2796 37.95 -136.79 -54.19
N PHE C 2797 37.20 -136.03 -55.00
CA PHE C 2797 35.85 -135.60 -54.62
C PHE C 2797 34.79 -136.71 -54.71
N SER C 2798 33.76 -136.61 -53.87
CA SER C 2798 32.51 -137.35 -54.06
C SER C 2798 31.81 -136.84 -55.35
N GLU C 2799 30.81 -137.58 -55.83
CA GLU C 2799 29.97 -137.08 -56.95
C GLU C 2799 29.30 -135.74 -56.63
N LYS C 2800 28.76 -135.60 -55.41
CA LYS C 2800 28.17 -134.32 -55.00
C LYS C 2800 29.15 -133.12 -55.17
N ASP C 2801 30.40 -133.31 -54.76
CA ASP C 2801 31.37 -132.22 -54.87
C ASP C 2801 31.87 -131.99 -56.30
N LYS C 2802 31.95 -133.03 -57.11
CA LYS C 2802 32.28 -132.84 -58.53
C LYS C 2802 31.14 -132.06 -59.20
N GLU C 2803 29.92 -132.36 -58.80
CA GLU C 2803 28.74 -131.71 -59.35
C GLU C 2803 28.71 -130.18 -59.16
N ILE C 2804 29.40 -129.70 -58.13
CA ILE C 2804 29.57 -128.26 -57.92
C ILE C 2804 30.17 -127.61 -59.19
N TYR C 2805 31.13 -128.31 -59.81
CA TYR C 2805 31.80 -127.82 -60.98
C TYR C 2805 31.08 -128.27 -62.26
N ARG C 2806 30.56 -129.50 -62.28
CA ARG C 2806 29.88 -130.03 -63.50
C ARG C 2806 28.51 -129.35 -63.83
N TRP C 2807 27.71 -129.01 -62.80
CA TRP C 2807 26.37 -128.40 -63.00
C TRP C 2807 26.39 -127.19 -63.95
N PRO C 2808 27.25 -126.17 -63.64
CA PRO C 2808 27.23 -124.96 -64.49
C PRO C 2808 27.70 -125.24 -65.93
N ILE C 2809 28.60 -126.20 -66.09
CA ILE C 2809 29.07 -126.58 -67.41
C ILE C 2809 27.95 -127.26 -68.15
N LYS C 2810 27.25 -128.19 -67.50
CA LYS C 2810 26.04 -128.78 -68.08
C LYS C 2810 25.01 -127.75 -68.49
N GLU C 2811 24.80 -126.73 -67.67
CA GLU C 2811 23.83 -125.68 -68.03
C GLU C 2811 24.28 -124.89 -69.30
N SER C 2812 25.56 -124.58 -69.41
CA SER C 2812 26.09 -123.96 -70.64
C SER C 2812 25.87 -124.86 -71.87
N LEU C 2813 26.27 -126.13 -71.76
CA LEU C 2813 26.08 -127.03 -72.93
C LEU C 2813 24.60 -127.22 -73.33
N LYS C 2814 23.73 -127.34 -72.35
CA LYS C 2814 22.30 -127.43 -72.62
C LYS C 2814 21.77 -126.19 -73.34
N ALA C 2815 22.20 -124.99 -72.98
CA ALA C 2815 21.82 -123.80 -73.78
C ALA C 2815 22.30 -123.91 -75.24
N MET C 2816 23.57 -124.28 -75.45
CA MET C 2816 24.06 -124.46 -76.82
C MET C 2816 23.22 -125.49 -77.62
N ILE C 2817 22.88 -126.61 -76.97
CA ILE C 2817 22.07 -127.69 -77.63
C ILE C 2817 20.66 -127.16 -77.90
N ALA C 2818 20.09 -126.47 -76.91
CA ALA C 2818 18.79 -125.79 -77.09
C ALA C 2818 18.73 -124.86 -78.31
N TRP C 2819 19.84 -124.20 -78.61
CA TRP C 2819 19.95 -123.24 -79.73
C TRP C 2819 20.28 -123.95 -81.07
N GLU C 2820 20.37 -125.28 -81.02
CA GLU C 2820 20.70 -126.18 -82.13
C GLU C 2820 22.09 -125.97 -82.72
N TRP C 2821 23.05 -125.70 -81.82
CA TRP C 2821 24.44 -125.59 -82.23
C TRP C 2821 24.95 -127.02 -82.28
N THR C 2822 25.91 -127.31 -83.13
CA THR C 2822 26.50 -128.65 -83.15
C THR C 2822 27.82 -128.63 -82.43
N ILE C 2823 28.09 -129.70 -81.69
CA ILE C 2823 29.34 -129.83 -80.94
C ILE C 2823 29.91 -131.19 -81.33
N GLU C 2824 30.99 -131.21 -82.11
CA GLU C 2824 31.51 -132.48 -82.64
C GLU C 2824 33.04 -132.57 -82.45
N LYS C 2825 33.53 -133.73 -82.01
CA LYS C 2825 34.97 -133.94 -81.82
C LYS C 2825 35.60 -134.13 -83.21
N ALA C 2826 36.11 -133.05 -83.78
CA ALA C 2826 36.61 -133.06 -85.17
C ALA C 2826 38.09 -133.45 -85.25
N ARG C 2827 38.82 -133.19 -84.15
CA ARG C 2827 40.26 -133.42 -84.10
C ARG C 2827 40.69 -134.08 -82.80
N GLU C 2828 41.92 -134.57 -82.77
CA GLU C 2828 42.52 -134.97 -81.52
C GLU C 2828 42.73 -133.69 -80.67
N GLY C 2829 42.69 -133.78 -79.34
CA GLY C 2829 42.96 -132.61 -78.45
C GLY C 2829 44.45 -132.25 -78.42
N GLU C 2830 44.79 -131.07 -77.88
CA GLU C 2830 46.19 -130.52 -77.96
C GLU C 2830 47.25 -131.26 -77.13
N TYR C 2855 49.28 -130.75 -52.23
CA TYR C 2855 48.54 -130.62 -53.49
C TYR C 2855 49.01 -129.42 -54.28
N ASN C 2856 49.33 -129.64 -55.55
CA ASN C 2856 49.99 -128.64 -56.38
C ASN C 2856 49.40 -128.52 -57.81
N PRO C 2857 48.21 -127.87 -57.91
CA PRO C 2857 47.52 -127.78 -59.21
C PRO C 2857 48.28 -126.89 -60.18
N GLN C 2858 48.52 -127.40 -61.38
CA GLN C 2858 49.06 -126.57 -62.45
C GLN C 2858 48.13 -126.75 -63.66
N PRO C 2859 47.03 -125.95 -63.72
CA PRO C 2859 46.08 -126.13 -64.82
C PRO C 2859 46.66 -125.59 -66.13
N PRO C 2860 46.18 -126.11 -67.29
CA PRO C 2860 46.65 -125.57 -68.56
C PRO C 2860 46.39 -124.07 -68.65
N ASP C 2861 47.23 -123.38 -69.43
CA ASP C 2861 47.03 -121.96 -69.69
C ASP C 2861 46.18 -121.81 -70.96
N LEU C 2862 45.11 -121.00 -70.90
CA LEU C 2862 44.21 -120.82 -72.06
C LEU C 2862 44.42 -119.45 -72.72
N SER C 2863 45.56 -118.84 -72.38
CA SER C 2863 45.90 -117.49 -72.83
C SER C 2863 46.16 -117.46 -74.32
N GLY C 2864 46.72 -118.56 -74.81
CA GLY C 2864 47.17 -118.69 -76.18
C GLY C 2864 46.15 -119.29 -77.10
N VAL C 2865 44.93 -119.50 -76.60
CA VAL C 2865 43.88 -120.05 -77.47
C VAL C 2865 43.13 -118.88 -78.09
N THR C 2866 43.14 -118.85 -79.44
CA THR C 2866 42.45 -117.82 -80.22
C THR C 2866 41.14 -118.36 -80.75
N LEU C 2867 40.05 -117.63 -80.51
CA LEU C 2867 38.76 -118.05 -81.04
C LEU C 2867 38.50 -117.26 -82.32
N SER C 2868 37.96 -117.94 -83.32
CA SER C 2868 37.54 -117.26 -84.55
C SER C 2868 36.59 -116.13 -84.21
N ARG C 2869 36.42 -115.18 -85.13
CA ARG C 2869 35.34 -114.18 -84.95
C ARG C 2869 33.98 -114.83 -84.72
N GLU C 2870 33.70 -115.88 -85.48
CA GLU C 2870 32.47 -116.66 -85.38
C GLU C 2870 32.21 -117.24 -83.97
N LEU C 2871 33.24 -117.86 -83.40
CA LEU C 2871 33.17 -118.37 -82.03
C LEU C 2871 33.06 -117.25 -80.97
N GLN C 2872 33.76 -116.15 -81.20
CA GLN C 2872 33.62 -114.97 -80.33
C GLN C 2872 32.16 -114.46 -80.38
N ALA C 2873 31.56 -114.47 -81.57
CA ALA C 2873 30.12 -114.10 -81.71
C ALA C 2873 29.20 -115.04 -80.92
N MET C 2874 29.45 -116.34 -81.06
CA MET C 2874 28.75 -117.35 -80.24
C MET C 2874 28.92 -117.11 -78.73
N ALA C 2875 30.14 -116.75 -78.31
CA ALA C 2875 30.40 -116.40 -76.90
C ALA C 2875 29.48 -115.28 -76.44
N GLU C 2876 29.10 -114.33 -77.32
CA GLU C 2876 28.17 -113.22 -76.97
C GLU C 2876 26.78 -113.72 -76.64
N GLN C 2877 26.29 -114.73 -77.37
CA GLN C 2877 25.00 -115.30 -77.07
C GLN C 2877 25.05 -116.09 -75.74
N LEU C 2878 26.12 -116.84 -75.53
CA LEU C 2878 26.29 -117.49 -74.23
C LEU C 2878 26.34 -116.47 -73.06
N ALA C 2879 27.14 -115.41 -73.23
CA ALA C 2879 27.27 -114.39 -72.18
C ALA C 2879 25.94 -113.74 -71.88
N GLU C 2880 25.19 -113.39 -72.92
CA GLU C 2880 23.89 -112.79 -72.72
C GLU C 2880 22.97 -113.75 -71.97
N ASN C 2881 23.04 -115.05 -72.29
CA ASN C 2881 22.26 -116.01 -71.56
C ASN C 2881 22.69 -116.12 -70.07
N TYR C 2882 23.99 -116.14 -69.79
CA TYR C 2882 24.42 -116.09 -68.37
C TYR C 2882 23.84 -114.85 -67.66
N HIS C 2883 23.92 -113.70 -68.34
CA HIS C 2883 23.32 -112.46 -67.75
C HIS C 2883 21.81 -112.61 -67.50
N ASN C 2884 21.08 -113.24 -68.43
CA ASN C 2884 19.65 -113.40 -68.27
C ASN C 2884 19.32 -114.38 -67.19
N THR C 2885 20.16 -115.41 -67.05
CA THR C 2885 19.96 -116.37 -65.94
C THR C 2885 20.17 -115.69 -64.56
N TRP C 2886 21.28 -114.95 -64.46
CA TRP C 2886 21.56 -114.14 -63.25
C TRP C 2886 20.41 -113.17 -62.99
N GLY C 2887 19.93 -112.48 -64.03
CA GLY C 2887 18.96 -111.38 -63.83
C GLY C 2887 17.61 -111.98 -63.41
N ARG C 2888 17.23 -113.13 -63.97
CA ARG C 2888 15.96 -113.77 -63.61
C ARG C 2888 15.99 -114.27 -62.17
N LYS C 2889 17.09 -114.93 -61.81
CA LYS C 2889 17.27 -115.39 -60.44
C LYS C 2889 17.31 -114.20 -59.48
N LYS C 2890 17.97 -113.12 -59.91
CA LYS C 2890 18.10 -111.94 -59.06
C LYS C 2890 16.75 -111.26 -58.80
N LYS C 2891 15.90 -111.20 -59.82
CA LYS C 2891 14.57 -110.66 -59.59
C LYS C 2891 13.79 -111.51 -58.61
N GLN C 2892 13.97 -112.83 -58.68
CA GLN C 2892 13.27 -113.68 -57.71
C GLN C 2892 13.79 -113.46 -56.31
N GLU C 2893 15.11 -113.33 -56.20
CA GLU C 2893 15.75 -113.14 -54.91
C GLU C 2893 15.26 -111.82 -54.27
N LEU C 2894 15.25 -110.74 -55.06
CA LEU C 2894 14.79 -109.46 -54.56
C LEU C 2894 13.34 -109.52 -54.05
N GLU C 2895 12.46 -110.12 -54.84
CA GLU C 2895 11.04 -110.25 -54.44
C GLU C 2895 10.92 -111.08 -53.18
N ALA C 2896 11.68 -112.16 -53.08
CA ALA C 2896 11.64 -113.02 -51.89
C ALA C 2896 12.05 -112.28 -50.61
N LYS C 2897 12.87 -111.23 -50.77
CA LYS C 2897 13.45 -110.48 -49.65
C LYS C 2897 12.77 -109.12 -49.42
N GLY C 2898 11.67 -108.83 -50.10
CA GLY C 2898 10.93 -107.63 -49.79
C GLY C 2898 10.89 -106.59 -50.88
N GLY C 2899 11.55 -106.87 -52.00
CA GLY C 2899 11.54 -105.97 -53.14
C GLY C 2899 12.85 -105.20 -53.21
N GLY C 2900 12.92 -104.26 -54.13
CA GLY C 2900 14.17 -103.53 -54.29
C GLY C 2900 14.70 -103.70 -55.70
N THR C 2901 15.90 -103.22 -55.92
CA THR C 2901 16.41 -103.11 -57.29
C THR C 2901 17.89 -103.43 -57.34
N HIS C 2902 18.43 -103.47 -58.55
CA HIS C 2902 19.84 -103.79 -58.75
C HIS C 2902 20.26 -103.07 -60.04
N PRO C 2903 21.39 -102.35 -59.98
CA PRO C 2903 21.73 -101.55 -61.18
C PRO C 2903 22.05 -102.40 -62.41
N LEU C 2904 22.43 -103.68 -62.24
CA LEU C 2904 22.68 -104.53 -63.41
C LEU C 2904 21.44 -105.22 -64.01
N LEU C 2905 20.24 -104.99 -63.44
CA LEU C 2905 19.02 -105.49 -64.05
C LEU C 2905 18.63 -104.68 -65.30
N VAL C 2906 19.52 -104.70 -66.30
CA VAL C 2906 19.24 -104.12 -67.61
C VAL C 2906 19.65 -105.16 -68.68
N PRO C 2907 19.18 -104.98 -69.94
CA PRO C 2907 19.56 -105.89 -71.01
C PRO C 2907 21.06 -105.91 -71.18
N TYR C 2908 21.58 -107.14 -71.41
CA TYR C 2908 23.00 -107.38 -71.61
C TYR C 2908 23.64 -106.34 -72.58
N ASP C 2909 22.95 -106.06 -73.67
CA ASP C 2909 23.51 -105.14 -74.70
C ASP C 2909 23.70 -103.71 -74.23
N THR C 2910 23.02 -103.32 -73.15
CA THR C 2910 23.10 -101.97 -72.62
C THR C 2910 24.22 -101.93 -71.56
N LEU C 2911 24.76 -103.09 -71.15
CA LEU C 2911 25.83 -103.12 -70.17
C LEU C 2911 27.11 -102.47 -70.76
N THR C 2912 27.98 -101.98 -69.88
CA THR C 2912 29.27 -101.46 -70.31
C THR C 2912 30.20 -102.64 -70.62
N ALA C 2913 31.27 -102.36 -71.39
CA ALA C 2913 32.29 -103.38 -71.56
C ALA C 2913 32.75 -103.93 -70.22
N LYS C 2914 32.96 -103.07 -69.22
CA LYS C 2914 33.40 -103.58 -67.93
C LYS C 2914 32.39 -104.59 -67.31
N GLU C 2915 31.12 -104.22 -67.40
CA GLU C 2915 29.99 -105.00 -66.86
C GLU C 2915 29.79 -106.34 -67.61
N LYS C 2916 30.13 -106.36 -68.88
CA LYS C 2916 30.03 -107.60 -69.70
C LYS C 2916 31.17 -108.59 -69.48
N ALA C 2917 32.28 -108.12 -68.92
CA ALA C 2917 33.53 -108.93 -68.91
C ALA C 2917 33.40 -110.33 -68.31
N ARG C 2918 32.73 -110.41 -67.16
CA ARG C 2918 32.68 -111.65 -66.39
C ARG C 2918 31.87 -112.69 -67.21
N ASP C 2919 30.82 -112.25 -67.91
CA ASP C 2919 30.00 -113.23 -68.67
C ASP C 2919 30.76 -113.62 -69.95
N ARG C 2920 31.48 -112.67 -70.53
CA ARG C 2920 32.33 -112.95 -71.72
C ARG C 2920 33.44 -113.90 -71.35
N GLU C 2921 34.03 -113.69 -70.19
CA GLU C 2921 35.14 -114.56 -69.82
C GLU C 2921 34.71 -116.01 -69.61
N LYS C 2922 33.57 -116.19 -68.97
CA LYS C 2922 33.00 -117.52 -68.76
C LYS C 2922 32.68 -118.24 -70.10
N ALA C 2923 31.99 -117.52 -70.98
CA ALA C 2923 31.68 -118.02 -72.36
C ALA C 2923 32.96 -118.33 -73.17
N GLN C 2924 33.95 -117.42 -73.15
CA GLN C 2924 35.21 -117.71 -73.83
C GLN C 2924 35.93 -118.94 -73.24
N GLU C 2925 35.96 -119.10 -71.90
CA GLU C 2925 36.71 -120.21 -71.31
C GLU C 2925 36.14 -121.53 -71.83
N LEU C 2926 34.81 -121.64 -71.87
CA LEU C 2926 34.15 -122.86 -72.34
C LEU C 2926 34.50 -123.17 -73.80
N LEU C 2927 34.38 -122.14 -74.63
CA LEU C 2927 34.62 -122.34 -76.07
C LEU C 2927 36.11 -122.62 -76.32
N LYS C 2928 37.00 -121.95 -75.56
CA LYS C 2928 38.45 -122.25 -75.67
C LYS C 2928 38.80 -123.69 -75.24
N PHE C 2929 38.15 -124.16 -74.18
CA PHE C 2929 38.49 -125.53 -73.70
C PHE C 2929 37.95 -126.63 -74.69
N LEU C 2930 36.77 -126.37 -75.22
CA LEU C 2930 36.23 -127.17 -76.30
C LEU C 2930 37.20 -127.23 -77.45
N GLN C 2931 37.65 -126.06 -77.92
CA GLN C 2931 38.57 -126.01 -79.07
C GLN C 2931 39.83 -126.79 -78.77
N MET C 2932 40.40 -126.55 -77.58
CA MET C 2932 41.61 -127.22 -77.15
C MET C 2932 41.48 -128.73 -77.13
N ASN C 2933 40.29 -129.22 -76.78
CA ASN C 2933 40.02 -130.66 -76.77
C ASN C 2933 39.58 -131.21 -78.14
N GLY C 2934 39.70 -130.37 -79.20
CA GLY C 2934 39.41 -130.75 -80.61
C GLY C 2934 37.95 -130.72 -81.04
N TYR C 2935 37.09 -129.99 -80.31
CA TYR C 2935 35.68 -129.93 -80.67
C TYR C 2935 35.49 -128.76 -81.59
N ALA C 2936 34.75 -129.00 -82.65
CA ALA C 2936 34.22 -127.92 -83.51
C ALA C 2936 32.80 -127.60 -83.02
N VAL C 2937 32.54 -126.31 -82.80
CA VAL C 2937 31.24 -125.78 -82.41
C VAL C 2937 30.73 -124.89 -83.55
N THR C 2938 29.58 -125.25 -84.11
CA THR C 2938 29.02 -124.54 -85.28
C THR C 2938 27.52 -124.32 -85.09
N ARG C 2939 26.91 -123.43 -85.86
CA ARG C 2939 25.47 -123.30 -85.67
C ARG C 2939 24.63 -123.46 -86.90
N SER C 2950 35.23 -106.39 -90.65
CA SER C 2950 35.71 -105.10 -90.17
C SER C 2950 34.85 -103.97 -90.70
N ILE C 2951 35.01 -103.67 -91.99
CA ILE C 2951 34.24 -102.61 -92.64
C ILE C 2951 32.76 -102.97 -92.57
N GLU C 2952 32.46 -104.26 -92.71
CA GLU C 2952 31.07 -104.71 -92.70
C GLU C 2952 30.40 -104.44 -91.36
N LYS C 2953 31.17 -104.17 -90.31
CA LYS C 2953 30.59 -103.93 -89.00
C LYS C 2953 30.11 -102.50 -88.81
N ARG C 2954 30.36 -101.61 -89.77
CA ARG C 2954 29.97 -100.22 -89.63
C ARG C 2954 28.46 -100.08 -89.73
N PHE C 2955 27.92 -99.06 -89.05
CA PHE C 2955 26.48 -98.87 -88.99
C PHE C 2955 25.89 -98.63 -90.37
N ALA C 2956 26.52 -97.78 -91.16
CA ALA C 2956 26.00 -97.46 -92.48
C ALA C 2956 25.87 -98.71 -93.35
N PHE C 2957 26.80 -99.64 -93.22
CA PHE C 2957 26.75 -100.86 -94.03
C PHE C 2957 25.45 -101.62 -93.77
N GLY C 2958 25.16 -101.89 -92.49
CA GLY C 2958 23.93 -102.61 -92.18
C GLY C 2958 22.69 -101.83 -92.55
N PHE C 2959 22.72 -100.51 -92.34
CA PHE C 2959 21.57 -99.69 -92.71
C PHE C 2959 21.28 -99.82 -94.20
N LEU C 2960 22.32 -99.71 -95.03
CA LEU C 2960 22.13 -99.83 -96.47
C LEU C 2960 21.71 -101.24 -96.86
N GLN C 2961 22.23 -102.25 -96.17
CA GLN C 2961 21.81 -103.62 -96.45
C GLN C 2961 20.31 -103.78 -96.24
N GLN C 2962 19.81 -103.27 -95.11
CA GLN C 2962 18.38 -103.37 -94.84
C GLN C 2962 17.58 -102.57 -95.86
N LEU C 2963 18.08 -101.39 -96.25
CA LEU C 2963 17.38 -100.59 -97.25
C LEU C 2963 17.27 -101.35 -98.56
N LEU C 2964 18.36 -102.00 -98.98
CA LEU C 2964 18.32 -102.76 -100.22
C LEU C 2964 17.37 -103.94 -100.13
N ARG C 2965 17.36 -104.63 -98.98
CA ARG C 2965 16.41 -105.73 -98.82
C ARG C 2965 14.99 -105.24 -98.96
N TRP C 2966 14.67 -104.11 -98.34
CA TRP C 2966 13.32 -103.60 -98.43
C TRP C 2966 12.99 -103.11 -99.84
N MET C 2967 13.97 -102.57 -100.55
CA MET C 2967 13.76 -102.21 -101.94
C MET C 2967 13.42 -103.44 -102.78
N ASP C 2968 14.13 -104.54 -102.54
CA ASP C 2968 13.80 -105.79 -103.24
C ASP C 2968 12.40 -106.26 -102.90
N ILE C 2969 12.01 -106.11 -101.63
CA ILE C 2969 10.62 -106.45 -101.18
C ILE C 2969 9.67 -105.62 -102.04
N SER C 2970 9.96 -104.33 -102.23
CA SER C 2970 9.10 -103.39 -102.99
C SER C 2970 8.87 -103.86 -104.43
N GLN C 2971 9.87 -104.45 -105.08
CA GLN C 2971 9.66 -105.02 -106.44
C GLN C 2971 8.39 -105.86 -106.44
N GLU C 2972 8.06 -106.54 -105.33
CA GLU C 2972 6.90 -107.47 -105.24
C GLU C 2972 5.53 -106.77 -105.12
N PHE C 2973 5.35 -105.81 -104.20
CA PHE C 2973 4.01 -105.21 -103.93
C PHE C 2973 3.64 -104.18 -105.01
N ILE C 2974 4.60 -103.66 -105.79
CA ILE C 2974 4.30 -102.71 -106.92
C ILE C 2974 3.77 -103.56 -108.08
N ALA C 2975 4.13 -104.85 -108.15
CA ALA C 2975 3.73 -105.78 -109.21
C ALA C 2975 2.25 -106.17 -108.99
N HIS C 2976 1.88 -106.60 -107.79
CA HIS C 2976 0.49 -107.05 -107.50
C HIS C 2976 -0.48 -105.88 -107.69
N LEU C 2977 -0.12 -104.67 -107.30
CA LEU C 2977 -0.99 -103.47 -107.48
C LEU C 2977 -0.93 -103.05 -108.95
N PRO C 2990 -3.83 -106.97 -98.70
CA PRO C 2990 -2.92 -108.12 -98.77
C PRO C 2990 -1.55 -107.83 -98.16
N HIS C 2991 -1.02 -106.63 -98.44
CA HIS C 2991 0.27 -106.24 -97.89
C HIS C 2991 0.26 -104.80 -97.39
N GLU C 2992 -0.91 -104.25 -97.08
CA GLU C 2992 -1.00 -102.82 -96.78
C GLU C 2992 -0.05 -102.41 -95.67
N GLN C 2993 0.26 -103.32 -94.75
CA GLN C 2993 1.25 -103.01 -93.72
C GLN C 2993 2.58 -102.64 -94.35
N GLU C 2994 3.03 -103.43 -95.33
CA GLU C 2994 4.28 -103.14 -96.01
C GLU C 2994 4.21 -101.82 -96.76
N ILE C 2995 3.09 -101.55 -97.42
CA ILE C 2995 2.95 -100.30 -98.17
C ILE C 2995 3.10 -99.12 -97.22
N LYS C 2996 2.39 -99.18 -96.09
CA LYS C 2996 2.43 -98.06 -95.15
C LYS C 2996 3.82 -97.90 -94.54
N PHE C 2997 4.46 -99.01 -94.18
CA PHE C 2997 5.80 -98.92 -93.61
C PHE C 2997 6.76 -98.29 -94.61
N PHE C 2998 6.69 -98.71 -95.87
CA PHE C 2998 7.59 -98.17 -96.88
C PHE C 2998 7.34 -96.69 -97.12
N ALA C 2999 6.07 -96.30 -97.23
CA ALA C 2999 5.75 -94.94 -97.62
C ALA C 2999 5.96 -93.96 -96.47
N LYS C 3000 5.53 -94.32 -95.26
CA LYS C 3000 5.48 -93.38 -94.16
C LYS C 3000 6.74 -93.36 -93.31
N ILE C 3001 7.68 -94.29 -93.52
CA ILE C 3001 8.86 -94.42 -92.68
C ILE C 3001 10.14 -94.36 -93.51
N LEU C 3002 10.26 -95.25 -94.50
CA LEU C 3002 11.53 -95.36 -95.22
C LEU C 3002 11.88 -94.07 -95.95
N LEU C 3003 10.92 -93.47 -96.64
CA LEU C 3003 11.25 -92.29 -97.43
C LEU C 3003 11.70 -91.11 -96.58
N PRO C 3004 10.95 -90.69 -95.55
CA PRO C 3004 11.47 -89.59 -94.71
C PRO C 3004 12.79 -89.93 -94.05
N LEU C 3005 12.97 -91.18 -93.64
CA LEU C 3005 14.23 -91.57 -93.00
C LEU C 3005 15.39 -91.44 -93.97
N ILE C 3006 15.21 -91.90 -95.21
CA ILE C 3006 16.27 -91.76 -96.21
C ILE C 3006 16.56 -90.28 -96.45
N ASN C 3007 15.50 -89.49 -96.62
CA ASN C 3007 15.69 -88.07 -96.87
C ASN C 3007 16.52 -87.42 -95.76
N GLN C 3008 16.11 -87.62 -94.51
CA GLN C 3008 16.83 -87.01 -93.40
C GLN C 3008 18.26 -87.53 -93.31
N TYR C 3009 18.44 -88.85 -93.43
CA TYR C 3009 19.76 -89.42 -93.20
C TYR C 3009 20.75 -88.93 -94.25
N PHE C 3010 20.35 -88.93 -95.53
CA PHE C 3010 21.28 -88.52 -96.58
C PHE C 3010 21.34 -87.02 -96.79
N THR C 3011 20.40 -86.26 -96.22
CA THR C 3011 20.59 -84.81 -96.18
C THR C 3011 21.82 -84.46 -95.35
N ASN C 3012 22.01 -85.13 -94.23
CA ASN C 3012 23.25 -85.06 -93.49
C ASN C 3012 24.18 -86.17 -93.96
N HIS C 3013 25.43 -86.13 -93.50
CA HIS C 3013 26.40 -87.16 -93.86
C HIS C 3013 26.58 -87.21 -95.37
N CYS C 3014 26.21 -86.15 -96.08
CA CYS C 3014 26.41 -86.12 -97.52
C CYS C 3014 27.90 -86.15 -97.86
N LEU C 3015 28.71 -85.43 -97.10
CA LEU C 3015 30.14 -85.38 -97.37
C LEU C 3015 30.84 -86.69 -97.06
N TYR C 3016 30.37 -87.44 -96.06
CA TYR C 3016 31.04 -88.68 -95.69
C TYR C 3016 31.11 -89.63 -96.88
N PHE C 3017 30.11 -89.63 -97.76
CA PHE C 3017 30.02 -90.59 -98.88
C PHE C 3017 30.90 -90.16 -100.04
N LEU C 3018 31.14 -88.86 -100.18
CA LEU C 3018 31.96 -88.30 -101.29
C LEU C 3018 33.29 -87.79 -100.73
N SER C 3019 33.58 -88.04 -99.45
CA SER C 3019 34.89 -87.70 -98.84
C SER C 3019 35.96 -88.39 -99.67
N THR C 3020 35.97 -89.72 -99.69
CA THR C 3020 36.98 -90.54 -100.41
C THR C 3020 38.29 -90.52 -99.61
N PRO C 3021 39.23 -91.45 -99.78
CA PRO C 3021 40.46 -91.43 -99.00
C PRO C 3021 41.36 -90.24 -99.37
N ALA C 3022 41.12 -89.61 -100.52
CA ALA C 3022 41.87 -88.41 -100.98
C ALA C 3022 40.86 -87.28 -101.16
N LYS C 3023 41.26 -86.04 -100.90
CA LYS C 3023 40.37 -84.85 -101.07
C LYS C 3023 39.13 -85.04 -100.18
N VAL C 3024 39.30 -85.47 -98.93
CA VAL C 3024 38.18 -85.62 -97.96
C VAL C 3024 37.52 -84.24 -97.81
N LEU C 3025 36.19 -84.18 -97.86
CA LEU C 3025 35.43 -82.91 -97.71
C LEU C 3025 34.96 -82.81 -96.27
N GLY C 3026 34.61 -83.93 -95.63
CA GLY C 3026 34.02 -83.94 -94.31
C GLY C 3026 35.03 -83.73 -93.22
N SER C 3027 34.51 -83.63 -91.98
CA SER C 3027 35.38 -83.43 -90.83
C SER C 3027 36.35 -84.58 -90.65
N GLY C 3028 35.89 -85.81 -90.80
CA GLY C 3028 36.75 -86.97 -90.68
C GLY C 3028 36.12 -88.23 -91.23
N GLY C 3029 36.95 -89.15 -91.71
CA GLY C 3029 36.45 -90.40 -92.25
C GLY C 3029 35.99 -90.29 -93.68
N HIS C 3030 35.84 -91.43 -94.34
CA HIS C 3030 35.39 -91.46 -95.72
C HIS C 3030 34.84 -92.85 -96.03
N ALA C 3031 33.76 -92.87 -96.79
CA ALA C 3031 33.10 -94.14 -97.10
C ALA C 3031 34.00 -95.03 -97.94
N SER C 3032 33.81 -96.33 -97.80
CA SER C 3032 34.55 -97.31 -98.57
C SER C 3032 33.85 -97.55 -99.92
N ASN C 3033 34.55 -98.24 -100.82
CA ASN C 3033 34.01 -98.48 -102.15
C ASN C 3033 32.71 -99.26 -102.09
N LYS C 3034 32.59 -100.18 -101.12
CA LYS C 3034 31.35 -100.95 -101.00
C LYS C 3034 30.16 -100.04 -100.73
N GLU C 3035 30.33 -99.07 -99.84
CA GLU C 3035 29.23 -98.16 -99.53
C GLU C 3035 28.82 -97.36 -100.76
N LYS C 3036 29.79 -96.87 -101.52
CA LYS C 3036 29.47 -96.12 -102.73
C LYS C 3036 28.73 -97.00 -103.73
N GLU C 3037 29.18 -98.25 -103.89
CA GLU C 3037 28.50 -99.15 -104.80
C GLU C 3037 27.07 -99.40 -104.36
N MET C 3038 26.86 -99.63 -103.06
CA MET C 3038 25.51 -99.90 -102.58
C MET C 3038 24.60 -98.69 -102.78
N ILE C 3039 25.12 -97.48 -102.52
CA ILE C 3039 24.26 -96.31 -102.66
C ILE C 3039 23.93 -96.07 -104.13
N THR C 3040 24.89 -96.29 -105.02
CA THR C 3040 24.59 -96.16 -106.45
C THR C 3040 23.54 -97.17 -106.88
N SER C 3041 23.66 -98.41 -106.42
CA SER C 3041 22.66 -99.42 -106.77
C SER C 3041 21.29 -99.03 -106.23
N LEU C 3042 21.25 -98.50 -105.01
CA LEU C 3042 19.98 -98.08 -104.43
C LEU C 3042 19.34 -96.98 -105.27
N PHE C 3043 20.14 -96.00 -105.68
CA PHE C 3043 19.61 -94.92 -106.50
C PHE C 3043 19.06 -95.48 -107.81
N CYS C 3044 19.82 -96.37 -108.46
CA CYS C 3044 19.37 -96.93 -109.73
C CYS C 3044 18.05 -97.67 -109.55
N LYS C 3045 17.95 -98.52 -108.52
CA LYS C 3045 16.74 -99.30 -108.31
C LYS C 3045 15.55 -98.39 -108.02
N LEU C 3046 15.74 -97.40 -107.15
CA LEU C 3046 14.63 -96.52 -106.83
C LEU C 3046 14.17 -95.75 -108.05
N ALA C 3047 15.11 -95.26 -108.87
CA ALA C 3047 14.72 -94.56 -110.09
C ALA C 3047 13.95 -95.48 -111.03
N ALA C 3048 14.43 -96.72 -111.19
CA ALA C 3048 13.74 -97.65 -112.08
C ALA C 3048 12.35 -97.99 -111.56
N LEU C 3049 12.16 -97.97 -110.24
CA LEU C 3049 10.86 -98.36 -109.69
C LEU C 3049 9.74 -97.46 -110.19
N VAL C 3050 9.96 -96.15 -110.20
CA VAL C 3050 8.87 -95.21 -110.48
C VAL C 3050 8.55 -95.09 -111.96
N ARG C 3051 9.42 -95.60 -112.83
CA ARG C 3051 9.24 -95.42 -114.28
C ARG C 3051 7.82 -95.77 -114.71
N HIS C 3052 7.13 -94.78 -115.28
CA HIS C 3052 5.79 -94.96 -115.83
C HIS C 3052 4.77 -95.40 -114.79
N ARG C 3053 5.02 -95.11 -113.51
CA ARG C 3053 4.12 -95.52 -112.44
C ARG C 3053 3.92 -94.41 -111.41
N VAL C 3054 3.96 -93.16 -111.84
CA VAL C 3054 3.84 -92.05 -110.90
C VAL C 3054 2.45 -92.05 -110.27
N SER C 3055 1.41 -92.30 -111.06
CA SER C 3055 0.04 -92.21 -110.55
C SER C 3055 -0.22 -93.20 -109.42
N LEU C 3056 0.45 -94.36 -109.43
CA LEU C 3056 0.19 -95.37 -108.41
C LEU C 3056 0.48 -94.83 -107.01
N PHE C 3057 1.61 -94.13 -106.85
CA PHE C 3057 1.98 -93.60 -105.54
C PHE C 3057 1.06 -92.47 -105.10
N GLY C 3058 0.33 -91.84 -106.02
CA GLY C 3058 -0.59 -90.79 -105.66
C GLY C 3058 0.07 -89.60 -104.99
N THR C 3059 -0.38 -89.28 -103.79
CA THR C 3059 0.12 -88.09 -103.09
C THR C 3059 1.56 -88.24 -102.64
N ASP C 3060 2.14 -89.43 -102.71
CA ASP C 3060 3.50 -89.65 -102.24
C ASP C 3060 4.56 -89.35 -103.29
N ALA C 3061 4.17 -89.00 -104.52
CA ALA C 3061 5.16 -88.68 -105.54
C ALA C 3061 6.15 -87.63 -105.10
N PRO C 3062 5.74 -86.51 -104.47
CA PRO C 3062 6.73 -85.52 -104.02
C PRO C 3062 7.79 -86.11 -103.10
N ALA C 3063 7.41 -87.00 -102.19
CA ALA C 3063 8.39 -87.57 -101.27
C ALA C 3063 9.43 -88.38 -102.02
N VAL C 3064 9.00 -89.21 -102.96
CA VAL C 3064 9.95 -90.06 -103.68
C VAL C 3064 10.84 -89.23 -104.59
N VAL C 3065 10.28 -88.20 -105.23
CA VAL C 3065 11.13 -87.36 -106.08
C VAL C 3065 12.13 -86.59 -105.24
N ASN C 3066 11.72 -86.17 -104.04
CA ASN C 3066 12.67 -85.50 -103.14
C ASN C 3066 13.77 -86.45 -102.71
N CYS C 3067 13.42 -87.71 -102.44
CA CYS C 3067 14.43 -88.69 -102.09
C CYS C 3067 15.41 -88.87 -103.24
N LEU C 3068 14.90 -88.93 -104.48
CA LEU C 3068 15.78 -89.05 -105.63
C LEU C 3068 16.69 -87.82 -105.75
N HIS C 3069 16.14 -86.63 -105.54
CA HIS C 3069 16.97 -85.43 -105.56
C HIS C 3069 18.10 -85.52 -104.55
N ILE C 3070 17.77 -85.91 -103.31
CA ILE C 3070 18.80 -85.99 -102.27
C ILE C 3070 19.84 -87.03 -102.63
N LEU C 3071 19.42 -88.18 -103.12
CA LEU C 3071 20.37 -89.23 -103.47
C LEU C 3071 21.31 -88.78 -104.58
N ALA C 3072 20.77 -88.07 -105.58
CA ALA C 3072 21.61 -87.63 -106.69
C ALA C 3072 22.78 -86.79 -106.22
N ARG C 3073 22.63 -86.09 -105.09
CA ARG C 3073 23.69 -85.18 -104.58
C ARG C 3073 24.79 -85.97 -103.87
N SER C 3074 24.63 -87.27 -103.59
CA SER C 3074 25.59 -88.04 -102.80
C SER C 3074 26.27 -89.13 -103.61
N LEU C 3075 26.29 -89.03 -104.93
CA LEU C 3075 26.91 -90.04 -105.76
C LEU C 3075 28.35 -89.65 -106.10
N ASP C 3076 29.26 -90.61 -105.94
CA ASP C 3076 30.65 -90.45 -106.35
C ASP C 3076 30.87 -91.42 -107.52
N ALA C 3077 30.55 -90.95 -108.72
CA ALA C 3077 30.57 -91.81 -109.90
C ALA C 3077 31.98 -92.14 -110.36
N ARG C 3078 32.96 -91.27 -110.08
CA ARG C 3078 34.30 -91.47 -110.60
C ARG C 3078 34.87 -92.82 -110.16
N THR C 3079 34.86 -93.08 -108.86
CA THR C 3079 35.47 -94.30 -108.34
C THR C 3079 34.76 -95.54 -108.87
N VAL C 3080 33.43 -95.56 -108.77
CA VAL C 3080 32.68 -96.75 -109.16
C VAL C 3080 32.87 -97.01 -110.65
N MET C 3081 32.77 -95.99 -111.49
CA MET C 3081 32.93 -96.19 -112.92
C MET C 3081 34.34 -96.61 -113.29
N LYS C 3082 35.35 -95.99 -112.67
CA LYS C 3082 36.73 -96.36 -112.96
C LYS C 3082 37.01 -97.80 -112.53
N SER C 3083 36.46 -98.20 -111.39
CA SER C 3083 36.69 -99.55 -110.88
C SER C 3083 35.44 -99.99 -110.12
N GLY C 3084 34.81 -101.07 -110.59
CA GLY C 3084 33.66 -101.61 -109.93
C GLY C 3084 33.04 -102.75 -110.71
N PRO C 3085 32.20 -103.54 -110.06
CA PRO C 3085 31.54 -104.66 -110.75
C PRO C 3085 30.66 -104.15 -111.89
N GLU C 3086 30.62 -104.94 -112.95
CA GLU C 3086 29.87 -104.52 -114.14
C GLU C 3086 28.37 -104.52 -113.91
N ILE C 3087 27.90 -105.22 -112.87
CA ILE C 3087 26.46 -105.35 -112.67
C ILE C 3087 25.83 -103.99 -112.40
N VAL C 3088 26.45 -103.19 -111.52
CA VAL C 3088 25.88 -101.89 -111.19
C VAL C 3088 26.02 -100.92 -112.38
N LYS C 3089 27.14 -100.98 -113.08
CA LYS C 3089 27.34 -100.09 -114.21
C LYS C 3089 26.35 -100.41 -115.32
N ALA C 3090 25.95 -101.68 -115.46
CA ALA C 3090 24.92 -102.02 -116.43
C ALA C 3090 23.62 -101.30 -116.13
N GLY C 3091 23.19 -101.33 -114.86
CA GLY C 3091 21.98 -100.61 -114.49
C GLY C 3091 22.12 -99.12 -114.68
N LEU C 3092 23.30 -98.58 -114.36
CA LEU C 3092 23.50 -97.14 -114.52
C LEU C 3092 23.37 -96.74 -115.98
N ARG C 3093 23.99 -97.49 -116.88
CA ARG C 3093 23.86 -97.21 -118.31
C ARG C 3093 22.40 -97.37 -118.76
N SER C 3094 21.73 -98.41 -118.28
CA SER C 3094 20.33 -98.60 -118.63
C SER C 3094 19.48 -97.42 -118.20
N PHE C 3095 19.85 -96.77 -117.10
CA PHE C 3095 19.10 -95.59 -116.66
C PHE C 3095 19.15 -94.50 -117.72
N PHE C 3096 20.35 -94.16 -118.19
CA PHE C 3096 20.48 -93.14 -119.22
C PHE C 3096 19.78 -93.57 -120.51
N GLU C 3097 19.89 -94.85 -120.88
CA GLU C 3097 19.26 -95.31 -122.10
C GLU C 3097 17.74 -95.16 -122.01
N SER C 3098 17.16 -95.55 -120.88
CA SER C 3098 15.72 -95.41 -120.70
C SER C 3098 15.31 -93.95 -120.70
N ALA C 3099 16.11 -93.08 -120.08
CA ALA C 3099 15.80 -91.66 -120.10
C ALA C 3099 15.77 -91.13 -121.52
N SER C 3100 16.77 -91.50 -122.32
CA SER C 3100 16.82 -91.04 -123.70
C SER C 3100 15.62 -91.54 -124.49
N GLU C 3101 15.28 -92.82 -124.32
CA GLU C 3101 14.16 -93.40 -125.06
C GLU C 3101 12.87 -92.69 -124.67
N ASP C 3102 12.65 -92.45 -123.38
CA ASP C 3102 11.44 -91.78 -122.94
C ASP C 3102 11.37 -90.36 -123.49
N ILE C 3103 12.51 -89.65 -123.48
CA ILE C 3103 12.53 -88.30 -124.01
C ILE C 3103 12.16 -88.31 -125.49
N GLU C 3104 12.74 -89.24 -126.25
CA GLU C 3104 12.43 -89.30 -127.67
C GLU C 3104 10.96 -89.59 -127.91
N LYS C 3105 10.40 -90.55 -127.19
CA LYS C 3105 9.00 -90.89 -127.38
C LYS C 3105 8.12 -89.69 -127.03
N MET C 3106 8.39 -89.02 -125.92
CA MET C 3106 7.49 -87.93 -125.43
C MET C 3106 7.68 -86.63 -126.24
N VAL C 3107 8.75 -86.49 -127.03
CA VAL C 3107 9.00 -85.28 -127.88
C VAL C 3107 8.46 -85.52 -129.30
N GLU C 3108 8.42 -86.77 -129.78
CA GLU C 3108 7.82 -87.11 -131.10
C GLU C 3108 6.31 -86.91 -130.95
N ASN C 3109 5.71 -87.50 -129.93
CA ASN C 3109 4.31 -87.33 -129.59
C ASN C 3109 3.95 -85.86 -129.42
N LEU C 3110 4.84 -85.09 -128.81
CA LEU C 3110 4.56 -83.68 -128.57
C LEU C 3110 4.30 -82.95 -129.87
N ARG C 3111 5.14 -83.18 -130.88
CA ARG C 3111 4.94 -82.55 -132.18
C ARG C 3111 3.60 -82.98 -132.74
N GLY C 3126 -0.28 -90.03 -122.38
CA GLY C 3126 -0.09 -88.86 -121.56
C GLY C 3126 0.55 -89.17 -120.22
N GLN C 3127 0.41 -90.43 -119.78
CA GLN C 3127 1.02 -90.82 -118.51
C GLN C 3127 2.53 -90.66 -118.55
N ASN C 3128 3.16 -91.09 -119.65
CA ASN C 3128 4.60 -90.92 -119.78
C ASN C 3128 4.98 -89.45 -119.86
N LEU C 3129 4.15 -88.64 -120.52
CA LEU C 3129 4.44 -87.21 -120.60
C LEU C 3129 4.43 -86.58 -119.21
N THR C 3130 3.43 -86.93 -118.40
CA THR C 3130 3.38 -86.40 -117.04
C THR C 3130 4.56 -86.90 -116.22
N TYR C 3131 4.90 -88.18 -116.37
CA TYR C 3131 6.03 -88.72 -115.64
C TYR C 3131 7.32 -88.00 -116.00
N THR C 3132 7.53 -87.73 -117.29
CA THR C 3132 8.73 -87.03 -117.73
C THR C 3132 8.74 -85.59 -117.22
N THR C 3133 7.61 -84.89 -117.33
CA THR C 3133 7.59 -83.48 -116.97
C THR C 3133 7.61 -83.28 -115.46
N VAL C 3134 7.30 -84.31 -114.68
CA VAL C 3134 7.24 -84.18 -113.24
C VAL C 3134 8.50 -84.74 -112.58
N ALA C 3135 8.93 -85.93 -112.98
CA ALA C 3135 10.02 -86.63 -112.31
C ALA C 3135 11.32 -86.62 -113.09
N LEU C 3136 11.28 -86.97 -114.38
CA LEU C 3136 12.51 -87.19 -115.12
C LEU C 3136 13.34 -85.92 -115.22
N LEU C 3137 12.74 -84.82 -115.68
CA LEU C 3137 13.52 -83.62 -115.95
C LEU C 3137 14.18 -83.06 -114.70
N PRO C 3138 13.49 -82.88 -113.58
CA PRO C 3138 14.17 -82.33 -112.40
C PRO C 3138 15.34 -83.18 -111.91
N VAL C 3139 15.14 -84.49 -111.78
CA VAL C 3139 16.21 -85.33 -111.27
C VAL C 3139 17.38 -85.36 -112.25
N LEU C 3140 17.07 -85.42 -113.55
CA LEU C 3140 18.15 -85.42 -114.54
C LEU C 3140 18.95 -84.12 -114.47
N THR C 3141 18.25 -82.99 -114.35
CA THR C 3141 18.93 -81.71 -114.24
C THR C 3141 19.82 -81.67 -113.00
N THR C 3142 19.30 -82.13 -111.86
CA THR C 3142 20.09 -82.15 -110.65
C THR C 3142 21.33 -83.01 -110.81
N LEU C 3143 21.17 -84.19 -111.41
CA LEU C 3143 22.30 -85.08 -111.59
C LEU C 3143 23.36 -84.44 -112.48
N PHE C 3144 22.95 -83.82 -113.58
CA PHE C 3144 23.93 -83.20 -114.46
C PHE C 3144 24.63 -82.03 -113.78
N GLN C 3145 23.89 -81.22 -113.02
CA GLN C 3145 24.52 -80.12 -112.30
C GLN C 3145 25.53 -80.65 -111.31
N HIS C 3146 25.18 -81.72 -110.58
CA HIS C 3146 26.10 -82.29 -109.61
C HIS C 3146 27.36 -82.81 -110.28
N ILE C 3147 27.20 -83.47 -111.43
CA ILE C 3147 28.37 -83.96 -112.15
C ILE C 3147 29.24 -82.79 -112.58
N ALA C 3148 28.63 -81.73 -113.10
CA ALA C 3148 29.41 -80.59 -113.56
C ALA C 3148 30.17 -79.94 -112.41
N GLN C 3149 29.55 -79.83 -111.24
CA GLN C 3149 30.18 -79.12 -110.13
C GLN C 3149 31.46 -79.82 -109.69
N HIS C 3150 31.49 -81.16 -109.75
CA HIS C 3150 32.64 -81.93 -109.28
C HIS C 3150 33.53 -82.44 -110.40
N GLN C 3151 33.33 -81.95 -111.63
CA GLN C 3151 34.12 -82.39 -112.79
C GLN C 3151 34.32 -83.90 -112.80
N PHE C 3152 33.20 -84.63 -112.83
CA PHE C 3152 33.23 -86.06 -113.12
C PHE C 3152 32.90 -86.38 -114.57
N GLY C 3153 32.69 -85.36 -115.40
CA GLY C 3153 32.19 -85.62 -116.74
C GLY C 3153 33.11 -86.49 -117.57
N ASP C 3154 34.41 -86.19 -117.56
CA ASP C 3154 35.36 -86.94 -118.37
C ASP C 3154 35.48 -88.39 -117.91
N ASP C 3155 35.28 -88.67 -116.63
CA ASP C 3155 35.44 -90.01 -116.10
C ASP C 3155 34.16 -90.83 -116.09
N VAL C 3156 33.02 -90.24 -116.43
CA VAL C 3156 31.74 -90.92 -116.34
C VAL C 3156 31.08 -91.08 -117.71
N ILE C 3157 31.05 -89.97 -118.47
CA ILE C 3157 30.35 -89.89 -119.77
C ILE C 3157 31.34 -90.36 -120.82
N LEU C 3158 31.47 -91.66 -120.98
CA LEU C 3158 32.31 -92.27 -122.03
C LEU C 3158 31.48 -93.42 -122.56
N ASP C 3159 31.67 -93.84 -123.80
CA ASP C 3159 30.94 -94.97 -124.42
C ASP C 3159 29.42 -94.76 -124.54
N ASP C 3160 28.53 -95.68 -124.10
CA ASP C 3160 27.06 -95.67 -124.38
C ASP C 3160 26.30 -94.44 -123.90
N VAL C 3161 26.49 -93.99 -122.68
CA VAL C 3161 25.95 -92.78 -122.09
C VAL C 3161 26.22 -91.59 -123.01
N GLN C 3162 27.37 -91.56 -123.66
CA GLN C 3162 27.67 -90.48 -124.60
C GLN C 3162 26.69 -90.48 -125.76
N VAL C 3163 26.38 -91.67 -126.28
CA VAL C 3163 25.41 -91.78 -127.38
C VAL C 3163 24.05 -91.30 -126.92
N SER C 3164 23.64 -91.71 -125.72
CA SER C 3164 22.34 -91.29 -125.21
C SER C 3164 22.26 -89.79 -125.06
N CYS C 3165 23.33 -89.18 -124.54
CA CYS C 3165 23.36 -87.72 -124.40
C CYS C 3165 23.30 -87.05 -125.76
N TYR C 3166 24.02 -87.59 -126.74
CA TYR C 3166 23.95 -87.04 -128.09
C TYR C 3166 22.53 -87.06 -128.61
N ARG C 3167 21.85 -88.20 -128.45
CA ARG C 3167 20.49 -88.31 -128.95
C ARG C 3167 19.56 -87.34 -128.23
N THR C 3168 19.71 -87.22 -126.92
CA THR C 3168 18.88 -86.28 -126.17
C THR C 3168 19.09 -84.86 -126.64
N LEU C 3169 20.36 -84.49 -126.86
CA LEU C 3169 20.73 -83.11 -127.27
C LEU C 3169 20.20 -82.83 -128.68
N CYS C 3170 20.18 -83.83 -129.59
CA CYS C 3170 19.61 -83.66 -130.91
C CYS C 3170 18.09 -83.51 -130.83
N SER C 3171 17.44 -84.35 -130.03
CA SER C 3171 15.98 -84.27 -129.91
C SER C 3171 15.55 -82.92 -129.36
N ILE C 3172 16.22 -82.46 -128.30
CA ILE C 3172 15.84 -81.20 -127.69
C ILE C 3172 16.01 -80.06 -128.68
N TYR C 3173 17.16 -80.00 -129.36
CA TYR C 3173 17.39 -78.92 -130.30
C TYR C 3173 16.38 -78.97 -131.45
N SER C 3174 16.10 -80.16 -131.98
CA SER C 3174 15.12 -80.26 -133.05
C SER C 3174 13.74 -79.84 -132.60
N LEU C 3175 13.42 -79.99 -131.32
CA LEU C 3175 12.12 -79.57 -130.83
C LEU C 3175 11.86 -78.10 -131.10
N GLY C 3176 12.92 -77.29 -131.19
CA GLY C 3176 12.75 -75.85 -131.32
C GLY C 3176 11.96 -75.41 -132.53
N THR C 3177 12.22 -76.01 -133.69
CA THR C 3177 11.58 -75.56 -134.92
C THR C 3177 10.05 -75.63 -134.86
N THR C 3178 9.51 -76.60 -134.13
CA THR C 3178 8.07 -76.76 -134.07
C THR C 3178 7.44 -75.62 -133.27
N LYS C 3179 6.14 -75.43 -133.50
CA LYS C 3179 5.36 -74.41 -132.81
C LYS C 3179 4.09 -75.04 -132.28
N ASN C 3180 3.84 -74.87 -130.98
CA ASN C 3180 2.66 -75.42 -130.35
C ASN C 3180 2.38 -74.66 -129.07
N THR C 3181 1.15 -74.75 -128.60
CA THR C 3181 0.77 -74.09 -127.34
C THR C 3181 1.40 -74.79 -126.15
N TYR C 3182 1.44 -76.13 -126.15
CA TYR C 3182 1.96 -76.86 -125.01
C TYR C 3182 3.42 -76.53 -124.74
N VAL C 3183 4.24 -76.44 -125.78
CA VAL C 3183 5.66 -76.17 -125.57
C VAL C 3183 5.87 -74.81 -124.92
N GLU C 3184 4.89 -73.91 -125.05
CA GLU C 3184 5.09 -72.56 -124.52
C GLU C 3184 5.36 -72.59 -123.02
N LYS C 3185 4.67 -73.45 -122.29
CA LYS C 3185 4.88 -73.56 -120.85
C LYS C 3185 5.95 -74.59 -120.50
N LEU C 3186 6.55 -75.23 -121.50
CA LEU C 3186 7.49 -76.30 -121.24
C LEU C 3186 8.93 -75.93 -121.60
N ARG C 3187 9.13 -74.81 -122.29
CA ARG C 3187 10.47 -74.42 -122.74
C ARG C 3187 11.48 -74.22 -121.60
N PRO C 3188 11.18 -73.45 -120.55
CA PRO C 3188 12.24 -73.15 -119.55
C PRO C 3188 12.87 -74.39 -118.93
N ALA C 3189 12.08 -75.43 -118.65
CA ALA C 3189 12.66 -76.64 -118.08
C ALA C 3189 13.66 -77.27 -119.05
N LEU C 3190 13.29 -77.35 -120.32
CA LEU C 3190 14.22 -77.88 -121.32
C LEU C 3190 15.47 -77.02 -121.43
N GLY C 3191 15.29 -75.69 -121.38
CA GLY C 3191 16.44 -74.81 -121.43
C GLY C 3191 17.41 -75.06 -120.29
N GLU C 3192 16.87 -75.18 -119.08
CA GLU C 3192 17.74 -75.44 -117.92
C GLU C 3192 18.44 -76.79 -118.06
N CYS C 3193 17.70 -77.82 -118.46
CA CYS C 3193 18.30 -79.15 -118.59
C CYS C 3193 19.41 -79.13 -119.61
N LEU C 3194 19.18 -78.50 -120.76
CA LEU C 3194 20.20 -78.44 -121.79
C LEU C 3194 21.40 -77.60 -121.36
N ALA C 3195 21.15 -76.52 -120.60
CA ALA C 3195 22.26 -75.72 -120.11
C ALA C 3195 23.15 -76.54 -119.21
N ARG C 3196 22.57 -77.34 -118.31
CA ARG C 3196 23.38 -78.21 -117.48
C ARG C 3196 24.10 -79.26 -118.32
N LEU C 3197 23.40 -79.83 -119.30
CA LEU C 3197 24.03 -80.83 -120.16
C LEU C 3197 25.27 -80.27 -120.83
N ALA C 3198 25.19 -79.04 -121.33
CA ALA C 3198 26.32 -78.46 -122.03
C ALA C 3198 27.56 -78.40 -121.16
N ALA C 3199 27.41 -77.99 -119.90
CA ALA C 3199 28.55 -78.02 -118.98
C ALA C 3199 29.01 -79.44 -118.71
N ALA C 3200 28.07 -80.38 -118.58
CA ALA C 3200 28.44 -81.75 -118.23
C ALA C 3200 29.29 -82.39 -119.33
N MET C 3201 28.94 -82.16 -120.59
CA MET C 3201 29.61 -82.86 -121.68
C MET C 3201 31.11 -82.60 -121.64
N PRO C 3202 31.94 -83.64 -121.82
CA PRO C 3202 33.40 -83.43 -121.87
C PRO C 3202 33.98 -83.29 -123.27
N VAL C 3203 33.16 -83.35 -124.32
CA VAL C 3203 33.63 -83.26 -125.69
C VAL C 3203 32.89 -82.13 -126.39
N ALA C 3204 33.63 -81.22 -127.02
CA ALA C 3204 33.03 -80.15 -127.78
C ALA C 3204 32.28 -80.73 -128.96
N PHE C 3205 31.07 -80.22 -129.22
CA PHE C 3205 30.26 -80.70 -130.32
C PHE C 3205 29.85 -79.61 -131.30
N LEU C 3206 30.13 -78.35 -130.99
CA LEU C 3206 29.88 -77.26 -131.91
C LEU C 3206 31.03 -77.04 -132.89
N GLU C 3207 32.19 -77.64 -132.64
CA GLU C 3207 33.35 -77.53 -133.53
C GLU C 3207 33.94 -78.93 -133.75
N PRO C 3208 33.23 -79.78 -134.49
CA PRO C 3208 33.70 -81.17 -134.64
C PRO C 3208 35.06 -81.29 -135.32
N GLN C 3209 35.45 -80.32 -136.14
CA GLN C 3209 36.69 -80.44 -136.90
C GLN C 3209 37.94 -80.46 -136.02
N LEU C 3210 37.84 -80.39 -134.70
CA LEU C 3210 38.99 -80.49 -133.82
C LEU C 3210 38.92 -81.66 -132.86
N ASN C 3211 37.87 -82.47 -132.92
CA ASN C 3211 37.72 -83.57 -131.97
C ASN C 3211 38.82 -84.60 -132.08
N GLU C 3212 39.57 -84.62 -133.18
CA GLU C 3212 40.64 -85.58 -133.34
C GLU C 3212 41.68 -85.48 -132.22
N TYR C 3213 41.85 -84.29 -131.65
CA TYR C 3213 42.80 -84.10 -130.57
C TYR C 3213 42.20 -84.34 -129.19
N ASN C 3214 40.91 -84.65 -129.11
CA ASN C 3214 40.26 -84.89 -127.84
C ASN C 3214 40.39 -86.37 -127.47
N ALA C 3215 40.94 -86.63 -126.28
CA ALA C 3215 41.15 -88.01 -125.85
C ALA C 3215 39.85 -88.69 -125.41
N CYS C 3216 38.83 -87.91 -125.06
CA CYS C 3216 37.58 -88.47 -124.55
C CYS C 3216 36.59 -88.80 -125.65
N SER C 3217 36.89 -88.50 -126.90
CA SER C 3217 35.97 -88.82 -127.97
C SER C 3217 35.79 -90.32 -128.09
N VAL C 3218 34.57 -90.74 -128.42
CA VAL C 3218 34.30 -92.17 -128.59
C VAL C 3218 35.12 -92.73 -129.74
N TYR C 3219 35.22 -91.97 -130.84
CA TYR C 3219 35.97 -92.44 -131.99
C TYR C 3219 37.44 -92.66 -131.65
N THR C 3220 38.05 -91.76 -130.89
CA THR C 3220 39.46 -91.89 -130.55
C THR C 3220 39.71 -93.16 -129.74
N THR C 3221 38.85 -93.46 -128.77
CA THR C 3221 39.09 -94.58 -127.88
C THR C 3221 38.82 -95.92 -128.56
N LYS C 3222 37.75 -96.01 -129.35
CA LYS C 3222 37.31 -97.27 -129.93
C LYS C 3222 37.85 -97.40 -131.35
N SER C 3223 38.33 -98.60 -131.68
CA SER C 3223 38.82 -98.87 -133.02
C SER C 3223 37.65 -98.86 -134.01
N PRO C 3224 37.92 -98.57 -135.28
CA PRO C 3224 36.83 -98.53 -136.27
C PRO C 3224 36.08 -99.84 -136.38
N ARG C 3225 36.77 -100.98 -136.23
CA ARG C 3225 36.08 -102.26 -136.32
C ARG C 3225 35.05 -102.42 -135.22
N GLU C 3226 35.42 -102.06 -133.98
CA GLU C 3226 34.47 -102.18 -132.87
C GLU C 3226 33.26 -101.31 -133.09
N ARG C 3227 33.45 -100.07 -133.53
CA ARG C 3227 32.32 -99.19 -133.78
C ARG C 3227 31.44 -99.74 -134.91
N ALA C 3228 32.07 -100.20 -135.99
CA ALA C 3228 31.30 -100.79 -137.08
C ALA C 3228 30.55 -102.03 -136.64
N ILE C 3229 31.01 -102.68 -135.58
CA ILE C 3229 30.31 -103.85 -135.05
C ILE C 3229 28.86 -103.53 -134.69
N LEU C 3230 28.54 -102.27 -134.42
CA LEU C 3230 27.18 -101.86 -134.10
C LEU C 3230 26.96 -100.47 -134.70
N GLY C 3231 25.88 -99.81 -134.27
CA GLY C 3231 25.38 -98.64 -134.97
C GLY C 3231 25.98 -97.29 -134.60
N LEU C 3232 27.30 -97.15 -134.70
CA LEU C 3232 27.90 -95.82 -134.63
C LEU C 3232 28.17 -95.30 -136.03
N PRO C 3233 27.67 -94.12 -136.39
CA PRO C 3233 27.96 -93.58 -137.72
C PRO C 3233 29.45 -93.44 -137.95
N ASN C 3234 29.87 -93.71 -139.18
CA ASN C 3234 31.30 -93.76 -139.49
C ASN C 3234 31.97 -92.40 -139.40
N SER C 3235 31.19 -91.32 -139.31
CA SER C 3235 31.72 -89.97 -139.27
C SER C 3235 31.15 -89.22 -138.07
N VAL C 3236 31.88 -88.17 -137.65
CA VAL C 3236 31.43 -87.36 -136.52
C VAL C 3236 30.57 -86.20 -137.00
N GLU C 3237 30.93 -85.59 -138.12
CA GLU C 3237 30.15 -84.46 -138.64
C GLU C 3237 28.73 -84.87 -138.99
N GLU C 3238 28.52 -86.11 -139.43
CA GLU C 3238 27.19 -86.55 -139.84
C GLU C 3238 26.21 -86.55 -138.67
N MET C 3239 26.63 -87.01 -137.49
CA MET C 3239 25.75 -86.98 -136.34
C MET C 3239 25.49 -85.54 -135.90
N CYS C 3240 24.33 -85.33 -135.28
CA CYS C 3240 23.89 -83.99 -134.93
C CYS C 3240 23.84 -83.12 -136.17
N PRO C 3241 23.22 -83.58 -137.26
CA PRO C 3241 23.22 -82.80 -138.50
C PRO C 3241 22.55 -81.45 -138.37
N ASP C 3242 21.60 -81.30 -137.45
CA ASP C 3242 20.83 -80.06 -137.35
C ASP C 3242 21.50 -79.01 -136.47
N ILE C 3243 22.65 -79.32 -135.89
CA ILE C 3243 23.35 -78.38 -135.02
C ILE C 3243 24.32 -77.56 -135.88
N PRO C 3244 24.14 -76.25 -136.02
CA PRO C 3244 25.10 -75.47 -136.79
C PRO C 3244 26.40 -75.26 -136.03
N VAL C 3245 27.41 -74.80 -136.77
CA VAL C 3245 28.70 -74.53 -136.14
C VAL C 3245 28.62 -73.28 -135.28
N LEU C 3246 29.66 -73.09 -134.45
CA LEU C 3246 29.67 -71.98 -133.52
C LEU C 3246 29.63 -70.64 -134.24
N ASP C 3247 30.43 -70.50 -135.30
CA ASP C 3247 30.52 -69.22 -135.99
C ASP C 3247 29.17 -68.81 -136.56
N ARG C 3248 28.44 -69.77 -137.16
CA ARG C 3248 27.12 -69.45 -137.68
C ARG C 3248 26.18 -69.00 -136.57
N LEU C 3249 26.24 -69.66 -135.41
CA LEU C 3249 25.39 -69.25 -134.30
C LEU C 3249 25.70 -67.83 -133.87
N MET C 3250 26.98 -67.49 -133.72
CA MET C 3250 27.34 -66.14 -133.31
C MET C 3250 26.89 -65.12 -134.35
N ALA C 3251 27.10 -65.42 -135.63
CA ALA C 3251 26.68 -64.48 -136.67
C ALA C 3251 25.17 -64.28 -136.65
N ASP C 3252 24.41 -65.36 -136.50
CA ASP C 3252 22.97 -65.24 -136.45
C ASP C 3252 22.51 -64.43 -135.25
N ILE C 3253 23.13 -64.67 -134.09
CA ILE C 3253 22.75 -63.94 -132.90
C ILE C 3253 23.02 -62.45 -133.09
N GLY C 3254 24.18 -62.12 -133.63
CA GLY C 3254 24.50 -60.71 -133.85
C GLY C 3254 23.54 -60.06 -134.83
N GLY C 3255 23.28 -60.73 -135.95
CA GLY C 3255 22.38 -60.18 -136.94
C GLY C 3255 20.97 -59.99 -136.41
N LEU C 3256 20.50 -60.92 -135.58
CA LEU C 3256 19.16 -60.80 -135.01
C LEU C 3256 19.11 -59.70 -133.96
N ALA C 3257 20.19 -59.56 -133.17
CA ALA C 3257 20.21 -58.53 -132.14
C ALA C 3257 20.22 -57.14 -132.77
N GLU C 3258 21.05 -56.93 -133.80
CA GLU C 3258 21.13 -55.60 -134.40
C GLU C 3258 19.83 -55.23 -135.10
N SER C 3259 19.02 -56.23 -135.50
CA SER C 3259 17.79 -55.95 -136.23
C SER C 3259 16.68 -55.41 -135.35
N GLY C 3260 16.84 -55.43 -134.03
CA GLY C 3260 15.80 -54.95 -133.15
C GLY C 3260 14.58 -55.86 -133.07
N ALA C 3261 14.76 -57.17 -133.21
CA ALA C 3261 13.63 -58.08 -133.16
C ALA C 3261 13.06 -58.15 -131.75
N ARG C 3262 11.85 -58.67 -131.64
CA ARG C 3262 11.15 -58.80 -130.37
C ARG C 3262 11.12 -60.26 -129.93
N TYR C 3263 10.75 -60.45 -128.66
CA TYR C 3263 10.70 -61.80 -128.09
C TYR C 3263 9.69 -62.67 -128.80
N THR C 3264 8.67 -62.05 -129.41
CA THR C 3264 7.58 -62.82 -130.00
C THR C 3264 8.07 -63.72 -131.12
N GLU C 3265 8.98 -63.23 -131.96
CA GLU C 3265 9.41 -63.95 -133.15
C GLU C 3265 10.66 -64.79 -132.93
N MET C 3266 11.16 -64.87 -131.70
CA MET C 3266 12.35 -65.67 -131.45
C MET C 3266 12.34 -66.19 -130.01
N PRO C 3267 11.31 -66.91 -129.60
CA PRO C 3267 11.33 -67.43 -128.23
C PRO C 3267 12.28 -68.59 -128.05
N HIS C 3268 12.41 -69.46 -129.05
CA HIS C 3268 13.31 -70.61 -128.93
C HIS C 3268 14.75 -70.16 -128.76
N VAL C 3269 15.17 -69.12 -129.47
CA VAL C 3269 16.54 -68.66 -129.38
C VAL C 3269 16.85 -68.23 -127.96
N ILE C 3270 15.96 -67.45 -127.36
CA ILE C 3270 16.21 -66.94 -126.01
C ILE C 3270 16.14 -68.08 -124.99
N GLU C 3271 15.14 -68.94 -125.13
CA GLU C 3271 14.87 -69.92 -124.07
C GLU C 3271 15.83 -71.09 -124.08
N ILE C 3272 16.49 -71.36 -125.20
CA ILE C 3272 17.33 -72.55 -125.37
C ILE C 3272 18.76 -72.17 -125.74
N THR C 3273 18.95 -71.51 -126.87
CA THR C 3273 20.30 -71.30 -127.41
C THR C 3273 21.15 -70.47 -126.44
N LEU C 3274 20.59 -69.40 -125.89
CA LEU C 3274 21.38 -68.53 -125.04
C LEU C 3274 21.91 -69.25 -123.80
N PRO C 3275 21.11 -69.98 -123.04
CA PRO C 3275 21.67 -70.78 -121.94
C PRO C 3275 22.71 -71.78 -122.41
N MET C 3276 22.50 -72.40 -123.56
CA MET C 3276 23.50 -73.33 -124.09
C MET C 3276 24.83 -72.64 -124.24
N LEU C 3277 24.85 -71.49 -124.92
CA LEU C 3277 26.10 -70.79 -125.14
C LEU C 3277 26.71 -70.32 -123.82
N CYS C 3278 25.87 -69.83 -122.91
CA CYS C 3278 26.38 -69.34 -121.63
C CYS C 3278 27.05 -70.45 -120.84
N SER C 3279 26.47 -71.65 -120.84
CA SER C 3279 27.08 -72.77 -120.13
C SER C 3279 28.22 -73.41 -120.91
N TYR C 3280 28.29 -73.17 -122.22
CA TYR C 3280 29.30 -73.82 -123.04
C TYR C 3280 30.61 -73.05 -123.05
N LEU C 3281 30.54 -71.76 -123.38
CA LEU C 3281 31.77 -70.99 -123.59
C LEU C 3281 32.70 -71.02 -122.38
N PRO C 3282 32.24 -70.74 -121.16
CA PRO C 3282 33.14 -70.81 -120.01
C PRO C 3282 33.74 -72.18 -119.78
N ARG C 3283 32.99 -73.24 -120.05
CA ARG C 3283 33.47 -74.60 -119.83
C ARG C 3283 34.61 -74.98 -120.76
N TRP C 3284 34.86 -74.20 -121.81
CA TRP C 3284 35.94 -74.47 -122.75
C TRP C 3284 36.98 -73.37 -122.82
N TRP C 3285 36.68 -72.16 -122.38
CA TRP C 3285 37.66 -71.09 -122.48
C TRP C 3285 38.93 -71.44 -121.71
N GLU C 3286 38.78 -71.96 -120.48
CA GLU C 3286 39.94 -72.33 -119.70
C GLU C 3286 40.77 -73.42 -120.36
N ARG C 3287 40.15 -74.26 -121.19
CA ARG C 3287 40.88 -75.27 -121.92
C ARG C 3287 41.43 -74.77 -123.25
N GLY C 3288 41.11 -73.54 -123.63
CA GLY C 3288 41.59 -73.00 -124.88
C GLY C 3288 42.99 -72.45 -124.78
N PRO C 3289 43.49 -71.93 -125.90
CA PRO C 3289 44.86 -71.40 -125.91
C PRO C 3289 45.08 -70.24 -124.95
N GLU C 3290 44.03 -69.48 -124.62
CA GLU C 3290 44.20 -68.30 -123.78
C GLU C 3290 44.70 -68.63 -122.38
N ALA C 3291 44.54 -69.87 -121.93
CA ALA C 3291 45.00 -70.26 -120.59
C ALA C 3291 46.34 -70.97 -120.67
N PRO C 3301 50.49 -81.42 -127.60
CA PRO C 3301 49.20 -81.28 -126.93
C PRO C 3301 48.31 -80.23 -127.57
N PRO C 3302 47.94 -80.42 -128.84
CA PRO C 3302 47.13 -79.43 -129.54
C PRO C 3302 45.74 -79.35 -128.93
N PRO C 3303 45.31 -78.16 -128.52
CA PRO C 3303 43.96 -78.04 -127.94
C PRO C 3303 42.89 -78.26 -128.99
N CYS C 3304 41.72 -78.70 -128.53
CA CYS C 3304 40.60 -79.02 -129.41
C CYS C 3304 39.58 -77.88 -129.49
N THR C 3305 39.90 -76.70 -128.98
CA THR C 3305 38.98 -75.58 -129.01
C THR C 3305 39.78 -74.30 -129.24
N ALA C 3306 39.13 -73.33 -129.89
CA ALA C 3306 39.77 -72.07 -130.25
C ALA C 3306 38.96 -70.86 -129.80
N VAL C 3307 38.24 -70.97 -128.68
CA VAL C 3307 37.47 -69.84 -128.19
C VAL C 3307 38.41 -68.83 -127.54
N THR C 3308 38.00 -67.56 -127.55
CA THR C 3308 38.77 -66.49 -126.95
C THR C 3308 37.83 -65.49 -126.31
N SER C 3309 38.40 -64.56 -125.55
CA SER C 3309 37.58 -63.57 -124.85
C SER C 3309 36.75 -62.75 -125.83
N ASP C 3310 37.17 -62.70 -127.09
CA ASP C 3310 36.40 -61.95 -128.09
C ASP C 3310 35.01 -62.54 -128.23
N HIS C 3311 34.89 -63.87 -128.22
CA HIS C 3311 33.58 -64.49 -128.31
C HIS C 3311 32.69 -64.07 -127.16
N LEU C 3312 33.23 -64.09 -125.93
CA LEU C 3312 32.44 -63.70 -124.77
C LEU C 3312 32.04 -62.22 -124.86
N ASN C 3313 32.95 -61.36 -125.29
CA ASN C 3313 32.62 -59.95 -125.42
C ASN C 3313 31.50 -59.74 -126.43
N SER C 3314 31.60 -60.40 -127.58
CA SER C 3314 30.57 -60.25 -128.60
C SER C 3314 29.23 -60.77 -128.10
N LEU C 3315 29.23 -61.92 -127.42
CA LEU C 3315 27.98 -62.47 -126.90
C LEU C 3315 27.37 -61.53 -125.87
N LEU C 3316 28.20 -60.96 -124.98
CA LEU C 3316 27.68 -60.04 -123.98
C LEU C 3316 27.08 -58.80 -124.63
N GLY C 3317 27.76 -58.25 -125.64
CA GLY C 3317 27.20 -57.11 -126.35
C GLY C 3317 25.86 -57.44 -127.01
N ASN C 3318 25.80 -58.59 -127.66
CA ASN C 3318 24.56 -58.98 -128.34
C ASN C 3318 23.42 -59.15 -127.33
N ILE C 3319 23.69 -59.81 -126.21
CA ILE C 3319 22.64 -60.01 -125.23
C ILE C 3319 22.20 -58.70 -124.62
N LEU C 3320 23.14 -57.76 -124.43
CA LEU C 3320 22.77 -56.44 -123.94
C LEU C 3320 21.85 -55.74 -124.94
N ARG C 3321 22.16 -55.83 -126.23
CA ARG C 3321 21.28 -55.26 -127.23
C ARG C 3321 19.90 -55.90 -127.18
N ILE C 3322 19.85 -57.22 -127.04
CA ILE C 3322 18.57 -57.91 -126.98
C ILE C 3322 17.75 -57.43 -125.79
N ILE C 3323 18.37 -57.33 -124.62
CA ILE C 3323 17.62 -56.93 -123.43
C ILE C 3323 17.13 -55.49 -123.58
N VAL C 3324 17.98 -54.60 -124.08
CA VAL C 3324 17.55 -53.20 -124.19
C VAL C 3324 16.44 -53.06 -125.22
N ASN C 3325 16.43 -53.91 -126.25
CA ASN C 3325 15.41 -53.77 -127.29
C ASN C 3325 14.00 -54.00 -126.76
N ASN C 3326 13.85 -54.60 -125.57
CA ASN C 3326 12.54 -54.99 -125.06
C ASN C 3326 12.18 -54.31 -123.75
N LEU C 3327 12.40 -53.00 -123.65
CA LEU C 3327 12.09 -52.30 -122.40
C LEU C 3327 10.60 -52.05 -122.24
N GLY C 3328 9.88 -51.81 -123.33
CA GLY C 3328 8.49 -51.42 -123.27
C GLY C 3328 7.50 -52.54 -123.06
N ILE C 3329 7.95 -53.80 -123.04
CA ILE C 3329 7.01 -54.90 -122.89
C ILE C 3329 6.37 -54.84 -121.50
N ASP C 3330 5.05 -55.02 -121.46
CA ASP C 3330 4.34 -54.98 -120.19
C ASP C 3330 4.61 -56.24 -119.36
N GLU C 3331 4.69 -57.40 -120.01
CA GLU C 3331 4.87 -58.67 -119.31
C GLU C 3331 5.97 -59.46 -120.00
N ALA C 3332 7.07 -59.72 -119.29
CA ALA C 3332 8.16 -60.56 -119.79
C ALA C 3332 8.87 -61.14 -118.57
N THR C 3333 8.57 -62.42 -118.29
CA THR C 3333 9.15 -63.07 -117.13
C THR C 3333 10.48 -63.75 -117.44
N TRP C 3334 10.85 -63.84 -118.73
CA TRP C 3334 12.09 -64.52 -119.09
C TRP C 3334 13.33 -63.69 -118.77
N MET C 3335 13.14 -62.41 -118.44
CA MET C 3335 14.29 -61.52 -118.25
C MET C 3335 15.16 -61.97 -117.08
N LYS C 3336 14.53 -62.30 -115.95
CA LYS C 3336 15.32 -62.71 -114.79
C LYS C 3336 16.04 -64.02 -115.06
N ARG C 3337 15.39 -64.97 -115.71
CA ARG C 3337 16.04 -66.23 -116.04
C ARG C 3337 17.24 -66.00 -116.94
N LEU C 3338 17.07 -65.15 -117.96
CA LEU C 3338 18.19 -64.85 -118.84
C LEU C 3338 19.33 -64.18 -118.09
N ALA C 3339 19.00 -63.26 -117.18
CA ALA C 3339 20.03 -62.58 -116.42
C ALA C 3339 20.82 -63.55 -115.56
N VAL C 3340 20.13 -64.45 -114.87
CA VAL C 3340 20.84 -65.39 -114.01
C VAL C 3340 21.68 -66.35 -114.85
N PHE C 3341 21.18 -66.74 -116.03
CA PHE C 3341 21.97 -67.60 -116.90
C PHE C 3341 23.23 -66.88 -117.39
N ALA C 3342 23.12 -65.59 -117.72
CA ALA C 3342 24.24 -64.87 -118.29
C ALA C 3342 25.23 -64.35 -117.26
N GLN C 3343 24.85 -64.31 -115.99
CA GLN C 3343 25.74 -63.76 -114.98
C GLN C 3343 27.13 -64.37 -114.96
N PRO C 3344 27.31 -65.69 -115.04
CA PRO C 3344 28.67 -66.25 -114.87
C PRO C 3344 29.69 -65.74 -115.85
N ILE C 3345 29.30 -65.47 -117.11
CA ILE C 3345 30.29 -65.10 -118.12
C ILE C 3345 30.72 -63.65 -118.01
N VAL C 3346 30.01 -62.82 -117.24
CA VAL C 3346 30.35 -61.41 -117.17
C VAL C 3346 31.71 -61.17 -116.53
N SER C 3347 32.28 -62.19 -115.88
CA SER C 3347 33.56 -62.03 -115.21
C SER C 3347 34.71 -61.74 -116.17
N ARG C 3348 34.53 -62.04 -117.47
CA ARG C 3348 35.58 -61.79 -118.48
C ARG C 3348 35.01 -60.84 -119.54
N ALA C 3349 35.33 -59.55 -119.46
CA ALA C 3349 34.89 -58.56 -120.42
C ALA C 3349 35.93 -57.45 -120.53
N ARG C 3350 35.97 -56.81 -121.68
CA ARG C 3350 36.92 -55.73 -121.92
C ARG C 3350 36.36 -54.41 -121.40
N PRO C 3351 37.23 -53.47 -121.04
CA PRO C 3351 36.75 -52.18 -120.54
C PRO C 3351 35.90 -51.41 -121.52
N GLU C 3352 36.13 -51.55 -122.82
CA GLU C 3352 35.38 -50.76 -123.80
C GLU C 3352 33.89 -51.01 -123.69
N LEU C 3353 33.48 -52.16 -123.15
CA LEU C 3353 32.06 -52.46 -123.06
C LEU C 3353 31.32 -51.44 -122.22
N LEU C 3354 31.96 -50.96 -121.15
CA LEU C 3354 31.32 -49.96 -120.29
C LEU C 3354 30.85 -48.77 -121.11
N HIS C 3355 31.76 -48.19 -121.91
CA HIS C 3355 31.39 -47.06 -122.75
C HIS C 3355 30.44 -47.48 -123.85
N SER C 3356 30.57 -48.72 -124.32
CA SER C 3356 29.80 -49.15 -125.49
C SER C 3356 28.30 -49.17 -125.22
N HIS C 3357 27.87 -49.83 -124.16
CA HIS C 3357 26.46 -50.13 -123.97
C HIS C 3357 25.86 -49.59 -122.67
N PHE C 3358 26.63 -49.62 -121.59
CA PHE C 3358 26.04 -49.34 -120.28
C PHE C 3358 25.51 -47.91 -120.18
N ILE C 3359 26.30 -46.94 -120.62
CA ILE C 3359 25.97 -45.53 -120.37
C ILE C 3359 24.66 -45.16 -121.05
N PRO C 3360 24.47 -45.44 -122.34
CA PRO C 3360 23.19 -45.06 -122.95
C PRO C 3360 21.99 -45.75 -122.31
N THR C 3361 22.12 -47.01 -121.94
CA THR C 3361 21.01 -47.72 -121.32
C THR C 3361 20.63 -47.09 -120.00
N ILE C 3362 21.62 -46.84 -119.14
CA ILE C 3362 21.31 -46.25 -117.85
C ILE C 3362 20.80 -44.83 -118.02
N GLY C 3363 21.27 -44.11 -119.04
CA GLY C 3363 20.74 -42.78 -119.28
C GLY C 3363 19.28 -42.81 -119.67
N ARG C 3364 18.90 -43.74 -120.55
CA ARG C 3364 17.48 -43.88 -120.89
C ARG C 3364 16.67 -44.25 -119.65
N LEU C 3365 17.22 -45.12 -118.81
CA LEU C 3365 16.52 -45.50 -117.59
C LEU C 3365 16.31 -44.28 -116.69
N ARG C 3366 17.33 -43.44 -116.56
CA ARG C 3366 17.21 -42.23 -115.76
C ARG C 3366 16.16 -41.29 -116.34
N LYS C 3367 16.14 -41.16 -117.67
CA LYS C 3367 15.12 -40.33 -118.30
C LYS C 3367 13.73 -40.83 -117.98
N ARG C 3368 13.52 -42.14 -118.06
CA ARG C 3368 12.22 -42.70 -117.75
C ARG C 3368 11.85 -42.45 -116.29
N ALA C 3369 12.81 -42.63 -115.39
CA ALA C 3369 12.55 -42.39 -113.97
C ALA C 3369 12.14 -40.94 -113.72
N GLY C 3370 12.87 -40.01 -114.35
CA GLY C 3370 12.52 -38.60 -114.22
C GLY C 3370 11.13 -38.30 -114.73
N LYS C 3371 10.78 -38.85 -115.90
CA LYS C 3371 9.46 -38.62 -116.45
C LYS C 3371 8.37 -39.12 -115.51
N VAL C 3372 8.53 -40.34 -114.99
CA VAL C 3372 7.48 -40.93 -114.16
C VAL C 3372 7.36 -40.17 -112.85
N VAL C 3373 8.49 -39.78 -112.25
CA VAL C 3373 8.42 -39.07 -110.97
C VAL C 3373 7.80 -37.69 -111.17
N ALA C 3374 8.12 -37.02 -112.29
CA ALA C 3374 7.49 -35.74 -112.57
C ALA C 3374 6.00 -35.90 -112.75
N GLU C 3375 5.57 -36.95 -113.45
CA GLU C 3375 4.13 -37.19 -113.61
C GLU C 3375 3.46 -37.42 -112.27
N GLU C 3376 4.09 -38.21 -111.40
CA GLU C 3376 3.50 -38.45 -110.09
C GLU C 3376 3.40 -37.15 -109.29
N GLU C 3377 4.45 -36.33 -109.32
CA GLU C 3377 4.42 -35.08 -108.59
C GLU C 3377 3.30 -34.18 -109.10
N GLN C 3378 3.11 -34.06 -110.42
CA GLN C 3378 2.00 -33.26 -110.98
C GLN C 3378 0.66 -33.70 -110.39
N LEU C 3379 0.42 -35.00 -110.27
CA LEU C 3379 -0.83 -35.57 -109.69
C LEU C 3379 -0.96 -35.16 -108.22
N ARG C 3380 0.12 -35.14 -107.47
CA ARG C 3380 0.10 -34.67 -106.05
C ARG C 3380 -0.31 -33.20 -106.06
N LEU C 3381 0.16 -32.43 -107.05
CA LEU C 3381 -0.10 -30.98 -107.12
C LEU C 3381 -1.60 -30.72 -107.24
N GLU C 3382 -2.33 -31.51 -108.03
CA GLU C 3382 -3.80 -31.36 -108.16
C GLU C 3382 -4.46 -32.58 -107.50
N ALA C 3383 -5.35 -32.38 -106.53
CA ALA C 3383 -5.97 -33.50 -105.78
C ALA C 3383 -7.41 -33.70 -106.24
N LYS C 3384 -7.76 -34.91 -106.66
CA LYS C 3384 -9.11 -35.21 -107.20
C LYS C 3384 -9.42 -36.71 -107.09
N ALA C 3385 -10.68 -37.11 -107.24
CA ALA C 3385 -11.07 -38.54 -107.32
C ALA C 3385 -10.38 -39.08 -108.56
N GLU C 3386 -10.30 -38.27 -109.62
CA GLU C 3386 -9.65 -38.65 -110.90
C GLU C 3386 -8.20 -38.98 -110.60
N ALA C 3387 -7.59 -38.26 -109.66
CA ALA C 3387 -6.18 -38.45 -109.26
C ALA C 3387 -6.03 -39.89 -108.77
N GLU C 3388 -7.05 -40.42 -108.08
CA GLU C 3388 -7.02 -41.81 -107.56
C GLU C 3388 -6.85 -42.74 -108.76
N GLU C 3389 -7.50 -42.45 -109.88
CA GLU C 3389 -7.34 -43.23 -111.13
C GLU C 3389 -5.88 -43.16 -111.60
N GLY C 3390 -5.24 -42.00 -111.50
CA GLY C 3390 -3.85 -41.80 -111.96
C GLY C 3390 -2.85 -42.65 -111.21
N GLU C 3391 -3.00 -42.81 -109.90
CA GLU C 3391 -2.07 -43.60 -109.04
C GLU C 3391 -1.74 -44.98 -109.61
N LEU C 3392 -2.67 -45.63 -110.31
CA LEU C 3392 -2.56 -47.00 -110.78
C LEU C 3392 -1.62 -47.09 -111.98
N LEU C 3393 -1.74 -46.16 -112.93
CA LEU C 3393 -0.87 -46.19 -114.11
C LEU C 3393 0.60 -45.97 -113.72
N VAL C 3394 0.86 -45.01 -112.84
CA VAL C 3394 2.24 -44.76 -112.45
C VAL C 3394 2.77 -45.90 -111.61
N ARG C 3395 1.90 -46.58 -110.86
CA ARG C 3395 2.34 -47.78 -110.13
C ARG C 3395 2.73 -48.89 -111.11
N ASP C 3396 1.96 -49.06 -112.18
CA ASP C 3396 2.33 -50.02 -113.21
C ASP C 3396 3.67 -49.64 -113.84
N GLU C 3397 3.86 -48.35 -114.09
CA GLU C 3397 5.13 -47.89 -114.64
C GLU C 3397 6.28 -48.18 -113.69
N PHE C 3398 6.06 -47.97 -112.39
CA PHE C 3398 7.07 -48.29 -111.39
C PHE C 3398 7.36 -49.78 -111.37
N SER C 3399 6.32 -50.60 -111.54
CA SER C 3399 6.53 -52.05 -111.60
C SER C 3399 7.43 -52.41 -112.78
N VAL C 3400 7.14 -51.82 -113.95
CA VAL C 3400 7.97 -52.08 -115.12
C VAL C 3400 9.40 -51.64 -114.86
N LEU C 3401 9.56 -50.46 -114.25
CA LEU C 3401 10.90 -49.95 -113.98
C LEU C 3401 11.65 -50.86 -113.02
N CYS C 3402 10.97 -51.34 -111.98
CA CYS C 3402 11.61 -52.25 -111.04
C CYS C 3402 12.02 -53.56 -111.73
N ARG C 3403 11.15 -54.08 -112.59
CA ARG C 3403 11.49 -55.29 -113.34
C ARG C 3403 12.75 -55.06 -114.18
N ASP C 3404 12.82 -53.94 -114.88
CA ASP C 3404 13.99 -53.66 -115.70
C ASP C 3404 15.24 -53.48 -114.84
N LEU C 3405 15.10 -52.80 -113.70
CA LEU C 3405 16.25 -52.60 -112.82
C LEU C 3405 16.78 -53.93 -112.33
N TYR C 3406 15.89 -54.84 -111.94
CA TYR C 3406 16.34 -56.12 -111.43
C TYR C 3406 16.87 -57.01 -112.54
N ALA C 3407 16.44 -56.77 -113.78
CA ALA C 3407 17.00 -57.52 -114.89
C ALA C 3407 18.39 -57.01 -115.27
N LEU C 3408 18.65 -55.72 -115.04
CA LEU C 3408 19.90 -55.12 -115.51
C LEU C 3408 21.00 -55.08 -114.46
N TYR C 3409 20.66 -54.75 -113.21
CA TYR C 3409 21.68 -54.38 -112.25
C TYR C 3409 22.73 -55.45 -111.98
N PRO C 3410 22.40 -56.71 -111.73
CA PRO C 3410 23.44 -57.66 -111.29
C PRO C 3410 24.62 -57.74 -112.24
N LEU C 3411 24.40 -57.63 -113.55
CA LEU C 3411 25.50 -57.62 -114.49
C LEU C 3411 26.44 -56.44 -114.21
N LEU C 3412 25.87 -55.26 -114.00
CA LEU C 3412 26.68 -54.10 -113.69
C LEU C 3412 27.39 -54.26 -112.35
N ILE C 3413 26.73 -54.90 -111.39
CA ILE C 3413 27.36 -55.14 -110.10
C ILE C 3413 28.61 -55.97 -110.27
N ARG C 3414 28.51 -57.07 -111.01
CA ARG C 3414 29.69 -57.91 -111.24
C ARG C 3414 30.76 -57.14 -112.01
N TYR C 3415 30.36 -56.38 -113.02
CA TYR C 3415 31.31 -55.62 -113.81
C TYR C 3415 32.12 -54.67 -112.92
N VAL C 3416 31.43 -53.90 -112.07
CA VAL C 3416 32.13 -52.94 -111.23
C VAL C 3416 32.97 -53.67 -110.19
N ASP C 3417 32.45 -54.74 -109.61
CA ASP C 3417 33.24 -55.50 -108.65
C ASP C 3417 34.55 -55.96 -109.28
N ASN C 3418 34.52 -56.33 -110.56
CA ASN C 3418 35.74 -56.77 -111.21
C ASN C 3418 36.67 -55.60 -111.53
N ASN C 3419 36.11 -54.50 -112.01
CA ASN C 3419 36.94 -53.44 -112.61
C ASN C 3419 37.20 -52.26 -111.69
N ARG C 3420 36.79 -52.31 -110.43
CA ARG C 3420 36.97 -51.15 -109.56
C ARG C 3420 38.45 -50.81 -109.35
N ALA C 3421 39.31 -51.83 -109.32
CA ALA C 3421 40.71 -51.59 -109.00
C ALA C 3421 41.37 -50.65 -109.99
N HIS C 3422 41.19 -50.91 -111.29
CA HIS C 3422 41.84 -50.08 -112.30
C HIS C 3422 41.31 -48.65 -112.23
N TRP C 3423 40.00 -48.49 -112.05
CA TRP C 3423 39.45 -47.14 -111.95
C TRP C 3423 40.01 -46.41 -110.75
N LEU C 3424 40.14 -47.08 -109.61
CA LEU C 3424 40.72 -46.43 -108.44
C LEU C 3424 42.17 -46.05 -108.69
N THR C 3425 42.95 -46.93 -109.33
CA THR C 3425 44.33 -46.59 -109.64
C THR C 3425 44.44 -45.43 -110.62
N GLU C 3426 43.59 -45.41 -111.65
CA GLU C 3426 43.61 -44.34 -112.66
C GLU C 3426 42.18 -43.88 -112.88
N PRO C 3427 41.80 -42.71 -112.37
CA PRO C 3427 40.42 -42.25 -112.53
C PRO C 3427 40.02 -42.14 -113.99
N ASN C 3428 38.76 -42.44 -114.27
CA ASN C 3428 38.19 -42.37 -115.61
C ASN C 3428 36.91 -41.56 -115.57
N ALA C 3429 36.70 -40.73 -116.60
CA ALA C 3429 35.51 -39.89 -116.65
C ALA C 3429 34.24 -40.73 -116.71
N ASN C 3430 34.27 -41.81 -117.50
CA ASN C 3430 33.08 -42.63 -117.68
C ASN C 3430 32.59 -43.18 -116.35
N ALA C 3431 33.51 -43.60 -115.49
CA ALA C 3431 33.12 -44.07 -114.17
C ALA C 3431 32.40 -42.98 -113.39
N GLU C 3432 32.89 -41.74 -113.49
CA GLU C 3432 32.23 -40.64 -112.79
C GLU C 3432 30.82 -40.41 -113.33
N GLU C 3433 30.66 -40.47 -114.65
CA GLU C 3433 29.33 -40.29 -115.22
C GLU C 3433 28.39 -41.39 -114.74
N LEU C 3434 28.88 -42.63 -114.73
CA LEU C 3434 28.07 -43.74 -114.24
C LEU C 3434 27.67 -43.52 -112.79
N PHE C 3435 28.61 -43.08 -111.96
CA PHE C 3435 28.30 -42.82 -110.57
C PHE C 3435 27.24 -41.74 -110.44
N ARG C 3436 27.36 -40.68 -111.23
CA ARG C 3436 26.36 -39.61 -111.19
C ARG C 3436 24.98 -40.15 -111.48
N MET C 3437 24.85 -40.93 -112.56
CA MET C 3437 23.51 -41.36 -112.97
C MET C 3437 22.94 -42.38 -111.97
N VAL C 3438 23.79 -43.27 -111.44
CA VAL C 3438 23.32 -44.21 -110.44
C VAL C 3438 22.86 -43.48 -109.19
N GLY C 3439 23.61 -42.45 -108.77
CA GLY C 3439 23.18 -41.68 -107.63
C GLY C 3439 21.87 -40.96 -107.87
N GLU C 3440 21.67 -40.46 -109.09
CA GLU C 3440 20.40 -39.81 -109.40
C GLU C 3440 19.25 -40.81 -109.30
N ILE C 3441 19.45 -42.03 -109.82
CA ILE C 3441 18.43 -43.05 -109.70
C ILE C 3441 18.14 -43.34 -108.23
N PHE C 3442 19.19 -43.45 -107.42
CA PHE C 3442 19.01 -43.74 -106.00
C PHE C 3442 18.23 -42.62 -105.31
N ILE C 3443 18.54 -41.37 -105.65
CA ILE C 3443 17.82 -40.24 -105.07
C ILE C 3443 16.34 -40.32 -105.43
N TYR C 3444 16.05 -40.57 -106.71
CA TYR C 3444 14.66 -40.68 -107.13
C TYR C 3444 13.96 -41.77 -106.36
N TRP C 3445 14.62 -42.92 -106.18
CA TRP C 3445 14.01 -44.01 -105.42
C TRP C 3445 13.74 -43.60 -103.99
N SER C 3446 14.70 -42.92 -103.36
CA SER C 3446 14.54 -42.53 -101.96
C SER C 3446 13.40 -41.54 -101.77
N LYS C 3447 13.30 -40.54 -102.65
CA LYS C 3447 12.32 -39.48 -102.41
C LYS C 3447 10.89 -40.01 -102.46
N SER C 3448 10.53 -40.72 -103.53
CA SER C 3448 9.17 -41.17 -103.71
C SER C 3448 8.84 -42.32 -102.77
N HIS C 3449 7.54 -42.50 -102.51
CA HIS C 3449 7.05 -43.57 -101.66
C HIS C 3449 6.46 -44.74 -102.45
N ASN C 3450 5.68 -44.43 -103.50
CA ASN C 3450 5.12 -45.51 -104.32
C ASN C 3450 6.22 -46.38 -104.90
N PHE C 3451 7.39 -45.82 -105.15
CA PHE C 3451 8.48 -46.59 -105.73
C PHE C 3451 8.88 -47.73 -104.80
N LYS C 3452 9.06 -47.43 -103.51
CA LYS C 3452 9.48 -48.46 -102.56
C LYS C 3452 8.42 -49.53 -102.42
N ARG C 3453 7.15 -49.13 -102.30
CA ARG C 3453 6.09 -50.12 -102.16
C ARG C 3453 5.99 -51.01 -103.39
N GLU C 3454 6.10 -50.41 -104.58
CA GLU C 3454 6.03 -51.21 -105.81
C GLU C 3454 7.20 -52.19 -105.88
N GLU C 3455 8.40 -51.75 -105.50
CA GLU C 3455 9.55 -52.65 -105.50
C GLU C 3455 9.33 -53.79 -104.51
N GLN C 3456 8.78 -53.47 -103.34
CA GLN C 3456 8.49 -54.51 -102.36
C GLN C 3456 7.50 -55.51 -102.91
N ASN C 3457 6.45 -55.03 -103.58
CA ASN C 3457 5.47 -55.94 -104.17
C ASN C 3457 6.14 -56.83 -105.21
N PHE C 3458 7.12 -56.33 -105.96
CA PHE C 3458 7.81 -57.10 -107.02
C PHE C 3458 8.62 -58.24 -106.43
N VAL C 3459 9.49 -57.96 -105.48
CA VAL C 3459 10.42 -59.00 -104.95
C VAL C 3459 9.62 -60.13 -104.30
N VAL C 3460 8.58 -59.83 -103.54
CA VAL C 3460 7.73 -60.89 -102.93
C VAL C 3460 6.97 -61.70 -103.98
N GLN C 3461 6.37 -61.06 -104.99
CA GLN C 3461 5.54 -61.78 -106.00
C GLN C 3461 6.46 -62.72 -106.76
N ASN C 3462 7.63 -62.23 -107.14
CA ASN C 3462 8.67 -63.07 -107.77
C ASN C 3462 9.35 -63.82 -106.63
N GLU C 3463 10.12 -64.85 -106.92
CA GLU C 3463 10.78 -65.71 -105.89
C GLU C 3463 12.22 -65.21 -105.79
N ILE C 3464 12.48 -63.99 -106.23
CA ILE C 3464 13.88 -63.49 -106.40
C ILE C 3464 14.64 -63.54 -105.08
N ASN C 3465 15.92 -63.90 -105.15
CA ASN C 3465 16.82 -64.03 -103.98
C ASN C 3465 18.06 -63.19 -104.28
N ASN C 3466 18.81 -62.76 -103.26
CA ASN C 3466 19.95 -61.83 -103.51
C ASN C 3466 21.00 -62.52 -104.41
N MET C 3467 21.42 -61.85 -105.48
CA MET C 3467 22.46 -62.35 -106.42
C MET C 3467 23.82 -62.46 -105.75
N SER C 3468 24.21 -61.49 -104.94
CA SER C 3468 25.55 -61.44 -104.29
C SER C 3468 26.01 -62.84 -103.87
N GLN C 3506 14.39 -55.26 -95.78
CA GLN C 3506 15.28 -55.99 -96.67
C GLN C 3506 16.30 -55.07 -97.32
N THR C 3507 17.34 -55.64 -97.90
CA THR C 3507 18.37 -54.88 -98.58
C THR C 3507 18.11 -54.93 -100.08
N SER C 3508 17.82 -53.77 -100.67
CA SER C 3508 17.53 -53.71 -102.09
C SER C 3508 18.82 -53.74 -102.91
N LEU C 3509 18.66 -53.93 -104.22
CA LEU C 3509 19.80 -53.88 -105.12
C LEU C 3509 20.31 -52.46 -105.29
N ILE C 3510 19.42 -51.47 -105.23
CA ILE C 3510 19.81 -50.09 -105.47
C ILE C 3510 20.84 -49.63 -104.44
N VAL C 3511 20.55 -49.85 -103.16
CA VAL C 3511 21.46 -49.41 -102.11
C VAL C 3511 22.77 -50.17 -102.20
N ALA C 3512 22.71 -51.47 -102.50
CA ALA C 3512 23.93 -52.26 -102.60
C ALA C 3512 24.84 -51.74 -103.70
N THR C 3513 24.27 -51.48 -104.88
CA THR C 3513 25.09 -50.98 -105.97
C THR C 3513 25.58 -49.58 -105.68
N LEU C 3514 24.80 -48.77 -105.00
CA LEU C 3514 25.26 -47.43 -104.64
C LEU C 3514 26.46 -47.51 -103.71
N LYS C 3515 26.39 -48.42 -102.73
CA LYS C 3515 27.54 -48.62 -101.85
C LYS C 3515 28.76 -49.10 -102.63
N LYS C 3516 28.54 -50.01 -103.58
CA LYS C 3516 29.65 -50.49 -104.40
C LYS C 3516 30.28 -49.35 -105.18
N MET C 3517 29.47 -48.44 -105.72
CA MET C 3517 29.98 -47.38 -106.58
C MET C 3517 30.51 -46.20 -105.77
N LEU C 3518 30.19 -46.11 -104.49
CA LEU C 3518 30.54 -44.93 -103.70
C LEU C 3518 32.04 -44.64 -103.65
N PRO C 3519 32.93 -45.63 -103.43
CA PRO C 3519 34.35 -45.29 -103.22
C PRO C 3519 34.96 -44.46 -104.35
N ILE C 3520 34.62 -44.74 -105.61
CA ILE C 3520 35.15 -43.92 -106.68
C ILE C 3520 34.61 -42.50 -106.57
N GLY C 3521 33.32 -42.34 -106.24
CA GLY C 3521 32.78 -41.01 -106.06
C GLY C 3521 33.54 -40.24 -104.99
N LEU C 3522 33.82 -40.90 -103.86
CA LEU C 3522 34.62 -40.24 -102.83
C LEU C 3522 36.01 -39.90 -103.33
N ASN C 3523 36.64 -40.82 -104.06
CA ASN C 3523 37.97 -40.56 -104.61
C ASN C 3523 37.98 -39.42 -105.61
N MET C 3524 36.81 -39.07 -106.16
CA MET C 3524 36.78 -38.00 -107.16
C MET C 3524 37.20 -36.66 -106.56
N CYS C 3525 36.78 -36.37 -105.33
CA CYS C 3525 37.06 -35.09 -104.70
C CYS C 3525 38.21 -35.23 -103.70
N ALA C 3526 39.00 -34.17 -103.58
CA ALA C 3526 40.17 -34.20 -102.70
C ALA C 3526 39.74 -34.01 -101.25
N PRO C 3527 40.55 -34.49 -100.28
CA PRO C 3527 40.18 -34.34 -98.87
C PRO C 3527 40.04 -32.89 -98.40
N THR C 3528 40.75 -31.96 -99.05
CA THR C 3528 40.69 -30.57 -98.61
C THR C 3528 39.26 -30.05 -98.58
N ASP C 3529 38.39 -30.56 -99.43
CA ASP C 3529 37.01 -30.11 -99.53
C ASP C 3529 36.11 -30.75 -98.49
N GLN C 3530 36.66 -31.30 -97.40
CA GLN C 3530 35.86 -32.06 -96.46
C GLN C 3530 34.79 -31.21 -95.81
N ASP C 3531 35.15 -30.02 -95.34
CA ASP C 3531 34.24 -29.21 -94.55
C ASP C 3531 33.01 -28.80 -95.35
N LEU C 3532 33.21 -28.42 -96.62
CA LEU C 3532 32.08 -28.06 -97.46
C LEU C 3532 31.07 -29.18 -97.56
N ILE C 3533 31.50 -30.43 -97.42
CA ILE C 3533 30.55 -31.55 -97.47
C ILE C 3533 29.63 -31.54 -96.26
N MET C 3534 30.18 -31.37 -95.06
CA MET C 3534 29.34 -31.14 -93.88
C MET C 3534 28.44 -29.92 -94.06
N LEU C 3535 28.97 -28.83 -94.62
CA LEU C 3535 28.12 -27.65 -94.80
C LEU C 3535 26.94 -27.96 -95.71
N ALA C 3536 27.20 -28.66 -96.81
CA ALA C 3536 26.13 -29.02 -97.73
C ALA C 3536 25.14 -29.97 -97.08
N LYS C 3537 25.64 -30.92 -96.29
CA LYS C 3537 24.74 -31.85 -95.59
C LYS C 3537 23.82 -31.09 -94.65
N THR C 3538 24.38 -30.14 -93.89
CA THR C 3538 23.56 -29.34 -93.00
C THR C 3538 22.52 -28.54 -93.78
N ARG C 3539 22.94 -27.90 -94.87
CA ARG C 3539 21.99 -27.15 -95.69
C ARG C 3539 20.92 -28.05 -96.30
N TYR C 3540 21.24 -29.33 -96.51
CA TYR C 3540 20.26 -30.30 -96.97
C TYR C 3540 19.37 -30.79 -95.84
N ALA C 3541 19.79 -30.63 -94.58
CA ALA C 3541 18.89 -30.90 -93.48
C ALA C 3541 17.61 -30.10 -93.63
N LEU C 3542 17.73 -28.81 -93.90
CA LEU C 3542 16.61 -28.03 -94.39
C LEU C 3542 16.47 -28.23 -95.90
N LYS C 3543 15.26 -27.98 -96.42
CA LYS C 3543 14.96 -28.17 -97.86
C LYS C 3543 15.60 -27.05 -98.68
N ASP C 3544 16.94 -26.98 -98.71
CA ASP C 3544 17.67 -25.97 -99.51
C ASP C 3544 17.65 -26.47 -100.94
N THR C 3545 16.89 -25.83 -101.84
CA THR C 3545 16.82 -26.21 -103.27
C THR C 3545 18.24 -26.49 -103.76
N ASP C 3546 18.46 -27.41 -104.69
CA ASP C 3546 19.78 -27.75 -105.23
C ASP C 3546 20.46 -26.52 -105.80
N GLU C 3547 19.76 -25.78 -106.67
CA GLU C 3547 20.35 -24.58 -107.24
C GLU C 3547 20.63 -23.54 -106.17
N GLU C 3548 19.78 -23.47 -105.13
CA GLU C 3548 20.03 -22.55 -104.04
C GLU C 3548 21.35 -22.86 -103.36
N VAL C 3549 21.60 -24.14 -103.07
CA VAL C 3549 22.87 -24.53 -102.49
C VAL C 3549 24.01 -24.21 -103.45
N ARG C 3550 23.81 -24.51 -104.73
CA ARG C 3550 24.86 -24.27 -105.72
C ARG C 3550 25.29 -22.81 -105.70
N GLU C 3551 24.33 -21.89 -105.82
CA GLU C 3551 24.68 -20.47 -105.78
C GLU C 3551 25.26 -20.07 -104.43
N PHE C 3552 24.71 -20.61 -103.34
CA PHE C 3552 25.18 -20.25 -102.00
C PHE C 3552 26.67 -20.53 -101.87
N LEU C 3553 27.09 -21.75 -102.20
CA LEU C 3553 28.50 -22.18 -102.02
C LEU C 3553 29.37 -21.49 -103.07
N GLN C 3554 28.77 -20.96 -104.13
CA GLN C 3554 29.51 -20.19 -105.18
C GLN C 3554 30.27 -19.05 -104.50
N ASN C 3555 29.74 -18.47 -103.40
CA ASN C 3555 30.42 -17.38 -102.63
C ASN C 3555 31.25 -17.86 -101.43
N ASN C 3556 30.92 -18.95 -100.71
CA ASN C 3556 31.63 -19.31 -99.49
C ASN C 3556 32.81 -20.25 -99.75
N LEU C 3557 33.32 -20.27 -100.98
CA LEU C 3557 34.38 -21.21 -101.33
C LEU C 3557 35.60 -21.05 -100.43
N HIS C 3558 35.88 -19.82 -100.00
CA HIS C 3558 37.09 -19.56 -99.24
C HIS C 3558 37.17 -20.35 -97.95
N LEU C 3559 36.03 -20.82 -97.44
CA LEU C 3559 36.02 -21.52 -96.16
C LEU C 3559 36.67 -22.90 -96.24
N GLN C 3560 37.06 -23.36 -97.43
CA GLN C 3560 37.74 -24.67 -97.62
C GLN C 3560 38.90 -24.83 -96.64
N GLY C 3561 39.27 -26.07 -96.30
CA GLY C 3561 40.31 -26.30 -95.30
C GLY C 3561 41.65 -25.76 -95.74
N LYS C 3562 42.37 -25.08 -94.86
CA LYS C 3562 43.73 -24.52 -95.14
C LYS C 3562 44.77 -25.64 -95.18
N VAL C 3563 45.79 -25.53 -96.02
CA VAL C 3563 46.91 -26.51 -96.05
C VAL C 3563 47.60 -26.42 -94.69
N GLU C 3564 47.80 -25.20 -94.17
CA GLU C 3564 48.33 -25.05 -92.80
C GLU C 3564 47.22 -25.66 -91.98
N GLY C 3565 47.53 -26.42 -90.95
CA GLY C 3565 46.45 -27.16 -90.28
C GLY C 3565 46.91 -28.45 -89.70
N SER C 3566 46.02 -29.43 -89.65
CA SER C 3566 46.25 -30.69 -88.94
C SER C 3566 47.32 -31.60 -89.54
N PRO C 3567 47.88 -32.51 -88.73
CA PRO C 3567 48.79 -33.51 -89.22
C PRO C 3567 48.01 -34.36 -90.22
N SER C 3568 46.73 -34.61 -89.98
CA SER C 3568 45.94 -35.57 -90.79
C SER C 3568 45.93 -35.14 -92.26
N LEU C 3569 45.74 -33.86 -92.54
CA LEU C 3569 45.67 -33.35 -93.93
C LEU C 3569 47.01 -33.61 -94.63
N ARG C 3570 48.13 -33.54 -93.91
CA ARG C 3570 49.50 -33.60 -94.51
C ARG C 3570 49.74 -34.91 -95.27
N TRP C 3571 49.64 -36.07 -94.63
CA TRP C 3571 49.98 -37.36 -95.28
C TRP C 3571 48.91 -37.74 -96.30
N GLN C 3572 47.66 -37.32 -96.12
CA GLN C 3572 46.59 -37.57 -97.07
C GLN C 3572 46.86 -36.86 -98.39
N MET C 3573 47.25 -35.58 -98.32
CA MET C 3573 47.58 -34.84 -99.53
C MET C 3573 48.78 -35.45 -100.23
N ALA C 3574 49.78 -35.89 -99.48
CA ALA C 3574 50.88 -36.60 -100.12
C ALA C 3574 50.27 -37.52 -101.17
N LEU C 3575 49.37 -38.42 -100.76
CA LEU C 3575 48.72 -39.39 -101.65
C LEU C 3575 47.81 -38.77 -102.73
N TYR C 3576 47.01 -37.74 -102.46
CA TYR C 3576 46.07 -37.24 -103.50
C TYR C 3576 46.87 -36.73 -104.66
N ARG C 3577 47.93 -35.98 -104.40
CA ARG C 3577 48.89 -35.60 -105.48
C ARG C 3577 49.65 -36.90 -105.75
N GLY C 3578 50.16 -37.14 -106.94
CA GLY C 3578 50.80 -38.41 -107.29
C GLY C 3578 49.83 -39.43 -107.82
N LEU C 3579 48.56 -39.09 -107.94
CA LEU C 3579 47.58 -39.96 -108.66
C LEU C 3579 47.99 -39.77 -110.11
N PRO C 3580 47.65 -40.65 -111.06
CA PRO C 3580 48.20 -40.53 -112.39
C PRO C 3580 47.85 -39.19 -113.04
N GLY C 3581 46.63 -38.72 -112.88
CA GLY C 3581 46.23 -37.41 -113.43
C GLY C 3581 47.27 -36.36 -113.14
N PRO C 3589 36.96 -24.58 -111.04
CA PRO C 3589 36.51 -24.04 -109.76
C PRO C 3589 35.05 -24.40 -109.47
N GLU C 3590 34.12 -23.91 -110.30
CA GLU C 3590 32.73 -24.29 -110.15
C GLU C 3590 32.54 -25.79 -110.17
N LYS C 3591 33.41 -26.52 -110.88
CA LYS C 3591 33.39 -27.97 -110.83
C LYS C 3591 33.50 -28.45 -109.40
N ILE C 3592 34.25 -27.71 -108.56
CA ILE C 3592 34.43 -28.12 -107.18
C ILE C 3592 33.10 -28.11 -106.44
N VAL C 3593 32.36 -27.01 -106.54
CA VAL C 3593 31.06 -26.94 -105.87
C VAL C 3593 30.11 -27.96 -106.45
N ARG C 3594 30.18 -28.18 -107.77
CA ARG C 3594 29.33 -29.20 -108.37
C ARG C 3594 29.59 -30.56 -107.73
N ARG C 3595 30.86 -30.94 -107.64
CA ARG C 3595 31.22 -32.23 -107.05
C ARG C 3595 30.76 -32.32 -105.61
N VAL C 3596 30.98 -31.25 -104.84
CA VAL C 3596 30.62 -31.28 -103.43
C VAL C 3596 29.12 -31.45 -103.28
N GLN C 3597 28.34 -30.70 -104.04
CA GLN C 3597 26.88 -30.82 -103.96
C GLN C 3597 26.43 -32.23 -104.35
N GLU C 3598 26.98 -32.75 -105.44
CA GLU C 3598 26.58 -34.08 -105.89
C GLU C 3598 26.86 -35.13 -104.84
N VAL C 3599 28.05 -35.11 -104.25
CA VAL C 3599 28.39 -36.10 -103.24
C VAL C 3599 27.52 -35.91 -102.01
N SER C 3600 27.33 -34.66 -101.57
CA SER C 3600 26.62 -34.40 -100.33
C SER C 3600 25.16 -34.82 -100.43
N ALA C 3601 24.53 -34.61 -101.58
CA ALA C 3601 23.12 -35.00 -101.71
C ALA C 3601 22.94 -36.48 -101.42
N VAL C 3602 23.74 -37.32 -102.10
CA VAL C 3602 23.60 -38.76 -101.91
C VAL C 3602 24.02 -39.16 -100.51
N LEU C 3603 25.04 -38.50 -99.95
CA LEU C 3603 25.45 -38.82 -98.60
C LEU C 3603 24.33 -38.58 -97.61
N TYR C 3604 23.69 -37.41 -97.68
CA TYR C 3604 22.61 -37.09 -96.77
C TYR C 3604 21.44 -38.04 -96.96
N HIS C 3605 21.07 -38.32 -98.20
CA HIS C 3605 19.95 -39.21 -98.44
C HIS C 3605 20.24 -40.61 -97.92
N LEU C 3606 21.45 -41.12 -98.13
CA LEU C 3606 21.80 -42.44 -97.61
C LEU C 3606 21.76 -42.45 -96.08
N GLU C 3607 22.27 -41.38 -95.46
CA GLU C 3607 22.24 -41.33 -94.00
C GLU C 3607 20.80 -41.33 -93.49
N GLN C 3608 19.90 -40.62 -94.16
CA GLN C 3608 18.51 -40.58 -93.70
C GLN C 3608 17.88 -41.96 -93.67
N THR C 3609 18.51 -42.96 -94.28
CA THR C 3609 17.97 -44.32 -94.28
C THR C 3609 18.99 -45.29 -93.73
N GLU C 3610 19.60 -44.94 -92.59
CA GLU C 3610 20.58 -45.80 -91.95
C GLU C 3610 19.94 -47.12 -91.54
N MET C 3638 -24.88 -62.30 -77.59
CA MET C 3638 -24.66 -61.71 -78.90
C MET C 3638 -25.63 -62.29 -79.93
N THR C 3639 -26.52 -63.18 -79.47
CA THR C 3639 -27.49 -63.78 -80.37
C THR C 3639 -28.53 -62.74 -80.81
N PRO C 3640 -29.13 -62.93 -81.97
CA PRO C 3640 -30.18 -62.00 -82.41
C PRO C 3640 -31.39 -62.07 -81.49
N LEU C 3641 -32.08 -60.95 -81.37
CA LEU C 3641 -33.25 -60.89 -80.50
C LEU C 3641 -34.36 -61.81 -80.97
N TYR C 3642 -34.39 -62.14 -82.27
CA TYR C 3642 -35.48 -62.93 -82.81
C TYR C 3642 -35.30 -64.43 -82.60
N ASN C 3643 -34.31 -64.85 -81.82
CA ASN C 3643 -34.07 -66.26 -81.58
C ASN C 3643 -34.37 -66.69 -80.15
N LEU C 3644 -34.60 -65.74 -79.24
CA LEU C 3644 -34.81 -66.08 -77.85
C LEU C 3644 -36.22 -66.65 -77.65
N PRO C 3645 -36.44 -67.42 -76.57
CA PRO C 3645 -37.79 -67.87 -76.26
C PRO C 3645 -38.70 -66.70 -75.92
N THR C 3646 -39.99 -66.88 -76.17
CA THR C 3646 -40.93 -65.76 -76.06
C THR C 3646 -40.97 -65.20 -74.64
N HIS C 3647 -40.98 -66.07 -73.62
CA HIS C 3647 -41.18 -65.59 -72.26
C HIS C 3647 -40.01 -64.73 -71.78
N ARG C 3648 -38.78 -65.12 -72.13
CA ARG C 3648 -37.64 -64.30 -71.75
C ARG C 3648 -37.71 -62.92 -72.40
N ALA C 3649 -38.09 -62.88 -73.67
CA ALA C 3649 -38.27 -61.60 -74.36
C ALA C 3649 -39.35 -60.78 -73.67
N CYS C 3650 -40.43 -61.42 -73.24
CA CYS C 3650 -41.49 -60.69 -72.55
C CYS C 3650 -40.99 -60.09 -71.25
N ASN C 3651 -40.21 -60.86 -70.48
CA ASN C 3651 -39.67 -60.33 -69.23
C ASN C 3651 -38.76 -59.13 -69.50
N MET C 3652 -37.88 -59.25 -70.49
CA MET C 3652 -37.01 -58.13 -70.82
C MET C 3652 -37.81 -56.92 -71.25
N PHE C 3653 -38.86 -57.13 -72.04
CA PHE C 3653 -39.68 -56.02 -72.49
C PHE C 3653 -40.35 -55.33 -71.31
N LEU C 3654 -40.87 -56.12 -70.36
CA LEU C 3654 -41.49 -55.52 -69.19
C LEU C 3654 -40.49 -54.68 -68.42
N GLU C 3655 -39.28 -55.21 -68.22
CA GLU C 3655 -38.26 -54.45 -67.53
C GLU C 3655 -37.99 -53.12 -68.23
N SER C 3656 -37.75 -53.17 -69.55
CA SER C 3656 -37.43 -51.96 -70.28
C SER C 3656 -38.58 -50.96 -70.26
N TYR C 3657 -39.81 -51.45 -70.45
CA TYR C 3657 -40.96 -50.55 -70.47
C TYR C 3657 -41.14 -49.86 -69.13
N LYS C 3658 -40.95 -50.60 -68.03
CA LYS C 3658 -41.04 -49.97 -66.72
C LYS C 3658 -39.94 -48.93 -66.56
N ALA C 3659 -38.72 -49.25 -66.98
CA ALA C 3659 -37.60 -48.34 -66.78
C ALA C 3659 -37.78 -47.04 -67.56
N ALA C 3660 -38.26 -47.15 -68.80
CA ALA C 3660 -38.21 -46.01 -69.71
C ALA C 3660 -39.52 -45.23 -69.78
N TRP C 3661 -40.67 -45.93 -69.76
CA TRP C 3661 -41.94 -45.28 -70.05
C TRP C 3661 -42.79 -45.01 -68.83
N ILE C 3662 -42.66 -45.79 -67.76
CA ILE C 3662 -43.56 -45.68 -66.62
C ILE C 3662 -43.09 -44.56 -65.69
N LEU C 3663 -41.89 -44.72 -65.12
CA LEU C 3663 -41.45 -43.78 -64.09
C LEU C 3663 -41.14 -42.40 -64.64
N THR C 3664 -40.87 -42.28 -65.95
CA THR C 3664 -40.63 -40.97 -66.54
C THR C 3664 -41.88 -40.11 -66.58
N GLU C 3665 -43.06 -40.72 -66.46
CA GLU C 3665 -44.31 -39.95 -66.49
C GLU C 3665 -44.38 -39.03 -65.28
N ASP C 3666 -44.95 -37.85 -65.49
CA ASP C 3666 -45.14 -36.87 -64.43
C ASP C 3666 -46.62 -36.76 -64.08
N HIS C 3667 -46.91 -36.63 -62.80
CA HIS C 3667 -48.28 -36.51 -62.34
C HIS C 3667 -48.28 -35.81 -60.99
N SER C 3668 -48.82 -34.59 -60.96
CA SER C 3668 -48.87 -33.79 -59.74
C SER C 3668 -50.27 -33.86 -59.15
N PHE C 3669 -50.36 -34.31 -57.90
CA PHE C 3669 -51.66 -34.43 -57.24
C PHE C 3669 -51.59 -33.92 -55.80
N GLU C 3670 -50.39 -33.62 -55.32
CA GLU C 3670 -50.22 -33.28 -53.90
C GLU C 3670 -51.03 -32.05 -53.52
N ASP C 3671 -50.96 -31.00 -54.34
CA ASP C 3671 -51.69 -29.78 -54.02
C ASP C 3671 -53.19 -30.04 -53.96
N ARG C 3672 -53.71 -30.77 -54.94
CA ARG C 3672 -55.14 -31.07 -54.96
C ARG C 3672 -55.52 -31.93 -53.76
N MET C 3673 -54.67 -32.89 -53.40
CA MET C 3673 -54.94 -33.82 -52.28
C MET C 3673 -54.95 -33.06 -50.96
N ILE C 3674 -54.07 -32.06 -50.76
CA ILE C 3674 -54.07 -31.27 -49.54
C ILE C 3674 -55.26 -30.31 -49.52
N ASP C 3675 -55.57 -29.71 -50.66
CA ASP C 3675 -56.72 -28.81 -50.73
C ASP C 3675 -58.00 -29.54 -50.38
N ASP C 3676 -58.18 -30.75 -50.91
CA ASP C 3676 -59.36 -31.53 -50.60
C ASP C 3676 -59.42 -31.89 -49.14
N LEU C 3677 -58.30 -32.30 -48.56
CA LEU C 3677 -58.29 -32.72 -47.16
C LEU C 3677 -58.45 -31.56 -46.19
N SER C 3678 -58.17 -30.34 -46.63
CA SER C 3678 -58.21 -29.19 -45.73
C SER C 3678 -59.60 -28.59 -45.55
N LYS C 3679 -60.58 -29.01 -46.34
CA LYS C 3679 -61.92 -28.44 -46.23
C LYS C 3679 -62.72 -29.11 -45.13
N ALA C 3680 -63.88 -28.53 -44.83
CA ALA C 3680 -64.81 -29.07 -43.85
C ALA C 3680 -66.23 -28.82 -44.34
N GLY C 3681 -67.16 -29.62 -43.84
CA GLY C 3681 -68.55 -29.53 -44.21
C GLY C 3681 -69.38 -28.77 -43.20
N GLU C 3682 -70.69 -28.94 -43.29
CA GLU C 3682 -71.63 -28.29 -42.39
C GLU C 3682 -71.51 -26.77 -42.49
N LYS C 3693 -65.01 -26.54 -32.11
CA LYS C 3693 -64.96 -27.15 -33.43
C LYS C 3693 -64.08 -28.40 -33.39
N LYS C 3694 -64.51 -29.43 -34.12
CA LYS C 3694 -63.75 -30.66 -34.19
C LYS C 3694 -62.71 -30.60 -35.29
N PRO C 3695 -61.64 -31.40 -35.20
CA PRO C 3695 -60.58 -31.33 -36.21
C PRO C 3695 -61.08 -31.76 -37.59
N ASP C 3696 -60.46 -31.18 -38.62
CA ASP C 3696 -60.72 -31.59 -39.98
C ASP C 3696 -59.75 -32.71 -40.37
N PRO C 3697 -59.99 -33.38 -41.51
CA PRO C 3697 -59.24 -34.63 -41.78
C PRO C 3697 -57.73 -34.49 -41.72
N LEU C 3698 -57.16 -33.42 -42.24
CA LEU C 3698 -55.71 -33.25 -42.19
C LEU C 3698 -55.22 -33.18 -40.75
N HIS C 3699 -55.95 -32.44 -39.91
CA HIS C 3699 -55.60 -32.37 -38.50
C HIS C 3699 -55.63 -33.76 -37.87
N GLN C 3700 -56.64 -34.56 -38.20
CA GLN C 3700 -56.74 -35.91 -37.64
C GLN C 3700 -55.56 -36.77 -38.08
N LEU C 3701 -55.14 -36.65 -39.34
CA LEU C 3701 -53.99 -37.42 -39.80
C LEU C 3701 -52.73 -37.03 -39.04
N VAL C 3702 -52.51 -35.73 -38.88
CA VAL C 3702 -51.31 -35.28 -38.15
C VAL C 3702 -51.36 -35.78 -36.72
N LEU C 3703 -52.54 -35.70 -36.09
CA LEU C 3703 -52.66 -36.16 -34.71
C LEU C 3703 -52.38 -37.66 -34.60
N HIS C 3704 -52.84 -38.43 -35.58
CA HIS C 3704 -52.57 -39.87 -35.56
C HIS C 3704 -51.08 -40.14 -35.62
N PHE C 3705 -50.36 -39.45 -36.50
CA PHE C 3705 -48.93 -39.68 -36.59
C PHE C 3705 -48.22 -39.25 -35.31
N SER C 3706 -48.66 -38.14 -34.70
CA SER C 3706 -48.09 -37.74 -33.43
C SER C 3706 -48.32 -38.80 -32.37
N ARG C 3707 -49.53 -39.37 -32.31
CA ARG C 3707 -49.82 -40.42 -31.35
C ARG C 3707 -48.89 -41.61 -31.54
N THR C 3708 -48.68 -42.02 -32.79
CA THR C 3708 -47.76 -43.13 -33.02
C THR C 3708 -46.35 -42.78 -32.57
N ALA C 3709 -45.93 -41.54 -32.81
CA ALA C 3709 -44.58 -41.15 -32.42
C ALA C 3709 -44.40 -41.16 -30.91
N LEU C 3710 -45.41 -40.73 -30.16
CA LEU C 3710 -45.27 -40.58 -28.72
C LEU C 3710 -45.30 -41.89 -27.95
N THR C 3711 -45.71 -43.00 -28.57
CA THR C 3711 -45.79 -44.27 -27.86
C THR C 3711 -44.41 -44.68 -27.36
N GLU C 3712 -44.37 -45.23 -26.15
CA GLU C 3712 -43.11 -45.62 -25.51
C GLU C 3712 -42.67 -46.96 -26.07
N LYS C 3713 -41.53 -46.98 -26.75
CA LYS C 3713 -41.00 -48.20 -27.35
C LYS C 3713 -39.48 -48.11 -27.40
N SER C 3714 -38.85 -49.27 -27.55
CA SER C 3714 -37.39 -49.31 -27.60
C SER C 3714 -36.85 -48.85 -28.95
N LYS C 3715 -37.55 -49.18 -30.04
CA LYS C 3715 -37.08 -48.87 -31.38
C LYS C 3715 -38.23 -48.33 -32.21
N LEU C 3716 -37.92 -47.49 -33.19
CA LEU C 3716 -38.92 -46.93 -34.08
C LEU C 3716 -39.08 -47.84 -35.29
N ASP C 3717 -40.26 -48.45 -35.43
CA ASP C 3717 -40.52 -49.33 -36.56
C ASP C 3717 -40.71 -48.52 -37.84
N GLU C 3718 -40.18 -49.05 -38.93
CA GLU C 3718 -40.30 -48.38 -40.22
C GLU C 3718 -41.64 -48.74 -40.86
N ASP C 3719 -42.40 -47.71 -41.24
CA ASP C 3719 -43.68 -47.91 -41.91
C ASP C 3719 -43.74 -47.00 -43.14
N TYR C 3720 -44.22 -47.55 -44.24
CA TYR C 3720 -44.18 -46.82 -45.51
C TYR C 3720 -45.25 -45.74 -45.58
N LEU C 3721 -46.36 -45.90 -44.86
CA LEU C 3721 -47.43 -44.92 -44.94
C LEU C 3721 -46.97 -43.55 -44.47
N TYR C 3722 -46.26 -43.51 -43.36
CA TYR C 3722 -45.76 -42.24 -42.83
C TYR C 3722 -44.83 -41.59 -43.84
N MET C 3723 -43.94 -42.37 -44.44
CA MET C 3723 -43.00 -41.81 -45.41
C MET C 3723 -43.73 -41.23 -46.61
N ALA C 3724 -44.72 -41.96 -47.13
CA ALA C 3724 -45.47 -41.47 -48.28
C ALA C 3724 -46.19 -40.17 -47.96
N TYR C 3725 -46.86 -40.11 -46.81
CA TYR C 3725 -47.62 -38.90 -46.49
C TYR C 3725 -46.70 -37.74 -46.16
N ALA C 3726 -45.56 -38.01 -45.54
CA ALA C 3726 -44.58 -36.95 -45.30
C ALA C 3726 -44.07 -36.38 -46.61
N ASP C 3727 -43.81 -37.26 -47.59
CA ASP C 3727 -43.36 -36.79 -48.89
C ASP C 3727 -44.43 -35.93 -49.55
N ILE C 3728 -45.69 -36.36 -49.46
CA ILE C 3728 -46.77 -35.58 -50.04
C ILE C 3728 -46.83 -34.19 -49.41
N MET C 3729 -46.85 -34.14 -48.07
CA MET C 3729 -46.94 -32.85 -47.38
C MET C 3729 -45.76 -31.96 -47.74
N ALA C 3730 -44.55 -32.52 -47.79
CA ALA C 3730 -43.38 -31.72 -48.11
C ALA C 3730 -43.50 -31.14 -49.51
N LYS C 3731 -43.93 -31.95 -50.48
CA LYS C 3731 -44.03 -31.45 -51.85
C LYS C 3731 -45.20 -30.49 -52.02
N SER C 3732 -46.14 -30.47 -51.08
CA SER C 3732 -47.26 -29.53 -51.21
C SER C 3732 -46.80 -28.08 -51.06
N CYS C 3733 -45.62 -27.83 -50.48
CA CYS C 3733 -45.03 -26.47 -50.37
C CYS C 3733 -43.96 -26.29 -51.45
N HIS C 3734 -44.17 -25.37 -52.40
CA HIS C 3734 -43.19 -25.09 -53.49
C HIS C 3734 -41.88 -24.63 -52.86
N VAL C 3751 -38.84 -10.41 -63.41
CA VAL C 3751 -38.34 -10.17 -62.06
C VAL C 3751 -39.06 -8.98 -61.44
N SER C 3752 -40.35 -8.86 -61.75
CA SER C 3752 -41.13 -7.75 -61.23
C SER C 3752 -41.29 -7.87 -59.71
N PHE C 3753 -41.49 -6.73 -59.07
CA PHE C 3753 -41.67 -6.72 -57.61
C PHE C 3753 -42.98 -7.39 -57.23
N GLU C 3754 -44.05 -7.13 -57.99
CA GLU C 3754 -45.37 -7.65 -57.62
C GLU C 3754 -45.40 -9.16 -57.65
N GLU C 3755 -44.84 -9.76 -58.70
CA GLU C 3755 -44.86 -11.22 -58.80
C GLU C 3755 -44.10 -11.86 -57.65
N LYS C 3756 -42.93 -11.31 -57.30
CA LYS C 3756 -42.14 -11.91 -56.24
C LYS C 3756 -42.75 -11.65 -54.86
N GLU C 3757 -43.53 -10.59 -54.70
CA GLU C 3757 -44.25 -10.41 -53.44
C GLU C 3757 -45.41 -11.39 -53.34
N MET C 3758 -46.17 -11.57 -54.42
CA MET C 3758 -47.29 -12.50 -54.38
C MET C 3758 -46.81 -13.93 -54.20
N GLU C 3759 -45.65 -14.28 -54.77
CA GLU C 3759 -45.13 -15.63 -54.57
C GLU C 3759 -44.77 -15.86 -53.12
N LYS C 3760 -44.18 -14.86 -52.46
CA LYS C 3760 -43.89 -14.99 -51.03
C LYS C 3760 -45.17 -15.15 -50.24
N GLN C 3761 -46.21 -14.38 -50.59
CA GLN C 3761 -47.48 -14.52 -49.89
C GLN C 3761 -48.06 -15.93 -50.07
N ARG C 3762 -47.99 -16.46 -51.28
CA ARG C 3762 -48.51 -17.80 -51.53
C ARG C 3762 -47.72 -18.84 -50.74
N LEU C 3763 -46.40 -18.71 -50.69
CA LEU C 3763 -45.60 -19.66 -49.93
C LEU C 3763 -45.95 -19.59 -48.44
N LEU C 3764 -46.13 -18.38 -47.92
CA LEU C 3764 -46.52 -18.25 -46.52
C LEU C 3764 -47.87 -18.91 -46.27
N TYR C 3765 -48.82 -18.72 -47.18
CA TYR C 3765 -50.13 -19.34 -47.01
C TYR C 3765 -50.01 -20.86 -47.01
N GLN C 3766 -49.22 -21.40 -47.93
CA GLN C 3766 -49.05 -22.85 -48.01
C GLN C 3766 -48.42 -23.40 -46.74
N GLN C 3767 -47.42 -22.72 -46.20
CA GLN C 3767 -46.79 -23.19 -44.97
C GLN C 3767 -47.73 -23.08 -43.78
N SER C 3768 -48.55 -22.03 -43.74
CA SER C 3768 -49.54 -21.91 -42.68
C SER C 3768 -50.54 -23.06 -42.73
N ARG C 3769 -50.99 -23.40 -43.94
CA ARG C 3769 -51.93 -24.50 -44.10
C ARG C 3769 -51.50 -25.73 -43.32
N LEU C 3770 -50.19 -25.96 -43.19
CA LEU C 3770 -49.69 -27.11 -42.45
C LEU C 3770 -49.41 -26.79 -40.99
N HIS C 3771 -48.66 -25.71 -40.72
CA HIS C 3771 -48.20 -25.51 -39.35
C HIS C 3771 -49.31 -25.02 -38.44
N THR C 3772 -50.49 -24.67 -38.98
CA THR C 3772 -51.62 -24.37 -38.10
C THR C 3772 -52.26 -25.61 -37.53
N ARG C 3773 -51.86 -26.80 -37.99
CA ARG C 3773 -52.47 -28.06 -37.56
C ARG C 3773 -51.47 -28.97 -36.84
N GLY C 3774 -50.37 -28.40 -36.35
CA GLY C 3774 -49.46 -29.15 -35.51
C GLY C 3774 -48.43 -30.00 -36.22
N ALA C 3775 -47.80 -29.50 -37.28
CA ALA C 3775 -46.79 -30.29 -37.98
C ALA C 3775 -45.42 -30.14 -37.34
N ALA C 3776 -45.11 -28.96 -36.81
CA ALA C 3776 -43.80 -28.74 -36.21
C ALA C 3776 -43.59 -29.66 -35.01
N GLU C 3777 -44.61 -29.79 -34.17
CA GLU C 3777 -44.50 -30.70 -33.03
C GLU C 3777 -44.31 -32.13 -33.50
N MET C 3778 -44.99 -32.53 -34.57
CA MET C 3778 -44.81 -33.87 -35.09
C MET C 3778 -43.37 -34.08 -35.55
N VAL C 3779 -42.81 -33.10 -36.25
CA VAL C 3779 -41.43 -33.23 -36.72
C VAL C 3779 -40.48 -33.40 -35.55
N LEU C 3780 -40.63 -32.56 -34.52
CA LEU C 3780 -39.76 -32.66 -33.36
C LEU C 3780 -39.92 -34.01 -32.66
N GLN C 3781 -41.15 -34.48 -32.52
CA GLN C 3781 -41.39 -35.75 -31.85
C GLN C 3781 -40.77 -36.91 -32.62
N MET C 3782 -40.90 -36.90 -33.94
CA MET C 3782 -40.30 -37.97 -34.73
C MET C 3782 -38.78 -37.96 -34.63
N ILE C 3783 -38.17 -36.76 -34.68
CA ILE C 3783 -36.72 -36.71 -34.54
C ILE C 3783 -36.28 -37.23 -33.18
N SER C 3784 -37.03 -36.89 -32.12
CA SER C 3784 -36.71 -37.42 -30.81
C SER C 3784 -36.84 -38.93 -30.77
N ALA C 3785 -37.88 -39.46 -31.41
CA ALA C 3785 -38.14 -40.90 -31.39
C ALA C 3785 -37.09 -41.70 -32.16
N CYS C 3786 -36.51 -41.14 -33.22
CA CYS C 3786 -35.54 -41.90 -34.01
C CYS C 3786 -34.38 -42.40 -33.16
N LYS C 3787 -34.04 -41.70 -32.07
CA LYS C 3787 -32.96 -42.12 -31.18
C LYS C 3787 -31.63 -42.24 -31.90
N GLY C 3788 -31.36 -41.31 -32.80
CA GLY C 3788 -30.07 -41.26 -33.47
C GLY C 3788 -29.73 -42.43 -34.35
N GLU C 3789 -30.71 -42.97 -35.08
CA GLU C 3789 -30.48 -44.07 -36.01
C GLU C 3789 -30.79 -43.61 -37.42
N THR C 3790 -29.81 -43.76 -38.31
CA THR C 3790 -30.01 -43.37 -39.70
C THR C 3790 -31.04 -44.26 -40.36
N GLY C 3791 -31.76 -43.69 -41.32
CA GLY C 3791 -32.78 -44.43 -42.03
C GLY C 3791 -33.61 -43.50 -42.89
N ALA C 3792 -34.63 -44.10 -43.50
CA ALA C 3792 -35.51 -43.33 -44.37
C ALA C 3792 -36.46 -42.45 -43.57
N MET C 3793 -36.85 -42.88 -42.38
CA MET C 3793 -37.81 -42.11 -41.58
C MET C 3793 -37.23 -40.75 -41.21
N VAL C 3794 -36.03 -40.73 -40.65
CA VAL C 3794 -35.42 -39.48 -40.24
C VAL C 3794 -35.14 -38.61 -41.46
N SER C 3795 -34.76 -39.23 -42.58
CA SER C 3795 -34.51 -38.46 -43.79
C SER C 3795 -35.78 -37.74 -44.25
N SER C 3796 -36.90 -38.46 -44.31
CA SER C 3796 -38.15 -37.82 -44.71
C SER C 3796 -38.59 -36.77 -43.71
N THR C 3797 -38.37 -37.00 -42.41
CA THR C 3797 -38.71 -36.01 -41.41
C THR C 3797 -37.91 -34.73 -41.61
N LEU C 3798 -36.61 -34.86 -41.86
CA LEU C 3798 -35.79 -33.67 -42.11
C LEU C 3798 -36.24 -32.96 -43.37
N LYS C 3799 -36.60 -33.71 -44.41
CA LYS C 3799 -37.11 -33.07 -45.62
C LYS C 3799 -38.37 -32.26 -45.32
N LEU C 3800 -39.29 -32.83 -44.56
CA LEU C 3800 -40.52 -32.10 -44.23
C LEU C 3800 -40.21 -30.86 -43.40
N GLY C 3801 -39.29 -30.96 -42.45
CA GLY C 3801 -38.92 -29.80 -41.66
C GLY C 3801 -38.33 -28.70 -42.52
N ILE C 3802 -37.41 -29.05 -43.42
CA ILE C 3802 -36.85 -28.07 -44.35
C ILE C 3802 -37.97 -27.40 -45.13
N SER C 3803 -38.87 -28.20 -45.70
CA SER C 3803 -39.91 -27.64 -46.55
C SER C 3803 -40.81 -26.69 -45.78
N ILE C 3804 -41.17 -27.03 -44.53
CA ILE C 3804 -42.07 -26.17 -43.78
C ILE C 3804 -41.36 -24.98 -43.17
N LEU C 3805 -40.04 -25.00 -43.09
CA LEU C 3805 -39.28 -23.95 -42.43
C LEU C 3805 -38.57 -23.00 -43.39
N ASN C 3806 -38.79 -23.12 -44.69
CA ASN C 3806 -38.05 -22.33 -45.66
C ASN C 3806 -38.37 -20.86 -45.49
N GLY C 3807 -37.39 -20.01 -45.83
CA GLY C 3807 -37.57 -18.57 -45.80
C GLY C 3807 -37.54 -17.95 -44.43
N GLY C 3808 -37.07 -18.67 -43.41
CA GLY C 3808 -37.00 -18.11 -42.08
C GLY C 3808 -38.36 -17.73 -41.52
N ASN C 3809 -39.33 -18.63 -41.64
CA ASN C 3809 -40.67 -18.39 -41.09
C ASN C 3809 -40.57 -18.20 -39.58
N ALA C 3810 -41.06 -17.07 -39.09
CA ALA C 3810 -40.90 -16.75 -37.67
C ALA C 3810 -41.88 -17.52 -36.79
N GLU C 3811 -43.11 -17.71 -37.26
CA GLU C 3811 -44.10 -18.40 -36.45
C GLU C 3811 -43.67 -19.83 -36.14
N VAL C 3812 -43.13 -20.53 -37.14
CA VAL C 3812 -42.69 -21.90 -36.94
C VAL C 3812 -41.56 -21.94 -35.91
N GLN C 3813 -40.62 -21.01 -36.01
CA GLN C 3813 -39.52 -20.97 -35.04
C GLN C 3813 -40.05 -20.75 -33.64
N GLN C 3814 -40.99 -19.81 -33.48
CA GLN C 3814 -41.54 -19.55 -32.17
C GLN C 3814 -42.24 -20.77 -31.61
N LYS C 3815 -43.03 -21.45 -32.45
CA LYS C 3815 -43.76 -22.63 -31.98
C LYS C 3815 -42.80 -23.73 -31.56
N MET C 3816 -41.77 -24.00 -32.37
CA MET C 3816 -40.82 -25.03 -32.00
C MET C 3816 -40.11 -24.69 -30.70
N LEU C 3817 -39.68 -23.44 -30.54
CA LEU C 3817 -38.97 -23.08 -29.32
C LEU C 3817 -39.89 -23.22 -28.11
N ASP C 3818 -41.14 -22.77 -28.23
CA ASP C 3818 -42.07 -22.89 -27.11
C ASP C 3818 -42.29 -24.35 -26.74
N TYR C 3819 -42.50 -25.21 -27.73
CA TYR C 3819 -42.73 -26.62 -27.44
C TYR C 3819 -41.51 -27.23 -26.75
N LEU C 3820 -40.32 -26.96 -27.27
CA LEU C 3820 -39.11 -27.54 -26.69
C LEU C 3820 -38.92 -27.08 -25.26
N LYS C 3821 -39.12 -25.79 -24.99
CA LYS C 3821 -38.95 -25.30 -23.63
C LYS C 3821 -40.03 -25.84 -22.70
N ASP C 3822 -41.23 -26.10 -23.22
CA ASP C 3822 -42.31 -26.59 -22.38
C ASP C 3822 -42.09 -28.04 -21.97
N LYS C 3823 -41.70 -28.90 -22.91
CA LYS C 3823 -41.58 -30.31 -22.59
C LYS C 3823 -40.34 -30.64 -21.76
N LYS C 3824 -39.25 -29.91 -21.94
CA LYS C 3824 -38.01 -30.16 -21.20
C LYS C 3824 -37.52 -31.59 -21.38
N GLU C 3825 -37.51 -32.07 -22.62
CA GLU C 3825 -37.04 -33.41 -22.92
C GLU C 3825 -35.66 -33.36 -23.57
N VAL C 3826 -34.81 -34.33 -23.20
CA VAL C 3826 -33.42 -34.34 -23.65
C VAL C 3826 -33.18 -35.27 -24.82
N GLY C 3827 -34.19 -35.97 -25.32
CA GLY C 3827 -33.99 -36.86 -26.44
C GLY C 3827 -33.62 -36.15 -27.73
N PHE C 3828 -34.17 -34.96 -27.93
CA PHE C 3828 -33.99 -34.25 -29.20
C PHE C 3828 -32.51 -34.01 -29.48
N PHE C 3829 -31.80 -33.40 -28.53
CA PHE C 3829 -30.42 -33.03 -28.78
C PHE C 3829 -29.50 -34.24 -28.71
N GLN C 3830 -29.83 -35.23 -27.90
CA GLN C 3830 -29.06 -36.47 -27.91
C GLN C 3830 -29.12 -37.14 -29.27
N SER C 3831 -30.32 -37.22 -29.86
CA SER C 3831 -30.46 -37.79 -31.18
C SER C 3831 -29.70 -36.98 -32.22
N ILE C 3832 -29.78 -35.65 -32.14
CA ILE C 3832 -29.06 -34.83 -33.10
C ILE C 3832 -27.56 -35.06 -32.98
N GLN C 3833 -27.05 -35.14 -31.76
CA GLN C 3833 -25.62 -35.36 -31.56
C GLN C 3833 -25.20 -36.70 -32.14
N ALA C 3834 -25.98 -37.75 -31.88
CA ALA C 3834 -25.64 -39.06 -32.45
C ALA C 3834 -25.65 -39.02 -33.97
N LEU C 3835 -26.67 -38.38 -34.55
CA LEU C 3835 -26.73 -38.29 -36.01
C LEU C 3835 -25.51 -37.58 -36.57
N MET C 3836 -25.09 -36.48 -35.93
CA MET C 3836 -23.89 -35.80 -36.40
C MET C 3836 -22.67 -36.69 -36.29
N GLN C 3837 -22.54 -37.42 -35.18
CA GLN C 3837 -21.38 -38.30 -35.02
C GLN C 3837 -21.38 -39.42 -36.05
N THR C 3838 -22.54 -39.80 -36.59
CA THR C 3838 -22.59 -40.87 -37.57
C THR C 3838 -22.31 -40.42 -39.00
N CYS C 3839 -22.12 -39.14 -39.24
CA CYS C 3839 -21.92 -38.65 -40.60
C CYS C 3839 -20.58 -39.14 -41.17
N SER C 3840 -20.51 -39.25 -42.49
CA SER C 3840 -19.36 -39.83 -43.16
C SER C 3840 -18.52 -38.74 -43.84
N VAL C 3841 -17.30 -39.12 -44.21
CA VAL C 3841 -16.34 -38.25 -44.87
C VAL C 3841 -15.63 -39.03 -45.96
N LEU C 3842 -14.69 -38.38 -46.64
CA LEU C 3842 -13.93 -39.04 -47.69
C LEU C 3842 -13.05 -40.13 -47.12
N ASP C 3843 -12.83 -41.18 -47.92
CA ASP C 3843 -11.98 -42.31 -47.55
C ASP C 3843 -11.19 -42.75 -48.76
N LEU C 3844 -9.87 -42.86 -48.61
CA LEU C 3844 -9.02 -43.26 -49.73
C LEU C 3844 -9.11 -44.75 -50.01
N ASN C 3845 -9.24 -45.56 -48.96
CA ASN C 3845 -9.24 -47.01 -49.15
C ASN C 3845 -10.42 -47.45 -50.02
N ALA C 3846 -11.61 -46.90 -49.76
CA ALA C 3846 -12.76 -47.23 -50.57
C ALA C 3846 -12.55 -46.79 -52.01
N PHE C 3847 -11.97 -45.62 -52.21
CA PHE C 3847 -11.72 -45.13 -53.56
C PHE C 3847 -10.79 -46.06 -54.31
N GLU C 3848 -9.71 -46.50 -53.66
CA GLU C 3848 -8.76 -47.39 -54.30
C GLU C 3848 -9.40 -48.73 -54.61
N ARG C 3849 -10.21 -49.25 -53.67
CA ARG C 3849 -10.90 -50.51 -53.92
C ARG C 3849 -11.83 -50.39 -55.12
N GLN C 3850 -12.56 -49.28 -55.21
CA GLN C 3850 -13.47 -49.10 -56.34
C GLN C 3850 -12.71 -48.99 -57.65
N ASN C 3851 -11.57 -48.29 -57.65
CA ASN C 3851 -10.76 -48.22 -58.85
C ASN C 3851 -10.27 -49.59 -59.28
N LYS C 3852 -9.81 -50.38 -58.31
CA LYS C 3852 -9.33 -51.77 -58.56
C LYS C 3852 -10.46 -52.59 -59.15
N ALA C 3853 -11.67 -52.47 -58.60
CA ALA C 3853 -12.81 -53.24 -59.07
C ALA C 3853 -13.19 -52.85 -60.49
N GLU C 3854 -13.21 -51.54 -60.78
CA GLU C 3854 -13.52 -51.10 -62.13
C GLU C 3854 -12.44 -51.52 -63.12
N GLY C 3855 -11.21 -51.70 -62.64
CA GLY C 3855 -10.15 -52.19 -63.50
C GLY C 3855 -10.41 -53.56 -64.10
N LEU C 3856 -11.32 -54.33 -63.50
CA LEU C 3856 -11.64 -55.66 -64.02
C LEU C 3856 -12.61 -55.61 -65.19
N LYS C 3873 -19.59 -47.20 -51.29
CA LYS C 3873 -18.98 -46.10 -52.03
C LYS C 3873 -18.33 -45.11 -51.08
N VAL C 3874 -17.94 -43.95 -51.59
CA VAL C 3874 -17.30 -42.90 -50.81
C VAL C 3874 -18.25 -41.72 -50.73
N MET C 3875 -18.60 -41.32 -49.50
CA MET C 3875 -19.55 -40.23 -49.27
C MET C 3875 -20.88 -40.53 -49.97
N ALA C 3876 -21.47 -41.65 -49.59
CA ALA C 3876 -22.74 -42.08 -50.19
C ALA C 3876 -23.95 -41.39 -49.59
N ASP C 3877 -23.79 -40.72 -48.45
CA ASP C 3877 -24.90 -40.05 -47.77
C ASP C 3877 -24.69 -38.55 -47.65
N ASP C 3878 -24.10 -37.93 -48.67
CA ASP C 3878 -23.83 -36.49 -48.60
C ASP C 3878 -25.12 -35.68 -48.49
N GLU C 3879 -26.15 -36.05 -49.24
CA GLU C 3879 -27.39 -35.29 -49.20
C GLU C 3879 -28.01 -35.29 -47.81
N PHE C 3880 -27.90 -36.39 -47.08
CA PHE C 3880 -28.42 -36.42 -45.72
C PHE C 3880 -27.69 -35.42 -44.82
N THR C 3881 -26.36 -35.36 -44.94
CA THR C 3881 -25.60 -34.40 -44.15
C THR C 3881 -25.98 -32.98 -44.51
N GLN C 3882 -26.12 -32.70 -45.81
CA GLN C 3882 -26.53 -31.37 -46.22
C GLN C 3882 -27.89 -31.01 -45.65
N ASP C 3883 -28.83 -31.97 -45.67
CA ASP C 3883 -30.16 -31.70 -45.13
C ASP C 3883 -30.10 -31.43 -43.63
N LEU C 3884 -29.31 -32.22 -42.91
CA LEU C 3884 -29.21 -32.02 -41.47
C LEU C 3884 -28.68 -30.62 -41.15
N PHE C 3885 -27.60 -30.22 -41.82
CA PHE C 3885 -27.02 -28.91 -41.49
C PHE C 3885 -27.88 -27.77 -42.00
N ARG C 3886 -28.58 -27.95 -43.11
CA ARG C 3886 -29.52 -26.93 -43.57
C ARG C 3886 -30.65 -26.77 -42.56
N PHE C 3887 -31.15 -27.88 -42.02
CA PHE C 3887 -32.20 -27.79 -41.00
C PHE C 3887 -31.71 -27.05 -39.78
N LEU C 3888 -30.49 -27.35 -39.34
CA LEU C 3888 -29.95 -26.63 -38.18
C LEU C 3888 -29.82 -25.15 -38.48
N GLN C 3889 -29.37 -24.80 -39.69
CA GLN C 3889 -29.22 -23.40 -40.05
C GLN C 3889 -30.56 -22.68 -40.03
N LEU C 3890 -31.59 -23.30 -40.60
CA LEU C 3890 -32.86 -22.59 -40.74
C LEU C 3890 -33.50 -22.23 -39.41
N LEU C 3891 -33.07 -22.85 -38.32
CA LEU C 3891 -33.63 -22.50 -37.02
C LEU C 3891 -33.18 -21.12 -36.56
N CYS C 3892 -31.94 -20.74 -36.87
CA CYS C 3892 -31.39 -19.47 -36.42
C CYS C 3892 -31.53 -18.35 -37.45
N GLU C 3893 -32.00 -18.66 -38.66
CA GLU C 3893 -32.05 -17.65 -39.71
C GLU C 3893 -32.95 -16.50 -39.32
N GLY C 3894 -32.57 -15.28 -39.73
CA GLY C 3894 -33.30 -14.10 -39.37
C GLY C 3894 -32.81 -13.42 -38.11
N HIS C 3895 -31.63 -13.78 -37.61
CA HIS C 3895 -31.08 -13.20 -36.39
C HIS C 3895 -31.99 -13.47 -35.20
N ASN C 3896 -32.32 -14.74 -34.98
CA ASN C 3896 -33.14 -15.15 -33.84
C ASN C 3896 -32.21 -15.38 -32.65
N ASN C 3897 -32.18 -14.43 -31.72
CA ASN C 3897 -31.28 -14.55 -30.58
C ASN C 3897 -31.68 -15.70 -29.66
N ASP C 3898 -32.98 -15.92 -29.48
CA ASP C 3898 -33.42 -16.94 -28.53
C ASP C 3898 -32.91 -18.32 -28.92
N PHE C 3899 -33.09 -18.70 -30.19
CA PHE C 3899 -32.61 -20.01 -30.63
C PHE C 3899 -31.09 -20.06 -30.65
N GLN C 3900 -30.44 -18.95 -31.00
CA GLN C 3900 -28.99 -18.93 -31.01
C GLN C 3900 -28.44 -19.22 -29.61
N ASN C 3901 -29.07 -18.66 -28.58
CA ASN C 3901 -28.64 -18.94 -27.22
C ASN C 3901 -29.03 -20.34 -26.79
N TYR C 3902 -30.24 -20.80 -27.16
CA TYR C 3902 -30.71 -22.11 -26.72
C TYR C 3902 -29.82 -23.22 -27.25
N LEU C 3903 -29.32 -23.09 -28.48
CA LEU C 3903 -28.48 -24.14 -29.06
C LEU C 3903 -27.19 -24.35 -28.28
N ARG C 3904 -26.77 -23.38 -27.48
CA ARG C 3904 -25.53 -23.51 -26.72
C ARG C 3904 -25.76 -24.13 -25.36
N THR C 3905 -26.84 -23.76 -24.69
CA THR C 3905 -27.16 -24.29 -23.37
C THR C 3905 -28.66 -24.37 -23.17
N GLN C 3906 -29.12 -25.48 -22.61
CA GLN C 3906 -30.51 -25.66 -22.24
C GLN C 3906 -30.64 -25.47 -20.74
N THR C 3907 -31.50 -24.55 -20.33
CA THR C 3907 -31.54 -24.15 -18.93
C THR C 3907 -32.29 -25.16 -18.07
N GLY C 3908 -33.57 -25.38 -18.36
CA GLY C 3908 -34.40 -26.21 -17.51
C GLY C 3908 -34.06 -27.68 -17.57
N ASN C 3909 -33.37 -28.11 -18.61
CA ASN C 3909 -33.09 -29.53 -18.80
C ASN C 3909 -32.12 -30.02 -17.73
N THR C 3910 -32.21 -31.32 -17.44
CA THR C 3910 -31.29 -31.93 -16.48
C THR C 3910 -29.85 -31.87 -16.96
N THR C 3911 -29.62 -32.12 -18.25
CA THR C 3911 -28.28 -32.06 -18.82
C THR C 3911 -28.31 -31.12 -20.01
N THR C 3912 -27.11 -30.80 -20.52
CA THR C 3912 -26.95 -29.84 -21.59
C THR C 3912 -25.98 -30.39 -22.64
N ILE C 3913 -26.21 -30.00 -23.89
CA ILE C 3913 -25.35 -30.38 -25.00
C ILE C 3913 -25.09 -29.15 -25.84
N ASN C 3914 -23.84 -28.97 -26.27
CA ASN C 3914 -23.43 -27.83 -27.07
C ASN C 3914 -23.28 -28.28 -28.52
N ILE C 3915 -24.02 -27.61 -29.42
CA ILE C 3915 -24.03 -28.01 -30.81
C ILE C 3915 -22.89 -27.38 -31.61
N ILE C 3916 -22.39 -26.22 -31.17
CA ILE C 3916 -21.29 -25.58 -31.90
C ILE C 3916 -20.05 -26.47 -31.86
N ILE C 3917 -19.79 -27.09 -30.72
CA ILE C 3917 -18.63 -27.98 -30.60
C ILE C 3917 -18.78 -29.15 -31.58
N CYS C 3918 -19.97 -29.72 -31.67
CA CYS C 3918 -20.18 -30.82 -32.59
C CYS C 3918 -19.94 -30.38 -34.03
N THR C 3919 -20.45 -29.20 -34.39
CA THR C 3919 -20.25 -28.71 -35.74
C THR C 3919 -18.77 -28.54 -36.06
N VAL C 3920 -18.01 -27.94 -35.13
CA VAL C 3920 -16.60 -27.73 -35.41
C VAL C 3920 -15.87 -29.07 -35.47
N ASP C 3921 -16.26 -30.05 -34.66
CA ASP C 3921 -15.62 -31.35 -34.73
C ASP C 3921 -15.83 -31.99 -36.10
N TYR C 3922 -17.06 -31.96 -36.61
CA TYR C 3922 -17.29 -32.51 -37.94
C TYR C 3922 -16.49 -31.76 -38.99
N LEU C 3923 -16.42 -30.44 -38.86
CA LEU C 3923 -15.64 -29.66 -39.82
C LEU C 3923 -14.18 -30.07 -39.81
N LEU C 3924 -13.63 -30.31 -38.62
CA LEU C 3924 -12.24 -30.74 -38.52
C LEU C 3924 -12.03 -32.08 -39.21
N ARG C 3925 -12.94 -33.04 -38.98
CA ARG C 3925 -12.80 -34.33 -39.64
C ARG C 3925 -12.82 -34.18 -41.16
N LEU C 3926 -13.75 -33.37 -41.67
CA LEU C 3926 -13.84 -33.17 -43.11
C LEU C 3926 -12.57 -32.54 -43.65
N GLN C 3927 -12.02 -31.57 -42.93
CA GLN C 3927 -10.80 -30.90 -43.38
C GLN C 3927 -9.65 -31.89 -43.46
N GLU C 3928 -9.52 -32.76 -42.45
CA GLU C 3928 -8.45 -33.75 -42.50
C GLU C 3928 -8.61 -34.67 -43.69
N SER C 3929 -9.84 -35.11 -43.97
CA SER C 3929 -10.05 -35.98 -45.13
C SER C 3929 -9.63 -35.28 -46.43
N ILE C 3930 -10.01 -34.00 -46.57
CA ILE C 3930 -9.66 -33.28 -47.79
C ILE C 3930 -8.15 -33.14 -47.91
N SER C 3931 -7.47 -32.86 -46.79
CA SER C 3931 -6.03 -32.74 -46.83
C SER C 3931 -5.38 -34.05 -47.28
N ASP C 3932 -5.88 -35.18 -46.78
CA ASP C 3932 -5.35 -36.46 -47.22
C ASP C 3932 -5.55 -36.65 -48.71
N PHE C 3933 -6.73 -36.30 -49.22
CA PHE C 3933 -6.98 -36.45 -50.64
C PHE C 3933 -6.00 -35.62 -51.46
N TYR C 3934 -5.77 -34.37 -51.06
CA TYR C 3934 -4.83 -33.54 -51.83
C TYR C 3934 -3.42 -34.11 -51.76
N TRP C 3935 -3.01 -34.60 -50.58
CA TRP C 3935 -1.69 -35.20 -50.48
C TRP C 3935 -1.56 -36.38 -51.45
N TYR C 3936 -2.61 -37.19 -51.55
CA TYR C 3936 -2.58 -38.30 -52.50
C TYR C 3936 -2.42 -37.80 -53.92
N TYR C 3937 -3.13 -36.73 -54.28
CA TYR C 3937 -3.15 -36.29 -55.67
C TYR C 3937 -2.03 -35.32 -56.03
N SER C 3938 -1.23 -34.87 -55.08
CA SER C 3938 -0.29 -33.78 -55.37
C SER C 3938 0.73 -34.17 -56.42
N GLY C 3939 1.31 -35.37 -56.30
CA GLY C 3939 2.41 -35.74 -57.17
C GLY C 3939 2.08 -35.72 -58.64
N LYS C 3940 0.96 -36.33 -59.03
CA LYS C 3940 0.54 -36.33 -60.42
C LYS C 3940 -0.09 -34.99 -60.78
N ASP C 3941 -0.25 -34.76 -62.08
CA ASP C 3941 -0.70 -33.45 -62.56
C ASP C 3941 -2.17 -33.48 -62.95
N VAL C 3942 -2.55 -34.41 -63.83
CA VAL C 3942 -3.92 -34.45 -64.34
C VAL C 3942 -4.85 -35.05 -63.30
N ILE C 3943 -6.15 -34.86 -63.51
CA ILE C 3943 -7.19 -35.42 -62.66
C ILE C 3943 -8.28 -35.99 -63.54
N GLU C 3944 -8.76 -37.18 -63.20
CA GLU C 3944 -9.85 -37.80 -63.94
C GLU C 3944 -11.20 -37.39 -63.37
N GLU C 3945 -12.26 -38.00 -63.90
CA GLU C 3945 -13.61 -37.57 -63.55
C GLU C 3945 -13.92 -37.82 -62.08
N GLN C 3946 -13.53 -38.99 -61.55
CA GLN C 3946 -13.93 -39.36 -60.20
C GLN C 3946 -13.35 -38.39 -59.16
N GLY C 3947 -12.08 -38.04 -59.30
CA GLY C 3947 -11.49 -37.09 -58.37
C GLY C 3947 -12.21 -35.76 -58.40
N LYS C 3948 -12.55 -35.28 -59.59
CA LYS C 3948 -13.25 -34.00 -59.70
C LYS C 3948 -14.62 -34.07 -59.05
N ARG C 3949 -15.35 -35.17 -59.27
CA ARG C 3949 -16.67 -35.29 -58.67
C ARG C 3949 -16.57 -35.31 -57.15
N ASN C 3950 -15.63 -36.09 -56.61
CA ASN C 3950 -15.47 -36.15 -55.17
C ASN C 3950 -15.09 -34.79 -54.60
N PHE C 3951 -14.19 -34.08 -55.28
CA PHE C 3951 -13.81 -32.75 -54.83
C PHE C 3951 -15.02 -31.82 -54.82
N SER C 3952 -15.83 -31.86 -55.87
CA SER C 3952 -16.97 -30.98 -55.95
C SER C 3952 -17.95 -31.24 -54.80
N LYS C 3953 -18.24 -32.52 -54.53
CA LYS C 3953 -19.23 -32.80 -53.50
C LYS C 3953 -18.70 -32.50 -52.10
N ALA C 3954 -17.42 -32.81 -51.83
CA ALA C 3954 -16.85 -32.44 -50.55
C ALA C 3954 -16.86 -30.94 -50.35
N MET C 3955 -16.55 -30.18 -51.41
CA MET C 3955 -16.56 -28.73 -51.30
C MET C 3955 -17.98 -28.20 -51.08
N SER C 3956 -18.98 -28.85 -51.68
CA SER C 3956 -20.36 -28.45 -51.42
C SER C 3956 -20.73 -28.64 -49.96
N VAL C 3957 -20.36 -29.79 -49.38
CA VAL C 3957 -20.66 -30.01 -47.97
C VAL C 3957 -19.93 -28.99 -47.11
N ALA C 3958 -18.67 -28.71 -47.43
CA ALA C 3958 -17.92 -27.72 -46.67
C ALA C 3958 -18.59 -26.35 -46.75
N LYS C 3959 -19.09 -26.00 -47.93
CA LYS C 3959 -19.75 -24.68 -48.17
C LYS C 3959 -21.03 -24.61 -47.33
N GLN C 3960 -21.78 -25.71 -47.18
CA GLN C 3960 -22.97 -25.73 -46.33
C GLN C 3960 -22.58 -25.55 -44.86
N VAL C 3961 -21.54 -26.24 -44.43
CA VAL C 3961 -21.14 -26.13 -43.02
C VAL C 3961 -20.68 -24.71 -42.70
N PHE C 3962 -19.95 -24.08 -43.62
CA PHE C 3962 -19.51 -22.72 -43.39
C PHE C 3962 -20.70 -21.77 -43.28
N ASN C 3963 -21.69 -21.94 -44.14
CA ASN C 3963 -22.87 -21.10 -44.06
C ASN C 3963 -23.59 -21.28 -42.72
N SER C 3964 -23.70 -22.53 -42.26
CA SER C 3964 -24.32 -22.76 -40.96
C SER C 3964 -23.55 -22.07 -39.84
N LEU C 3965 -22.22 -22.16 -39.87
CA LEU C 3965 -21.43 -21.51 -38.84
C LEU C 3965 -21.63 -20.00 -38.88
N THR C 3966 -21.67 -19.41 -40.07
CA THR C 3966 -21.93 -17.99 -40.17
C THR C 3966 -23.27 -17.64 -39.55
N GLU C 3967 -24.30 -18.43 -39.85
CA GLU C 3967 -25.62 -18.14 -39.30
C GLU C 3967 -25.64 -18.23 -37.79
N TYR C 3968 -24.82 -19.11 -37.20
CA TYR C 3968 -24.79 -19.20 -35.74
C TYR C 3968 -24.33 -17.90 -35.08
N ILE C 3969 -23.59 -17.04 -35.78
CA ILE C 3969 -22.87 -15.94 -35.16
C ILE C 3969 -23.58 -14.61 -35.34
N GLN C 3970 -23.98 -14.30 -36.57
CA GLN C 3970 -24.42 -12.96 -36.91
C GLN C 3970 -25.49 -12.47 -35.93
N GLY C 3971 -25.62 -11.14 -35.86
CA GLY C 3971 -26.61 -10.50 -35.03
C GLY C 3971 -26.08 -9.36 -34.18
N PRO C 3972 -24.90 -9.51 -33.57
CA PRO C 3972 -24.11 -10.72 -33.29
C PRO C 3972 -24.50 -11.37 -31.96
N CYS C 3973 -24.11 -12.62 -31.73
CA CYS C 3973 -24.33 -13.29 -30.46
C CYS C 3973 -22.97 -13.47 -29.78
N THR C 3974 -22.82 -12.86 -28.59
CA THR C 3974 -21.52 -12.84 -27.95
C THR C 3974 -21.11 -14.21 -27.44
N GLY C 3975 -22.04 -14.93 -26.81
CA GLY C 3975 -21.70 -16.24 -26.28
C GLY C 3975 -21.18 -17.19 -27.35
N ASN C 3976 -21.80 -17.21 -28.52
CA ASN C 3976 -21.35 -18.08 -29.58
C ASN C 3976 -19.96 -17.69 -30.07
N GLN C 3977 -19.69 -16.39 -30.20
CA GLN C 3977 -18.36 -15.95 -30.62
C GLN C 3977 -17.31 -16.38 -29.61
N GLN C 3978 -17.60 -16.21 -28.32
CA GLN C 3978 -16.65 -16.63 -27.30
C GLN C 3978 -16.42 -18.14 -27.35
N SER C 3979 -17.49 -18.91 -27.51
CA SER C 3979 -17.32 -20.36 -27.60
C SER C 3979 -16.46 -20.74 -28.79
N LEU C 3980 -16.68 -20.11 -29.94
CA LEU C 3980 -15.90 -20.44 -31.12
C LEU C 3980 -14.45 -20.04 -30.96
N ALA C 3981 -14.18 -18.90 -30.33
CA ALA C 3981 -12.81 -18.43 -30.20
C ALA C 3981 -11.94 -19.44 -29.45
N HIS C 3982 -12.53 -20.18 -28.51
CA HIS C 3982 -11.81 -21.20 -27.78
C HIS C 3982 -11.92 -22.58 -28.42
N SER C 3983 -12.57 -22.69 -29.57
CA SER C 3983 -12.75 -23.96 -30.25
C SER C 3983 -11.49 -24.31 -31.05
N ARG C 3984 -11.61 -25.34 -31.88
CA ARG C 3984 -10.50 -25.87 -32.66
C ARG C 3984 -10.54 -25.46 -34.12
N LEU C 3985 -11.51 -24.60 -34.45
CA LEU C 3985 -11.76 -24.13 -35.84
C LEU C 3985 -10.54 -23.40 -36.38
N TRP C 3986 -9.62 -22.98 -35.51
CA TRP C 3986 -8.36 -22.30 -35.92
C TRP C 3986 -7.52 -23.21 -36.79
N ASP C 3987 -7.50 -24.48 -36.45
CA ASP C 3987 -6.65 -25.48 -37.15
C ASP C 3987 -7.26 -25.81 -38.52
N ALA C 3988 -8.58 -25.86 -38.63
CA ALA C 3988 -9.30 -26.11 -39.87
C ALA C 3988 -9.07 -24.99 -40.87
N VAL C 3989 -9.08 -23.73 -40.40
CA VAL C 3989 -8.84 -22.61 -41.30
C VAL C 3989 -7.42 -22.69 -41.87
N VAL C 3990 -6.46 -23.05 -41.04
CA VAL C 3990 -5.07 -23.16 -41.52
C VAL C 3990 -4.97 -24.22 -42.61
N GLY C 3991 -5.53 -25.39 -42.36
CA GLY C 3991 -5.49 -26.45 -43.38
C GLY C 3991 -6.18 -26.02 -44.66
N PHE C 3992 -7.31 -25.35 -44.54
CA PHE C 3992 -8.04 -24.90 -45.72
C PHE C 3992 -7.22 -23.89 -46.50
N LEU C 3993 -6.51 -22.99 -45.82
CA LEU C 3993 -5.66 -22.04 -46.51
C LEU C 3993 -4.57 -22.74 -47.29
N HIS C 3994 -3.90 -23.72 -46.66
CA HIS C 3994 -2.86 -24.45 -47.36
C HIS C 3994 -3.41 -25.13 -48.61
N VAL C 3995 -4.54 -25.83 -48.46
CA VAL C 3995 -5.12 -26.54 -49.58
C VAL C 3995 -5.51 -25.58 -50.69
N PHE C 3996 -6.13 -24.45 -50.33
CA PHE C 3996 -6.53 -23.48 -51.35
C PHE C 3996 -5.33 -22.97 -52.11
N ALA C 3997 -4.26 -22.58 -51.40
CA ALA C 3997 -3.09 -22.06 -52.09
C ALA C 3997 -2.55 -23.07 -53.09
N HIS C 3998 -2.32 -24.31 -52.64
CA HIS C 3998 -1.67 -25.27 -53.52
C HIS C 3998 -2.59 -25.71 -54.64
N MET C 3999 -3.88 -25.89 -54.37
CA MET C 3999 -4.82 -26.22 -55.43
C MET C 3999 -4.89 -25.13 -56.48
N MET C 4000 -4.93 -23.87 -56.05
CA MET C 4000 -4.97 -22.77 -57.01
C MET C 4000 -3.72 -22.79 -57.89
N MET C 4001 -2.55 -22.93 -57.27
CA MET C 4001 -1.33 -23.00 -58.06
C MET C 4001 -1.41 -24.14 -59.08
N LYS C 4002 -1.81 -25.33 -58.64
CA LYS C 4002 -1.82 -26.48 -59.53
C LYS C 4002 -2.82 -26.30 -60.67
N LEU C 4003 -4.00 -25.73 -60.36
CA LEU C 4003 -5.17 -25.62 -61.29
C LEU C 4003 -5.04 -24.55 -62.39
N ALA C 4004 -6.05 -24.48 -63.26
CA ALA C 4004 -6.19 -23.41 -64.27
C ALA C 4004 -4.92 -23.25 -65.12
N GLN C 4005 -4.09 -24.28 -65.26
CA GLN C 4005 -2.93 -24.26 -66.20
C GLN C 4005 -3.44 -25.00 -67.44
N ASP C 4006 -4.71 -25.43 -67.42
CA ASP C 4006 -5.40 -26.07 -68.56
C ASP C 4006 -6.89 -25.79 -68.36
N SER C 4007 -7.62 -25.37 -69.39
CA SER C 4007 -9.05 -24.98 -69.27
C SER C 4007 -9.94 -26.21 -69.06
N SER C 4008 -9.38 -27.43 -69.03
CA SER C 4008 -10.13 -28.69 -68.80
C SER C 4008 -10.94 -28.62 -67.50
N GLN C 4009 -10.41 -27.94 -66.47
CA GLN C 4009 -11.09 -27.90 -65.15
C GLN C 4009 -11.06 -26.46 -64.63
N ILE C 4010 -11.37 -25.45 -65.45
CA ILE C 4010 -11.47 -24.07 -64.90
C ILE C 4010 -12.70 -24.04 -63.99
N GLU C 4011 -13.72 -24.85 -64.25
CA GLU C 4011 -14.96 -24.93 -63.43
C GLU C 4011 -14.59 -25.24 -61.97
N LEU C 4012 -13.66 -26.16 -61.71
CA LEU C 4012 -13.15 -26.51 -60.39
C LEU C 4012 -12.54 -25.30 -59.70
N LEU C 4013 -11.77 -24.50 -60.42
CA LEU C 4013 -11.22 -23.29 -59.84
C LEU C 4013 -12.33 -22.34 -59.42
N LYS C 4014 -13.38 -22.24 -60.23
CA LYS C 4014 -14.50 -21.37 -59.87
C LYS C 4014 -15.13 -21.79 -58.55
N GLU C 4015 -15.40 -23.09 -58.40
CA GLU C 4015 -16.01 -23.57 -57.17
C GLU C 4015 -15.07 -23.37 -55.99
N LEU C 4016 -13.78 -23.61 -56.17
CA LEU C 4016 -12.83 -23.39 -55.08
C LEU C 4016 -12.83 -21.93 -54.65
N LEU C 4017 -12.86 -21.01 -55.62
CA LEU C 4017 -12.90 -19.59 -55.27
C LEU C 4017 -14.17 -19.23 -54.52
N ASP C 4018 -15.31 -19.81 -54.94
CA ASP C 4018 -16.55 -19.55 -54.23
C ASP C 4018 -16.47 -20.02 -52.77
N LEU C 4019 -15.92 -21.22 -52.56
CA LEU C 4019 -15.78 -21.72 -51.21
C LEU C 4019 -14.87 -20.82 -50.39
N GLN C 4020 -13.79 -20.32 -51.00
CA GLN C 4020 -12.92 -19.39 -50.31
C GLN C 4020 -13.67 -18.13 -49.91
N LYS C 4021 -14.49 -17.60 -50.82
CA LYS C 4021 -15.28 -16.41 -50.53
C LYS C 4021 -16.16 -16.65 -49.31
N ASP C 4022 -16.84 -17.79 -49.27
CA ASP C 4022 -17.71 -18.08 -48.14
C ASP C 4022 -16.92 -18.19 -46.84
N MET C 4023 -15.75 -18.83 -46.87
CA MET C 4023 -14.95 -18.96 -45.66
C MET C 4023 -14.53 -17.58 -45.14
N VAL C 4024 -14.10 -16.71 -46.04
CA VAL C 4024 -13.64 -15.38 -45.60
C VAL C 4024 -14.82 -14.57 -45.08
N VAL C 4025 -16.01 -14.72 -45.66
CA VAL C 4025 -17.18 -14.05 -45.12
C VAL C 4025 -17.45 -14.54 -43.69
N MET C 4026 -17.35 -15.85 -43.48
CA MET C 4026 -17.53 -16.38 -42.14
C MET C 4026 -16.52 -15.78 -41.17
N LEU C 4027 -15.27 -15.65 -41.61
CA LEU C 4027 -14.25 -15.04 -40.75
C LEU C 4027 -14.62 -13.59 -40.42
N LEU C 4028 -15.04 -12.83 -41.43
CA LEU C 4028 -15.42 -11.44 -41.20
C LEU C 4028 -16.54 -11.35 -40.17
N SER C 4029 -17.48 -12.30 -40.21
CA SER C 4029 -18.60 -12.24 -39.30
C SER C 4029 -18.18 -12.28 -37.84
N LEU C 4030 -16.98 -12.78 -37.54
CA LEU C 4030 -16.51 -12.88 -36.16
C LEU C 4030 -16.00 -11.56 -35.60
N LEU C 4031 -15.85 -10.53 -36.43
CA LEU C 4031 -15.34 -9.25 -35.98
C LEU C 4031 -16.43 -8.22 -35.75
N GLU C 4032 -17.70 -8.62 -35.82
CA GLU C 4032 -18.78 -7.69 -35.53
C GLU C 4032 -18.69 -7.20 -34.09
N GLY C 4033 -18.83 -5.90 -33.90
CA GLY C 4033 -18.78 -5.34 -32.57
C GLY C 4033 -17.51 -5.62 -31.81
N ASN C 4034 -16.35 -5.49 -32.46
CA ASN C 4034 -15.10 -5.72 -31.76
C ASN C 4034 -14.62 -4.44 -31.09
N VAL C 4035 -13.60 -4.59 -30.25
CA VAL C 4035 -13.00 -3.48 -29.54
C VAL C 4035 -11.50 -3.49 -29.82
N VAL C 4036 -10.87 -2.33 -29.67
CA VAL C 4036 -9.43 -2.24 -29.90
C VAL C 4036 -8.72 -3.20 -28.97
N ASN C 4037 -7.76 -3.94 -29.51
CA ASN C 4037 -7.01 -4.95 -28.78
C ASN C 4037 -7.91 -6.02 -28.20
N GLY C 4038 -8.98 -6.39 -28.90
CA GLY C 4038 -9.81 -7.48 -28.46
C GLY C 4038 -9.08 -8.81 -28.57
N MET C 4039 -9.57 -9.80 -27.82
CA MET C 4039 -8.93 -11.11 -27.81
C MET C 4039 -9.11 -11.86 -29.14
N ILE C 4040 -10.28 -11.74 -29.75
CA ILE C 4040 -10.53 -12.41 -31.01
C ILE C 4040 -9.60 -11.90 -32.08
N ALA C 4041 -9.39 -10.58 -32.14
CA ALA C 4041 -8.47 -10.02 -33.11
C ALA C 4041 -7.07 -10.55 -32.90
N ARG C 4042 -6.63 -10.65 -31.65
CA ARG C 4042 -5.29 -11.17 -31.39
C ARG C 4042 -5.15 -12.61 -31.85
N GLN C 4043 -6.15 -13.44 -31.58
CA GLN C 4043 -6.06 -14.82 -32.03
C GLN C 4043 -6.08 -14.91 -33.56
N MET C 4044 -6.87 -14.07 -34.22
CA MET C 4044 -6.85 -14.06 -35.67
C MET C 4044 -5.47 -13.67 -36.20
N VAL C 4045 -4.82 -12.71 -35.55
CA VAL C 4045 -3.49 -12.30 -35.97
C VAL C 4045 -2.52 -13.46 -35.81
N ASP C 4046 -2.62 -14.18 -34.70
CA ASP C 4046 -1.74 -15.33 -34.50
C ASP C 4046 -1.94 -16.37 -35.59
N MET C 4047 -3.20 -16.66 -35.94
CA MET C 4047 -3.46 -17.65 -36.97
C MET C 4047 -2.90 -17.20 -38.31
N LEU C 4048 -3.04 -15.91 -38.62
CA LEU C 4048 -2.48 -15.39 -39.87
C LEU C 4048 -0.97 -15.54 -39.89
N VAL C 4049 -0.32 -15.21 -38.76
CA VAL C 4049 1.13 -15.38 -38.69
C VAL C 4049 1.50 -16.83 -38.98
N GLU C 4050 0.72 -17.76 -38.43
CA GLU C 4050 0.99 -19.17 -38.71
C GLU C 4050 0.84 -19.49 -40.20
N SER C 4051 -0.20 -18.98 -40.84
CA SER C 4051 -0.48 -19.27 -42.26
C SER C 4051 0.33 -18.38 -43.20
N SER C 4052 1.26 -17.60 -42.66
CA SER C 4052 2.05 -16.64 -43.44
C SER C 4052 2.38 -17.14 -44.85
N SER C 4053 2.99 -18.33 -44.95
CA SER C 4053 3.49 -18.77 -46.26
C SER C 4053 2.35 -18.94 -47.26
N ASN C 4054 1.29 -19.64 -46.86
CA ASN C 4054 0.18 -19.88 -47.79
C ASN C 4054 -0.53 -18.58 -48.15
N VAL C 4055 -0.71 -17.69 -47.17
CA VAL C 4055 -1.36 -16.42 -47.49
C VAL C 4055 -0.49 -15.61 -48.44
N GLU C 4056 0.83 -15.70 -48.28
CA GLU C 4056 1.74 -15.04 -49.20
C GLU C 4056 1.59 -15.58 -50.61
N MET C 4057 1.48 -16.90 -50.74
CA MET C 4057 1.28 -17.49 -52.06
C MET C 4057 -0.02 -16.99 -52.68
N ILE C 4058 -1.08 -16.94 -51.88
CA ILE C 4058 -2.37 -16.47 -52.41
C ILE C 4058 -2.27 -15.02 -52.87
N LEU C 4059 -1.81 -14.15 -51.96
CA LEU C 4059 -1.64 -12.70 -52.27
C LEU C 4059 -0.82 -12.64 -53.54
N LYS C 4060 0.20 -13.50 -53.61
CA LYS C 4060 1.03 -13.57 -54.82
C LYS C 4060 0.17 -13.99 -56.00
N PHE C 4061 -0.98 -14.62 -55.75
CA PHE C 4061 -1.83 -15.18 -56.84
C PHE C 4061 -2.75 -14.11 -57.43
N PHE C 4062 -3.04 -13.04 -56.68
CA PHE C 4062 -4.01 -12.01 -57.16
C PHE C 4062 -3.25 -10.85 -57.81
N ASP C 4063 -2.23 -10.30 -57.14
CA ASP C 4063 -1.56 -9.08 -57.68
C ASP C 4063 -0.95 -9.40 -59.06
N MET C 4064 -0.27 -10.54 -59.18
CA MET C 4064 0.38 -10.91 -60.47
C MET C 4064 -0.66 -10.80 -61.59
N PHE C 4065 -1.80 -11.47 -61.43
CA PHE C 4065 -2.90 -11.42 -62.42
C PHE C 4065 -3.48 -10.01 -62.53
N LEU C 4066 -3.46 -9.25 -61.43
CA LEU C 4066 -3.91 -7.83 -61.49
C LEU C 4066 -2.95 -7.04 -62.40
N LYS C 4067 -1.63 -7.21 -62.22
CA LYS C 4067 -0.63 -6.46 -63.02
C LYS C 4067 -0.66 -6.92 -64.48
N LEU C 4068 -0.75 -8.24 -64.70
CA LEU C 4068 -0.87 -8.73 -66.07
C LEU C 4068 -1.95 -7.99 -66.84
N LYS C 4069 -3.02 -7.58 -66.15
CA LYS C 4069 -4.11 -6.88 -66.82
C LYS C 4069 -3.65 -5.55 -67.39
N ASP C 4070 -2.83 -4.80 -66.65
CA ASP C 4070 -2.34 -3.51 -67.13
C ASP C 4070 -1.14 -3.65 -68.06
N ILE C 4071 -0.39 -4.75 -67.98
CA ILE C 4071 0.76 -4.93 -68.85
C ILE C 4071 0.32 -5.17 -70.29
N VAL C 4072 -0.69 -6.02 -70.50
CA VAL C 4072 -1.14 -6.32 -71.85
C VAL C 4072 -1.72 -5.09 -72.53
N GLY C 4073 -2.26 -4.15 -71.76
CA GLY C 4073 -2.72 -2.90 -72.31
C GLY C 4073 -1.67 -1.84 -72.49
N SER C 4074 -0.44 -2.10 -72.06
CA SER C 4074 0.62 -1.12 -72.18
C SER C 4074 1.10 -1.03 -73.63
N GLU C 4075 1.71 0.12 -73.96
CA GLU C 4075 2.23 0.33 -75.30
C GLU C 4075 3.44 -0.54 -75.58
N ALA C 4076 4.27 -0.78 -74.57
CA ALA C 4076 5.47 -1.60 -74.76
C ALA C 4076 5.10 -3.03 -75.12
N PHE C 4077 4.07 -3.59 -74.48
CA PHE C 4077 3.64 -4.94 -74.78
C PHE C 4077 3.11 -5.04 -76.21
N GLN C 4078 2.36 -4.03 -76.65
CA GLN C 4078 1.80 -4.06 -77.99
C GLN C 4078 2.88 -4.02 -79.07
N ASP C 4079 4.06 -3.48 -78.75
CA ASP C 4079 5.16 -3.49 -79.70
C ASP C 4079 5.61 -4.90 -80.06
N TYR C 4080 5.52 -5.83 -79.11
CA TYR C 4080 5.87 -7.23 -79.37
C TYR C 4080 4.81 -7.96 -80.17
N VAL C 4081 3.54 -7.62 -79.98
CA VAL C 4081 2.45 -8.29 -80.67
C VAL C 4081 2.55 -7.94 -82.16
N THR C 4082 2.90 -8.94 -82.98
CA THR C 4082 3.01 -8.76 -84.42
C THR C 4082 1.99 -9.54 -85.22
N ASP C 4083 1.36 -10.55 -84.62
CA ASP C 4083 0.37 -11.33 -85.34
C ASP C 4083 -0.87 -10.48 -85.62
N PRO C 4084 -1.33 -10.39 -86.87
CA PRO C 4084 -2.55 -9.61 -87.15
C PRO C 4084 -3.78 -10.12 -86.44
N ARG C 4085 -3.83 -11.41 -86.12
CA ARG C 4085 -5.00 -11.97 -85.45
C ARG C 4085 -5.14 -11.48 -84.01
N GLY C 4086 -4.09 -10.89 -83.45
CA GLY C 4086 -4.10 -10.44 -82.08
C GLY C 4086 -3.56 -11.43 -81.08
N LEU C 4087 -2.74 -12.38 -81.51
CA LEU C 4087 -2.15 -13.38 -80.63
C LEU C 4087 -0.67 -13.07 -80.44
N ILE C 4088 -0.03 -13.86 -79.57
CA ILE C 4088 1.38 -13.68 -79.27
C ILE C 4088 1.96 -15.03 -78.90
N SER C 4089 3.16 -15.32 -79.41
CA SER C 4089 3.80 -16.59 -79.12
C SER C 4089 4.37 -16.60 -77.72
N LYS C 4090 4.59 -17.81 -77.20
CA LYS C 4090 5.13 -17.96 -75.85
C LYS C 4090 6.52 -17.35 -75.74
N LYS C 4091 7.37 -17.57 -76.76
CA LYS C 4091 8.69 -16.97 -76.76
C LYS C 4091 8.59 -15.44 -76.81
N ASP C 4092 7.69 -14.92 -77.63
CA ASP C 4092 7.44 -13.47 -77.65
C ASP C 4092 6.85 -13.00 -76.33
N PHE C 4093 5.95 -13.80 -75.75
CA PHE C 4093 5.41 -13.46 -74.44
C PHE C 4093 6.50 -13.48 -73.38
N GLN C 4094 7.43 -14.44 -73.47
CA GLN C 4094 8.51 -14.53 -72.50
C GLN C 4094 9.38 -13.28 -72.54
N LYS C 4095 9.74 -12.81 -73.73
CA LYS C 4095 10.58 -11.62 -73.83
C LYS C 4095 9.79 -10.34 -73.58
N ALA C 4096 8.46 -10.40 -73.66
CA ALA C 4096 7.66 -9.22 -73.35
C ALA C 4096 7.59 -8.97 -71.85
N MET C 4097 7.41 -10.03 -71.06
CA MET C 4097 7.18 -9.85 -69.64
C MET C 4097 8.44 -9.42 -68.91
N ASP C 4098 9.58 -10.07 -69.20
CA ASP C 4098 10.82 -9.70 -68.52
C ASP C 4098 11.33 -8.34 -68.94
N SER C 4099 10.88 -7.81 -70.08
CA SER C 4099 11.21 -6.44 -70.44
C SER C 4099 10.48 -5.42 -69.58
N GLN C 4100 9.37 -5.81 -68.95
CA GLN C 4100 8.66 -4.94 -68.04
C GLN C 4100 9.34 -4.86 -66.67
N LYS C 4101 10.20 -5.82 -66.35
CA LYS C 4101 10.92 -5.86 -65.08
C LYS C 4101 9.97 -5.84 -63.88
N GLN C 4102 8.83 -6.51 -63.99
CA GLN C 4102 7.87 -6.61 -62.89
C GLN C 4102 7.70 -8.02 -62.35
N PHE C 4103 7.95 -9.05 -63.17
CA PHE C 4103 7.87 -10.43 -62.74
C PHE C 4103 9.26 -11.05 -62.71
N THR C 4104 9.36 -12.15 -61.95
CA THR C 4104 10.61 -12.88 -61.85
C THR C 4104 10.59 -14.07 -62.82
N GLY C 4105 11.62 -14.90 -62.73
CA GLY C 4105 11.73 -16.07 -63.57
C GLY C 4105 10.58 -17.04 -63.41
N PRO C 4106 10.41 -17.59 -62.20
CA PRO C 4106 9.30 -18.54 -61.99
C PRO C 4106 7.93 -17.93 -62.25
N GLU C 4107 7.75 -16.65 -61.94
CA GLU C 4107 6.44 -16.02 -62.15
C GLU C 4107 6.06 -16.00 -63.63
N ILE C 4108 7.02 -15.69 -64.50
CA ILE C 4108 6.74 -15.69 -65.94
C ILE C 4108 6.43 -17.11 -66.40
N GLN C 4109 7.17 -18.10 -65.91
CA GLN C 4109 6.90 -19.49 -66.28
C GLN C 4109 5.52 -19.93 -65.83
N PHE C 4110 5.11 -19.52 -64.63
CA PHE C 4110 3.77 -19.85 -64.16
C PHE C 4110 2.71 -19.20 -65.03
N LEU C 4111 2.92 -17.96 -65.45
CA LEU C 4111 1.97 -17.30 -66.34
C LEU C 4111 1.88 -18.02 -67.68
N LEU C 4112 3.01 -18.52 -68.19
CA LEU C 4112 2.98 -19.28 -69.43
C LEU C 4112 2.15 -20.55 -69.27
N SER C 4113 2.27 -21.24 -68.14
CA SER C 4113 1.48 -22.43 -67.90
C SER C 4113 -0.01 -22.10 -67.82
N CYS C 4114 -0.35 -20.99 -67.16
CA CYS C 4114 -1.75 -20.61 -67.06
C CYS C 4114 -2.32 -20.17 -68.40
N SER C 4115 -1.49 -19.60 -69.27
CA SER C 4115 -1.96 -19.20 -70.59
C SER C 4115 -2.32 -20.42 -71.41
N GLU C 4116 -3.49 -20.40 -72.03
CA GLU C 4116 -3.99 -21.52 -72.82
C GLU C 4116 -3.43 -21.47 -74.24
N ALA C 4117 -2.12 -21.67 -74.33
CA ALA C 4117 -1.45 -21.67 -75.62
C ALA C 4117 -1.91 -22.86 -76.46
N ASP C 4118 -2.14 -22.61 -77.74
CA ASP C 4118 -2.61 -23.64 -78.66
C ASP C 4118 -1.43 -24.50 -79.11
N GLU C 4119 -1.65 -25.34 -80.12
CA GLU C 4119 -0.58 -26.19 -80.65
C GLU C 4119 0.50 -25.36 -81.32
N ASN C 4120 0.19 -24.13 -81.72
CA ASN C 4120 1.16 -23.23 -82.34
C ASN C 4120 1.80 -22.28 -81.32
N GLU C 4121 1.62 -22.55 -80.03
CA GLU C 4121 2.17 -21.73 -78.95
C GLU C 4121 1.68 -20.29 -79.03
N MET C 4122 0.47 -20.07 -79.55
CA MET C 4122 -0.10 -18.74 -79.65
C MET C 4122 -1.01 -18.50 -78.45
N ILE C 4123 -0.90 -17.31 -77.85
CA ILE C 4123 -1.60 -16.95 -76.63
C ILE C 4123 -2.56 -15.82 -76.94
N ASN C 4124 -3.83 -16.00 -76.58
CA ASN C 4124 -4.84 -14.95 -76.68
C ASN C 4124 -4.77 -14.15 -75.39
N PHE C 4125 -3.89 -13.15 -75.36
CA PHE C 4125 -3.66 -12.40 -74.14
C PHE C 4125 -4.86 -11.53 -73.75
N GLU C 4126 -5.77 -11.26 -74.68
CA GLU C 4126 -6.95 -10.47 -74.33
C GLU C 4126 -7.84 -11.23 -73.35
N GLU C 4127 -8.15 -12.50 -73.64
CA GLU C 4127 -8.94 -13.29 -72.73
C GLU C 4127 -8.12 -13.78 -71.53
N PHE C 4128 -6.81 -13.94 -71.71
CA PHE C 4128 -5.96 -14.38 -70.61
C PHE C 4128 -5.96 -13.38 -69.48
N ALA C 4129 -5.87 -12.08 -69.79
CA ALA C 4129 -5.85 -11.06 -68.75
C ALA C 4129 -7.19 -10.97 -68.03
N ASN C 4130 -8.30 -11.14 -68.76
CA ASN C 4130 -9.63 -10.99 -68.21
C ASN C 4130 -10.20 -12.30 -67.65
N ARG C 4131 -9.43 -13.38 -67.69
CA ARG C 4131 -9.96 -14.67 -67.26
C ARG C 4131 -10.28 -14.70 -65.77
N PHE C 4132 -9.39 -14.13 -64.95
CA PHE C 4132 -9.53 -14.21 -63.50
C PHE C 4132 -9.93 -12.89 -62.86
N GLN C 4133 -10.12 -11.83 -63.64
CA GLN C 4133 -10.46 -10.53 -63.06
C GLN C 4133 -11.81 -10.56 -62.37
N GLU C 4134 -12.80 -11.17 -62.99
CA GLU C 4134 -14.14 -11.22 -62.42
C GLU C 4134 -14.29 -12.28 -61.33
N PRO C 4135 -13.90 -13.55 -61.56
CA PRO C 4135 -14.12 -14.62 -60.59
C PRO C 4135 -13.24 -14.43 -59.34
N ALA C 4136 -12.24 -13.56 -59.43
CA ALA C 4136 -11.31 -13.38 -58.29
C ALA C 4136 -11.39 -11.94 -57.76
N ARG C 4137 -12.17 -11.06 -58.38
CA ARG C 4137 -12.34 -9.67 -57.86
C ARG C 4137 -12.96 -9.77 -56.46
N ASP C 4138 -14.04 -10.54 -56.30
CA ASP C 4138 -14.77 -10.63 -55.00
C ASP C 4138 -13.80 -10.96 -53.87
N ILE C 4139 -13.01 -12.02 -53.96
CA ILE C 4139 -12.11 -12.51 -52.92
C ILE C 4139 -11.06 -11.46 -52.60
N GLY C 4140 -10.55 -10.76 -53.62
CA GLY C 4140 -9.60 -9.70 -53.37
C GLY C 4140 -10.18 -8.61 -52.49
N PHE C 4141 -11.39 -8.16 -52.81
CA PHE C 4141 -12.01 -7.11 -52.02
C PHE C 4141 -12.22 -7.57 -50.58
N ASN C 4142 -12.69 -8.80 -50.40
CA ASN C 4142 -12.97 -9.27 -49.04
C ASN C 4142 -11.70 -9.42 -48.22
N VAL C 4143 -10.64 -9.96 -48.81
CA VAL C 4143 -9.40 -10.09 -48.04
C VAL C 4143 -8.81 -8.71 -47.74
N ALA C 4144 -8.95 -7.75 -48.67
CA ALA C 4144 -8.51 -6.39 -48.38
C ALA C 4144 -9.27 -5.81 -47.20
N VAL C 4145 -10.59 -6.00 -47.16
CA VAL C 4145 -11.38 -5.50 -46.05
C VAL C 4145 -10.93 -6.15 -44.75
N LEU C 4146 -10.68 -7.45 -44.78
CA LEU C 4146 -10.25 -8.14 -43.55
C LEU C 4146 -8.94 -7.55 -43.05
N LEU C 4147 -7.97 -7.39 -43.93
CA LEU C 4147 -6.67 -6.86 -43.49
C LEU C 4147 -6.82 -5.44 -42.96
N THR C 4148 -7.60 -4.60 -43.65
CA THR C 4148 -7.78 -3.23 -43.19
C THR C 4148 -8.40 -3.20 -41.80
N ASN C 4149 -9.44 -3.99 -41.58
CA ASN C 4149 -10.07 -4.01 -40.27
C ASN C 4149 -9.11 -4.48 -39.19
N LEU C 4150 -8.36 -5.55 -39.48
CA LEU C 4150 -7.40 -6.05 -38.49
C LEU C 4150 -6.38 -4.98 -38.15
N SER C 4151 -5.83 -4.32 -39.16
CA SER C 4151 -4.82 -3.29 -38.88
C SER C 4151 -5.41 -2.12 -38.11
N GLU C 4152 -6.66 -1.78 -38.37
CA GLU C 4152 -7.26 -0.65 -37.66
C GLU C 4152 -7.56 -0.97 -36.21
N HIS C 4153 -7.88 -2.23 -35.88
CA HIS C 4153 -8.22 -2.56 -34.51
C HIS C 4153 -7.07 -3.13 -33.69
N VAL C 4154 -5.91 -3.36 -34.29
CA VAL C 4154 -4.74 -3.84 -33.55
C VAL C 4154 -3.52 -3.08 -34.07
N PRO C 4155 -3.36 -1.81 -33.73
CA PRO C 4155 -2.38 -0.98 -34.45
C PRO C 4155 -0.93 -1.18 -34.04
N HIS C 4156 -0.68 -1.66 -32.82
CA HIS C 4156 0.67 -1.68 -32.28
C HIS C 4156 1.43 -2.95 -32.60
N ASP C 4157 0.82 -3.95 -33.19
CA ASP C 4157 1.51 -5.21 -33.43
C ASP C 4157 2.47 -5.06 -34.60
N PRO C 4158 3.76 -5.40 -34.43
CA PRO C 4158 4.70 -5.25 -35.55
C PRO C 4158 4.58 -6.33 -36.60
N ARG C 4159 4.12 -7.53 -36.25
CA ARG C 4159 4.07 -8.61 -37.22
C ARG C 4159 3.09 -8.30 -38.35
N LEU C 4160 1.96 -7.68 -38.02
CA LEU C 4160 0.97 -7.36 -39.04
C LEU C 4160 1.53 -6.39 -40.07
N ARG C 4161 2.59 -5.66 -39.73
CA ARG C 4161 3.18 -4.71 -40.67
C ARG C 4161 3.71 -5.42 -41.90
N ASN C 4162 4.34 -6.57 -41.72
CA ASN C 4162 4.87 -7.31 -42.85
C ASN C 4162 3.75 -7.71 -43.80
N PHE C 4163 2.65 -8.22 -43.27
CA PHE C 4163 1.51 -8.56 -44.13
C PHE C 4163 1.01 -7.33 -44.86
N LEU C 4164 0.83 -6.22 -44.14
CA LEU C 4164 0.36 -5.01 -44.80
C LEU C 4164 1.31 -4.58 -45.91
N GLU C 4165 2.60 -4.83 -45.74
CA GLU C 4165 3.56 -4.49 -46.78
C GLU C 4165 3.46 -5.43 -47.97
N LEU C 4166 3.17 -6.71 -47.74
CA LEU C 4166 3.08 -7.67 -48.83
C LEU C 4166 1.81 -7.46 -49.66
N ALA C 4167 0.77 -6.88 -49.08
CA ALA C 4167 -0.51 -6.72 -49.75
C ALA C 4167 -0.73 -5.31 -50.29
N GLU C 4168 0.32 -4.49 -50.35
CA GLU C 4168 0.14 -3.10 -50.76
C GLU C 4168 -0.47 -3.00 -52.15
N SER C 4169 -0.20 -3.98 -53.02
CA SER C 4169 -0.69 -3.88 -54.39
C SER C 4169 -2.22 -3.92 -54.43
N ILE C 4170 -2.81 -4.94 -53.81
CA ILE C 4170 -4.27 -5.05 -53.83
C ILE C 4170 -4.90 -3.94 -53.01
N LEU C 4171 -4.26 -3.57 -51.90
CA LEU C 4171 -4.80 -2.48 -51.08
C LEU C 4171 -4.86 -1.19 -51.88
N GLU C 4172 -3.84 -0.92 -52.68
CA GLU C 4172 -3.86 0.26 -53.53
C GLU C 4172 -4.88 0.13 -54.65
N TYR C 4173 -5.00 -1.07 -55.22
CA TYR C 4173 -5.95 -1.25 -56.32
C TYR C 4173 -7.37 -1.00 -55.86
N PHE C 4174 -7.73 -1.48 -54.67
CA PHE C 4174 -9.09 -1.38 -54.16
C PHE C 4174 -9.33 -0.12 -53.34
N ARG C 4175 -8.34 0.75 -53.20
CA ARG C 4175 -8.50 1.93 -52.36
C ARG C 4175 -9.70 2.77 -52.74
N PRO C 4176 -9.92 3.14 -54.00
CA PRO C 4176 -11.06 4.01 -54.33
C PRO C 4176 -12.42 3.36 -54.08
N TYR C 4177 -12.50 2.03 -54.02
CA TYR C 4177 -13.78 1.35 -53.93
C TYR C 4177 -14.14 0.90 -52.53
N LEU C 4178 -13.31 1.20 -51.52
CA LEU C 4178 -13.57 0.77 -50.15
C LEU C 4178 -14.01 1.96 -49.33
N GLY C 4179 -15.25 1.92 -48.84
CA GLY C 4179 -15.80 3.00 -48.05
C GLY C 4179 -16.03 2.58 -46.60
N ARG C 4180 -15.87 3.55 -45.70
CA ARG C 4180 -16.03 3.29 -44.28
C ARG C 4180 -16.81 4.43 -43.64
N ILE C 4181 -17.55 4.10 -42.58
CA ILE C 4181 -18.34 5.08 -41.84
C ILE C 4181 -18.33 4.69 -40.36
N GLU C 4182 -19.00 5.48 -39.55
CA GLU C 4182 -19.16 5.24 -38.13
C GLU C 4182 -20.61 5.39 -37.73
N ILE C 4183 -21.03 4.64 -36.71
CA ILE C 4183 -22.40 4.69 -36.21
C ILE C 4183 -22.39 4.44 -34.71
N MET C 4184 -23.51 4.75 -34.08
CA MET C 4184 -23.71 4.51 -32.65
C MET C 4184 -24.38 3.14 -32.50
N GLY C 4185 -23.58 2.13 -32.23
CA GLY C 4185 -24.08 0.77 -32.25
C GLY C 4185 -25.11 0.50 -31.18
N ALA C 4186 -25.73 -0.67 -31.27
CA ALA C 4186 -26.76 -1.06 -30.32
C ALA C 4186 -26.21 -1.22 -28.92
N SER C 4187 -24.93 -1.58 -28.78
CA SER C 4187 -24.31 -1.77 -27.48
C SER C 4187 -23.90 -0.46 -26.83
N ARG C 4188 -24.38 0.67 -27.31
CA ARG C 4188 -23.99 1.98 -26.78
C ARG C 4188 -22.50 2.22 -27.00
N ARG C 4189 -22.02 1.92 -28.19
CA ARG C 4189 -20.60 2.07 -28.51
C ARG C 4189 -20.47 2.50 -29.97
N ILE C 4190 -19.37 3.17 -30.27
CA ILE C 4190 -19.08 3.57 -31.64
C ILE C 4190 -18.47 2.39 -32.37
N GLU C 4191 -18.76 2.29 -33.66
CA GLU C 4191 -18.31 1.17 -34.48
C GLU C 4191 -18.01 1.66 -35.88
N ARG C 4192 -17.24 0.87 -36.62
CA ARG C 4192 -16.92 1.17 -38.01
C ARG C 4192 -17.51 0.11 -38.91
N ILE C 4193 -17.94 0.51 -40.10
CA ILE C 4193 -18.57 -0.37 -41.07
C ILE C 4193 -17.86 -0.21 -42.40
N TYR C 4194 -17.48 -1.33 -43.01
CA TYR C 4194 -16.79 -1.34 -44.29
C TYR C 4194 -17.71 -1.95 -45.34
N PHE C 4195 -17.80 -1.30 -46.51
CA PHE C 4195 -18.69 -1.75 -47.56
C PHE C 4195 -18.06 -1.43 -48.92
N GLU C 4196 -18.77 -1.83 -49.97
CA GLU C 4196 -18.28 -1.73 -51.33
C GLU C 4196 -18.99 -0.57 -52.05
N ILE C 4197 -18.23 0.15 -52.88
CA ILE C 4197 -18.76 1.24 -53.68
C ILE C 4197 -18.57 0.90 -55.15
N SER C 4198 -19.65 0.91 -55.91
CA SER C 4198 -19.58 0.63 -57.34
C SER C 4198 -18.89 1.78 -58.06
N GLU C 4199 -18.17 1.44 -59.13
CA GLU C 4199 -17.43 2.44 -59.87
C GLU C 4199 -18.37 3.47 -60.51
N THR C 4200 -19.49 3.01 -61.07
CA THR C 4200 -20.37 3.91 -61.78
C THR C 4200 -20.92 4.99 -60.85
N ASN C 4201 -21.27 4.62 -59.62
CA ASN C 4201 -21.78 5.61 -58.67
C ASN C 4201 -20.73 6.68 -58.37
N ARG C 4202 -19.48 6.25 -58.12
CA ARG C 4202 -18.43 7.21 -57.84
C ARG C 4202 -18.21 8.12 -59.02
N ALA C 4203 -18.25 7.56 -60.24
CA ALA C 4203 -18.11 8.39 -61.43
C ALA C 4203 -19.22 9.43 -61.49
N GLN C 4204 -20.47 9.00 -61.34
CA GLN C 4204 -21.60 9.90 -61.49
C GLN C 4204 -21.64 10.95 -60.40
N TRP C 4205 -21.02 10.69 -59.25
CA TRP C 4205 -21.06 11.67 -58.17
C TRP C 4205 -20.20 12.89 -58.45
N GLU C 4206 -19.46 12.91 -59.57
CA GLU C 4206 -18.47 13.94 -59.80
C GLU C 4206 -18.91 15.01 -60.80
N MET C 4207 -20.11 14.94 -61.35
CA MET C 4207 -20.55 15.95 -62.30
C MET C 4207 -20.60 17.30 -61.61
N PRO C 4208 -20.36 18.39 -62.35
CA PRO C 4208 -20.40 19.70 -61.72
C PRO C 4208 -21.77 20.08 -61.20
N GLN C 4209 -22.85 19.67 -61.85
CA GLN C 4209 -24.18 20.08 -61.42
C GLN C 4209 -24.50 19.52 -60.02
N VAL C 4210 -24.13 18.27 -59.76
CA VAL C 4210 -24.39 17.70 -58.45
C VAL C 4210 -23.54 18.40 -57.39
N LYS C 4211 -22.31 18.77 -57.75
CA LYS C 4211 -21.47 19.53 -56.82
C LYS C 4211 -22.08 20.88 -56.50
N GLU C 4212 -22.63 21.56 -57.51
CA GLU C 4212 -23.27 22.84 -57.26
C GLU C 4212 -24.49 22.66 -56.37
N SER C 4213 -25.27 21.60 -56.60
CA SER C 4213 -26.43 21.34 -55.75
C SER C 4213 -25.99 21.10 -54.31
N LYS C 4214 -24.91 20.34 -54.11
CA LYS C 4214 -24.41 20.10 -52.77
C LYS C 4214 -23.98 21.39 -52.11
N ARG C 4215 -23.29 22.25 -52.86
CA ARG C 4215 -22.84 23.53 -52.31
C ARG C 4215 -24.05 24.36 -51.88
N GLN C 4216 -25.08 24.39 -52.71
CA GLN C 4216 -26.28 25.15 -52.37
C GLN C 4216 -26.94 24.57 -51.12
N PHE C 4217 -27.02 23.25 -51.01
CA PHE C 4217 -27.62 22.64 -49.84
C PHE C 4217 -26.87 23.02 -48.57
N ILE C 4218 -25.53 22.94 -48.62
CA ILE C 4218 -24.74 23.27 -47.44
C ILE C 4218 -24.94 24.73 -47.08
N PHE C 4219 -24.94 25.61 -48.08
CA PHE C 4219 -25.16 27.02 -47.81
C PHE C 4219 -26.49 27.24 -47.11
N ASP C 4220 -27.55 26.63 -47.63
CA ASP C 4220 -28.87 26.82 -47.03
C ASP C 4220 -28.89 26.32 -45.59
N VAL C 4221 -28.36 25.11 -45.37
CA VAL C 4221 -28.42 24.52 -44.04
C VAL C 4221 -27.66 25.38 -43.04
N VAL C 4222 -26.45 25.81 -43.40
CA VAL C 4222 -25.66 26.60 -42.47
C VAL C 4222 -26.31 27.97 -42.25
N ASN C 4223 -26.89 28.56 -43.29
CA ASN C 4223 -27.44 29.90 -43.15
C ASN C 4223 -28.69 29.91 -42.28
N GLU C 4224 -29.58 28.95 -42.49
CA GLU C 4224 -30.84 28.95 -41.75
C GLU C 4224 -31.22 27.60 -41.16
N GLY C 4225 -30.51 26.52 -41.49
CA GLY C 4225 -30.92 25.21 -41.02
C GLY C 4225 -30.93 25.14 -39.50
N GLY C 4226 -31.95 24.45 -38.98
CA GLY C 4226 -32.03 24.26 -37.54
C GLY C 4226 -31.00 23.27 -37.04
N GLU C 4227 -30.69 23.36 -35.75
CA GLU C 4227 -29.68 22.49 -35.17
C GLU C 4227 -30.25 21.11 -34.84
N ALA C 4228 -31.57 20.97 -34.80
CA ALA C 4228 -32.18 19.70 -34.41
C ALA C 4228 -32.50 18.84 -35.63
N GLU C 4229 -33.21 19.41 -36.59
CA GLU C 4229 -33.68 18.65 -37.75
C GLU C 4229 -32.65 18.55 -38.86
N LYS C 4230 -31.37 18.77 -38.57
CA LYS C 4230 -30.37 18.76 -39.62
C LYS C 4230 -30.29 17.40 -40.30
N MET C 4231 -30.36 16.33 -39.52
CA MET C 4231 -30.23 14.99 -40.09
C MET C 4231 -31.38 14.68 -41.04
N GLU C 4232 -32.59 15.14 -40.73
CA GLU C 4232 -33.71 14.93 -41.64
C GLU C 4232 -33.45 15.61 -42.98
N LEU C 4233 -32.96 16.83 -42.96
CA LEU C 4233 -32.64 17.52 -44.20
C LEU C 4233 -31.55 16.78 -44.96
N PHE C 4234 -30.54 16.29 -44.23
CA PHE C 4234 -29.46 15.57 -44.89
C PHE C 4234 -29.97 14.33 -45.60
N VAL C 4235 -30.82 13.55 -44.94
CA VAL C 4235 -31.32 12.33 -45.57
C VAL C 4235 -32.23 12.65 -46.75
N SER C 4236 -33.04 13.72 -46.64
CA SER C 4236 -33.85 14.11 -47.78
C SER C 4236 -32.97 14.49 -48.97
N PHE C 4237 -31.88 15.22 -48.72
CA PHE C 4237 -30.96 15.57 -49.78
C PHE C 4237 -30.35 14.31 -50.41
N CYS C 4238 -29.99 13.34 -49.57
CA CYS C 4238 -29.43 12.10 -50.10
C CYS C 4238 -30.43 11.40 -51.01
N GLU C 4239 -31.70 11.35 -50.59
CA GLU C 4239 -32.71 10.69 -51.41
C GLU C 4239 -32.88 11.40 -52.75
N ASP C 4240 -32.92 12.73 -52.73
CA ASP C 4240 -33.04 13.47 -53.99
C ASP C 4240 -31.85 13.19 -54.91
N THR C 4241 -30.64 13.19 -54.34
CA THR C 4241 -29.46 12.92 -55.16
C THR C 4241 -29.51 11.53 -55.76
N ILE C 4242 -29.98 10.55 -54.98
CA ILE C 4242 -30.08 9.19 -55.50
C ILE C 4242 -31.05 9.13 -56.67
N PHE C 4243 -32.19 9.81 -56.55
CA PHE C 4243 -33.16 9.80 -57.64
C PHE C 4243 -32.58 10.46 -58.88
N GLU C 4244 -31.85 11.58 -58.71
CA GLU C 4244 -31.21 12.22 -59.84
C GLU C 4244 -30.21 11.29 -60.51
N MET C 4245 -29.43 10.57 -59.71
CA MET C 4245 -28.49 9.62 -60.28
C MET C 4245 -29.21 8.55 -61.10
N GLN C 4246 -30.33 8.06 -60.59
CA GLN C 4246 -31.10 7.07 -61.34
C GLN C 4246 -31.55 7.62 -62.67
N ILE C 4247 -32.10 8.83 -62.68
CA ILE C 4247 -32.57 9.42 -63.94
C ILE C 4247 -31.42 9.59 -64.92
N ALA C 4248 -30.30 10.14 -64.45
CA ALA C 4248 -29.17 10.38 -65.32
C ALA C 4248 -28.64 9.08 -65.92
N ALA C 4249 -28.53 8.03 -65.10
CA ALA C 4249 -28.12 6.75 -65.63
C ALA C 4249 -29.12 6.24 -66.65
N GLN C 4250 -30.41 6.49 -66.43
CA GLN C 4250 -31.42 6.01 -67.35
C GLN C 4250 -31.27 6.65 -68.73
N ILE C 4251 -31.18 7.98 -68.78
CA ILE C 4251 -31.20 8.64 -70.10
C ILE C 4251 -29.97 8.30 -70.93
N SER C 4252 -28.78 8.27 -70.34
CA SER C 4252 -27.58 7.99 -71.10
C SER C 4252 -27.61 6.58 -71.66
N GLU C 4253 -27.05 6.41 -72.86
CA GLU C 4253 -27.04 5.11 -73.52
C GLU C 4253 -25.88 4.26 -73.02
N GLY C 4542 -45.03 0.08 -84.33
CA GLY C 4542 -44.02 -0.95 -84.29
C GLY C 4542 -42.69 -0.45 -83.74
N GLU C 4543 -41.77 -0.12 -84.64
CA GLU C 4543 -40.46 0.38 -84.23
C GLU C 4543 -40.46 1.87 -83.93
N LEU C 4544 -41.61 2.54 -84.08
CA LEU C 4544 -41.67 3.97 -83.78
C LEU C 4544 -41.25 4.26 -82.35
N GLU C 4545 -41.45 3.31 -81.44
CA GLU C 4545 -41.09 3.53 -80.04
C GLU C 4545 -39.59 3.75 -79.90
N VAL C 4546 -38.78 3.03 -80.67
CA VAL C 4546 -37.33 3.19 -80.60
C VAL C 4546 -36.95 4.61 -80.98
N GLN C 4547 -37.51 5.10 -82.09
CA GLN C 4547 -37.22 6.47 -82.52
C GLN C 4547 -37.71 7.47 -81.48
N ARG C 4548 -38.90 7.23 -80.91
CA ARG C 4548 -39.44 8.15 -79.92
C ARG C 4548 -38.52 8.26 -78.71
N VAL C 4549 -38.07 7.13 -78.18
CA VAL C 4549 -37.21 7.16 -77.00
C VAL C 4549 -35.86 7.75 -77.34
N LYS C 4550 -35.33 7.44 -78.53
CA LYS C 4550 -34.09 8.07 -78.95
C LYS C 4550 -34.22 9.58 -78.97
N PHE C 4551 -35.29 10.08 -79.57
CA PHE C 4551 -35.49 11.52 -79.69
C PHE C 4551 -35.63 12.16 -78.30
N LEU C 4552 -36.42 11.53 -77.43
CA LEU C 4552 -36.63 12.10 -76.10
C LEU C 4552 -35.33 12.11 -75.29
N ASN C 4553 -34.55 11.04 -75.37
CA ASN C 4553 -33.27 11.02 -74.66
C ASN C 4553 -32.33 12.08 -75.21
N TYR C 4554 -32.29 12.25 -76.54
CA TYR C 4554 -31.45 13.29 -77.12
C TYR C 4554 -31.87 14.66 -76.63
N LEU C 4555 -33.17 14.92 -76.56
CA LEU C 4555 -33.64 16.20 -76.06
C LEU C 4555 -33.25 16.38 -74.60
N SER C 4556 -33.39 15.34 -73.78
CA SER C 4556 -33.11 15.49 -72.36
C SER C 4556 -31.62 15.70 -72.12
N ARG C 4557 -30.76 15.14 -72.97
CA ARG C 4557 -29.33 15.26 -72.75
C ARG C 4557 -28.81 16.65 -73.08
N ASN C 4558 -29.52 17.39 -73.93
CA ASN C 4558 -29.03 18.68 -74.43
C ASN C 4558 -29.96 19.84 -74.08
N PHE C 4559 -30.46 19.91 -72.84
CA PHE C 4559 -31.36 20.97 -72.46
C PHE C 4559 -30.66 22.33 -72.45
N TYR C 4560 -29.51 22.41 -71.78
CA TYR C 4560 -28.82 23.68 -71.63
C TYR C 4560 -28.25 24.20 -72.93
N THR C 4561 -27.79 23.30 -73.81
CA THR C 4561 -27.34 23.73 -75.12
C THR C 4561 -28.48 24.40 -75.88
N LEU C 4562 -29.67 23.82 -75.83
CA LEU C 4562 -30.82 24.42 -76.49
C LEU C 4562 -31.15 25.77 -75.89
N ARG C 4563 -31.07 25.91 -74.57
CA ARG C 4563 -31.33 27.21 -73.95
C ARG C 4563 -30.35 28.26 -74.45
N PHE C 4564 -29.06 27.91 -74.47
CA PHE C 4564 -28.06 28.86 -74.96
C PHE C 4564 -28.30 29.23 -76.40
N LEU C 4565 -28.68 28.25 -77.23
CA LEU C 4565 -28.98 28.53 -78.63
C LEU C 4565 -30.15 29.49 -78.76
N ALA C 4566 -31.18 29.31 -77.94
CA ALA C 4566 -32.33 30.22 -77.97
C ALA C 4566 -31.89 31.64 -77.64
N LEU C 4567 -31.06 31.79 -76.61
CA LEU C 4567 -30.57 33.13 -76.27
C LEU C 4567 -29.81 33.76 -77.43
N PHE C 4568 -28.93 32.97 -78.06
CA PHE C 4568 -28.14 33.50 -79.17
C PHE C 4568 -29.04 33.94 -80.33
N LEU C 4569 -30.05 33.14 -80.65
CA LEU C 4569 -30.96 33.52 -81.73
C LEU C 4569 -31.72 34.79 -81.40
N ALA C 4570 -32.15 34.93 -80.15
CA ALA C 4570 -32.85 36.16 -79.76
C ALA C 4570 -31.95 37.37 -79.95
N PHE C 4571 -30.68 37.26 -79.54
CA PHE C 4571 -29.77 38.39 -79.74
C PHE C 4571 -29.59 38.70 -81.22
N ALA C 4572 -29.47 37.67 -82.06
CA ALA C 4572 -29.30 37.92 -83.50
C ALA C 4572 -30.50 38.65 -84.07
N ILE C 4573 -31.71 38.20 -83.73
CA ILE C 4573 -32.91 38.83 -84.26
C ILE C 4573 -32.97 40.28 -83.82
N ASN C 4574 -32.71 40.54 -82.54
CA ASN C 4574 -32.80 41.91 -82.05
C ASN C 4574 -31.75 42.81 -82.68
N PHE C 4575 -30.55 42.28 -82.94
CA PHE C 4575 -29.56 43.08 -83.67
C PHE C 4575 -30.06 43.42 -85.06
N ILE C 4576 -30.65 42.45 -85.77
CA ILE C 4576 -31.11 42.74 -87.12
C ILE C 4576 -32.24 43.77 -87.08
N LEU C 4577 -33.01 43.80 -86.01
CA LEU C 4577 -34.13 44.74 -85.95
C LEU C 4577 -33.69 46.19 -85.88
N LEU C 4578 -32.40 46.47 -85.66
CA LEU C 4578 -31.95 47.85 -85.54
C LEU C 4578 -32.03 48.63 -86.84
N PHE C 4579 -32.28 47.97 -87.96
CA PHE C 4579 -32.25 48.62 -89.26
C PHE C 4579 -33.64 49.03 -89.75
N TYR C 4580 -34.64 49.02 -88.90
CA TYR C 4580 -35.99 49.36 -89.33
C TYR C 4580 -36.12 50.85 -89.61
N LYS C 4581 -37.14 51.20 -90.37
CA LYS C 4581 -37.40 52.58 -90.78
C LYS C 4581 -38.89 52.75 -91.00
N VAL C 4582 -39.34 54.00 -90.94
CA VAL C 4582 -40.73 54.35 -91.15
C VAL C 4582 -40.83 55.45 -92.19
N SER C 4583 -41.83 55.36 -93.05
CA SER C 4583 -42.02 56.36 -94.11
C SER C 4583 -43.47 56.31 -94.55
N ASP C 4584 -43.88 57.35 -95.27
CA ASP C 4584 -45.25 57.45 -95.77
C ASP C 4584 -45.53 56.54 -96.95
N SER C 4585 -44.53 56.20 -97.75
CA SER C 4585 -44.70 55.31 -98.88
C SER C 4585 -43.46 54.42 -98.99
N PRO C 4586 -43.58 53.22 -99.58
CA PRO C 4586 -42.40 52.37 -99.74
C PRO C 4586 -41.34 52.97 -100.65
N MET C 4627 -51.81 56.36 -94.01
CA MET C 4627 -51.11 55.58 -92.98
C MET C 4627 -49.61 55.55 -93.27
N VAL C 4628 -48.86 54.79 -92.49
CA VAL C 4628 -47.39 54.77 -92.57
C VAL C 4628 -46.92 53.34 -92.80
N TYR C 4629 -45.71 53.23 -93.35
CA TYR C 4629 -45.12 51.94 -93.69
C TYR C 4629 -43.88 51.71 -92.86
N TYR C 4630 -43.71 50.47 -92.39
CA TYR C 4630 -42.49 50.03 -91.73
C TYR C 4630 -41.76 49.07 -92.65
N PHE C 4631 -40.45 49.27 -92.82
CA PHE C 4631 -39.68 48.40 -93.69
C PHE C 4631 -38.21 48.49 -93.31
N LEU C 4632 -37.47 47.46 -93.69
CA LEU C 4632 -36.03 47.44 -93.47
C LEU C 4632 -35.33 48.32 -94.49
N GLU C 4633 -34.05 48.58 -94.25
CA GLU C 4633 -33.25 49.45 -95.10
C GLU C 4633 -31.78 49.04 -94.99
N GLU C 4634 -31.29 48.31 -95.98
CA GLU C 4634 -29.90 47.89 -96.03
C GLU C 4634 -29.50 47.70 -97.48
N SER C 4635 -28.19 47.79 -97.73
CA SER C 4635 -27.68 47.66 -99.08
C SER C 4635 -27.61 46.20 -99.54
N THR C 4636 -27.21 45.29 -98.64
CA THR C 4636 -26.98 43.90 -99.05
C THR C 4636 -28.24 43.23 -99.56
N GLY C 4637 -29.37 43.44 -98.89
CA GLY C 4637 -30.60 42.73 -99.23
C GLY C 4637 -30.71 41.34 -98.66
N TYR C 4638 -29.78 40.92 -97.81
CA TYR C 4638 -29.76 39.57 -97.29
C TYR C 4638 -30.31 39.44 -95.88
N MET C 4639 -30.74 40.53 -95.25
CA MET C 4639 -31.25 40.41 -93.89
C MET C 4639 -32.76 40.16 -93.86
N GLU C 4640 -33.49 40.67 -94.85
CA GLU C 4640 -34.92 40.38 -94.88
C GLU C 4640 -35.18 38.89 -95.01
N PRO C 4641 -34.54 38.15 -95.91
CA PRO C 4641 -34.73 36.69 -95.90
C PRO C 4641 -34.27 36.03 -94.61
N ALA C 4642 -33.18 36.52 -94.02
CA ALA C 4642 -32.62 35.87 -92.84
C ALA C 4642 -33.54 36.00 -91.64
N LEU C 4643 -34.27 37.12 -91.56
CA LEU C 4643 -35.15 37.34 -90.42
C LEU C 4643 -36.23 36.25 -90.34
N TRP C 4644 -36.82 35.89 -91.48
CA TRP C 4644 -37.85 34.87 -91.51
C TRP C 4644 -37.32 33.54 -90.97
N CYS C 4645 -36.16 33.11 -91.48
CA CYS C 4645 -35.59 31.85 -91.04
C CYS C 4645 -35.25 31.89 -89.55
N LEU C 4646 -34.68 33.00 -89.09
CA LEU C 4646 -34.33 33.08 -87.67
C LEU C 4646 -35.58 33.00 -86.80
N SER C 4647 -36.67 33.64 -87.22
CA SER C 4647 -37.91 33.55 -86.45
C SER C 4647 -38.40 32.12 -86.35
N LEU C 4648 -38.47 31.42 -87.49
CA LEU C 4648 -38.96 30.04 -87.46
C LEU C 4648 -38.07 29.18 -86.57
N LEU C 4649 -36.75 29.34 -86.70
CA LEU C 4649 -35.83 28.54 -85.91
C LEU C 4649 -36.00 28.82 -84.43
N HIS C 4650 -36.19 30.08 -84.06
CA HIS C 4650 -36.38 30.43 -82.66
C HIS C 4650 -37.62 29.76 -82.09
N THR C 4651 -38.73 29.80 -82.84
CA THR C 4651 -39.95 29.16 -82.35
C THR C 4651 -39.73 27.66 -82.16
N LEU C 4652 -39.09 27.01 -83.13
CA LEU C 4652 -38.86 25.57 -83.02
C LEU C 4652 -38.01 25.26 -81.79
N VAL C 4653 -36.95 26.03 -81.58
CA VAL C 4653 -36.05 25.76 -80.45
C VAL C 4653 -36.78 25.94 -79.14
N ALA C 4654 -37.64 26.96 -79.05
CA ALA C 4654 -38.40 27.15 -77.81
C ALA C 4654 -39.30 25.94 -77.54
N PHE C 4655 -39.97 25.43 -78.57
CA PHE C 4655 -40.82 24.26 -78.37
C PHE C 4655 -40.01 23.07 -77.90
N LEU C 4656 -38.85 22.84 -78.52
CA LEU C 4656 -38.01 21.73 -78.11
C LEU C 4656 -37.55 21.89 -76.66
N CYS C 4657 -37.26 23.13 -76.25
CA CYS C 4657 -36.88 23.36 -74.85
C CYS C 4657 -38.00 22.98 -73.92
N ILE C 4658 -39.24 23.33 -74.26
CA ILE C 4658 -40.37 22.95 -73.41
C ILE C 4658 -40.44 21.44 -73.27
N ILE C 4659 -40.34 20.72 -74.40
CA ILE C 4659 -40.44 19.26 -74.34
C ILE C 4659 -39.32 18.68 -73.49
N GLY C 4660 -38.10 19.18 -73.68
CA GLY C 4660 -36.98 18.67 -72.91
C GLY C 4660 -37.16 18.87 -71.42
N TYR C 4661 -37.59 20.07 -71.01
CA TYR C 4661 -37.84 20.30 -69.60
C TYR C 4661 -38.90 19.34 -69.08
N ASN C 4662 -39.98 19.17 -69.83
CA ASN C 4662 -41.03 18.26 -69.38
C ASN C 4662 -40.49 16.86 -69.18
N CYS C 4663 -39.53 16.44 -70.01
CA CYS C 4663 -39.02 15.08 -69.92
C CYS C 4663 -37.83 14.94 -68.99
N LEU C 4664 -37.28 16.03 -68.44
CA LEU C 4664 -36.09 15.94 -67.60
C LEU C 4664 -36.33 16.30 -66.14
N LYS C 4665 -37.13 17.33 -65.85
CA LYS C 4665 -37.22 17.88 -64.50
C LYS C 4665 -38.53 17.58 -63.80
N VAL C 4666 -39.59 17.23 -64.53
CA VAL C 4666 -40.86 16.91 -63.88
C VAL C 4666 -40.73 15.74 -62.92
N PRO C 4667 -40.06 14.63 -63.25
CA PRO C 4667 -40.06 13.50 -62.33
C PRO C 4667 -39.57 13.83 -60.93
N LEU C 4668 -38.58 14.72 -60.78
CA LEU C 4668 -38.14 15.09 -59.44
C LEU C 4668 -39.26 15.78 -58.66
N VAL C 4669 -39.99 16.68 -59.32
CA VAL C 4669 -41.08 17.37 -58.65
C VAL C 4669 -42.14 16.38 -58.20
N ILE C 4670 -42.51 15.44 -59.08
CA ILE C 4670 -43.51 14.45 -58.70
C ILE C 4670 -43.00 13.60 -57.55
N PHE C 4671 -41.73 13.19 -57.61
CA PHE C 4671 -41.15 12.38 -56.55
C PHE C 4671 -41.24 13.08 -55.21
N LYS C 4672 -40.87 14.36 -55.18
CA LYS C 4672 -40.91 15.09 -53.92
C LYS C 4672 -42.34 15.24 -53.40
N ARG C 4673 -43.29 15.56 -54.28
CA ARG C 4673 -44.66 15.70 -53.82
C ARG C 4673 -45.16 14.39 -53.22
N GLU C 4674 -44.92 13.27 -53.92
CA GLU C 4674 -45.38 11.99 -53.42
C GLU C 4674 -44.72 11.64 -52.10
N LYS C 4675 -43.42 11.90 -51.98
CA LYS C 4675 -42.71 11.59 -50.75
C LYS C 4675 -43.32 12.34 -49.56
N GLU C 4676 -43.47 13.66 -49.69
CA GLU C 4676 -44.07 14.43 -48.61
C GLU C 4676 -45.48 13.95 -48.29
N LEU C 4677 -46.29 13.67 -49.31
CA LEU C 4677 -47.66 13.24 -49.05
C LEU C 4677 -47.67 11.94 -48.25
N ALA C 4678 -46.84 10.97 -48.66
CA ALA C 4678 -46.80 9.70 -47.95
C ALA C 4678 -46.33 9.88 -46.52
N ARG C 4679 -45.29 10.69 -46.32
CA ARG C 4679 -44.78 10.89 -44.97
C ARG C 4679 -45.84 11.50 -44.07
N LYS C 4680 -46.50 12.55 -44.55
CA LYS C 4680 -47.53 13.18 -43.73
C LYS C 4680 -48.66 12.21 -43.43
N LEU C 4681 -49.14 11.48 -44.43
CA LEU C 4681 -50.21 10.52 -44.20
C LEU C 4681 -49.82 9.50 -43.14
N GLU C 4682 -48.62 8.94 -43.26
CA GLU C 4682 -48.25 7.84 -42.39
C GLU C 4682 -47.98 8.31 -40.96
N PHE C 4683 -47.24 9.41 -40.79
CA PHE C 4683 -46.78 9.79 -39.46
C PHE C 4683 -47.68 10.83 -38.79
N ASP C 4684 -48.71 11.34 -39.47
CA ASP C 4684 -49.59 12.32 -38.87
C ASP C 4684 -51.07 12.05 -39.07
N GLY C 4685 -51.43 11.07 -39.91
CA GLY C 4685 -52.84 10.85 -40.17
C GLY C 4685 -53.53 12.09 -40.70
N LEU C 4686 -52.91 12.80 -41.64
CA LEU C 4686 -53.41 14.11 -42.06
C LEU C 4686 -54.88 14.04 -42.44
N TYR C 4687 -55.31 13.04 -43.21
CA TYR C 4687 -56.75 12.88 -43.56
C TYR C 4687 -57.48 12.06 -42.48
N ILE C 4688 -56.84 11.04 -41.92
CA ILE C 4688 -57.44 10.10 -40.93
C ILE C 4688 -57.91 10.83 -39.66
N THR C 4689 -57.01 11.58 -39.02
CA THR C 4689 -57.29 12.25 -37.72
C THR C 4689 -57.47 13.75 -37.94
N GLU C 4690 -56.46 14.43 -38.50
CA GLU C 4690 -56.53 15.87 -38.80
C GLU C 4690 -57.46 16.07 -40.00
N GLN C 4691 -57.69 17.31 -40.43
CA GLN C 4691 -58.50 17.62 -41.63
C GLN C 4691 -58.10 19.04 -42.06
N PRO C 4692 -57.09 19.23 -42.94
CA PRO C 4692 -56.61 20.56 -43.33
C PRO C 4692 -57.78 21.42 -43.81
N GLY C 4693 -57.91 22.67 -43.34
CA GLY C 4693 -58.95 23.58 -43.77
C GLY C 4693 -58.75 24.05 -45.21
N ASP C 4694 -59.73 24.83 -45.67
CA ASP C 4694 -59.72 25.30 -47.05
C ASP C 4694 -58.54 26.22 -47.36
N ASP C 4695 -57.87 26.76 -46.35
CA ASP C 4695 -56.74 27.65 -46.62
C ASP C 4695 -55.61 26.92 -47.35
N ASP C 4696 -55.31 25.69 -46.95
CA ASP C 4696 -54.23 24.92 -47.56
C ASP C 4696 -54.76 24.34 -48.87
N VAL C 4697 -54.55 25.07 -49.96
CA VAL C 4697 -55.00 24.60 -51.27
C VAL C 4697 -54.26 23.33 -51.67
N LYS C 4698 -53.00 23.19 -51.26
CA LYS C 4698 -52.22 22.03 -51.62
C LYS C 4698 -52.87 20.75 -51.09
N GLY C 4699 -53.31 20.78 -49.83
CA GLY C 4699 -53.97 19.61 -49.26
C GLY C 4699 -55.27 19.30 -49.97
N GLN C 4700 -56.06 20.33 -50.26
CA GLN C 4700 -57.31 20.11 -50.98
C GLN C 4700 -57.05 19.43 -52.33
N TRP C 4701 -56.07 19.94 -53.08
CA TRP C 4701 -55.77 19.32 -54.37
C TRP C 4701 -55.27 17.89 -54.19
N ASP C 4702 -54.38 17.67 -53.22
CA ASP C 4702 -53.85 16.33 -53.00
C ASP C 4702 -54.93 15.34 -52.63
N ARG C 4703 -56.02 15.80 -52.00
CA ARG C 4703 -57.11 14.90 -51.66
C ARG C 4703 -57.57 14.08 -52.85
N LEU C 4704 -57.30 14.53 -54.07
CA LEU C 4704 -57.83 13.89 -55.26
C LEU C 4704 -57.10 12.60 -55.62
N VAL C 4705 -55.84 12.44 -55.19
CA VAL C 4705 -55.04 11.31 -55.63
C VAL C 4705 -55.09 10.13 -54.66
N LEU C 4706 -55.60 10.32 -53.44
CA LEU C 4706 -55.47 9.30 -52.41
C LEU C 4706 -55.97 7.94 -52.90
N ASN C 4707 -57.17 7.90 -53.43
CA ASN C 4707 -57.81 6.62 -53.76
C ASN C 4707 -57.47 6.12 -55.15
N THR C 4708 -56.37 6.56 -55.75
CA THR C 4708 -56.00 6.08 -57.07
C THR C 4708 -55.25 4.76 -56.96
N PRO C 4709 -55.27 3.94 -58.01
CA PRO C 4709 -54.58 2.64 -57.95
C PRO C 4709 -53.09 2.70 -58.29
N SER C 4710 -52.54 3.89 -58.55
CA SER C 4710 -51.13 4.03 -58.88
C SER C 4710 -50.47 5.17 -58.12
N PHE C 4711 -50.93 5.47 -56.91
CA PHE C 4711 -50.46 6.65 -56.18
C PHE C 4711 -48.95 6.69 -56.00
N PRO C 4712 -48.29 5.65 -55.50
CA PRO C 4712 -46.82 5.72 -55.39
C PRO C 4712 -46.13 5.38 -56.70
N SER C 4713 -46.36 6.20 -57.71
CA SER C 4713 -45.83 5.92 -59.04
C SER C 4713 -44.32 6.16 -59.11
N ASN C 4714 -43.84 7.27 -58.56
CA ASN C 4714 -42.42 7.61 -58.60
C ASN C 4714 -41.70 7.26 -57.31
N TYR C 4715 -42.27 7.58 -56.16
CA TYR C 4715 -41.68 7.16 -54.91
C TYR C 4715 -41.61 5.64 -54.85
N TRP C 4716 -40.48 5.11 -54.37
CA TRP C 4716 -40.20 3.69 -54.51
C TRP C 4716 -40.82 2.83 -53.42
N ASP C 4717 -41.48 3.42 -52.43
CA ASP C 4717 -42.09 2.64 -51.35
C ASP C 4717 -43.51 2.25 -51.75
N LYS C 4718 -43.73 0.97 -52.01
CA LYS C 4718 -45.03 0.49 -52.54
C LYS C 4718 -45.92 -0.02 -51.39
N PHE C 4719 -45.46 0.01 -50.14
CA PHE C 4719 -46.24 -0.51 -49.02
C PHE C 4719 -46.81 0.58 -48.13
N VAL C 4720 -46.95 1.81 -48.62
CA VAL C 4720 -47.47 2.88 -47.79
C VAL C 4720 -48.89 2.56 -47.34
N LYS C 4721 -49.72 2.08 -48.27
CA LYS C 4721 -51.11 1.81 -47.93
C LYS C 4721 -51.22 0.73 -46.86
N ARG C 4722 -50.46 -0.35 -47.00
CA ARG C 4722 -50.51 -1.42 -46.01
C ARG C 4722 -50.07 -0.92 -44.64
N LYS C 4723 -49.00 -0.12 -44.60
CA LYS C 4723 -48.52 0.39 -43.31
C LYS C 4723 -49.57 1.27 -42.65
N VAL C 4724 -50.16 2.19 -43.42
CA VAL C 4724 -51.16 3.09 -42.85
C VAL C 4724 -52.35 2.29 -42.34
N LEU C 4725 -52.79 1.31 -43.12
CA LEU C 4725 -53.90 0.47 -42.69
C LEU C 4725 -53.57 -0.23 -41.38
N ASP C 4726 -52.44 -0.94 -41.35
CA ASP C 4726 -52.07 -1.66 -40.13
C ASP C 4726 -51.97 -0.71 -38.94
N LYS C 4727 -51.58 0.54 -39.17
CA LYS C 4727 -51.44 1.47 -38.06
C LYS C 4727 -52.78 1.96 -37.53
N HIS C 4728 -53.73 2.27 -38.42
CA HIS C 4728 -54.91 3.03 -38.01
C HIS C 4728 -56.24 2.30 -38.13
N GLY C 4729 -56.29 1.13 -38.76
CA GLY C 4729 -57.57 0.49 -39.02
C GLY C 4729 -58.37 0.13 -37.79
N ASP C 4730 -57.71 -0.41 -36.76
CA ASP C 4730 -58.44 -0.85 -35.57
C ASP C 4730 -59.19 0.32 -34.94
N ILE C 4731 -58.52 1.45 -34.77
CA ILE C 4731 -59.18 2.60 -34.14
C ILE C 4731 -60.22 3.19 -35.07
N PHE C 4732 -59.87 3.38 -36.34
CA PHE C 4732 -60.73 4.11 -37.25
C PHE C 4732 -61.51 3.20 -38.20
N GLY C 4733 -61.42 1.88 -38.04
CA GLY C 4733 -62.22 0.98 -38.83
C GLY C 4733 -61.54 0.60 -40.13
N ARG C 4734 -61.22 -0.68 -40.33
CA ARG C 4734 -60.48 -1.14 -41.54
C ARG C 4734 -61.41 -1.06 -42.75
N GLU C 4735 -62.73 -0.92 -42.53
CA GLU C 4735 -63.73 -0.74 -43.62
C GLU C 4735 -63.75 0.73 -44.05
N ARG C 4736 -63.49 1.68 -43.13
CA ARG C 4736 -63.49 3.13 -43.45
C ARG C 4736 -62.22 3.46 -44.23
N ILE C 4737 -61.08 2.89 -43.86
CA ILE C 4737 -59.79 3.17 -44.50
C ILE C 4737 -59.74 2.52 -45.88
N ALA C 4738 -60.25 1.30 -46.01
CA ALA C 4738 -60.29 0.67 -47.32
C ALA C 4738 -61.10 1.50 -48.31
N GLU C 4739 -62.22 2.04 -47.86
CA GLU C 4739 -63.01 2.93 -48.73
C GLU C 4739 -62.21 4.17 -49.10
N LEU C 4740 -61.52 4.76 -48.12
CA LEU C 4740 -60.80 6.01 -48.39
C LEU C 4740 -59.67 5.80 -49.38
N LEU C 4741 -58.95 4.70 -49.25
CA LEU C 4741 -57.76 4.47 -50.07
C LEU C 4741 -58.01 3.53 -51.24
N GLY C 4742 -59.27 3.21 -51.54
CA GLY C 4742 -59.58 2.33 -52.65
C GLY C 4742 -58.77 1.05 -52.60
N MET C 4743 -59.01 0.22 -51.59
CA MET C 4743 -58.26 -1.01 -51.40
C MET C 4743 -59.24 -2.13 -51.07
N ASP C 4744 -58.88 -3.34 -51.48
CA ASP C 4744 -59.70 -4.52 -51.23
C ASP C 4744 -59.27 -5.16 -49.92
N LEU C 4745 -60.18 -5.16 -48.94
CA LEU C 4745 -59.88 -5.81 -47.68
C LEU C 4745 -59.65 -7.31 -47.85
N ALA C 4746 -60.36 -7.96 -48.76
CA ALA C 4746 -60.19 -9.38 -49.00
C ALA C 4746 -58.77 -9.74 -49.41
N SER C 4747 -58.03 -8.80 -49.98
CA SER C 4747 -56.66 -9.06 -50.42
C SER C 4747 -55.82 -7.80 -50.28
N THR C 4766 -56.41 -2.09 -75.54
CA THR C 4766 -55.08 -1.52 -75.88
C THR C 4766 -54.77 -0.33 -74.97
N TRP C 4767 -54.36 0.79 -75.56
CA TRP C 4767 -54.11 2.00 -74.73
C TRP C 4767 -55.40 2.81 -74.57
N LEU C 4768 -56.56 2.19 -74.83
CA LEU C 4768 -57.85 2.88 -74.54
C LEU C 4768 -57.98 2.83 -73.02
N MET C 4769 -58.04 1.62 -72.45
CA MET C 4769 -58.01 1.49 -70.97
C MET C 4769 -56.53 1.50 -70.58
N SER C 4770 -56.15 1.22 -69.32
CA SER C 4770 -54.75 1.19 -68.81
C SER C 4770 -54.28 2.62 -68.50
N ILE C 4771 -55.13 3.64 -68.71
CA ILE C 4771 -54.80 5.05 -68.35
C ILE C 4771 -55.70 5.40 -67.16
N ASP C 4772 -55.13 5.91 -66.09
CA ASP C 4772 -55.92 6.36 -64.92
C ASP C 4772 -56.16 7.83 -65.16
N VAL C 4773 -57.39 8.19 -65.45
CA VAL C 4773 -57.72 9.59 -65.79
C VAL C 4773 -57.40 10.42 -64.55
N LYS C 4774 -57.69 9.91 -63.37
CA LYS C 4774 -57.52 10.67 -62.10
C LYS C 4774 -56.04 10.96 -61.79
N TYR C 4775 -55.10 10.04 -61.97
CA TYR C 4775 -53.71 10.31 -61.63
C TYR C 4775 -53.09 11.29 -62.60
N GLN C 4776 -53.37 11.14 -63.89
CA GLN C 4776 -52.83 12.06 -64.88
C GLN C 4776 -53.35 13.47 -64.64
N ILE C 4777 -54.63 13.60 -64.30
CA ILE C 4777 -55.19 14.92 -64.02
C ILE C 4777 -54.49 15.56 -62.84
N TRP C 4778 -54.27 14.78 -61.77
CA TRP C 4778 -53.58 15.32 -60.61
C TRP C 4778 -52.17 15.76 -60.98
N LYS C 4779 -51.46 14.94 -61.76
CA LYS C 4779 -50.08 15.28 -62.09
C LYS C 4779 -50.02 16.53 -62.95
N PHE C 4780 -50.94 16.68 -63.91
CA PHE C 4780 -50.94 17.88 -64.72
C PHE C 4780 -51.28 19.11 -63.89
N GLY C 4781 -52.22 18.97 -62.95
CA GLY C 4781 -52.49 20.07 -62.05
C GLY C 4781 -51.28 20.47 -61.24
N VAL C 4782 -50.47 19.50 -60.80
CA VAL C 4782 -49.25 19.81 -60.09
C VAL C 4782 -48.28 20.54 -61.01
N ILE C 4783 -48.13 20.05 -62.24
CA ILE C 4783 -47.16 20.62 -63.17
C ILE C 4783 -47.49 22.07 -63.48
N PHE C 4784 -48.76 22.35 -63.75
CA PHE C 4784 -49.15 23.68 -64.21
C PHE C 4784 -49.02 24.75 -63.14
N THR C 4785 -48.47 24.43 -61.96
CA THR C 4785 -48.21 25.43 -60.94
C THR C 4785 -46.73 25.68 -60.72
N ASP C 4786 -45.86 24.86 -61.28
CA ASP C 4786 -44.42 25.07 -61.14
C ASP C 4786 -44.02 26.38 -61.82
N ASN C 4787 -43.05 27.07 -61.24
CA ASN C 4787 -42.65 28.37 -61.79
C ASN C 4787 -41.90 28.21 -63.11
N SER C 4788 -41.00 27.25 -63.19
CA SER C 4788 -40.20 27.09 -64.41
C SER C 4788 -41.08 26.75 -65.60
N PHE C 4789 -42.06 25.88 -65.41
CA PHE C 4789 -42.96 25.54 -66.51
C PHE C 4789 -43.72 26.76 -67.00
N LEU C 4790 -44.22 27.58 -66.07
CA LEU C 4790 -44.92 28.80 -66.49
C LEU C 4790 -43.98 29.75 -67.22
N TYR C 4791 -42.73 29.85 -66.78
CA TYR C 4791 -41.78 30.71 -67.46
C TYR C 4791 -41.56 30.25 -68.89
N LEU C 4792 -41.39 28.94 -69.08
CA LEU C 4792 -41.19 28.42 -70.43
C LEU C 4792 -42.43 28.62 -71.29
N GLY C 4793 -43.62 28.47 -70.70
CA GLY C 4793 -44.83 28.73 -71.46
C GLY C 4793 -44.95 30.17 -71.91
N TRP C 4794 -44.59 31.10 -71.03
CA TRP C 4794 -44.57 32.50 -71.41
C TRP C 4794 -43.56 32.76 -72.53
N TYR C 4795 -42.39 32.13 -72.43
CA TYR C 4795 -41.42 32.21 -73.52
C TYR C 4795 -42.06 31.77 -74.83
N MET C 4796 -42.76 30.64 -74.82
CA MET C 4796 -43.36 30.12 -76.05
C MET C 4796 -44.42 31.08 -76.60
N VAL C 4797 -45.29 31.61 -75.74
CA VAL C 4797 -46.36 32.47 -76.26
C VAL C 4797 -45.78 33.76 -76.81
N MET C 4798 -44.74 34.30 -76.16
CA MET C 4798 -44.08 35.47 -76.73
C MET C 4798 -43.47 35.15 -78.08
N SER C 4799 -42.83 33.99 -78.22
CA SER C 4799 -42.25 33.63 -79.51
C SER C 4799 -43.33 33.53 -80.58
N LEU C 4800 -44.47 32.92 -80.24
CA LEU C 4800 -45.55 32.83 -81.21
C LEU C 4800 -46.06 34.20 -81.61
N LEU C 4801 -46.27 35.08 -80.63
CA LEU C 4801 -46.71 36.43 -80.94
C LEU C 4801 -45.69 37.17 -81.80
N GLY C 4802 -44.42 36.78 -81.71
CA GLY C 4802 -43.40 37.42 -82.52
C GLY C 4802 -43.69 37.41 -84.00
N HIS C 4803 -44.39 36.39 -84.50
CA HIS C 4803 -44.70 36.32 -85.92
C HIS C 4803 -45.81 37.27 -86.34
N TYR C 4804 -46.69 37.66 -85.41
CA TYR C 4804 -47.71 38.64 -85.73
C TYR C 4804 -47.13 40.04 -85.84
N ASN C 4805 -46.08 40.33 -85.08
CA ASN C 4805 -45.39 41.61 -85.14
C ASN C 4805 -43.96 41.39 -84.67
N ASN C 4806 -42.99 41.70 -85.51
CA ASN C 4806 -41.61 41.31 -85.25
C ASN C 4806 -41.02 41.98 -84.03
N PHE C 4807 -41.66 43.02 -83.49
CA PHE C 4807 -41.08 43.73 -82.37
C PHE C 4807 -41.31 43.03 -81.04
N PHE C 4808 -42.13 41.98 -81.01
CA PHE C 4808 -42.32 41.25 -79.76
C PHE C 4808 -41.12 40.40 -79.40
N PHE C 4809 -40.18 40.22 -80.33
CA PHE C 4809 -38.98 39.45 -80.02
C PHE C 4809 -38.04 40.18 -79.08
N ALA C 4810 -38.29 41.46 -78.80
CA ALA C 4810 -37.48 42.17 -77.83
C ALA C 4810 -37.64 41.59 -76.43
N ALA C 4811 -38.84 41.15 -76.08
CA ALA C 4811 -39.09 40.66 -74.73
C ALA C 4811 -38.21 39.48 -74.36
N HIS C 4812 -37.67 38.76 -75.35
CA HIS C 4812 -36.83 37.61 -75.05
C HIS C 4812 -35.45 38.01 -74.56
N LEU C 4813 -35.09 39.29 -74.62
CA LEU C 4813 -33.81 39.73 -74.10
C LEU C 4813 -33.77 39.76 -72.59
N LEU C 4814 -34.94 39.74 -71.93
CA LEU C 4814 -34.96 39.67 -70.48
C LEU C 4814 -34.47 38.33 -69.95
N ASP C 4815 -34.34 37.33 -70.85
CA ASP C 4815 -33.86 35.97 -70.50
C ASP C 4815 -32.46 36.04 -69.90
N ILE C 4816 -31.67 37.10 -70.17
CA ILE C 4816 -30.28 37.13 -69.71
C ILE C 4816 -30.21 37.13 -68.20
N ALA C 4817 -31.20 37.71 -67.53
CA ALA C 4817 -31.19 37.73 -66.07
C ALA C 4817 -31.20 36.32 -65.50
N MET C 4818 -32.01 35.43 -66.05
CA MET C 4818 -32.03 34.05 -65.59
C MET C 4818 -30.90 33.23 -66.21
N GLY C 4819 -30.32 33.71 -67.31
CA GLY C 4819 -29.37 32.91 -68.05
C GLY C 4819 -27.93 33.05 -67.58
N VAL C 4820 -27.64 34.08 -66.79
CA VAL C 4820 -26.28 34.38 -66.35
C VAL C 4820 -26.26 34.45 -64.84
N LYS C 4821 -25.32 33.73 -64.22
CA LYS C 4821 -25.27 33.68 -62.76
C LYS C 4821 -24.84 35.03 -62.17
N THR C 4822 -23.86 35.69 -62.78
CA THR C 4822 -23.35 36.92 -62.19
C THR C 4822 -24.41 38.01 -62.24
N LEU C 4823 -25.21 38.05 -63.30
CA LEU C 4823 -26.33 38.99 -63.33
C LEU C 4823 -27.30 38.72 -62.20
N ARG C 4824 -27.58 37.45 -61.92
CA ARG C 4824 -28.46 37.10 -60.82
C ARG C 4824 -27.89 37.57 -59.49
N THR C 4825 -26.58 37.37 -59.29
CA THR C 4825 -25.97 37.81 -58.04
C THR C 4825 -26.07 39.33 -57.90
N ILE C 4826 -25.84 40.06 -58.99
CA ILE C 4826 -25.92 41.52 -58.92
C ILE C 4826 -27.35 41.96 -58.61
N LEU C 4827 -28.34 41.33 -59.24
CA LEU C 4827 -29.72 41.74 -59.04
C LEU C 4827 -30.25 41.33 -57.68
N SER C 4828 -29.65 40.30 -57.06
CA SER C 4828 -30.10 39.89 -55.74
C SER C 4828 -29.97 41.02 -54.74
N SER C 4829 -28.99 41.92 -54.92
CA SER C 4829 -28.87 43.06 -54.04
C SER C 4829 -30.09 43.97 -54.14
N VAL C 4830 -30.58 44.22 -55.35
CA VAL C 4830 -31.79 45.01 -55.50
C VAL C 4830 -32.98 44.30 -54.91
N THR C 4831 -33.10 42.99 -55.15
CA THR C 4831 -34.28 42.27 -54.68
C THR C 4831 -34.17 41.86 -53.21
N HIS C 4832 -33.02 42.07 -52.57
CA HIS C 4832 -32.87 41.67 -51.18
C HIS C 4832 -33.80 42.46 -50.27
N ASN C 4833 -34.10 43.70 -50.63
CA ASN C 4833 -34.90 44.60 -49.80
C ASN C 4833 -36.00 45.28 -50.59
N GLY C 4834 -36.77 44.52 -51.38
CA GLY C 4834 -37.81 45.13 -52.18
C GLY C 4834 -38.89 45.79 -51.34
N LYS C 4835 -39.28 45.16 -50.23
CA LYS C 4835 -40.37 45.68 -49.42
C LYS C 4835 -40.04 47.06 -48.87
N GLN C 4836 -38.79 47.23 -48.41
CA GLN C 4836 -38.39 48.54 -47.91
C GLN C 4836 -38.43 49.60 -49.01
N LEU C 4837 -38.01 49.24 -50.22
CA LEU C 4837 -38.06 50.19 -51.33
C LEU C 4837 -39.50 50.59 -51.63
N VAL C 4838 -40.41 49.63 -51.63
CA VAL C 4838 -41.82 49.95 -51.91
C VAL C 4838 -42.37 50.87 -50.82
N MET C 4839 -42.07 50.56 -49.56
CA MET C 4839 -42.55 51.43 -48.48
C MET C 4839 -41.97 52.83 -48.60
N THR C 4840 -40.71 52.94 -49.00
CA THR C 4840 -40.11 54.26 -49.18
C THR C 4840 -40.82 55.04 -50.28
N VAL C 4841 -41.15 54.38 -51.39
CA VAL C 4841 -41.88 55.06 -52.46
C VAL C 4841 -43.24 55.56 -51.94
N GLY C 4842 -43.92 54.72 -51.16
CA GLY C 4842 -45.20 55.17 -50.58
C GLY C 4842 -45.03 56.38 -49.68
N LEU C 4843 -44.00 56.38 -48.85
CA LEU C 4843 -43.76 57.51 -47.97
C LEU C 4843 -43.48 58.77 -48.77
N LEU C 4844 -42.71 58.66 -49.85
CA LEU C 4844 -42.49 59.79 -50.73
C LEU C 4844 -43.81 60.33 -51.26
N ALA C 4845 -44.70 59.43 -51.68
CA ALA C 4845 -45.99 59.86 -52.20
C ALA C 4845 -46.76 60.67 -51.15
N VAL C 4846 -46.78 60.18 -49.91
CA VAL C 4846 -47.53 60.88 -48.86
C VAL C 4846 -46.95 62.27 -48.62
N VAL C 4847 -45.62 62.36 -48.53
CA VAL C 4847 -44.98 63.65 -48.26
C VAL C 4847 -45.32 64.64 -49.36
N VAL C 4848 -45.22 64.21 -50.62
CA VAL C 4848 -45.53 65.10 -51.72
C VAL C 4848 -47.00 65.53 -51.65
N TYR C 4849 -47.87 64.63 -51.22
CA TYR C 4849 -49.28 65.01 -51.09
C TYR C 4849 -49.47 66.13 -50.08
N LEU C 4850 -48.79 66.04 -48.94
CA LEU C 4850 -48.92 67.11 -47.94
C LEU C 4850 -48.43 68.44 -48.52
N TYR C 4851 -47.29 68.41 -49.21
CA TYR C 4851 -46.81 69.64 -49.84
C TYR C 4851 -47.83 70.18 -50.83
N THR C 4852 -48.49 69.29 -51.57
CA THR C 4852 -49.52 69.71 -52.51
C THR C 4852 -50.66 70.42 -51.80
N VAL C 4853 -51.10 69.88 -50.66
CA VAL C 4853 -52.19 70.52 -49.92
C VAL C 4853 -51.80 71.94 -49.54
N VAL C 4854 -50.60 72.10 -48.97
CA VAL C 4854 -50.19 73.44 -48.55
C VAL C 4854 -50.13 74.38 -49.74
N ALA C 4855 -49.54 73.92 -50.85
CA ALA C 4855 -49.42 74.78 -52.02
C ALA C 4855 -50.78 75.20 -52.55
N PHE C 4856 -51.69 74.24 -52.68
CA PHE C 4856 -53.03 74.55 -53.18
C PHE C 4856 -53.71 75.57 -52.29
N ASN C 4857 -53.51 75.49 -50.99
CA ASN C 4857 -54.23 76.42 -50.12
C ASN C 4857 -53.62 77.81 -50.13
N PHE C 4858 -52.29 77.95 -50.21
CA PHE C 4858 -51.67 79.24 -49.93
C PHE C 4858 -50.90 79.89 -51.07
N PHE C 4859 -50.34 79.12 -52.01
CA PHE C 4859 -49.42 79.68 -53.01
C PHE C 4859 -49.93 79.51 -54.44
N ARG C 4860 -51.22 79.68 -54.70
CA ARG C 4860 -51.76 79.39 -56.02
C ARG C 4860 -51.17 80.32 -57.09
N LYS C 4861 -51.03 81.60 -56.77
CA LYS C 4861 -50.67 82.59 -57.78
C LYS C 4861 -49.33 82.31 -58.44
N PHE C 4862 -48.45 81.56 -57.79
CA PHE C 4862 -47.10 81.36 -58.30
C PHE C 4862 -47.01 80.27 -59.37
N TYR C 4863 -48.09 79.54 -59.62
CA TYR C 4863 -48.04 78.36 -60.48
C TYR C 4863 -48.51 78.64 -61.91
N ASN C 4864 -48.28 79.85 -62.41
CA ASN C 4864 -48.62 80.16 -63.80
C ASN C 4864 -47.42 79.85 -64.70
N LYS C 4865 -47.68 79.15 -65.80
CA LYS C 4865 -46.63 78.68 -66.67
C LYS C 4865 -46.71 79.23 -68.09
N SER C 4866 -47.74 80.00 -68.42
CA SER C 4866 -47.85 80.56 -69.76
C SER C 4866 -46.85 81.70 -69.94
N GLU C 4867 -46.43 81.90 -71.18
CA GLU C 4867 -45.50 82.96 -71.53
C GLU C 4867 -46.17 84.19 -72.10
N ASP C 4868 -47.50 84.26 -72.05
CA ASP C 4868 -48.24 85.40 -72.57
C ASP C 4868 -49.43 85.68 -71.67
N GLU C 4869 -49.88 86.93 -71.68
CA GLU C 4869 -51.00 87.34 -70.84
C GLU C 4869 -52.36 87.04 -71.46
N ASP C 4870 -52.39 86.53 -72.70
CA ASP C 4870 -53.65 86.27 -73.37
C ASP C 4870 -54.18 84.87 -73.09
N GLU C 4871 -53.31 83.90 -72.82
CA GLU C 4871 -53.68 82.51 -72.60
C GLU C 4871 -53.01 82.01 -71.32
N PRO C 4872 -53.43 82.49 -70.16
CA PRO C 4872 -52.83 82.01 -68.91
C PRO C 4872 -53.03 80.51 -68.73
N ASP C 4873 -52.02 79.86 -68.17
CA ASP C 4873 -52.06 78.43 -67.89
C ASP C 4873 -51.69 78.23 -66.43
N MET C 4874 -52.63 77.74 -65.64
CA MET C 4874 -52.45 77.58 -64.19
C MET C 4874 -52.44 76.10 -63.86
N LYS C 4875 -51.42 75.64 -63.12
CA LYS C 4875 -51.25 74.21 -62.79
C LYS C 4875 -51.82 73.90 -61.39
N CYS C 4876 -52.30 74.89 -60.64
CA CYS C 4876 -52.79 74.69 -59.24
C CYS C 4876 -54.24 75.16 -59.07
N ASP C 4877 -55.03 75.16 -60.14
CA ASP C 4877 -56.46 75.56 -60.08
C ASP C 4877 -57.29 74.36 -59.59
N ASP C 4878 -56.69 73.17 -59.46
CA ASP C 4878 -57.37 71.98 -59.00
C ASP C 4878 -56.37 71.11 -58.27
N MET C 4879 -56.85 70.28 -57.36
CA MET C 4879 -55.94 69.50 -56.52
C MET C 4879 -55.26 68.41 -57.31
N MET C 4880 -55.99 67.72 -58.18
CA MET C 4880 -55.39 66.62 -58.94
C MET C 4880 -54.28 67.12 -59.85
N THR C 4881 -54.55 68.25 -60.52
CA THR C 4881 -53.61 68.88 -61.48
C THR C 4881 -52.38 69.42 -60.75
N CYS C 4882 -52.56 70.03 -59.57
CA CYS C 4882 -51.42 70.53 -58.77
C CYS C 4882 -50.65 69.30 -58.26
N TYR C 4883 -51.31 68.21 -57.89
CA TYR C 4883 -50.63 67.00 -57.31
C TYR C 4883 -49.78 66.31 -58.38
N LEU C 4884 -50.30 66.08 -59.59
CA LEU C 4884 -49.54 65.51 -60.71
C LEU C 4884 -48.34 66.38 -61.05
N PHE C 4885 -48.53 67.71 -61.00
CA PHE C 4885 -47.41 68.61 -61.28
C PHE C 4885 -46.28 68.40 -60.28
N HIS C 4886 -46.62 68.30 -59.00
CA HIS C 4886 -45.59 68.10 -57.99
C HIS C 4886 -44.87 66.77 -58.18
N MET C 4887 -45.62 65.70 -58.50
CA MET C 4887 -44.99 64.39 -58.61
C MET C 4887 -44.15 64.27 -59.88
N TYR C 4888 -44.56 64.92 -60.96
CA TYR C 4888 -43.89 64.73 -62.24
C TYR C 4888 -42.75 65.72 -62.46
N VAL C 4889 -42.96 66.99 -62.10
CA VAL C 4889 -41.98 68.03 -62.40
C VAL C 4889 -41.20 68.39 -61.14
N GLY C 4890 -41.71 67.96 -59.98
CA GLY C 4890 -41.06 68.34 -58.73
C GLY C 4890 -39.89 67.46 -58.38
N VAL C 4891 -40.13 66.14 -58.26
CA VAL C 4891 -39.10 65.25 -57.78
C VAL C 4891 -37.94 65.11 -58.76
N ARG C 4892 -38.21 65.16 -60.06
CA ARG C 4892 -37.15 64.98 -61.04
C ARG C 4892 -36.26 66.20 -61.20
N ALA C 4893 -36.63 67.34 -60.64
CA ALA C 4893 -35.81 68.54 -60.76
C ALA C 4893 -34.58 68.44 -59.87
N GLY C 4894 -33.51 69.12 -60.28
CA GLY C 4894 -32.28 69.08 -59.52
C GLY C 4894 -32.38 69.77 -58.17
N GLY C 4895 -33.03 70.92 -58.13
CA GLY C 4895 -33.18 71.70 -56.91
C GLY C 4895 -34.54 71.63 -56.25
N GLY C 4896 -35.39 70.69 -56.63
CA GLY C 4896 -36.71 70.60 -56.05
C GLY C 4896 -37.73 71.44 -56.79
N ILE C 4897 -38.86 71.67 -56.11
CA ILE C 4897 -39.97 72.38 -56.74
C ILE C 4897 -39.62 73.83 -57.00
N GLY C 4898 -38.77 74.43 -56.17
CA GLY C 4898 -38.45 75.83 -56.31
C GLY C 4898 -37.79 76.19 -57.63
N ASP C 4899 -37.27 75.22 -58.37
CA ASP C 4899 -36.63 75.49 -59.65
C ASP C 4899 -37.63 75.75 -60.76
N GLU C 4900 -38.90 75.42 -60.57
CA GLU C 4900 -39.89 75.50 -61.63
C GLU C 4900 -41.07 76.41 -61.28
N ILE C 4901 -40.85 77.43 -60.45
CA ILE C 4901 -41.92 78.31 -60.00
C ILE C 4901 -41.43 79.74 -60.09
N GLU C 4902 -42.38 80.67 -60.09
CA GLU C 4902 -42.06 82.08 -60.19
C GLU C 4902 -41.23 82.54 -59.00
N ASP C 4903 -40.39 83.54 -59.23
CA ASP C 4903 -39.51 84.06 -58.20
C ASP C 4903 -40.33 84.79 -57.13
N PRO C 4904 -40.18 84.46 -55.84
CA PRO C 4904 -41.00 85.13 -54.82
C PRO C 4904 -40.46 86.46 -54.36
N ALA C 4905 -39.36 86.96 -54.92
CA ALA C 4905 -38.78 88.20 -54.46
C ALA C 4905 -39.78 89.34 -54.57
N GLY C 4906 -39.85 90.15 -53.51
CA GLY C 4906 -40.70 91.31 -53.49
C GLY C 4906 -42.11 91.08 -52.96
N ASP C 4907 -42.47 89.83 -52.66
CA ASP C 4907 -43.80 89.54 -52.15
C ASP C 4907 -43.80 89.49 -50.63
N GLU C 4908 -45.00 89.57 -50.05
CA GLU C 4908 -45.13 89.53 -48.60
C GLU C 4908 -44.89 88.14 -48.04
N TYR C 4909 -45.18 87.10 -48.82
CA TYR C 4909 -44.99 85.72 -48.38
C TYR C 4909 -43.63 85.16 -48.79
N GLU C 4910 -42.61 86.03 -48.91
CA GLU C 4910 -41.31 85.58 -49.38
C GLU C 4910 -40.71 84.54 -48.45
N LEU C 4911 -40.68 84.82 -47.15
CA LEU C 4911 -40.05 83.91 -46.21
C LEU C 4911 -40.74 82.55 -46.18
N TYR C 4912 -42.08 82.55 -46.23
CA TYR C 4912 -42.78 81.28 -46.29
C TYR C 4912 -42.39 80.51 -47.55
N ARG C 4913 -42.23 81.23 -48.65
CA ARG C 4913 -41.88 80.63 -49.97
C ARG C 4913 -40.46 80.04 -49.93
N VAL C 4914 -39.52 80.64 -49.18
CA VAL C 4914 -38.16 80.10 -49.10
C VAL C 4914 -38.13 78.91 -48.15
N VAL C 4915 -38.90 78.97 -47.06
CA VAL C 4915 -38.98 77.81 -46.18
C VAL C 4915 -39.59 76.63 -46.92
N PHE C 4916 -40.64 76.86 -47.68
CA PHE C 4916 -41.24 75.82 -48.50
C PHE C 4916 -40.20 75.16 -49.39
N ASP C 4917 -39.45 75.97 -50.13
CA ASP C 4917 -38.46 75.44 -51.06
C ASP C 4917 -37.39 74.63 -50.34
N ILE C 4918 -36.80 75.20 -49.29
CA ILE C 4918 -35.67 74.54 -48.64
C ILE C 4918 -36.11 73.24 -48.00
N THR C 4919 -37.27 73.24 -47.34
CA THR C 4919 -37.74 72.00 -46.73
C THR C 4919 -38.04 70.93 -47.78
N PHE C 4920 -38.65 71.32 -48.91
CA PHE C 4920 -38.84 70.34 -49.98
C PHE C 4920 -37.52 69.76 -50.40
N PHE C 4921 -36.52 70.62 -50.64
CA PHE C 4921 -35.22 70.14 -51.08
C PHE C 4921 -34.61 69.18 -50.08
N PHE C 4922 -34.68 69.52 -48.79
CA PHE C 4922 -34.05 68.67 -47.77
C PHE C 4922 -34.76 67.32 -47.66
N PHE C 4923 -36.08 67.33 -47.51
CA PHE C 4923 -36.77 66.10 -47.16
C PHE C 4923 -36.92 65.18 -48.38
N VAL C 4924 -37.13 65.73 -49.56
CA VAL C 4924 -37.40 64.89 -50.72
C VAL C 4924 -36.10 64.54 -51.42
N ILE C 4925 -35.37 65.55 -51.88
CA ILE C 4925 -34.23 65.31 -52.76
C ILE C 4925 -33.08 64.67 -52.00
N VAL C 4926 -32.76 65.18 -50.80
CA VAL C 4926 -31.54 64.78 -50.13
C VAL C 4926 -31.73 63.49 -49.34
N ILE C 4927 -32.74 63.46 -48.47
CA ILE C 4927 -32.83 62.39 -47.49
C ILE C 4927 -33.40 61.11 -48.12
N LEU C 4928 -34.54 61.23 -48.81
CA LEU C 4928 -35.21 60.02 -49.27
C LEU C 4928 -34.36 59.27 -50.30
N LEU C 4929 -33.70 59.98 -51.21
CA LEU C 4929 -32.79 59.30 -52.13
C LEU C 4929 -31.63 58.65 -51.38
N ALA C 4930 -31.17 59.30 -50.31
CA ALA C 4930 -30.13 58.68 -49.49
C ALA C 4930 -30.61 57.39 -48.89
N ILE C 4931 -31.86 57.34 -48.43
CA ILE C 4931 -32.42 56.10 -47.89
C ILE C 4931 -32.46 55.03 -48.98
N ILE C 4932 -32.92 55.40 -50.17
CA ILE C 4932 -33.03 54.43 -51.25
C ILE C 4932 -31.66 53.85 -51.60
N GLN C 4933 -30.63 54.70 -51.57
CA GLN C 4933 -29.30 54.21 -51.93
C GLN C 4933 -28.68 53.39 -50.80
N GLY C 4934 -28.96 53.76 -49.54
CA GLY C 4934 -28.47 52.97 -48.43
C GLY C 4934 -29.06 51.58 -48.41
N LEU C 4935 -30.35 51.48 -48.73
CA LEU C 4935 -30.99 50.15 -48.74
C LEU C 4935 -30.33 49.23 -49.76
N ILE C 4936 -29.72 49.79 -50.80
CA ILE C 4936 -29.01 48.95 -51.77
C ILE C 4936 -27.59 48.67 -51.30
N ILE C 4937 -26.90 49.69 -50.81
CA ILE C 4937 -25.52 49.50 -50.38
C ILE C 4937 -25.41 48.51 -49.23
N ASP C 4938 -26.49 48.38 -48.46
CA ASP C 4938 -26.55 47.49 -47.28
C ASP C 4938 -26.61 46.02 -47.71
N ALA C 4939 -27.12 45.71 -48.91
CA ALA C 4939 -27.30 44.33 -49.35
C ALA C 4939 -25.97 43.65 -49.67
N PHE C 4940 -25.05 44.38 -50.30
CA PHE C 4940 -23.75 43.81 -50.61
C PHE C 4940 -23.04 43.33 -49.35
N GLY C 4941 -22.98 44.19 -48.34
CA GLY C 4941 -22.34 43.80 -47.10
C GLY C 4941 -23.02 42.62 -46.44
N GLU C 4942 -24.35 42.63 -46.42
CA GLU C 4942 -25.07 41.53 -45.79
C GLU C 4942 -24.77 40.20 -46.47
N LEU C 4943 -24.82 40.18 -47.80
CA LEU C 4943 -24.58 38.94 -48.53
C LEU C 4943 -23.14 38.45 -48.35
N ARG C 4944 -22.18 39.39 -48.40
CA ARG C 4944 -20.79 38.98 -48.19
C ARG C 4944 -20.60 38.39 -46.79
N ASP C 4945 -21.24 39.00 -45.79
CA ASP C 4945 -21.14 38.47 -44.44
C ASP C 4945 -21.71 37.06 -44.36
N GLN C 4946 -22.86 36.83 -45.00
CA GLN C 4946 -23.43 35.49 -45.01
C GLN C 4946 -22.45 34.48 -45.60
N GLN C 4947 -21.87 34.82 -46.75
CA GLN C 4947 -20.95 33.89 -47.41
C GLN C 4947 -19.75 33.58 -46.52
N GLU C 4948 -19.15 34.62 -45.95
CA GLU C 4948 -17.98 34.41 -45.11
C GLU C 4948 -18.32 33.57 -43.88
N GLN C 4949 -19.47 33.82 -43.28
CA GLN C 4949 -19.87 33.04 -42.11
C GLN C 4949 -20.03 31.58 -42.48
N VAL C 4950 -20.64 31.29 -43.62
CA VAL C 4950 -20.79 29.89 -44.04
C VAL C 4950 -19.42 29.24 -44.21
N LYS C 4951 -18.49 29.95 -44.88
CA LYS C 4951 -17.16 29.39 -45.08
C LYS C 4951 -16.50 29.07 -43.75
N GLU C 4952 -16.51 30.03 -42.82
CA GLU C 4952 -15.85 29.82 -41.54
C GLU C 4952 -16.47 28.66 -40.78
N ASP C 4953 -17.81 28.58 -40.82
CA ASP C 4953 -18.56 27.53 -40.07
C ASP C 4953 -18.16 26.17 -40.62
N MET C 4954 -18.12 26.03 -41.94
CA MET C 4954 -17.72 24.75 -42.54
C MET C 4954 -16.25 24.44 -42.31
N GLU C 4955 -15.43 25.46 -42.08
CA GLU C 4955 -14.00 25.25 -41.90
C GLU C 4955 -13.59 25.06 -40.44
N THR C 4956 -14.49 25.26 -39.49
CA THR C 4956 -14.08 25.22 -38.09
C THR C 4956 -14.54 23.99 -37.33
N LYS C 4957 -15.65 23.36 -37.72
CA LYS C 4957 -16.20 22.23 -36.99
C LYS C 4957 -16.65 21.14 -37.96
N CYS C 4958 -16.73 19.92 -37.46
CA CYS C 4958 -17.20 18.81 -38.27
C CYS C 4958 -18.72 18.91 -38.46
N PHE C 4959 -19.17 18.62 -39.67
CA PHE C 4959 -20.59 18.74 -39.97
C PHE C 4959 -21.40 17.68 -39.23
N ILE C 4960 -20.84 16.49 -39.06
CA ILE C 4960 -21.62 15.38 -38.52
C ILE C 4960 -21.64 15.40 -37.00
N CYS C 4961 -20.47 15.29 -36.37
CA CYS C 4961 -20.41 15.15 -34.92
C CYS C 4961 -20.33 16.49 -34.19
N GLY C 4962 -19.78 17.53 -34.82
CA GLY C 4962 -19.73 18.84 -34.21
C GLY C 4962 -18.53 19.10 -33.33
N ILE C 4963 -17.55 18.21 -33.30
CA ILE C 4963 -16.36 18.44 -32.50
C ILE C 4963 -15.52 19.53 -33.15
N GLY C 4964 -14.86 20.34 -32.32
CA GLY C 4964 -14.03 21.41 -32.84
C GLY C 4964 -12.76 20.90 -33.49
N SER C 4965 -12.24 21.68 -34.44
CA SER C 4965 -11.04 21.25 -35.15
C SER C 4965 -9.82 21.28 -34.24
N ASP C 4966 -9.83 22.13 -33.21
CA ASP C 4966 -8.69 22.20 -32.30
C ASP C 4966 -8.41 20.87 -31.63
N TYR C 4967 -9.45 20.10 -31.31
CA TYR C 4967 -9.24 18.79 -30.70
C TYR C 4967 -8.48 17.86 -31.64
N PHE C 4968 -8.90 17.80 -32.90
CA PHE C 4968 -8.26 16.89 -33.83
C PHE C 4968 -6.86 17.36 -34.22
N ASP C 4969 -6.61 18.67 -34.15
CA ASP C 4969 -5.34 19.19 -34.61
C ASP C 4969 -4.19 18.82 -33.68
N THR C 4970 -4.50 18.20 -32.54
CA THR C 4970 -3.44 17.71 -31.67
C THR C 4970 -2.51 16.74 -32.39
N THR C 4971 -3.00 16.07 -33.43
CA THR C 4971 -2.20 15.23 -34.29
C THR C 4971 -1.99 15.93 -35.63
N PRO C 4972 -0.82 15.80 -36.25
CA PRO C 4972 -0.59 16.50 -37.52
C PRO C 4972 -1.67 16.19 -38.55
N HIS C 4973 -2.34 17.23 -39.01
CA HIS C 4973 -3.38 17.12 -40.03
C HIS C 4973 -4.54 16.23 -39.58
N GLY C 4974 -4.88 16.30 -38.29
CA GLY C 4974 -5.97 15.47 -37.80
C GLY C 4974 -7.29 15.84 -38.43
N PHE C 4975 -7.58 17.13 -38.55
CA PHE C 4975 -8.88 17.56 -39.05
C PHE C 4975 -9.10 17.13 -40.49
N GLU C 4976 -8.07 17.23 -41.33
CA GLU C 4976 -8.21 16.83 -42.72
C GLU C 4976 -8.57 15.37 -42.82
N THR C 4977 -7.85 14.52 -42.09
CA THR C 4977 -8.14 13.09 -42.12
C THR C 4977 -9.54 12.81 -41.59
N HIS C 4978 -9.93 13.48 -40.50
CA HIS C 4978 -11.25 13.25 -39.95
C HIS C 4978 -12.33 13.58 -40.99
N THR C 4979 -12.20 14.72 -41.64
CA THR C 4979 -13.24 15.14 -42.59
C THR C 4979 -13.16 14.41 -43.92
N LEU C 4980 -12.04 13.74 -44.21
CA LEU C 4980 -11.90 13.08 -45.50
C LEU C 4980 -12.21 11.58 -45.44
N GLU C 4981 -11.88 10.91 -44.33
CA GLU C 4981 -12.02 9.47 -44.28
C GLU C 4981 -12.58 8.92 -42.98
N GLU C 4982 -13.14 9.76 -42.10
CA GLU C 4982 -13.82 9.29 -40.90
C GLU C 4982 -15.28 9.72 -40.88
N HIS C 4983 -15.56 10.98 -41.13
CA HIS C 4983 -16.91 11.52 -41.15
C HIS C 4983 -17.24 12.16 -42.49
N ASN C 4984 -16.78 11.53 -43.57
CA ASN C 4984 -17.05 12.06 -44.90
C ASN C 4984 -18.53 12.00 -45.19
N LEU C 4985 -19.02 12.96 -45.98
CA LEU C 4985 -20.46 13.02 -46.27
C LEU C 4985 -20.84 12.06 -47.38
N ALA C 4986 -20.07 12.05 -48.48
CA ALA C 4986 -20.42 11.19 -49.60
C ALA C 4986 -20.54 9.74 -49.19
N ASN C 4987 -19.77 9.31 -48.21
CA ASN C 4987 -19.79 7.92 -47.79
C ASN C 4987 -21.16 7.52 -47.25
N TYR C 4988 -21.85 8.43 -46.57
CA TYR C 4988 -23.17 8.10 -46.04
C TYR C 4988 -24.17 7.91 -47.18
N MET C 4989 -24.12 8.74 -48.21
CA MET C 4989 -25.00 8.55 -49.35
C MET C 4989 -24.68 7.21 -50.03
N PHE C 4990 -23.40 6.91 -50.19
CA PHE C 4990 -23.03 5.63 -50.81
C PHE C 4990 -23.54 4.46 -49.99
N PHE C 4991 -23.43 4.56 -48.66
CA PHE C 4991 -23.95 3.49 -47.80
C PHE C 4991 -25.45 3.35 -47.96
N LEU C 4992 -26.17 4.47 -48.05
CA LEU C 4992 -27.61 4.40 -48.22
C LEU C 4992 -27.97 3.68 -49.53
N MET C 4993 -27.27 4.03 -50.61
CA MET C 4993 -27.51 3.35 -51.88
C MET C 4993 -27.21 1.87 -51.76
N TYR C 4994 -26.09 1.54 -51.13
CA TYR C 4994 -25.69 0.14 -51.00
C TYR C 4994 -26.74 -0.64 -50.21
N LEU C 4995 -27.27 -0.05 -49.14
CA LEU C 4995 -28.33 -0.70 -48.38
C LEU C 4995 -29.56 -0.91 -49.23
N ILE C 4996 -30.01 0.14 -49.92
CA ILE C 4996 -31.25 0.04 -50.68
C ILE C 4996 -31.13 -1.03 -51.76
N ASN C 4997 -29.98 -1.11 -52.42
CA ASN C 4997 -29.84 -2.07 -53.52
C ASN C 4997 -30.00 -3.50 -53.04
N LYS C 4998 -29.10 -3.97 -52.19
CA LYS C 4998 -29.06 -5.39 -51.85
C LYS C 4998 -30.30 -5.81 -51.08
N ASP C 4999 -30.67 -7.08 -51.24
CA ASP C 4999 -31.87 -7.62 -50.63
C ASP C 4999 -31.68 -7.84 -49.13
N GLU C 5000 -32.80 -7.82 -48.41
CA GLU C 5000 -32.75 -7.96 -46.96
C GLU C 5000 -32.15 -9.29 -46.53
N THR C 5001 -32.34 -10.33 -47.32
CA THR C 5001 -31.92 -11.67 -46.90
C THR C 5001 -30.42 -11.76 -46.67
N GLU C 5002 -29.63 -10.83 -47.20
CA GLU C 5002 -28.19 -10.85 -47.02
C GLU C 5002 -27.70 -9.82 -46.03
N HIS C 5003 -28.58 -8.97 -45.50
CA HIS C 5003 -28.15 -7.96 -44.54
C HIS C 5003 -27.48 -8.62 -43.34
N THR C 5004 -26.38 -8.03 -42.88
CA THR C 5004 -25.75 -8.50 -41.66
C THR C 5004 -26.42 -7.86 -40.45
N GLY C 5005 -25.84 -8.08 -39.27
CA GLY C 5005 -26.44 -7.53 -38.07
C GLY C 5005 -26.49 -6.01 -38.09
N GLN C 5006 -25.36 -5.37 -38.42
CA GLN C 5006 -25.30 -3.91 -38.42
C GLN C 5006 -26.14 -3.33 -39.54
N GLU C 5007 -26.07 -3.92 -40.73
CA GLU C 5007 -26.88 -3.43 -41.84
C GLU C 5007 -28.36 -3.52 -41.50
N SER C 5008 -28.79 -4.65 -40.93
CA SER C 5008 -30.19 -4.79 -40.56
C SER C 5008 -30.59 -3.81 -39.48
N TYR C 5009 -29.72 -3.59 -38.50
CA TYR C 5009 -30.00 -2.58 -37.47
C TYR C 5009 -30.23 -1.22 -38.09
N VAL C 5010 -29.32 -0.79 -38.95
CA VAL C 5010 -29.45 0.52 -39.59
C VAL C 5010 -30.69 0.57 -40.45
N TRP C 5011 -30.98 -0.50 -41.18
CA TRP C 5011 -32.15 -0.53 -42.04
C TRP C 5011 -33.43 -0.36 -41.23
N LYS C 5012 -33.55 -1.08 -40.12
CA LYS C 5012 -34.74 -0.96 -39.30
C LYS C 5012 -34.85 0.45 -38.72
N MET C 5013 -33.73 1.03 -38.27
CA MET C 5013 -33.80 2.38 -37.72
C MET C 5013 -34.21 3.38 -38.78
N TYR C 5014 -33.75 3.20 -40.01
CA TYR C 5014 -34.12 4.11 -41.09
C TYR C 5014 -35.57 3.94 -41.49
N GLN C 5015 -36.09 2.72 -41.42
CA GLN C 5015 -37.49 2.49 -41.75
C GLN C 5015 -38.41 3.28 -40.83
N GLU C 5016 -38.15 3.22 -39.52
CA GLU C 5016 -38.95 3.96 -38.56
C GLU C 5016 -38.64 5.44 -38.54
N ARG C 5017 -37.60 5.88 -39.24
CA ARG C 5017 -37.24 7.29 -39.30
C ARG C 5017 -36.76 7.81 -37.95
N CYS C 5018 -35.81 7.09 -37.36
CA CYS C 5018 -35.14 7.51 -36.14
C CYS C 5018 -33.66 7.72 -36.45
N TRP C 5019 -33.15 8.91 -36.16
CA TRP C 5019 -31.80 9.30 -36.55
C TRP C 5019 -30.81 9.19 -35.39
N ASP C 5020 -30.96 8.20 -34.53
CA ASP C 5020 -30.08 8.07 -33.37
C ASP C 5020 -28.75 7.39 -33.71
N PHE C 5021 -28.62 6.78 -34.88
CA PHE C 5021 -27.40 6.08 -35.21
C PHE C 5021 -26.31 7.02 -35.72
N PHE C 5022 -26.64 8.25 -36.04
CA PHE C 5022 -25.61 9.22 -36.41
C PHE C 5022 -24.82 9.61 -35.17
N PRO C 5023 -23.48 9.55 -35.19
CA PRO C 5023 -22.72 10.00 -34.03
C PRO C 5023 -22.96 11.48 -33.77
N ALA C 5024 -22.98 11.84 -32.49
CA ALA C 5024 -23.23 13.22 -32.10
C ALA C 5024 -22.52 13.49 -30.78
N GLY C 5025 -21.47 14.30 -30.82
CA GLY C 5025 -20.69 14.56 -29.63
C GLY C 5025 -19.74 13.45 -29.25
N ASP C 5026 -19.48 12.51 -30.16
CA ASP C 5026 -18.56 11.42 -29.88
C ASP C 5026 -18.01 10.90 -31.19
N CYS C 5027 -16.89 10.18 -31.11
CA CYS C 5027 -16.27 9.63 -32.30
C CYS C 5027 -15.38 8.47 -31.90
N PHE C 5028 -14.98 7.69 -32.89
CA PHE C 5028 -14.15 6.52 -32.65
C PHE C 5028 -12.83 6.91 -32.00
N ARG C 5029 -12.19 7.96 -32.49
CA ARG C 5029 -10.91 8.37 -31.95
C ARG C 5029 -11.03 8.79 -30.48
N LYS C 5030 -12.07 9.54 -30.15
CA LYS C 5030 -12.26 9.98 -28.76
C LYS C 5030 -12.55 8.80 -27.85
N GLN C 5031 -13.30 7.81 -28.34
CA GLN C 5031 -13.72 6.69 -27.50
C GLN C 5031 -12.52 5.91 -26.98
N TYR C 5032 -11.58 5.56 -27.85
CA TYR C 5032 -10.47 4.68 -27.51
C TYR C 5032 -9.16 5.41 -27.36
N GLU C 5033 -9.19 6.71 -27.06
CA GLU C 5033 -7.94 7.46 -26.93
C GLU C 5033 -7.07 6.90 -25.83
N ASP C 5034 -7.66 6.21 -24.85
CA ASP C 5034 -6.86 5.61 -23.79
C ASP C 5034 -5.94 4.52 -24.33
N GLN C 5035 -6.44 3.71 -25.25
CA GLN C 5035 -5.69 2.59 -25.81
C GLN C 5035 -4.97 2.96 -27.10
N LEU C 5036 -4.60 4.23 -27.25
CA LEU C 5036 -3.90 4.68 -28.45
C LEU C 5036 -2.86 5.74 -28.09
N GLY D 5 -65.51 -111.54 -29.93
CA GLY D 5 -65.98 -110.99 -28.65
C GLY D 5 -66.76 -109.71 -28.82
N VAL D 6 -67.85 -109.76 -29.58
CA VAL D 6 -68.70 -108.56 -29.83
C VAL D 6 -70.15 -108.95 -29.59
N GLU D 7 -70.88 -108.12 -28.86
CA GLU D 7 -72.31 -108.36 -28.58
C GLU D 7 -73.14 -107.59 -29.61
N ILE D 8 -74.14 -108.26 -30.18
CA ILE D 8 -75.00 -107.64 -31.21
C ILE D 8 -76.45 -107.82 -30.78
N GLU D 9 -77.23 -106.74 -30.86
CA GLU D 9 -78.67 -106.80 -30.53
C GLU D 9 -79.45 -106.20 -31.68
N THR D 10 -80.60 -106.79 -32.00
CA THR D 10 -81.41 -106.33 -33.14
C THR D 10 -82.42 -105.27 -32.68
N ILE D 11 -82.64 -104.29 -33.54
CA ILE D 11 -83.64 -103.21 -33.26
C ILE D 11 -84.78 -103.30 -34.27
N SER D 12 -84.46 -103.43 -35.54
CA SER D 12 -85.48 -103.58 -36.61
C SER D 12 -85.05 -104.74 -37.52
N PRO D 13 -86.01 -105.48 -38.11
CA PRO D 13 -85.65 -106.57 -38.99
C PRO D 13 -85.17 -106.09 -40.36
N GLY D 14 -84.40 -106.94 -41.02
CA GLY D 14 -83.93 -106.65 -42.39
C GLY D 14 -84.52 -107.63 -43.38
N ASP D 15 -83.99 -107.65 -44.60
CA ASP D 15 -84.47 -108.57 -45.65
C ASP D 15 -84.20 -110.02 -45.20
N GLY D 16 -83.08 -110.26 -44.51
CA GLY D 16 -82.69 -111.60 -44.06
C GLY D 16 -82.11 -112.50 -45.14
N ARG D 17 -81.88 -112.00 -46.35
CA ARG D 17 -81.35 -112.83 -47.45
C ARG D 17 -80.07 -112.28 -48.06
N THR D 18 -79.83 -110.97 -47.96
CA THR D 18 -78.63 -110.33 -48.54
C THR D 18 -77.65 -110.02 -47.43
N PHE D 19 -76.41 -110.45 -47.60
CA PHE D 19 -75.36 -110.23 -46.58
C PHE D 19 -74.11 -109.70 -47.28
N PRO D 20 -73.24 -108.96 -46.56
CA PRO D 20 -72.02 -108.47 -47.17
C PRO D 20 -71.15 -109.61 -47.70
N LYS D 21 -70.54 -109.37 -48.87
CA LYS D 21 -69.67 -110.38 -49.51
C LYS D 21 -68.34 -109.73 -49.85
N LYS D 22 -67.32 -110.57 -50.03
CA LYS D 22 -65.97 -110.05 -50.33
C LYS D 22 -66.01 -109.20 -51.59
N GLY D 23 -65.32 -108.07 -51.56
CA GLY D 23 -65.25 -107.17 -52.73
C GLY D 23 -66.40 -106.19 -52.82
N GLN D 24 -67.19 -106.05 -51.78
CA GLN D 24 -68.32 -105.10 -51.77
C GLN D 24 -68.02 -103.93 -50.83
N THR D 25 -68.78 -102.86 -50.99
CA THR D 25 -68.65 -101.64 -50.16
C THR D 25 -69.95 -101.44 -49.41
N CYS D 26 -69.85 -101.20 -48.10
CA CYS D 26 -71.04 -101.03 -47.25
C CYS D 26 -71.29 -99.54 -47.03
N VAL D 27 -72.55 -99.14 -47.18
CA VAL D 27 -72.97 -97.74 -46.93
C VAL D 27 -73.90 -97.76 -45.73
N VAL D 28 -73.50 -97.08 -44.66
CA VAL D 28 -74.27 -97.14 -43.39
C VAL D 28 -74.44 -95.77 -42.76
N HIS D 29 -75.46 -95.64 -41.93
CA HIS D 29 -75.64 -94.44 -41.09
C HIS D 29 -75.48 -94.91 -39.66
N TYR D 30 -74.57 -94.30 -38.91
CA TYR D 30 -74.24 -94.77 -37.56
C TYR D 30 -74.20 -93.62 -36.56
N THR D 31 -74.41 -93.97 -35.30
CA THR D 31 -74.29 -92.99 -34.19
C THR D 31 -73.49 -93.68 -33.09
N GLY D 32 -72.45 -93.01 -32.62
CA GLY D 32 -71.55 -93.57 -31.60
C GLY D 32 -71.67 -92.84 -30.29
N MET D 33 -71.46 -93.57 -29.20
CA MET D 33 -71.52 -92.97 -27.86
C MET D 33 -70.72 -93.83 -26.88
N LEU D 34 -70.35 -93.24 -25.76
CA LEU D 34 -69.57 -93.97 -24.74
C LEU D 34 -70.51 -94.83 -23.90
N GLN D 35 -69.93 -95.63 -23.01
CA GLN D 35 -70.72 -96.54 -22.16
C GLN D 35 -71.59 -95.76 -21.18
N ASN D 36 -71.28 -94.48 -20.93
CA ASN D 36 -72.02 -93.62 -19.96
C ASN D 36 -73.08 -92.78 -20.68
N GLY D 37 -73.32 -93.03 -21.98
CA GLY D 37 -74.36 -92.31 -22.74
C GLY D 37 -73.90 -90.98 -23.28
N LYS D 38 -72.60 -90.70 -23.25
CA LYS D 38 -72.06 -89.43 -23.79
C LYS D 38 -71.77 -89.62 -25.28
N LYS D 39 -72.58 -88.99 -26.12
CA LYS D 39 -72.38 -89.10 -27.58
C LYS D 39 -71.06 -88.44 -27.98
N PHE D 40 -70.36 -89.03 -28.94
CA PHE D 40 -69.08 -88.47 -29.43
C PHE D 40 -68.99 -88.43 -30.95
N ASP D 41 -69.89 -89.10 -31.66
CA ASP D 41 -69.85 -89.09 -33.14
C ASP D 41 -71.21 -89.48 -33.69
N SER D 42 -71.57 -88.93 -34.84
CA SER D 42 -72.83 -89.26 -35.51
C SER D 42 -72.73 -88.82 -36.96
N SER D 43 -72.91 -89.74 -37.90
CA SER D 43 -72.84 -89.43 -39.34
C SER D 43 -74.08 -88.65 -39.78
N ARG D 44 -75.17 -88.73 -39.04
CA ARG D 44 -76.42 -88.06 -39.44
C ARG D 44 -76.31 -86.55 -39.25
N ASP D 45 -75.44 -86.09 -38.36
CA ASP D 45 -75.23 -84.63 -38.20
C ASP D 45 -74.69 -84.03 -39.48
N ARG D 46 -73.75 -84.73 -40.12
CA ARG D 46 -73.17 -84.24 -41.39
C ARG D 46 -74.10 -84.53 -42.58
N ASN D 47 -75.14 -85.33 -42.37
CA ASN D 47 -76.11 -85.64 -43.45
C ASN D 47 -75.38 -86.29 -44.63
N LYS D 48 -74.45 -87.18 -44.34
CA LYS D 48 -73.68 -87.85 -45.39
C LYS D 48 -73.37 -89.28 -44.96
N PRO D 49 -73.86 -90.32 -45.67
CA PRO D 49 -73.57 -91.68 -45.26
C PRO D 49 -72.08 -92.01 -45.37
N PHE D 50 -71.63 -92.94 -44.52
CA PHE D 50 -70.21 -93.34 -44.48
C PHE D 50 -70.02 -94.61 -45.29
N LYS D 51 -68.99 -94.61 -46.14
CA LYS D 51 -68.68 -95.77 -47.00
C LYS D 51 -67.35 -96.39 -46.58
N PHE D 52 -67.31 -97.71 -46.49
CA PHE D 52 -66.06 -98.43 -46.17
C PHE D 52 -66.08 -99.77 -46.87
N ARG D 53 -64.90 -100.36 -47.04
CA ARG D 53 -64.74 -101.62 -47.76
C ARG D 53 -64.12 -102.67 -46.85
N ILE D 54 -64.60 -103.89 -46.97
CA ILE D 54 -64.18 -104.97 -46.05
C ILE D 54 -62.80 -105.50 -46.43
N GLY D 55 -62.00 -105.85 -45.43
CA GLY D 55 -60.70 -106.52 -45.67
C GLY D 55 -59.54 -105.57 -45.86
N LYS D 56 -59.77 -104.27 -45.98
CA LYS D 56 -58.68 -103.31 -46.27
C LYS D 56 -58.29 -102.56 -45.01
N GLN D 57 -58.83 -102.94 -43.86
CA GLN D 57 -58.46 -102.33 -42.55
C GLN D 57 -58.67 -100.81 -42.64
N GLU D 58 -59.91 -100.39 -42.86
CA GLU D 58 -60.23 -98.95 -42.93
C GLU D 58 -60.92 -98.50 -41.65
N VAL D 59 -61.48 -99.42 -40.88
CA VAL D 59 -62.19 -99.09 -39.62
C VAL D 59 -61.76 -100.07 -38.54
N ILE D 60 -62.15 -99.78 -37.31
CA ILE D 60 -61.80 -100.66 -36.18
C ILE D 60 -62.40 -102.05 -36.41
N LYS D 61 -61.82 -103.04 -35.74
CA LYS D 61 -62.27 -104.45 -35.94
C LYS D 61 -63.72 -104.59 -35.46
N GLY D 62 -64.07 -103.98 -34.35
CA GLY D 62 -65.44 -104.13 -33.82
C GLY D 62 -66.48 -103.77 -34.86
N PHE D 63 -66.28 -102.64 -35.53
CA PHE D 63 -67.26 -102.17 -36.53
C PHE D 63 -67.37 -103.17 -37.67
N GLU D 64 -66.24 -103.67 -38.17
CA GLU D 64 -66.26 -104.58 -39.33
C GLU D 64 -66.96 -105.89 -38.95
N GLU D 65 -66.62 -106.46 -37.82
CA GLU D 65 -67.24 -107.73 -37.39
C GLU D 65 -68.73 -107.51 -37.13
N GLY D 66 -69.11 -106.37 -36.55
CA GLY D 66 -70.52 -106.09 -36.32
C GLY D 66 -71.28 -105.97 -37.63
N ALA D 67 -70.71 -105.30 -38.62
CA ALA D 67 -71.39 -105.08 -39.91
C ALA D 67 -71.46 -106.38 -40.70
N ALA D 68 -70.45 -107.25 -40.58
CA ALA D 68 -70.42 -108.49 -41.39
C ALA D 68 -71.60 -109.39 -41.06
N GLN D 69 -72.21 -109.25 -39.88
CA GLN D 69 -73.31 -110.14 -39.45
C GLN D 69 -74.67 -109.49 -39.68
N MET D 70 -74.74 -108.36 -40.38
CA MET D 70 -76.01 -107.64 -40.56
C MET D 70 -76.54 -107.84 -41.98
N SER D 71 -77.87 -107.93 -42.09
CA SER D 71 -78.54 -108.04 -43.40
C SER D 71 -78.88 -106.65 -43.92
N LEU D 72 -79.16 -106.57 -45.22
CA LEU D 72 -79.50 -105.28 -45.84
C LEU D 72 -80.77 -104.72 -45.21
N GLY D 73 -80.73 -103.44 -44.85
CA GLY D 73 -81.89 -102.77 -44.27
C GLY D 73 -82.07 -103.03 -42.78
N GLN D 74 -81.15 -103.74 -42.15
CA GLN D 74 -81.30 -104.08 -40.72
C GLN D 74 -80.74 -102.97 -39.84
N ARG D 75 -81.40 -102.72 -38.72
CA ARG D 75 -80.93 -101.74 -37.72
C ARG D 75 -80.59 -102.51 -36.45
N ALA D 76 -79.37 -102.36 -35.96
CA ALA D 76 -78.91 -103.12 -34.78
C ALA D 76 -77.94 -102.28 -33.96
N LYS D 77 -77.66 -102.77 -32.75
CA LYS D 77 -76.73 -102.08 -31.84
C LYS D 77 -75.51 -102.96 -31.63
N LEU D 78 -74.34 -102.34 -31.55
CA LEU D 78 -73.07 -103.07 -31.39
C LEU D 78 -72.34 -102.58 -30.15
N THR D 79 -71.64 -103.49 -29.50
CA THR D 79 -70.81 -103.16 -28.31
C THR D 79 -69.41 -103.68 -28.56
N CYS D 80 -68.41 -102.83 -28.37
CA CYS D 80 -67.00 -103.19 -28.62
C CYS D 80 -66.20 -103.01 -27.34
N THR D 81 -65.38 -104.00 -27.01
CA THR D 81 -64.52 -103.93 -25.82
C THR D 81 -63.30 -103.06 -26.10
N PRO D 82 -62.62 -102.55 -25.05
CA PRO D 82 -61.49 -101.66 -25.27
C PRO D 82 -60.39 -102.32 -26.12
N ASP D 83 -60.15 -103.61 -25.93
CA ASP D 83 -59.06 -104.31 -26.64
C ASP D 83 -59.36 -104.44 -28.14
N VAL D 84 -60.59 -104.19 -28.57
CA VAL D 84 -60.97 -104.39 -30.00
C VAL D 84 -61.15 -103.06 -30.72
N ALA D 85 -61.26 -101.94 -30.01
CA ALA D 85 -61.52 -100.63 -30.65
C ALA D 85 -60.27 -99.74 -30.63
N TYR D 86 -59.78 -99.36 -29.45
CA TYR D 86 -58.63 -98.43 -29.37
C TYR D 86 -57.59 -98.84 -28.33
N GLY D 87 -57.90 -99.76 -27.42
CA GLY D 87 -56.90 -100.22 -26.46
C GLY D 87 -56.61 -99.18 -25.40
N ALA D 88 -55.37 -99.14 -24.92
CA ALA D 88 -55.00 -98.27 -23.78
C ALA D 88 -54.53 -96.88 -24.25
N THR D 89 -54.58 -96.59 -25.54
CA THR D 89 -54.15 -95.27 -26.07
C THR D 89 -55.36 -94.37 -26.31
N GLY D 90 -56.38 -94.88 -27.00
CA GLY D 90 -57.57 -94.08 -27.30
C GLY D 90 -57.33 -93.05 -28.36
N HIS D 91 -58.32 -92.20 -28.59
CA HIS D 91 -58.22 -91.10 -29.56
C HIS D 91 -57.97 -89.80 -28.81
N PRO D 92 -56.79 -89.18 -28.92
CA PRO D 92 -56.50 -87.97 -28.13
C PRO D 92 -57.58 -86.90 -28.26
N GLY D 93 -58.17 -86.50 -27.14
CA GLY D 93 -59.16 -85.41 -27.14
C GLY D 93 -60.57 -85.85 -27.46
N VAL D 94 -60.80 -87.13 -27.72
CA VAL D 94 -62.15 -87.63 -28.10
C VAL D 94 -62.52 -88.79 -27.20
N ILE D 95 -61.70 -89.83 -27.18
CA ILE D 95 -62.00 -91.07 -26.40
C ILE D 95 -60.90 -91.25 -25.37
N PRO D 96 -61.23 -91.48 -24.08
CA PRO D 96 -60.20 -91.72 -23.09
C PRO D 96 -59.66 -93.14 -23.17
N PRO D 97 -58.54 -93.44 -22.49
CA PRO D 97 -58.00 -94.79 -22.52
C PRO D 97 -58.95 -95.82 -21.92
N ASN D 98 -58.89 -97.04 -22.44
CA ASN D 98 -59.70 -98.16 -21.89
C ASN D 98 -61.17 -97.77 -21.84
N ALA D 99 -61.76 -97.51 -23.00
CA ALA D 99 -63.17 -97.10 -23.09
C ALA D 99 -63.96 -98.14 -23.89
N THR D 100 -65.18 -98.43 -23.44
CA THR D 100 -66.08 -99.35 -24.17
C THR D 100 -67.00 -98.53 -25.06
N LEU D 101 -67.13 -98.92 -26.32
CA LEU D 101 -67.91 -98.13 -27.30
C LEU D 101 -69.21 -98.83 -27.63
N ILE D 102 -70.26 -98.04 -27.84
CA ILE D 102 -71.59 -98.56 -28.23
C ILE D 102 -72.01 -97.84 -29.50
N PHE D 103 -72.48 -98.59 -30.48
CA PHE D 103 -72.84 -98.02 -31.79
C PHE D 103 -74.28 -98.35 -32.16
N ASP D 104 -74.91 -97.46 -32.92
CA ASP D 104 -76.27 -97.66 -33.44
C ASP D 104 -76.13 -97.65 -34.95
N VAL D 105 -75.98 -98.82 -35.56
CA VAL D 105 -75.67 -98.92 -37.01
C VAL D 105 -76.89 -99.37 -37.79
N GLU D 106 -77.12 -98.74 -38.93
CA GLU D 106 -78.19 -99.16 -39.86
C GLU D 106 -77.57 -99.32 -41.23
N LEU D 107 -77.83 -100.44 -41.89
CA LEU D 107 -77.27 -100.73 -43.22
C LEU D 107 -78.25 -100.24 -44.28
N LEU D 108 -77.79 -99.34 -45.14
CA LEU D 108 -78.68 -98.72 -46.16
C LEU D 108 -78.59 -99.47 -47.48
N ASN D 109 -77.39 -99.55 -48.06
CA ASN D 109 -77.23 -100.15 -49.40
C ASN D 109 -75.92 -100.91 -49.47
N LEU D 110 -75.85 -101.88 -50.37
CA LEU D 110 -74.63 -102.68 -50.59
C LEU D 110 -74.21 -102.55 -52.05
N GLU D 111 -72.92 -102.48 -52.29
CA GLU D 111 -72.37 -102.36 -53.67
C GLU D 111 -70.89 -102.74 -53.66
N VAL E 11 1.93 18.32 25.11
CA VAL E 11 2.07 18.65 26.53
C VAL E 11 0.74 19.19 27.02
N GLN E 12 0.26 18.63 28.13
CA GLN E 12 -1.06 18.98 28.66
C GLN E 12 -0.91 20.04 29.75
N PHE E 13 -1.80 21.03 29.74
CA PHE E 13 -1.81 22.12 30.70
C PHE E 13 -3.09 22.03 31.53
N LEU E 14 -2.95 22.23 32.84
CA LEU E 14 -4.11 22.20 33.72
C LEU E 14 -4.97 23.45 33.51
N ARG E 15 -6.24 23.33 33.92
CA ARG E 15 -7.19 24.43 33.82
C ARG E 15 -8.19 24.32 34.96
N THR E 16 -8.97 25.38 35.15
CA THR E 16 -10.00 25.36 36.17
C THR E 16 -11.10 24.37 35.79
N ASP E 17 -11.81 23.89 36.80
CA ASP E 17 -12.89 22.91 36.70
C ASP E 17 -12.38 21.52 36.38
N ASP E 18 -11.06 21.29 36.34
CA ASP E 18 -10.55 19.94 36.20
C ASP E 18 -10.56 19.24 37.55
N GLU E 19 -10.37 17.92 37.51
CA GLU E 19 -10.43 17.07 38.68
C GLU E 19 -9.08 16.38 38.86
N VAL E 20 -8.46 16.57 40.02
CA VAL E 20 -7.09 16.13 40.25
C VAL E 20 -6.99 15.49 41.63
N VAL E 21 -5.83 14.88 41.89
CA VAL E 21 -5.51 14.32 43.20
C VAL E 21 -4.10 14.73 43.56
N LEU E 22 -3.83 14.79 44.86
CA LEU E 22 -2.52 15.14 45.38
C LEU E 22 -1.80 13.87 45.81
N GLN E 23 -0.48 13.79 45.52
CA GLN E 23 0.34 12.57 45.79
C GLN E 23 1.75 12.84 46.34
N CYS E 24 2.30 11.92 47.13
CA CYS E 24 3.63 12.01 47.81
C CYS E 24 4.33 10.64 47.72
N SER E 25 5.65 10.58 47.88
CA SER E 25 6.45 9.33 47.93
C SER E 25 7.27 9.21 49.22
N ALA E 26 7.38 7.98 49.75
CA ALA E 26 8.17 7.67 50.97
C ALA E 26 8.80 6.28 50.81
N THR E 27 10.04 6.11 51.26
CA THR E 27 10.75 4.81 51.07
C THR E 27 10.86 4.07 52.41
N VAL E 28 9.84 3.29 52.76
CA VAL E 28 9.91 2.46 54.01
C VAL E 28 10.36 1.05 53.62
N LEU E 29 11.15 0.37 54.46
CA LEU E 29 11.68 -0.98 54.12
C LEU E 29 12.28 -0.93 52.70
N LYS E 30 13.17 0.03 52.43
CA LYS E 30 13.80 0.17 51.08
C LYS E 30 12.74 -0.01 50.00
N GLU E 31 11.73 0.89 49.96
CA GLU E 31 10.61 0.73 48.98
C GLU E 31 9.95 2.09 48.70
N GLN E 32 10.05 2.57 47.47
CA GLN E 32 9.40 3.87 47.08
C GLN E 32 7.91 3.65 46.86
N LEU E 33 7.08 4.00 47.84
CA LEU E 33 5.60 3.80 47.76
C LEU E 33 4.92 5.13 47.39
N LYS E 34 3.70 5.07 46.87
CA LYS E 34 2.95 6.31 46.54
C LYS E 34 1.77 6.45 47.51
N LEU E 35 1.52 7.65 48.05
CA LEU E 35 0.38 7.91 48.96
C LEU E 35 -0.38 9.17 48.54
N CYS E 36 -1.72 9.16 48.56
CA CYS E 36 -2.59 10.29 48.16
C CYS E 36 -3.35 10.88 49.37
N LEU E 37 -3.77 12.14 49.33
CA LEU E 37 -4.49 12.83 50.44
C LEU E 37 -5.98 12.48 50.36
N ALA E 38 -6.57 12.00 51.44
CA ALA E 38 -7.99 11.60 51.52
C ALA E 38 -8.67 12.22 52.72
N ALA E 39 -10.00 12.39 52.68
CA ALA E 39 -10.81 12.92 53.79
C ALA E 39 -12.23 12.35 53.68
N GLU E 40 -12.93 12.11 54.78
CA GLU E 40 -14.35 11.65 54.76
C GLU E 40 -15.29 12.87 54.68
N GLY E 41 -15.15 13.83 55.59
CA GLY E 41 -15.93 15.07 55.56
C GLY E 41 -17.09 15.08 56.54
N PHE E 42 -17.82 13.99 56.66
CA PHE E 42 -18.97 13.85 57.57
C PHE E 42 -18.54 12.90 58.69
N GLY E 43 -18.28 13.42 59.89
CA GLY E 43 -17.81 12.60 61.02
C GLY E 43 -16.35 12.79 61.32
N ASN E 44 -15.54 13.18 60.33
CA ASN E 44 -14.12 13.52 60.55
C ASN E 44 -13.70 14.62 59.57
N ARG E 45 -12.99 15.63 60.05
CA ARG E 45 -12.47 16.70 59.21
C ARG E 45 -10.99 16.53 58.89
N LEU E 46 -10.23 15.73 59.66
CA LEU E 46 -8.77 15.64 59.46
C LEU E 46 -8.48 14.64 58.33
N CYS E 47 -7.47 14.92 57.49
CA CYS E 47 -7.12 14.08 56.31
C CYS E 47 -6.23 12.91 56.69
N PHE E 48 -5.96 12.01 55.73
CA PHE E 48 -5.08 10.83 55.98
C PHE E 48 -4.30 10.56 54.69
N LEU E 49 -3.64 9.41 54.54
CA LEU E 49 -2.90 9.05 53.28
C LEU E 49 -3.27 7.63 52.84
N GLU E 50 -3.85 7.48 51.65
CA GLU E 50 -4.29 6.16 51.11
C GLU E 50 -3.17 5.57 50.24
N PRO E 51 -2.49 4.45 50.62
CA PRO E 51 -1.48 3.87 49.73
C PRO E 51 -2.10 3.30 48.46
N THR E 52 -1.30 3.27 47.40
CA THR E 52 -1.74 2.80 46.10
C THR E 52 -0.73 1.92 45.39
N SER E 53 0.33 1.47 46.08
CA SER E 53 1.34 0.65 45.43
C SER E 53 0.82 -0.73 45.06
N ASN E 54 0.01 -1.33 45.93
CA ASN E 54 -0.43 -2.72 45.79
C ASN E 54 -1.80 -2.81 45.11
N ALA E 55 -2.07 -1.91 44.17
CA ALA E 55 -3.39 -1.88 43.54
C ALA E 55 -3.74 -3.19 42.87
N GLN E 56 -2.73 -3.97 42.45
CA GLN E 56 -3.01 -5.24 41.78
C GLN E 56 -3.74 -6.22 42.69
N ASN E 57 -3.66 -6.05 44.01
CA ASN E 57 -4.26 -6.98 44.95
C ASN E 57 -5.22 -6.30 45.92
N VAL E 58 -4.91 -5.08 46.35
CA VAL E 58 -5.73 -4.36 47.32
C VAL E 58 -6.10 -3.01 46.72
N PRO E 59 -7.17 -2.91 45.94
CA PRO E 59 -7.49 -1.65 45.29
C PRO E 59 -7.72 -0.56 46.32
N PRO E 60 -7.28 0.67 46.04
CA PRO E 60 -7.47 1.75 47.00
C PRO E 60 -8.88 2.32 46.95
N ASP E 61 -9.29 2.90 48.07
CA ASP E 61 -10.59 3.58 48.17
C ASP E 61 -10.40 5.05 47.80
N LEU E 62 -10.32 5.29 46.50
CA LEU E 62 -10.03 6.62 45.98
C LEU E 62 -11.28 7.43 45.68
N ALA E 63 -12.46 6.94 46.03
CA ALA E 63 -13.67 7.73 45.83
C ALA E 63 -13.63 9.03 46.61
N ILE E 64 -12.82 9.08 47.68
CA ILE E 64 -12.72 10.25 48.53
C ILE E 64 -11.37 10.95 48.40
N CYS E 65 -10.56 10.59 47.40
CA CYS E 65 -9.25 11.19 47.22
C CYS E 65 -9.22 12.25 46.13
N CYS E 66 -10.36 12.55 45.51
CA CYS E 66 -10.39 13.45 44.37
C CYS E 66 -10.82 14.85 44.80
N PHE E 67 -10.23 15.86 44.13
CA PHE E 67 -10.52 17.26 44.40
C PHE E 67 -10.80 17.96 43.08
N THR E 68 -11.37 19.16 43.18
CA THR E 68 -11.73 19.96 42.02
C THR E 68 -11.08 21.34 42.13
N LEU E 69 -10.65 21.87 40.99
CA LEU E 69 -10.02 23.18 40.94
C LEU E 69 -11.10 24.22 40.67
N GLU E 70 -11.40 25.03 41.68
CA GLU E 70 -12.50 25.99 41.57
C GLU E 70 -12.02 27.31 40.96
N GLN E 71 -10.97 27.91 41.53
CA GLN E 71 -10.55 29.24 41.11
C GLN E 71 -9.03 29.32 41.13
N SER E 72 -8.51 30.25 40.34
CA SER E 72 -7.09 30.57 40.32
C SER E 72 -6.94 32.07 40.19
N LEU E 73 -6.10 32.66 41.03
CA LEU E 73 -5.94 34.11 41.05
C LEU E 73 -4.55 34.46 41.54
N SER E 74 -4.17 35.72 41.31
CA SER E 74 -2.91 36.23 41.82
C SER E 74 -3.10 36.76 43.24
N VAL E 75 -1.97 36.89 43.95
CA VAL E 75 -2.03 37.33 45.34
C VAL E 75 -2.64 38.72 45.44
N ARG E 76 -2.24 39.62 44.55
CA ARG E 76 -2.79 40.97 44.57
C ARG E 76 -4.30 40.95 44.35
N ALA E 77 -4.76 40.19 43.36
CA ALA E 77 -6.20 40.11 43.12
C ALA E 77 -6.92 39.48 44.31
N LEU E 78 -6.32 38.45 44.90
CA LEU E 78 -6.95 37.78 46.04
C LEU E 78 -7.13 38.75 47.20
N GLN E 79 -6.06 39.45 47.58
CA GLN E 79 -6.16 40.37 48.71
C GLN E 79 -7.05 41.56 48.39
N GLU E 80 -7.11 41.97 47.13
CA GLU E 80 -8.05 43.03 46.75
C GLU E 80 -9.49 42.55 46.92
N MET E 81 -9.74 41.30 46.51
CA MET E 81 -11.10 40.70 46.57
C MET E 81 -11.48 40.51 48.03
N LEU E 82 -10.51 40.25 48.91
CA LEU E 82 -10.79 40.01 50.31
C LEU E 82 -11.32 41.25 51.03
N ALA E 83 -11.17 42.44 50.42
CA ALA E 83 -11.66 43.65 51.07
C ALA E 83 -13.17 43.59 51.27
N ASN E 84 -13.90 43.08 50.28
CA ASN E 84 -15.35 42.99 50.38
C ASN E 84 -15.80 41.53 50.38
N HIS E 98 -11.47 28.19 29.78
CA HIS E 98 -11.39 28.61 31.17
C HIS E 98 -10.05 29.25 31.47
N ARG E 99 -9.80 29.52 32.74
CA ARG E 99 -8.55 30.15 33.15
C ARG E 99 -7.47 29.08 33.27
N THR E 100 -6.29 29.36 32.73
CA THR E 100 -5.17 28.44 32.84
C THR E 100 -4.40 28.71 34.13
N LEU E 101 -3.71 27.68 34.62
CA LEU E 101 -2.97 27.80 35.87
C LEU E 101 -1.57 28.34 35.59
N LEU E 102 -1.12 29.27 36.43
CA LEU E 102 0.18 29.88 36.31
C LEU E 102 0.92 29.76 37.64
N TYR E 103 2.22 29.49 37.57
CA TYR E 103 3.02 29.40 38.78
C TYR E 103 2.95 30.70 39.56
N GLY E 104 2.88 30.59 40.88
CA GLY E 104 2.77 31.74 41.75
C GLY E 104 1.37 32.22 42.00
N HIS E 105 0.36 31.59 41.40
CA HIS E 105 -1.02 31.96 41.66
C HIS E 105 -1.52 31.27 42.94
N ALA E 106 -2.74 31.63 43.32
CA ALA E 106 -3.43 31.01 44.45
C ALA E 106 -4.63 30.24 43.93
N ILE E 107 -4.87 29.07 44.52
CA ILE E 107 -5.92 28.17 44.05
C ILE E 107 -6.84 27.79 45.21
N LEU E 108 -8.03 27.33 44.86
CA LEU E 108 -9.05 26.90 45.82
C LEU E 108 -9.48 25.49 45.44
N LEU E 109 -9.41 24.58 46.39
CA LEU E 109 -9.69 23.17 46.16
C LEU E 109 -10.96 22.77 46.90
N ARG E 110 -11.86 22.07 46.21
CA ARG E 110 -13.13 21.65 46.76
C ARG E 110 -13.21 20.13 46.70
N HIS E 111 -13.49 19.50 47.84
CA HIS E 111 -13.66 18.06 47.90
C HIS E 111 -14.87 17.65 47.08
N ALA E 112 -14.72 16.58 46.30
CA ALA E 112 -15.80 16.18 45.39
C ALA E 112 -16.97 15.57 46.15
N HIS E 113 -16.70 14.68 47.10
CA HIS E 113 -17.78 13.95 47.76
C HIS E 113 -18.61 14.86 48.65
N SER E 114 -17.96 15.64 49.50
CA SER E 114 -18.66 16.41 50.53
C SER E 114 -18.84 17.87 50.17
N ARG E 115 -18.29 18.33 49.05
CA ARG E 115 -18.37 19.72 48.62
C ARG E 115 -17.73 20.67 49.61
N MET E 116 -16.83 20.17 50.45
CA MET E 116 -16.16 21.00 51.43
C MET E 116 -14.76 21.39 50.94
N TYR E 117 -14.28 22.53 51.42
CA TYR E 117 -13.04 23.11 50.94
C TYR E 117 -11.87 22.74 51.85
N LEU E 118 -10.78 22.29 51.24
CA LEU E 118 -9.56 22.00 51.99
C LEU E 118 -8.97 23.28 52.55
N SER E 119 -8.49 23.21 53.79
CA SER E 119 -8.01 24.40 54.48
C SER E 119 -7.04 23.99 55.59
N CYS E 120 -6.31 24.99 56.09
CA CYS E 120 -5.38 24.77 57.19
C CYS E 120 -6.04 25.14 58.50
N LEU E 121 -6.02 24.21 59.46
CA LEU E 121 -6.69 24.40 60.74
C LEU E 121 -5.76 25.14 61.70
N THR E 122 -6.24 25.32 62.93
CA THR E 122 -5.49 26.06 63.95
C THR E 122 -5.00 25.18 65.09
N THR E 123 -5.52 23.96 65.22
CA THR E 123 -5.14 23.07 66.30
C THR E 123 -4.20 21.99 65.79
N SER E 124 -3.40 21.46 66.71
CA SER E 124 -2.42 20.43 66.40
C SER E 124 -2.63 19.24 67.32
N ARG E 125 -2.39 18.04 66.78
CA ARG E 125 -2.59 16.81 67.54
C ARG E 125 -1.26 16.19 67.96
N SER E 126 -0.38 15.94 67.00
CA SER E 126 0.90 15.29 67.28
C SER E 126 1.80 16.20 68.09
N MET E 127 2.52 15.62 69.05
CA MET E 127 3.44 16.39 69.88
C MET E 127 4.87 16.35 69.36
N THR E 128 5.13 15.67 68.24
CA THR E 128 6.49 15.61 67.71
C THR E 128 7.02 16.99 67.34
N ASP E 129 6.21 17.80 66.67
CA ASP E 129 6.57 19.16 66.29
C ASP E 129 5.81 20.13 67.17
N LYS E 130 6.54 21.06 67.79
CA LYS E 130 5.92 22.00 68.73
C LYS E 130 5.29 23.19 68.03
N LEU E 131 5.41 23.30 66.71
CA LEU E 131 4.98 24.49 66.00
C LEU E 131 4.23 24.17 64.71
N ALA E 132 3.57 23.02 64.66
CA ALA E 132 2.82 22.61 63.48
C ALA E 132 1.32 22.77 63.70
N PHE E 133 0.58 22.72 62.59
CA PHE E 133 -0.87 22.77 62.61
C PHE E 133 -1.44 21.63 61.80
N ASP E 134 -2.67 21.25 62.09
CA ASP E 134 -3.33 20.21 61.33
C ASP E 134 -4.00 20.79 60.09
N VAL E 135 -4.28 19.93 59.13
CA VAL E 135 -4.91 20.30 57.87
C VAL E 135 -6.14 19.43 57.66
N GLY E 136 -7.26 20.07 57.35
CA GLY E 136 -8.50 19.34 57.17
C GLY E 136 -9.49 20.14 56.35
N LEU E 137 -10.71 19.64 56.29
CA LEU E 137 -11.75 20.24 55.48
C LEU E 137 -12.46 21.37 56.23
N GLN E 138 -13.13 22.21 55.47
CA GLN E 138 -13.82 23.38 56.01
C GLN E 138 -15.18 23.52 55.33
N GLU E 139 -16.14 24.09 56.05
CA GLU E 139 -17.51 24.13 55.56
C GLU E 139 -17.70 25.16 54.46
N ASP E 140 -17.11 26.35 54.60
CA ASP E 140 -17.34 27.44 53.66
C ASP E 140 -16.01 27.97 53.16
N ALA E 141 -16.08 28.72 52.06
CA ALA E 141 -14.90 29.22 51.37
C ALA E 141 -14.45 30.60 51.88
N THR E 142 -15.11 31.15 52.89
CA THR E 142 -14.75 32.45 53.40
C THR E 142 -13.42 32.38 54.15
N GLY E 143 -12.69 33.49 54.15
CA GLY E 143 -11.42 33.55 54.83
C GLY E 143 -10.25 33.13 53.93
N GLU E 144 -9.04 33.36 54.44
CA GLU E 144 -7.85 33.01 53.70
C GLU E 144 -7.30 31.64 54.06
N ALA E 145 -7.90 30.95 55.03
CA ALA E 145 -7.38 29.65 55.45
C ALA E 145 -7.57 28.58 54.39
N CYS E 146 -8.42 28.83 53.40
CA CYS E 146 -8.70 27.86 52.35
C CYS E 146 -7.99 28.15 51.04
N TRP E 147 -7.00 29.03 51.04
CA TRP E 147 -6.26 29.39 49.84
C TRP E 147 -4.82 28.90 49.93
N TRP E 148 -4.31 28.38 48.82
CA TRP E 148 -2.95 27.88 48.74
C TRP E 148 -2.26 28.45 47.51
N THR E 149 -0.94 28.63 47.61
CA THR E 149 -0.13 29.10 46.50
C THR E 149 0.94 28.05 46.19
N MET E 150 1.23 27.88 44.90
CA MET E 150 2.14 26.84 44.44
C MET E 150 3.38 27.49 43.85
N HIS E 151 4.53 26.86 44.08
CA HIS E 151 5.80 27.34 43.57
C HIS E 151 6.55 26.22 42.86
N PRO E 152 7.39 26.56 41.87
CA PRO E 152 8.14 25.51 41.18
C PRO E 152 9.17 24.87 42.09
N ALA E 153 9.45 23.59 41.82
CA ALA E 153 10.40 22.85 42.64
C ALA E 153 11.83 22.92 42.13
N SER E 154 12.05 23.53 40.96
CA SER E 154 13.38 23.60 40.38
C SER E 154 13.48 24.84 39.50
N LYS E 155 14.71 25.24 39.22
CA LYS E 155 14.95 26.42 38.41
C LYS E 155 14.48 26.25 36.97
N GLN E 156 14.19 25.02 36.55
CA GLN E 156 13.75 24.80 35.17
C GLN E 156 12.53 25.64 34.84
N ARG E 157 11.66 25.87 35.82
CA ARG E 157 10.49 26.71 35.64
C ARG E 157 10.61 27.91 36.57
N SER E 158 9.91 28.99 36.21
CA SER E 158 9.98 30.23 36.96
C SER E 158 8.59 30.81 37.09
N GLU E 159 8.45 31.76 38.03
CA GLU E 159 7.15 32.37 38.29
C GLU E 159 6.59 32.98 37.01
N GLY E 160 5.29 32.80 36.81
CA GLY E 160 4.61 33.28 35.63
C GLY E 160 4.52 32.27 34.50
N GLU E 161 5.33 31.23 34.51
CA GLU E 161 5.26 30.22 33.47
C GLU E 161 4.07 29.30 33.70
N LYS E 162 3.52 28.80 32.60
CA LYS E 162 2.40 27.87 32.69
C LYS E 162 2.82 26.58 33.38
N VAL E 163 1.90 26.01 34.13
CA VAL E 163 2.15 24.76 34.86
C VAL E 163 1.59 23.61 34.06
N ARG E 164 2.40 22.57 33.88
CA ARG E 164 2.04 21.42 33.07
C ARG E 164 2.06 20.15 33.91
N VAL E 165 1.30 19.15 33.45
CA VAL E 165 1.22 17.88 34.17
C VAL E 165 2.63 17.31 34.35
N GLY E 166 2.80 16.55 35.42
CA GLY E 166 4.06 15.89 35.68
C GLY E 166 5.05 16.68 36.51
N ASP E 167 4.77 17.96 36.78
CA ASP E 167 5.69 18.77 37.55
C ASP E 167 5.59 18.45 39.03
N ASP E 168 6.56 18.95 39.79
CA ASP E 168 6.58 18.85 41.24
C ASP E 168 6.31 20.24 41.83
N LEU E 169 5.50 20.28 42.89
CA LEU E 169 5.01 21.54 43.42
C LEU E 169 5.34 21.67 44.89
N ILE E 170 5.36 22.91 45.37
CA ILE E 170 5.49 23.24 46.78
C ILE E 170 4.25 24.06 47.17
N LEU E 171 3.53 23.58 48.19
CA LEU E 171 2.30 24.22 48.63
C LEU E 171 2.54 24.92 49.96
N VAL E 172 2.21 26.20 50.03
CA VAL E 172 2.39 27.01 51.22
C VAL E 172 1.07 27.71 51.53
N SER E 173 0.63 27.61 52.77
CA SER E 173 -0.59 28.28 53.19
C SER E 173 -0.41 29.78 53.13
N VAL E 174 -1.47 30.48 52.72
CA VAL E 174 -1.40 31.94 52.62
C VAL E 174 -1.16 32.55 54.00
N SER E 175 -1.87 32.06 55.01
CA SER E 175 -1.86 32.71 56.31
C SER E 175 -0.64 32.33 57.13
N SER E 176 -0.50 31.04 57.46
CA SER E 176 0.51 30.61 58.40
C SER E 176 1.92 30.57 57.81
N GLU E 177 2.05 30.62 56.49
CA GLU E 177 3.36 30.54 55.85
C GLU E 177 4.08 29.26 56.26
N ARG E 178 3.34 28.15 56.27
CA ARG E 178 3.88 26.84 56.57
C ARG E 178 3.69 25.93 55.37
N TYR E 179 4.70 25.11 55.09
CA TYR E 179 4.62 24.18 53.98
C TYR E 179 3.65 23.06 54.27
N LEU E 180 3.26 22.35 53.21
CA LEU E 180 2.42 21.16 53.37
C LEU E 180 3.31 19.96 53.65
N HIS E 181 3.89 19.93 54.84
CA HIS E 181 4.87 18.91 55.19
C HIS E 181 4.23 17.54 55.31
N LEU E 182 5.05 16.50 55.15
CA LEU E 182 4.68 15.13 55.44
C LEU E 182 5.50 14.67 56.63
N SER E 183 4.82 14.28 57.70
CA SER E 183 5.47 13.95 58.97
C SER E 183 5.60 12.44 59.12
N THR E 184 6.76 12.01 59.62
CA THR E 184 7.01 10.60 59.88
C THR E 184 7.76 10.40 61.20
N ALA E 185 7.53 11.28 62.17
CA ALA E 185 8.26 11.19 63.43
C ALA E 185 8.07 9.82 64.07
N SER E 186 6.83 9.33 64.12
CA SER E 186 6.56 7.98 64.59
C SER E 186 6.47 7.04 63.39
N GLY E 187 6.19 5.78 63.66
CA GLY E 187 6.05 4.81 62.58
C GLY E 187 4.92 5.17 61.63
N GLU E 188 3.77 5.59 62.18
CA GLU E 188 2.64 5.95 61.35
C GLU E 188 2.91 7.25 60.60
N LEU E 189 2.49 7.28 59.34
CA LEU E 189 2.65 8.48 58.53
C LEU E 189 1.48 9.44 58.77
N GLN E 190 1.78 10.74 58.70
CA GLN E 190 0.77 11.76 58.95
C GLN E 190 1.06 12.98 58.09
N VAL E 191 0.06 13.83 57.96
CA VAL E 191 0.16 15.06 57.19
C VAL E 191 -0.09 16.23 58.13
N ASP E 192 0.51 17.38 57.81
CA ASP E 192 0.34 18.58 58.61
C ASP E 192 1.03 19.74 57.90
N ALA E 193 0.94 20.90 58.52
CA ALA E 193 1.60 22.10 58.02
C ALA E 193 2.79 22.44 58.92
N SER E 194 3.97 22.55 58.31
CA SER E 194 5.19 22.80 59.06
C SER E 194 6.09 23.73 58.25
N PHE E 195 7.35 23.82 58.69
CA PHE E 195 8.34 24.66 58.04
C PHE E 195 9.29 23.87 57.15
N MET E 196 9.02 22.58 56.91
CA MET E 196 9.83 21.76 56.03
C MET E 196 9.04 21.51 54.76
N GLN E 197 9.67 21.73 53.61
CA GLN E 197 8.98 21.58 52.33
C GLN E 197 8.85 20.10 51.95
N THR E 198 8.05 19.86 50.92
CA THR E 198 7.86 18.52 50.39
C THR E 198 7.28 18.62 48.99
N LEU E 199 7.61 17.66 48.14
CA LEU E 199 7.20 17.69 46.74
C LEU E 199 5.88 16.95 46.57
N TRP E 200 4.95 17.58 45.84
CA TRP E 200 3.63 17.02 45.60
C TRP E 200 3.35 16.99 44.10
N ASN E 201 2.73 15.91 43.64
CA ASN E 201 2.36 15.75 42.24
C ASN E 201 0.84 15.80 42.11
N MET E 202 0.37 16.45 41.06
CA MET E 202 -1.05 16.57 40.78
C MET E 202 -1.35 15.85 39.46
N ASN E 203 -1.94 14.67 39.57
CA ASN E 203 -2.26 13.85 38.41
C ASN E 203 -3.70 14.08 37.99
N PRO E 204 -3.95 14.53 36.76
CA PRO E 204 -5.33 14.80 36.36
C PRO E 204 -6.16 13.53 36.27
N ILE E 205 -7.46 13.70 36.42
CA ILE E 205 -8.42 12.60 36.35
C ILE E 205 -9.41 12.79 35.20
N CYS E 206 -9.89 14.01 35.00
CA CYS E 206 -10.80 14.29 33.90
C CYS E 206 -10.84 15.79 33.66
N SER E 207 -11.14 16.17 32.42
CA SER E 207 -11.23 17.57 32.03
C SER E 207 -12.65 17.96 31.62
N CYS E 208 -13.23 17.29 30.63
CA CYS E 208 -14.57 17.62 30.17
C CYS E 208 -15.12 16.41 29.43
N CYS E 209 -16.23 15.86 29.92
CA CYS E 209 -16.85 14.70 29.30
C CYS E 209 -17.98 15.13 28.38
N GLU E 210 -17.99 14.57 27.18
CA GLU E 210 -19.06 14.85 26.23
C GLU E 210 -20.39 14.38 26.79
N GLU E 211 -21.43 15.20 26.61
CA GLU E 211 -22.73 14.90 27.17
C GLU E 211 -23.26 13.58 26.63
N GLY E 212 -23.78 12.74 27.52
CA GLY E 212 -24.41 11.49 27.14
C GLY E 212 -23.47 10.30 27.05
N TYR E 213 -22.16 10.50 27.21
CA TYR E 213 -21.21 9.41 27.06
C TYR E 213 -20.72 8.96 28.43
N VAL E 214 -20.77 7.65 28.66
CA VAL E 214 -20.33 7.10 29.94
C VAL E 214 -18.83 7.33 30.12
N THR E 215 -18.42 7.53 31.36
CA THR E 215 -17.02 7.75 31.69
C THR E 215 -16.67 6.97 32.95
N GLY E 216 -15.38 6.70 33.13
CA GLY E 216 -14.95 5.96 34.29
C GLY E 216 -15.20 6.73 35.57
N GLY E 217 -15.38 5.99 36.65
CA GLY E 217 -15.60 6.57 37.96
C GLY E 217 -17.02 7.02 38.24
N HIS E 218 -17.96 6.76 37.33
CA HIS E 218 -19.34 7.17 37.55
C HIS E 218 -20.09 6.11 38.36
N VAL E 219 -21.29 6.47 38.77
CA VAL E 219 -22.21 5.57 39.47
C VAL E 219 -23.47 5.44 38.63
N LEU E 220 -23.90 4.21 38.40
CA LEU E 220 -25.01 3.96 37.49
C LEU E 220 -25.69 2.65 37.86
N ARG E 221 -26.78 2.35 37.15
CA ARG E 221 -27.55 1.13 37.33
C ARG E 221 -27.47 0.28 36.06
N LEU E 222 -27.53 -1.03 36.24
CA LEU E 222 -27.50 -1.98 35.13
C LEU E 222 -28.92 -2.50 34.91
N PHE E 223 -29.55 -2.08 33.81
CA PHE E 223 -30.91 -2.46 33.49
C PHE E 223 -30.91 -3.50 32.38
N HIS E 224 -31.65 -4.59 32.59
CA HIS E 224 -31.79 -5.65 31.61
C HIS E 224 -33.15 -5.54 30.94
N GLY E 225 -33.15 -5.48 29.61
CA GLY E 225 -34.42 -5.34 28.90
C GLY E 225 -34.96 -3.93 29.00
N HIS E 226 -36.25 -3.81 28.72
CA HIS E 226 -36.94 -2.52 28.71
C HIS E 226 -37.33 -2.15 30.14
N MET E 227 -36.31 -1.80 30.92
CA MET E 227 -36.48 -1.39 32.31
C MET E 227 -37.20 -2.43 33.15
N ASP E 228 -37.24 -3.69 32.68
CA ASP E 228 -37.96 -4.72 33.40
C ASP E 228 -37.34 -5.01 34.76
N GLU E 229 -36.01 -5.10 34.82
CA GLU E 229 -35.33 -5.48 36.06
C GLU E 229 -33.97 -4.80 36.10
N CYS E 230 -33.23 -5.09 37.17
CA CYS E 230 -31.90 -4.53 37.36
C CYS E 230 -31.10 -5.45 38.26
N LEU E 231 -29.78 -5.25 38.26
CA LEU E 231 -28.88 -6.08 39.03
C LEU E 231 -28.74 -5.53 40.44
N THR E 232 -29.02 -6.36 41.47
CA THR E 232 -29.01 -5.91 42.90
C THR E 232 -28.37 -6.98 43.79
N ILE E 233 -28.29 -6.72 45.10
CA ILE E 233 -27.79 -7.72 46.08
C ILE E 233 -29.00 -8.09 46.94
N SER E 234 -28.81 -8.67 48.11
CA SER E 234 -29.91 -9.06 49.02
C SER E 234 -30.38 -7.84 49.83
N ALA E 235 -31.38 -7.96 50.71
CA ALA E 235 -31.81 -6.94 51.68
C ALA E 235 -30.98 -7.01 52.96
N ALA E 236 -31.08 -6.04 53.84
CA ALA E 236 -30.18 -5.87 55.00
C ALA E 236 -30.16 -7.03 56.00
N ASP E 237 -31.28 -7.67 56.33
CA ASP E 237 -31.37 -8.73 57.36
C ASP E 237 -31.20 -10.14 56.81
N SER E 238 -30.89 -10.34 55.53
CA SER E 238 -30.90 -11.67 54.85
C SER E 238 -29.91 -12.72 55.35
N ASP E 239 -30.35 -13.98 55.47
CA ASP E 239 -29.50 -15.11 55.93
C ASP E 239 -28.36 -15.31 54.93
N ASP E 240 -28.54 -14.80 53.70
CA ASP E 240 -27.53 -14.90 52.63
C ASP E 240 -26.26 -14.15 53.04
N GLN E 241 -26.38 -13.07 53.82
CA GLN E 241 -25.24 -12.21 54.27
C GLN E 241 -24.88 -11.30 53.10
N ARG E 242 -25.76 -11.17 52.10
CA ARG E 242 -25.57 -10.27 50.93
C ARG E 242 -24.28 -10.64 50.15
N ARG E 243 -24.05 -11.93 49.85
CA ARG E 243 -22.91 -12.34 48.98
C ARG E 243 -23.37 -12.87 47.63
N LEU E 244 -24.67 -12.88 47.28
CA LEU E 244 -25.13 -13.32 45.97
C LEU E 244 -25.67 -12.15 45.17
N VAL E 245 -25.94 -12.41 43.89
CA VAL E 245 -26.41 -11.40 42.95
C VAL E 245 -27.69 -11.92 42.29
N TYR E 246 -28.64 -11.01 42.05
CA TYR E 246 -29.92 -11.38 41.50
C TYR E 246 -30.38 -10.36 40.47
N TYR E 247 -31.44 -10.71 39.76
CA TYR E 247 -32.19 -9.79 38.92
C TYR E 247 -33.53 -9.53 39.58
N GLU E 248 -33.90 -8.26 39.70
CA GLU E 248 -35.14 -7.90 40.38
C GLU E 248 -35.74 -6.67 39.73
N GLY E 249 -37.03 -6.46 39.99
CA GLY E 249 -37.75 -5.30 39.52
C GLY E 249 -38.68 -4.76 40.58
N GLY E 250 -39.24 -3.59 40.31
CA GLY E 250 -40.14 -2.96 41.24
C GLY E 250 -39.54 -1.75 41.94
N ALA E 251 -39.80 -1.62 43.24
CA ALA E 251 -39.29 -0.47 43.98
C ALA E 251 -37.77 -0.51 44.10
N VAL E 252 -37.17 -1.70 43.99
CA VAL E 252 -35.72 -1.81 44.14
C VAL E 252 -34.99 -1.04 43.06
N CYS E 253 -35.69 -0.60 42.02
CA CYS E 253 -35.08 0.18 40.95
C CYS E 253 -34.73 1.58 41.44
N THR E 254 -35.35 2.04 42.55
CA THR E 254 -35.15 3.39 43.15
C THR E 254 -34.34 3.31 44.45
N HIS E 255 -33.99 2.13 44.95
CA HIS E 255 -33.26 1.90 46.23
C HIS E 255 -31.73 1.91 46.10
N ALA E 256 -30.98 2.09 47.19
CA ALA E 256 -29.50 2.20 47.17
C ALA E 256 -28.81 0.85 46.97
N ARG E 257 -29.51 -0.27 47.14
CA ARG E 257 -28.90 -1.63 47.06
C ARG E 257 -28.83 -2.11 45.61
N SER E 258 -29.07 -1.25 44.61
CA SER E 258 -29.01 -1.60 43.16
C SER E 258 -28.09 -0.61 42.42
N LEU E 259 -27.14 0.03 43.13
CA LEU E 259 -26.19 1.02 42.52
C LEU E 259 -24.75 0.48 42.54
N TRP E 260 -23.92 0.87 41.56
CA TRP E 260 -22.55 0.31 41.35
C TRP E 260 -21.57 1.35 40.75
N ARG E 261 -20.25 1.22 40.99
CA ARG E 261 -19.24 2.18 40.56
C ARG E 261 -18.19 1.47 39.72
N LEU E 262 -17.73 2.13 38.66
CA LEU E 262 -16.77 1.56 37.73
C LEU E 262 -15.38 2.09 38.04
N GLU E 263 -14.42 1.18 38.21
CA GLU E 263 -13.06 1.52 38.62
C GLU E 263 -12.08 0.98 37.59
N PRO E 264 -11.67 1.77 36.60
CA PRO E 264 -10.66 1.31 35.64
C PRO E 264 -9.36 0.97 36.35
N LEU E 265 -8.65 -0.02 35.81
CA LEU E 265 -7.43 -0.50 36.45
C LEU E 265 -6.36 0.57 36.52
N ARG E 266 -6.17 1.33 35.42
CA ARG E 266 -5.16 2.42 35.37
C ARG E 266 -5.64 3.54 36.29
N ILE E 267 -4.71 4.22 36.99
CA ILE E 267 -5.05 5.29 37.92
C ILE E 267 -5.12 6.64 37.21
N SER E 268 -4.14 6.95 36.38
CA SER E 268 -4.14 8.23 35.69
C SER E 268 -5.24 8.27 34.63
N TRP E 269 -5.90 9.42 34.54
CA TRP E 269 -7.00 9.60 33.59
C TRP E 269 -8.07 8.53 33.78
N SER E 270 -8.39 8.23 35.04
CA SER E 270 -9.46 7.28 35.32
C SER E 270 -10.80 7.79 34.86
N GLY E 271 -10.93 9.09 34.61
CA GLY E 271 -12.15 9.69 34.10
C GLY E 271 -12.29 9.65 32.60
N SER E 272 -11.38 8.96 31.90
CA SER E 272 -11.44 8.89 30.45
C SER E 272 -12.71 8.16 30.00
N HIS E 273 -13.18 8.53 28.81
CA HIS E 273 -14.37 7.88 28.26
C HIS E 273 -14.17 6.38 28.21
N LEU E 274 -15.20 5.64 28.63
CA LEU E 274 -15.16 4.20 28.55
C LEU E 274 -15.10 3.76 27.09
N ARG E 275 -14.38 2.67 26.84
CA ARG E 275 -14.17 2.16 25.50
C ARG E 275 -14.29 0.64 25.51
N TRP E 276 -14.76 0.10 24.38
CA TRP E 276 -15.02 -1.32 24.31
C TRP E 276 -13.76 -2.13 24.60
N GLY E 277 -13.93 -3.21 25.36
CA GLY E 277 -12.82 -4.09 25.68
C GLY E 277 -11.94 -3.65 26.83
N GLN E 278 -12.21 -2.48 27.41
CA GLN E 278 -11.39 -2.01 28.51
C GLN E 278 -11.59 -2.90 29.73
N PRO E 279 -10.53 -3.27 30.46
CA PRO E 279 -10.72 -4.02 31.71
C PRO E 279 -10.96 -3.05 32.87
N LEU E 280 -11.86 -3.44 33.77
CA LEU E 280 -12.19 -2.59 34.91
C LEU E 280 -12.84 -3.42 36.00
N ARG E 281 -12.94 -2.83 37.18
CA ARG E 281 -13.54 -3.47 38.34
C ARG E 281 -14.97 -2.94 38.56
N ILE E 282 -15.72 -3.66 39.36
CA ILE E 282 -17.08 -3.29 39.73
C ILE E 282 -17.19 -3.30 41.25
N ARG E 283 -17.81 -2.26 41.82
CA ARG E 283 -17.89 -2.08 43.26
C ARG E 283 -19.33 -1.80 43.67
N HIS E 284 -19.70 -2.30 44.85
CA HIS E 284 -21.00 -2.01 45.44
C HIS E 284 -20.85 -0.86 46.43
N VAL E 285 -21.60 0.22 46.21
CA VAL E 285 -21.36 1.45 46.95
C VAL E 285 -21.68 1.27 48.43
N THR E 286 -22.85 0.73 48.74
CA THR E 286 -23.29 0.67 50.13
C THR E 286 -22.43 -0.28 50.95
N THR E 287 -22.16 -1.47 50.44
CA THR E 287 -21.41 -2.48 51.18
C THR E 287 -19.92 -2.42 50.94
N GLY E 288 -19.47 -1.76 49.88
CA GLY E 288 -18.05 -1.69 49.60
C GLY E 288 -17.40 -3.02 49.27
N ARG E 289 -18.11 -3.92 48.59
CA ARG E 289 -17.54 -5.17 48.15
C ARG E 289 -17.43 -5.19 46.63
N TYR E 290 -16.50 -5.99 46.13
CA TYR E 290 -16.17 -6.03 44.72
C TYR E 290 -16.71 -7.30 44.07
N LEU E 291 -17.33 -7.13 42.91
CA LEU E 291 -17.82 -8.27 42.14
C LEU E 291 -16.64 -9.15 41.73
N ALA E 292 -16.79 -10.46 41.90
CA ALA E 292 -15.69 -11.38 41.69
C ALA E 292 -16.23 -12.74 41.30
N LEU E 293 -15.32 -13.59 40.80
CA LEU E 293 -15.62 -14.97 40.45
C LEU E 293 -14.75 -15.89 41.30
N THR E 294 -15.39 -16.85 41.98
CA THR E 294 -14.69 -17.79 42.83
C THR E 294 -15.19 -19.20 42.55
N GLU E 295 -14.26 -20.16 42.53
CA GLU E 295 -14.62 -21.54 42.26
C GLU E 295 -15.54 -22.11 43.33
N ASP E 296 -15.28 -21.79 44.60
CA ASP E 296 -16.07 -22.35 45.69
C ASP E 296 -17.56 -22.02 45.57
N GLN E 297 -17.90 -20.84 45.05
CA GLN E 297 -19.30 -20.45 44.98
C GLN E 297 -19.71 -19.87 43.63
N GLY E 298 -18.82 -19.65 42.67
CA GLY E 298 -19.15 -18.97 41.39
C GLY E 298 -19.29 -17.46 41.59
N LEU E 299 -20.20 -16.80 40.87
CA LEU E 299 -20.36 -15.32 40.99
C LEU E 299 -20.77 -14.96 42.41
N VAL E 300 -19.91 -14.25 43.12
CA VAL E 300 -20.18 -13.77 44.50
C VAL E 300 -19.61 -12.35 44.59
N VAL E 301 -19.72 -11.70 45.73
CA VAL E 301 -19.09 -10.36 45.97
C VAL E 301 -18.16 -10.60 47.16
N VAL E 302 -16.92 -10.12 47.12
CA VAL E 302 -15.96 -10.41 48.18
C VAL E 302 -15.30 -9.12 48.63
N ASP E 303 -14.70 -9.17 49.82
CA ASP E 303 -14.07 -7.99 50.40
C ASP E 303 -12.82 -7.61 49.62
N ALA E 304 -12.34 -6.39 49.86
CA ALA E 304 -11.14 -5.92 49.19
C ALA E 304 -9.90 -6.68 49.66
N CYS E 305 -9.95 -7.30 50.83
CA CYS E 305 -8.78 -8.01 51.34
C CYS E 305 -8.40 -9.19 50.46
N LYS E 306 -9.33 -9.69 49.62
CA LYS E 306 -9.06 -10.83 48.76
C LYS E 306 -9.46 -10.57 47.31
N ALA E 307 -9.47 -9.32 46.87
CA ALA E 307 -9.89 -8.97 45.51
C ALA E 307 -8.70 -8.83 44.57
N HIS E 308 -7.99 -9.93 44.32
CA HIS E 308 -6.88 -9.88 43.37
C HIS E 308 -7.41 -9.64 41.96
N THR E 309 -6.56 -9.09 41.11
CA THR E 309 -6.99 -8.65 39.79
C THR E 309 -7.50 -9.80 38.94
N LYS E 310 -7.06 -11.03 39.22
CA LYS E 310 -7.42 -12.16 38.38
C LYS E 310 -8.93 -12.39 38.38
N ALA E 311 -9.55 -12.33 39.56
CA ALA E 311 -10.95 -12.70 39.71
C ALA E 311 -11.91 -11.52 39.65
N THR E 312 -11.41 -10.30 39.44
CA THR E 312 -12.25 -9.11 39.51
C THR E 312 -12.26 -8.29 38.24
N SER E 313 -11.62 -8.74 37.17
CA SER E 313 -11.55 -7.95 35.94
C SER E 313 -12.72 -8.30 35.03
N PHE E 314 -13.32 -7.28 34.42
CA PHE E 314 -14.44 -7.44 33.51
C PHE E 314 -14.28 -6.47 32.36
N CYS E 315 -15.06 -6.68 31.30
CA CYS E 315 -15.03 -5.80 30.13
C CYS E 315 -16.38 -5.82 29.45
N PHE E 316 -16.63 -4.81 28.64
CA PHE E 316 -17.88 -4.66 27.90
C PHE E 316 -17.63 -4.90 26.42
N ARG E 317 -18.46 -5.75 25.82
CA ARG E 317 -18.33 -6.15 24.43
C ARG E 317 -19.54 -5.69 23.62
N VAL E 318 -19.29 -5.27 22.39
CA VAL E 318 -20.39 -4.91 21.50
C VAL E 318 -21.21 -6.13 21.13
N SER E 319 -20.55 -7.26 20.89
CA SER E 319 -21.24 -8.50 20.56
C SER E 319 -20.34 -9.67 20.94
N LYS E 320 -20.95 -10.85 21.01
CA LYS E 320 -20.21 -12.06 21.37
C LYS E 320 -19.31 -12.57 20.25
N GLU E 321 -19.44 -12.03 19.05
CA GLU E 321 -18.61 -12.50 17.94
C GLU E 321 -17.14 -12.21 18.23
N LYS E 322 -16.29 -13.12 17.76
CA LYS E 322 -14.84 -13.00 17.97
C LYS E 322 -14.28 -11.85 17.14
N ASP E 330 -4.45 3.59 26.96
CA ASP E 330 -3.13 3.95 26.41
C ASP E 330 -3.07 5.47 26.22
N VAL E 331 -4.10 6.10 25.64
CA VAL E 331 -4.07 7.55 25.31
C VAL E 331 -4.03 8.37 26.60
N GLU E 332 -3.10 9.30 26.73
CA GLU E 332 -2.96 10.14 27.94
C GLU E 332 -3.83 11.38 27.73
N GLY E 333 -5.13 11.22 27.75
CA GLY E 333 -6.08 12.34 27.59
C GLY E 333 -7.49 11.80 27.76
N MET E 334 -8.49 12.66 27.67
CA MET E 334 -9.88 12.24 27.93
C MET E 334 -10.15 11.05 27.01
N GLY E 335 -9.65 11.05 25.77
CA GLY E 335 -9.77 9.90 24.85
C GLY E 335 -11.01 9.95 23.99
N PRO E 336 -11.34 8.89 23.21
CA PRO E 336 -12.47 8.93 22.28
C PRO E 336 -13.81 8.52 22.89
N PRO E 337 -14.91 9.30 22.71
CA PRO E 337 -16.24 8.85 23.17
C PRO E 337 -16.64 7.58 22.41
N GLU E 338 -17.22 6.59 23.10
CA GLU E 338 -17.62 5.30 22.53
C GLU E 338 -18.95 4.77 23.04
N ILE E 339 -19.51 5.30 24.13
CA ILE E 339 -20.71 4.75 24.74
C ILE E 339 -21.75 5.86 24.86
N LYS E 340 -23.02 5.46 24.96
CA LYS E 340 -24.12 6.39 25.17
C LYS E 340 -25.02 5.83 26.27
N TYR E 341 -25.64 6.73 27.03
CA TYR E 341 -26.53 6.31 28.11
C TYR E 341 -27.89 5.95 27.56
N GLY E 342 -28.36 4.73 27.87
CA GLY E 342 -29.68 4.31 27.47
C GLY E 342 -29.83 3.90 26.02
N GLU E 343 -28.73 3.85 25.28
CA GLU E 343 -28.79 3.48 23.86
C GLU E 343 -27.78 2.42 23.49
N SER E 344 -26.63 2.37 24.16
CA SER E 344 -25.56 1.44 23.80
C SER E 344 -25.77 0.14 24.54
N LEU E 345 -26.25 -0.88 23.84
CA LEU E 345 -26.34 -2.21 24.42
C LEU E 345 -24.95 -2.78 24.63
N CYS E 346 -24.77 -3.53 25.71
CA CYS E 346 -23.45 -4.04 26.06
C CYS E 346 -23.57 -5.43 26.67
N PHE E 347 -22.52 -6.22 26.49
CA PHE E 347 -22.40 -7.54 27.08
C PHE E 347 -21.24 -7.54 28.06
N VAL E 348 -21.37 -8.30 29.13
CA VAL E 348 -20.37 -8.35 30.19
C VAL E 348 -19.67 -9.70 30.12
N GLN E 349 -18.34 -9.68 30.10
CA GLN E 349 -17.54 -10.89 30.00
C GLN E 349 -16.39 -10.82 31.00
N HIS E 350 -16.04 -11.97 31.57
CA HIS E 350 -14.90 -12.07 32.45
C HIS E 350 -13.64 -12.30 31.63
N VAL E 351 -12.65 -11.42 31.79
CA VAL E 351 -11.48 -11.47 30.91
C VAL E 351 -10.70 -12.76 31.09
N ALA E 352 -10.48 -13.19 32.33
CA ALA E 352 -9.65 -14.36 32.57
C ALA E 352 -10.25 -15.63 31.96
N SER E 353 -11.56 -15.84 32.12
CA SER E 353 -12.22 -17.04 31.62
C SER E 353 -13.02 -16.83 30.36
N GLY E 354 -13.40 -15.60 30.04
CA GLY E 354 -14.20 -15.36 28.85
C GLY E 354 -15.66 -15.70 29.00
N LEU E 355 -16.09 -16.14 30.18
CA LEU E 355 -17.48 -16.48 30.40
C LEU E 355 -18.35 -15.23 30.34
N TRP E 356 -19.58 -15.40 29.90
CA TRP E 356 -20.53 -14.30 29.75
C TRP E 356 -21.49 -14.29 30.92
N LEU E 357 -21.96 -13.09 31.28
CA LEU E 357 -22.88 -12.94 32.40
C LEU E 357 -24.31 -13.16 31.92
N THR E 358 -25.00 -14.11 32.55
CA THR E 358 -26.36 -14.44 32.19
C THR E 358 -27.09 -14.90 33.44
N TYR E 359 -28.34 -15.31 33.28
CA TYR E 359 -29.21 -15.69 34.39
C TYR E 359 -29.53 -17.18 34.31
N ALA E 360 -29.51 -17.84 35.47
CA ALA E 360 -29.82 -19.25 35.52
C ALA E 360 -31.28 -19.49 35.14
N ALA E 361 -31.56 -20.71 34.70
CA ALA E 361 -32.92 -21.06 34.30
C ALA E 361 -33.85 -21.02 35.52
N PRO E 362 -35.11 -20.65 35.34
CA PRO E 362 -36.01 -20.55 36.50
C PRO E 362 -36.25 -21.90 37.16
N ASP E 363 -36.45 -21.85 38.47
CA ASP E 363 -36.73 -23.06 39.23
C ASP E 363 -38.23 -23.17 39.48
N PRO E 364 -38.90 -24.23 39.00
CA PRO E 364 -40.35 -24.32 39.23
C PRO E 364 -40.74 -24.24 40.71
N LYS E 365 -39.94 -24.84 41.59
CA LYS E 365 -40.24 -24.75 43.01
C LYS E 365 -40.18 -23.32 43.51
N ALA E 366 -39.14 -22.57 43.10
CA ALA E 366 -39.04 -21.17 43.48
C ALA E 366 -40.15 -20.34 42.86
N LEU E 367 -40.48 -20.61 41.58
CA LEU E 367 -41.54 -19.85 40.93
C LEU E 367 -42.87 -20.05 41.63
N ARG E 368 -43.19 -21.29 42.01
CA ARG E 368 -44.42 -21.55 42.73
C ARG E 368 -44.44 -20.83 44.08
N LEU E 369 -43.27 -20.66 44.69
CA LEU E 369 -43.16 -19.96 45.96
C LEU E 369 -43.19 -18.45 45.82
N GLY E 370 -43.18 -17.93 44.59
CA GLY E 370 -43.20 -16.50 44.37
C GLY E 370 -41.85 -15.82 44.39
N VAL E 371 -40.75 -16.57 44.27
CA VAL E 371 -39.42 -15.99 44.31
C VAL E 371 -39.09 -15.41 42.94
N LEU E 372 -39.38 -14.12 42.75
CA LEU E 372 -39.09 -13.47 41.48
C LEU E 372 -37.60 -13.39 41.22
N LYS E 373 -36.81 -13.15 42.28
CA LYS E 373 -35.37 -12.99 42.14
C LYS E 373 -34.75 -14.11 41.31
N LYS E 374 -34.15 -13.74 40.19
CA LYS E 374 -33.46 -14.70 39.33
C LYS E 374 -31.95 -14.64 39.60
N LYS E 375 -31.39 -15.74 40.09
CA LYS E 375 -29.96 -15.76 40.38
C LYS E 375 -29.16 -15.55 39.11
N ALA E 376 -28.04 -14.84 39.21
CA ALA E 376 -27.21 -14.56 38.06
C ALA E 376 -25.90 -15.31 38.16
N ILE E 377 -25.42 -15.83 37.01
CA ILE E 377 -24.24 -16.67 36.96
C ILE E 377 -23.48 -16.38 35.67
N LEU E 378 -22.29 -16.97 35.57
CA LEU E 378 -21.46 -16.89 34.39
C LEU E 378 -21.55 -18.19 33.60
N HIS E 379 -21.81 -18.08 32.30
CA HIS E 379 -21.99 -19.25 31.45
C HIS E 379 -21.19 -19.09 30.18
N GLN E 380 -20.86 -20.23 29.55
CA GLN E 380 -20.03 -20.21 28.35
C GLN E 380 -20.73 -19.57 27.18
N GLU E 381 -22.02 -19.85 26.99
CA GLU E 381 -22.76 -19.35 25.84
C GLU E 381 -23.87 -18.39 26.27
N GLY E 382 -24.54 -18.70 27.38
CA GLY E 382 -25.63 -17.85 27.82
C GLY E 382 -26.78 -17.87 26.83
N HIS E 383 -27.40 -16.71 26.64
CA HIS E 383 -28.55 -16.58 25.75
C HIS E 383 -28.33 -15.36 24.86
N MET E 384 -29.35 -15.01 24.09
CA MET E 384 -29.28 -13.85 23.21
C MET E 384 -29.87 -12.60 23.83
N ASP E 385 -30.35 -12.68 25.07
CA ASP E 385 -30.96 -11.55 25.76
C ASP E 385 -30.14 -11.09 26.96
N ASP E 386 -28.82 -11.20 26.91
CA ASP E 386 -27.98 -10.82 28.03
C ASP E 386 -27.55 -9.35 27.98
N ALA E 387 -27.95 -8.61 26.96
CA ALA E 387 -27.55 -7.22 26.85
C ALA E 387 -28.12 -6.40 28.01
N LEU E 388 -27.37 -5.40 28.43
CA LEU E 388 -27.74 -4.56 29.56
C LEU E 388 -27.72 -3.10 29.16
N PHE E 389 -28.58 -2.30 29.77
CA PHE E 389 -28.61 -0.86 29.58
C PHE E 389 -27.90 -0.17 30.73
N LEU E 390 -27.36 1.02 30.45
CA LEU E 390 -26.70 1.83 31.47
C LEU E 390 -27.52 3.09 31.71
N THR E 391 -27.88 3.32 32.96
CA THR E 391 -28.71 4.46 33.35
C THR E 391 -27.95 5.31 34.36
N ARG E 392 -28.04 6.63 34.17
CA ARG E 392 -27.33 7.61 35.02
C ARG E 392 -28.03 7.76 36.37
N CYS E 393 -27.30 8.13 37.41
CA CYS E 393 -27.79 8.34 38.77
C CYS E 393 -27.37 9.72 39.24
N GLN E 394 -28.23 10.37 40.03
CA GLN E 394 -27.96 11.73 40.47
C GLN E 394 -26.89 11.76 41.54
N GLN E 395 -26.44 12.97 41.86
CA GLN E 395 -25.40 13.15 42.87
C GLN E 395 -25.91 12.85 44.27
N GLU E 396 -27.18 13.14 44.54
CA GLU E 396 -27.72 13.00 45.88
C GLU E 396 -27.75 11.54 46.30
N GLU E 397 -28.15 10.64 45.41
CA GLU E 397 -28.20 9.23 45.76
C GLU E 397 -26.82 8.68 46.04
N SER E 398 -25.82 9.05 45.23
CA SER E 398 -24.47 8.59 45.48
C SER E 398 -23.94 9.10 46.81
N GLN E 399 -24.17 10.38 47.10
CA GLN E 399 -23.74 10.93 48.37
C GLN E 399 -24.41 10.19 49.53
N ALA E 400 -25.70 9.92 49.40
CA ALA E 400 -26.40 9.18 50.44
C ALA E 400 -25.83 7.79 50.62
N ALA E 401 -25.48 7.11 49.52
CA ALA E 401 -24.92 5.77 49.62
C ALA E 401 -23.58 5.80 50.37
N ARG E 402 -22.72 6.77 50.05
CA ARG E 402 -21.45 6.85 50.75
C ARG E 402 -21.66 7.13 52.24
N MET E 403 -22.58 8.05 52.56
CA MET E 403 -22.86 8.33 53.96
C MET E 403 -23.38 7.09 54.68
N ILE E 404 -24.24 6.33 54.02
CA ILE E 404 -24.75 5.10 54.62
C ILE E 404 -23.61 4.16 54.94
N HIS E 405 -22.71 3.96 53.98
CA HIS E 405 -21.56 3.07 54.22
C HIS E 405 -20.78 3.51 55.46
N SER E 406 -20.40 4.79 55.49
CA SER E 406 -19.54 5.27 56.57
C SER E 406 -20.23 5.15 57.92
N THR E 407 -21.47 5.63 58.01
CA THR E 407 -22.17 5.64 59.29
C THR E 407 -22.45 4.23 59.77
N ALA E 408 -22.82 3.32 58.87
CA ALA E 408 -23.03 1.94 59.27
C ALA E 408 -21.78 1.36 59.88
N GLY E 409 -20.63 1.57 59.23
CA GLY E 409 -19.39 1.06 59.80
C GLY E 409 -19.13 1.61 61.19
N LEU E 410 -19.25 2.94 61.34
CA LEU E 410 -18.92 3.56 62.61
C LEU E 410 -19.85 3.07 63.73
N TYR E 411 -21.15 3.01 63.46
CA TYR E 411 -22.07 2.61 64.52
C TYR E 411 -21.95 1.14 64.85
N ASN E 412 -21.63 0.29 63.88
CA ASN E 412 -21.38 -1.11 64.21
C ASN E 412 -20.17 -1.23 65.13
N GLN E 413 -19.12 -0.46 64.84
CA GLN E 413 -17.96 -0.46 65.73
C GLN E 413 -18.36 -0.01 67.14
N PHE E 414 -19.17 1.04 67.24
CA PHE E 414 -19.57 1.54 68.55
C PHE E 414 -20.38 0.50 69.32
N ILE E 415 -21.30 -0.17 68.64
CA ILE E 415 -22.13 -1.17 69.31
C ILE E 415 -21.27 -2.31 69.82
N LYS E 416 -20.32 -2.77 69.00
CA LYS E 416 -19.45 -3.84 69.47
C LYS E 416 -18.62 -3.39 70.66
N GLY E 417 -18.11 -2.16 70.63
CA GLY E 417 -17.37 -1.65 71.78
C GLY E 417 -18.22 -1.65 73.04
N LEU E 418 -19.48 -1.23 72.92
CA LEU E 418 -20.36 -1.24 74.09
C LEU E 418 -20.58 -2.66 74.59
N ASP E 419 -20.82 -3.61 73.69
CA ASP E 419 -21.02 -4.99 74.10
C ASP E 419 -19.78 -5.58 74.75
N SER E 420 -18.60 -5.01 74.48
CA SER E 420 -17.38 -5.58 75.03
C SER E 420 -17.47 -5.78 76.54
N PHE E 421 -17.94 -4.77 77.29
CA PHE E 421 -17.95 -4.82 78.75
C PHE E 421 -19.36 -4.98 79.31
N SER E 422 -20.21 -5.80 78.68
CA SER E 422 -21.60 -5.89 79.10
C SER E 422 -21.74 -6.25 80.57
N GLY E 423 -21.01 -7.26 81.03
CA GLY E 423 -21.15 -7.71 82.40
C GLY E 423 -19.82 -7.86 83.11
N LYS E 424 -18.91 -6.91 82.89
CA LYS E 424 -17.54 -6.98 83.41
C LYS E 424 -17.25 -5.68 84.17
N PRO E 425 -17.70 -5.58 85.42
CA PRO E 425 -17.37 -4.39 86.21
C PRO E 425 -15.86 -4.21 86.30
N ARG E 426 -15.42 -2.95 86.14
CA ARG E 426 -13.99 -2.68 86.09
C ARG E 426 -13.35 -2.60 87.47
N GLY E 427 -14.16 -2.57 88.53
CA GLY E 427 -13.60 -2.42 89.85
C GLY E 427 -12.79 -1.14 89.95
N SER E 428 -11.61 -1.18 90.54
CA SER E 428 -10.77 0.04 90.74
C SER E 428 -9.80 0.24 89.57
N GLY E 429 -9.71 -0.70 88.66
CA GLY E 429 -8.68 -0.65 87.62
C GLY E 429 -9.15 -0.02 86.33
N PRO E 430 -8.52 -0.25 85.16
CA PRO E 430 -9.03 0.29 83.90
C PRO E 430 -10.32 -0.39 83.47
N PRO E 431 -11.18 0.25 82.63
CA PRO E 431 -12.37 -0.40 82.06
C PRO E 431 -11.97 -1.41 80.97
N ALA E 432 -12.89 -2.26 80.49
CA ALA E 432 -12.61 -3.31 79.47
C ALA E 432 -12.71 -2.77 78.06
N GLY E 433 -12.27 -3.54 77.06
CA GLY E 433 -12.36 -3.18 75.63
C GLY E 433 -11.38 -2.10 75.21
N PRO E 434 -11.20 -1.84 73.90
CA PRO E 434 -10.35 -0.73 73.43
C PRO E 434 -11.18 0.53 73.70
N ALA E 435 -10.69 1.75 73.46
CA ALA E 435 -11.49 2.92 73.88
C ALA E 435 -12.74 3.07 73.01
N LEU E 436 -13.74 3.89 73.41
CA LEU E 436 -14.86 4.11 72.51
C LEU E 436 -14.57 5.29 71.59
N PRO E 437 -15.13 5.31 70.38
CA PRO E 437 -14.98 6.46 69.48
C PRO E 437 -16.00 7.57 69.78
N ILE E 438 -15.84 8.20 70.95
CA ILE E 438 -16.87 9.14 71.42
C ILE E 438 -16.95 10.35 70.51
N GLU E 439 -15.81 10.98 70.21
CA GLU E 439 -15.82 12.22 69.44
C GLU E 439 -16.37 11.98 68.04
N ALA E 440 -15.98 10.88 67.41
CA ALA E 440 -16.49 10.59 66.07
C ALA E 440 -17.99 10.42 66.09
N VAL E 441 -18.52 9.70 67.09
CA VAL E 441 -19.96 9.48 67.16
C VAL E 441 -20.68 10.81 67.36
N ILE E 442 -20.17 11.65 68.26
CA ILE E 442 -20.83 12.93 68.52
C ILE E 442 -20.85 13.78 67.26
N LEU E 443 -19.71 13.88 66.58
CA LEU E 443 -19.64 14.71 65.38
C LEU E 443 -20.54 14.16 64.28
N SER E 444 -20.57 12.84 64.12
CA SER E 444 -21.41 12.24 63.10
C SER E 444 -22.89 12.52 63.36
N LEU E 445 -23.31 12.37 64.62
CA LEU E 445 -24.71 12.65 64.96
C LEU E 445 -25.04 14.11 64.70
N GLN E 446 -24.15 15.02 65.10
CA GLN E 446 -24.42 16.43 64.87
C GLN E 446 -24.53 16.73 63.38
N ASP E 447 -23.67 16.12 62.56
CA ASP E 447 -23.73 16.34 61.12
C ASP E 447 -25.02 15.79 60.53
N LEU E 448 -25.43 14.60 60.96
CA LEU E 448 -26.63 14.00 60.39
C LEU E 448 -27.88 14.78 60.78
N ILE E 449 -27.92 15.30 62.01
CA ILE E 449 -29.10 16.05 62.44
C ILE E 449 -29.31 17.26 61.54
N GLY E 450 -28.24 17.97 61.21
CA GLY E 450 -28.32 19.10 60.32
C GLY E 450 -28.53 18.73 58.87
N TYR E 451 -28.41 17.45 58.53
CA TYR E 451 -28.64 16.97 57.18
C TYR E 451 -30.11 16.63 56.92
N PHE E 452 -30.95 16.63 57.95
CA PHE E 452 -32.34 16.23 57.82
C PHE E 452 -33.32 17.33 58.24
N GLU E 453 -32.83 18.49 58.66
CA GLU E 453 -33.74 19.50 59.17
C GLU E 453 -34.65 20.01 58.06
N PRO E 454 -35.90 20.38 58.43
CA PRO E 454 -36.89 20.75 57.44
C PRO E 454 -36.78 22.15 56.85
N PRO E 455 -37.49 22.45 55.75
CA PRO E 455 -37.35 23.73 55.08
C PRO E 455 -37.94 24.87 55.92
N SER E 456 -37.42 26.08 55.84
CA SER E 456 -37.91 27.26 56.58
C SER E 456 -39.34 27.59 56.16
N GLU E 457 -40.16 28.03 57.11
CA GLU E 457 -41.58 28.38 56.81
C GLU E 457 -41.66 29.79 56.19
N GLU E 458 -40.54 30.36 55.75
CA GLU E 458 -40.52 31.69 55.09
C GLU E 458 -39.97 31.58 53.67
N LEU E 459 -39.89 30.40 53.09
CA LEU E 459 -39.43 30.20 51.69
C LEU E 459 -40.63 30.41 50.76
N GLN E 460 -40.43 30.65 49.47
CA GLN E 460 -41.54 30.75 48.49
C GLN E 460 -42.17 29.37 48.39
N HIS E 461 -43.45 29.24 48.01
CA HIS E 461 -44.17 27.94 48.04
C HIS E 461 -43.44 26.91 47.19
N GLU E 462 -43.12 27.15 45.93
CA GLU E 462 -42.60 26.16 44.95
C GLU E 462 -41.20 25.67 45.35
N GLU E 463 -40.31 26.56 45.80
CA GLU E 463 -38.95 26.16 46.24
C GLU E 463 -39.12 25.25 47.46
N LYS E 464 -40.05 25.57 48.37
CA LYS E 464 -40.34 24.74 49.57
C LYS E 464 -40.84 23.36 49.14
N GLN E 465 -41.68 23.27 48.11
CA GLN E 465 -42.24 21.98 47.63
C GLN E 465 -41.05 21.15 47.14
N SER E 466 -40.10 21.77 46.45
CA SER E 466 -38.86 21.10 45.97
C SER E 466 -38.06 20.61 47.18
N LYS E 467 -38.00 21.43 48.24
CA LYS E 467 -37.24 21.09 49.48
C LYS E 467 -37.86 19.86 50.15
N LEU E 468 -39.19 19.75 50.15
CA LEU E 468 -39.89 18.65 50.86
C LEU E 468 -39.75 17.33 50.09
N ARG E 469 -39.69 17.32 48.76
CA ARG E 469 -39.54 16.12 47.95
C ARG E 469 -38.18 15.48 48.18
N SER E 470 -37.12 16.29 48.12
CA SER E 470 -35.78 15.75 48.31
C SER E 470 -35.63 15.15 49.71
N LEU E 471 -36.17 15.82 50.72
CA LEU E 471 -36.06 15.32 52.08
C LEU E 471 -36.77 13.99 52.24
N ARG E 472 -37.97 13.85 51.67
CA ARG E 472 -38.67 12.57 51.74
C ARG E 472 -37.86 11.48 51.06
N ASN E 473 -37.29 11.78 49.89
CA ASN E 473 -36.51 10.78 49.18
C ASN E 473 -35.32 10.32 50.02
N ARG E 474 -34.61 11.26 50.64
CA ARG E 474 -33.45 10.89 51.44
C ARG E 474 -33.85 10.10 52.67
N GLN E 475 -34.97 10.46 53.30
CA GLN E 475 -35.44 9.69 54.45
C GLN E 475 -35.73 8.25 54.06
N SER E 476 -36.42 8.06 52.94
CA SER E 476 -36.71 6.70 52.49
C SER E 476 -35.42 5.94 52.19
N LEU E 477 -34.48 6.58 51.51
CA LEU E 477 -33.22 5.93 51.19
C LEU E 477 -32.52 5.45 52.45
N PHE E 478 -32.41 6.33 53.46
CA PHE E 478 -31.72 5.95 54.68
C PHE E 478 -32.46 4.83 55.40
N GLN E 479 -33.80 4.90 55.42
CA GLN E 479 -34.64 3.93 56.15
C GLN E 479 -34.51 2.55 55.51
N GLU E 480 -34.38 2.45 54.18
CA GLU E 480 -34.43 1.16 53.51
C GLU E 480 -33.20 0.30 53.81
N GLU E 481 -32.10 0.91 54.22
CA GLU E 481 -30.87 0.18 54.49
C GLU E 481 -30.73 -0.25 55.95
N GLY E 482 -31.69 0.08 56.80
CA GLY E 482 -31.66 -0.38 58.17
C GLY E 482 -30.97 0.52 59.15
N MET E 483 -31.01 1.84 58.94
CA MET E 483 -30.42 2.77 59.90
C MET E 483 -31.29 2.90 61.14
N LEU E 484 -32.62 2.84 60.98
CA LEU E 484 -33.49 2.92 62.13
C LEU E 484 -33.21 1.79 63.12
N SER E 485 -33.01 0.58 62.60
CA SER E 485 -32.68 -0.52 63.48
C SER E 485 -31.35 -0.28 64.19
N LEU E 486 -30.39 0.32 63.50
CA LEU E 486 -29.09 0.56 64.12
C LEU E 486 -29.21 1.55 65.27
N VAL E 487 -29.92 2.66 65.05
CA VAL E 487 -30.07 3.64 66.13
C VAL E 487 -30.89 3.05 67.27
N LEU E 488 -31.90 2.24 66.95
CA LEU E 488 -32.67 1.60 68.00
C LEU E 488 -31.81 0.68 68.85
N ASN E 489 -30.92 -0.09 68.21
CA ASN E 489 -30.02 -0.96 68.96
C ASN E 489 -29.08 -0.14 69.83
N CYS E 490 -28.55 0.96 69.29
CA CYS E 490 -27.68 1.82 70.10
C CYS E 490 -28.40 2.32 71.34
N ILE E 491 -29.63 2.83 71.16
CA ILE E 491 -30.39 3.34 72.30
C ILE E 491 -30.65 2.23 73.30
N ASP E 492 -31.06 1.05 72.80
CA ASP E 492 -31.34 -0.06 73.70
C ASP E 492 -30.12 -0.39 74.55
N ARG E 493 -28.94 -0.48 73.93
CA ARG E 493 -27.74 -0.83 74.68
C ARG E 493 -27.37 0.25 75.67
N LEU E 494 -27.51 1.53 75.28
CA LEU E 494 -27.18 2.60 76.22
C LEU E 494 -28.23 2.73 77.31
N ASN E 495 -29.48 2.35 77.03
CA ASN E 495 -30.58 2.58 77.96
C ASN E 495 -30.55 1.66 79.17
N VAL E 496 -29.69 0.65 79.18
CA VAL E 496 -29.68 -0.30 80.29
C VAL E 496 -29.07 0.30 81.56
N TYR E 497 -28.49 1.49 81.46
CA TYR E 497 -27.92 2.15 82.62
C TYR E 497 -28.85 3.26 83.10
N THR E 498 -28.97 3.40 84.42
CA THR E 498 -29.92 4.34 85.00
C THR E 498 -29.37 5.75 85.15
N THR E 499 -28.05 5.91 85.24
CA THR E 499 -27.47 7.22 85.42
C THR E 499 -26.01 7.19 84.99
N ALA E 500 -25.39 8.37 84.99
CA ALA E 500 -24.01 8.48 84.52
C ALA E 500 -23.06 7.67 85.39
N ALA E 501 -23.25 7.71 86.72
CA ALA E 501 -22.35 6.98 87.61
C ALA E 501 -22.46 5.48 87.38
N HIS E 502 -23.68 4.98 87.20
CA HIS E 502 -23.84 3.56 86.91
C HIS E 502 -23.12 3.16 85.64
N PHE E 503 -23.06 4.07 84.67
CA PHE E 503 -22.32 3.80 83.44
C PHE E 503 -20.82 3.83 83.69
N ALA E 504 -20.35 4.83 84.46
CA ALA E 504 -18.93 4.94 84.74
C ALA E 504 -18.41 3.73 85.51
N GLU E 505 -19.30 3.08 86.28
CA GLU E 505 -18.88 1.88 86.99
C GLU E 505 -18.39 0.80 86.06
N TYR E 506 -18.77 0.85 84.77
CA TYR E 506 -18.37 -0.13 83.79
C TYR E 506 -17.41 0.44 82.75
N ALA E 507 -17.73 1.60 82.18
CA ALA E 507 -16.92 2.17 81.10
C ALA E 507 -15.86 3.13 81.60
N GLY E 508 -15.82 3.44 82.89
CA GLY E 508 -14.83 4.36 83.42
C GLY E 508 -15.30 5.79 83.38
N GLU E 509 -14.84 6.60 84.34
CA GLU E 509 -15.29 7.98 84.44
C GLU E 509 -14.85 8.83 83.27
N GLU E 510 -13.81 8.41 82.54
CA GLU E 510 -13.32 9.20 81.41
C GLU E 510 -14.35 9.35 80.30
N ALA E 511 -15.20 8.34 80.09
CA ALA E 511 -16.19 8.38 79.03
C ALA E 511 -17.61 8.56 79.51
N ALA E 512 -17.83 8.77 80.81
CA ALA E 512 -19.20 8.92 81.31
C ALA E 512 -19.71 10.34 81.18
N GLU E 513 -18.86 11.29 80.79
CA GLU E 513 -19.32 12.66 80.64
C GLU E 513 -20.10 12.89 79.36
N SER E 514 -20.01 11.98 78.40
CA SER E 514 -20.72 12.11 77.14
C SER E 514 -21.98 11.27 77.06
N TRP E 515 -22.32 10.56 78.14
CA TRP E 515 -23.45 9.63 78.10
C TRP E 515 -24.76 10.35 77.81
N LYS E 516 -25.06 11.39 78.59
CA LYS E 516 -26.33 12.11 78.41
C LYS E 516 -26.37 12.79 77.06
N GLU E 517 -25.25 13.40 76.65
CA GLU E 517 -25.21 14.08 75.36
C GLU E 517 -25.49 13.11 74.22
N ILE E 518 -24.87 11.93 74.26
CA ILE E 518 -25.09 10.94 73.20
C ILE E 518 -26.53 10.49 73.20
N VAL E 519 -27.12 10.26 74.38
CA VAL E 519 -28.51 9.82 74.43
C VAL E 519 -29.42 10.87 73.80
N ASN E 520 -29.23 12.14 74.17
CA ASN E 520 -30.06 13.20 73.63
C ASN E 520 -29.91 13.30 72.12
N LEU E 521 -28.68 13.22 71.63
CA LEU E 521 -28.45 13.32 70.19
C LEU E 521 -29.11 12.16 69.46
N LEU E 522 -29.05 10.95 70.03
CA LEU E 522 -29.70 9.81 69.39
C LEU E 522 -31.20 10.01 69.30
N TYR E 523 -31.83 10.48 70.37
CA TYR E 523 -33.27 10.72 70.31
C TYR E 523 -33.60 11.80 69.28
N GLU E 524 -32.81 12.86 69.23
CA GLU E 524 -33.06 13.91 68.25
C GLU E 524 -32.95 13.38 66.82
N LEU E 525 -31.93 12.58 66.55
CA LEU E 525 -31.76 12.01 65.22
C LEU E 525 -32.92 11.09 64.85
N LEU E 526 -33.38 10.27 65.80
CA LEU E 526 -34.53 9.43 65.52
C LEU E 526 -35.75 10.26 65.17
N ALA E 527 -36.00 11.33 65.92
CA ALA E 527 -37.12 12.20 65.60
C ALA E 527 -36.97 12.79 64.20
N SER E 528 -35.76 13.24 63.86
CA SER E 528 -35.55 13.80 62.53
C SER E 528 -35.82 12.78 61.43
N LEU E 529 -35.38 11.54 61.62
CA LEU E 529 -35.64 10.51 60.62
C LEU E 529 -37.13 10.23 60.46
N ILE E 530 -37.87 10.23 61.56
CA ILE E 530 -39.28 9.83 61.50
C ILE E 530 -40.19 10.95 61.00
N ARG E 531 -39.84 12.20 61.28
CA ARG E 531 -40.78 13.30 61.11
C ARG E 531 -41.32 13.39 59.70
N GLY E 532 -42.64 13.51 59.58
CA GLY E 532 -43.28 13.87 58.33
C GLY E 532 -43.41 12.76 57.32
N ASN E 533 -43.05 11.52 57.66
CA ASN E 533 -43.03 10.41 56.72
C ASN E 533 -44.02 9.35 57.19
N ARG E 534 -45.06 9.11 56.39
CA ARG E 534 -46.09 8.16 56.78
C ARG E 534 -45.53 6.74 56.88
N ALA E 535 -44.76 6.33 55.88
CA ALA E 535 -44.26 4.96 55.84
C ALA E 535 -43.36 4.66 57.02
N ASN E 536 -42.43 5.57 57.34
CA ASN E 536 -41.55 5.36 58.48
C ASN E 536 -42.32 5.31 59.79
N CYS E 537 -43.30 6.21 59.94
CA CYS E 537 -44.09 6.23 61.17
C CYS E 537 -44.86 4.93 61.35
N ALA E 538 -45.39 4.38 60.25
CA ALA E 538 -46.21 3.18 60.36
C ALA E 538 -45.45 2.00 60.98
N LEU E 539 -44.12 2.01 60.94
CA LEU E 539 -43.36 0.89 61.47
C LEU E 539 -43.59 0.71 62.96
N PHE E 540 -43.80 1.81 63.70
CA PHE E 540 -43.90 1.72 65.14
C PHE E 540 -45.20 1.10 65.63
N SER E 541 -46.07 0.68 64.72
CA SER E 541 -47.36 0.13 65.14
C SER E 541 -47.23 -1.20 65.86
N THR E 542 -46.04 -1.81 65.83
CA THR E 542 -45.84 -3.12 66.45
C THR E 542 -45.08 -3.07 67.75
N ASN E 543 -44.35 -1.99 68.03
CA ASN E 543 -43.54 -1.89 69.24
C ASN E 543 -43.76 -0.54 69.92
N LEU E 544 -45.03 -0.14 70.08
CA LEU E 544 -45.33 1.12 70.75
C LEU E 544 -44.93 1.09 72.21
N ASP E 545 -45.03 -0.08 72.84
CA ASP E 545 -44.58 -0.21 74.23
C ASP E 545 -43.13 0.23 74.37
N TRP E 546 -42.30 -0.08 73.37
CA TRP E 546 -40.91 0.34 73.41
C TRP E 546 -40.77 1.83 73.60
N VAL E 547 -41.74 2.61 73.09
CA VAL E 547 -41.69 4.05 73.24
C VAL E 547 -42.33 4.48 74.55
N VAL E 548 -43.52 3.96 74.86
CA VAL E 548 -44.24 4.45 76.02
C VAL E 548 -43.50 4.13 77.31
N SER E 549 -42.82 2.98 77.38
CA SER E 549 -42.18 2.58 78.62
C SER E 549 -41.04 3.51 79.03
N LYS E 550 -40.55 4.36 78.11
CA LYS E 550 -39.42 5.22 78.40
C LYS E 550 -39.81 6.64 78.77
N LEU E 551 -41.11 6.95 78.83
CA LEU E 551 -41.53 8.34 79.00
C LEU E 551 -41.10 8.90 80.35
N ASP E 552 -40.87 8.05 81.35
CA ASP E 552 -40.58 8.50 82.69
C ASP E 552 -39.09 8.66 82.97
N ARG E 553 -38.23 8.41 81.99
CA ARG E 553 -36.80 8.58 82.20
C ARG E 553 -36.47 10.05 82.41
N LEU E 554 -35.59 10.32 83.38
CA LEU E 554 -35.30 11.71 83.74
C LEU E 554 -34.41 12.39 82.72
N GLU E 555 -33.56 11.65 82.01
CA GLU E 555 -32.74 12.24 80.97
C GLU E 555 -33.38 12.00 79.61
N ALA E 556 -33.44 13.07 78.81
CA ALA E 556 -34.02 13.05 77.46
C ALA E 556 -35.54 12.88 77.48
N SER E 557 -36.22 13.40 78.50
CA SER E 557 -37.67 13.31 78.52
C SER E 557 -38.30 14.08 77.36
N SER E 558 -37.78 15.28 77.09
CA SER E 558 -38.32 16.08 75.99
C SER E 558 -38.12 15.41 74.65
N GLY E 559 -36.97 14.77 74.44
CA GLY E 559 -36.75 14.07 73.19
C GLY E 559 -37.72 12.93 72.97
N ILE E 560 -37.98 12.14 74.02
CA ILE E 560 -38.93 11.04 73.90
C ILE E 560 -40.32 11.57 73.63
N LEU E 561 -40.71 12.65 74.32
CA LEU E 561 -42.01 13.25 74.06
C LEU E 561 -42.13 13.72 72.62
N GLU E 562 -41.05 14.31 72.09
CA GLU E 562 -41.07 14.77 70.70
C GLU E 562 -41.22 13.58 69.75
N VAL E 563 -40.53 12.48 70.02
CA VAL E 563 -40.65 11.31 69.17
C VAL E 563 -42.09 10.81 69.18
N LEU E 564 -42.69 10.73 70.37
CA LEU E 564 -44.07 10.25 70.46
C LEU E 564 -45.01 11.18 69.69
N TYR E 565 -44.82 12.49 69.85
CA TYR E 565 -45.68 13.43 69.14
C TYR E 565 -45.54 13.28 67.63
N CYS E 566 -44.31 13.12 67.14
CA CYS E 566 -44.12 12.94 65.71
C CYS E 566 -44.79 11.68 65.21
N VAL E 567 -44.69 10.58 65.98
CA VAL E 567 -45.30 9.33 65.55
C VAL E 567 -46.82 9.45 65.52
N LEU E 568 -47.41 10.01 66.58
CA LEU E 568 -48.87 10.00 66.71
C LEU E 568 -49.53 10.84 65.63
N ILE E 569 -48.94 11.98 65.29
CA ILE E 569 -49.61 12.95 64.43
C ILE E 569 -49.59 12.56 62.95
N GLU E 570 -49.06 11.39 62.61
CA GLU E 570 -48.88 11.02 61.21
C GLU E 570 -49.54 9.71 60.82
N SER E 571 -49.54 8.70 61.69
CA SER E 571 -49.96 7.36 61.30
C SER E 571 -51.31 7.02 61.91
N PRO E 572 -52.38 6.91 61.11
CA PRO E 572 -53.65 6.42 61.66
C PRO E 572 -53.58 4.98 62.16
N GLU E 573 -52.61 4.20 61.70
CA GLU E 573 -52.54 2.81 62.11
C GLU E 573 -52.29 2.67 63.60
N VAL E 574 -51.44 3.52 64.17
CA VAL E 574 -51.13 3.42 65.60
C VAL E 574 -52.36 3.77 66.43
N LEU E 575 -53.17 4.72 65.96
CA LEU E 575 -54.32 5.18 66.74
C LEU E 575 -55.27 4.03 67.07
N ASN E 576 -55.30 2.99 66.23
CA ASN E 576 -56.20 1.87 66.46
C ASN E 576 -55.59 0.81 67.36
N ILE E 577 -54.38 1.02 67.88
CA ILE E 577 -53.71 0.05 68.72
C ILE E 577 -53.63 0.49 70.18
N ILE E 578 -53.91 1.76 70.47
CA ILE E 578 -53.73 2.27 71.83
C ILE E 578 -54.61 1.50 72.80
N GLN E 579 -54.18 1.43 74.05
CA GLN E 579 -54.91 0.77 75.12
C GLN E 579 -54.91 1.66 76.36
N GLU E 580 -55.68 1.24 77.36
CA GLU E 580 -55.87 2.09 78.54
C GLU E 580 -54.57 2.33 79.29
N ASN E 581 -53.68 1.33 79.35
CA ASN E 581 -52.45 1.51 80.10
C ASN E 581 -51.57 2.61 79.49
N HIS E 582 -51.55 2.71 78.15
CA HIS E 582 -50.80 3.79 77.52
C HIS E 582 -51.38 5.15 77.91
N ILE E 583 -52.70 5.27 77.91
CA ILE E 583 -53.34 6.54 78.28
C ILE E 583 -52.98 6.89 79.71
N LYS E 584 -53.05 5.91 80.61
CA LYS E 584 -52.72 6.17 82.00
C LYS E 584 -51.27 6.55 82.17
N SER E 585 -50.37 5.95 81.39
CA SER E 585 -48.96 6.34 81.45
C SER E 585 -48.79 7.79 81.03
N ILE E 586 -49.46 8.21 79.96
CA ILE E 586 -49.32 9.60 79.52
C ILE E 586 -49.88 10.56 80.57
N ILE E 587 -51.06 10.25 81.11
CA ILE E 587 -51.71 11.09 82.16
C ILE E 587 -50.80 11.04 83.39
N SER E 588 -50.04 9.97 83.56
CA SER E 588 -49.04 9.82 84.65
C SER E 588 -48.00 10.93 84.42
N LEU E 589 -47.68 11.25 83.17
CA LEU E 589 -46.68 12.28 82.79
C LEU E 589 -47.06 13.68 83.27
N LEU E 590 -48.35 14.05 83.36
CA LEU E 590 -48.73 15.45 83.71
C LEU E 590 -48.79 15.61 85.23
N ASP E 591 -49.08 14.53 85.96
CA ASP E 591 -49.14 14.57 87.45
C ASP E 591 -47.72 14.35 87.99
N LYS E 592 -46.76 13.97 87.14
CA LYS E 592 -45.34 13.74 87.58
C LYS E 592 -44.43 14.87 87.09
N HIS E 593 -44.62 15.43 85.89
CA HIS E 593 -43.69 16.40 85.34
C HIS E 593 -44.20 17.83 85.40
N GLY E 594 -45.44 18.05 85.78
CA GLY E 594 -45.97 19.40 85.87
C GLY E 594 -46.90 19.74 84.73
N ARG E 595 -47.29 21.01 84.68
CA ARG E 595 -48.23 21.49 83.67
C ARG E 595 -47.52 21.93 82.40
N ASN E 596 -47.51 21.07 81.40
CA ASN E 596 -46.87 21.32 80.11
C ASN E 596 -47.92 21.13 79.02
N HIS E 597 -48.01 22.11 78.11
CA HIS E 597 -49.04 22.05 77.08
C HIS E 597 -48.71 21.05 75.98
N LYS E 598 -47.46 20.60 75.89
CA LYS E 598 -47.11 19.58 74.91
C LYS E 598 -47.88 18.29 75.16
N VAL E 599 -48.05 17.92 76.43
CA VAL E 599 -48.79 16.71 76.75
C VAL E 599 -50.26 16.87 76.33
N LEU E 600 -50.82 18.06 76.53
CA LEU E 600 -52.19 18.29 76.09
C LEU E 600 -52.30 18.18 74.57
N ASP E 601 -51.31 18.69 73.84
CA ASP E 601 -51.32 18.52 72.39
C ASP E 601 -51.27 17.05 72.01
N VAL E 602 -50.41 16.27 72.66
CA VAL E 602 -50.33 14.85 72.37
C VAL E 602 -51.68 14.18 72.62
N LEU E 603 -52.32 14.51 73.74
CA LEU E 603 -53.63 13.92 74.03
C LEU E 603 -54.66 14.32 73.00
N CYS E 604 -54.64 15.57 72.55
CA CYS E 604 -55.55 15.99 71.50
C CYS E 604 -55.32 15.20 70.23
N SER E 605 -54.07 14.81 69.96
CA SER E 605 -53.77 14.07 68.75
C SER E 605 -54.30 12.65 68.77
N LEU E 606 -54.73 12.15 69.93
CA LEU E 606 -55.18 10.76 70.03
C LEU E 606 -56.66 10.58 69.72
N CYS E 607 -57.39 11.66 69.45
CA CYS E 607 -58.83 11.58 69.32
C CYS E 607 -59.29 11.57 67.87
N VAL E 608 -58.77 12.46 67.04
CA VAL E 608 -59.19 12.59 65.66
C VAL E 608 -57.96 12.70 64.77
N CYS E 609 -57.95 11.92 63.68
CA CYS E 609 -56.86 11.94 62.72
C CYS E 609 -57.44 11.93 61.32
N ASN E 610 -57.08 12.94 60.53
CA ASN E 610 -57.56 13.06 59.15
C ASN E 610 -59.09 13.05 59.08
N GLY E 611 -59.73 13.77 59.99
CA GLY E 611 -61.17 13.90 59.95
C GLY E 611 -61.93 12.65 60.31
N VAL E 612 -61.32 11.71 61.04
CA VAL E 612 -61.99 10.51 61.50
C VAL E 612 -61.72 10.37 63.00
N ALA E 613 -62.78 10.14 63.77
CA ALA E 613 -62.67 10.08 65.22
C ALA E 613 -62.66 8.64 65.71
N VAL E 614 -61.96 8.42 66.82
CA VAL E 614 -61.85 7.12 67.46
C VAL E 614 -62.57 7.22 68.79
N ARG E 615 -63.72 6.54 68.91
CA ARG E 615 -64.54 6.69 70.10
C ARG E 615 -63.83 6.15 71.34
N SER E 616 -63.11 5.05 71.19
CA SER E 616 -62.48 4.42 72.36
C SER E 616 -61.53 5.37 73.05
N ASN E 617 -60.68 6.06 72.28
CA ASN E 617 -59.72 6.97 72.88
C ASN E 617 -60.40 8.12 73.61
N GLN E 618 -61.43 8.70 72.98
CA GLN E 618 -62.16 9.78 73.63
C GLN E 618 -62.75 9.32 74.95
N ASP E 619 -63.39 8.15 74.95
CA ASP E 619 -64.01 7.64 76.17
C ASP E 619 -62.97 7.40 77.25
N LEU E 620 -61.84 6.78 76.89
CA LEU E 620 -60.82 6.49 77.88
C LEU E 620 -60.25 7.76 78.48
N ILE E 621 -59.96 8.76 77.64
CA ILE E 621 -59.41 10.01 78.15
C ILE E 621 -60.40 10.68 79.08
N THR E 622 -61.67 10.73 78.68
CA THR E 622 -62.68 11.38 79.52
C THR E 622 -62.81 10.66 80.86
N GLU E 623 -62.83 9.32 80.83
CA GLU E 623 -63.00 8.58 82.07
C GLU E 623 -61.81 8.77 83.00
N ASN E 624 -60.60 8.80 82.45
CA ASN E 624 -59.42 8.77 83.30
C ASN E 624 -58.88 10.15 83.66
N LEU E 625 -59.39 11.22 83.06
CA LEU E 625 -58.79 12.54 83.29
C LEU E 625 -59.71 13.50 84.04
N LEU E 626 -60.96 13.61 83.62
CA LEU E 626 -61.83 14.68 84.09
C LEU E 626 -62.41 14.47 85.49
N PRO E 627 -62.97 13.29 85.81
CA PRO E 627 -63.82 13.20 87.01
C PRO E 627 -63.12 13.57 88.30
N GLY E 628 -61.82 13.32 88.43
CA GLY E 628 -61.13 13.63 89.67
C GLY E 628 -61.07 15.11 89.98
N ARG E 629 -60.71 15.94 88.99
CA ARG E 629 -60.62 17.39 89.15
C ARG E 629 -59.47 17.82 90.07
N GLU E 630 -58.27 17.29 89.85
CA GLU E 630 -57.08 17.76 90.57
C GLU E 630 -56.00 18.32 89.66
N LEU E 631 -56.06 18.10 88.35
CA LEU E 631 -54.99 18.49 87.45
C LEU E 631 -55.31 19.75 86.67
N LEU E 632 -56.44 19.79 85.97
CA LEU E 632 -56.80 20.95 85.18
C LEU E 632 -57.39 22.04 86.07
N LEU E 633 -57.30 23.28 85.61
CA LEU E 633 -57.85 24.40 86.36
C LEU E 633 -59.36 24.44 86.24
N GLN E 634 -60.02 24.81 87.33
CA GLN E 634 -61.48 24.85 87.40
C GLN E 634 -61.98 26.29 87.31
N THR E 635 -63.29 26.42 87.06
CA THR E 635 -63.91 27.72 86.90
C THR E 635 -65.31 27.71 87.49
N ASN E 636 -65.83 28.90 87.76
CA ASN E 636 -67.19 29.02 88.29
C ASN E 636 -67.55 30.49 88.36
N LEU E 637 -68.73 30.81 88.85
CA LEU E 637 -69.19 32.16 89.14
C LEU E 637 -69.45 32.28 90.63
N ILE E 638 -68.99 33.38 91.23
CA ILE E 638 -69.14 33.60 92.67
C ILE E 638 -69.58 35.03 92.92
N ASN E 639 -70.12 35.26 94.11
CA ASN E 639 -70.57 36.59 94.50
C ASN E 639 -69.45 37.36 95.20
N TYR E 640 -69.57 38.68 95.18
CA TYR E 640 -68.68 39.52 95.98
C TYR E 640 -69.16 39.58 97.42
N VAL E 641 -68.23 39.89 98.33
CA VAL E 641 -68.53 39.96 99.75
C VAL E 641 -67.74 41.12 100.35
N THR E 642 -68.33 41.74 101.38
CA THR E 642 -67.73 42.90 102.03
C THR E 642 -67.99 42.83 103.53
N SER E 643 -67.33 43.72 104.27
CA SER E 643 -67.42 43.75 105.72
C SER E 643 -67.56 45.18 106.23
N ILE E 644 -68.18 45.32 107.39
CA ILE E 644 -68.42 46.62 108.02
C ILE E 644 -68.20 46.49 109.52
N ARG E 645 -67.67 47.54 110.13
CA ARG E 645 -67.37 47.56 111.54
C ARG E 645 -67.63 48.94 112.12
N PRO E 646 -67.93 49.03 113.41
CA PRO E 646 -67.85 50.32 114.10
C PRO E 646 -66.48 50.53 114.72
N ASN E 647 -66.11 51.80 114.89
CA ASN E 647 -64.76 52.15 115.35
C ASN E 647 -64.68 52.09 116.87
N ILE E 648 -64.62 50.86 117.39
CA ILE E 648 -64.35 50.61 118.80
C ILE E 648 -63.36 49.45 118.87
N PHE E 649 -62.38 49.56 119.78
CA PHE E 649 -61.33 48.56 119.91
C PHE E 649 -61.10 48.25 121.37
N VAL E 650 -60.89 46.97 121.67
CA VAL E 650 -60.70 46.50 123.04
C VAL E 650 -59.61 45.44 123.04
N GLY E 651 -58.83 45.33 124.12
CA GLY E 651 -57.69 44.40 124.15
C GLY E 651 -57.33 43.94 125.54
N ARG E 652 -56.26 43.15 125.70
CA ARG E 652 -55.82 42.60 127.01
C ARG E 652 -54.31 42.77 127.12
N ALA E 653 -53.78 43.27 128.24
CA ALA E 653 -52.34 43.55 128.44
C ALA E 653 -52.05 43.84 129.92
N GLU E 654 -50.78 43.78 130.34
CA GLU E 654 -50.38 44.10 131.71
C GLU E 654 -50.29 45.61 131.88
N GLY E 655 -50.97 46.13 132.89
CA GLY E 655 -51.00 47.56 133.12
C GLY E 655 -51.94 48.33 132.23
N SER E 656 -52.78 47.65 131.46
CA SER E 656 -53.72 48.35 130.60
C SER E 656 -54.85 48.96 131.42
N THR E 657 -55.48 49.99 130.85
CA THR E 657 -56.57 50.69 131.50
C THR E 657 -57.94 50.30 130.97
N GLN E 658 -58.03 49.17 130.25
CA GLN E 658 -59.28 48.79 129.60
C GLN E 658 -60.01 47.72 130.40
N TYR E 659 -61.34 47.74 130.30
CA TYR E 659 -62.16 46.71 130.91
C TYR E 659 -62.04 45.40 130.15
N GLY E 660 -62.57 44.33 130.74
CA GLY E 660 -62.32 43.00 130.22
C GLY E 660 -63.51 42.23 129.67
N LYS E 661 -64.72 42.80 129.73
CA LYS E 661 -65.91 42.11 129.25
C LYS E 661 -66.77 43.08 128.47
N TRP E 662 -67.37 42.61 127.37
CA TRP E 662 -68.10 43.46 126.46
C TRP E 662 -69.25 42.69 125.82
N TYR E 663 -70.20 43.43 125.24
CA TYR E 663 -71.46 42.86 124.77
C TYR E 663 -72.05 43.76 123.68
N PHE E 664 -72.73 43.15 122.72
CA PHE E 664 -73.45 43.88 121.69
C PHE E 664 -74.38 42.92 120.96
N GLU E 665 -75.33 43.51 120.25
CA GLU E 665 -76.36 42.73 119.54
C GLU E 665 -76.49 43.17 118.09
N VAL E 666 -77.09 42.34 117.24
CA VAL E 666 -77.39 42.65 115.85
C VAL E 666 -78.81 42.20 115.54
N MET E 667 -79.51 43.02 114.76
CA MET E 667 -80.89 42.76 114.37
C MET E 667 -80.98 42.77 112.86
N VAL E 668 -81.60 41.74 112.29
CA VAL E 668 -81.69 41.57 110.84
C VAL E 668 -83.10 41.91 110.39
N ASP E 669 -83.21 42.72 109.34
CA ASP E 669 -84.50 43.17 108.83
C ASP E 669 -84.94 42.42 107.59
N GLU E 670 -84.08 42.32 106.57
CA GLU E 670 -84.47 41.70 105.31
C GLU E 670 -83.30 40.89 104.77
N VAL E 671 -83.61 39.72 104.21
CA VAL E 671 -82.64 38.91 103.49
C VAL E 671 -83.37 38.23 102.34
N VAL E 672 -82.73 38.18 101.18
CA VAL E 672 -83.24 37.47 100.02
C VAL E 672 -82.44 36.17 99.88
N PRO E 673 -83.05 35.01 100.16
CA PRO E 673 -82.24 33.79 100.23
C PRO E 673 -81.48 33.48 98.96
N PHE E 674 -82.05 33.74 97.78
CA PHE E 674 -81.39 33.45 96.50
C PHE E 674 -81.63 34.63 95.57
N LEU E 675 -80.74 35.61 95.61
CA LEU E 675 -80.80 36.71 94.66
C LEU E 675 -80.15 36.34 93.33
N THR E 676 -79.25 35.35 93.36
CA THR E 676 -78.61 34.84 92.15
C THR E 676 -78.51 33.33 92.24
N ALA E 677 -77.70 32.71 91.39
CA ALA E 677 -77.58 31.27 91.41
C ALA E 677 -76.91 30.75 92.67
N GLN E 678 -76.29 31.62 93.46
CA GLN E 678 -75.57 31.22 94.67
C GLN E 678 -76.26 31.81 95.89
N ALA E 679 -76.24 31.06 96.99
CA ALA E 679 -76.97 31.46 98.20
C ALA E 679 -76.36 32.73 98.80
N THR E 680 -77.20 33.50 99.47
CA THR E 680 -76.75 34.75 100.08
C THR E 680 -75.87 34.47 101.29
N HIS E 681 -75.06 35.46 101.66
CA HIS E 681 -74.04 35.31 102.68
C HIS E 681 -74.30 36.31 103.80
N LEU E 682 -74.17 35.86 105.05
CA LEU E 682 -74.38 36.74 106.20
C LEU E 682 -73.78 36.08 107.45
N ARG E 683 -72.94 36.81 108.17
CA ARG E 683 -72.29 36.31 109.37
C ARG E 683 -71.99 37.45 110.32
N VAL E 684 -71.82 37.12 111.60
CA VAL E 684 -71.48 38.10 112.63
C VAL E 684 -70.47 37.49 113.58
N GLY E 685 -69.66 38.35 114.19
CA GLY E 685 -68.66 37.87 115.13
C GLY E 685 -67.64 38.94 115.47
N TRP E 686 -66.48 38.49 115.96
CA TRP E 686 -65.39 39.36 116.35
C TRP E 686 -64.19 39.12 115.44
N ALA E 687 -63.27 40.07 115.42
CA ALA E 687 -62.08 39.97 114.59
C ALA E 687 -60.93 40.73 115.25
N LEU E 688 -59.69 40.37 114.88
CA LEU E 688 -58.48 40.99 115.49
C LEU E 688 -58.03 42.18 114.65
N THR E 689 -57.33 43.15 115.26
CA THR E 689 -56.84 44.36 114.58
C THR E 689 -55.83 43.95 113.50
N GLU E 690 -55.00 42.94 113.77
CA GLU E 690 -53.96 42.46 112.83
C GLU E 690 -54.42 41.18 112.14
N GLY E 691 -54.13 41.02 110.84
CA GLY E 691 -54.44 39.79 110.10
C GLY E 691 -55.77 39.85 109.37
N TYR E 692 -56.83 40.33 110.03
CA TYR E 692 -58.16 40.49 109.37
C TYR E 692 -58.05 41.62 108.34
N SER E 693 -57.83 41.27 107.06
CA SER E 693 -57.70 42.24 105.94
C SER E 693 -58.30 41.63 104.68
N PRO E 694 -59.64 41.49 104.57
CA PRO E 694 -60.27 40.83 103.43
C PRO E 694 -60.22 41.75 102.20
N TYR E 695 -59.76 41.24 101.06
CA TYR E 695 -59.59 42.06 99.82
C TYR E 695 -60.67 41.63 98.82
N PRO E 696 -61.32 42.54 98.08
CA PRO E 696 -62.41 42.15 97.18
C PRO E 696 -61.92 41.22 96.06
N GLY E 697 -62.60 40.10 95.81
CA GLY E 697 -62.26 39.19 94.71
C GLY E 697 -61.91 37.80 95.18
N GLY E 698 -60.74 37.30 94.83
CA GLY E 698 -60.31 35.93 95.15
C GLY E 698 -59.62 35.82 96.48
N GLY E 699 -59.31 34.60 96.91
CA GLY E 699 -58.62 34.33 98.18
C GLY E 699 -58.54 32.85 98.46
N GLU E 700 -59.02 32.40 99.61
CA GLU E 700 -58.92 30.99 100.06
C GLU E 700 -60.08 30.21 99.46
N GLY E 701 -59.88 28.93 99.14
CA GLY E 701 -60.89 28.09 98.49
C GLY E 701 -61.50 28.79 97.31
N TRP E 702 -62.82 28.81 97.23
CA TRP E 702 -63.52 29.61 96.19
C TRP E 702 -63.77 30.90 96.93
N GLY E 703 -63.59 32.06 96.28
CA GLY E 703 -63.65 33.39 96.93
C GLY E 703 -65.00 33.76 97.52
N GLY E 704 -65.17 35.03 97.91
CA GLY E 704 -66.40 35.50 98.59
C GLY E 704 -66.23 35.31 100.08
N ASN E 705 -65.00 35.45 100.61
CA ASN E 705 -64.73 35.19 102.06
C ASN E 705 -65.41 36.25 102.93
N GLY E 706 -65.98 35.86 104.08
CA GLY E 706 -66.66 36.77 105.02
C GLY E 706 -66.04 36.76 106.40
N VAL E 707 -66.81 36.40 107.44
CA VAL E 707 -66.33 36.40 108.87
C VAL E 707 -66.07 34.96 109.31
N GLY E 708 -64.80 34.55 109.48
CA GLY E 708 -64.43 33.20 109.97
C GLY E 708 -63.83 32.33 108.88
N ASP E 709 -63.04 32.92 107.97
CA ASP E 709 -62.40 32.19 106.83
C ASP E 709 -60.89 32.19 107.04
N ASP E 710 -60.41 32.53 108.26
CA ASP E 710 -58.96 32.55 108.61
C ASP E 710 -58.79 32.51 110.13
N LEU E 711 -57.56 32.37 110.63
CA LEU E 711 -57.26 32.26 112.09
C LEU E 711 -57.11 33.65 112.73
N TYR E 712 -58.00 34.61 112.42
CA TYR E 712 -57.98 35.96 113.06
C TYR E 712 -59.41 36.41 113.38
N SER E 713 -60.45 35.70 112.94
CA SER E 713 -61.84 36.08 113.12
C SER E 713 -62.64 34.84 113.52
N TYR E 714 -63.78 35.09 114.14
CA TYR E 714 -64.63 34.03 114.67
C TYR E 714 -66.09 34.42 114.44
N GLY E 715 -66.82 33.61 113.68
CA GLY E 715 -68.14 34.01 113.21
C GLY E 715 -69.18 32.96 113.50
N PHE E 716 -70.43 33.34 113.22
CA PHE E 716 -71.59 32.50 113.44
C PHE E 716 -72.69 32.91 112.46
N ASP E 717 -73.41 31.93 111.93
CA ASP E 717 -74.40 32.21 110.90
C ASP E 717 -75.72 31.47 111.09
N GLY E 718 -76.02 31.01 112.30
CA GLY E 718 -77.28 30.36 112.60
C GLY E 718 -77.21 28.85 112.62
N LEU E 719 -76.22 28.24 111.96
CA LEU E 719 -76.08 26.79 111.96
C LEU E 719 -74.67 26.30 112.22
N HIS E 720 -73.64 27.11 112.00
CA HIS E 720 -72.27 26.67 112.13
C HIS E 720 -71.43 27.72 112.84
N LEU E 721 -70.30 27.29 113.36
CA LEU E 721 -69.27 28.19 113.85
C LEU E 721 -68.09 28.17 112.88
N TRP E 722 -67.73 29.34 112.37
CA TRP E 722 -66.74 29.45 111.31
C TRP E 722 -65.42 29.92 111.90
N THR E 723 -64.33 29.25 111.53
CA THR E 723 -63.00 29.69 111.89
C THR E 723 -62.00 28.88 111.07
N GLY E 724 -60.99 29.57 110.54
CA GLY E 724 -60.02 28.91 109.69
C GLY E 724 -60.61 28.31 108.44
N HIS E 725 -61.64 28.94 107.88
CA HIS E 725 -62.27 28.48 106.65
C HIS E 725 -62.88 27.10 106.78
N VAL E 726 -63.31 26.73 107.99
CA VAL E 726 -63.94 25.44 108.24
C VAL E 726 -65.23 25.66 108.99
N ALA E 727 -66.29 25.01 108.55
CA ALA E 727 -67.60 25.12 109.19
C ALA E 727 -67.84 23.91 110.06
N ARG E 728 -68.31 24.15 111.29
CA ARG E 728 -68.57 23.09 112.26
C ARG E 728 -70.00 23.21 112.75
N PRO E 729 -70.83 22.18 112.65
CA PRO E 729 -72.22 22.30 113.08
C PRO E 729 -72.33 22.57 114.58
N VAL E 730 -73.35 23.34 114.94
CA VAL E 730 -73.65 23.65 116.34
C VAL E 730 -75.13 23.43 116.56
N THR E 731 -75.50 23.18 117.81
CA THR E 731 -76.87 22.84 118.17
C THR E 731 -77.53 23.99 118.93
N SER E 732 -78.79 24.25 118.61
CA SER E 732 -79.56 25.30 119.27
C SER E 732 -81.03 25.03 119.00
N PRO E 733 -81.92 25.49 119.88
CA PRO E 733 -83.36 25.32 119.62
C PRO E 733 -83.77 26.02 118.34
N GLY E 734 -84.64 25.38 117.55
CA GLY E 734 -85.11 25.95 116.27
C GLY E 734 -83.94 26.28 115.37
N GLN E 735 -82.88 25.46 115.39
CA GLN E 735 -81.65 25.71 114.58
C GLN E 735 -82.05 25.98 113.12
N HIS E 736 -81.61 27.09 112.53
CA HIS E 736 -81.95 27.52 111.15
C HIS E 736 -81.05 28.71 110.78
N LEU E 737 -81.00 29.06 109.50
CA LEU E 737 -80.16 30.19 109.03
C LEU E 737 -80.81 31.53 109.40
N LEU E 738 -80.03 32.61 109.54
CA LEU E 738 -80.52 33.90 109.96
C LEU E 738 -81.63 34.37 109.03
N ALA E 739 -82.74 34.79 109.62
CA ALA E 739 -83.94 35.18 108.90
C ALA E 739 -84.47 36.48 109.47
N PRO E 740 -85.32 37.19 108.73
CA PRO E 740 -85.83 38.47 109.23
C PRO E 740 -86.50 38.31 110.59
N GLU E 741 -86.31 39.33 111.43
CA GLU E 741 -86.79 39.42 112.81
C GLU E 741 -85.89 38.69 113.79
N ASP E 742 -84.81 38.05 113.34
CA ASP E 742 -83.89 37.41 114.27
C ASP E 742 -82.99 38.45 114.93
N VAL E 743 -82.57 38.15 116.15
CA VAL E 743 -81.66 39.01 116.90
C VAL E 743 -80.54 38.14 117.45
N VAL E 744 -79.31 38.62 117.32
CA VAL E 744 -78.12 37.89 117.74
C VAL E 744 -77.37 38.73 118.76
N SER E 745 -76.69 38.06 119.68
CA SER E 745 -75.91 38.73 120.72
C SER E 745 -74.60 37.98 120.92
N CYS E 746 -73.51 38.74 121.00
CA CYS E 746 -72.16 38.18 121.14
C CYS E 746 -71.53 38.71 122.41
N CYS E 747 -70.84 37.85 123.13
CA CYS E 747 -70.18 38.20 124.40
C CYS E 747 -68.70 37.86 124.31
N LEU E 748 -67.85 38.78 124.77
CA LEU E 748 -66.41 38.60 124.77
C LEU E 748 -65.89 38.69 126.19
N ASP E 749 -65.10 37.70 126.59
CA ASP E 749 -64.47 37.66 127.90
C ASP E 749 -62.98 37.47 127.74
N LEU E 750 -62.21 38.48 128.15
CA LEU E 750 -60.76 38.47 127.96
C LEU E 750 -60.00 37.93 129.16
N SER E 751 -60.63 37.83 130.33
CA SER E 751 -59.95 37.21 131.47
C SER E 751 -59.55 35.79 131.14
N VAL E 752 -60.49 34.99 130.65
CA VAL E 752 -60.23 33.69 130.04
C VAL E 752 -60.73 33.76 128.61
N PRO E 753 -59.85 33.81 127.61
CA PRO E 753 -60.32 34.04 126.24
C PRO E 753 -61.50 33.14 125.89
N SER E 754 -62.66 33.74 125.66
CA SER E 754 -63.87 32.98 125.41
C SER E 754 -64.88 33.86 124.69
N ILE E 755 -65.59 33.28 123.73
CA ILE E 755 -66.61 33.97 122.97
C ILE E 755 -67.83 33.06 122.88
N SER E 756 -69.01 33.61 123.17
CA SER E 756 -70.25 32.84 123.16
C SER E 756 -71.35 33.67 122.51
N PHE E 757 -72.36 32.98 122.00
CA PHE E 757 -73.45 33.61 121.26
C PHE E 757 -74.79 33.21 121.87
N ARG E 758 -75.80 34.03 121.62
CA ARG E 758 -77.19 33.70 121.91
C ARG E 758 -78.05 34.23 120.78
N ILE E 759 -79.12 33.50 120.47
CA ILE E 759 -80.06 33.87 119.42
C ILE E 759 -81.46 33.87 120.01
N ASN E 760 -82.13 35.02 119.94
CA ASN E 760 -83.48 35.15 120.50
C ASN E 760 -83.51 34.77 121.97
N GLY E 761 -82.40 34.98 122.67
CA GLY E 761 -82.28 34.64 124.07
C GLY E 761 -81.94 33.19 124.34
N CYS E 762 -81.94 32.34 123.33
CA CYS E 762 -81.62 30.92 123.54
C CYS E 762 -80.10 30.74 123.52
N PRO E 763 -79.50 30.13 124.54
CA PRO E 763 -78.06 29.89 124.50
C PRO E 763 -77.67 29.00 123.34
N VAL E 764 -76.47 29.20 122.77
CA VAL E 764 -75.94 28.35 121.65
C VAL E 764 -74.99 27.31 122.26
N GLN E 765 -74.94 26.08 121.73
CA GLN E 765 -74.12 24.98 122.29
C GLN E 765 -72.72 24.97 121.66
N GLY E 766 -71.91 26.01 121.88
CA GLY E 766 -70.53 26.08 121.36
C GLY E 766 -69.80 27.31 121.88
N VAL E 767 -68.51 27.21 122.23
CA VAL E 767 -67.69 28.35 122.70
C VAL E 767 -66.33 28.33 122.00
N PHE E 768 -65.73 29.50 121.74
CA PHE E 768 -64.39 29.65 121.12
C PHE E 768 -63.41 30.05 122.24
N GLU E 769 -62.50 29.18 122.70
CA GLU E 769 -61.62 29.47 123.85
C GLU E 769 -60.14 29.33 123.54
N ALA E 770 -59.25 29.86 124.40
CA ALA E 770 -57.78 29.74 124.24
C ALA E 770 -57.35 30.26 122.87
N PHE E 771 -57.40 31.58 122.65
CA PHE E 771 -56.98 32.19 121.36
C PHE E 771 -55.88 33.23 121.65
N ASN E 772 -55.16 33.68 120.61
CA ASN E 772 -54.02 34.60 120.74
C ASN E 772 -54.58 35.99 121.07
N LEU E 773 -53.80 36.82 121.76
CA LEU E 773 -54.20 38.15 122.23
C LEU E 773 -53.17 39.20 121.86
N ASP E 774 -52.73 39.22 120.60
CA ASP E 774 -51.67 40.13 120.18
C ASP E 774 -52.19 41.46 119.67
N GLY E 775 -53.49 41.70 119.67
CA GLY E 775 -54.00 42.94 119.14
C GLY E 775 -55.29 43.35 119.81
N LEU E 776 -56.06 44.15 119.10
CA LEU E 776 -57.34 44.65 119.60
C LEU E 776 -58.49 44.04 118.82
N PHE E 777 -59.58 43.75 119.52
CA PHE E 777 -60.76 43.16 118.90
C PHE E 777 -61.79 44.24 118.59
N PHE E 778 -62.63 43.95 117.61
CA PHE E 778 -63.71 44.84 117.24
C PHE E 778 -64.86 44.05 116.65
N PRO E 779 -66.11 44.50 116.82
CA PRO E 779 -67.24 43.81 116.19
C PRO E 779 -67.20 43.95 114.68
N VAL E 780 -67.80 42.99 113.99
CA VAL E 780 -67.77 42.98 112.53
C VAL E 780 -68.94 42.17 112.00
N VAL E 781 -69.38 42.52 110.80
CA VAL E 781 -70.42 41.80 110.07
C VAL E 781 -70.02 41.72 108.62
N SER E 782 -70.24 40.56 107.99
CA SER E 782 -69.93 40.36 106.58
C SER E 782 -71.17 39.88 105.87
N PHE E 783 -71.27 40.20 104.58
CA PHE E 783 -72.51 39.97 103.83
C PHE E 783 -72.24 40.10 102.35
N SER E 784 -73.21 39.66 101.57
CA SER E 784 -73.27 39.91 100.13
C SER E 784 -74.52 40.73 99.83
N ALA E 785 -74.74 40.99 98.54
CA ALA E 785 -75.85 41.84 98.14
C ALA E 785 -77.19 41.22 98.54
N GLY E 786 -78.09 42.06 99.03
CA GLY E 786 -79.45 41.63 99.35
C GLY E 786 -79.71 41.41 100.81
N VAL E 787 -79.24 42.31 101.66
CA VAL E 787 -79.45 42.21 103.11
C VAL E 787 -79.71 43.60 103.68
N LYS E 788 -80.22 43.62 104.92
CA LYS E 788 -80.47 44.85 105.65
C LYS E 788 -80.39 44.54 107.14
N VAL E 789 -79.43 45.15 107.83
CA VAL E 789 -79.13 44.82 109.21
C VAL E 789 -78.98 46.12 110.00
N ARG E 790 -79.15 46.02 111.32
CA ARG E 790 -78.98 47.14 112.23
C ARG E 790 -78.06 46.76 113.38
N PHE E 791 -77.17 47.67 113.76
CA PHE E 791 -76.30 47.50 114.92
C PHE E 791 -76.97 48.07 116.15
N LEU E 792 -76.90 47.36 117.27
CA LEU E 792 -77.40 47.83 118.55
C LEU E 792 -76.24 47.87 119.53
N LEU E 793 -76.03 49.02 120.16
CA LEU E 793 -74.89 49.22 121.05
C LEU E 793 -75.27 49.79 122.41
N GLY E 794 -76.55 50.06 122.66
CA GLY E 794 -76.97 50.60 123.94
C GLY E 794 -76.80 52.10 124.01
N GLY E 795 -77.23 52.65 125.15
CA GLY E 795 -77.12 54.09 125.35
C GLY E 795 -77.96 54.85 124.35
N ARG E 796 -77.46 56.02 123.93
CA ARG E 796 -78.15 56.84 122.95
C ARG E 796 -78.35 56.10 121.63
N HIS E 797 -77.56 55.08 121.35
CA HIS E 797 -77.69 54.26 120.16
C HIS E 797 -78.68 53.14 120.44
N GLY E 798 -78.70 52.15 119.56
CA GLY E 798 -79.67 51.06 119.64
C GLY E 798 -79.88 50.54 121.05
N GLU E 799 -81.13 50.24 121.40
CA GLU E 799 -81.45 49.73 122.71
C GLU E 799 -81.55 48.20 122.67
N PHE E 800 -80.88 47.54 123.61
CA PHE E 800 -80.86 46.09 123.62
C PHE E 800 -82.26 45.53 123.83
N LYS E 801 -82.57 44.44 123.14
CA LYS E 801 -83.81 43.70 123.36
C LYS E 801 -83.68 42.68 124.49
N PHE E 802 -82.48 42.44 124.98
CA PHE E 802 -82.25 41.53 126.10
C PHE E 802 -81.16 42.12 126.98
N LEU E 803 -81.39 42.09 128.29
CA LEU E 803 -80.42 42.67 129.21
C LEU E 803 -79.12 41.87 129.17
N PRO E 804 -77.97 42.53 129.21
CA PRO E 804 -76.72 41.78 129.16
C PRO E 804 -76.56 40.93 130.40
N PRO E 805 -75.73 39.89 130.33
CA PRO E 805 -75.43 39.10 131.53
C PRO E 805 -74.62 39.93 132.51
N PRO E 806 -74.55 39.51 133.77
CA PRO E 806 -73.84 40.32 134.78
C PRO E 806 -72.38 40.51 134.40
N GLY E 807 -71.87 41.72 134.65
CA GLY E 807 -70.47 42.03 134.45
C GLY E 807 -70.09 42.43 133.04
N TYR E 808 -71.00 42.36 132.09
CA TYR E 808 -70.70 42.71 130.70
C TYR E 808 -71.14 44.13 130.42
N ALA E 809 -70.27 44.91 129.79
CA ALA E 809 -70.56 46.31 129.55
C ALA E 809 -71.07 46.53 128.13
N PRO E 810 -71.91 47.53 127.91
CA PRO E 810 -72.29 47.87 126.54
C PRO E 810 -71.09 48.34 125.74
N CYS E 811 -71.15 48.14 124.42
CA CYS E 811 -70.00 48.43 123.58
C CYS E 811 -69.78 49.94 123.41
N HIS E 812 -70.83 50.74 123.53
CA HIS E 812 -70.69 52.17 123.27
C HIS E 812 -69.80 52.85 124.30
N GLU E 813 -69.49 52.18 125.41
CA GLU E 813 -68.68 52.79 126.45
C GLU E 813 -67.20 52.83 126.09
N ALA E 814 -66.80 52.20 124.98
CA ALA E 814 -65.39 52.11 124.63
C ALA E 814 -64.91 53.20 123.68
N VAL E 815 -65.77 54.18 123.36
CA VAL E 815 -65.37 55.25 122.45
C VAL E 815 -64.33 56.12 123.12
N LEU E 816 -63.26 56.44 122.38
CA LEU E 816 -62.20 57.25 122.93
C LEU E 816 -62.63 58.71 123.01
N PRO E 817 -61.98 59.51 123.86
CA PRO E 817 -62.42 60.91 124.02
C PRO E 817 -62.34 61.72 122.75
N ARG E 818 -61.36 61.46 121.89
CA ARG E 818 -61.13 62.30 120.72
C ARG E 818 -61.88 61.82 119.48
N GLU E 819 -62.63 60.73 119.57
CA GLU E 819 -63.24 60.10 118.41
C GLU E 819 -64.75 60.25 118.44
N ARG E 820 -65.36 60.04 117.27
CA ARG E 820 -66.81 60.07 117.09
C ARG E 820 -67.24 58.75 116.50
N LEU E 821 -68.34 58.19 117.02
CA LEU E 821 -68.81 56.89 116.58
C LEU E 821 -69.25 56.95 115.12
N ARG E 822 -68.98 55.88 114.37
CA ARG E 822 -69.38 55.79 112.98
C ARG E 822 -69.14 54.38 112.47
N LEU E 823 -69.61 54.12 111.26
CA LEU E 823 -69.43 52.85 110.58
C LEU E 823 -68.52 53.03 109.37
N GLU E 824 -67.56 52.13 109.21
CA GLU E 824 -66.52 52.29 108.22
C GLU E 824 -66.17 50.93 107.63
N PRO E 825 -65.59 50.90 106.43
CA PRO E 825 -65.02 49.65 105.92
C PRO E 825 -63.69 49.35 106.61
N ILE E 826 -63.03 48.29 106.15
CA ILE E 826 -61.82 47.78 106.77
C ILE E 826 -60.70 47.80 105.74
N LYS E 827 -59.68 48.61 106.00
CA LYS E 827 -58.45 48.65 105.21
C LYS E 827 -58.74 48.69 103.71
N GLU E 828 -59.57 49.64 103.31
CA GLU E 828 -59.86 49.82 101.90
C GLU E 828 -58.72 50.58 101.21
N TYR E 829 -58.67 50.46 99.88
CA TYR E 829 -57.72 51.19 99.07
C TYR E 829 -58.40 52.02 98.00
N ARG E 830 -59.64 52.44 98.22
CA ARG E 830 -60.40 53.15 97.21
C ARG E 830 -61.68 53.68 97.84
N ARG E 831 -62.15 54.81 97.33
CA ARG E 831 -63.44 55.35 97.75
C ARG E 831 -63.92 56.33 96.70
N GLU E 832 -65.23 56.60 96.73
CA GLU E 832 -65.82 57.54 95.79
C GLU E 832 -65.41 58.97 96.14
N GLY E 833 -65.47 59.83 95.13
CA GLY E 833 -65.09 61.22 95.29
C GLY E 833 -66.01 62.16 94.55
N PRO E 834 -65.86 63.47 94.79
CA PRO E 834 -66.74 64.44 94.11
C PRO E 834 -66.69 64.35 92.60
N ARG E 835 -65.51 64.13 92.02
CA ARG E 835 -65.36 64.03 90.58
C ARG E 835 -64.92 62.66 90.11
N GLY E 836 -64.39 61.82 91.00
CA GLY E 836 -63.96 60.49 90.64
C GLY E 836 -63.41 59.74 91.83
N PRO E 837 -63.10 58.47 91.63
CA PRO E 837 -62.58 57.66 92.75
C PRO E 837 -61.24 58.20 93.24
N HIS E 838 -61.03 58.10 94.55
CA HIS E 838 -59.77 58.47 95.17
C HIS E 838 -58.98 57.21 95.51
N LEU E 839 -57.66 57.31 95.39
CA LEU E 839 -56.77 56.24 95.81
C LEU E 839 -56.30 56.50 97.23
N VAL E 840 -56.27 55.44 98.03
CA VAL E 840 -56.01 55.55 99.47
C VAL E 840 -54.82 54.68 99.82
N GLY E 841 -53.89 55.25 100.59
CA GLY E 841 -52.74 54.50 101.06
C GLY E 841 -53.05 53.78 102.35
N PRO E 842 -52.04 53.08 102.87
CA PRO E 842 -52.23 52.36 104.13
C PRO E 842 -52.73 53.27 105.25
N SER E 843 -53.20 52.69 106.34
CA SER E 843 -53.78 53.45 107.44
C SER E 843 -53.06 53.09 108.74
N ARG E 844 -52.77 54.11 109.54
CA ARG E 844 -52.18 53.88 110.85
C ARG E 844 -53.21 53.32 111.81
N CYS E 845 -52.78 52.38 112.65
CA CYS E 845 -53.66 51.70 113.58
C CYS E 845 -53.05 51.71 114.98
N LEU E 846 -53.92 51.65 115.98
CA LEU E 846 -53.47 51.63 117.36
C LEU E 846 -52.99 50.21 117.73
N SER E 847 -52.20 50.14 118.79
CA SER E 847 -51.68 48.89 119.30
C SER E 847 -52.14 48.70 120.74
N HIS E 848 -52.29 47.43 121.14
CA HIS E 848 -52.77 47.13 122.48
C HIS E 848 -51.80 47.59 123.55
N THR E 849 -50.57 47.93 123.19
CA THR E 849 -49.61 48.45 124.15
C THR E 849 -49.68 49.96 124.29
N ASP E 850 -50.59 50.63 123.58
CA ASP E 850 -50.74 52.07 123.68
C ASP E 850 -51.67 52.50 124.80
N PHE E 851 -52.25 51.55 125.54
CA PHE E 851 -53.17 51.87 126.62
C PHE E 851 -52.57 51.64 127.99
N VAL E 852 -51.27 51.43 128.08
CA VAL E 852 -50.57 51.22 129.35
C VAL E 852 -49.61 52.38 129.55
N PRO E 853 -49.81 53.28 130.55
CA PRO E 853 -48.96 54.47 130.72
C PRO E 853 -47.48 54.15 130.97
N CYS E 854 -46.57 55.11 130.75
CA CYS E 854 -45.10 54.91 130.91
C CYS E 854 -44.48 56.17 131.53
N PRO E 855 -44.63 56.40 132.86
CA PRO E 855 -44.04 57.54 133.54
C PRO E 855 -42.53 57.37 133.75
N VAL E 856 -41.81 58.49 133.87
CA VAL E 856 -40.35 58.47 134.19
C VAL E 856 -40.23 58.09 135.66
N ASP E 857 -41.29 58.27 136.45
CA ASP E 857 -41.27 57.98 137.91
C ASP E 857 -40.40 56.76 138.21
N THR E 858 -39.24 56.95 138.83
CA THR E 858 -38.33 55.84 139.25
C THR E 858 -38.19 55.93 140.76
N VAL E 859 -37.59 54.92 141.40
CA VAL E 859 -37.42 54.89 142.88
C VAL E 859 -36.47 56.02 143.30
N GLN E 860 -35.61 56.50 142.41
CA GLN E 860 -34.63 57.59 142.69
C GLN E 860 -35.32 58.76 143.40
N ILE E 861 -34.72 59.26 144.47
CA ILE E 861 -35.27 60.46 145.17
C ILE E 861 -34.22 61.57 145.10
N VAL E 862 -34.63 62.83 144.96
CA VAL E 862 -33.69 64.00 144.88
C VAL E 862 -33.55 64.60 146.27
N LEU E 863 -34.63 65.18 146.82
CA LEU E 863 -34.62 65.84 148.16
C LEU E 863 -33.50 66.88 148.21
N PRO E 864 -33.36 67.78 147.21
CA PRO E 864 -32.29 68.79 147.19
C PRO E 864 -32.45 69.79 148.35
N PRO E 865 -31.52 69.90 149.32
CA PRO E 865 -31.73 70.80 150.45
C PRO E 865 -31.83 72.25 149.96
N HIS E 866 -31.20 72.54 148.82
CA HIS E 866 -31.17 73.91 148.25
C HIS E 866 -32.49 74.27 147.58
N LEU E 867 -33.43 73.31 147.41
CA LEU E 867 -34.74 73.62 146.81
C LEU E 867 -35.89 73.55 147.82
N GLU E 868 -35.59 73.32 149.09
CA GLU E 868 -36.63 73.22 150.10
C GLU E 868 -37.37 74.54 150.35
N ARG E 869 -36.66 75.67 150.35
CA ARG E 869 -37.34 76.97 150.55
C ARG E 869 -38.28 77.24 149.40
N ILE E 870 -37.82 77.00 148.18
CA ILE E 870 -38.64 77.36 147.06
C ILE E 870 -39.84 76.37 147.01
N ARG E 871 -39.69 75.15 147.52
CA ARG E 871 -40.84 74.23 147.58
C ARG E 871 -41.99 74.89 148.37
N GLU E 872 -41.66 75.48 149.51
CA GLU E 872 -42.64 76.17 150.36
C GLU E 872 -43.27 77.39 149.64
N LYS E 873 -42.44 78.25 149.07
CA LYS E 873 -42.94 79.44 148.39
C LYS E 873 -43.79 79.06 147.18
N LEU E 874 -43.40 78.01 146.45
CA LEU E 874 -44.16 77.52 145.32
C LEU E 874 -45.55 77.05 145.79
N ALA E 875 -45.59 76.25 146.85
CA ALA E 875 -46.87 75.76 147.34
C ALA E 875 -47.77 76.94 147.74
N GLU E 876 -47.19 77.95 148.37
CA GLU E 876 -47.98 79.12 148.79
C GLU E 876 -48.59 79.81 147.58
N ASN E 877 -47.81 80.03 146.51
CA ASN E 877 -48.38 80.73 145.39
C ASN E 877 -49.40 79.90 144.63
N ILE E 878 -49.16 78.59 144.54
CA ILE E 878 -50.12 77.71 143.92
C ILE E 878 -51.49 77.77 144.65
N HIS E 879 -51.43 77.84 145.96
CA HIS E 879 -52.66 77.99 146.76
C HIS E 879 -53.39 79.30 146.47
N GLU E 880 -52.64 80.40 146.42
CA GLU E 880 -53.24 81.68 146.10
C GLU E 880 -53.90 81.67 144.74
N LEU E 881 -53.24 81.05 143.76
CA LEU E 881 -53.81 80.96 142.43
C LEU E 881 -55.07 80.10 142.40
N TRP E 882 -55.02 78.99 143.13
CA TRP E 882 -56.17 78.08 143.21
C TRP E 882 -57.34 78.79 143.83
N ALA E 883 -57.08 79.49 144.93
CA ALA E 883 -58.16 80.19 145.63
C ALA E 883 -58.79 81.27 144.74
N LEU E 884 -57.95 82.02 144.03
CA LEU E 884 -58.45 83.01 143.07
C LEU E 884 -59.38 82.37 142.03
N THR E 885 -58.98 81.22 141.48
CA THR E 885 -59.75 80.50 140.45
C THR E 885 -61.12 80.10 141.04
N ARG E 886 -61.16 79.62 142.29
CA ARG E 886 -62.43 79.23 142.98
C ARG E 886 -63.28 80.47 143.19
N ILE E 887 -62.70 81.55 143.68
CA ILE E 887 -63.46 82.74 144.05
C ILE E 887 -64.05 83.41 142.80
N GLU E 888 -63.29 83.41 141.70
CA GLU E 888 -63.87 83.89 140.43
C GLU E 888 -65.11 83.12 140.01
N GLN E 889 -65.13 81.83 140.32
CA GLN E 889 -66.28 80.99 139.99
C GLN E 889 -67.35 80.92 141.08
N GLY E 890 -67.38 81.91 141.98
CA GLY E 890 -68.47 82.05 142.91
C GLY E 890 -68.29 81.28 144.21
N TRP E 891 -67.12 80.66 144.42
CA TRP E 891 -66.88 79.96 145.69
C TRP E 891 -66.59 80.95 146.81
N THR E 892 -67.07 80.59 147.98
CA THR E 892 -66.86 81.39 149.19
C THR E 892 -66.51 80.45 150.34
N TYR E 893 -66.05 81.02 151.45
CA TYR E 893 -65.64 80.19 152.58
C TYR E 893 -66.78 79.57 153.36
N GLY E 894 -66.62 78.29 153.68
CA GLY E 894 -67.41 77.72 154.75
C GLY E 894 -66.66 76.54 155.36
N PRO E 895 -66.99 76.20 156.61
CA PRO E 895 -66.18 75.18 157.29
C PRO E 895 -66.40 73.77 156.78
N VAL E 896 -67.53 73.54 156.11
CA VAL E 896 -67.82 72.25 155.51
C VAL E 896 -68.10 72.47 154.03
N ARG E 897 -67.41 71.72 153.19
CA ARG E 897 -67.61 71.83 151.77
C ARG E 897 -69.06 71.61 151.35
N ASP E 898 -69.55 72.46 150.44
CA ASP E 898 -70.91 72.31 149.89
C ASP E 898 -70.81 72.71 148.44
N ASP E 899 -70.89 71.73 147.54
CA ASP E 899 -70.72 71.97 146.11
C ASP E 899 -71.86 72.82 145.51
N ASN E 900 -73.07 72.66 146.03
CA ASN E 900 -74.22 73.39 145.50
C ASN E 900 -74.15 74.88 145.87
N LYS E 901 -73.90 75.17 147.14
CA LYS E 901 -73.71 76.55 147.60
C LYS E 901 -72.28 77.11 147.32
N ARG E 902 -71.39 76.25 146.80
CA ARG E 902 -70.01 76.57 146.48
C ARG E 902 -69.30 77.14 147.70
N LEU E 903 -69.35 76.39 148.78
CA LEU E 903 -68.63 76.70 150.01
C LEU E 903 -67.42 75.77 150.11
N HIS E 904 -66.26 76.31 150.48
CA HIS E 904 -65.05 75.48 150.57
C HIS E 904 -64.21 75.92 151.75
N PRO E 905 -63.76 74.97 152.57
CA PRO E 905 -62.97 75.35 153.75
C PRO E 905 -61.54 75.72 153.44
N CYS E 906 -61.05 75.49 152.24
CA CYS E 906 -59.65 75.82 151.95
C CYS E 906 -59.48 77.25 151.53
N LEU E 907 -60.56 78.04 151.52
CA LEU E 907 -60.44 79.46 151.18
C LEU E 907 -60.06 80.27 152.43
N VAL E 908 -58.80 80.03 152.83
CA VAL E 908 -58.16 80.53 154.03
C VAL E 908 -56.70 80.82 153.66
N ASN E 909 -56.00 81.55 154.52
CA ASN E 909 -54.55 81.70 154.34
C ASN E 909 -53.88 80.32 154.32
N PHE E 910 -52.84 80.17 153.50
CA PHE E 910 -52.13 78.90 153.40
C PHE E 910 -51.73 78.36 154.76
N HIS E 911 -51.18 79.22 155.61
CA HIS E 911 -50.69 78.87 156.94
C HIS E 911 -51.82 78.46 157.89
N SER E 912 -53.06 78.78 157.49
CA SER E 912 -54.24 78.43 158.28
C SER E 912 -54.93 77.14 157.83
N LEU E 913 -54.47 76.54 156.74
CA LEU E 913 -54.95 75.22 156.38
C LEU E 913 -54.61 74.20 157.44
N PRO E 914 -55.44 73.16 157.59
CA PRO E 914 -55.07 72.00 158.41
C PRO E 914 -53.73 71.43 158.00
N GLU E 915 -52.97 70.91 158.96
CA GLU E 915 -51.61 70.46 158.69
C GLU E 915 -51.56 69.42 157.58
N PRO E 916 -52.51 68.46 157.56
CA PRO E 916 -52.44 67.46 156.48
C PRO E 916 -52.65 68.03 155.08
N GLU E 917 -53.43 69.10 154.97
CA GLU E 917 -53.68 69.74 153.69
C GLU E 917 -52.46 70.56 153.28
N ARG E 918 -51.87 71.27 154.24
CA ARG E 918 -50.61 71.97 153.98
C ARG E 918 -49.54 70.97 153.51
N ASN E 919 -49.46 69.84 154.20
CA ASN E 919 -48.44 68.86 153.87
C ASN E 919 -48.67 68.26 152.47
N TYR E 920 -49.93 67.98 152.13
CA TYR E 920 -50.23 67.52 150.77
C TYR E 920 -49.79 68.56 149.72
N ASN E 921 -50.06 69.83 149.97
CA ASN E 921 -49.69 70.88 149.04
C ASN E 921 -48.18 70.98 148.88
N LEU E 922 -47.47 70.83 149.98
CA LEU E 922 -46.00 70.87 149.97
C LEU E 922 -45.48 69.65 149.22
N GLN E 923 -46.11 68.49 149.43
CA GLN E 923 -45.69 67.30 148.70
C GLN E 923 -45.86 67.48 147.20
N MET E 924 -46.98 68.08 146.79
CA MET E 924 -47.26 68.28 145.36
C MET E 924 -46.27 69.28 144.72
N SER E 925 -45.99 70.38 145.42
CA SER E 925 -44.99 71.34 144.98
C SER E 925 -43.62 70.67 144.84
N GLY E 926 -43.25 69.85 145.81
CA GLY E 926 -42.00 69.12 145.79
C GLY E 926 -41.97 68.15 144.62
N GLU E 927 -43.10 67.54 144.29
CA GLU E 927 -43.08 66.59 143.18
C GLU E 927 -43.06 67.32 141.83
N THR E 928 -43.53 68.56 141.74
CA THR E 928 -43.29 69.33 140.50
C THR E 928 -41.79 69.55 140.33
N LEU E 929 -41.14 69.93 141.41
CA LEU E 929 -39.71 70.18 141.39
C LEU E 929 -38.95 68.89 141.08
N LYS E 930 -39.30 67.78 141.74
CA LYS E 930 -38.60 66.52 141.50
C LYS E 930 -38.82 66.04 140.07
N THR E 931 -40.00 66.28 139.51
CA THR E 931 -40.26 65.84 138.13
C THR E 931 -39.46 66.72 137.14
N LEU E 932 -39.34 68.02 137.40
CA LEU E 932 -38.43 68.85 136.60
C LEU E 932 -37.03 68.28 136.62
N LEU E 933 -36.51 67.91 137.80
CA LEU E 933 -35.18 67.35 137.88
C LEU E 933 -35.07 65.99 137.17
N ALA E 934 -36.13 65.17 137.22
CA ALA E 934 -36.10 63.87 136.57
C ALA E 934 -36.09 64.04 135.07
N LEU E 935 -36.70 65.12 134.59
CA LEU E 935 -36.68 65.47 133.16
C LEU E 935 -35.35 66.09 132.76
N GLY E 936 -34.41 66.18 133.70
CA GLY E 936 -33.07 66.65 133.38
C GLY E 936 -32.85 68.15 133.49
N CYS E 937 -33.85 68.90 133.96
CA CYS E 937 -33.70 70.34 134.11
C CYS E 937 -32.63 70.67 135.16
N HIS E 938 -31.89 71.75 134.88
CA HIS E 938 -30.98 72.37 135.83
C HIS E 938 -31.76 73.50 136.49
N VAL E 939 -31.93 73.46 137.80
CA VAL E 939 -32.73 74.47 138.52
C VAL E 939 -31.86 75.07 139.60
N GLY E 940 -31.63 76.37 139.52
CA GLY E 940 -30.69 77.01 140.45
C GLY E 940 -30.91 78.51 140.54
N MET E 941 -30.54 79.09 141.67
CA MET E 941 -30.70 80.54 141.84
C MET E 941 -29.81 81.30 140.88
N ALA E 942 -30.41 82.28 140.18
CA ALA E 942 -29.68 83.13 139.24
C ALA E 942 -29.76 84.62 139.56
N ASP E 943 -30.89 85.09 140.08
CA ASP E 943 -31.07 86.50 140.37
C ASP E 943 -31.53 86.64 141.81
N GLU E 944 -30.58 86.91 142.70
CA GLU E 944 -30.90 86.99 144.13
C GLU E 944 -31.76 88.21 144.48
N LYS E 945 -31.87 89.17 143.55
CA LYS E 945 -32.70 90.36 143.78
C LYS E 945 -34.16 90.17 143.40
N ALA E 946 -34.45 89.10 142.67
CA ALA E 946 -35.79 88.98 142.10
C ALA E 946 -36.88 88.87 143.16
N GLU E 947 -36.63 88.09 144.21
CA GLU E 947 -37.66 87.86 145.20
C GLU E 947 -38.12 89.17 145.88
N ASP E 948 -37.21 90.05 146.30
CA ASP E 948 -37.67 91.24 147.00
C ASP E 948 -38.22 92.30 146.05
N ASN E 949 -38.11 92.04 144.74
CA ASN E 949 -38.80 92.89 143.75
C ASN E 949 -40.16 92.36 143.33
N LEU E 950 -40.54 91.17 143.76
CA LEU E 950 -41.87 90.64 143.46
C LEU E 950 -42.96 91.46 144.14
N LYS E 951 -44.08 91.61 143.44
CA LYS E 951 -45.28 92.23 143.98
C LYS E 951 -46.42 91.25 143.86
N LYS E 952 -47.40 91.42 144.73
CA LYS E 952 -48.59 90.60 144.66
C LYS E 952 -49.71 91.33 143.92
N THR E 953 -50.54 90.56 143.25
CA THR E 953 -51.76 91.10 142.64
C THR E 953 -52.71 91.59 143.71
N LYS E 954 -53.20 92.83 143.54
CA LYS E 954 -54.11 93.45 144.50
C LYS E 954 -55.54 93.40 143.98
N LEU E 955 -56.30 92.46 144.53
CA LEU E 955 -57.67 92.25 144.10
C LEU E 955 -58.63 93.16 144.85
N PRO E 956 -59.79 93.53 144.24
CA PRO E 956 -60.76 94.30 144.99
C PRO E 956 -61.45 93.53 146.10
N LYS E 957 -62.15 94.24 146.96
CA LYS E 957 -62.72 93.68 148.18
C LYS E 957 -63.79 92.63 147.88
N THR E 958 -64.25 92.62 146.65
CA THR E 958 -65.20 91.61 146.19
C THR E 958 -64.59 90.22 146.10
N TYR E 959 -63.28 90.10 146.31
CA TYR E 959 -62.59 88.84 146.37
C TYR E 959 -62.28 88.40 147.81
N MET E 960 -62.80 89.15 148.76
CA MET E 960 -62.59 88.90 150.19
C MET E 960 -63.58 87.88 150.74
N MET E 961 -63.08 86.88 151.47
CA MET E 961 -63.96 85.92 152.13
C MET E 961 -64.40 86.43 153.49
N SER E 962 -65.37 85.76 154.09
CA SER E 962 -65.95 86.21 155.35
C SER E 962 -65.00 86.09 156.53
N ASN E 963 -63.94 85.32 156.33
CA ASN E 963 -62.91 85.13 157.36
C ASN E 963 -61.75 86.10 157.18
N GLY E 964 -61.89 87.04 156.27
CA GLY E 964 -60.85 88.02 156.01
C GLY E 964 -59.77 87.64 155.01
N TYR E 965 -59.82 86.42 154.52
CA TYR E 965 -58.86 85.95 153.53
C TYR E 965 -59.19 86.52 152.17
N LYS E 966 -58.20 87.12 151.53
CA LYS E 966 -58.29 87.53 150.13
C LYS E 966 -57.02 87.03 149.42
N PRO E 967 -57.19 86.29 148.34
CA PRO E 967 -55.98 85.79 147.69
C PRO E 967 -55.13 86.91 147.14
N ALA E 968 -53.82 86.64 147.09
CA ALA E 968 -52.85 87.62 146.61
C ALA E 968 -51.74 86.87 145.88
N PRO E 969 -52.06 86.29 144.73
CA PRO E 969 -51.02 85.60 144.00
C PRO E 969 -49.98 86.58 143.49
N LEU E 970 -48.78 86.05 143.25
CA LEU E 970 -47.74 86.90 142.69
C LEU E 970 -48.12 87.47 141.34
N ASP E 971 -47.74 88.72 141.11
CA ASP E 971 -47.82 89.31 139.77
C ASP E 971 -46.62 88.83 138.97
N LEU E 972 -46.87 87.85 138.10
CA LEU E 972 -45.81 87.30 137.27
C LEU E 972 -45.91 87.80 135.84
N SER E 973 -46.55 88.95 135.63
CA SER E 973 -46.78 89.43 134.27
C SER E 973 -45.49 89.70 133.48
N HIS E 974 -44.39 89.95 134.17
CA HIS E 974 -43.12 90.20 133.55
C HIS E 974 -42.35 88.93 133.13
N VAL E 975 -42.78 87.79 133.63
CA VAL E 975 -42.08 86.54 133.38
C VAL E 975 -42.42 86.02 131.98
N ARG E 976 -41.39 85.62 131.25
CA ARG E 976 -41.57 85.01 129.93
C ARG E 976 -40.79 83.69 129.85
N LEU E 977 -41.50 82.57 129.70
CA LEU E 977 -40.83 81.26 129.50
C LEU E 977 -39.95 81.32 128.24
N THR E 978 -38.74 80.77 128.33
CA THR E 978 -37.87 80.55 127.18
C THR E 978 -38.42 79.35 126.41
N PRO E 979 -37.95 79.13 125.18
CA PRO E 979 -38.40 77.91 124.48
C PRO E 979 -38.12 76.60 125.23
N ALA E 980 -36.94 76.47 125.83
CA ALA E 980 -36.62 75.27 126.60
C ALA E 980 -37.55 75.13 127.80
N GLN E 981 -37.94 76.24 128.42
CA GLN E 981 -38.86 76.19 129.55
C GLN E 981 -40.30 75.83 129.15
N THR E 982 -40.75 76.35 128.02
CA THR E 982 -42.03 75.97 127.48
C THR E 982 -42.05 74.47 127.23
N THR E 983 -40.95 73.96 126.69
CA THR E 983 -40.85 72.55 126.42
C THR E 983 -40.87 71.75 127.70
N LEU E 984 -40.23 72.33 128.71
CA LEU E 984 -40.18 71.74 130.06
C LEU E 984 -41.57 71.66 130.66
N VAL E 985 -42.43 72.67 130.43
CA VAL E 985 -43.82 72.66 130.93
C VAL E 985 -44.65 71.60 130.19
N ASP E 986 -44.44 71.50 128.88
CA ASP E 986 -45.15 70.51 128.05
C ASP E 986 -44.78 69.08 128.48
N ARG E 987 -43.51 68.89 128.91
CA ARG E 987 -43.00 67.58 129.37
C ARG E 987 -43.43 67.29 130.82
N LEU E 988 -43.49 68.30 131.67
CA LEU E 988 -43.79 68.12 133.12
C LEU E 988 -45.24 67.70 133.28
N ALA E 989 -46.14 68.20 132.44
CA ALA E 989 -47.57 67.93 132.57
C ALA E 989 -47.91 66.55 132.02
N GLU E 990 -47.30 66.17 130.89
CA GLU E 990 -47.57 64.86 130.32
C GLU E 990 -47.12 63.76 131.29
N ASN E 991 -45.94 63.93 131.90
CA ASN E 991 -45.47 62.92 132.84
C ASN E 991 -46.38 62.87 134.07
N GLY E 992 -46.78 64.02 134.58
CA GLY E 992 -47.63 64.03 135.76
C GLY E 992 -48.96 63.35 135.50
N HIS E 993 -49.52 63.59 134.32
CA HIS E 993 -50.76 62.91 133.96
C HIS E 993 -50.55 61.41 133.83
N ASN E 994 -49.43 60.99 133.24
CA ASN E 994 -49.19 59.56 133.08
C ASN E 994 -49.00 58.87 134.44
N VAL E 995 -48.30 59.51 135.36
CA VAL E 995 -48.13 58.95 136.70
C VAL E 995 -49.48 58.81 137.39
N TRP E 996 -50.34 59.84 137.28
CA TRP E 996 -51.67 59.72 137.88
C TRP E 996 -52.46 58.61 137.20
N ALA E 997 -52.31 58.47 135.89
CA ALA E 997 -53.05 57.45 135.15
C ALA E 997 -52.65 56.07 135.66
N ARG E 998 -51.34 55.83 135.74
CA ARG E 998 -50.87 54.51 136.16
C ARG E 998 -51.21 54.25 137.62
N ASP E 999 -51.27 55.31 138.45
CA ASP E 999 -51.73 55.13 139.82
C ASP E 999 -53.17 54.68 139.85
N ARG E 1000 -54.02 55.27 139.01
CA ARG E 1000 -55.42 54.85 138.98
C ARG E 1000 -55.55 53.44 138.43
N VAL E 1001 -54.72 53.09 137.45
CA VAL E 1001 -54.75 51.73 136.91
C VAL E 1001 -54.39 50.73 138.00
N ALA E 1002 -53.36 51.06 138.78
CA ALA E 1002 -52.99 50.21 139.90
C ALA E 1002 -54.12 50.12 140.91
N GLN E 1003 -54.90 51.20 141.04
CA GLN E 1003 -56.05 51.19 141.93
C GLN E 1003 -57.24 50.45 141.31
N GLY E 1004 -57.16 50.07 140.05
CA GLY E 1004 -58.17 49.23 139.43
C GLY E 1004 -59.17 49.93 138.54
N TRP E 1005 -59.01 51.23 138.30
CA TRP E 1005 -59.94 51.94 137.43
C TRP E 1005 -59.68 51.60 135.97
N SER E 1006 -60.72 51.76 135.15
CA SER E 1006 -60.66 51.46 133.73
C SER E 1006 -61.34 52.57 132.95
N TYR E 1007 -61.16 52.58 131.63
CA TYR E 1007 -61.76 53.64 130.77
C TYR E 1007 -63.23 53.34 130.51
N SER E 1008 -64.07 54.37 130.37
CA SER E 1008 -65.50 54.22 129.99
C SER E 1008 -65.92 55.50 129.28
N ALA E 1009 -67.08 55.51 128.62
CA ALA E 1009 -67.63 56.71 127.97
C ALA E 1009 -68.52 57.45 128.98
N VAL E 1010 -68.76 56.84 130.15
CA VAL E 1010 -69.63 57.43 131.22
C VAL E 1010 -68.96 57.18 132.57
N GLN E 1011 -68.97 58.17 133.46
CA GLN E 1011 -68.36 58.02 134.81
C GLN E 1011 -69.23 57.13 135.70
N ASP E 1012 -68.61 56.23 136.48
CA ASP E 1012 -69.28 55.32 137.40
C ASP E 1012 -68.34 55.10 138.58
N ILE E 1013 -68.55 55.88 139.65
CA ILE E 1013 -67.68 55.78 140.81
C ILE E 1013 -67.75 54.39 141.44
N PRO E 1014 -68.92 53.82 141.73
CA PRO E 1014 -68.95 52.45 142.28
C PRO E 1014 -68.31 51.43 141.37
N ALA E 1015 -68.40 51.62 140.06
CA ALA E 1015 -67.79 50.71 139.10
C ALA E 1015 -66.34 51.05 138.81
N ARG E 1016 -65.80 52.09 139.44
CA ARG E 1016 -64.41 52.49 139.27
C ARG E 1016 -64.10 52.78 137.80
N ARG E 1017 -65.02 53.47 137.12
CA ARG E 1017 -64.84 53.87 135.73
C ARG E 1017 -64.83 55.38 135.64
N ASN E 1018 -63.80 55.93 134.98
CA ASN E 1018 -63.60 57.37 134.91
C ASN E 1018 -63.45 57.79 133.46
N PRO E 1019 -64.11 58.87 132.97
CA PRO E 1019 -64.06 59.21 131.54
C PRO E 1019 -62.70 59.62 130.94
N ARG E 1020 -61.71 60.05 131.73
CA ARG E 1020 -60.40 60.54 131.21
C ARG E 1020 -59.23 59.66 131.71
N LEU E 1021 -59.45 58.35 131.85
CA LEU E 1021 -58.44 57.40 132.31
C LEU E 1021 -57.70 56.83 131.10
N VAL E 1022 -56.98 57.71 130.41
CA VAL E 1022 -56.20 57.34 129.23
C VAL E 1022 -54.87 58.08 129.27
N PRO E 1023 -53.85 57.54 128.62
CA PRO E 1023 -52.57 58.23 128.56
C PRO E 1023 -52.71 59.62 127.95
N TYR E 1024 -51.71 60.46 128.24
CA TYR E 1024 -51.71 61.87 127.79
C TYR E 1024 -51.60 61.92 126.27
N ARG E 1025 -50.88 61.00 125.60
CA ARG E 1025 -50.79 61.16 124.13
C ARG E 1025 -52.20 61.32 123.58
N LEU E 1026 -53.13 60.45 124.01
CA LEU E 1026 -54.53 60.50 123.52
C LEU E 1026 -55.43 61.11 124.59
N LEU E 1027 -55.49 62.44 124.69
CA LEU E 1027 -56.32 63.16 125.68
C LEU E 1027 -57.06 64.31 124.97
N ASP E 1028 -58.09 64.91 125.57
CA ASP E 1028 -58.72 66.07 124.97
C ASP E 1028 -57.90 67.32 125.20
N GLU E 1029 -57.94 68.22 124.20
CA GLU E 1029 -57.14 69.44 124.27
C GLU E 1029 -57.60 70.34 125.40
N ALA E 1030 -58.90 70.31 125.73
CA ALA E 1030 -59.41 71.18 126.78
C ALA E 1030 -58.75 70.88 128.13
N THR E 1031 -58.68 69.60 128.49
CA THR E 1031 -57.99 69.27 129.74
C THR E 1031 -56.48 69.33 129.61
N LYS E 1032 -55.93 69.02 128.43
CA LYS E 1032 -54.48 69.12 128.32
C LYS E 1032 -54.05 70.56 128.54
N ARG E 1033 -54.81 71.50 127.95
CA ARG E 1033 -54.52 72.92 128.15
C ARG E 1033 -54.80 73.35 129.59
N SER E 1034 -55.85 72.80 130.21
CA SER E 1034 -56.15 73.24 131.57
C SER E 1034 -55.01 72.87 132.52
N ASN E 1035 -54.69 71.57 132.59
CA ASN E 1035 -53.68 71.06 133.55
C ASN E 1035 -52.34 71.65 133.17
N ARG E 1036 -52.16 71.93 131.88
CA ARG E 1036 -50.90 72.53 131.40
C ARG E 1036 -50.74 73.90 132.01
N ASP E 1037 -51.82 74.65 132.31
CA ASP E 1037 -51.61 76.03 132.72
C ASP E 1037 -51.17 76.12 134.16
N SER E 1038 -51.62 75.21 135.02
CA SER E 1038 -51.20 75.20 136.39
C SER E 1038 -49.68 74.95 136.47
N LEU E 1039 -49.15 74.16 135.54
CA LEU E 1039 -47.67 73.89 135.50
C LEU E 1039 -46.90 75.02 134.79
N CYS E 1040 -47.54 75.82 133.93
CA CYS E 1040 -46.90 76.99 133.25
C CYS E 1040 -46.76 78.13 134.28
N GLN E 1041 -47.82 78.44 135.02
CA GLN E 1041 -47.86 79.41 136.12
C GLN E 1041 -46.87 79.03 137.21
N ALA E 1042 -46.78 77.73 137.53
CA ALA E 1042 -45.81 77.30 138.53
C ALA E 1042 -44.38 77.62 138.09
N VAL E 1043 -44.07 77.37 136.82
CA VAL E 1043 -42.72 77.62 136.32
C VAL E 1043 -42.43 79.11 136.32
N ARG E 1044 -43.43 79.94 135.98
CA ARG E 1044 -43.22 81.38 136.01
C ARG E 1044 -42.95 81.86 137.42
N THR E 1045 -43.67 81.31 138.41
CA THR E 1045 -43.39 81.66 139.80
C THR E 1045 -41.96 81.26 140.17
N LEU E 1046 -41.56 80.06 139.77
CA LEU E 1046 -40.21 79.60 140.10
C LEU E 1046 -39.16 80.51 139.48
N LEU E 1047 -39.36 80.92 138.23
CA LEU E 1047 -38.43 81.85 137.59
C LEU E 1047 -38.42 83.19 138.31
N GLY E 1048 -39.59 83.68 138.71
CA GLY E 1048 -39.65 84.93 139.44
C GLY E 1048 -38.90 84.88 140.75
N TYR E 1049 -38.91 83.73 141.43
CA TYR E 1049 -38.16 83.61 142.67
C TYR E 1049 -36.65 83.60 142.48
N GLY E 1050 -36.15 83.83 141.26
CA GLY E 1050 -34.75 83.98 141.00
C GLY E 1050 -34.06 82.72 140.52
N TYR E 1051 -34.62 81.55 140.80
CA TYR E 1051 -34.03 80.30 140.33
C TYR E 1051 -34.35 80.11 138.86
N ASN E 1052 -33.32 79.79 138.06
CA ASN E 1052 -33.45 79.64 136.62
C ASN E 1052 -33.22 78.18 136.23
N ILE E 1053 -33.96 77.73 135.22
CA ILE E 1053 -33.86 76.38 134.69
C ILE E 1053 -33.90 76.46 133.18
N GLU E 1054 -33.13 75.60 132.52
CA GLU E 1054 -33.01 75.61 131.07
C GLU E 1054 -33.22 74.23 130.47
N SER E 1067 -44.72 47.53 109.89
CA SER E 1067 -43.74 46.84 109.07
C SER E 1067 -43.35 47.69 107.86
N ARG E 1068 -42.22 47.35 107.23
CA ARG E 1068 -41.73 48.12 106.10
C ARG E 1068 -42.70 48.06 104.92
N TRP E 1069 -43.27 46.88 104.67
CA TRP E 1069 -44.10 46.69 103.47
C TRP E 1069 -45.46 47.37 103.59
N ASP E 1070 -46.05 47.39 104.79
CA ASP E 1070 -47.32 48.06 104.97
C ASP E 1070 -47.19 49.57 105.05
N ARG E 1071 -46.02 50.12 104.72
CA ARG E 1071 -45.79 51.56 104.76
C ARG E 1071 -45.82 52.21 103.38
N VAL E 1072 -46.23 51.49 102.34
CA VAL E 1072 -46.30 52.06 101.00
C VAL E 1072 -47.16 51.17 100.12
N ARG E 1073 -47.80 51.79 99.13
CA ARG E 1073 -48.69 51.08 98.22
C ARG E 1073 -48.54 51.70 96.84
N ILE E 1074 -48.44 50.86 95.81
CA ILE E 1074 -48.12 51.29 94.45
C ILE E 1074 -49.30 50.97 93.54
N PHE E 1075 -49.62 51.91 92.65
CA PHE E 1075 -50.64 51.71 91.63
C PHE E 1075 -50.03 51.99 90.27
N ARG E 1076 -50.37 51.17 89.27
CA ARG E 1076 -49.87 51.35 87.92
C ARG E 1076 -50.91 50.84 86.93
N ALA E 1077 -50.68 51.17 85.66
CA ALA E 1077 -51.59 50.73 84.60
C ALA E 1077 -51.20 49.35 84.11
N GLU E 1078 -52.12 48.72 83.39
CA GLU E 1078 -51.87 47.38 82.87
C GLU E 1078 -50.84 47.41 81.75
N LYS E 1079 -50.09 46.31 81.62
CA LYS E 1079 -49.00 46.25 80.66
C LYS E 1079 -49.47 46.43 79.22
N SER E 1080 -50.67 46.00 78.89
CA SER E 1080 -51.12 46.09 77.51
C SER E 1080 -51.21 47.53 77.01
N TYR E 1081 -51.26 48.49 77.92
CA TYR E 1081 -51.31 49.90 77.54
C TYR E 1081 -49.93 50.52 77.41
N THR E 1082 -48.89 49.71 77.22
CA THR E 1082 -47.55 50.24 77.12
C THR E 1082 -47.43 51.16 75.92
N VAL E 1083 -46.56 52.17 76.03
CA VAL E 1083 -46.42 53.20 75.02
C VAL E 1083 -44.95 53.26 74.59
N GLN E 1084 -44.72 53.42 73.29
CA GLN E 1084 -43.38 53.43 72.74
C GLN E 1084 -43.13 54.57 71.76
N SER E 1085 -44.05 55.52 71.61
CA SER E 1085 -43.85 56.64 70.71
C SER E 1085 -44.94 57.67 70.96
N GLY E 1086 -44.75 58.86 70.41
CA GLY E 1086 -45.72 59.92 70.55
C GLY E 1086 -45.42 60.81 71.75
N ARG E 1087 -46.45 61.55 72.16
CA ARG E 1087 -46.37 62.46 73.28
C ARG E 1087 -47.66 62.40 74.07
N TRP E 1088 -47.56 62.17 75.38
CA TRP E 1088 -48.71 61.85 76.21
C TRP E 1088 -48.69 62.68 77.48
N TYR E 1089 -49.87 62.80 78.11
CA TYR E 1089 -50.08 63.70 79.22
C TYR E 1089 -51.13 63.12 80.16
N PHE E 1090 -50.92 63.27 81.47
CA PHE E 1090 -51.92 62.92 82.45
C PHE E 1090 -51.69 63.73 83.72
N GLU E 1091 -52.70 63.74 84.60
CA GLU E 1091 -52.71 64.60 85.77
C GLU E 1091 -52.82 63.78 87.05
N PHE E 1092 -52.35 64.37 88.15
CA PHE E 1092 -52.40 63.77 89.47
C PHE E 1092 -52.65 64.85 90.50
N GLU E 1093 -53.77 64.75 91.21
CA GLU E 1093 -54.16 65.74 92.22
C GLU E 1093 -53.86 65.19 93.60
N ALA E 1094 -53.28 66.02 94.46
CA ALA E 1094 -52.92 65.63 95.82
C ALA E 1094 -53.96 66.17 96.79
N VAL E 1095 -54.68 65.27 97.47
CA VAL E 1095 -55.64 65.69 98.48
C VAL E 1095 -54.98 65.87 99.83
N THR E 1096 -53.79 65.34 100.03
CA THR E 1096 -53.03 65.50 101.26
C THR E 1096 -51.60 65.90 100.91
N THR E 1097 -50.93 66.54 101.87
CA THR E 1097 -49.59 67.06 101.65
C THR E 1097 -48.49 66.15 102.18
N GLY E 1098 -48.73 64.84 102.23
CA GLY E 1098 -47.78 63.91 102.80
C GLY E 1098 -46.82 63.35 101.77
N GLU E 1099 -46.41 62.11 102.00
CA GLU E 1099 -45.42 61.45 101.15
C GLU E 1099 -46.13 60.76 99.98
N MET E 1100 -45.82 61.20 98.76
CA MET E 1100 -46.42 60.65 97.56
C MET E 1100 -45.43 60.80 96.42
N ARG E 1101 -45.65 60.02 95.35
CA ARG E 1101 -44.79 60.08 94.17
C ARG E 1101 -45.61 59.76 92.93
N VAL E 1102 -45.10 60.18 91.78
CA VAL E 1102 -45.78 59.99 90.51
C VAL E 1102 -44.78 60.17 89.39
N GLY E 1103 -45.00 59.45 88.29
CA GLY E 1103 -44.10 59.52 87.15
C GLY E 1103 -44.36 58.46 86.11
N TRP E 1104 -43.29 57.92 85.51
CA TRP E 1104 -43.39 56.89 84.50
C TRP E 1104 -42.49 55.72 84.88
N ALA E 1105 -42.91 54.51 84.52
CA ALA E 1105 -42.22 53.30 84.93
C ALA E 1105 -42.21 52.30 83.79
N ARG E 1106 -41.28 51.34 83.87
CA ARG E 1106 -41.15 50.31 82.85
C ARG E 1106 -41.99 49.09 83.20
N PRO E 1107 -42.33 48.26 82.21
CA PRO E 1107 -43.25 47.15 82.47
C PRO E 1107 -42.80 46.17 83.54
N GLU E 1108 -41.49 45.97 83.70
CA GLU E 1108 -40.98 44.94 84.60
C GLU E 1108 -40.68 45.48 86.00
N LEU E 1109 -41.41 46.51 86.42
CA LEU E 1109 -41.18 47.11 87.73
C LEU E 1109 -41.45 46.09 88.84
N ARG E 1110 -40.60 46.12 89.88
CA ARG E 1110 -40.80 45.25 91.03
C ARG E 1110 -41.82 45.87 91.99
N PRO E 1111 -42.54 45.05 92.75
CA PRO E 1111 -43.56 45.62 93.66
C PRO E 1111 -43.06 45.95 95.04
N ASP E 1112 -41.88 45.47 95.44
CA ASP E 1112 -41.39 45.65 96.79
C ASP E 1112 -40.22 46.60 96.90
N VAL E 1113 -39.99 47.43 95.88
CA VAL E 1113 -38.88 48.39 95.87
C VAL E 1113 -39.48 49.79 95.73
N GLU E 1114 -39.10 50.68 96.64
CA GLU E 1114 -39.59 52.05 96.60
C GLU E 1114 -39.28 52.68 95.24
N LEU E 1115 -40.24 53.42 94.71
CA LEU E 1115 -40.11 53.97 93.37
C LEU E 1115 -38.88 54.87 93.27
N GLY E 1116 -38.16 54.74 92.16
CA GLY E 1116 -37.03 55.60 91.88
C GLY E 1116 -35.71 55.17 92.47
N ALA E 1117 -35.68 54.13 93.29
CA ALA E 1117 -34.43 53.65 93.85
C ALA E 1117 -33.68 52.73 92.89
N ASP E 1118 -34.25 52.42 91.74
CA ASP E 1118 -33.59 51.59 90.74
C ASP E 1118 -33.76 52.27 89.38
N GLU E 1119 -33.38 51.56 88.33
CA GLU E 1119 -33.40 52.12 86.99
C GLU E 1119 -34.73 51.95 86.28
N LEU E 1120 -35.79 51.54 86.98
CA LEU E 1120 -37.05 51.19 86.36
C LEU E 1120 -38.14 52.24 86.54
N ALA E 1121 -37.81 53.45 86.97
CA ALA E 1121 -38.84 54.46 87.16
C ALA E 1121 -38.21 55.85 87.13
N TYR E 1122 -39.04 56.83 86.78
CA TYR E 1122 -38.69 58.25 86.81
C TYR E 1122 -39.84 58.98 87.46
N VAL E 1123 -39.69 59.36 88.73
CA VAL E 1123 -40.78 59.92 89.51
C VAL E 1123 -40.33 61.22 90.15
N PHE E 1124 -41.32 61.99 90.59
CA PHE E 1124 -41.11 63.26 91.27
C PHE E 1124 -41.81 63.23 92.62
N ASN E 1125 -41.06 63.50 93.68
CA ASN E 1125 -41.56 63.49 95.04
C ASN E 1125 -41.97 64.91 95.43
N GLY E 1126 -43.23 65.08 95.79
CA GLY E 1126 -43.76 66.39 96.10
C GLY E 1126 -43.73 66.78 97.56
N HIS E 1127 -43.48 65.83 98.46
CA HIS E 1127 -43.38 66.19 99.87
C HIS E 1127 -42.28 67.23 100.09
N ARG E 1128 -41.09 66.95 99.57
CA ARG E 1128 -40.01 67.92 99.50
C ARG E 1128 -39.44 67.85 98.10
N GLY E 1129 -39.31 68.99 97.43
CA GLY E 1129 -38.95 69.00 96.03
C GLY E 1129 -37.76 68.12 95.72
N GLN E 1130 -38.01 67.02 95.01
CA GLN E 1130 -36.95 66.08 94.65
C GLN E 1130 -37.36 65.34 93.39
N ARG E 1131 -36.36 64.82 92.68
CA ARG E 1131 -36.57 63.93 91.54
C ARG E 1131 -35.75 62.67 91.76
N TRP E 1132 -36.36 61.52 91.49
CA TRP E 1132 -35.80 60.23 91.86
C TRP E 1132 -35.53 59.39 90.61
N HIS E 1133 -34.27 59.01 90.43
CA HIS E 1133 -33.90 57.97 89.48
C HIS E 1133 -32.52 57.45 89.84
N LEU E 1134 -32.43 56.21 90.32
CA LEU E 1134 -31.17 55.67 90.84
C LEU E 1134 -30.63 56.56 91.95
N GLY E 1135 -31.51 57.23 92.67
CA GLY E 1135 -31.10 58.17 93.71
C GLY E 1135 -32.06 59.34 93.81
N SER E 1136 -31.58 60.46 94.34
CA SER E 1136 -32.41 61.65 94.50
C SER E 1136 -31.60 62.90 94.22
N GLU E 1137 -32.29 63.97 93.84
CA GLU E 1137 -31.69 65.26 93.57
C GLU E 1137 -32.73 66.35 93.80
N PRO E 1138 -32.32 67.52 94.31
CA PRO E 1138 -33.29 68.60 94.50
C PRO E 1138 -33.92 69.02 93.18
N PHE E 1139 -35.20 69.39 93.25
CA PHE E 1139 -35.93 69.76 92.05
C PHE E 1139 -37.28 70.34 92.47
N GLY E 1140 -37.73 71.37 91.75
CA GLY E 1140 -39.06 71.90 91.98
C GLY E 1140 -39.22 72.47 93.38
N ARG E 1141 -40.46 72.51 93.83
CA ARG E 1141 -40.81 73.05 95.14
C ARG E 1141 -41.90 72.17 95.74
N PRO E 1142 -42.03 72.15 97.06
CA PRO E 1142 -43.07 71.33 97.68
C PRO E 1142 -44.47 71.82 97.33
N TRP E 1143 -45.41 70.88 97.29
CA TRP E 1143 -46.80 71.18 96.88
C TRP E 1143 -47.65 71.55 98.08
N GLN E 1144 -48.94 71.81 97.86
CA GLN E 1144 -49.93 72.12 98.88
C GLN E 1144 -51.20 71.35 98.57
N SER E 1145 -52.03 71.15 99.60
CA SER E 1145 -53.26 70.41 99.43
C SER E 1145 -54.11 71.04 98.33
N GLY E 1146 -54.63 70.21 97.44
CA GLY E 1146 -55.41 70.68 96.31
C GLY E 1146 -54.62 70.95 95.06
N ASP E 1147 -53.30 70.90 95.11
CA ASP E 1147 -52.49 71.12 93.92
C ASP E 1147 -52.58 69.92 92.99
N VAL E 1148 -52.39 70.18 91.70
CA VAL E 1148 -52.43 69.14 90.68
C VAL E 1148 -51.13 69.18 89.89
N VAL E 1149 -50.57 68.01 89.62
CA VAL E 1149 -49.30 67.87 88.93
C VAL E 1149 -49.58 67.27 87.55
N GLY E 1150 -48.91 67.80 86.53
CA GLY E 1150 -49.03 67.30 85.18
C GLY E 1150 -47.74 66.64 84.74
N CYS E 1151 -47.85 65.43 84.21
CA CYS E 1151 -46.71 64.65 83.77
C CYS E 1151 -46.77 64.51 82.25
N MET E 1152 -45.63 64.76 81.59
CA MET E 1152 -45.54 64.70 80.15
C MET E 1152 -44.30 63.91 79.74
N ILE E 1153 -44.43 63.10 78.71
CA ILE E 1153 -43.31 62.35 78.14
C ILE E 1153 -43.31 62.55 76.64
N ASP E 1154 -42.12 62.78 76.08
CA ASP E 1154 -41.95 63.00 74.64
C ASP E 1154 -40.91 62.02 74.14
N LEU E 1155 -41.34 61.04 73.35
CA LEU E 1155 -40.42 60.02 72.85
C LEU E 1155 -39.69 60.46 71.60
N THR E 1156 -40.03 61.60 71.02
CA THR E 1156 -39.26 62.13 69.88
C THR E 1156 -37.95 62.76 70.32
N GLU E 1157 -37.93 63.42 71.48
CA GLU E 1157 -36.71 63.98 72.04
C GLU E 1157 -36.21 63.22 73.27
N ASN E 1158 -36.97 62.25 73.78
CA ASN E 1158 -36.56 61.49 74.94
C ASN E 1158 -36.37 62.38 76.16
N THR E 1159 -37.45 63.05 76.56
CA THR E 1159 -37.43 63.97 77.69
C THR E 1159 -38.72 63.83 78.49
N ILE E 1160 -38.65 64.23 79.76
CA ILE E 1160 -39.78 64.18 80.67
C ILE E 1160 -39.90 65.53 81.36
N ILE E 1161 -41.12 66.06 81.42
CA ILE E 1161 -41.37 67.40 81.96
C ILE E 1161 -42.46 67.31 83.00
N PHE E 1162 -42.29 68.04 84.10
CA PHE E 1162 -43.28 68.13 85.17
C PHE E 1162 -43.77 69.56 85.29
N THR E 1163 -45.05 69.73 85.61
CA THR E 1163 -45.67 71.03 85.79
C THR E 1163 -46.50 71.00 87.07
N LEU E 1164 -46.68 72.17 87.67
CA LEU E 1164 -47.45 72.31 88.90
C LEU E 1164 -48.42 73.48 88.74
N ASN E 1165 -49.71 73.17 88.76
CA ASN E 1165 -50.75 74.18 88.59
C ASN E 1165 -50.54 74.97 87.30
N GLY E 1166 -50.15 74.27 86.24
CA GLY E 1166 -49.95 74.88 84.94
C GLY E 1166 -48.63 75.56 84.75
N GLU E 1167 -47.76 75.57 85.76
CA GLU E 1167 -46.47 76.24 85.68
C GLU E 1167 -45.36 75.20 85.62
N VAL E 1168 -44.55 75.27 84.57
CA VAL E 1168 -43.48 74.29 84.39
C VAL E 1168 -42.48 74.43 85.53
N LEU E 1169 -42.17 73.32 86.18
CA LEU E 1169 -41.20 73.31 87.27
C LEU E 1169 -39.80 73.47 86.72
N MET E 1170 -38.97 74.23 87.42
CA MET E 1170 -37.64 74.58 86.94
C MET E 1170 -36.58 73.93 87.83
N SER E 1171 -35.56 73.38 87.19
CA SER E 1171 -34.45 72.79 87.93
C SER E 1171 -33.58 73.88 88.55
N ASP E 1172 -32.84 73.50 89.59
CA ASP E 1172 -31.95 74.45 90.24
C ASP E 1172 -30.87 74.95 89.29
N SER E 1173 -30.31 74.05 88.47
CA SER E 1173 -29.22 74.39 87.56
C SER E 1173 -29.71 75.03 86.26
N GLY E 1174 -30.94 75.53 86.22
CA GLY E 1174 -31.44 76.18 85.03
C GLY E 1174 -31.92 75.24 83.94
N SER E 1175 -32.15 73.97 84.25
CA SER E 1175 -32.65 73.03 83.26
C SER E 1175 -34.17 72.95 83.32
N GLU E 1176 -34.79 72.92 82.14
CA GLU E 1176 -36.24 72.90 82.06
C GLU E 1176 -36.83 71.51 81.91
N THR E 1177 -35.99 70.47 81.88
CA THR E 1177 -36.45 69.10 81.74
C THR E 1177 -35.93 68.27 82.91
N ALA E 1178 -36.81 67.49 83.52
CA ALA E 1178 -36.41 66.67 84.66
C ALA E 1178 -35.38 65.62 84.24
N PHE E 1179 -35.62 64.93 83.12
CA PHE E 1179 -34.74 63.88 82.66
C PHE E 1179 -34.55 64.01 81.16
N ARG E 1180 -33.44 63.49 80.66
CA ARG E 1180 -33.10 63.58 79.25
C ARG E 1180 -32.30 62.35 78.85
N GLU E 1181 -32.17 62.16 77.53
CA GLU E 1181 -31.35 61.12 76.94
C GLU E 1181 -31.80 59.73 77.35
N ILE E 1182 -33.09 59.54 77.63
CA ILE E 1182 -33.60 58.22 77.94
C ILE E 1182 -33.78 57.42 76.66
N GLU E 1183 -33.87 56.11 76.79
CA GLU E 1183 -34.03 55.22 75.65
C GLU E 1183 -35.40 54.56 75.68
N ILE E 1184 -35.94 54.31 74.49
CA ILE E 1184 -37.30 53.79 74.40
C ILE E 1184 -37.39 52.44 75.10
N GLY E 1185 -36.42 51.56 74.83
CA GLY E 1185 -36.44 50.26 75.48
C GLY E 1185 -37.72 49.51 75.15
N ASP E 1186 -38.43 49.10 76.20
CA ASP E 1186 -39.66 48.34 76.02
C ASP E 1186 -40.91 49.21 76.10
N GLY E 1187 -40.84 50.38 76.72
CA GLY E 1187 -41.96 51.28 76.84
C GLY E 1187 -42.07 51.88 78.22
N PHE E 1188 -43.20 52.55 78.46
CA PHE E 1188 -43.44 53.23 79.73
C PHE E 1188 -44.91 53.14 80.08
N LEU E 1189 -45.19 53.25 81.38
CA LEU E 1189 -46.55 53.26 81.92
C LEU E 1189 -46.65 54.31 83.01
N PRO E 1190 -47.82 54.95 83.17
CA PRO E 1190 -48.00 55.83 84.31
C PRO E 1190 -47.99 55.05 85.62
N VAL E 1191 -47.52 55.70 86.69
CA VAL E 1191 -47.37 55.04 87.97
C VAL E 1191 -47.48 56.08 89.07
N CYS E 1192 -47.89 55.63 90.26
CA CYS E 1192 -47.94 56.49 91.44
C CYS E 1192 -47.90 55.62 92.68
N SER E 1193 -47.51 56.23 93.79
CA SER E 1193 -47.44 55.53 95.06
C SER E 1193 -47.94 56.45 96.17
N LEU E 1194 -48.48 55.83 97.22
CA LEU E 1194 -49.07 56.57 98.33
C LEU E 1194 -48.57 56.01 99.65
N GLY E 1195 -48.20 56.90 100.56
CA GLY E 1195 -47.78 56.49 101.88
C GLY E 1195 -48.93 56.42 102.85
N PRO E 1196 -48.63 56.03 104.09
CA PRO E 1196 -49.69 55.87 105.08
C PRO E 1196 -50.45 57.16 105.31
N GLY E 1197 -51.78 57.05 105.35
CA GLY E 1197 -52.63 58.18 105.62
C GLY E 1197 -52.81 59.16 104.48
N GLN E 1198 -52.33 58.84 103.28
CA GLN E 1198 -52.40 59.76 102.16
C GLN E 1198 -53.58 59.41 101.26
N VAL E 1199 -53.98 60.39 100.45
CA VAL E 1199 -55.06 60.22 99.49
C VAL E 1199 -54.70 60.98 98.22
N GLY E 1200 -55.09 60.45 97.07
CA GLY E 1200 -54.81 61.09 95.80
C GLY E 1200 -55.88 60.80 94.78
N HIS E 1201 -55.88 61.58 93.71
CA HIS E 1201 -56.80 61.43 92.61
C HIS E 1201 -56.01 61.37 91.31
N LEU E 1202 -56.25 60.34 90.51
CA LEU E 1202 -55.52 60.13 89.27
C LEU E 1202 -56.49 60.25 88.10
N ASN E 1203 -56.05 60.93 87.04
CA ASN E 1203 -56.89 61.19 85.88
C ASN E 1203 -56.08 60.98 84.62
N LEU E 1204 -56.33 59.87 83.93
CA LEU E 1204 -55.64 59.58 82.67
C LEU E 1204 -56.19 60.35 81.50
N GLY E 1205 -57.31 61.06 81.67
CA GLY E 1205 -57.80 61.94 80.65
C GLY E 1205 -58.75 61.33 79.64
N GLN E 1206 -59.57 60.36 80.08
CA GLN E 1206 -60.57 59.81 79.17
C GLN E 1206 -61.56 60.89 78.75
N ASP E 1207 -61.97 61.74 79.67
CA ASP E 1207 -62.82 62.88 79.38
C ASP E 1207 -61.95 64.12 79.34
N VAL E 1208 -61.85 64.74 78.17
CA VAL E 1208 -60.93 65.86 77.99
C VAL E 1208 -61.35 67.05 78.86
N SER E 1209 -62.66 67.28 79.00
CA SER E 1209 -63.13 68.39 79.82
C SER E 1209 -62.73 68.27 81.28
N SER E 1210 -62.54 67.04 81.78
CA SER E 1210 -62.16 66.85 83.17
C SER E 1210 -60.82 67.48 83.50
N LEU E 1211 -59.87 67.46 82.56
CA LEU E 1211 -58.56 68.03 82.82
C LEU E 1211 -58.69 69.51 83.15
N ARG E 1212 -57.88 70.00 84.09
CA ARG E 1212 -57.99 71.36 84.59
C ARG E 1212 -56.87 72.28 84.13
N PHE E 1213 -55.74 71.74 83.67
CA PHE E 1213 -54.64 72.54 83.20
C PHE E 1213 -54.08 72.06 81.88
N PHE E 1214 -54.81 71.23 81.14
CA PHE E 1214 -54.31 70.75 79.85
C PHE E 1214 -54.19 71.89 78.84
N ALA E 1215 -55.16 72.80 78.84
CA ALA E 1215 -55.13 73.92 77.90
C ALA E 1215 -53.95 74.85 78.17
N ILE E 1216 -53.63 75.11 79.43
CA ILE E 1216 -52.56 76.05 79.76
C ILE E 1216 -51.24 75.59 79.18
N CYS E 1217 -50.88 74.33 79.38
CA CYS E 1217 -49.61 73.80 78.92
C CYS E 1217 -49.80 72.38 78.42
N GLY E 1218 -49.47 72.16 77.15
CA GLY E 1218 -49.54 70.82 76.58
C GLY E 1218 -50.42 70.74 75.35
N LEU E 1219 -51.55 71.46 75.36
CA LEU E 1219 -52.46 71.39 74.22
C LEU E 1219 -51.83 71.98 72.97
N GLN E 1220 -51.15 73.12 73.10
CA GLN E 1220 -50.53 73.77 71.95
C GLN E 1220 -49.17 73.19 71.62
N GLU E 1221 -48.61 72.37 72.50
CA GLU E 1221 -47.31 71.75 72.24
C GLU E 1221 -47.43 70.40 71.54
N GLY E 1222 -48.65 69.91 71.32
CA GLY E 1222 -48.82 68.67 70.60
C GLY E 1222 -48.99 67.44 71.48
N PHE E 1223 -49.10 67.62 72.79
CA PHE E 1223 -49.31 66.51 73.69
C PHE E 1223 -50.78 66.10 73.68
N GLU E 1224 -51.03 64.81 73.95
CA GLU E 1224 -52.37 64.27 73.94
C GLU E 1224 -52.65 63.53 75.24
N PRO E 1225 -53.91 63.49 75.70
CA PRO E 1225 -54.22 62.72 76.89
C PRO E 1225 -53.91 61.24 76.71
N PHE E 1226 -53.49 60.59 77.79
CA PHE E 1226 -53.07 59.20 77.71
C PHE E 1226 -54.22 58.29 77.28
N ALA E 1227 -55.40 58.51 77.85
CA ALA E 1227 -56.54 57.63 77.64
C ALA E 1227 -57.54 58.17 76.62
N ILE E 1228 -57.07 58.92 75.63
CA ILE E 1228 -57.98 59.47 74.63
C ILE E 1228 -58.44 58.35 73.70
N ASN E 1229 -59.70 58.42 73.29
CA ASN E 1229 -60.27 57.46 72.33
C ASN E 1229 -60.29 56.05 72.90
N MET E 1230 -60.85 55.91 74.10
CA MET E 1230 -61.01 54.62 74.75
C MET E 1230 -62.47 54.42 75.12
N GLN E 1231 -63.02 53.25 74.78
CA GLN E 1231 -64.42 52.98 75.09
C GLN E 1231 -64.63 52.78 76.59
N ARG E 1232 -63.66 52.19 77.28
CA ARG E 1232 -63.82 51.81 78.67
C ARG E 1232 -62.69 52.39 79.51
N PRO E 1233 -62.91 52.52 80.82
CA PRO E 1233 -61.84 53.05 81.68
C PRO E 1233 -60.63 52.12 81.68
N VAL E 1234 -59.45 52.72 81.89
CA VAL E 1234 -58.22 51.95 81.88
C VAL E 1234 -58.14 51.07 83.11
N THR E 1235 -57.59 49.88 82.95
CA THR E 1235 -57.43 48.95 84.06
C THR E 1235 -56.13 49.22 84.80
N THR E 1236 -56.15 49.02 86.12
CA THR E 1236 -55.02 49.30 86.97
C THR E 1236 -54.70 48.09 87.84
N TRP E 1237 -53.42 47.96 88.20
CA TRP E 1237 -52.96 46.94 89.13
C TRP E 1237 -52.31 47.62 90.32
N PHE E 1238 -52.32 46.93 91.46
CA PHE E 1238 -51.74 47.48 92.67
C PHE E 1238 -50.98 46.37 93.40
N SER E 1239 -50.11 46.78 94.33
CA SER E 1239 -49.28 45.86 95.07
C SER E 1239 -50.00 45.43 96.35
N LYS E 1240 -50.24 44.14 96.49
CA LYS E 1240 -50.95 43.59 97.64
C LYS E 1240 -49.95 42.95 98.60
N SER E 1241 -50.02 43.35 99.86
CA SER E 1241 -49.09 42.85 100.88
C SER E 1241 -49.70 41.67 101.62
N LEU E 1242 -49.82 40.55 100.91
CA LEU E 1242 -50.23 39.28 101.48
C LEU E 1242 -49.19 38.23 101.12
N PRO E 1243 -48.36 37.77 102.06
CA PRO E 1243 -47.27 36.87 101.69
C PRO E 1243 -47.77 35.59 101.01
N GLN E 1244 -47.00 35.11 100.05
CA GLN E 1244 -47.34 33.92 99.28
C GLN E 1244 -46.07 33.13 99.00
N PHE E 1245 -46.24 31.85 98.67
CA PHE E 1245 -45.10 31.00 98.36
C PHE E 1245 -44.86 30.95 96.85
N GLU E 1246 -43.61 31.09 96.45
CA GLU E 1246 -43.21 31.03 95.05
C GLU E 1246 -41.91 30.26 94.93
N PRO E 1247 -41.61 29.72 93.76
CA PRO E 1247 -40.35 28.99 93.59
C PRO E 1247 -39.15 29.91 93.75
N VAL E 1248 -38.06 29.35 94.24
CA VAL E 1248 -36.83 30.12 94.40
C VAL E 1248 -36.18 30.34 93.03
N PRO E 1249 -35.90 31.57 92.63
CA PRO E 1249 -35.38 31.81 91.27
C PRO E 1249 -34.06 31.09 91.06
N PRO E 1250 -33.79 30.59 89.86
CA PRO E 1250 -32.50 29.96 89.61
C PRO E 1250 -31.32 30.90 89.75
N GLU E 1251 -31.55 32.21 89.65
CA GLU E 1251 -30.48 33.20 89.68
C GLU E 1251 -30.54 34.09 90.90
N HIS E 1252 -31.01 33.59 92.04
CA HIS E 1252 -31.06 34.39 93.24
C HIS E 1252 -29.63 34.78 93.64
N PRO E 1253 -29.39 36.03 94.04
CA PRO E 1253 -28.00 36.43 94.36
C PRO E 1253 -27.51 35.93 95.70
N HIS E 1254 -28.34 35.29 96.51
CA HIS E 1254 -27.96 34.88 97.85
C HIS E 1254 -28.23 33.42 98.17
N TYR E 1255 -29.20 32.79 97.51
CA TYR E 1255 -29.60 31.43 97.85
C TYR E 1255 -29.44 30.51 96.65
N GLU E 1256 -29.09 29.26 96.93
CA GLU E 1256 -28.90 28.25 95.91
C GLU E 1256 -29.45 26.92 96.41
N VAL E 1257 -30.13 26.20 95.53
CA VAL E 1257 -30.70 24.90 95.84
C VAL E 1257 -30.21 23.90 94.81
N ALA E 1258 -29.71 22.76 95.28
CA ALA E 1258 -29.12 21.74 94.43
C ALA E 1258 -29.85 20.42 94.61
N ARG E 1259 -30.10 19.73 93.50
CA ARG E 1259 -30.76 18.43 93.53
C ARG E 1259 -29.71 17.34 93.48
N MET E 1260 -29.71 16.48 94.49
CA MET E 1260 -28.77 15.36 94.59
C MET E 1260 -29.52 14.07 94.34
N ASP E 1261 -28.96 13.22 93.50
CA ASP E 1261 -29.59 11.95 93.18
C ASP E 1261 -29.20 10.89 94.21
N GLY E 1262 -30.07 9.91 94.37
CA GLY E 1262 -29.84 8.89 95.37
C GLY E 1262 -28.73 7.93 94.98
N THR E 1263 -28.21 7.24 95.99
CA THR E 1263 -27.15 6.25 95.81
C THR E 1263 -27.55 4.96 96.52
N VAL E 1264 -26.61 4.03 96.58
CA VAL E 1264 -26.87 2.77 97.27
C VAL E 1264 -27.03 3.00 98.77
N ASP E 1265 -26.35 4.01 99.32
CA ASP E 1265 -26.35 4.25 100.75
C ASP E 1265 -27.15 5.47 101.18
N THR E 1266 -27.51 6.36 100.24
CA THR E 1266 -28.22 7.58 100.59
C THR E 1266 -29.42 7.77 99.68
N PRO E 1267 -30.45 8.46 100.16
CA PRO E 1267 -31.63 8.72 99.33
C PRO E 1267 -31.51 10.04 98.60
N PRO E 1268 -32.47 10.36 97.73
CA PRO E 1268 -32.44 11.67 97.07
C PRO E 1268 -32.62 12.80 98.07
N CYS E 1269 -32.08 13.96 97.73
CA CYS E 1269 -32.06 15.09 98.66
C CYS E 1269 -32.18 16.40 97.90
N LEU E 1270 -32.54 17.44 98.63
CA LEU E 1270 -32.50 18.82 98.15
C LEU E 1270 -31.84 19.67 99.23
N ARG E 1271 -30.66 20.20 98.92
CA ARG E 1271 -29.88 20.94 99.91
C ARG E 1271 -29.80 22.41 99.52
N LEU E 1272 -29.76 23.26 100.55
CA LEU E 1272 -29.71 24.70 100.40
C LEU E 1272 -28.33 25.20 100.79
N ALA E 1273 -27.84 26.21 100.07
CA ALA E 1273 -26.55 26.81 100.34
C ALA E 1273 -26.65 28.32 100.29
N HIS E 1274 -25.85 28.97 101.13
CA HIS E 1274 -25.74 30.44 101.15
C HIS E 1274 -24.49 30.80 100.37
N ARG E 1275 -24.65 31.57 99.29
CA ARG E 1275 -23.57 31.82 98.35
C ARG E 1275 -22.86 33.14 98.56
N THR E 1276 -23.11 33.84 99.68
CA THR E 1276 -22.38 35.04 100.01
C THR E 1276 -22.01 35.10 101.49
N TRP E 1277 -21.97 33.96 102.16
CA TRP E 1277 -21.68 33.95 103.58
C TRP E 1277 -20.26 34.47 103.83
N GLY E 1278 -20.15 35.40 104.79
CA GLY E 1278 -18.87 35.93 105.19
C GLY E 1278 -18.39 37.14 104.40
N SER E 1279 -19.06 37.50 103.32
CA SER E 1279 -18.65 38.67 102.55
C SER E 1279 -19.18 39.94 103.19
N GLN E 1280 -18.69 41.08 102.68
CA GLN E 1280 -19.04 42.36 103.28
C GLN E 1280 -20.50 42.72 103.06
N ASN E 1281 -21.17 42.11 102.09
CA ASN E 1281 -22.55 42.45 101.75
C ASN E 1281 -23.45 41.22 101.78
N SER E 1282 -23.22 40.32 102.73
CA SER E 1282 -24.10 39.17 102.86
C SER E 1282 -25.45 39.59 103.44
N LEU E 1283 -26.47 38.77 103.18
CA LEU E 1283 -27.82 39.02 103.66
C LEU E 1283 -28.23 37.90 104.60
N VAL E 1284 -28.65 38.27 105.80
CA VAL E 1284 -29.05 37.32 106.83
C VAL E 1284 -30.41 37.73 107.36
N GLU E 1285 -31.37 36.81 107.33
CA GLU E 1285 -32.72 37.07 107.80
C GLU E 1285 -33.49 35.76 107.82
N MET E 1286 -34.64 35.78 108.48
CA MET E 1286 -35.45 34.57 108.60
C MET E 1286 -35.86 34.07 107.23
N LEU E 1287 -35.95 32.75 107.09
CA LEU E 1287 -36.24 32.09 105.83
C LEU E 1287 -37.33 31.05 106.06
N PHE E 1288 -38.36 31.07 105.22
CA PHE E 1288 -39.47 30.12 105.32
C PHE E 1288 -39.53 29.31 104.03
N LEU E 1289 -39.55 27.99 104.18
CA LEU E 1289 -39.47 27.08 103.04
C LEU E 1289 -40.54 26.00 103.15
N ARG E 1290 -41.00 25.51 102.00
CA ARG E 1290 -41.89 24.38 101.94
C ARG E 1290 -41.74 23.70 100.58
N LEU E 1291 -42.15 22.44 100.52
CA LEU E 1291 -42.19 21.72 99.26
C LEU E 1291 -43.48 22.03 98.53
N SER E 1292 -43.52 21.72 97.24
CA SER E 1292 -44.58 22.23 96.38
C SER E 1292 -45.78 21.29 96.26
N LEU E 1293 -45.79 20.14 96.93
CA LEU E 1293 -46.92 19.23 96.82
C LEU E 1293 -47.40 18.80 98.19
N PRO E 1294 -48.72 18.72 98.41
CA PRO E 1294 -49.24 18.32 99.72
C PRO E 1294 -49.53 16.84 99.83
N VAL E 1295 -49.86 16.42 101.05
CA VAL E 1295 -50.38 15.09 101.35
C VAL E 1295 -51.75 15.26 101.97
N GLN E 1296 -52.70 14.41 101.58
CA GLN E 1296 -54.09 14.55 101.96
C GLN E 1296 -54.52 13.37 102.82
N PHE E 1297 -55.20 13.67 103.92
CA PHE E 1297 -55.70 12.63 104.82
C PHE E 1297 -56.99 12.02 104.26
N HIS E 1298 -57.29 10.81 104.72
CA HIS E 1298 -58.44 10.09 104.21
C HIS E 1298 -59.74 10.76 104.64
N GLN E 1299 -60.81 10.47 103.90
CA GLN E 1299 -62.08 11.17 104.13
C GLN E 1299 -62.75 10.74 105.43
N HIS E 1300 -62.37 9.59 105.98
CA HIS E 1300 -62.94 9.15 107.26
C HIS E 1300 -61.97 8.20 107.93
N PHE E 1301 -61.87 8.30 109.25
CA PHE E 1301 -60.94 7.49 110.02
C PHE E 1301 -61.62 6.22 110.51
N ARG E 1302 -60.79 5.25 110.89
CA ARG E 1302 -61.29 3.98 111.38
C ARG E 1302 -61.84 4.11 112.79
N CYS E 1303 -62.75 3.20 113.14
CA CYS E 1303 -63.33 3.17 114.48
C CYS E 1303 -64.03 4.49 114.81
N ASN E 1420 -33.61 -6.02 108.68
CA ASN E 1420 -33.42 -5.00 107.66
C ASN E 1420 -34.46 -5.15 106.56
N ARG E 1421 -34.82 -6.39 106.24
CA ARG E 1421 -35.80 -6.65 105.21
C ARG E 1421 -37.18 -6.19 105.65
N ASP E 1422 -38.07 -5.99 104.67
CA ASP E 1422 -39.42 -5.53 104.91
C ASP E 1422 -40.41 -6.63 104.54
N ASP E 1423 -41.39 -6.86 105.40
CA ASP E 1423 -42.41 -7.85 105.11
C ASP E 1423 -43.34 -7.32 104.03
N PRO E 1424 -43.47 -8.00 102.89
CA PRO E 1424 -44.26 -7.41 101.79
C PRO E 1424 -45.70 -7.07 102.17
N GLU E 1425 -46.37 -7.92 102.94
CA GLU E 1425 -47.76 -7.64 103.29
C GLU E 1425 -47.86 -6.41 104.18
N ILE E 1426 -46.98 -6.29 105.16
CA ILE E 1426 -47.04 -5.16 106.09
C ILE E 1426 -46.86 -3.86 105.33
N ILE E 1427 -45.84 -3.78 104.47
CA ILE E 1427 -45.59 -2.54 103.75
C ILE E 1427 -46.68 -2.28 102.74
N LEU E 1428 -47.23 -3.31 102.11
CA LEU E 1428 -48.27 -3.10 101.11
C LEU E 1428 -49.58 -2.65 101.74
N ASN E 1429 -49.80 -3.00 103.00
CA ASN E 1429 -51.04 -2.63 103.68
C ASN E 1429 -50.88 -1.45 104.64
N THR E 1430 -49.70 -0.83 104.69
CA THR E 1430 -49.48 0.26 105.63
C THR E 1430 -50.02 1.57 105.08
N THR E 1431 -50.22 2.53 105.98
CA THR E 1431 -50.63 3.88 105.62
C THR E 1431 -49.81 4.93 106.37
N THR E 1432 -48.54 4.67 106.61
CA THR E 1432 -47.65 5.58 107.33
C THR E 1432 -46.51 5.98 106.40
N TYR E 1433 -46.22 7.28 106.36
CA TYR E 1433 -45.21 7.82 105.47
C TYR E 1433 -44.22 8.66 106.28
N TYR E 1434 -43.01 8.80 105.74
CA TYR E 1434 -41.89 9.30 106.51
C TYR E 1434 -41.03 10.25 105.67
N TYR E 1435 -40.40 11.21 106.34
CA TYR E 1435 -39.41 12.07 105.71
C TYR E 1435 -38.61 12.75 106.82
N SER E 1436 -37.39 13.16 106.50
CA SER E 1436 -36.46 13.65 107.51
C SER E 1436 -35.67 14.84 106.97
N VAL E 1437 -35.06 15.57 107.89
CA VAL E 1437 -34.27 16.75 107.58
C VAL E 1437 -32.93 16.64 108.29
N ARG E 1438 -31.85 16.99 107.59
CA ARG E 1438 -30.51 17.00 108.16
C ARG E 1438 -29.99 18.42 108.21
N VAL E 1439 -29.47 18.81 109.36
CA VAL E 1439 -28.89 20.14 109.56
C VAL E 1439 -27.39 19.97 109.78
N PHE E 1440 -26.60 20.58 108.91
CA PHE E 1440 -25.16 20.37 108.89
C PHE E 1440 -24.50 21.06 110.08
N ALA E 1441 -23.31 20.56 110.44
CA ALA E 1441 -22.55 21.15 111.53
C ALA E 1441 -22.17 22.58 111.17
N GLY E 1442 -22.23 23.46 112.17
CA GLY E 1442 -22.03 24.87 111.98
C GLY E 1442 -23.32 25.68 111.94
N GLN E 1443 -24.45 25.01 111.76
CA GLN E 1443 -25.76 25.66 111.84
C GLN E 1443 -26.34 25.37 113.21
N GLU E 1444 -26.69 26.43 113.93
CA GLU E 1444 -27.17 26.28 115.30
C GLU E 1444 -28.52 25.59 115.31
N PRO E 1445 -28.66 24.45 115.99
CA PRO E 1445 -30.00 23.83 116.07
C PRO E 1445 -31.01 24.70 116.78
N SER E 1446 -30.58 25.69 117.54
CA SER E 1446 -31.51 26.60 118.21
C SER E 1446 -32.22 27.53 117.25
N CYS E 1447 -31.80 27.58 115.99
CA CYS E 1447 -32.38 28.46 114.99
C CYS E 1447 -33.04 27.68 113.85
N VAL E 1448 -33.66 26.54 114.14
CA VAL E 1448 -34.28 25.71 113.13
C VAL E 1448 -35.59 25.16 113.67
N TRP E 1449 -36.64 25.21 112.85
CA TRP E 1449 -37.93 24.62 113.16
C TRP E 1449 -38.33 23.70 112.02
N VAL E 1450 -38.85 22.52 112.35
CA VAL E 1450 -39.17 21.49 111.37
C VAL E 1450 -40.58 20.99 111.62
N GLY E 1451 -41.31 20.72 110.55
CA GLY E 1451 -42.67 20.21 110.67
C GLY E 1451 -43.51 20.32 109.41
N TRP E 1452 -44.75 20.76 109.57
CA TRP E 1452 -45.70 20.85 108.46
C TRP E 1452 -46.39 22.20 108.52
N VAL E 1453 -47.25 22.45 107.54
CA VAL E 1453 -47.98 23.71 107.43
C VAL E 1453 -49.16 23.52 106.49
N THR E 1454 -50.26 24.22 106.77
CA THR E 1454 -51.47 24.14 105.97
C THR E 1454 -51.46 25.18 104.87
N PRO E 1455 -52.30 25.02 103.85
CA PRO E 1455 -52.26 25.95 102.71
C PRO E 1455 -52.67 27.38 103.05
N ASP E 1456 -52.98 27.69 104.29
CA ASP E 1456 -53.41 29.03 104.68
C ASP E 1456 -52.44 29.68 105.66
N TYR E 1457 -51.14 29.57 105.41
CA TYR E 1457 -50.11 30.19 106.25
C TYR E 1457 -49.57 31.43 105.53
N HIS E 1458 -49.66 32.59 106.20
CA HIS E 1458 -49.20 33.84 105.60
C HIS E 1458 -48.49 34.75 106.58
N GLN E 1459 -47.77 34.22 107.57
CA GLN E 1459 -47.27 35.06 108.64
C GLN E 1459 -46.09 35.91 108.20
N HIS E 1460 -44.97 35.28 107.83
CA HIS E 1460 -43.75 35.99 107.47
C HIS E 1460 -43.33 36.95 108.59
N ASP E 1461 -43.02 36.37 109.74
CA ASP E 1461 -42.58 37.13 110.91
C ASP E 1461 -41.06 37.12 110.96
N MET E 1462 -40.47 38.23 111.40
CA MET E 1462 -39.03 38.34 111.44
C MET E 1462 -38.44 37.97 112.80
N ASN E 1463 -39.28 37.58 113.77
CA ASN E 1463 -38.84 37.15 115.09
C ASN E 1463 -39.57 35.88 115.49
N PHE E 1464 -39.62 34.93 114.57
CA PHE E 1464 -40.49 33.77 114.76
C PHE E 1464 -40.14 32.99 116.00
N ASP E 1465 -41.15 32.72 116.82
CA ASP E 1465 -41.05 31.78 117.94
C ASP E 1465 -42.31 30.94 117.96
N LEU E 1466 -42.22 29.75 118.56
CA LEU E 1466 -43.38 28.87 118.61
C LEU E 1466 -44.54 29.51 119.35
N SER E 1467 -44.29 30.53 120.18
CA SER E 1467 -45.37 31.19 120.89
C SER E 1467 -46.19 32.10 119.99
N LYS E 1468 -45.69 32.41 118.79
CA LYS E 1468 -46.40 33.29 117.87
C LYS E 1468 -47.28 32.53 116.88
N VAL E 1469 -47.37 31.21 117.00
CA VAL E 1469 -48.20 30.45 116.07
C VAL E 1469 -49.67 30.63 116.43
N ARG E 1470 -50.49 30.87 115.41
CA ARG E 1470 -51.92 31.05 115.64
C ARG E 1470 -52.54 29.73 116.08
N ALA E 1471 -53.47 29.82 117.03
CA ALA E 1471 -54.16 28.64 117.54
C ALA E 1471 -55.49 29.05 118.11
N VAL E 1472 -56.39 28.08 118.24
CA VAL E 1472 -57.72 28.29 118.79
C VAL E 1472 -58.32 26.94 119.13
N THR E 1473 -59.20 26.93 120.13
CA THR E 1473 -59.91 25.74 120.56
C THR E 1473 -61.40 25.98 120.48
N VAL E 1474 -62.13 24.99 119.98
CA VAL E 1474 -63.58 25.07 119.85
C VAL E 1474 -64.19 23.90 120.59
N THR E 1475 -65.15 24.19 121.47
CA THR E 1475 -65.75 23.19 122.35
C THR E 1475 -67.25 23.16 122.14
N MET E 1476 -67.82 21.97 122.23
CA MET E 1476 -69.26 21.76 122.08
C MET E 1476 -69.79 21.00 123.28
N GLY E 1477 -71.05 21.28 123.62
CA GLY E 1477 -71.67 20.64 124.77
C GLY E 1477 -73.15 20.40 124.57
N ASP E 1478 -73.88 20.26 125.68
CA ASP E 1478 -75.31 20.01 125.67
C ASP E 1478 -76.01 21.12 126.45
N GLU E 1479 -77.35 20.99 126.56
CA GLU E 1479 -78.11 21.98 127.31
C GLU E 1479 -77.65 22.05 128.76
N GLN E 1480 -77.42 20.89 129.39
CA GLN E 1480 -76.92 20.87 130.77
C GLN E 1480 -75.51 21.42 130.87
N GLY E 1481 -74.77 21.50 129.77
CA GLY E 1481 -73.42 22.01 129.77
C GLY E 1481 -72.33 20.96 129.79
N ASN E 1482 -72.67 19.68 129.62
CA ASN E 1482 -71.69 18.61 129.64
C ASN E 1482 -70.90 18.62 128.33
N VAL E 1483 -69.60 18.87 128.41
CA VAL E 1483 -68.76 18.91 127.22
C VAL E 1483 -68.56 17.49 126.71
N HIS E 1484 -68.63 17.33 125.39
CA HIS E 1484 -68.44 16.02 124.77
C HIS E 1484 -67.58 16.06 123.52
N SER E 1485 -66.94 17.19 123.20
CA SER E 1485 -66.02 17.26 122.09
C SER E 1485 -65.22 18.54 122.16
N SER E 1486 -63.89 18.43 122.07
CA SER E 1486 -62.99 19.57 122.06
C SER E 1486 -61.96 19.37 120.96
N LEU E 1487 -61.77 20.39 120.13
CA LEU E 1487 -60.88 20.31 118.99
C LEU E 1487 -59.88 21.45 119.03
N LYS E 1488 -58.65 21.16 118.65
CA LYS E 1488 -57.60 22.16 118.56
C LYS E 1488 -57.28 22.42 117.09
N CYS E 1489 -57.26 23.69 116.70
CA CYS E 1489 -57.07 24.09 115.32
C CYS E 1489 -55.86 25.00 115.21
N SER E 1490 -55.13 24.88 114.11
CA SER E 1490 -53.96 25.71 113.87
C SER E 1490 -53.62 25.63 112.39
N ASN E 1491 -52.53 26.29 112.01
CA ASN E 1491 -52.03 26.24 110.65
C ASN E 1491 -50.54 25.93 110.57
N CYS E 1492 -49.92 25.49 111.66
CA CYS E 1492 -48.49 25.28 111.71
C CYS E 1492 -48.17 24.27 112.79
N TYR E 1493 -47.68 23.10 112.38
CA TYR E 1493 -47.36 21.99 113.29
C TYR E 1493 -45.86 21.72 113.19
N MET E 1494 -45.09 22.24 114.14
CA MET E 1494 -43.64 22.15 114.07
C MET E 1494 -43.07 21.84 115.45
N VAL E 1495 -41.79 21.47 115.45
CA VAL E 1495 -41.04 21.21 116.67
C VAL E 1495 -39.73 21.99 116.60
N TRP E 1496 -39.33 22.53 117.74
CA TRP E 1496 -38.15 23.38 117.81
C TRP E 1496 -36.88 22.53 117.82
N GLY E 1497 -35.87 22.99 117.08
CA GLY E 1497 -34.62 22.25 117.04
C GLY E 1497 -33.83 22.33 118.33
N GLY E 1498 -34.10 23.33 119.15
CA GLY E 1498 -33.39 23.48 120.40
C GLY E 1498 -33.78 22.46 121.45
N ASP E 1499 -34.90 21.76 121.25
CA ASP E 1499 -35.33 20.78 122.22
C ASP E 1499 -34.47 19.53 122.21
N PHE E 1500 -33.69 19.31 121.15
CA PHE E 1500 -32.85 18.12 121.01
C PHE E 1500 -31.37 18.45 121.12
N VAL E 1501 -31.04 19.63 121.64
CA VAL E 1501 -29.64 20.04 121.74
C VAL E 1501 -28.85 19.04 122.56
N HIS E 1511 -18.62 20.38 115.73
CA HIS E 1511 -19.74 19.62 116.28
C HIS E 1511 -20.08 18.44 115.37
N THR E 1512 -21.36 18.07 115.33
CA THR E 1512 -21.81 16.96 114.50
C THR E 1512 -23.20 17.25 113.98
N ASP E 1513 -23.58 16.54 112.92
CA ASP E 1513 -24.86 16.77 112.28
C ASP E 1513 -26.01 16.25 113.15
N LEU E 1514 -27.19 16.83 112.93
CA LEU E 1514 -28.40 16.44 113.63
C LEU E 1514 -29.48 16.12 112.60
N VAL E 1515 -30.24 15.07 112.87
CA VAL E 1515 -31.25 14.57 111.94
C VAL E 1515 -32.58 14.46 112.68
N ILE E 1516 -33.64 14.96 112.06
CA ILE E 1516 -34.99 14.95 112.63
C ILE E 1516 -35.92 14.25 111.67
N GLY E 1517 -36.76 13.37 112.18
CA GLY E 1517 -37.68 12.60 111.37
C GLY E 1517 -39.11 12.92 111.71
N CYS E 1518 -39.99 12.84 110.71
CA CYS E 1518 -41.41 13.14 110.87
C CYS E 1518 -42.23 11.97 110.32
N LEU E 1519 -43.31 11.64 111.02
CA LEU E 1519 -44.20 10.56 110.64
C LEU E 1519 -45.63 11.06 110.60
N VAL E 1520 -46.44 10.43 109.75
CA VAL E 1520 -47.86 10.73 109.64
C VAL E 1520 -48.60 9.45 109.29
N ASP E 1521 -49.81 9.32 109.82
CA ASP E 1521 -50.69 8.19 109.50
C ASP E 1521 -51.96 8.77 108.91
N LEU E 1522 -52.14 8.60 107.60
CA LEU E 1522 -53.26 9.22 106.90
C LEU E 1522 -54.60 8.60 107.26
N ALA E 1523 -54.62 7.45 107.90
CA ALA E 1523 -55.87 6.78 108.26
C ALA E 1523 -56.33 7.09 109.68
N THR E 1524 -55.51 7.77 110.49
CA THR E 1524 -55.88 8.11 111.86
C THR E 1524 -55.59 9.54 112.24
N GLY E 1525 -54.92 10.32 111.39
CA GLY E 1525 -54.64 11.71 111.71
C GLY E 1525 -53.73 11.92 112.88
N LEU E 1526 -52.63 11.17 112.99
CA LEU E 1526 -51.69 11.30 114.08
C LEU E 1526 -50.31 11.63 113.55
N MET E 1527 -49.58 12.48 114.27
CA MET E 1527 -48.26 12.93 113.87
C MET E 1527 -47.28 12.74 115.02
N THR E 1528 -46.05 12.35 114.70
CA THR E 1528 -45.02 12.11 115.70
C THR E 1528 -43.67 12.48 115.12
N PHE E 1529 -42.69 12.69 116.00
CA PHE E 1529 -41.37 13.13 115.61
C PHE E 1529 -40.31 12.31 116.33
N THR E 1530 -39.13 12.21 115.72
CA THR E 1530 -38.00 11.52 116.30
C THR E 1530 -36.73 12.31 116.01
N ALA E 1531 -35.79 12.28 116.95
CA ALA E 1531 -34.51 12.95 116.81
C ALA E 1531 -33.39 11.95 117.02
N ASN E 1532 -32.53 11.80 116.01
CA ASN E 1532 -31.41 10.86 116.08
C ASN E 1532 -31.89 9.47 116.45
N GLY E 1533 -33.06 9.08 115.93
CA GLY E 1533 -33.61 7.77 116.17
C GLY E 1533 -34.30 7.59 117.50
N LYS E 1534 -34.44 8.65 118.30
CA LYS E 1534 -35.09 8.58 119.59
C LYS E 1534 -36.40 9.35 119.54
N GLU E 1535 -37.49 8.70 119.96
CA GLU E 1535 -38.79 9.31 119.90
C GLU E 1535 -38.85 10.57 120.77
N SER E 1536 -39.93 11.32 120.59
CA SER E 1536 -40.18 12.53 121.36
C SER E 1536 -41.60 12.50 121.90
N ASN E 1537 -41.84 13.31 122.92
CA ASN E 1537 -43.16 13.33 123.56
C ASN E 1537 -44.15 14.20 122.82
N THR E 1538 -43.70 15.00 121.85
CA THR E 1538 -44.61 15.87 121.11
C THR E 1538 -45.42 15.07 120.11
N PHE E 1539 -46.70 15.43 119.95
CA PHE E 1539 -47.55 14.82 118.95
C PHE E 1539 -48.74 15.73 118.70
N PHE E 1540 -49.38 15.52 117.55
CA PHE E 1540 -50.52 16.34 117.13
C PHE E 1540 -51.62 15.44 116.59
N GLN E 1541 -52.78 16.04 116.33
CA GLN E 1541 -53.90 15.33 115.71
C GLN E 1541 -54.68 16.31 114.84
N VAL E 1542 -55.19 15.81 113.72
CA VAL E 1542 -55.88 16.63 112.73
C VAL E 1542 -57.19 15.97 112.34
N GLU E 1543 -57.90 16.60 111.40
CA GLU E 1543 -59.21 16.17 110.99
C GLU E 1543 -59.16 15.46 109.65
N PRO E 1544 -60.23 14.76 109.26
CA PRO E 1544 -60.13 13.83 108.12
C PRO E 1544 -59.65 14.43 106.80
N ASN E 1545 -60.07 15.65 106.45
CA ASN E 1545 -59.89 16.13 105.09
C ASN E 1545 -58.85 17.24 104.98
N THR E 1546 -57.76 17.16 105.72
CA THR E 1546 -56.79 18.26 105.72
C THR E 1546 -55.67 18.00 104.71
N LYS E 1547 -55.01 19.09 104.32
CA LYS E 1547 -53.82 19.06 103.48
C LYS E 1547 -52.63 19.59 104.28
N LEU E 1548 -51.45 19.04 104.02
CA LEU E 1548 -50.24 19.46 104.71
C LEU E 1548 -49.08 19.52 103.74
N PHE E 1549 -48.22 20.51 103.94
CA PHE E 1549 -47.00 20.68 103.16
C PHE E 1549 -45.80 20.52 104.07
N PRO E 1550 -44.77 19.76 103.69
CA PRO E 1550 -43.52 19.80 104.46
C PRO E 1550 -42.94 21.19 104.47
N ALA E 1551 -42.35 21.59 105.59
CA ALA E 1551 -41.86 22.94 105.74
C ALA E 1551 -40.67 22.97 106.70
N VAL E 1552 -39.87 24.02 106.58
CA VAL E 1552 -38.70 24.24 107.43
C VAL E 1552 -38.45 25.74 107.51
N PHE E 1553 -38.30 26.26 108.72
CA PHE E 1553 -37.91 27.65 108.95
C PHE E 1553 -36.52 27.66 109.57
N VAL E 1554 -35.67 28.55 109.09
CA VAL E 1554 -34.27 28.57 109.51
C VAL E 1554 -33.73 29.98 109.42
N LEU E 1555 -32.78 30.29 110.30
CA LEU E 1555 -32.01 31.53 110.23
C LEU E 1555 -30.56 31.15 109.96
N PRO E 1556 -30.06 31.30 108.73
CA PRO E 1556 -28.76 30.71 108.39
C PRO E 1556 -27.62 31.30 109.19
N THR E 1557 -26.63 30.45 109.50
CA THR E 1557 -25.40 30.87 110.16
C THR E 1557 -24.18 30.18 109.58
N HIS E 1558 -24.26 29.62 108.38
CA HIS E 1558 -23.17 28.86 107.80
C HIS E 1558 -23.39 28.77 106.29
N GLN E 1559 -22.34 28.37 105.58
CA GLN E 1559 -22.46 28.20 104.14
C GLN E 1559 -23.41 27.05 103.81
N ASN E 1560 -23.31 25.94 104.54
CA ASN E 1560 -24.20 24.80 104.36
C ASN E 1560 -25.26 24.86 105.47
N VAL E 1561 -26.54 24.78 105.08
CA VAL E 1561 -27.60 25.08 106.04
C VAL E 1561 -28.45 23.86 106.33
N ILE E 1562 -29.20 23.39 105.34
CA ILE E 1562 -30.26 22.40 105.52
C ILE E 1562 -30.28 21.47 104.31
N GLN E 1563 -30.85 20.29 104.50
CA GLN E 1563 -30.96 19.29 103.45
C GLN E 1563 -32.21 18.46 103.67
N PHE E 1564 -33.19 18.57 102.77
CA PHE E 1564 -34.33 17.67 102.76
C PHE E 1564 -33.86 16.28 102.35
N GLU E 1565 -34.44 15.25 102.97
CA GLU E 1565 -34.16 13.87 102.61
C GLU E 1565 -35.47 13.14 102.41
N LEU E 1566 -35.55 12.32 101.36
CA LEU E 1566 -36.77 11.62 101.00
C LEU E 1566 -36.61 10.12 101.09
N GLY E 1567 -35.95 9.62 102.14
CA GLY E 1567 -35.74 8.20 102.30
C GLY E 1567 -36.96 7.52 102.88
N LYS E 1568 -36.74 6.40 103.57
CA LYS E 1568 -37.82 5.65 104.21
C LYS E 1568 -37.27 4.94 105.44
N GLN E 1569 -38.12 4.13 106.05
CA GLN E 1569 -37.75 3.35 107.22
C GLN E 1569 -38.32 1.94 107.09
N LYS E 1570 -38.03 1.11 108.08
CA LYS E 1570 -38.51 -0.27 108.06
C LYS E 1570 -40.04 -0.29 108.08
N ASN E 1571 -40.62 -0.93 107.07
CA ASN E 1571 -42.08 -1.07 106.94
C ASN E 1571 -42.79 0.28 106.89
N ILE E 1572 -42.14 1.30 106.34
CA ILE E 1572 -42.73 2.63 106.21
C ILE E 1572 -42.45 3.15 104.81
N MET E 1573 -43.49 3.64 104.15
CA MET E 1573 -43.37 4.09 102.77
C MET E 1573 -42.77 5.49 102.71
N PRO E 1574 -42.13 5.84 101.59
CA PRO E 1574 -41.69 7.22 101.39
C PRO E 1574 -42.83 8.10 100.92
N LEU E 1575 -42.67 9.41 101.13
CA LEU E 1575 -43.78 10.32 100.88
C LEU E 1575 -44.06 10.50 99.40
N SER E 1576 -43.14 10.09 98.52
CA SER E 1576 -43.44 10.12 97.10
C SER E 1576 -44.52 9.13 96.73
N ALA E 1577 -44.77 8.13 97.59
CA ALA E 1577 -45.89 7.23 97.38
C ALA E 1577 -47.22 7.85 97.77
N ALA E 1578 -47.21 8.87 98.61
CA ALA E 1578 -48.45 9.56 98.99
C ALA E 1578 -48.70 10.76 98.09
N MET E 1579 -47.63 11.36 97.56
CA MET E 1579 -47.80 12.56 96.76
C MET E 1579 -48.36 12.24 95.38
N PHE E 1580 -47.95 11.13 94.79
CA PHE E 1580 -48.26 10.81 93.40
C PHE E 1580 -49.14 9.57 93.34
N LEU E 1581 -50.22 9.65 92.57
CA LEU E 1581 -51.17 8.55 92.49
C LEU E 1581 -50.54 7.31 91.86
N SER E 1582 -49.70 7.50 90.85
CA SER E 1582 -49.13 6.37 90.14
C SER E 1582 -48.27 5.51 91.05
N GLU E 1583 -47.48 6.14 91.92
CA GLU E 1583 -46.54 5.43 92.79
C GLU E 1583 -47.17 5.01 94.11
N ARG E 1584 -48.49 4.83 94.16
CA ARG E 1584 -49.14 4.57 95.43
C ARG E 1584 -48.68 3.25 96.05
N LYS E 1585 -48.08 2.37 95.26
CA LYS E 1585 -47.65 1.05 95.74
C LYS E 1585 -46.18 0.77 95.43
N ASN E 1586 -45.37 1.80 95.21
CA ASN E 1586 -43.97 1.63 94.88
C ASN E 1586 -43.10 2.10 96.04
N PRO E 1587 -42.40 1.22 96.75
CA PRO E 1587 -41.59 1.66 97.89
C PRO E 1587 -40.22 2.21 97.53
N ALA E 1588 -39.96 2.51 96.27
CA ALA E 1588 -38.67 3.07 95.88
C ALA E 1588 -38.69 4.58 95.99
N PRO E 1589 -37.80 5.20 96.76
CA PRO E 1589 -37.81 6.67 96.85
C PRO E 1589 -37.61 7.32 95.49
N GLN E 1590 -38.24 8.47 95.31
CA GLN E 1590 -38.16 9.22 94.05
C GLN E 1590 -38.23 10.71 94.34
N CYS E 1591 -38.01 11.50 93.29
CA CYS E 1591 -38.04 12.96 93.39
C CYS E 1591 -38.24 13.53 92.00
N PRO E 1592 -39.45 13.45 91.46
CA PRO E 1592 -39.69 13.89 90.09
C PRO E 1592 -39.51 15.39 89.95
N PRO E 1593 -39.43 15.91 88.73
CA PRO E 1593 -39.16 17.35 88.54
C PRO E 1593 -40.21 18.25 89.14
N ARG E 1594 -41.45 17.80 89.29
CA ARG E 1594 -42.50 18.69 89.79
C ARG E 1594 -42.29 19.07 91.25
N LEU E 1595 -41.42 18.36 91.95
CA LEU E 1595 -41.22 18.60 93.37
C LEU E 1595 -40.02 19.52 93.56
N GLU E 1596 -40.25 20.66 94.21
CA GLU E 1596 -39.21 21.66 94.39
C GLU E 1596 -39.53 22.50 95.61
N VAL E 1597 -38.53 23.25 96.08
CA VAL E 1597 -38.71 24.08 97.27
C VAL E 1597 -39.22 25.44 96.87
N GLN E 1598 -39.96 26.07 97.77
CA GLN E 1598 -40.52 27.40 97.55
C GLN E 1598 -40.26 28.27 98.78
N MET E 1599 -40.12 29.56 98.55
CA MET E 1599 -39.88 30.53 99.62
C MET E 1599 -41.05 31.50 99.69
N LEU E 1600 -41.11 32.23 100.80
CA LEU E 1600 -42.23 33.12 101.06
C LEU E 1600 -41.84 34.55 100.70
N MET E 1601 -42.60 35.16 99.78
CA MET E 1601 -42.37 36.55 99.37
C MET E 1601 -43.42 37.46 99.99
N PRO E 1602 -43.06 38.69 100.36
CA PRO E 1602 -44.00 39.52 101.13
C PRO E 1602 -44.97 40.36 100.32
N VAL E 1603 -44.76 40.56 99.03
CA VAL E 1603 -45.62 41.45 98.23
C VAL E 1603 -45.78 40.88 96.83
N SER E 1604 -46.91 41.17 96.21
CA SER E 1604 -47.21 40.70 94.86
C SER E 1604 -48.17 41.66 94.18
N TRP E 1605 -48.22 41.58 92.85
CA TRP E 1605 -49.14 42.40 92.08
C TRP E 1605 -50.53 41.77 92.06
N SER E 1606 -51.54 42.61 91.87
CA SER E 1606 -52.92 42.15 91.81
C SER E 1606 -53.74 43.12 90.99
N ARG E 1607 -54.92 42.68 90.57
CA ARG E 1607 -55.77 43.44 89.66
C ARG E 1607 -56.94 44.04 90.40
N MET E 1608 -57.23 45.30 90.12
CA MET E 1608 -58.35 45.99 90.76
C MET E 1608 -59.64 45.66 90.00
N PRO E 1609 -60.71 45.28 90.70
CA PRO E 1609 -61.98 45.06 90.00
C PRO E 1609 -62.46 46.31 89.29
N ASN E 1610 -63.41 46.12 88.38
CA ASN E 1610 -63.96 47.25 87.64
C ASN E 1610 -65.16 47.87 88.33
N HIS E 1611 -65.86 47.10 89.15
CA HIS E 1611 -67.03 47.60 89.88
C HIS E 1611 -66.98 47.12 91.32
N PHE E 1612 -67.61 47.90 92.20
CA PHE E 1612 -67.60 47.63 93.62
C PHE E 1612 -69.01 47.68 94.16
N LEU E 1613 -69.23 47.02 95.30
CA LEU E 1613 -70.54 47.01 95.93
C LEU E 1613 -70.88 48.40 96.47
N GLN E 1614 -72.16 48.75 96.43
CA GLN E 1614 -72.63 49.99 97.02
C GLN E 1614 -73.30 49.68 98.36
N VAL E 1615 -72.82 50.34 99.42
CA VAL E 1615 -73.32 50.13 100.77
C VAL E 1615 -73.76 51.46 101.34
N GLU E 1616 -74.93 51.47 101.97
CA GLU E 1616 -75.50 52.66 102.60
C GLU E 1616 -75.46 52.50 104.10
N THR E 1617 -74.98 53.53 104.80
CA THR E 1617 -74.89 53.53 106.25
C THR E 1617 -75.42 54.85 106.80
N ARG E 1618 -76.18 54.78 107.88
CA ARG E 1618 -76.71 55.97 108.51
C ARG E 1618 -77.24 55.61 109.89
N ARG E 1619 -77.47 56.64 110.71
CA ARG E 1619 -78.00 56.46 112.05
C ARG E 1619 -79.53 56.51 111.97
N ALA E 1620 -80.16 55.35 112.15
CA ALA E 1620 -81.62 55.29 112.02
C ALA E 1620 -82.32 56.15 113.07
N GLY E 1621 -81.86 56.11 114.30
CA GLY E 1621 -82.48 56.89 115.36
C GLY E 1621 -81.91 56.54 116.70
N GLU E 1622 -82.48 57.16 117.73
CA GLU E 1622 -82.00 56.93 119.09
C GLU E 1622 -82.26 55.49 119.53
N ARG E 1623 -83.40 54.93 119.14
CA ARG E 1623 -83.79 53.61 119.63
C ARG E 1623 -83.45 52.49 118.65
N LEU E 1624 -83.23 52.81 117.38
CA LEU E 1624 -83.01 51.79 116.36
C LEU E 1624 -81.53 51.51 116.11
N GLY E 1625 -80.67 52.50 116.29
CA GLY E 1625 -79.25 52.28 116.08
C GLY E 1625 -78.82 52.64 114.67
N TRP E 1626 -77.75 51.99 114.22
CA TRP E 1626 -77.18 52.22 112.91
C TRP E 1626 -77.62 51.11 111.96
N ALA E 1627 -77.72 51.44 110.68
CA ALA E 1627 -78.23 50.52 109.68
C ALA E 1627 -77.25 50.39 108.51
N VAL E 1628 -77.25 49.21 107.90
CA VAL E 1628 -76.45 48.92 106.71
C VAL E 1628 -77.36 48.30 105.67
N GLN E 1629 -77.00 48.45 104.40
CA GLN E 1629 -77.89 48.05 103.31
C GLN E 1629 -77.08 47.80 102.05
N CYS E 1630 -77.56 46.88 101.22
CA CYS E 1630 -76.93 46.56 99.95
C CYS E 1630 -77.91 45.78 99.10
N GLN E 1631 -78.15 46.25 97.87
CA GLN E 1631 -79.19 45.70 97.02
C GLN E 1631 -78.69 45.21 95.67
N ASP E 1632 -77.75 45.93 95.04
CA ASP E 1632 -77.34 45.62 93.69
C ASP E 1632 -76.35 44.45 93.70
N PRO E 1633 -76.61 43.37 92.96
CA PRO E 1633 -75.69 42.23 93.00
C PRO E 1633 -74.51 42.39 92.06
N LEU E 1634 -73.43 41.70 92.40
CA LEU E 1634 -72.23 41.62 91.56
C LEU E 1634 -71.69 40.21 91.61
N THR E 1635 -70.97 39.83 90.55
CA THR E 1635 -70.40 38.49 90.45
C THR E 1635 -69.20 38.53 89.54
N MET E 1636 -68.34 37.53 89.67
CA MET E 1636 -67.16 37.42 88.84
C MET E 1636 -66.88 35.95 88.55
N MET E 1637 -66.06 35.72 87.52
CA MET E 1637 -65.69 34.38 87.10
C MET E 1637 -64.34 34.04 87.71
N ALA E 1638 -64.30 32.98 88.50
CA ALA E 1638 -63.10 32.64 89.27
C ALA E 1638 -62.34 31.50 88.61
N LEU E 1639 -61.05 31.40 88.94
CA LEU E 1639 -60.18 30.33 88.48
C LEU E 1639 -59.53 29.69 89.70
N HIS E 1640 -59.65 28.37 89.82
CA HIS E 1640 -59.23 27.65 91.01
C HIS E 1640 -58.03 26.78 90.69
N ILE E 1641 -57.04 26.77 91.58
CA ILE E 1641 -55.87 25.91 91.45
C ILE E 1641 -56.03 24.77 92.45
N PRO E 1642 -56.32 23.54 92.01
CA PRO E 1642 -56.74 22.51 92.98
C PRO E 1642 -55.73 22.21 94.07
N GLU E 1643 -54.43 22.18 93.75
CA GLU E 1643 -53.46 21.71 94.74
C GLU E 1643 -53.23 22.73 95.83
N GLU E 1644 -53.25 24.02 95.51
CA GLU E 1644 -52.99 25.07 96.50
C GLU E 1644 -54.24 25.52 97.22
N ASN E 1645 -55.42 25.18 96.72
CA ASN E 1645 -56.68 25.54 97.39
C ASN E 1645 -56.84 27.05 97.48
N ARG E 1646 -56.76 27.71 96.33
CA ARG E 1646 -56.96 29.15 96.25
C ARG E 1646 -57.43 29.50 94.85
N CYS E 1647 -58.02 30.69 94.72
CA CYS E 1647 -58.60 31.13 93.47
C CYS E 1647 -58.19 32.55 93.16
N MET E 1648 -58.34 32.93 91.90
CA MET E 1648 -58.07 34.28 91.44
C MET E 1648 -59.02 34.63 90.31
N ASP E 1649 -59.15 35.92 90.04
CA ASP E 1649 -59.98 36.36 88.93
C ASP E 1649 -59.42 35.86 87.62
N ILE E 1650 -60.30 35.34 86.75
CA ILE E 1650 -59.84 34.84 85.46
C ILE E 1650 -59.25 35.94 84.60
N LEU E 1651 -59.67 37.19 84.82
CA LEU E 1651 -59.14 38.30 84.04
C LEU E 1651 -57.67 38.59 84.36
N GLU E 1652 -57.12 37.99 85.40
CA GLU E 1652 -55.71 38.16 85.69
C GLU E 1652 -54.82 37.42 84.71
N LEU E 1653 -55.39 36.59 83.86
CA LEU E 1653 -54.60 35.83 82.88
C LEU E 1653 -54.07 36.69 81.76
N SER E 1654 -54.46 37.97 81.69
CA SER E 1654 -53.91 38.86 80.68
C SER E 1654 -52.45 39.21 80.95
N GLU E 1655 -51.94 38.91 82.15
CA GLU E 1655 -50.55 39.15 82.48
C GLU E 1655 -49.80 37.91 82.90
N ARG E 1656 -50.48 36.78 83.07
CA ARG E 1656 -49.83 35.50 83.38
C ARG E 1656 -49.93 34.63 82.13
N LEU E 1657 -48.87 34.66 81.32
CA LEU E 1657 -48.95 34.08 79.99
C LEU E 1657 -48.93 32.56 80.02
N ASP E 1658 -48.12 31.96 80.89
CA ASP E 1658 -48.04 30.50 80.91
C ASP E 1658 -49.36 29.86 81.27
N LEU E 1659 -50.03 30.38 82.31
CA LEU E 1659 -51.33 29.86 82.68
C LEU E 1659 -52.35 30.10 81.57
N GLN E 1660 -52.25 31.23 80.90
CA GLN E 1660 -53.16 31.51 79.78
C GLN E 1660 -53.00 30.46 78.69
N ARG E 1661 -51.76 30.15 78.32
CA ARG E 1661 -51.53 29.15 77.30
C ARG E 1661 -52.03 27.78 77.73
N PHE E 1662 -51.76 27.40 78.98
CA PHE E 1662 -52.23 26.11 79.45
C PHE E 1662 -53.75 26.02 79.42
N HIS E 1663 -54.44 27.08 79.82
CA HIS E 1663 -55.89 27.03 79.83
C HIS E 1663 -56.46 27.01 78.42
N SER E 1664 -55.85 27.75 77.49
CA SER E 1664 -56.34 27.70 76.12
C SER E 1664 -56.19 26.30 75.54
N HIS E 1665 -55.06 25.64 75.82
CA HIS E 1665 -54.91 24.27 75.34
C HIS E 1665 -55.87 23.31 76.05
N THR E 1666 -56.22 23.60 77.31
CA THR E 1666 -57.23 22.79 77.99
C THR E 1666 -58.57 22.92 77.29
N LEU E 1667 -58.95 24.14 76.91
CA LEU E 1667 -60.19 24.31 76.15
C LEU E 1667 -60.13 23.57 74.83
N ARG E 1668 -58.97 23.59 74.17
CA ARG E 1668 -58.83 22.82 72.93
C ARG E 1668 -59.05 21.33 73.17
N LEU E 1669 -58.48 20.79 74.24
CA LEU E 1669 -58.69 19.37 74.54
C LEU E 1669 -60.16 19.07 74.81
N TYR E 1670 -60.84 19.92 75.60
CA TYR E 1670 -62.27 19.75 75.79
C TYR E 1670 -62.99 19.69 74.46
N ARG E 1671 -62.68 20.64 73.57
CA ARG E 1671 -63.35 20.71 72.28
C ARG E 1671 -63.02 19.50 71.42
N ALA E 1672 -61.90 18.83 71.69
CA ALA E 1672 -61.50 17.68 70.88
C ALA E 1672 -62.16 16.39 71.36
N VAL E 1673 -62.33 16.20 72.66
CA VAL E 1673 -62.85 14.91 73.13
C VAL E 1673 -64.32 14.72 72.80
N CYS E 1674 -65.01 15.75 72.32
CA CYS E 1674 -66.42 15.65 71.98
C CYS E 1674 -66.68 15.90 70.50
N ALA E 1675 -65.70 15.66 69.63
CA ALA E 1675 -65.82 16.04 68.24
C ALA E 1675 -66.53 14.95 67.44
N LEU E 1676 -67.25 15.38 66.40
CA LEU E 1676 -67.87 14.50 65.44
C LEU E 1676 -68.91 13.59 66.11
N GLY E 1677 -69.91 14.20 66.73
CA GLY E 1677 -71.10 13.48 67.14
C GLY E 1677 -70.96 12.58 68.33
N ASN E 1678 -70.02 12.82 69.22
CA ASN E 1678 -69.91 12.05 70.47
C ASN E 1678 -70.76 12.76 71.52
N ASN E 1679 -72.06 12.41 71.54
CA ASN E 1679 -73.02 13.16 72.35
C ASN E 1679 -72.92 12.80 73.83
N ARG E 1680 -72.48 11.59 74.15
CA ARG E 1680 -72.36 11.22 75.56
C ARG E 1680 -71.31 12.08 76.25
N VAL E 1681 -70.15 12.28 75.61
CA VAL E 1681 -69.13 13.14 76.19
C VAL E 1681 -69.60 14.58 76.23
N ALA E 1682 -70.39 15.00 75.24
CA ALA E 1682 -70.95 16.34 75.26
C ALA E 1682 -71.85 16.54 76.46
N HIS E 1683 -72.69 15.53 76.76
CA HIS E 1683 -73.52 15.60 77.96
C HIS E 1683 -72.64 15.67 79.21
N ALA E 1684 -71.57 14.88 79.24
CA ALA E 1684 -70.69 14.86 80.41
C ALA E 1684 -70.05 16.22 80.64
N LEU E 1685 -69.62 16.89 79.57
CA LEU E 1685 -68.90 18.15 79.72
C LEU E 1685 -69.76 19.26 80.30
N CYS E 1686 -71.09 19.10 80.31
CA CYS E 1686 -71.94 20.15 80.84
C CYS E 1686 -71.79 20.34 82.34
N SER E 1687 -71.20 19.36 83.04
CA SER E 1687 -70.96 19.52 84.47
C SER E 1687 -69.67 20.29 84.74
N HIS E 1688 -68.81 20.45 83.75
CA HIS E 1688 -67.57 21.20 83.92
C HIS E 1688 -67.67 22.62 83.38
N VAL E 1689 -68.56 22.88 82.43
CA VAL E 1689 -68.80 24.22 81.93
C VAL E 1689 -70.30 24.39 81.73
N ASP E 1690 -70.96 25.06 82.67
CA ASP E 1690 -72.41 25.17 82.64
C ASP E 1690 -72.86 26.35 81.78
N GLN E 1691 -74.18 26.51 81.67
CA GLN E 1691 -74.74 27.57 80.83
C GLN E 1691 -74.30 28.94 81.29
N ALA E 1692 -74.35 29.20 82.60
CA ALA E 1692 -74.06 30.53 83.11
C ALA E 1692 -72.65 30.97 82.72
N GLN E 1693 -71.69 30.06 82.85
CA GLN E 1693 -70.32 30.41 82.50
C GLN E 1693 -70.20 30.78 81.02
N LEU E 1694 -70.83 29.99 80.15
CA LEU E 1694 -70.71 30.25 78.73
C LEU E 1694 -71.34 31.57 78.36
N LEU E 1695 -72.54 31.85 78.87
CA LEU E 1695 -73.17 33.13 78.56
C LEU E 1695 -72.39 34.31 79.12
N HIS E 1696 -71.90 34.19 80.34
CA HIS E 1696 -71.08 35.26 80.91
C HIS E 1696 -69.85 35.52 80.05
N ALA E 1697 -69.16 34.45 79.64
CA ALA E 1697 -68.00 34.62 78.79
C ALA E 1697 -68.36 35.26 77.46
N LEU E 1698 -69.52 34.91 76.92
CA LEU E 1698 -69.97 35.53 75.68
C LEU E 1698 -70.12 37.04 75.85
N GLU E 1699 -70.71 37.47 76.96
CA GLU E 1699 -70.93 38.90 77.16
C GLU E 1699 -69.65 39.66 77.53
N ASP E 1700 -68.71 39.01 78.21
CA ASP E 1700 -67.61 39.73 78.83
C ASP E 1700 -66.78 40.47 77.79
N ALA E 1701 -66.27 41.65 78.18
CA ALA E 1701 -65.54 42.52 77.27
C ALA E 1701 -64.07 42.66 77.60
N HIS E 1702 -63.65 42.26 78.80
CA HIS E 1702 -62.25 42.37 79.21
C HIS E 1702 -61.47 41.08 79.03
N LEU E 1703 -62.08 40.05 78.45
CA LEU E 1703 -61.42 38.76 78.34
C LEU E 1703 -60.33 38.80 77.27
N PRO E 1704 -59.23 38.09 77.45
CA PRO E 1704 -58.22 38.01 76.39
C PRO E 1704 -58.77 37.32 75.16
N GLY E 1705 -58.16 37.62 74.01
CA GLY E 1705 -58.66 37.14 72.74
C GLY E 1705 -58.68 35.63 72.62
N PRO E 1706 -57.57 34.97 72.94
CA PRO E 1706 -57.55 33.50 72.83
C PRO E 1706 -58.63 32.82 73.64
N LEU E 1707 -58.86 33.26 74.87
CA LEU E 1707 -59.91 32.65 75.69
C LEU E 1707 -61.29 32.96 75.15
N ARG E 1708 -61.49 34.17 74.63
CA ARG E 1708 -62.76 34.52 74.00
C ARG E 1708 -63.09 33.57 72.86
N ALA E 1709 -62.13 33.40 71.95
CA ALA E 1709 -62.35 32.49 70.82
C ALA E 1709 -62.55 31.06 71.30
N GLY E 1710 -61.76 30.63 72.28
CA GLY E 1710 -61.91 29.28 72.80
C GLY E 1710 -63.29 29.02 73.36
N TYR E 1711 -63.84 29.98 74.11
CA TYR E 1711 -65.15 29.78 74.68
C TYR E 1711 -66.26 29.81 73.64
N TYR E 1712 -66.16 30.69 72.63
CA TYR E 1712 -67.14 30.64 71.56
C TYR E 1712 -67.12 29.28 70.86
N ASP E 1713 -65.92 28.79 70.53
CA ASP E 1713 -65.82 27.50 69.85
C ASP E 1713 -66.32 26.37 70.75
N LEU E 1714 -66.06 26.45 72.05
CA LEU E 1714 -66.53 25.41 72.96
C LEU E 1714 -68.05 25.37 72.99
N LEU E 1715 -68.70 26.53 73.07
CA LEU E 1715 -70.16 26.55 73.03
C LEU E 1715 -70.67 25.91 71.75
N ILE E 1716 -70.10 26.31 70.61
CA ILE E 1716 -70.58 25.77 69.34
C ILE E 1716 -70.39 24.26 69.30
N SER E 1717 -69.23 23.77 69.74
CA SER E 1717 -68.94 22.34 69.66
C SER E 1717 -69.88 21.54 70.56
N ILE E 1718 -70.11 22.02 71.79
CA ILE E 1718 -70.93 21.24 72.72
C ILE E 1718 -72.38 21.23 72.28
N HIS E 1719 -72.91 22.36 71.83
CA HIS E 1719 -74.36 22.51 71.74
C HIS E 1719 -74.94 22.51 70.33
N LEU E 1720 -74.16 22.82 69.30
CA LEU E 1720 -74.73 23.06 67.98
C LEU E 1720 -74.09 22.30 66.84
N GLU E 1721 -72.93 21.68 67.03
CA GLU E 1721 -72.17 21.14 65.91
C GLU E 1721 -72.94 20.02 65.21
N SER E 1722 -73.44 19.05 65.97
CA SER E 1722 -74.07 17.88 65.37
C SER E 1722 -75.30 18.27 64.56
N ALA E 1723 -76.16 19.11 65.12
CA ALA E 1723 -77.37 19.51 64.42
C ALA E 1723 -77.03 20.26 63.14
N CYS E 1724 -76.04 21.14 63.20
CA CYS E 1724 -75.64 21.88 62.00
C CYS E 1724 -75.13 20.95 60.92
N ARG E 1725 -74.31 19.97 61.30
CA ARG E 1725 -73.81 19.01 60.31
C ARG E 1725 -74.94 18.23 59.68
N SER E 1726 -75.87 17.73 60.51
CA SER E 1726 -76.97 16.95 59.97
C SER E 1726 -77.81 17.77 59.02
N ARG E 1727 -78.13 19.01 59.40
CA ARG E 1727 -78.93 19.86 58.53
C ARG E 1727 -78.20 20.15 57.23
N ARG E 1728 -76.89 20.41 57.32
CA ARG E 1728 -76.14 20.76 56.12
C ARG E 1728 -76.06 19.58 55.15
N SER E 1729 -76.02 18.36 55.68
CA SER E 1729 -75.90 17.20 54.80
C SER E 1729 -77.11 17.06 53.88
N MET E 1730 -78.28 17.54 54.31
CA MET E 1730 -79.51 17.40 53.54
C MET E 1730 -79.92 18.68 52.82
N LEU E 1731 -79.02 19.64 52.68
CA LEU E 1731 -79.40 20.93 52.10
C LEU E 1731 -79.20 20.97 50.59
N SER E 1732 -78.78 19.87 49.97
CA SER E 1732 -78.54 19.83 48.54
C SER E 1732 -79.61 19.05 47.79
N GLU E 1733 -80.74 18.75 48.43
CA GLU E 1733 -81.82 18.00 47.82
C GLU E 1733 -83.12 18.77 47.99
N TYR E 1734 -84.07 18.54 47.08
CA TYR E 1734 -85.33 19.28 47.04
C TYR E 1734 -86.46 18.30 46.83
N ILE E 1735 -87.17 17.96 47.91
CA ILE E 1735 -88.37 17.15 47.85
C ILE E 1735 -89.55 18.08 48.12
N VAL E 1736 -90.33 18.37 47.08
CA VAL E 1736 -91.39 19.36 47.14
C VAL E 1736 -92.72 18.63 47.23
N PRO E 1737 -93.46 18.75 48.32
CA PRO E 1737 -94.80 18.16 48.36
C PRO E 1737 -95.84 19.07 47.72
N LEU E 1738 -96.86 18.46 47.13
CA LEU E 1738 -97.93 19.20 46.44
C LEU E 1738 -99.01 19.52 47.45
N THR E 1739 -99.03 20.75 47.93
CA THR E 1739 -99.97 21.20 48.95
C THR E 1739 -100.45 22.60 48.58
N PRO E 1740 -101.53 23.06 49.21
CA PRO E 1740 -102.06 24.39 48.85
C PRO E 1740 -101.06 25.51 48.98
N GLU E 1741 -100.20 25.48 50.01
CA GLU E 1741 -99.22 26.55 50.16
C GLU E 1741 -98.12 26.45 49.11
N THR E 1742 -97.86 25.24 48.59
CA THR E 1742 -96.92 25.12 47.49
C THR E 1742 -97.43 25.82 46.24
N ARG E 1743 -98.73 25.73 46.00
CA ARG E 1743 -99.30 26.32 44.79
C ARG E 1743 -99.23 27.84 44.78
N ALA E 1744 -98.93 28.46 45.92
CA ALA E 1744 -98.94 29.92 46.01
C ALA E 1744 -97.57 30.55 45.79
N ILE E 1745 -96.57 29.77 45.40
CA ILE E 1745 -95.22 30.32 45.26
C ILE E 1745 -95.04 30.86 43.85
N THR E 1746 -94.46 32.05 43.75
CA THR E 1746 -94.20 32.70 42.47
C THR E 1746 -92.80 33.29 42.49
N LEU E 1747 -92.21 33.45 41.31
CA LEU E 1747 -90.87 33.98 41.21
C LEU E 1747 -90.78 35.41 41.74
N PHE E 1748 -91.77 36.24 41.42
CA PHE E 1748 -91.75 37.64 41.81
C PHE E 1748 -93.00 37.98 42.61
N PRO E 1749 -92.94 39.00 43.46
CA PRO E 1749 -94.13 39.46 44.18
C PRO E 1749 -95.05 40.24 43.25
N PRO E 1750 -96.31 40.44 43.65
CA PRO E 1750 -97.25 41.13 42.75
C PRO E 1750 -96.79 42.51 42.31
N ALA E 1757 -91.45 40.16 34.38
CA ALA E 1757 -90.29 40.50 35.18
C ALA E 1757 -90.53 41.78 35.96
N ARG E 1758 -90.21 41.75 37.25
CA ARG E 1758 -90.43 42.88 38.14
C ARG E 1758 -89.26 42.98 39.11
N ARG E 1759 -89.43 43.79 40.15
CA ARG E 1759 -88.37 43.96 41.14
C ARG E 1759 -88.13 42.69 41.91
N HIS E 1760 -86.87 42.41 42.21
CA HIS E 1760 -86.52 41.22 42.97
C HIS E 1760 -87.00 41.33 44.41
N GLY E 1761 -87.38 40.19 44.99
CA GLY E 1761 -87.70 40.15 46.39
C GLY E 1761 -86.45 40.01 47.25
N LEU E 1762 -86.64 40.14 48.56
CA LEU E 1762 -85.52 40.01 49.48
C LEU E 1762 -85.15 38.52 49.60
N PRO E 1763 -83.86 38.20 49.60
CA PRO E 1763 -83.46 36.80 49.70
C PRO E 1763 -83.66 36.25 51.11
N GLY E 1764 -84.09 34.99 51.17
CA GLY E 1764 -84.24 34.30 52.43
C GLY E 1764 -85.58 34.48 53.11
N VAL E 1765 -86.39 35.46 52.70
CA VAL E 1765 -87.69 35.66 53.30
C VAL E 1765 -88.73 34.96 52.44
N GLY E 1766 -89.88 34.68 53.04
CA GLY E 1766 -90.96 33.98 52.37
C GLY E 1766 -91.09 32.54 52.83
N VAL E 1767 -92.08 31.87 52.25
CA VAL E 1767 -92.40 30.51 52.66
C VAL E 1767 -91.67 29.50 51.78
N THR E 1768 -91.22 28.42 52.40
CA THR E 1768 -90.58 27.31 51.69
C THR E 1768 -91.27 26.02 52.10
N THR E 1769 -91.21 25.01 51.23
CA THR E 1769 -91.91 23.76 51.45
C THR E 1769 -91.05 22.52 51.30
N SER E 1770 -89.77 22.65 50.99
CA SER E 1770 -88.91 21.49 50.88
C SER E 1770 -88.80 20.79 52.24
N LEU E 1771 -88.75 19.47 52.20
CA LEU E 1771 -88.74 18.69 53.45
C LEU E 1771 -87.35 18.74 54.09
N ARG E 1772 -87.33 18.95 55.40
CA ARG E 1772 -86.10 18.91 56.19
C ARG E 1772 -86.48 18.39 57.57
N PRO E 1773 -85.86 17.31 58.05
CA PRO E 1773 -86.25 16.77 59.35
C PRO E 1773 -85.90 17.72 60.47
N PRO E 1774 -86.63 17.68 61.59
CA PRO E 1774 -86.37 18.63 62.68
C PRO E 1774 -85.16 18.21 63.51
N HIS E 1775 -84.87 19.04 64.51
CA HIS E 1775 -83.78 18.78 65.43
C HIS E 1775 -84.30 18.10 66.69
N HIS E 1776 -83.40 17.41 67.39
CA HIS E 1776 -83.73 16.70 68.62
C HIS E 1776 -82.69 17.03 69.69
N PHE E 1777 -83.18 17.39 70.87
CA PHE E 1777 -82.31 17.70 72.00
C PHE E 1777 -82.90 17.10 73.27
N SER E 1778 -82.04 16.91 74.26
CA SER E 1778 -82.47 16.45 75.58
C SER E 1778 -81.83 17.32 76.65
N PRO E 1779 -82.49 17.47 77.80
CA PRO E 1779 -81.93 18.33 78.85
C PRO E 1779 -80.90 17.58 79.67
N PRO E 1780 -79.81 18.23 80.07
CA PRO E 1780 -78.84 17.56 80.95
C PRO E 1780 -79.38 17.41 82.36
N CYS E 1781 -78.97 16.34 83.02
CA CYS E 1781 -79.39 16.07 84.39
C CYS E 1781 -78.51 14.97 84.96
N PHE E 1782 -77.96 15.20 86.15
CA PHE E 1782 -77.01 14.28 86.75
C PHE E 1782 -77.54 13.64 88.02
N VAL E 1783 -78.86 13.45 88.11
CA VAL E 1783 -79.47 12.69 89.19
C VAL E 1783 -80.40 11.60 88.68
N ALA E 1784 -80.57 11.47 87.37
CA ALA E 1784 -81.42 10.43 86.83
C ALA E 1784 -80.80 9.06 87.06
N ALA E 1785 -81.65 8.08 87.33
CA ALA E 1785 -81.17 6.72 87.57
C ALA E 1785 -80.61 6.14 86.29
N LEU E 1786 -79.48 5.42 86.43
CA LEU E 1786 -78.90 4.80 85.26
C LEU E 1786 -79.61 3.47 84.96
N PRO E 1787 -79.63 3.03 83.70
CA PRO E 1787 -80.27 1.76 83.34
C PRO E 1787 -79.45 0.54 83.76
N ALA E 1794 -79.86 0.22 74.29
CA ALA E 1794 -78.79 1.20 74.28
C ALA E 1794 -79.05 2.27 73.22
N PRO E 1795 -80.15 3.01 73.38
CA PRO E 1795 -80.48 4.05 72.40
C PRO E 1795 -79.45 5.17 72.41
N ALA E 1796 -79.29 5.79 71.24
CA ALA E 1796 -78.33 6.87 71.11
C ALA E 1796 -78.76 8.08 71.92
N ARG E 1797 -77.78 8.90 72.28
CA ARG E 1797 -78.02 10.10 73.07
C ARG E 1797 -78.19 11.31 72.16
N LEU E 1798 -79.02 12.25 72.58
CA LEU E 1798 -79.19 13.49 71.86
C LEU E 1798 -78.25 14.55 72.42
N SER E 1799 -78.13 15.66 71.69
CA SER E 1799 -77.26 16.73 72.13
C SER E 1799 -77.89 17.47 73.31
N PRO E 1800 -77.06 18.03 74.20
CA PRO E 1800 -77.62 18.82 75.31
C PRO E 1800 -78.40 20.01 74.78
N ALA E 1801 -79.46 20.38 75.50
CA ALA E 1801 -80.32 21.46 75.06
C ALA E 1801 -79.86 22.79 75.63
N ILE E 1802 -80.35 23.87 75.02
CA ILE E 1802 -80.07 25.24 75.47
C ILE E 1802 -81.09 26.15 74.80
N PRO E 1803 -81.65 27.15 75.49
CA PRO E 1803 -82.66 28.00 74.86
C PRO E 1803 -82.10 28.69 73.62
N LEU E 1804 -82.91 28.75 72.56
CA LEU E 1804 -82.41 29.19 71.27
C LEU E 1804 -82.87 30.60 70.93
N GLU E 1805 -84.10 30.96 71.28
CA GLU E 1805 -84.56 32.31 70.97
C GLU E 1805 -83.74 33.36 71.72
N ALA E 1806 -83.49 33.12 73.01
CA ALA E 1806 -82.67 34.05 73.78
C ALA E 1806 -81.27 34.13 73.19
N LEU E 1807 -80.71 32.99 72.77
CA LEU E 1807 -79.38 33.00 72.19
C LEU E 1807 -79.33 33.80 70.90
N ARG E 1808 -80.36 33.66 70.04
CA ARG E 1808 -80.36 34.40 68.78
C ARG E 1808 -80.53 35.90 69.04
N ASP E 1809 -81.38 36.26 70.00
CA ASP E 1809 -81.51 37.68 70.35
C ASP E 1809 -80.18 38.24 70.85
N LYS E 1810 -79.50 37.47 71.70
CA LYS E 1810 -78.20 37.89 72.21
C LYS E 1810 -77.21 38.09 71.07
N ALA E 1811 -77.17 37.14 70.13
CA ALA E 1811 -76.23 37.25 69.03
C ALA E 1811 -76.52 38.47 68.17
N LEU E 1812 -77.79 38.72 67.85
CA LEU E 1812 -78.13 39.89 67.05
C LEU E 1812 -77.73 41.16 67.77
N ARG E 1813 -78.01 41.24 69.07
CA ARG E 1813 -77.66 42.45 69.82
C ARG E 1813 -76.15 42.67 69.81
N MET E 1814 -75.38 41.60 70.02
CA MET E 1814 -73.92 41.74 70.05
C MET E 1814 -73.38 42.18 68.70
N LEU E 1815 -73.89 41.59 67.62
CA LEU E 1815 -73.43 41.98 66.29
C LEU E 1815 -73.77 43.44 66.00
N GLY E 1816 -74.99 43.86 66.35
CA GLY E 1816 -75.36 45.24 66.15
C GLY E 1816 -74.46 46.19 66.92
N GLU E 1817 -74.17 45.86 68.17
CA GLU E 1817 -73.28 46.71 68.97
C GLU E 1817 -71.90 46.79 68.33
N ALA E 1818 -71.37 45.66 67.88
CA ALA E 1818 -70.04 45.66 67.27
C ALA E 1818 -70.02 46.54 66.01
N VAL E 1819 -71.03 46.39 65.16
CA VAL E 1819 -71.07 47.18 63.92
C VAL E 1819 -71.18 48.66 64.26
N ARG E 1820 -72.05 49.00 65.21
CA ARG E 1820 -72.24 50.41 65.54
C ARG E 1820 -70.97 51.03 66.11
N ASP E 1821 -70.26 50.28 66.97
CA ASP E 1821 -69.06 50.83 67.58
C ASP E 1821 -67.84 50.74 66.68
N GLY E 1822 -67.92 50.01 65.56
CA GLY E 1822 -66.81 49.97 64.63
C GLY E 1822 -66.50 51.33 64.04
N GLY E 1823 -67.48 52.22 63.95
CA GLY E 1823 -67.28 53.52 63.35
C GLY E 1823 -66.54 54.50 64.23
N GLN E 1824 -66.38 54.18 65.51
CA GLN E 1824 -65.70 55.08 66.44
C GLN E 1824 -64.18 55.00 66.34
N HIS E 1825 -63.64 54.03 65.58
CA HIS E 1825 -62.20 53.82 65.46
C HIS E 1825 -61.50 54.01 66.81
N ALA E 1826 -61.96 53.27 67.82
CA ALA E 1826 -61.38 53.36 69.14
C ALA E 1826 -60.04 52.63 69.18
N ARG E 1827 -59.31 52.84 70.29
CA ARG E 1827 -57.98 52.27 70.44
C ARG E 1827 -57.95 51.03 71.31
N ASP E 1828 -59.09 50.57 71.82
CA ASP E 1828 -59.16 49.38 72.68
C ASP E 1828 -60.28 48.46 72.20
N PRO E 1829 -60.09 47.81 71.06
CA PRO E 1829 -61.11 46.87 70.59
C PRO E 1829 -61.24 45.68 71.51
N VAL E 1830 -62.45 45.09 71.53
CA VAL E 1830 -62.69 43.93 72.37
C VAL E 1830 -61.82 42.77 71.91
N GLY E 1831 -61.12 42.15 72.86
CA GLY E 1831 -60.22 41.07 72.54
C GLY E 1831 -58.84 41.50 72.08
N GLY E 1832 -58.59 42.80 71.98
CA GLY E 1832 -57.28 43.30 71.60
C GLY E 1832 -57.10 43.53 70.12
N SER E 1833 -58.07 43.18 69.28
CA SER E 1833 -57.96 43.42 67.85
C SER E 1833 -59.33 43.31 67.22
N VAL E 1834 -59.43 43.78 65.98
CA VAL E 1834 -60.70 43.73 65.25
C VAL E 1834 -61.06 42.29 64.92
N GLU E 1835 -60.05 41.49 64.55
CA GLU E 1835 -60.31 40.09 64.23
C GLU E 1835 -60.94 39.37 65.41
N PHE E 1836 -60.35 39.51 66.59
CA PHE E 1836 -60.89 38.87 67.78
C PHE E 1836 -62.26 39.41 68.16
N GLN E 1837 -62.57 40.65 67.78
CA GLN E 1837 -63.87 41.21 68.09
C GLN E 1837 -64.94 40.66 67.15
N PHE E 1838 -64.58 40.40 65.90
CA PHE E 1838 -65.59 40.13 64.88
C PHE E 1838 -65.74 38.66 64.53
N VAL E 1839 -64.65 37.90 64.43
CA VAL E 1839 -64.75 36.53 63.92
C VAL E 1839 -65.69 35.67 64.76
N PRO E 1840 -65.59 35.66 66.09
CA PRO E 1840 -66.46 34.75 66.86
C PRO E 1840 -67.95 34.99 66.67
N VAL E 1841 -68.40 36.25 66.71
CA VAL E 1841 -69.83 36.51 66.58
C VAL E 1841 -70.30 36.15 65.18
N LEU E 1842 -69.48 36.39 64.16
CA LEU E 1842 -69.86 35.99 62.81
C LEU E 1842 -69.98 34.48 62.70
N LYS E 1843 -69.06 33.73 63.32
CA LYS E 1843 -69.19 32.28 63.31
C LYS E 1843 -70.49 31.85 63.98
N LEU E 1844 -70.81 32.44 65.13
CA LEU E 1844 -72.02 32.05 65.84
C LEU E 1844 -73.25 32.35 65.01
N VAL E 1845 -73.30 33.53 64.40
CA VAL E 1845 -74.50 33.91 63.64
C VAL E 1845 -74.63 33.04 62.40
N SER E 1846 -73.51 32.71 61.75
CA SER E 1846 -73.59 31.80 60.60
C SER E 1846 -74.13 30.45 61.01
N THR E 1847 -73.63 29.90 62.12
CA THR E 1847 -74.11 28.60 62.56
C THR E 1847 -75.60 28.64 62.88
N LEU E 1848 -76.05 29.70 63.56
CA LEU E 1848 -77.47 29.81 63.87
C LEU E 1848 -78.29 29.96 62.60
N LEU E 1849 -77.77 30.69 61.61
CA LEU E 1849 -78.53 30.96 60.40
C LEU E 1849 -78.71 29.71 59.56
N VAL E 1850 -77.65 28.91 59.41
CA VAL E 1850 -77.76 27.70 58.60
C VAL E 1850 -78.79 26.75 59.20
N MET E 1851 -78.86 26.68 60.52
CA MET E 1851 -79.78 25.75 61.17
C MET E 1851 -81.24 26.16 61.00
N GLY E 1852 -81.52 27.36 60.50
CA GLY E 1852 -82.89 27.79 60.34
C GLY E 1852 -83.56 28.26 61.61
N ILE E 1853 -82.84 28.97 62.47
CA ILE E 1853 -83.42 29.45 63.72
C ILE E 1853 -84.01 30.83 63.59
N PHE E 1854 -83.61 31.60 62.58
CA PHE E 1854 -84.06 32.97 62.45
C PHE E 1854 -85.39 33.06 61.72
N GLY E 1855 -86.14 34.12 62.00
CA GLY E 1855 -87.38 34.40 61.31
C GLY E 1855 -87.22 35.51 60.28
N ASP E 1856 -88.37 35.93 59.74
CA ASP E 1856 -88.35 36.95 58.69
C ASP E 1856 -87.79 38.27 59.21
N GLU E 1857 -88.23 38.71 60.38
CA GLU E 1857 -87.73 39.96 60.93
C GLU E 1857 -86.24 39.91 61.24
N ASP E 1858 -85.76 38.79 61.78
CA ASP E 1858 -84.35 38.66 62.11
C ASP E 1858 -83.47 38.71 60.85
N VAL E 1859 -83.87 37.97 59.81
CA VAL E 1859 -83.11 38.00 58.58
C VAL E 1859 -83.17 39.38 57.94
N LYS E 1860 -84.32 40.05 58.08
CA LYS E 1860 -84.41 41.43 57.59
C LYS E 1860 -83.41 42.33 58.32
N GLN E 1861 -83.29 42.18 59.64
CA GLN E 1861 -82.33 42.96 60.39
C GLN E 1861 -80.91 42.67 59.94
N ILE E 1862 -80.58 41.39 59.74
CA ILE E 1862 -79.24 41.02 59.33
C ILE E 1862 -78.91 41.63 57.96
N LEU E 1863 -79.84 41.52 57.01
CA LEU E 1863 -79.62 42.12 55.71
C LEU E 1863 -79.48 43.63 55.82
N LYS E 1864 -80.28 44.26 56.67
CA LYS E 1864 -80.19 45.70 56.85
C LYS E 1864 -78.81 46.10 57.34
N MET E 1865 -78.26 45.34 58.29
CA MET E 1865 -76.95 45.67 58.86
C MET E 1865 -75.80 45.15 58.00
N ILE E 1866 -76.08 44.41 56.93
CA ILE E 1866 -75.02 44.07 55.98
C ILE E 1866 -74.84 45.19 54.96
N GLU E 1867 -75.94 45.67 54.38
CA GLU E 1867 -75.89 46.75 53.40
C GLU E 1867 -77.24 47.45 53.41
N PRO E 1868 -77.40 48.52 54.20
CA PRO E 1868 -78.73 49.14 54.33
C PRO E 1868 -79.29 49.68 53.03
N GLU E 1869 -78.44 50.18 52.13
CA GLU E 1869 -78.95 50.85 50.94
C GLU E 1869 -79.66 49.87 50.01
N VAL E 1870 -79.04 48.73 49.73
CA VAL E 1870 -79.59 47.79 48.76
C VAL E 1870 -80.86 47.15 49.30
N PHE E 1871 -80.84 46.73 50.55
CA PHE E 1871 -81.94 45.98 51.16
C PHE E 1871 -82.84 46.90 51.97
N THR E 1872 -83.72 47.61 51.25
CA THR E 1872 -84.70 48.48 51.88
C THR E 1872 -85.92 48.57 50.98
N GLU E 1873 -87.10 48.69 51.58
CA GLU E 1873 -88.34 48.80 50.82
C GLU E 1873 -89.03 50.13 51.07
N GLU E 1924 -73.68 52.81 58.34
CA GLU E 1924 -72.71 52.23 57.42
C GLU E 1924 -72.69 50.72 57.59
N GLY E 1925 -72.73 50.00 56.49
CA GLY E 1925 -72.77 48.55 56.53
C GLY E 1925 -71.40 47.93 56.76
N LEU E 1926 -71.39 46.60 56.78
CA LEU E 1926 -70.14 45.88 56.97
C LEU E 1926 -69.24 45.99 55.76
N LEU E 1927 -69.82 45.90 54.56
CA LEU E 1927 -69.02 45.86 53.35
C LEU E 1927 -68.23 47.15 53.13
N GLN E 1928 -68.66 48.25 53.72
CA GLN E 1928 -68.01 49.53 53.51
C GLN E 1928 -66.89 49.83 54.49
N MET E 1929 -66.57 48.89 55.39
CA MET E 1929 -65.52 49.10 56.37
C MET E 1929 -64.23 48.44 55.91
N LYS E 1930 -63.17 48.66 56.69
CA LYS E 1930 -61.87 48.05 56.44
C LYS E 1930 -61.75 46.81 57.32
N LEU E 1931 -61.47 45.67 56.72
CA LEU E 1931 -61.48 44.41 57.43
C LEU E 1931 -60.25 43.59 57.07
N PRO E 1932 -59.75 42.77 57.99
CA PRO E 1932 -58.71 41.80 57.64
C PRO E 1932 -59.30 40.60 56.89
N GLU E 1933 -58.43 39.63 56.61
CA GLU E 1933 -58.81 38.51 55.76
C GLU E 1933 -59.88 37.64 56.41
N SER E 1934 -59.77 37.40 57.72
CA SER E 1934 -60.68 36.47 58.39
C SER E 1934 -62.11 36.97 58.33
N VAL E 1935 -62.32 38.26 58.56
CA VAL E 1935 -63.67 38.80 58.50
C VAL E 1935 -64.22 38.66 57.09
N LYS E 1936 -63.38 38.86 56.08
CA LYS E 1936 -63.83 38.68 54.70
C LYS E 1936 -64.25 37.24 54.43
N LEU E 1937 -63.49 36.28 54.96
CA LEU E 1937 -63.88 34.88 54.80
C LEU E 1937 -65.23 34.62 55.44
N GLN E 1938 -65.46 35.19 56.62
CA GLN E 1938 -66.76 35.03 57.27
C GLN E 1938 -67.88 35.64 56.44
N MET E 1939 -67.64 36.81 55.84
CA MET E 1939 -68.67 37.41 55.01
C MET E 1939 -68.98 36.55 53.79
N CYS E 1940 -67.96 35.94 53.20
CA CYS E 1940 -68.22 35.02 52.09
C CYS E 1940 -69.09 33.85 52.54
N ASN E 1941 -68.77 33.28 53.71
CA ASN E 1941 -69.60 32.21 54.25
C ASN E 1941 -71.04 32.67 54.44
N LEU E 1942 -71.24 33.92 54.85
CA LEU E 1942 -72.60 34.42 55.05
C LEU E 1942 -73.34 34.56 53.72
N LEU E 1943 -72.66 35.07 52.69
CA LEU E 1943 -73.35 35.32 51.41
C LEU E 1943 -73.70 34.02 50.70
N GLU E 1944 -72.90 32.97 50.89
CA GLU E 1944 -73.24 31.70 50.26
C GLU E 1944 -74.65 31.25 50.65
N TYR E 1945 -75.04 31.49 51.90
CA TYR E 1945 -76.35 31.04 52.36
C TYR E 1945 -77.48 31.68 51.57
N PHE E 1946 -77.40 32.99 51.36
CA PHE E 1946 -78.45 33.67 50.62
C PHE E 1946 -78.45 33.25 49.15
N CYS E 1947 -77.28 33.00 48.57
CA CYS E 1947 -77.28 32.47 47.21
C CYS E 1947 -78.03 31.13 47.14
N ASP E 1948 -77.77 30.25 48.09
CA ASP E 1948 -78.47 28.97 48.11
C ASP E 1948 -79.97 29.15 48.28
N GLN E 1949 -80.38 30.10 49.12
CA GLN E 1949 -81.80 30.36 49.30
C GLN E 1949 -82.45 30.79 47.99
N GLU E 1950 -81.79 31.66 47.24
CA GLU E 1950 -82.34 32.07 45.95
C GLU E 1950 -82.50 30.88 45.02
N LEU E 1951 -81.50 30.00 44.97
CA LEU E 1951 -81.61 28.82 44.12
C LEU E 1951 -82.80 27.95 44.52
N GLN E 1952 -82.98 27.74 45.83
CA GLN E 1952 -84.10 26.94 46.30
C GLN E 1952 -85.43 27.57 45.90
N HIS E 1953 -85.54 28.90 46.01
CA HIS E 1953 -86.76 29.58 45.60
C HIS E 1953 -87.05 29.33 44.12
N ARG E 1954 -86.02 29.41 43.27
CA ARG E 1954 -86.22 29.14 41.86
C ARG E 1954 -86.79 27.74 41.65
N VAL E 1955 -86.19 26.75 42.30
CA VAL E 1955 -86.64 25.37 42.09
C VAL E 1955 -88.10 25.21 42.51
N GLU E 1956 -88.47 25.76 43.67
CA GLU E 1956 -89.84 25.60 44.14
C GLU E 1956 -90.84 26.27 43.20
N SER E 1957 -90.51 27.47 42.71
CA SER E 1957 -91.41 28.12 41.76
C SER E 1957 -91.59 27.27 40.51
N LEU E 1958 -90.50 26.69 40.01
CA LEU E 1958 -90.60 25.86 38.82
C LEU E 1958 -91.51 24.68 39.06
N ALA E 1959 -91.39 24.03 40.22
CA ALA E 1959 -92.26 22.87 40.50
C ALA E 1959 -93.73 23.28 40.54
N ALA E 1960 -94.04 24.41 41.19
CA ALA E 1960 -95.43 24.84 41.25
C ALA E 1960 -95.99 25.09 39.85
N PHE E 1961 -95.23 25.80 39.01
CA PHE E 1961 -95.70 26.03 37.65
C PHE E 1961 -95.89 24.73 36.91
N ALA E 1962 -94.99 23.77 37.12
CA ALA E 1962 -95.12 22.49 36.42
C ALA E 1962 -96.44 21.82 36.75
N GLU E 1963 -96.82 21.81 38.04
CA GLU E 1963 -98.12 21.23 38.40
C GLU E 1963 -99.26 21.96 37.71
N ARG E 1964 -99.27 23.29 37.81
CA ARG E 1964 -100.38 24.04 37.22
C ARG E 1964 -100.50 23.79 35.73
N TYR E 1965 -99.37 23.67 35.03
CA TYR E 1965 -99.39 23.44 33.60
C TYR E 1965 -99.87 22.03 33.26
N VAL E 1966 -99.41 21.03 34.03
CA VAL E 1966 -99.79 19.65 33.74
C VAL E 1966 -101.30 19.49 33.85
N ASP E 1967 -101.93 20.18 34.80
CA ASP E 1967 -103.38 20.08 34.91
C ASP E 1967 -104.06 20.45 33.59
N LYS E 1968 -103.72 21.61 33.04
CA LYS E 1968 -104.35 22.06 31.80
C LYS E 1968 -104.00 21.14 30.64
N LEU E 1969 -102.75 20.66 30.59
CA LEU E 1969 -102.40 19.77 29.50
C LEU E 1969 -103.25 18.50 29.51
N GLN E 1970 -103.44 17.93 30.70
CA GLN E 1970 -104.27 16.72 30.79
C GLN E 1970 -105.70 17.02 30.37
N ALA E 1971 -106.25 18.15 30.82
CA ALA E 1971 -107.63 18.48 30.44
C ALA E 1971 -107.76 18.61 28.92
N ASN E 1972 -106.82 19.31 28.30
CA ASN E 1972 -106.88 19.51 26.86
C ASN E 1972 -106.77 18.19 26.11
N GLN E 1973 -105.87 17.31 26.55
CA GLN E 1973 -105.75 16.02 25.87
C GLN E 1973 -107.04 15.22 26.01
N ARG E 1974 -107.66 15.26 27.19
CA ARG E 1974 -108.95 14.59 27.37
C ARG E 1974 -109.96 15.10 26.35
N SER E 1975 -110.09 16.42 26.24
CA SER E 1975 -111.08 16.99 25.33
C SER E 1975 -110.78 16.59 23.89
N ARG E 1976 -109.51 16.67 23.49
CA ARG E 1976 -109.17 16.33 22.11
C ARG E 1976 -109.47 14.87 21.80
N TYR E 1977 -109.11 13.97 22.72
CA TYR E 1977 -109.42 12.56 22.49
C TYR E 1977 -110.92 12.32 22.39
N ALA E 1978 -111.69 12.97 23.28
CA ALA E 1978 -113.14 12.83 23.20
C ALA E 1978 -113.66 13.29 21.83
N LEU E 1979 -113.13 14.41 21.34
CA LEU E 1979 -113.57 14.91 20.03
C LEU E 1979 -113.20 13.95 18.91
N LEU E 1980 -112.00 13.35 18.97
CA LEU E 1980 -111.53 12.55 17.85
C LEU E 1980 -112.46 11.40 17.53
N MET E 1981 -113.18 10.87 18.54
CA MET E 1981 -114.03 9.71 18.31
C MET E 1981 -115.20 10.01 17.40
N ARG E 1982 -115.49 11.28 17.11
CA ARG E 1982 -116.57 11.63 16.19
C ARG E 1982 -116.02 12.40 14.99
N THR E 1991 -106.79 12.58 9.59
CA THR E 1991 -106.02 11.47 9.05
C THR E 1991 -105.65 10.48 10.14
N ALA E 1992 -105.35 9.24 9.74
CA ALA E 1992 -105.00 8.21 10.72
C ALA E 1992 -103.70 8.53 11.44
N ARG E 1993 -102.83 9.35 10.85
CA ARG E 1993 -101.57 9.68 11.51
C ARG E 1993 -101.81 10.42 12.83
N ARG E 1994 -102.94 11.12 12.94
CA ARG E 1994 -103.23 11.85 14.16
C ARG E 1994 -103.49 10.93 15.35
N THR E 1995 -103.68 9.64 15.12
CA THR E 1995 -103.97 8.70 16.20
C THR E 1995 -102.71 8.08 16.80
N ARG E 1996 -101.53 8.47 16.33
CA ARG E 1996 -100.31 7.90 16.89
C ARG E 1996 -99.99 8.46 18.28
N GLU E 1997 -100.54 9.62 18.63
CA GLU E 1997 -100.25 10.22 19.92
C GLU E 1997 -100.71 9.32 21.06
N PHE E 1998 -101.90 8.74 20.92
CA PHE E 1998 -102.53 8.01 22.01
C PHE E 1998 -102.09 6.56 22.10
N ARG E 1999 -101.16 6.12 21.26
CA ARG E 1999 -100.65 4.76 21.30
C ARG E 1999 -99.13 4.78 21.44
N SER E 2000 -98.64 5.70 22.27
CA SER E 2000 -97.22 5.87 22.53
C SER E 2000 -97.03 6.07 24.02
N PRO E 2001 -95.83 5.78 24.54
CA PRO E 2001 -95.61 5.93 25.98
C PRO E 2001 -95.76 7.37 26.41
N PRO E 2002 -96.17 7.62 27.66
CA PRO E 2002 -96.43 9.01 28.09
C PRO E 2002 -95.23 9.93 27.93
N GLN E 2003 -94.02 9.42 28.12
CA GLN E 2003 -92.84 10.26 27.98
C GLN E 2003 -92.75 10.84 26.57
N GLU E 2004 -92.99 10.01 25.56
CA GLU E 2004 -92.98 10.50 24.18
C GLU E 2004 -94.08 11.52 23.94
N GLN E 2005 -95.26 11.27 24.51
CA GLN E 2005 -96.36 12.21 24.35
C GLN E 2005 -95.98 13.59 24.89
N ILE E 2006 -95.47 13.64 26.12
CA ILE E 2006 -95.11 14.93 26.70
C ILE E 2006 -93.93 15.54 25.95
N ASN E 2007 -93.00 14.71 25.47
CA ASN E 2007 -91.88 15.25 24.70
C ASN E 2007 -92.37 15.94 23.44
N MET E 2008 -93.32 15.33 22.74
CA MET E 2008 -93.80 15.91 21.50
C MET E 2008 -94.72 17.10 21.77
N LEU E 2009 -95.34 17.15 22.95
CA LEU E 2009 -96.23 18.26 23.27
C LEU E 2009 -95.46 19.55 23.55
N LEU E 2010 -94.14 19.48 23.73
CA LEU E 2010 -93.33 20.64 24.06
C LEU E 2010 -92.37 21.03 22.95
N HIS E 2011 -92.64 20.63 21.70
CA HIS E 2011 -91.72 20.87 20.61
C HIS E 2011 -91.99 22.17 19.86
N PHE E 2012 -92.57 23.18 20.51
CA PHE E 2012 -92.95 24.41 19.84
C PHE E 2012 -92.14 25.61 20.30
N LYS E 2013 -90.89 25.41 20.71
CA LYS E 2013 -90.07 26.54 21.16
C LYS E 2013 -89.85 27.54 20.02
N ASP E 2014 -89.65 27.03 18.80
CA ASP E 2014 -89.43 27.87 17.60
C ASP E 2014 -90.67 27.78 16.70
N GLU E 2015 -90.94 28.81 15.90
CA GLU E 2015 -92.12 28.84 14.98
C GLU E 2015 -91.95 27.77 13.92
N ALA E 2016 -90.71 27.42 13.56
CA ALA E 2016 -90.43 26.36 12.55
C ALA E 2016 -90.85 25.01 13.12
N ASP E 2017 -90.77 24.84 14.45
CA ASP E 2017 -91.16 23.58 15.14
C ASP E 2017 -92.62 23.66 15.55
N GLU E 2018 -93.34 24.73 15.17
CA GLU E 2018 -94.77 24.93 15.50
C GLU E 2018 -95.65 24.39 14.36
N GLU E 2019 -95.45 23.14 13.93
CA GLU E 2019 -96.29 22.49 12.92
C GLU E 2019 -96.93 21.22 13.46
N ASP E 2020 -96.20 20.47 14.28
CA ASP E 2020 -96.66 19.19 14.78
C ASP E 2020 -97.27 19.27 16.18
N CYS E 2021 -97.40 20.47 16.73
CA CYS E 2021 -98.01 20.60 18.05
C CYS E 2021 -99.53 20.69 17.92
N PRO E 2022 -100.30 19.73 18.43
CA PRO E 2022 -101.76 19.83 18.36
C PRO E 2022 -102.34 20.97 19.19
N LEU E 2023 -101.53 21.63 20.05
CA LEU E 2023 -101.99 22.66 21.03
C LEU E 2023 -102.68 23.91 20.45
N PRO E 2024 -103.27 24.77 21.33
CA PRO E 2024 -103.80 26.12 20.99
C PRO E 2024 -102.76 27.23 21.23
N GLU E 2025 -103.10 28.52 21.02
CA GLU E 2025 -102.07 29.55 21.14
C GLU E 2025 -101.93 30.06 22.57
N ASP E 2026 -103.03 30.09 23.32
CA ASP E 2026 -102.98 30.63 24.68
C ASP E 2026 -102.05 29.82 25.58
N ILE E 2027 -102.09 28.49 25.48
CA ILE E 2027 -101.23 27.66 26.31
C ILE E 2027 -99.76 27.92 25.99
N ARG E 2028 -99.42 28.00 24.70
CA ARG E 2028 -98.06 28.30 24.32
C ARG E 2028 -97.65 29.67 24.83
N GLN E 2029 -98.54 30.65 24.74
CA GLN E 2029 -98.22 31.98 25.26
C GLN E 2029 -97.96 31.94 26.75
N ASP E 2030 -98.75 31.17 27.49
CA ASP E 2030 -98.53 31.05 28.93
C ASP E 2030 -97.15 30.47 29.22
N LEU E 2031 -96.79 29.39 28.53
CA LEU E 2031 -95.47 28.80 28.78
C LEU E 2031 -94.36 29.77 28.39
N GLN E 2032 -94.54 30.50 27.30
CA GLN E 2032 -93.53 31.48 26.88
C GLN E 2032 -93.37 32.57 27.93
N ASP E 2033 -94.49 33.03 28.50
CA ASP E 2033 -94.42 34.05 29.54
C ASP E 2033 -93.66 33.54 30.75
N PHE E 2034 -93.95 32.31 31.18
CA PHE E 2034 -93.23 31.76 32.32
C PHE E 2034 -91.74 31.64 32.01
N HIS E 2035 -91.40 31.18 30.81
CA HIS E 2035 -89.99 31.03 30.46
C HIS E 2035 -89.28 32.37 30.48
N GLN E 2036 -89.93 33.41 29.94
CA GLN E 2036 -89.31 34.74 29.95
C GLN E 2036 -89.11 35.23 31.37
N ASP E 2037 -90.09 35.02 32.24
CA ASP E 2037 -89.95 35.44 33.63
C ASP E 2037 -88.79 34.70 34.30
N LEU E 2038 -88.68 33.40 34.06
CA LEU E 2038 -87.59 32.63 34.66
C LEU E 2038 -86.25 33.12 34.18
N LEU E 2039 -86.12 33.42 32.88
CA LEU E 2039 -84.87 33.97 32.38
C LEU E 2039 -84.58 35.32 33.05
N ALA E 2040 -85.59 36.16 33.21
CA ALA E 2040 -85.37 37.45 33.85
C ALA E 2040 -84.88 37.28 35.28
N HIS E 2041 -85.42 36.30 36.00
CA HIS E 2041 -85.00 36.09 37.38
C HIS E 2041 -83.53 35.72 37.48
N CYS E 2042 -83.01 34.95 36.51
CA CYS E 2042 -81.62 34.53 36.55
C CYS E 2042 -80.66 35.60 36.08
N GLY E 2043 -81.11 36.83 35.87
CA GLY E 2043 -80.24 37.91 35.48
C GLY E 2043 -79.91 38.00 34.01
N ILE E 2044 -80.53 37.16 33.17
CA ILE E 2044 -80.27 37.20 31.74
C ILE E 2044 -81.17 38.26 31.11
N GLN E 2045 -80.55 39.30 30.57
CA GLN E 2045 -81.31 40.36 29.91
C GLN E 2045 -81.99 39.82 28.67
N LEU E 2046 -83.22 40.26 28.43
CA LEU E 2046 -83.96 39.83 27.25
C LEU E 2046 -84.89 40.94 26.78
N LYS E 2090 -74.86 52.08 41.47
CA LYS E 2090 -76.07 51.97 42.27
C LYS E 2090 -76.68 50.58 42.11
N PRO E 2091 -75.99 49.56 42.62
CA PRO E 2091 -76.52 48.20 42.50
C PRO E 2091 -77.86 48.06 43.22
N GLN E 2092 -78.72 47.23 42.64
CA GLN E 2092 -80.07 47.02 43.17
C GLN E 2092 -80.42 45.54 43.27
N SER E 2093 -79.41 44.67 43.35
CA SER E 2093 -79.67 43.24 43.43
C SER E 2093 -78.48 42.56 44.10
N LEU E 2094 -78.71 41.32 44.53
CA LEU E 2094 -77.65 40.56 45.18
C LEU E 2094 -76.50 40.29 44.22
N GLN E 2095 -76.81 39.97 42.97
CA GLN E 2095 -75.76 39.60 42.02
C GLN E 2095 -74.80 40.76 41.78
N GLU E 2096 -75.34 41.95 41.50
CA GLU E 2096 -74.48 43.09 41.22
C GLU E 2096 -73.63 43.44 42.43
N LEU E 2097 -74.23 43.41 43.62
CA LEU E 2097 -73.49 43.70 44.84
C LEU E 2097 -72.33 42.74 45.01
N VAL E 2098 -72.60 41.43 44.84
CA VAL E 2098 -71.57 40.44 45.04
C VAL E 2098 -70.44 40.62 44.03
N SER E 2099 -70.79 40.83 42.76
CA SER E 2099 -69.77 41.01 41.74
C SER E 2099 -68.90 42.20 42.04
N HIS E 2100 -69.52 43.35 42.36
CA HIS E 2100 -68.74 44.55 42.64
C HIS E 2100 -67.84 44.35 43.85
N MET E 2101 -68.37 43.75 44.91
CA MET E 2101 -67.55 43.56 46.11
C MET E 2101 -66.35 42.67 45.83
N VAL E 2102 -66.57 41.56 45.12
CA VAL E 2102 -65.47 40.64 44.87
C VAL E 2102 -64.40 41.32 44.02
N VAL E 2103 -64.82 42.02 42.96
CA VAL E 2103 -63.84 42.65 42.08
C VAL E 2103 -63.07 43.72 42.85
N ARG E 2104 -63.77 44.53 43.65
CA ARG E 2104 -63.11 45.59 44.40
C ARG E 2104 -62.10 45.01 45.39
N TRP E 2105 -62.48 43.96 46.10
CA TRP E 2105 -61.54 43.32 47.00
C TRP E 2105 -60.31 42.83 46.24
N ALA E 2106 -60.53 42.18 45.10
CA ALA E 2106 -59.41 41.62 44.36
C ALA E 2106 -58.46 42.70 43.88
N GLN E 2107 -58.99 43.82 43.39
CA GLN E 2107 -58.13 44.85 42.84
C GLN E 2107 -57.68 45.88 43.85
N GLU E 2108 -58.10 45.77 45.11
CA GLU E 2108 -57.59 46.69 46.12
C GLU E 2108 -56.21 46.27 46.62
N ASP E 2109 -55.96 44.97 46.70
CA ASP E 2109 -54.69 44.50 47.24
C ASP E 2109 -54.47 43.05 46.82
N TYR E 2110 -53.26 42.56 47.07
CA TYR E 2110 -52.85 41.21 46.71
C TYR E 2110 -53.11 40.30 47.89
N VAL E 2111 -54.21 39.55 47.86
CA VAL E 2111 -54.62 38.75 49.01
C VAL E 2111 -53.72 37.54 49.14
N GLN E 2112 -53.52 37.09 50.38
CA GLN E 2112 -52.53 36.06 50.67
C GLN E 2112 -53.15 34.72 51.06
N SER E 2113 -54.35 34.70 51.61
CA SER E 2113 -54.95 33.46 52.07
C SER E 2113 -55.57 32.70 50.91
N PRO E 2114 -55.11 31.48 50.59
CA PRO E 2114 -55.73 30.75 49.48
C PRO E 2114 -57.21 30.44 49.69
N GLU E 2115 -57.64 30.19 50.92
CA GLU E 2115 -59.04 29.86 51.15
C GLU E 2115 -59.94 31.02 50.76
N LEU E 2116 -59.53 32.24 51.11
CA LEU E 2116 -60.32 33.41 50.73
C LEU E 2116 -60.40 33.55 49.22
N VAL E 2117 -59.29 33.29 48.52
CA VAL E 2117 -59.30 33.39 47.06
C VAL E 2117 -60.29 32.39 46.48
N ARG E 2118 -60.25 31.15 46.96
CA ARG E 2118 -61.16 30.13 46.45
C ARG E 2118 -62.60 30.53 46.70
N ALA E 2119 -62.90 31.04 47.90
CA ALA E 2119 -64.27 31.43 48.21
C ALA E 2119 -64.74 32.55 47.31
N MET E 2120 -63.93 33.61 47.15
CA MET E 2120 -64.33 34.73 46.31
C MET E 2120 -64.61 34.28 44.89
N PHE E 2121 -63.73 33.47 44.32
CA PHE E 2121 -63.90 33.13 42.92
C PHE E 2121 -65.03 32.14 42.72
N SER E 2122 -65.28 31.26 43.68
CA SER E 2122 -66.47 30.42 43.59
C SER E 2122 -67.74 31.26 43.60
N LEU E 2123 -67.80 32.26 44.49
CA LEU E 2123 -68.97 33.12 44.52
C LEU E 2123 -69.15 33.86 43.20
N LEU E 2124 -68.05 34.39 42.66
CA LEU E 2124 -68.15 35.14 41.40
C LEU E 2124 -68.65 34.23 40.28
N HIS E 2125 -68.11 33.02 40.18
CA HIS E 2125 -68.57 32.11 39.14
C HIS E 2125 -70.04 31.80 39.30
N ARG E 2126 -70.50 31.56 40.54
CA ARG E 2126 -71.92 31.30 40.74
C ARG E 2126 -72.76 32.49 40.28
N GLN E 2127 -72.29 33.70 40.54
CA GLN E 2127 -73.07 34.87 40.16
C GLN E 2127 -73.16 35.04 38.64
N TYR E 2128 -72.03 34.97 37.94
CA TYR E 2128 -72.05 35.27 36.51
C TYR E 2128 -72.89 34.26 35.73
N ASP E 2129 -72.78 32.98 36.06
CA ASP E 2129 -73.51 31.93 35.36
C ASP E 2129 -74.78 31.63 36.15
N GLY E 2130 -75.92 32.03 35.60
CA GLY E 2130 -77.18 31.93 36.32
C GLY E 2130 -77.81 30.56 36.28
N LEU E 2131 -78.16 30.08 35.09
CA LEU E 2131 -78.96 28.87 34.97
C LEU E 2131 -78.14 27.60 34.87
N GLY E 2132 -76.80 27.70 34.81
CA GLY E 2132 -75.99 26.50 34.91
C GLY E 2132 -76.21 25.77 36.22
N GLU E 2133 -76.32 26.55 37.31
CA GLU E 2133 -76.57 25.99 38.66
C GLU E 2133 -77.94 25.35 38.70
N LEU E 2134 -78.95 25.95 38.06
CA LEU E 2134 -80.28 25.36 37.98
C LEU E 2134 -80.23 24.04 37.23
N LEU E 2135 -79.51 24.00 36.11
CA LEU E 2135 -79.36 22.75 35.36
C LEU E 2135 -78.70 21.67 36.21
N ARG E 2136 -77.63 22.02 36.92
CA ARG E 2136 -76.94 21.03 37.73
C ARG E 2136 -77.77 20.57 38.93
N ALA E 2137 -78.68 21.41 39.42
CA ALA E 2137 -79.46 21.07 40.60
C ALA E 2137 -80.76 20.33 40.27
N LEU E 2138 -81.30 20.51 39.07
CA LEU E 2138 -82.56 19.89 38.72
C LEU E 2138 -82.55 18.37 38.92
N PRO E 2139 -81.46 17.67 38.60
CA PRO E 2139 -81.46 16.21 38.76
C PRO E 2139 -81.85 15.75 40.15
N ARG E 2140 -81.57 16.57 41.17
CA ARG E 2140 -81.88 16.23 42.55
C ARG E 2140 -83.20 16.82 43.03
N ALA E 2141 -84.14 17.05 42.12
CA ALA E 2141 -85.46 17.55 42.48
C ALA E 2141 -86.50 16.45 42.31
N TYR E 2142 -87.56 16.53 43.11
CA TYR E 2142 -88.59 15.51 43.11
C TYR E 2142 -89.88 16.10 43.64
N THR E 2143 -91.00 15.49 43.27
CA THR E 2143 -92.32 15.89 43.73
C THR E 2143 -93.00 14.70 44.38
N ILE E 2144 -93.84 14.99 45.37
CA ILE E 2144 -94.41 13.97 46.24
C ILE E 2144 -95.86 14.33 46.54
N SER E 2145 -96.72 13.31 46.60
CA SER E 2145 -98.09 13.52 47.04
C SER E 2145 -98.10 13.76 48.55
N PRO E 2146 -99.00 14.60 49.06
CA PRO E 2146 -98.96 14.94 50.50
C PRO E 2146 -99.17 13.74 51.40
N SER E 2147 -99.75 12.64 50.92
CA SER E 2147 -100.02 11.49 51.78
C SER E 2147 -98.75 10.76 52.21
N SER E 2148 -97.63 10.98 51.52
CA SER E 2148 -96.39 10.25 51.78
C SER E 2148 -95.40 11.05 52.60
N VAL E 2149 -95.81 12.19 53.17
CA VAL E 2149 -94.87 13.05 53.86
C VAL E 2149 -94.28 12.35 55.08
N GLU E 2150 -95.11 11.67 55.85
CA GLU E 2150 -94.63 11.02 57.06
C GLU E 2150 -93.60 9.94 56.74
N ASP E 2151 -93.91 9.10 55.76
CA ASP E 2151 -92.97 8.05 55.40
C ASP E 2151 -91.67 8.64 54.86
N THR E 2152 -91.77 9.69 54.05
CA THR E 2152 -90.56 10.31 53.51
C THR E 2152 -89.70 10.88 54.62
N MET E 2153 -90.32 11.54 55.60
CA MET E 2153 -89.55 12.10 56.71
C MET E 2153 -88.89 11.00 57.52
N SER E 2154 -89.62 9.92 57.79
CA SER E 2154 -89.03 8.80 58.53
C SER E 2154 -87.84 8.22 57.78
N LEU E 2155 -87.96 8.09 56.46
CA LEU E 2155 -86.84 7.57 55.68
C LEU E 2155 -85.65 8.52 55.71
N LEU E 2156 -85.92 9.84 55.64
CA LEU E 2156 -84.83 10.81 55.65
C LEU E 2156 -84.07 10.76 56.96
N GLU E 2157 -84.78 10.59 58.08
CA GLU E 2157 -84.10 10.48 59.36
C GLU E 2157 -83.07 9.35 59.35
N CYS E 2158 -83.49 8.16 58.91
CA CYS E 2158 -82.58 7.02 58.88
C CYS E 2158 -81.45 7.24 57.91
N LEU E 2159 -81.73 7.81 56.75
CA LEU E 2159 -80.67 8.06 55.78
C LEU E 2159 -79.61 9.00 56.35
N GLY E 2160 -80.05 10.07 57.01
CA GLY E 2160 -79.10 10.98 57.63
C GLY E 2160 -78.31 10.30 58.73
N GLN E 2161 -78.97 9.46 59.52
CA GLN E 2161 -78.26 8.75 60.57
C GLN E 2161 -77.17 7.87 59.99
N ILE E 2162 -77.46 7.18 58.89
CA ILE E 2162 -76.44 6.36 58.24
C ILE E 2162 -75.32 7.22 57.71
N ARG E 2163 -75.66 8.34 57.05
CA ARG E 2163 -74.63 9.23 56.54
C ARG E 2163 -73.70 9.70 57.64
N SER E 2164 -74.23 9.93 58.84
CA SER E 2164 -73.41 10.46 59.92
C SER E 2164 -72.26 9.52 60.29
N LEU E 2165 -72.45 8.21 60.16
CA LEU E 2165 -71.43 7.25 60.57
C LEU E 2165 -70.37 7.01 59.49
N LEU E 2166 -70.24 7.92 58.53
CA LEU E 2166 -69.22 7.80 57.50
C LEU E 2166 -67.88 8.39 57.93
N ILE E 2167 -67.79 8.98 59.11
CA ILE E 2167 -66.60 9.69 59.55
C ILE E 2167 -66.12 9.22 60.92
N VAL E 2168 -66.40 7.97 61.29
CA VAL E 2168 -66.00 7.44 62.58
C VAL E 2168 -65.53 6.00 62.40
N GLN E 2169 -64.50 5.64 63.17
CA GLN E 2169 -64.04 4.26 63.17
C GLN E 2169 -65.13 3.34 63.67
N MET E 2170 -65.26 2.17 63.06
CA MET E 2170 -66.36 1.29 63.36
C MET E 2170 -66.22 0.66 64.74
N GLY E 2171 -67.35 0.50 65.42
CA GLY E 2171 -67.41 -0.15 66.71
C GLY E 2171 -68.75 -0.83 66.90
N PRO E 2172 -68.89 -1.60 67.98
CA PRO E 2172 -70.13 -2.37 68.15
C PRO E 2172 -71.39 -1.52 68.14
N GLN E 2173 -71.36 -0.35 68.77
CA GLN E 2173 -72.54 0.51 68.77
C GLN E 2173 -72.87 0.98 67.36
N GLU E 2174 -71.86 1.36 66.58
CA GLU E 2174 -72.10 1.77 65.21
C GLU E 2174 -72.67 0.62 64.39
N GLU E 2175 -72.14 -0.59 64.60
CA GLU E 2175 -72.65 -1.76 63.90
C GLU E 2175 -74.13 -1.96 64.19
N ASN E 2176 -74.50 -1.93 65.47
CA ASN E 2176 -75.89 -2.12 65.83
C ASN E 2176 -76.77 -1.03 65.24
N LEU E 2177 -76.30 0.22 65.30
CA LEU E 2177 -77.09 1.33 64.77
C LEU E 2177 -77.33 1.18 63.28
N MET E 2178 -76.28 0.82 62.52
CA MET E 2178 -76.46 0.64 61.08
C MET E 2178 -77.40 -0.50 60.78
N ILE E 2179 -77.27 -1.62 61.50
CA ILE E 2179 -78.17 -2.74 61.25
C ILE E 2179 -79.61 -2.33 61.49
N GLN E 2180 -79.85 -1.62 62.59
CA GLN E 2180 -81.21 -1.20 62.91
C GLN E 2180 -81.74 -0.23 61.85
N SER E 2181 -80.91 0.71 61.41
CA SER E 2181 -81.36 1.69 60.44
C SER E 2181 -81.69 1.04 59.10
N ILE E 2182 -80.85 0.10 58.65
CA ILE E 2182 -81.13 -0.59 57.40
C ILE E 2182 -82.43 -1.39 57.53
N GLY E 2183 -82.60 -2.10 58.65
CA GLY E 2183 -83.85 -2.81 58.85
C GLY E 2183 -85.06 -1.89 58.78
N ASN E 2184 -84.95 -0.71 59.39
CA ASN E 2184 -86.04 0.25 59.34
C ASN E 2184 -86.31 0.70 57.91
N ILE E 2185 -85.26 0.98 57.15
CA ILE E 2185 -85.44 1.47 55.78
C ILE E 2185 -86.13 0.42 54.93
N MET E 2186 -85.69 -0.84 55.02
CA MET E 2186 -86.22 -1.86 54.14
C MET E 2186 -87.69 -2.16 54.41
N ASN E 2187 -88.24 -1.69 55.53
CA ASN E 2187 -89.65 -1.92 55.84
C ASN E 2187 -90.54 -0.76 55.43
N ASN E 2188 -90.00 0.26 54.78
CA ASN E 2188 -90.80 1.41 54.37
C ASN E 2188 -91.35 1.19 52.96
N LYS E 2189 -92.60 1.61 52.74
CA LYS E 2189 -93.21 1.42 51.43
C LYS E 2189 -92.62 2.35 50.39
N VAL E 2190 -92.17 3.54 50.81
CA VAL E 2190 -91.59 4.48 49.86
C VAL E 2190 -90.35 3.90 49.21
N PHE E 2191 -89.65 2.99 49.91
CA PHE E 2191 -88.48 2.37 49.33
C PHE E 2191 -88.84 1.55 48.09
N TYR E 2192 -90.10 1.15 47.97
CA TYR E 2192 -90.59 0.39 46.83
C TYR E 2192 -91.36 1.25 45.82
N GLN E 2193 -92.13 2.22 46.30
CA GLN E 2193 -93.00 2.98 45.42
C GLN E 2193 -92.24 4.03 44.61
N HIS E 2194 -91.09 4.50 45.08
CA HIS E 2194 -90.34 5.57 44.42
C HIS E 2194 -88.88 5.18 44.28
N PRO E 2195 -88.57 4.14 43.50
CA PRO E 2195 -87.17 3.74 43.34
C PRO E 2195 -86.29 4.83 42.76
N ASN E 2196 -86.82 5.65 41.86
CA ASN E 2196 -86.02 6.72 41.28
C ASN E 2196 -85.56 7.70 42.35
N LEU E 2197 -86.43 8.01 43.31
CA LEU E 2197 -86.04 8.91 44.39
C LEU E 2197 -84.87 8.34 45.18
N MET E 2198 -84.94 7.05 45.51
CA MET E 2198 -83.84 6.44 46.26
C MET E 2198 -82.56 6.47 45.44
N ARG E 2199 -82.65 6.18 44.15
CA ARG E 2199 -81.46 6.23 43.31
C ARG E 2199 -80.91 7.65 43.21
N ALA E 2200 -81.77 8.65 43.38
CA ALA E 2200 -81.32 10.04 43.30
C ALA E 2200 -80.57 10.47 44.55
N LEU E 2201 -80.83 9.80 45.68
CA LEU E 2201 -80.15 10.11 46.92
C LEU E 2201 -78.82 9.39 47.08
N GLY E 2202 -78.51 8.44 46.20
CA GLY E 2202 -77.24 7.75 46.28
C GLY E 2202 -77.04 6.93 47.53
N MET E 2203 -78.08 6.24 48.00
CA MET E 2203 -77.94 5.42 49.20
C MET E 2203 -76.96 4.28 48.98
N HIS E 2204 -77.02 3.64 47.82
CA HIS E 2204 -76.16 2.50 47.56
C HIS E 2204 -74.69 2.88 47.64
N GLU E 2205 -74.34 4.06 47.13
CA GLU E 2205 -72.95 4.51 47.21
C GLU E 2205 -72.51 4.63 48.66
N THR E 2206 -73.36 5.20 49.50
CA THR E 2206 -73.04 5.32 50.93
C THR E 2206 -72.84 3.95 51.55
N VAL E 2207 -73.73 3.01 51.21
CA VAL E 2207 -73.63 1.66 51.80
C VAL E 2207 -72.33 1.00 51.38
N MET E 2208 -71.97 1.09 50.11
CA MET E 2208 -70.71 0.50 49.67
C MET E 2208 -69.50 1.19 50.31
N GLU E 2209 -69.57 2.51 50.48
CA GLU E 2209 -68.47 3.21 51.16
C GLU E 2209 -68.28 2.66 52.57
N VAL E 2210 -69.38 2.52 53.30
CA VAL E 2210 -69.29 1.96 54.65
C VAL E 2210 -68.73 0.55 54.60
N MET E 2211 -69.21 -0.25 53.65
CA MET E 2211 -68.76 -1.63 53.55
C MET E 2211 -67.26 -1.71 53.33
N VAL E 2212 -66.73 -0.89 52.42
CA VAL E 2212 -65.31 -0.94 52.12
C VAL E 2212 -64.49 -0.41 53.30
N ASN E 2213 -65.00 0.60 54.00
CA ASN E 2213 -64.23 1.19 55.09
C ASN E 2213 -63.83 0.14 56.12
N VAL E 2214 -64.65 -0.89 56.30
CA VAL E 2214 -64.36 -1.94 57.28
C VAL E 2214 -63.76 -3.13 56.56
N LEU E 2215 -63.20 -2.89 55.37
CA LEU E 2215 -62.63 -3.97 54.56
C LEU E 2215 -61.35 -3.53 53.89
N ILE E 2223 -61.69 -9.64 58.68
CA ILE E 2223 -62.97 -8.89 58.55
C ILE E 2223 -63.13 -7.96 59.76
N ARG E 2224 -63.29 -8.51 60.97
CA ARG E 2224 -63.41 -7.73 62.24
C ARG E 2224 -64.87 -7.29 62.46
N PHE E 2225 -65.77 -7.39 61.46
CA PHE E 2225 -67.20 -7.02 61.58
C PHE E 2225 -68.02 -7.93 60.64
N PRO E 2226 -68.26 -9.21 61.00
CA PRO E 2226 -68.99 -10.14 60.14
C PRO E 2226 -70.51 -9.87 59.95
N LYS E 2227 -71.21 -9.38 60.98
CA LYS E 2227 -72.66 -9.03 60.89
C LYS E 2227 -72.95 -7.78 60.03
N MET E 2228 -72.04 -6.82 59.90
CA MET E 2228 -72.15 -5.57 59.10
C MET E 2228 -72.11 -5.91 57.61
N VAL E 2229 -71.23 -6.81 57.16
CA VAL E 2229 -71.07 -7.13 55.75
C VAL E 2229 -72.27 -7.94 55.26
N THR E 2230 -72.75 -8.87 56.09
CA THR E 2230 -73.90 -9.67 55.69
C THR E 2230 -75.11 -8.78 55.45
N SER E 2231 -75.40 -7.88 56.38
CA SER E 2231 -76.57 -7.02 56.23
C SER E 2231 -76.43 -6.12 55.01
N CYS E 2232 -75.25 -5.53 54.82
CA CYS E 2232 -75.05 -4.64 53.68
C CYS E 2232 -75.21 -5.40 52.37
N CYS E 2233 -74.65 -6.61 52.28
CA CYS E 2233 -74.78 -7.39 51.06
C CYS E 2233 -76.23 -7.76 50.78
N ARG E 2234 -76.97 -8.15 51.82
CA ARG E 2234 -78.37 -8.47 51.63
C ARG E 2234 -79.14 -7.25 51.14
N PHE E 2235 -78.87 -6.08 51.74
CA PHE E 2235 -79.56 -4.87 51.33
C PHE E 2235 -79.24 -4.54 49.88
N LEU E 2236 -77.97 -4.68 49.48
CA LEU E 2236 -77.60 -4.36 48.11
C LEU E 2236 -78.24 -5.32 47.11
N CYS E 2237 -78.30 -6.61 47.44
CA CYS E 2237 -78.94 -7.56 46.56
C CYS E 2237 -80.42 -7.24 46.41
N TYR E 2238 -81.09 -6.93 47.52
CA TYR E 2238 -82.50 -6.55 47.44
C TYR E 2238 -82.67 -5.30 46.60
N PHE E 2239 -81.77 -4.32 46.75
CA PHE E 2239 -81.84 -3.10 45.95
C PHE E 2239 -81.72 -3.42 44.47
N CYS E 2240 -80.79 -4.31 44.12
CA CYS E 2240 -80.63 -4.70 42.72
C CYS E 2240 -81.90 -5.35 42.19
N ARG E 2241 -82.54 -6.19 43.02
CA ARG E 2241 -83.68 -6.96 42.54
C ARG E 2241 -84.89 -6.09 42.22
N ILE E 2242 -84.90 -4.82 42.63
CA ILE E 2242 -86.10 -4.00 42.45
C ILE E 2242 -86.34 -3.71 40.98
N SER E 2243 -85.31 -3.27 40.26
CA SER E 2243 -85.50 -2.79 38.91
C SER E 2243 -84.19 -2.93 38.14
N ARG E 2244 -84.29 -2.76 36.81
CA ARG E 2244 -83.12 -2.88 35.96
C ARG E 2244 -82.20 -1.68 36.07
N GLN E 2245 -82.75 -0.49 36.33
CA GLN E 2245 -81.92 0.69 36.49
C GLN E 2245 -80.99 0.54 37.68
N ASN E 2246 -81.51 0.04 38.80
CA ASN E 2246 -80.66 -0.25 39.94
C ASN E 2246 -79.62 -1.30 39.59
N GLN E 2247 -80.01 -2.29 38.78
CA GLN E 2247 -79.08 -3.33 38.37
C GLN E 2247 -77.89 -2.71 37.62
N ARG E 2248 -78.17 -1.81 36.69
CA ARG E 2248 -77.09 -1.14 35.96
C ARG E 2248 -76.26 -0.27 36.90
N SER E 2249 -76.93 0.43 37.83
CA SER E 2249 -76.21 1.31 38.73
C SER E 2249 -75.18 0.52 39.55
N MET E 2250 -75.58 -0.63 40.08
CA MET E 2250 -74.63 -1.47 40.79
C MET E 2250 -73.62 -2.12 39.85
N PHE E 2251 -74.02 -2.47 38.62
CA PHE E 2251 -73.09 -3.01 37.64
C PHE E 2251 -71.95 -2.04 37.38
N ASP E 2252 -72.20 -0.74 37.51
CA ASP E 2252 -71.16 0.24 37.29
C ASP E 2252 -69.94 0.00 38.17
N HIS E 2253 -70.14 -0.45 39.41
CA HIS E 2253 -69.05 -0.62 40.37
C HIS E 2253 -68.56 -2.07 40.44
N LEU E 2254 -68.75 -2.84 39.38
CA LEU E 2254 -68.40 -4.26 39.43
C LEU E 2254 -66.90 -4.46 39.64
N SER E 2255 -66.08 -3.69 38.93
CA SER E 2255 -64.64 -3.83 39.08
C SER E 2255 -64.21 -3.49 40.50
N TYR E 2256 -64.79 -2.44 41.08
CA TYR E 2256 -64.44 -2.05 42.43
C TYR E 2256 -64.83 -3.16 43.41
N LEU E 2257 -66.02 -3.73 43.24
CA LEU E 2257 -66.45 -4.81 44.11
C LEU E 2257 -65.51 -5.99 44.01
N LEU E 2258 -65.06 -6.35 42.82
CA LEU E 2258 -64.24 -7.57 42.66
C LEU E 2258 -62.88 -7.44 43.37
N GLU E 2259 -62.23 -6.26 43.34
CA GLU E 2259 -60.89 -6.04 43.95
C GLU E 2259 -60.91 -6.47 45.41
N ASN E 2260 -62.00 -6.20 46.13
CA ASN E 2260 -62.13 -6.54 47.58
C ASN E 2260 -62.57 -7.99 47.74
N SER E 2261 -62.47 -8.55 48.95
CA SER E 2261 -62.89 -9.95 49.25
C SER E 2261 -62.26 -10.92 48.24
N GLY E 2262 -60.93 -10.93 48.12
CA GLY E 2262 -60.19 -11.82 47.20
C GLY E 2262 -59.46 -12.94 47.93
N ILE E 2263 -59.20 -12.80 49.23
CA ILE E 2263 -58.54 -13.83 50.08
C ILE E 2263 -59.45 -14.09 51.30
N GLY E 2264 -60.01 -13.03 51.93
CA GLY E 2264 -60.88 -13.14 53.13
C GLY E 2264 -62.35 -13.35 52.77
N LEU E 2265 -62.87 -14.58 52.89
CA LEU E 2265 -64.25 -14.92 52.50
C LEU E 2265 -65.23 -14.55 53.60
N GLY E 2266 -64.91 -14.76 54.88
CA GLY E 2266 -65.97 -14.50 55.87
C GLY E 2266 -67.11 -15.33 55.36
N MET E 2267 -66.86 -16.61 55.09
CA MET E 2267 -67.78 -17.48 54.32
C MET E 2267 -69.16 -17.62 54.94
N GLN E 2268 -69.33 -17.46 56.24
CA GLN E 2268 -70.62 -17.79 56.84
C GLN E 2268 -71.73 -16.98 56.18
N GLY E 2269 -71.53 -15.71 55.82
CA GLY E 2269 -72.63 -14.85 55.35
C GLY E 2269 -72.37 -14.15 54.03
N SER E 2270 -73.43 -13.69 53.35
CA SER E 2270 -73.36 -13.03 52.02
C SER E 2270 -72.16 -12.08 51.96
N THR E 2271 -71.40 -12.12 50.86
CA THR E 2271 -70.20 -11.26 50.67
C THR E 2271 -70.33 -10.34 49.45
N PRO E 2272 -69.30 -9.55 49.08
CA PRO E 2272 -69.32 -8.67 47.91
C PRO E 2272 -69.48 -9.42 46.60
N LEU E 2273 -68.89 -10.62 46.51
CA LEU E 2273 -69.08 -11.42 45.31
C LEU E 2273 -70.54 -11.74 45.06
N ASP E 2274 -71.31 -11.94 46.13
CA ASP E 2274 -72.74 -12.24 45.96
C ASP E 2274 -73.47 -11.08 45.31
N VAL E 2275 -73.24 -9.85 45.79
CA VAL E 2275 -73.89 -8.71 45.15
C VAL E 2275 -73.38 -8.52 43.74
N ALA E 2276 -72.09 -8.75 43.51
CA ALA E 2276 -71.56 -8.66 42.16
C ALA E 2276 -72.31 -9.60 41.22
N ALA E 2277 -72.53 -10.84 41.66
CA ALA E 2277 -73.28 -11.79 40.85
C ALA E 2277 -74.72 -11.32 40.66
N ALA E 2278 -75.35 -10.83 41.74
CA ALA E 2278 -76.73 -10.40 41.65
C ALA E 2278 -76.91 -9.22 40.72
N SER E 2279 -75.83 -8.46 40.47
CA SER E 2279 -75.92 -7.28 39.62
C SER E 2279 -76.05 -7.62 38.13
N VAL E 2280 -75.87 -8.88 37.75
CA VAL E 2280 -75.84 -9.26 36.34
C VAL E 2280 -76.77 -10.44 36.04
N ILE E 2281 -77.72 -10.76 36.91
CA ILE E 2281 -78.56 -11.92 36.69
C ILE E 2281 -79.59 -11.63 35.61
N ASP E 2282 -79.67 -12.51 34.61
CA ASP E 2282 -80.75 -12.51 33.63
C ASP E 2282 -80.88 -11.15 32.94
N ASN E 2283 -79.77 -10.55 32.55
CA ASN E 2283 -79.77 -9.29 31.81
C ASN E 2283 -78.82 -9.44 30.63
N ASN E 2284 -79.38 -9.63 29.43
CA ASN E 2284 -78.54 -9.86 28.26
C ASN E 2284 -77.64 -8.67 27.98
N GLU E 2285 -78.18 -7.45 28.09
CA GLU E 2285 -77.39 -6.26 27.77
C GLU E 2285 -76.20 -6.15 28.71
N LEU E 2286 -76.44 -6.26 30.02
CA LEU E 2286 -75.34 -6.13 30.98
C LEU E 2286 -74.33 -7.24 30.79
N ALA E 2287 -74.79 -8.47 30.57
CA ALA E 2287 -73.86 -9.58 30.36
C ALA E 2287 -73.00 -9.36 29.13
N LEU E 2288 -73.59 -8.89 28.03
CA LEU E 2288 -72.81 -8.60 26.84
C LEU E 2288 -71.80 -7.48 27.11
N ALA E 2289 -72.22 -6.45 27.82
CA ALA E 2289 -71.34 -5.32 28.12
C ALA E 2289 -70.22 -5.70 29.08
N LEU E 2290 -70.26 -6.88 29.67
CA LEU E 2290 -69.25 -7.26 30.65
C LEU E 2290 -67.85 -7.14 30.05
N GLN E 2291 -66.95 -6.55 30.82
CA GLN E 2291 -65.57 -6.37 30.40
C GLN E 2291 -64.85 -7.72 30.50
N GLU E 2292 -63.70 -7.90 29.84
CA GLU E 2292 -62.93 -9.18 29.85
C GLU E 2292 -61.85 -9.10 30.93
N GLN E 2293 -61.55 -7.90 31.42
CA GLN E 2293 -60.55 -7.68 32.49
C GLN E 2293 -61.09 -8.22 33.81
N ASP E 2294 -62.41 -8.24 33.98
CA ASP E 2294 -63.08 -8.77 35.20
C ASP E 2294 -63.03 -10.30 35.15
N LEU E 2295 -62.89 -10.90 33.96
CA LEU E 2295 -62.92 -12.37 33.79
C LEU E 2295 -61.56 -12.96 34.17
N GLU E 2296 -60.45 -12.36 33.73
CA GLU E 2296 -59.10 -12.87 33.98
C GLU E 2296 -58.71 -12.68 35.43
N LYS E 2297 -59.16 -11.60 36.06
CA LYS E 2297 -58.85 -11.40 37.47
C LYS E 2297 -59.50 -12.46 38.34
N VAL E 2298 -60.76 -12.80 38.05
CA VAL E 2298 -61.45 -13.83 38.81
C VAL E 2298 -60.77 -15.18 38.60
N VAL E 2299 -60.37 -15.47 37.36
CA VAL E 2299 -59.67 -16.72 37.10
C VAL E 2299 -58.35 -16.77 37.85
N SER E 2300 -57.66 -15.63 37.93
CA SER E 2300 -56.42 -15.59 38.71
C SER E 2300 -56.70 -15.86 40.17
N TYR E 2301 -57.74 -15.25 40.73
CA TYR E 2301 -58.14 -15.57 42.10
C TYR E 2301 -58.37 -17.05 42.26
N LEU E 2302 -59.09 -17.66 41.31
CA LEU E 2302 -59.37 -19.09 41.40
C LEU E 2302 -58.09 -19.90 41.40
N ALA E 2303 -57.13 -19.54 40.55
CA ALA E 2303 -55.89 -20.30 40.46
C ALA E 2303 -55.24 -20.47 41.82
N GLY E 2304 -55.28 -19.44 42.67
CA GLY E 2304 -54.71 -19.58 43.99
C GLY E 2304 -55.42 -20.62 44.83
N CYS E 2305 -56.76 -20.67 44.74
CA CYS E 2305 -57.52 -21.62 45.55
C CYS E 2305 -57.11 -23.05 45.26
N GLY E 2306 -56.55 -23.31 44.10
CA GLY E 2306 -56.10 -24.65 43.75
C GLY E 2306 -54.67 -24.95 44.13
N LEU E 2307 -54.05 -24.10 44.96
CA LEU E 2307 -52.65 -24.27 45.33
C LEU E 2307 -52.40 -24.31 46.82
N GLN E 2308 -53.13 -23.56 47.62
CA GLN E 2308 -52.85 -23.45 49.05
C GLN E 2308 -54.14 -23.64 49.84
N SER E 2309 -54.02 -24.31 50.99
CA SER E 2309 -55.17 -24.50 51.85
C SER E 2309 -55.54 -23.21 52.56
N CYS E 2310 -56.74 -23.18 53.11
CA CYS E 2310 -57.23 -21.99 53.79
C CYS E 2310 -56.58 -21.87 55.16
N PRO E 2311 -55.93 -20.74 55.48
CA PRO E 2311 -55.33 -20.61 56.82
C PRO E 2311 -56.34 -20.76 57.94
N MET E 2312 -57.59 -20.34 57.71
CA MET E 2312 -58.59 -20.43 58.78
C MET E 2312 -58.79 -21.87 59.23
N LEU E 2313 -58.92 -22.80 58.27
CA LEU E 2313 -59.08 -24.19 58.63
C LEU E 2313 -57.86 -24.72 59.37
N LEU E 2314 -56.66 -24.33 58.94
CA LEU E 2314 -55.45 -24.76 59.63
C LEU E 2314 -55.45 -24.27 61.06
N ALA E 2315 -55.86 -23.03 61.29
CA ALA E 2315 -55.94 -22.51 62.64
C ALA E 2315 -56.86 -23.35 63.51
N LYS E 2316 -57.89 -23.93 62.91
CA LYS E 2316 -58.83 -24.77 63.65
C LYS E 2316 -58.38 -26.23 63.75
N GLY E 2317 -57.22 -26.56 63.19
CA GLY E 2317 -56.69 -27.90 63.34
C GLY E 2317 -57.05 -28.87 62.24
N TYR E 2318 -57.68 -28.41 61.17
CA TYR E 2318 -58.03 -29.31 60.09
C TYR E 2318 -56.78 -29.82 59.39
N PRO E 2319 -56.82 -31.02 58.83
CA PRO E 2319 -55.66 -31.53 58.09
C PRO E 2319 -55.39 -30.67 56.86
N ASP E 2320 -54.12 -30.61 56.47
CA ASP E 2320 -53.71 -29.72 55.39
C ASP E 2320 -53.63 -30.47 54.07
N ILE E 2321 -54.22 -29.86 53.04
CA ILE E 2321 -54.08 -30.33 51.66
C ILE E 2321 -53.82 -29.12 50.79
N GLY E 2322 -53.29 -29.38 49.60
CA GLY E 2322 -52.78 -28.31 48.76
C GLY E 2322 -53.82 -27.57 47.96
N TRP E 2323 -54.98 -27.29 48.53
CA TRP E 2323 -55.98 -26.47 47.85
C TRP E 2323 -57.16 -26.24 48.78
N ASN E 2324 -57.99 -25.26 48.40
CA ASN E 2324 -59.10 -24.78 49.21
C ASN E 2324 -60.37 -24.81 48.36
N PRO E 2325 -61.13 -25.91 48.40
CA PRO E 2325 -62.29 -26.03 47.49
C PRO E 2325 -63.35 -24.96 47.67
N CYS E 2326 -63.50 -24.38 48.86
CA CYS E 2326 -64.62 -23.48 49.10
C CYS E 2326 -64.57 -22.26 48.19
N GLY E 2327 -63.42 -21.57 48.17
CA GLY E 2327 -63.29 -20.44 47.27
C GLY E 2327 -63.48 -20.86 45.82
N GLY E 2328 -62.98 -22.03 45.46
CA GLY E 2328 -63.17 -22.51 44.10
C GLY E 2328 -64.63 -22.59 43.73
N GLU E 2329 -65.45 -23.19 44.60
CA GLU E 2329 -66.86 -23.31 44.27
C GLU E 2329 -67.53 -21.94 44.25
N ARG E 2330 -67.12 -21.02 45.12
CA ARG E 2330 -67.70 -19.67 45.08
C ARG E 2330 -67.44 -19.01 43.73
N TYR E 2331 -66.17 -19.00 43.30
CA TYR E 2331 -65.85 -18.35 42.04
C TYR E 2331 -66.50 -19.06 40.86
N LEU E 2332 -66.61 -20.38 40.92
CA LEU E 2332 -67.28 -21.11 39.86
C LEU E 2332 -68.76 -20.74 39.79
N ASP E 2333 -69.39 -20.56 40.95
CA ASP E 2333 -70.78 -20.10 40.96
C ASP E 2333 -70.90 -18.74 40.28
N PHE E 2334 -69.99 -17.82 40.60
CA PHE E 2334 -70.05 -16.51 39.94
C PHE E 2334 -69.91 -16.67 38.44
N LEU E 2335 -68.95 -17.46 37.99
CA LEU E 2335 -68.75 -17.64 36.56
C LEU E 2335 -69.99 -18.22 35.90
N ARG E 2336 -70.62 -19.21 36.54
CA ARG E 2336 -71.83 -19.79 35.99
C ARG E 2336 -72.90 -18.72 35.81
N PHE E 2337 -73.12 -17.90 36.85
CA PHE E 2337 -74.10 -16.84 36.71
C PHE E 2337 -73.72 -15.89 35.58
N ALA E 2338 -72.43 -15.71 35.33
CA ALA E 2338 -72.00 -14.80 34.29
C ALA E 2338 -72.22 -15.37 32.89
N VAL E 2339 -72.13 -16.68 32.72
CA VAL E 2339 -72.10 -17.27 31.38
C VAL E 2339 -73.49 -17.63 30.89
N PHE E 2340 -74.37 -18.10 31.76
CA PHE E 2340 -75.67 -18.64 31.37
C PHE E 2340 -76.77 -17.69 31.83
N VAL E 2341 -77.65 -17.32 30.91
CA VAL E 2341 -78.76 -16.40 31.21
C VAL E 2341 -80.05 -16.98 30.64
N ASN E 2342 -81.06 -17.10 31.49
CA ASN E 2342 -82.41 -17.50 31.09
C ASN E 2342 -82.40 -18.64 30.08
N GLY E 2343 -81.78 -19.76 30.48
CA GLY E 2343 -81.86 -20.96 29.69
C GLY E 2343 -81.06 -20.95 28.41
N GLU E 2344 -80.19 -19.97 28.21
CA GLU E 2344 -79.40 -19.86 26.99
C GLU E 2344 -77.96 -19.50 27.34
N SER E 2345 -77.05 -19.88 26.45
CA SER E 2345 -75.63 -19.67 26.65
C SER E 2345 -75.14 -18.58 25.70
N VAL E 2346 -74.45 -17.59 26.25
CA VAL E 2346 -73.83 -16.52 25.45
C VAL E 2346 -72.46 -17.00 25.02
N GLU E 2347 -72.22 -17.04 23.70
CA GLU E 2347 -71.04 -17.73 23.19
C GLU E 2347 -69.76 -16.96 23.44
N GLU E 2348 -69.82 -15.63 23.45
CA GLU E 2348 -68.58 -14.85 23.58
C GLU E 2348 -67.93 -15.10 24.94
N ASN E 2349 -68.69 -14.95 26.01
CA ASN E 2349 -68.13 -15.20 27.33
C ASN E 2349 -67.75 -16.65 27.50
N ALA E 2350 -68.52 -17.57 26.91
CA ALA E 2350 -68.17 -18.98 26.99
C ALA E 2350 -66.79 -19.22 26.39
N ASN E 2351 -66.55 -18.71 25.19
CA ASN E 2351 -65.25 -18.89 24.55
C ASN E 2351 -64.15 -18.25 25.38
N VAL E 2352 -64.38 -17.03 25.85
CA VAL E 2352 -63.34 -16.34 26.61
C VAL E 2352 -62.97 -17.14 27.86
N VAL E 2353 -63.99 -17.59 28.60
CA VAL E 2353 -63.71 -18.24 29.88
C VAL E 2353 -63.08 -19.61 29.66
N VAL E 2354 -63.54 -20.36 28.66
CA VAL E 2354 -62.92 -21.66 28.41
C VAL E 2354 -61.47 -21.48 27.99
N ARG E 2355 -61.19 -20.47 27.15
CA ARG E 2355 -59.82 -20.20 26.77
C ARG E 2355 -58.96 -19.87 27.98
N LEU E 2356 -59.45 -18.98 28.84
CA LEU E 2356 -58.69 -18.62 30.04
C LEU E 2356 -58.44 -19.83 30.91
N LEU E 2357 -59.46 -20.68 31.09
CA LEU E 2357 -59.29 -21.85 31.94
C LEU E 2357 -58.23 -22.79 31.38
N ILE E 2358 -58.33 -23.11 30.08
CA ILE E 2358 -57.33 -24.01 29.51
C ILE E 2358 -55.95 -23.40 29.61
N ARG E 2359 -55.85 -22.07 29.59
CA ARG E 2359 -54.55 -21.44 29.72
C ARG E 2359 -53.87 -21.76 31.05
N LYS E 2360 -54.64 -22.12 32.08
CA LYS E 2360 -54.10 -22.43 33.40
C LYS E 2360 -54.63 -23.80 33.83
N PRO E 2361 -53.96 -24.89 33.44
CA PRO E 2361 -54.49 -26.22 33.76
C PRO E 2361 -54.57 -26.51 35.25
N GLU E 2362 -53.86 -25.77 36.10
CA GLU E 2362 -53.90 -26.05 37.53
C GLU E 2362 -55.25 -25.70 38.14
N CYS E 2363 -56.04 -24.86 37.49
CA CYS E 2363 -57.34 -24.47 38.04
C CYS E 2363 -58.33 -25.62 38.07
N PHE E 2364 -58.15 -26.63 37.21
CA PHE E 2364 -59.07 -27.76 37.14
C PHE E 2364 -59.03 -28.64 38.37
N GLY E 2365 -58.05 -28.47 39.25
CA GLY E 2365 -57.96 -29.28 40.44
C GLY E 2365 -57.02 -30.44 40.28
N PRO E 2366 -56.66 -31.09 41.39
CA PRO E 2366 -55.67 -32.17 41.31
C PRO E 2366 -56.03 -33.30 40.37
N ALA E 2367 -57.31 -33.66 40.29
CA ALA E 2367 -57.70 -34.81 39.47
C ALA E 2367 -57.36 -34.57 38.00
N LEU E 2368 -57.63 -33.37 37.50
CA LEU E 2368 -57.40 -33.05 36.10
C LEU E 2368 -56.04 -32.42 35.87
N ARG E 2369 -55.14 -32.47 36.85
CA ARG E 2369 -53.81 -31.89 36.69
C ARG E 2369 -53.06 -32.47 35.51
N GLY E 2370 -53.38 -33.71 35.11
CA GLY E 2370 -52.69 -34.34 34.01
C GLY E 2370 -51.61 -35.30 34.47
N GLU E 2371 -50.36 -34.85 34.40
CA GLU E 2371 -49.24 -35.68 34.86
C GLU E 2371 -49.46 -36.10 36.30
N GLY E 2372 -49.64 -37.41 36.53
CA GLY E 2372 -49.89 -37.90 37.86
C GLY E 2372 -51.28 -37.65 38.38
N GLY E 2373 -52.19 -37.13 37.55
CA GLY E 2373 -53.53 -36.84 37.99
C GLY E 2373 -54.50 -37.98 37.76
N SER E 2374 -55.17 -38.41 38.82
CA SER E 2374 -56.15 -39.48 38.71
C SER E 2374 -57.44 -38.96 38.11
N GLY E 2375 -58.25 -39.88 37.59
CA GLY E 2375 -59.51 -39.50 36.99
C GLY E 2375 -60.52 -39.04 38.02
N LEU E 2376 -61.61 -38.48 37.52
CA LEU E 2376 -62.65 -37.96 38.40
C LEU E 2376 -63.26 -39.08 39.25
N LEU E 2377 -63.51 -40.24 38.64
CA LEU E 2377 -64.15 -41.33 39.35
C LEU E 2377 -63.32 -41.74 40.56
N ALA E 2378 -62.01 -41.90 40.38
CA ALA E 2378 -61.15 -42.28 41.49
C ALA E 2378 -61.14 -41.19 42.56
N ALA E 2379 -61.10 -39.93 42.16
CA ALA E 2379 -61.08 -38.84 43.13
C ALA E 2379 -62.35 -38.85 43.97
N ILE E 2380 -63.51 -39.03 43.35
CA ILE E 2380 -64.76 -39.00 44.08
C ILE E 2380 -64.89 -40.23 44.97
N GLU E 2381 -64.43 -41.38 44.50
CA GLU E 2381 -64.43 -42.56 45.37
C GLU E 2381 -63.55 -42.33 46.59
N GLU E 2382 -62.37 -41.73 46.38
CA GLU E 2382 -61.50 -41.42 47.51
C GLU E 2382 -62.18 -40.46 48.47
N ALA E 2383 -62.90 -39.46 47.94
CA ALA E 2383 -63.61 -38.53 48.80
C ALA E 2383 -64.68 -39.24 49.61
N ILE E 2384 -65.42 -40.16 48.98
CA ILE E 2384 -66.44 -40.91 49.70
C ILE E 2384 -65.80 -41.69 50.84
N ARG E 2385 -64.69 -42.38 50.56
CA ARG E 2385 -64.03 -43.14 51.61
C ARG E 2385 -63.52 -42.22 52.72
N ILE E 2386 -63.01 -41.04 52.34
CA ILE E 2386 -62.57 -40.07 53.34
C ILE E 2386 -63.73 -39.70 54.25
N SER E 2387 -64.93 -39.57 53.69
CA SER E 2387 -66.07 -39.13 54.48
C SER E 2387 -66.34 -40.07 55.65
N GLU E 2388 -65.87 -41.32 55.59
CA GLU E 2388 -66.07 -42.26 56.69
C GLU E 2388 -65.16 -42.00 57.87
N ASP E 2389 -63.91 -41.58 57.63
CA ASP E 2389 -62.93 -41.42 58.69
C ASP E 2389 -63.05 -40.04 59.32
N PRO E 2390 -63.37 -39.93 60.61
CA PRO E 2390 -63.36 -38.61 61.25
C PRO E 2390 -61.99 -37.95 61.22
N ALA E 2391 -60.92 -38.74 61.32
CA ALA E 2391 -59.58 -38.17 61.31
C ALA E 2391 -59.28 -37.43 60.02
N ARG E 2392 -59.66 -38.01 58.88
CA ARG E 2392 -59.39 -37.39 57.59
C ARG E 2392 -60.42 -36.37 57.19
N ASP E 2393 -61.50 -36.21 57.97
CA ASP E 2393 -62.56 -35.29 57.62
C ASP E 2393 -62.63 -34.07 58.52
N GLY E 2394 -61.95 -34.09 59.67
CA GLY E 2394 -62.00 -32.98 60.59
C GLY E 2394 -60.94 -33.06 61.66
N PRO E 2395 -60.99 -32.16 62.64
CA PRO E 2395 -60.03 -32.12 63.75
C PRO E 2395 -59.88 -33.47 64.44
N ARG E 2415 -69.30 -28.40 61.58
CA ARG E 2415 -69.80 -27.24 60.84
C ARG E 2415 -69.27 -27.22 59.41
N VAL E 2416 -68.36 -28.15 59.10
CA VAL E 2416 -67.80 -28.27 57.76
C VAL E 2416 -67.11 -29.62 57.64
N HIS E 2417 -67.21 -30.21 56.45
CA HIS E 2417 -66.62 -31.51 56.18
C HIS E 2417 -65.91 -31.45 54.84
N LEU E 2418 -64.91 -32.30 54.66
CA LEU E 2418 -64.04 -32.19 53.49
C LEU E 2418 -64.58 -32.94 52.28
N GLY E 2419 -65.09 -34.17 52.49
CA GLY E 2419 -65.59 -34.93 51.36
C GLY E 2419 -66.69 -34.18 50.62
N HIS E 2420 -67.63 -33.61 51.37
CA HIS E 2420 -68.71 -32.86 50.75
C HIS E 2420 -68.17 -31.66 49.99
N ALA E 2421 -67.17 -30.98 50.56
CA ALA E 2421 -66.59 -29.83 49.88
C ALA E 2421 -65.95 -30.22 48.57
N ILE E 2422 -65.21 -31.33 48.56
CA ILE E 2422 -64.55 -31.77 47.33
C ILE E 2422 -65.59 -32.13 46.28
N MET E 2423 -66.62 -32.88 46.68
CA MET E 2423 -67.68 -33.35 45.77
C MET E 2423 -68.48 -32.17 45.24
N SER E 2424 -68.65 -31.10 46.02
CA SER E 2424 -69.32 -29.89 45.56
C SER E 2424 -68.45 -29.12 44.58
N PHE E 2425 -67.15 -29.03 44.85
CA PHE E 2425 -66.25 -28.33 43.94
C PHE E 2425 -66.28 -28.98 42.57
N TYR E 2426 -66.11 -30.30 42.52
CA TYR E 2426 -66.09 -30.97 41.23
C TYR E 2426 -67.43 -30.83 40.51
N ALA E 2427 -68.54 -30.95 41.25
CA ALA E 2427 -69.84 -30.79 40.63
C ALA E 2427 -70.01 -29.40 40.04
N ALA E 2428 -69.59 -28.38 40.77
CA ALA E 2428 -69.70 -27.02 40.25
C ALA E 2428 -68.86 -26.84 38.99
N LEU E 2429 -67.64 -27.39 38.99
CA LEU E 2429 -66.80 -27.27 37.80
C LEU E 2429 -67.46 -27.93 36.60
N ILE E 2430 -67.99 -29.14 36.78
CA ILE E 2430 -68.59 -29.86 35.67
C ILE E 2430 -69.83 -29.12 35.18
N ASP E 2431 -70.62 -28.57 36.10
CA ASP E 2431 -71.80 -27.82 35.70
C ASP E 2431 -71.42 -26.59 34.89
N LEU E 2432 -70.37 -25.88 35.31
CA LEU E 2432 -69.91 -24.73 34.54
C LEU E 2432 -69.50 -25.15 33.14
N LEU E 2433 -68.68 -26.19 33.03
CA LEU E 2433 -68.23 -26.62 31.71
C LEU E 2433 -69.42 -27.02 30.84
N GLY E 2434 -70.38 -27.74 31.42
CA GLY E 2434 -71.57 -28.11 30.65
C GLY E 2434 -72.32 -26.89 30.14
N ARG E 2435 -72.49 -25.89 31.01
CA ARG E 2435 -73.18 -24.68 30.58
C ARG E 2435 -72.42 -23.94 29.49
N CYS E 2436 -71.09 -24.09 29.45
CA CYS E 2436 -70.30 -23.36 28.47
C CYS E 2436 -70.45 -23.92 27.06
N ALA E 2437 -71.07 -25.09 26.89
CA ALA E 2437 -71.15 -25.69 25.57
C ALA E 2437 -72.07 -24.88 24.67
N PRO E 2438 -71.90 -24.96 23.35
CA PRO E 2438 -72.72 -24.16 22.44
C PRO E 2438 -74.03 -24.84 22.10
N GLU E 2439 -74.88 -24.09 21.40
CA GLU E 2439 -76.18 -24.59 20.99
C GLU E 2439 -76.07 -25.47 19.75
N MET E 2440 -77.12 -26.25 19.51
CA MET E 2440 -77.11 -27.22 18.42
C MET E 2440 -77.32 -26.56 17.07
N HIS E 2441 -78.07 -25.46 17.01
CA HIS E 2441 -78.27 -24.80 15.73
C HIS E 2441 -76.95 -24.27 15.18
N LEU E 2442 -76.05 -23.80 16.05
CA LEU E 2442 -74.73 -23.41 15.59
C LEU E 2442 -73.96 -24.61 15.05
N ILE E 2443 -74.07 -25.77 15.71
CA ILE E 2443 -73.41 -26.96 15.21
C ILE E 2443 -73.88 -27.29 13.80
N GLN E 2444 -75.17 -27.10 13.54
CA GLN E 2444 -75.68 -27.38 12.20
C GLN E 2444 -75.00 -26.50 11.16
N ALA E 2445 -74.76 -25.22 11.47
CA ALA E 2445 -74.05 -24.35 10.55
C ALA E 2445 -72.58 -24.73 10.39
N GLY E 2446 -72.08 -25.64 11.21
CA GLY E 2446 -70.68 -26.04 11.10
C GLY E 2446 -69.69 -24.95 11.44
N LYS E 2447 -69.98 -24.15 12.45
CA LYS E 2447 -69.05 -23.10 12.86
C LYS E 2447 -67.75 -23.73 13.35
N GLY E 2448 -66.63 -23.19 12.89
CA GLY E 2448 -65.34 -23.73 13.32
C GLY E 2448 -65.11 -23.57 14.81
N GLU E 2449 -65.45 -22.40 15.36
CA GLU E 2449 -65.23 -22.17 16.78
C GLU E 2449 -66.08 -23.11 17.63
N ALA E 2450 -67.35 -23.28 17.26
CA ALA E 2450 -68.21 -24.17 18.01
C ALA E 2450 -67.68 -25.59 17.99
N LEU E 2451 -67.23 -26.06 16.83
CA LEU E 2451 -66.69 -27.41 16.74
C LEU E 2451 -65.42 -27.55 17.55
N ARG E 2452 -64.54 -26.55 17.51
CA ARG E 2452 -63.32 -26.62 18.31
C ARG E 2452 -63.66 -26.70 19.79
N ILE E 2453 -64.61 -25.87 20.24
CA ILE E 2453 -64.98 -25.86 21.66
C ILE E 2453 -65.56 -27.21 22.06
N ARG E 2454 -66.46 -27.76 21.23
CA ARG E 2454 -67.05 -29.04 21.56
C ARG E 2454 -66.01 -30.14 21.61
N ALA E 2455 -65.08 -30.12 20.66
CA ALA E 2455 -64.02 -31.14 20.65
C ALA E 2455 -63.17 -31.03 21.91
N ILE E 2456 -62.82 -29.81 22.31
CA ILE E 2456 -62.02 -29.63 23.52
C ILE E 2456 -62.76 -30.18 24.73
N LEU E 2457 -64.03 -29.78 24.89
CA LEU E 2457 -64.79 -30.25 26.05
C LEU E 2457 -64.91 -31.76 26.05
N ARG E 2458 -65.18 -32.35 24.89
CA ARG E 2458 -65.27 -33.81 24.81
C ARG E 2458 -63.95 -34.47 25.20
N SER E 2459 -62.83 -33.90 24.76
CA SER E 2459 -61.53 -34.45 25.12
C SER E 2459 -61.26 -34.33 26.62
N LEU E 2460 -61.81 -33.30 27.26
CA LEU E 2460 -61.50 -33.08 28.67
C LEU E 2460 -62.09 -34.15 29.58
N VAL E 2461 -63.31 -34.61 29.30
CA VAL E 2461 -64.01 -35.51 30.21
C VAL E 2461 -64.43 -36.78 29.47
N PRO E 2462 -63.94 -37.96 29.83
CA PRO E 2462 -64.39 -39.18 29.17
C PRO E 2462 -65.86 -39.47 29.48
N LEU E 2463 -66.52 -40.14 28.54
CA LEU E 2463 -67.93 -40.51 28.74
C LEU E 2463 -68.07 -41.57 29.82
N ASP E 2464 -67.24 -42.61 29.77
CA ASP E 2464 -67.32 -43.67 30.76
C ASP E 2464 -67.16 -43.15 32.18
N ASP E 2465 -66.40 -42.07 32.36
CA ASP E 2465 -66.29 -41.48 33.70
C ASP E 2465 -67.64 -40.96 34.17
N LEU E 2466 -68.36 -40.25 33.30
CA LEU E 2466 -69.69 -39.78 33.67
C LEU E 2466 -70.62 -40.95 33.97
N VAL E 2467 -70.58 -41.97 33.13
CA VAL E 2467 -71.46 -43.12 33.36
C VAL E 2467 -71.15 -43.76 34.70
N GLY E 2468 -69.86 -43.91 35.03
CA GLY E 2468 -69.49 -44.48 36.31
C GLY E 2468 -69.96 -43.63 37.46
N ILE E 2469 -69.84 -42.31 37.33
CA ILE E 2469 -70.26 -41.41 38.40
C ILE E 2469 -71.75 -41.56 38.65
N ILE E 2470 -72.55 -41.56 37.57
CA ILE E 2470 -73.99 -41.63 37.73
C ILE E 2470 -74.39 -42.93 38.41
N SER E 2471 -73.70 -44.02 38.09
CA SER E 2471 -74.07 -45.35 38.58
C SER E 2471 -73.71 -45.58 40.04
N LEU E 2472 -73.07 -44.63 40.71
CA LEU E 2472 -72.69 -44.85 42.10
C LEU E 2472 -73.93 -44.96 42.98
N PRO E 2473 -73.87 -45.70 44.07
CA PRO E 2473 -75.05 -45.88 44.92
C PRO E 2473 -75.28 -44.69 45.84
N LEU E 2474 -76.47 -44.68 46.42
CA LEU E 2474 -76.88 -43.64 47.36
C LEU E 2474 -77.40 -44.28 48.65
N GLN E 2475 -77.10 -43.64 49.77
CA GLN E 2475 -77.62 -44.10 51.05
C GLN E 2475 -79.05 -43.61 51.24
N ILE E 2476 -79.88 -44.44 51.87
CA ILE E 2476 -81.30 -44.14 52.03
C ILE E 2476 -81.69 -44.29 53.49
N PRO E 2477 -82.71 -43.58 53.96
CA PRO E 2477 -83.15 -43.76 55.35
C PRO E 2477 -83.73 -45.15 55.58
N THR E 2478 -83.66 -45.59 56.83
CA THR E 2478 -84.15 -46.92 57.18
C THR E 2478 -84.68 -46.87 58.62
N LEU E 2479 -85.44 -47.89 58.97
CA LEU E 2479 -86.05 -48.01 60.29
C LEU E 2479 -85.21 -48.95 61.14
N GLY E 2480 -84.68 -48.43 62.24
CA GLY E 2480 -83.81 -49.19 63.12
C GLY E 2480 -84.54 -49.76 64.32
N LYS E 2481 -83.76 -50.20 65.30
CA LYS E 2481 -84.33 -50.76 66.51
C LYS E 2481 -85.07 -49.70 67.30
N ASP E 2482 -86.13 -50.13 67.99
CA ASP E 2482 -86.95 -49.26 68.84
C ASP E 2482 -87.68 -48.19 68.04
N GLY E 2483 -87.89 -48.43 66.74
CA GLY E 2483 -88.62 -47.47 65.92
C GLY E 2483 -87.84 -46.24 65.55
N ALA E 2484 -86.54 -46.19 65.84
CA ALA E 2484 -85.74 -45.00 65.54
C ALA E 2484 -85.52 -44.89 64.04
N LEU E 2485 -85.54 -43.66 63.54
CA LEU E 2485 -85.26 -43.40 62.14
C LEU E 2485 -83.79 -43.07 61.95
N VAL E 2486 -83.18 -43.65 60.91
CA VAL E 2486 -81.78 -43.43 60.59
C VAL E 2486 -81.72 -42.61 59.31
N GLN E 2487 -81.07 -41.45 59.37
CA GLN E 2487 -80.97 -40.56 58.22
C GLN E 2487 -79.51 -40.14 58.06
N PRO E 2488 -78.96 -40.24 56.85
CA PRO E 2488 -77.60 -39.71 56.64
C PRO E 2488 -77.56 -38.20 56.79
N LYS E 2489 -76.41 -37.69 57.20
CA LYS E 2489 -76.22 -36.25 57.30
C LYS E 2489 -76.00 -35.68 55.91
N MET E 2490 -77.00 -34.98 55.39
CA MET E 2490 -76.91 -34.47 54.02
C MET E 2490 -75.74 -33.50 53.87
N SER E 2491 -75.35 -32.83 54.95
CA SER E 2491 -74.24 -31.89 54.87
C SER E 2491 -72.89 -32.57 54.69
N ALA E 2492 -72.81 -33.89 54.89
CA ALA E 2492 -71.52 -34.58 54.78
C ALA E 2492 -71.63 -35.91 54.06
N SER E 2493 -72.32 -35.97 52.93
CA SER E 2493 -72.48 -37.23 52.21
C SER E 2493 -72.79 -36.95 50.75
N PHE E 2494 -72.61 -37.99 49.93
CA PHE E 2494 -72.98 -37.91 48.53
C PHE E 2494 -74.48 -37.64 48.39
N VAL E 2495 -74.83 -36.71 47.51
CA VAL E 2495 -76.23 -36.32 47.34
C VAL E 2495 -76.53 -36.18 45.85
N PRO E 2496 -77.81 -36.24 45.48
CA PRO E 2496 -78.17 -36.20 44.05
C PRO E 2496 -77.69 -34.94 43.33
N ASP E 2497 -77.54 -33.82 44.03
CA ASP E 2497 -77.07 -32.61 43.37
C ASP E 2497 -75.71 -32.81 42.74
N HIS E 2498 -74.94 -33.79 43.20
CA HIS E 2498 -73.68 -34.12 42.54
C HIS E 2498 -73.90 -34.97 41.30
N LYS E 2499 -75.12 -35.46 41.07
CA LYS E 2499 -75.45 -36.20 39.86
C LYS E 2499 -76.15 -35.33 38.83
N ALA E 2500 -76.88 -34.32 39.29
CA ALA E 2500 -77.61 -33.46 38.37
C ALA E 2500 -76.66 -32.75 37.40
N SER E 2501 -75.53 -32.25 37.91
CA SER E 2501 -74.57 -31.56 37.06
C SER E 2501 -73.99 -32.50 36.02
N MET E 2502 -73.66 -33.73 36.41
CA MET E 2502 -73.13 -34.69 35.44
C MET E 2502 -74.17 -35.00 34.38
N VAL E 2503 -75.43 -35.14 34.76
CA VAL E 2503 -76.47 -35.39 33.76
C VAL E 2503 -76.57 -34.22 32.80
N LEU E 2504 -76.51 -32.99 33.32
CA LEU E 2504 -76.56 -31.83 32.45
C LEU E 2504 -75.39 -31.81 31.47
N PHE E 2505 -74.19 -32.10 31.95
CA PHE E 2505 -73.03 -32.13 31.07
C PHE E 2505 -73.21 -33.18 29.99
N LEU E 2506 -73.62 -34.39 30.38
CA LEU E 2506 -73.79 -35.45 29.41
C LEU E 2506 -74.81 -35.08 28.36
N ASP E 2507 -75.92 -34.47 28.77
CA ASP E 2507 -76.95 -34.07 27.81
C ASP E 2507 -76.42 -33.02 26.85
N ARG E 2508 -75.75 -31.98 27.37
CA ARG E 2508 -75.43 -30.83 26.53
C ARG E 2508 -74.24 -31.12 25.62
N VAL E 2509 -73.29 -31.94 26.07
CA VAL E 2509 -72.07 -32.16 25.29
C VAL E 2509 -72.20 -33.39 24.39
N TYR E 2510 -72.45 -34.56 24.98
CA TYR E 2510 -72.45 -35.80 24.21
C TYR E 2510 -73.78 -36.06 23.53
N GLY E 2511 -74.88 -36.00 24.26
CA GLY E 2511 -76.18 -36.30 23.69
C GLY E 2511 -76.39 -37.80 23.56
N ILE E 2512 -77.54 -38.15 22.98
CA ILE E 2512 -77.95 -39.54 22.79
C ILE E 2512 -78.29 -39.72 21.31
N GLU E 2513 -77.69 -40.73 20.68
CA GLU E 2513 -77.91 -40.96 19.26
C GLU E 2513 -78.05 -42.43 18.88
N ASN E 2514 -78.05 -43.36 19.84
CA ASN E 2514 -78.18 -44.77 19.51
C ASN E 2514 -78.92 -45.47 20.64
N GLN E 2515 -79.76 -46.44 20.27
CA GLN E 2515 -80.65 -47.07 21.23
C GLN E 2515 -79.88 -47.85 22.28
N ASP E 2516 -78.81 -48.54 21.88
CA ASP E 2516 -78.09 -49.39 22.81
C ASP E 2516 -77.49 -48.58 23.96
N PHE E 2517 -76.89 -47.43 23.64
CA PHE E 2517 -76.31 -46.59 24.69
C PHE E 2517 -77.39 -46.11 25.65
N LEU E 2518 -78.53 -45.69 25.13
CA LEU E 2518 -79.62 -45.26 26.00
C LEU E 2518 -80.08 -46.40 26.90
N LEU E 2519 -80.20 -47.60 26.34
CA LEU E 2519 -80.62 -48.75 27.14
C LEU E 2519 -79.61 -49.01 28.26
N HIS E 2520 -78.32 -48.96 27.93
CA HIS E 2520 -77.30 -49.21 28.94
C HIS E 2520 -77.35 -48.17 30.05
N VAL E 2521 -77.44 -46.90 29.67
CA VAL E 2521 -77.48 -45.84 30.69
C VAL E 2521 -78.71 -46.00 31.57
N LEU E 2522 -79.86 -46.27 30.96
CA LEU E 2522 -81.08 -46.42 31.74
C LEU E 2522 -80.96 -47.60 32.69
N ASP E 2523 -80.41 -48.71 32.21
CA ASP E 2523 -80.31 -49.91 33.04
C ASP E 2523 -79.39 -49.68 34.23
N VAL E 2524 -78.25 -49.03 34.01
CA VAL E 2524 -77.26 -48.96 35.09
C VAL E 2524 -77.48 -47.74 35.97
N GLY E 2525 -77.79 -46.59 35.39
CA GLY E 2525 -77.78 -45.34 36.14
C GLY E 2525 -79.09 -44.92 36.77
N PHE E 2526 -80.14 -44.81 35.97
CA PHE E 2526 -81.36 -44.14 36.44
C PHE E 2526 -82.32 -45.10 37.12
N LEU E 2527 -82.55 -46.27 36.52
CA LEU E 2527 -83.60 -47.15 37.02
C LEU E 2527 -83.48 -47.44 38.51
N PRO E 2528 -82.30 -47.77 39.04
CA PRO E 2528 -82.21 -47.95 40.50
C PRO E 2528 -82.61 -46.71 41.28
N ASP E 2529 -82.23 -45.52 40.78
CA ASP E 2529 -82.58 -44.30 41.49
C ASP E 2529 -84.09 -44.08 41.51
N MET E 2530 -84.77 -44.30 40.37
CA MET E 2530 -86.24 -44.08 40.28
C MET E 2530 -86.96 -45.17 41.06
N ARG E 2531 -86.31 -46.34 41.24
CA ARG E 2531 -86.86 -47.46 42.04
C ARG E 2531 -86.76 -47.09 43.52
N ALA E 2532 -85.65 -46.48 43.95
CA ALA E 2532 -85.47 -46.04 45.32
C ALA E 2532 -86.42 -44.90 45.66
N ALA E 2533 -86.58 -43.95 44.74
CA ALA E 2533 -87.48 -42.83 44.98
C ALA E 2533 -88.91 -43.33 45.16
N ALA E 2534 -89.34 -44.26 44.31
CA ALA E 2534 -90.69 -44.80 44.44
C ALA E 2534 -90.87 -45.55 45.75
N SER E 2535 -89.84 -46.26 46.20
CA SER E 2535 -89.97 -47.06 47.41
C SER E 2535 -90.27 -46.21 48.65
N LEU E 2536 -90.04 -44.90 48.59
CA LEU E 2536 -90.23 -44.02 49.73
C LEU E 2536 -91.61 -43.38 49.76
N ASP E 2537 -92.63 -44.06 49.21
CA ASP E 2537 -93.98 -43.51 49.25
C ASP E 2537 -94.60 -43.60 50.64
N THR E 2538 -93.98 -44.35 51.55
CA THR E 2538 -94.53 -44.50 52.90
C THR E 2538 -94.58 -43.14 53.60
N ALA E 2539 -95.61 -42.95 54.42
CA ALA E 2539 -95.73 -41.70 55.17
C ALA E 2539 -94.56 -41.49 56.11
N THR E 2540 -93.90 -42.57 56.56
CA THR E 2540 -92.76 -42.42 57.45
C THR E 2540 -91.56 -41.82 56.73
N PHE E 2541 -91.52 -41.86 55.41
CA PHE E 2541 -90.38 -41.36 54.65
C PHE E 2541 -90.70 -40.25 53.67
N SER E 2542 -91.97 -40.03 53.32
CA SER E 2542 -92.29 -39.06 52.28
C SER E 2542 -91.75 -37.67 52.61
N THR E 2543 -91.62 -37.34 53.89
CA THR E 2543 -91.18 -36.02 54.30
C THR E 2543 -89.68 -35.93 54.57
N THR E 2544 -88.96 -37.03 54.44
CA THR E 2544 -87.51 -36.99 54.67
C THR E 2544 -86.83 -36.15 53.60
N GLU E 2545 -85.88 -35.32 54.03
CA GLU E 2545 -85.22 -34.42 53.09
C GLU E 2545 -84.55 -35.17 51.95
N MET E 2546 -84.11 -36.40 52.20
CA MET E 2546 -83.55 -37.20 51.12
C MET E 2546 -84.60 -37.46 50.04
N ALA E 2547 -85.83 -37.74 50.46
CA ALA E 2547 -86.89 -37.97 49.48
C ALA E 2547 -87.15 -36.73 48.64
N LEU E 2548 -87.18 -35.56 49.27
CA LEU E 2548 -87.38 -34.32 48.50
C LEU E 2548 -86.22 -34.10 47.54
N ALA E 2549 -84.99 -34.37 47.98
CA ALA E 2549 -83.84 -34.21 47.11
C ALA E 2549 -83.96 -35.13 45.90
N LEU E 2550 -84.35 -36.38 46.13
CA LEU E 2550 -84.51 -37.32 45.03
C LEU E 2550 -85.61 -36.85 44.07
N ASN E 2551 -86.73 -36.38 44.62
CA ASN E 2551 -87.81 -35.91 43.76
C ASN E 2551 -87.35 -34.76 42.89
N ARG E 2552 -86.65 -33.79 43.48
CA ARG E 2552 -86.19 -32.65 42.70
C ARG E 2552 -85.19 -33.08 41.64
N TYR E 2553 -84.25 -33.97 42.01
CA TYR E 2553 -83.25 -34.42 41.06
C TYR E 2553 -83.90 -35.13 39.88
N LEU E 2554 -84.92 -35.95 40.15
CA LEU E 2554 -85.61 -36.63 39.07
C LEU E 2554 -86.37 -35.64 38.20
N CYS E 2555 -87.12 -34.73 38.82
CA CYS E 2555 -88.00 -33.87 38.05
C CYS E 2555 -87.24 -32.78 37.30
N LEU E 2556 -85.98 -32.55 37.64
CA LEU E 2556 -85.22 -31.50 36.97
C LEU E 2556 -84.23 -32.03 35.95
N ALA E 2557 -83.79 -33.28 36.09
CA ALA E 2557 -82.70 -33.82 35.28
C ALA E 2557 -83.13 -35.01 34.42
N VAL E 2558 -83.72 -36.03 35.02
CA VAL E 2558 -83.88 -37.31 34.32
C VAL E 2558 -85.08 -37.29 33.39
N LEU E 2559 -86.27 -37.05 33.94
CA LEU E 2559 -87.49 -37.20 33.15
C LEU E 2559 -87.49 -36.36 31.88
N PRO E 2560 -87.05 -35.10 31.88
CA PRO E 2560 -86.97 -34.38 30.60
C PRO E 2560 -86.09 -35.07 29.57
N LEU E 2561 -84.96 -35.63 30.01
CA LEU E 2561 -84.09 -36.35 29.09
C LEU E 2561 -84.79 -37.58 28.53
N ILE E 2562 -85.48 -38.32 29.40
CA ILE E 2562 -86.22 -39.50 28.94
C ILE E 2562 -87.27 -39.09 27.93
N THR E 2563 -87.98 -37.98 28.21
CA THR E 2563 -89.00 -37.52 27.29
C THR E 2563 -88.41 -37.18 25.93
N LYS E 2564 -87.26 -36.50 25.92
CA LYS E 2564 -86.62 -36.19 24.65
C LYS E 2564 -86.19 -37.45 23.91
N CYS E 2565 -85.66 -38.44 24.62
CA CYS E 2565 -85.14 -39.64 23.98
C CYS E 2565 -86.21 -40.68 23.69
N ALA E 2566 -87.46 -40.45 24.09
CA ALA E 2566 -88.51 -41.44 23.88
C ALA E 2566 -88.60 -41.98 22.46
N PRO E 2567 -88.52 -41.16 21.41
CA PRO E 2567 -88.70 -41.70 20.05
C PRO E 2567 -87.79 -42.87 19.70
N LEU E 2568 -86.78 -43.16 20.51
CA LEU E 2568 -85.87 -44.26 20.21
C LEU E 2568 -86.40 -45.60 20.68
N PHE E 2569 -87.60 -45.65 21.25
CA PHE E 2569 -88.16 -46.90 21.75
C PHE E 2569 -88.95 -47.68 20.71
N ALA E 2570 -88.99 -47.20 19.46
CA ALA E 2570 -89.87 -47.79 18.46
C ALA E 2570 -89.59 -49.28 18.28
N GLY E 2571 -88.33 -49.64 18.07
CA GLY E 2571 -87.96 -51.00 17.73
C GLY E 2571 -87.45 -51.85 18.88
N THR E 2572 -87.73 -51.47 20.12
CA THR E 2572 -87.16 -52.17 21.27
C THR E 2572 -87.92 -53.45 21.57
N GLU E 2573 -88.06 -54.34 20.60
CA GLU E 2573 -88.76 -55.60 20.83
C GLU E 2573 -88.09 -56.39 21.94
N HIS E 2574 -86.77 -56.54 21.88
CA HIS E 2574 -86.04 -57.24 22.91
C HIS E 2574 -85.96 -56.40 24.18
N ARG E 2575 -85.59 -57.05 25.27
CA ARG E 2575 -85.42 -56.40 26.57
C ARG E 2575 -86.70 -55.71 27.04
N ALA E 2576 -87.86 -56.32 26.77
CA ALA E 2576 -89.11 -55.73 27.22
C ALA E 2576 -89.25 -55.76 28.73
N ILE E 2577 -88.47 -56.60 29.41
CA ILE E 2577 -88.59 -56.70 30.87
C ILE E 2577 -88.28 -55.37 31.53
N MET E 2578 -87.13 -54.78 31.19
CA MET E 2578 -86.77 -53.50 31.79
C MET E 2578 -87.75 -52.41 31.37
N VAL E 2579 -88.25 -52.49 30.14
CA VAL E 2579 -89.20 -51.48 29.69
C VAL E 2579 -90.46 -51.51 30.53
N ASP E 2580 -91.02 -52.70 30.75
CA ASP E 2580 -92.21 -52.79 31.58
C ASP E 2580 -91.91 -52.39 33.01
N SER E 2581 -90.72 -52.75 33.51
CA SER E 2581 -90.35 -52.33 34.85
C SER E 2581 -90.33 -50.82 34.97
N MET E 2582 -89.74 -50.14 33.99
CA MET E 2582 -89.69 -48.68 34.03
C MET E 2582 -91.08 -48.08 33.94
N LEU E 2583 -91.94 -48.67 33.09
CA LEU E 2583 -93.31 -48.15 32.98
C LEU E 2583 -94.04 -48.27 34.30
N HIS E 2584 -93.93 -49.44 34.95
CA HIS E 2584 -94.61 -49.71 36.25
C HIS E 2584 -93.98 -48.83 37.34
N THR E 2585 -92.70 -48.44 37.23
CA THR E 2585 -92.06 -47.55 38.19
C THR E 2585 -92.58 -46.12 38.03
N VAL E 2586 -92.60 -45.62 36.79
CA VAL E 2586 -93.06 -44.25 36.58
C VAL E 2586 -94.52 -44.13 36.94
N TYR E 2587 -95.34 -45.14 36.63
CA TYR E 2587 -96.74 -45.08 37.01
C TYR E 2587 -96.90 -44.98 38.53
N ARG E 2588 -96.23 -45.88 39.25
CA ARG E 2588 -96.32 -45.84 40.71
C ARG E 2588 -95.78 -44.52 41.26
N LEU E 2589 -94.82 -43.92 40.57
CA LEU E 2589 -94.26 -42.65 41.03
C LEU E 2589 -95.23 -41.51 40.77
N SER E 2590 -96.10 -41.66 39.76
CA SER E 2590 -96.99 -40.57 39.39
C SER E 2590 -97.95 -40.23 40.52
N ARG E 2591 -98.24 -41.18 41.41
CA ARG E 2591 -99.22 -40.98 42.46
C ARG E 2591 -98.58 -40.82 43.84
N GLY E 2592 -97.45 -40.12 43.91
CA GLY E 2592 -96.87 -39.82 45.21
C GLY E 2592 -97.72 -38.83 45.98
N ARG E 2593 -97.45 -38.74 47.29
CA ARG E 2593 -98.26 -37.90 48.15
C ARG E 2593 -97.65 -36.52 48.39
N SER E 2594 -96.33 -36.42 48.34
CA SER E 2594 -95.63 -35.19 48.69
C SER E 2594 -95.19 -34.38 47.48
N LEU E 2595 -95.64 -34.74 46.28
CA LEU E 2595 -95.21 -34.03 45.08
C LEU E 2595 -96.05 -32.78 44.85
N THR E 2596 -95.48 -31.83 44.13
CA THR E 2596 -96.18 -30.61 43.76
C THR E 2596 -96.66 -30.69 42.32
N LYS E 2597 -97.45 -29.69 41.92
CA LYS E 2597 -98.02 -29.69 40.58
C LYS E 2597 -96.92 -29.67 39.52
N ALA E 2598 -95.89 -28.83 39.73
CA ALA E 2598 -94.80 -28.72 38.76
C ALA E 2598 -94.06 -30.03 38.56
N GLN E 2599 -94.17 -30.97 39.49
CA GLN E 2599 -93.57 -32.29 39.35
C GLN E 2599 -94.53 -33.34 38.83
N ARG E 2600 -95.77 -33.33 39.31
CA ARG E 2600 -96.76 -34.28 38.82
C ARG E 2600 -97.00 -34.08 37.33
N ASP E 2601 -97.10 -32.82 36.89
CA ASP E 2601 -97.32 -32.57 35.46
C ASP E 2601 -96.16 -33.09 34.64
N VAL E 2602 -94.93 -32.91 35.11
CA VAL E 2602 -93.77 -33.39 34.37
C VAL E 2602 -93.81 -34.91 34.27
N ILE E 2603 -94.12 -35.58 35.37
CA ILE E 2603 -94.18 -37.04 35.33
C ILE E 2603 -95.25 -37.52 34.38
N GLU E 2604 -96.42 -36.89 34.42
CA GLU E 2604 -97.50 -37.27 33.51
C GLU E 2604 -97.10 -37.06 32.06
N ASP E 2605 -96.44 -35.93 31.76
CA ASP E 2605 -96.01 -35.67 30.40
C ASP E 2605 -95.02 -36.73 29.94
N CYS E 2606 -94.07 -37.09 30.79
CA CYS E 2606 -93.09 -38.11 30.42
C CYS E 2606 -93.79 -39.44 30.13
N LEU E 2607 -94.73 -39.83 30.99
CA LEU E 2607 -95.40 -41.11 30.79
C LEU E 2607 -96.20 -41.10 29.50
N MET E 2608 -96.96 -40.03 29.25
CA MET E 2608 -97.76 -39.97 28.03
C MET E 2608 -96.87 -39.98 26.79
N ALA E 2609 -95.76 -39.25 26.83
CA ALA E 2609 -94.86 -39.23 25.69
C ALA E 2609 -94.28 -40.61 25.43
N LEU E 2610 -93.90 -41.35 26.48
CA LEU E 2610 -93.38 -42.69 26.28
C LEU E 2610 -94.44 -43.60 25.68
N CYS E 2611 -95.68 -43.49 26.16
CA CYS E 2611 -96.71 -44.46 25.78
C CYS E 2611 -97.04 -44.40 24.29
N ARG E 2612 -96.80 -43.26 23.63
CA ARG E 2612 -97.24 -43.11 22.25
C ARG E 2612 -96.24 -43.63 21.24
N TYR E 2613 -95.11 -44.18 21.68
CA TYR E 2613 -94.11 -44.72 20.77
C TYR E 2613 -93.81 -46.19 20.97
N ILE E 2614 -94.18 -46.76 22.12
CA ILE E 2614 -93.88 -48.16 22.39
C ILE E 2614 -94.81 -49.05 21.58
N ARG E 2615 -94.32 -50.24 21.25
CA ARG E 2615 -95.12 -51.19 20.48
C ARG E 2615 -96.36 -51.58 21.29
N PRO E 2616 -97.56 -51.61 20.69
CA PRO E 2616 -98.76 -51.87 21.48
C PRO E 2616 -98.76 -53.22 22.16
N SER E 2617 -98.01 -54.19 21.65
CA SER E 2617 -98.00 -55.52 22.26
C SER E 2617 -97.17 -55.57 23.52
N MET E 2618 -96.71 -54.43 24.03
CA MET E 2618 -95.90 -54.40 25.24
C MET E 2618 -96.60 -53.73 26.41
N LEU E 2619 -97.83 -53.27 26.23
CA LEU E 2619 -98.52 -52.51 27.27
C LEU E 2619 -99.58 -53.34 28.00
N GLN E 2620 -99.65 -54.64 27.77
CA GLN E 2620 -100.65 -55.46 28.44
C GLN E 2620 -100.43 -55.46 29.95
N HIS E 2621 -99.17 -55.52 30.38
CA HIS E 2621 -98.90 -55.51 31.82
C HIS E 2621 -99.34 -54.19 32.45
N LEU E 2622 -99.08 -53.07 31.79
CA LEU E 2622 -99.56 -51.79 32.33
C LEU E 2622 -101.08 -51.73 32.33
N LEU E 2623 -101.72 -52.23 31.27
CA LEU E 2623 -103.17 -52.24 31.22
C LEU E 2623 -103.76 -53.07 32.36
N ARG E 2624 -103.06 -54.16 32.73
CA ARG E 2624 -103.53 -55.05 33.82
C ARG E 2624 -103.63 -54.24 35.11
N ARG E 2625 -102.63 -53.38 35.41
CA ARG E 2625 -102.68 -52.55 36.60
C ARG E 2625 -103.72 -51.43 36.44
N LEU E 2626 -103.83 -50.88 35.24
CA LEU E 2626 -104.76 -49.78 35.01
C LEU E 2626 -106.20 -50.23 35.25
N VAL E 2627 -106.53 -51.46 34.85
CA VAL E 2627 -107.91 -51.92 34.92
C VAL E 2627 -108.40 -51.91 36.37
N PHE E 2628 -107.54 -52.29 37.30
CA PHE E 2628 -107.95 -52.34 38.70
C PHE E 2628 -108.22 -50.95 39.25
N ASP E 2629 -107.39 -49.97 38.88
CA ASP E 2629 -107.44 -48.66 39.52
C ASP E 2629 -108.43 -47.70 38.88
N VAL E 2630 -108.52 -47.71 37.55
CA VAL E 2630 -109.34 -46.69 36.86
C VAL E 2630 -110.78 -46.71 37.31
N PRO E 2631 -111.48 -47.86 37.38
CA PRO E 2631 -112.92 -47.81 37.69
C PRO E 2631 -113.25 -47.18 39.04
N ILE E 2632 -112.28 -47.02 39.93
CA ILE E 2632 -112.50 -46.29 41.18
C ILE E 2632 -112.30 -44.82 40.85
N LEU E 2633 -113.40 -44.13 40.60
CA LEU E 2633 -113.34 -42.74 40.12
C LEU E 2633 -112.94 -41.78 41.23
N ASN E 2634 -111.65 -41.76 41.58
CA ASN E 2634 -111.14 -40.82 42.56
C ASN E 2634 -110.65 -39.56 41.86
N GLU E 2635 -110.17 -38.60 42.64
CA GLU E 2635 -109.61 -37.38 42.05
C GLU E 2635 -108.34 -37.67 41.28
N PHE E 2636 -107.46 -38.52 41.82
CA PHE E 2636 -106.15 -38.86 41.18
C PHE E 2636 -106.35 -39.65 39.90
N ALA E 2637 -107.56 -40.17 39.61
CA ALA E 2637 -107.77 -41.04 38.46
C ALA E 2637 -108.09 -40.29 37.17
N LYS E 2638 -107.83 -38.98 37.12
CA LYS E 2638 -108.15 -38.23 35.91
C LYS E 2638 -107.14 -38.52 34.80
N MET E 2639 -105.85 -38.55 35.14
CA MET E 2639 -104.82 -38.67 34.11
C MET E 2639 -104.93 -39.95 33.30
N PRO E 2640 -105.13 -41.13 33.91
CA PRO E 2640 -105.14 -42.37 33.11
C PRO E 2640 -106.11 -42.34 31.95
N LEU E 2641 -107.21 -41.60 32.07
CA LEU E 2641 -108.18 -41.54 30.99
C LEU E 2641 -107.57 -40.96 29.73
N LYS E 2642 -106.75 -39.91 29.85
CA LYS E 2642 -106.13 -39.32 28.68
C LYS E 2642 -105.28 -40.35 27.94
N LEU E 2643 -104.42 -41.05 28.66
CA LEU E 2643 -103.52 -41.99 27.99
C LEU E 2643 -104.30 -43.17 27.42
N LEU E 2644 -105.34 -43.62 28.12
CA LEU E 2644 -106.17 -44.69 27.56
C LEU E 2644 -106.84 -44.26 26.27
N THR E 2645 -107.39 -43.04 26.27
CA THR E 2645 -108.04 -42.53 25.06
C THR E 2645 -107.05 -42.47 23.91
N ASN E 2646 -105.87 -41.90 24.16
CA ASN E 2646 -104.88 -41.79 23.10
C ASN E 2646 -104.45 -43.15 22.60
N HIS E 2647 -104.21 -44.09 23.51
CA HIS E 2647 -103.75 -45.42 23.12
C HIS E 2647 -104.79 -46.13 22.27
N TYR E 2648 -106.06 -46.07 22.68
CA TYR E 2648 -107.09 -46.77 21.93
C TYR E 2648 -107.43 -46.06 20.62
N GLU E 2649 -107.13 -44.77 20.53
CA GLU E 2649 -107.28 -44.09 19.25
C GLU E 2649 -106.16 -44.46 18.29
N ARG E 2650 -104.94 -44.63 18.82
CA ARG E 2650 -103.81 -44.96 17.96
C ARG E 2650 -103.94 -46.36 17.37
N CYS E 2651 -104.24 -47.34 18.21
CA CYS E 2651 -104.11 -48.74 17.84
C CYS E 2651 -105.46 -49.45 17.73
N TRP E 2652 -106.48 -48.77 17.20
CA TRP E 2652 -107.77 -49.43 17.05
C TRP E 2652 -107.73 -50.55 16.03
N LYS E 2653 -106.88 -50.40 15.00
CA LYS E 2653 -106.74 -51.48 14.01
C LYS E 2653 -106.13 -52.72 14.61
N TYR E 2654 -105.18 -52.57 15.53
CA TYR E 2654 -104.51 -53.74 16.11
C TYR E 2654 -105.50 -54.63 16.83
N TYR E 2655 -106.65 -54.10 17.23
CA TYR E 2655 -107.68 -54.88 17.90
C TYR E 2655 -108.81 -55.27 16.97
N CYS E 2656 -109.40 -54.30 16.28
CA CYS E 2656 -110.62 -54.55 15.52
C CYS E 2656 -110.40 -55.49 14.35
N LEU E 2657 -109.40 -55.22 13.51
CA LEU E 2657 -109.23 -56.00 12.30
C LEU E 2657 -108.87 -57.44 12.63
N PRO E 2658 -109.43 -58.43 11.92
CA PRO E 2658 -109.00 -59.81 12.16
C PRO E 2658 -107.53 -60.04 11.86
N THR E 2659 -106.96 -59.34 10.89
CA THR E 2659 -105.57 -59.50 10.51
C THR E 2659 -104.64 -58.53 11.22
N GLY E 2660 -105.17 -57.69 12.11
CA GLY E 2660 -104.31 -56.80 12.86
C GLY E 2660 -103.78 -55.65 12.00
N TRP E 2661 -102.79 -54.97 12.56
CA TRP E 2661 -102.18 -53.83 11.89
C TRP E 2661 -101.18 -54.33 10.85
N ALA E 2662 -100.38 -53.41 10.29
CA ALA E 2662 -99.47 -53.79 9.21
C ALA E 2662 -98.43 -54.80 9.69
N ASN E 2663 -97.58 -54.40 10.62
CA ASN E 2663 -96.54 -55.28 11.13
C ASN E 2663 -96.56 -55.42 12.65
N PHE E 2664 -97.52 -54.80 13.33
CA PHE E 2664 -97.61 -54.90 14.78
C PHE E 2664 -98.33 -56.17 15.23
N GLY E 2665 -98.77 -57.02 14.28
CA GLY E 2665 -99.44 -58.24 14.65
C GLY E 2665 -100.91 -58.00 14.99
N VAL E 2666 -101.48 -58.95 15.72
CA VAL E 2666 -102.88 -58.89 16.12
C VAL E 2666 -102.97 -59.24 17.60
N THR E 2667 -104.05 -58.80 18.22
CA THR E 2667 -104.22 -58.99 19.66
C THR E 2667 -104.56 -60.45 19.97
N SER E 2668 -104.61 -60.75 21.26
CA SER E 2668 -105.04 -62.05 21.76
C SER E 2668 -106.30 -61.89 22.59
N GLU E 2669 -106.86 -63.02 23.01
CA GLU E 2669 -108.12 -62.99 23.74
C GLU E 2669 -107.99 -62.24 25.06
N GLU E 2670 -106.78 -62.21 25.62
CA GLU E 2670 -106.61 -61.65 26.95
C GLU E 2670 -106.76 -60.13 26.94
N GLU E 2671 -106.17 -59.48 25.94
CA GLU E 2671 -106.21 -58.00 25.82
C GLU E 2671 -107.63 -57.57 25.49
N LEU E 2672 -108.41 -58.38 24.75
CA LEU E 2672 -109.81 -58.07 24.48
C LEU E 2672 -110.66 -58.26 25.73
N HIS E 2673 -110.39 -59.33 26.48
CA HIS E 2673 -111.15 -59.62 27.72
C HIS E 2673 -110.89 -58.51 28.74
N LEU E 2674 -109.66 -58.00 28.84
CA LEU E 2674 -109.36 -56.89 29.73
C LEU E 2674 -110.07 -55.61 29.29
N THR E 2675 -110.07 -55.33 27.99
CA THR E 2675 -110.72 -54.14 27.48
C THR E 2675 -112.22 -54.18 27.77
N ARG E 2676 -112.85 -55.33 27.54
CA ARG E 2676 -114.28 -55.44 27.82
C ARG E 2676 -114.56 -55.23 29.29
N LYS E 2677 -113.72 -55.81 30.19
CA LYS E 2677 -113.86 -55.70 31.67
C LYS E 2677 -113.66 -54.23 32.09
N LEU E 2678 -112.79 -53.46 31.40
CA LEU E 2678 -112.61 -52.05 31.70
C LEU E 2678 -113.81 -51.23 31.25
N PHE E 2679 -114.30 -51.49 30.03
CA PHE E 2679 -115.44 -50.72 29.53
C PHE E 2679 -116.65 -50.91 30.43
N TRP E 2680 -116.97 -52.16 30.76
CA TRP E 2680 -118.17 -52.39 31.56
C TRP E 2680 -118.01 -51.83 32.96
N GLY E 2681 -116.82 -51.94 33.55
CA GLY E 2681 -116.61 -51.37 34.86
C GLY E 2681 -116.79 -49.86 34.88
N ILE E 2682 -116.21 -49.18 33.89
CA ILE E 2682 -116.36 -47.73 33.83
C ILE E 2682 -117.82 -47.36 33.65
N PHE E 2683 -118.52 -48.06 32.76
CA PHE E 2683 -119.92 -47.75 32.51
C PHE E 2683 -120.74 -47.92 33.79
N ASP E 2684 -120.55 -49.04 34.49
CA ASP E 2684 -121.31 -49.28 35.70
C ASP E 2684 -121.00 -48.23 36.75
N SER E 2685 -119.72 -47.90 36.93
CA SER E 2685 -119.35 -46.93 37.95
C SER E 2685 -119.95 -45.55 37.64
N LEU E 2686 -119.93 -45.16 36.37
CA LEU E 2686 -120.45 -43.85 36.01
C LEU E 2686 -121.97 -43.84 35.94
N ALA E 2687 -122.60 -45.02 35.98
CA ALA E 2687 -124.05 -45.07 35.88
C ALA E 2687 -124.73 -44.33 37.01
N HIS E 2688 -124.27 -44.50 38.24
CA HIS E 2688 -124.94 -43.95 39.42
C HIS E 2688 -124.10 -42.90 40.15
N LYS E 2689 -123.10 -42.32 39.49
CA LYS E 2689 -122.28 -41.30 40.13
C LYS E 2689 -122.98 -39.95 40.05
N LYS E 2690 -122.70 -39.09 41.04
CA LYS E 2690 -123.25 -37.74 41.03
C LYS E 2690 -122.71 -36.97 39.83
N TYR E 2691 -123.54 -36.07 39.30
CA TYR E 2691 -123.16 -35.30 38.12
C TYR E 2691 -121.91 -34.46 38.41
N ASP E 2692 -121.04 -34.37 37.41
CA ASP E 2692 -119.82 -33.57 37.52
C ASP E 2692 -119.35 -33.27 36.10
N GLN E 2693 -119.41 -31.99 35.71
CA GLN E 2693 -119.19 -31.66 34.31
C GLN E 2693 -117.79 -32.09 33.84
N GLU E 2694 -116.78 -31.90 34.69
CA GLU E 2694 -115.43 -32.31 34.29
C GLU E 2694 -115.32 -33.82 34.14
N LEU E 2695 -115.81 -34.55 35.14
CA LEU E 2695 -115.71 -36.00 35.12
C LEU E 2695 -116.34 -36.54 33.85
N TYR E 2696 -117.55 -36.09 33.54
CA TYR E 2696 -118.20 -36.49 32.30
C TYR E 2696 -117.37 -36.06 31.10
N ARG E 2697 -116.81 -34.84 31.14
CA ARG E 2697 -116.12 -34.31 29.98
C ARG E 2697 -114.95 -35.18 29.56
N MET E 2698 -114.10 -35.59 30.51
CA MET E 2698 -113.02 -36.47 30.08
C MET E 2698 -113.33 -37.95 30.29
N ALA E 2699 -114.56 -38.30 30.65
CA ALA E 2699 -114.92 -39.72 30.68
C ALA E 2699 -115.57 -40.16 29.38
N MET E 2700 -116.38 -39.29 28.77
CA MET E 2700 -117.10 -39.70 27.55
C MET E 2700 -116.16 -40.09 26.42
N PRO E 2701 -115.08 -39.35 26.12
CA PRO E 2701 -114.22 -39.75 25.01
C PRO E 2701 -113.59 -41.12 25.18
N CYS E 2702 -113.23 -41.49 26.42
CA CYS E 2702 -112.65 -42.81 26.64
C CYS E 2702 -113.65 -43.90 26.30
N LEU E 2703 -114.90 -43.73 26.74
CA LEU E 2703 -115.94 -44.70 26.39
C LEU E 2703 -116.12 -44.78 24.89
N CYS E 2704 -116.14 -43.62 24.22
CA CYS E 2704 -116.30 -43.64 22.76
C CYS E 2704 -115.16 -44.39 22.09
N ALA E 2705 -113.93 -44.18 22.55
CA ALA E 2705 -112.79 -44.87 21.93
C ALA E 2705 -112.88 -46.38 22.17
N ILE E 2706 -113.09 -46.80 23.42
CA ILE E 2706 -113.14 -48.23 23.71
C ILE E 2706 -114.26 -48.89 22.94
N ALA E 2707 -115.47 -48.33 23.00
CA ALA E 2707 -116.56 -48.81 22.16
C ALA E 2707 -116.30 -48.36 20.74
N GLY E 2708 -115.66 -49.22 19.96
CA GLY E 2708 -115.16 -48.83 18.66
C GLY E 2708 -113.80 -49.44 18.44
N ALA E 2709 -113.04 -49.61 19.53
CA ALA E 2709 -111.84 -50.42 19.46
C ALA E 2709 -112.17 -51.91 19.38
N LEU E 2710 -113.22 -52.33 20.09
CA LEU E 2710 -113.54 -53.76 20.16
C LEU E 2710 -114.29 -54.21 18.91
N PRO E 2711 -114.25 -55.50 18.58
CA PRO E 2711 -115.13 -56.01 17.53
C PRO E 2711 -116.49 -56.36 18.09
N PRO E 2712 -117.58 -56.09 17.36
CA PRO E 2712 -118.91 -56.35 17.92
C PRO E 2712 -119.14 -57.81 18.29
N ASP E 2713 -118.58 -58.74 17.53
CA ASP E 2713 -118.89 -60.16 17.68
C ASP E 2713 -117.97 -60.88 18.64
N TYR E 2714 -117.08 -60.18 19.31
CA TYR E 2714 -116.18 -60.84 20.25
C TYR E 2714 -116.98 -61.57 21.33
N VAL E 2715 -116.53 -62.77 21.68
CA VAL E 2715 -117.19 -63.60 22.69
C VAL E 2715 -116.20 -63.83 23.82
N ASP E 2716 -116.64 -63.57 25.05
CA ASP E 2716 -115.79 -63.74 26.22
C ASP E 2716 -115.84 -65.20 26.65
N ALA E 2717 -114.72 -65.92 26.46
CA ALA E 2717 -114.70 -67.34 26.79
C ALA E 2717 -114.97 -67.58 28.27
N SER E 2718 -114.34 -66.81 29.14
CA SER E 2718 -114.54 -66.95 30.58
C SER E 2718 -115.80 -66.25 31.07
N TYR E 2719 -116.47 -65.48 30.23
CA TYR E 2719 -117.66 -64.74 30.63
C TYR E 2719 -117.34 -63.82 31.80
N PRO E 2737 -108.24 -56.52 46.90
CA PRO E 2737 -109.01 -57.77 47.06
C PRO E 2737 -109.85 -57.83 48.35
N ARG E 2738 -111.09 -58.23 48.23
CA ARG E 2738 -111.98 -58.33 49.39
C ARG E 2738 -112.67 -59.69 49.35
N PRO E 2739 -111.96 -60.75 49.73
CA PRO E 2739 -112.56 -62.09 49.74
C PRO E 2739 -113.77 -62.11 50.69
N VAL E 2740 -114.79 -62.91 50.37
CA VAL E 2740 -116.00 -62.93 51.19
C VAL E 2740 -115.69 -63.39 52.65
N GLU E 2741 -116.34 -62.73 53.59
CA GLU E 2741 -116.09 -62.92 55.01
C GLU E 2741 -116.80 -64.21 55.45
N THR E 2742 -116.04 -65.21 55.92
CA THR E 2742 -116.56 -66.58 56.21
C THR E 2742 -116.54 -66.89 57.70
N LEU E 2743 -116.06 -65.95 58.51
CA LEU E 2743 -115.74 -66.32 59.88
C LEU E 2743 -116.98 -66.77 60.66
N ASN E 2744 -118.08 -66.06 60.53
CA ASN E 2744 -119.31 -66.41 61.21
C ASN E 2744 -120.30 -67.22 60.35
N VAL E 2745 -119.85 -67.76 59.22
CA VAL E 2745 -120.73 -68.55 58.36
C VAL E 2745 -120.71 -69.99 58.89
N ILE E 2746 -121.90 -70.57 59.12
CA ILE E 2746 -122.02 -71.92 59.66
C ILE E 2746 -122.40 -72.91 58.56
N ILE E 2747 -121.61 -73.96 58.37
CA ILE E 2747 -121.99 -75.03 57.44
C ILE E 2747 -123.01 -75.92 58.14
N PRO E 2748 -124.13 -76.23 57.48
CA PRO E 2748 -125.05 -77.20 58.08
C PRO E 2748 -124.43 -78.58 58.32
N GLU E 2749 -124.79 -79.16 59.45
CA GLU E 2749 -124.33 -80.48 59.86
C GLU E 2749 -124.36 -81.50 58.75
N LYS E 2750 -125.40 -81.51 57.91
CA LYS E 2750 -125.54 -82.58 56.95
C LYS E 2750 -124.53 -82.53 55.78
N LEU E 2751 -123.69 -81.49 55.74
CA LEU E 2751 -122.59 -81.46 54.80
C LEU E 2751 -121.35 -82.04 55.34
N ASP E 2752 -121.32 -82.39 56.64
CA ASP E 2752 -120.07 -82.94 57.18
C ASP E 2752 -119.56 -84.19 56.43
N SER E 2753 -120.50 -85.02 56.01
CA SER E 2753 -120.17 -86.25 55.32
C SER E 2753 -119.51 -85.94 53.94
N PHE E 2754 -120.08 -84.99 53.20
CA PHE E 2754 -119.49 -84.53 51.92
C PHE E 2754 -118.08 -83.94 52.12
N ILE E 2755 -117.92 -83.15 53.18
CA ILE E 2755 -116.66 -82.57 53.51
C ILE E 2755 -115.57 -83.64 53.71
N ASN E 2756 -115.85 -84.64 54.54
CA ASN E 2756 -114.86 -85.71 54.66
C ASN E 2756 -114.60 -86.51 53.42
N LYS E 2757 -115.63 -86.80 52.63
CA LYS E 2757 -115.42 -87.56 51.37
C LYS E 2757 -114.58 -86.80 50.39
N PHE E 2758 -114.87 -85.49 50.28
CA PHE E 2758 -114.12 -84.67 49.35
C PHE E 2758 -112.72 -84.45 49.89
N ALA E 2759 -112.57 -84.33 51.21
CA ALA E 2759 -111.21 -84.21 51.78
C ALA E 2759 -110.41 -85.49 51.47
N GLU E 2760 -111.04 -86.64 51.67
CA GLU E 2760 -110.40 -87.90 51.36
C GLU E 2760 -110.02 -87.97 49.87
N TYR E 2761 -110.95 -87.55 49.00
CA TYR E 2761 -110.64 -87.45 47.58
C TYR E 2761 -109.40 -86.59 47.27
N THR E 2762 -109.34 -85.38 47.80
CA THR E 2762 -108.25 -84.45 47.55
C THR E 2762 -106.91 -85.08 48.02
N HIS E 2763 -106.94 -85.69 49.21
CA HIS E 2763 -105.73 -86.40 49.68
C HIS E 2763 -105.27 -87.55 48.71
N GLU E 2764 -106.22 -88.38 48.29
CA GLU E 2764 -105.95 -89.52 47.39
C GLU E 2764 -105.40 -89.07 46.06
N LYS E 2765 -105.95 -87.97 45.54
CA LYS E 2765 -105.44 -87.42 44.30
C LYS E 2765 -103.96 -87.00 44.43
N TRP E 2766 -103.65 -86.27 45.49
CA TRP E 2766 -102.29 -85.83 45.82
C TRP E 2766 -101.36 -87.02 46.01
N ALA E 2767 -101.83 -88.03 46.74
CA ALA E 2767 -101.06 -89.23 47.03
C ALA E 2767 -100.78 -90.01 45.75
N PHE E 2768 -101.82 -90.19 44.94
CA PHE E 2768 -101.72 -90.80 43.62
C PHE E 2768 -100.63 -90.11 42.78
N ASP E 2769 -100.64 -88.78 42.72
CA ASP E 2769 -99.64 -88.08 41.92
C ASP E 2769 -98.20 -88.30 42.52
N LYS E 2770 -98.09 -88.25 43.85
CA LYS E 2770 -96.81 -88.58 44.54
C LYS E 2770 -96.24 -89.99 44.24
N ILE E 2771 -97.11 -90.97 44.37
CA ILE E 2771 -96.77 -92.37 44.14
C ILE E 2771 -96.36 -92.65 42.68
N GLN E 2772 -97.00 -91.97 41.72
CA GLN E 2772 -96.62 -92.06 40.28
C GLN E 2772 -95.22 -91.49 40.02
N ASN E 2773 -94.77 -90.60 40.90
CA ASN E 2773 -93.39 -90.11 40.86
C ASN E 2773 -92.53 -90.81 41.90
N ASN E 2774 -92.92 -92.03 42.24
CA ASN E 2774 -92.13 -92.91 43.11
C ASN E 2774 -91.82 -92.41 44.53
N TRP E 2775 -92.67 -91.52 45.08
CA TRP E 2775 -92.64 -91.19 46.50
C TRP E 2775 -93.18 -92.39 47.30
N SER E 2776 -92.79 -92.52 48.55
CA SER E 2776 -93.31 -93.60 49.39
C SER E 2776 -93.49 -93.07 50.79
N TYR E 2777 -94.22 -93.80 51.62
CA TYR E 2777 -94.31 -93.43 53.02
C TYR E 2777 -92.90 -93.35 53.60
N GLY E 2778 -92.71 -92.41 54.50
CA GLY E 2778 -91.49 -92.32 55.32
C GLY E 2778 -91.90 -91.50 56.53
N GLU E 2779 -91.16 -91.63 57.64
CA GLU E 2779 -91.54 -90.97 58.89
C GLU E 2779 -91.37 -89.46 58.80
N ASN E 2780 -90.40 -89.03 57.98
CA ASN E 2780 -90.09 -87.62 57.73
C ASN E 2780 -90.29 -87.26 56.27
N VAL E 2781 -90.62 -86.00 55.99
CA VAL E 2781 -90.56 -85.43 54.63
C VAL E 2781 -89.09 -85.31 54.21
N ASP E 2782 -88.77 -85.85 53.04
CA ASP E 2782 -87.37 -85.91 52.59
C ASP E 2782 -87.41 -85.86 51.08
N GLU E 2783 -87.02 -84.72 50.52
CA GLU E 2783 -87.04 -84.50 49.07
C GLU E 2783 -86.00 -85.33 48.29
N GLU E 2784 -84.89 -85.68 48.93
CA GLU E 2784 -83.89 -86.52 48.28
C GLU E 2784 -84.41 -87.96 48.16
N LEU E 2785 -84.89 -88.50 49.28
CA LEU E 2785 -85.45 -89.86 49.34
C LEU E 2785 -86.92 -89.97 48.83
N LYS E 2786 -87.58 -88.84 48.57
CA LYS E 2786 -88.98 -88.83 48.16
C LYS E 2786 -89.86 -89.64 49.12
N THR E 2787 -89.74 -89.34 50.42
CA THR E 2787 -90.64 -89.89 51.44
C THR E 2787 -91.56 -88.78 51.94
N HIS E 2788 -92.77 -89.17 52.33
CA HIS E 2788 -93.68 -88.25 52.99
C HIS E 2788 -94.57 -89.04 53.97
N PRO E 2789 -94.69 -88.57 55.23
CA PRO E 2789 -95.48 -89.27 56.24
C PRO E 2789 -96.98 -89.21 55.96
N MET E 2790 -97.41 -88.34 55.06
CA MET E 2790 -98.82 -88.35 54.68
C MET E 2790 -99.18 -89.33 53.57
N LEU E 2791 -98.16 -90.04 53.07
CA LEU E 2791 -98.41 -91.09 52.08
C LEU E 2791 -98.92 -92.36 52.73
N ARG E 2792 -100.17 -92.28 53.17
CA ARG E 2792 -100.90 -93.37 53.79
C ARG E 2792 -102.39 -93.01 53.74
N PRO E 2793 -103.29 -93.96 54.06
CA PRO E 2793 -104.73 -93.70 53.96
C PRO E 2793 -105.23 -92.55 54.80
N TYR E 2794 -106.08 -91.72 54.21
CA TYR E 2794 -106.73 -90.62 54.93
C TYR E 2794 -107.39 -91.15 56.18
N LYS E 2795 -107.93 -92.37 56.12
CA LYS E 2795 -108.63 -92.93 57.26
C LYS E 2795 -107.71 -93.08 58.49
N THR E 2796 -106.40 -93.18 58.26
CA THR E 2796 -105.46 -93.39 59.35
C THR E 2796 -104.94 -92.07 59.97
N PHE E 2797 -105.40 -90.93 59.46
CA PHE E 2797 -105.00 -89.63 60.00
C PHE E 2797 -105.65 -89.27 61.34
N SER E 2798 -104.93 -88.49 62.15
CA SER E 2798 -105.53 -87.77 63.27
C SER E 2798 -106.53 -86.71 62.73
N GLU E 2799 -107.36 -86.15 63.60
CA GLU E 2799 -108.22 -85.01 63.21
C GLU E 2799 -107.41 -83.81 62.70
N LYS E 2800 -106.30 -83.48 63.37
CA LYS E 2800 -105.43 -82.41 62.88
C LYS E 2800 -104.98 -82.60 61.41
N ASP E 2801 -104.58 -83.83 61.07
CA ASP E 2801 -104.12 -84.09 59.71
C ASP E 2801 -105.26 -84.16 58.68
N LYS E 2802 -106.43 -84.62 59.08
CA LYS E 2802 -107.60 -84.56 58.19
C LYS E 2802 -107.95 -83.10 57.92
N GLU E 2803 -107.83 -82.27 58.95
CA GLU E 2803 -108.14 -80.86 58.85
C GLU E 2803 -107.31 -80.11 57.80
N ILE E 2804 -106.11 -80.62 57.52
CA ILE E 2804 -105.28 -80.07 56.44
C ILE E 2804 -106.08 -80.05 55.11
N TYR E 2805 -106.86 -81.10 54.88
CA TYR E 2805 -107.64 -81.24 53.68
C TYR E 2805 -109.05 -80.65 53.86
N ARG E 2806 -109.65 -80.82 55.05
CA ARG E 2806 -111.03 -80.31 55.29
C ARG E 2806 -111.15 -78.74 55.36
N TRP E 2807 -110.15 -78.06 55.94
CA TRP E 2807 -110.16 -76.59 56.10
C TRP E 2807 -110.49 -75.84 54.80
N PRO E 2808 -109.70 -76.11 53.72
CA PRO E 2808 -109.93 -75.34 52.48
C PRO E 2808 -111.30 -75.65 51.84
N ILE E 2809 -111.78 -76.87 52.03
CA ILE E 2809 -113.10 -77.25 51.51
C ILE E 2809 -114.15 -76.51 52.31
N LYS E 2810 -114.03 -76.48 53.64
CA LYS E 2810 -114.91 -75.67 54.47
C LYS E 2810 -114.92 -74.20 54.06
N GLU E 2811 -113.76 -73.65 53.76
CA GLU E 2811 -113.71 -72.25 53.33
C GLU E 2811 -114.45 -72.01 51.99
N SER E 2812 -114.31 -72.93 51.03
CA SER E 2812 -115.10 -72.87 49.79
C SER E 2812 -116.61 -72.93 50.07
N LEU E 2813 -117.04 -73.92 50.85
CA LEU E 2813 -118.49 -74.02 51.15
C LEU E 2813 -119.07 -72.80 51.89
N LYS E 2814 -118.31 -72.28 52.85
CA LYS E 2814 -118.71 -71.08 53.54
C LYS E 2814 -118.86 -69.87 52.60
N ALA E 2815 -117.98 -69.69 51.61
CA ALA E 2815 -118.20 -68.65 50.60
C ALA E 2815 -119.53 -68.86 49.83
N MET E 2816 -119.76 -70.10 49.36
CA MET E 2816 -121.03 -70.38 48.67
C MET E 2816 -122.27 -70.06 49.55
N ILE E 2817 -122.21 -70.44 50.84
CA ILE E 2817 -123.32 -70.18 51.80
C ILE E 2817 -123.46 -68.68 52.02
N ALA E 2818 -122.32 -68.01 52.21
CA ALA E 2818 -122.29 -66.54 52.31
C ALA E 2818 -123.00 -65.82 51.14
N TRP E 2819 -122.87 -66.37 49.94
CA TRP E 2819 -123.45 -65.80 48.71
C TRP E 2819 -124.94 -66.21 48.52
N GLU E 2820 -125.45 -66.97 49.49
CA GLU E 2820 -126.82 -67.52 49.52
C GLU E 2820 -127.14 -68.49 48.40
N TRP E 2821 -126.15 -69.33 48.06
CA TRP E 2821 -126.34 -70.38 47.09
C TRP E 2821 -126.97 -71.53 47.87
N THR E 2822 -127.76 -72.34 47.23
CA THR E 2822 -128.33 -73.52 47.93
C THR E 2822 -127.55 -74.75 47.52
N ILE E 2823 -127.33 -75.64 48.47
CA ILE E 2823 -126.62 -76.88 48.23
C ILE E 2823 -127.50 -77.99 48.79
N GLU E 2824 -128.12 -78.78 47.91
CA GLU E 2824 -129.11 -79.79 48.37
C GLU E 2824 -128.84 -81.15 47.72
N LYS E 2825 -128.92 -82.22 48.52
CA LYS E 2825 -128.71 -83.59 48.00
C LYS E 2825 -129.99 -83.99 47.24
N ALA E 2826 -129.99 -83.78 45.93
CA ALA E 2826 -131.19 -83.99 45.10
C ALA E 2826 -131.30 -85.43 44.59
N ARG E 2827 -130.16 -86.10 44.46
CA ARG E 2827 -130.08 -87.44 43.90
C ARG E 2827 -129.17 -88.35 44.71
N GLU E 2828 -129.25 -89.64 44.44
CA GLU E 2828 -128.25 -90.57 44.94
C GLU E 2828 -126.92 -90.23 44.23
N GLY E 2829 -125.77 -90.45 44.87
CA GLY E 2829 -124.44 -90.26 44.22
C GLY E 2829 -124.12 -91.33 43.19
N GLU E 2830 -123.11 -91.12 42.35
CA GLU E 2830 -122.81 -92.02 41.18
C GLU E 2830 -122.31 -93.43 41.52
N TYR E 2855 -99.60 -98.99 50.35
CA TYR E 2855 -100.73 -98.08 50.12
C TYR E 2855 -100.87 -97.74 48.65
N ASN E 2856 -102.09 -97.92 48.13
CA ASN E 2856 -102.33 -97.84 46.69
C ASN E 2856 -103.61 -97.04 46.33
N PRO E 2857 -103.52 -95.70 46.41
CA PRO E 2857 -104.71 -94.85 46.17
C PRO E 2857 -105.12 -94.88 44.72
N GLN E 2858 -106.41 -95.14 44.47
CA GLN E 2858 -106.95 -95.02 43.12
C GLN E 2858 -108.19 -94.12 43.24
N PRO E 2859 -108.00 -92.78 43.20
CA PRO E 2859 -109.14 -91.88 43.38
C PRO E 2859 -110.02 -91.88 42.14
N PRO E 2860 -111.33 -91.54 42.30
CA PRO E 2860 -112.19 -91.46 41.12
C PRO E 2860 -111.65 -90.48 40.10
N ASP E 2861 -111.98 -90.71 38.83
CA ASP E 2861 -111.60 -89.79 37.76
C ASP E 2861 -112.75 -88.78 37.57
N LEU E 2862 -112.43 -87.48 37.54
CA LEU E 2862 -113.47 -86.44 37.40
C LEU E 2862 -113.44 -85.81 36.00
N SER E 2863 -112.78 -86.53 35.09
CA SER E 2863 -112.57 -86.06 33.72
C SER E 2863 -113.87 -86.02 32.94
N GLY E 2864 -114.73 -86.98 33.28
CA GLY E 2864 -115.98 -87.21 32.56
C GLY E 2864 -117.16 -86.48 33.17
N VAL E 2865 -116.91 -85.63 34.16
CA VAL E 2865 -118.00 -84.88 34.77
C VAL E 2865 -118.12 -83.55 34.02
N THR E 2866 -119.31 -83.32 33.45
CA THR E 2866 -119.62 -82.09 32.72
C THR E 2866 -120.45 -81.17 33.59
N LEU E 2867 -120.00 -79.92 33.71
CA LEU E 2867 -120.77 -78.94 34.47
C LEU E 2867 -121.60 -78.12 33.49
N SER E 2868 -122.83 -77.83 33.87
CA SER E 2868 -123.68 -76.93 33.08
C SER E 2868 -122.95 -75.61 32.86
N ARG E 2869 -123.38 -74.84 31.87
CA ARG E 2869 -122.88 -73.46 31.76
C ARG E 2869 -123.06 -72.66 33.04
N GLU E 2870 -124.24 -72.83 33.67
CA GLU E 2870 -124.59 -72.19 34.93
C GLU E 2870 -123.60 -72.49 36.08
N LEU E 2871 -123.28 -73.77 36.25
CA LEU E 2871 -122.27 -74.19 37.22
C LEU E 2871 -120.85 -73.71 36.88
N GLN E 2872 -120.51 -73.71 35.60
CA GLN E 2872 -119.23 -73.14 35.15
C GLN E 2872 -119.17 -71.64 35.51
N ALA E 2873 -120.29 -70.94 35.35
CA ALA E 2873 -120.38 -69.52 35.77
C ALA E 2873 -120.15 -69.33 37.27
N MET E 2874 -120.84 -70.18 38.05
CA MET E 2874 -120.60 -70.22 39.50
C MET E 2874 -119.12 -70.50 39.86
N ALA E 2875 -118.49 -71.42 39.13
CA ALA E 2875 -117.06 -71.70 39.30
C ALA E 2875 -116.23 -70.42 39.15
N GLU E 2876 -116.64 -69.48 38.27
CA GLU E 2876 -115.92 -68.19 38.08
C GLU E 2876 -115.96 -67.32 39.30
N GLN E 2877 -117.10 -67.29 40.02
CA GLN E 2877 -117.19 -66.53 41.24
C GLN E 2877 -116.33 -67.18 42.35
N LEU E 2878 -116.38 -68.51 42.44
CA LEU E 2878 -115.49 -69.19 43.37
C LEU E 2878 -113.99 -68.91 43.07
N ALA E 2879 -113.60 -69.03 41.79
CA ALA E 2879 -112.21 -68.81 41.39
C ALA E 2879 -111.77 -67.40 41.73
N GLU E 2880 -112.62 -66.42 41.43
CA GLU E 2880 -112.29 -65.05 41.75
C GLU E 2880 -112.11 -64.87 43.24
N ASN E 2881 -112.96 -65.52 44.05
CA ASN E 2881 -112.79 -65.46 45.49
C ASN E 2881 -111.46 -66.13 45.95
N TYR E 2882 -111.11 -67.29 45.40
CA TYR E 2882 -109.78 -67.86 45.72
C TYR E 2882 -108.65 -66.87 45.39
N HIS E 2883 -108.76 -66.24 44.21
CA HIS E 2883 -107.74 -65.21 43.84
C HIS E 2883 -107.70 -64.03 44.85
N ASN E 2884 -108.87 -63.59 45.32
CA ASN E 2884 -108.91 -62.47 46.24
C ASN E 2884 -108.40 -62.86 47.59
N THR E 2885 -108.66 -64.11 47.98
CA THR E 2885 -108.10 -64.62 49.26
C THR E 2885 -106.55 -64.68 49.20
N TRP E 2886 -106.05 -65.28 48.12
CA TRP E 2886 -104.59 -65.30 47.87
C TRP E 2886 -104.03 -63.88 47.86
N GLY E 2887 -104.69 -62.94 47.16
CA GLY E 2887 -104.12 -61.61 46.93
C GLY E 2887 -104.12 -60.84 48.25
N ARG E 2888 -105.16 -61.01 49.08
CA ARG E 2888 -105.22 -60.29 50.36
C ARG E 2888 -104.15 -60.81 51.33
N LYS E 2889 -104.02 -62.13 51.39
CA LYS E 2889 -102.97 -62.75 52.20
C LYS E 2889 -101.59 -62.34 51.69
N LYS E 2890 -101.45 -62.28 50.37
CA LYS E 2890 -100.16 -61.95 49.76
C LYS E 2890 -99.74 -60.50 50.07
N LYS E 2891 -100.71 -59.58 50.05
CA LYS E 2891 -100.39 -58.21 50.42
C LYS E 2891 -99.93 -58.14 51.87
N GLN E 2892 -100.56 -58.94 52.74
CA GLN E 2892 -100.13 -58.93 54.14
C GLN E 2892 -98.72 -59.50 54.28
N GLU E 2893 -98.47 -60.57 53.55
CA GLU E 2893 -97.17 -61.23 53.61
C GLU E 2893 -96.05 -60.26 53.13
N LEU E 2894 -96.31 -59.59 52.01
CA LEU E 2894 -95.32 -58.62 51.49
C LEU E 2894 -95.02 -57.51 52.50
N GLU E 2895 -96.07 -56.94 53.09
CA GLU E 2895 -95.89 -55.86 54.09
C GLU E 2895 -95.12 -56.38 55.30
N ALA E 2896 -95.46 -57.59 55.75
CA ALA E 2896 -94.75 -58.18 56.90
C ALA E 2896 -93.25 -58.37 56.66
N LYS E 2897 -92.87 -58.50 55.38
CA LYS E 2897 -91.49 -58.81 54.98
C LYS E 2897 -90.74 -57.58 54.42
N GLY E 2898 -91.33 -56.39 54.50
CA GLY E 2898 -90.59 -55.21 54.11
C GLY E 2898 -91.12 -54.48 52.91
N GLY E 2899 -92.19 -55.00 52.30
CA GLY E 2899 -92.82 -54.34 51.17
C GLY E 2899 -92.44 -55.06 49.89
N GLY E 2900 -92.84 -54.49 48.77
CA GLY E 2900 -92.57 -55.16 47.50
C GLY E 2900 -93.85 -55.46 46.78
N THR E 2901 -93.74 -56.20 45.69
CA THR E 2901 -94.87 -56.35 44.79
C THR E 2901 -94.93 -57.77 44.23
N HIS E 2902 -95.99 -58.05 43.48
CA HIS E 2902 -96.19 -59.37 42.90
C HIS E 2902 -96.99 -59.15 41.62
N PRO E 2903 -96.53 -59.76 40.50
CA PRO E 2903 -97.22 -59.46 39.23
C PRO E 2903 -98.68 -59.95 39.20
N LEU E 2904 -99.05 -60.94 40.02
CA LEU E 2904 -100.46 -61.39 40.04
C LEU E 2904 -101.38 -60.58 40.95
N LEU E 2905 -100.88 -59.54 41.65
CA LEU E 2905 -101.76 -58.65 42.42
C LEU E 2905 -102.55 -57.71 41.49
N VAL E 2906 -103.38 -58.32 40.64
CA VAL E 2906 -104.33 -57.57 39.81
C VAL E 2906 -105.70 -58.27 39.92
N PRO E 2907 -106.79 -57.57 39.52
CA PRO E 2907 -108.12 -58.18 39.56
C PRO E 2907 -108.15 -59.44 38.73
N TYR E 2908 -108.84 -60.45 39.27
CA TYR E 2908 -109.00 -61.74 38.62
C TYR E 2908 -109.36 -61.61 37.11
N ASP E 2909 -110.28 -60.70 36.81
CA ASP E 2909 -110.75 -60.55 35.41
C ASP E 2909 -109.69 -60.07 34.44
N THR E 2910 -108.62 -59.47 34.96
CA THR E 2910 -107.54 -58.94 34.12
C THR E 2910 -106.49 -60.06 33.94
N LEU E 2911 -106.57 -61.15 34.70
CA LEU E 2911 -105.62 -62.25 34.56
C LEU E 2911 -105.76 -62.90 33.17
N THR E 2912 -104.68 -63.55 32.70
CA THR E 2912 -104.73 -64.31 31.47
C THR E 2912 -105.44 -65.63 31.73
N ALA E 2913 -105.91 -66.27 30.65
CA ALA E 2913 -106.43 -67.63 30.81
C ALA E 2913 -105.43 -68.52 31.54
N LYS E 2914 -104.15 -68.44 31.20
CA LYS E 2914 -103.17 -69.27 31.88
C LYS E 2914 -103.14 -69.02 33.40
N GLU E 2915 -103.16 -67.75 33.77
CA GLU E 2915 -103.12 -67.26 35.15
C GLU E 2915 -104.39 -67.64 35.97
N LYS E 2916 -105.51 -67.73 35.26
CA LYS E 2916 -106.79 -68.14 35.92
C LYS E 2916 -106.93 -69.64 36.14
N ALA E 2917 -106.14 -70.44 35.44
CA ALA E 2917 -106.38 -71.90 35.39
C ALA E 2917 -106.45 -72.60 36.76
N ARG E 2918 -105.52 -72.27 37.65
CA ARG E 2918 -105.38 -72.97 38.91
C ARG E 2918 -106.63 -72.66 39.78
N ASP E 2919 -107.15 -71.45 39.71
CA ASP E 2919 -108.32 -71.11 40.54
C ASP E 2919 -109.58 -71.74 39.92
N ARG E 2920 -109.62 -71.78 38.59
CA ARG E 2920 -110.74 -72.44 37.87
C ARG E 2920 -110.73 -73.92 38.15
N GLU E 2921 -109.55 -74.51 38.17
CA GLU E 2921 -109.51 -75.96 38.39
C GLU E 2921 -109.98 -76.36 39.77
N LYS E 2922 -109.59 -75.58 40.77
CA LYS E 2922 -110.03 -75.80 42.16
C LYS E 2922 -111.57 -75.66 42.30
N ALA E 2923 -112.11 -74.57 41.76
CA ALA E 2923 -113.58 -74.34 41.74
C ALA E 2923 -114.33 -75.45 40.96
N GLN E 2924 -113.84 -75.83 39.77
CA GLN E 2924 -114.46 -76.94 39.05
C GLN E 2924 -114.40 -78.27 39.83
N GLU E 2925 -113.27 -78.59 40.49
CA GLU E 2925 -113.17 -79.87 41.18
C GLU E 2925 -114.25 -79.98 42.25
N LEU E 2926 -114.45 -78.90 43.00
CA LEU E 2926 -115.46 -78.89 44.06
C LEU E 2926 -116.88 -79.09 43.50
N LEU E 2927 -117.19 -78.33 42.46
CA LEU E 2927 -118.54 -78.41 41.89
C LEU E 2927 -118.76 -79.77 41.22
N LYS E 2928 -117.71 -80.30 40.57
CA LYS E 2928 -117.80 -81.67 39.99
C LYS E 2928 -118.02 -82.76 41.06
N PHE E 2929 -117.34 -82.62 42.19
CA PHE E 2929 -117.48 -83.68 43.23
C PHE E 2929 -118.88 -83.61 43.93
N LEU E 2930 -119.35 -82.38 44.12
CA LEU E 2930 -120.71 -82.14 44.57
C LEU E 2930 -121.68 -82.82 43.62
N GLN E 2931 -121.56 -82.53 42.32
CA GLN E 2931 -122.49 -83.10 41.33
C GLN E 2931 -122.45 -84.61 41.37
N MET E 2932 -121.24 -85.18 41.40
CA MET E 2932 -121.04 -86.60 41.44
C MET E 2932 -121.69 -87.27 42.65
N ASN E 2933 -121.69 -86.55 43.77
CA ASN E 2933 -122.33 -87.05 44.99
C ASN E 2933 -123.84 -86.73 45.07
N GLY E 2934 -124.41 -86.24 43.95
CA GLY E 2934 -125.86 -85.95 43.80
C GLY E 2934 -126.37 -84.62 44.36
N TYR E 2935 -125.46 -83.65 44.56
CA TYR E 2935 -125.87 -82.36 45.11
C TYR E 2935 -126.21 -81.46 43.95
N ALA E 2936 -127.33 -80.78 44.09
CA ALA E 2936 -127.66 -79.65 43.19
C ALA E 2936 -127.20 -78.36 43.90
N VAL E 2937 -126.48 -77.53 43.16
CA VAL E 2937 -126.01 -76.22 43.60
C VAL E 2937 -126.68 -75.15 42.74
N THR E 2938 -127.44 -74.26 43.38
CA THR E 2938 -128.22 -73.24 42.65
C THR E 2938 -128.08 -71.88 43.35
N ARG E 2939 -128.43 -70.80 42.69
CA ARG E 2939 -128.33 -69.54 43.42
C ARG E 2939 -129.57 -68.71 43.47
N SER E 2950 -124.60 -68.50 23.65
CA SER E 2950 -123.56 -68.35 22.63
C SER E 2950 -123.63 -66.95 22.02
N ILE E 2951 -124.64 -66.72 21.18
CA ILE E 2951 -124.81 -65.44 20.52
C ILE E 2951 -125.04 -64.38 21.59
N GLU E 2952 -125.75 -64.75 22.66
CA GLU E 2952 -126.05 -63.80 23.72
C GLU E 2952 -124.80 -63.31 24.43
N LYS E 2953 -123.67 -64.00 24.25
CA LYS E 2953 -122.44 -63.61 24.92
C LYS E 2953 -121.69 -62.51 24.17
N ARG E 2954 -122.15 -62.12 22.99
CA ARG E 2954 -121.44 -61.11 22.21
C ARG E 2954 -121.60 -59.74 22.85
N PHE E 2955 -120.60 -58.88 22.65
CA PHE E 2955 -120.58 -57.57 23.29
C PHE E 2955 -121.76 -56.72 22.85
N ALA E 2956 -122.05 -56.70 21.55
CA ALA E 2956 -123.14 -55.88 21.05
C ALA E 2956 -124.46 -56.26 21.68
N PHE E 2957 -124.68 -57.54 21.95
CA PHE E 2957 -125.93 -57.97 22.55
C PHE E 2957 -126.15 -57.30 23.90
N GLY E 2958 -125.15 -57.39 24.79
CA GLY E 2958 -125.28 -56.77 26.09
C GLY E 2958 -125.38 -55.26 26.01
N PHE E 2959 -124.62 -54.66 25.10
CA PHE E 2959 -124.68 -53.21 24.93
C PHE E 2959 -126.10 -52.78 24.56
N LEU E 2960 -126.71 -53.47 23.60
CA LEU E 2960 -128.06 -53.13 23.19
C LEU E 2960 -129.07 -53.42 24.30
N GLN E 2961 -128.84 -54.48 25.06
CA GLN E 2961 -129.73 -54.77 26.20
C GLN E 2961 -129.73 -53.61 27.17
N GLN E 2962 -128.55 -53.11 27.54
CA GLN E 2962 -128.47 -51.99 28.46
C GLN E 2962 -129.11 -50.75 27.86
N LEU E 2963 -128.88 -50.52 26.56
CA LEU E 2963 -129.50 -49.35 25.92
C LEU E 2963 -131.02 -49.43 25.99
N LEU E 2964 -131.59 -50.61 25.75
CA LEU E 2964 -133.03 -50.76 25.82
C LEU E 2964 -133.54 -50.56 27.24
N ARG E 2965 -132.82 -51.08 28.23
CA ARG E 2965 -133.23 -50.87 29.61
C ARG E 2965 -133.27 -49.38 29.94
N TRP E 2966 -132.24 -48.64 29.50
CA TRP E 2966 -132.21 -47.22 29.79
C TRP E 2966 -133.30 -46.47 29.03
N MET E 2967 -133.61 -46.92 27.82
CA MET E 2967 -134.72 -46.33 27.07
C MET E 2967 -136.03 -46.52 27.82
N ASP E 2968 -136.23 -47.71 28.39
CA ASP E 2968 -137.43 -47.95 29.19
C ASP E 2968 -137.46 -47.06 30.42
N ILE E 2969 -136.28 -46.85 31.03
CA ILE E 2969 -136.15 -45.92 32.19
C ILE E 2969 -136.64 -44.56 31.72
N SER E 2970 -136.22 -44.12 30.52
CA SER E 2970 -136.56 -42.78 29.96
C SER E 2970 -138.08 -42.60 29.83
N GLN E 2971 -138.84 -43.63 29.48
CA GLN E 2971 -140.32 -43.53 29.46
C GLN E 2971 -140.80 -42.86 30.76
N GLU E 2972 -140.12 -43.10 31.89
CA GLU E 2972 -140.55 -42.61 33.23
C GLU E 2972 -140.25 -41.12 33.46
N PHE E 2973 -139.02 -40.62 33.22
CA PHE E 2973 -138.64 -39.24 33.58
C PHE E 2973 -139.19 -38.22 32.57
N ILE E 2974 -139.57 -38.65 31.36
CA ILE E 2974 -140.19 -37.74 30.34
C ILE E 2974 -141.65 -37.52 30.76
N ALA E 2975 -142.24 -38.47 31.51
CA ALA E 2975 -143.64 -38.42 31.99
C ALA E 2975 -143.74 -37.41 33.13
N HIS E 2976 -142.88 -37.49 34.14
CA HIS E 2976 -142.93 -36.59 35.32
C HIS E 2976 -142.68 -35.15 34.88
N LEU E 2977 -141.76 -34.90 33.95
CA LEU E 2977 -141.48 -33.54 33.43
C LEU E 2977 -142.60 -33.13 32.48
N PRO E 2990 -135.37 -34.32 41.15
CA PRO E 2990 -135.86 -35.66 41.51
C PRO E 2990 -135.07 -36.77 40.83
N HIS E 2991 -134.76 -36.58 39.54
CA HIS E 2991 -133.99 -37.57 38.79
C HIS E 2991 -132.91 -36.92 37.94
N GLU E 2992 -132.49 -35.70 38.27
CA GLU E 2992 -131.61 -34.95 37.37
C GLU E 2992 -130.36 -35.74 37.02
N GLN E 2993 -129.90 -36.61 37.92
CA GLN E 2993 -128.76 -37.46 37.60
C GLN E 2993 -129.05 -38.31 36.36
N GLU E 2994 -130.23 -38.91 36.32
CA GLU E 2994 -130.60 -39.73 35.16
C GLU E 2994 -130.71 -38.87 33.91
N ILE E 2995 -131.29 -37.68 34.02
CA ILE E 2995 -131.43 -36.82 32.85
C ILE E 2995 -130.04 -36.50 32.29
N LYS E 2996 -129.11 -36.12 33.16
CA LYS E 2996 -127.79 -35.74 32.69
C LYS E 2996 -127.05 -36.94 32.12
N PHE E 2997 -127.16 -38.10 32.75
CA PHE E 2997 -126.50 -39.28 32.22
C PHE E 2997 -127.03 -39.62 30.83
N PHE E 2998 -128.35 -39.56 30.66
CA PHE E 2998 -128.94 -39.89 29.37
C PHE E 2998 -128.53 -38.89 28.31
N ALA E 2999 -128.59 -37.60 28.63
CA ALA E 2999 -128.36 -36.58 27.60
C ALA E 2999 -126.89 -36.46 27.25
N LYS E 3000 -126.00 -36.48 28.24
CA LYS E 3000 -124.60 -36.14 28.01
C LYS E 3000 -123.71 -37.34 27.69
N ILE E 3001 -124.23 -38.57 27.81
CA ILE E 3001 -123.44 -39.78 27.64
C ILE E 3001 -124.05 -40.70 26.59
N LEU E 3002 -125.30 -41.08 26.77
CA LEU E 3002 -125.89 -42.10 25.90
C LEU E 3002 -125.97 -41.62 24.45
N LEU E 3003 -126.39 -40.39 24.22
CA LEU E 3003 -126.58 -39.95 22.84
C LEU E 3003 -125.25 -39.87 22.08
N PRO E 3004 -124.21 -39.21 22.58
CA PRO E 3004 -122.93 -39.23 21.85
C PRO E 3004 -122.38 -40.63 21.67
N LEU E 3005 -122.54 -41.48 22.68
CA LEU E 3005 -122.04 -42.84 22.57
C LEU E 3005 -122.74 -43.61 21.47
N ILE E 3006 -124.07 -43.49 21.40
CA ILE E 3006 -124.81 -44.14 20.33
C ILE E 3006 -124.36 -43.60 18.98
N ASN E 3007 -124.26 -42.29 18.86
CA ASN E 3007 -123.85 -41.68 17.61
C ASN E 3007 -122.51 -42.25 17.15
N GLN E 3008 -121.51 -42.21 18.02
CA GLN E 3008 -120.19 -42.69 17.65
C GLN E 3008 -120.20 -44.18 17.33
N TYR E 3009 -120.87 -44.97 18.17
CA TYR E 3009 -120.81 -46.42 18.00
C TYR E 3009 -121.45 -46.85 16.69
N PHE E 3010 -122.62 -46.29 16.36
CA PHE E 3010 -123.31 -46.71 15.15
C PHE E 3010 -122.84 -45.97 13.91
N THR E 3011 -122.08 -44.88 14.06
CA THR E 3011 -121.40 -44.32 12.90
C THR E 3011 -120.40 -45.33 12.33
N ASN E 3012 -119.67 -46.01 13.20
CA ASN E 3012 -118.86 -47.15 12.81
C ASN E 3012 -119.69 -48.42 12.96
N HIS E 3013 -119.16 -49.54 12.47
CA HIS E 3013 -119.85 -50.81 12.58
C HIS E 3013 -121.21 -50.75 11.90
N CYS E 3014 -121.40 -49.78 11.01
CA CYS E 3014 -122.67 -49.70 10.29
C CYS E 3014 -122.87 -50.93 9.40
N LEU E 3015 -121.80 -51.38 8.75
CA LEU E 3015 -121.91 -52.51 7.85
C LEU E 3015 -122.13 -53.82 8.59
N TYR E 3016 -121.60 -53.96 9.80
CA TYR E 3016 -121.76 -55.22 10.53
C TYR E 3016 -123.23 -55.56 10.72
N PHE E 3017 -124.10 -54.56 10.87
CA PHE E 3017 -125.54 -54.79 11.19
C PHE E 3017 -126.31 -55.13 9.92
N LEU E 3018 -125.84 -54.64 8.77
CA LEU E 3018 -126.53 -54.89 7.46
C LEU E 3018 -125.70 -55.85 6.62
N SER E 3019 -124.63 -56.43 7.18
CA SER E 3019 -123.82 -57.48 6.50
C SER E 3019 -124.77 -58.59 6.10
N THR E 3020 -125.38 -59.27 7.09
CA THR E 3020 -126.30 -60.42 6.88
C THR E 3020 -125.45 -61.64 6.50
N PRO E 3021 -125.94 -62.90 6.65
CA PRO E 3021 -125.11 -64.05 6.31
C PRO E 3021 -124.85 -64.15 4.80
N ALA E 3022 -125.64 -63.45 3.97
CA ALA E 3022 -125.46 -63.41 2.50
C ALA E 3022 -125.22 -61.95 2.11
N LYS E 3023 -124.41 -61.70 1.08
CA LYS E 3023 -124.11 -60.32 0.60
C LYS E 3023 -123.50 -59.52 1.74
N VAL E 3024 -122.56 -60.10 2.49
CA VAL E 3024 -121.85 -59.36 3.58
C VAL E 3024 -121.17 -58.14 2.97
N LEU E 3025 -121.30 -56.97 3.59
CA LEU E 3025 -120.67 -55.71 3.11
C LEU E 3025 -119.37 -55.50 3.87
N GLY E 3026 -119.33 -55.88 5.15
CA GLY E 3026 -118.21 -55.59 6.02
C GLY E 3026 -117.05 -56.53 5.78
N SER E 3027 -115.94 -56.23 6.48
CA SER E 3027 -114.75 -57.06 6.35
C SER E 3027 -115.00 -58.49 6.77
N GLY E 3028 -115.71 -58.69 7.88
CA GLY E 3028 -116.03 -60.03 8.34
C GLY E 3028 -117.13 -60.03 9.38
N GLY E 3029 -117.90 -61.12 9.44
CA GLY E 3029 -118.96 -61.24 10.42
C GLY E 3029 -120.24 -60.55 9.98
N HIS E 3030 -121.34 -60.89 10.64
CA HIS E 3030 -122.63 -60.30 10.33
C HIS E 3030 -123.56 -60.48 11.52
N ALA E 3031 -124.35 -59.45 11.79
CA ALA E 3031 -125.23 -59.48 12.95
C ALA E 3031 -126.28 -60.56 12.80
N SER E 3032 -126.75 -61.07 13.94
CA SER E 3032 -127.81 -62.05 13.96
C SER E 3032 -129.16 -61.37 13.95
N ASN E 3033 -130.22 -62.17 13.72
CA ASN E 3033 -131.56 -61.60 13.63
C ASN E 3033 -131.96 -60.90 14.93
N LYS E 3034 -131.50 -61.42 16.07
CA LYS E 3034 -131.83 -60.78 17.34
C LYS E 3034 -131.30 -59.36 17.40
N GLU E 3035 -130.06 -59.16 16.95
CA GLU E 3035 -129.48 -57.82 16.97
C GLU E 3035 -130.27 -56.87 16.09
N LYS E 3036 -130.65 -57.32 14.89
CA LYS E 3036 -131.44 -56.46 14.01
C LYS E 3036 -132.78 -56.12 14.63
N GLU E 3037 -133.42 -57.11 15.26
CA GLU E 3037 -134.70 -56.82 15.92
C GLU E 3037 -134.53 -55.81 17.04
N MET E 3038 -133.49 -55.96 17.85
CA MET E 3038 -133.29 -55.03 18.96
C MET E 3038 -133.02 -53.62 18.44
N ILE E 3039 -132.21 -53.49 17.39
CA ILE E 3039 -131.90 -52.15 16.89
C ILE E 3039 -133.14 -51.51 16.29
N THR E 3040 -133.96 -52.29 15.57
CA THR E 3040 -135.20 -51.73 15.05
C THR E 3040 -136.12 -51.28 16.17
N SER E 3041 -136.24 -52.08 17.22
CA SER E 3041 -137.07 -51.69 18.36
C SER E 3041 -136.54 -50.42 19.00
N LEU E 3042 -135.22 -50.32 19.14
CA LEU E 3042 -134.61 -49.13 19.72
C LEU E 3042 -134.94 -47.90 18.89
N PHE E 3043 -134.82 -48.01 17.57
CA PHE E 3043 -135.13 -46.88 16.71
C PHE E 3043 -136.60 -46.48 16.86
N CYS E 3044 -137.49 -47.45 16.87
CA CYS E 3044 -138.91 -47.15 17.00
C CYS E 3044 -139.19 -46.44 18.32
N LYS E 3045 -138.65 -46.95 19.42
CA LYS E 3045 -138.90 -46.35 20.72
C LYS E 3045 -138.35 -44.93 20.79
N LEU E 3046 -137.12 -44.73 20.30
CA LEU E 3046 -136.54 -43.40 20.35
C LEU E 3046 -137.34 -42.42 19.52
N ALA E 3047 -137.78 -42.84 18.33
CA ALA E 3047 -138.61 -41.96 17.50
C ALA E 3047 -139.91 -41.62 18.20
N ALA E 3048 -140.55 -42.62 18.82
CA ALA E 3048 -141.81 -42.35 19.51
C ALA E 3048 -141.62 -41.43 20.70
N LEU E 3049 -140.45 -41.46 21.32
CA LEU E 3049 -140.23 -40.67 22.52
C LEU E 3049 -140.38 -39.18 22.23
N VAL E 3050 -139.80 -38.69 21.12
CA VAL E 3050 -139.73 -37.26 20.89
C VAL E 3050 -141.04 -36.68 20.36
N ARG E 3051 -141.97 -37.53 19.92
CA ARG E 3051 -143.20 -37.06 19.28
C ARG E 3051 -143.85 -35.96 20.10
N HIS E 3052 -143.99 -34.78 19.49
CA HIS E 3052 -144.68 -33.64 20.10
C HIS E 3052 -144.02 -33.17 21.39
N ARG E 3053 -142.73 -33.45 21.57
CA ARG E 3053 -142.03 -33.07 22.79
C ARG E 3053 -140.65 -32.50 22.50
N VAL E 3054 -140.48 -31.83 21.35
CA VAL E 3054 -139.16 -31.32 20.97
C VAL E 3054 -138.70 -30.25 21.96
N SER E 3055 -139.62 -29.36 22.37
CA SER E 3055 -139.24 -28.25 23.23
C SER E 3055 -138.68 -28.71 24.57
N LEU E 3056 -139.13 -29.85 25.08
CA LEU E 3056 -138.67 -30.30 26.39
C LEU E 3056 -137.16 -30.52 26.41
N PHE E 3057 -136.62 -31.15 25.37
CA PHE E 3057 -135.19 -31.40 25.32
C PHE E 3057 -134.37 -30.13 25.13
N GLY E 3058 -134.99 -29.06 24.66
CA GLY E 3058 -134.29 -27.79 24.51
C GLY E 3058 -133.13 -27.88 23.56
N THR E 3059 -131.93 -27.52 24.05
CA THR E 3059 -130.75 -27.46 23.19
C THR E 3059 -130.28 -28.84 22.73
N ASP E 3060 -130.83 -29.91 23.28
CA ASP E 3060 -130.38 -31.26 22.93
C ASP E 3060 -131.11 -31.84 21.72
N ALA E 3061 -132.09 -31.13 21.16
CA ALA E 3061 -132.78 -31.65 19.98
C ALA E 3061 -131.83 -32.02 18.85
N PRO E 3062 -130.82 -31.22 18.51
CA PRO E 3062 -129.91 -31.64 17.44
C PRO E 3062 -129.25 -32.97 17.69
N ALA E 3063 -128.86 -33.25 18.93
CA ALA E 3063 -128.19 -34.52 19.23
C ALA E 3063 -129.12 -35.69 18.98
N VAL E 3064 -130.37 -35.58 19.44
CA VAL E 3064 -131.31 -36.70 19.29
C VAL E 3064 -131.67 -36.89 17.82
N VAL E 3065 -131.85 -35.80 17.08
CA VAL E 3065 -132.18 -35.96 15.66
C VAL E 3065 -131.00 -36.56 14.91
N ASN E 3066 -129.78 -36.18 15.30
CA ASN E 3066 -128.60 -36.81 14.68
C ASN E 3066 -128.54 -38.28 14.99
N CYS E 3067 -128.86 -38.67 16.23
CA CYS E 3067 -128.90 -40.08 16.57
C CYS E 3067 -129.94 -40.81 15.72
N LEU E 3068 -131.10 -40.20 15.52
CA LEU E 3068 -132.12 -40.82 14.67
C LEU E 3068 -131.61 -40.97 13.24
N HIS E 3069 -130.95 -39.93 12.72
CA HIS E 3069 -130.37 -40.02 11.38
C HIS E 3069 -129.41 -41.19 11.28
N ILE E 3070 -128.50 -41.31 12.25
CA ILE E 3070 -127.51 -42.39 12.21
C ILE E 3070 -128.20 -43.75 12.28
N LEU E 3071 -129.19 -43.88 13.17
CA LEU E 3071 -129.87 -45.16 13.31
C LEU E 3071 -130.59 -45.54 12.02
N ALA E 3072 -131.22 -44.57 11.36
CA ALA E 3072 -131.96 -44.88 10.14
C ALA E 3072 -131.06 -45.52 9.09
N ARG E 3073 -129.76 -45.24 9.11
CA ARG E 3073 -128.82 -45.77 8.09
C ARG E 3073 -128.43 -47.22 8.40
N SER E 3074 -128.76 -47.77 9.58
CA SER E 3074 -128.31 -49.10 9.97
C SER E 3074 -129.45 -50.10 10.10
N LEU E 3075 -130.59 -49.84 9.47
CA LEU E 3075 -131.72 -50.75 9.55
C LEU E 3075 -131.73 -51.71 8.38
N ASP E 3076 -131.93 -52.99 8.67
CA ASP E 3076 -132.12 -54.03 7.66
C ASP E 3076 -133.56 -54.50 7.79
N ALA E 3077 -134.46 -53.81 7.10
CA ALA E 3077 -135.89 -54.08 7.26
C ALA E 3077 -136.32 -55.34 6.57
N ARG E 3078 -135.62 -55.78 5.53
CA ARG E 3078 -136.06 -56.94 4.76
C ARG E 3078 -136.20 -58.17 5.65
N THR E 3079 -135.14 -58.51 6.40
CA THR E 3079 -135.17 -59.73 7.19
C THR E 3079 -136.23 -59.66 8.28
N VAL E 3080 -136.27 -58.56 9.02
CA VAL E 3080 -137.21 -58.46 10.14
C VAL E 3080 -138.64 -58.51 9.64
N MET E 3081 -138.95 -57.77 8.57
CA MET E 3081 -140.31 -57.77 8.05
C MET E 3081 -140.70 -59.12 7.46
N LYS E 3082 -139.78 -59.76 6.74
CA LYS E 3082 -140.09 -61.07 6.18
C LYS E 3082 -140.31 -62.10 7.28
N SER E 3083 -139.51 -62.04 8.34
CA SER E 3083 -139.62 -63.00 9.44
C SER E 3083 -139.24 -62.29 10.73
N GLY E 3084 -140.18 -62.20 11.66
CA GLY E 3084 -139.93 -61.60 12.95
C GLY E 3084 -141.18 -61.54 13.81
N PRO E 3085 -141.01 -61.31 15.10
CA PRO E 3085 -142.17 -61.20 15.98
C PRO E 3085 -143.05 -60.01 15.61
N GLU E 3086 -144.35 -60.19 15.77
CA GLU E 3086 -145.29 -59.16 15.36
C GLU E 3086 -145.21 -57.93 16.25
N ILE E 3087 -144.63 -58.05 17.43
CA ILE E 3087 -144.62 -56.93 18.37
C ILE E 3087 -143.84 -55.75 17.79
N VAL E 3088 -142.66 -56.02 17.24
CA VAL E 3088 -141.84 -54.93 16.69
C VAL E 3088 -142.47 -54.37 15.42
N LYS E 3089 -143.03 -55.25 14.58
CA LYS E 3089 -143.64 -54.77 13.35
C LYS E 3089 -144.85 -53.90 13.64
N ALA E 3090 -145.56 -54.18 14.74
CA ALA E 3090 -146.68 -53.33 15.12
C ALA E 3090 -146.20 -51.91 15.40
N GLY E 3091 -145.12 -51.77 16.17
CA GLY E 3091 -144.58 -50.44 16.42
C GLY E 3091 -144.07 -49.78 15.15
N LEU E 3092 -143.45 -50.56 14.27
CA LEU E 3092 -142.96 -49.99 13.03
C LEU E 3092 -144.11 -49.42 12.19
N ARG E 3093 -145.19 -50.18 12.06
CA ARG E 3093 -146.34 -49.69 11.33
C ARG E 3093 -146.95 -48.47 12.01
N SER E 3094 -147.03 -48.50 13.34
CA SER E 3094 -147.55 -47.35 14.07
C SER E 3094 -146.72 -46.11 13.81
N PHE E 3095 -145.41 -46.27 13.60
CA PHE E 3095 -144.57 -45.13 13.28
C PHE E 3095 -145.03 -44.44 12.01
N PHE E 3096 -145.21 -45.22 10.93
CA PHE E 3096 -145.68 -44.65 9.68
C PHE E 3096 -147.08 -44.05 9.84
N GLU E 3097 -147.96 -44.73 10.57
CA GLU E 3097 -149.31 -44.21 10.74
C GLU E 3097 -149.30 -42.87 11.45
N SER E 3098 -148.50 -42.75 12.52
CA SER E 3098 -148.40 -41.50 13.24
C SER E 3098 -147.80 -40.41 12.37
N ALA E 3099 -146.79 -40.76 11.56
CA ALA E 3099 -146.21 -39.77 10.66
C ALA E 3099 -147.26 -39.26 9.68
N SER E 3100 -148.06 -40.16 9.10
CA SER E 3100 -149.09 -39.73 8.16
C SER E 3100 -150.12 -38.84 8.85
N GLU E 3101 -150.56 -39.23 10.04
CA GLU E 3101 -151.55 -38.44 10.76
C GLU E 3101 -151.02 -37.05 11.05
N ASP E 3102 -149.78 -36.96 11.53
CA ASP E 3102 -149.19 -35.67 11.84
C ASP E 3102 -149.06 -34.81 10.58
N ILE E 3103 -148.64 -35.42 9.48
CA ILE E 3103 -148.53 -34.67 8.23
C ILE E 3103 -149.90 -34.11 7.82
N GLU E 3104 -150.93 -34.95 7.91
CA GLU E 3104 -152.26 -34.49 7.52
C GLU E 3104 -152.72 -33.34 8.40
N LYS E 3105 -152.55 -33.47 9.71
CA LYS E 3105 -152.99 -32.41 10.62
C LYS E 3105 -152.23 -31.12 10.33
N MET E 3106 -150.91 -31.20 10.14
CA MET E 3106 -150.07 -29.98 10.00
C MET E 3106 -150.22 -29.35 8.60
N VAL E 3107 -150.78 -30.05 7.61
CA VAL E 3107 -150.99 -29.52 6.23
C VAL E 3107 -152.41 -28.95 6.11
N GLU E 3108 -153.39 -29.47 6.85
CA GLU E 3108 -154.77 -28.90 6.88
C GLU E 3108 -154.68 -27.56 7.58
N ASN E 3109 -154.07 -27.51 8.76
CA ASN E 3109 -153.81 -26.28 9.50
C ASN E 3109 -153.05 -25.28 8.66
N LEU E 3110 -152.09 -25.74 7.87
CA LEU E 3110 -151.28 -24.83 7.06
C LEU E 3110 -152.16 -24.03 6.11
N ARG E 3111 -153.08 -24.70 5.43
CA ARG E 3111 -153.99 -23.99 4.54
C ARG E 3111 -154.80 -22.97 5.32
N GLY E 3126 -148.92 -24.93 16.89
CA GLY E 3126 -147.65 -24.64 16.25
C GLY E 3126 -146.54 -25.56 16.71
N GLN E 3127 -146.70 -26.15 17.89
CA GLN E 3127 -145.68 -27.07 18.39
C GLN E 3127 -145.52 -28.26 17.46
N ASN E 3128 -146.64 -28.83 17.01
CA ASN E 3128 -146.56 -29.95 16.08
C ASN E 3128 -145.96 -29.52 14.74
N LEU E 3129 -146.27 -28.30 14.29
CA LEU E 3129 -145.69 -27.81 13.05
C LEU E 3129 -144.18 -27.72 13.15
N THR E 3130 -143.68 -27.17 14.27
CA THR E 3130 -142.24 -27.09 14.46
C THR E 3130 -141.62 -28.47 14.56
N TYR E 3131 -142.29 -29.39 15.28
CA TYR E 3131 -141.77 -30.75 15.39
C TYR E 3131 -141.67 -31.41 14.03
N THR E 3132 -142.68 -31.24 13.19
CA THR E 3132 -142.67 -31.84 11.86
C THR E 3132 -141.60 -31.21 10.99
N THR E 3133 -141.48 -29.88 11.02
CA THR E 3133 -140.55 -29.21 10.11
C THR E 3133 -139.10 -29.37 10.58
N VAL E 3134 -138.89 -29.76 11.83
CA VAL E 3134 -137.54 -29.88 12.37
C VAL E 3134 -137.08 -31.33 12.40
N ALA E 3135 -137.93 -32.23 12.89
CA ALA E 3135 -137.53 -33.62 13.12
C ALA E 3135 -138.12 -34.60 12.12
N LEU E 3136 -139.43 -34.52 11.86
CA LEU E 3136 -140.10 -35.55 11.08
C LEU E 3136 -139.55 -35.60 9.65
N LEU E 3137 -139.54 -34.46 8.97
CA LEU E 3137 -139.19 -34.47 7.55
C LEU E 3137 -137.78 -34.96 7.29
N PRO E 3138 -136.74 -34.47 7.99
CA PRO E 3138 -135.38 -34.96 7.71
C PRO E 3138 -135.22 -36.46 7.93
N VAL E 3139 -135.69 -36.97 9.07
CA VAL E 3139 -135.51 -38.40 9.35
C VAL E 3139 -136.31 -39.23 8.36
N LEU E 3140 -137.52 -38.80 8.03
CA LEU E 3140 -138.32 -39.55 7.06
C LEU E 3140 -137.63 -39.58 5.70
N THR E 3141 -137.08 -38.44 5.27
CA THR E 3141 -136.37 -38.39 3.99
C THR E 3141 -135.17 -39.32 4.02
N THR E 3142 -134.39 -39.31 5.10
CA THR E 3142 -133.24 -40.18 5.20
C THR E 3142 -133.66 -41.64 5.14
N LEU E 3143 -134.72 -42.00 5.85
CA LEU E 3143 -135.18 -43.38 5.85
C LEU E 3143 -135.60 -43.82 4.45
N PHE E 3144 -136.35 -42.97 3.75
CA PHE E 3144 -136.78 -43.35 2.41
C PHE E 3144 -135.61 -43.47 1.46
N GLN E 3145 -134.64 -42.55 1.55
CA GLN E 3145 -133.46 -42.66 0.70
C GLN E 3145 -132.71 -43.95 0.97
N HIS E 3146 -132.55 -44.30 2.25
CA HIS E 3146 -131.86 -45.52 2.61
C HIS E 3146 -132.58 -46.74 2.06
N ILE E 3147 -133.91 -46.76 2.17
CA ILE E 3147 -134.68 -47.87 1.62
C ILE E 3147 -134.47 -47.96 0.11
N ALA E 3148 -134.52 -46.82 -0.58
CA ALA E 3148 -134.38 -46.83 -2.02
C ALA E 3148 -133.00 -47.35 -2.43
N GLN E 3149 -131.96 -46.95 -1.71
CA GLN E 3149 -130.60 -47.32 -2.10
C GLN E 3149 -130.41 -48.83 -2.07
N HIS E 3150 -131.04 -49.51 -1.12
CA HIS E 3150 -130.85 -50.94 -0.95
C HIS E 3150 -132.01 -51.77 -1.49
N GLN E 3151 -132.92 -51.16 -2.25
CA GLN E 3151 -134.07 -51.86 -2.83
C GLN E 3151 -134.74 -52.78 -1.80
N PHE E 3152 -135.17 -52.20 -0.68
CA PHE E 3152 -136.04 -52.90 0.25
C PHE E 3152 -137.51 -52.54 0.06
N GLY E 3153 -137.83 -51.71 -0.93
CA GLY E 3153 -139.19 -51.20 -1.03
C GLY E 3153 -140.23 -52.29 -1.21
N ASP E 3154 -139.98 -53.23 -2.11
CA ASP E 3154 -140.95 -54.28 -2.37
C ASP E 3154 -141.17 -55.19 -1.17
N ASP E 3155 -140.15 -55.37 -0.33
CA ASP E 3155 -140.25 -56.28 0.80
C ASP E 3155 -140.71 -55.60 2.09
N VAL E 3156 -140.86 -54.28 2.10
CA VAL E 3156 -141.18 -53.55 3.32
C VAL E 3156 -142.53 -52.85 3.21
N ILE E 3157 -142.73 -52.13 2.09
CA ILE E 3157 -143.92 -51.28 1.86
C ILE E 3157 -144.98 -52.18 1.28
N LEU E 3158 -145.67 -52.94 2.10
CA LEU E 3158 -146.81 -53.78 1.69
C LEU E 3158 -147.87 -53.56 2.76
N ASP E 3159 -149.14 -53.73 2.46
CA ASP E 3159 -150.26 -53.57 3.43
C ASP E 3159 -150.39 -52.16 4.02
N ASP E 3160 -150.47 -51.94 5.35
CA ASP E 3160 -150.85 -50.65 5.99
C ASP E 3160 -149.95 -49.46 5.67
N VAL E 3161 -148.64 -49.60 5.75
CA VAL E 3161 -147.63 -48.62 5.35
C VAL E 3161 -147.92 -48.10 3.96
N GLN E 3162 -148.39 -48.97 3.06
CA GLN E 3162 -148.73 -48.52 1.72
C GLN E 3162 -149.85 -47.49 1.76
N VAL E 3163 -150.87 -47.74 2.58
CA VAL E 3163 -151.97 -46.80 2.72
C VAL E 3163 -151.48 -45.48 3.27
N SER E 3164 -150.62 -45.53 4.28
CA SER E 3164 -150.08 -44.30 4.86
C SER E 3164 -149.30 -43.50 3.83
N CYS E 3165 -148.48 -44.19 3.03
CA CYS E 3165 -147.72 -43.51 1.99
C CYS E 3165 -148.65 -42.89 0.96
N TYR E 3166 -149.70 -43.61 0.57
CA TYR E 3166 -150.67 -43.07 -0.36
C TYR E 3166 -151.27 -41.77 0.19
N ARG E 3167 -151.67 -41.80 1.46
CA ARG E 3167 -152.30 -40.61 2.05
C ARG E 3167 -151.30 -39.46 2.11
N THR E 3168 -150.06 -39.74 2.48
CA THR E 3168 -149.05 -38.69 2.53
C THR E 3168 -148.83 -38.07 1.16
N LEU E 3169 -148.76 -38.93 0.12
CA LEU E 3169 -148.51 -38.49 -1.26
C LEU E 3169 -149.69 -37.67 -1.79
N CYS E 3170 -150.92 -38.00 -1.40
CA CYS E 3170 -152.09 -37.21 -1.77
C CYS E 3170 -152.09 -35.86 -1.06
N SER E 3171 -151.80 -35.86 0.24
CA SER E 3171 -151.78 -34.61 0.99
C SER E 3171 -150.73 -33.65 0.43
N ILE E 3172 -149.52 -34.15 0.19
CA ILE E 3172 -148.45 -33.30 -0.31
C ILE E 3172 -148.83 -32.72 -1.66
N TYR E 3173 -149.32 -33.55 -2.58
CA TYR E 3173 -149.68 -33.04 -3.90
C TYR E 3173 -150.80 -32.03 -3.82
N SER E 3174 -151.83 -32.29 -3.00
CA SER E 3174 -152.92 -31.34 -2.85
C SER E 3174 -152.44 -30.03 -2.27
N LEU E 3175 -151.38 -30.06 -1.45
CA LEU E 3175 -150.87 -28.81 -0.88
C LEU E 3175 -150.50 -27.81 -1.96
N GLY E 3176 -150.14 -28.28 -3.14
CA GLY E 3176 -149.64 -27.40 -4.19
C GLY E 3176 -150.59 -26.31 -4.60
N THR E 3177 -151.88 -26.63 -4.78
CA THR E 3177 -152.84 -25.66 -5.28
C THR E 3177 -152.95 -24.42 -4.41
N THR E 3178 -152.77 -24.57 -3.10
CA THR E 3178 -152.89 -23.43 -2.20
C THR E 3178 -151.74 -22.45 -2.39
N LYS E 3179 -151.97 -21.21 -1.96
CA LYS E 3179 -150.98 -20.15 -2.03
C LYS E 3179 -150.88 -19.48 -0.67
N ASN E 3180 -149.66 -19.40 -0.14
CA ASN E 3180 -149.44 -18.78 1.16
C ASN E 3180 -147.98 -18.37 1.25
N THR E 3181 -147.71 -17.43 2.17
CA THR E 3181 -146.33 -17.00 2.39
C THR E 3181 -145.51 -18.09 3.08
N TYR E 3182 -146.09 -18.78 4.05
CA TYR E 3182 -145.34 -19.79 4.80
C TYR E 3182 -144.83 -20.90 3.90
N VAL E 3183 -145.66 -21.38 2.98
CA VAL E 3183 -145.24 -22.49 2.12
C VAL E 3183 -144.04 -22.09 1.27
N GLU E 3184 -143.84 -20.79 1.05
CA GLU E 3184 -142.76 -20.35 0.16
C GLU E 3184 -141.41 -20.84 0.65
N LYS E 3185 -141.19 -20.81 1.96
CA LYS E 3185 -139.92 -21.28 2.51
C LYS E 3185 -139.97 -22.75 2.88
N LEU E 3186 -141.09 -23.44 2.63
CA LEU E 3186 -141.26 -24.82 3.05
C LEU E 3186 -141.29 -25.79 1.88
N ARG E 3187 -141.40 -25.28 0.65
CA ARG E 3187 -141.52 -26.16 -0.52
C ARG E 3187 -140.33 -27.08 -0.74
N PRO E 3188 -139.08 -26.62 -0.72
CA PRO E 3188 -137.97 -27.53 -1.08
C PRO E 3188 -137.90 -28.79 -0.23
N ALA E 3189 -138.16 -28.70 1.08
CA ALA E 3189 -138.14 -29.89 1.91
C ALA E 3189 -139.18 -30.90 1.45
N LEU E 3190 -140.40 -30.42 1.18
CA LEU E 3190 -141.45 -31.31 0.69
C LEU E 3190 -141.06 -31.91 -0.66
N GLY E 3191 -140.45 -31.10 -1.53
CA GLY E 3191 -140.01 -31.63 -2.81
C GLY E 3191 -139.03 -32.76 -2.66
N GLU E 3192 -138.03 -32.57 -1.79
CA GLU E 3192 -137.03 -33.62 -1.57
C GLU E 3192 -137.68 -34.87 -0.99
N CYS E 3193 -138.56 -34.70 0.00
CA CYS E 3193 -139.20 -35.85 0.62
C CYS E 3193 -140.01 -36.63 -0.40
N LEU E 3194 -140.79 -35.91 -1.22
CA LEU E 3194 -141.60 -36.59 -2.22
C LEU E 3194 -140.74 -37.25 -3.29
N ALA E 3195 -139.63 -36.63 -3.66
CA ALA E 3195 -138.73 -37.24 -4.63
C ALA E 3195 -138.20 -38.56 -4.11
N ARG E 3196 -137.81 -38.61 -2.85
CA ARG E 3196 -137.36 -39.88 -2.27
C ARG E 3196 -138.51 -40.88 -2.21
N LEU E 3197 -139.70 -40.41 -1.83
CA LEU E 3197 -140.86 -41.30 -1.76
C LEU E 3197 -141.10 -41.98 -3.10
N ALA E 3198 -141.02 -41.20 -4.19
CA ALA E 3198 -141.31 -41.75 -5.51
C ALA E 3198 -140.39 -42.92 -5.83
N ALA E 3199 -139.10 -42.79 -5.53
CA ALA E 3199 -138.19 -43.91 -5.73
C ALA E 3199 -138.52 -45.07 -4.79
N ALA E 3200 -138.89 -44.77 -3.55
CA ALA E 3200 -139.15 -45.83 -2.58
C ALA E 3200 -140.33 -46.69 -2.99
N MET E 3201 -141.40 -46.08 -3.50
CA MET E 3201 -142.63 -46.81 -3.78
C MET E 3201 -142.36 -47.97 -4.74
N PRO E 3202 -142.89 -49.16 -4.47
CA PRO E 3202 -142.73 -50.29 -5.40
C PRO E 3202 -143.87 -50.48 -6.40
N VAL E 3203 -144.90 -49.64 -6.36
CA VAL E 3203 -146.06 -49.76 -7.24
C VAL E 3203 -146.24 -48.44 -7.98
N ALA E 3204 -146.36 -48.53 -9.30
CA ALA E 3204 -146.62 -47.35 -10.12
C ALA E 3204 -148.00 -46.80 -9.77
N PHE E 3205 -148.11 -45.49 -9.63
CA PHE E 3205 -149.38 -44.86 -9.29
C PHE E 3205 -149.81 -43.80 -10.30
N LEU E 3206 -148.96 -43.46 -11.26
CA LEU E 3206 -149.33 -42.54 -12.33
C LEU E 3206 -150.02 -43.24 -13.49
N GLU E 3207 -149.96 -44.58 -13.54
CA GLU E 3207 -150.61 -45.36 -14.59
C GLU E 3207 -151.36 -46.52 -13.96
N PRO E 3208 -152.45 -46.24 -13.26
CA PRO E 3208 -153.17 -47.31 -12.53
C PRO E 3208 -153.70 -48.41 -13.42
N GLN E 3209 -153.99 -48.12 -14.69
CA GLN E 3209 -154.61 -49.10 -15.57
C GLN E 3209 -153.73 -50.33 -15.84
N LEU E 3210 -152.51 -50.41 -15.29
CA LEU E 3210 -151.68 -51.59 -15.47
C LEU E 3210 -151.33 -52.28 -14.15
N ASN E 3211 -151.83 -51.79 -13.02
CA ASN E 3211 -151.47 -52.36 -11.73
C ASN E 3211 -151.92 -53.80 -11.59
N GLU E 3212 -152.86 -54.26 -12.42
CA GLU E 3212 -153.33 -55.64 -12.32
C GLU E 3212 -152.20 -56.64 -12.47
N TYR E 3213 -151.15 -56.29 -13.22
CA TYR E 3213 -150.01 -57.18 -13.41
C TYR E 3213 -148.94 -57.01 -12.35
N ASN E 3214 -149.11 -56.08 -11.41
CA ASN E 3214 -148.12 -55.87 -10.36
C ASN E 3214 -148.43 -56.78 -9.18
N ALA E 3215 -147.44 -57.57 -8.77
CA ALA E 3215 -147.64 -58.50 -7.68
C ALA E 3215 -147.65 -57.82 -6.32
N CYS E 3216 -147.07 -56.62 -6.22
CA CYS E 3216 -146.96 -55.93 -4.95
C CYS E 3216 -148.17 -55.07 -4.62
N SER E 3217 -149.14 -54.97 -5.53
CA SER E 3217 -150.33 -54.18 -5.25
C SER E 3217 -151.10 -54.77 -4.09
N VAL E 3218 -151.68 -53.88 -3.27
CA VAL E 3218 -152.47 -54.34 -2.13
C VAL E 3218 -153.68 -55.13 -2.62
N TYR E 3219 -154.32 -54.65 -3.68
CA TYR E 3219 -155.50 -55.34 -4.20
C TYR E 3219 -155.17 -56.76 -4.66
N THR E 3220 -154.04 -56.93 -5.35
CA THR E 3220 -153.69 -58.26 -5.84
C THR E 3220 -153.49 -59.24 -4.69
N THR E 3221 -152.81 -58.82 -3.62
CA THR E 3221 -152.48 -59.73 -2.53
C THR E 3221 -153.71 -60.06 -1.68
N LYS E 3222 -154.53 -59.07 -1.38
CA LYS E 3222 -155.65 -59.23 -0.45
C LYS E 3222 -156.92 -59.53 -1.22
N SER E 3223 -157.71 -60.48 -0.71
CA SER E 3223 -158.99 -60.81 -1.32
C SER E 3223 -159.97 -59.66 -1.12
N PRO E 3224 -160.96 -59.53 -2.00
CA PRO E 3224 -161.91 -58.42 -1.86
C PRO E 3224 -162.65 -58.43 -0.54
N ARG E 3225 -162.95 -59.61 0.01
CA ARG E 3225 -163.66 -59.66 1.29
C ARG E 3225 -162.82 -59.03 2.40
N GLU E 3226 -161.53 -59.38 2.45
CA GLU E 3226 -160.66 -58.83 3.49
C GLU E 3226 -160.59 -57.31 3.39
N ARG E 3227 -160.42 -56.77 2.17
CA ARG E 3227 -160.36 -55.33 2.00
C ARG E 3227 -161.68 -54.68 2.40
N ALA E 3228 -162.80 -55.26 1.98
CA ALA E 3228 -164.09 -54.73 2.36
C ALA E 3228 -164.31 -54.80 3.86
N ILE E 3229 -163.60 -55.69 4.56
CA ILE E 3229 -163.68 -55.76 6.01
C ILE E 3229 -163.36 -54.43 6.68
N LEU E 3230 -162.60 -53.57 6.01
CA LEU E 3230 -162.24 -52.27 6.55
C LEU E 3230 -162.19 -51.28 5.38
N GLY E 3231 -161.61 -50.10 5.62
CA GLY E 3231 -161.77 -48.98 4.73
C GLY E 3231 -160.80 -48.87 3.57
N LEU E 3232 -160.73 -49.90 2.72
CA LEU E 3232 -160.02 -49.76 1.45
C LEU E 3232 -161.03 -49.49 0.34
N PRO E 3233 -160.88 -48.41 -0.42
CA PRO E 3233 -161.82 -48.16 -1.53
C PRO E 3233 -161.83 -49.32 -2.51
N ASN E 3234 -163.02 -49.62 -3.04
CA ASN E 3234 -163.19 -50.81 -3.87
C ASN E 3234 -162.46 -50.70 -5.21
N SER E 3235 -161.98 -49.51 -5.56
CA SER E 3235 -161.30 -49.30 -6.84
C SER E 3235 -159.96 -48.63 -6.61
N VAL E 3236 -159.07 -48.78 -7.59
CA VAL E 3236 -157.74 -48.18 -7.49
C VAL E 3236 -157.73 -46.79 -8.10
N GLU E 3237 -158.44 -46.61 -9.22
CA GLU E 3237 -158.47 -45.30 -9.86
C GLU E 3237 -159.09 -44.24 -8.96
N GLU E 3238 -160.04 -44.61 -8.11
CA GLU E 3238 -160.70 -43.63 -7.25
C GLU E 3238 -159.74 -42.99 -6.26
N MET E 3239 -158.85 -43.77 -5.65
CA MET E 3239 -157.89 -43.20 -4.72
C MET E 3239 -156.89 -42.33 -5.49
N CYS E 3240 -156.35 -41.34 -4.79
CA CYS E 3240 -155.48 -40.35 -5.41
C CYS E 3240 -156.22 -39.67 -6.56
N PRO E 3241 -157.45 -39.19 -6.33
CA PRO E 3241 -158.21 -38.60 -7.43
C PRO E 3241 -157.57 -37.37 -8.04
N ASP E 3242 -156.75 -36.63 -7.27
CA ASP E 3242 -156.20 -35.38 -7.75
C ASP E 3242 -154.89 -35.56 -8.52
N ILE E 3243 -154.41 -36.79 -8.65
CA ILE E 3243 -153.16 -37.05 -9.37
C ILE E 3243 -153.49 -37.32 -10.83
N PRO E 3244 -153.05 -36.49 -11.77
CA PRO E 3244 -153.33 -36.78 -13.18
C PRO E 3244 -152.44 -37.91 -13.70
N VAL E 3245 -152.81 -38.41 -14.88
CA VAL E 3245 -152.04 -39.49 -15.49
C VAL E 3245 -150.72 -38.93 -16.03
N LEU E 3246 -149.81 -39.84 -16.37
CA LEU E 3246 -148.49 -39.45 -16.81
C LEU E 3246 -148.56 -38.62 -18.10
N ASP E 3247 -149.38 -39.06 -19.05
CA ASP E 3247 -149.44 -38.38 -20.34
C ASP E 3247 -149.89 -36.94 -20.17
N ARG E 3248 -150.88 -36.70 -19.33
CA ARG E 3248 -151.34 -35.34 -19.10
C ARG E 3248 -150.23 -34.49 -18.48
N LEU E 3249 -149.47 -35.06 -17.54
CA LEU E 3249 -148.37 -34.32 -16.95
C LEU E 3249 -147.33 -33.94 -17.98
N MET E 3250 -146.95 -34.88 -18.85
CA MET E 3250 -145.96 -34.57 -19.87
C MET E 3250 -146.48 -33.51 -20.83
N ALA E 3251 -147.74 -33.62 -21.25
CA ALA E 3251 -148.29 -32.63 -22.16
C ALA E 3251 -148.32 -31.25 -21.51
N ASP E 3252 -148.73 -31.18 -20.24
CA ASP E 3252 -148.76 -29.89 -19.56
C ASP E 3252 -147.36 -29.30 -19.44
N ILE E 3253 -146.38 -30.13 -19.09
CA ILE E 3253 -145.01 -29.65 -18.95
C ILE E 3253 -144.52 -29.09 -20.29
N GLY E 3254 -144.76 -29.82 -21.37
CA GLY E 3254 -144.32 -29.34 -22.67
C GLY E 3254 -144.99 -28.04 -23.06
N GLY E 3255 -146.31 -27.97 -22.89
CA GLY E 3255 -147.03 -26.76 -23.24
C GLY E 3255 -146.60 -25.57 -22.42
N LEU E 3256 -146.29 -25.77 -21.14
CA LEU E 3256 -145.84 -24.67 -20.30
C LEU E 3256 -144.43 -24.24 -20.66
N ALA E 3257 -143.57 -25.21 -20.99
CA ALA E 3257 -142.20 -24.88 -21.37
C ALA E 3257 -142.16 -24.09 -22.66
N GLU E 3258 -142.91 -24.52 -23.68
CA GLU E 3258 -142.87 -23.82 -24.95
C GLU E 3258 -143.45 -22.42 -24.84
N SER E 3259 -144.30 -22.17 -23.84
CA SER E 3259 -144.95 -20.87 -23.70
C SER E 3259 -144.01 -19.79 -23.17
N GLY E 3260 -142.82 -20.16 -22.69
CA GLY E 3260 -141.91 -19.18 -22.13
C GLY E 3260 -142.34 -18.61 -20.80
N ALA E 3261 -143.03 -19.40 -19.97
CA ALA E 3261 -143.47 -18.91 -18.68
C ALA E 3261 -142.28 -18.69 -17.75
N ARG E 3262 -142.52 -17.94 -16.68
CA ARG E 3262 -141.50 -17.63 -15.70
C ARG E 3262 -141.74 -18.40 -14.40
N TYR E 3263 -140.72 -18.39 -13.55
CA TYR E 3263 -140.79 -19.13 -12.28
C TYR E 3263 -141.89 -18.58 -11.39
N THR E 3264 -142.26 -17.31 -11.57
CA THR E 3264 -143.22 -16.69 -10.67
C THR E 3264 -144.58 -17.37 -10.72
N GLU E 3265 -145.04 -17.74 -11.91
CA GLU E 3265 -146.38 -18.28 -12.09
C GLU E 3265 -146.45 -19.79 -12.03
N MET E 3266 -145.34 -20.46 -11.72
CA MET E 3266 -145.36 -21.92 -11.64
C MET E 3266 -144.30 -22.41 -10.66
N PRO E 3267 -144.32 -21.96 -9.41
CA PRO E 3267 -143.32 -22.46 -8.46
C PRO E 3267 -143.59 -23.89 -8.02
N HIS E 3268 -144.86 -24.27 -7.86
CA HIS E 3268 -145.17 -25.62 -7.41
C HIS E 3268 -144.70 -26.66 -8.42
N VAL E 3269 -144.85 -26.37 -9.71
CA VAL E 3269 -144.46 -27.32 -10.74
C VAL E 3269 -142.96 -27.60 -10.64
N ILE E 3270 -142.15 -26.55 -10.51
CA ILE E 3270 -140.71 -26.72 -10.46
C ILE E 3270 -140.30 -27.40 -9.15
N GLU E 3271 -140.88 -26.97 -8.04
CA GLU E 3271 -140.38 -27.39 -6.73
C GLU E 3271 -140.82 -28.80 -6.37
N ILE E 3272 -141.89 -29.33 -6.97
CA ILE E 3272 -142.48 -30.61 -6.60
C ILE E 3272 -142.53 -31.57 -7.77
N THR E 3273 -143.24 -31.20 -8.84
CA THR E 3273 -143.50 -32.16 -9.91
C THR E 3273 -142.22 -32.63 -10.58
N LEU E 3274 -141.30 -31.70 -10.86
CA LEU E 3274 -140.08 -32.07 -11.57
C LEU E 3274 -139.26 -33.09 -10.80
N PRO E 3275 -138.96 -32.90 -9.52
CA PRO E 3275 -138.27 -33.96 -8.77
C PRO E 3275 -139.03 -35.27 -8.75
N MET E 3276 -140.36 -35.21 -8.65
CA MET E 3276 -141.15 -36.43 -8.70
C MET E 3276 -140.88 -37.20 -9.98
N LEU E 3277 -140.99 -36.52 -11.12
CA LEU E 3277 -140.77 -37.19 -12.39
C LEU E 3277 -139.33 -37.70 -12.51
N CYS E 3278 -138.37 -36.89 -12.07
CA CYS E 3278 -136.97 -37.28 -12.17
C CYS E 3278 -136.69 -38.54 -11.37
N SER E 3279 -137.25 -38.66 -10.17
CA SER E 3279 -137.06 -39.85 -9.36
C SER E 3279 -137.94 -41.00 -9.80
N TYR E 3280 -139.01 -40.74 -10.55
CA TYR E 3280 -139.94 -41.78 -10.93
C TYR E 3280 -139.49 -42.50 -12.19
N LEU E 3281 -139.24 -41.75 -13.26
CA LEU E 3281 -138.99 -42.37 -14.56
C LEU E 3281 -137.83 -43.37 -14.53
N PRO E 3282 -136.66 -43.03 -13.98
CA PRO E 3282 -135.57 -44.03 -13.94
C PRO E 3282 -135.92 -45.26 -13.13
N ARG E 3283 -136.69 -45.11 -12.05
CA ARG E 3283 -137.04 -46.24 -11.21
C ARG E 3283 -137.95 -47.25 -11.89
N TRP E 3284 -138.52 -46.89 -13.04
CA TRP E 3284 -139.40 -47.79 -13.79
C TRP E 3284 -138.90 -48.11 -15.19
N TRP E 3285 -138.00 -47.32 -15.75
CA TRP E 3285 -137.53 -47.60 -17.10
C TRP E 3285 -136.89 -48.99 -17.18
N GLU E 3286 -136.03 -49.31 -16.21
CA GLU E 3286 -135.38 -50.61 -16.21
C GLU E 3286 -136.39 -51.75 -16.11
N ARG E 3287 -137.55 -51.52 -15.51
CA ARG E 3287 -138.59 -52.53 -15.43
C ARG E 3287 -139.51 -52.52 -16.64
N GLY E 3288 -139.34 -51.57 -17.56
CA GLY E 3288 -140.19 -51.49 -18.72
C GLY E 3288 -139.74 -52.43 -19.81
N PRO E 3289 -140.47 -52.41 -20.92
CA PRO E 3289 -140.13 -53.30 -22.04
C PRO E 3289 -138.75 -53.06 -22.62
N GLU E 3290 -138.21 -51.84 -22.51
CA GLU E 3290 -136.92 -51.53 -23.13
C GLU E 3290 -135.78 -52.35 -22.57
N ALA E 3291 -135.92 -52.91 -21.37
CA ALA E 3291 -134.86 -53.71 -20.78
C ALA E 3291 -135.12 -55.20 -20.98
N PRO E 3301 -145.54 -62.84 -18.20
CA PRO E 3301 -144.98 -61.79 -17.35
C PRO E 3301 -145.17 -60.40 -17.95
N PRO E 3302 -146.42 -59.98 -18.12
CA PRO E 3302 -146.69 -58.67 -18.72
C PRO E 3302 -146.22 -57.55 -17.82
N PRO E 3303 -145.37 -56.65 -18.30
CA PRO E 3303 -144.92 -55.54 -17.46
C PRO E 3303 -146.05 -54.56 -17.16
N CYS E 3304 -145.93 -53.88 -16.04
CA CYS E 3304 -146.94 -52.94 -15.58
C CYS E 3304 -146.62 -51.50 -15.92
N THR E 3305 -145.61 -51.26 -16.77
CA THR E 3305 -145.22 -49.91 -17.13
C THR E 3305 -144.81 -49.90 -18.59
N ALA E 3306 -145.03 -48.75 -19.26
CA ALA E 3306 -144.74 -48.60 -20.68
C ALA E 3306 -143.88 -47.38 -20.97
N VAL E 3307 -142.99 -47.02 -20.05
CA VAL E 3307 -142.12 -45.88 -20.30
C VAL E 3307 -141.02 -46.26 -21.27
N THR E 3308 -140.51 -45.28 -22.00
CA THR E 3308 -139.44 -45.50 -22.96
C THR E 3308 -138.51 -44.30 -22.94
N SER E 3309 -137.37 -44.44 -23.63
CA SER E 3309 -136.39 -43.36 -23.65
C SER E 3309 -136.98 -42.08 -24.24
N ASP E 3310 -138.05 -42.20 -25.02
CA ASP E 3310 -138.69 -41.01 -25.58
C ASP E 3310 -139.19 -40.10 -24.48
N HIS E 3311 -139.77 -40.67 -23.43
CA HIS E 3311 -140.23 -39.86 -22.30
C HIS E 3311 -139.08 -39.08 -21.68
N LEU E 3312 -137.96 -39.75 -21.44
CA LEU E 3312 -136.81 -39.08 -20.85
C LEU E 3312 -136.28 -37.98 -21.76
N ASN E 3313 -136.21 -38.25 -23.07
CA ASN E 3313 -135.74 -37.24 -24.01
C ASN E 3313 -136.65 -36.02 -23.99
N SER E 3314 -137.96 -36.24 -24.03
CA SER E 3314 -138.90 -35.12 -24.02
C SER E 3314 -138.78 -34.33 -22.73
N LEU E 3315 -138.68 -35.03 -21.59
CA LEU E 3315 -138.56 -34.32 -20.32
C LEU E 3315 -137.27 -33.50 -20.27
N LEU E 3316 -136.17 -34.06 -20.76
CA LEU E 3316 -134.91 -33.33 -20.77
C LEU E 3316 -135.01 -32.08 -21.64
N GLY E 3317 -135.62 -32.22 -22.82
CA GLY E 3317 -135.79 -31.05 -23.67
C GLY E 3317 -136.64 -29.98 -23.00
N ASN E 3318 -137.74 -30.39 -22.38
CA ASN E 3318 -138.62 -29.43 -21.72
C ASN E 3318 -137.89 -28.71 -20.59
N ILE E 3319 -137.14 -29.46 -19.78
CA ILE E 3319 -136.45 -28.83 -18.66
C ILE E 3319 -135.36 -27.90 -19.18
N LEU E 3320 -134.70 -28.26 -20.27
CA LEU E 3320 -133.73 -27.35 -20.87
C LEU E 3320 -134.39 -26.06 -21.32
N ARG E 3321 -135.56 -26.15 -21.95
CA ARG E 3321 -136.29 -24.95 -22.34
C ARG E 3321 -136.62 -24.10 -21.11
N ILE E 3322 -137.09 -24.75 -20.04
CA ILE E 3322 -137.44 -24.03 -18.83
C ILE E 3322 -136.24 -23.29 -18.27
N ILE E 3323 -135.09 -23.96 -18.18
CA ILE E 3323 -133.92 -23.31 -17.61
C ILE E 3323 -133.47 -22.15 -18.48
N VAL E 3324 -133.45 -22.34 -19.80
CA VAL E 3324 -132.98 -21.26 -20.67
C VAL E 3324 -133.93 -20.07 -20.62
N ASN E 3325 -135.22 -20.31 -20.40
CA ASN E 3325 -136.18 -19.21 -20.40
C ASN E 3325 -135.92 -18.22 -19.27
N ASN E 3326 -135.14 -18.58 -18.27
CA ASN E 3326 -134.97 -17.76 -17.08
C ASN E 3326 -133.52 -17.33 -16.86
N LEU E 3327 -132.84 -16.87 -17.92
CA LEU E 3327 -131.45 -16.46 -17.76
C LEU E 3327 -131.32 -15.09 -17.09
N GLY E 3328 -132.25 -14.19 -17.35
CA GLY E 3328 -132.15 -12.82 -16.89
C GLY E 3328 -132.53 -12.58 -15.44
N ILE E 3329 -133.02 -13.59 -14.74
CA ILE E 3329 -133.45 -13.37 -13.35
C ILE E 3329 -132.23 -13.03 -12.50
N ASP E 3330 -132.38 -12.01 -11.66
CA ASP E 3330 -131.28 -11.60 -10.79
C ASP E 3330 -131.06 -12.59 -9.66
N GLU E 3331 -132.14 -13.13 -9.09
CA GLU E 3331 -132.06 -14.04 -7.95
C GLU E 3331 -132.93 -15.25 -8.23
N ALA E 3332 -132.31 -16.43 -8.30
CA ALA E 3332 -133.04 -17.70 -8.45
C ALA E 3332 -132.14 -18.80 -7.88
N THR E 3333 -132.46 -19.24 -6.67
CA THR E 3333 -131.65 -20.25 -6.00
C THR E 3333 -132.13 -21.67 -6.32
N TRP E 3334 -133.28 -21.82 -6.97
CA TRP E 3334 -133.80 -23.15 -7.26
C TRP E 3334 -133.05 -23.83 -8.40
N MET E 3335 -132.20 -23.09 -9.12
CA MET E 3335 -131.57 -23.65 -10.30
C MET E 3335 -130.63 -24.80 -9.94
N LYS E 3336 -129.82 -24.62 -8.90
CA LYS E 3336 -128.89 -25.68 -8.51
C LYS E 3336 -129.63 -26.92 -8.04
N ARG E 3337 -130.70 -26.73 -7.26
CA ARG E 3337 -131.47 -27.86 -6.79
C ARG E 3337 -132.08 -28.62 -7.96
N LEU E 3338 -132.64 -27.88 -8.93
CA LEU E 3338 -133.21 -28.53 -10.11
C LEU E 3338 -132.14 -29.28 -10.88
N ALA E 3339 -130.95 -28.69 -11.02
CA ALA E 3339 -129.88 -29.36 -11.76
C ALA E 3339 -129.47 -30.66 -11.09
N VAL E 3340 -129.30 -30.63 -9.76
CA VAL E 3340 -128.89 -31.85 -9.07
C VAL E 3340 -129.99 -32.90 -9.15
N PHE E 3341 -131.26 -32.48 -9.09
CA PHE E 3341 -132.34 -33.44 -9.23
C PHE E 3341 -132.36 -34.07 -10.61
N ALA E 3342 -132.11 -33.27 -11.65
CA ALA E 3342 -132.21 -33.77 -13.01
C ALA E 3342 -130.98 -34.51 -13.49
N GLN E 3343 -129.85 -34.38 -12.79
CA GLN E 3343 -128.63 -35.02 -13.25
C GLN E 3343 -128.76 -36.52 -13.52
N PRO E 3344 -129.39 -37.32 -12.67
CA PRO E 3344 -129.36 -38.78 -12.88
C PRO E 3344 -129.95 -39.23 -14.21
N ILE E 3345 -130.98 -38.56 -14.72
CA ILE E 3345 -131.64 -39.04 -15.93
C ILE E 3345 -130.87 -38.71 -17.20
N VAL E 3346 -129.89 -37.81 -17.12
CA VAL E 3346 -129.18 -37.40 -18.33
C VAL E 3346 -128.39 -38.54 -18.95
N SER E 3347 -128.20 -39.64 -18.21
CA SER E 3347 -127.42 -40.76 -18.73
C SER E 3347 -128.06 -41.43 -19.94
N ARG E 3348 -129.36 -41.22 -20.16
CA ARG E 3348 -130.08 -41.80 -21.32
C ARG E 3348 -130.65 -40.67 -22.16
N ALA E 3349 -129.98 -40.31 -23.25
CA ALA E 3349 -130.46 -39.28 -24.16
C ALA E 3349 -129.98 -39.58 -25.58
N ARG E 3350 -130.74 -39.12 -26.56
CA ARG E 3350 -130.40 -39.34 -27.95
C ARG E 3350 -129.41 -38.28 -28.43
N PRO E 3351 -128.60 -38.62 -29.44
CA PRO E 3351 -127.62 -37.63 -29.95
C PRO E 3351 -128.25 -36.36 -30.47
N GLU E 3352 -129.46 -36.41 -31.03
CA GLU E 3352 -130.04 -35.23 -31.63
C GLU E 3352 -130.19 -34.10 -30.62
N LEU E 3353 -130.24 -34.43 -29.33
CA LEU E 3353 -130.41 -33.39 -28.32
C LEU E 3353 -129.27 -32.38 -28.36
N LEU E 3354 -128.05 -32.86 -28.60
CA LEU E 3354 -126.90 -31.96 -28.67
C LEU E 3354 -127.15 -30.82 -29.65
N HIS E 3355 -127.54 -31.17 -30.87
CA HIS E 3355 -127.83 -30.15 -31.88
C HIS E 3355 -129.08 -29.38 -31.53
N SER E 3356 -130.04 -30.03 -30.86
CA SER E 3356 -131.34 -29.41 -30.62
C SER E 3356 -131.23 -28.19 -29.71
N HIS E 3357 -130.60 -28.33 -28.54
CA HIS E 3357 -130.68 -27.30 -27.52
C HIS E 3357 -129.34 -26.74 -27.07
N PHE E 3358 -128.30 -27.58 -27.00
CA PHE E 3358 -127.07 -27.16 -26.36
C PHE E 3358 -126.40 -26.01 -27.11
N ILE E 3359 -126.32 -26.11 -28.44
CA ILE E 3359 -125.50 -25.18 -29.21
C ILE E 3359 -126.04 -23.76 -29.08
N PRO E 3360 -127.34 -23.53 -29.31
CA PRO E 3360 -127.85 -22.15 -29.18
C PRO E 3360 -127.67 -21.58 -27.78
N THR E 3361 -127.87 -22.39 -26.75
CA THR E 3361 -127.73 -21.90 -25.38
C THR E 3361 -126.29 -21.48 -25.11
N ILE E 3362 -125.34 -22.34 -25.46
CA ILE E 3362 -123.95 -22.00 -25.20
C ILE E 3362 -123.52 -20.82 -26.07
N GLY E 3363 -124.08 -20.69 -27.27
CA GLY E 3363 -123.77 -19.54 -28.09
C GLY E 3363 -124.25 -18.24 -27.47
N ARG E 3364 -125.47 -18.24 -26.93
CA ARG E 3364 -125.96 -17.05 -26.23
C ARG E 3364 -125.09 -16.75 -25.02
N LEU E 3365 -124.66 -17.79 -24.31
CA LEU E 3365 -123.79 -17.59 -23.16
C LEU E 3365 -122.47 -16.94 -23.58
N ARG E 3366 -121.90 -17.41 -24.69
CA ARG E 3366 -120.67 -16.83 -25.20
C ARG E 3366 -120.88 -15.37 -25.60
N LYS E 3367 -122.01 -15.08 -26.23
CA LYS E 3367 -122.30 -13.69 -26.59
C LYS E 3367 -122.33 -12.81 -25.35
N ARG E 3368 -123.01 -13.28 -24.29
CA ARG E 3368 -123.08 -12.50 -23.06
C ARG E 3368 -121.70 -12.31 -22.46
N ALA E 3369 -120.88 -13.37 -22.45
CA ALA E 3369 -119.53 -13.25 -21.91
C ALA E 3369 -118.71 -12.22 -22.69
N GLY E 3370 -118.80 -12.27 -24.01
CA GLY E 3370 -118.10 -11.29 -24.82
C GLY E 3370 -118.56 -9.86 -24.53
N LYS E 3371 -119.87 -9.66 -24.42
CA LYS E 3371 -120.38 -8.32 -24.13
C LYS E 3371 -119.84 -7.81 -22.81
N VAL E 3372 -119.90 -8.64 -21.77
CA VAL E 3372 -119.49 -8.18 -20.44
C VAL E 3372 -118.00 -7.92 -20.41
N VAL E 3373 -117.20 -8.78 -21.03
CA VAL E 3373 -115.76 -8.57 -21.00
C VAL E 3373 -115.38 -7.32 -21.79
N ALA E 3374 -116.06 -7.07 -22.92
CA ALA E 3374 -115.80 -5.85 -23.66
C ALA E 3374 -116.16 -4.62 -22.82
N GLU E 3375 -117.29 -4.68 -22.11
CA GLU E 3375 -117.66 -3.56 -21.26
C GLU E 3375 -116.61 -3.32 -20.18
N GLU E 3376 -116.12 -4.39 -19.55
CA GLU E 3376 -115.10 -4.23 -18.53
C GLU E 3376 -113.83 -3.62 -19.11
N GLU E 3377 -113.41 -4.10 -20.28
CA GLU E 3377 -112.21 -3.56 -20.91
C GLU E 3377 -112.38 -2.08 -21.21
N GLN E 3378 -113.51 -1.64 -21.74
CA GLN E 3378 -113.77 -0.19 -21.99
C GLN E 3378 -113.55 0.61 -20.70
N LEU E 3379 -114.03 0.15 -19.56
CA LEU E 3379 -113.86 0.82 -18.25
C LEU E 3379 -112.37 0.90 -17.88
N ARG E 3380 -111.60 -0.14 -18.15
CA ARG E 3380 -110.13 -0.10 -17.92
C ARG E 3380 -109.54 0.99 -18.80
N LEU E 3381 -110.04 1.14 -20.03
CA LEU E 3381 -109.49 2.09 -21.00
C LEU E 3381 -109.61 3.52 -20.46
N GLU E 3382 -110.72 3.87 -19.83
CA GLU E 3382 -110.91 5.21 -19.21
C GLU E 3382 -110.90 5.05 -17.69
N ALA E 3383 -110.02 5.74 -16.97
CA ALA E 3383 -109.88 5.58 -15.50
C ALA E 3383 -110.51 6.78 -14.79
N LYS E 3384 -111.44 6.55 -13.88
CA LYS E 3384 -112.18 7.63 -13.17
C LYS E 3384 -112.75 7.11 -11.85
N ALA E 3385 -113.17 8.01 -10.95
CA ALA E 3385 -113.89 7.64 -9.72
C ALA E 3385 -115.19 6.98 -10.18
N GLU E 3386 -115.77 7.49 -11.26
CA GLU E 3386 -117.03 6.98 -11.85
C GLU E 3386 -116.78 5.52 -12.23
N ALA E 3387 -115.57 5.21 -12.70
CA ALA E 3387 -115.19 3.85 -13.13
C ALA E 3387 -115.35 2.92 -11.93
N GLU E 3388 -115.06 3.41 -10.72
CA GLU E 3388 -115.19 2.59 -9.49
C GLU E 3388 -116.66 2.18 -9.38
N GLU E 3389 -117.59 3.06 -9.71
CA GLU E 3389 -119.04 2.73 -9.73
C GLU E 3389 -119.30 1.61 -10.74
N GLY E 3390 -118.66 1.64 -11.91
CA GLY E 3390 -118.86 0.64 -12.96
C GLY E 3390 -118.48 -0.77 -12.53
N GLU E 3391 -117.38 -0.94 -11.81
CA GLU E 3391 -116.88 -2.26 -11.34
C GLU E 3391 -117.96 -3.13 -10.72
N LEU E 3392 -118.95 -2.57 -10.04
CA LEU E 3392 -119.97 -3.27 -9.27
C LEU E 3392 -121.00 -3.92 -10.20
N LEU E 3393 -121.46 -3.20 -11.21
CA LEU E 3393 -122.45 -3.75 -12.13
C LEU E 3393 -121.89 -4.94 -12.89
N VAL E 3394 -120.65 -4.83 -13.40
CA VAL E 3394 -120.08 -5.94 -14.14
C VAL E 3394 -119.78 -7.11 -13.21
N ARG E 3395 -119.47 -6.84 -11.94
CA ARG E 3395 -119.32 -7.92 -10.97
C ARG E 3395 -120.63 -8.65 -10.75
N ASP E 3396 -121.74 -7.91 -10.68
CA ASP E 3396 -123.04 -8.55 -10.57
C ASP E 3396 -123.33 -9.38 -11.80
N GLU E 3397 -122.98 -8.86 -12.98
CA GLU E 3397 -123.16 -9.61 -14.21
C GLU E 3397 -122.33 -10.89 -14.20
N PHE E 3398 -121.09 -10.80 -13.71
CA PHE E 3398 -120.26 -11.99 -13.58
C PHE E 3398 -120.86 -12.99 -12.61
N SER E 3399 -121.46 -12.49 -11.53
CA SER E 3399 -122.13 -13.39 -10.58
C SER E 3399 -123.26 -14.13 -11.26
N VAL E 3400 -124.07 -13.41 -12.04
CA VAL E 3400 -125.18 -14.04 -12.76
C VAL E 3400 -124.63 -15.09 -13.73
N LEU E 3401 -123.56 -14.73 -14.44
CA LEU E 3401 -122.98 -15.65 -15.41
C LEU E 3401 -122.45 -16.90 -14.73
N CYS E 3402 -121.79 -16.74 -13.58
CA CYS E 3402 -121.29 -17.90 -12.85
C CYS E 3402 -122.43 -18.78 -12.38
N ARG E 3403 -123.51 -18.16 -11.89
CA ARG E 3403 -124.68 -18.94 -11.47
C ARG E 3403 -125.22 -19.76 -12.64
N ASP E 3404 -125.36 -19.13 -13.81
CA ASP E 3404 -125.87 -19.85 -14.97
C ASP E 3404 -124.91 -20.96 -15.39
N LEU E 3405 -123.61 -20.69 -15.36
CA LEU E 3405 -122.64 -21.71 -15.74
C LEU E 3405 -122.73 -22.91 -14.83
N TYR E 3406 -122.85 -22.67 -13.52
CA TYR E 3406 -122.91 -23.79 -12.59
C TYR E 3406 -124.25 -24.50 -12.66
N ALA E 3407 -125.30 -23.82 -13.13
CA ALA E 3407 -126.58 -24.48 -13.33
C ALA E 3407 -126.57 -25.34 -14.59
N LEU E 3408 -125.79 -24.95 -15.59
CA LEU E 3408 -125.83 -25.63 -16.88
C LEU E 3408 -124.78 -26.72 -17.05
N TYR E 3409 -123.55 -26.47 -16.60
CA TYR E 3409 -122.43 -27.32 -17.02
C TYR E 3409 -122.58 -28.78 -16.65
N PRO E 3410 -122.93 -29.18 -15.43
CA PRO E 3410 -122.87 -30.62 -15.09
C PRO E 3410 -123.64 -31.51 -16.05
N LEU E 3411 -124.79 -31.04 -16.54
CA LEU E 3411 -125.53 -31.82 -17.52
C LEU E 3411 -124.69 -32.07 -18.77
N LEU E 3412 -124.03 -31.01 -19.27
CA LEU E 3412 -123.18 -31.18 -20.44
C LEU E 3412 -121.99 -32.09 -20.13
N ILE E 3413 -121.47 -32.01 -18.91
CA ILE E 3413 -120.36 -32.87 -18.53
C ILE E 3413 -120.77 -34.32 -18.63
N ARG E 3414 -121.93 -34.66 -18.06
CA ARG E 3414 -122.40 -36.04 -18.15
C ARG E 3414 -122.66 -36.44 -19.60
N TYR E 3415 -123.27 -35.55 -20.37
CA TYR E 3415 -123.56 -35.86 -21.77
C TYR E 3415 -122.28 -36.21 -22.53
N VAL E 3416 -121.25 -35.37 -22.39
CA VAL E 3416 -120.01 -35.63 -23.12
C VAL E 3416 -119.32 -36.88 -22.60
N ASP E 3417 -119.32 -37.07 -21.28
CA ASP E 3417 -118.72 -38.28 -20.73
C ASP E 3417 -119.37 -39.52 -21.32
N ASN E 3418 -120.68 -39.46 -21.56
CA ASN E 3418 -121.36 -40.62 -22.14
C ASN E 3418 -121.05 -40.76 -23.62
N ASN E 3419 -121.06 -39.65 -24.37
CA ASN E 3419 -121.06 -39.74 -25.83
C ASN E 3419 -119.70 -39.51 -26.47
N ARG E 3420 -118.62 -39.40 -25.69
CA ARG E 3420 -117.33 -39.11 -26.30
C ARG E 3420 -116.87 -40.22 -27.23
N ALA E 3421 -117.21 -41.47 -26.92
CA ALA E 3421 -116.69 -42.59 -27.69
C ALA E 3421 -117.12 -42.52 -29.15
N HIS E 3422 -118.41 -42.29 -29.39
CA HIS E 3422 -118.89 -42.25 -30.76
C HIS E 3422 -118.26 -41.09 -31.53
N TRP E 3423 -118.14 -39.93 -30.90
CA TRP E 3423 -117.51 -38.80 -31.57
C TRP E 3423 -116.06 -39.11 -31.92
N LEU E 3424 -115.33 -39.74 -31.01
CA LEU E 3424 -113.95 -40.10 -31.32
C LEU E 3424 -113.89 -41.10 -32.46
N THR E 3425 -114.78 -42.09 -32.48
CA THR E 3425 -114.79 -43.05 -33.58
C THR E 3425 -115.15 -42.39 -34.90
N GLU E 3426 -116.14 -41.50 -34.91
CA GLU E 3426 -116.57 -40.81 -36.12
C GLU E 3426 -116.69 -39.33 -35.81
N PRO E 3427 -115.76 -38.50 -36.28
CA PRO E 3427 -115.82 -37.07 -35.97
C PRO E 3427 -117.11 -36.43 -36.45
N ASN E 3428 -117.60 -35.47 -35.68
CA ASN E 3428 -118.82 -34.74 -35.99
C ASN E 3428 -118.54 -33.25 -35.91
N ALA E 3429 -119.11 -32.48 -36.85
CA ALA E 3429 -118.90 -31.05 -36.87
C ALA E 3429 -119.43 -30.38 -35.60
N ASN E 3430 -120.60 -30.82 -35.14
CA ASN E 3430 -121.21 -30.20 -33.98
C ASN E 3430 -120.30 -30.27 -32.77
N ALA E 3431 -119.64 -31.41 -32.58
CA ALA E 3431 -118.69 -31.53 -31.47
C ALA E 3431 -117.59 -30.49 -31.60
N GLU E 3432 -117.09 -30.26 -32.82
CA GLU E 3432 -116.05 -29.27 -33.00
C GLU E 3432 -116.54 -27.87 -32.66
N GLU E 3433 -117.76 -27.54 -33.08
CA GLU E 3433 -118.31 -26.24 -32.75
C GLU E 3433 -118.45 -26.07 -31.24
N LEU E 3434 -118.93 -27.11 -30.57
CA LEU E 3434 -119.05 -27.06 -29.11
C LEU E 3434 -117.69 -26.85 -28.47
N PHE E 3435 -116.68 -27.56 -28.95
CA PHE E 3435 -115.33 -27.40 -28.42
C PHE E 3435 -114.84 -25.97 -28.61
N ARG E 3436 -115.07 -25.41 -29.79
CA ARG E 3436 -114.65 -24.03 -30.06
C ARG E 3436 -115.28 -23.08 -29.04
N MET E 3437 -116.59 -23.19 -28.84
CA MET E 3437 -117.25 -22.21 -27.99
C MET E 3437 -116.85 -22.40 -26.52
N VAL E 3438 -116.70 -23.65 -26.09
CA VAL E 3438 -116.26 -23.90 -24.72
C VAL E 3438 -114.85 -23.34 -24.51
N GLY E 3439 -113.97 -23.53 -25.50
CA GLY E 3439 -112.63 -22.96 -25.38
C GLY E 3439 -112.65 -21.44 -25.32
N GLU E 3440 -113.54 -20.82 -26.10
CA GLU E 3440 -113.65 -19.37 -26.05
C GLU E 3440 -114.09 -18.92 -24.66
N ILE E 3441 -115.07 -19.61 -24.08
CA ILE E 3441 -115.50 -19.28 -22.72
C ILE E 3441 -114.33 -19.42 -21.76
N PHE E 3442 -113.56 -20.50 -21.88
CA PHE E 3442 -112.43 -20.71 -20.99
C PHE E 3442 -111.39 -19.61 -21.14
N ILE E 3443 -111.13 -19.19 -22.37
CA ILE E 3443 -110.17 -18.10 -22.60
C ILE E 3443 -110.66 -16.83 -21.91
N TYR E 3444 -111.94 -16.50 -22.11
CA TYR E 3444 -112.48 -15.30 -21.47
C TYR E 3444 -112.32 -15.39 -19.96
N TRP E 3445 -112.61 -16.55 -19.39
CA TRP E 3445 -112.46 -16.71 -17.94
C TRP E 3445 -111.00 -16.51 -17.51
N SER E 3446 -110.07 -17.08 -18.27
CA SER E 3446 -108.67 -16.99 -17.89
C SER E 3446 -108.15 -15.56 -17.95
N LYS E 3447 -108.51 -14.81 -19.01
CA LYS E 3447 -107.93 -13.49 -19.20
C LYS E 3447 -108.32 -12.54 -18.08
N SER E 3448 -109.62 -12.42 -17.81
CA SER E 3448 -110.09 -11.45 -16.82
C SER E 3448 -109.78 -11.91 -15.41
N HIS E 3449 -109.74 -10.95 -14.49
CA HIS E 3449 -109.48 -11.20 -13.08
C HIS E 3449 -110.74 -11.15 -12.23
N ASN E 3450 -111.62 -10.17 -12.48
CA ASN E 3450 -112.87 -10.10 -11.73
C ASN E 3450 -113.68 -11.38 -11.87
N PHE E 3451 -113.56 -12.04 -13.03
CA PHE E 3451 -114.32 -13.26 -13.26
C PHE E 3451 -113.96 -14.32 -12.23
N LYS E 3452 -112.66 -14.55 -12.02
CA LYS E 3452 -112.22 -15.57 -11.08
C LYS E 3452 -112.64 -15.23 -9.66
N ARG E 3453 -112.47 -13.98 -9.25
CA ARG E 3453 -112.87 -13.59 -7.90
C ARG E 3453 -114.36 -13.75 -7.69
N GLU E 3454 -115.16 -13.35 -8.68
CA GLU E 3454 -116.61 -13.50 -8.56
C GLU E 3454 -117.01 -14.97 -8.47
N GLU E 3455 -116.37 -15.83 -9.27
CA GLU E 3455 -116.67 -17.25 -9.19
C GLU E 3455 -116.29 -17.80 -7.81
N GLN E 3456 -115.15 -17.37 -7.28
CA GLN E 3456 -114.75 -17.81 -5.96
C GLN E 3456 -115.77 -17.38 -4.91
N ASN E 3457 -116.24 -16.13 -5.01
CA ASN E 3457 -117.26 -15.67 -4.06
C ASN E 3457 -118.52 -16.51 -4.17
N PHE E 3458 -118.89 -16.96 -5.37
CA PHE E 3458 -120.11 -17.76 -5.59
C PHE E 3458 -120.02 -19.13 -4.92
N VAL E 3459 -118.97 -19.88 -5.18
CA VAL E 3459 -118.87 -21.28 -4.68
C VAL E 3459 -118.84 -21.26 -3.15
N VAL E 3460 -118.12 -20.36 -2.52
CA VAL E 3460 -118.11 -20.27 -1.03
C VAL E 3460 -119.47 -19.86 -0.46
N GLN E 3461 -120.14 -18.87 -1.04
CA GLN E 3461 -121.43 -18.36 -0.50
C GLN E 3461 -122.44 -19.49 -0.58
N ASN E 3462 -122.48 -20.19 -1.71
CA ASN E 3462 -123.32 -21.38 -1.88
C ASN E 3462 -122.56 -22.52 -1.21
N GLU E 3463 -123.19 -23.64 -0.96
CA GLU E 3463 -122.60 -24.80 -0.25
C GLU E 3463 -122.18 -25.78 -1.32
N ILE E 3464 -122.01 -25.33 -2.57
CA ILE E 3464 -121.83 -26.23 -3.73
C ILE E 3464 -120.61 -27.12 -3.55
N ASN E 3465 -120.71 -28.37 -3.98
CA ASN E 3465 -119.65 -29.39 -3.87
C ASN E 3465 -119.44 -29.98 -5.26
N ASN E 3466 -118.28 -30.56 -5.57
CA ASN E 3466 -118.00 -31.03 -6.94
C ASN E 3466 -119.02 -32.11 -7.35
N MET E 3467 -119.65 -31.96 -8.52
CA MET E 3467 -120.63 -32.93 -9.06
C MET E 3467 -119.96 -34.27 -9.42
N SER E 3468 -118.77 -34.23 -10.01
CA SER E 3468 -118.07 -35.46 -10.48
C SER E 3468 -118.25 -36.61 -9.50
N GLN E 3506 -108.68 -24.27 -5.76
CA GLN E 3506 -109.73 -25.25 -6.04
C GLN E 3506 -109.82 -25.54 -7.53
N THR E 3507 -110.50 -26.62 -7.88
CA THR E 3507 -110.69 -27.00 -9.28
C THR E 3507 -112.08 -26.56 -9.73
N SER E 3508 -112.12 -25.63 -10.67
CA SER E 3508 -113.40 -25.12 -11.17
C SER E 3508 -114.03 -26.10 -12.15
N LEU E 3509 -115.31 -25.84 -12.45
CA LEU E 3509 -115.99 -26.65 -13.47
C LEU E 3509 -115.48 -26.32 -14.86
N ILE E 3510 -115.07 -25.09 -15.11
CA ILE E 3510 -114.66 -24.69 -16.45
C ILE E 3510 -113.45 -25.50 -16.90
N VAL E 3511 -112.42 -25.57 -16.06
CA VAL E 3511 -111.21 -26.29 -16.43
C VAL E 3511 -111.51 -27.78 -16.58
N ALA E 3512 -112.34 -28.33 -15.71
CA ALA E 3512 -112.67 -29.75 -15.78
C ALA E 3512 -113.35 -30.07 -17.11
N THR E 3513 -114.35 -29.26 -17.49
CA THR E 3513 -115.04 -29.53 -18.74
C THR E 3513 -114.13 -29.29 -19.94
N LEU E 3514 -113.22 -28.33 -19.84
CA LEU E 3514 -112.29 -28.11 -20.94
C LEU E 3514 -111.39 -29.32 -21.11
N LYS E 3515 -110.91 -29.88 -19.99
CA LYS E 3515 -110.11 -31.10 -20.08
C LYS E 3515 -110.92 -32.23 -20.68
N LYS E 3516 -112.18 -32.36 -20.28
CA LYS E 3516 -113.03 -33.41 -20.84
C LYS E 3516 -113.18 -33.25 -22.35
N MET E 3517 -113.34 -32.01 -22.81
CA MET E 3517 -113.60 -31.77 -24.23
C MET E 3517 -112.32 -31.75 -25.07
N LEU E 3518 -111.16 -31.65 -24.42
CA LEU E 3518 -109.92 -31.50 -25.17
C LEU E 3518 -109.62 -32.63 -26.15
N PRO E 3519 -109.76 -33.90 -25.79
CA PRO E 3519 -109.32 -34.98 -26.70
C PRO E 3519 -109.91 -34.89 -28.09
N ILE E 3520 -111.19 -34.54 -28.22
CA ILE E 3520 -111.75 -34.39 -29.56
C ILE E 3520 -111.07 -33.25 -30.30
N GLY E 3521 -110.83 -32.13 -29.60
CA GLY E 3521 -110.13 -31.04 -30.24
C GLY E 3521 -108.76 -31.45 -30.77
N LEU E 3522 -108.01 -32.21 -29.96
CA LEU E 3522 -106.74 -32.72 -30.44
C LEU E 3522 -106.92 -33.66 -31.64
N ASN E 3523 -107.92 -34.54 -31.58
CA ASN E 3523 -108.19 -35.45 -32.69
C ASN E 3523 -108.59 -34.70 -33.95
N MET E 3524 -109.03 -33.46 -33.84
CA MET E 3524 -109.46 -32.72 -35.02
C MET E 3524 -108.31 -32.51 -36.00
N CYS E 3525 -107.11 -32.22 -35.50
CA CYS E 3525 -105.95 -31.90 -36.32
C CYS E 3525 -105.03 -33.11 -36.42
N ALA E 3526 -104.39 -33.28 -37.57
CA ALA E 3526 -103.53 -34.43 -37.79
C ALA E 3526 -102.17 -34.21 -37.11
N PRO E 3527 -101.45 -35.29 -36.79
CA PRO E 3527 -100.14 -35.14 -36.12
C PRO E 3527 -99.12 -34.36 -36.93
N THR E 3528 -99.22 -34.39 -38.26
CA THR E 3528 -98.23 -33.72 -39.09
C THR E 3528 -98.10 -32.24 -38.72
N ASP E 3529 -99.17 -31.62 -38.24
CA ASP E 3529 -99.16 -30.20 -37.89
C ASP E 3529 -98.59 -29.93 -36.51
N GLN E 3530 -97.81 -30.86 -35.95
CA GLN E 3530 -97.37 -30.72 -34.57
C GLN E 3530 -96.50 -29.48 -34.38
N ASP E 3531 -95.53 -29.27 -35.27
CA ASP E 3531 -94.54 -28.21 -35.06
C ASP E 3531 -95.19 -26.84 -35.06
N LEU E 3532 -96.15 -26.62 -35.97
CA LEU E 3532 -96.84 -25.34 -36.00
C LEU E 3532 -97.51 -25.03 -34.67
N ILE E 3533 -97.89 -26.04 -33.90
CA ILE E 3533 -98.49 -25.79 -32.59
C ILE E 3533 -97.48 -25.20 -31.63
N MET E 3534 -96.28 -25.79 -31.54
CA MET E 3534 -95.21 -25.15 -30.79
C MET E 3534 -94.91 -23.74 -31.30
N LEU E 3535 -94.89 -23.55 -32.61
CA LEU E 3535 -94.61 -22.21 -33.13
C LEU E 3535 -95.66 -21.21 -32.66
N ALA E 3536 -96.93 -21.60 -32.74
CA ALA E 3536 -98.00 -20.72 -32.29
C ALA E 3536 -97.92 -20.47 -30.79
N LYS E 3537 -97.58 -21.50 -30.01
CA LYS E 3537 -97.44 -21.32 -28.57
C LYS E 3537 -96.33 -20.31 -28.27
N THR E 3538 -95.21 -20.43 -28.95
CA THR E 3538 -94.12 -19.48 -28.76
C THR E 3538 -94.56 -18.07 -29.13
N ARG E 3539 -95.23 -17.91 -30.28
CA ARG E 3539 -95.70 -16.60 -30.68
C ARG E 3539 -96.73 -16.05 -29.70
N TYR E 3540 -97.46 -16.93 -29.00
CA TYR E 3540 -98.37 -16.51 -27.95
C TYR E 3540 -97.65 -16.18 -26.65
N ALA E 3541 -96.43 -16.67 -26.48
CA ALA E 3541 -95.63 -16.23 -25.34
C ALA E 3541 -95.52 -14.71 -25.34
N LEU E 3542 -95.20 -14.12 -26.48
CA LEU E 3542 -95.39 -12.70 -26.68
C LEU E 3542 -96.83 -12.43 -27.08
N LYS E 3543 -97.30 -11.19 -26.84
CA LYS E 3543 -98.70 -10.79 -27.14
C LYS E 3543 -98.88 -10.63 -28.65
N ASP E 3544 -98.77 -11.73 -29.42
CA ASP E 3544 -98.99 -11.72 -30.88
C ASP E 3544 -100.50 -11.72 -31.09
N THR E 3545 -101.07 -10.60 -31.54
CA THR E 3545 -102.53 -10.50 -31.81
C THR E 3545 -102.96 -11.76 -32.55
N ASP E 3546 -104.18 -12.27 -32.36
CA ASP E 3546 -104.70 -13.46 -33.01
C ASP E 3546 -104.63 -13.33 -34.52
N GLU E 3547 -105.14 -12.22 -35.07
CA GLU E 3547 -105.08 -12.03 -36.51
C GLU E 3547 -103.63 -11.91 -36.98
N GLU E 3548 -102.76 -11.33 -36.17
CA GLU E 3548 -101.36 -11.25 -36.53
C GLU E 3548 -100.76 -12.65 -36.70
N VAL E 3549 -101.04 -13.55 -35.76
CA VAL E 3549 -100.58 -14.92 -35.90
C VAL E 3549 -101.21 -15.57 -37.12
N ARG E 3550 -102.50 -15.34 -37.33
CA ARG E 3550 -103.19 -15.94 -38.47
C ARG E 3550 -102.51 -15.58 -39.77
N GLU E 3551 -102.29 -14.29 -40.01
CA GLU E 3551 -101.61 -13.87 -41.23
C GLU E 3551 -100.18 -14.38 -41.26
N PHE E 3552 -99.49 -14.37 -40.13
CA PHE E 3552 -98.09 -14.80 -40.10
C PHE E 3552 -97.96 -16.23 -40.61
N LEU E 3553 -98.76 -17.15 -40.06
CA LEU E 3553 -98.67 -18.60 -40.40
C LEU E 3553 -99.22 -18.81 -41.80
N GLN E 3554 -100.00 -17.86 -42.33
CA GLN E 3554 -100.54 -17.93 -43.72
C GLN E 3554 -99.37 -18.11 -44.69
N ASN E 3555 -98.18 -17.55 -44.38
CA ASN E 3555 -96.96 -17.71 -45.23
C ASN E 3555 -96.02 -18.85 -44.82
N ASN E 3556 -95.87 -19.24 -43.53
CA ASN E 3556 -94.88 -20.23 -43.12
C ASN E 3556 -95.43 -21.65 -43.15
N LEU E 3557 -96.49 -21.90 -43.91
CA LEU E 3557 -97.13 -23.21 -43.90
C LEU E 3557 -96.15 -24.31 -44.29
N HIS E 3558 -95.20 -24.00 -45.17
CA HIS E 3558 -94.30 -25.02 -45.70
C HIS E 3558 -93.49 -25.70 -44.61
N LEU E 3559 -93.33 -25.05 -43.45
CA LEU E 3559 -92.50 -25.61 -42.40
C LEU E 3559 -93.10 -26.84 -41.74
N GLN E 3560 -94.33 -27.21 -42.09
CA GLN E 3560 -95.03 -28.41 -41.54
C GLN E 3560 -94.12 -29.63 -41.62
N GLY E 3561 -94.32 -30.62 -40.75
CA GLY E 3561 -93.43 -31.79 -40.71
C GLY E 3561 -93.49 -32.58 -42.00
N LYS E 3562 -92.33 -32.99 -42.53
CA LYS E 3562 -92.23 -33.82 -43.76
C LYS E 3562 -92.66 -35.26 -43.49
N VAL E 3563 -93.28 -35.94 -44.45
CA VAL E 3563 -93.63 -37.38 -44.31
C VAL E 3563 -92.32 -38.14 -44.18
N GLU E 3564 -91.31 -37.78 -44.98
CA GLU E 3564 -89.98 -38.38 -44.81
C GLU E 3564 -89.59 -37.88 -43.44
N GLY E 3565 -88.97 -38.69 -42.60
CA GLY E 3565 -88.79 -38.26 -41.21
C GLY E 3565 -88.79 -39.39 -40.24
N SER E 3566 -89.26 -39.14 -39.03
CA SER E 3566 -89.15 -40.09 -37.91
C SER E 3566 -90.00 -41.35 -38.04
N PRO E 3567 -89.62 -42.40 -37.31
CA PRO E 3567 -90.41 -43.62 -37.25
C PRO E 3567 -91.75 -43.22 -36.61
N SER E 3568 -91.74 -42.29 -35.67
CA SER E 3568 -92.96 -41.98 -34.88
C SER E 3568 -94.09 -41.50 -35.79
N LEU E 3569 -93.79 -40.65 -36.77
CA LEU E 3569 -94.83 -40.11 -37.68
C LEU E 3569 -95.46 -41.26 -38.47
N ARG E 3570 -94.68 -42.29 -38.83
CA ARG E 3570 -95.12 -43.39 -39.73
C ARG E 3570 -96.36 -44.12 -39.20
N TRP E 3571 -96.29 -44.73 -38.02
CA TRP E 3571 -97.41 -45.55 -37.50
C TRP E 3571 -98.60 -44.68 -37.07
N GLN E 3572 -98.35 -43.44 -36.66
CA GLN E 3572 -99.40 -42.49 -36.31
C GLN E 3572 -100.25 -42.15 -37.53
N MET E 3573 -99.61 -41.85 -38.65
CA MET E 3573 -100.34 -41.56 -39.88
C MET E 3573 -101.11 -42.77 -40.34
N ALA E 3574 -100.56 -43.96 -40.22
CA ALA E 3574 -101.34 -45.15 -40.53
C ALA E 3574 -102.74 -44.92 -39.96
N LEU E 3575 -102.83 -44.68 -38.65
CA LEU E 3575 -104.13 -44.46 -37.94
C LEU E 3575 -104.89 -43.22 -38.39
N TYR E 3576 -104.26 -42.05 -38.63
CA TYR E 3576 -105.07 -40.84 -38.93
C TYR E 3576 -105.81 -41.07 -40.22
N ARG E 3577 -105.17 -41.63 -41.23
CA ARG E 3577 -105.87 -42.08 -42.44
C ARG E 3577 -106.62 -43.33 -41.99
N GLY E 3578 -107.75 -43.68 -42.57
CA GLY E 3578 -108.57 -44.82 -42.10
C GLY E 3578 -109.57 -44.41 -41.04
N LEU E 3579 -109.65 -43.15 -40.68
CA LEU E 3579 -110.74 -42.63 -39.82
C LEU E 3579 -111.93 -42.64 -40.77
N PRO E 3580 -113.19 -42.64 -40.33
CA PRO E 3580 -114.29 -42.84 -41.26
C PRO E 3580 -114.32 -41.76 -42.35
N GLY E 3581 -114.07 -40.51 -41.99
CA GLY E 3581 -114.02 -39.43 -42.98
C GLY E 3581 -113.22 -39.83 -44.20
N PRO E 3589 -107.08 -25.50 -46.74
CA PRO E 3589 -105.73 -25.05 -46.38
C PRO E 3589 -105.75 -24.05 -45.24
N GLU E 3590 -106.36 -22.88 -45.45
CA GLU E 3590 -106.50 -21.91 -44.38
C GLU E 3590 -107.21 -22.50 -43.17
N LYS E 3591 -108.08 -23.49 -43.38
CA LYS E 3591 -108.67 -24.20 -42.26
C LYS E 3591 -107.58 -24.78 -41.37
N ILE E 3592 -106.45 -25.17 -41.97
CA ILE E 3592 -105.37 -25.76 -41.18
C ILE E 3592 -104.82 -24.75 -40.19
N VAL E 3593 -104.50 -23.56 -40.67
CA VAL E 3593 -103.97 -22.53 -39.77
C VAL E 3593 -105.01 -22.14 -38.75
N ARG E 3594 -106.28 -22.09 -39.16
CA ARG E 3594 -107.35 -21.78 -38.21
C ARG E 3594 -107.35 -22.79 -37.07
N ARG E 3595 -107.32 -24.08 -37.41
CA ARG E 3595 -107.33 -25.13 -36.39
C ARG E 3595 -106.11 -25.01 -35.49
N VAL E 3596 -104.94 -24.79 -36.08
CA VAL E 3596 -103.72 -24.73 -35.29
C VAL E 3596 -103.77 -23.57 -34.31
N GLN E 3597 -104.20 -22.40 -34.79
CA GLN E 3597 -104.30 -21.24 -33.90
C GLN E 3597 -105.31 -21.50 -32.78
N GLU E 3598 -106.47 -22.06 -33.12
CA GLU E 3598 -107.48 -22.31 -32.12
C GLU E 3598 -106.97 -23.24 -31.03
N VAL E 3599 -106.34 -24.35 -31.43
CA VAL E 3599 -105.83 -25.29 -30.46
C VAL E 3599 -104.72 -24.66 -29.63
N SER E 3600 -103.80 -23.95 -30.28
CA SER E 3600 -102.63 -23.41 -29.59
C SER E 3600 -103.03 -22.38 -28.55
N ALA E 3601 -104.02 -21.55 -28.86
CA ALA E 3601 -104.42 -20.53 -27.89
C ALA E 3601 -104.83 -21.17 -26.57
N VAL E 3602 -105.74 -22.14 -26.63
CA VAL E 3602 -106.21 -22.78 -25.41
C VAL E 3602 -105.09 -23.57 -24.76
N LEU E 3603 -104.21 -24.19 -25.56
CA LEU E 3603 -103.11 -24.93 -24.97
C LEU E 3603 -102.21 -24.03 -24.15
N TYR E 3604 -101.82 -22.88 -24.72
CA TYR E 3604 -100.95 -21.95 -24.03
C TYR E 3604 -101.63 -21.40 -22.78
N HIS E 3605 -102.91 -21.03 -22.89
CA HIS E 3605 -103.60 -20.49 -21.74
C HIS E 3605 -103.72 -21.52 -20.63
N LEU E 3606 -104.03 -22.77 -20.97
CA LEU E 3606 -104.11 -23.81 -19.96
C LEU E 3606 -102.75 -24.04 -19.31
N GLU E 3607 -101.69 -24.03 -20.10
CA GLU E 3607 -100.36 -24.22 -19.53
C GLU E 3607 -100.02 -23.09 -18.56
N GLN E 3608 -100.38 -21.86 -18.90
CA GLN E 3608 -100.07 -20.73 -18.02
C GLN E 3608 -100.71 -20.89 -16.64
N THR E 3609 -101.64 -21.83 -16.48
CA THR E 3609 -102.27 -22.06 -15.19
C THR E 3609 -102.11 -23.50 -14.75
N GLU E 3610 -100.90 -24.03 -14.87
CA GLU E 3610 -100.61 -25.40 -14.47
C GLU E 3610 -100.86 -25.59 -12.98
N MET E 3638 -98.78 2.54 27.50
CA MET E 3638 -99.68 2.86 26.40
C MET E 3638 -100.94 3.56 26.92
N THR E 3639 -100.99 3.79 28.22
CA THR E 3639 -102.14 4.46 28.81
C THR E 3639 -102.16 5.93 28.40
N PRO E 3640 -103.35 6.55 28.37
CA PRO E 3640 -103.42 7.97 28.05
C PRO E 3640 -102.72 8.81 29.12
N LEU E 3641 -102.19 9.96 28.69
CA LEU E 3641 -101.48 10.83 29.61
C LEU E 3641 -102.41 11.39 30.69
N TYR E 3642 -103.71 11.45 30.41
CA TYR E 3642 -104.64 12.08 31.35
C TYR E 3642 -105.09 11.14 32.45
N ASN E 3643 -104.48 9.95 32.57
CA ASN E 3643 -104.86 8.99 33.60
C ASN E 3643 -103.79 8.80 34.67
N LEU E 3644 -102.58 9.33 34.45
CA LEU E 3644 -101.51 9.10 35.41
C LEU E 3644 -101.69 9.98 36.65
N PRO E 3645 -101.09 9.60 37.77
CA PRO E 3645 -101.12 10.48 38.95
C PRO E 3645 -100.38 11.77 38.69
N THR E 3646 -100.78 12.83 39.39
CA THR E 3646 -100.28 14.16 39.09
C THR E 3646 -98.76 14.25 39.28
N HIS E 3647 -98.24 13.66 40.35
CA HIS E 3647 -96.82 13.84 40.66
C HIS E 3647 -95.93 13.20 39.61
N ARG E 3648 -96.30 12.02 39.11
CA ARG E 3648 -95.51 11.40 38.05
C ARG E 3648 -95.50 12.25 36.80
N ALA E 3649 -96.66 12.81 36.44
CA ALA E 3649 -96.71 13.71 35.30
C ALA E 3649 -95.82 14.93 35.53
N CYS E 3650 -95.81 15.46 36.75
CA CYS E 3650 -94.98 16.61 37.05
C CYS E 3650 -93.50 16.27 36.88
N ASN E 3651 -93.09 15.11 37.35
CA ASN E 3651 -91.69 14.72 37.19
C ASN E 3651 -91.33 14.58 35.72
N MET E 3652 -92.19 13.94 34.94
CA MET E 3652 -91.93 13.81 33.51
C MET E 3652 -91.86 15.18 32.84
N PHE E 3653 -92.75 16.09 33.22
CA PHE E 3653 -92.73 17.42 32.64
C PHE E 3653 -91.43 18.13 32.97
N LEU E 3654 -90.96 18.02 34.21
CA LEU E 3654 -89.71 18.66 34.57
C LEU E 3654 -88.57 18.11 33.74
N GLU E 3655 -88.52 16.78 33.58
CA GLU E 3655 -87.48 16.18 32.76
C GLU E 3655 -87.52 16.74 31.35
N SER E 3656 -88.68 16.72 30.72
CA SER E 3656 -88.79 17.19 29.34
C SER E 3656 -88.43 18.66 29.21
N TYR E 3657 -88.92 19.49 30.13
CA TYR E 3657 -88.64 20.92 30.06
C TYR E 3657 -87.16 21.19 30.19
N LYS E 3658 -86.48 20.49 31.09
CA LYS E 3658 -85.04 20.65 31.21
C LYS E 3658 -84.34 20.23 29.92
N ALA E 3659 -84.76 19.10 29.36
CA ALA E 3659 -84.09 18.57 28.18
C ALA E 3659 -84.25 19.50 26.98
N ALA E 3660 -85.45 20.05 26.79
CA ALA E 3660 -85.76 20.75 25.55
C ALA E 3660 -85.60 22.26 25.62
N TRP E 3661 -85.97 22.88 26.74
CA TRP E 3661 -86.06 24.34 26.80
C TRP E 3661 -84.91 25.00 27.56
N ILE E 3662 -84.29 24.30 28.51
CA ILE E 3662 -83.30 24.94 29.36
C ILE E 3662 -81.94 24.94 28.67
N LEU E 3663 -81.39 23.76 28.40
CA LEU E 3663 -80.02 23.70 27.90
C LEU E 3663 -79.89 24.20 26.46
N THR E 3664 -80.98 24.26 25.71
CA THR E 3664 -80.92 24.81 24.36
C THR E 3664 -80.68 26.31 24.35
N GLU E 3665 -80.95 26.99 25.47
CA GLU E 3665 -80.75 28.43 25.54
C GLU E 3665 -79.27 28.76 25.38
N ASP E 3666 -78.98 29.88 24.70
CA ASP E 3666 -77.62 30.35 24.52
C ASP E 3666 -77.40 31.60 25.35
N HIS E 3667 -76.21 31.70 25.93
CA HIS E 3667 -75.86 32.86 26.75
C HIS E 3667 -74.35 32.99 26.78
N SER E 3668 -73.83 34.05 26.16
CA SER E 3668 -72.40 34.30 26.10
C SER E 3668 -72.03 35.35 27.12
N PHE E 3669 -71.11 35.00 28.02
CA PHE E 3669 -70.67 35.92 29.07
C PHE E 3669 -69.16 35.89 29.24
N GLU E 3670 -68.49 34.94 28.59
CA GLU E 3670 -67.06 34.74 28.83
C GLU E 3670 -66.25 35.99 28.49
N ASP E 3671 -66.52 36.59 27.33
CA ASP E 3671 -65.77 37.77 26.93
C ASP E 3671 -65.96 38.89 27.94
N ARG E 3672 -67.20 39.15 28.35
CA ARG E 3672 -67.46 40.20 29.32
C ARG E 3672 -66.79 39.90 30.65
N MET E 3673 -66.82 38.63 31.06
CA MET E 3673 -66.24 38.20 32.36
C MET E 3673 -64.73 38.38 32.35
N ILE E 3674 -64.04 38.11 31.22
CA ILE E 3674 -62.60 38.31 31.14
C ILE E 3674 -62.27 39.79 31.05
N ASP E 3675 -63.05 40.55 30.29
CA ASP E 3675 -62.82 41.98 30.19
C ASP E 3675 -62.94 42.65 31.55
N ASP E 3676 -63.96 42.27 32.33
CA ASP E 3676 -64.13 42.84 33.65
C ASP E 3676 -62.96 42.46 34.57
N LEU E 3677 -62.52 41.21 34.52
CA LEU E 3677 -61.46 40.76 35.41
C LEU E 3677 -60.10 41.32 35.02
N SER E 3678 -59.93 41.78 33.78
CA SER E 3678 -58.63 42.23 33.32
C SER E 3678 -58.33 43.69 33.67
N LYS E 3679 -59.30 44.44 34.18
CA LYS E 3679 -59.08 45.84 34.48
C LYS E 3679 -58.43 46.01 35.86
N ALA E 3680 -58.03 47.24 36.16
CA ALA E 3680 -57.46 47.59 37.45
C ALA E 3680 -57.90 49.00 37.80
N GLY E 3681 -57.89 49.30 39.09
CA GLY E 3681 -58.30 50.59 39.60
C GLY E 3681 -57.13 51.51 39.88
N GLU E 3682 -57.41 52.56 40.65
CA GLU E 3682 -56.38 53.53 41.02
C GLU E 3682 -55.80 54.21 39.79
N LYS E 3693 -45.85 47.10 40.52
CA LYS E 3693 -47.30 46.97 40.39
C LYS E 3693 -47.74 45.59 40.88
N LYS E 3694 -48.87 45.55 41.57
CA LYS E 3694 -49.40 44.29 42.08
C LYS E 3694 -50.27 43.63 41.01
N PRO E 3695 -50.45 42.32 41.10
CA PRO E 3695 -51.24 41.61 40.08
C PRO E 3695 -52.69 42.04 40.08
N ASP E 3696 -53.32 41.98 38.91
CA ASP E 3696 -54.74 42.21 38.79
C ASP E 3696 -55.50 40.89 38.96
N PRO E 3697 -56.82 40.94 39.12
CA PRO E 3697 -57.55 39.73 39.55
C PRO E 3697 -57.31 38.50 38.69
N LEU E 3698 -57.26 38.65 37.37
CA LEU E 3698 -57.03 37.50 36.51
C LEU E 3698 -55.66 36.88 36.78
N HIS E 3699 -54.65 37.73 36.97
CA HIS E 3699 -53.32 37.23 37.32
C HIS E 3699 -53.35 36.46 38.63
N GLN E 3700 -54.09 36.97 39.62
CA GLN E 3700 -54.19 36.28 40.90
C GLN E 3700 -54.86 34.92 40.75
N LEU E 3701 -55.90 34.83 39.93
CA LEU E 3701 -56.55 33.55 39.70
C LEU E 3701 -55.59 32.55 39.07
N VAL E 3702 -54.86 32.99 38.04
CA VAL E 3702 -53.92 32.08 37.39
C VAL E 3702 -52.84 31.64 38.37
N LEU E 3703 -52.35 32.57 39.19
CA LEU E 3703 -51.33 32.21 40.18
C LEU E 3703 -51.86 31.21 41.18
N HIS E 3704 -53.11 31.36 41.61
CA HIS E 3704 -53.70 30.42 42.54
C HIS E 3704 -53.74 29.02 41.95
N PHE E 3705 -54.17 28.90 40.68
CA PHE E 3705 -54.23 27.58 40.08
C PHE E 3705 -52.84 26.99 39.91
N SER E 3706 -51.84 27.82 39.56
CA SER E 3706 -50.48 27.33 39.49
C SER E 3706 -50.00 26.81 40.84
N ARG E 3707 -50.31 27.55 41.92
CA ARG E 3707 -49.92 27.11 43.25
C ARG E 3707 -50.53 25.76 43.57
N THR E 3708 -51.81 25.58 43.26
CA THR E 3708 -52.43 24.27 43.51
C THR E 3708 -51.77 23.18 42.70
N ALA E 3709 -51.40 23.48 41.46
CA ALA E 3709 -50.75 22.47 40.61
C ALA E 3709 -49.39 22.06 41.16
N LEU E 3710 -48.62 23.02 41.68
CA LEU E 3710 -47.25 22.73 42.08
C LEU E 3710 -47.14 21.97 43.39
N THR E 3711 -48.21 21.87 44.18
CA THR E 3711 -48.14 21.18 45.46
C THR E 3711 -47.75 19.72 45.25
N GLU E 3712 -46.90 19.21 46.14
CA GLU E 3712 -46.39 17.84 46.04
C GLU E 3712 -47.44 16.88 46.59
N LYS E 3713 -47.96 16.02 45.72
CA LYS E 3713 -48.99 15.05 46.11
C LYS E 3713 -48.87 13.82 45.22
N SER E 3714 -49.45 12.72 45.70
CA SER E 3714 -49.40 11.48 44.95
C SER E 3714 -50.35 11.47 43.76
N LYS E 3715 -51.53 12.07 43.93
CA LYS E 3715 -52.56 12.05 42.90
C LYS E 3715 -53.16 13.44 42.77
N LEU E 3716 -53.65 13.75 41.56
CA LEU E 3716 -54.29 15.03 41.30
C LEU E 3716 -55.78 14.91 41.56
N ASP E 3717 -56.28 15.63 42.57
CA ASP E 3717 -57.69 15.59 42.90
C ASP E 3717 -58.50 16.36 41.87
N GLU E 3718 -59.67 15.83 41.54
CA GLU E 3718 -60.54 16.49 40.57
C GLU E 3718 -61.39 17.54 41.27
N ASP E 3719 -61.34 18.78 40.75
CA ASP E 3719 -62.14 19.87 41.28
C ASP E 3719 -62.84 20.58 40.13
N TYR E 3720 -64.12 20.88 40.33
CA TYR E 3720 -64.93 21.43 39.25
C TYR E 3720 -64.61 22.89 38.96
N LEU E 3721 -64.13 23.63 39.96
CA LEU E 3721 -63.87 25.05 39.76
C LEU E 3721 -62.82 25.27 38.69
N TYR E 3722 -61.72 24.50 38.75
CA TYR E 3722 -60.68 24.64 37.75
C TYR E 3722 -61.21 24.33 36.37
N MET E 3723 -62.01 23.28 36.23
CA MET E 3723 -62.55 22.93 34.93
C MET E 3723 -63.44 24.03 34.39
N ALA E 3724 -64.31 24.60 35.24
CA ALA E 3724 -65.18 25.66 34.78
C ALA E 3724 -64.39 26.88 34.32
N TYR E 3725 -63.40 27.30 35.10
CA TYR E 3725 -62.66 28.49 34.73
C TYR E 3725 -61.76 28.24 33.51
N ALA E 3726 -61.23 27.03 33.37
CA ALA E 3726 -60.48 26.70 32.17
C ALA E 3726 -61.37 26.76 30.94
N ASP E 3727 -62.59 26.26 31.06
CA ASP E 3727 -63.51 26.32 29.93
C ASP E 3727 -63.82 27.78 29.59
N ILE E 3728 -64.04 28.62 30.59
CA ILE E 3728 -64.32 30.03 30.33
C ILE E 3728 -63.14 30.68 29.59
N MET E 3729 -61.93 30.49 30.11
CA MET E 3729 -60.76 31.10 29.49
C MET E 3729 -60.59 30.61 28.06
N ALA E 3730 -60.76 29.31 27.83
CA ALA E 3730 -60.62 28.77 26.49
C ALA E 3730 -61.63 29.39 25.54
N LYS E 3731 -62.88 29.51 25.96
CA LYS E 3731 -63.90 30.07 25.09
C LYS E 3731 -63.74 31.58 24.90
N SER E 3732 -62.95 32.24 25.77
CA SER E 3732 -62.75 33.67 25.59
C SER E 3732 -61.96 33.99 24.33
N CYS E 3733 -61.23 33.01 23.77
CA CYS E 3733 -60.48 33.18 22.49
C CYS E 3733 -61.29 32.54 21.36
N HIS E 3734 -61.77 33.34 20.39
CA HIS E 3734 -62.53 32.83 19.22
C HIS E 3734 -61.65 31.84 18.45
N VAL E 3751 -64.64 38.13 1.90
CA VAL E 3751 -63.30 37.61 2.00
C VAL E 3751 -62.28 38.72 1.75
N SER E 3752 -62.61 39.93 2.20
CA SER E 3752 -61.73 41.07 2.01
C SER E 3752 -60.44 40.89 2.80
N PHE E 3753 -59.37 41.52 2.31
CA PHE E 3753 -58.09 41.45 3.01
C PHE E 3753 -58.15 42.17 4.35
N GLU E 3754 -58.81 43.32 4.40
CA GLU E 3754 -58.80 44.12 5.63
C GLU E 3754 -59.51 43.40 6.76
N GLU E 3755 -60.66 42.79 6.49
CA GLU E 3755 -61.38 42.09 7.54
C GLU E 3755 -60.57 40.93 8.09
N LYS E 3756 -59.91 40.16 7.22
CA LYS E 3756 -59.15 39.01 7.70
C LYS E 3756 -57.86 39.43 8.39
N GLU E 3757 -57.32 40.60 8.06
CA GLU E 3757 -56.18 41.10 8.83
C GLU E 3757 -56.61 41.58 10.21
N MET E 3758 -57.72 42.30 10.29
CA MET E 3758 -58.18 42.78 11.58
C MET E 3758 -58.60 41.63 12.48
N GLU E 3759 -59.17 40.56 11.90
CA GLU E 3759 -59.54 39.40 12.71
C GLU E 3759 -58.30 38.75 13.30
N LYS E 3760 -57.22 38.64 12.52
CA LYS E 3760 -55.98 38.10 13.06
C LYS E 3760 -55.45 38.97 14.18
N GLN E 3761 -55.52 40.29 13.99
CA GLN E 3761 -55.06 41.19 15.04
C GLN E 3761 -55.88 40.99 16.32
N ARG E 3762 -57.20 40.87 16.19
CA ARG E 3762 -58.04 40.68 17.36
C ARG E 3762 -57.72 39.36 18.05
N LEU E 3763 -57.51 38.29 17.28
CA LEU E 3763 -57.17 37.01 17.89
C LEU E 3763 -55.84 37.10 18.63
N LEU E 3764 -54.86 37.78 18.04
CA LEU E 3764 -53.57 37.95 18.72
C LEU E 3764 -53.76 38.72 20.02
N TYR E 3765 -54.58 39.77 20.00
CA TYR E 3765 -54.80 40.54 21.22
C TYR E 3765 -55.46 39.68 22.29
N GLN E 3766 -56.45 38.88 21.90
CA GLN E 3766 -57.14 38.03 22.87
C GLN E 3766 -56.18 37.01 23.47
N GLN E 3767 -55.32 36.41 22.65
CA GLN E 3767 -54.37 35.44 23.18
C GLN E 3767 -53.34 36.10 24.09
N SER E 3768 -52.91 37.32 23.74
CA SER E 3768 -51.99 38.04 24.61
C SER E 3768 -52.62 38.32 25.97
N ARG E 3769 -53.90 38.72 25.96
CA ARG E 3769 -54.60 39.00 27.21
C ARG E 3769 -54.39 37.88 28.23
N LEU E 3770 -54.27 36.63 27.77
CA LEU E 3770 -54.06 35.51 28.67
C LEU E 3770 -52.60 35.19 28.88
N HIS E 3771 -51.82 35.06 27.80
CA HIS E 3771 -50.46 34.55 27.97
C HIS E 3771 -49.52 35.59 28.56
N THR E 3772 -49.95 36.84 28.70
CA THR E 3772 -49.13 37.81 29.42
C THR E 3772 -49.23 37.64 30.93
N ARG E 3773 -50.12 36.78 31.41
CA ARG E 3773 -50.34 36.59 32.85
C ARG E 3773 -49.99 35.18 33.30
N GLY E 3774 -49.23 34.44 32.50
CA GLY E 3774 -48.72 33.15 32.92
C GLY E 3774 -49.64 31.98 32.74
N ALA E 3775 -50.31 31.86 31.59
CA ALA E 3775 -51.20 30.72 31.38
C ALA E 3775 -50.45 29.53 30.81
N ALA E 3776 -49.43 29.77 29.98
CA ALA E 3776 -48.68 28.66 29.38
C ALA E 3776 -47.99 27.83 30.46
N GLU E 3777 -47.38 28.49 31.44
CA GLU E 3777 -46.74 27.76 32.53
C GLU E 3777 -47.77 26.95 33.30
N MET E 3778 -48.96 27.51 33.51
CA MET E 3778 -50.01 26.77 34.20
C MET E 3778 -50.39 25.52 33.43
N VAL E 3779 -50.53 25.64 32.11
CA VAL E 3779 -50.90 24.49 31.29
C VAL E 3779 -49.84 23.40 31.41
N LEU E 3780 -48.57 23.78 31.28
CA LEU E 3780 -47.50 22.80 31.38
C LEU E 3780 -47.48 22.14 32.75
N GLN E 3781 -47.65 22.93 33.81
CA GLN E 3781 -47.62 22.38 35.16
C GLN E 3781 -48.77 21.40 35.38
N MET E 3782 -49.96 21.73 34.89
CA MET E 3782 -51.08 20.81 35.06
C MET E 3782 -50.85 19.52 34.30
N ILE E 3783 -50.33 19.60 33.07
CA ILE E 3783 -50.06 18.38 32.32
C ILE E 3783 -49.04 17.53 33.05
N SER E 3784 -48.00 18.16 33.62
CA SER E 3784 -47.02 17.40 34.38
C SER E 3784 -47.66 16.75 35.60
N ALA E 3785 -48.55 17.47 36.28
CA ALA E 3785 -49.18 16.96 37.49
C ALA E 3785 -50.13 15.80 37.23
N CYS E 3786 -50.79 15.77 36.07
CA CYS E 3786 -51.74 14.68 35.81
C CYS E 3786 -51.10 13.31 35.92
N LYS E 3787 -49.81 13.19 35.67
CA LYS E 3787 -49.08 11.92 35.80
C LYS E 3787 -49.67 10.85 34.89
N GLY E 3788 -50.06 11.23 33.68
CA GLY E 3788 -50.51 10.28 32.69
C GLY E 3788 -51.79 9.55 33.03
N GLU E 3789 -52.76 10.22 33.64
CA GLU E 3789 -54.05 9.62 33.96
C GLU E 3789 -55.15 10.34 33.19
N THR E 3790 -55.92 9.59 32.43
CA THR E 3790 -57.01 10.18 31.66
C THR E 3790 -58.08 10.72 32.60
N GLY E 3791 -58.76 11.77 32.15
CA GLY E 3791 -59.80 12.38 32.95
C GLY E 3791 -60.23 13.69 32.34
N ALA E 3792 -61.14 14.37 33.06
CA ALA E 3792 -61.65 15.65 32.59
C ALA E 3792 -60.63 16.76 32.75
N MET E 3793 -59.79 16.67 33.78
CA MET E 3793 -58.82 17.75 34.03
C MET E 3793 -57.85 17.88 32.87
N VAL E 3794 -57.24 16.77 32.46
CA VAL E 3794 -56.26 16.82 31.37
C VAL E 3794 -56.95 17.22 30.07
N SER E 3795 -58.19 16.77 29.88
CA SER E 3795 -58.93 17.14 28.67
C SER E 3795 -59.12 18.65 28.60
N SER E 3796 -59.59 19.25 29.70
CA SER E 3796 -59.78 20.71 29.71
C SER E 3796 -58.46 21.44 29.56
N THR E 3797 -57.39 20.92 30.17
CA THR E 3797 -56.08 21.56 30.01
C THR E 3797 -55.63 21.55 28.56
N LEU E 3798 -55.80 20.42 27.86
CA LEU E 3798 -55.44 20.36 26.46
C LEU E 3798 -56.30 21.31 25.63
N LYS E 3799 -57.59 21.41 25.96
CA LYS E 3799 -58.44 22.36 25.25
C LYS E 3799 -57.93 23.78 25.42
N LEU E 3800 -57.57 24.16 26.64
CA LEU E 3800 -57.05 25.51 26.88
C LEU E 3800 -55.75 25.74 26.12
N GLY E 3801 -54.86 24.75 26.12
CA GLY E 3801 -53.62 24.89 25.37
C GLY E 3801 -53.86 25.08 23.89
N ILE E 3802 -54.74 24.28 23.31
CA ILE E 3802 -55.09 24.44 21.90
C ILE E 3802 -55.60 25.86 21.66
N SER E 3803 -56.53 26.31 22.50
CA SER E 3803 -57.13 27.62 22.28
C SER E 3803 -56.10 28.73 22.34
N ILE E 3804 -55.17 28.66 23.30
CA ILE E 3804 -54.20 29.74 23.45
C ILE E 3804 -53.07 29.64 22.43
N LEU E 3805 -52.89 28.48 21.79
CA LEU E 3805 -51.78 28.26 20.88
C LEU E 3805 -52.16 28.30 19.41
N ASN E 3806 -53.41 28.63 19.08
CA ASN E 3806 -53.87 28.57 17.70
C ASN E 3806 -53.11 29.55 16.83
N GLY E 3807 -52.96 29.20 15.56
CA GLY E 3807 -52.32 30.07 14.59
C GLY E 3807 -50.82 30.14 14.68
N GLY E 3808 -50.17 29.21 15.38
CA GLY E 3808 -48.74 29.21 15.48
C GLY E 3808 -48.18 30.45 16.14
N ASN E 3809 -48.76 30.85 17.27
CA ASN E 3809 -48.28 32.02 18.01
C ASN E 3809 -46.85 31.78 18.44
N ALA E 3810 -45.94 32.67 18.05
CA ALA E 3810 -44.52 32.48 18.32
C ALA E 3810 -44.16 32.78 19.77
N GLU E 3811 -44.76 33.80 20.36
CA GLU E 3811 -44.42 34.17 21.73
C GLU E 3811 -44.73 33.03 22.69
N VAL E 3812 -45.88 32.38 22.52
CA VAL E 3812 -46.27 31.29 23.39
C VAL E 3812 -45.27 30.14 23.27
N GLN E 3813 -44.87 29.82 22.03
CA GLN E 3813 -43.90 28.75 21.83
C GLN E 3813 -42.58 29.08 22.52
N GLN E 3814 -42.11 30.32 22.38
CA GLN E 3814 -40.87 30.72 23.01
C GLN E 3814 -40.96 30.60 24.53
N LYS E 3815 -42.07 31.07 25.10
CA LYS E 3815 -42.23 31.01 26.54
C LYS E 3815 -42.26 29.57 27.05
N MET E 3816 -43.01 28.71 26.37
CA MET E 3816 -43.05 27.31 26.79
C MET E 3816 -41.67 26.68 26.71
N LEU E 3817 -40.95 26.90 25.62
CA LEU E 3817 -39.63 26.29 25.49
C LEU E 3817 -38.69 26.79 26.56
N ASP E 3818 -38.71 28.10 26.84
CA ASP E 3818 -37.83 28.64 27.87
C ASP E 3818 -38.15 28.05 29.23
N TYR E 3819 -39.44 27.96 29.57
CA TYR E 3819 -39.81 27.39 30.86
C TYR E 3819 -39.35 25.93 30.97
N LEU E 3820 -39.61 25.15 29.93
CA LEU E 3820 -39.23 23.73 29.97
C LEU E 3820 -37.73 23.57 30.12
N LYS E 3821 -36.94 24.35 29.36
CA LYS E 3821 -35.50 24.23 29.47
C LYS E 3821 -35.00 24.72 30.82
N ASP E 3822 -35.68 25.69 31.43
CA ASP E 3822 -35.23 26.22 32.71
C ASP E 3822 -35.47 25.23 33.84
N LYS E 3823 -36.66 24.62 33.90
CA LYS E 3823 -36.98 23.76 35.03
C LYS E 3823 -36.27 22.41 34.96
N LYS E 3824 -36.02 21.88 33.76
CA LYS E 3824 -35.36 20.58 33.62
C LYS E 3824 -36.11 19.48 34.36
N GLU E 3825 -37.43 19.43 34.20
CA GLU E 3825 -38.24 18.40 34.83
C GLU E 3825 -38.67 17.37 33.80
N VAL E 3826 -38.70 16.10 34.23
CA VAL E 3826 -38.99 14.99 33.33
C VAL E 3826 -40.43 14.50 33.41
N GLY E 3827 -41.26 15.10 34.26
CA GLY E 3827 -42.64 14.66 34.37
C GLY E 3827 -43.45 14.92 33.11
N PHE E 3828 -43.16 16.02 32.42
CA PHE E 3828 -43.98 16.41 31.27
C PHE E 3828 -44.00 15.32 30.20
N PHE E 3829 -42.82 14.88 29.77
CA PHE E 3829 -42.75 13.94 28.67
C PHE E 3829 -43.15 12.53 29.11
N GLN E 3830 -42.88 12.19 30.38
CA GLN E 3830 -43.37 10.91 30.89
C GLN E 3830 -44.89 10.85 30.85
N SER E 3831 -45.54 11.92 31.30
CA SER E 3831 -46.99 11.97 31.26
C SER E 3831 -47.51 11.91 29.83
N ILE E 3832 -46.86 12.63 28.91
CA ILE E 3832 -47.30 12.59 27.52
C ILE E 3832 -47.16 11.18 26.96
N GLN E 3833 -46.06 10.51 27.25
CA GLN E 3833 -45.85 9.15 26.76
C GLN E 3833 -46.93 8.21 27.29
N ALA E 3834 -47.23 8.31 28.60
CA ALA E 3834 -48.27 7.46 29.16
C ALA E 3834 -49.62 7.73 28.51
N LEU E 3835 -49.94 9.01 28.32
CA LEU E 3835 -51.22 9.35 27.69
C LEU E 3835 -51.31 8.76 26.29
N MET E 3836 -50.23 8.86 25.51
CA MET E 3836 -50.24 8.26 24.18
C MET E 3836 -50.43 6.75 24.26
N GLN E 3837 -49.74 6.09 25.19
CA GLN E 3837 -49.89 4.64 25.31
C GLN E 3837 -51.29 4.24 25.73
N THR E 3838 -52.04 5.12 26.38
CA THR E 3838 -53.40 4.79 26.82
C THR E 3838 -54.45 5.02 25.75
N CYS E 3839 -54.09 5.53 24.57
CA CYS E 3839 -55.09 5.83 23.55
C CYS E 3839 -55.68 4.55 22.99
N SER E 3840 -56.92 4.66 22.49
CA SER E 3840 -57.67 3.50 22.04
C SER E 3840 -57.73 3.44 20.51
N VAL E 3841 -58.13 2.28 20.00
CA VAL E 3841 -58.25 2.01 18.57
C VAL E 3841 -59.51 1.19 18.34
N LEU E 3842 -59.76 0.83 17.08
CA LEU E 3842 -60.93 0.03 16.75
C LEU E 3842 -60.82 -1.37 17.35
N ASP E 3843 -61.97 -1.94 17.68
CA ASP E 3843 -62.06 -3.29 18.23
C ASP E 3843 -63.27 -4.00 17.65
N LEU E 3844 -63.06 -5.18 17.10
CA LEU E 3844 -64.17 -5.92 16.49
C LEU E 3844 -65.08 -6.56 17.54
N ASN E 3845 -64.51 -7.04 18.65
CA ASN E 3845 -65.32 -7.72 19.65
C ASN E 3845 -66.38 -6.80 20.23
N ALA E 3846 -66.00 -5.56 20.55
CA ALA E 3846 -66.98 -4.61 21.06
C ALA E 3846 -68.07 -4.33 20.04
N PHE E 3847 -67.68 -4.20 18.77
CA PHE E 3847 -68.65 -3.94 17.72
C PHE E 3847 -69.66 -5.08 17.62
N GLU E 3848 -69.16 -6.33 17.65
CA GLU E 3848 -70.06 -7.48 17.56
C GLU E 3848 -70.97 -7.56 18.77
N ARG E 3849 -70.43 -7.29 19.96
CA ARG E 3849 -71.25 -7.29 21.16
C ARG E 3849 -72.35 -6.25 21.06
N GLN E 3850 -72.02 -5.04 20.58
CA GLN E 3850 -73.02 -4.00 20.44
C GLN E 3850 -74.09 -4.39 19.43
N ASN E 3851 -73.68 -4.99 18.32
CA ASN E 3851 -74.66 -5.45 17.34
C ASN E 3851 -75.60 -6.48 17.94
N LYS E 3852 -75.04 -7.44 18.69
CA LYS E 3852 -75.81 -8.50 19.37
C LYS E 3852 -76.81 -7.84 20.33
N ALA E 3853 -76.36 -6.85 21.10
CA ALA E 3853 -77.22 -6.19 22.07
C ALA E 3853 -78.35 -5.44 21.39
N GLU E 3854 -78.04 -4.72 20.31
CA GLU E 3854 -79.10 -4.01 19.58
C GLU E 3854 -80.06 -4.98 18.93
N GLY E 3855 -79.61 -6.20 18.61
CA GLY E 3855 -80.50 -7.20 18.07
C GLY E 3855 -81.65 -7.57 18.98
N LEU E 3856 -81.54 -7.28 20.28
CA LEU E 3856 -82.60 -7.58 21.23
C LEU E 3856 -83.72 -6.55 21.22
N LYS E 3873 -68.18 1.31 24.30
CA LYS E 3873 -68.33 1.48 22.87
C LYS E 3873 -66.98 1.26 22.18
N VAL E 3874 -66.91 1.60 20.89
CA VAL E 3874 -65.69 1.46 20.11
C VAL E 3874 -65.18 2.84 19.75
N MET E 3875 -63.95 3.14 20.15
CA MET E 3875 -63.34 4.45 19.93
C MET E 3875 -64.20 5.54 20.54
N ALA E 3876 -64.41 5.43 21.85
CA ALA E 3876 -65.24 6.38 22.57
C ALA E 3876 -64.50 7.66 22.94
N ASP E 3877 -63.17 7.68 22.83
CA ASP E 3877 -62.37 8.84 23.20
C ASP E 3877 -61.59 9.39 22.02
N ASP E 3878 -62.18 9.38 20.82
CA ASP E 3878 -61.47 9.86 19.64
C ASP E 3878 -61.12 11.33 19.75
N GLU E 3879 -62.04 12.15 20.26
CA GLU E 3879 -61.78 13.58 20.35
C GLU E 3879 -60.60 13.88 21.25
N PHE E 3880 -60.41 13.11 22.32
CA PHE E 3880 -59.24 13.33 23.17
C PHE E 3880 -57.95 13.05 22.41
N THR E 3881 -57.91 11.97 21.63
CA THR E 3881 -56.72 11.68 20.84
C THR E 3881 -56.45 12.78 19.82
N GLN E 3882 -57.50 13.25 19.16
CA GLN E 3882 -57.34 14.34 18.20
C GLN E 3882 -56.78 15.57 18.89
N ASP E 3883 -57.30 15.90 20.07
CA ASP E 3883 -56.81 17.07 20.79
C ASP E 3883 -55.35 16.91 21.18
N LEU E 3884 -54.97 15.73 21.66
CA LEU E 3884 -53.58 15.49 22.04
C LEU E 3884 -52.65 15.71 20.86
N PHE E 3885 -52.97 15.10 19.72
CA PHE E 3885 -52.07 15.20 18.59
C PHE E 3885 -52.09 16.60 17.97
N ARG E 3886 -53.23 17.29 18.00
CA ARG E 3886 -53.28 18.66 17.55
C ARG E 3886 -52.40 19.55 18.43
N PHE E 3887 -52.44 19.32 19.74
CA PHE E 3887 -51.58 20.09 20.64
C PHE E 3887 -50.12 19.84 20.34
N LEU E 3888 -49.74 18.59 20.11
CA LEU E 3888 -48.36 18.30 19.77
C LEU E 3888 -47.97 18.98 18.47
N GLN E 3889 -48.86 18.98 17.48
CA GLN E 3889 -48.56 19.61 16.20
C GLN E 3889 -48.34 21.11 16.37
N LEU E 3890 -49.21 21.77 17.15
CA LEU E 3890 -49.15 23.22 17.22
C LEU E 3890 -47.84 23.73 17.82
N LEU E 3891 -47.10 22.87 18.52
CA LEU E 3891 -45.83 23.31 19.08
C LEU E 3891 -44.78 23.54 18.01
N CYS E 3892 -44.78 22.73 16.95
CA CYS E 3892 -43.79 22.82 15.90
C CYS E 3892 -44.23 23.68 14.71
N GLU E 3893 -45.48 24.13 14.69
CA GLU E 3893 -45.99 24.85 13.53
C GLU E 3893 -45.21 26.13 13.31
N GLY E 3894 -45.02 26.48 12.03
CA GLY E 3894 -44.23 27.64 11.67
C GLY E 3894 -42.78 27.36 11.43
N HIS E 3895 -42.39 26.09 11.29
CA HIS E 3895 -41.00 25.72 11.07
C HIS E 3895 -40.12 26.16 12.24
N ASN E 3896 -40.50 25.76 13.45
CA ASN E 3896 -39.73 26.07 14.65
C ASN E 3896 -38.69 24.97 14.84
N ASN E 3897 -37.44 25.27 14.49
CA ASN E 3897 -36.40 24.26 14.57
C ASN E 3897 -36.10 23.87 16.02
N ASP E 3898 -36.15 24.82 16.95
CA ASP E 3898 -35.78 24.53 18.33
C ASP E 3898 -36.69 23.47 18.92
N PHE E 3899 -38.01 23.64 18.79
CA PHE E 3899 -38.93 22.65 19.32
C PHE E 3899 -38.84 21.34 18.57
N GLN E 3900 -38.61 21.40 17.26
CA GLN E 3900 -38.48 20.18 16.48
C GLN E 3900 -37.32 19.34 16.98
N ASN E 3901 -36.21 19.98 17.32
CA ASN E 3901 -35.08 19.25 17.87
C ASN E 3901 -35.33 18.81 19.31
N TYR E 3902 -35.97 19.66 20.10
CA TYR E 3902 -36.19 19.33 21.51
C TYR E 3902 -37.07 18.11 21.67
N LEU E 3903 -38.07 17.95 20.80
CA LEU E 3903 -38.97 16.82 20.90
C LEU E 3903 -38.26 15.48 20.71
N ARG E 3904 -37.09 15.48 20.09
CA ARG E 3904 -36.35 14.24 19.86
C ARG E 3904 -35.43 13.89 21.01
N THR E 3905 -34.74 14.89 21.57
CA THR E 3905 -33.82 14.67 22.67
C THR E 3905 -33.81 15.88 23.59
N GLN E 3906 -33.83 15.62 24.90
CA GLN E 3906 -33.71 16.65 25.91
C GLN E 3906 -32.29 16.60 26.46
N THR E 3907 -31.58 17.73 26.38
CA THR E 3907 -30.16 17.73 26.69
C THR E 3907 -29.90 17.72 28.19
N GLY E 3908 -30.37 18.74 28.91
CA GLY E 3908 -30.03 18.89 30.30
C GLY E 3908 -30.70 17.87 31.20
N ASN E 3909 -31.76 17.25 30.73
CA ASN E 3909 -32.52 16.33 31.56
C ASN E 3909 -31.69 15.08 31.86
N THR E 3910 -32.01 14.45 33.00
CA THR E 3910 -31.34 13.21 33.38
C THR E 3910 -31.62 12.10 32.38
N THR E 3911 -32.86 11.99 31.91
CA THR E 3911 -33.23 10.98 30.94
C THR E 3911 -33.90 11.67 29.75
N THR E 3912 -34.11 10.90 28.68
CA THR E 3912 -34.64 11.43 27.44
C THR E 3912 -35.72 10.49 26.92
N ILE E 3913 -36.70 11.08 26.22
CA ILE E 3913 -37.79 10.35 25.61
C ILE E 3913 -37.98 10.88 24.19
N ASN E 3914 -38.18 9.98 23.24
CA ASN E 3914 -38.36 10.34 21.84
C ASN E 3914 -39.85 10.23 21.50
N ILE E 3915 -40.43 11.34 21.02
CA ILE E 3915 -41.86 11.37 20.75
C ILE E 3915 -42.20 10.85 19.35
N ILE E 3916 -41.25 10.93 18.41
CA ILE E 3916 -41.53 10.46 17.06
C ILE E 3916 -41.78 8.95 17.08
N ILE E 3917 -41.01 8.22 17.89
CA ILE E 3917 -41.20 6.78 17.99
C ILE E 3917 -42.59 6.46 18.53
N CYS E 3918 -43.02 7.20 19.55
CA CYS E 3918 -44.35 6.97 20.10
C CYS E 3918 -45.42 7.23 19.06
N THR E 3919 -45.27 8.32 18.30
CA THR E 3919 -46.26 8.63 17.27
C THR E 3919 -46.34 7.50 16.23
N VAL E 3920 -45.19 7.01 15.78
CA VAL E 3920 -45.21 5.96 14.76
C VAL E 3920 -45.80 4.68 15.35
N ASP E 3921 -45.53 4.38 16.62
CA ASP E 3921 -46.11 3.20 17.24
C ASP E 3921 -47.63 3.28 17.25
N TYR E 3922 -48.17 4.42 17.67
CA TYR E 3922 -49.63 4.57 17.65
C TYR E 3922 -50.17 4.43 16.24
N LEU E 3923 -49.47 5.01 15.26
CA LEU E 3923 -49.94 4.91 13.88
C LEU E 3923 -49.98 3.45 13.44
N LEU E 3924 -48.97 2.67 13.82
CA LEU E 3924 -48.96 1.26 13.44
C LEU E 3924 -50.13 0.51 14.06
N ARG E 3925 -50.42 0.77 15.34
CA ARG E 3925 -51.57 0.11 15.97
C ARG E 3925 -52.86 0.46 15.24
N LEU E 3926 -53.04 1.74 14.91
CA LEU E 3926 -54.26 2.15 14.21
C LEU E 3926 -54.36 1.47 12.85
N GLN E 3927 -53.24 1.38 12.13
CA GLN E 3927 -53.24 0.75 10.82
C GLN E 3927 -53.66 -0.71 10.92
N GLU E 3928 -53.12 -1.43 11.91
CA GLU E 3928 -53.51 -2.82 12.08
C GLU E 3928 -55.00 -2.95 12.37
N SER E 3929 -55.54 -2.07 13.21
CA SER E 3929 -56.97 -2.15 13.49
C SER E 3929 -57.79 -1.93 12.22
N ILE E 3930 -57.40 -0.95 11.41
CA ILE E 3930 -58.15 -0.68 10.17
C ILE E 3930 -58.07 -1.88 9.23
N SER E 3931 -56.88 -2.49 9.14
CA SER E 3931 -56.75 -3.66 8.28
C SER E 3931 -57.67 -4.79 8.73
N ASP E 3932 -57.74 -5.02 10.03
CA ASP E 3932 -58.64 -6.05 10.54
C ASP E 3932 -60.09 -5.72 10.17
N PHE E 3933 -60.49 -4.45 10.31
CA PHE E 3933 -61.85 -4.09 9.97
C PHE E 3933 -62.15 -4.37 8.50
N TYR E 3934 -61.22 -4.00 7.61
CA TYR E 3934 -61.46 -4.25 6.19
C TYR E 3934 -61.53 -5.75 5.90
N TRP E 3935 -60.66 -6.53 6.54
CA TRP E 3935 -60.72 -7.97 6.34
C TRP E 3935 -62.08 -8.51 6.76
N TYR E 3936 -62.62 -8.02 7.87
CA TYR E 3936 -63.95 -8.44 8.30
C TYR E 3936 -64.99 -8.10 7.24
N TYR E 3937 -64.90 -6.89 6.66
CA TYR E 3937 -65.97 -6.44 5.77
C TYR E 3937 -65.77 -6.83 4.32
N SER E 3938 -64.65 -7.44 3.95
CA SER E 3938 -64.36 -7.65 2.54
C SER E 3938 -65.39 -8.54 1.86
N GLY E 3939 -65.75 -9.65 2.50
CA GLY E 3939 -66.59 -10.63 1.85
C GLY E 3939 -67.93 -10.10 1.40
N LYS E 3940 -68.64 -9.39 2.27
CA LYS E 3940 -69.92 -8.81 1.91
C LYS E 3940 -69.71 -7.54 1.09
N ASP E 3941 -70.79 -7.07 0.48
CA ASP E 3941 -70.69 -5.95 -0.46
C ASP E 3941 -71.19 -4.65 0.16
N VAL E 3942 -72.41 -4.65 0.69
CA VAL E 3942 -73.00 -3.43 1.22
C VAL E 3942 -72.41 -3.12 2.59
N ILE E 3943 -72.63 -1.88 3.03
CA ILE E 3943 -72.19 -1.42 4.35
C ILE E 3943 -73.33 -0.64 4.99
N GLU E 3944 -73.58 -0.88 6.27
CA GLU E 3944 -74.60 -0.15 6.98
C GLU E 3944 -74.02 1.11 7.62
N GLU E 3945 -74.85 1.80 8.41
CA GLU E 3945 -74.47 3.10 8.94
C GLU E 3945 -73.29 2.99 9.90
N GLN E 3946 -73.29 1.98 10.78
CA GLN E 3946 -72.27 1.91 11.82
C GLN E 3946 -70.88 1.75 11.23
N GLY E 3947 -70.74 0.86 10.25
CA GLY E 3947 -69.44 0.69 9.61
C GLY E 3947 -68.95 1.98 8.98
N LYS E 3948 -69.84 2.70 8.32
CA LYS E 3948 -69.44 3.95 7.68
C LYS E 3948 -69.01 4.98 8.71
N ARG E 3949 -69.74 5.08 9.82
CA ARG E 3949 -69.36 6.04 10.86
C ARG E 3949 -68.00 5.70 11.44
N ASN E 3950 -67.78 4.43 11.75
CA ASN E 3950 -66.49 4.01 12.31
C ASN E 3950 -65.36 4.29 11.33
N PHE E 3951 -65.59 3.99 10.05
CA PHE E 3951 -64.58 4.25 9.04
C PHE E 3951 -64.26 5.75 8.99
N SER E 3952 -65.29 6.58 9.00
CA SER E 3952 -65.08 8.03 8.92
C SER E 3952 -64.24 8.52 10.10
N LYS E 3953 -64.58 8.08 11.31
CA LYS E 3953 -63.86 8.61 12.46
C LYS E 3953 -62.42 8.08 12.54
N ALA E 3954 -62.22 6.80 12.21
CA ALA E 3954 -60.86 6.28 12.17
C ALA E 3954 -60.03 7.03 11.13
N MET E 3955 -60.62 7.32 9.97
CA MET E 3955 -59.88 8.04 8.94
C MET E 3955 -59.58 9.46 9.38
N SER E 3956 -60.49 10.09 10.13
CA SER E 3956 -60.21 11.42 10.66
C SER E 3956 -59.00 11.40 11.60
N VAL E 3957 -58.96 10.41 12.50
CA VAL E 3957 -57.81 10.32 13.41
C VAL E 3957 -56.53 10.07 12.62
N ALA E 3958 -56.60 9.21 11.61
CA ALA E 3958 -55.42 8.94 10.79
C ALA E 3958 -54.94 10.21 10.10
N LYS E 3959 -55.89 11.00 9.61
CA LYS E 3959 -55.59 12.26 8.87
C LYS E 3959 -54.93 13.25 9.82
N GLN E 3960 -55.33 13.31 11.10
CA GLN E 3960 -54.68 14.16 12.08
C GLN E 3960 -53.25 13.69 12.37
N VAL E 3961 -53.07 12.38 12.52
CA VAL E 3961 -51.73 11.86 12.80
C VAL E 3961 -50.78 12.14 11.63
N PHE E 3962 -51.27 11.98 10.41
CA PHE E 3962 -50.43 12.26 9.24
C PHE E 3962 -50.02 13.72 9.20
N ASN E 3963 -50.96 14.63 9.50
CA ASN E 3963 -50.61 16.04 9.52
C ASN E 3963 -49.55 16.33 10.58
N SER E 3964 -49.69 15.72 11.76
CA SER E 3964 -48.68 15.92 12.79
C SER E 3964 -47.31 15.43 12.34
N LEU E 3965 -47.27 14.27 11.70
CA LEU E 3965 -45.99 13.75 11.23
C LEU E 3965 -45.38 14.68 10.19
N THR E 3966 -46.21 15.21 9.29
CA THR E 3966 -45.70 16.17 8.30
C THR E 3966 -45.09 17.38 9.01
N GLU E 3967 -45.80 17.90 10.01
CA GLU E 3967 -45.29 19.08 10.71
C GLU E 3967 -43.97 18.80 11.40
N TYR E 3968 -43.77 17.58 11.88
CA TYR E 3968 -42.50 17.26 12.53
C TYR E 3968 -41.30 17.40 11.60
N ILE E 3969 -41.49 17.32 10.28
CA ILE E 3969 -40.38 17.16 9.34
C ILE E 3969 -40.04 18.47 8.64
N GLN E 3970 -41.04 19.17 8.12
CA GLN E 3970 -40.79 20.27 7.20
C GLN E 3970 -39.79 21.26 7.79
N GLY E 3971 -39.16 22.03 6.90
CA GLY E 3971 -38.22 23.05 7.28
C GLY E 3971 -36.92 23.05 6.50
N PRO E 3972 -36.33 21.86 6.24
CA PRO E 3972 -36.54 20.53 6.86
C PRO E 3972 -35.68 20.33 8.10
N CYS E 3973 -35.97 19.33 8.92
CA CYS E 3973 -35.14 18.97 10.06
C CYS E 3973 -34.49 17.62 9.76
N THR E 3974 -33.17 17.60 9.72
CA THR E 3974 -32.46 16.40 9.28
C THR E 3974 -32.57 15.28 10.31
N GLY E 3975 -32.40 15.60 11.60
CA GLY E 3975 -32.47 14.57 12.62
C GLY E 3975 -33.78 13.82 12.62
N ASN E 3976 -34.90 14.54 12.46
CA ASN E 3976 -36.20 13.88 12.44
C ASN E 3976 -36.34 12.97 11.22
N GLN E 3977 -35.87 13.43 10.06
CA GLN E 3977 -35.94 12.60 8.87
C GLN E 3977 -35.13 11.32 9.06
N GLN E 3978 -33.93 11.44 9.61
CA GLN E 3978 -33.12 10.25 9.84
C GLN E 3978 -33.80 9.32 10.83
N SER E 3979 -34.38 9.86 11.90
CA SER E 3979 -35.07 9.00 12.86
C SER E 3979 -36.23 8.26 12.20
N LEU E 3980 -37.00 8.96 11.37
CA LEU E 3980 -38.14 8.33 10.72
C LEU E 3980 -37.70 7.26 9.73
N ALA E 3981 -36.61 7.52 9.00
CA ALA E 3981 -36.18 6.56 7.99
C ALA E 3981 -35.87 5.20 8.61
N HIS E 3982 -35.40 5.17 9.84
CA HIS E 3982 -35.14 3.92 10.54
C HIS E 3982 -36.32 3.43 11.37
N SER E 3983 -37.45 4.12 11.31
CA SER E 3983 -38.63 3.74 12.06
C SER E 3983 -39.39 2.63 11.35
N ARG E 3984 -40.59 2.35 11.83
CA ARG E 3984 -41.42 1.27 11.33
C ARG E 3984 -42.56 1.74 10.43
N LEU E 3985 -42.56 3.06 10.16
CA LEU E 3985 -43.63 3.73 9.38
C LEU E 3985 -43.69 3.16 7.97
N TRP E 3986 -42.65 2.44 7.53
CA TRP E 3986 -42.62 1.79 6.20
C TRP E 3986 -43.72 0.77 6.08
N ASP E 3987 -43.97 0.04 7.16
CA ASP E 3987 -44.96 -1.06 7.17
C ASP E 3987 -46.37 -0.49 7.17
N ALA E 3988 -46.61 0.63 7.85
CA ALA E 3988 -47.89 1.32 7.90
C ALA E 3988 -48.28 1.84 6.52
N VAL E 3989 -47.31 2.41 5.80
CA VAL E 3989 -47.61 2.91 4.46
C VAL E 3989 -48.03 1.78 3.55
N VAL E 3990 -47.36 0.62 3.65
CA VAL E 3990 -47.73 -0.51 2.81
C VAL E 3990 -49.17 -0.96 3.10
N GLY E 3991 -49.50 -1.11 4.38
CA GLY E 3991 -50.85 -1.52 4.73
C GLY E 3991 -51.88 -0.52 4.23
N PHE E 3992 -51.57 0.77 4.38
CA PHE E 3992 -52.50 1.81 3.93
C PHE E 3992 -52.70 1.75 2.43
N LEU E 3993 -51.62 1.49 1.67
CA LEU E 3993 -51.75 1.36 0.22
C LEU E 3993 -52.67 0.21 -0.14
N HIS E 3994 -52.47 -0.95 0.50
CA HIS E 3994 -53.33 -2.10 0.22
C HIS E 3994 -54.79 -1.76 0.48
N VAL E 3995 -55.06 -1.18 1.67
CA VAL E 3995 -56.43 -0.86 2.04
C VAL E 3995 -57.03 0.14 1.07
N PHE E 3996 -56.28 1.18 0.69
CA PHE E 3996 -56.80 2.16 -0.24
C PHE E 3996 -57.16 1.53 -1.56
N ALA E 3997 -56.26 0.70 -2.12
CA ALA E 3997 -56.56 0.08 -3.40
C ALA E 3997 -57.84 -0.72 -3.34
N HIS E 3998 -57.95 -1.61 -2.35
CA HIS E 3998 -59.11 -2.50 -2.34
C HIS E 3998 -60.39 -1.76 -1.99
N MET E 3999 -60.33 -0.80 -1.07
CA MET E 3999 -61.50 0.00 -0.77
C MET E 3999 -61.98 0.79 -1.98
N MET E 4000 -61.04 1.38 -2.73
CA MET E 4000 -61.43 2.12 -3.92
C MET E 4000 -62.13 1.21 -4.92
N MET E 4001 -61.53 0.04 -5.17
CA MET E 4001 -62.17 -0.90 -6.08
C MET E 4001 -63.57 -1.24 -5.61
N LYS E 4002 -63.74 -1.58 -4.34
CA LYS E 4002 -65.04 -1.99 -3.84
C LYS E 4002 -66.06 -0.88 -3.91
N LEU E 4003 -65.64 0.37 -3.60
CA LEU E 4003 -66.53 1.57 -3.47
C LEU E 4003 -67.04 2.17 -4.76
N ALA E 4004 -67.87 3.22 -4.66
CA ALA E 4004 -68.32 4.03 -5.81
C ALA E 4004 -68.90 3.18 -6.94
N GLN E 4005 -69.41 1.97 -6.66
CA GLN E 4005 -70.14 1.16 -7.66
C GLN E 4005 -71.61 1.44 -7.36
N ASP E 4006 -71.89 2.29 -6.37
CA ASP E 4006 -73.26 2.73 -5.99
C ASP E 4006 -73.07 4.10 -5.35
N SER E 4007 -73.88 5.10 -5.71
CA SER E 4007 -73.73 6.48 -5.20
C SER E 4007 -74.14 6.59 -3.73
N SER E 4008 -74.60 5.51 -3.10
CA SER E 4008 -75.01 5.48 -1.67
C SER E 4008 -73.89 5.98 -0.76
N GLN E 4009 -72.63 5.70 -1.12
CA GLN E 4009 -71.48 6.07 -0.26
C GLN E 4009 -70.38 6.69 -1.12
N ILE E 4010 -70.70 7.60 -2.05
CA ILE E 4010 -69.62 8.29 -2.81
C ILE E 4010 -68.89 9.19 -1.82
N GLU E 4011 -69.56 9.70 -0.79
CA GLU E 4011 -68.96 10.57 0.27
C GLU E 4011 -67.76 9.87 0.90
N LEU E 4012 -67.85 8.58 1.20
CA LEU E 4012 -66.78 7.75 1.75
C LEU E 4012 -65.58 7.72 0.82
N LEU E 4013 -65.82 7.60 -0.49
CA LEU E 4013 -64.72 7.63 -1.44
C LEU E 4013 -64.02 8.98 -1.40
N LYS E 4014 -64.79 10.07 -1.25
CA LYS E 4014 -64.18 11.39 -1.17
C LYS E 4014 -63.24 11.50 0.02
N GLU E 4015 -63.70 11.05 1.19
CA GLU E 4015 -62.86 11.12 2.38
C GLU E 4015 -61.63 10.23 2.23
N LEU E 4016 -61.79 9.05 1.64
CA LEU E 4016 -60.65 8.18 1.44
C LEU E 4016 -59.62 8.84 0.53
N LEU E 4017 -60.08 9.49 -0.54
CA LEU E 4017 -59.16 10.17 -1.44
C LEU E 4017 -58.44 11.31 -0.73
N ASP E 4018 -59.16 12.05 0.12
CA ASP E 4018 -58.51 13.12 0.87
C ASP E 4018 -57.41 12.58 1.78
N LEU E 4019 -57.70 11.48 2.47
CA LEU E 4019 -56.69 10.88 3.34
C LEU E 4019 -55.49 10.42 2.52
N GLN E 4020 -55.72 9.85 1.34
CA GLN E 4020 -54.63 9.47 0.47
C GLN E 4020 -53.78 10.68 0.08
N LYS E 4021 -54.45 11.78 -0.26
CA LYS E 4021 -53.72 13.01 -0.61
C LYS E 4021 -52.81 13.44 0.53
N ASP E 4022 -53.33 13.43 1.75
CA ASP E 4022 -52.52 13.84 2.89
C ASP E 4022 -51.34 12.90 3.09
N MET E 4023 -51.55 11.59 2.95
CA MET E 4023 -50.44 10.65 3.13
C MET E 4023 -49.35 10.90 2.09
N VAL E 4024 -49.73 11.13 0.84
CA VAL E 4024 -48.73 11.32 -0.19
C VAL E 4024 -48.00 12.65 0.01
N VAL E 4025 -48.69 13.67 0.51
CA VAL E 4025 -48.01 14.92 0.84
C VAL E 4025 -46.97 14.67 1.94
N MET E 4026 -47.34 13.89 2.95
CA MET E 4026 -46.39 13.56 4.00
C MET E 4026 -45.18 12.85 3.42
N LEU E 4027 -45.40 11.93 2.49
CA LEU E 4027 -44.27 11.24 1.86
C LEU E 4027 -43.38 12.21 1.11
N LEU E 4028 -43.99 13.11 0.34
CA LEU E 4028 -43.21 14.10 -0.39
C LEU E 4028 -42.35 14.92 0.54
N SER E 4029 -42.87 15.24 1.72
CA SER E 4029 -42.13 16.09 2.65
C SER E 4029 -40.79 15.46 3.05
N LEU E 4030 -40.65 14.15 2.92
CA LEU E 4030 -39.42 13.47 3.32
C LEU E 4030 -38.30 13.61 2.30
N LEU E 4031 -38.57 14.14 1.12
CA LEU E 4031 -37.57 14.28 0.06
C LEU E 4031 -37.01 15.68 -0.04
N GLU E 4032 -37.35 16.57 0.90
CA GLU E 4032 -36.78 17.91 0.89
C GLU E 4032 -35.28 17.84 1.08
N GLY E 4033 -34.55 18.58 0.25
CA GLY E 4033 -33.11 18.60 0.36
C GLY E 4033 -32.44 17.26 0.21
N ASN E 4034 -32.86 16.45 -0.74
CA ASN E 4034 -32.24 15.16 -0.94
C ASN E 4034 -31.04 15.28 -1.88
N VAL E 4035 -30.26 14.20 -1.95
CA VAL E 4035 -29.08 14.13 -2.80
C VAL E 4035 -29.22 12.90 -3.68
N VAL E 4036 -28.51 12.93 -4.83
CA VAL E 4036 -28.57 11.79 -5.73
C VAL E 4036 -28.09 10.55 -5.01
N ASN E 4037 -28.83 9.45 -5.19
CA ASN E 4037 -28.54 8.19 -4.52
C ASN E 4037 -28.56 8.32 -3.00
N GLY E 4038 -29.45 9.16 -2.46
CA GLY E 4038 -29.59 9.23 -1.03
C GLY E 4038 -30.21 7.97 -0.46
N MET E 4039 -30.01 7.77 0.84
CA MET E 4039 -30.52 6.55 1.49
C MET E 4039 -32.04 6.56 1.59
N ILE E 4040 -32.64 7.72 1.86
CA ILE E 4040 -34.09 7.79 1.98
C ILE E 4040 -34.75 7.43 0.65
N ALA E 4041 -34.20 7.92 -0.45
CA ALA E 4041 -34.75 7.60 -1.76
C ALA E 4041 -34.68 6.10 -2.00
N ARG E 4042 -33.57 5.46 -1.64
CA ARG E 4042 -33.44 4.03 -1.86
C ARG E 4042 -34.47 3.26 -1.04
N GLN E 4043 -34.67 3.65 0.22
CA GLN E 4043 -35.68 2.96 1.02
C GLN E 4043 -37.08 3.17 0.47
N MET E 4044 -37.38 4.38 -0.01
CA MET E 4044 -38.68 4.61 -0.64
C MET E 4044 -38.85 3.71 -1.86
N VAL E 4045 -37.81 3.55 -2.65
CA VAL E 4045 -37.88 2.68 -3.83
C VAL E 4045 -38.17 1.25 -3.41
N ASP E 4046 -37.49 0.79 -2.35
CA ASP E 4046 -37.74 -0.57 -1.87
C ASP E 4046 -39.20 -0.74 -1.44
N MET E 4047 -39.73 0.24 -0.71
CA MET E 4047 -41.11 0.13 -0.26
C MET E 4047 -42.06 0.11 -1.45
N LEU E 4048 -41.79 0.92 -2.47
CA LEU E 4048 -42.64 0.91 -3.65
C LEU E 4048 -42.59 -0.44 -4.36
N VAL E 4049 -41.39 -1.01 -4.46
CA VAL E 4049 -41.28 -2.34 -5.07
C VAL E 4049 -42.13 -3.34 -4.29
N GLU E 4050 -42.12 -3.23 -2.97
CA GLU E 4050 -42.96 -4.12 -2.16
C GLU E 4050 -44.44 -3.91 -2.47
N SER E 4051 -44.89 -2.66 -2.57
CA SER E 4051 -46.29 -2.35 -2.80
C SER E 4051 -46.70 -2.44 -4.26
N SER E 4052 -45.79 -2.91 -5.12
CA SER E 4052 -46.00 -2.96 -6.56
C SER E 4052 -47.45 -3.28 -6.94
N SER E 4053 -48.01 -4.37 -6.43
CA SER E 4053 -49.33 -4.79 -6.90
C SER E 4053 -50.40 -3.75 -6.58
N ASN E 4054 -50.44 -3.27 -5.35
CA ASN E 4054 -51.47 -2.31 -4.96
C ASN E 4054 -51.29 -0.99 -5.72
N VAL E 4055 -50.04 -0.54 -5.87
CA VAL E 4055 -49.82 0.70 -6.62
C VAL E 4055 -50.25 0.52 -8.07
N GLU E 4056 -50.03 -0.68 -8.62
CA GLU E 4056 -50.49 -0.95 -9.98
C GLU E 4056 -52.00 -0.87 -10.07
N MET E 4057 -52.70 -1.43 -9.08
CA MET E 4057 -54.16 -1.32 -9.09
C MET E 4057 -54.61 0.13 -9.03
N ILE E 4058 -53.97 0.93 -8.19
CA ILE E 4058 -54.34 2.34 -8.08
C ILE E 4058 -54.11 3.05 -9.41
N LEU E 4059 -52.88 2.96 -9.93
CA LEU E 4059 -52.51 3.59 -11.21
C LEU E 4059 -53.56 3.13 -12.22
N LYS E 4060 -53.90 1.85 -12.13
CA LYS E 4060 -54.94 1.30 -13.02
C LYS E 4060 -56.27 2.02 -12.73
N PHE E 4061 -56.41 2.63 -11.57
CA PHE E 4061 -57.71 3.25 -11.16
C PHE E 4061 -57.84 4.68 -11.71
N PHE E 4062 -56.73 5.33 -12.06
CA PHE E 4062 -56.80 6.75 -12.52
C PHE E 4062 -56.80 6.80 -14.05
N ASP E 4063 -55.88 6.09 -14.71
CA ASP E 4063 -55.78 6.23 -16.19
C ASP E 4063 -57.09 5.78 -16.84
N MET E 4064 -57.64 4.65 -16.40
CA MET E 4064 -58.90 4.12 -17.00
C MET E 4064 -59.95 5.24 -16.99
N PHE E 4065 -60.19 5.85 -15.83
CA PHE E 4065 -61.15 6.97 -15.70
C PHE E 4065 -60.68 8.18 -16.50
N LEU E 4066 -59.36 8.38 -16.62
CA LEU E 4066 -58.84 9.48 -17.48
C LEU E 4066 -59.23 9.21 -18.94
N LYS E 4067 -59.04 7.98 -19.42
CA LYS E 4067 -59.34 7.63 -20.84
C LYS E 4067 -60.85 7.66 -21.08
N LEU E 4068 -61.64 7.12 -20.15
CA LEU E 4068 -63.08 7.19 -20.27
C LEU E 4068 -63.54 8.62 -20.60
N LYS E 4069 -62.84 9.62 -20.05
CA LYS E 4069 -63.22 11.00 -20.27
C LYS E 4069 -63.11 11.37 -21.75
N ASP E 4070 -62.05 10.93 -22.43
CA ASP E 4070 -61.89 11.24 -23.84
C ASP E 4070 -62.68 10.30 -24.75
N ILE E 4071 -63.02 9.10 -24.28
CA ILE E 4071 -63.78 8.17 -25.11
C ILE E 4071 -65.21 8.67 -25.30
N VAL E 4072 -65.86 9.13 -24.23
CA VAL E 4072 -67.24 9.58 -24.32
C VAL E 4072 -67.36 10.81 -25.21
N GLY E 4073 -66.30 11.61 -25.32
CA GLY E 4073 -66.29 12.73 -26.24
C GLY E 4073 -65.90 12.40 -27.66
N SER E 4074 -65.53 11.15 -27.93
CA SER E 4074 -65.12 10.76 -29.26
C SER E 4074 -66.33 10.64 -30.18
N GLU E 4075 -66.08 10.75 -31.49
CA GLU E 4075 -67.15 10.64 -32.48
C GLU E 4075 -67.67 9.21 -32.56
N ALA E 4076 -66.79 8.22 -32.41
CA ALA E 4076 -67.23 6.83 -32.49
C ALA E 4076 -68.21 6.48 -31.38
N PHE E 4077 -67.95 6.97 -30.16
CA PHE E 4077 -68.86 6.70 -29.06
C PHE E 4077 -70.22 7.33 -29.29
N GLN E 4078 -70.24 8.56 -29.84
CA GLN E 4078 -71.51 9.24 -30.08
C GLN E 4078 -72.35 8.52 -31.11
N ASP E 4079 -71.74 7.74 -32.00
CA ASP E 4079 -72.50 6.95 -32.97
C ASP E 4079 -73.40 5.92 -32.29
N TYR E 4080 -72.96 5.37 -31.16
CA TYR E 4080 -73.77 4.41 -30.42
C TYR E 4080 -74.89 5.07 -29.64
N VAL E 4081 -74.68 6.30 -29.15
CA VAL E 4081 -75.70 7.00 -28.37
C VAL E 4081 -76.87 7.33 -29.28
N THR E 4082 -78.00 6.67 -29.06
CA THR E 4082 -79.21 6.89 -29.85
C THR E 4082 -80.35 7.51 -29.07
N ASP E 4083 -80.31 7.43 -27.74
CA ASP E 4083 -81.38 8.01 -26.94
C ASP E 4083 -81.36 9.53 -27.03
N PRO E 4084 -82.48 10.17 -27.37
CA PRO E 4084 -82.49 11.63 -27.45
C PRO E 4084 -82.18 12.31 -26.12
N ARG E 4085 -82.47 11.65 -25.00
CA ARG E 4085 -82.20 12.25 -23.70
C ARG E 4085 -80.72 12.38 -23.40
N GLY E 4086 -79.87 11.70 -24.16
CA GLY E 4086 -78.44 11.71 -23.91
C GLY E 4086 -77.93 10.59 -23.04
N LEU E 4087 -78.66 9.48 -22.95
CA LEU E 4087 -78.28 8.34 -22.14
C LEU E 4087 -77.83 7.20 -23.06
N ILE E 4088 -77.35 6.13 -22.45
CA ILE E 4088 -76.87 4.96 -23.20
C ILE E 4088 -77.08 3.72 -22.34
N SER E 4089 -77.57 2.66 -22.96
CA SER E 4089 -77.81 1.42 -22.23
C SER E 4089 -76.50 0.70 -21.94
N LYS E 4090 -76.54 -0.18 -20.94
CA LYS E 4090 -75.35 -0.93 -20.55
C LYS E 4090 -74.88 -1.84 -21.69
N LYS E 4091 -75.81 -2.49 -22.39
CA LYS E 4091 -75.44 -3.30 -23.54
C LYS E 4091 -74.83 -2.44 -24.63
N ASP E 4092 -75.41 -1.27 -24.89
CA ASP E 4092 -74.82 -0.35 -25.85
C ASP E 4092 -73.49 0.17 -25.36
N PHE E 4093 -73.39 0.45 -24.05
CA PHE E 4093 -72.10 0.86 -23.48
C PHE E 4093 -71.07 -0.25 -23.59
N GLN E 4094 -71.50 -1.50 -23.40
CA GLN E 4094 -70.58 -2.64 -23.51
C GLN E 4094 -69.98 -2.73 -24.91
N LYS E 4095 -70.82 -2.60 -25.94
CA LYS E 4095 -70.32 -2.70 -27.30
C LYS E 4095 -69.61 -1.43 -27.74
N ALA E 4096 -69.82 -0.32 -27.03
CA ALA E 4096 -69.10 0.91 -27.37
C ALA E 4096 -67.65 0.85 -26.91
N MET E 4097 -67.42 0.33 -25.69
CA MET E 4097 -66.08 0.39 -25.11
C MET E 4097 -65.13 -0.60 -25.80
N ASP E 4098 -65.58 -1.83 -26.03
CA ASP E 4098 -64.71 -2.81 -26.66
C ASP E 4098 -64.44 -2.50 -28.13
N SER E 4099 -65.27 -1.66 -28.75
CA SER E 4099 -64.97 -1.18 -30.10
C SER E 4099 -63.81 -0.20 -30.12
N GLN E 4100 -63.52 0.45 -28.99
CA GLN E 4100 -62.38 1.34 -28.89
C GLN E 4100 -61.06 0.58 -28.74
N LYS E 4101 -61.13 -0.69 -28.34
CA LYS E 4101 -59.93 -1.53 -28.16
C LYS E 4101 -58.93 -0.91 -27.20
N GLN E 4102 -59.43 -0.27 -26.14
CA GLN E 4102 -58.57 0.31 -25.12
C GLN E 4102 -58.72 -0.33 -23.75
N PHE E 4103 -59.86 -0.92 -23.46
CA PHE E 4103 -60.09 -1.62 -22.20
C PHE E 4103 -60.21 -3.11 -22.44
N THR E 4104 -60.01 -3.89 -21.38
CA THR E 4104 -60.14 -5.33 -21.43
C THR E 4104 -61.52 -5.75 -20.94
N GLY E 4105 -61.72 -7.06 -20.81
CA GLY E 4105 -62.97 -7.60 -20.35
C GLY E 4105 -63.35 -7.14 -18.95
N PRO E 4106 -62.53 -7.48 -17.95
CA PRO E 4106 -62.83 -7.04 -16.58
C PRO E 4106 -62.92 -5.53 -16.42
N GLU E 4107 -62.10 -4.77 -17.17
CA GLU E 4107 -62.13 -3.32 -17.03
C GLU E 4107 -63.47 -2.75 -17.46
N ILE E 4108 -64.04 -3.25 -18.56
CA ILE E 4108 -65.35 -2.78 -18.99
C ILE E 4108 -66.41 -3.15 -17.97
N GLN E 4109 -66.34 -4.36 -17.42
CA GLN E 4109 -67.29 -4.78 -16.39
C GLN E 4109 -67.21 -3.90 -15.16
N PHE E 4110 -65.99 -3.54 -14.75
CA PHE E 4110 -65.81 -2.65 -13.61
C PHE E 4110 -66.41 -1.27 -13.89
N LEU E 4111 -66.23 -0.76 -15.11
CA LEU E 4111 -66.81 0.53 -15.47
C LEU E 4111 -68.33 0.46 -15.45
N LEU E 4112 -68.91 -0.67 -15.86
CA LEU E 4112 -70.36 -0.83 -15.79
C LEU E 4112 -70.85 -0.79 -14.35
N SER E 4113 -70.11 -1.42 -13.44
CA SER E 4113 -70.49 -1.39 -12.03
C SER E 4113 -70.40 0.03 -11.47
N CYS E 4114 -69.36 0.77 -11.84
CA CYS E 4114 -69.21 2.14 -11.36
C CYS E 4114 -70.28 3.06 -11.94
N SER E 4115 -70.73 2.79 -13.16
CA SER E 4115 -71.78 3.60 -13.76
C SER E 4115 -73.08 3.42 -13.00
N GLU E 4116 -73.73 4.53 -12.67
CA GLU E 4116 -74.97 4.52 -11.89
C GLU E 4116 -76.16 4.30 -12.81
N ALA E 4117 -76.23 3.10 -13.38
CA ALA E 4117 -77.33 2.75 -14.26
C ALA E 4117 -78.64 2.69 -13.47
N ASP E 4118 -79.70 3.21 -14.07
CA ASP E 4118 -81.01 3.23 -13.43
C ASP E 4118 -81.68 1.88 -13.59
N GLU E 4119 -82.98 1.82 -13.26
CA GLU E 4119 -83.72 0.57 -13.41
C GLU E 4119 -83.88 0.17 -14.87
N ASN E 4120 -83.72 1.12 -15.79
CA ASN E 4120 -83.80 0.85 -17.22
C ASN E 4120 -82.43 0.62 -17.85
N GLU E 4121 -81.40 0.43 -17.01
CA GLU E 4121 -80.03 0.20 -17.47
C GLU E 4121 -79.50 1.36 -18.32
N MET E 4122 -79.99 2.57 -18.08
CA MET E 4122 -79.54 3.74 -18.80
C MET E 4122 -78.43 4.44 -18.02
N ILE E 4123 -77.38 4.83 -18.72
CA ILE E 4123 -76.19 5.41 -18.11
C ILE E 4123 -76.05 6.85 -18.59
N ASN E 4124 -75.93 7.78 -17.64
CA ASN E 4124 -75.64 9.18 -17.94
C ASN E 4124 -74.12 9.31 -18.05
N PHE E 4125 -73.59 9.06 -19.24
CA PHE E 4125 -72.14 9.05 -19.42
C PHE E 4125 -71.52 10.43 -19.28
N GLU E 4126 -72.31 11.50 -19.39
CA GLU E 4126 -71.76 12.83 -19.21
C GLU E 4126 -71.28 13.05 -17.78
N GLU E 4127 -72.12 12.71 -16.80
CA GLU E 4127 -71.72 12.84 -15.41
C GLU E 4127 -70.80 11.71 -14.98
N PHE E 4128 -70.91 10.54 -15.62
CA PHE E 4128 -70.04 9.41 -15.28
C PHE E 4128 -68.58 9.74 -15.55
N ALA E 4129 -68.30 10.37 -16.70
CA ALA E 4129 -66.92 10.69 -17.04
C ALA E 4129 -66.35 11.76 -16.12
N ASN E 4130 -67.18 12.72 -15.72
CA ASN E 4130 -66.72 13.84 -14.90
C ASN E 4130 -66.84 13.59 -13.40
N ARG E 4131 -67.28 12.39 -13.01
CA ARG E 4131 -67.51 12.12 -11.59
C ARG E 4131 -66.21 12.13 -10.79
N PHE E 4132 -65.15 11.52 -11.34
CA PHE E 4132 -63.90 11.36 -10.61
C PHE E 4132 -62.79 12.27 -11.12
N GLN E 4133 -63.04 13.09 -12.14
CA GLN E 4133 -61.98 13.93 -12.69
C GLN E 4133 -61.48 14.95 -11.68
N GLU E 4134 -62.39 15.59 -10.96
CA GLU E 4134 -62.02 16.62 -9.99
C GLU E 4134 -61.52 16.01 -8.67
N PRO E 4135 -62.26 15.09 -8.01
CA PRO E 4135 -61.85 14.58 -6.70
C PRO E 4135 -60.58 13.73 -6.79
N ALA E 4136 -60.20 13.33 -8.00
CA ALA E 4136 -59.02 12.45 -8.15
C ALA E 4136 -57.93 13.15 -8.96
N ARG E 4137 -58.16 14.36 -9.47
CA ARG E 4137 -57.11 15.12 -10.20
C ARG E 4137 -55.95 15.36 -9.23
N ASP E 4138 -56.23 15.87 -8.03
CA ASP E 4138 -55.17 16.22 -7.04
C ASP E 4138 -54.22 15.05 -6.83
N ILE E 4139 -54.70 13.86 -6.50
CA ILE E 4139 -53.89 12.69 -6.17
C ILE E 4139 -53.06 12.27 -7.37
N GLY E 4140 -53.63 12.35 -8.57
CA GLY E 4140 -52.86 12.03 -9.76
C GLY E 4140 -51.65 12.93 -9.90
N PHE E 4141 -51.85 14.23 -9.74
CA PHE E 4141 -50.73 15.15 -9.87
C PHE E 4141 -49.65 14.87 -8.83
N ASN E 4142 -50.07 14.61 -7.59
CA ASN E 4142 -49.08 14.40 -6.53
C ASN E 4142 -48.31 13.11 -6.75
N VAL E 4143 -48.98 12.02 -7.14
CA VAL E 4143 -48.25 10.78 -7.38
C VAL E 4143 -47.32 10.94 -8.58
N ALA E 4144 -47.75 11.69 -9.60
CA ALA E 4144 -46.86 11.95 -10.74
C ALA E 4144 -45.61 12.69 -10.29
N VAL E 4145 -45.78 13.71 -9.45
CA VAL E 4145 -44.62 14.46 -8.95
C VAL E 4145 -43.70 13.53 -8.16
N LEU E 4146 -44.27 12.68 -7.33
CA LEU E 4146 -43.45 11.76 -6.54
C LEU E 4146 -42.62 10.86 -7.44
N LEU E 4147 -43.25 10.25 -8.45
CA LEU E 4147 -42.53 9.36 -9.34
C LEU E 4147 -41.44 10.10 -10.11
N THR E 4148 -41.76 11.31 -10.60
CA THR E 4148 -40.77 12.07 -11.34
C THR E 4148 -39.56 12.39 -10.47
N ASN E 4149 -39.79 12.83 -9.24
CA ASN E 4149 -38.68 13.15 -8.36
C ASN E 4149 -37.84 11.91 -8.06
N LEU E 4150 -38.49 10.79 -7.77
CA LEU E 4150 -37.75 9.56 -7.49
C LEU E 4150 -36.89 9.17 -8.69
N SER E 4151 -37.46 9.20 -9.88
CA SER E 4151 -36.69 8.82 -11.07
C SER E 4151 -35.53 9.77 -11.31
N GLU E 4152 -35.72 11.06 -11.02
CA GLU E 4152 -34.65 12.03 -11.26
C GLU E 4152 -33.51 11.87 -10.27
N HIS E 4153 -33.78 11.45 -9.03
CA HIS E 4153 -32.73 11.36 -8.02
C HIS E 4153 -32.16 9.96 -7.87
N VAL E 4154 -32.69 8.95 -8.54
CA VAL E 4154 -32.14 7.60 -8.50
C VAL E 4154 -32.17 7.03 -9.91
N PRO E 4155 -31.30 7.47 -10.81
CA PRO E 4155 -31.50 7.19 -12.24
C PRO E 4155 -31.09 5.78 -12.67
N HIS E 4156 -30.19 5.14 -11.94
CA HIS E 4156 -29.60 3.89 -12.42
C HIS E 4156 -30.37 2.65 -11.99
N ASP E 4157 -31.39 2.78 -11.16
CA ASP E 4157 -32.10 1.59 -10.69
C ASP E 4157 -33.00 1.04 -11.78
N PRO E 4158 -32.89 -0.25 -12.13
CA PRO E 4158 -33.74 -0.79 -13.20
C PRO E 4158 -35.17 -1.06 -12.77
N ARG E 4159 -35.41 -1.34 -11.48
CA ARG E 4159 -36.75 -1.67 -11.04
C ARG E 4159 -37.71 -0.50 -11.23
N LEU E 4160 -37.25 0.71 -10.97
CA LEU E 4160 -38.11 1.89 -11.11
C LEU E 4160 -38.56 2.07 -12.55
N ARG E 4161 -37.85 1.47 -13.51
CA ARG E 4161 -38.22 1.61 -14.91
C ARG E 4161 -39.59 1.00 -15.17
N ASN E 4162 -39.87 -0.14 -14.56
CA ASN E 4162 -41.17 -0.78 -14.76
C ASN E 4162 -42.30 0.13 -14.28
N PHE E 4163 -42.12 0.72 -13.09
CA PHE E 4163 -43.13 1.66 -12.60
C PHE E 4163 -43.31 2.82 -13.55
N LEU E 4164 -42.19 3.42 -13.99
CA LEU E 4164 -42.29 4.54 -14.92
C LEU E 4164 -43.02 4.13 -16.20
N GLU E 4165 -42.87 2.87 -16.62
CA GLU E 4165 -43.57 2.40 -17.80
C GLU E 4165 -45.06 2.21 -17.54
N LEU E 4166 -45.43 1.77 -16.34
CA LEU E 4166 -46.84 1.55 -16.02
C LEU E 4166 -47.60 2.85 -15.86
N ALA E 4167 -46.92 3.94 -15.51
CA ALA E 4167 -47.56 5.22 -15.25
C ALA E 4167 -47.44 6.21 -16.40
N GLU E 4168 -47.04 5.74 -17.59
CA GLU E 4168 -46.82 6.66 -18.69
C GLU E 4168 -48.08 7.45 -19.03
N SER E 4169 -49.26 6.88 -18.80
CA SER E 4169 -50.49 7.56 -19.17
C SER E 4169 -50.67 8.85 -18.36
N ILE E 4170 -50.60 8.74 -17.04
CA ILE E 4170 -50.80 9.93 -16.21
C ILE E 4170 -49.63 10.88 -16.37
N LEU E 4171 -48.42 10.34 -16.51
CA LEU E 4171 -47.26 11.21 -16.71
C LEU E 4171 -47.42 12.04 -17.97
N GLU E 4172 -47.93 11.44 -19.04
CA GLU E 4172 -48.17 12.20 -20.26
C GLU E 4172 -49.32 13.18 -20.09
N TYR E 4173 -50.37 12.78 -19.36
CA TYR E 4173 -51.51 13.66 -19.20
C TYR E 4173 -51.12 14.92 -18.43
N PHE E 4174 -50.29 14.79 -17.40
CA PHE E 4174 -49.91 15.91 -16.56
C PHE E 4174 -48.64 16.62 -17.04
N ARG E 4175 -48.05 16.19 -18.14
CA ARG E 4175 -46.80 16.78 -18.59
C ARG E 4175 -46.87 18.29 -18.76
N PRO E 4176 -47.86 18.87 -19.44
CA PRO E 4176 -47.88 20.33 -19.62
C PRO E 4176 -48.04 21.11 -18.33
N TYR E 4177 -48.58 20.50 -17.27
CA TYR E 4177 -48.90 21.23 -16.05
C TYR E 4177 -47.86 21.08 -14.95
N LEU E 4178 -46.77 20.36 -15.20
CA LEU E 4178 -45.76 20.13 -14.18
C LEU E 4178 -44.54 20.98 -14.50
N GLY E 4179 -44.22 21.92 -13.62
CA GLY E 4179 -43.09 22.81 -13.81
C GLY E 4179 -41.99 22.56 -12.79
N ARG E 4180 -40.75 22.75 -13.21
CA ARG E 4180 -39.60 22.53 -12.35
C ARG E 4180 -38.59 23.65 -12.53
N ILE E 4181 -37.85 23.95 -11.47
CA ILE E 4181 -36.84 24.99 -11.47
C ILE E 4181 -35.68 24.53 -10.57
N GLU E 4182 -34.66 25.38 -10.49
CA GLU E 4182 -33.51 25.15 -9.64
C GLU E 4182 -33.21 26.40 -8.83
N ILE E 4183 -32.66 26.21 -7.63
CA ILE E 4183 -32.30 27.31 -6.75
C ILE E 4183 -31.07 26.93 -5.94
N MET E 4184 -30.46 27.94 -5.32
CA MET E 4184 -29.30 27.75 -4.46
C MET E 4184 -29.82 27.60 -3.03
N GLY E 4185 -29.96 26.37 -2.57
CA GLY E 4185 -30.60 26.11 -1.31
C GLY E 4185 -29.84 26.69 -0.12
N ALA E 4186 -30.50 26.63 1.03
CA ALA E 4186 -29.90 27.15 2.25
C ALA E 4186 -28.67 26.38 2.67
N SER E 4187 -28.59 25.09 2.33
CA SER E 4187 -27.45 24.26 2.68
C SER E 4187 -26.27 24.45 1.76
N ARG E 4188 -26.25 25.52 0.96
CA ARG E 4188 -25.17 25.75 0.00
C ARG E 4188 -25.13 24.64 -1.05
N ARG E 4189 -26.29 24.28 -1.57
CA ARG E 4189 -26.40 23.21 -2.55
C ARG E 4189 -27.50 23.55 -3.53
N ILE E 4190 -27.38 23.01 -4.74
CA ILE E 4190 -28.41 23.18 -5.76
C ILE E 4190 -29.53 22.19 -5.50
N GLU E 4191 -30.76 22.60 -5.80
CA GLU E 4191 -31.93 21.79 -5.53
C GLU E 4191 -32.96 22.01 -6.64
N ARG E 4192 -33.89 21.08 -6.76
CA ARG E 4192 -34.98 21.19 -7.71
C ARG E 4192 -36.31 21.30 -6.99
N ILE E 4193 -37.23 22.07 -7.56
CA ILE E 4193 -38.53 22.31 -6.97
C ILE E 4193 -39.60 22.01 -8.01
N TYR E 4194 -40.60 21.23 -7.62
CA TYR E 4194 -41.70 20.85 -8.50
C TYR E 4194 -42.99 21.49 -8.01
N PHE E 4195 -43.74 22.09 -8.92
CA PHE E 4195 -44.97 22.79 -8.56
C PHE E 4195 -45.98 22.64 -9.68
N GLU E 4196 -47.16 23.22 -9.45
CA GLU E 4196 -48.31 23.08 -10.34
C GLU E 4196 -48.50 24.36 -11.13
N ILE E 4197 -48.87 24.22 -12.40
CA ILE E 4197 -49.15 25.35 -13.28
C ILE E 4197 -50.60 25.26 -13.72
N SER E 4198 -51.36 26.31 -13.48
CA SER E 4198 -52.75 26.34 -13.90
C SER E 4198 -52.85 26.46 -15.41
N GLU E 4199 -53.90 25.85 -15.98
CA GLU E 4199 -54.06 25.86 -17.43
C GLU E 4199 -54.27 27.27 -17.96
N THR E 4200 -55.07 28.07 -17.26
CA THR E 4200 -55.38 29.41 -17.76
C THR E 4200 -54.12 30.26 -17.90
N ASN E 4201 -53.21 30.15 -16.94
CA ASN E 4201 -51.97 30.94 -17.02
C ASN E 4201 -51.15 30.52 -18.24
N ARG E 4202 -51.00 29.22 -18.47
CA ARG E 4202 -50.24 28.76 -19.62
C ARG E 4202 -50.89 29.23 -20.91
N ALA E 4203 -52.22 29.18 -20.96
CA ALA E 4203 -52.92 29.67 -22.15
C ALA E 4203 -52.62 31.15 -22.37
N GLN E 4204 -52.77 31.96 -21.33
CA GLN E 4204 -52.62 33.41 -21.48
C GLN E 4204 -51.19 33.79 -21.80
N TRP E 4205 -50.22 32.95 -21.45
CA TRP E 4205 -48.82 33.29 -21.71
C TRP E 4205 -48.48 33.22 -23.19
N GLU E 4206 -49.39 32.78 -24.04
CA GLU E 4206 -49.07 32.50 -25.44
C GLU E 4206 -49.54 33.57 -26.42
N MET E 4207 -50.17 34.65 -25.95
CA MET E 4207 -50.62 35.67 -26.87
C MET E 4207 -49.41 36.30 -27.58
N PRO E 4208 -49.58 36.75 -28.82
CA PRO E 4208 -48.44 37.35 -29.52
C PRO E 4208 -47.93 38.63 -28.87
N GLN E 4209 -48.80 39.43 -28.27
CA GLN E 4209 -48.34 40.69 -27.70
C GLN E 4209 -47.36 40.46 -26.55
N VAL E 4210 -47.64 39.47 -25.69
CA VAL E 4210 -46.73 39.20 -24.59
C VAL E 4210 -45.41 38.65 -25.13
N LYS E 4211 -45.46 37.85 -26.19
CA LYS E 4211 -44.23 37.36 -26.80
C LYS E 4211 -43.41 38.51 -27.37
N GLU E 4212 -44.06 39.48 -28.01
CA GLU E 4212 -43.33 40.63 -28.52
C GLU E 4212 -42.71 41.44 -27.38
N SER E 4213 -43.45 41.61 -26.29
CA SER E 4213 -42.90 42.31 -25.14
C SER E 4213 -41.67 41.59 -24.58
N LYS E 4214 -41.74 40.26 -24.50
CA LYS E 4214 -40.60 39.49 -24.03
C LYS E 4214 -39.41 39.66 -24.95
N ARG E 4215 -39.65 39.62 -26.26
CA ARG E 4215 -38.55 39.80 -27.21
C ARG E 4215 -37.91 41.17 -27.03
N GLN E 4216 -38.73 42.21 -26.87
CA GLN E 4216 -38.19 43.54 -26.65
C GLN E 4216 -37.38 43.61 -25.37
N PHE E 4217 -37.87 42.99 -24.30
CA PHE E 4217 -37.14 43.01 -23.04
C PHE E 4217 -35.78 42.35 -23.19
N ILE E 4218 -35.74 41.19 -23.84
CA ILE E 4218 -34.47 40.49 -24.02
C ILE E 4218 -33.52 41.33 -24.86
N PHE E 4219 -34.04 41.93 -25.93
CA PHE E 4219 -33.19 42.78 -26.77
C PHE E 4219 -32.59 43.91 -25.94
N ASP E 4220 -33.41 44.59 -25.15
CA ASP E 4220 -32.90 45.71 -24.35
C ASP E 4220 -31.85 45.24 -23.37
N VAL E 4221 -32.12 44.15 -22.65
CA VAL E 4221 -31.19 43.68 -21.63
C VAL E 4221 -29.85 43.31 -22.26
N VAL E 4222 -29.89 42.56 -23.36
CA VAL E 4222 -28.64 42.13 -23.99
C VAL E 4222 -27.90 43.32 -24.57
N ASN E 4223 -28.62 44.28 -25.13
CA ASN E 4223 -27.96 45.40 -25.80
C ASN E 4223 -27.28 46.32 -24.79
N GLU E 4224 -27.96 46.64 -23.69
CA GLU E 4224 -27.41 47.59 -22.73
C GLU E 4224 -27.51 47.13 -21.28
N GLY E 4225 -28.21 46.05 -20.99
CA GLY E 4225 -28.39 45.64 -19.60
C GLY E 4225 -27.06 45.37 -18.92
N GLY E 4226 -26.98 45.80 -17.65
CA GLY E 4226 -25.79 45.55 -16.88
C GLY E 4226 -25.69 44.09 -16.47
N GLU E 4227 -24.45 43.66 -16.16
CA GLU E 4227 -24.23 42.27 -15.80
C GLU E 4227 -24.59 42.00 -14.35
N ALA E 4228 -24.72 43.04 -13.53
CA ALA E 4228 -24.98 42.85 -12.11
C ALA E 4228 -26.48 42.91 -11.79
N GLU E 4229 -27.16 43.95 -12.25
CA GLU E 4229 -28.56 44.16 -11.92
C GLU E 4229 -29.51 43.41 -12.83
N LYS E 4230 -29.04 42.39 -13.55
CA LYS E 4230 -29.90 41.71 -14.50
C LYS E 4230 -31.09 41.06 -13.81
N MET E 4231 -30.87 40.46 -12.63
CA MET E 4231 -31.96 39.78 -11.94
C MET E 4231 -33.04 40.75 -11.51
N GLU E 4232 -32.66 41.95 -11.08
CA GLU E 4232 -33.66 42.96 -10.73
C GLU E 4232 -34.55 43.29 -11.91
N LEU E 4233 -33.95 43.48 -13.08
CA LEU E 4233 -34.73 43.76 -14.27
C LEU E 4233 -35.65 42.58 -14.60
N PHE E 4234 -35.13 41.37 -14.46
CA PHE E 4234 -35.94 40.19 -14.77
C PHE E 4234 -37.16 40.13 -13.86
N VAL E 4235 -36.98 40.34 -12.56
CA VAL E 4235 -38.12 40.26 -11.65
C VAL E 4235 -39.10 41.39 -11.91
N SER E 4236 -38.61 42.59 -12.23
CA SER E 4236 -39.54 43.67 -12.58
C SER E 4236 -40.37 43.30 -13.81
N PHE E 4237 -39.72 42.71 -14.81
CA PHE E 4237 -40.45 42.26 -16.00
C PHE E 4237 -41.50 41.23 -15.64
N CYS E 4238 -41.15 40.30 -14.76
CA CYS E 4238 -42.11 39.29 -14.33
C CYS E 4238 -43.32 39.93 -13.65
N GLU E 4239 -43.08 40.91 -12.78
CA GLU E 4239 -44.19 41.58 -12.12
C GLU E 4239 -45.09 42.28 -13.11
N ASP E 4240 -44.49 42.99 -14.07
CA ASP E 4240 -45.30 43.67 -15.08
C ASP E 4240 -46.15 42.68 -15.87
N THR E 4241 -45.55 41.56 -16.27
CA THR E 4241 -46.29 40.56 -17.02
C THR E 4241 -47.45 39.99 -16.20
N ILE E 4242 -47.22 39.77 -14.90
CA ILE E 4242 -48.28 39.25 -14.05
C ILE E 4242 -49.44 40.25 -13.99
N PHE E 4243 -49.12 41.53 -13.84
CA PHE E 4243 -50.19 42.53 -13.79
C PHE E 4243 -50.97 42.57 -15.09
N GLU E 4244 -50.26 42.50 -16.23
CA GLU E 4244 -50.95 42.47 -17.51
C GLU E 4244 -51.86 41.26 -17.61
N MET E 4245 -51.40 40.09 -17.15
CA MET E 4245 -52.25 38.92 -17.18
C MET E 4245 -53.50 39.12 -16.34
N GLN E 4246 -53.34 39.74 -15.16
CA GLN E 4246 -54.51 40.02 -14.34
C GLN E 4246 -55.51 40.90 -15.08
N ILE E 4247 -55.04 41.98 -15.70
CA ILE E 4247 -55.95 42.88 -16.41
C ILE E 4247 -56.66 42.14 -17.53
N ALA E 4248 -55.90 41.39 -18.33
CA ALA E 4248 -56.49 40.70 -19.47
C ALA E 4248 -57.53 39.70 -19.02
N ALA E 4249 -57.24 38.94 -17.96
CA ALA E 4249 -58.25 38.03 -17.42
C ALA E 4249 -59.48 38.79 -16.95
N GLN E 4250 -59.27 39.98 -16.37
CA GLN E 4250 -60.40 40.74 -15.87
C GLN E 4250 -61.34 41.17 -16.98
N ILE E 4251 -60.80 41.77 -18.05
CA ILE E 4251 -61.69 42.33 -19.08
C ILE E 4251 -62.48 41.25 -19.80
N SER E 4252 -61.86 40.13 -20.16
CA SER E 4252 -62.56 39.09 -20.90
C SER E 4252 -63.69 38.51 -20.06
N GLU E 4253 -64.79 38.14 -20.72
CA GLU E 4253 -65.94 37.59 -20.02
C GLU E 4253 -65.77 36.09 -19.79
N GLY E 4542 -79.35 52.10 -11.34
CA GLY E 4542 -79.68 50.71 -11.09
C GLY E 4542 -78.86 49.76 -11.92
N GLU E 4543 -79.44 49.29 -13.02
CA GLU E 4543 -78.74 48.35 -13.91
C GLU E 4543 -77.82 49.06 -14.89
N LEU E 4544 -77.76 50.39 -14.85
CA LEU E 4544 -76.88 51.12 -15.77
C LEU E 4544 -75.43 50.67 -15.62
N GLU E 4545 -75.05 50.21 -14.42
CA GLU E 4545 -73.67 49.79 -14.21
C GLU E 4545 -73.31 48.60 -15.09
N VAL E 4546 -74.25 47.67 -15.29
CA VAL E 4546 -73.99 46.52 -16.14
C VAL E 4546 -73.69 46.97 -17.56
N GLN E 4547 -74.51 47.88 -18.09
CA GLN E 4547 -74.27 48.39 -19.43
C GLN E 4547 -72.96 49.14 -19.50
N ARG E 4548 -72.65 49.92 -18.46
CA ARG E 4548 -71.41 50.69 -18.45
C ARG E 4548 -70.20 49.76 -18.52
N VAL E 4549 -70.18 48.73 -17.69
CA VAL E 4549 -69.03 47.83 -17.67
C VAL E 4549 -68.97 47.03 -18.97
N LYS E 4550 -70.12 46.62 -19.50
CA LYS E 4550 -70.12 45.95 -20.79
C LYS E 4550 -69.49 46.82 -21.87
N PHE E 4551 -69.90 48.08 -21.92
CA PHE E 4551 -69.39 48.99 -22.94
C PHE E 4551 -67.89 49.21 -22.77
N LEU E 4552 -67.44 49.42 -21.54
CA LEU E 4552 -66.03 49.66 -21.31
C LEU E 4552 -65.19 48.44 -21.64
N ASN E 4553 -65.65 47.24 -21.29
CA ASN E 4553 -64.92 46.03 -21.66
C ASN E 4553 -64.87 45.87 -23.17
N TYR E 4554 -65.99 46.14 -23.85
CA TYR E 4554 -65.98 46.03 -25.30
C TYR E 4554 -64.98 47.00 -25.92
N LEU E 4555 -64.92 48.22 -25.40
CA LEU E 4555 -63.94 49.18 -25.90
C LEU E 4555 -62.53 48.70 -25.65
N SER E 4556 -62.26 48.17 -24.46
CA SER E 4556 -60.90 47.76 -24.12
C SER E 4556 -60.46 46.56 -24.96
N ARG E 4557 -61.40 45.70 -25.34
CA ARG E 4557 -61.02 44.51 -26.09
C ARG E 4557 -60.67 44.83 -27.54
N ASN E 4558 -61.17 45.93 -28.08
CA ASN E 4558 -61.01 46.25 -29.49
C ASN E 4558 -60.28 47.56 -29.72
N PHE E 4559 -59.19 47.81 -29.01
CA PHE E 4559 -58.44 49.05 -29.18
C PHE E 4559 -57.79 49.13 -30.55
N TYR E 4560 -57.06 48.10 -30.93
CA TYR E 4560 -56.30 48.12 -32.18
C TYR E 4560 -57.21 48.11 -33.40
N THR E 4561 -58.34 47.41 -33.33
CA THR E 4561 -59.29 47.47 -34.44
C THR E 4561 -59.79 48.89 -34.66
N LEU E 4562 -60.09 49.60 -33.57
CA LEU E 4562 -60.51 50.99 -33.69
C LEU E 4562 -59.42 51.85 -34.29
N ARG E 4563 -58.16 51.64 -33.88
CA ARG E 4563 -57.07 52.41 -34.46
C ARG E 4563 -56.97 52.18 -35.96
N PHE E 4564 -57.03 50.93 -36.39
CA PHE E 4564 -56.96 50.62 -37.81
C PHE E 4564 -58.13 51.26 -38.56
N LEU E 4565 -59.32 51.22 -37.97
CA LEU E 4565 -60.48 51.84 -38.60
C LEU E 4565 -60.27 53.34 -38.76
N ALA E 4566 -59.71 53.99 -37.75
CA ALA E 4566 -59.44 55.42 -37.85
C ALA E 4566 -58.48 55.72 -38.99
N LEU E 4567 -57.43 54.92 -39.13
CA LEU E 4567 -56.50 55.13 -40.23
C LEU E 4567 -57.20 54.97 -41.58
N PHE E 4568 -58.04 53.94 -41.72
CA PHE E 4568 -58.73 53.73 -42.98
C PHE E 4568 -59.65 54.90 -43.31
N LEU E 4569 -60.37 55.40 -42.32
CA LEU E 4569 -61.27 56.54 -42.57
C LEU E 4569 -60.48 57.77 -42.99
N ALA E 4570 -59.32 58.00 -42.35
CA ALA E 4570 -58.50 59.15 -42.74
C ALA E 4570 -58.07 59.03 -44.20
N PHE E 4571 -57.64 57.84 -44.61
CA PHE E 4571 -57.26 57.65 -46.01
C PHE E 4571 -58.42 57.91 -46.94
N ALA E 4572 -59.61 57.42 -46.59
CA ALA E 4572 -60.77 57.63 -47.46
C ALA E 4572 -61.07 59.12 -47.61
N ILE E 4573 -61.07 59.86 -46.50
CA ILE E 4573 -61.37 61.29 -46.57
C ILE E 4573 -60.35 62.00 -47.44
N ASN E 4574 -59.06 61.68 -47.24
CA ASN E 4574 -58.05 62.37 -48.00
C ASN E 4574 -58.13 62.03 -49.48
N PHE E 4575 -58.49 60.80 -49.82
CA PHE E 4575 -58.71 60.48 -51.24
C PHE E 4575 -59.84 61.30 -51.81
N ILE E 4576 -60.94 61.42 -51.07
CA ILE E 4576 -62.08 62.19 -51.60
C ILE E 4576 -61.70 63.66 -51.77
N LEU E 4577 -60.78 64.16 -50.95
CA LEU E 4577 -60.42 65.57 -51.03
C LEU E 4577 -59.69 65.92 -52.32
N LEU E 4578 -59.26 64.93 -53.11
CA LEU E 4578 -58.51 65.22 -54.31
C LEU E 4578 -59.34 65.87 -55.41
N PHE E 4579 -60.65 65.95 -55.25
CA PHE E 4579 -61.54 66.47 -56.28
C PHE E 4579 -61.92 67.93 -56.07
N TYR E 4580 -61.23 68.64 -55.17
CA TYR E 4580 -61.59 70.02 -54.91
C TYR E 4580 -61.20 70.92 -56.07
N LYS E 4581 -61.82 72.10 -56.11
CA LYS E 4581 -61.59 73.07 -57.17
C LYS E 4581 -61.85 74.46 -56.62
N VAL E 4582 -61.29 75.46 -57.29
CA VAL E 4582 -61.45 76.86 -56.91
C VAL E 4582 -61.90 77.66 -58.12
N SER E 4583 -62.80 78.61 -57.88
CA SER E 4583 -63.33 79.44 -58.95
C SER E 4583 -63.87 80.73 -58.34
N ASP E 4584 -64.10 81.72 -59.21
CA ASP E 4584 -64.62 83.02 -58.78
C ASP E 4584 -66.10 82.98 -58.43
N SER E 4585 -66.88 82.09 -59.03
CA SER E 4585 -68.30 81.97 -58.74
C SER E 4585 -68.67 80.50 -58.77
N PRO E 4586 -69.74 80.09 -58.06
CA PRO E 4586 -70.15 78.69 -58.10
C PRO E 4586 -70.62 78.25 -59.48
N MET E 4627 -64.07 87.74 -53.81
CA MET E 4627 -63.43 86.58 -53.17
C MET E 4627 -63.58 85.35 -54.06
N VAL E 4628 -63.15 84.19 -53.54
CA VAL E 4628 -63.10 82.96 -54.32
C VAL E 4628 -63.89 81.88 -53.61
N TYR E 4629 -64.33 80.88 -54.37
CA TYR E 4629 -65.15 79.80 -53.87
C TYR E 4629 -64.40 78.47 -54.00
N TYR E 4630 -64.50 77.63 -52.98
CA TYR E 4630 -63.99 76.27 -53.00
C TYR E 4630 -65.18 75.32 -53.05
N PHE E 4631 -65.12 74.34 -53.95
CA PHE E 4631 -66.22 73.39 -54.06
C PHE E 4631 -65.73 72.13 -54.75
N LEU E 4632 -66.45 71.04 -54.52
CA LEU E 4632 -66.14 69.77 -55.16
C LEU E 4632 -66.61 69.78 -56.61
N GLU E 4633 -66.17 68.79 -57.37
CA GLU E 4633 -66.49 68.69 -58.79
C GLU E 4633 -66.43 67.22 -59.20
N GLU E 4634 -67.61 66.60 -59.32
CA GLU E 4634 -67.72 65.22 -59.75
C GLU E 4634 -69.07 65.01 -60.42
N SER E 4635 -69.14 64.00 -61.28
CA SER E 4635 -70.37 63.71 -62.01
C SER E 4635 -71.40 63.00 -61.13
N THR E 4636 -70.97 62.06 -60.30
CA THR E 4636 -71.91 61.23 -59.55
C THR E 4636 -72.77 62.04 -58.59
N GLY E 4637 -72.17 63.01 -57.88
CA GLY E 4637 -72.88 63.75 -56.87
C GLY E 4637 -73.00 63.05 -55.53
N TYR E 4638 -72.34 61.90 -55.35
CA TYR E 4638 -72.47 61.11 -54.13
C TYR E 4638 -71.30 61.29 -53.17
N MET E 4639 -70.29 62.10 -53.51
CA MET E 4639 -69.17 62.25 -52.58
C MET E 4639 -69.38 63.40 -51.60
N GLU E 4640 -70.10 64.44 -52.00
CA GLU E 4640 -70.39 65.52 -51.06
C GLU E 4640 -71.16 65.01 -49.85
N PRO E 4641 -72.25 64.24 -50.00
CA PRO E 4641 -72.88 63.67 -48.81
C PRO E 4641 -71.99 62.73 -48.03
N ALA E 4642 -71.16 61.95 -48.73
CA ALA E 4642 -70.33 60.96 -48.05
C ALA E 4642 -69.27 61.62 -47.17
N LEU E 4643 -68.78 62.77 -47.59
CA LEU E 4643 -67.74 63.44 -46.82
C LEU E 4643 -68.22 63.80 -45.41
N TRP E 4644 -69.45 64.30 -45.31
CA TRP E 4644 -70.02 64.68 -44.01
C TRP E 4644 -70.07 63.47 -43.08
N CYS E 4645 -70.60 62.36 -43.57
CA CYS E 4645 -70.72 61.16 -42.75
C CYS E 4645 -69.35 60.65 -42.34
N LEU E 4646 -68.38 60.65 -43.27
CA LEU E 4646 -67.06 60.16 -42.93
C LEU E 4646 -66.42 61.04 -41.87
N SER E 4647 -66.61 62.35 -41.95
CA SER E 4647 -66.05 63.23 -40.93
C SER E 4647 -66.64 62.92 -39.55
N LEU E 4648 -67.97 62.81 -39.46
CA LEU E 4648 -68.58 62.52 -38.17
C LEU E 4648 -68.08 61.19 -37.62
N LEU E 4649 -68.02 60.17 -38.48
CA LEU E 4649 -67.59 58.86 -38.03
C LEU E 4649 -66.14 58.90 -37.54
N HIS E 4650 -65.28 59.64 -38.24
CA HIS E 4650 -63.89 59.75 -37.82
C HIS E 4650 -63.78 60.37 -36.44
N THR E 4651 -64.52 61.45 -36.20
CA THR E 4651 -64.47 62.07 -34.88
C THR E 4651 -64.94 61.11 -33.79
N LEU E 4652 -66.04 60.40 -34.05
CA LEU E 4652 -66.54 59.46 -33.05
C LEU E 4652 -65.51 58.38 -32.75
N VAL E 4653 -64.89 57.83 -33.80
CA VAL E 4653 -63.93 56.75 -33.59
C VAL E 4653 -62.73 57.25 -32.80
N ALA E 4654 -62.27 58.47 -33.08
CA ALA E 4654 -61.16 59.01 -32.32
C ALA E 4654 -61.50 59.12 -30.83
N PHE E 4655 -62.72 59.60 -30.53
CA PHE E 4655 -63.12 59.71 -29.13
C PHE E 4655 -63.15 58.34 -28.47
N LEU E 4656 -63.70 57.35 -29.16
CA LEU E 4656 -63.74 56.00 -28.59
C LEU E 4656 -62.34 55.46 -28.36
N CYS E 4657 -61.40 55.76 -29.26
CA CYS E 4657 -60.03 55.33 -29.07
C CYS E 4657 -59.44 55.94 -27.80
N ILE E 4658 -59.71 57.22 -27.56
CA ILE E 4658 -59.21 57.85 -26.34
C ILE E 4658 -59.75 57.14 -25.11
N ILE E 4659 -61.06 56.87 -25.10
CA ILE E 4659 -61.65 56.21 -23.93
C ILE E 4659 -61.05 54.83 -23.73
N GLY E 4660 -60.89 54.07 -24.82
CA GLY E 4660 -60.33 52.74 -24.71
C GLY E 4660 -58.92 52.75 -24.15
N TYR E 4661 -58.08 53.65 -24.65
CA TYR E 4661 -56.73 53.75 -24.12
C TYR E 4661 -56.77 54.08 -22.63
N ASN E 4662 -57.61 55.03 -22.25
CA ASN E 4662 -57.70 55.39 -20.84
C ASN E 4662 -58.08 54.20 -19.98
N CYS E 4663 -58.91 53.31 -20.51
CA CYS E 4663 -59.39 52.18 -19.73
C CYS E 4663 -58.51 50.94 -19.85
N LEU E 4664 -57.50 50.94 -20.73
CA LEU E 4664 -56.68 49.75 -20.95
C LEU E 4664 -55.24 49.89 -20.48
N LYS E 4665 -54.60 51.04 -20.72
CA LYS E 4665 -53.17 51.17 -20.53
C LYS E 4665 -52.77 52.01 -19.33
N VAL E 4666 -53.67 52.85 -18.81
CA VAL E 4666 -53.34 53.66 -17.65
C VAL E 4666 -52.97 52.80 -16.44
N PRO E 4667 -53.69 51.74 -16.11
CA PRO E 4667 -53.36 51.01 -14.88
C PRO E 4667 -51.93 50.54 -14.81
N LEU E 4668 -51.32 50.12 -15.92
CA LEU E 4668 -49.93 49.72 -15.86
C LEU E 4668 -49.02 50.88 -15.47
N VAL E 4669 -49.28 52.06 -16.04
CA VAL E 4669 -48.46 53.23 -15.71
C VAL E 4669 -48.58 53.55 -14.23
N ILE E 4670 -49.81 53.54 -13.70
CA ILE E 4670 -49.99 53.82 -12.29
C ILE E 4670 -49.30 52.77 -11.43
N PHE E 4671 -49.42 51.50 -11.82
CA PHE E 4671 -48.77 50.43 -11.09
C PHE E 4671 -47.28 50.64 -11.01
N LYS E 4672 -46.65 50.97 -12.15
CA LYS E 4672 -45.20 51.15 -12.14
C LYS E 4672 -44.80 52.37 -11.31
N ARG E 4673 -45.53 53.46 -11.41
CA ARG E 4673 -45.18 54.63 -10.60
C ARG E 4673 -45.26 54.31 -9.12
N GLU E 4674 -46.34 53.65 -8.70
CA GLU E 4674 -46.50 53.31 -7.29
C GLU E 4674 -45.40 52.36 -6.83
N LYS E 4675 -45.07 51.37 -7.66
CA LYS E 4675 -44.04 50.40 -7.29
C LYS E 4675 -42.71 51.11 -7.05
N GLU E 4676 -42.26 51.92 -8.00
CA GLU E 4676 -41.01 52.64 -7.81
C GLU E 4676 -41.05 53.55 -6.59
N LEU E 4677 -42.16 54.26 -6.38
CA LEU E 4677 -42.23 55.15 -5.23
C LEU E 4677 -42.08 54.37 -3.94
N ALA E 4678 -42.80 53.26 -3.80
CA ALA E 4678 -42.72 52.47 -2.58
C ALA E 4678 -41.31 51.93 -2.38
N ARG E 4679 -40.69 51.42 -3.44
CA ARG E 4679 -39.35 50.85 -3.31
C ARG E 4679 -38.37 51.92 -2.84
N LYS E 4680 -38.39 53.10 -3.47
CA LYS E 4680 -37.46 54.14 -3.06
C LYS E 4680 -37.72 54.58 -1.62
N LEU E 4681 -38.98 54.77 -1.25
CA LEU E 4681 -39.27 55.16 0.13
C LEU E 4681 -38.74 54.15 1.11
N GLU E 4682 -38.99 52.86 0.86
CA GLU E 4682 -38.66 51.85 1.86
C GLU E 4682 -37.16 51.62 1.95
N PHE E 4683 -36.46 51.51 0.81
CA PHE E 4683 -35.06 51.11 0.84
C PHE E 4683 -34.08 52.28 0.80
N ASP E 4684 -34.56 53.52 0.68
CA ASP E 4684 -33.66 54.67 0.65
C ASP E 4684 -34.10 55.81 1.55
N GLY E 4685 -35.29 55.77 2.13
CA GLY E 4685 -35.75 56.90 2.91
C GLY E 4685 -35.74 58.20 2.13
N LEU E 4686 -36.22 58.18 0.89
CA LEU E 4686 -36.07 59.32 0.01
C LEU E 4686 -36.56 60.60 0.66
N TYR E 4687 -37.73 60.59 1.31
CA TYR E 4687 -38.23 61.79 2.04
C TYR E 4687 -37.68 61.82 3.48
N ILE E 4688 -37.57 60.67 4.15
CA ILE E 4688 -37.15 60.54 5.56
C ILE E 4688 -35.73 61.10 5.78
N THR E 4689 -34.75 60.61 5.02
CA THR E 4689 -33.31 60.97 5.20
C THR E 4689 -32.87 61.91 4.08
N GLU E 4690 -33.00 61.49 2.83
CA GLU E 4690 -32.64 62.33 1.65
C GLU E 4690 -33.71 63.41 1.49
N GLN E 4691 -33.57 64.30 0.51
CA GLN E 4691 -34.58 65.33 0.21
C GLN E 4691 -34.33 65.79 -1.23
N PRO E 4692 -34.95 65.16 -2.26
CA PRO E 4692 -34.66 65.50 -3.67
C PRO E 4692 -34.83 67.00 -3.90
N GLY E 4693 -33.87 67.66 -4.58
CA GLY E 4693 -33.95 69.07 -4.89
C GLY E 4693 -35.01 69.37 -5.93
N ASP E 4694 -35.17 70.67 -6.20
CA ASP E 4694 -36.20 71.13 -7.12
C ASP E 4694 -35.98 70.63 -8.55
N ASP E 4695 -34.78 70.18 -8.88
CA ASP E 4695 -34.53 69.71 -10.25
C ASP E 4695 -35.41 68.51 -10.59
N ASP E 4696 -35.56 67.57 -9.67
CA ASP E 4696 -36.36 66.36 -9.91
C ASP E 4696 -37.83 66.73 -9.73
N VAL E 4697 -38.47 67.11 -10.84
CA VAL E 4697 -39.88 67.46 -10.79
C VAL E 4697 -40.73 66.27 -10.40
N LYS E 4698 -40.32 65.06 -10.80
CA LYS E 4698 -41.09 63.87 -10.47
C LYS E 4698 -41.22 63.70 -8.97
N GLY E 4699 -40.11 63.86 -8.23
CA GLY E 4699 -40.18 63.75 -6.79
C GLY E 4699 -41.06 64.82 -6.17
N GLN E 4700 -40.94 66.05 -6.65
CA GLN E 4700 -41.79 67.12 -6.12
C GLN E 4700 -43.25 66.77 -6.31
N TRP E 4701 -43.63 66.32 -7.51
CA TRP E 4701 -45.02 65.97 -7.74
C TRP E 4701 -45.45 64.80 -6.86
N ASP E 4702 -44.61 63.78 -6.76
CA ASP E 4702 -44.95 62.62 -5.95
C ASP E 4702 -45.13 62.97 -4.48
N ARG E 4703 -44.47 64.02 -4.00
CA ARG E 4703 -44.64 64.44 -2.62
C ARG E 4703 -46.11 64.62 -2.26
N LEU E 4704 -46.98 64.81 -3.24
CA LEU E 4704 -48.38 65.14 -2.98
C LEU E 4704 -49.19 63.93 -2.54
N VAL E 4705 -48.77 62.71 -2.90
CA VAL E 4705 -49.59 61.53 -2.65
C VAL E 4705 -49.24 60.82 -1.35
N LEU E 4706 -48.11 61.16 -0.72
CA LEU E 4706 -47.62 60.36 0.39
C LEU E 4706 -48.68 60.18 1.47
N ASN E 4707 -49.29 61.28 1.91
CA ASN E 4707 -50.18 61.21 3.06
C ASN E 4707 -51.63 60.90 2.68
N THR E 4708 -51.87 60.29 1.53
CA THR E 4708 -53.23 59.95 1.15
C THR E 4708 -53.65 58.62 1.80
N PRO E 4709 -54.95 58.41 1.99
CA PRO E 4709 -55.40 57.16 2.61
C PRO E 4709 -55.56 55.99 1.66
N SER E 4710 -55.23 56.17 0.37
CA SER E 4710 -55.34 55.09 -0.60
C SER E 4710 -54.11 54.98 -1.49
N PHE E 4711 -52.93 55.33 -0.96
CA PHE E 4711 -51.72 55.40 -1.79
C PHE E 4711 -51.42 54.10 -2.54
N PRO E 4712 -51.37 52.94 -1.91
CA PRO E 4712 -51.11 51.70 -2.68
C PRO E 4712 -52.37 51.15 -3.32
N SER E 4713 -52.94 51.94 -4.23
CA SER E 4713 -54.21 51.56 -4.85
C SER E 4713 -54.04 50.41 -5.84
N ASN E 4714 -53.02 50.49 -6.69
CA ASN E 4714 -52.79 49.45 -7.70
C ASN E 4714 -51.73 48.45 -7.29
N TYR E 4715 -50.60 48.90 -6.76
CA TYR E 4715 -49.60 47.98 -6.23
C TYR E 4715 -50.22 47.16 -5.11
N TRP E 4716 -49.92 45.85 -5.11
CA TRP E 4716 -50.64 44.92 -4.25
C TRP E 4716 -50.09 44.83 -2.84
N ASP E 4717 -49.01 45.53 -2.52
CA ASP E 4717 -48.44 45.47 -1.18
C ASP E 4717 -49.08 46.55 -0.32
N LYS E 4718 -49.89 46.14 0.65
CA LYS E 4718 -50.68 47.08 1.47
C LYS E 4718 -49.95 47.41 2.78
N PHE E 4719 -48.77 46.83 3.04
CA PHE E 4719 -48.08 47.03 4.29
C PHE E 4719 -46.84 47.93 4.16
N VAL E 4720 -46.77 48.74 3.10
CA VAL E 4720 -45.60 49.58 2.92
C VAL E 4720 -45.45 50.56 4.09
N LYS E 4721 -46.57 51.17 4.49
CA LYS E 4721 -46.50 52.15 5.56
C LYS E 4721 -46.01 51.53 6.86
N ARG E 4722 -46.54 50.37 7.21
CA ARG E 4722 -46.12 49.71 8.45
C ARG E 4722 -44.65 49.36 8.41
N LYS E 4723 -44.16 48.85 7.28
CA LYS E 4723 -42.76 48.48 7.19
C LYS E 4723 -41.87 49.71 7.33
N VAL E 4724 -42.20 50.80 6.64
CA VAL E 4724 -41.39 52.00 6.73
C VAL E 4724 -41.38 52.53 8.15
N LEU E 4725 -42.55 52.54 8.79
CA LEU E 4725 -42.62 52.99 10.18
C LEU E 4725 -41.73 52.14 11.07
N ASP E 4726 -41.90 50.82 11.02
CA ASP E 4726 -41.10 49.95 11.87
C ASP E 4726 -39.61 50.14 11.60
N LYS E 4727 -39.24 50.48 10.37
CA LYS E 4727 -37.83 50.63 10.06
C LYS E 4727 -37.26 51.95 10.61
N HIS E 4728 -38.00 53.05 10.51
CA HIS E 4728 -37.40 54.37 10.73
C HIS E 4728 -37.93 55.15 11.91
N GLY E 4729 -39.02 54.71 12.56
CA GLY E 4729 -39.64 55.51 13.59
C GLY E 4729 -38.75 55.80 14.78
N ASP E 4730 -38.01 54.81 15.27
CA ASP E 4730 -37.20 55.01 16.46
C ASP E 4730 -36.19 56.12 16.26
N ILE E 4731 -35.48 56.11 15.13
CA ILE E 4731 -34.48 57.13 14.87
C ILE E 4731 -35.14 58.47 14.58
N PHE E 4732 -36.17 58.48 13.74
CA PHE E 4732 -36.75 59.73 13.27
C PHE E 4732 -38.05 60.09 13.96
N GLY E 4733 -38.48 59.32 14.96
CA GLY E 4733 -39.65 59.67 15.73
C GLY E 4733 -40.92 59.13 15.12
N ARG E 4734 -41.63 58.23 15.83
CA ARG E 4734 -42.84 57.57 15.29
C ARG E 4734 -43.97 58.61 15.22
N GLU E 4735 -43.83 59.76 15.89
CA GLU E 4735 -44.81 60.88 15.83
C GLU E 4735 -44.56 61.71 14.57
N ARG E 4736 -43.30 61.81 14.10
CA ARG E 4736 -42.94 62.60 12.88
C ARG E 4736 -43.41 61.82 11.65
N ILE E 4737 -43.23 60.49 11.63
CA ILE E 4737 -43.57 59.65 10.50
C ILE E 4737 -45.08 59.50 10.38
N ALA E 4738 -45.77 59.34 11.50
CA ALA E 4738 -47.23 59.27 11.45
C ALA E 4738 -47.82 60.54 10.85
N GLU E 4739 -47.27 61.70 11.21
CA GLU E 4739 -47.73 62.93 10.61
C GLU E 4739 -47.45 62.95 9.11
N LEU E 4740 -46.26 62.52 8.71
CA LEU E 4740 -45.89 62.57 7.30
C LEU E 4740 -46.78 61.67 6.45
N LEU E 4741 -47.09 60.48 6.94
CA LEU E 4741 -47.81 59.49 6.16
C LEU E 4741 -49.29 59.42 6.51
N GLY E 4742 -49.80 60.37 7.29
CA GLY E 4742 -51.21 60.38 7.64
C GLY E 4742 -51.66 59.04 8.20
N MET E 4743 -51.13 58.67 9.35
CA MET E 4743 -51.44 57.38 9.98
C MET E 4743 -51.72 57.60 11.45
N ASP E 4744 -52.59 56.75 12.00
CA ASP E 4744 -52.95 56.80 13.41
C ASP E 4744 -52.01 55.90 14.20
N LEU E 4745 -51.20 56.52 15.09
CA LEU E 4745 -50.33 55.72 15.94
C LEU E 4745 -51.12 54.80 16.86
N ALA E 4746 -52.28 55.24 17.33
CA ALA E 4746 -53.09 54.41 18.22
C ALA E 4746 -53.51 53.10 17.58
N SER E 4747 -53.55 53.03 16.24
CA SER E 4747 -53.93 51.81 15.55
C SER E 4747 -53.19 51.71 14.22
N THR E 4766 -73.38 59.22 -0.15
CA THR E 4766 -73.33 58.43 -1.41
C THR E 4766 -71.97 58.63 -2.08
N TRP E 4767 -71.97 58.94 -3.38
CA TRP E 4767 -70.69 59.20 -4.08
C TRP E 4767 -70.30 60.68 -3.94
N LEU E 4768 -70.89 61.38 -2.97
CA LEU E 4768 -70.45 62.77 -2.69
C LEU E 4768 -69.11 62.62 -1.96
N MET E 4769 -69.14 61.97 -0.79
CA MET E 4769 -67.86 61.64 -0.10
C MET E 4769 -67.39 60.32 -0.73
N SER E 4770 -66.36 59.65 -0.20
CA SER E 4770 -65.79 58.36 -0.69
C SER E 4770 -64.84 58.63 -1.88
N ILE E 4771 -64.65 59.90 -2.28
CA ILE E 4771 -63.70 60.28 -3.36
C ILE E 4771 -62.56 61.02 -2.66
N ASP E 4772 -61.32 60.61 -2.90
CA ASP E 4772 -60.14 61.32 -2.33
C ASP E 4772 -59.74 62.29 -3.41
N VAL E 4773 -59.94 63.57 -3.16
CA VAL E 4773 -59.67 64.61 -4.17
C VAL E 4773 -58.18 64.55 -4.44
N LYS E 4774 -57.35 64.35 -3.42
CA LYS E 4774 -55.87 64.38 -3.56
C LYS E 4774 -55.35 63.22 -4.41
N TYR E 4775 -55.83 61.98 -4.30
CA TYR E 4775 -55.29 60.88 -5.07
C TYR E 4775 -55.67 61.01 -6.54
N GLN E 4776 -56.92 61.38 -6.81
CA GLN E 4776 -57.36 61.56 -8.19
C GLN E 4776 -56.58 62.67 -8.88
N ILE E 4777 -56.32 63.76 -8.15
CA ILE E 4777 -55.55 64.85 -8.74
C ILE E 4777 -54.15 64.37 -9.09
N TRP E 4778 -53.52 63.63 -8.18
CA TRP E 4778 -52.18 63.12 -8.47
C TRP E 4778 -52.20 62.21 -9.69
N LYS E 4779 -53.18 61.32 -9.77
CA LYS E 4779 -53.23 60.38 -10.88
C LYS E 4779 -53.44 61.10 -12.20
N PHE E 4780 -54.32 62.10 -12.22
CA PHE E 4780 -54.52 62.86 -13.45
C PHE E 4780 -53.28 63.62 -13.85
N GLY E 4781 -52.57 64.19 -12.87
CA GLY E 4781 -51.30 64.82 -13.17
C GLY E 4781 -50.31 63.86 -13.77
N VAL E 4782 -50.27 62.62 -13.28
CA VAL E 4782 -49.38 61.62 -13.87
C VAL E 4782 -49.81 61.31 -15.30
N ILE E 4783 -51.12 61.15 -15.52
CA ILE E 4783 -51.61 60.75 -16.83
C ILE E 4783 -51.29 61.82 -17.87
N PHE E 4784 -51.52 63.09 -17.52
CA PHE E 4784 -51.39 64.16 -18.51
C PHE E 4784 -49.95 64.40 -18.93
N THR E 4785 -48.99 63.59 -18.49
CA THR E 4785 -47.62 63.71 -18.96
C THR E 4785 -47.17 62.54 -19.82
N ASP E 4786 -47.97 61.47 -19.90
CA ASP E 4786 -47.62 60.34 -20.75
C ASP E 4786 -47.64 60.77 -22.21
N ASN E 4787 -46.73 60.20 -23.01
CA ASN E 4787 -46.62 60.60 -24.41
C ASN E 4787 -47.81 60.11 -25.22
N SER E 4788 -48.23 58.86 -25.01
CA SER E 4788 -49.31 58.31 -25.81
C SER E 4788 -50.62 59.08 -25.59
N PHE E 4789 -50.90 59.45 -24.35
CA PHE E 4789 -52.11 60.21 -24.08
C PHE E 4789 -52.08 61.57 -24.79
N LEU E 4790 -50.94 62.24 -24.77
CA LEU E 4790 -50.84 63.51 -25.47
C LEU E 4790 -51.00 63.32 -26.97
N TYR E 4791 -50.45 62.23 -27.52
CA TYR E 4791 -50.60 61.97 -28.94
C TYR E 4791 -52.07 61.78 -29.30
N LEU E 4792 -52.80 61.02 -28.49
CA LEU E 4792 -54.22 60.81 -28.77
C LEU E 4792 -55.01 62.10 -28.62
N GLY E 4793 -54.65 62.94 -27.65
CA GLY E 4793 -55.32 64.22 -27.51
C GLY E 4793 -55.11 65.11 -28.72
N TRP E 4794 -53.88 65.13 -29.25
CA TRP E 4794 -53.60 65.89 -30.46
C TRP E 4794 -54.41 65.34 -31.63
N TYR E 4795 -54.49 64.02 -31.73
CA TYR E 4795 -55.36 63.42 -32.74
C TYR E 4795 -56.79 63.95 -32.63
N MET E 4796 -57.32 63.98 -31.41
CA MET E 4796 -58.69 64.43 -31.21
C MET E 4796 -58.86 65.90 -31.60
N VAL E 4797 -57.93 66.76 -31.20
CA VAL E 4797 -58.12 68.19 -31.49
C VAL E 4797 -58.00 68.44 -32.99
N MET E 4798 -57.09 67.72 -33.67
CA MET E 4798 -57.03 67.83 -35.11
C MET E 4798 -58.34 67.38 -35.76
N SER E 4799 -58.91 66.28 -35.28
CA SER E 4799 -60.17 65.81 -35.84
C SER E 4799 -61.26 66.86 -35.64
N LEU E 4800 -61.33 67.47 -34.47
CA LEU E 4800 -62.34 68.49 -34.23
C LEU E 4800 -62.13 69.68 -35.15
N LEU E 4801 -60.89 70.14 -35.29
CA LEU E 4801 -60.61 71.25 -36.21
C LEU E 4801 -60.98 70.89 -37.63
N GLY E 4802 -60.96 69.60 -37.98
CA GLY E 4802 -61.31 69.20 -39.32
C GLY E 4802 -62.67 69.68 -39.78
N HIS E 4803 -63.63 69.84 -38.85
CA HIS E 4803 -64.96 70.30 -39.22
C HIS E 4803 -65.00 71.79 -39.53
N TYR E 4804 -64.08 72.58 -38.97
CA TYR E 4804 -64.03 73.99 -39.30
C TYR E 4804 -63.48 74.21 -40.70
N ASN E 4805 -62.57 73.34 -41.15
CA ASN E 4805 -62.01 73.41 -42.49
C ASN E 4805 -61.55 72.02 -42.88
N ASN E 4806 -62.09 71.49 -43.97
CA ASN E 4806 -61.92 70.07 -44.27
C ASN E 4806 -60.47 69.72 -44.58
N PHE E 4807 -59.60 70.70 -44.80
CA PHE E 4807 -58.23 70.36 -45.18
C PHE E 4807 -57.36 69.99 -43.98
N PHE E 4808 -57.87 70.16 -42.76
CA PHE E 4808 -57.08 69.75 -41.60
C PHE E 4808 -57.03 68.24 -41.44
N PHE E 4809 -57.87 67.50 -42.18
CA PHE E 4809 -57.83 66.04 -42.11
C PHE E 4809 -56.59 65.47 -42.76
N ALA E 4810 -55.80 66.28 -43.46
CA ALA E 4810 -54.54 65.79 -44.02
C ALA E 4810 -53.56 65.40 -42.93
N ALA E 4811 -53.54 66.14 -41.83
CA ALA E 4811 -52.57 65.89 -40.77
C ALA E 4811 -52.67 64.49 -40.20
N HIS E 4812 -53.83 63.83 -40.35
CA HIS E 4812 -53.98 62.48 -39.81
C HIS E 4812 -53.25 61.43 -40.62
N LEU E 4813 -52.73 61.79 -41.79
CA LEU E 4813 -51.96 60.84 -42.58
C LEU E 4813 -50.59 60.57 -41.99
N LEU E 4814 -50.10 61.43 -41.10
CA LEU E 4814 -48.83 61.18 -40.44
C LEU E 4814 -48.91 60.01 -39.47
N ASP E 4815 -50.13 59.55 -39.17
CA ASP E 4815 -50.37 58.40 -38.25
C ASP E 4815 -49.68 57.15 -38.80
N ILE E 4816 -49.39 57.05 -40.11
CA ILE E 4816 -48.85 55.81 -40.67
C ILE E 4816 -47.48 55.50 -40.08
N ALA E 4817 -46.72 56.53 -39.71
CA ALA E 4817 -45.40 56.28 -39.14
C ALA E 4817 -45.51 55.49 -37.85
N MET E 4818 -46.46 55.83 -36.98
CA MET E 4818 -46.65 55.07 -35.75
C MET E 4818 -47.47 53.80 -35.98
N GLY E 4819 -48.19 53.73 -37.11
CA GLY E 4819 -49.12 52.64 -37.30
C GLY E 4819 -48.53 51.42 -37.97
N VAL E 4820 -47.34 51.56 -38.55
CA VAL E 4820 -46.71 50.48 -39.31
C VAL E 4820 -45.32 50.25 -38.75
N LYS E 4821 -44.99 48.99 -38.45
CA LYS E 4821 -43.70 48.68 -37.84
C LYS E 4821 -42.55 48.89 -38.82
N THR E 4822 -42.72 48.49 -40.08
CA THR E 4822 -41.62 48.59 -41.03
C THR E 4822 -41.27 50.05 -41.31
N LEU E 4823 -42.27 50.92 -41.35
CA LEU E 4823 -42.00 52.34 -41.48
C LEU E 4823 -41.18 52.84 -40.31
N ARG E 4824 -41.51 52.40 -39.10
CA ARG E 4824 -40.75 52.80 -37.93
C ARG E 4824 -39.30 52.32 -38.03
N THR E 4825 -39.10 51.08 -38.48
CA THR E 4825 -37.73 50.58 -38.61
C THR E 4825 -36.95 51.40 -39.63
N ILE E 4826 -37.59 51.75 -40.75
CA ILE E 4826 -36.90 52.55 -41.77
C ILE E 4826 -36.55 53.93 -41.23
N LEU E 4827 -37.48 54.55 -40.50
CA LEU E 4827 -37.23 55.90 -40.01
C LEU E 4827 -36.23 55.92 -38.85
N SER E 4828 -36.09 54.80 -38.15
CA SER E 4828 -35.11 54.74 -37.07
C SER E 4828 -33.72 55.05 -37.56
N SER E 4829 -33.41 54.69 -38.81
CA SER E 4829 -32.10 55.02 -39.37
C SER E 4829 -31.91 56.53 -39.44
N VAL E 4830 -32.92 57.26 -39.87
CA VAL E 4830 -32.81 58.72 -39.91
C VAL E 4830 -32.70 59.28 -38.50
N THR E 4831 -33.50 58.77 -37.56
CA THR E 4831 -33.49 59.31 -36.21
C THR E 4831 -32.34 58.79 -35.37
N HIS E 4832 -31.58 57.81 -35.85
CA HIS E 4832 -30.49 57.25 -35.06
C HIS E 4832 -29.41 58.28 -34.78
N ASN E 4833 -29.22 59.22 -35.70
CA ASN E 4833 -28.15 60.22 -35.61
C ASN E 4833 -28.66 61.63 -35.88
N GLY E 4834 -29.76 62.01 -35.24
CA GLY E 4834 -30.30 63.34 -35.47
C GLY E 4834 -29.35 64.45 -35.06
N LYS E 4835 -28.66 64.28 -33.93
CA LYS E 4835 -27.81 65.35 -33.42
C LYS E 4835 -26.68 65.66 -34.39
N GLN E 4836 -26.09 64.62 -34.98
CA GLN E 4836 -25.03 64.85 -35.96
C GLN E 4836 -25.56 65.59 -37.17
N LEU E 4837 -26.77 65.26 -37.63
CA LEU E 4837 -27.35 65.96 -38.77
C LEU E 4837 -27.56 67.43 -38.45
N VAL E 4838 -28.07 67.72 -37.25
CA VAL E 4838 -28.29 69.12 -36.87
C VAL E 4838 -26.97 69.87 -36.83
N MET E 4839 -25.94 69.27 -36.23
CA MET E 4839 -24.65 69.92 -36.18
C MET E 4839 -24.08 70.15 -37.58
N THR E 4840 -24.29 69.21 -38.49
CA THR E 4840 -23.83 69.40 -39.86
C THR E 4840 -24.53 70.57 -40.53
N VAL E 4841 -25.84 70.70 -40.31
CA VAL E 4841 -26.56 71.83 -40.87
C VAL E 4841 -26.00 73.15 -40.33
N GLY E 4842 -25.72 73.19 -39.03
CA GLY E 4842 -25.12 74.40 -38.46
C GLY E 4842 -23.77 74.72 -39.07
N LEU E 4843 -22.94 73.70 -39.27
CA LEU E 4843 -21.63 73.92 -39.88
C LEU E 4843 -21.78 74.46 -41.30
N LEU E 4844 -22.73 73.93 -42.05
CA LEU E 4844 -23.00 74.45 -43.39
C LEU E 4844 -23.37 75.93 -43.32
N ALA E 4845 -24.21 76.30 -42.35
CA ALA E 4845 -24.58 77.70 -42.22
C ALA E 4845 -23.36 78.58 -41.98
N VAL E 4846 -22.46 78.16 -41.10
CA VAL E 4846 -21.29 78.97 -40.80
C VAL E 4846 -20.41 79.13 -42.04
N VAL E 4847 -20.19 78.04 -42.76
CA VAL E 4847 -19.32 78.10 -43.94
C VAL E 4847 -19.91 79.07 -44.97
N VAL E 4848 -21.21 78.96 -45.21
CA VAL E 4848 -21.83 79.86 -46.17
C VAL E 4848 -21.71 81.30 -45.70
N TYR E 4849 -21.79 81.53 -44.39
CA TYR E 4849 -21.64 82.89 -43.88
C TYR E 4849 -20.26 83.45 -44.20
N LEU E 4850 -19.21 82.64 -44.01
CA LEU E 4850 -17.87 83.13 -44.34
C LEU E 4850 -17.76 83.47 -45.82
N TYR E 4851 -18.30 82.60 -46.69
CA TYR E 4851 -18.28 82.93 -48.11
C TYR E 4851 -19.02 84.22 -48.39
N THR E 4852 -20.13 84.45 -47.69
CA THR E 4852 -20.88 85.69 -47.85
C THR E 4852 -20.02 86.90 -47.49
N VAL E 4853 -19.28 86.81 -46.39
CA VAL E 4853 -18.44 87.94 -46.00
C VAL E 4853 -17.43 88.25 -47.11
N VAL E 4854 -16.75 87.23 -47.61
CA VAL E 4854 -15.76 87.48 -48.65
C VAL E 4854 -16.41 88.11 -49.88
N ALA E 4855 -17.55 87.55 -50.31
CA ALA E 4855 -18.21 88.08 -51.49
C ALA E 4855 -18.63 89.53 -51.31
N PHE E 4856 -19.24 89.84 -50.16
CA PHE E 4856 -19.67 91.21 -49.92
C PHE E 4856 -18.49 92.16 -49.95
N ASN E 4857 -17.33 91.73 -49.45
CA ASN E 4857 -16.20 92.66 -49.41
C ASN E 4857 -15.56 92.86 -50.78
N PHE E 4858 -15.46 91.81 -51.61
CA PHE E 4858 -14.59 91.89 -52.78
C PHE E 4858 -15.27 91.73 -54.14
N PHE E 4859 -16.39 91.03 -54.25
CA PHE E 4859 -16.97 90.71 -55.55
C PHE E 4859 -18.36 91.29 -55.76
N ARG E 4860 -18.64 92.51 -55.31
CA ARG E 4860 -19.99 93.04 -55.36
C ARG E 4860 -20.49 93.18 -56.80
N LYS E 4861 -19.63 93.65 -57.70
CA LYS E 4861 -20.09 94.01 -59.04
C LYS E 4861 -20.68 92.84 -59.81
N PHE E 4862 -20.35 91.60 -59.44
CA PHE E 4862 -20.79 90.44 -60.21
C PHE E 4862 -22.20 90.00 -59.88
N TYR E 4863 -22.85 90.59 -58.87
CA TYR E 4863 -24.12 90.10 -58.37
C TYR E 4863 -25.31 90.87 -58.93
N ASN E 4864 -25.23 91.37 -60.16
CA ASN E 4864 -26.36 92.04 -60.79
C ASN E 4864 -27.20 91.02 -61.54
N LYS E 4865 -28.51 91.06 -61.34
CA LYS E 4865 -29.42 90.08 -61.90
C LYS E 4865 -30.45 90.65 -62.85
N SER E 4866 -30.50 91.97 -63.03
CA SER E 4866 -31.45 92.56 -63.95
C SER E 4866 -31.04 92.31 -65.38
N GLU E 4867 -32.03 92.27 -66.27
CA GLU E 4867 -31.81 92.06 -67.69
C GLU E 4867 -31.83 93.35 -68.49
N ASP E 4868 -31.88 94.50 -67.83
CA ASP E 4868 -31.90 95.79 -68.51
C ASP E 4868 -31.08 96.79 -67.72
N GLU E 4869 -30.58 97.80 -68.42
CA GLU E 4869 -29.74 98.82 -67.80
C GLU E 4869 -30.55 99.93 -67.13
N ASP E 4870 -31.88 99.90 -67.24
CA ASP E 4870 -32.71 100.95 -66.65
C ASP E 4870 -33.10 100.65 -65.22
N GLU E 4871 -33.22 99.37 -64.85
CA GLU E 4871 -33.65 98.96 -63.51
C GLU E 4871 -32.67 97.92 -62.98
N PRO E 4872 -31.45 98.34 -62.63
CA PRO E 4872 -30.49 97.38 -62.07
C PRO E 4872 -30.99 96.78 -60.77
N ASP E 4873 -30.70 95.49 -60.58
CA ASP E 4873 -31.07 94.76 -59.38
C ASP E 4873 -29.82 94.10 -58.82
N MET E 4874 -29.40 94.52 -57.64
CA MET E 4874 -28.17 94.05 -57.02
C MET E 4874 -28.51 93.25 -55.78
N LYS E 4875 -27.96 92.03 -55.67
CA LYS E 4875 -28.27 91.11 -54.54
C LYS E 4875 -27.20 91.21 -53.45
N CYS E 4876 -26.13 91.99 -53.62
CA CYS E 4876 -25.01 92.08 -52.64
C CYS E 4876 -24.78 93.52 -52.16
N ASP E 4877 -25.80 94.36 -52.19
CA ASP E 4877 -25.70 95.77 -51.72
C ASP E 4877 -25.85 95.79 -50.19
N ASP E 4878 -26.20 94.66 -49.56
CA ASP E 4878 -26.37 94.56 -48.12
C ASP E 4878 -26.02 93.15 -47.70
N MET E 4879 -25.59 93.00 -46.44
CA MET E 4879 -25.10 91.69 -46.00
C MET E 4879 -26.23 90.70 -45.87
N MET E 4880 -27.37 91.11 -45.34
CA MET E 4880 -28.48 90.18 -45.13
C MET E 4880 -28.99 89.63 -46.46
N THR E 4881 -29.12 90.54 -47.45
CA THR E 4881 -29.62 90.21 -48.80
C THR E 4881 -28.63 89.33 -49.55
N CYS E 4882 -27.33 89.59 -49.41
CA CYS E 4882 -26.28 88.75 -50.06
C CYS E 4882 -26.30 87.40 -49.34
N TYR E 4883 -26.50 87.33 -48.01
CA TYR E 4883 -26.44 86.06 -47.23
C TYR E 4883 -27.64 85.18 -47.60
N LEU E 4884 -28.87 85.69 -47.66
CA LEU E 4884 -30.05 84.95 -48.09
C LEU E 4884 -29.88 84.43 -49.50
N PHE E 4885 -29.27 85.23 -50.38
CA PHE E 4885 -29.04 84.79 -51.75
C PHE E 4885 -28.14 83.57 -51.77
N HIS E 4886 -27.07 83.58 -50.99
CA HIS E 4886 -26.15 82.44 -50.96
C HIS E 4886 -26.84 81.20 -50.42
N MET E 4887 -27.66 81.35 -49.36
CA MET E 4887 -28.27 80.18 -48.76
C MET E 4887 -29.39 79.61 -49.63
N TYR E 4888 -30.11 80.46 -50.35
CA TYR E 4888 -31.29 80.01 -51.08
C TYR E 4888 -30.96 79.58 -52.51
N VAL E 4889 -30.10 80.33 -53.20
CA VAL E 4889 -29.83 80.07 -54.61
C VAL E 4889 -28.48 79.39 -54.76
N GLY E 4890 -27.67 79.41 -53.71
CA GLY E 4890 -26.33 78.86 -53.81
C GLY E 4890 -26.30 77.35 -53.61
N VAL E 4891 -26.78 76.88 -52.45
CA VAL E 4891 -26.66 75.47 -52.13
C VAL E 4891 -27.49 74.58 -53.04
N ARG E 4892 -28.66 75.04 -53.48
CA ARG E 4892 -29.53 74.22 -54.30
C ARG E 4892 -29.07 74.10 -55.74
N ALA E 4893 -28.10 74.90 -56.17
CA ALA E 4893 -27.62 74.81 -57.54
C ALA E 4893 -26.75 73.58 -57.74
N GLY E 4894 -26.73 73.08 -58.98
CA GLY E 4894 -25.96 71.89 -59.27
C GLY E 4894 -24.47 72.10 -59.17
N GLY E 4895 -23.99 73.23 -59.68
CA GLY E 4895 -22.58 73.55 -59.68
C GLY E 4895 -22.11 74.56 -58.65
N GLY E 4896 -22.94 74.87 -57.66
CA GLY E 4896 -22.57 75.84 -56.67
C GLY E 4896 -22.95 77.26 -57.06
N ILE E 4897 -22.34 78.22 -56.37
CA ILE E 4897 -22.70 79.62 -56.58
C ILE E 4897 -22.26 80.10 -57.96
N GLY E 4898 -21.18 79.55 -58.50
CA GLY E 4898 -20.68 80.00 -59.78
C GLY E 4898 -21.65 79.84 -60.93
N ASP E 4899 -22.68 79.03 -60.78
CA ASP E 4899 -23.65 78.83 -61.84
C ASP E 4899 -24.63 79.99 -61.98
N GLU E 4900 -24.70 80.87 -60.98
CA GLU E 4900 -25.71 81.93 -60.96
C GLU E 4900 -25.10 83.32 -60.89
N ILE E 4901 -23.90 83.52 -61.42
CA ILE E 4901 -23.20 84.79 -61.33
C ILE E 4901 -22.61 85.11 -62.70
N GLU E 4902 -22.29 86.39 -62.89
CA GLU E 4902 -21.74 86.84 -64.16
C GLU E 4902 -20.40 86.17 -64.44
N ASP E 4903 -20.10 86.00 -65.72
CA ASP E 4903 -18.87 85.35 -66.14
C ASP E 4903 -17.67 86.24 -65.82
N PRO E 4904 -16.65 85.73 -65.12
CA PRO E 4904 -15.50 86.58 -64.76
C PRO E 4904 -14.47 86.73 -65.85
N ALA E 4905 -14.66 86.14 -67.03
CA ALA E 4905 -13.65 86.19 -68.08
C ALA E 4905 -13.34 87.63 -68.45
N GLY E 4906 -12.04 87.93 -68.58
CA GLY E 4906 -11.59 89.23 -68.99
C GLY E 4906 -11.34 90.21 -67.86
N ASP E 4907 -11.64 89.85 -66.62
CA ASP E 4907 -11.44 90.75 -65.50
C ASP E 4907 -10.09 90.47 -64.83
N GLU E 4908 -9.65 91.43 -64.02
CA GLU E 4908 -8.37 91.30 -63.33
C GLU E 4908 -8.45 90.30 -62.19
N TYR E 4909 -9.62 90.14 -61.57
CA TYR E 4909 -9.81 89.22 -60.47
C TYR E 4909 -10.31 87.85 -60.94
N GLU E 4910 -9.95 87.45 -62.15
CA GLU E 4910 -10.46 86.19 -62.70
C GLU E 4910 -10.03 85.00 -61.85
N LEU E 4911 -8.73 84.91 -61.54
CA LEU E 4911 -8.24 83.75 -60.80
C LEU E 4911 -8.86 83.67 -59.42
N TYR E 4912 -9.03 84.79 -58.73
CA TYR E 4912 -9.70 84.77 -57.45
C TYR E 4912 -11.12 84.27 -57.58
N ARG E 4913 -11.78 84.66 -58.67
CA ARG E 4913 -13.19 84.28 -58.94
C ARG E 4913 -13.29 82.78 -59.23
N VAL E 4914 -12.28 82.16 -59.87
CA VAL E 4914 -12.33 80.72 -60.13
C VAL E 4914 -11.99 79.94 -58.88
N VAL E 4915 -11.07 80.44 -58.06
CA VAL E 4915 -10.78 79.78 -56.79
C VAL E 4915 -12.01 79.81 -55.90
N PHE E 4916 -12.68 80.96 -55.83
CA PHE E 4916 -13.92 81.08 -55.08
C PHE E 4916 -14.92 80.01 -55.50
N ASP E 4917 -15.16 79.90 -56.80
CA ASP E 4917 -16.14 78.94 -57.30
C ASP E 4917 -15.75 77.52 -56.96
N ILE E 4918 -14.52 77.13 -57.26
CA ILE E 4918 -14.12 75.74 -57.09
C ILE E 4918 -14.15 75.35 -55.62
N THR E 4919 -13.67 76.23 -54.75
CA THR E 4919 -13.70 75.90 -53.33
C THR E 4919 -15.13 75.80 -52.81
N PHE E 4920 -16.03 76.68 -53.23
CA PHE E 4920 -17.42 76.54 -52.86
C PHE E 4920 -17.95 75.18 -53.29
N PHE E 4921 -17.70 74.81 -54.54
CA PHE E 4921 -18.19 73.54 -55.05
C PHE E 4921 -17.66 72.37 -54.23
N PHE E 4922 -16.37 72.38 -53.92
CA PHE E 4922 -15.78 71.27 -53.19
C PHE E 4922 -16.32 71.17 -51.78
N PHE E 4923 -16.29 72.27 -51.04
CA PHE E 4923 -16.58 72.17 -49.61
C PHE E 4923 -18.07 72.05 -49.34
N VAL E 4924 -18.91 72.71 -50.13
CA VAL E 4924 -20.34 72.70 -49.84
C VAL E 4924 -21.02 71.53 -50.55
N ILE E 4925 -20.93 71.50 -51.87
CA ILE E 4925 -21.72 70.55 -52.65
C ILE E 4925 -21.22 69.12 -52.47
N VAL E 4926 -19.90 68.92 -52.52
CA VAL E 4926 -19.37 67.56 -52.58
C VAL E 4926 -19.23 66.95 -51.19
N ILE E 4927 -18.56 67.64 -50.28
CA ILE E 4927 -18.16 67.01 -49.02
C ILE E 4927 -19.32 66.97 -48.04
N LEU E 4928 -19.98 68.10 -47.81
CA LEU E 4928 -20.99 68.14 -46.76
C LEU E 4928 -22.17 67.22 -47.05
N LEU E 4929 -22.62 67.16 -48.31
CA LEU E 4929 -23.66 66.20 -48.65
C LEU E 4929 -23.16 64.77 -48.47
N ALA E 4930 -21.89 64.52 -48.75
CA ALA E 4930 -21.32 63.19 -48.50
C ALA E 4930 -21.40 62.85 -47.02
N ILE E 4931 -21.11 63.82 -46.15
CA ILE E 4931 -21.22 63.58 -44.71
C ILE E 4931 -22.66 63.26 -44.34
N ILE E 4932 -23.61 64.03 -44.88
CA ILE E 4932 -25.01 63.81 -44.53
C ILE E 4932 -25.45 62.42 -44.96
N GLN E 4933 -24.98 61.96 -46.11
CA GLN E 4933 -25.40 60.64 -46.60
C GLN E 4933 -24.69 59.53 -45.84
N GLY E 4934 -23.43 59.74 -45.45
CA GLY E 4934 -22.73 58.75 -44.66
C GLY E 4934 -23.36 58.55 -43.30
N LEU E 4935 -23.81 59.63 -42.68
CA LEU E 4935 -24.45 59.51 -41.37
C LEU E 4935 -25.70 58.66 -41.45
N ILE E 4936 -26.35 58.59 -42.61
CA ILE E 4936 -27.52 57.73 -42.76
C ILE E 4936 -27.10 56.31 -43.09
N ILE E 4937 -26.15 56.15 -44.01
CA ILE E 4937 -25.74 54.81 -44.42
C ILE E 4937 -25.13 54.04 -43.26
N ASP E 4938 -24.59 54.77 -42.28
CA ASP E 4938 -23.92 54.16 -41.09
C ASP E 4938 -24.95 53.55 -40.14
N ALA E 4939 -26.21 54.02 -40.14
CA ALA E 4939 -27.22 53.55 -39.19
C ALA E 4939 -27.69 52.14 -39.53
N PHE E 4940 -27.87 51.83 -40.81
CA PHE E 4940 -28.28 50.48 -41.19
C PHE E 4940 -27.30 49.45 -40.68
N GLY E 4941 -26.01 49.66 -40.93
CA GLY E 4941 -25.01 48.71 -40.47
C GLY E 4941 -24.99 48.59 -38.96
N GLU E 4942 -25.09 49.73 -38.27
CA GLU E 4942 -25.06 49.68 -36.80
C GLU E 4942 -26.22 48.87 -36.25
N LEU E 4943 -27.43 49.11 -36.76
CA LEU E 4943 -28.60 48.40 -36.26
C LEU E 4943 -28.52 46.91 -36.58
N ARG E 4944 -28.09 46.57 -37.78
CA ARG E 4944 -27.96 45.16 -38.12
C ARG E 4944 -26.95 44.47 -37.21
N ASP E 4945 -25.84 45.15 -36.92
CA ASP E 4945 -24.85 44.58 -36.01
C ASP E 4945 -25.44 44.34 -34.63
N GLN E 4946 -26.21 45.31 -34.13
CA GLN E 4946 -26.85 45.11 -32.83
C GLN E 4946 -27.73 43.88 -32.84
N GLN E 4947 -28.57 43.73 -33.86
CA GLN E 4947 -29.49 42.61 -33.91
C GLN E 4947 -28.73 41.28 -33.95
N GLU E 4948 -27.71 41.20 -34.80
CA GLU E 4948 -26.95 39.96 -34.91
C GLU E 4948 -26.25 39.63 -33.61
N GLN E 4949 -25.70 40.63 -32.93
CA GLN E 4949 -25.02 40.39 -31.67
C GLN E 4949 -26.00 39.84 -30.64
N VAL E 4950 -27.21 40.41 -30.58
CA VAL E 4950 -28.20 39.90 -29.63
C VAL E 4950 -28.51 38.45 -29.94
N LYS E 4951 -28.73 38.13 -31.21
CA LYS E 4951 -29.03 36.74 -31.58
C LYS E 4951 -27.93 35.80 -31.13
N GLU E 4952 -26.68 36.15 -31.46
CA GLU E 4952 -25.57 35.26 -31.14
C GLU E 4952 -25.45 35.08 -29.63
N ASP E 4953 -25.63 36.18 -28.87
CA ASP E 4953 -25.49 36.17 -27.40
C ASP E 4953 -26.53 35.23 -26.81
N MET E 4954 -27.78 35.34 -27.27
CA MET E 4954 -28.83 34.47 -26.78
C MET E 4954 -28.64 33.03 -27.22
N GLU E 4955 -27.92 32.81 -28.31
CA GLU E 4955 -27.73 31.46 -28.83
C GLU E 4955 -26.48 30.77 -28.31
N THR E 4956 -25.61 31.47 -27.57
CA THR E 4956 -24.33 30.89 -27.19
C THR E 4956 -24.23 30.53 -25.71
N LYS E 4957 -24.95 31.22 -24.82
CA LYS E 4957 -24.83 31.00 -23.39
C LYS E 4957 -26.21 30.99 -22.74
N CYS E 4958 -26.29 30.36 -21.58
CA CYS E 4958 -27.56 30.34 -20.85
C CYS E 4958 -27.80 31.70 -20.21
N PHE E 4959 -29.06 32.14 -20.26
CA PHE E 4959 -29.40 33.46 -19.73
C PHE E 4959 -29.26 33.50 -18.21
N ILE E 4960 -29.58 32.39 -17.54
CA ILE E 4960 -29.65 32.40 -16.08
C ILE E 4960 -28.28 32.19 -15.47
N CYS E 4961 -27.67 31.04 -15.74
CA CYS E 4961 -26.42 30.67 -15.07
C CYS E 4961 -25.18 31.16 -15.81
N GLY E 4962 -25.24 31.32 -17.12
CA GLY E 4962 -24.13 31.83 -17.88
C GLY E 4962 -23.11 30.81 -18.33
N ILE E 4963 -23.39 29.51 -18.17
CA ILE E 4963 -22.47 28.49 -18.64
C ILE E 4963 -22.51 28.43 -20.16
N GLY E 4964 -21.35 28.15 -20.76
CA GLY E 4964 -21.29 28.07 -22.20
C GLY E 4964 -21.99 26.84 -22.74
N SER E 4965 -22.45 26.94 -23.99
CA SER E 4965 -23.16 25.82 -24.60
C SER E 4965 -22.24 24.65 -24.87
N ASP E 4966 -20.95 24.92 -25.09
CA ASP E 4966 -20.01 23.85 -25.36
C ASP E 4966 -19.97 22.82 -24.23
N TYR E 4967 -20.10 23.26 -22.99
CA TYR E 4967 -20.10 22.32 -21.87
C TYR E 4967 -21.28 21.36 -21.96
N PHE E 4968 -22.48 21.90 -22.21
CA PHE E 4968 -23.66 21.05 -22.26
C PHE E 4968 -23.68 20.17 -23.50
N ASP E 4969 -23.02 20.60 -24.57
CA ASP E 4969 -23.10 19.86 -25.82
C ASP E 4969 -22.33 18.54 -25.76
N THR E 4970 -21.62 18.30 -24.66
CA THR E 4970 -20.95 17.02 -24.48
C THR E 4970 -21.93 15.87 -24.55
N THR E 4971 -23.20 16.11 -24.22
CA THR E 4971 -24.27 15.15 -24.36
C THR E 4971 -25.15 15.55 -25.55
N PRO E 4972 -25.67 14.59 -26.32
CA PRO E 4972 -26.47 14.95 -27.48
C PRO E 4972 -27.63 15.88 -27.11
N HIS E 4973 -27.65 17.06 -27.74
CA HIS E 4973 -28.70 18.04 -27.53
C HIS E 4973 -28.78 18.51 -26.08
N GLY E 4974 -27.63 18.61 -25.42
CA GLY E 4974 -27.63 19.05 -24.03
C GLY E 4974 -28.16 20.45 -23.87
N PHE E 4975 -27.72 21.37 -24.74
CA PHE E 4975 -28.08 22.78 -24.58
C PHE E 4975 -29.59 22.98 -24.74
N GLU E 4976 -30.20 22.29 -25.70
CA GLU E 4976 -31.63 22.45 -25.89
C GLU E 4976 -32.41 22.02 -24.66
N THR E 4977 -32.06 20.87 -24.11
CA THR E 4977 -32.72 20.40 -22.90
C THR E 4977 -32.49 21.36 -21.74
N HIS E 4978 -31.27 21.85 -21.58
CA HIS E 4978 -30.98 22.78 -20.50
C HIS E 4978 -31.85 24.02 -20.61
N THR E 4979 -31.94 24.60 -21.80
CA THR E 4979 -32.68 25.83 -21.97
C THR E 4979 -34.19 25.62 -22.00
N LEU E 4980 -34.65 24.38 -22.21
CA LEU E 4980 -36.08 24.14 -22.32
C LEU E 4980 -36.70 23.64 -21.02
N GLU E 4981 -35.97 22.84 -20.23
CA GLU E 4981 -36.57 22.22 -19.06
C GLU E 4981 -35.69 22.23 -17.82
N GLU E 4982 -34.59 22.97 -17.79
CA GLU E 4982 -33.78 23.11 -16.59
C GLU E 4982 -33.70 24.56 -16.14
N HIS E 4983 -33.39 25.47 -17.05
CA HIS E 4983 -33.29 26.90 -16.74
C HIS E 4983 -34.23 27.72 -17.61
N ASN E 4984 -35.44 27.19 -17.82
CA ASN E 4984 -36.44 27.90 -18.63
C ASN E 4984 -36.84 29.19 -17.93
N LEU E 4985 -37.16 30.22 -18.72
CA LEU E 4985 -37.52 31.50 -18.12
C LEU E 4985 -38.97 31.53 -17.67
N ALA E 4986 -39.90 31.04 -18.51
CA ALA E 4986 -41.30 31.10 -18.16
C ALA E 4986 -41.59 30.40 -16.84
N ASN E 4987 -40.81 29.37 -16.52
CA ASN E 4987 -41.04 28.62 -15.29
C ASN E 4987 -40.85 29.50 -14.06
N TYR E 4988 -39.90 30.42 -14.10
CA TYR E 4988 -39.70 31.29 -12.95
C TYR E 4988 -40.88 32.23 -12.74
N MET E 4989 -41.44 32.77 -13.82
CA MET E 4989 -42.62 33.61 -13.69
C MET E 4989 -43.78 32.79 -13.14
N PHE E 4990 -43.95 31.56 -13.64
CA PHE E 4990 -45.02 30.72 -13.14
C PHE E 4990 -44.84 30.42 -11.66
N PHE E 4991 -43.60 30.17 -11.24
CA PHE E 4991 -43.34 29.94 -9.82
C PHE E 4991 -43.67 31.16 -8.99
N LEU E 4992 -43.32 32.34 -9.49
CA LEU E 4992 -43.64 33.56 -8.76
C LEU E 4992 -45.15 33.72 -8.58
N MET E 4993 -45.91 33.48 -9.66
CA MET E 4993 -47.36 33.55 -9.55
C MET E 4993 -47.88 32.53 -8.55
N TYR E 4994 -47.36 31.30 -8.62
CA TYR E 4994 -47.81 30.25 -7.73
C TYR E 4994 -47.54 30.61 -6.27
N LEU E 4995 -46.37 31.19 -6.00
CA LEU E 4995 -46.06 31.63 -4.63
C LEU E 4995 -47.02 32.72 -4.19
N ILE E 4996 -47.21 33.74 -5.03
CA ILE E 4996 -48.05 34.86 -4.63
C ILE E 4996 -49.47 34.40 -4.33
N ASN E 4997 -50.00 33.49 -5.15
CA ASN E 4997 -51.39 33.07 -4.96
C ASN E 4997 -51.60 32.41 -3.61
N LYS E 4998 -50.96 31.27 -3.37
CA LYS E 4998 -51.28 30.46 -2.20
C LYS E 4998 -50.88 31.19 -0.91
N ASP E 4999 -51.60 30.88 0.16
CA ASP E 4999 -51.39 31.54 1.45
C ASP E 4999 -50.14 31.02 2.13
N GLU E 5000 -49.57 31.85 3.00
CA GLU E 5000 -48.32 31.50 3.67
C GLU E 5000 -48.47 30.25 4.53
N THR E 5001 -49.65 30.03 5.08
CA THR E 5001 -49.81 28.93 6.03
C THR E 5001 -49.52 27.57 5.42
N GLU E 5002 -49.53 27.46 4.09
CA GLU E 5002 -49.26 26.19 3.42
C GLU E 5002 -47.87 26.13 2.80
N HIS E 5003 -47.10 27.21 2.84
CA HIS E 5003 -45.76 27.21 2.26
C HIS E 5003 -44.93 26.10 2.91
N THR E 5004 -44.16 25.39 2.08
CA THR E 5004 -43.22 24.42 2.60
C THR E 5004 -41.91 25.11 2.97
N GLY E 5005 -40.91 24.32 3.33
CA GLY E 5005 -39.63 24.90 3.72
C GLY E 5005 -39.00 25.70 2.60
N GLN E 5006 -38.92 25.12 1.40
CA GLN E 5006 -38.28 25.81 0.28
C GLN E 5006 -39.10 27.01 -0.18
N GLU E 5007 -40.41 26.84 -0.26
CA GLU E 5007 -41.27 27.96 -0.67
C GLU E 5007 -41.14 29.11 0.31
N SER E 5008 -41.14 28.81 1.61
CA SER E 5008 -41.00 29.87 2.61
C SER E 5008 -39.63 30.53 2.53
N TYR E 5009 -38.58 29.74 2.30
CA TYR E 5009 -37.24 30.32 2.14
C TYR E 5009 -37.23 31.31 0.98
N VAL E 5010 -37.73 30.89 -0.18
CA VAL E 5010 -37.74 31.75 -1.34
C VAL E 5010 -38.60 32.98 -1.09
N TRP E 5011 -39.75 32.80 -0.44
CA TRP E 5011 -40.62 33.93 -0.16
C TRP E 5011 -39.94 34.96 0.71
N LYS E 5012 -39.27 34.51 1.77
CA LYS E 5012 -38.57 35.45 2.64
C LYS E 5012 -37.45 36.16 1.89
N MET E 5013 -36.71 35.43 1.06
CA MET E 5013 -35.63 36.07 0.30
C MET E 5013 -36.18 37.11 -0.66
N TYR E 5014 -37.32 36.82 -1.28
CA TYR E 5014 -37.92 37.77 -2.21
C TYR E 5014 -38.47 38.98 -1.49
N GLN E 5015 -38.99 38.79 -0.27
CA GLN E 5015 -39.51 39.93 0.49
C GLN E 5015 -38.41 40.95 0.75
N GLU E 5016 -37.24 40.49 1.20
CA GLU E 5016 -36.13 41.37 1.48
C GLU E 5016 -35.44 41.86 0.21
N ARG E 5017 -35.78 41.30 -0.95
CA ARG E 5017 -35.20 41.72 -2.21
C ARG E 5017 -33.72 41.36 -2.29
N CYS E 5018 -33.43 40.09 -2.02
CA CYS E 5018 -32.08 39.52 -2.17
C CYS E 5018 -32.15 38.43 -3.23
N TRP E 5019 -31.34 38.55 -4.27
CA TRP E 5019 -31.40 37.67 -5.41
C TRP E 5019 -30.32 36.58 -5.38
N ASP E 5020 -29.99 36.07 -4.19
CA ASP E 5020 -28.95 35.07 -4.09
C ASP E 5020 -29.43 33.66 -4.41
N PHE E 5021 -30.74 33.43 -4.50
CA PHE E 5021 -31.22 32.08 -4.76
C PHE E 5021 -31.18 31.71 -6.23
N PHE E 5022 -30.96 32.67 -7.13
CA PHE E 5022 -30.78 32.35 -8.53
C PHE E 5022 -29.43 31.66 -8.72
N PRO E 5023 -29.37 30.51 -9.39
CA PRO E 5023 -28.06 29.90 -9.64
C PRO E 5023 -27.20 30.80 -10.51
N ALA E 5024 -25.90 30.80 -10.25
CA ALA E 5024 -24.98 31.63 -10.98
C ALA E 5024 -23.61 30.95 -11.01
N GLY E 5025 -23.21 30.47 -12.18
CA GLY E 5025 -21.97 29.75 -12.29
C GLY E 5025 -22.02 28.32 -11.81
N ASP E 5026 -23.22 27.77 -11.61
CA ASP E 5026 -23.37 26.40 -11.16
C ASP E 5026 -24.73 25.89 -11.60
N CYS E 5027 -24.87 24.56 -11.61
CA CYS E 5027 -26.12 23.95 -12.02
C CYS E 5027 -26.20 22.55 -11.45
N PHE E 5028 -27.40 21.97 -11.50
CA PHE E 5028 -27.61 20.64 -10.94
C PHE E 5028 -26.75 19.62 -11.65
N ARG E 5029 -26.67 19.69 -12.97
CA ARG E 5029 -25.90 18.71 -13.73
C ARG E 5029 -24.42 18.78 -13.38
N LYS E 5030 -23.88 19.99 -13.25
CA LYS E 5030 -22.47 20.14 -12.91
C LYS E 5030 -22.19 19.65 -11.51
N GLN E 5031 -23.12 19.87 -10.57
CA GLN E 5031 -22.89 19.52 -9.19
C GLN E 5031 -22.66 18.03 -9.01
N TYR E 5032 -23.51 17.20 -9.59
CA TYR E 5032 -23.50 15.76 -9.37
C TYR E 5032 -22.93 14.99 -10.55
N GLU E 5033 -22.10 15.62 -11.37
CA GLU E 5033 -21.55 14.91 -12.53
C GLU E 5033 -20.74 13.70 -12.12
N ASP E 5034 -20.21 13.71 -10.89
CA ASP E 5034 -19.45 12.55 -10.41
C ASP E 5034 -20.33 11.32 -10.31
N GLN E 5035 -21.56 11.48 -9.82
CA GLN E 5035 -22.48 10.37 -9.61
C GLN E 5035 -23.41 10.15 -10.79
N LEU E 5036 -22.97 10.50 -12.00
CA LEU E 5036 -23.78 10.33 -13.19
C LEU E 5036 -22.91 9.92 -14.38
N GLY F 5 -80.98 4.44 105.12
CA GLY F 5 -79.63 4.90 105.49
C GLY F 5 -79.29 6.24 104.86
N VAL F 6 -80.09 7.26 105.16
CA VAL F 6 -79.86 8.62 104.61
C VAL F 6 -79.94 9.63 105.75
N GLU F 7 -78.98 10.54 105.82
CA GLU F 7 -78.96 11.59 106.85
C GLU F 7 -79.62 12.85 106.29
N ILE F 8 -80.50 13.45 107.07
CA ILE F 8 -81.23 14.67 106.64
C ILE F 8 -81.06 15.74 107.71
N GLU F 9 -80.72 16.95 107.29
CA GLU F 9 -80.56 18.09 108.21
C GLU F 9 -81.40 19.25 107.69
N THR F 10 -82.04 19.97 108.59
CA THR F 10 -82.93 21.09 108.22
C THR F 10 -82.15 22.39 108.14
N ILE F 11 -82.50 23.23 107.17
CA ILE F 11 -81.87 24.55 106.99
C ILE F 11 -82.91 25.64 107.24
N SER F 12 -84.09 25.51 106.64
CA SER F 12 -85.19 26.48 106.85
C SER F 12 -86.47 25.69 107.12
N PRO F 13 -87.40 26.23 107.93
CA PRO F 13 -88.64 25.52 108.20
C PRO F 13 -89.61 25.58 107.01
N GLY F 14 -90.53 24.61 106.98
CA GLY F 14 -91.57 24.58 105.95
C GLY F 14 -92.94 24.74 106.58
N ASP F 15 -93.99 24.49 105.81
CA ASP F 15 -95.38 24.60 106.33
C ASP F 15 -95.58 23.56 107.45
N GLY F 16 -94.98 22.38 107.33
CA GLY F 16 -95.12 21.31 108.32
C GLY F 16 -96.43 20.55 108.23
N ARG F 17 -97.27 20.79 107.23
CA ARG F 17 -98.59 20.11 107.14
C ARG F 17 -98.78 19.40 105.80
N THR F 18 -98.11 19.84 104.75
CA THR F 18 -98.25 19.24 103.40
C THR F 18 -97.03 18.38 103.11
N PHE F 19 -97.26 17.13 102.72
CA PHE F 19 -96.17 16.19 102.42
C PHE F 19 -96.46 15.51 101.08
N PRO F 20 -95.41 15.02 100.38
CA PRO F 20 -95.64 14.34 99.12
C PRO F 20 -96.55 13.12 99.29
N LYS F 21 -97.43 12.91 98.32
CA LYS F 21 -98.37 11.77 98.35
C LYS F 21 -98.29 11.02 97.04
N LYS F 22 -98.72 9.77 97.06
CA LYS F 22 -98.65 8.93 95.84
C LYS F 22 -99.42 9.60 94.71
N GLY F 23 -98.83 9.58 93.51
CA GLY F 23 -99.48 10.15 92.33
C GLY F 23 -99.24 11.64 92.15
N GLN F 24 -98.31 12.21 92.89
CA GLN F 24 -97.98 13.65 92.77
C GLN F 24 -96.61 13.83 92.14
N THR F 25 -96.34 15.03 91.67
CA THR F 25 -95.06 15.39 91.04
C THR F 25 -94.40 16.49 91.87
N CYS F 26 -93.13 16.30 92.18
CA CYS F 26 -92.39 17.26 93.02
C CYS F 26 -91.56 18.19 92.14
N VAL F 27 -91.63 19.48 92.43
CA VAL F 27 -90.83 20.50 91.70
C VAL F 27 -89.84 21.08 92.70
N VAL F 28 -88.56 20.91 92.42
CA VAL F 28 -87.52 21.32 93.40
C VAL F 28 -86.37 22.05 92.72
N HIS F 29 -85.64 22.84 93.49
CA HIS F 29 -84.38 23.47 93.05
C HIS F 29 -83.29 22.85 93.90
N TYR F 30 -82.28 22.28 93.27
CA TYR F 30 -81.24 21.53 94.02
C TYR F 30 -79.85 21.91 93.55
N THR F 31 -78.88 21.71 94.44
CA THR F 31 -77.46 21.92 94.12
C THR F 31 -76.69 20.71 94.65
N GLY F 32 -75.90 20.08 93.80
CA GLY F 32 -75.15 18.87 94.17
C GLY F 32 -73.67 19.12 94.23
N MET F 33 -73.00 18.41 95.12
CA MET F 33 -71.54 18.53 95.26
C MET F 33 -70.98 17.26 95.87
N LEU F 34 -69.69 17.06 95.71
CA LEU F 34 -69.01 15.87 96.27
C LEU F 34 -68.71 16.09 97.75
N GLN F 35 -68.22 15.05 98.40
CA GLN F 35 -67.92 15.13 99.85
C GLN F 35 -66.77 16.10 100.12
N ASN F 36 -65.97 16.44 99.11
CA ASN F 36 -64.78 17.34 99.27
C ASN F 36 -65.17 18.78 98.89
N GLY F 37 -66.46 19.07 98.66
CA GLY F 37 -66.91 20.43 98.36
C GLY F 37 -66.77 20.80 96.90
N LYS F 38 -66.51 19.84 96.03
CA LYS F 38 -66.40 20.11 94.57
C LYS F 38 -67.78 20.00 93.95
N LYS F 39 -68.34 21.14 93.55
CA LYS F 39 -69.67 21.16 92.93
C LYS F 39 -69.63 20.44 91.58
N PHE F 40 -70.70 19.72 91.26
CA PHE F 40 -70.78 18.98 89.97
C PHE F 40 -72.13 19.18 89.27
N ASP F 41 -73.12 19.72 89.95
CA ASP F 41 -74.43 19.94 89.30
C ASP F 41 -75.22 20.98 90.09
N SER F 42 -76.04 21.74 89.39
CA SER F 42 -76.89 22.78 90.02
C SER F 42 -77.99 23.15 89.03
N SER F 43 -79.24 22.98 89.43
CA SER F 43 -80.39 23.32 88.55
C SER F 43 -80.56 24.84 88.45
N ARG F 44 -80.03 25.59 89.39
CA ARG F 44 -80.20 27.06 89.37
C ARG F 44 -79.36 27.69 88.27
N ASP F 45 -78.29 27.04 87.83
CA ASP F 45 -77.48 27.58 86.71
C ASP F 45 -78.34 27.62 85.45
N ARG F 46 -79.13 26.59 85.21
CA ARG F 46 -80.00 26.55 84.01
C ARG F 46 -81.26 27.38 84.23
N ASN F 47 -81.53 27.84 85.45
CA ASN F 47 -82.71 28.68 85.75
C ASN F 47 -83.98 27.93 85.36
N LYS F 48 -84.03 26.64 85.67
CA LYS F 48 -85.21 25.82 85.33
C LYS F 48 -85.42 24.77 86.42
N PRO F 49 -86.55 24.78 87.15
CA PRO F 49 -86.75 23.78 88.18
C PRO F 49 -86.87 22.37 87.61
N PHE F 50 -86.47 21.39 88.41
CA PHE F 50 -86.48 19.97 87.99
C PHE F 50 -87.75 19.30 88.51
N LYS F 51 -88.42 18.56 87.62
CA LYS F 51 -89.67 17.86 87.97
C LYS F 51 -89.45 16.35 87.90
N PHE F 52 -89.94 15.64 88.90
CA PHE F 52 -89.87 14.17 88.91
C PHE F 52 -91.08 13.62 89.65
N ARG F 53 -91.38 12.35 89.40
CA ARG F 53 -92.58 11.70 89.96
C ARG F 53 -92.17 10.50 90.80
N ILE F 54 -92.84 10.31 91.91
CA ILE F 54 -92.46 9.25 92.88
C ILE F 54 -92.90 7.89 92.39
N GLY F 55 -92.09 6.86 92.66
CA GLY F 55 -92.49 5.47 92.38
C GLY F 55 -92.15 4.99 90.99
N LYS F 56 -91.71 5.86 90.08
CA LYS F 56 -91.46 5.46 88.67
C LYS F 56 -89.96 5.30 88.43
N GLN F 57 -89.14 5.38 89.48
CA GLN F 57 -87.68 5.16 89.36
C GLN F 57 -87.11 6.11 88.30
N GLU F 58 -87.24 7.41 88.55
CA GLU F 58 -86.70 8.43 87.61
C GLU F 58 -85.41 9.02 88.16
N VAL F 59 -85.17 8.91 89.46
CA VAL F 59 -83.95 9.47 90.10
C VAL F 59 -83.37 8.44 91.05
N ILE F 60 -82.19 8.71 91.54
CA ILE F 60 -81.53 7.78 92.49
C ILE F 60 -82.38 7.63 93.75
N LYS F 61 -82.18 6.54 94.46
CA LYS F 61 -82.99 6.25 95.67
C LYS F 61 -82.76 7.32 96.72
N GLY F 62 -81.52 7.75 96.91
CA GLY F 62 -81.23 8.74 97.95
C GLY F 62 -82.09 9.98 97.79
N PHE F 63 -82.18 10.49 96.57
CA PHE F 63 -82.96 11.72 96.32
C PHE F 63 -84.43 11.50 96.66
N GLU F 64 -84.99 10.37 96.23
CA GLU F 64 -86.43 10.12 96.45
C GLU F 64 -86.73 9.99 97.94
N GLU F 65 -85.92 9.22 98.66
CA GLU F 65 -86.15 9.04 100.11
C GLU F 65 -85.95 10.38 100.83
N GLY F 66 -84.97 11.18 100.41
CA GLY F 66 -84.75 12.49 101.04
C GLY F 66 -85.94 13.40 100.81
N ALA F 67 -86.48 13.41 99.59
CA ALA F 67 -87.61 14.31 99.25
C ALA F 67 -88.89 13.85 99.94
N ALA F 68 -89.07 12.55 100.11
CA ALA F 68 -90.33 12.01 100.68
C ALA F 68 -90.53 12.51 102.11
N GLN F 69 -89.46 12.91 102.80
CA GLN F 69 -89.56 13.32 104.22
C GLN F 69 -89.60 14.85 104.36
N MET F 70 -89.74 15.58 103.26
CA MET F 70 -89.70 17.06 103.31
C MET F 70 -91.09 17.64 103.16
N SER F 71 -91.35 18.74 103.86
CA SER F 71 -92.63 19.47 103.76
C SER F 71 -92.52 20.54 102.68
N LEU F 72 -93.68 21.03 102.24
CA LEU F 72 -93.70 22.06 101.19
C LEU F 72 -92.99 23.32 101.69
N GLY F 73 -92.11 23.87 100.87
CA GLY F 73 -91.39 25.10 101.22
C GLY F 73 -90.19 24.88 102.11
N GLN F 74 -89.86 23.65 102.43
CA GLN F 74 -88.74 23.36 103.35
C GLN F 74 -87.41 23.30 102.59
N ARG F 75 -86.35 23.81 103.22
CA ARG F 75 -85.00 23.73 102.65
C ARG F 75 -84.16 22.85 103.57
N ALA F 76 -83.55 21.81 103.02
CA ALA F 76 -82.79 20.84 103.83
C ALA F 76 -81.61 20.31 103.05
N LYS F 77 -80.71 19.63 103.76
CA LYS F 77 -79.51 19.03 103.14
C LYS F 77 -79.61 17.52 103.25
N LEU F 78 -79.17 16.83 102.20
CA LEU F 78 -79.24 15.36 102.14
C LEU F 78 -77.85 14.77 101.91
N THR F 79 -77.60 13.61 102.50
CA THR F 79 -76.33 12.89 102.30
C THR F 79 -76.65 11.47 101.86
N CYS F 80 -76.03 11.02 100.78
CA CYS F 80 -76.29 9.69 100.21
C CYS F 80 -75.00 8.88 100.18
N THR F 81 -75.07 7.64 100.63
CA THR F 81 -73.89 6.75 100.63
C THR F 81 -73.66 6.20 99.22
N PRO F 82 -72.45 5.70 98.92
CA PRO F 82 -72.17 5.23 97.57
C PRO F 82 -73.11 4.10 97.14
N ASP F 83 -73.48 3.22 98.06
CA ASP F 83 -74.34 2.06 97.72
C ASP F 83 -75.76 2.49 97.36
N VAL F 84 -76.15 3.74 97.63
CA VAL F 84 -77.54 4.19 97.39
C VAL F 84 -77.62 5.14 96.19
N ALA F 85 -76.51 5.67 95.71
CA ALA F 85 -76.53 6.66 94.60
C ALA F 85 -76.02 6.03 93.30
N TYR F 86 -74.75 5.62 93.24
CA TYR F 86 -74.18 5.10 91.98
C TYR F 86 -73.34 3.84 92.17
N GLY F 87 -72.96 3.49 93.39
CA GLY F 87 -72.21 2.25 93.61
C GLY F 87 -70.78 2.35 93.12
N ALA F 88 -70.22 1.24 92.64
CA ALA F 88 -68.79 1.18 92.26
C ALA F 88 -68.57 1.55 90.79
N THR F 89 -69.60 1.96 90.06
CA THR F 89 -69.46 2.35 88.65
C THR F 89 -69.40 3.86 88.51
N GLY F 90 -70.32 4.58 89.13
CA GLY F 90 -70.33 6.05 89.03
C GLY F 90 -70.82 6.54 87.69
N HIS F 91 -70.73 7.84 87.49
CA HIS F 91 -71.13 8.47 86.21
C HIS F 91 -69.86 8.78 85.42
N PRO F 92 -69.59 8.12 84.29
CA PRO F 92 -68.34 8.35 83.57
C PRO F 92 -68.07 9.82 83.28
N GLY F 93 -66.95 10.34 83.76
CA GLY F 93 -66.55 11.73 83.46
C GLY F 93 -67.15 12.76 84.39
N VAL F 94 -67.96 12.35 85.35
CA VAL F 94 -68.63 13.30 86.27
C VAL F 94 -68.36 12.89 87.71
N ILE F 95 -68.73 11.66 88.07
CA ILE F 95 -68.61 11.18 89.46
C ILE F 95 -67.65 9.99 89.46
N PRO F 96 -66.63 9.93 90.32
CA PRO F 96 -65.76 8.78 90.37
C PRO F 96 -66.41 7.61 91.13
N PRO F 97 -65.84 6.40 91.05
CA PRO F 97 -66.40 5.27 91.75
C PRO F 97 -66.39 5.45 93.27
N ASN F 98 -67.39 4.88 93.94
CA ASN F 98 -67.45 4.91 95.43
C ASN F 98 -67.36 6.35 95.93
N ALA F 99 -68.33 7.17 95.55
CA ALA F 99 -68.37 8.59 95.95
C ALA F 99 -69.59 8.87 96.81
N THR F 100 -69.43 9.69 97.84
CA THR F 100 -70.56 10.10 98.70
C THR F 100 -71.07 11.45 98.20
N LEU F 101 -72.38 11.57 98.04
CA LEU F 101 -72.98 12.78 97.45
C LEU F 101 -73.70 13.59 98.52
N ILE F 102 -73.62 14.92 98.39
CA ILE F 102 -74.31 15.85 99.31
C ILE F 102 -75.17 16.77 98.47
N PHE F 103 -76.43 16.96 98.87
CA PHE F 103 -77.38 17.76 98.09
C PHE F 103 -77.97 18.87 98.93
N ASP F 104 -78.31 19.98 98.29
CA ASP F 104 -78.99 21.12 98.94
C ASP F 104 -80.33 21.26 98.22
N VAL F 105 -81.37 20.64 98.78
CA VAL F 105 -82.68 20.57 98.09
C VAL F 105 -83.69 21.50 98.74
N GLU F 106 -84.46 22.21 97.92
CA GLU F 106 -85.56 23.06 98.41
C GLU F 106 -86.81 22.67 97.63
N LEU F 107 -87.90 22.44 98.35
CA LEU F 107 -89.17 22.04 97.71
C LEU F 107 -89.99 23.29 97.42
N LEU F 108 -90.33 23.50 96.15
CA LEU F 108 -91.05 24.72 95.74
C LEU F 108 -92.55 24.48 95.70
N ASN F 109 -93.00 23.53 94.90
CA ASN F 109 -94.45 23.31 94.71
C ASN F 109 -94.74 21.83 94.56
N LEU F 110 -95.97 21.43 94.88
CA LEU F 110 -96.40 20.03 94.74
C LEU F 110 -97.62 19.98 93.83
N GLU F 111 -97.70 18.94 93.01
CA GLU F 111 -98.83 18.78 92.07
C GLU F 111 -98.86 17.33 91.58
N VAL G 11 30.65 3.45 -4.32
CA VAL G 11 32.07 3.27 -4.07
C VAL G 11 32.63 4.59 -3.56
N GLN G 12 33.34 4.53 -2.45
CA GLN G 12 33.86 5.74 -1.80
C GLN G 12 35.31 5.96 -2.21
N PHE G 13 35.65 7.22 -2.49
CA PHE G 13 36.99 7.62 -2.91
C PHE G 13 37.59 8.52 -1.84
N LEU G 14 38.86 8.29 -1.51
CA LEU G 14 39.54 9.12 -0.52
C LEU G 14 39.82 10.51 -1.08
N ARG G 15 40.04 11.46 -0.18
CA ARG G 15 40.34 12.83 -0.54
C ARG G 15 41.23 13.44 0.53
N THR G 16 41.79 14.60 0.23
CA THR G 16 42.61 15.29 1.21
C THR G 16 41.75 15.80 2.35
N ASP G 17 42.39 15.99 3.52
CA ASP G 17 41.77 16.43 4.75
C ASP G 17 40.92 15.35 5.40
N ASP G 18 40.90 14.14 4.87
CA ASP G 18 40.24 13.04 5.55
C ASP G 18 41.13 12.47 6.64
N GLU G 19 40.53 11.65 7.50
CA GLU G 19 41.22 11.09 8.65
C GLU G 19 41.18 9.57 8.54
N VAL G 20 42.36 8.94 8.56
CA VAL G 20 42.49 7.52 8.26
C VAL G 20 43.46 6.88 9.25
N VAL G 21 43.53 5.55 9.21
CA VAL G 21 44.47 4.78 10.00
C VAL G 21 45.10 3.73 9.11
N LEU G 22 46.32 3.32 9.47
CA LEU G 22 47.05 2.30 8.73
C LEU G 22 46.94 0.98 9.48
N GLN G 23 46.75 -0.13 8.74
CA GLN G 23 46.53 -1.49 9.32
C GLN G 23 47.27 -2.64 8.63
N CYS G 24 47.62 -3.70 9.35
CA CYS G 24 48.37 -4.90 8.86
C CYS G 24 47.76 -6.16 9.48
N SER G 25 48.00 -7.33 8.89
CA SER G 25 47.56 -8.66 9.43
C SER G 25 48.74 -9.62 9.63
N ALA G 26 48.68 -10.43 10.71
CA ALA G 26 49.72 -11.43 11.04
C ALA G 26 49.01 -12.65 11.67
N THR G 27 49.45 -13.87 11.34
CA THR G 27 48.77 -15.09 11.86
C THR G 27 49.65 -15.78 12.91
N VAL G 28 49.54 -15.35 14.17
CA VAL G 28 50.31 -16.03 15.26
C VAL G 28 49.37 -17.07 15.93
N LEU G 29 49.90 -18.21 16.37
CA LEU G 29 49.05 -19.30 16.96
C LEU G 29 47.85 -19.54 16.02
N LYS G 30 48.11 -19.77 14.73
CA LYS G 30 47.02 -20.02 13.74
C LYS G 30 45.88 -19.02 13.98
N GLU G 31 46.15 -17.71 13.82
CA GLU G 31 45.11 -16.68 14.11
C GLU G 31 45.39 -15.39 13.34
N GLN G 32 44.51 -15.03 12.41
CA GLN G 32 44.67 -13.77 11.62
C GLN G 32 44.24 -12.57 12.47
N LEU G 33 45.21 -11.85 13.05
CA LEU G 33 44.92 -10.69 13.93
C LEU G 33 45.11 -9.39 13.14
N LYS G 34 44.51 -8.28 13.62
CA LYS G 34 44.71 -6.98 12.95
C LYS G 34 45.53 -6.05 13.85
N LEU G 35 46.53 -5.33 13.32
CA LEU G 35 47.35 -4.38 14.10
C LEU G 35 47.46 -3.03 13.38
N CYS G 36 47.35 -1.90 14.10
CA CYS G 36 47.43 -0.53 13.53
C CYS G 36 48.69 0.21 13.99
N LEU G 37 49.17 1.21 13.25
CA LEU G 37 50.40 1.98 13.57
C LEU G 37 50.05 3.08 14.57
N ALA G 38 50.77 3.16 15.68
CA ALA G 38 50.54 4.16 16.76
C ALA G 38 51.83 4.86 17.15
N ALA G 39 51.76 6.06 17.70
CA ALA G 39 52.92 6.84 18.19
C ALA G 39 52.44 7.77 19.30
N GLU G 40 53.27 8.07 20.30
CA GLU G 40 52.93 9.05 21.37
C GLU G 40 53.31 10.46 20.93
N GLY G 41 54.55 10.69 20.52
CA GLY G 41 55.01 11.99 19.98
C GLY G 41 55.78 12.81 20.98
N PHE G 42 55.36 12.85 22.23
CA PHE G 42 56.01 13.62 23.31
C PHE G 42 56.64 12.59 24.25
N GLY G 43 57.97 12.43 24.22
CA GLY G 43 58.66 11.43 25.07
C GLY G 43 59.13 10.24 24.27
N ASN G 44 58.47 9.91 23.16
CA ASN G 44 58.95 8.84 22.25
C ASN G 44 58.59 9.21 20.81
N ARG G 45 59.52 9.04 19.89
CA ARG G 45 59.28 9.25 18.46
C ARG G 45 59.04 7.96 17.69
N LEU G 46 59.46 6.81 18.20
CA LEU G 46 59.35 5.53 17.42
C LEU G 46 57.92 4.98 17.55
N CYS G 47 57.38 4.41 16.47
CA CYS G 47 55.99 3.89 16.43
C CYS G 47 55.89 2.47 17.01
N PHE G 48 54.66 1.94 17.13
CA PHE G 48 54.45 0.57 17.66
C PHE G 48 53.24 -0.02 16.92
N LEU G 49 52.66 -1.14 17.37
CA LEU G 49 51.44 -1.73 16.74
C LEU G 49 50.40 -2.07 17.81
N GLU G 50 49.21 -1.45 17.74
CA GLU G 50 48.11 -1.65 18.73
C GLU G 50 47.18 -2.76 18.23
N PRO G 51 47.08 -3.95 18.86
CA PRO G 51 46.13 -4.96 18.40
C PRO G 51 44.69 -4.52 18.62
N THR G 52 43.79 -5.04 17.78
CA THR G 52 42.37 -4.68 17.83
C THR G 52 41.45 -5.88 17.67
N SER G 53 41.96 -7.10 17.74
CA SER G 53 41.10 -8.27 17.55
C SER G 53 40.13 -8.46 18.71
N ASN G 54 40.58 -8.22 19.94
CA ASN G 54 39.80 -8.52 21.13
C ASN G 54 39.05 -7.30 21.64
N ALA G 55 38.56 -6.45 20.72
CA ALA G 55 37.91 -5.21 21.12
C ALA G 55 36.69 -5.47 22.02
N GLN G 56 36.08 -6.64 21.90
CA GLN G 56 34.91 -6.94 22.71
C GLN G 56 35.22 -6.95 24.21
N ASN G 57 36.48 -7.16 24.57
CA ASN G 57 36.87 -7.27 25.98
C ASN G 57 37.96 -6.28 26.37
N VAL G 58 38.90 -6.00 25.47
CA VAL G 58 40.01 -5.10 25.77
C VAL G 58 40.04 -4.01 24.71
N PRO G 59 39.28 -2.92 24.87
CA PRO G 59 39.23 -1.90 23.82
C PRO G 59 40.61 -1.33 23.55
N PRO G 60 40.93 -1.04 22.29
CA PRO G 60 42.24 -0.49 21.98
C PRO G 60 42.33 1.00 22.27
N ASP G 61 43.55 1.45 22.52
CA ASP G 61 43.83 2.88 22.73
C ASP G 61 44.15 3.52 21.38
N LEU G 62 43.09 3.79 20.62
CA LEU G 62 43.24 4.30 19.26
C LEU G 62 43.21 5.81 19.19
N ALA G 63 43.21 6.51 20.32
CA ALA G 63 43.27 7.97 20.27
C ALA G 63 44.55 8.45 19.60
N ILE G 64 45.59 7.61 19.59
CA ILE G 64 46.87 7.98 19.01
C ILE G 64 47.18 7.20 17.73
N CYS G 65 46.20 6.51 17.17
CA CYS G 65 46.39 5.72 15.95
C CYS G 65 45.89 6.41 14.70
N CYS G 66 45.37 7.63 14.81
CA CYS G 66 44.74 8.30 13.68
C CYS G 66 45.69 9.29 13.03
N PHE G 67 45.59 9.41 11.71
CA PHE G 67 46.41 10.31 10.92
C PHE G 67 45.51 11.13 10.00
N THR G 68 46.07 12.19 9.44
CA THR G 68 45.35 13.09 8.54
C THR G 68 46.11 13.22 7.22
N LEU G 69 45.35 13.30 6.14
CA LEU G 69 45.94 13.44 4.81
C LEU G 69 46.06 14.92 4.49
N GLU G 70 47.29 15.42 4.46
CA GLU G 70 47.51 16.84 4.26
C GLU G 70 47.58 17.21 2.79
N GLN G 71 48.43 16.53 2.03
CA GLN G 71 48.68 16.90 0.64
C GLN G 71 48.86 15.67 -0.21
N SER G 72 48.61 15.82 -1.50
CA SER G 72 48.85 14.77 -2.48
C SER G 72 49.40 15.42 -3.74
N LEU G 73 50.48 14.86 -4.28
CA LEU G 73 51.14 15.45 -5.43
C LEU G 73 51.85 14.36 -6.22
N SER G 74 52.23 14.71 -7.45
CA SER G 74 53.01 13.81 -8.28
C SER G 74 54.50 14.01 -8.00
N VAL G 75 55.29 13.01 -8.38
CA VAL G 75 56.72 13.06 -8.10
C VAL G 75 57.37 14.25 -8.78
N ARG G 76 56.98 14.51 -10.04
CA ARG G 76 57.55 15.65 -10.74
C ARG G 76 57.23 16.96 -10.03
N ALA G 77 55.97 17.13 -9.63
CA ALA G 77 55.59 18.34 -8.92
C ALA G 77 56.33 18.44 -7.59
N LEU G 78 56.45 17.33 -6.88
CA LEU G 78 57.14 17.34 -5.60
C LEU G 78 58.58 17.79 -5.74
N GLN G 79 59.31 17.17 -6.67
CA GLN G 79 60.72 17.52 -6.83
C GLN G 79 60.87 18.93 -7.38
N GLU G 80 59.91 19.40 -8.19
CA GLU G 80 59.96 20.78 -8.64
C GLU G 80 59.78 21.74 -7.46
N MET G 81 58.85 21.40 -6.57
CA MET G 81 58.52 22.24 -5.39
C MET G 81 59.72 22.23 -4.44
N LEU G 82 60.48 21.14 -4.39
CA LEU G 82 61.61 21.02 -3.49
C LEU G 82 62.73 21.96 -3.85
N ALA G 83 62.73 22.54 -5.05
CA ALA G 83 63.78 23.46 -5.43
C ALA G 83 63.82 24.67 -4.52
N ASN G 84 62.66 25.20 -4.16
CA ASN G 84 62.58 26.37 -3.30
C ASN G 84 61.90 26.01 -1.99
N HIS G 98 38.00 19.03 -2.78
CA HIS G 98 39.43 18.93 -2.55
C HIS G 98 40.08 18.07 -3.62
N ARG G 99 41.37 17.78 -3.43
CA ARG G 99 42.11 16.96 -4.38
C ARG G 99 41.85 15.49 -4.09
N THR G 100 41.58 14.73 -5.14
CA THR G 100 41.39 13.30 -4.99
C THR G 100 42.72 12.56 -5.06
N LEU G 101 42.77 11.38 -4.44
CA LEU G 101 44.01 10.61 -4.41
C LEU G 101 44.11 9.73 -5.66
N LEU G 102 45.30 9.69 -6.24
CA LEU G 102 45.58 8.90 -7.43
C LEU G 102 46.78 8.00 -7.17
N TYR G 103 46.71 6.78 -7.68
CA TYR G 103 47.81 5.85 -7.52
C TYR G 103 49.07 6.43 -8.14
N GLY G 104 50.20 6.21 -7.48
CA GLY G 104 51.47 6.75 -7.94
C GLY G 104 51.79 8.14 -7.44
N HIS G 105 50.89 8.78 -6.69
CA HIS G 105 51.17 10.09 -6.14
C HIS G 105 51.98 9.97 -4.85
N ALA G 106 52.38 11.11 -4.31
CA ALA G 106 53.05 11.20 -3.03
C ALA G 106 52.15 11.92 -2.04
N ILE G 107 52.15 11.44 -0.79
CA ILE G 107 51.25 11.96 0.23
C ILE G 107 52.04 12.36 1.47
N LEU G 108 51.43 13.19 2.29
CA LEU G 108 52.01 13.68 3.53
C LEU G 108 51.02 13.40 4.66
N LEU G 109 51.49 12.72 5.70
CA LEU G 109 50.64 12.30 6.81
C LEU G 109 51.02 13.05 8.07
N ARG G 110 50.01 13.58 8.77
CA ARG G 110 50.21 14.35 9.98
C ARG G 110 49.49 13.67 11.13
N HIS G 111 50.22 13.41 12.21
CA HIS G 111 49.63 12.80 13.40
C HIS G 111 48.61 13.76 14.00
N ALA G 112 47.46 13.23 14.41
CA ALA G 112 46.39 14.08 14.89
C ALA G 112 46.70 14.66 16.27
N HIS G 113 47.19 13.82 17.19
CA HIS G 113 47.36 14.26 18.56
C HIS G 113 48.49 15.28 18.70
N SER G 114 49.65 14.99 18.12
CA SER G 114 50.84 15.78 18.33
C SER G 114 51.14 16.74 17.19
N ARG G 115 50.38 16.69 16.10
CA ARG G 115 50.60 17.52 14.93
C ARG G 115 51.96 17.29 14.30
N MET G 116 52.57 16.14 14.53
CA MET G 116 53.87 15.83 13.97
C MET G 116 53.71 14.93 12.76
N TYR G 117 54.68 15.00 11.85
CA TYR G 117 54.61 14.32 10.56
C TYR G 117 55.36 13.00 10.60
N LEU G 118 54.72 11.95 10.11
CA LEU G 118 55.36 10.64 10.01
C LEU G 118 56.48 10.70 8.98
N SER G 119 57.59 10.05 9.29
CA SER G 119 58.77 10.12 8.44
C SER G 119 59.67 8.91 8.69
N CYS G 120 60.61 8.71 7.77
CA CYS G 120 61.58 7.63 7.91
C CYS G 120 62.87 8.16 8.52
N LEU G 121 63.32 7.52 9.60
CA LEU G 121 64.49 7.98 10.32
C LEU G 121 65.75 7.40 9.69
N THR G 122 66.90 7.70 10.31
CA THR G 122 68.19 7.27 9.79
C THR G 122 68.87 6.23 10.66
N THR G 123 68.42 6.03 11.89
CA THR G 123 69.03 5.08 12.81
C THR G 123 68.18 3.82 12.91
N SER G 124 68.84 2.72 13.27
CA SER G 124 68.19 1.42 13.39
C SER G 124 68.47 0.85 14.77
N ARG G 125 67.50 0.13 15.32
CA ARG G 125 67.63 -0.44 16.65
C ARG G 125 67.84 -1.95 16.60
N SER G 126 66.94 -2.67 15.93
CA SER G 126 67.02 -4.12 15.87
C SER G 126 68.23 -4.55 15.05
N MET G 127 68.90 -5.62 15.51
CA MET G 127 70.05 -6.15 14.80
C MET G 127 69.69 -7.30 13.85
N THR G 128 68.41 -7.68 13.76
CA THR G 128 68.03 -8.77 12.89
C THR G 128 68.34 -8.47 11.43
N ASP G 129 68.02 -7.26 10.97
CA ASP G 129 68.30 -6.83 9.61
C ASP G 129 69.45 -5.84 9.64
N LYS G 130 70.48 -6.09 8.83
CA LYS G 130 71.67 -5.25 8.84
C LYS G 130 71.52 -4.00 7.99
N LEU G 131 70.39 -3.83 7.30
CA LEU G 131 70.24 -2.75 6.33
C LEU G 131 68.87 -2.07 6.44
N ALA G 132 68.27 -2.06 7.62
CA ALA G 132 66.97 -1.45 7.83
C ALA G 132 67.10 -0.13 8.58
N PHE G 133 66.03 0.66 8.55
CA PHE G 133 65.95 1.91 9.28
C PHE G 133 64.67 1.94 10.09
N ASP G 134 64.67 2.75 11.14
CA ASP G 134 63.47 2.92 11.96
C ASP G 134 62.57 3.99 11.35
N VAL G 135 61.30 3.94 11.75
CA VAL G 135 60.29 4.88 11.28
C VAL G 135 59.62 5.52 12.48
N GLY G 136 59.51 6.84 12.47
CA GLY G 136 58.93 7.55 13.58
C GLY G 136 58.46 8.92 13.16
N LEU G 137 58.09 9.72 14.15
CA LEU G 137 57.54 11.04 13.91
C LEU G 137 58.64 12.07 13.74
N GLN G 138 58.28 13.21 13.16
CA GLN G 138 59.20 14.30 12.86
C GLN G 138 58.54 15.62 13.19
N GLU G 139 59.36 16.61 13.56
CA GLU G 139 58.82 17.87 14.04
C GLU G 139 58.26 18.73 12.92
N ASP G 140 58.95 18.80 11.79
CA ASP G 140 58.56 19.70 10.71
C ASP G 140 58.46 18.92 9.40
N ALA G 141 57.81 19.54 8.42
CA ALA G 141 57.51 18.91 7.14
C ALA G 141 58.59 19.12 6.10
N THR G 142 59.67 19.80 6.45
CA THR G 142 60.75 20.06 5.50
C THR G 142 61.49 18.78 5.17
N GLY G 143 62.04 18.72 3.96
CA GLY G 143 62.78 17.56 3.51
C GLY G 143 61.89 16.52 2.86
N GLU G 144 62.56 15.51 2.28
CA GLU G 144 61.84 14.44 1.60
C GLU G 144 61.61 13.23 2.50
N ALA G 145 62.13 13.23 3.72
CA ALA G 145 61.98 12.07 4.59
C ALA G 145 60.55 11.87 5.04
N CYS G 146 59.69 12.87 4.88
CA CYS G 146 58.31 12.80 5.34
C CYS G 146 57.33 12.56 4.21
N TRP G 147 57.79 12.15 3.03
CA TRP G 147 56.93 11.91 1.88
C TRP G 147 56.93 10.42 1.54
N TRP G 148 55.75 9.91 1.19
CA TRP G 148 55.57 8.51 0.83
C TRP G 148 54.78 8.42 -0.46
N THR G 149 55.05 7.38 -1.24
CA THR G 149 54.34 7.10 -2.48
C THR G 149 53.69 5.73 -2.38
N MET G 150 52.49 5.61 -2.93
CA MET G 150 51.69 4.39 -2.82
C MET G 150 51.56 3.75 -4.19
N HIS G 151 51.58 2.42 -4.23
CA HIS G 151 51.45 1.67 -5.47
C HIS G 151 50.39 0.59 -5.32
N PRO G 152 49.72 0.21 -6.41
CA PRO G 152 48.71 -0.84 -6.31
C PRO G 152 49.33 -2.19 -5.99
N ALA G 153 48.56 -3.03 -5.29
CA ALA G 153 49.05 -4.34 -4.89
C ALA G 153 48.74 -5.43 -5.91
N SER G 154 47.98 -5.12 -6.96
CA SER G 154 47.60 -6.12 -7.95
C SER G 154 47.36 -5.43 -9.28
N LYS G 155 47.39 -6.24 -10.35
CA LYS G 155 47.20 -5.72 -11.69
C LYS G 155 45.80 -5.17 -11.91
N GLN G 156 44.85 -5.47 -11.01
CA GLN G 156 43.49 -4.98 -11.19
C GLN G 156 43.44 -3.47 -11.31
N ARG G 157 44.35 -2.77 -10.62
CA ARG G 157 44.47 -1.33 -10.72
C ARG G 157 45.83 -0.98 -11.30
N SER G 158 45.91 0.22 -11.88
CA SER G 158 47.14 0.66 -12.54
C SER G 158 47.39 2.11 -12.19
N GLU G 159 48.63 2.55 -12.44
CA GLU G 159 49.02 3.91 -12.12
C GLU G 159 48.10 4.91 -12.80
N GLY G 160 47.72 5.96 -12.06
CA GLY G 160 46.81 6.97 -12.56
C GLY G 160 45.36 6.73 -12.23
N GLU G 161 44.98 5.51 -11.87
CA GLU G 161 43.61 5.23 -11.51
C GLU G 161 43.31 5.75 -10.10
N LYS G 162 42.06 6.15 -9.89
CA LYS G 162 41.64 6.61 -8.58
C LYS G 162 41.73 5.49 -7.56
N VAL G 163 42.08 5.86 -6.32
CA VAL G 163 42.22 4.91 -5.23
C VAL G 163 40.94 4.93 -4.41
N ARG G 164 40.39 3.75 -4.12
CA ARG G 164 39.13 3.61 -3.41
C ARG G 164 39.33 2.82 -2.13
N VAL G 165 38.43 3.04 -1.18
CA VAL G 165 38.51 2.34 0.10
C VAL G 165 38.54 0.84 -0.12
N GLY G 166 39.18 0.12 0.79
CA GLY G 166 39.25 -1.32 0.73
C GLY G 166 40.41 -1.89 -0.04
N ASP G 167 41.19 -1.05 -0.71
CA ASP G 167 42.31 -1.56 -1.50
C ASP G 167 43.49 -1.88 -0.59
N ASP G 168 44.48 -2.58 -1.16
CA ASP G 168 45.73 -2.87 -0.49
C ASP G 168 46.83 -2.05 -1.14
N LEU G 169 47.73 -1.52 -0.33
CA LEU G 169 48.72 -0.56 -0.79
C LEU G 169 50.13 -1.01 -0.46
N ILE G 170 51.09 -0.48 -1.20
CA ILE G 170 52.52 -0.65 -0.91
C ILE G 170 53.11 0.73 -0.72
N LEU G 171 53.75 0.95 0.43
CA LEU G 171 54.33 2.24 0.77
C LEU G 171 55.84 2.16 0.68
N VAL G 172 56.43 3.08 -0.08
CA VAL G 172 57.87 3.14 -0.27
C VAL G 172 58.34 4.56 0.00
N SER G 173 59.37 4.68 0.83
CA SER G 173 59.93 5.99 1.14
C SER G 173 60.55 6.60 -0.11
N VAL G 174 60.40 7.91 -0.25
CA VAL G 174 60.95 8.61 -1.41
C VAL G 174 62.47 8.49 -1.42
N SER G 175 63.10 8.67 -0.26
CA SER G 175 64.56 8.78 -0.22
C SER G 175 65.23 7.42 -0.24
N SER G 176 64.97 6.60 0.79
CA SER G 176 65.71 5.36 0.97
C SER G 176 65.28 4.25 0.02
N GLU G 177 64.13 4.38 -0.64
CA GLU G 177 63.64 3.33 -1.52
C GLU G 177 63.49 2.01 -0.78
N ARG G 178 62.98 2.08 0.45
CA ARG G 178 62.72 0.91 1.27
C ARG G 178 61.23 0.81 1.56
N TYR G 179 60.70 -0.41 1.53
CA TYR G 179 59.29 -0.63 1.79
C TYR G 179 58.99 -0.41 3.27
N LEU G 180 57.69 -0.26 3.56
CA LEU G 180 57.24 -0.17 4.95
C LEU G 180 57.05 -1.58 5.50
N HIS G 181 58.16 -2.29 5.72
CA HIS G 181 58.11 -3.69 6.11
C HIS G 181 57.56 -3.85 7.52
N LEU G 182 57.04 -5.04 7.79
CA LEU G 182 56.67 -5.46 9.13
C LEU G 182 57.60 -6.59 9.54
N SER G 183 58.34 -6.39 10.63
CA SER G 183 59.38 -7.31 11.05
C SER G 183 58.87 -8.21 12.17
N THR G 184 59.23 -9.49 12.10
CA THR G 184 58.87 -10.46 13.13
C THR G 184 60.02 -11.41 13.42
N ALA G 185 61.27 -10.93 13.28
CA ALA G 185 62.42 -11.79 13.50
C ALA G 185 62.37 -12.43 14.88
N SER G 186 62.10 -11.64 15.91
CA SER G 186 61.91 -12.16 17.26
C SER G 186 60.42 -12.35 17.52
N GLY G 187 60.09 -12.80 18.72
CA GLY G 187 58.69 -12.99 19.07
C GLY G 187 57.89 -11.69 19.00
N GLU G 188 58.48 -10.61 19.50
CA GLU G 188 57.79 -9.32 19.49
C GLU G 188 57.71 -8.78 18.07
N LEU G 189 56.56 -8.19 17.74
CA LEU G 189 56.37 -7.59 16.43
C LEU G 189 56.89 -6.17 16.42
N GLN G 190 57.43 -5.74 15.28
CA GLN G 190 58.01 -4.42 15.14
C GLN G 190 57.79 -3.92 13.71
N VAL G 191 57.97 -2.61 13.55
CA VAL G 191 57.82 -1.95 12.26
C VAL G 191 59.15 -1.31 11.90
N ASP G 192 59.41 -1.19 10.60
CA ASP G 192 60.64 -0.57 10.13
C ASP G 192 60.57 -0.46 8.62
N ALA G 193 61.62 0.11 8.04
CA ALA G 193 61.75 0.23 6.59
C ALA G 193 62.80 -0.76 6.10
N SER G 194 62.42 -1.61 5.15
CA SER G 194 63.30 -2.64 4.63
C SER G 194 63.06 -2.80 3.14
N PHE G 195 63.60 -3.89 2.59
CA PHE G 195 63.46 -4.21 1.17
C PHE G 195 62.39 -5.27 0.90
N MET G 196 61.61 -5.65 1.91
CA MET G 196 60.51 -6.60 1.74
C MET G 196 59.20 -5.84 1.81
N GLN G 197 58.33 -6.08 0.84
CA GLN G 197 57.06 -5.37 0.78
C GLN G 197 56.06 -5.93 1.80
N THR G 198 54.96 -5.21 1.98
CA THR G 198 53.88 -5.64 2.86
C THR G 198 52.62 -4.86 2.50
N LEU G 199 51.47 -5.49 2.70
CA LEU G 199 50.20 -4.89 2.31
C LEU G 199 49.61 -4.10 3.48
N TRP G 200 49.15 -2.89 3.20
CA TRP G 200 48.58 -2.00 4.20
C TRP G 200 47.20 -1.54 3.75
N ASN G 201 46.27 -1.48 4.70
CA ASN G 201 44.91 -1.02 4.45
C ASN G 201 44.68 0.31 5.13
N MET G 202 43.99 1.22 4.46
CA MET G 202 43.67 2.53 5.00
C MET G 202 42.15 2.64 5.16
N ASN G 203 41.68 2.53 6.39
CA ASN G 203 40.26 2.57 6.69
C ASN G 203 39.86 3.98 7.08
N PRO G 204 38.94 4.63 6.38
CA PRO G 204 38.58 6.00 6.73
C PRO G 204 37.87 6.08 8.07
N ILE G 205 37.98 7.25 8.70
CA ILE G 205 37.34 7.51 9.97
C ILE G 205 36.32 8.63 9.88
N CYS G 206 36.63 9.70 9.13
CA CYS G 206 35.68 10.78 8.94
C CYS G 206 36.12 11.61 7.75
N SER G 207 35.15 12.27 7.12
CA SER G 207 35.41 13.10 5.96
C SER G 207 35.09 14.56 6.23
N CYS G 208 33.85 14.89 6.63
CA CYS G 208 33.47 16.27 6.90
C CYS G 208 32.24 16.25 7.78
N CYS G 209 32.35 16.84 8.97
CA CYS G 209 31.23 16.87 9.90
C CYS G 209 30.49 18.21 9.80
N GLU G 210 29.17 18.13 9.72
CA GLU G 210 28.36 19.34 9.68
C GLU G 210 28.54 20.14 10.96
N GLU G 211 28.64 21.46 10.81
CA GLU G 211 28.91 22.32 11.95
C GLU G 211 27.81 22.19 12.99
N GLY G 212 28.19 22.07 14.25
CA GLY G 212 27.26 22.03 15.35
C GLY G 212 26.73 20.66 15.72
N TYR G 213 27.07 19.62 14.95
CA TYR G 213 26.55 18.29 15.21
C TYR G 213 27.62 17.42 15.85
N VAL G 214 27.26 16.77 16.96
CA VAL G 214 28.20 15.92 17.66
C VAL G 214 28.58 14.73 16.78
N THR G 215 29.82 14.27 16.93
CA THR G 215 30.32 13.13 16.17
C THR G 215 31.14 12.25 17.09
N GLY G 216 31.29 10.99 16.69
CA GLY G 216 32.05 10.05 17.50
C GLY G 216 33.52 10.45 17.59
N GLY G 217 34.15 10.04 18.68
CA GLY G 217 35.56 10.31 18.90
C GLY G 217 35.88 11.70 19.41
N HIS G 218 34.87 12.52 19.72
CA HIS G 218 35.13 13.85 20.23
C HIS G 218 35.34 13.82 21.74
N VAL G 219 35.76 14.97 22.28
CA VAL G 219 35.91 15.17 23.71
C VAL G 219 34.99 16.31 24.12
N LEU G 220 34.21 16.10 25.17
CA LEU G 220 33.20 17.06 25.56
C LEU G 220 32.90 16.92 27.05
N ARG G 221 32.04 17.81 27.54
CA ARG G 221 31.60 17.82 28.93
C ARG G 221 30.11 17.54 29.00
N LEU G 222 29.69 16.90 30.08
CA LEU G 222 28.28 16.58 30.32
C LEU G 222 27.74 17.55 31.36
N PHE G 223 26.89 18.48 30.92
CA PHE G 223 26.31 19.50 31.78
C PHE G 223 24.87 19.15 32.11
N HIS G 224 24.52 19.21 33.39
CA HIS G 224 23.17 18.96 33.85
C HIS G 224 22.50 20.27 34.21
N GLY G 225 21.33 20.53 33.61
CA GLY G 225 20.65 21.77 33.87
C GLY G 225 21.31 22.93 33.15
N HIS G 226 20.98 24.14 33.61
CA HIS G 226 21.49 25.37 33.00
C HIS G 226 22.90 25.65 33.52
N MET G 227 23.84 24.83 33.05
CA MET G 227 25.26 24.95 33.40
C MET G 227 25.49 24.91 34.91
N ASP G 228 24.52 24.39 35.67
CA ASP G 228 24.66 24.37 37.12
C ASP G 228 25.79 23.46 37.57
N GLU G 229 25.92 22.28 36.97
CA GLU G 229 26.92 21.32 37.40
C GLU G 229 27.37 20.50 36.20
N CYS G 230 28.27 19.55 36.47
CA CYS G 230 28.80 18.67 35.44
C CYS G 230 29.27 17.37 36.08
N LEU G 231 29.47 16.36 35.24
CA LEU G 231 29.87 15.04 35.71
C LEU G 231 31.39 14.97 35.82
N THR G 232 31.94 14.63 37.01
CA THR G 232 33.40 14.61 37.25
C THR G 232 33.80 13.39 38.09
N ILE G 233 35.09 13.23 38.39
CA ILE G 233 35.57 12.14 39.28
C ILE G 233 36.07 12.84 40.54
N SER G 234 36.89 12.20 41.36
CA SER G 234 37.44 12.79 42.59
C SER G 234 38.66 13.66 42.27
N ALA G 235 39.31 14.30 43.24
CA ALA G 235 40.58 15.02 43.10
C ALA G 235 41.77 14.08 43.25
N ALA G 236 42.99 14.51 42.93
CA ALA G 236 44.17 13.63 42.82
C ALA G 236 44.56 12.87 44.09
N ASP G 237 44.48 13.44 45.28
CA ASP G 237 44.94 12.82 46.55
C ASP G 237 43.84 12.04 47.29
N SER G 238 42.63 11.90 46.75
CA SER G 238 41.45 11.36 47.46
C SER G 238 41.51 9.91 47.94
N ASP G 239 41.04 9.63 49.16
CA ASP G 239 41.02 8.27 49.75
C ASP G 239 40.14 7.36 48.89
N ASP G 240 39.25 7.97 48.10
CA ASP G 240 38.33 7.23 47.20
C ASP G 240 39.13 6.47 46.15
N GLN G 241 40.30 6.99 45.73
CA GLN G 241 41.17 6.38 44.68
C GLN G 241 40.56 6.73 43.32
N ARG G 242 39.63 7.68 43.28
CA ARG G 242 39.00 8.17 42.02
C ARG G 242 38.24 7.04 41.31
N ARG G 243 37.43 6.23 42.02
CA ARG G 243 36.57 5.20 41.37
C ARG G 243 35.08 5.54 41.45
N LEU G 244 34.66 6.71 41.99
CA LEU G 244 33.26 7.08 42.02
C LEU G 244 33.00 8.27 41.11
N VAL G 245 31.72 8.58 40.91
CA VAL G 245 31.29 9.64 40.02
C VAL G 245 30.36 10.57 40.80
N TYR G 246 30.45 11.87 40.51
CA TYR G 246 29.69 12.87 41.25
C TYR G 246 29.18 13.93 40.29
N TYR G 247 28.29 14.76 40.81
CA TYR G 247 27.88 16.01 40.16
C TYR G 247 28.47 17.17 40.94
N GLU G 248 29.11 18.10 40.24
CA GLU G 248 29.76 19.23 40.90
C GLU G 248 29.66 20.47 40.01
N GLY G 249 29.88 21.62 40.65
CA GLY G 249 29.90 22.89 39.96
C GLY G 249 31.01 23.78 40.49
N GLY G 250 31.23 24.88 39.78
CA GLY G 250 32.26 25.82 40.17
C GLY G 250 33.46 25.79 39.25
N ALA G 251 34.66 25.86 39.83
CA ALA G 251 35.87 25.88 39.01
C ALA G 251 36.09 24.56 38.29
N VAL G 252 35.53 23.47 38.81
CA VAL G 252 35.73 22.16 38.21
C VAL G 252 35.16 22.10 36.80
N CYS G 253 34.36 23.10 36.41
CA CYS G 253 33.80 23.14 35.07
C CYS G 253 34.88 23.47 34.05
N THR G 254 36.01 24.04 34.47
CA THR G 254 37.15 24.46 33.61
C THR G 254 38.36 23.51 33.79
N HIS G 255 38.31 22.53 34.70
CA HIS G 255 39.44 21.60 35.01
C HIS G 255 39.44 20.32 34.14
N ALA G 256 40.57 19.60 34.07
CA ALA G 256 40.73 18.40 33.21
C ALA G 256 40.02 17.17 33.77
N ARG G 257 39.63 17.17 35.05
CA ARG G 257 39.00 15.99 35.71
C ARG G 257 37.50 15.92 35.44
N SER G 258 36.96 16.72 34.51
CA SER G 258 35.52 16.73 34.14
C SER G 258 35.36 16.56 32.62
N LEU G 259 36.36 15.97 31.94
CA LEU G 259 36.33 15.76 30.44
C LEU G 259 36.23 14.27 30.11
N TRP G 260 35.59 13.90 28.98
CA TRP G 260 35.27 12.50 28.59
C TRP G 260 35.27 12.29 27.06
N ARG G 261 35.55 11.08 26.56
CA ARG G 261 35.66 10.77 25.15
C ARG G 261 34.69 9.65 24.79
N LEU G 262 34.06 9.78 23.61
CA LEU G 262 33.07 8.83 23.15
C LEU G 262 33.69 7.86 22.16
N GLU G 263 33.53 6.56 22.40
CA GLU G 263 34.15 5.50 21.61
C GLU G 263 33.08 4.57 21.08
N PRO G 264 32.58 4.79 19.87
CA PRO G 264 31.60 3.85 19.29
C PRO G 264 32.20 2.46 19.15
N LEU G 265 31.34 1.45 19.30
CA LEU G 265 31.82 0.07 19.29
C LEU G 265 32.43 -0.31 17.95
N ARG G 266 31.79 0.09 16.84
CA ARG G 266 32.30 -0.20 15.48
C ARG G 266 33.59 0.61 15.27
N ILE G 267 34.58 0.05 14.57
CA ILE G 267 35.86 0.72 14.32
C ILE G 267 35.80 1.57 13.06
N SER G 268 35.27 1.04 11.98
CA SER G 268 35.21 1.79 10.73
C SER G 268 34.20 2.92 10.84
N TRP G 269 34.55 4.08 10.29
CA TRP G 269 33.69 5.26 10.34
C TRP G 269 33.30 5.59 11.78
N SER G 270 34.27 5.51 12.69
CA SER G 270 34.02 5.89 14.07
C SER G 270 33.71 7.37 14.20
N GLY G 271 34.04 8.17 13.19
CA GLY G 271 33.75 9.59 13.18
C GLY G 271 32.36 9.93 12.66
N SER G 272 31.53 8.93 12.41
CA SER G 272 30.19 9.18 11.90
C SER G 272 29.36 9.96 12.91
N HIS G 273 28.42 10.75 12.40
CA HIS G 273 27.54 11.52 13.26
C HIS G 273 26.86 10.60 14.27
N LEU G 274 26.82 11.04 15.53
CA LEU G 274 26.13 10.29 16.56
C LEU G 274 24.63 10.26 16.25
N ARG G 275 23.99 9.14 16.59
CA ARG G 275 22.59 8.92 16.29
C ARG G 275 21.93 8.26 17.50
N TRP G 276 20.64 8.57 17.68
CA TRP G 276 19.93 8.09 18.86
C TRP G 276 19.95 6.57 18.92
N GLY G 277 20.15 6.04 20.12
CA GLY G 277 20.14 4.62 20.34
C GLY G 277 21.44 3.90 20.03
N GLN G 278 22.44 4.61 19.53
CA GLN G 278 23.71 3.97 19.20
C GLN G 278 24.39 3.49 20.48
N PRO G 279 24.97 2.29 20.50
CA PRO G 279 25.75 1.87 21.67
C PRO G 279 27.19 2.36 21.56
N LEU G 280 27.76 2.79 22.69
CA LEU G 280 29.11 3.32 22.69
C LEU G 280 29.67 3.26 24.11
N ARG G 281 30.99 3.45 24.20
CA ARG G 281 31.69 3.46 25.47
C ARG G 281 32.00 4.89 25.90
N ILE G 282 32.35 5.05 27.18
CA ILE G 282 32.72 6.33 27.76
C ILE G 282 34.07 6.16 28.45
N ARG G 283 34.97 7.11 28.24
CA ARG G 283 36.33 7.03 28.74
C ARG G 283 36.71 8.33 29.45
N HIS G 284 37.51 8.20 30.50
CA HIS G 284 38.06 9.36 31.20
C HIS G 284 39.46 9.64 30.68
N VAL G 285 39.67 10.86 30.17
CA VAL G 285 40.89 11.15 29.43
C VAL G 285 42.11 11.08 30.35
N THR G 286 42.05 11.76 31.49
CA THR G 286 43.24 11.88 32.32
C THR G 286 43.64 10.53 32.94
N THR G 287 42.68 9.79 33.47
CA THR G 287 42.96 8.53 34.14
C THR G 287 42.90 7.32 33.22
N GLY G 288 42.27 7.45 32.05
CA GLY G 288 42.18 6.32 31.15
C GLY G 288 41.36 5.16 31.66
N ARG G 289 40.30 5.42 32.41
CA ARG G 289 39.40 4.39 32.88
C ARG G 289 38.04 4.53 32.21
N TYR G 290 37.33 3.42 32.12
CA TYR G 290 36.07 3.35 31.39
C TYR G 290 34.89 3.28 32.35
N LEU G 291 33.87 4.08 32.06
CA LEU G 291 32.64 4.04 32.86
C LEU G 291 31.99 2.68 32.73
N ALA G 292 31.57 2.13 33.86
CA ALA G 292 31.06 0.76 33.88
C ALA G 292 30.07 0.59 35.02
N LEU G 293 29.34 -0.52 34.98
CA LEU G 293 28.40 -0.91 36.03
C LEU G 293 28.83 -2.24 36.60
N THR G 294 28.96 -2.31 37.93
CA THR G 294 29.38 -3.51 38.62
C THR G 294 28.47 -3.75 39.82
N GLU G 295 28.13 -5.02 40.04
CA GLU G 295 27.23 -5.36 41.14
C GLU G 295 27.87 -5.04 42.49
N ASP G 296 29.17 -5.30 42.65
CA ASP G 296 29.83 -5.09 43.93
C ASP G 296 29.76 -3.65 44.40
N GLN G 297 29.77 -2.68 43.49
CA GLN G 297 29.76 -1.28 43.89
C GLN G 297 28.76 -0.43 43.12
N GLY G 298 28.07 -0.92 42.10
CA GLY G 298 27.21 -0.08 41.23
C GLY G 298 28.01 0.76 40.26
N LEU G 299 27.59 1.99 39.95
CA LEU G 299 28.32 2.85 38.97
C LEU G 299 29.72 3.14 39.51
N VAL G 300 30.73 2.66 38.82
CA VAL G 300 32.16 2.89 39.17
C VAL G 300 32.91 3.11 37.85
N VAL G 301 34.20 3.35 37.89
CA VAL G 301 35.06 3.45 36.67
C VAL G 301 36.09 2.35 36.84
N VAL G 302 36.37 1.54 35.82
CA VAL G 302 37.27 0.41 35.98
C VAL G 302 38.30 0.42 34.85
N ASP G 303 39.40 -0.32 35.06
CA ASP G 303 40.48 -0.35 34.10
C ASP G 303 40.05 -1.09 32.84
N ALA G 304 40.84 -0.92 31.78
CA ALA G 304 40.55 -1.60 30.52
C ALA G 304 40.74 -3.10 30.63
N CYS G 305 41.53 -3.58 31.60
CA CYS G 305 41.76 -5.01 31.74
C CYS G 305 40.49 -5.77 32.06
N LYS G 306 39.46 -5.10 32.57
CA LYS G 306 38.21 -5.75 32.93
C LYS G 306 36.99 -5.05 32.35
N ALA G 307 37.13 -4.34 31.23
CA ALA G 307 36.03 -3.59 30.63
C ALA G 307 35.36 -4.37 29.51
N HIS G 308 34.70 -5.49 29.87
CA HIS G 308 33.97 -6.25 28.86
C HIS G 308 32.77 -5.45 28.37
N THR G 309 32.32 -5.76 27.16
CA THR G 309 31.30 -4.95 26.52
C THR G 309 29.98 -4.96 27.29
N LYS G 310 29.74 -5.99 28.09
CA LYS G 310 28.46 -6.10 28.78
C LYS G 310 28.24 -4.95 29.75
N ALA G 311 29.27 -4.59 30.51
CA ALA G 311 29.11 -3.60 31.58
C ALA G 311 29.49 -2.20 31.17
N THR G 312 29.88 -1.97 29.91
CA THR G 312 30.39 -0.67 29.50
C THR G 312 29.61 -0.03 28.36
N SER G 313 28.51 -0.63 27.92
CA SER G 313 27.76 -0.09 26.79
C SER G 313 26.68 0.87 27.29
N PHE G 314 26.54 1.99 26.58
CA PHE G 314 25.55 3.01 26.92
C PHE G 314 24.95 3.55 25.63
N CYS G 315 23.86 4.28 25.76
CA CYS G 315 23.20 4.89 24.61
C CYS G 315 22.46 6.15 25.05
N PHE G 316 22.16 7.00 24.08
CA PHE G 316 21.46 8.25 24.32
C PHE G 316 20.04 8.16 23.77
N ARG G 317 19.07 8.54 24.59
CA ARG G 317 17.66 8.46 24.23
C ARG G 317 17.03 9.84 24.20
N VAL G 318 16.12 10.05 23.24
CA VAL G 318 15.40 11.31 23.17
C VAL G 318 14.46 11.45 24.36
N SER G 319 13.81 10.36 24.76
CA SER G 319 12.92 10.38 25.91
C SER G 319 12.82 8.97 26.47
N LYS G 320 12.32 8.87 27.71
CA LYS G 320 12.19 7.58 28.37
C LYS G 320 11.03 6.75 27.82
N GLU G 321 10.17 7.32 26.98
CA GLU G 321 9.05 6.57 26.45
C GLU G 321 9.55 5.41 25.59
N LYS G 322 8.82 4.31 25.62
CA LYS G 322 9.19 3.12 24.86
C LYS G 322 8.98 3.35 23.37
N ASP G 330 25.34 1.16 10.77
CA ASP G 330 25.12 0.31 9.58
C ASP G 330 25.61 1.06 8.34
N VAL G 331 25.28 2.34 8.17
CA VAL G 331 25.63 3.09 6.93
C VAL G 331 27.15 3.27 6.84
N GLU G 332 27.74 2.92 5.70
CA GLU G 332 29.20 3.02 5.49
C GLU G 332 29.48 4.42 4.94
N GLY G 333 29.32 5.45 5.75
CA GLY G 333 29.57 6.83 5.36
C GLY G 333 29.37 7.73 6.54
N MET G 334 29.60 9.02 6.39
CA MET G 334 29.51 9.95 7.54
C MET G 334 28.15 9.74 8.18
N GLY G 335 27.09 9.51 7.41
CA GLY G 335 25.76 9.19 7.97
C GLY G 335 24.89 10.41 8.22
N PRO G 336 23.71 10.29 8.86
CA PRO G 336 22.80 11.41 9.04
C PRO G 336 23.04 12.25 10.29
N PRO G 337 23.14 13.59 10.21
CA PRO G 337 23.24 14.43 11.42
C PRO G 337 21.97 14.25 12.27
N GLU G 338 22.11 14.14 13.59
CA GLU G 338 21.00 13.93 14.53
C GLU G 338 21.11 14.70 15.83
N ILE G 339 22.27 15.27 16.18
CA ILE G 339 22.48 15.91 17.48
C ILE G 339 22.99 17.32 17.24
N LYS G 340 22.79 18.19 18.23
CA LYS G 340 23.29 19.55 18.20
C LYS G 340 23.96 19.85 19.53
N TYR G 341 24.98 20.71 19.50
CA TYR G 341 25.68 21.07 20.73
C TYR G 341 24.91 22.14 21.49
N GLY G 342 24.63 21.87 22.76
CA GLY G 342 23.98 22.84 23.61
C GLY G 342 22.49 23.00 23.39
N GLU G 343 21.89 22.17 22.54
CA GLU G 343 20.46 22.27 22.26
C GLU G 343 19.74 20.93 22.38
N SER G 344 20.42 19.83 22.10
CA SER G 344 19.79 18.51 22.08
C SER G 344 19.86 17.91 23.48
N LEU G 345 18.75 17.93 24.20
CA LEU G 345 18.68 17.24 25.48
C LEU G 345 18.74 15.73 25.26
N CYS G 346 19.39 15.02 26.16
CA CYS G 346 19.61 13.59 26.01
C CYS G 346 19.53 12.90 27.35
N PHE G 347 19.10 11.64 27.32
CA PHE G 347 19.08 10.77 28.49
C PHE G 347 20.06 9.64 28.29
N VAL G 348 20.68 9.19 29.37
CA VAL G 348 21.68 8.13 29.32
C VAL G 348 21.09 6.87 29.94
N GLN G 349 21.19 5.76 29.21
CA GLN G 349 20.66 4.48 29.66
C GLN G 349 21.67 3.38 29.42
N HIS G 350 21.71 2.42 30.33
CA HIS G 350 22.55 1.25 30.17
C HIS G 350 21.82 0.20 29.35
N VAL G 351 22.44 -0.22 28.24
CA VAL G 351 21.73 -1.10 27.30
C VAL G 351 21.39 -2.43 27.94
N ALA G 352 22.33 -3.04 28.65
CA ALA G 352 22.11 -4.37 29.20
C ALA G 352 20.95 -4.39 30.21
N SER G 353 20.89 -3.41 31.11
CA SER G 353 19.87 -3.39 32.15
C SER G 353 18.76 -2.40 31.89
N GLY G 354 18.97 -1.41 31.03
CA GLY G 354 17.96 -0.41 30.78
C GLY G 354 17.82 0.64 31.86
N LEU G 355 18.64 0.58 32.89
CA LEU G 355 18.58 1.56 33.96
C LEU G 355 19.00 2.93 33.46
N TRP G 356 18.42 3.97 34.05
CA TRP G 356 18.69 5.35 33.66
C TRP G 356 19.66 5.98 34.64
N LEU G 357 20.46 6.92 34.14
CA LEU G 357 21.45 7.60 34.97
C LEU G 357 20.81 8.78 35.68
N THR G 358 20.90 8.78 37.01
CA THR G 358 20.31 9.83 37.82
C THR G 358 21.18 10.02 39.06
N TYR G 359 20.74 10.89 39.96
CA TYR G 359 21.49 11.25 41.15
C TYR G 359 20.75 10.80 42.39
N ALA G 360 21.50 10.27 43.35
CA ALA G 360 20.91 9.80 44.60
C ALA G 360 20.34 10.98 45.38
N ALA G 361 19.39 10.68 46.26
CA ALA G 361 18.77 11.73 47.05
C ALA G 361 19.80 12.33 48.00
N PRO G 362 19.69 13.61 48.32
CA PRO G 362 20.70 14.25 49.19
C PRO G 362 20.68 13.65 50.59
N ASP G 363 21.85 13.63 51.21
CA ASP G 363 21.99 13.14 52.58
C ASP G 363 22.03 14.32 53.54
N PRO G 364 21.09 14.44 54.49
CA PRO G 364 21.14 15.59 55.40
C PRO G 364 22.46 15.70 56.14
N LYS G 365 23.06 14.59 56.55
CA LYS G 365 24.34 14.64 57.23
C LYS G 365 25.42 15.23 56.33
N ALA G 366 25.47 14.80 55.06
CA ALA G 366 26.42 15.35 54.12
C ALA G 366 26.12 16.82 53.83
N LEU G 367 24.85 17.18 53.67
CA LEU G 367 24.50 18.56 53.38
C LEU G 367 24.93 19.48 54.52
N ARG G 368 24.69 19.06 55.76
CA ARG G 368 25.13 19.86 56.90
C ARG G 368 26.65 20.01 56.93
N LEU G 369 27.37 19.00 56.44
CA LEU G 369 28.82 19.05 56.39
C LEU G 369 29.35 19.87 55.22
N GLY G 370 28.48 20.31 54.31
CA GLY G 370 28.90 21.09 53.16
C GLY G 370 29.33 20.28 51.97
N VAL G 371 28.99 19.00 51.90
CA VAL G 371 29.39 18.15 50.79
C VAL G 371 28.45 18.38 49.61
N LEU G 372 28.82 19.30 48.73
CA LEU G 372 27.98 19.60 47.57
C LEU G 372 27.91 18.41 46.63
N LYS G 373 29.02 17.69 46.48
CA LYS G 373 29.10 16.57 45.55
C LYS G 373 27.92 15.62 45.71
N LYS G 374 27.12 15.47 44.66
CA LYS G 374 25.99 14.54 44.67
C LYS G 374 26.39 13.26 43.95
N LYS G 375 26.40 12.15 44.67
CA LYS G 375 26.77 10.88 44.06
C LYS G 375 25.78 10.52 42.96
N ALA G 376 26.29 9.90 41.89
CA ALA G 376 25.45 9.53 40.77
C ALA G 376 25.32 8.01 40.69
N ILE G 377 24.11 7.55 40.36
CA ILE G 377 23.79 6.13 40.35
C ILE G 377 22.84 5.83 39.20
N LEU G 378 22.59 4.55 38.98
CA LEU G 378 21.63 4.09 37.99
C LEU G 378 20.35 3.63 38.69
N HIS G 379 19.21 4.11 38.21
CA HIS G 379 17.93 3.82 38.83
C HIS G 379 16.92 3.42 37.76
N GLN G 380 15.90 2.68 38.18
CA GLN G 380 14.90 2.18 37.24
C GLN G 380 14.07 3.30 36.64
N GLU G 381 13.67 4.28 37.46
CA GLU G 381 12.80 5.35 36.99
C GLU G 381 13.50 6.69 37.03
N GLY G 382 14.30 6.93 38.06
CA GLY G 382 14.98 8.21 38.18
C GLY G 382 13.99 9.34 38.39
N HIS G 383 14.27 10.48 37.77
CA HIS G 383 13.43 11.67 37.90
C HIS G 383 13.19 12.24 36.51
N MET G 384 12.55 13.42 36.47
CA MET G 384 12.27 14.08 35.20
C MET G 384 13.34 15.10 34.83
N ASP G 385 14.36 15.27 35.66
CA ASP G 385 15.42 16.24 35.41
C ASP G 385 16.78 15.58 35.13
N ASP G 386 16.78 14.41 34.51
CA ASP G 386 18.04 13.71 34.25
C ASP G 386 18.65 14.08 32.91
N ALA G 387 18.03 14.97 32.13
CA ALA G 387 18.58 15.35 30.84
C ALA G 387 19.92 16.04 31.02
N LEU G 388 20.81 15.84 30.04
CA LEU G 388 22.16 16.40 30.08
C LEU G 388 22.43 17.18 28.81
N PHE G 389 23.25 18.21 28.92
CA PHE G 389 23.70 18.99 27.77
C PHE G 389 25.10 18.54 27.37
N LEU G 390 25.41 18.73 26.09
CA LEU G 390 26.73 18.42 25.56
C LEU G 390 27.43 19.70 25.13
N THR G 391 28.62 19.93 25.67
CA THR G 391 29.39 21.13 25.42
C THR G 391 30.73 20.76 24.79
N ARG G 392 31.13 21.53 23.78
CA ARG G 392 32.38 21.27 23.03
C ARG G 392 33.60 21.72 23.84
N CYS G 393 34.76 21.11 23.61
CA CYS G 393 36.01 21.42 24.27
C CYS G 393 37.08 21.68 23.21
N GLN G 394 37.99 22.59 23.51
CA GLN G 394 39.00 22.98 22.54
C GLN G 394 40.07 21.91 22.39
N GLN G 395 40.92 22.09 21.38
CA GLN G 395 41.99 21.13 21.12
C GLN G 395 43.07 21.18 22.19
N GLU G 396 43.33 22.36 22.75
CA GLU G 396 44.42 22.52 23.69
C GLU G 396 44.16 21.75 24.97
N GLU G 397 42.93 21.79 25.48
CA GLU G 397 42.63 21.07 26.70
C GLU G 397 42.75 19.56 26.51
N SER G 398 42.28 19.04 25.38
CA SER G 398 42.42 17.62 25.12
C SER G 398 43.88 17.21 25.01
N GLN G 399 44.68 18.01 24.29
CA GLN G 399 46.09 17.70 24.18
C GLN G 399 46.75 17.70 25.55
N ALA G 400 46.41 18.69 26.39
CA ALA G 400 46.96 18.75 27.74
C ALA G 400 46.55 17.53 28.55
N ALA G 401 45.31 17.07 28.42
CA ALA G 401 44.87 15.90 29.16
C ALA G 401 45.66 14.66 28.76
N ARG G 402 45.87 14.47 27.46
CA ARG G 402 46.65 13.32 27.01
C ARG G 402 48.08 13.40 27.53
N MET G 403 48.69 14.58 27.46
CA MET G 403 50.04 14.73 27.98
C MET G 403 50.10 14.43 29.47
N ILE G 404 49.10 14.89 30.21
CA ILE G 404 49.07 14.61 31.65
C ILE G 404 49.04 13.11 31.88
N HIS G 405 48.17 12.40 31.17
CA HIS G 405 48.10 10.95 31.33
C HIS G 405 49.45 10.31 31.10
N SER G 406 50.08 10.60 29.96
CA SER G 406 51.32 9.94 29.61
C SER G 406 52.43 10.25 30.61
N THR G 407 52.61 11.53 30.94
CA THR G 407 53.70 11.91 31.82
C THR G 407 53.50 11.37 33.22
N ALA G 408 52.26 11.37 33.71
CA ALA G 408 52.00 10.80 35.02
C ALA G 408 52.40 9.33 35.05
N GLY G 409 52.00 8.57 34.03
CA GLY G 409 52.40 7.18 34.00
C GLY G 409 53.91 7.01 34.02
N LEU G 410 54.60 7.75 33.16
CA LEU G 410 56.05 7.58 33.05
C LEU G 410 56.76 7.93 34.34
N TYR G 411 56.38 9.04 34.96
CA TYR G 411 57.07 9.46 36.18
C TYR G 411 56.74 8.56 37.36
N ASN G 412 55.52 8.02 37.43
CA ASN G 412 55.24 7.05 38.47
C ASN G 412 56.12 5.81 38.31
N GLN G 413 56.28 5.34 37.07
CA GLN G 413 57.18 4.23 36.83
C GLN G 413 58.60 4.56 37.29
N PHE G 414 59.08 5.75 36.96
CA PHE G 414 60.43 6.13 37.34
C PHE G 414 60.60 6.17 38.86
N ILE G 415 59.63 6.73 39.56
CA ILE G 415 59.71 6.82 41.01
C ILE G 415 59.75 5.43 41.63
N LYS G 416 58.90 4.53 41.14
CA LYS G 416 58.93 3.16 41.67
C LYS G 416 60.27 2.50 41.40
N GLY G 417 60.81 2.69 40.20
CA GLY G 417 62.13 2.14 39.90
C GLY G 417 63.18 2.64 40.87
N LEU G 418 63.15 3.95 41.16
CA LEU G 418 64.11 4.49 42.12
C LEU G 418 63.94 3.89 43.50
N ASP G 419 62.69 3.76 43.96
CA ASP G 419 62.44 3.17 45.27
C ASP G 419 62.86 1.72 45.33
N SER G 420 62.97 1.05 44.17
CA SER G 420 63.33 -0.37 44.18
C SER G 420 64.59 -0.64 45.00
N PHE G 421 65.66 0.14 44.81
CA PHE G 421 66.94 -0.12 45.46
C PHE G 421 67.26 0.92 46.53
N SER G 422 66.26 1.32 47.33
CA SER G 422 66.47 2.38 48.30
C SER G 422 67.62 2.08 49.25
N GLY G 423 67.66 0.88 49.81
CA GLY G 423 68.69 0.54 50.79
C GLY G 423 69.37 -0.78 50.50
N LYS G 424 69.66 -1.04 49.23
CA LYS G 424 70.21 -2.31 48.77
C LYS G 424 71.48 -2.03 47.97
N PRO G 425 72.61 -1.81 48.63
CA PRO G 425 73.87 -1.62 47.90
C PRO G 425 74.15 -2.82 47.01
N ARG G 426 74.59 -2.54 45.79
CA ARG G 426 74.78 -3.61 44.82
C ARG G 426 76.12 -4.33 44.99
N GLY G 427 77.00 -3.80 45.83
CA GLY G 427 78.30 -4.43 45.96
C GLY G 427 79.02 -4.48 44.63
N SER G 428 79.63 -5.60 44.28
CA SER G 428 80.41 -5.73 43.02
C SER G 428 79.54 -6.26 41.89
N GLY G 429 78.32 -6.67 42.16
CA GLY G 429 77.49 -7.34 41.15
C GLY G 429 76.58 -6.41 40.40
N PRO G 430 75.47 -6.87 39.76
CA PRO G 430 74.54 -5.96 39.10
C PRO G 430 73.75 -5.13 40.11
N PRO G 431 73.20 -3.95 39.73
CA PRO G 431 72.30 -3.17 40.61
C PRO G 431 70.92 -3.84 40.70
N ALA G 432 70.04 -3.40 41.61
CA ALA G 432 68.70 -4.01 41.84
C ALA G 432 67.65 -3.42 40.90
N GLY G 433 66.46 -4.02 40.84
CA GLY G 433 65.34 -3.52 40.02
C GLY G 433 65.51 -3.75 38.53
N PRO G 434 64.47 -3.55 37.70
CA PRO G 434 64.59 -3.63 36.24
C PRO G 434 65.32 -2.34 35.84
N ALA G 435 65.68 -2.11 34.57
CA ALA G 435 66.50 -0.90 34.29
C ALA G 435 65.68 0.37 34.48
N LEU G 436 66.30 1.57 34.55
CA LEU G 436 65.50 2.77 34.61
C LEU G 436 65.22 3.27 33.19
N PRO G 437 64.10 3.95 32.97
CA PRO G 437 63.80 4.56 31.65
C PRO G 437 64.47 5.93 31.48
N ILE G 438 65.81 5.93 31.41
CA ILE G 438 66.55 7.18 31.44
C ILE G 438 66.25 8.02 30.20
N GLU G 439 66.36 7.41 29.02
CA GLU G 439 66.20 8.17 27.78
C GLU G 439 64.81 8.75 27.66
N ALA G 440 63.79 7.96 28.02
CA ALA G 440 62.42 8.46 27.95
C ALA G 440 62.24 9.66 28.88
N VAL G 441 62.77 9.58 30.09
CA VAL G 441 62.62 10.69 31.04
C VAL G 441 63.31 11.94 30.51
N ILE G 442 64.52 11.78 29.99
CA ILE G 442 65.26 12.93 29.48
C ILE G 442 64.50 13.59 28.33
N LEU G 443 64.03 12.78 27.38
CA LEU G 443 63.33 13.33 26.24
C LEU G 443 62.03 14.00 26.66
N SER G 444 61.30 13.39 27.60
CA SER G 444 60.05 13.97 28.07
C SER G 444 60.29 15.32 28.73
N LEU G 445 61.32 15.40 29.58
CA LEU G 445 61.62 16.66 30.24
C LEU G 445 62.00 17.73 29.23
N GLN G 446 62.84 17.37 28.25
CA GLN G 446 63.21 18.34 27.22
C GLN G 446 62.00 18.83 26.46
N ASP G 447 61.08 17.92 26.12
CA ASP G 447 59.88 18.32 25.40
C ASP G 447 59.00 19.24 26.23
N LEU G 448 58.83 18.92 27.52
CA LEU G 448 57.95 19.73 28.36
C LEU G 448 58.54 21.12 28.59
N ILE G 449 59.86 21.22 28.73
CA ILE G 449 60.46 22.52 28.96
C ILE G 449 60.18 23.45 27.79
N GLY G 450 60.29 22.95 26.57
CA GLY G 450 59.97 23.73 25.39
C GLY G 450 58.50 23.97 25.19
N TYR G 451 57.65 23.28 25.94
CA TYR G 451 56.20 23.45 25.88
C TYR G 451 55.69 24.56 26.77
N PHE G 452 56.54 25.12 27.65
CA PHE G 452 56.14 26.12 28.61
C PHE G 452 56.91 27.42 28.47
N GLU G 453 57.83 27.53 27.53
CA GLU G 453 58.66 28.72 27.46
C GLU G 453 57.81 29.95 27.09
N PRO G 454 58.20 31.12 27.61
CA PRO G 454 57.39 32.32 27.46
C PRO G 454 57.48 33.02 26.11
N PRO G 455 56.55 33.95 25.80
CA PRO G 455 56.53 34.60 24.50
C PRO G 455 57.73 35.53 24.31
N SER G 456 58.23 35.69 23.09
CA SER G 456 59.37 36.59 22.77
C SER G 456 59.02 38.04 23.11
N GLU G 457 59.99 38.81 23.60
CA GLU G 457 59.74 40.23 23.94
C GLU G 457 59.79 41.10 22.69
N GLU G 458 59.74 40.52 21.50
CA GLU G 458 59.73 41.28 20.21
C GLU G 458 58.47 40.99 19.42
N LEU G 459 57.43 40.42 20.02
CA LEU G 459 56.13 40.16 19.36
C LEU G 459 55.29 41.44 19.45
N GLN G 460 54.26 41.60 18.62
CA GLN G 460 53.33 42.75 18.72
C GLN G 460 52.58 42.61 20.05
N HIS G 461 52.08 43.69 20.65
CA HIS G 461 51.48 43.65 22.00
C HIS G 461 50.32 42.64 22.05
N GLU G 462 49.33 42.71 21.18
CA GLU G 462 48.06 41.92 21.24
C GLU G 462 48.32 40.43 21.05
N GLU G 463 49.19 40.04 20.10
CA GLU G 463 49.53 38.61 19.88
C GLU G 463 50.22 38.11 21.15
N LYS G 464 51.08 38.91 21.77
CA LYS G 464 51.78 38.53 23.03
C LYS G 464 50.74 38.34 24.15
N GLN G 465 49.72 39.18 24.23
CA GLN G 465 48.67 39.08 25.28
C GLN G 465 47.97 37.74 25.08
N SER G 466 47.70 37.35 23.84
CA SER G 466 47.09 36.04 23.51
C SER G 466 48.03 34.93 23.94
N LYS G 467 49.34 35.10 23.73
CA LYS G 467 50.37 34.09 24.10
C LYS G 467 50.38 33.88 25.62
N LEU G 468 50.22 34.95 26.39
CA LEU G 468 50.31 34.89 27.88
C LEU G 468 49.07 34.22 28.47
N ARG G 469 47.87 34.39 27.90
CA ARG G 469 46.64 33.79 28.39
C ARG G 469 46.68 32.28 28.24
N SER G 470 47.06 31.79 27.07
CA SER G 470 47.12 30.35 26.85
C SER G 470 48.12 29.69 27.79
N LEU G 471 49.27 30.32 27.99
CA LEU G 471 50.29 29.75 28.87
C LEU G 471 49.78 29.66 30.30
N ARG G 472 49.12 30.70 30.79
CA ARG G 472 48.56 30.65 32.14
C ARG G 472 47.54 29.52 32.25
N ASN G 473 46.68 29.39 31.25
CA ASN G 473 45.67 28.33 31.30
C ASN G 473 46.32 26.95 31.37
N ARG G 474 47.34 26.73 30.55
CA ARG G 474 48.00 25.43 30.54
C ARG G 474 48.73 25.16 31.86
N GLN G 475 49.35 26.19 32.43
CA GLN G 475 50.01 26.00 33.72
C GLN G 475 49.00 25.60 34.78
N SER G 476 47.86 26.27 34.83
CA SER G 476 46.84 25.90 35.81
C SER G 476 46.35 24.48 35.58
N LEU G 477 46.10 24.11 34.33
CA LEU G 477 45.64 22.76 34.03
C LEU G 477 46.62 21.73 34.54
N PHE G 478 47.91 21.91 34.24
CA PHE G 478 48.89 20.94 34.68
C PHE G 478 49.00 20.89 36.19
N GLN G 479 48.94 22.05 36.84
CA GLN G 479 49.08 22.16 38.31
C GLN G 479 47.92 21.46 39.01
N GLU G 480 46.71 21.52 38.47
CA GLU G 480 45.53 21.02 39.18
C GLU G 480 45.53 19.50 39.30
N GLU G 481 46.25 18.80 38.44
CA GLU G 481 46.28 17.34 38.46
C GLU G 481 47.41 16.77 39.30
N GLY G 482 48.25 17.62 39.90
CA GLY G 482 49.27 17.14 40.80
C GLY G 482 50.61 16.84 40.16
N MET G 483 50.99 17.58 39.12
CA MET G 483 52.30 17.37 38.52
C MET G 483 53.40 17.98 39.38
N LEU G 484 53.11 19.10 40.06
CA LEU G 484 54.11 19.70 40.93
C LEU G 484 54.52 18.73 42.03
N SER G 485 53.55 18.04 42.62
CA SER G 485 53.88 17.04 43.63
C SER G 485 54.75 15.93 43.05
N LEU G 486 54.47 15.53 41.81
CA LEU G 486 55.23 14.45 41.20
C LEU G 486 56.69 14.85 41.01
N VAL G 487 56.91 16.05 40.46
CA VAL G 487 58.29 16.50 40.25
C VAL G 487 58.99 16.71 41.59
N LEU G 488 58.26 17.20 42.59
CA LEU G 488 58.86 17.38 43.91
C LEU G 488 59.29 16.04 44.49
N ASN G 489 58.46 15.01 44.35
CA ASN G 489 58.83 13.68 44.82
C ASN G 489 60.04 13.15 44.08
N CYS G 490 60.09 13.35 42.77
CA CYS G 490 61.25 12.90 42.01
C CYS G 490 62.52 13.56 42.52
N ILE G 491 62.48 14.88 42.71
CA ILE G 491 63.66 15.60 43.18
C ILE G 491 64.04 15.11 44.57
N ASP G 492 63.06 14.94 45.46
CA ASP G 492 63.35 14.47 46.81
C ASP G 492 64.07 13.12 46.77
N ARG G 493 63.58 12.19 45.96
CA ARG G 493 64.20 10.87 45.91
C ARG G 493 65.59 10.94 45.31
N LEU G 494 65.79 11.75 44.27
CA LEU G 494 67.13 11.86 43.69
C LEU G 494 68.08 12.64 44.59
N ASN G 495 67.55 13.55 45.40
CA ASN G 495 68.38 14.45 46.18
C ASN G 495 69.07 13.77 47.37
N VAL G 496 68.72 12.52 47.68
CA VAL G 496 69.30 11.86 48.83
C VAL G 496 70.74 11.44 48.59
N TYR G 497 71.23 11.56 47.36
CA TYR G 497 72.61 11.22 47.05
C TYR G 497 73.44 12.48 46.90
N THR G 498 74.66 12.44 47.40
CA THR G 498 75.52 13.62 47.43
C THR G 498 76.30 13.83 46.16
N THR G 499 76.57 12.79 45.39
CA THR G 499 77.36 12.93 44.18
C THR G 499 77.08 11.74 43.27
N ALA G 500 77.65 11.80 42.06
CA ALA G 500 77.39 10.77 41.07
C ALA G 500 77.90 9.41 41.52
N ALA G 501 79.09 9.37 42.15
CA ALA G 501 79.65 8.10 42.59
C ALA G 501 78.79 7.47 43.67
N HIS G 502 78.29 8.27 44.61
CA HIS G 502 77.40 7.75 45.65
C HIS G 502 76.15 7.15 45.03
N PHE G 503 75.68 7.72 43.92
CA PHE G 503 74.52 7.15 43.23
C PHE G 503 74.90 5.86 42.52
N ALA G 504 76.05 5.83 41.85
CA ALA G 504 76.48 4.64 41.15
C ALA G 504 76.69 3.47 42.10
N GLU G 505 77.02 3.76 43.35
CA GLU G 505 77.18 2.69 44.34
C GLU G 505 75.89 1.88 44.50
N TYR G 506 74.74 2.44 44.13
CA TYR G 506 73.46 1.77 44.24
C TYR G 506 72.86 1.42 42.89
N ALA G 507 72.82 2.36 41.96
CA ALA G 507 72.19 2.14 40.67
C ALA G 507 73.14 1.64 39.59
N GLY G 508 74.43 1.55 39.88
CA GLY G 508 75.39 1.09 38.90
C GLY G 508 75.94 2.22 38.06
N GLU G 509 77.19 2.06 37.61
CA GLU G 509 77.84 3.13 36.86
C GLU G 509 77.20 3.37 35.50
N GLU G 510 76.45 2.40 34.98
CA GLU G 510 75.83 2.56 33.67
C GLU G 510 74.81 3.70 33.64
N ALA G 511 74.11 3.95 34.75
CA ALA G 511 73.09 4.98 34.80
C ALA G 511 73.48 6.21 35.60
N ALA G 512 74.71 6.28 36.09
CA ALA G 512 75.11 7.43 36.90
C ALA G 512 75.58 8.61 36.05
N GLU G 513 75.71 8.43 34.74
CA GLU G 513 76.14 9.52 33.89
C GLU G 513 75.02 10.51 33.60
N SER G 514 73.77 10.13 33.83
CA SER G 514 72.64 11.02 33.59
C SER G 514 72.10 11.67 34.85
N TRP G 515 72.73 11.44 36.00
CA TRP G 515 72.19 11.92 37.27
C TRP G 515 72.14 13.44 37.29
N LYS G 516 73.26 14.10 36.99
CA LYS G 516 73.30 15.55 37.05
C LYS G 516 72.39 16.17 35.99
N GLU G 517 72.38 15.59 34.79
CA GLU G 517 71.52 16.11 33.73
C GLU G 517 70.05 16.04 34.13
N ILE G 518 69.62 14.91 34.71
CA ILE G 518 68.24 14.77 35.12
C ILE G 518 67.91 15.78 36.22
N VAL G 519 68.81 15.97 37.17
CA VAL G 519 68.56 16.92 38.25
C VAL G 519 68.37 18.33 37.69
N ASN G 520 69.27 18.73 36.79
CA ASN G 520 69.18 20.07 36.21
C ASN G 520 67.89 20.23 35.43
N LEU G 521 67.51 19.22 34.64
CA LEU G 521 66.29 19.32 33.87
C LEU G 521 65.06 19.42 34.78
N LEU G 522 65.06 18.67 35.88
CA LEU G 522 63.93 18.74 36.80
C LEU G 522 63.80 20.14 37.39
N TYR G 523 64.93 20.73 37.82
CA TYR G 523 64.85 22.08 38.36
C TYR G 523 64.37 23.07 37.31
N GLU G 524 64.85 22.95 36.08
CA GLU G 524 64.41 23.86 35.02
C GLU G 524 62.92 23.73 34.76
N LEU G 525 62.40 22.49 34.73
CA LEU G 525 60.98 22.29 34.51
C LEU G 525 60.15 22.87 35.65
N LEU G 526 60.61 22.69 36.90
CA LEU G 526 59.89 23.29 38.01
C LEU G 526 59.82 24.81 37.88
N ALA G 527 60.95 25.43 37.53
CA ALA G 527 60.95 26.87 37.32
C ALA G 527 59.97 27.27 36.23
N SER G 528 59.95 26.52 35.13
CA SER G 528 59.03 26.84 34.04
C SER G 528 57.58 26.74 34.49
N LEU G 529 57.24 25.72 35.27
CA LEU G 529 55.87 25.58 35.76
C LEU G 529 55.49 26.73 36.68
N ILE G 530 56.41 27.19 37.53
CA ILE G 530 56.06 28.18 38.54
C ILE G 530 56.03 29.60 37.97
N ARG G 531 56.85 29.89 36.96
CA ARG G 531 57.10 31.26 36.56
C ARG G 531 55.82 32.00 36.19
N GLY G 532 55.67 33.20 36.75
CA GLY G 532 54.64 34.13 36.31
C GLY G 532 53.24 33.84 36.77
N ASN G 533 53.04 32.87 37.66
CA ASN G 533 51.71 32.45 38.09
C ASN G 533 51.59 32.68 39.58
N ARG G 534 50.68 33.57 39.98
CA ARG G 534 50.52 33.90 41.39
C ARG G 534 50.05 32.70 42.19
N ALA G 535 49.03 31.99 41.69
CA ALA G 535 48.44 30.90 42.43
C ALA G 535 49.45 29.79 42.68
N ASN G 536 50.22 29.41 41.65
CA ASN G 536 51.21 28.35 41.82
C ASN G 536 52.30 28.78 42.78
N CYS G 537 52.75 30.03 42.69
CA CYS G 537 53.78 30.50 43.59
C CYS G 537 53.31 30.48 45.04
N ALA G 538 52.05 30.83 45.27
CA ALA G 538 51.56 30.90 46.64
C ALA G 538 51.65 29.58 47.39
N LEU G 539 51.74 28.45 46.66
CA LEU G 539 51.79 27.16 47.33
C LEU G 539 53.04 27.02 48.20
N PHE G 540 54.15 27.62 47.79
CA PHE G 540 55.40 27.42 48.50
C PHE G 540 55.46 28.14 49.83
N SER G 541 54.39 28.82 50.24
CA SER G 541 54.42 29.57 51.48
C SER G 541 54.49 28.67 52.71
N THR G 542 54.29 27.35 52.54
CA THR G 542 54.29 26.43 53.67
C THR G 542 55.55 25.58 53.77
N ASN G 543 56.34 25.48 52.70
CA ASN G 543 57.53 24.65 52.69
C ASN G 543 58.71 25.39 52.08
N LEU G 544 58.91 26.63 52.51
CA LEU G 544 60.04 27.42 52.00
C LEU G 544 61.37 26.83 52.43
N ASP G 545 61.42 26.21 53.62
CA ASP G 545 62.64 25.55 54.05
C ASP G 545 63.08 24.51 53.02
N TRP G 546 62.12 23.82 52.40
CA TRP G 546 62.46 22.84 51.38
C TRP G 546 63.29 23.45 50.28
N VAL G 547 63.09 24.73 49.99
CA VAL G 547 63.86 25.39 48.95
C VAL G 547 65.17 25.94 49.50
N VAL G 548 65.11 26.63 50.64
CA VAL G 548 66.30 27.31 51.13
C VAL G 548 67.38 26.30 51.52
N SER G 549 67.00 25.15 52.05
CA SER G 549 68.00 24.19 52.51
C SER G 549 68.85 23.62 51.39
N LYS G 550 68.45 23.77 50.14
CA LYS G 550 69.18 23.21 49.01
C LYS G 550 70.09 24.21 48.31
N LEU G 551 70.18 25.45 48.78
CA LEU G 551 70.91 26.47 48.04
C LEU G 551 72.39 26.17 47.95
N ASP G 552 72.93 25.38 48.88
CA ASP G 552 74.37 25.14 48.95
C ASP G 552 74.80 23.91 48.16
N ARG G 553 73.89 23.22 47.50
CA ARG G 553 74.27 22.05 46.71
C ARG G 553 75.14 22.47 45.53
N LEU G 554 76.20 21.71 45.27
CA LEU G 554 77.14 22.10 44.23
C LEU G 554 76.60 21.85 42.83
N GLU G 555 75.72 20.88 42.65
CA GLU G 555 75.10 20.65 41.35
C GLU G 555 73.73 21.30 41.30
N ALA G 556 73.48 22.02 40.21
CA ALA G 556 72.22 22.71 39.97
C ALA G 556 72.02 23.91 40.89
N SER G 557 73.10 24.59 41.28
CA SER G 557 72.96 25.78 42.11
C SER G 557 72.21 26.88 41.38
N SER G 558 72.53 27.10 40.11
CA SER G 558 71.86 28.13 39.34
C SER G 558 70.37 27.85 39.19
N GLY G 559 70.00 26.58 38.98
CA GLY G 559 68.59 26.25 38.87
C GLY G 559 67.82 26.54 40.15
N ILE G 560 68.40 26.19 41.29
CA ILE G 560 67.72 26.45 42.55
C ILE G 560 67.60 27.96 42.78
N LEU G 561 68.65 28.71 42.45
CA LEU G 561 68.57 30.16 42.59
C LEU G 561 67.48 30.73 41.69
N GLU G 562 67.36 30.21 40.47
CA GLU G 562 66.30 30.67 39.58
C GLU G 562 64.92 30.36 40.15
N VAL G 563 64.75 29.17 40.71
CA VAL G 563 63.46 28.82 41.32
C VAL G 563 63.12 29.79 42.44
N LEU G 564 64.11 30.07 43.29
CA LEU G 564 63.87 30.98 44.41
C LEU G 564 63.51 32.38 43.90
N TYR G 565 64.22 32.85 42.88
CA TYR G 565 63.93 34.18 42.34
C TYR G 565 62.52 34.22 41.76
N CYS G 566 62.12 33.18 41.04
CA CYS G 566 60.78 33.16 40.47
C CYS G 566 59.73 33.18 41.56
N VAL G 567 59.94 32.42 42.64
CA VAL G 567 58.95 32.38 43.72
C VAL G 567 58.86 33.73 44.41
N LEU G 568 60.00 34.33 44.74
CA LEU G 568 59.99 35.54 45.55
C LEU G 568 59.33 36.72 44.83
N ILE G 569 59.58 36.85 43.52
CA ILE G 569 59.16 38.04 42.81
C ILE G 569 57.68 38.07 42.48
N GLU G 570 56.91 37.09 42.92
CA GLU G 570 55.51 36.98 42.54
C GLU G 570 54.53 36.94 43.70
N SER G 571 54.86 36.29 44.80
CA SER G 571 53.90 36.04 45.87
C SER G 571 54.17 36.92 47.09
N PRO G 572 53.33 37.90 47.39
CA PRO G 572 53.50 38.64 48.65
C PRO G 572 53.32 37.78 49.89
N GLU G 573 52.65 36.64 49.78
CA GLU G 573 52.42 35.80 50.94
C GLU G 573 53.73 35.28 51.54
N VAL G 574 54.67 34.89 50.69
CA VAL G 574 55.93 34.36 51.20
C VAL G 574 56.72 35.44 51.92
N LEU G 575 56.65 36.68 51.43
CA LEU G 575 57.45 37.74 52.02
C LEU G 575 57.17 37.92 53.50
N ASN G 576 55.96 37.57 53.95
CA ASN G 576 55.61 37.73 55.36
C ASN G 576 56.00 36.52 56.20
N ILE G 577 56.66 35.53 55.61
CA ILE G 577 57.04 34.33 56.34
C ILE G 577 58.55 34.24 56.57
N ILE G 578 59.34 35.07 55.89
CA ILE G 578 60.79 34.95 55.98
C ILE G 578 61.25 35.16 57.41
N GLN G 579 62.38 34.54 57.75
CA GLN G 579 62.99 34.67 59.07
C GLN G 579 64.49 34.90 58.92
N GLU G 580 65.14 35.18 60.04
CA GLU G 580 66.54 35.58 60.00
C GLU G 580 67.43 34.48 59.45
N ASN G 581 67.13 33.21 59.76
CA ASN G 581 67.99 32.12 59.28
C ASN G 581 67.98 32.03 57.76
N HIS G 582 66.84 32.29 57.12
CA HIS G 582 66.81 32.30 55.66
C HIS G 582 67.69 33.40 55.10
N ILE G 583 67.63 34.60 55.70
CA ILE G 583 68.47 35.70 55.25
C ILE G 583 69.94 35.34 55.39
N LYS G 584 70.30 34.76 56.53
CA LYS G 584 71.69 34.39 56.75
C LYS G 584 72.13 33.31 55.77
N SER G 585 71.25 32.37 55.42
CA SER G 585 71.59 31.38 54.42
C SER G 585 71.86 32.02 53.07
N ILE G 586 71.03 32.98 52.67
CA ILE G 586 71.25 33.63 51.38
C ILE G 586 72.56 34.41 51.39
N ILE G 587 72.81 35.17 52.47
CA ILE G 587 74.07 35.97 52.61
C ILE G 587 75.22 34.98 52.67
N SER G 588 74.97 33.76 53.14
CA SER G 588 75.97 32.66 53.18
C SER G 588 76.35 32.38 51.72
N LEU G 589 75.38 32.47 50.80
CA LEU G 589 75.58 32.19 49.35
C LEU G 589 76.59 33.16 48.70
N LEU G 590 76.72 34.42 49.13
CA LEU G 590 77.61 35.39 48.44
C LEU G 590 79.03 35.26 48.97
N ASP G 591 79.20 34.85 50.22
CA ASP G 591 80.54 34.68 50.84
C ASP G 591 81.05 33.27 50.49
N LYS G 592 80.21 32.40 49.92
CA LYS G 592 80.62 31.01 49.54
C LYS G 592 80.75 30.88 48.02
N HIS G 593 79.90 31.53 47.21
CA HIS G 593 79.92 31.32 45.77
C HIS G 593 80.55 32.46 44.98
N GLY G 594 80.88 33.57 45.63
CA GLY G 594 81.50 34.67 44.94
C GLY G 594 80.54 35.82 44.69
N ARG G 595 81.02 36.79 43.92
CA ARG G 595 80.26 38.00 43.65
C ARG G 595 79.36 37.82 42.42
N ASN G 596 78.08 37.55 42.65
CA ASN G 596 77.10 37.36 41.60
C ASN G 596 75.94 38.31 41.83
N HIS G 597 75.55 39.04 40.78
CA HIS G 597 74.51 40.05 40.93
C HIS G 597 73.12 39.45 41.05
N LYS G 598 72.95 38.18 40.70
CA LYS G 598 71.66 37.53 40.87
C LYS G 598 71.26 37.50 42.34
N VAL G 599 72.21 37.25 43.23
CA VAL G 599 71.91 37.21 44.65
C VAL G 599 71.49 38.60 45.12
N LEU G 600 72.13 39.64 44.62
CA LEU G 600 71.72 41.00 44.97
C LEU G 600 70.31 41.29 44.48
N ASP G 601 69.96 40.82 43.29
CA ASP G 601 68.58 40.98 42.82
C ASP G 601 67.60 40.26 43.74
N VAL G 602 67.93 39.04 44.14
CA VAL G 602 67.06 38.29 45.04
C VAL G 602 66.87 39.07 46.34
N LEU G 603 67.95 39.60 46.90
CA LEU G 603 67.85 40.36 48.13
C LEU G 603 67.01 41.61 47.95
N CYS G 604 67.16 42.29 46.81
CA CYS G 604 66.32 43.45 46.55
C CYS G 604 64.85 43.06 46.50
N SER G 605 64.55 41.86 46.03
CA SER G 605 63.17 41.42 45.92
C SER G 605 62.53 41.16 47.27
N LEU G 606 63.31 41.08 48.35
CA LEU G 606 62.77 40.75 49.65
C LEU G 606 62.27 41.96 50.43
N CYS G 607 62.44 43.17 49.89
CA CYS G 607 62.17 44.37 50.65
C CYS G 607 60.82 45.00 50.31
N VAL G 608 60.52 45.13 49.02
CA VAL G 608 59.29 45.79 48.58
C VAL G 608 58.65 44.95 47.49
N CYS G 609 57.35 44.72 47.62
CA CYS G 609 56.58 43.97 46.64
C CYS G 609 55.27 44.68 46.37
N ASN G 610 55.03 45.02 45.11
CA ASN G 610 53.81 45.71 44.70
C ASN G 610 53.61 47.01 45.47
N GLY G 611 54.69 47.77 45.64
CA GLY G 611 54.59 49.06 46.29
C GLY G 611 54.30 49.03 47.77
N VAL G 612 54.60 47.92 48.45
CA VAL G 612 54.44 47.80 49.89
C VAL G 612 55.74 47.26 50.46
N ALA G 613 56.24 47.91 51.50
CA ALA G 613 57.52 47.56 52.09
C ALA G 613 57.33 46.73 53.35
N VAL G 614 58.29 45.85 53.61
CA VAL G 614 58.30 45.00 54.80
C VAL G 614 59.47 45.44 55.65
N ARG G 615 59.19 46.06 56.80
CA ARG G 615 60.26 46.63 57.61
C ARG G 615 61.19 45.56 58.15
N SER G 616 60.64 44.41 58.54
CA SER G 616 61.46 43.37 59.16
C SER G 616 62.59 42.92 58.23
N ASN G 617 62.27 42.69 56.96
CA ASN G 617 63.28 42.22 56.03
C ASN G 617 64.37 43.27 55.83
N GLN G 618 63.98 44.53 55.68
CA GLN G 618 64.97 45.59 55.52
C GLN G 618 65.90 45.65 56.72
N ASP G 619 65.33 45.59 57.92
CA ASP G 619 66.14 45.67 59.12
C ASP G 619 67.10 44.49 59.21
N LEU G 620 66.61 43.28 58.93
CA LEU G 620 67.46 42.10 59.03
C LEU G 620 68.60 42.15 58.02
N ILE G 621 68.29 42.55 56.78
CA ILE G 621 69.35 42.63 55.77
C ILE G 621 70.39 43.65 56.19
N THR G 622 69.96 44.82 56.63
CA THR G 622 70.90 45.86 57.03
C THR G 622 71.76 45.39 58.19
N GLU G 623 71.16 44.75 59.18
CA GLU G 623 71.93 44.31 60.34
C GLU G 623 72.95 43.24 59.95
N ASN G 624 72.57 42.32 59.08
CA ASN G 624 73.43 41.16 58.82
C ASN G 624 74.39 41.35 57.67
N LEU G 625 74.28 42.42 56.88
CA LEU G 625 75.11 42.52 55.69
C LEU G 625 76.12 43.67 55.76
N LEU G 626 75.69 44.86 56.16
CA LEU G 626 76.51 46.05 56.00
C LEU G 626 77.62 46.21 57.03
N PRO G 627 77.34 46.05 58.34
CA PRO G 627 78.30 46.53 59.35
C PRO G 627 79.68 45.89 59.24
N GLY G 628 79.80 44.64 58.80
CA GLY G 628 81.10 44.01 58.72
C GLY G 628 82.03 44.66 57.71
N ARG G 629 81.54 44.93 56.49
CA ARG G 629 82.32 45.56 55.43
C ARG G 629 83.42 44.65 54.88
N GLU G 630 83.10 43.39 54.56
CA GLU G 630 84.05 42.51 53.89
C GLU G 630 83.58 42.02 52.54
N LEU G 631 82.30 42.17 52.20
CA LEU G 631 81.75 41.61 50.98
C LEU G 631 81.57 42.64 49.87
N LEU G 632 80.87 43.74 50.15
CA LEU G 632 80.64 44.75 49.14
C LEU G 632 81.86 45.66 49.01
N LEU G 633 81.99 46.28 47.85
CA LEU G 633 83.11 47.18 47.60
C LEU G 633 82.89 48.51 48.31
N GLN G 634 83.98 49.09 48.83
CA GLN G 634 83.93 50.32 49.59
C GLN G 634 84.43 51.49 48.74
N THR G 635 84.16 52.71 49.22
CA THR G 635 84.53 53.91 48.51
C THR G 635 84.93 55.00 49.49
N ASN G 636 85.65 56.00 48.99
CA ASN G 636 86.06 57.12 49.83
C ASN G 636 86.72 58.16 48.94
N LEU G 637 87.20 59.23 49.53
CA LEU G 637 88.02 60.25 48.88
C LEU G 637 89.38 60.29 49.53
N ILE G 638 90.44 60.36 48.73
CA ILE G 638 91.81 60.36 49.22
C ILE G 638 92.63 61.40 48.49
N ASN G 639 93.76 61.79 49.09
CA ASN G 639 94.64 62.77 48.50
C ASN G 639 95.69 62.10 47.63
N TYR G 640 96.24 62.86 46.70
CA TYR G 640 97.39 62.40 45.94
C TYR G 640 98.68 62.60 46.74
N VAL G 641 99.69 61.82 46.39
CA VAL G 641 100.99 61.87 47.09
C VAL G 641 102.09 61.70 46.06
N THR G 642 103.24 62.33 46.31
CA THR G 642 104.37 62.29 45.41
C THR G 642 105.66 62.24 46.21
N SER G 643 106.77 62.01 45.51
CA SER G 643 108.08 61.85 46.14
C SER G 643 109.14 62.61 45.35
N ILE G 644 110.20 63.02 46.05
CA ILE G 644 111.31 63.77 45.47
C ILE G 644 112.61 63.27 46.07
N ARG G 645 113.65 63.25 45.25
CA ARG G 645 114.95 62.78 45.67
C ARG G 645 116.05 63.59 45.00
N PRO G 646 117.23 63.69 45.64
CA PRO G 646 118.41 64.15 44.92
C PRO G 646 119.17 62.99 44.29
N ASN G 647 119.91 63.29 43.23
CA ASN G 647 120.59 62.25 42.45
C ASN G 647 121.93 61.88 43.08
N ILE G 648 121.87 61.14 44.17
CA ILE G 648 123.04 60.55 44.81
C ILE G 648 122.69 59.12 45.19
N PHE G 649 123.63 58.20 44.97
CA PHE G 649 123.40 56.78 45.21
C PHE G 649 124.60 56.18 45.93
N VAL G 650 124.33 55.32 46.90
CA VAL G 650 125.36 54.70 47.71
C VAL G 650 124.99 53.24 47.95
N GLY G 651 125.98 52.33 48.06
CA GLY G 651 125.69 50.90 48.18
C GLY G 651 126.78 50.13 48.91
N ARG G 652 126.66 48.81 49.00
CA ARG G 652 127.64 47.95 49.72
C ARG G 652 127.93 46.72 48.85
N ALA G 653 129.21 46.36 48.66
CA ALA G 653 129.62 45.23 47.79
C ALA G 653 131.10 44.90 48.02
N GLU G 654 131.56 43.72 47.59
CA GLU G 654 132.96 43.31 47.70
C GLU G 654 133.77 43.97 46.60
N GLY G 655 134.86 44.64 46.97
CA GLY G 655 135.68 45.34 46.02
C GLY G 655 135.14 46.67 45.57
N SER G 656 134.09 47.17 46.20
CA SER G 656 133.54 48.46 45.82
C SER G 656 134.45 49.59 46.29
N THR G 657 134.33 50.73 45.61
CA THR G 657 135.13 51.90 45.93
C THR G 657 134.35 52.96 46.71
N GLN G 658 133.22 52.60 47.31
CA GLN G 658 132.36 53.57 47.98
C GLN G 658 132.55 53.52 49.49
N TYR G 659 132.35 54.67 50.12
CA TYR G 659 132.39 54.76 51.58
C TYR G 659 131.14 54.11 52.17
N GLY G 660 131.16 53.92 53.49
CA GLY G 660 130.13 53.14 54.14
C GLY G 660 129.21 53.85 55.11
N LYS G 661 129.41 55.15 55.33
CA LYS G 661 128.57 55.89 56.27
C LYS G 661 128.22 57.25 55.68
N TRP G 662 126.98 57.69 55.90
CA TRP G 662 126.47 58.89 55.26
C TRP G 662 125.47 59.58 56.18
N TYR G 663 125.19 60.85 55.89
CA TYR G 663 124.42 61.71 56.76
C TYR G 663 123.79 62.85 55.96
N PHE G 664 122.59 63.27 56.37
CA PHE G 664 121.93 64.42 55.77
C PHE G 664 120.79 64.85 56.68
N GLU G 665 120.31 66.07 56.43
CA GLU G 665 119.26 66.67 57.26
C GLU G 665 118.14 67.23 56.41
N VAL G 666 116.97 67.47 56.99
CA VAL G 666 115.82 68.10 56.34
C VAL G 666 115.24 69.14 57.29
N MET G 667 114.83 70.28 56.72
CA MET G 667 114.25 71.38 57.49
C MET G 667 112.90 71.70 56.89
N VAL G 668 111.88 71.80 57.75
CA VAL G 668 110.50 72.04 57.32
C VAL G 668 110.14 73.48 57.62
N ASP G 669 109.54 74.15 56.64
CA ASP G 669 109.17 75.56 56.76
C ASP G 669 107.68 75.76 57.05
N GLU G 670 106.80 75.14 56.26
CA GLU G 670 105.37 75.36 56.40
C GLU G 670 104.64 74.06 56.17
N VAL G 671 103.60 73.83 56.98
CA VAL G 671 102.68 72.72 56.78
C VAL G 671 101.29 73.18 57.20
N VAL G 672 100.28 72.80 56.41
CA VAL G 672 98.89 73.07 56.73
C VAL G 672 98.27 71.77 57.24
N PRO G 673 97.96 71.64 58.52
CA PRO G 673 97.56 70.32 59.04
C PRO G 673 96.35 69.73 58.35
N PHE G 674 95.36 70.54 57.97
CA PHE G 674 94.14 70.05 57.32
C PHE G 674 93.79 71.01 56.18
N LEU G 675 94.35 70.73 55.00
CA LEU G 675 93.97 71.50 53.82
C LEU G 675 92.68 70.97 53.20
N THR G 676 92.33 69.71 53.48
CA THR G 676 91.09 69.11 53.03
C THR G 676 90.53 68.24 54.14
N ALA G 677 89.55 67.39 53.83
CA ALA G 677 88.95 66.55 54.85
C ALA G 677 89.92 65.52 55.42
N GLN G 678 91.06 65.30 54.76
CA GLN G 678 92.03 64.30 55.19
C GLN G 678 93.33 64.97 55.61
N ALA G 679 93.97 64.40 56.63
CA ALA G 679 95.17 65.02 57.20
C ALA G 679 96.30 65.05 56.18
N THR G 680 97.19 66.04 56.31
CA THR G 680 98.30 66.18 55.40
C THR G 680 99.35 65.10 55.65
N HIS G 681 100.17 64.84 54.64
CA HIS G 681 101.12 63.73 54.64
C HIS G 681 102.53 64.27 54.49
N LEU G 682 103.46 63.73 55.27
CA LEU G 682 104.86 64.15 55.20
C LEU G 682 105.73 63.12 55.90
N ARG G 683 106.78 62.65 55.20
CA ARG G 683 107.69 61.65 55.75
C ARG G 683 109.07 61.82 55.12
N VAL G 684 110.08 61.30 55.80
CA VAL G 684 111.46 61.34 55.33
C VAL G 684 112.13 60.01 55.64
N GLY G 685 113.13 59.66 54.83
CA GLY G 685 113.84 58.41 55.05
C GLY G 685 114.71 58.03 53.87
N TRP G 686 115.04 56.74 53.80
CA TRP G 686 115.86 56.18 52.74
C TRP G 686 115.04 55.20 51.92
N ALA G 687 115.52 54.89 50.72
CA ALA G 687 114.83 53.97 49.82
C ALA G 687 115.85 53.27 48.93
N LEU G 688 115.48 52.09 48.40
CA LEU G 688 116.39 51.27 47.56
C LEU G 688 116.19 51.63 46.09
N THR G 689 117.22 51.44 45.26
CA THR G 689 117.18 51.74 43.81
C THR G 689 116.12 50.86 43.14
N GLU G 690 115.99 49.59 43.58
CA GLU G 690 115.03 48.62 43.00
C GLU G 690 113.81 48.49 43.91
N GLY G 691 112.61 48.37 43.35
CA GLY G 691 111.38 48.13 44.13
C GLY G 691 110.64 49.41 44.48
N TYR G 692 111.35 50.45 44.94
CA TYR G 692 110.71 51.77 45.24
C TYR G 692 110.29 52.41 43.92
N SER G 693 109.01 52.26 43.54
CA SER G 693 108.45 52.82 42.28
C SER G 693 106.98 53.23 42.53
N PRO G 694 106.72 54.32 43.29
CA PRO G 694 105.36 54.70 43.64
C PRO G 694 104.66 55.32 42.42
N TYR G 695 103.47 54.86 42.08
CA TYR G 695 102.72 55.34 40.89
C TYR G 695 101.55 56.19 41.35
N PRO G 696 101.23 57.33 40.70
CA PRO G 696 100.15 58.20 41.19
C PRO G 696 98.78 57.51 41.17
N GLY G 697 98.02 57.56 42.25
CA GLY G 697 96.67 57.00 42.31
C GLY G 697 96.52 55.92 43.36
N GLY G 698 96.07 54.74 42.98
CA GLY G 698 95.80 53.63 43.91
C GLY G 698 97.01 52.77 44.19
N GLY G 699 96.89 51.82 45.10
CA GLY G 699 97.96 50.91 45.48
C GLY G 699 97.58 50.03 46.65
N GLU G 700 98.38 50.03 47.71
CA GLU G 700 98.16 49.16 48.89
C GLU G 700 97.18 49.85 49.84
N GLY G 701 96.36 49.09 50.54
CA GLY G 701 95.32 49.63 51.45
C GLY G 701 94.53 50.70 50.75
N TRP G 702 94.35 51.85 51.39
CA TRP G 702 93.71 53.01 50.74
C TRP G 702 94.91 53.74 50.19
N GLY G 703 94.85 54.28 48.97
CA GLY G 703 96.01 54.90 48.27
C GLY G 703 96.58 56.13 48.94
N GLY G 704 97.46 56.86 48.25
CA GLY G 704 98.17 58.02 48.83
C GLY G 704 99.45 57.53 49.48
N ASN G 705 100.10 56.48 48.97
CA ASN G 705 101.29 55.87 49.62
C ASN G 705 102.48 56.83 49.54
N GLY G 706 103.29 56.94 50.60
CA GLY G 706 104.47 57.83 50.66
C GLY G 706 105.77 57.07 50.91
N VAL G 707 106.47 57.36 52.01
CA VAL G 707 107.78 56.73 52.35
C VAL G 707 107.58 55.70 53.47
N GLY G 708 107.67 54.39 53.19
CA GLY G 708 107.54 53.32 54.21
C GLY G 708 106.24 52.56 54.09
N ASP G 709 105.74 52.33 52.87
CA ASP G 709 104.46 51.60 52.60
C ASP G 709 104.78 50.28 51.90
N ASP G 710 106.06 49.85 51.91
CA ASP G 710 106.50 48.58 51.28
C ASP G 710 107.86 48.16 51.85
N LEU G 711 108.35 46.97 51.51
CA LEU G 711 109.64 46.43 52.04
C LEU G 711 110.83 46.88 51.19
N TYR G 712 110.90 48.17 50.81
CA TYR G 712 112.06 48.73 50.06
C TYR G 712 112.43 50.11 50.59
N SER G 713 111.62 50.70 51.49
CA SER G 713 111.84 52.05 52.01
C SER G 713 111.59 52.04 53.51
N TYR G 714 112.15 53.04 54.18
CA TYR G 714 112.09 53.14 55.63
C TYR G 714 111.95 54.61 56.00
N GLY G 715 110.85 54.94 56.67
CA GLY G 715 110.49 56.34 56.87
C GLY G 715 110.20 56.66 58.32
N PHE G 716 110.00 57.95 58.57
CA PHE G 716 109.73 58.48 59.90
C PHE G 716 108.95 59.78 59.75
N ASP G 717 107.98 59.98 60.65
CA ASP G 717 107.10 61.13 60.53
C ASP G 717 106.84 61.84 61.86
N GLY G 718 107.70 61.68 62.86
CA GLY G 718 107.57 62.36 64.12
C GLY G 718 106.93 61.55 65.22
N LEU G 719 106.17 60.51 64.89
CA LEU G 719 105.54 59.66 65.89
C LEU G 719 105.68 58.17 65.63
N HIS G 720 105.93 57.74 64.40
CA HIS G 720 105.96 56.33 64.07
C HIS G 720 107.13 56.05 63.14
N LEU G 721 107.50 54.78 63.07
CA LEU G 721 108.43 54.27 62.07
C LEU G 721 107.65 53.42 61.07
N TRP G 722 107.73 53.79 59.80
CA TRP G 722 106.91 53.17 58.76
C TRP G 722 107.76 52.20 57.97
N THR G 723 107.22 51.00 57.75
CA THR G 723 107.85 50.03 56.86
C THR G 723 106.86 48.91 56.62
N GLY G 724 106.76 48.49 55.35
CA GLY G 724 105.80 47.46 54.99
C GLY G 724 104.37 47.88 55.24
N HIS G 725 104.05 49.15 55.07
CA HIS G 725 102.70 49.67 55.23
C HIS G 725 102.16 49.46 56.64
N VAL G 726 103.04 49.44 57.64
CA VAL G 726 102.65 49.28 59.03
C VAL G 726 103.32 50.38 59.84
N ALA G 727 102.54 51.02 60.71
CA ALA G 727 103.05 52.07 61.57
C ALA G 727 103.29 51.53 62.97
N ARG G 728 104.45 51.84 63.53
CA ARG G 728 104.83 51.37 64.85
C ARG G 728 105.21 52.57 65.72
N PRO G 729 104.60 52.77 66.89
CA PRO G 729 104.93 53.95 67.69
C PRO G 729 106.37 53.93 68.16
N VAL G 730 106.95 55.13 68.27
CA VAL G 730 108.30 55.31 68.77
C VAL G 730 108.28 56.42 69.81
N THR G 731 109.26 56.40 70.70
CA THR G 731 109.32 57.34 71.82
C THR G 731 110.45 58.34 71.62
N SER G 732 110.17 59.59 71.95
CA SER G 732 111.15 60.66 71.84
C SER G 732 110.68 61.83 72.69
N PRO G 733 111.59 62.67 73.18
CA PRO G 733 111.14 63.84 73.94
C PRO G 733 110.26 64.76 73.11
N GLY G 734 109.20 65.30 73.73
CA GLY G 734 108.27 66.19 73.02
C GLY G 734 107.70 65.51 71.79
N GLN G 735 107.46 64.20 71.84
CA GLN G 735 106.95 63.41 70.69
C GLN G 735 105.72 64.13 70.10
N HIS G 736 105.72 64.40 68.80
CA HIS G 736 104.64 65.14 68.08
C HIS G 736 104.91 65.04 66.57
N LEU G 737 103.91 65.38 65.75
CA LEU G 737 104.05 65.32 64.27
C LEU G 737 104.92 66.48 63.77
N LEU G 738 105.57 66.34 62.62
CA LEU G 738 106.48 67.34 62.08
C LEU G 738 105.75 68.66 61.92
N ALA G 739 106.36 69.73 62.43
CA ALA G 739 105.79 71.05 62.48
C ALA G 739 106.82 72.06 62.01
N PRO G 740 106.40 73.26 61.62
CA PRO G 740 107.35 74.25 61.14
C PRO G 740 108.45 74.51 62.17
N GLU G 741 109.66 74.73 61.66
CA GLU G 741 110.90 74.96 62.40
C GLU G 741 111.53 73.67 62.88
N ASP G 742 110.95 72.51 62.62
CA ASP G 742 111.58 71.25 63.00
C ASP G 742 112.70 70.91 62.02
N VAL G 743 113.71 70.19 62.53
CA VAL G 743 114.83 69.73 61.72
C VAL G 743 115.03 68.25 62.01
N VAL G 744 115.22 67.47 60.95
CA VAL G 744 115.38 66.02 61.05
C VAL G 744 116.72 65.64 60.46
N SER G 745 117.32 64.57 60.98
CA SER G 745 118.60 64.08 60.50
C SER G 745 118.58 62.56 60.46
N CYS G 746 119.06 62.00 59.35
CA CYS G 746 119.06 60.56 59.14
C CYS G 746 120.49 60.07 58.93
N CYS G 747 120.82 58.93 59.51
CA CYS G 747 122.15 58.35 59.43
C CYS G 747 122.05 56.94 58.87
N LEU G 748 122.95 56.60 57.93
CA LEU G 748 122.98 55.29 57.31
C LEU G 748 124.34 54.66 57.55
N ASP G 749 124.34 53.42 58.05
CA ASP G 749 125.55 52.65 58.29
C ASP G 749 125.45 51.32 57.58
N LEU G 750 126.32 51.11 56.59
CA LEU G 750 126.27 49.90 55.77
C LEU G 750 127.18 48.79 56.28
N SER G 751 128.12 49.08 57.16
CA SER G 751 128.94 48.01 57.73
C SER G 751 128.05 47.00 58.46
N VAL G 752 127.20 47.48 59.34
CA VAL G 752 126.10 46.71 59.93
C VAL G 752 124.81 47.41 59.54
N PRO G 753 124.01 46.84 58.63
CA PRO G 753 122.83 47.59 58.14
C PRO G 753 122.03 48.19 59.28
N SER G 754 122.00 49.51 59.35
CA SER G 754 121.34 50.21 60.45
C SER G 754 120.98 51.62 60.01
N ILE G 755 119.81 52.08 60.42
CA ILE G 755 119.34 53.43 60.14
C ILE G 755 118.77 54.01 61.41
N SER G 756 119.15 55.25 61.73
CA SER G 756 118.71 55.92 62.95
C SER G 756 118.40 57.37 62.63
N PHE G 757 117.55 57.97 63.47
CA PHE G 757 117.08 59.33 63.27
C PHE G 757 117.32 60.16 64.52
N ARG G 758 117.38 61.48 64.32
CA ARG G 758 117.38 62.44 65.42
C ARG G 758 116.52 63.63 65.02
N ILE G 759 115.83 64.21 65.99
CA ILE G 759 114.98 65.37 65.76
C ILE G 759 115.38 66.45 66.74
N ASN G 760 115.76 67.62 66.21
CA ASN G 760 116.22 68.74 67.03
C ASN G 760 117.36 68.33 67.94
N GLY G 761 118.18 67.38 67.49
CA GLY G 761 119.29 66.88 68.27
C GLY G 761 118.93 65.81 69.27
N CYS G 762 117.65 65.55 69.50
CA CYS G 762 117.26 64.54 70.47
C CYS G 762 117.29 63.16 69.81
N PRO G 763 117.99 62.18 70.38
CA PRO G 763 117.97 60.84 69.78
C PRO G 763 116.57 60.25 69.77
N VAL G 764 116.25 59.42 68.76
CA VAL G 764 114.92 58.73 68.66
C VAL G 764 115.10 57.31 69.19
N GLN G 765 114.08 56.73 69.85
CA GLN G 765 114.18 55.38 70.48
C GLN G 765 113.73 54.29 69.50
N GLY G 766 114.44 54.11 68.38
CA GLY G 766 114.13 53.06 67.40
C GLY G 766 115.19 52.96 66.32
N VAL G 767 115.57 51.76 65.87
CA VAL G 767 116.56 51.56 64.78
C VAL G 767 116.03 50.51 63.80
N PHE G 768 116.37 50.64 62.50
CA PHE G 768 116.00 49.67 61.43
C PHE G 768 117.25 48.86 61.09
N GLU G 769 117.36 47.57 61.45
CA GLU G 769 118.60 46.79 61.24
C GLU G 769 118.39 45.50 60.44
N ALA G 770 119.46 44.89 59.95
CA ALA G 770 119.39 43.60 59.21
C ALA G 770 118.41 43.72 58.03
N PHE G 771 118.79 44.45 56.98
CA PHE G 771 117.94 44.63 55.76
C PHE G 771 118.74 44.17 54.54
N ASN G 772 118.07 43.95 53.41
CA ASN G 772 118.70 43.43 52.17
C ASN G 772 119.54 44.54 51.56
N LEU G 773 120.59 44.18 50.81
CA LEU G 773 121.55 45.11 50.23
C LEU G 773 121.77 44.83 48.75
N ASP G 774 120.68 44.67 47.99
CA ASP G 774 120.79 44.29 46.58
C ASP G 774 120.87 45.49 45.64
N GLY G 775 120.87 46.71 46.15
CA GLY G 775 120.89 47.86 45.27
C GLY G 775 121.56 49.05 45.92
N LEU G 776 121.21 50.23 45.42
CA LEU G 776 121.76 51.48 45.93
C LEU G 776 120.70 52.27 46.66
N PHE G 777 121.11 52.95 47.73
CA PHE G 777 120.21 53.75 48.54
C PHE G 777 120.30 55.21 48.14
N PHE G 778 119.22 55.95 48.39
CA PHE G 778 119.20 57.38 48.14
C PHE G 778 118.21 58.05 49.10
N PRO G 779 118.47 59.30 49.47
CA PRO G 779 117.49 60.01 50.32
C PRO G 779 116.22 60.30 49.56
N VAL G 780 115.12 60.44 50.30
CA VAL G 780 113.81 60.65 49.69
C VAL G 780 112.89 61.33 50.70
N VAL G 781 111.92 62.07 50.17
CA VAL G 781 110.87 62.71 50.96
C VAL G 781 109.57 62.57 50.21
N SER G 782 108.48 62.28 50.92
CA SER G 782 107.16 62.15 50.33
C SER G 782 106.20 63.08 51.04
N PHE G 783 105.18 63.54 50.32
CA PHE G 783 104.31 64.59 50.84
C PHE G 783 103.06 64.66 49.99
N SER G 784 102.08 65.40 50.50
CA SER G 784 100.90 65.81 49.75
C SER G 784 100.88 67.33 49.66
N ALA G 785 99.82 67.86 49.06
CA ALA G 785 99.74 69.30 48.85
C ALA G 785 99.71 70.06 50.17
N GLY G 786 100.44 71.17 50.21
CA GLY G 786 100.41 72.05 51.36
C GLY G 786 101.62 71.92 52.28
N VAL G 787 102.83 71.83 51.71
CA VAL G 787 104.04 71.72 52.49
C VAL G 787 105.15 72.55 51.83
N LYS G 788 106.21 72.78 52.59
CA LYS G 788 107.39 73.51 52.10
C LYS G 788 108.59 73.03 52.90
N VAL G 789 109.56 72.42 52.23
CA VAL G 789 110.68 71.77 52.89
C VAL G 789 111.96 72.16 52.17
N ARG G 790 113.09 72.04 52.87
CA ARG G 790 114.41 72.31 52.32
C ARG G 790 115.34 71.14 52.61
N PHE G 791 116.16 70.80 51.62
CA PHE G 791 117.19 69.78 51.77
C PHE G 791 118.50 70.43 52.19
N LEU G 792 119.19 69.83 53.15
CA LEU G 792 120.50 70.28 53.59
C LEU G 792 121.50 69.15 53.37
N LEU G 793 122.59 69.45 52.65
CA LEU G 793 123.56 68.44 52.28
C LEU G 793 125.00 68.82 52.61
N GLY G 794 125.23 70.00 53.18
CA GLY G 794 126.57 70.41 53.52
C GLY G 794 127.32 71.02 52.34
N GLY G 795 128.53 71.48 52.62
CA GLY G 795 129.35 72.07 51.58
C GLY G 795 128.71 73.33 51.03
N ARG G 796 128.90 73.56 49.73
CA ARG G 796 128.31 74.72 49.08
C ARG G 796 126.79 74.73 49.18
N HIS G 797 126.16 73.59 49.42
CA HIS G 797 124.73 73.49 49.61
C HIS G 797 124.40 73.72 51.08
N GLY G 798 123.17 73.38 51.47
CA GLY G 798 122.70 73.65 52.81
C GLY G 798 123.71 73.33 53.89
N GLU G 799 123.79 74.18 54.91
CA GLU G 799 124.71 73.98 56.01
C GLU G 799 124.00 73.30 57.18
N PHE G 800 124.61 72.25 57.71
CA PHE G 800 123.99 71.50 58.80
C PHE G 800 123.82 72.38 60.02
N LYS G 801 122.70 72.20 60.71
CA LYS G 801 122.48 72.85 61.99
C LYS G 801 123.05 72.05 63.16
N PHE G 802 123.50 70.82 62.93
CA PHE G 802 124.11 69.99 63.94
C PHE G 802 125.26 69.21 63.30
N LEU G 803 126.39 69.19 63.98
CA LEU G 803 127.55 68.50 63.43
C LEU G 803 127.27 67.00 63.32
N PRO G 804 127.69 66.35 62.24
CA PRO G 804 127.43 64.91 62.13
C PRO G 804 128.18 64.15 63.19
N PRO G 805 127.73 62.93 63.50
CA PRO G 805 128.50 62.08 64.42
C PRO G 805 129.81 61.65 63.79
N PRO G 806 130.76 61.18 64.60
CA PRO G 806 132.07 60.82 64.03
C PRO G 806 131.94 59.73 62.97
N GLY G 807 132.74 59.87 61.90
CA GLY G 807 132.81 58.87 60.87
C GLY G 807 131.76 58.97 59.78
N TYR G 808 130.79 59.87 59.92
CA TYR G 808 129.73 60.02 58.93
C TYR G 808 130.07 61.16 57.99
N ALA G 809 129.91 60.91 56.69
CA ALA G 809 130.28 61.90 55.69
C ALA G 809 129.06 62.68 55.21
N PRO G 810 129.23 63.94 54.80
CA PRO G 810 128.11 64.65 54.19
C PRO G 810 127.71 64.00 52.88
N CYS G 811 126.43 64.16 52.52
CA CYS G 811 125.90 63.47 51.35
C CYS G 811 126.43 64.06 50.05
N HIS G 812 126.79 65.35 50.05
CA HIS G 812 127.20 65.99 48.80
C HIS G 812 128.49 65.41 48.25
N GLU G 813 129.21 64.63 49.05
CA GLU G 813 130.49 64.06 48.59
C GLU G 813 130.30 62.89 47.64
N ALA G 814 129.07 62.42 47.44
CA ALA G 814 128.83 61.23 46.63
C ALA G 814 128.51 61.54 45.18
N VAL G 815 128.58 62.81 44.77
CA VAL G 815 128.25 63.15 43.39
C VAL G 815 129.32 62.60 42.47
N LEU G 816 128.89 61.98 41.37
CA LEU G 816 129.83 61.39 40.43
C LEU G 816 130.50 62.49 39.60
N PRO G 817 131.66 62.18 39.01
CA PRO G 817 132.38 63.23 38.26
C PRO G 817 131.60 63.79 37.09
N ARG G 818 130.79 62.97 36.42
CA ARG G 818 130.13 63.39 35.19
C ARG G 818 128.75 63.98 35.43
N GLU G 819 128.29 64.05 36.68
CA GLU G 819 126.92 64.45 36.98
C GLU G 819 126.89 65.81 37.67
N ARG G 820 125.70 66.41 37.66
CA ARG G 820 125.43 67.67 38.33
C ARG G 820 124.28 67.48 39.30
N LEU G 821 124.42 68.05 40.49
CA LEU G 821 123.41 67.86 41.53
C LEU G 821 122.10 68.51 41.12
N ARG G 822 120.98 67.86 41.46
CA ARG G 822 119.67 68.39 41.16
C ARG G 822 118.62 67.56 41.88
N LEU G 823 117.37 68.03 41.82
CA LEU G 823 116.23 67.34 42.39
C LEU G 823 115.30 66.86 41.29
N GLU G 824 114.85 65.62 41.39
CA GLU G 824 114.12 64.98 40.32
C GLU G 824 113.02 64.10 40.91
N PRO G 825 111.98 63.79 40.14
CA PRO G 825 111.04 62.75 40.55
C PRO G 825 111.63 61.36 40.38
N ILE G 826 110.81 60.35 40.63
CA ILE G 826 111.25 58.96 40.63
C ILE G 826 110.43 58.19 39.61
N LYS G 827 111.11 57.69 38.58
CA LYS G 827 110.51 56.79 37.59
C LYS G 827 109.17 57.30 37.09
N GLU G 828 109.15 58.55 36.65
CA GLU G 828 107.94 59.11 36.08
C GLU G 828 107.75 58.65 34.64
N TYR G 829 106.52 58.77 34.16
CA TYR G 829 106.19 58.45 32.78
C TYR G 829 105.52 59.63 32.06
N ARG G 830 105.80 60.85 32.48
CA ARG G 830 105.14 62.02 31.93
C ARG G 830 105.82 63.27 32.47
N ARG G 831 105.83 64.33 31.66
CA ARG G 831 106.33 65.62 32.10
C ARG G 831 105.77 66.70 31.20
N GLU G 832 105.81 67.94 31.69
CA GLU G 832 105.32 69.07 30.92
C GLU G 832 106.29 69.38 29.77
N GLY G 833 105.76 70.03 28.74
CA GLY G 833 106.54 70.37 27.58
C GLY G 833 106.21 71.76 27.04
N PRO G 834 107.01 72.24 26.09
CA PRO G 834 106.75 73.58 25.55
C PRO G 834 105.36 73.75 24.97
N ARG G 835 104.85 72.73 24.28
CA ARG G 835 103.53 72.80 23.67
C ARG G 835 102.54 71.80 24.28
N GLY G 836 103.02 70.79 24.99
CA GLY G 836 102.15 69.82 25.61
C GLY G 836 102.94 68.78 26.37
N PRO G 837 102.24 67.91 27.09
CA PRO G 837 102.93 66.88 27.87
C PRO G 837 103.72 65.93 26.98
N HIS G 838 104.86 65.49 27.48
CA HIS G 838 105.69 64.50 26.80
C HIS G 838 105.51 63.14 27.46
N LEU G 839 105.55 62.09 26.65
CA LEU G 839 105.54 60.74 27.16
C LEU G 839 106.96 60.23 27.32
N VAL G 840 107.23 59.53 28.41
CA VAL G 840 108.58 59.13 28.79
C VAL G 840 108.63 57.64 28.96
N GLY G 841 109.64 57.00 28.37
CA GLY G 841 109.83 55.58 28.53
C GLY G 841 110.65 55.26 29.75
N PRO G 842 110.89 53.97 29.97
CA PRO G 842 111.70 53.56 31.13
C PRO G 842 113.04 54.25 31.17
N SER G 843 113.73 54.19 32.30
CA SER G 843 115.01 54.87 32.48
C SER G 843 116.07 53.87 32.91
N ARG G 844 117.27 54.01 32.33
CA ARG G 844 118.39 53.18 32.73
C ARG G 844 118.91 53.61 34.09
N CYS G 845 119.29 52.63 34.91
CA CYS G 845 119.75 52.90 36.26
C CYS G 845 121.06 52.15 36.51
N LEU G 846 121.87 52.69 37.41
CA LEU G 846 123.12 52.06 37.78
C LEU G 846 122.87 50.90 38.74
N SER G 847 123.86 50.02 38.81
CA SER G 847 123.82 48.86 39.69
C SER G 847 124.98 48.91 40.67
N HIS G 848 124.78 48.33 41.85
CA HIS G 848 125.81 48.38 42.88
C HIS G 848 127.06 47.61 42.47
N THR G 849 126.98 46.79 41.43
CA THR G 849 128.15 46.08 40.94
C THR G 849 128.94 46.88 39.90
N ASP G 850 128.50 48.10 39.58
CA ASP G 850 129.21 48.93 38.62
C ASP G 850 130.32 49.75 39.25
N PHE G 851 130.52 49.65 40.57
CA PHE G 851 131.54 50.42 41.26
C PHE G 851 132.74 49.57 41.67
N VAL G 852 132.83 48.33 41.19
CA VAL G 852 133.93 47.43 41.51
C VAL G 852 134.71 47.16 40.22
N PRO G 853 135.96 47.63 40.07
CA PRO G 853 136.72 47.49 38.81
C PRO G 853 136.93 46.02 38.38
N CYS G 854 137.22 45.77 37.10
CA CYS G 854 137.41 44.40 36.54
C CYS G 854 138.57 44.40 35.53
N PRO G 855 139.84 44.42 35.99
CA PRO G 855 141.00 44.38 35.10
C PRO G 855 141.25 42.99 34.54
N VAL G 856 141.90 42.92 33.37
CA VAL G 856 142.29 41.62 32.76
C VAL G 856 143.47 41.08 33.59
N ASP G 857 144.15 41.94 34.33
CA ASP G 857 145.34 41.54 35.15
C ASP G 857 145.16 40.14 35.73
N THR G 858 145.89 39.14 35.23
CA THR G 858 145.85 37.74 35.75
C THR G 858 147.27 37.43 36.24
N VAL G 859 147.45 36.30 36.94
CA VAL G 859 148.77 35.90 37.48
C VAL G 859 149.73 35.59 36.32
N GLN G 860 149.21 35.25 35.14
CA GLN G 860 150.03 34.91 33.94
C GLN G 860 151.10 35.98 33.72
N ILE G 861 152.34 35.54 33.47
CA ILE G 861 153.43 36.51 33.15
C ILE G 861 153.94 36.18 31.75
N VAL G 862 154.34 37.18 30.96
CA VAL G 862 154.85 36.99 29.57
C VAL G 862 156.37 36.95 29.61
N LEU G 863 157.03 38.06 29.98
CA LEU G 863 158.51 38.16 30.02
C LEU G 863 159.11 37.71 28.68
N PRO G 864 158.61 38.22 27.52
CA PRO G 864 159.13 37.82 26.21
C PRO G 864 160.59 38.28 26.02
N PRO G 865 161.59 37.38 25.86
CA PRO G 865 162.98 37.83 25.76
C PRO G 865 163.15 38.72 24.54
N HIS G 866 162.32 38.51 23.52
CA HIS G 866 162.41 39.27 22.24
C HIS G 866 161.84 40.69 22.39
N LEU G 867 161.20 41.03 23.51
CA LEU G 867 160.68 42.40 23.73
C LEU G 867 161.46 43.17 24.80
N GLU G 868 162.52 42.59 25.33
CA GLU G 868 163.30 43.26 26.37
C GLU G 868 164.03 44.51 25.88
N ARG G 869 164.59 44.48 24.66
CA ARG G 869 165.28 45.67 24.12
C ARG G 869 164.29 46.80 23.94
N ILE G 870 163.12 46.48 23.37
CA ILE G 870 162.20 47.54 23.08
C ILE G 870 161.63 48.07 24.42
N ARG G 871 161.57 47.25 25.46
CA ARG G 871 161.12 47.76 26.77
C ARG G 871 162.02 48.93 27.20
N GLU G 872 163.32 48.77 27.06
CA GLU G 872 164.31 49.81 27.40
C GLU G 872 164.15 51.06 26.53
N LYS G 873 164.08 50.88 25.22
CA LYS G 873 163.94 52.02 24.32
C LYS G 873 162.62 52.76 24.54
N LEU G 874 161.54 52.01 24.82
CA LEU G 874 160.26 52.61 25.11
C LEU G 874 160.34 53.47 26.39
N ALA G 875 160.94 52.91 27.44
CA ALA G 875 161.06 53.69 28.68
C ALA G 875 161.85 54.97 28.44
N GLU G 876 162.91 54.89 27.63
CA GLU G 876 163.74 56.08 27.34
C GLU G 876 162.89 57.14 26.64
N ASN G 877 162.11 56.75 25.64
CA ASN G 877 161.35 57.79 24.95
C ASN G 877 160.22 58.35 25.79
N ILE G 878 159.59 57.50 26.60
CA ILE G 878 158.57 57.98 27.51
C ILE G 878 159.13 59.05 28.48
N HIS G 879 160.35 58.82 28.94
CA HIS G 879 161.03 59.81 29.80
C HIS G 879 161.28 61.13 29.07
N GLU G 880 161.76 61.06 27.85
CA GLU G 880 162.00 62.27 27.07
C GLU G 880 160.71 63.04 26.87
N LEU G 881 159.61 62.34 26.57
CA LEU G 881 158.34 63.00 26.39
C LEU G 881 157.83 63.64 27.68
N TRP G 882 158.01 62.91 28.79
CA TRP G 882 157.59 63.41 30.10
C TRP G 882 158.35 64.67 30.44
N ALA G 883 159.67 64.62 30.23
CA ALA G 883 160.50 65.77 30.56
C ALA G 883 160.13 66.99 29.71
N LEU G 884 159.89 66.77 28.42
CA LEU G 884 159.42 67.86 27.56
C LEU G 884 158.12 68.49 28.08
N THR G 885 157.16 67.66 28.51
CA THR G 885 155.85 68.13 29.03
C THR G 885 156.10 68.98 30.28
N ARG G 886 157.01 68.58 31.17
CA ARG G 886 157.35 69.34 32.41
C ARG G 886 158.01 70.66 32.02
N ILE G 887 158.97 70.63 31.11
CA ILE G 887 159.75 71.81 30.77
C ILE G 887 158.87 72.85 30.06
N GLU G 888 157.95 72.39 29.21
CA GLU G 888 156.97 73.32 28.63
C GLU G 888 156.15 74.07 29.68
N GLN G 889 155.87 73.39 30.78
CA GLN G 889 155.11 73.99 31.88
C GLN G 889 155.97 74.69 32.93
N GLY G 890 157.20 75.06 32.58
CA GLY G 890 158.01 75.91 33.43
C GLY G 890 158.85 75.15 34.44
N TRP G 891 158.86 73.81 34.38
CA TRP G 891 159.72 73.05 35.30
C TRP G 891 161.17 73.12 34.88
N THR G 892 162.03 73.15 35.88
CA THR G 892 163.47 73.16 35.67
C THR G 892 164.12 72.22 36.67
N TYR G 893 165.41 71.93 36.46
CA TYR G 893 166.10 70.97 37.33
C TYR G 893 166.42 71.51 38.71
N GLY G 894 166.18 70.67 39.71
CA GLY G 894 166.81 70.88 40.99
C GLY G 894 166.91 69.56 41.74
N PRO G 895 167.85 69.45 42.68
CA PRO G 895 168.09 68.13 43.29
C PRO G 895 167.00 67.71 44.24
N VAL G 896 166.20 68.66 44.74
CA VAL G 896 165.07 68.35 45.60
C VAL G 896 163.83 68.95 44.97
N ARG G 897 162.80 68.13 44.83
CA ARG G 897 161.56 68.58 44.27
C ARG G 897 160.97 69.77 45.02
N ASP G 898 160.48 70.76 44.26
CA ASP G 898 159.80 71.93 44.85
C ASP G 898 158.69 72.28 43.90
N ASP G 899 157.45 72.00 44.30
CA ASP G 899 156.29 72.22 43.44
C ASP G 899 156.02 73.71 43.16
N ASN G 900 156.31 74.57 44.13
CA ASN G 900 156.07 76.01 43.97
C ASN G 900 157.04 76.65 42.97
N LYS G 901 158.33 76.36 43.14
CA LYS G 901 159.37 76.82 42.20
C LYS G 901 159.47 75.94 40.93
N ARG G 902 158.71 74.83 40.89
CA ARG G 902 158.68 73.86 39.80
C ARG G 902 160.09 73.34 39.50
N LEU G 903 160.72 72.84 40.55
CA LEU G 903 162.02 72.18 40.45
C LEU G 903 161.81 70.67 40.55
N HIS G 904 162.47 69.90 39.69
CA HIS G 904 162.29 68.44 39.71
C HIS G 904 163.61 67.76 39.43
N PRO G 905 163.98 66.76 40.25
CA PRO G 905 165.26 66.09 40.04
C PRO G 905 165.27 65.10 38.88
N CYS G 906 164.14 64.77 38.29
CA CYS G 906 164.13 63.80 37.21
C CYS G 906 164.39 64.44 35.87
N LEU G 907 164.64 65.76 35.85
CA LEU G 907 164.96 66.42 34.58
C LEU G 907 166.47 66.30 34.29
N VAL G 908 166.83 65.05 33.99
CA VAL G 908 168.18 64.56 33.76
C VAL G 908 168.09 63.53 32.64
N ASN G 909 169.24 63.16 32.08
CA ASN G 909 169.27 62.03 31.14
C ASN G 909 168.71 60.77 31.80
N PHE G 910 168.00 59.96 31.04
CA PHE G 910 167.42 58.73 31.57
C PHE G 910 168.43 57.90 32.34
N HIS G 911 169.62 57.72 31.76
CA HIS G 911 170.70 56.91 32.32
C HIS G 911 171.27 57.51 33.59
N SER G 912 170.95 58.78 33.84
CA SER G 912 171.40 59.48 35.04
C SER G 912 170.37 59.50 36.19
N LEU G 913 169.18 58.98 35.94
CA LEU G 913 168.24 58.78 37.02
C LEU G 913 168.79 57.80 38.05
N PRO G 914 168.38 57.96 39.32
CA PRO G 914 168.65 56.94 40.34
C PRO G 914 168.14 55.57 39.89
N GLU G 915 168.85 54.51 40.29
CA GLU G 915 168.52 53.18 39.79
C GLU G 915 167.07 52.79 40.09
N PRO G 916 166.56 53.11 41.29
CA PRO G 916 165.16 52.73 41.56
C PRO G 916 164.15 53.43 40.65
N GLU G 917 164.44 54.65 40.22
CA GLU G 917 163.55 55.40 39.35
C GLU G 917 163.65 54.84 37.93
N ARG G 918 164.86 54.53 37.49
CA ARG G 918 165.05 53.86 36.20
C ARG G 918 164.28 52.52 36.20
N ASN G 919 164.41 51.78 37.28
CA ASN G 919 163.77 50.47 37.34
C ASN G 919 162.25 50.61 37.33
N TYR G 920 161.70 51.58 38.06
CA TYR G 920 160.26 51.83 38.00
C TYR G 920 159.81 52.14 36.56
N ASN G 921 160.57 52.98 35.85
CA ASN G 921 160.23 53.34 34.50
C ASN G 921 160.25 52.13 33.57
N LEU G 922 161.24 51.27 33.75
CA LEU G 922 161.36 50.05 32.96
C LEU G 922 160.21 49.12 33.29
N GLN G 923 159.84 49.04 34.56
CA GLN G 923 158.70 48.19 34.93
C GLN G 923 157.42 48.68 34.27
N MET G 924 157.22 50.00 34.23
CA MET G 924 155.99 50.56 33.65
C MET G 924 155.94 50.34 32.12
N SER G 925 157.07 50.53 31.44
CA SER G 925 157.18 50.24 30.03
C SER G 925 156.88 48.77 29.74
N GLY G 926 157.42 47.89 30.57
CA GLY G 926 157.18 46.46 30.46
C GLY G 926 155.72 46.14 30.68
N GLU G 927 155.06 46.85 31.60
CA GLU G 927 153.66 46.53 31.84
C GLU G 927 152.77 47.10 30.72
N THR G 928 153.19 48.15 30.00
CA THR G 928 152.44 48.53 28.79
C THR G 928 152.51 47.40 27.77
N LEU G 929 153.70 46.87 27.59
CA LEU G 929 153.90 45.78 26.66
C LEU G 929 153.13 44.53 27.09
N LYS G 930 153.20 44.17 28.38
CA LYS G 930 152.50 42.98 28.85
C LYS G 930 150.99 43.15 28.73
N THR G 931 150.50 44.38 28.94
CA THR G 931 149.05 44.59 28.83
C THR G 931 148.61 44.52 27.35
N LEU G 932 149.43 45.04 26.43
CA LEU G 932 149.15 44.81 25.00
C LEU G 932 149.03 43.32 24.71
N LEU G 933 149.97 42.52 25.19
CA LEU G 933 149.91 41.09 24.96
C LEU G 933 148.70 40.42 25.61
N ALA G 934 148.29 40.91 26.80
CA ALA G 934 147.14 40.33 27.49
C ALA G 934 145.87 40.65 26.73
N LEU G 935 145.86 41.79 26.05
CA LEU G 935 144.74 42.18 25.19
C LEU G 935 144.76 41.43 23.88
N GLY G 936 145.72 40.53 23.70
CA GLY G 936 145.76 39.67 22.52
C GLY G 936 146.52 40.23 21.32
N CYS G 937 147.19 41.39 21.49
CA CYS G 937 147.97 41.94 20.39
C CYS G 937 149.14 41.04 20.01
N HIS G 938 149.43 41.00 18.72
CA HIS G 938 150.62 40.37 18.16
C HIS G 938 151.64 41.50 18.00
N VAL G 939 152.78 41.41 18.66
CA VAL G 939 153.79 42.48 18.63
C VAL G 939 155.11 41.86 18.17
N GLY G 940 155.62 42.34 17.04
CA GLY G 940 156.81 41.71 16.46
C GLY G 940 157.52 42.63 15.48
N MET G 941 158.82 42.42 15.32
CA MET G 941 159.59 43.26 14.40
C MET G 941 159.12 43.05 12.97
N ALA G 942 158.88 44.17 12.27
CA ALA G 942 158.47 44.12 10.86
C ALA G 942 159.40 44.89 9.93
N ASP G 943 159.98 45.99 10.38
CA ASP G 943 160.84 46.82 9.54
C ASP G 943 162.15 47.03 10.28
N GLU G 944 163.15 46.21 9.94
CA GLU G 944 164.44 46.30 10.63
C GLU G 944 165.21 47.59 10.32
N LYS G 945 164.78 48.31 9.27
CA LYS G 945 165.43 49.58 8.91
C LYS G 945 164.88 50.78 9.66
N ALA G 946 163.74 50.62 10.31
CA ALA G 946 163.07 51.78 10.87
C ALA G 946 163.87 52.48 11.95
N GLU G 947 164.49 51.70 12.83
CA GLU G 947 165.21 52.30 13.97
C GLU G 947 166.34 53.23 13.49
N ASP G 948 167.17 52.84 12.54
CA ASP G 948 168.29 53.71 12.17
C ASP G 948 167.84 54.86 11.28
N ASN G 949 166.57 54.85 10.88
CA ASN G 949 166.00 56.03 10.20
C ASN G 949 165.28 56.99 11.12
N LEU G 950 165.11 56.64 12.39
CA LEU G 950 164.50 57.56 13.36
C LEU G 950 165.38 58.78 13.60
N LYS G 951 164.71 59.92 13.78
CA LYS G 951 165.37 61.15 14.17
C LYS G 951 164.74 61.65 15.44
N LYS G 952 165.50 62.43 16.18
CA LYS G 952 164.98 63.05 17.39
C LYS G 952 164.54 64.47 17.12
N THR G 953 163.53 64.91 17.86
CA THR G 953 163.11 66.31 17.83
C THR G 953 164.21 67.19 18.40
N LYS G 954 164.56 68.26 17.67
CA LYS G 954 165.62 69.19 18.08
C LYS G 954 165.01 70.46 18.65
N LEU G 955 165.02 70.54 19.96
CA LEU G 955 164.43 71.67 20.67
C LEU G 955 165.42 72.82 20.80
N PRO G 956 164.93 74.08 20.88
CA PRO G 956 165.86 75.18 21.11
C PRO G 956 166.46 75.19 22.51
N LYS G 957 167.49 76.02 22.69
CA LYS G 957 168.28 76.00 23.93
C LYS G 957 167.47 76.42 25.14
N THR G 958 166.31 77.02 24.87
CA THR G 958 165.38 77.40 25.94
C THR G 958 164.75 76.20 26.63
N TYR G 959 165.01 74.99 26.11
CA TYR G 959 164.56 73.76 26.71
C TYR G 959 165.68 73.03 27.48
N MET G 960 166.83 73.69 27.59
CA MET G 960 168.01 73.17 28.25
C MET G 960 167.97 73.40 29.76
N MET G 961 168.24 72.35 30.54
CA MET G 961 168.34 72.50 31.99
C MET G 961 169.74 72.91 32.39
N SER G 962 169.90 73.30 33.65
CA SER G 962 171.18 73.81 34.13
C SER G 962 172.26 72.76 34.22
N ASN G 963 171.84 71.50 34.16
CA ASN G 963 172.76 70.36 34.19
C ASN G 963 173.12 69.88 32.79
N GLY G 964 172.71 70.64 31.78
CA GLY G 964 173.00 70.29 30.39
C GLY G 964 172.02 69.35 29.70
N TYR G 965 171.05 68.85 30.45
CA TYR G 965 170.04 67.96 29.89
C TYR G 965 169.03 68.75 29.07
N LYS G 966 168.80 68.31 27.84
CA LYS G 966 167.72 68.83 27.00
C LYS G 966 166.98 67.62 26.43
N PRO G 967 165.67 67.57 26.62
CA PRO G 967 164.97 66.41 26.09
C PRO G 967 165.03 66.32 24.59
N ALA G 968 164.99 65.09 24.09
CA ALA G 968 165.06 64.84 22.65
C ALA G 968 164.18 63.63 22.32
N PRO G 969 162.88 63.81 22.46
CA PRO G 969 162.00 62.70 22.12
C PRO G 969 162.06 62.39 20.64
N LEU G 970 161.72 61.15 20.31
CA LEU G 970 161.67 60.78 18.90
C LEU G 970 160.68 61.62 18.12
N ASP G 971 161.05 61.95 16.88
CA ASP G 971 160.10 62.55 15.94
C ASP G 971 159.29 61.41 15.34
N LEU G 972 158.06 61.27 15.84
CA LEU G 972 157.16 60.23 15.36
C LEU G 972 156.08 60.81 14.45
N SER G 973 156.35 61.96 13.84
CA SER G 973 155.31 62.62 13.04
C SER G 973 154.84 61.79 11.84
N HIS G 974 155.65 60.87 11.36
CA HIS G 974 155.32 60.01 10.24
C HIS G 974 154.46 58.81 10.63
N VAL G 975 154.37 58.51 11.91
CA VAL G 975 153.65 57.32 12.37
C VAL G 975 152.15 57.57 12.36
N ARG G 976 151.40 56.62 11.82
CA ARG G 976 149.95 56.69 11.82
C ARG G 976 149.36 55.38 12.37
N LEU G 977 148.68 55.44 13.51
CA LEU G 977 147.98 54.25 14.06
C LEU G 977 146.95 53.74 13.04
N THR G 978 146.90 52.42 12.84
CA THR G 978 145.85 51.76 12.09
C THR G 978 144.59 51.75 12.96
N PRO G 979 143.43 51.43 12.36
CA PRO G 979 142.23 51.33 13.22
C PRO G 979 142.37 50.31 14.36
N ALA G 980 142.95 49.14 14.08
CA ALA G 980 143.13 48.14 15.14
C ALA G 980 144.07 48.65 16.23
N GLN G 981 145.07 49.46 15.85
CA GLN G 981 145.99 50.02 16.83
C GLN G 981 145.35 51.11 17.69
N THR G 982 144.54 51.96 17.07
CA THR G 982 143.77 52.94 17.80
C THR G 982 142.89 52.24 18.83
N THR G 983 142.28 51.14 18.41
CA THR G 983 141.43 50.39 19.31
C THR G 983 142.23 49.79 20.44
N LEU G 984 143.43 49.38 20.10
CA LEU G 984 144.39 48.82 21.06
C LEU G 984 144.78 49.87 22.09
N VAL G 985 144.95 51.12 21.69
CA VAL G 985 145.26 52.23 22.63
C VAL G 985 144.07 52.52 23.55
N ASP G 986 142.87 52.50 22.98
CA ASP G 986 141.63 52.75 23.74
C ASP G 986 141.43 51.64 24.79
N ARG G 987 141.84 50.41 24.45
CA ARG G 987 141.73 49.23 25.36
C ARG G 987 142.86 49.22 26.39
N LEU G 988 144.06 49.64 26.02
CA LEU G 988 145.25 49.55 26.90
C LEU G 988 145.08 50.55 28.04
N ALA G 989 144.47 51.72 27.79
CA ALA G 989 144.35 52.76 28.80
C ALA G 989 143.24 52.45 29.77
N GLU G 990 142.11 51.92 29.26
CA GLU G 990 141.01 51.58 30.16
C GLU G 990 141.43 50.50 31.14
N ASN G 991 142.15 49.48 30.65
CA ASN G 991 142.59 48.42 31.55
C ASN G 991 143.59 48.95 32.57
N GLY G 992 144.53 49.79 32.13
CA GLY G 992 145.51 50.33 33.06
C GLY G 992 144.87 51.16 34.16
N HIS G 993 143.87 51.96 33.79
CA HIS G 993 143.14 52.73 34.79
C HIS G 993 142.39 51.80 35.75
N ASN G 994 141.77 50.73 35.22
CA ASN G 994 141.03 49.84 36.10
C ASN G 994 141.95 49.11 37.07
N VAL G 995 143.13 48.69 36.61
CA VAL G 995 144.10 48.04 37.50
C VAL G 995 144.55 49.01 38.59
N TRP G 996 144.83 50.27 38.23
CA TRP G 996 145.19 51.25 39.25
C TRP G 996 144.03 51.47 40.22
N ALA G 997 142.80 51.48 39.71
CA ALA G 997 141.64 51.72 40.55
C ALA G 997 141.52 50.60 41.58
N ARG G 998 141.61 49.36 41.11
CA ARG G 998 141.45 48.23 42.03
C ARG G 998 142.62 48.16 42.99
N ASP G 999 143.81 48.60 42.58
CA ASP G 999 144.92 48.66 43.51
C ASP G 999 144.64 49.66 44.62
N ARG G 1000 144.06 50.81 44.27
CA ARG G 1000 143.73 51.80 45.30
C ARG G 1000 142.62 51.28 46.20
N VAL G 1001 141.66 50.56 45.62
CA VAL G 1001 140.57 50.00 46.42
C VAL G 1001 141.15 49.01 47.43
N ALA G 1002 142.08 48.17 46.97
CA ALA G 1002 142.74 47.24 47.88
C ALA G 1002 143.52 48.00 48.96
N GLN G 1003 144.03 49.18 48.61
CA GLN G 1003 144.73 50.01 49.58
C GLN G 1003 143.76 50.75 50.50
N GLY G 1004 142.46 50.69 50.23
CA GLY G 1004 141.45 51.23 51.12
C GLY G 1004 140.88 52.58 50.75
N TRP G 1005 141.24 53.13 49.60
CA TRP G 1005 140.69 54.42 49.19
C TRP G 1005 139.25 54.27 48.71
N SER G 1006 138.51 55.37 48.80
CA SER G 1006 137.11 55.39 48.41
C SER G 1006 136.84 56.66 47.61
N TYR G 1007 135.67 56.74 46.96
CA TYR G 1007 135.32 57.91 46.13
C TYR G 1007 134.82 59.06 47.01
N SER G 1008 135.07 60.31 46.62
CA SER G 1008 134.55 61.51 47.33
C SER G 1008 134.44 62.64 46.30
N ALA G 1009 133.74 63.72 46.63
CA ALA G 1009 133.64 64.91 45.75
C ALA G 1009 134.80 65.85 46.07
N VAL G 1010 135.56 65.58 47.14
CA VAL G 1010 136.70 66.43 47.59
C VAL G 1010 137.87 65.52 47.99
N GLN G 1011 139.09 65.88 47.63
CA GLN G 1011 140.28 65.07 47.97
C GLN G 1011 140.62 65.20 49.46
N ASP G 1012 140.98 64.10 50.13
CA ASP G 1012 141.35 64.05 51.54
C ASP G 1012 142.39 62.96 51.70
N ILE G 1013 143.66 63.34 51.67
CA ILE G 1013 144.74 62.36 51.77
C ILE G 1013 144.69 61.62 53.10
N PRO G 1014 144.61 62.28 54.26
CA PRO G 1014 144.51 61.53 55.51
C PRO G 1014 143.29 60.62 55.57
N ALA G 1015 142.19 61.02 54.94
CA ALA G 1015 140.99 60.20 54.90
C ALA G 1015 141.00 59.18 53.77
N ARG G 1016 142.07 59.15 52.98
CA ARG G 1016 142.20 58.19 51.87
C ARG G 1016 141.03 58.32 50.89
N ARG G 1017 140.65 59.55 50.58
CA ARG G 1017 139.60 59.83 49.61
C ARG G 1017 140.18 60.59 48.44
N ASN G 1018 139.91 60.11 47.22
CA ASN G 1018 140.50 60.67 46.01
C ASN G 1018 139.38 61.01 45.03
N PRO G 1019 139.36 62.18 44.36
CA PRO G 1019 138.24 62.54 43.48
C PRO G 1019 137.98 61.69 42.23
N ARG G 1020 138.97 60.93 41.72
CA ARG G 1020 138.83 60.16 40.44
C ARG G 1020 139.00 58.65 40.70
N LEU G 1021 138.53 58.15 41.85
CA LEU G 1021 138.62 56.73 42.22
C LEU G 1021 137.34 56.01 41.76
N VAL G 1022 137.17 55.97 40.45
CA VAL G 1022 136.02 55.31 39.83
C VAL G 1022 136.49 54.54 38.60
N PRO G 1023 135.75 53.51 38.21
CA PRO G 1023 136.11 52.78 36.99
C PRO G 1023 136.16 53.70 35.79
N TYR G 1024 136.88 53.23 34.76
CA TYR G 1024 137.08 54.00 33.51
C TYR G 1024 135.75 54.19 32.79
N ARG G 1025 134.81 53.23 32.83
CA ARG G 1025 133.58 53.48 32.04
C ARG G 1025 133.03 54.85 32.45
N LEU G 1026 132.96 55.12 33.75
CA LEU G 1026 132.42 56.42 34.25
C LEU G 1026 133.58 57.32 34.70
N LEU G 1027 134.23 58.02 33.78
CA LEU G 1027 135.37 58.93 34.08
C LEU G 1027 135.17 60.24 33.32
N ASP G 1028 135.87 61.32 33.65
CA ASP G 1028 135.78 62.54 32.87
C ASP G 1028 136.61 62.44 31.60
N GLU G 1029 136.11 63.08 30.55
CA GLU G 1029 136.76 63.00 29.25
C GLU G 1029 138.13 63.67 29.28
N ALA G 1030 138.30 64.70 30.11
CA ALA G 1030 139.58 65.39 30.16
C ALA G 1030 140.70 64.46 30.59
N THR G 1031 140.49 63.70 31.67
CA THR G 1031 141.52 62.75 32.07
C THR G 1031 141.56 61.52 31.19
N LYS G 1032 140.41 61.08 30.64
CA LYS G 1032 140.49 59.92 29.77
C LYS G 1032 141.35 60.25 28.55
N ARG G 1033 141.17 61.46 28.00
CA ARG G 1033 141.98 61.88 26.88
C ARG G 1033 143.43 62.11 27.29
N SER G 1034 143.67 62.63 28.50
CA SER G 1034 145.05 62.88 28.90
C SER G 1034 145.84 61.57 28.97
N ASN G 1035 145.36 60.63 29.80
CA ASN G 1035 146.08 59.36 30.06
C ASN G 1035 146.11 58.58 28.75
N ARG G 1036 145.09 58.79 27.92
CA ARG G 1036 145.02 58.09 26.62
C ARG G 1036 146.19 58.56 25.76
N ASP G 1037 146.70 59.79 25.90
CA ASP G 1037 147.68 60.24 24.91
C ASP G 1037 149.06 59.67 25.22
N SER G 1038 149.37 59.46 26.49
CA SER G 1038 150.64 58.87 26.85
C SER G 1038 150.73 57.44 26.28
N LEU G 1039 149.59 56.74 26.19
CA LEU G 1039 149.57 55.37 25.61
C LEU G 1039 149.50 55.39 24.07
N CYS G 1040 149.02 56.48 23.45
CA CYS G 1040 148.98 56.63 21.96
C CYS G 1040 150.40 56.93 21.47
N GLN G 1041 151.12 57.86 22.10
CA GLN G 1041 152.51 58.19 21.85
C GLN G 1041 153.40 56.98 22.05
N ALA G 1042 153.14 56.21 23.11
CA ALA G 1042 153.93 55.00 23.34
C ALA G 1042 153.79 54.03 22.17
N VAL G 1043 152.57 53.84 21.68
CA VAL G 1043 152.35 52.90 20.58
C VAL G 1043 153.03 53.40 19.31
N ARG G 1044 152.99 54.72 19.08
CA ARG G 1044 153.66 55.27 17.91
C ARG G 1044 155.17 55.05 17.99
N THR G 1045 155.75 55.23 19.17
CA THR G 1045 157.17 54.93 19.34
C THR G 1045 157.45 53.46 19.05
N LEU G 1046 156.60 52.57 19.57
CA LEU G 1046 156.81 51.15 19.35
C LEU G 1046 156.75 50.81 17.86
N LEU G 1047 155.78 51.39 17.15
CA LEU G 1047 155.69 51.19 15.71
C LEU G 1047 156.92 51.72 15.00
N GLY G 1048 157.40 52.90 15.41
CA GLY G 1048 158.60 53.46 14.80
C GLY G 1048 159.81 52.58 14.99
N TYR G 1049 159.92 51.90 16.13
CA TYR G 1049 161.05 51.01 16.35
C TYR G 1049 160.99 49.75 15.49
N GLY G 1050 160.03 49.64 14.56
CA GLY G 1050 159.99 48.56 13.60
C GLY G 1050 159.07 47.42 13.99
N TYR G 1051 158.76 47.27 15.27
CA TYR G 1051 157.85 46.22 15.70
C TYR G 1051 156.41 46.63 15.40
N ASN G 1052 155.66 45.72 14.77
CA ASN G 1052 154.29 46.00 14.36
C ASN G 1052 153.32 45.13 15.16
N ILE G 1053 152.15 45.71 15.47
CA ILE G 1053 151.10 45.02 16.21
C ILE G 1053 149.77 45.35 15.55
N GLU G 1054 148.88 44.37 15.52
CA GLU G 1054 147.59 44.52 14.85
C GLU G 1054 146.44 44.09 15.74
N SER G 1067 115.38 43.81 33.19
CA SER G 1067 114.43 42.76 32.84
C SER G 1067 113.76 43.06 31.51
N ARG G 1068 113.14 42.03 30.92
CA ARG G 1068 112.50 42.20 29.62
C ARG G 1068 111.33 43.17 29.69
N TRP G 1069 110.54 43.12 30.77
CA TRP G 1069 109.33 43.92 30.84
C TRP G 1069 109.61 45.39 31.10
N ASP G 1070 110.63 45.70 31.89
CA ASP G 1070 111.00 47.09 32.12
C ASP G 1070 111.72 47.73 30.95
N ARG G 1071 111.77 47.06 29.79
CA ARG G 1071 112.45 47.58 28.62
C ARG G 1071 111.50 48.16 27.58
N VAL G 1072 110.21 48.32 27.90
CA VAL G 1072 109.26 48.89 26.95
C VAL G 1072 108.01 49.31 27.71
N ARG G 1073 107.33 50.34 27.18
CA ARG G 1073 106.13 50.88 27.79
C ARG G 1073 105.17 51.29 26.68
N ILE G 1074 103.90 50.95 26.84
CA ILE G 1074 102.89 51.13 25.79
C ILE G 1074 101.85 52.11 26.27
N PHE G 1075 101.43 53.00 25.37
CA PHE G 1075 100.34 53.94 25.62
C PHE G 1075 99.29 53.77 24.54
N ARG G 1076 98.02 53.81 24.92
CA ARG G 1076 96.93 53.71 23.97
C ARG G 1076 95.73 54.50 24.46
N ALA G 1077 94.76 54.68 23.59
CA ALA G 1077 93.54 55.40 23.96
C ALA G 1077 92.53 54.45 24.57
N GLU G 1078 91.53 55.03 25.23
CA GLU G 1078 90.50 54.24 25.89
C GLU G 1078 89.60 53.56 24.87
N LYS G 1079 89.07 52.40 25.24
CA LYS G 1079 88.27 51.60 24.32
C LYS G 1079 87.03 52.33 23.83
N SER G 1080 86.43 53.18 24.65
CA SER G 1080 85.19 53.84 24.26
C SER G 1080 85.37 54.72 23.02
N TYR G 1081 86.60 55.10 22.69
CA TYR G 1081 86.89 55.90 21.51
C TYR G 1081 87.15 55.06 20.28
N THR G 1082 86.70 53.80 20.27
CA THR G 1082 86.97 52.94 19.12
C THR G 1082 86.29 53.50 17.87
N VAL G 1083 86.91 53.26 16.72
CA VAL G 1083 86.47 53.82 15.45
C VAL G 1083 86.23 52.68 14.48
N GLN G 1084 85.16 52.79 13.69
CA GLN G 1084 84.78 51.74 12.75
C GLN G 1084 84.42 52.26 11.37
N SER G 1085 84.62 53.54 11.09
CA SER G 1085 84.32 54.08 9.77
C SER G 1085 84.90 55.48 9.67
N GLY G 1086 84.94 56.01 8.46
CA GLY G 1086 85.46 57.34 8.23
C GLY G 1086 86.94 57.35 7.90
N ARG G 1087 87.53 58.52 8.06
CA ARG G 1087 88.95 58.72 7.79
C ARG G 1087 89.52 59.67 8.84
N TRP G 1088 90.60 59.24 9.51
CA TRP G 1088 91.10 59.92 10.69
C TRP G 1088 92.61 60.12 10.58
N TYR G 1089 93.12 61.07 11.36
CA TYR G 1089 94.50 61.52 11.27
C TYR G 1089 94.99 61.97 12.64
N PHE G 1090 96.25 61.66 12.94
CA PHE G 1090 96.90 62.16 14.15
C PHE G 1090 98.40 62.16 13.94
N GLU G 1091 99.11 62.88 14.82
CA GLU G 1091 100.54 63.14 14.66
C GLU G 1091 101.32 62.61 15.86
N PHE G 1092 102.60 62.32 15.63
CA PHE G 1092 103.51 61.85 16.65
C PHE G 1092 104.88 62.44 16.40
N GLU G 1093 105.39 63.21 17.35
CA GLU G 1093 106.69 63.87 17.22
C GLU G 1093 107.71 63.12 18.06
N ALA G 1094 108.89 62.90 17.48
CA ALA G 1094 109.96 62.18 18.15
C ALA G 1094 110.98 63.18 18.69
N VAL G 1095 111.14 63.21 20.01
CA VAL G 1095 112.15 64.08 20.62
C VAL G 1095 113.50 63.39 20.70
N THR G 1096 113.54 62.08 20.55
CA THR G 1096 114.78 61.31 20.54
C THR G 1096 114.76 60.36 19.35
N THR G 1097 115.95 59.94 18.93
CA THR G 1097 116.10 59.11 17.75
C THR G 1097 116.26 57.63 18.07
N GLY G 1098 115.73 57.17 19.20
CA GLY G 1098 115.91 55.80 19.62
C GLY G 1098 114.82 54.87 19.11
N GLU G 1099 114.52 53.87 19.93
CA GLU G 1099 113.56 52.84 19.56
C GLU G 1099 112.16 53.28 19.96
N MET G 1100 111.28 53.44 18.97
CA MET G 1100 109.91 53.87 19.19
C MET G 1100 109.03 53.30 18.10
N ARG G 1101 107.72 53.26 18.35
CA ARG G 1101 106.76 52.76 17.38
C ARG G 1101 105.45 53.49 17.53
N VAL G 1102 104.64 53.46 16.47
CA VAL G 1102 103.36 54.16 16.44
C VAL G 1102 102.52 53.58 15.33
N GLY G 1103 101.19 53.59 15.51
CA GLY G 1103 100.29 53.04 14.53
C GLY G 1103 98.87 52.90 15.02
N TRP G 1104 98.19 51.83 14.63
CA TRP G 1104 96.82 51.55 15.03
C TRP G 1104 96.74 50.14 15.59
N ALA G 1105 95.86 49.95 16.57
CA ALA G 1105 95.75 48.68 17.28
C ALA G 1105 94.29 48.36 17.55
N ARG G 1106 94.02 47.08 17.82
CA ARG G 1106 92.68 46.61 18.09
C ARG G 1106 92.38 46.67 19.58
N PRO G 1107 91.11 46.70 19.97
CA PRO G 1107 90.77 46.87 21.40
C PRO G 1107 91.35 45.82 22.33
N GLU G 1108 91.52 44.59 21.87
CA GLU G 1108 91.92 43.48 22.73
C GLU G 1108 93.42 43.27 22.75
N LEU G 1109 94.19 44.34 22.54
CA LEU G 1109 95.65 44.23 22.51
C LEU G 1109 96.17 43.76 23.87
N ARG G 1110 97.18 42.89 23.84
CA ARG G 1110 97.82 42.43 25.07
C ARG G 1110 98.87 43.44 25.53
N PRO G 1111 99.13 43.54 26.84
CA PRO G 1111 100.10 44.53 27.31
C PRO G 1111 101.53 44.04 27.37
N ASP G 1112 101.78 42.73 27.28
CA ASP G 1112 103.12 42.18 27.45
C ASP G 1112 103.72 41.66 26.16
N VAL G 1113 103.19 42.04 25.00
CA VAL G 1113 103.69 41.60 23.71
C VAL G 1113 104.13 42.82 22.93
N GLU G 1114 105.36 42.80 22.43
CA GLU G 1114 105.87 43.91 21.65
C GLU G 1114 104.97 44.18 20.46
N LEU G 1115 104.73 45.46 20.19
CA LEU G 1115 103.78 45.84 19.15
C LEU G 1115 104.19 45.27 17.81
N GLY G 1116 103.21 44.77 17.06
CA GLY G 1116 103.42 44.30 15.71
C GLY G 1116 103.86 42.86 15.59
N ALA G 1117 104.15 42.18 16.70
CA ALA G 1117 104.55 40.79 16.63
C ALA G 1117 103.36 39.84 16.53
N ASP G 1118 102.14 40.36 16.58
CA ASP G 1118 100.94 39.56 16.44
C ASP G 1118 100.00 40.26 15.46
N GLU G 1119 98.78 39.75 15.37
CA GLU G 1119 97.83 40.27 14.40
C GLU G 1119 97.00 41.44 14.93
N LEU G 1120 97.37 42.01 16.08
CA LEU G 1120 96.54 43.01 16.74
C LEU G 1120 97.07 44.43 16.61
N ALA G 1121 98.01 44.68 15.71
CA ALA G 1121 98.54 46.02 15.56
C ALA G 1121 99.17 46.20 14.19
N TYR G 1122 99.21 47.46 13.75
CA TYR G 1122 99.88 47.87 12.51
C TYR G 1122 100.69 49.11 12.84
N VAL G 1123 102.01 48.96 13.00
CA VAL G 1123 102.85 50.04 13.47
C VAL G 1123 104.04 50.22 12.53
N PHE G 1124 104.68 51.38 12.66
CA PHE G 1124 105.86 51.72 11.88
C PHE G 1124 107.00 52.07 12.82
N ASN G 1125 108.13 51.39 12.65
CA ASN G 1125 109.30 51.60 13.50
C ASN G 1125 110.23 52.59 12.81
N GLY G 1126 110.53 53.69 13.50
CA GLY G 1126 111.33 54.74 12.92
C GLY G 1126 112.81 54.67 13.21
N HIS G 1127 113.23 53.84 14.15
CA HIS G 1127 114.65 53.70 14.42
C HIS G 1127 115.39 53.25 13.17
N ARG G 1128 114.91 52.18 12.53
CA ARG G 1128 115.36 51.77 11.21
C ARG G 1128 114.12 51.47 10.39
N GLY G 1129 114.04 52.05 9.20
CA GLY G 1129 112.81 51.98 8.43
C GLY G 1129 112.25 50.59 8.34
N GLN G 1130 111.12 50.35 9.00
CA GLN G 1130 110.47 49.05 8.99
C GLN G 1130 108.98 49.23 9.24
N ARG G 1131 108.21 48.24 8.81
CA ARG G 1131 106.79 48.15 9.12
C ARG G 1131 106.49 46.79 9.72
N TRP G 1132 105.70 46.77 10.79
CA TRP G 1132 105.51 45.58 11.61
C TRP G 1132 104.06 45.14 11.58
N HIS G 1133 103.84 43.91 11.13
CA HIS G 1133 102.56 43.23 11.32
C HIS G 1133 102.78 41.74 11.14
N LEU G 1134 102.68 40.97 12.21
CA LEU G 1134 103.01 39.53 12.18
C LEU G 1134 104.44 39.33 11.69
N GLY G 1135 105.31 40.30 11.94
CA GLY G 1135 106.68 40.26 11.46
C GLY G 1135 107.19 41.64 11.13
N SER G 1136 108.20 41.72 10.25
CA SER G 1136 108.80 42.99 9.87
C SER G 1136 109.16 42.96 8.39
N GLU G 1137 109.22 44.16 7.80
CA GLU G 1137 109.60 44.34 6.41
C GLU G 1137 110.19 45.73 6.25
N PRO G 1138 111.19 45.90 5.36
CA PRO G 1138 111.74 47.23 5.14
C PRO G 1138 110.69 48.19 4.61
N PHE G 1139 110.81 49.45 5.03
CA PHE G 1139 109.83 50.46 4.64
C PHE G 1139 110.35 51.82 5.09
N GLY G 1140 110.11 52.84 4.26
CA GLY G 1140 110.44 54.19 4.64
C GLY G 1140 111.92 54.38 4.89
N ARG G 1141 112.25 55.40 5.68
CA ARG G 1141 113.62 55.74 6.02
C ARG G 1141 113.69 56.12 7.48
N PRO G 1142 114.85 56.01 8.11
CA PRO G 1142 114.95 56.38 9.52
C PRO G 1142 114.74 57.87 9.73
N TRP G 1143 114.21 58.20 10.91
CA TRP G 1143 113.86 59.60 11.25
C TRP G 1143 115.03 60.32 11.92
N GLN G 1144 114.83 61.58 12.29
CA GLN G 1144 115.79 62.40 13.01
C GLN G 1144 115.08 63.14 14.12
N SER G 1145 115.84 63.57 15.11
CA SER G 1145 115.26 64.28 16.25
C SER G 1145 114.49 65.50 15.76
N GLY G 1146 113.27 65.66 16.28
CA GLY G 1146 112.40 66.75 15.90
C GLY G 1146 111.46 66.43 14.75
N ASP G 1147 111.60 65.27 14.12
CA ASP G 1147 110.70 64.89 13.04
C ASP G 1147 109.33 64.52 13.61
N VAL G 1148 108.30 64.69 12.78
CA VAL G 1148 106.93 64.38 13.16
C VAL G 1148 106.36 63.42 12.12
N VAL G 1149 105.66 62.40 12.59
CA VAL G 1149 105.07 61.37 11.75
C VAL G 1149 103.56 61.52 11.77
N GLY G 1150 102.94 61.40 10.60
CA GLY G 1150 101.49 61.46 10.49
C GLY G 1150 100.93 60.11 10.11
N CYS G 1151 99.92 59.68 10.87
CA CYS G 1151 99.27 58.40 10.66
C CYS G 1151 97.84 58.62 10.18
N MET G 1152 97.46 57.90 9.13
CA MET G 1152 96.15 58.02 8.53
C MET G 1152 95.55 56.64 8.30
N ILE G 1153 94.25 56.51 8.55
CA ILE G 1153 93.52 55.28 8.29
C ILE G 1153 92.26 55.63 7.51
N ASP G 1154 91.96 54.83 6.49
CA ASP G 1154 90.78 55.03 5.65
C ASP G 1154 89.99 53.72 5.63
N LEU G 1155 88.83 53.73 6.26
CA LEU G 1155 88.01 52.53 6.33
C LEU G 1155 87.13 52.31 5.11
N THR G 1156 87.07 53.28 4.20
CA THR G 1156 86.36 53.09 2.95
C THR G 1156 87.14 52.21 1.96
N GLU G 1157 88.46 52.34 1.94
CA GLU G 1157 89.32 51.49 1.11
C GLU G 1157 90.12 50.49 1.92
N ASN G 1158 90.09 50.56 3.25
CA ASN G 1158 90.84 49.63 4.09
C ASN G 1158 92.34 49.73 3.83
N THR G 1159 92.89 50.92 4.06
CA THR G 1159 94.31 51.17 3.83
C THR G 1159 94.86 52.07 4.93
N ILE G 1160 96.18 52.00 5.12
CA ILE G 1160 96.88 52.78 6.12
C ILE G 1160 98.07 53.46 5.45
N ILE G 1161 98.26 54.73 5.72
CA ILE G 1161 99.29 55.54 5.08
C ILE G 1161 100.11 56.25 6.15
N PHE G 1162 101.42 56.30 5.96
CA PHE G 1162 102.33 57.00 6.86
C PHE G 1162 103.02 58.13 6.09
N THR G 1163 103.27 59.23 6.77
CA THR G 1163 103.96 60.37 6.19
C THR G 1163 105.02 60.87 7.17
N LEU G 1164 106.05 61.51 6.64
CA LEU G 1164 107.15 62.03 7.45
C LEU G 1164 107.43 63.46 7.02
N ASN G 1165 107.20 64.41 7.93
CA ASN G 1165 107.41 65.83 7.64
C ASN G 1165 106.61 66.26 6.42
N GLY G 1166 105.39 65.75 6.30
CA GLY G 1166 104.51 66.10 5.21
C GLY G 1166 104.74 65.34 3.93
N GLU G 1167 105.72 64.45 3.89
CA GLU G 1167 106.05 63.70 2.68
C GLU G 1167 105.64 62.25 2.85
N VAL G 1168 104.80 61.77 1.95
CA VAL G 1168 104.30 60.39 2.03
C VAL G 1168 105.46 59.43 1.88
N LEU G 1169 105.59 58.50 2.82
CA LEU G 1169 106.65 57.50 2.77
C LEU G 1169 106.34 56.48 1.69
N MET G 1170 107.38 56.04 0.99
CA MET G 1170 107.22 55.17 -0.17
C MET G 1170 107.81 53.79 0.12
N SER G 1171 107.08 52.75 -0.25
CA SER G 1171 107.59 51.39 -0.09
C SER G 1171 108.70 51.11 -1.09
N ASP G 1172 109.52 50.12 -0.78
CA ASP G 1172 110.60 49.72 -1.69
C ASP G 1172 110.05 49.21 -3.01
N SER G 1173 108.98 48.44 -2.97
CA SER G 1173 108.40 47.83 -4.17
C SER G 1173 107.46 48.78 -4.92
N GLY G 1174 107.55 50.07 -4.67
CA GLY G 1174 106.72 51.02 -5.38
C GLY G 1174 105.30 51.14 -4.89
N SER G 1175 105.00 50.65 -3.70
CA SER G 1175 103.66 50.75 -3.13
C SER G 1175 103.54 51.99 -2.26
N GLU G 1176 102.42 52.70 -2.40
CA GLU G 1176 102.22 53.95 -1.67
C GLU G 1176 101.43 53.76 -0.37
N THR G 1177 101.02 52.53 -0.05
CA THR G 1177 100.27 52.25 1.16
C THR G 1177 100.99 51.20 1.98
N ALA G 1178 101.13 51.46 3.28
CA ALA G 1178 101.82 50.52 4.14
C ALA G 1178 101.08 49.19 4.23
N PHE G 1179 99.76 49.23 4.41
CA PHE G 1179 98.96 48.03 4.54
C PHE G 1179 97.69 48.18 3.71
N ARG G 1180 97.11 47.04 3.32
CA ARG G 1180 95.91 47.04 2.51
C ARG G 1180 95.08 45.81 2.84
N GLU G 1181 93.83 45.84 2.37
CA GLU G 1181 92.92 44.70 2.47
C GLU G 1181 92.64 44.31 3.91
N ILE G 1182 92.69 45.27 4.83
CA ILE G 1182 92.36 44.99 6.22
C ILE G 1182 90.85 44.95 6.38
N GLU G 1183 90.39 44.34 7.47
CA GLU G 1183 88.96 44.21 7.74
C GLU G 1183 88.59 45.04 8.96
N ILE G 1184 87.37 45.58 8.93
CA ILE G 1184 86.94 46.49 10.00
C ILE G 1184 86.96 45.76 11.34
N GLY G 1185 86.44 44.55 11.38
CA GLY G 1185 86.44 43.80 12.63
C GLY G 1185 85.72 44.56 13.72
N ASP G 1186 86.41 44.79 14.83
CA ASP G 1186 85.82 45.49 15.97
C ASP G 1186 86.16 46.98 16.01
N GLY G 1187 87.24 47.39 15.34
CA GLY G 1187 87.64 48.78 15.31
C GLY G 1187 89.13 48.94 15.49
N PHE G 1188 89.55 50.19 15.68
CA PHE G 1188 90.95 50.54 15.82
C PHE G 1188 91.11 51.69 16.80
N LEU G 1189 92.30 51.77 17.40
CA LEU G 1189 92.66 52.83 18.32
C LEU G 1189 94.10 53.27 18.04
N PRO G 1190 94.41 54.55 18.24
CA PRO G 1190 95.82 54.97 18.15
C PRO G 1190 96.63 54.36 19.27
N VAL G 1191 97.92 54.11 18.98
CA VAL G 1191 98.80 53.43 19.92
C VAL G 1191 100.22 53.87 19.65
N CYS G 1192 101.05 53.80 20.69
CA CYS G 1192 102.48 54.08 20.56
C CYS G 1192 103.22 53.39 21.70
N SER G 1193 104.51 53.19 21.51
CA SER G 1193 105.36 52.56 22.51
C SER G 1193 106.70 53.28 22.55
N LEU G 1194 107.34 53.25 23.72
CA LEU G 1194 108.60 53.95 23.95
C LEU G 1194 109.58 53.02 24.64
N GLY G 1195 110.82 53.01 24.17
CA GLY G 1195 111.85 52.23 24.79
C GLY G 1195 112.60 53.01 25.85
N PRO G 1196 113.56 52.36 26.49
CA PRO G 1196 114.29 53.02 27.58
C PRO G 1196 114.99 54.27 27.10
N GLY G 1197 114.86 55.33 27.88
CA GLY G 1197 115.53 56.59 27.60
C GLY G 1197 114.92 57.41 26.49
N GLN G 1198 113.75 57.03 25.98
CA GLN G 1198 113.13 57.75 24.88
C GLN G 1198 112.08 58.72 25.38
N VAL G 1199 111.74 59.68 24.52
CA VAL G 1199 110.71 60.69 24.81
C VAL G 1199 109.95 60.96 23.54
N GLY G 1200 108.65 61.21 23.66
CA GLY G 1200 107.82 61.50 22.52
C GLY G 1200 106.69 62.43 22.88
N HIS G 1201 106.07 63.00 21.85
CA HIS G 1201 104.93 63.89 22.00
C HIS G 1201 103.81 63.39 21.09
N LEU G 1202 102.62 63.22 21.63
CA LEU G 1202 101.48 62.69 20.91
C LEU G 1202 100.41 63.76 20.84
N ASN G 1203 99.79 63.92 19.67
CA ASN G 1203 98.79 64.95 19.44
C ASN G 1203 97.63 64.36 18.65
N LEU G 1204 96.51 64.12 19.33
CA LEU G 1204 95.32 63.60 18.67
C LEU G 1204 94.56 64.66 17.89
N GLY G 1205 94.93 65.92 18.02
CA GLY G 1205 94.35 66.95 17.18
C GLY G 1205 93.12 67.62 17.73
N GLN G 1206 93.00 67.76 19.06
CA GLN G 1206 91.86 68.47 19.62
C GLN G 1206 91.86 69.93 19.16
N ASP G 1207 93.04 70.54 19.11
CA ASP G 1207 93.20 71.90 18.59
C ASP G 1207 93.78 71.79 17.18
N VAL G 1208 93.00 72.21 16.19
CA VAL G 1208 93.42 72.03 14.80
C VAL G 1208 94.67 72.82 14.49
N SER G 1209 94.80 74.03 15.06
CA SER G 1209 95.96 74.85 14.81
C SER G 1209 97.26 74.22 15.30
N SER G 1210 97.18 73.37 16.32
CA SER G 1210 98.38 72.71 16.84
C SER G 1210 99.07 71.84 15.81
N LEU G 1211 98.30 71.18 14.94
CA LEU G 1211 98.89 70.31 13.94
C LEU G 1211 99.82 71.12 13.03
N ARG G 1212 100.94 70.51 12.63
CA ARG G 1212 101.97 71.21 11.89
C ARG G 1212 102.06 70.79 10.43
N PHE G 1213 101.51 69.64 10.06
CA PHE G 1213 101.53 69.18 8.68
C PHE G 1213 100.18 68.68 8.19
N PHE G 1214 99.09 69.00 8.89
CA PHE G 1214 97.77 68.56 8.46
C PHE G 1214 97.38 69.19 7.14
N ALA G 1215 97.69 70.48 6.96
CA ALA G 1215 97.34 71.16 5.72
C ALA G 1215 98.08 70.58 4.52
N ILE G 1216 99.36 70.24 4.69
CA ILE G 1216 100.14 69.76 3.55
C ILE G 1216 99.55 68.49 2.97
N CYS G 1217 99.19 67.52 3.81
CA CYS G 1217 98.67 66.25 3.35
C CYS G 1217 97.59 65.78 4.30
N GLY G 1218 96.38 65.59 3.78
CA GLY G 1218 95.28 65.08 4.58
C GLY G 1218 94.06 65.99 4.59
N LEU G 1219 94.29 67.30 4.64
CA LEU G 1219 93.17 68.23 4.70
C LEU G 1219 92.36 68.19 3.42
N GLN G 1220 93.03 68.17 2.27
CA GLN G 1220 92.33 68.17 0.99
C GLN G 1220 91.90 66.77 0.56
N GLU G 1221 92.37 65.73 1.25
CA GLU G 1221 91.99 64.36 0.93
C GLU G 1221 90.76 63.90 1.70
N GLY G 1222 90.24 64.72 2.61
CA GLY G 1222 89.04 64.36 3.35
C GLY G 1222 89.28 63.75 4.70
N PHE G 1223 90.52 63.71 5.17
CA PHE G 1223 90.83 63.20 6.49
C PHE G 1223 90.53 64.24 7.55
N GLU G 1224 90.17 63.75 8.74
CA GLU G 1224 89.82 64.63 9.85
C GLU G 1224 90.65 64.27 11.08
N PRO G 1225 90.92 65.24 11.96
CA PRO G 1225 91.64 64.92 13.19
C PRO G 1225 90.85 63.95 14.06
N PHE G 1226 91.57 63.09 14.77
CA PHE G 1226 90.93 62.05 15.56
C PHE G 1226 90.06 62.63 16.66
N ALA G 1227 90.55 63.66 17.34
CA ALA G 1227 89.88 64.21 18.51
C ALA G 1227 89.12 65.50 18.21
N ILE G 1228 88.60 65.65 16.99
CA ILE G 1228 87.87 66.85 16.66
C ILE G 1228 86.51 66.83 17.33
N ASN G 1229 86.06 68.01 17.77
CA ASN G 1229 84.74 68.17 18.39
C ASN G 1229 84.64 67.38 19.69
N MET G 1230 85.60 67.59 20.59
CA MET G 1230 85.61 66.97 21.90
C MET G 1230 85.73 68.05 22.97
N GLN G 1231 84.87 67.98 23.98
CA GLN G 1231 84.91 68.97 25.05
C GLN G 1231 86.14 68.82 25.92
N ARG G 1232 86.59 67.58 26.14
CA ARG G 1232 87.65 67.29 27.09
C ARG G 1232 88.76 66.49 26.41
N PRO G 1233 89.98 66.52 26.96
CA PRO G 1233 91.06 65.74 26.37
C PRO G 1233 90.76 64.25 26.42
N VAL G 1234 91.31 63.52 25.45
CA VAL G 1234 91.08 62.08 25.37
C VAL G 1234 91.80 61.38 26.50
N THR G 1235 91.18 60.33 27.03
CA THR G 1235 91.77 59.54 28.11
C THR G 1235 92.68 58.46 27.53
N THR G 1236 93.76 58.17 28.24
CA THR G 1236 94.75 57.19 27.79
C THR G 1236 95.03 56.18 28.89
N TRP G 1237 95.40 54.98 28.47
CA TRP G 1237 95.83 53.92 29.36
C TRP G 1237 97.25 53.51 29.01
N PHE G 1238 97.96 52.98 29.99
CA PHE G 1238 99.34 52.56 29.79
C PHE G 1238 99.58 51.25 30.52
N SER G 1239 100.65 50.57 30.14
CA SER G 1239 100.99 49.26 30.71
C SER G 1239 101.89 49.46 31.92
N LYS G 1240 101.43 48.99 33.07
CA LYS G 1240 102.15 49.13 34.33
C LYS G 1240 102.82 47.81 34.68
N SER G 1241 104.13 47.85 34.93
CA SER G 1241 104.90 46.65 35.24
C SER G 1241 105.00 46.44 36.75
N LEU G 1242 103.86 46.10 37.35
CA LEU G 1242 103.80 45.72 38.75
C LEU G 1242 103.10 44.37 38.85
N PRO G 1243 103.80 43.28 39.15
CA PRO G 1243 103.17 41.96 39.09
C PRO G 1243 101.97 41.86 40.03
N GLN G 1244 100.96 41.12 39.59
CA GLN G 1244 99.73 40.93 40.34
C GLN G 1244 99.24 39.50 40.15
N PHE G 1245 98.37 39.06 41.05
CA PHE G 1245 97.81 37.71 40.97
C PHE G 1245 96.47 37.74 40.26
N GLU G 1246 96.27 36.82 39.33
CA GLU G 1246 95.03 36.68 38.59
C GLU G 1246 94.70 35.20 38.44
N PRO G 1247 93.44 34.87 38.20
CA PRO G 1247 93.06 33.46 38.02
C PRO G 1247 93.71 32.87 36.77
N VAL G 1248 94.00 31.58 36.83
CA VAL G 1248 94.59 30.91 35.67
C VAL G 1248 93.51 30.70 34.61
N PRO G 1249 93.71 31.14 33.38
CA PRO G 1249 92.65 31.04 32.37
C PRO G 1249 92.25 29.60 32.12
N PRO G 1250 90.98 29.32 31.87
CA PRO G 1250 90.59 27.93 31.56
C PRO G 1250 91.23 27.38 30.29
N GLU G 1251 91.69 28.25 29.40
CA GLU G 1251 92.24 27.83 28.12
C GLU G 1251 93.72 28.14 27.99
N HIS G 1252 94.47 28.09 29.07
CA HIS G 1252 95.90 28.34 28.98
C HIS G 1252 96.55 27.26 28.12
N PRO G 1253 97.48 27.62 27.23
CA PRO G 1253 98.05 26.60 26.34
C PRO G 1253 99.07 25.69 27.01
N HIS G 1254 99.45 25.95 28.26
CA HIS G 1254 100.52 25.20 28.91
C HIS G 1254 100.14 24.65 30.28
N TYR G 1255 99.19 25.26 30.99
CA TYR G 1255 98.86 24.87 32.35
C TYR G 1255 97.40 24.46 32.45
N GLU G 1256 97.14 23.49 33.32
CA GLU G 1256 95.79 22.98 33.56
C GLU G 1256 95.63 22.71 35.05
N VAL G 1257 94.47 23.07 35.57
CA VAL G 1257 94.13 22.84 36.97
C VAL G 1257 92.80 22.09 37.03
N ALA G 1258 92.78 21.02 37.83
CA ALA G 1258 91.62 20.14 37.92
C ALA G 1258 91.14 20.06 39.36
N ARG G 1259 89.83 20.12 39.54
CA ARG G 1259 89.23 20.02 40.86
C ARG G 1259 88.80 18.58 41.12
N MET G 1260 89.34 17.99 42.18
CA MET G 1260 89.01 16.61 42.56
C MET G 1260 88.16 16.64 43.82
N ASP G 1261 87.08 15.88 43.81
CA ASP G 1261 86.19 15.82 44.95
C ASP G 1261 86.68 14.79 45.97
N GLY G 1262 86.32 15.02 47.23
CA GLY G 1262 86.80 14.14 48.28
C GLY G 1262 86.13 12.78 48.25
N THR G 1263 86.78 11.83 48.90
CA THR G 1263 86.28 10.46 49.03
C THR G 1263 86.31 10.03 50.49
N VAL G 1264 86.04 8.75 50.72
CA VAL G 1264 86.09 8.23 52.08
C VAL G 1264 87.51 8.24 52.61
N ASP G 1265 88.50 8.08 51.73
CA ASP G 1265 89.90 7.97 52.13
C ASP G 1265 90.74 9.19 51.81
N THR G 1266 90.27 10.09 50.96
CA THR G 1266 91.04 11.24 50.56
C THR G 1266 90.21 12.52 50.67
N PRO G 1267 90.86 13.67 50.89
CA PRO G 1267 90.13 14.92 50.97
C PRO G 1267 90.05 15.61 49.62
N PRO G 1268 89.33 16.72 49.52
CA PRO G 1268 89.31 17.46 48.25
C PRO G 1268 90.69 18.01 47.92
N CYS G 1269 90.94 18.20 46.63
CA CYS G 1269 92.26 18.60 46.17
C CYS G 1269 92.14 19.49 44.94
N LEU G 1270 93.22 20.20 44.64
CA LEU G 1270 93.39 20.94 43.40
C LEU G 1270 94.78 20.63 42.87
N ARG G 1271 94.85 19.94 41.73
CA ARG G 1271 96.11 19.48 41.17
C ARG G 1271 96.42 20.22 39.88
N LEU G 1272 97.71 20.44 39.65
CA LEU G 1272 98.20 21.15 38.48
C LEU G 1272 98.89 20.16 37.54
N ALA G 1273 98.73 20.37 36.24
CA ALA G 1273 99.34 19.53 35.23
C ALA G 1273 99.95 20.39 34.13
N HIS G 1274 101.06 19.90 33.57
CA HIS G 1274 101.71 20.54 32.44
C HIS G 1274 101.28 19.79 31.19
N ARG G 1275 100.64 20.50 30.26
CA ARG G 1275 99.99 19.86 29.12
C ARG G 1275 100.82 19.88 27.85
N THR G 1276 102.10 20.27 27.92
CA THR G 1276 102.99 20.19 26.77
C THR G 1276 104.36 19.68 27.14
N TRP G 1277 104.47 18.95 28.25
CA TRP G 1277 105.77 18.46 28.68
C TRP G 1277 106.34 17.49 27.67
N GLY G 1278 107.61 17.70 27.31
CA GLY G 1278 108.31 16.81 26.41
C GLY G 1278 108.18 17.14 24.94
N SER G 1279 107.30 18.07 24.56
CA SER G 1279 107.15 18.43 23.17
C SER G 1279 108.24 19.41 22.75
N GLN G 1280 108.32 19.66 21.44
CA GLN G 1280 109.38 20.50 20.91
C GLN G 1280 109.23 21.96 21.31
N ASN G 1281 108.04 22.38 21.73
CA ASN G 1281 107.76 23.77 22.04
C ASN G 1281 107.17 23.92 23.45
N SER G 1282 107.65 23.11 24.39
CA SER G 1282 107.19 23.26 25.76
C SER G 1282 107.77 24.52 26.39
N LEU G 1283 107.11 25.01 27.42
CA LEU G 1283 107.52 26.21 28.14
C LEU G 1283 107.85 25.85 29.59
N VAL G 1284 109.05 26.19 30.03
CA VAL G 1284 109.53 25.88 31.37
C VAL G 1284 110.07 27.16 31.99
N GLU G 1285 109.55 27.51 33.16
CA GLU G 1285 109.98 28.71 33.87
C GLU G 1285 109.35 28.70 35.25
N MET G 1286 109.86 29.58 36.11
CA MET G 1286 109.37 29.64 37.49
C MET G 1286 107.89 29.97 37.51
N LEU G 1287 107.18 29.40 38.50
CA LEU G 1287 105.74 29.52 38.61
C LEU G 1287 105.40 29.88 40.05
N PHE G 1288 104.57 30.90 40.24
CA PHE G 1288 104.15 31.36 41.55
C PHE G 1288 102.64 31.20 41.67
N LEU G 1289 102.18 30.53 42.71
CA LEU G 1289 100.78 30.20 42.89
C LEU G 1289 100.32 30.54 44.29
N ARG G 1290 99.04 30.87 44.41
CA ARG G 1290 98.40 31.09 45.71
C ARG G 1290 96.91 30.83 45.59
N LEU G 1291 96.28 30.55 46.72
CA LEU G 1291 94.83 30.44 46.74
C LEU G 1291 94.20 31.81 46.89
N SER G 1292 92.90 31.90 46.62
CA SER G 1292 92.26 33.19 46.43
C SER G 1292 91.65 33.76 47.71
N LEU G 1293 91.76 33.08 48.84
CA LEU G 1293 91.15 33.60 50.07
C LEU G 1293 92.15 33.57 51.21
N PRO G 1294 92.20 34.61 52.05
CA PRO G 1294 93.17 34.64 53.15
C PRO G 1294 92.59 34.11 54.46
N VAL G 1295 93.48 33.98 55.44
CA VAL G 1295 93.12 33.71 56.83
C VAL G 1295 93.63 34.86 57.68
N GLN G 1296 92.83 35.29 58.64
CA GLN G 1296 93.12 36.48 59.43
C GLN G 1296 93.33 36.11 60.89
N PHE G 1297 94.39 36.67 61.48
CA PHE G 1297 94.70 36.42 62.87
C PHE G 1297 93.84 37.29 63.77
N HIS G 1298 93.69 36.87 65.03
CA HIS G 1298 92.82 37.57 65.96
C HIS G 1298 93.39 38.94 66.31
N GLN G 1299 92.51 39.82 66.78
CA GLN G 1299 92.90 41.20 67.02
C GLN G 1299 93.83 41.35 68.21
N HIS G 1300 93.86 40.36 69.11
CA HIS G 1300 94.76 40.41 70.27
C HIS G 1300 95.03 38.99 70.74
N PHE G 1301 96.27 38.75 71.16
CA PHE G 1301 96.68 37.43 71.60
C PHE G 1301 96.51 37.28 73.10
N ARG G 1302 96.49 36.03 73.55
CA ARG G 1302 96.33 35.74 74.97
C ARG G 1302 97.62 36.04 75.73
N CYS G 1303 97.46 36.29 77.02
CA CYS G 1303 98.59 36.55 77.91
C CYS G 1303 99.39 37.75 77.42
N ASN G 1420 91.91 7.66 66.86
CA ASN G 1420 91.46 8.18 65.59
C ASN G 1420 90.31 9.17 65.78
N ARG G 1421 89.47 8.90 66.77
CA ARG G 1421 88.34 9.77 67.04
C ARG G 1421 88.82 11.11 67.61
N ASP G 1422 87.96 12.11 67.52
CA ASP G 1422 88.25 13.46 67.99
C ASP G 1422 87.35 13.80 69.16
N ASP G 1423 87.95 14.37 70.20
CA ASP G 1423 87.17 14.80 71.36
C ASP G 1423 86.35 16.02 71.00
N PRO G 1424 85.02 15.98 71.10
CA PRO G 1424 84.23 17.14 70.63
C PRO G 1424 84.60 18.45 71.28
N GLU G 1425 84.86 18.47 72.58
CA GLU G 1425 85.17 19.74 73.24
C GLU G 1425 86.49 20.30 72.74
N ILE G 1426 87.50 19.45 72.60
CA ILE G 1426 88.82 19.91 72.16
C ILE G 1426 88.72 20.54 70.79
N ILE G 1427 88.08 19.86 69.84
CA ILE G 1427 88.00 20.37 68.49
C ILE G 1427 87.11 21.61 68.44
N LEU G 1428 86.04 21.65 69.24
CA LEU G 1428 85.15 22.82 69.21
C LEU G 1428 85.80 24.05 69.83
N ASN G 1429 86.76 23.86 70.72
CA ASN G 1429 87.43 24.98 71.36
C ASN G 1429 88.82 25.27 70.80
N THR G 1430 89.23 24.59 69.75
CA THR G 1430 90.56 24.78 69.21
C THR G 1430 90.60 25.99 68.27
N THR G 1431 91.82 26.50 68.05
CA THR G 1431 92.04 27.58 67.10
C THR G 1431 93.24 27.29 66.20
N THR G 1432 93.45 26.04 65.82
CA THR G 1432 94.55 25.63 64.98
C THR G 1432 94.00 25.02 63.70
N TYR G 1433 94.55 25.42 62.56
CA TYR G 1433 94.08 24.98 61.25
C TYR G 1433 95.25 24.43 60.46
N TYR G 1434 94.94 23.58 59.50
CA TYR G 1434 95.94 22.74 58.84
C TYR G 1434 95.67 22.64 57.35
N TYR G 1435 96.74 22.47 56.58
CA TYR G 1435 96.64 22.17 55.16
C TYR G 1435 97.99 21.65 54.70
N SER G 1436 97.99 20.87 53.62
CA SER G 1436 99.19 20.17 53.19
C SER G 1436 99.29 20.17 51.66
N VAL G 1437 100.48 19.87 51.18
CA VAL G 1437 100.79 19.85 49.75
C VAL G 1437 101.49 18.54 49.43
N ARG G 1438 101.12 17.91 48.32
CA ARG G 1438 101.73 16.69 47.85
C ARG G 1438 102.45 16.95 46.53
N VAL G 1439 103.69 16.51 46.44
CA VAL G 1439 104.50 16.66 45.24
C VAL G 1439 104.74 15.26 44.67
N PHE G 1440 104.30 15.05 43.44
CA PHE G 1440 104.32 13.73 42.84
C PHE G 1440 105.74 13.31 42.47
N ALA G 1441 105.94 11.99 42.38
CA ALA G 1441 107.23 11.46 41.98
C ALA G 1441 107.58 11.92 40.58
N GLY G 1442 108.85 12.25 40.36
CA GLY G 1442 109.31 12.82 39.12
C GLY G 1442 109.51 14.32 39.18
N GLN G 1443 108.96 14.99 40.18
CA GLN G 1443 109.20 16.40 40.43
C GLN G 1443 110.27 16.53 41.50
N GLU G 1444 111.34 17.24 41.19
CA GLU G 1444 112.46 17.34 42.11
C GLU G 1444 112.06 18.14 43.35
N PRO G 1445 112.15 17.58 44.55
CA PRO G 1445 111.85 18.38 45.74
C PRO G 1445 112.78 19.57 45.92
N SER G 1446 113.94 19.57 45.26
CA SER G 1446 114.85 20.70 45.35
C SER G 1446 114.33 21.94 44.62
N CYS G 1447 113.24 21.81 43.85
CA CYS G 1447 112.69 22.91 43.09
C CYS G 1447 111.28 23.28 43.54
N VAL G 1448 110.99 23.18 44.83
CA VAL G 1448 109.67 23.46 45.36
C VAL G 1448 109.80 24.20 46.68
N TRP G 1449 109.00 25.24 46.85
CA TRP G 1449 108.90 25.99 48.09
C TRP G 1449 107.44 26.06 48.52
N VAL G 1450 107.19 25.85 49.81
CA VAL G 1450 105.84 25.76 50.34
C VAL G 1450 105.73 26.67 51.56
N GLY G 1451 104.58 27.33 51.69
CA GLY G 1451 104.35 28.20 52.83
C GLY G 1451 103.21 29.18 52.66
N TRP G 1452 103.43 30.43 53.06
CA TRP G 1452 102.40 31.47 53.03
C TRP G 1452 102.98 32.73 52.40
N VAL G 1453 102.14 33.74 52.26
CA VAL G 1453 102.52 35.01 51.67
C VAL G 1453 101.50 36.07 52.03
N THR G 1454 101.97 37.30 52.19
CA THR G 1454 101.11 38.42 52.56
C THR G 1454 100.57 39.12 51.32
N PRO G 1455 99.53 39.93 51.46
CA PRO G 1455 98.92 40.54 50.28
C PRO G 1455 99.79 41.55 49.55
N ASP G 1456 101.03 41.77 50.00
CA ASP G 1456 101.92 42.75 49.38
C ASP G 1456 103.17 42.09 48.81
N TYR G 1457 103.01 40.97 48.10
CA TYR G 1457 104.11 40.28 47.44
C TYR G 1457 104.05 40.55 45.95
N HIS G 1458 105.14 41.09 45.39
CA HIS G 1458 105.19 41.44 43.98
C HIS G 1458 106.54 41.13 43.33
N GLN G 1459 107.25 40.09 43.76
CA GLN G 1459 108.62 39.91 43.31
C GLN G 1459 108.69 39.41 41.87
N HIS G 1460 108.18 38.21 41.61
CA HIS G 1460 108.27 37.58 40.30
C HIS G 1460 109.72 37.53 39.82
N ASP G 1461 110.53 36.79 40.56
CA ASP G 1461 111.95 36.59 40.26
C ASP G 1461 112.12 35.29 39.50
N MET G 1462 113.04 35.29 38.53
CA MET G 1462 113.26 34.10 37.71
C MET G 1462 114.37 33.20 38.24
N ASN G 1463 114.99 33.55 39.36
CA ASN G 1463 116.02 32.74 40.00
C ASN G 1463 115.77 32.66 41.50
N PHE G 1464 114.53 32.38 41.87
CA PHE G 1464 114.11 32.51 43.26
C PHE G 1464 114.92 31.60 44.18
N ASP G 1465 115.45 32.19 45.25
CA ASP G 1465 116.06 31.46 46.34
C ASP G 1465 115.60 32.10 47.64
N LEU G 1466 115.62 31.32 48.72
CA LEU G 1466 115.18 31.86 50.01
C LEU G 1466 116.03 33.05 50.45
N SER G 1467 117.23 33.21 49.90
CA SER G 1467 118.06 34.34 50.26
C SER G 1467 117.58 35.64 49.64
N LYS G 1468 116.69 35.58 48.65
CA LYS G 1468 116.18 36.77 47.98
C LYS G 1468 114.90 37.30 48.60
N VAL G 1469 114.42 36.69 49.69
CA VAL G 1469 113.19 37.16 50.32
C VAL G 1469 113.47 38.45 51.08
N ARG G 1470 112.59 39.43 50.91
CA ARG G 1470 112.75 40.70 51.62
C ARG G 1470 112.52 40.48 53.11
N ALA G 1471 113.33 41.17 53.92
CA ALA G 1471 113.21 41.06 55.36
C ALA G 1471 113.79 42.31 56.00
N VAL G 1472 113.40 42.56 57.25
CA VAL G 1472 113.88 43.71 58.01
C VAL G 1472 113.54 43.49 59.47
N THR G 1473 114.36 44.06 60.35
CA THR G 1473 114.16 44.00 61.78
C THR G 1473 114.08 45.39 62.35
N VAL G 1474 113.13 45.60 63.27
CA VAL G 1474 112.92 46.90 63.91
C VAL G 1474 113.03 46.70 65.41
N THR G 1475 113.86 47.52 66.05
CA THR G 1475 114.16 47.37 67.47
C THR G 1475 113.83 48.67 68.19
N MET G 1476 113.35 48.55 69.42
CA MET G 1476 113.00 49.69 70.26
C MET G 1476 113.69 49.57 71.61
N GLY G 1477 114.03 50.70 72.19
CA GLY G 1477 114.71 50.72 73.46
C GLY G 1477 114.32 51.89 74.34
N ASP G 1478 115.18 52.26 75.28
CA ASP G 1478 114.94 53.36 76.21
C ASP G 1478 116.05 54.37 76.07
N GLU G 1479 116.00 55.42 76.91
CA GLU G 1479 117.03 56.44 76.88
C GLU G 1479 118.40 55.85 77.18
N GLN G 1480 118.49 54.97 78.19
CA GLN G 1480 119.74 54.31 78.50
C GLN G 1480 120.20 53.37 77.40
N GLY G 1481 119.31 52.97 76.50
CA GLY G 1481 119.66 52.07 75.42
C GLY G 1481 119.30 50.62 75.65
N ASN G 1482 118.56 50.30 76.71
CA ASN G 1482 118.20 48.92 76.99
C ASN G 1482 117.09 48.48 76.03
N VAL G 1483 117.39 47.48 75.21
CA VAL G 1483 116.41 46.98 74.25
C VAL G 1483 115.34 46.19 75.00
N HIS G 1484 114.08 46.38 74.61
CA HIS G 1484 112.98 45.66 75.22
C HIS G 1484 111.95 45.16 74.23
N SER G 1485 112.21 45.23 72.93
CA SER G 1485 111.32 44.66 71.93
C SER G 1485 112.02 44.62 70.58
N SER G 1486 111.99 43.45 69.94
CA SER G 1486 112.56 43.27 68.62
C SER G 1486 111.58 42.47 67.79
N LEU G 1487 111.30 42.96 66.58
CA LEU G 1487 110.30 42.35 65.70
C LEU G 1487 110.92 42.07 64.33
N LYS G 1488 110.57 40.94 63.76
CA LYS G 1488 111.01 40.56 62.42
C LYS G 1488 109.83 40.67 61.46
N CYS G 1489 110.04 41.35 60.34
CA CYS G 1489 108.99 41.61 59.38
C CYS G 1489 109.40 41.07 58.01
N SER G 1490 108.42 40.57 57.28
CA SER G 1490 108.65 40.03 55.94
C SER G 1490 107.32 39.94 55.21
N ASN G 1491 107.37 39.41 53.99
CA ASN G 1491 106.17 39.19 53.21
C ASN G 1491 106.09 37.78 52.63
N CYS G 1492 106.93 36.86 53.09
CA CYS G 1492 107.00 35.52 52.51
C CYS G 1492 107.55 34.57 53.55
N TYR G 1493 106.72 33.62 54.00
CA TYR G 1493 107.07 32.66 55.03
C TYR G 1493 107.00 31.26 54.42
N MET G 1494 108.14 30.71 54.02
CA MET G 1494 108.16 29.45 53.30
C MET G 1494 109.31 28.57 53.80
N VAL G 1495 109.27 27.31 53.41
CA VAL G 1495 110.30 26.33 53.71
C VAL G 1495 110.69 25.64 52.42
N TRP G 1496 111.99 25.38 52.27
CA TRP G 1496 112.51 24.79 51.05
C TRP G 1496 112.26 23.29 51.03
N GLY G 1497 111.90 22.78 49.86
CA GLY G 1497 111.63 21.35 49.73
C GLY G 1497 112.88 20.51 49.80
N GLY G 1498 114.04 21.11 49.53
CA GLY G 1498 115.29 20.37 49.56
C GLY G 1498 115.75 20.02 50.96
N ASP G 1499 115.17 20.65 51.98
CA ASP G 1499 115.57 20.37 53.35
C ASP G 1499 115.09 19.00 53.82
N PHE G 1500 114.11 18.42 53.15
CA PHE G 1500 113.55 17.13 53.53
C PHE G 1500 113.92 16.02 52.56
N VAL G 1501 114.92 16.24 51.72
CA VAL G 1501 115.30 15.25 50.72
C VAL G 1501 115.67 13.95 51.40
N HIS G 1511 111.00 7.05 42.25
CA HIS G 1511 111.08 7.53 43.62
C HIS G 1511 109.72 7.38 44.30
N THR G 1512 109.40 8.28 45.22
CA THR G 1512 108.14 8.24 45.95
C THR G 1512 107.68 9.66 46.24
N ASP G 1513 106.38 9.79 46.54
CA ASP G 1513 105.80 11.10 46.77
C ASP G 1513 106.26 11.67 48.11
N LEU G 1514 106.22 13.00 48.21
CA LEU G 1514 106.58 13.72 49.42
C LEU G 1514 105.42 14.64 49.80
N VAL G 1515 105.13 14.71 51.09
CA VAL G 1515 104.01 15.48 51.61
C VAL G 1515 104.51 16.43 52.68
N ILE G 1516 104.08 17.68 52.62
CA ILE G 1516 104.48 18.72 53.56
C ILE G 1516 103.22 19.33 54.17
N GLY G 1517 103.23 19.50 55.47
CA GLY G 1517 102.08 20.04 56.20
C GLY G 1517 102.41 21.36 56.85
N CYS G 1518 101.40 22.22 56.96
CA CYS G 1518 101.55 23.55 57.54
C CYS G 1518 100.49 23.75 58.61
N LEU G 1519 100.89 24.38 59.72
CA LEU G 1519 99.99 24.65 60.83
C LEU G 1519 100.05 26.14 61.19
N VAL G 1520 98.95 26.65 61.72
CA VAL G 1520 98.87 28.02 62.19
C VAL G 1520 97.93 28.06 63.39
N ASP G 1521 98.24 28.93 64.35
CA ASP G 1521 97.39 29.16 65.50
C ASP G 1521 97.00 30.63 65.50
N LEU G 1522 95.74 30.91 65.18
CA LEU G 1522 95.28 32.28 65.01
C LEU G 1522 95.22 33.06 66.32
N ALA G 1523 95.30 32.39 67.47
CA ALA G 1523 95.23 33.06 68.75
C ALA G 1523 96.60 33.38 69.35
N THR G 1524 97.68 32.88 68.75
CA THR G 1524 99.02 33.15 69.25
C THR G 1524 100.02 33.55 68.18
N GLY G 1525 99.65 33.52 66.91
CA GLY G 1525 100.56 33.92 65.86
C GLY G 1525 101.79 33.06 65.71
N LEU G 1526 101.64 31.74 65.73
CA LEU G 1526 102.76 30.82 65.60
C LEU G 1526 102.54 29.90 64.41
N MET G 1527 103.62 29.60 63.69
CA MET G 1527 103.58 28.76 62.51
C MET G 1527 104.62 27.66 62.62
N THR G 1528 104.26 26.47 62.13
CA THR G 1528 105.14 25.31 62.19
C THR G 1528 104.89 24.44 60.96
N PHE G 1529 105.85 23.58 60.66
CA PHE G 1529 105.81 22.73 59.48
C PHE G 1529 106.19 21.31 59.84
N THR G 1530 105.68 20.36 59.04
CA THR G 1530 106.00 18.94 59.20
C THR G 1530 106.20 18.31 57.83
N ALA G 1531 107.11 17.36 57.76
CA ALA G 1531 107.38 16.63 56.52
C ALA G 1531 107.24 15.14 56.78
N ASN G 1532 106.34 14.49 56.02
CA ASN G 1532 106.08 13.06 56.17
C ASN G 1532 105.77 12.71 57.61
N GLY G 1533 105.03 13.60 58.29
CA GLY G 1533 104.63 13.36 59.65
C GLY G 1533 105.69 13.64 60.70
N LYS G 1534 106.84 14.15 60.32
CA LYS G 1534 107.92 14.46 61.24
C LYS G 1534 108.10 15.97 61.33
N GLU G 1535 108.10 16.50 62.56
CA GLU G 1535 108.20 17.93 62.75
C GLU G 1535 109.52 18.46 62.21
N SER G 1536 109.61 19.79 62.13
CA SER G 1536 110.80 20.49 61.68
C SER G 1536 111.15 21.58 62.67
N ASN G 1537 112.40 22.04 62.60
CA ASN G 1537 112.87 23.04 63.54
C ASN G 1537 112.50 24.46 63.11
N THR G 1538 112.01 24.63 61.87
CA THR G 1538 111.65 25.96 61.39
C THR G 1538 110.33 26.41 62.00
N PHE G 1539 110.25 27.70 62.33
CA PHE G 1539 109.01 28.28 62.82
C PHE G 1539 109.08 29.79 62.65
N PHE G 1540 107.91 30.42 62.67
CA PHE G 1540 107.80 31.86 62.49
C PHE G 1540 106.82 32.43 63.52
N GLN G 1541 106.74 33.76 63.56
CA GLN G 1541 105.81 34.46 64.41
C GLN G 1541 105.37 35.75 63.74
N VAL G 1542 104.10 36.13 63.92
CA VAL G 1542 103.51 37.28 63.25
C VAL G 1542 102.77 38.13 64.27
N GLU G 1543 102.15 39.20 63.78
CA GLU G 1543 101.47 40.16 64.63
C GLU G 1543 99.97 39.98 64.56
N PRO G 1544 99.22 40.60 65.49
CA PRO G 1544 97.81 40.24 65.66
C PRO G 1544 96.94 40.35 64.42
N ASN G 1545 97.11 41.38 63.59
CA ASN G 1545 96.12 41.69 62.56
C ASN G 1545 96.59 41.38 61.15
N THR G 1546 97.31 40.29 60.94
CA THR G 1546 97.87 40.03 59.62
C THR G 1546 96.96 39.11 58.81
N LYS G 1547 97.14 39.16 57.49
CA LYS G 1547 96.47 38.28 56.55
C LYS G 1547 97.50 37.41 55.86
N LEU G 1548 97.14 36.17 55.56
CA LEU G 1548 98.04 35.23 54.90
C LEU G 1548 97.29 34.44 53.83
N PHE G 1549 97.99 34.17 52.72
CA PHE G 1549 97.47 33.35 51.65
C PHE G 1549 98.31 32.10 51.51
N PRO G 1550 97.73 30.91 51.38
CA PRO G 1550 98.53 29.75 51.03
C PRO G 1550 99.20 29.95 49.67
N ALA G 1551 100.43 29.46 49.55
CA ALA G 1551 101.20 29.70 48.33
C ALA G 1551 102.17 28.55 48.09
N VAL G 1552 102.59 28.43 46.83
CA VAL G 1552 103.54 27.40 46.41
C VAL G 1552 104.29 27.92 45.20
N PHE G 1553 105.62 27.85 45.24
CA PHE G 1553 106.46 28.19 44.10
C PHE G 1553 107.14 26.91 43.61
N VAL G 1554 107.17 26.72 42.29
CA VAL G 1554 107.67 25.47 41.74
C VAL G 1554 108.25 25.74 40.35
N LEU G 1555 109.25 24.94 39.99
CA LEU G 1555 109.79 24.92 38.64
C LEU G 1555 109.51 23.54 38.05
N PRO G 1556 108.52 23.40 37.18
CA PRO G 1556 108.06 22.06 36.80
C PRO G 1556 109.15 21.25 36.09
N THR G 1557 109.13 19.94 36.34
CA THR G 1557 110.01 19.00 35.66
C THR G 1557 109.29 17.70 35.29
N HIS G 1558 107.97 17.69 35.26
CA HIS G 1558 107.21 16.47 35.00
C HIS G 1558 105.80 16.86 34.58
N GLN G 1559 105.08 15.89 34.03
CA GLN G 1559 103.70 16.14 33.63
C GLN G 1559 102.82 16.43 34.85
N ASN G 1560 103.00 15.67 35.92
CA ASN G 1560 102.27 15.88 37.17
C ASN G 1560 103.19 16.62 38.12
N VAL G 1561 102.71 17.73 38.69
CA VAL G 1561 103.61 18.62 39.42
C VAL G 1561 103.27 18.69 40.90
N ILE G 1562 102.10 19.25 41.23
CA ILE G 1562 101.74 19.63 42.60
C ILE G 1562 100.26 19.38 42.80
N GLN G 1563 99.87 19.24 44.07
CA GLN G 1563 98.47 18.99 44.43
C GLN G 1563 98.20 19.59 45.80
N PHE G 1564 97.37 20.64 45.84
CA PHE G 1564 96.87 21.15 47.11
C PHE G 1564 95.94 20.12 47.74
N GLU G 1565 95.99 20.00 49.06
CA GLU G 1565 95.09 19.12 49.80
C GLU G 1565 94.48 19.90 50.95
N LEU G 1566 93.19 19.73 51.16
CA LEU G 1566 92.44 20.47 52.17
C LEU G 1566 91.88 19.56 53.26
N GLY G 1567 92.67 18.58 53.70
CA GLY G 1567 92.21 17.67 54.73
C GLY G 1567 92.33 18.26 56.11
N LYS G 1568 92.48 17.40 57.13
CA LYS G 1568 92.62 17.84 58.50
C LYS G 1568 93.46 16.81 59.26
N GLN G 1569 93.59 17.02 60.56
CA GLN G 1569 94.34 16.12 61.43
C GLN G 1569 93.55 15.92 62.72
N LYS G 1570 94.10 15.09 63.60
CA LYS G 1570 93.44 14.81 64.88
C LYS G 1570 93.32 16.09 65.69
N ASN G 1571 92.09 16.44 66.06
CA ASN G 1571 91.79 17.62 66.87
C ASN G 1571 92.27 18.91 66.22
N ILE G 1572 92.28 18.97 64.88
CA ILE G 1572 92.69 20.16 64.14
C ILE G 1572 91.69 20.41 63.04
N MET G 1573 91.22 21.64 62.95
CA MET G 1573 90.19 21.99 61.98
C MET G 1573 90.80 22.19 60.59
N PRO G 1574 90.00 22.01 59.54
CA PRO G 1574 90.46 22.37 58.19
C PRO G 1574 90.33 23.86 57.94
N LEU G 1575 91.11 24.35 56.97
CA LEU G 1575 91.18 25.79 56.76
C LEU G 1575 89.90 26.36 56.16
N SER G 1576 89.02 25.51 55.62
CA SER G 1576 87.73 26.01 55.17
C SER G 1576 86.88 26.50 56.33
N ALA G 1577 87.19 26.07 57.55
CA ALA G 1577 86.51 26.59 58.73
C ALA G 1577 87.02 27.98 59.12
N ALA G 1578 88.23 28.34 58.69
CA ALA G 1578 88.75 29.67 58.98
C ALA G 1578 88.45 30.64 57.85
N MET G 1579 88.33 30.13 56.62
CA MET G 1579 88.12 31.00 55.48
C MET G 1579 86.70 31.55 55.45
N PHE G 1580 85.72 30.73 55.82
CA PHE G 1580 84.30 31.06 55.65
C PHE G 1580 83.64 31.19 57.01
N LEU G 1581 82.89 32.28 57.20
CA LEU G 1581 82.26 32.54 58.48
C LEU G 1581 81.21 31.49 58.81
N SER G 1582 80.46 31.04 57.80
CA SER G 1582 79.38 30.10 58.07
C SER G 1582 79.89 28.79 58.64
N GLU G 1583 81.01 28.29 58.12
CA GLU G 1583 81.56 27.00 58.52
C GLU G 1583 82.52 27.10 59.69
N ARG G 1584 82.36 28.12 60.54
CA ARG G 1584 83.34 28.34 61.61
C ARG G 1584 83.35 27.19 62.60
N LYS G 1585 82.31 26.35 62.62
CA LYS G 1585 82.21 25.25 63.57
C LYS G 1585 81.93 23.92 62.89
N ASN G 1586 82.25 23.79 61.61
CA ASN G 1586 82.00 22.56 60.87
C ASN G 1586 83.32 21.87 60.54
N PRO G 1587 83.63 20.72 61.12
CA PRO G 1587 84.91 20.07 60.85
C PRO G 1587 84.94 19.23 59.57
N ALA G 1588 83.97 19.38 58.68
CA ALA G 1588 83.97 18.62 57.45
C ALA G 1588 84.72 19.39 56.37
N PRO G 1589 85.77 18.81 55.76
CA PRO G 1589 86.49 19.55 54.71
C PRO G 1589 85.57 19.92 53.55
N GLN G 1590 85.85 21.08 52.95
CA GLN G 1590 85.06 21.58 51.84
C GLN G 1590 85.96 22.34 50.87
N CYS G 1591 85.38 22.73 49.73
CA CYS G 1591 86.10 23.47 48.70
C CYS G 1591 85.09 24.16 47.80
N PRO G 1592 84.47 25.24 48.28
CA PRO G 1592 83.41 25.89 47.50
C PRO G 1592 83.96 26.50 46.23
N PRO G 1593 83.09 26.90 45.30
CA PRO G 1593 83.57 27.42 44.01
C PRO G 1593 84.42 28.67 44.13
N ARG G 1594 84.25 29.47 45.18
CA ARG G 1594 84.99 30.73 45.27
C ARG G 1594 86.48 30.49 45.47
N LEU G 1595 86.88 29.29 45.85
CA LEU G 1595 88.27 29.00 46.15
C LEU G 1595 88.95 28.42 44.91
N GLU G 1596 90.00 29.09 44.44
CA GLU G 1596 90.70 28.67 43.23
C GLU G 1596 92.12 29.17 43.27
N VAL G 1597 92.95 28.63 42.39
CA VAL G 1597 94.37 28.99 42.35
C VAL G 1597 94.56 30.18 41.43
N GLN G 1598 95.58 30.98 41.72
CA GLN G 1598 95.92 32.15 40.93
C GLN G 1598 97.42 32.17 40.66
N MET G 1599 97.79 32.73 39.52
CA MET G 1599 99.18 32.84 39.12
C MET G 1599 99.57 34.31 39.03
N LEU G 1600 100.88 34.55 38.98
CA LEU G 1600 101.42 35.91 38.99
C LEU G 1600 101.74 36.35 37.57
N MET G 1601 101.12 37.46 37.14
CA MET G 1601 101.37 38.02 35.82
C MET G 1601 102.25 39.27 35.94
N PRO G 1602 103.13 39.53 34.98
CA PRO G 1602 104.12 40.60 35.18
C PRO G 1602 103.66 41.99 34.73
N VAL G 1603 102.61 42.13 33.93
CA VAL G 1603 102.22 43.43 33.39
C VAL G 1603 100.70 43.50 33.32
N SER G 1604 100.17 44.72 33.45
CA SER G 1604 98.73 44.95 33.39
C SER G 1604 98.46 46.37 32.90
N TRP G 1605 97.23 46.58 32.42
CA TRP G 1605 96.81 47.91 31.98
C TRP G 1605 96.41 48.77 33.16
N SER G 1606 96.51 50.08 32.98
CA SER G 1606 96.14 51.03 34.03
C SER G 1606 95.77 52.36 33.39
N ARG G 1607 95.09 53.20 34.16
CA ARG G 1607 94.54 54.45 33.66
C ARG G 1607 95.36 55.64 34.13
N MET G 1608 95.65 56.55 33.22
CA MET G 1608 96.41 57.75 33.56
C MET G 1608 95.49 58.80 34.17
N PRO G 1609 95.85 59.40 35.30
CA PRO G 1609 95.02 60.48 35.84
C PRO G 1609 94.89 61.64 34.86
N ASN G 1610 93.90 62.49 35.11
CA ASN G 1610 93.69 63.65 34.26
C ASN G 1610 94.49 64.86 34.71
N HIS G 1611 94.83 64.94 35.99
CA HIS G 1611 95.59 66.07 36.53
C HIS G 1611 96.67 65.55 37.45
N PHE G 1612 97.75 66.31 37.55
CA PHE G 1612 98.91 65.94 38.35
C PHE G 1612 99.30 67.08 39.27
N LEU G 1613 100.01 66.75 40.34
CA LEU G 1613 100.46 67.76 41.29
C LEU G 1613 101.52 68.65 40.66
N GLN G 1614 101.52 69.92 41.04
CA GLN G 1614 102.56 70.84 40.61
C GLN G 1614 103.58 71.04 41.73
N VAL G 1615 104.84 70.79 41.44
CA VAL G 1615 105.92 70.89 42.41
C VAL G 1615 106.98 71.84 41.88
N GLU G 1616 107.44 72.74 42.76
CA GLU G 1616 108.47 73.71 42.41
C GLU G 1616 109.76 73.34 43.13
N THR G 1617 110.87 73.35 42.40
CA THR G 1617 112.18 73.02 42.95
C THR G 1617 113.19 74.06 42.48
N ARG G 1618 114.08 74.48 43.38
CA ARG G 1618 115.12 75.43 43.01
C ARG G 1618 116.15 75.47 44.13
N ARG G 1619 117.31 76.05 43.81
CA ARG G 1619 118.39 76.20 44.79
C ARG G 1619 118.21 77.52 45.51
N ALA G 1620 117.81 77.46 46.79
CA ALA G 1620 117.55 78.68 47.53
C ALA G 1620 118.80 79.54 47.68
N GLY G 1621 119.93 78.93 47.99
CA GLY G 1621 121.16 79.67 48.17
C GLY G 1621 122.27 78.78 48.69
N GLU G 1622 123.42 79.41 48.93
CA GLU G 1622 124.57 78.67 49.42
C GLU G 1622 124.31 78.09 50.80
N ARG G 1623 123.62 78.84 51.67
CA ARG G 1623 123.44 78.43 53.06
C ARG G 1623 122.11 77.74 53.31
N LEU G 1624 121.13 77.92 52.43
CA LEU G 1624 119.80 77.38 52.67
C LEU G 1624 119.57 76.04 52.00
N GLY G 1625 120.24 75.77 50.88
CA GLY G 1625 120.08 74.49 50.21
C GLY G 1625 119.00 74.54 49.14
N TRP G 1626 118.41 73.37 48.89
CA TRP G 1626 117.37 73.22 47.87
C TRP G 1626 116.01 73.19 48.54
N ALA G 1627 114.99 73.66 47.82
CA ALA G 1627 113.65 73.79 48.36
C ALA G 1627 112.64 73.09 47.47
N VAL G 1628 111.57 72.59 48.09
CA VAL G 1628 110.46 71.97 47.39
C VAL G 1628 109.17 72.60 47.90
N GLN G 1629 108.13 72.56 47.08
CA GLN G 1629 106.91 73.29 47.40
C GLN G 1629 105.74 72.70 46.63
N CYS G 1630 104.55 72.79 47.23
CA CYS G 1630 103.33 72.29 46.62
C CYS G 1630 102.14 72.87 47.37
N GLN G 1631 101.23 73.50 46.63
CA GLN G 1631 100.13 74.25 47.24
C GLN G 1631 98.76 73.81 46.78
N ASP G 1632 98.59 73.48 45.50
CA ASP G 1632 97.26 73.19 44.96
C ASP G 1632 96.86 71.77 45.32
N PRO G 1633 95.71 71.57 45.95
CA PRO G 1633 95.32 70.20 46.34
C PRO G 1633 94.65 69.43 45.21
N LEU G 1634 94.74 68.11 45.31
CA LEU G 1634 94.06 67.20 44.39
C LEU G 1634 93.52 66.02 45.19
N THR G 1635 92.48 65.40 44.66
CA THR G 1635 91.85 64.26 45.32
C THR G 1635 91.15 63.41 44.29
N MET G 1636 90.91 62.14 44.64
CA MET G 1636 90.21 61.22 43.76
C MET G 1636 89.34 60.29 44.59
N MET G 1637 88.38 59.66 43.92
CA MET G 1637 87.45 58.73 44.55
C MET G 1637 87.98 57.32 44.35
N ALA G 1638 88.23 56.62 45.44
CA ALA G 1638 88.86 55.31 45.39
C ALA G 1638 87.84 54.20 45.57
N LEU G 1639 88.21 53.01 45.12
CA LEU G 1639 87.39 51.81 45.27
C LEU G 1639 88.26 50.73 45.90
N HIS G 1640 87.79 50.14 47.00
CA HIS G 1640 88.57 49.24 47.81
C HIS G 1640 88.00 47.83 47.70
N ILE G 1641 88.88 46.83 47.57
CA ILE G 1641 88.50 45.43 47.54
C ILE G 1641 88.89 44.82 48.89
N PRO G 1642 87.93 44.54 49.77
CA PRO G 1642 88.31 44.21 51.16
C PRO G 1642 89.25 43.03 51.31
N GLU G 1643 89.06 41.96 50.52
CA GLU G 1643 89.82 40.74 50.78
C GLU G 1643 91.27 40.87 50.34
N GLU G 1644 91.54 41.60 49.25
CA GLU G 1644 92.89 41.73 48.74
C GLU G 1644 93.64 42.91 49.37
N ASN G 1645 92.94 43.82 50.03
CA ASN G 1645 93.59 44.95 50.69
C ASN G 1645 94.31 45.84 49.68
N ARG G 1646 93.58 46.30 48.67
CA ARG G 1646 94.12 47.19 47.67
C ARG G 1646 92.97 48.01 47.07
N CYS G 1647 93.33 49.12 46.44
CA CYS G 1647 92.35 50.05 45.91
C CYS G 1647 92.74 50.47 44.50
N MET G 1648 91.75 50.99 43.77
CA MET G 1648 91.95 51.51 42.43
C MET G 1648 91.00 52.67 42.20
N ASP G 1649 91.31 53.48 41.20
CA ASP G 1649 90.44 54.59 40.84
C ASP G 1649 89.10 54.08 40.38
N ILE G 1650 88.02 54.70 40.86
CA ILE G 1650 86.69 54.27 40.48
C ILE G 1650 86.44 54.47 39.00
N LEU G 1651 87.14 55.41 38.37
CA LEU G 1651 86.98 55.65 36.95
C LEU G 1651 87.51 54.50 36.09
N GLU G 1652 88.24 53.56 36.69
CA GLU G 1652 88.69 52.40 35.93
C GLU G 1652 87.56 51.43 35.62
N LEU G 1653 86.38 51.64 36.19
CA LEU G 1653 85.25 50.75 35.94
C LEU G 1653 84.67 50.91 34.55
N SER G 1654 85.12 51.90 33.77
CA SER G 1654 84.65 52.05 32.41
C SER G 1654 85.17 50.94 31.50
N GLU G 1655 86.16 50.17 31.95
CA GLU G 1655 86.68 49.05 31.18
C GLU G 1655 86.59 47.71 31.89
N ARG G 1656 86.18 47.70 33.16
CA ARG G 1656 85.95 46.46 33.90
C ARG G 1656 84.45 46.31 34.09
N LEU G 1657 83.84 45.56 33.18
CA LEU G 1657 82.37 45.55 33.11
C LEU G 1657 81.74 44.76 34.24
N ASP G 1658 82.32 43.62 34.63
CA ASP G 1658 81.71 42.81 35.67
C ASP G 1658 81.65 43.57 37.00
N LEU G 1659 82.75 44.22 37.38
CA LEU G 1659 82.74 45.00 38.61
C LEU G 1659 81.77 46.17 38.50
N GLN G 1660 81.67 46.77 37.32
CA GLN G 1660 80.71 47.86 37.14
C GLN G 1660 79.29 47.38 37.38
N ARG G 1661 78.93 46.23 36.81
CA ARG G 1661 77.59 45.70 37.02
C ARG G 1661 77.34 45.37 38.48
N PHE G 1662 78.32 44.74 39.13
CA PHE G 1662 78.14 44.40 40.54
C PHE G 1662 77.94 45.66 41.39
N HIS G 1663 78.71 46.71 41.12
CA HIS G 1663 78.58 47.92 41.92
C HIS G 1663 77.25 48.63 41.65
N SER G 1664 76.79 48.63 40.40
CA SER G 1664 75.50 49.24 40.12
C SER G 1664 74.38 48.50 40.85
N HIS G 1665 74.44 47.17 40.87
CA HIS G 1665 73.43 46.44 41.63
C HIS G 1665 73.57 46.65 43.12
N THR G 1666 74.79 46.89 43.62
CA THR G 1666 74.97 47.23 45.02
C THR G 1666 74.27 48.55 45.34
N LEU G 1667 74.43 49.54 44.48
CA LEU G 1667 73.72 50.80 44.68
C LEU G 1667 72.21 50.60 44.65
N ARG G 1668 71.73 49.72 43.77
CA ARG G 1668 70.30 49.42 43.76
C ARG G 1668 69.85 48.83 45.08
N LEU G 1669 70.63 47.90 45.63
CA LEU G 1669 70.26 47.32 46.92
C LEU G 1669 70.24 48.36 48.03
N TYR G 1670 71.26 49.23 48.07
CA TYR G 1670 71.24 50.33 49.02
C TYR G 1670 69.96 51.14 48.89
N ARG G 1671 69.61 51.50 47.65
CA ARG G 1671 68.42 52.31 47.42
C ARG G 1671 67.14 51.57 47.80
N ALA G 1672 67.20 50.23 47.82
CA ALA G 1672 66.01 49.46 48.14
C ALA G 1672 65.80 49.28 49.64
N VAL G 1673 66.88 49.12 50.41
CA VAL G 1673 66.70 48.84 51.83
C VAL G 1673 66.19 50.04 52.61
N CYS G 1674 66.15 51.22 52.01
CA CYS G 1674 65.68 52.43 52.68
C CYS G 1674 64.44 53.02 52.02
N ALA G 1675 63.65 52.20 51.32
CA ALA G 1675 62.55 52.72 50.53
C ALA G 1675 61.30 52.91 51.38
N LEU G 1676 60.50 53.90 51.00
CA LEU G 1676 59.20 54.14 51.61
C LEU G 1676 59.31 54.46 53.09
N GLY G 1677 60.05 55.51 53.41
CA GLY G 1677 60.00 56.10 54.74
C GLY G 1677 60.69 55.33 55.84
N ASN G 1678 61.69 54.51 55.53
CA ASN G 1678 62.47 53.83 56.56
C ASN G 1678 63.64 54.73 56.91
N ASN G 1679 63.39 55.65 57.85
CA ASN G 1679 64.37 56.71 58.13
C ASN G 1679 65.54 56.20 58.95
N ARG G 1680 65.35 55.17 59.77
CA ARG G 1680 66.46 54.65 60.56
C ARG G 1680 67.55 54.07 59.65
N VAL G 1681 67.16 53.30 58.64
CA VAL G 1681 68.13 52.77 57.70
C VAL G 1681 68.76 53.89 56.89
N ALA G 1682 67.98 54.93 56.58
CA ALA G 1682 68.54 56.07 55.87
C ALA G 1682 69.62 56.74 56.70
N HIS G 1683 69.39 56.90 58.00
CA HIS G 1683 70.42 57.43 58.89
C HIS G 1683 71.64 56.53 58.91
N ALA G 1684 71.42 55.21 58.94
CA ALA G 1684 72.53 54.27 58.98
C ALA G 1684 73.39 54.37 57.72
N LEU G 1685 72.76 54.52 56.55
CA LEU G 1685 73.49 54.51 55.30
C LEU G 1685 74.43 55.70 55.17
N CYS G 1686 74.26 56.76 55.97
CA CYS G 1686 75.12 57.92 55.86
C CYS G 1686 76.55 57.63 56.26
N SER G 1687 76.80 56.53 56.97
CA SER G 1687 78.17 56.17 57.30
C SER G 1687 78.87 55.42 56.18
N HIS G 1688 78.12 54.93 55.19
CA HIS G 1688 78.70 54.24 54.06
C HIS G 1688 78.84 55.12 52.82
N VAL G 1689 78.02 56.16 52.70
CA VAL G 1689 78.13 57.12 51.62
C VAL G 1689 77.89 58.51 52.20
N ASP G 1690 78.98 59.25 52.43
CA ASP G 1690 78.87 60.54 53.09
C ASP G 1690 78.59 61.65 52.09
N GLN G 1691 78.45 62.87 52.62
CA GLN G 1691 78.10 64.01 51.77
C GLN G 1691 79.15 64.26 50.71
N ALA G 1692 80.43 64.22 51.09
CA ALA G 1692 81.49 64.57 50.15
C ALA G 1692 81.45 63.65 48.93
N GLN G 1693 81.26 62.35 49.15
CA GLN G 1693 81.21 61.42 48.03
C GLN G 1693 80.07 61.76 47.10
N LEU G 1694 78.89 62.04 47.65
CA LEU G 1694 77.73 62.30 46.80
C LEU G 1694 77.93 63.56 45.99
N LEU G 1695 78.41 64.63 46.61
CA LEU G 1695 78.61 65.86 45.87
C LEU G 1695 79.70 65.70 44.81
N HIS G 1696 80.80 65.02 45.14
CA HIS G 1696 81.83 64.78 44.15
C HIS G 1696 81.28 64.00 42.96
N ALA G 1697 80.51 62.95 43.24
CA ALA G 1697 79.92 62.18 42.15
C ALA G 1697 78.98 63.02 41.32
N LEU G 1698 78.24 63.93 41.96
CA LEU G 1698 77.36 64.82 41.21
C LEU G 1698 78.15 65.68 40.24
N GLU G 1699 79.30 66.22 40.68
CA GLU G 1699 80.08 67.09 39.81
C GLU G 1699 80.84 66.33 38.74
N ASP G 1700 81.25 65.09 39.00
CA ASP G 1700 82.21 64.41 38.14
C ASP G 1700 81.68 64.25 36.72
N ALA G 1701 82.58 64.35 35.74
CA ALA G 1701 82.20 64.32 34.33
C ALA G 1701 82.69 63.08 33.60
N HIS G 1702 83.62 62.32 34.17
CA HIS G 1702 84.16 61.13 33.53
C HIS G 1702 83.50 59.85 34.02
N LEU G 1703 82.48 59.95 34.86
CA LEU G 1703 81.89 58.76 35.44
C LEU G 1703 81.03 58.03 34.39
N PRO G 1704 80.97 56.70 34.43
CA PRO G 1704 80.07 55.98 33.51
C PRO G 1704 78.62 56.30 33.82
N GLY G 1705 77.77 56.13 32.80
CA GLY G 1705 76.38 56.52 32.90
C GLY G 1705 75.62 55.80 33.98
N PRO G 1706 75.72 54.46 34.03
CA PRO G 1706 74.97 53.73 35.06
C PRO G 1706 75.31 54.17 36.48
N LEU G 1707 76.59 54.40 36.78
CA LEU G 1707 76.96 54.83 38.11
C LEU G 1707 76.49 56.25 38.38
N ARG G 1708 76.54 57.12 37.37
CA ARG G 1708 76.03 58.47 37.52
C ARG G 1708 74.56 58.46 37.92
N ALA G 1709 73.75 57.71 37.18
CA ALA G 1709 72.33 57.63 37.50
C ALA G 1709 72.12 57.00 38.87
N GLY G 1710 72.89 55.95 39.19
CA GLY G 1710 72.74 55.31 40.48
C GLY G 1710 73.02 56.26 41.63
N TYR G 1711 74.05 57.09 41.50
CA TYR G 1711 74.38 58.01 42.58
C TYR G 1711 73.35 59.13 42.70
N TYR G 1712 72.84 59.66 41.59
CA TYR G 1712 71.77 60.64 41.69
C TYR G 1712 70.57 60.05 42.40
N ASP G 1713 70.15 58.85 42.01
CA ASP G 1713 68.99 58.23 42.64
C ASP G 1713 69.26 57.93 44.11
N LEU G 1714 70.49 57.53 44.46
CA LEU G 1714 70.80 57.27 45.85
C LEU G 1714 70.68 58.53 46.69
N LEU G 1715 71.21 59.65 46.19
CA LEU G 1715 71.05 60.90 46.93
C LEU G 1715 69.59 61.23 47.14
N ILE G 1716 68.79 61.14 46.07
CA ILE G 1716 67.37 61.47 46.20
C ILE G 1716 66.70 60.56 47.22
N SER G 1717 66.97 59.26 47.15
CA SER G 1717 66.31 58.31 48.05
C SER G 1717 66.69 58.56 49.49
N ILE G 1718 67.97 58.80 49.77
CA ILE G 1718 68.40 58.93 51.16
C ILE G 1718 67.88 60.24 51.75
N HIS G 1719 67.92 61.33 50.99
CA HIS G 1719 67.79 62.65 51.60
C HIS G 1719 66.48 63.38 51.32
N LEU G 1720 65.74 63.03 50.26
CA LEU G 1720 64.63 63.86 49.83
C LEU G 1720 63.32 63.11 49.59
N GLU G 1721 63.32 61.78 49.53
CA GLU G 1721 62.15 61.07 49.07
C GLU G 1721 60.97 61.25 50.02
N SER G 1722 61.18 61.08 51.33
CA SER G 1722 60.08 61.13 52.28
C SER G 1722 59.42 62.50 52.31
N ALA G 1723 60.22 63.55 52.35
CA ALA G 1723 59.66 64.90 52.39
C ALA G 1723 58.87 65.20 51.12
N CYS G 1724 59.39 64.79 49.97
CA CYS G 1724 58.67 65.02 48.72
C CYS G 1724 57.35 64.29 48.71
N ARG G 1725 57.33 63.04 49.17
CA ARG G 1725 56.07 62.30 49.21
C ARG G 1725 55.07 62.97 50.13
N SER G 1726 55.50 63.37 51.32
CA SER G 1726 54.59 64.00 52.27
C SER G 1726 54.03 65.29 51.70
N ARG G 1727 54.88 66.11 51.10
CA ARG G 1727 54.41 67.37 50.52
C ARG G 1727 53.44 67.10 49.38
N ARG G 1728 53.72 66.11 48.54
CA ARG G 1728 52.87 65.84 47.39
C ARG G 1728 51.51 65.34 47.83
N SER G 1729 51.44 64.60 48.94
CA SER G 1729 50.16 64.07 49.38
C SER G 1729 49.17 65.17 49.74
N MET G 1730 49.67 66.34 50.16
CA MET G 1730 48.82 67.44 50.60
C MET G 1730 48.69 68.54 49.57
N LEU G 1731 49.06 68.29 48.32
CA LEU G 1731 49.07 69.34 47.31
C LEU G 1731 47.76 69.46 46.56
N SER G 1732 46.76 68.65 46.90
CA SER G 1732 45.47 68.65 46.22
C SER G 1732 44.37 69.30 47.05
N GLU G 1733 44.72 70.00 48.13
CA GLU G 1733 43.76 70.64 49.00
C GLU G 1733 44.13 72.10 49.18
N TYR G 1734 43.13 72.94 49.46
CA TYR G 1734 43.32 74.39 49.54
C TYR G 1734 42.60 74.89 50.80
N ILE G 1735 43.36 75.14 51.85
CA ILE G 1735 42.86 75.77 53.08
C ILE G 1735 43.39 77.19 53.09
N VAL G 1736 42.53 78.16 52.85
CA VAL G 1736 42.93 79.56 52.69
C VAL G 1736 42.57 80.31 53.98
N PRO G 1737 43.54 80.83 54.72
CA PRO G 1737 43.20 81.66 55.88
C PRO G 1737 42.94 83.09 55.47
N LEU G 1738 42.06 83.75 56.23
CA LEU G 1738 41.68 85.13 55.94
C LEU G 1738 42.63 86.06 56.69
N THR G 1739 43.59 86.61 55.97
CA THR G 1739 44.62 87.47 56.55
C THR G 1739 44.87 88.64 55.61
N PRO G 1740 45.53 89.68 56.08
CA PRO G 1740 45.75 90.86 55.22
C PRO G 1740 46.44 90.55 53.91
N GLU G 1741 47.42 89.64 53.91
CA GLU G 1741 48.10 89.32 52.66
C GLU G 1741 47.21 88.52 51.73
N THR G 1742 46.25 87.77 52.28
CA THR G 1742 45.28 87.08 51.42
C THR G 1742 44.42 88.08 50.66
N ARG G 1743 44.05 89.19 51.30
CA ARG G 1743 43.18 90.16 50.66
C ARG G 1743 43.84 90.87 49.49
N ALA G 1744 45.16 90.74 49.33
CA ALA G 1744 45.87 91.46 48.29
C ALA G 1744 46.06 90.66 47.01
N ILE G 1745 45.47 89.47 46.91
CA ILE G 1745 45.69 88.63 45.74
C ILE G 1745 44.68 88.97 44.65
N THR G 1746 45.17 89.11 43.43
CA THR G 1746 44.32 89.41 42.27
C THR G 1746 44.71 88.52 41.11
N LEU G 1747 43.77 88.31 40.20
CA LEU G 1747 44.03 87.44 39.06
C LEU G 1747 45.13 87.99 38.17
N PHE G 1748 45.13 89.30 37.93
CA PHE G 1748 46.08 89.93 37.04
C PHE G 1748 46.84 91.04 37.76
N PRO G 1749 48.06 91.36 37.32
CA PRO G 1749 48.79 92.48 37.91
C PRO G 1749 48.23 93.80 37.42
N PRO G 1750 48.57 94.91 38.08
CA PRO G 1750 47.97 96.20 37.69
C PRO G 1750 48.22 96.57 36.24
N ALA G 1757 40.55 92.17 31.94
CA ALA G 1757 41.51 91.21 31.41
C ALA G 1757 42.75 91.93 30.90
N ARG G 1758 43.92 91.44 31.29
CA ARG G 1758 45.19 92.04 30.92
C ARG G 1758 46.20 90.93 30.64
N ARG G 1759 47.47 91.32 30.55
CA ARG G 1759 48.52 90.36 30.27
C ARG G 1759 48.68 89.37 31.43
N HIS G 1760 48.94 88.12 31.09
CA HIS G 1760 49.13 87.10 32.11
C HIS G 1760 50.43 87.33 32.88
N GLY G 1761 50.41 86.99 34.16
CA GLY G 1761 51.63 87.00 34.94
C GLY G 1761 52.44 85.73 34.75
N LEU G 1762 53.65 85.75 35.28
CA LEU G 1762 54.51 84.57 35.19
C LEU G 1762 54.00 83.49 36.14
N PRO G 1763 53.98 82.23 35.71
CA PRO G 1763 53.49 81.17 36.60
C PRO G 1763 54.49 80.84 37.69
N GLY G 1764 53.97 80.56 38.88
CA GLY G 1764 54.79 80.13 39.99
C GLY G 1764 55.36 81.25 40.84
N VAL G 1765 55.35 82.48 40.36
CA VAL G 1765 55.86 83.60 41.13
C VAL G 1765 54.70 84.28 41.85
N GLY G 1766 55.02 85.02 42.91
CA GLY G 1766 54.02 85.68 43.71
C GLY G 1766 53.80 85.01 45.04
N VAL G 1767 52.89 85.60 45.83
CA VAL G 1767 52.65 85.12 47.18
C VAL G 1767 51.48 84.13 47.18
N THR G 1768 51.59 83.11 48.02
CA THR G 1768 50.53 82.13 48.22
C THR G 1768 50.28 82.00 49.71
N THR G 1769 49.07 81.57 50.07
CA THR G 1769 48.66 81.50 51.46
C THR G 1769 48.06 80.17 51.88
N SER G 1770 47.94 79.20 50.97
CA SER G 1770 47.42 77.91 51.36
C SER G 1770 48.33 77.24 52.37
N LEU G 1771 47.74 76.54 53.33
CA LEU G 1771 48.51 75.94 54.41
C LEU G 1771 49.22 74.68 53.92
N ARG G 1772 50.50 74.55 54.29
CA ARG G 1772 51.29 73.36 54.00
C ARG G 1772 52.27 73.19 55.16
N PRO G 1773 52.27 72.05 55.84
CA PRO G 1773 53.17 71.89 56.98
C PRO G 1773 54.62 71.89 56.56
N PRO G 1774 55.54 72.31 57.42
CA PRO G 1774 56.95 72.38 57.03
C PRO G 1774 57.62 71.00 57.06
N HIS G 1775 58.90 71.01 56.69
CA HIS G 1775 59.71 69.80 56.70
C HIS G 1775 60.50 69.70 57.99
N HIS G 1776 60.89 68.47 58.34
CA HIS G 1776 61.66 68.20 59.54
C HIS G 1776 62.85 67.31 59.19
N PHE G 1777 64.03 67.70 59.67
CA PHE G 1777 65.25 66.93 59.45
C PHE G 1777 66.07 66.93 60.73
N SER G 1778 66.96 65.94 60.83
CA SER G 1778 67.89 65.86 61.93
C SER G 1778 69.29 65.58 61.40
N PRO G 1779 70.34 66.02 62.11
CA PRO G 1779 71.69 65.80 61.61
C PRO G 1779 72.19 64.42 61.97
N PRO G 1780 72.92 63.76 61.07
CA PRO G 1780 73.50 62.45 61.43
C PRO G 1780 74.65 62.61 62.41
N CYS G 1781 74.81 61.61 63.27
CA CYS G 1781 75.89 61.61 64.25
C CYS G 1781 75.99 60.21 64.85
N PHE G 1782 77.21 59.67 64.88
CA PHE G 1782 77.43 58.29 65.32
C PHE G 1782 78.24 58.22 66.60
N VAL G 1783 78.12 59.22 67.47
CA VAL G 1783 78.71 59.19 68.80
C VAL G 1783 77.70 59.52 69.89
N ALA G 1784 76.46 59.81 69.53
CA ALA G 1784 75.45 60.10 70.53
C ALA G 1784 75.12 58.84 71.32
N ALA G 1785 74.85 59.03 72.62
CA ALA G 1785 74.51 57.90 73.48
C ALA G 1785 73.16 57.33 73.09
N LEU G 1786 73.06 56.00 73.09
CA LEU G 1786 71.79 55.38 72.77
C LEU G 1786 70.89 55.36 74.01
N PRO G 1787 69.56 55.37 73.83
CA PRO G 1787 68.63 55.33 74.96
C PRO G 1787 68.55 53.95 75.61
N ALA G 1794 59.89 55.69 72.16
CA ALA G 1794 60.40 55.28 70.87
C ALA G 1794 59.90 56.22 69.76
N PRO G 1795 60.27 57.49 69.86
CA PRO G 1795 59.82 58.45 68.86
C PRO G 1795 60.39 58.14 67.48
N ALA G 1796 59.64 58.51 66.45
CA ALA G 1796 60.06 58.26 65.09
C ALA G 1796 61.29 59.09 64.74
N ARG G 1797 62.06 58.62 63.77
CA ARG G 1797 63.27 59.30 63.33
C ARG G 1797 62.96 60.19 62.13
N LEU G 1798 63.68 61.31 62.05
CA LEU G 1798 63.56 62.20 60.91
C LEU G 1798 64.60 61.84 59.85
N SER G 1799 64.44 62.42 58.67
CA SER G 1799 65.37 62.15 57.59
C SER G 1799 66.71 62.85 57.86
N PRO G 1800 67.81 62.29 57.38
CA PRO G 1800 69.10 62.98 57.53
C PRO G 1800 69.08 64.33 56.83
N ALA G 1801 69.80 65.28 57.40
CA ALA G 1801 69.80 66.64 56.87
C ALA G 1801 70.93 66.82 55.86
N ILE G 1802 70.80 67.88 55.06
CA ILE G 1802 71.82 68.26 54.08
C ILE G 1802 71.54 69.69 53.65
N PRO G 1803 72.55 70.55 53.49
CA PRO G 1803 72.28 71.95 53.12
C PRO G 1803 71.50 72.01 51.81
N LEU G 1804 70.52 72.91 51.75
CA LEU G 1804 69.59 72.92 50.63
C LEU G 1804 69.86 74.06 49.66
N GLU G 1805 70.23 75.24 50.18
CA GLU G 1805 70.51 76.36 49.29
C GLU G 1805 71.70 76.08 48.40
N ALA G 1806 72.77 75.53 48.97
CA ALA G 1806 73.93 75.16 48.16
C ALA G 1806 73.56 74.12 47.13
N LEU G 1807 72.74 73.15 47.52
CA LEU G 1807 72.33 72.11 46.58
C LEU G 1807 71.52 72.69 45.42
N ARG G 1808 70.62 73.62 45.71
CA ARG G 1808 69.81 74.21 44.64
C ARG G 1808 70.67 75.06 43.72
N ASP G 1809 71.62 75.81 44.28
CA ASP G 1809 72.55 76.57 43.43
C ASP G 1809 73.35 75.64 42.53
N LYS G 1810 73.84 74.54 43.09
CA LYS G 1810 74.58 73.57 42.31
C LYS G 1810 73.73 73.01 41.18
N ALA G 1811 72.49 72.66 41.47
CA ALA G 1811 71.61 72.09 40.45
C ALA G 1811 71.36 73.09 39.34
N LEU G 1812 71.08 74.34 39.70
CA LEU G 1812 70.84 75.35 38.67
C LEU G 1812 72.07 75.54 37.79
N ARG G 1813 73.25 75.60 38.42
CA ARG G 1813 74.47 75.78 37.65
C ARG G 1813 74.68 74.62 36.70
N MET G 1814 74.49 73.39 37.17
CA MET G 1814 74.69 72.23 36.32
C MET G 1814 73.72 72.21 35.15
N LEU G 1815 72.45 72.52 35.41
CA LEU G 1815 71.48 72.54 34.33
C LEU G 1815 71.81 73.61 33.30
N GLY G 1816 72.21 74.80 33.77
CA GLY G 1816 72.60 75.85 32.84
C GLY G 1816 73.78 75.44 31.98
N GLU G 1817 74.78 74.81 32.59
CA GLU G 1817 75.94 74.35 31.83
C GLU G 1817 75.52 73.33 30.78
N ALA G 1818 74.66 72.38 31.16
CA ALA G 1818 74.23 71.37 30.22
C ALA G 1818 73.50 71.99 29.04
N VAL G 1819 72.57 72.92 29.32
CA VAL G 1819 71.81 73.53 28.24
C VAL G 1819 72.75 74.32 27.33
N ARG G 1820 73.67 75.08 27.92
CA ARG G 1820 74.57 75.90 27.12
C ARG G 1820 75.46 75.03 26.23
N ASP G 1821 75.96 73.91 26.76
CA ASP G 1821 76.85 73.07 25.98
C ASP G 1821 76.10 72.14 25.02
N GLY G 1822 74.78 72.02 25.17
CA GLY G 1822 74.02 71.22 24.22
C GLY G 1822 74.11 71.73 22.80
N GLY G 1823 74.33 73.03 22.62
CA GLY G 1823 74.38 73.61 21.29
C GLY G 1823 75.66 73.32 20.53
N GLN G 1824 76.69 72.82 21.22
CA GLN G 1824 77.96 72.54 20.57
C GLN G 1824 77.96 71.22 19.80
N HIS G 1825 76.91 70.41 19.93
CA HIS G 1825 76.84 69.10 19.29
C HIS G 1825 78.19 68.38 19.34
N ALA G 1826 78.73 68.24 20.55
CA ALA G 1826 80.00 67.57 20.73
C ALA G 1826 79.84 66.06 20.58
N ARG G 1827 80.97 65.37 20.50
CA ARG G 1827 80.98 63.93 20.30
C ARG G 1827 81.21 63.13 21.57
N ASP G 1828 81.39 63.78 22.72
CA ASP G 1828 81.62 63.10 23.98
C ASP G 1828 80.70 63.67 25.06
N PRO G 1829 79.41 63.36 24.98
CA PRO G 1829 78.48 63.84 26.02
C PRO G 1829 78.79 63.20 27.36
N VAL G 1830 78.45 63.93 28.44
CA VAL G 1830 78.67 63.41 29.78
C VAL G 1830 77.83 62.17 30.00
N GLY G 1831 78.46 61.11 30.49
CA GLY G 1831 77.79 59.85 30.70
C GLY G 1831 77.69 58.98 29.47
N GLY G 1832 78.18 59.42 28.32
CA GLY G 1832 78.16 58.63 27.12
C GLY G 1832 76.96 58.83 26.23
N SER G 1833 75.97 59.62 26.66
CA SER G 1833 74.81 59.88 25.82
C SER G 1833 74.06 61.09 26.37
N VAL G 1834 73.16 61.62 25.54
CA VAL G 1834 72.38 62.79 25.94
C VAL G 1834 71.43 62.42 27.07
N GLU G 1835 70.82 61.23 27.00
CA GLU G 1835 69.91 60.80 28.05
C GLU G 1835 70.60 60.78 29.40
N PHE G 1836 71.77 60.15 29.47
CA PHE G 1836 72.51 60.09 30.73
C PHE G 1836 72.97 61.46 31.19
N GLN G 1837 73.15 62.41 30.27
CA GLN G 1837 73.55 63.75 30.66
C GLN G 1837 72.38 64.54 31.24
N PHE G 1838 71.17 64.30 30.73
CA PHE G 1838 70.06 65.19 31.03
C PHE G 1838 69.09 64.64 32.07
N VAL G 1839 68.77 63.34 32.03
CA VAL G 1839 67.70 62.83 32.89
C VAL G 1839 68.00 63.05 34.37
N PRO G 1840 69.20 62.75 34.88
CA PRO G 1840 69.42 62.90 36.33
C PRO G 1840 69.23 64.32 36.85
N VAL G 1841 69.77 65.32 36.16
CA VAL G 1841 69.64 66.68 36.66
C VAL G 1841 68.19 67.14 36.60
N LEU G 1842 67.46 66.73 35.56
CA LEU G 1842 66.04 67.08 35.50
C LEU G 1842 65.27 66.43 36.65
N LYS G 1843 65.57 65.17 36.98
CA LYS G 1843 64.92 64.56 38.14
C LYS G 1843 65.23 65.33 39.41
N LEU G 1844 66.49 65.71 39.61
CA LEU G 1844 66.86 66.42 40.82
C LEU G 1844 66.14 67.77 40.90
N VAL G 1845 66.10 68.50 39.80
CA VAL G 1845 65.48 69.82 39.82
C VAL G 1845 63.98 69.71 40.02
N SER G 1846 63.35 68.70 39.42
CA SER G 1846 61.93 68.50 39.66
C SER G 1846 61.65 68.20 41.13
N THR G 1847 62.44 67.33 41.73
CA THR G 1847 62.23 67.00 43.14
C THR G 1847 62.41 68.24 44.01
N LEU G 1848 63.45 69.04 43.73
CA LEU G 1848 63.66 70.25 44.53
C LEU G 1848 62.52 71.24 44.32
N LEU G 1849 61.99 71.32 43.10
CA LEU G 1849 60.96 72.30 42.79
C LEU G 1849 59.64 71.96 43.48
N VAL G 1850 59.25 70.68 43.46
CA VAL G 1850 57.99 70.31 44.08
C VAL G 1850 58.02 70.60 45.57
N MET G 1851 59.17 70.40 46.22
CA MET G 1851 59.27 70.62 47.65
C MET G 1851 59.17 72.09 48.04
N GLY G 1852 59.23 73.01 47.09
CA GLY G 1852 59.14 74.42 47.41
C GLY G 1852 60.43 75.01 47.94
N ILE G 1853 61.57 74.61 47.39
CA ILE G 1853 62.85 75.15 47.85
C ILE G 1853 63.29 76.37 47.06
N PHE G 1854 62.75 76.58 45.87
CA PHE G 1854 63.20 77.67 45.02
C PHE G 1854 62.46 78.96 45.35
N GLY G 1855 63.12 80.09 45.06
CA GLY G 1855 62.52 81.40 45.22
C GLY G 1855 62.09 81.99 43.89
N ASP G 1856 61.69 83.26 43.94
CA ASP G 1856 61.19 83.93 42.74
C ASP G 1856 62.28 84.03 41.67
N GLU G 1857 63.49 84.43 42.06
CA GLU G 1857 64.57 84.55 41.09
C GLU G 1857 64.94 83.20 40.49
N ASP G 1858 64.98 82.14 41.29
CA ASP G 1858 65.34 80.83 40.79
C ASP G 1858 64.32 80.32 39.78
N VAL G 1859 63.03 80.46 40.10
CA VAL G 1859 62.00 80.01 39.17
C VAL G 1859 62.03 80.88 37.91
N LYS G 1860 62.34 82.16 38.05
CA LYS G 1860 62.50 83.01 36.89
C LYS G 1860 63.62 82.50 36.00
N GLN G 1861 64.75 82.11 36.59
CA GLN G 1861 65.86 81.56 35.80
C GLN G 1861 65.44 80.27 35.10
N ILE G 1862 64.73 79.40 35.81
CA ILE G 1862 64.31 78.13 35.20
C ILE G 1862 63.39 78.39 34.02
N LEU G 1863 62.40 79.27 34.19
CA LEU G 1863 61.52 79.61 33.10
C LEU G 1863 62.28 80.22 31.93
N LYS G 1864 63.26 81.08 32.23
CA LYS G 1864 64.06 81.69 31.19
C LYS G 1864 64.79 80.64 30.38
N MET G 1865 65.36 79.64 31.05
CA MET G 1865 66.11 78.61 30.36
C MET G 1865 65.23 77.51 29.79
N ILE G 1866 63.91 77.55 30.04
CA ILE G 1866 63.00 76.64 29.35
C ILE G 1866 62.60 77.21 28.00
N GLU G 1867 62.19 78.49 27.98
CA GLU G 1867 61.78 79.15 26.74
C GLU G 1867 61.98 80.65 26.92
N PRO G 1868 63.14 81.18 26.53
CA PRO G 1868 63.42 82.60 26.82
C PRO G 1868 62.44 83.57 26.17
N GLU G 1869 61.93 83.25 24.98
CA GLU G 1869 61.11 84.21 24.25
C GLU G 1869 59.79 84.47 24.97
N VAL G 1870 59.09 83.41 25.38
CA VAL G 1870 57.77 83.58 25.97
C VAL G 1870 57.86 84.23 27.35
N PHE G 1871 58.81 83.80 28.16
CA PHE G 1871 58.92 84.26 29.54
C PHE G 1871 59.98 85.36 29.67
N THR G 1872 59.57 86.57 29.30
CA THR G 1872 60.43 87.75 29.41
C THR G 1872 59.56 88.97 29.62
N GLU G 1873 60.05 89.93 30.39
CA GLU G 1873 59.31 91.16 30.65
C GLU G 1873 60.06 92.37 30.10
N GLU G 1924 69.04 79.51 23.10
CA GLU G 1924 68.04 78.55 22.65
C GLU G 1924 67.55 77.73 23.84
N GLY G 1925 66.23 77.59 23.94
CA GLY G 1925 65.64 76.88 25.06
C GLY G 1925 65.69 75.38 24.89
N LEU G 1926 65.14 74.70 25.89
CA LEU G 1926 65.10 73.24 25.87
C LEU G 1926 64.12 72.74 24.81
N LEU G 1927 62.96 73.38 24.69
CA LEU G 1927 61.93 72.87 23.79
C LEU G 1927 62.37 72.88 22.34
N GLN G 1928 63.34 73.72 21.98
CA GLN G 1928 63.76 73.84 20.59
C GLN G 1928 64.87 72.88 20.19
N MET G 1929 65.29 71.99 21.09
CA MET G 1929 66.34 71.05 20.80
C MET G 1929 65.76 69.69 20.42
N LYS G 1930 66.64 68.77 20.03
CA LYS G 1930 66.27 67.40 19.71
C LYS G 1930 66.53 66.53 20.93
N LEU G 1931 65.51 65.82 21.39
CA LEU G 1931 65.60 65.07 22.62
C LEU G 1931 65.02 63.68 22.45
N PRO G 1932 65.53 62.69 23.18
CA PRO G 1932 64.88 61.38 23.21
C PRO G 1932 63.64 61.40 24.10
N GLU G 1933 63.04 60.22 24.26
CA GLU G 1933 61.76 60.12 24.95
C GLU G 1933 61.87 60.49 26.43
N SER G 1934 62.95 60.05 27.08
CA SER G 1934 63.06 60.25 28.52
C SER G 1934 63.10 61.73 28.88
N VAL G 1935 63.86 62.52 28.12
CA VAL G 1935 63.92 63.94 28.40
C VAL G 1935 62.55 64.57 28.21
N LYS G 1936 61.80 64.12 27.21
CA LYS G 1936 60.46 64.64 27.00
C LYS G 1936 59.56 64.32 28.19
N LEU G 1937 59.67 63.10 28.73
CA LEU G 1937 58.88 62.75 29.90
C LEU G 1937 59.23 63.66 31.07
N GLN G 1938 60.52 63.95 31.25
CA GLN G 1938 60.92 64.86 32.32
C GLN G 1938 60.35 66.26 32.11
N MET G 1939 60.34 66.74 30.87
CA MET G 1939 59.77 68.06 30.60
C MET G 1939 58.28 68.09 30.91
N CYS G 1940 57.56 67.02 30.59
CA CYS G 1940 56.15 66.95 30.95
C CYS G 1940 55.97 67.03 32.47
N ASN G 1941 56.80 66.28 33.20
CA ASN G 1941 56.74 66.36 34.66
C ASN G 1941 57.00 67.78 35.15
N LEU G 1942 57.88 68.51 34.48
CA LEU G 1942 58.16 69.88 34.90
C LEU G 1942 56.97 70.79 34.64
N LEU G 1943 56.33 70.65 33.48
CA LEU G 1943 55.23 71.57 33.12
C LEU G 1943 54.01 71.34 33.98
N GLU G 1944 53.78 70.10 34.43
CA GLU G 1944 52.64 69.85 35.30
C GLU G 1944 52.67 70.75 36.53
N TYR G 1945 53.86 71.00 37.08
CA TYR G 1945 53.97 71.81 38.29
C TYR G 1945 53.45 73.22 38.07
N PHE G 1946 53.83 73.84 36.96
CA PHE G 1946 53.37 75.20 36.69
C PHE G 1946 51.88 75.24 36.40
N CYS G 1947 51.34 74.21 35.75
CA CYS G 1947 49.89 74.16 35.58
C CYS G 1947 49.19 74.15 36.93
N ASP G 1948 49.68 73.31 37.85
CA ASP G 1948 49.08 73.26 39.18
C ASP G 1948 49.19 74.60 39.90
N GLN G 1949 50.32 75.29 39.75
CA GLN G 1949 50.46 76.59 40.37
C GLN G 1949 49.43 77.58 39.85
N GLU G 1950 49.18 77.58 38.54
CA GLU G 1950 48.17 78.46 37.99
C GLU G 1950 46.79 78.15 38.59
N LEU G 1951 46.46 76.87 38.70
CA LEU G 1951 45.17 76.51 39.28
C LEU G 1951 45.05 77.02 40.72
N GLN G 1952 46.12 76.86 41.50
CA GLN G 1952 46.10 77.33 42.88
C GLN G 1952 45.89 78.84 42.94
N HIS G 1953 46.56 79.57 42.04
CA HIS G 1953 46.39 81.01 42.01
C HIS G 1953 44.93 81.38 41.74
N ARG G 1954 44.30 80.69 40.80
CA ARG G 1954 42.89 80.96 40.52
C ARG G 1954 42.05 80.77 41.77
N VAL G 1955 42.25 79.65 42.48
CA VAL G 1955 41.42 79.38 43.65
C VAL G 1955 41.60 80.47 44.70
N GLU G 1956 42.86 80.87 44.96
CA GLU G 1956 43.09 81.88 45.98
C GLU G 1956 42.44 83.21 45.62
N SER G 1957 42.56 83.62 44.36
CA SER G 1957 41.91 84.86 43.94
C SER G 1957 40.41 84.79 44.15
N LEU G 1958 39.81 83.66 43.81
CA LEU G 1958 38.37 83.52 44.00
C LEU G 1958 37.99 83.67 45.46
N ALA G 1959 38.76 83.04 46.36
CA ALA G 1959 38.43 83.16 47.78
C ALA G 1959 38.52 84.60 48.27
N ALA G 1960 39.57 85.32 47.86
CA ALA G 1960 39.69 86.72 48.28
C ALA G 1960 38.50 87.54 47.81
N PHE G 1961 38.11 87.38 46.54
CA PHE G 1961 36.97 88.13 46.05
C PHE G 1961 35.71 87.75 46.82
N ALA G 1962 35.56 86.48 47.15
CA ALA G 1962 34.37 86.05 47.89
C ALA G 1962 34.26 86.79 49.22
N GLU G 1963 35.37 86.90 49.94
CA GLU G 1963 35.34 87.64 51.20
C GLU G 1963 34.94 89.09 50.97
N ARG G 1964 35.61 89.75 50.02
CA ARG G 1964 35.31 91.17 49.80
C ARG G 1964 33.86 91.39 49.43
N TYR G 1965 33.28 90.48 48.65
CA TYR G 1965 31.88 90.62 48.24
C TYR G 1965 30.93 90.37 49.40
N VAL G 1966 31.22 89.36 50.23
CA VAL G 1966 30.34 89.04 51.34
C VAL G 1966 30.23 90.22 52.29
N ASP G 1967 31.33 90.94 52.49
CA ASP G 1967 31.26 92.11 53.37
C ASP G 1967 30.18 93.08 52.91
N LYS G 1968 30.22 93.48 51.63
CA LYS G 1968 29.26 94.43 51.11
C LYS G 1968 27.84 93.87 51.13
N LEU G 1969 27.70 92.58 50.83
CA LEU G 1969 26.36 91.99 50.86
C LEU G 1969 25.75 92.09 52.25
N GLN G 1970 26.55 91.76 53.28
CA GLN G 1970 26.04 91.85 54.64
C GLN G 1970 25.67 93.29 55.00
N ALA G 1971 26.52 94.25 54.63
CA ALA G 1971 26.20 95.64 54.94
C ALA G 1971 24.89 96.06 54.29
N ASN G 1972 24.71 95.72 53.01
CA ASN G 1972 23.50 96.11 52.31
C ASN G 1972 22.27 95.47 52.92
N GLN G 1973 22.35 94.20 53.29
CA GLN G 1973 21.20 93.56 53.91
C GLN G 1973 20.87 94.23 55.24
N ARG G 1974 21.89 94.58 56.02
CA ARG G 1974 21.64 95.31 57.27
C ARG G 1974 20.87 96.59 57.01
N SER G 1975 21.34 97.38 56.03
CA SER G 1975 20.68 98.66 55.75
C SER G 1975 19.25 98.44 55.30
N ARG G 1976 19.02 97.47 54.41
CA ARG G 1976 17.67 97.23 53.91
C ARG G 1976 16.73 96.80 55.03
N TYR G 1977 17.19 95.90 55.90
CA TYR G 1977 16.34 95.49 57.01
C TYR G 1977 16.03 96.66 57.93
N ALA G 1978 17.03 97.49 58.22
CA ALA G 1978 16.77 98.66 59.05
C ALA G 1978 15.72 99.56 58.41
N LEU G 1979 15.80 99.76 57.09
CA LEU G 1979 14.81 100.59 56.41
C LEU G 1979 13.43 99.98 56.48
N LEU G 1980 13.32 98.66 56.31
CA LEU G 1980 12.01 98.03 56.21
C LEU G 1980 11.13 98.30 57.43
N MET G 1981 11.74 98.48 58.61
CA MET G 1981 10.97 98.65 59.82
C MET G 1981 10.18 99.96 59.84
N ARG G 1982 10.45 100.88 58.93
CA ARG G 1982 9.69 102.13 58.84
C ARG G 1982 9.00 102.25 57.49
N THR G 1991 5.02 95.39 50.31
CA THR G 1991 4.11 94.26 50.51
C THR G 1991 4.69 93.27 51.51
N ALA G 1992 3.82 92.46 52.12
CA ALA G 1992 4.28 91.48 53.10
C ALA G 1992 5.17 90.42 52.49
N ARG G 1993 5.07 90.19 51.18
CA ARG G 1993 5.92 89.19 50.54
C ARG G 1993 7.39 89.54 50.66
N ARG G 1994 7.70 90.83 50.77
CA ARG G 1994 9.10 91.26 50.88
C ARG G 1994 9.74 90.81 52.19
N THR G 1995 8.96 90.36 53.16
CA THR G 1995 9.49 89.96 54.46
C THR G 1995 9.86 88.48 54.52
N ARG G 1996 9.71 87.73 53.41
CA ARG G 1996 10.07 86.33 53.43
C ARG G 1996 11.57 86.12 53.42
N GLU G 1997 12.35 87.11 52.98
CA GLU G 1997 13.80 86.96 52.92
C GLU G 1997 14.38 86.70 54.30
N PHE G 1998 13.91 87.45 55.30
CA PHE G 1998 14.52 87.43 56.62
C PHE G 1998 14.01 86.32 57.51
N ARG G 1999 13.14 85.44 57.01
CA ARG G 1999 12.62 84.31 57.78
C ARG G 1999 12.90 83.01 57.03
N SER G 2000 14.07 82.92 56.42
CA SER G 2000 14.50 81.76 55.67
C SER G 2000 15.94 81.46 56.02
N PRO G 2001 16.39 80.21 55.84
CA PRO G 2001 17.76 79.86 56.21
C PRO G 2001 18.76 80.64 55.38
N PRO G 2002 19.95 80.92 55.92
CA PRO G 2002 20.91 81.76 55.19
C PRO G 2002 21.27 81.24 53.82
N GLN G 2003 21.33 79.91 53.65
CA GLN G 2003 21.67 79.36 52.35
C GLN G 2003 20.66 79.81 51.29
N GLU G 2004 19.37 79.76 51.61
CA GLU G 2004 18.36 80.22 50.67
C GLU G 2004 18.49 81.70 50.39
N GLN G 2005 18.80 82.50 51.42
CA GLN G 2005 18.97 83.93 51.23
C GLN G 2005 20.08 84.21 50.23
N ILE G 2006 21.25 83.60 50.43
CA ILE G 2006 22.36 83.84 49.52
C ILE G 2006 22.06 83.27 48.13
N ASN G 2007 21.35 82.15 48.06
CA ASN G 2007 20.99 81.59 46.77
C ASN G 2007 20.12 82.56 45.99
N MET G 2008 19.13 83.17 46.65
CA MET G 2008 18.24 84.08 45.96
C MET G 2008 18.92 85.41 45.66
N LEU G 2009 19.95 85.77 46.44
CA LEU G 2009 20.65 87.03 46.19
C LEU G 2009 21.53 86.98 44.95
N LEU G 2010 21.77 85.80 44.39
CA LEU G 2010 22.64 85.65 43.23
C LEU G 2010 21.89 85.20 41.98
N HIS G 2011 20.59 85.44 41.91
CA HIS G 2011 19.78 84.95 40.79
C HIS G 2011 19.65 85.96 39.66
N PHE G 2012 20.62 86.85 39.48
CA PHE G 2012 20.53 87.90 38.49
C PHE G 2012 21.54 87.74 37.35
N LYS G 2013 21.92 86.50 37.01
CA LYS G 2013 22.89 86.32 35.93
C LYS G 2013 22.33 86.81 34.60
N ASP G 2014 21.02 86.59 34.38
CA ASP G 2014 20.33 87.03 33.14
C ASP G 2014 19.37 88.18 33.48
N GLU G 2015 19.09 89.05 32.52
CA GLU G 2015 18.18 90.22 32.73
C GLU G 2015 16.77 89.71 33.01
N ALA G 2016 16.39 88.54 32.48
CA ALA G 2016 15.06 87.93 32.70
C ALA G 2016 14.95 87.52 34.16
N ASP G 2017 16.07 87.16 34.80
CA ASP G 2017 16.11 86.73 36.23
C ASP G 2017 16.39 87.96 37.10
N GLU G 2018 16.45 89.16 36.52
CA GLU G 2018 16.72 90.42 37.26
C GLU G 2018 15.39 91.08 37.65
N GLU G 2019 14.47 90.36 38.30
CA GLU G 2019 13.21 90.91 38.80
C GLU G 2019 13.09 90.73 40.30
N ASP G 2020 13.56 89.59 40.82
CA ASP G 2020 13.41 89.27 42.23
C ASP G 2020 14.64 89.59 43.05
N CYS G 2021 15.65 90.21 42.48
CA CYS G 2021 16.84 90.58 43.23
C CYS G 2021 16.62 91.94 43.90
N PRO G 2022 16.61 92.02 45.23
CA PRO G 2022 16.46 93.33 45.88
C PRO G 2022 17.66 94.24 45.68
N LEU G 2023 18.78 93.75 45.12
CA LEU G 2023 20.08 94.50 44.99
C LEU G 2023 20.04 95.81 44.19
N PRO G 2024 21.15 96.61 44.21
CA PRO G 2024 21.39 97.78 43.34
C PRO G 2024 22.17 97.42 42.07
N GLU G 2025 22.52 98.38 41.19
CA GLU G 2025 23.16 98.02 39.94
C GLU G 2025 24.67 97.92 40.07
N ASP G 2026 25.27 98.74 40.94
CA ASP G 2026 26.73 98.74 41.06
C ASP G 2026 27.27 97.41 41.55
N ILE G 2027 26.59 96.79 42.53
CA ILE G 2027 27.04 95.50 43.04
C ILE G 2027 26.99 94.44 41.95
N ARG G 2028 25.89 94.41 41.19
CA ARG G 2028 25.80 93.46 40.09
C ARG G 2028 26.89 93.71 39.05
N GLN G 2029 27.17 94.98 38.77
CA GLN G 2029 28.24 95.29 37.81
C GLN G 2029 29.58 94.81 38.32
N ASP G 2030 29.84 94.96 39.62
CA ASP G 2030 31.09 94.48 40.18
C ASP G 2030 31.23 92.97 40.02
N LEU G 2031 30.17 92.23 40.36
CA LEU G 2031 30.23 90.78 40.21
C LEU G 2031 30.41 90.39 38.75
N GLN G 2032 29.73 91.09 37.83
CA GLN G 2032 29.88 90.80 36.41
C GLN G 2032 31.30 91.03 35.95
N ASP G 2033 31.92 92.12 36.41
CA ASP G 2033 33.30 92.40 36.05
C ASP G 2033 34.23 91.30 36.54
N PHE G 2034 34.05 90.86 37.79
CA PHE G 2034 34.89 89.79 38.29
C PHE G 2034 34.70 88.51 37.47
N HIS G 2035 33.45 88.19 37.14
CA HIS G 2035 33.18 86.97 36.38
C HIS G 2035 33.84 87.04 35.01
N GLN G 2036 33.76 88.20 34.35
CA GLN G 2036 34.40 88.34 33.04
C GLN G 2036 35.90 88.19 33.14
N ASP G 2037 36.50 88.78 34.19
CA ASP G 2037 37.95 88.63 34.36
C ASP G 2037 38.32 87.17 34.59
N LEU G 2038 37.55 86.46 35.41
CA LEU G 2038 37.85 85.06 35.67
C LEU G 2038 37.74 84.23 34.39
N LEU G 2039 36.73 84.49 33.57
CA LEU G 2039 36.62 83.80 32.29
C LEU G 2039 37.83 84.11 31.42
N ALA G 2040 38.26 85.37 31.38
CA ALA G 2040 39.41 85.73 30.57
C ALA G 2040 40.66 84.98 31.03
N HIS G 2041 40.83 84.84 32.34
CA HIS G 2041 42.01 84.15 32.85
C HIS G 2041 42.06 82.69 32.39
N CYS G 2042 40.91 82.04 32.30
CA CYS G 2042 40.88 80.63 31.91
C CYS G 2042 41.00 80.43 30.41
N GLY G 2043 41.31 81.47 29.64
CA GLY G 2043 41.51 81.33 28.22
C GLY G 2043 40.25 81.34 27.38
N ILE G 2044 39.08 81.58 27.97
CA ILE G 2044 37.84 81.62 27.23
C ILE G 2044 37.67 83.01 26.64
N GLN G 2045 37.69 83.10 25.31
CA GLN G 2045 37.50 84.39 24.65
C GLN G 2045 36.09 84.90 24.90
N LEU G 2046 35.96 86.19 25.11
CA LEU G 2046 34.66 86.81 25.33
C LEU G 2046 34.63 88.23 24.80
N LYS G 2090 53.51 82.90 17.29
CA LYS G 2090 54.07 83.74 18.34
C LYS G 2090 53.27 83.60 19.64
N PRO G 2091 53.34 82.42 20.25
CA PRO G 2091 52.59 82.20 21.50
C PRO G 2091 53.07 83.14 22.59
N GLN G 2092 52.11 83.56 23.42
CA GLN G 2092 52.38 84.51 24.49
C GLN G 2092 51.80 84.04 25.82
N SER G 2093 51.57 82.74 25.98
CA SER G 2093 51.01 82.23 27.23
C SER G 2093 51.40 80.77 27.38
N LEU G 2094 51.23 80.27 28.61
CA LEU G 2094 51.57 78.88 28.90
C LEU G 2094 50.69 77.93 28.09
N GLN G 2095 49.40 78.22 27.98
CA GLN G 2095 48.48 77.31 27.31
C GLN G 2095 48.85 77.12 25.85
N GLU G 2096 49.07 78.22 25.12
CA GLU G 2096 49.40 78.11 23.71
C GLU G 2096 50.70 77.36 23.51
N LEU G 2097 51.70 77.66 24.33
CA LEU G 2097 52.98 76.98 24.22
C LEU G 2097 52.81 75.49 24.42
N VAL G 2098 52.08 75.09 25.46
CA VAL G 2098 51.91 73.67 25.74
C VAL G 2098 51.18 72.98 24.60
N SER G 2099 50.10 73.60 24.12
CA SER G 2099 49.35 72.99 23.02
C SER G 2099 50.22 72.79 21.80
N HIS G 2100 50.95 73.84 21.40
CA HIS G 2100 51.78 73.74 20.21
C HIS G 2100 52.86 72.68 20.38
N MET G 2101 53.51 72.64 21.55
CA MET G 2101 54.57 71.67 21.77
C MET G 2101 54.03 70.25 21.68
N VAL G 2102 52.90 69.98 22.33
CA VAL G 2102 52.35 68.63 22.34
C VAL G 2102 51.98 68.20 20.93
N VAL G 2103 51.30 69.09 20.18
CA VAL G 2103 50.88 68.72 18.83
C VAL G 2103 52.09 68.48 17.95
N ARG G 2104 53.11 69.35 18.05
CA ARG G 2104 54.30 69.19 17.22
C ARG G 2104 55.02 67.89 17.53
N TRP G 2105 55.17 67.56 18.81
CA TRP G 2105 55.78 66.28 19.17
C TRP G 2105 54.98 65.13 18.59
N ALA G 2106 53.66 65.18 18.71
CA ALA G 2106 52.84 64.07 18.24
C ALA G 2106 52.98 63.88 16.74
N GLN G 2107 52.97 64.98 15.98
CA GLN G 2107 52.99 64.85 14.53
C GLN G 2107 54.40 64.82 13.93
N GLU G 2108 55.44 64.92 14.76
CA GLU G 2108 56.80 64.78 14.23
C GLU G 2108 57.17 63.32 14.04
N ASP G 2109 56.70 62.43 14.91
CA ASP G 2109 57.07 61.02 14.81
C ASP G 2109 56.09 60.18 15.60
N TYR G 2110 56.21 58.87 15.44
CA TYR G 2110 55.32 57.90 16.08
C TYR G 2110 55.97 57.47 17.39
N VAL G 2111 55.51 58.03 18.51
CA VAL G 2111 56.16 57.79 19.79
C VAL G 2111 55.83 56.40 20.28
N GLN G 2112 56.76 55.80 21.03
CA GLN G 2112 56.66 54.39 21.40
C GLN G 2112 56.38 54.18 22.89
N SER G 2113 56.76 55.11 23.75
CA SER G 2113 56.58 54.90 25.18
C SER G 2113 55.15 55.24 25.59
N PRO G 2114 54.38 54.30 26.13
CA PRO G 2114 53.01 54.64 26.54
C PRO G 2114 52.94 55.70 27.62
N GLU G 2115 53.89 55.74 28.56
CA GLU G 2115 53.84 56.72 29.62
C GLU G 2115 53.92 58.14 29.07
N LEU G 2116 54.80 58.35 28.09
CA LEU G 2116 54.90 59.66 27.47
C LEU G 2116 53.60 60.04 26.79
N VAL G 2117 52.95 59.09 26.11
CA VAL G 2117 51.69 59.39 25.45
C VAL G 2117 50.65 59.82 26.46
N ARG G 2118 50.54 59.08 27.56
CA ARG G 2118 49.57 59.43 28.58
C ARG G 2118 49.84 60.81 29.14
N ALA G 2119 51.11 61.12 29.41
CA ALA G 2119 51.45 62.43 29.97
C ALA G 2119 51.08 63.55 29.00
N MET G 2120 51.47 63.41 27.74
CA MET G 2120 51.18 64.46 26.76
C MET G 2120 49.68 64.70 26.64
N PHE G 2121 48.89 63.63 26.57
CA PHE G 2121 47.47 63.84 26.33
C PHE G 2121 46.76 64.34 27.57
N SER G 2122 47.23 63.95 28.76
CA SER G 2122 46.68 64.55 29.97
C SER G 2122 46.94 66.04 30.01
N LEU G 2123 48.17 66.45 29.66
CA LEU G 2123 48.48 67.88 29.63
C LEU G 2123 47.60 68.62 28.64
N LEU G 2124 47.44 68.05 27.44
CA LEU G 2124 46.62 68.70 26.43
C LEU G 2124 45.19 68.86 26.89
N HIS G 2125 44.62 67.81 27.48
CA HIS G 2125 43.24 67.91 27.96
C HIS G 2125 43.12 68.99 29.04
N ARG G 2126 44.09 69.04 29.96
CA ARG G 2126 44.04 70.09 30.97
C ARG G 2126 44.08 71.47 30.34
N GLN G 2127 44.87 71.64 29.29
CA GLN G 2127 44.98 72.97 28.67
C GLN G 2127 43.70 73.37 27.96
N TYR G 2128 43.12 72.49 27.14
CA TYR G 2128 41.97 72.89 26.34
C TYR G 2128 40.77 73.21 27.21
N ASP G 2129 40.51 72.42 28.24
CA ASP G 2129 39.36 72.64 29.12
C ASP G 2129 39.83 73.44 30.33
N GLY G 2130 39.41 74.69 30.40
CA GLY G 2130 39.91 75.59 31.42
C GLY G 2130 39.23 75.46 32.76
N LEU G 2131 37.92 75.70 32.82
CA LEU G 2131 37.22 75.80 34.08
C LEU G 2131 36.64 74.47 34.56
N GLY G 2132 36.76 73.40 33.77
CA GLY G 2132 36.39 72.09 34.27
C GLY G 2132 37.22 71.69 35.48
N GLU G 2133 38.52 71.99 35.41
CA GLU G 2133 39.48 71.71 36.51
C GLU G 2133 39.11 72.55 37.73
N LEU G 2134 38.71 73.81 37.53
CA LEU G 2134 38.27 74.65 38.64
C LEU G 2134 37.03 74.07 39.30
N LEU G 2135 36.07 73.61 38.48
CA LEU G 2135 34.87 72.99 39.02
C LEU G 2135 35.22 71.75 39.84
N ARG G 2136 36.10 70.90 39.31
CA ARG G 2136 36.44 69.67 40.03
C ARG G 2136 37.25 69.96 41.29
N ALA G 2137 37.97 71.08 41.35
CA ALA G 2137 38.82 71.37 42.50
C ALA G 2137 38.10 72.14 43.58
N LEU G 2138 37.06 72.90 43.24
CA LEU G 2138 36.36 73.71 44.22
C LEU G 2138 35.88 72.91 45.43
N PRO G 2139 35.38 71.68 45.25
CA PRO G 2139 34.89 70.92 46.41
C PRO G 2139 35.91 70.79 47.53
N ARG G 2140 37.19 70.80 47.20
CA ARG G 2140 38.26 70.66 48.17
C ARG G 2140 38.83 72.01 48.62
N ALA G 2141 38.03 73.07 48.57
CA ALA G 2141 38.46 74.38 49.03
C ALA G 2141 37.74 74.74 50.32
N TYR G 2142 38.41 75.54 51.14
CA TYR G 2142 37.87 75.90 52.45
C TYR G 2142 38.50 77.21 52.90
N THR G 2143 37.80 77.91 53.79
CA THR G 2143 38.28 79.16 54.36
C THR G 2143 38.28 79.03 55.89
N ILE G 2144 39.23 79.73 56.52
CA ILE G 2144 39.51 79.56 57.93
C ILE G 2144 39.82 80.92 58.55
N SER G 2145 39.36 81.13 59.77
CA SER G 2145 39.73 82.32 60.51
C SER G 2145 41.19 82.20 60.97
N PRO G 2146 41.93 83.31 61.01
CA PRO G 2146 43.36 83.21 61.34
C PRO G 2146 43.63 82.63 62.72
N SER G 2147 42.67 82.65 63.64
CA SER G 2147 42.92 82.17 64.98
C SER G 2147 43.10 80.66 65.05
N SER G 2148 42.66 79.93 64.01
CA SER G 2148 42.69 78.47 64.03
C SER G 2148 43.87 77.89 63.25
N VAL G 2149 44.83 78.71 62.85
CA VAL G 2149 45.91 78.24 61.99
C VAL G 2149 46.74 77.18 62.71
N GLU G 2150 47.07 77.42 63.98
CA GLU G 2150 47.91 76.48 64.71
C GLU G 2150 47.24 75.13 64.84
N ASP G 2151 45.96 75.11 65.23
CA ASP G 2151 45.26 73.85 65.37
C ASP G 2151 45.14 73.14 64.03
N THR G 2152 44.87 73.89 62.96
CA THR G 2152 44.76 73.26 61.65
C THR G 2152 46.08 72.63 61.23
N MET G 2153 47.19 73.33 61.47
CA MET G 2153 48.50 72.78 61.10
C MET G 2153 48.80 71.53 61.92
N SER G 2154 48.51 71.56 63.22
CA SER G 2154 48.73 70.38 64.04
C SER G 2154 47.91 69.20 63.55
N LEU G 2155 46.66 69.45 63.15
CA LEU G 2155 45.82 68.38 62.64
C LEU G 2155 46.38 67.83 61.33
N LEU G 2156 46.85 68.73 60.45
CA LEU G 2156 47.38 68.29 59.17
C LEU G 2156 48.60 67.41 59.34
N GLU G 2157 49.46 67.74 60.31
CA GLU G 2157 50.63 66.90 60.56
C GLU G 2157 50.20 65.46 60.86
N CYS G 2158 49.26 65.29 61.79
CA CYS G 2158 48.82 63.95 62.17
C CYS G 2158 48.14 63.25 61.00
N LEU G 2159 47.32 63.98 60.23
CA LEU G 2159 46.65 63.36 59.09
C LEU G 2159 47.66 62.85 58.09
N GLY G 2160 48.68 63.64 57.78
CA GLY G 2160 49.71 63.19 56.87
C GLY G 2160 50.48 62.00 57.41
N GLN G 2161 50.75 62.01 58.71
CA GLN G 2161 51.45 60.88 59.30
C GLN G 2161 50.64 59.60 59.15
N ILE G 2162 49.32 59.68 59.37
CA ILE G 2162 48.46 58.51 59.18
C ILE G 2162 48.47 58.07 57.72
N ARG G 2163 48.35 59.04 56.81
CA ARG G 2163 48.36 58.70 55.39
C ARG G 2163 49.63 57.96 55.00
N SER G 2164 50.76 58.34 55.60
CA SER G 2164 52.03 57.73 55.23
C SER G 2164 52.04 56.22 55.47
N LEU G 2165 51.34 55.75 56.50
CA LEU G 2165 51.37 54.33 56.86
C LEU G 2165 50.40 53.49 56.04
N LEU G 2166 49.95 53.98 54.89
CA LEU G 2166 49.05 53.23 54.03
C LEU G 2166 49.80 52.31 53.06
N ILE G 2167 51.13 52.34 53.06
CA ILE G 2167 51.94 51.62 52.09
C ILE G 2167 53.00 50.76 52.76
N VAL G 2168 52.76 50.30 53.99
CA VAL G 2168 53.71 49.48 54.71
C VAL G 2168 52.98 48.39 55.46
N GLN G 2169 53.58 47.21 55.52
CA GLN G 2169 53.03 46.11 56.30
C GLN G 2169 52.99 46.51 57.77
N MET G 2170 51.92 46.12 58.45
CA MET G 2170 51.71 46.57 59.82
C MET G 2170 52.68 45.90 60.78
N GLY G 2171 53.13 46.67 61.77
CA GLY G 2171 54.00 46.20 62.81
C GLY G 2171 53.75 46.95 64.10
N PRO G 2172 54.37 46.50 65.20
CA PRO G 2172 54.09 47.15 66.49
C PRO G 2172 54.34 48.65 66.51
N GLN G 2173 55.42 49.10 65.88
CA GLN G 2173 55.69 50.54 65.85
C GLN G 2173 54.60 51.28 65.10
N GLU G 2174 54.16 50.74 63.96
CA GLU G 2174 53.08 51.38 63.22
C GLU G 2174 51.81 51.41 64.04
N GLU G 2175 51.51 50.32 64.75
CA GLU G 2175 50.33 50.29 65.60
C GLU G 2175 50.37 51.39 66.64
N ASN G 2176 51.50 51.51 67.34
CA ASN G 2176 51.63 52.54 68.36
C ASN G 2176 51.50 53.93 67.75
N LEU G 2177 52.13 54.14 66.60
CA LEU G 2177 52.07 55.46 65.97
C LEU G 2177 50.65 55.83 65.59
N MET G 2178 49.91 54.90 64.99
CA MET G 2178 48.52 55.19 64.62
C MET G 2178 47.68 55.46 65.86
N ILE G 2179 47.85 54.68 66.91
CA ILE G 2179 47.06 54.90 68.12
C ILE G 2179 47.33 56.30 68.65
N GLN G 2180 48.60 56.68 68.72
CA GLN G 2180 48.96 58.00 69.23
C GLN G 2180 48.39 59.11 68.36
N SER G 2181 48.47 58.94 67.03
CA SER G 2181 47.99 59.99 66.14
C SER G 2181 46.48 60.15 66.24
N ILE G 2182 45.74 59.04 66.32
CA ILE G 2182 44.30 59.13 66.48
C ILE G 2182 43.95 59.81 67.79
N GLY G 2183 44.64 59.43 68.87
CA GLY G 2183 44.40 60.09 70.14
C GLY G 2183 44.64 61.59 70.06
N ASN G 2184 45.70 61.98 69.37
CA ASN G 2184 45.98 63.41 69.21
C ASN G 2184 44.88 64.10 68.42
N ILE G 2185 44.39 63.47 67.34
CA ILE G 2185 43.38 64.10 66.51
C ILE G 2185 42.09 64.29 67.30
N MET G 2186 41.67 63.27 68.05
CA MET G 2186 40.38 63.36 68.73
C MET G 2186 40.37 64.42 69.83
N ASN G 2187 41.54 64.93 70.23
CA ASN G 2187 41.60 65.96 71.26
C ASN G 2187 41.66 67.36 70.70
N ASN G 2188 41.56 67.53 69.37
CA ASN G 2188 41.63 68.84 68.77
C ASN G 2188 40.23 69.43 68.65
N LYS G 2189 40.11 70.75 68.89
CA LYS G 2189 38.80 71.38 68.81
C LYS G 2189 38.33 71.52 67.37
N VAL G 2190 39.25 71.66 66.43
CA VAL G 2190 38.86 71.80 65.03
C VAL G 2190 38.14 70.56 64.55
N PHE G 2191 38.42 69.40 65.16
CA PHE G 2191 37.73 68.18 64.76
C PHE G 2191 36.23 68.29 65.05
N TYR G 2192 35.84 69.19 65.96
CA TYR G 2192 34.44 69.40 66.31
C TYR G 2192 33.86 70.64 65.66
N GLN G 2193 34.64 71.71 65.54
CA GLN G 2193 34.12 72.97 65.05
C GLN G 2193 33.90 73.00 63.54
N HIS G 2194 34.63 72.18 62.78
CA HIS G 2194 34.57 72.18 61.32
C HIS G 2194 34.40 70.77 60.79
N PRO G 2195 33.28 70.12 61.09
CA PRO G 2195 33.08 68.74 60.58
C PRO G 2195 33.10 68.64 59.08
N ASN G 2196 32.61 69.66 58.37
CA ASN G 2196 32.62 69.61 56.92
C ASN G 2196 34.05 69.54 56.38
N LEU G 2197 34.97 70.27 57.01
CA LEU G 2197 36.36 70.22 56.58
C LEU G 2197 36.92 68.81 56.71
N MET G 2198 36.65 68.16 57.85
CA MET G 2198 37.14 66.80 58.04
C MET G 2198 36.54 65.87 57.01
N ARG G 2199 35.24 66.01 56.74
CA ARG G 2199 34.62 65.15 55.74
C ARG G 2199 35.18 65.42 54.35
N ALA G 2200 35.70 66.63 54.11
CA ALA G 2200 36.27 66.96 52.82
C ALA G 2200 37.64 66.34 52.63
N LEU G 2201 38.34 66.02 53.71
CA LEU G 2201 39.66 65.40 53.64
C LEU G 2201 39.60 63.89 53.54
N GLY G 2202 38.42 63.29 53.74
CA GLY G 2202 38.29 61.85 53.62
C GLY G 2202 39.08 61.07 54.64
N MET G 2203 39.11 61.52 55.90
CA MET G 2203 39.84 60.80 56.92
C MET G 2203 39.23 59.43 57.18
N HIS G 2204 37.90 59.35 57.20
CA HIS G 2204 37.25 58.08 57.51
C HIS G 2204 37.61 57.01 56.48
N GLU G 2205 37.69 57.40 55.21
CA GLU G 2205 38.08 56.43 54.18
C GLU G 2205 39.47 55.88 54.46
N THR G 2206 40.41 56.76 54.83
CA THR G 2206 41.75 56.30 55.15
C THR G 2206 41.72 55.34 56.34
N VAL G 2207 40.95 55.68 57.37
CA VAL G 2207 40.90 54.83 58.56
C VAL G 2207 40.35 53.45 58.21
N MET G 2208 39.27 53.40 57.42
CA MET G 2208 38.73 52.10 57.02
C MET G 2208 39.70 51.33 56.14
N GLU G 2209 40.43 52.02 55.26
CA GLU G 2209 41.42 51.33 54.45
C GLU G 2209 42.47 50.67 55.33
N VAL G 2210 42.97 51.40 56.33
CA VAL G 2210 43.95 50.82 57.25
C VAL G 2210 43.34 49.64 57.98
N MET G 2211 42.09 49.80 58.45
CA MET G 2211 41.44 48.75 59.20
C MET G 2211 41.34 47.47 58.38
N VAL G 2212 40.91 47.58 57.13
CA VAL G 2212 40.76 46.39 56.30
C VAL G 2212 42.10 45.78 55.96
N ASN G 2213 43.14 46.61 55.75
CA ASN G 2213 44.43 46.07 55.36
C ASN G 2213 44.93 45.04 56.36
N VAL G 2214 44.57 45.18 57.64
CA VAL G 2214 45.02 44.25 58.66
C VAL G 2214 43.91 43.26 58.95
N LEU G 2215 43.00 43.09 57.99
CA LEU G 2215 41.85 42.21 58.17
C LEU G 2215 41.55 41.45 56.88
N ILE G 2223 43.15 37.87 63.60
CA ILE G 2223 43.25 39.37 63.65
C ILE G 2223 44.72 39.77 63.55
N ARG G 2224 45.56 39.44 64.54
CA ARG G 2224 47.02 39.72 64.53
C ARG G 2224 47.29 41.14 65.07
N PHE G 2225 46.27 42.01 65.19
CA PHE G 2225 46.41 43.40 65.72
C PHE G 2225 45.12 43.79 66.44
N PRO G 2226 44.86 43.30 67.68
CA PRO G 2226 43.61 43.59 68.40
C PRO G 2226 43.44 45.03 68.90
N LYS G 2227 44.51 45.72 69.32
CA LYS G 2227 44.47 47.13 69.78
C LYS G 2227 44.21 48.14 68.64
N MET G 2228 44.59 47.88 67.40
CA MET G 2228 44.42 48.73 66.20
C MET G 2228 42.93 48.77 65.82
N VAL G 2229 42.22 47.65 65.84
CA VAL G 2229 40.82 47.59 65.42
C VAL G 2229 39.93 48.27 66.45
N THR G 2230 40.22 48.08 67.73
CA THR G 2230 39.42 48.72 68.77
C THR G 2230 39.49 50.23 68.64
N SER G 2231 40.70 50.78 68.50
CA SER G 2231 40.84 52.23 68.40
C SER G 2231 40.14 52.76 67.15
N CYS G 2232 40.32 52.08 66.01
CA CYS G 2232 39.71 52.54 64.78
C CYS G 2232 38.19 52.53 64.89
N CYS G 2233 37.63 51.45 65.46
CA CYS G 2233 36.18 51.37 65.61
C CYS G 2233 35.67 52.46 66.52
N ARG G 2234 36.35 52.71 67.63
CA ARG G 2234 35.93 53.78 68.53
C ARG G 2234 35.96 55.13 67.82
N PHE G 2235 37.02 55.39 67.06
CA PHE G 2235 37.12 56.64 66.33
C PHE G 2235 35.99 56.78 65.32
N LEU G 2236 35.68 55.71 64.61
CA LEU G 2236 34.62 55.78 63.60
C LEU G 2236 33.27 56.00 64.24
N CYS G 2237 33.00 55.33 65.37
CA CYS G 2237 31.73 55.55 66.06
C CYS G 2237 31.61 57.00 66.53
N TYR G 2238 32.68 57.54 67.11
CA TYR G 2238 32.66 58.93 67.52
C TYR G 2238 32.44 59.85 66.32
N PHE G 2239 33.07 59.55 65.20
CA PHE G 2239 32.88 60.35 63.99
C PHE G 2239 31.43 60.33 63.55
N CYS G 2240 30.80 59.15 63.58
CA CYS G 2240 29.40 59.06 63.22
C CYS G 2240 28.54 59.90 64.15
N ARG G 2241 28.84 59.88 65.44
CA ARG G 2241 27.99 60.54 66.43
C ARG G 2241 27.98 62.05 66.28
N ILE G 2242 28.90 62.64 65.51
CA ILE G 2242 29.00 64.10 65.44
C ILE G 2242 27.78 64.69 64.75
N SER G 2243 27.41 64.15 63.59
CA SER G 2243 26.39 64.77 62.76
C SER G 2243 25.75 63.72 61.86
N ARG G 2244 24.63 64.11 61.24
CA ARG G 2244 23.92 63.19 60.37
C ARG G 2244 24.63 63.00 59.04
N GLN G 2245 25.31 64.03 58.54
CA GLN G 2245 26.05 63.88 57.29
C GLN G 2245 27.14 62.82 57.41
N ASN G 2246 27.87 62.83 58.53
CA ASN G 2246 28.84 61.78 58.77
C ASN G 2246 28.16 60.42 58.86
N GLN G 2247 26.97 60.39 59.46
CA GLN G 2247 26.22 59.15 59.58
C GLN G 2247 25.92 58.57 58.21
N ARG G 2248 25.45 59.41 57.28
CA ARG G 2248 25.19 58.94 55.93
C ARG G 2248 26.48 58.54 55.23
N SER G 2249 27.55 59.30 55.45
CA SER G 2249 28.82 58.97 54.78
C SER G 2249 29.28 57.58 55.16
N MET G 2250 29.22 57.25 56.46
CA MET G 2250 29.58 55.90 56.88
C MET G 2250 28.54 54.87 56.44
N PHE G 2251 27.26 55.25 56.40
CA PHE G 2251 26.21 54.35 55.91
C PHE G 2251 26.51 53.90 54.50
N ASP G 2252 27.16 54.75 53.72
CA ASP G 2252 27.49 54.39 52.35
C ASP G 2252 28.28 53.09 52.26
N HIS G 2253 29.18 52.83 53.20
CA HIS G 2253 30.04 51.66 53.16
C HIS G 2253 29.52 50.51 54.01
N LEU G 2254 28.22 50.45 54.25
CA LEU G 2254 27.67 49.44 55.15
C LEU G 2254 27.90 48.04 54.60
N SER G 2255 27.68 47.84 53.31
CA SER G 2255 27.87 46.52 52.73
C SER G 2255 29.33 46.09 52.84
N TYR G 2256 30.25 47.01 52.58
CA TYR G 2256 31.67 46.69 52.68
C TYR G 2256 32.02 46.31 54.10
N LEU G 2257 31.53 47.06 55.08
CA LEU G 2257 31.80 46.74 56.48
C LEU G 2257 31.27 45.36 56.83
N LEU G 2258 30.09 45.00 56.36
CA LEU G 2258 29.48 43.72 56.78
C LEU G 2258 30.28 42.51 56.27
N GLU G 2259 30.82 42.56 55.04
CA GLU G 2259 31.58 41.43 54.42
C GLU G 2259 32.70 40.98 55.36
N ASN G 2260 33.38 41.93 56.02
CA ASN G 2260 34.52 41.64 56.94
C ASN G 2260 33.99 41.25 58.32
N SER G 2261 34.83 40.68 59.19
CA SER G 2261 34.47 40.28 60.57
C SER G 2261 33.18 39.43 60.55
N GLY G 2262 33.19 38.32 59.81
CA GLY G 2262 32.03 37.39 59.71
C GLY G 2262 32.26 36.09 60.47
N ILE G 2263 33.51 35.73 60.76
CA ILE G 2263 33.88 34.50 61.54
C ILE G 2263 34.79 34.96 62.70
N GLY G 2264 35.76 35.86 62.47
CA GLY G 2264 36.71 36.35 63.50
C GLY G 2264 36.18 37.54 64.28
N LEU G 2265 35.71 37.34 65.51
CA LEU G 2265 35.09 38.40 66.33
C LEU G 2265 36.15 39.25 67.02
N GLY G 2266 37.24 38.67 67.54
CA GLY G 2266 38.16 39.52 68.31
C GLY G 2266 37.24 40.17 69.31
N MET G 2267 36.46 39.35 70.02
CA MET G 2267 35.30 39.83 70.83
C MET G 2267 35.69 40.81 71.91
N GLN G 2268 36.90 40.83 72.41
CA GLN G 2268 37.19 41.67 73.60
C GLN G 2268 36.85 43.12 73.29
N GLY G 2269 37.12 43.65 72.10
CA GLY G 2269 36.97 45.09 71.82
C GLY G 2269 36.11 45.43 70.64
N SER G 2270 35.61 46.68 70.56
CA SER G 2270 34.71 47.17 69.47
C SER G 2270 35.17 46.64 68.12
N THR G 2271 34.24 46.16 67.29
CA THR G 2271 34.55 45.60 65.95
C THR G 2271 33.84 46.38 64.83
N PRO G 2272 33.95 45.96 63.55
CA PRO G 2272 33.27 46.62 62.42
C PRO G 2272 31.76 46.58 62.53
N LEU G 2273 31.20 45.50 63.07
CA LEU G 2273 29.76 45.45 63.27
C LEU G 2273 29.28 46.57 64.18
N ASP G 2274 30.08 46.95 65.17
CA ASP G 2274 29.68 48.03 66.06
C ASP G 2274 29.54 49.35 65.31
N VAL G 2275 30.51 49.69 64.47
CA VAL G 2275 30.40 50.93 63.70
C VAL G 2275 29.26 50.82 62.71
N ALA G 2276 29.06 49.64 62.11
CA ALA G 2276 27.93 49.46 61.22
C ALA G 2276 26.62 49.77 61.92
N ALA G 2277 26.46 49.27 63.14
CA ALA G 2277 25.25 49.56 63.90
C ALA G 2277 25.16 51.05 64.23
N ALA G 2278 26.29 51.65 64.63
CA ALA G 2278 26.29 53.06 65.00
C ALA G 2278 25.94 53.96 63.82
N SER G 2279 26.15 53.46 62.59
CA SER G 2279 25.89 54.27 61.42
C SER G 2279 24.40 54.45 61.12
N VAL G 2280 23.52 53.73 61.81
CA VAL G 2280 22.10 53.75 61.50
C VAL G 2280 21.23 53.99 62.73
N ILE G 2281 21.80 54.49 63.82
CA ILE G 2281 21.01 54.65 65.04
C ILE G 2281 20.08 55.86 64.92
N ASP G 2282 18.81 55.64 65.21
CA ASP G 2282 17.84 56.72 65.36
C ASP G 2282 17.79 57.63 64.14
N ASN G 2283 17.80 57.05 62.94
CA ASN G 2283 17.68 57.81 61.70
C ASN G 2283 16.64 57.12 60.82
N ASN G 2284 15.44 57.69 60.77
CA ASN G 2284 14.36 57.06 60.02
C ASN G 2284 14.71 56.94 58.54
N GLU G 2285 15.29 58.00 57.96
CA GLU G 2285 15.59 57.97 56.53
C GLU G 2285 16.58 56.86 56.20
N LEU G 2286 17.69 56.80 56.95
CA LEU G 2286 18.70 55.78 56.68
C LEU G 2286 18.14 54.38 56.91
N ALA G 2287 17.35 54.20 57.97
CA ALA G 2287 16.77 52.89 58.23
C ALA G 2287 15.84 52.47 57.11
N LEU G 2288 15.00 53.39 56.61
CA LEU G 2288 14.13 53.06 55.49
C LEU G 2288 14.94 52.73 54.25
N ALA G 2289 16.00 53.48 53.99
CA ALA G 2289 16.82 53.26 52.81
C ALA G 2289 17.62 51.96 52.90
N LEU G 2290 17.63 51.30 54.05
CA LEU G 2290 18.42 50.09 54.21
C LEU G 2290 18.07 49.06 53.15
N GLN G 2291 19.09 48.47 52.55
CA GLN G 2291 18.91 47.45 51.52
C GLN G 2291 18.47 46.15 52.19
N GLU G 2292 17.90 45.19 51.46
CA GLU G 2292 17.41 43.90 52.01
C GLU G 2292 18.50 42.84 51.83
N GLN G 2293 19.49 43.11 50.98
CA GLN G 2293 20.63 42.20 50.73
C GLN G 2293 21.53 42.17 51.97
N ASP G 2294 21.55 43.25 52.74
CA ASP G 2294 22.36 43.34 53.98
C ASP G 2294 21.66 42.55 55.10
N LEU G 2295 20.35 42.33 54.98
CA LEU G 2295 19.55 41.63 56.02
C LEU G 2295 19.74 40.12 55.90
N GLU G 2296 19.71 39.55 54.69
CA GLU G 2296 19.82 38.11 54.47
C GLU G 2296 21.24 37.64 54.73
N LYS G 2297 22.24 38.46 54.43
CA LYS G 2297 23.61 38.06 54.68
C LYS G 2297 23.87 37.94 56.18
N VAL G 2298 23.36 38.89 56.96
CA VAL G 2298 23.53 38.83 58.41
C VAL G 2298 22.81 37.62 58.97
N VAL G 2299 21.61 37.33 58.47
CA VAL G 2299 20.89 36.15 58.93
C VAL G 2299 21.66 34.88 58.59
N SER G 2300 22.29 34.85 57.42
CA SER G 2300 23.11 33.70 57.06
C SER G 2300 24.28 33.55 58.01
N TYR G 2301 24.95 34.65 58.32
CA TYR G 2301 26.01 34.61 59.33
C TYR G 2301 25.49 34.03 60.64
N LEU G 2302 24.31 34.48 61.07
CA LEU G 2302 23.73 34.00 62.32
C LEU G 2302 23.50 32.49 62.26
N ALA G 2303 22.98 32.01 61.13
CA ALA G 2303 22.66 30.59 61.02
C ALA G 2303 23.87 29.73 61.37
N GLY G 2304 25.07 30.14 60.97
CA GLY G 2304 26.25 29.38 61.32
C GLY G 2304 26.48 29.31 62.82
N CYS G 2305 26.26 30.43 63.51
CA CYS G 2305 26.52 30.48 64.95
C CYS G 2305 25.67 29.45 65.70
N GLY G 2306 24.55 29.05 65.11
CA GLY G 2306 23.71 28.05 65.72
C GLY G 2306 24.03 26.62 65.36
N LEU G 2307 25.20 26.38 64.75
CA LEU G 2307 25.58 25.04 64.30
C LEU G 2307 26.92 24.56 64.81
N GLN G 2308 27.90 25.43 64.96
CA GLN G 2308 29.25 25.01 65.33
C GLN G 2308 29.78 25.88 66.46
N SER G 2309 30.52 25.26 67.37
CA SER G 2309 31.11 25.99 68.48
C SER G 2309 32.27 26.84 67.99
N CYS G 2310 32.68 27.79 68.83
CA CYS G 2310 33.76 28.69 68.48
C CYS G 2310 35.10 27.97 68.61
N PRO G 2311 35.93 27.94 67.56
CA PRO G 2311 37.23 27.27 67.71
C PRO G 2311 38.10 27.87 68.80
N MET G 2312 37.97 29.18 69.06
CA MET G 2312 38.80 29.80 70.08
C MET G 2312 38.55 29.18 71.44
N LEU G 2313 37.28 28.98 71.80
CA LEU G 2313 36.98 28.35 73.09
C LEU G 2313 37.53 26.94 73.14
N LEU G 2314 37.41 26.18 72.05
CA LEU G 2314 37.93 24.83 72.03
C LEU G 2314 39.44 24.83 72.25
N ALA G 2315 40.14 25.77 71.63
CA ALA G 2315 41.58 25.87 71.85
C ALA G 2315 41.92 26.10 73.31
N LYS G 2316 41.03 26.77 74.04
CA LYS G 2316 41.25 27.03 75.46
C LYS G 2316 40.74 25.91 76.34
N GLY G 2317 40.20 24.84 75.77
CA GLY G 2317 39.79 23.69 76.55
C GLY G 2317 38.35 23.69 77.01
N TYR G 2318 37.54 24.63 76.55
CA TYR G 2318 36.15 24.66 76.95
C TYR G 2318 35.41 23.45 76.40
N PRO G 2319 34.38 22.97 77.09
CA PRO G 2319 33.59 21.86 76.55
C PRO G 2319 32.88 22.26 75.27
N ASP G 2320 32.67 21.27 74.39
CA ASP G 2320 32.14 21.55 73.08
C ASP G 2320 30.63 21.32 73.04
N ILE G 2321 29.92 22.30 72.47
CA ILE G 2321 28.49 22.17 72.19
C ILE G 2321 28.25 22.70 70.79
N GLY G 2322 27.12 22.32 70.21
CA GLY G 2322 26.88 22.56 68.80
C GLY G 2322 26.39 23.95 68.46
N TRP G 2323 26.94 24.98 69.09
CA TRP G 2323 26.59 26.35 68.73
C TRP G 2323 27.42 27.32 69.55
N ASN G 2324 27.45 28.57 69.08
CA ASN G 2324 28.28 29.62 69.66
C ASN G 2324 27.41 30.83 69.99
N PRO G 2325 26.90 30.91 71.22
CA PRO G 2325 25.94 31.98 71.54
C PRO G 2325 26.47 33.39 71.37
N CYS G 2326 27.78 33.62 71.50
CA CYS G 2326 28.29 34.98 71.51
C CYS G 2326 28.00 35.70 70.20
N GLY G 2327 28.37 35.08 69.08
CA GLY G 2327 28.08 35.68 67.79
C GLY G 2327 26.58 35.87 67.60
N GLY G 2328 25.79 34.91 68.08
CA GLY G 2328 24.35 35.05 67.97
C GLY G 2328 23.85 36.31 68.64
N GLU G 2329 24.30 36.56 69.86
CA GLU G 2329 23.85 37.76 70.56
C GLU G 2329 24.36 39.03 69.88
N ARG G 2330 25.58 38.99 69.34
CA ARG G 2330 26.08 40.16 68.62
C ARG G 2330 25.19 40.50 67.43
N TYR G 2331 24.90 39.50 66.58
CA TYR G 2331 24.09 39.76 65.40
C TYR G 2331 22.67 40.15 65.79
N LEU G 2332 22.14 39.57 66.86
CA LEU G 2332 20.80 39.95 67.32
C LEU G 2332 20.78 41.39 67.79
N ASP G 2333 21.85 41.84 68.46
CA ASP G 2333 21.93 43.25 68.84
C ASP G 2333 21.91 44.14 67.62
N PHE G 2334 22.67 43.79 66.59
CA PHE G 2334 22.65 44.59 65.37
C PHE G 2334 21.26 44.65 64.78
N LEU G 2335 20.58 43.51 64.70
CA LEU G 2335 19.24 43.48 64.13
C LEU G 2335 18.29 44.35 64.95
N ARG G 2336 18.38 44.28 66.28
CA ARG G 2336 17.53 45.11 67.11
C ARG G 2336 17.75 46.59 66.81
N PHE G 2337 19.01 47.01 66.74
CA PHE G 2337 19.27 48.41 66.39
C PHE G 2337 18.71 48.74 65.02
N ALA G 2338 18.67 47.77 64.12
CA ALA G 2338 18.16 48.04 62.78
C ALA G 2338 16.65 48.18 62.73
N VAL G 2339 15.93 47.46 63.60
CA VAL G 2339 14.48 47.36 63.47
C VAL G 2339 13.75 48.45 64.27
N PHE G 2340 14.26 48.80 65.44
CA PHE G 2340 13.58 49.70 66.35
C PHE G 2340 14.30 51.04 66.40
N VAL G 2341 13.56 52.13 66.22
CA VAL G 2341 14.14 53.47 66.23
C VAL G 2341 13.27 54.38 67.10
N ASN G 2342 13.89 55.03 68.08
CA ASN G 2342 13.25 56.05 68.91
C ASN G 2342 11.85 55.62 69.34
N GLY G 2343 11.77 54.47 70.01
CA GLY G 2343 10.52 54.06 70.63
C GLY G 2343 9.45 53.60 69.67
N GLU G 2344 9.77 53.38 68.41
CA GLU G 2344 8.80 52.97 67.41
C GLU G 2344 9.38 51.88 66.54
N SER G 2345 8.51 51.05 65.98
CA SER G 2345 8.89 49.92 65.14
C SER G 2345 8.56 50.21 63.69
N VAL G 2346 9.54 50.04 62.82
CA VAL G 2346 9.34 50.18 61.38
C VAL G 2346 8.86 48.84 60.83
N GLU G 2347 7.70 48.83 60.20
CA GLU G 2347 7.03 47.57 59.89
C GLU G 2347 7.70 46.83 58.74
N GLU G 2348 8.28 47.55 57.78
CA GLU G 2348 8.84 46.87 56.62
C GLU G 2348 10.00 45.97 57.01
N ASN G 2349 10.97 46.51 57.75
CA ASN G 2349 12.10 45.70 58.18
C ASN G 2349 11.64 44.61 59.14
N ALA G 2350 10.65 44.90 59.98
CA ALA G 2350 10.14 43.88 60.88
C ALA G 2350 9.61 42.69 60.10
N ASN G 2351 8.77 42.94 59.09
CA ASN G 2351 8.23 41.85 58.29
C ASN G 2351 9.35 41.10 57.58
N VAL G 2352 10.29 41.83 56.98
CA VAL G 2352 11.35 41.17 56.24
C VAL G 2352 12.16 40.26 57.16
N VAL G 2353 12.54 40.77 58.32
CA VAL G 2353 13.43 40.01 59.20
C VAL G 2353 12.68 38.81 59.80
N VAL G 2354 11.42 38.98 60.18
CA VAL G 2354 10.69 37.85 60.73
C VAL G 2354 10.51 36.77 59.67
N ARG G 2355 10.22 37.19 58.43
CA ARG G 2355 10.11 36.22 57.35
C ARG G 2355 11.41 35.46 57.16
N LEU G 2356 12.53 36.18 57.10
CA LEU G 2356 13.82 35.52 56.93
C LEU G 2356 14.10 34.56 58.06
N LEU G 2357 13.81 34.96 59.31
CA LEU G 2357 14.07 34.08 60.44
C LEU G 2357 13.24 32.82 60.35
N ILE G 2358 11.93 32.94 60.10
CA ILE G 2358 11.11 31.74 60.02
C ILE G 2358 11.58 30.85 58.88
N ARG G 2359 12.16 31.45 57.84
CA ARG G 2359 12.67 30.64 56.74
C ARG G 2359 13.77 29.69 57.17
N LYS G 2360 14.48 29.98 58.27
CA LYS G 2360 15.56 29.16 58.77
C LYS G 2360 15.31 28.84 60.24
N PRO G 2361 14.54 27.80 60.54
CA PRO G 2361 14.20 27.52 61.95
C PRO G 2361 15.40 27.20 62.82
N GLU G 2362 16.54 26.83 62.25
CA GLU G 2362 17.70 26.50 63.06
C GLU G 2362 18.29 27.71 63.77
N CYS G 2363 18.01 28.92 63.28
CA CYS G 2363 18.56 30.12 63.89
C CYS G 2363 17.99 30.37 65.28
N PHE G 2364 16.81 29.86 65.58
CA PHE G 2364 16.17 30.09 66.87
C PHE G 2364 16.89 29.40 68.02
N GLY G 2365 17.84 28.51 67.75
CA GLY G 2365 18.57 27.83 68.79
C GLY G 2365 17.99 26.47 69.11
N PRO G 2366 18.73 25.67 69.87
CA PRO G 2366 18.29 24.29 70.12
C PRO G 2366 16.91 24.19 70.76
N ALA G 2367 16.57 25.10 71.67
CA ALA G 2367 15.31 25.00 72.39
C ALA G 2367 14.12 25.06 71.43
N LEU G 2368 14.17 25.97 70.48
CA LEU G 2368 13.08 26.17 69.53
C LEU G 2368 13.26 25.37 68.24
N ARG G 2369 14.19 24.42 68.23
CA ARG G 2369 14.41 23.62 67.04
C ARG G 2369 13.16 22.88 66.60
N GLY G 2370 12.24 22.60 67.51
CA GLY G 2370 11.03 21.87 67.17
C GLY G 2370 11.14 20.40 67.51
N GLU G 2371 11.36 19.57 66.50
CA GLU G 2371 11.51 18.13 66.72
C GLU G 2371 12.60 17.87 67.75
N GLY G 2372 12.21 17.33 68.91
CA GLY G 2372 13.18 17.07 69.96
C GLY G 2372 13.64 18.29 70.71
N GLY G 2373 13.04 19.45 70.45
CA GLY G 2373 13.45 20.68 71.11
C GLY G 2373 12.67 20.95 72.38
N SER G 2374 13.37 21.14 73.49
CA SER G 2374 12.72 21.45 74.75
C SER G 2374 12.30 22.91 74.79
N GLY G 2375 11.36 23.22 75.69
CA GLY G 2375 10.88 24.57 75.81
C GLY G 2375 11.92 25.50 76.42
N LEU G 2376 11.62 26.80 76.36
CA LEU G 2376 12.56 27.78 76.89
C LEU G 2376 12.77 27.60 78.39
N LEU G 2377 11.70 27.32 79.12
CA LEU G 2377 11.82 27.20 80.58
C LEU G 2377 12.79 26.09 80.95
N ALA G 2378 12.66 24.92 80.31
CA ALA G 2378 13.58 23.83 80.60
C ALA G 2378 15.00 24.19 80.23
N ALA G 2379 15.19 24.86 79.09
CA ALA G 2379 16.54 25.23 78.67
C ALA G 2379 17.19 26.17 79.69
N ILE G 2380 16.44 27.16 80.17
CA ILE G 2380 17.01 28.12 81.10
C ILE G 2380 17.26 27.48 82.46
N GLU G 2381 16.38 26.57 82.89
CA GLU G 2381 16.64 25.84 84.11
C GLU G 2381 17.91 25.01 83.99
N GLU G 2382 18.09 24.34 82.85
CA GLU G 2382 19.31 23.58 82.62
C GLU G 2382 20.53 24.48 82.65
N ALA G 2383 20.43 25.68 82.07
CA ALA G 2383 21.55 26.61 82.10
C ALA G 2383 21.87 27.02 83.53
N ILE G 2384 20.84 27.29 84.33
CA ILE G 2384 21.07 27.66 85.73
C ILE G 2384 21.80 26.55 86.44
N ARG G 2385 21.35 25.31 86.26
CA ARG G 2385 22.02 24.18 86.92
C ARG G 2385 23.45 24.03 86.42
N ILE G 2386 23.67 24.25 85.13
CA ILE G 2386 25.02 24.21 84.58
C ILE G 2386 25.91 25.22 85.29
N SER G 2387 25.35 26.40 85.57
CA SER G 2387 26.16 27.45 86.18
C SER G 2387 26.78 27.02 87.50
N GLU G 2388 26.22 26.01 88.16
CA GLU G 2388 26.77 25.53 89.42
C GLU G 2388 28.03 24.69 89.24
N ASP G 2389 28.10 23.87 88.18
CA ASP G 2389 29.21 22.95 87.98
C ASP G 2389 30.36 23.64 87.28
N PRO G 2390 31.54 23.77 87.89
CA PRO G 2390 32.69 24.31 87.15
C PRO G 2390 33.06 23.48 85.94
N ALA G 2391 32.90 22.15 86.01
CA ALA G 2391 33.25 21.31 84.88
C ALA G 2391 32.44 21.63 83.64
N ARG G 2392 31.14 21.86 83.80
CA ARG G 2392 30.28 22.14 82.67
C ARG G 2392 30.28 23.61 82.28
N ASP G 2393 30.95 24.47 83.04
CA ASP G 2393 30.95 25.90 82.78
C ASP G 2393 32.28 26.42 82.26
N GLY G 2394 33.35 25.65 82.40
CA GLY G 2394 34.65 26.10 81.98
C GLY G 2394 35.68 24.98 81.93
N PRO G 2395 36.95 25.32 81.68
CA PRO G 2395 38.03 24.34 81.61
C PRO G 2395 38.08 23.42 82.82
N ARG G 2415 36.93 34.43 82.78
CA ARG G 2415 36.73 35.55 81.86
C ARG G 2415 35.50 35.35 80.99
N VAL G 2416 34.89 34.17 81.08
CA VAL G 2416 33.69 33.86 80.31
C VAL G 2416 33.05 32.61 80.92
N HIS G 2417 31.71 32.59 80.92
CA HIS G 2417 30.95 31.48 81.47
C HIS G 2417 29.85 31.13 80.50
N LEU G 2418 29.38 29.87 80.55
CA LEU G 2418 28.47 29.39 79.53
C LEU G 2418 27.01 29.66 79.88
N GLY G 2419 26.62 29.45 81.13
CA GLY G 2419 25.24 29.68 81.50
C GLY G 2419 24.81 31.10 81.21
N HIS G 2420 25.64 32.07 81.59
CA HIS G 2420 25.32 33.46 81.33
C HIS G 2420 25.21 33.73 79.84
N ALA G 2421 26.11 33.13 79.04
CA ALA G 2421 26.06 33.34 77.60
C ALA G 2421 24.75 32.81 77.02
N ILE G 2422 24.33 31.63 77.45
CA ILE G 2422 23.10 31.04 76.93
C ILE G 2422 21.90 31.91 77.31
N MET G 2423 21.85 32.34 78.58
CA MET G 2423 20.73 33.16 79.11
C MET G 2423 20.71 34.52 78.42
N SER G 2424 21.86 35.08 78.03
CA SER G 2424 21.92 36.33 77.29
C SER G 2424 21.45 36.14 75.86
N PHE G 2425 21.85 35.03 75.22
CA PHE G 2425 21.41 34.78 73.86
C PHE G 2425 19.90 34.69 73.79
N TYR G 2426 19.29 33.90 74.67
CA TYR G 2426 17.84 33.76 74.63
C TYR G 2426 17.15 35.08 74.93
N ALA G 2427 17.66 35.84 75.89
CA ALA G 2427 17.06 37.13 76.21
C ALA G 2427 17.12 38.07 75.02
N ALA G 2428 18.26 38.11 74.32
CA ALA G 2428 18.38 38.96 73.15
C ALA G 2428 17.40 38.55 72.07
N LEU G 2429 17.26 37.24 71.84
CA LEU G 2429 16.32 36.78 70.82
C LEU G 2429 14.90 37.21 71.16
N ILE G 2430 14.50 37.00 72.42
CA ILE G 2430 13.14 37.35 72.80
C ILE G 2430 12.92 38.85 72.70
N ASP G 2431 13.91 39.64 73.08
CA ASP G 2431 13.78 41.09 72.97
C ASP G 2431 13.61 41.52 71.52
N LEU G 2432 14.39 40.91 70.62
CA LEU G 2432 14.24 41.23 69.20
C LEU G 2432 12.83 40.91 68.73
N LEU G 2433 12.36 39.71 69.02
CA LEU G 2433 11.02 39.32 68.58
C LEU G 2433 9.97 40.27 69.13
N GLY G 2434 10.08 40.64 70.41
CA GLY G 2434 9.14 41.57 70.98
C GLY G 2434 9.16 42.92 70.27
N ARG G 2435 10.35 43.42 69.95
CA ARG G 2435 10.44 44.69 69.24
C ARG G 2435 9.85 44.58 67.85
N CYS G 2436 9.87 43.39 67.24
CA CYS G 2436 9.37 43.25 65.88
C CYS G 2436 7.85 43.33 65.79
N ALA G 2437 7.14 43.29 66.91
CA ALA G 2437 5.69 43.27 66.86
C ALA G 2437 5.15 44.62 66.37
N PRO G 2438 3.95 44.64 65.80
CA PRO G 2438 3.42 45.88 65.26
C PRO G 2438 2.69 46.72 66.31
N GLU G 2439 2.33 47.93 65.90
CA GLU G 2439 1.64 48.85 66.78
C GLU G 2439 0.16 48.51 66.87
N MET G 2440 -0.50 49.05 67.90
CA MET G 2440 -1.89 48.74 68.17
C MET G 2440 -2.84 49.47 67.23
N HIS G 2441 -2.48 50.67 66.78
CA HIS G 2441 -3.36 51.38 65.86
C HIS G 2441 -3.51 50.62 64.55
N LEU G 2442 -2.44 49.95 64.08
CA LEU G 2442 -2.57 49.09 62.91
C LEU G 2442 -3.51 47.93 63.20
N ILE G 2443 -3.43 47.34 64.38
CA ILE G 2443 -4.35 46.25 64.72
C ILE G 2443 -5.79 46.71 64.64
N GLN G 2444 -6.06 47.96 65.06
CA GLN G 2444 -7.42 48.47 64.97
C GLN G 2444 -7.91 48.50 63.53
N ALA G 2445 -7.05 48.89 62.59
CA ALA G 2445 -7.43 48.88 61.18
C ALA G 2445 -7.62 47.47 60.63
N GLY G 2446 -7.24 46.44 61.39
CA GLY G 2446 -7.40 45.07 60.91
C GLY G 2446 -6.54 44.72 59.73
N LYS G 2447 -5.30 45.21 59.69
CA LYS G 2447 -4.40 44.88 58.60
C LYS G 2447 -4.12 43.38 58.59
N GLY G 2448 -4.20 42.77 57.41
CA GLY G 2448 -3.95 41.34 57.31
C GLY G 2448 -2.53 40.97 57.69
N GLU G 2449 -1.55 41.76 57.22
CA GLU G 2449 -0.16 41.46 57.52
C GLU G 2449 0.12 41.57 59.01
N ALA G 2450 -0.40 42.62 59.65
CA ALA G 2450 -0.18 42.79 61.08
C ALA G 2450 -0.77 41.62 61.85
N LEU G 2451 -1.98 41.20 61.49
CA LEU G 2451 -2.60 40.07 62.18
C LEU G 2451 -1.83 38.79 61.96
N ARG G 2452 -1.36 38.55 60.73
CA ARG G 2452 -0.56 37.35 60.48
C ARG G 2452 0.70 37.35 61.33
N ILE G 2453 1.38 38.50 61.39
CA ILE G 2453 2.62 38.59 62.16
C ILE G 2453 2.35 38.34 63.63
N ARG G 2454 1.29 38.97 64.17
CA ARG G 2454 0.98 38.78 65.58
C ARG G 2454 0.63 37.33 65.87
N ALA G 2455 -0.14 36.70 64.98
CA ALA G 2455 -0.48 35.30 65.18
C ALA G 2455 0.76 34.42 65.17
N ILE G 2456 1.68 34.67 64.25
CA ILE G 2456 2.90 33.89 64.19
C ILE G 2456 3.69 34.04 65.50
N LEU G 2457 3.89 35.28 65.92
CA LEU G 2457 4.66 35.51 67.14
C LEU G 2457 3.99 34.84 68.34
N ARG G 2458 2.68 34.97 68.45
CA ARG G 2458 1.97 34.33 69.55
C ARG G 2458 2.14 32.81 69.51
N SER G 2459 2.09 32.21 68.32
CA SER G 2459 2.28 30.78 68.20
C SER G 2459 3.70 30.37 68.59
N LEU G 2460 4.68 31.24 68.37
CA LEU G 2460 6.06 30.86 68.62
C LEU G 2460 6.35 30.67 70.11
N VAL G 2461 5.81 31.53 70.97
CA VAL G 2461 6.16 31.51 72.39
C VAL G 2461 4.91 31.37 73.24
N PRO G 2462 4.77 30.29 74.02
CA PRO G 2462 3.60 30.18 74.90
C PRO G 2462 3.63 31.21 76.01
N LEU G 2463 2.43 31.59 76.47
CA LEU G 2463 2.34 32.57 77.55
C LEU G 2463 2.83 31.98 78.87
N ASP G 2464 2.40 30.77 79.20
CA ASP G 2464 2.82 30.13 80.44
C ASP G 2464 4.33 30.03 80.54
N ASP G 2465 5.04 29.89 79.42
CA ASP G 2465 6.50 29.88 79.47
C ASP G 2465 7.03 31.21 79.98
N LEU G 2466 6.49 32.32 79.47
CA LEU G 2466 6.93 33.62 79.96
C LEU G 2466 6.61 33.77 81.44
N VAL G 2467 5.41 33.37 81.85
CA VAL G 2467 5.04 33.50 83.26
C VAL G 2467 6.00 32.69 84.13
N GLY G 2468 6.32 31.47 83.70
CA GLY G 2468 7.26 30.66 84.46
C GLY G 2468 8.62 31.29 84.54
N ILE G 2469 9.09 31.87 83.44
CA ILE G 2469 10.40 32.51 83.44
C ILE G 2469 10.44 33.66 84.42
N ILE G 2470 9.40 34.51 84.40
CA ILE G 2470 9.40 35.68 85.28
C ILE G 2470 9.40 35.25 86.73
N SER G 2471 8.70 34.17 87.05
CA SER G 2471 8.53 33.74 88.43
C SER G 2471 9.77 33.07 89.02
N LEU G 2472 10.84 32.89 88.25
CA LEU G 2472 12.01 32.23 88.78
C LEU G 2472 12.65 33.09 89.89
N PRO G 2473 13.31 32.48 90.85
CA PRO G 2473 13.89 33.26 91.96
C PRO G 2473 15.21 33.90 91.57
N LEU G 2474 15.64 34.83 92.42
CA LEU G 2474 16.91 35.54 92.25
C LEU G 2474 17.74 35.44 93.52
N GLN G 2475 19.04 35.33 93.36
CA GLN G 2475 19.94 35.32 94.50
C GLN G 2475 20.20 36.76 94.96
N ILE G 2476 20.34 36.93 96.28
CA ILE G 2476 20.48 38.26 96.85
C ILE G 2476 21.71 38.28 97.77
N PRO G 2477 22.35 39.43 97.97
CA PRO G 2477 23.47 39.48 98.90
C PRO G 2477 23.02 39.23 100.33
N THR G 2478 23.95 38.75 101.15
CA THR G 2478 23.66 38.45 102.55
C THR G 2478 24.91 38.68 103.37
N LEU G 2479 24.72 38.76 104.68
CA LEU G 2479 25.80 39.00 105.63
C LEU G 2479 26.23 37.68 106.25
N GLY G 2480 27.49 37.30 106.04
CA GLY G 2480 28.01 36.04 106.51
C GLY G 2480 28.78 36.18 107.81
N LYS G 2481 29.54 35.13 108.14
CA LYS G 2481 30.33 35.13 109.36
C LYS G 2481 31.43 36.18 109.27
N ASP G 2482 31.78 36.74 110.43
CA ASP G 2482 32.84 37.73 110.55
C ASP G 2482 32.54 39.02 109.81
N GLY G 2483 31.25 39.30 109.56
CA GLY G 2483 30.87 40.52 108.89
C GLY G 2483 31.14 40.54 107.40
N ALA G 2484 31.53 39.42 106.82
CA ALA G 2484 31.84 39.39 105.39
C ALA G 2484 30.57 39.50 104.57
N LEU G 2485 30.66 40.22 103.45
CA LEU G 2485 29.54 40.34 102.54
C LEU G 2485 29.64 39.29 101.44
N VAL G 2486 28.51 38.65 101.13
CA VAL G 2486 28.44 37.63 100.10
C VAL G 2486 27.64 38.19 98.93
N GLN G 2487 28.26 38.22 97.75
CA GLN G 2487 27.63 38.77 96.56
C GLN G 2487 27.78 37.77 95.42
N PRO G 2488 26.71 37.45 94.70
CA PRO G 2488 26.86 36.60 93.52
C PRO G 2488 27.66 37.31 92.43
N LYS G 2489 28.35 36.52 91.63
CA LYS G 2489 29.09 37.05 90.48
C LYS G 2489 28.10 37.38 89.37
N MET G 2490 27.85 38.68 89.15
CA MET G 2490 26.86 39.08 88.16
C MET G 2490 27.24 38.60 86.77
N SER G 2491 28.53 38.43 86.51
CA SER G 2491 28.98 37.97 85.20
C SER G 2491 28.63 36.51 84.93
N ALA G 2492 28.24 35.74 85.94
CA ALA G 2492 27.96 34.32 85.74
C ALA G 2492 26.72 33.86 86.49
N SER G 2493 25.62 34.61 86.44
CA SER G 2493 24.41 34.24 87.17
C SER G 2493 23.20 34.87 86.51
N PHE G 2494 22.03 34.33 86.85
CA PHE G 2494 20.77 34.91 86.42
C PHE G 2494 20.64 36.34 86.94
N VAL G 2495 20.23 37.25 86.07
CA VAL G 2495 20.12 38.66 86.44
C VAL G 2495 18.83 39.24 85.87
N PRO G 2496 18.37 40.36 86.43
CA PRO G 2496 17.07 40.92 85.99
C PRO G 2496 17.01 41.26 84.52
N ASP G 2497 18.15 41.58 83.88
CA ASP G 2497 18.12 41.90 82.47
C ASP G 2497 17.58 40.74 81.64
N HIS G 2498 17.63 39.52 82.16
CA HIS G 2498 17.00 38.40 81.49
C HIS G 2498 15.49 38.37 81.72
N LYS G 2499 14.98 39.19 82.63
CA LYS G 2499 13.54 39.29 82.85
C LYS G 2499 12.94 40.49 82.14
N ALA G 2500 13.73 41.55 81.95
CA ALA G 2500 13.20 42.75 81.31
C ALA G 2500 12.74 42.45 79.89
N SER G 2501 13.52 41.67 79.15
CA SER G 2501 13.13 41.33 77.78
C SER G 2501 11.84 40.53 77.74
N MET G 2502 11.69 39.58 78.66
CA MET G 2502 10.44 38.81 78.70
C MET G 2502 9.26 39.70 79.02
N VAL G 2503 9.44 40.65 79.95
CA VAL G 2503 8.35 41.56 80.27
C VAL G 2503 7.98 42.40 79.05
N LEU G 2504 8.99 42.88 78.31
CA LEU G 2504 8.72 43.66 77.10
C LEU G 2504 7.94 42.83 76.09
N PHE G 2505 8.36 41.58 75.87
CA PHE G 2505 7.64 40.73 74.93
C PHE G 2505 6.21 40.52 75.35
N LEU G 2506 5.99 40.21 76.63
CA LEU G 2506 4.64 39.97 77.12
C LEU G 2506 3.77 41.21 76.94
N ASP G 2507 4.31 42.38 77.23
CA ASP G 2507 3.55 43.61 77.07
C ASP G 2507 3.19 43.84 75.62
N ARG G 2508 4.17 43.73 74.71
CA ARG G 2508 3.94 44.16 73.34
C ARG G 2508 3.10 43.15 72.56
N VAL G 2509 3.23 41.86 72.85
CA VAL G 2509 2.54 40.84 72.07
C VAL G 2509 1.19 40.48 72.67
N TYR G 2510 1.17 40.01 73.92
CA TYR G 2510 -0.05 39.52 74.53
C TYR G 2510 -0.89 40.62 75.15
N GLY G 2511 -0.30 41.47 75.97
CA GLY G 2511 -1.05 42.51 76.64
C GLY G 2511 -1.84 41.97 77.82
N ILE G 2512 -2.60 42.86 78.44
CA ILE G 2512 -3.43 42.54 79.60
C ILE G 2512 -4.85 42.98 79.30
N GLU G 2513 -5.81 42.06 79.49
CA GLU G 2513 -7.20 42.37 79.20
C GLU G 2513 -8.19 41.81 80.21
N ASN G 2514 -7.73 41.18 81.29
CA ASN G 2514 -8.65 40.65 82.29
C ASN G 2514 -8.01 40.74 83.66
N GLN G 2515 -8.85 41.02 84.66
CA GLN G 2515 -8.33 41.30 86.00
C GLN G 2515 -7.67 40.08 86.61
N ASP G 2516 -8.24 38.89 86.40
CA ASP G 2516 -7.71 37.69 87.05
C ASP G 2516 -6.28 37.41 86.60
N PHE G 2517 -6.01 37.53 85.30
CA PHE G 2517 -4.65 37.29 84.81
C PHE G 2517 -3.67 38.29 85.40
N LEU G 2518 -4.05 39.56 85.47
CA LEU G 2518 -3.18 40.56 86.07
C LEU G 2518 -2.90 40.23 87.54
N LEU G 2519 -3.94 39.82 88.26
CA LEU G 2519 -3.75 39.46 89.67
C LEU G 2519 -2.79 38.29 89.80
N HIS G 2520 -2.95 37.27 88.96
CA HIS G 2520 -2.07 36.11 89.02
C HIS G 2520 -0.62 36.50 88.73
N VAL G 2521 -0.41 37.27 87.68
CA VAL G 2521 0.94 37.67 87.32
C VAL G 2521 1.57 38.49 88.45
N LEU G 2522 0.81 39.44 89.00
CA LEU G 2522 1.34 40.27 90.07
C LEU G 2522 1.69 39.42 91.29
N ASP G 2523 0.82 38.47 91.62
CA ASP G 2523 1.04 37.65 92.81
C ASP G 2523 2.29 36.78 92.66
N VAL G 2524 2.47 36.17 91.48
CA VAL G 2524 3.56 35.20 91.36
C VAL G 2524 4.86 35.85 90.92
N GLY G 2525 4.82 36.80 89.98
CA GLY G 2525 6.03 37.28 89.37
C GLY G 2525 6.66 38.50 89.98
N PHE G 2526 5.90 39.59 90.13
CA PHE G 2526 6.51 40.88 90.45
C PHE G 2526 6.62 41.10 91.95
N LEU G 2527 5.57 40.81 92.70
CA LEU G 2527 5.53 41.18 94.11
C LEU G 2527 6.75 40.67 94.88
N PRO G 2528 7.19 39.43 94.73
CA PRO G 2528 8.43 39.02 95.42
C PRO G 2528 9.63 39.85 95.02
N ASP G 2529 9.73 40.22 93.74
CA ASP G 2529 10.87 41.01 93.29
C ASP G 2529 10.86 42.39 93.92
N MET G 2530 9.69 43.05 93.98
CA MET G 2530 9.57 44.42 94.53
C MET G 2530 9.73 44.35 96.06
N ARG G 2531 9.45 43.20 96.66
CA ARG G 2531 9.62 42.97 98.12
C ARG G 2531 11.11 42.82 98.40
N ALA G 2532 11.86 42.11 97.53
CA ALA G 2532 13.30 41.96 97.68
C ALA G 2532 14.01 43.27 97.46
N ALA G 2533 13.59 44.03 96.46
CA ALA G 2533 14.21 45.33 96.19
C ALA G 2533 14.04 46.26 97.39
N ALA G 2534 12.84 46.30 97.96
CA ALA G 2534 12.60 47.15 99.12
C ALA G 2534 13.43 46.71 100.30
N SER G 2535 13.62 45.41 100.49
CA SER G 2535 14.35 44.92 101.65
C SER G 2535 15.80 45.40 101.69
N LEU G 2536 16.33 45.87 100.56
CA LEU G 2536 17.73 46.28 100.48
C LEU G 2536 17.91 47.78 100.74
N ASP G 2537 17.04 48.39 101.54
CA ASP G 2537 17.20 49.80 101.86
C ASP G 2537 18.36 50.05 102.82
N THR G 2538 18.90 49.00 103.43
CA THR G 2538 19.99 49.18 104.38
C THR G 2538 21.20 49.79 103.69
N ALA G 2539 21.93 50.63 104.42
CA ALA G 2539 23.14 51.23 103.87
C ALA G 2539 24.18 50.18 103.48
N THR G 2540 24.16 49.02 104.13
CA THR G 2540 25.12 47.97 103.78
C THR G 2540 24.85 47.37 102.42
N PHE G 2541 23.64 47.53 101.88
CA PHE G 2541 23.28 46.93 100.59
C PHE G 2541 22.86 47.93 99.53
N SER G 2542 22.54 49.17 99.89
CA SER G 2542 22.00 50.11 98.90
C SER G 2542 22.95 50.29 97.72
N THR G 2543 24.25 50.14 97.94
CA THR G 2543 25.23 50.37 96.88
C THR G 2543 25.63 49.10 96.15
N THR G 2544 25.10 47.95 96.53
CA THR G 2544 25.45 46.70 95.85
C THR G 2544 24.91 46.72 94.42
N GLU G 2545 25.73 46.26 93.48
CA GLU G 2545 25.35 46.31 92.08
C GLU G 2545 24.05 45.56 91.82
N MET G 2546 23.78 44.52 92.61
CA MET G 2546 22.51 43.82 92.46
C MET G 2546 21.34 44.75 92.77
N ALA G 2547 21.49 45.59 93.80
CA ALA G 2547 20.43 46.54 94.12
C ALA G 2547 20.19 47.51 92.98
N LEU G 2548 21.26 48.03 92.37
CA LEU G 2548 21.09 48.94 91.25
C LEU G 2548 20.43 48.23 90.07
N ALA G 2549 20.82 46.98 89.82
CA ALA G 2549 20.20 46.23 88.74
C ALA G 2549 18.70 46.07 88.99
N LEU G 2550 18.33 45.73 90.22
CA LEU G 2550 16.92 45.57 90.55
C LEU G 2550 16.17 46.89 90.38
N ASN G 2551 16.77 47.99 90.84
CA ASN G 2551 16.11 49.29 90.70
C ASN G 2551 15.88 49.63 89.23
N ARG G 2552 16.88 49.42 88.39
CA ARG G 2552 16.72 49.73 86.98
C ARG G 2552 15.67 48.82 86.34
N TYR G 2553 15.69 47.54 86.66
CA TYR G 2553 14.73 46.61 86.09
C TYR G 2553 13.31 47.01 86.47
N LEU G 2554 13.11 47.41 87.73
CA LEU G 2554 11.78 47.83 88.15
C LEU G 2554 11.36 49.11 87.45
N CYS G 2555 12.26 50.10 87.41
CA CYS G 2555 11.87 51.42 86.92
C CYS G 2555 11.74 51.45 85.40
N LEU G 2556 12.26 50.44 84.70
CA LEU G 2556 12.18 50.43 83.24
C LEU G 2556 11.11 49.48 82.71
N ALA G 2557 10.74 48.45 83.48
CA ALA G 2557 9.86 47.40 82.97
C ALA G 2557 8.54 47.31 83.72
N VAL G 2558 8.58 47.19 85.05
CA VAL G 2558 7.38 46.80 85.79
C VAL G 2558 6.46 47.98 86.03
N LEU G 2559 6.96 49.02 86.70
CA LEU G 2559 6.07 50.11 87.11
C LEU G 2559 5.31 50.74 85.97
N PRO G 2560 5.89 51.00 84.79
CA PRO G 2560 5.07 51.51 83.69
C PRO G 2560 3.92 50.58 83.33
N LEU G 2561 4.16 49.27 83.33
CA LEU G 2561 3.10 48.32 83.02
C LEU G 2561 2.01 48.38 84.08
N ILE G 2562 2.40 48.46 85.35
CA ILE G 2562 1.41 48.56 86.42
C ILE G 2562 0.59 49.84 86.26
N THR G 2563 1.26 50.94 85.92
CA THR G 2563 0.56 52.20 85.73
C THR G 2563 -0.47 52.08 84.60
N LYS G 2564 -0.07 51.46 83.49
CA LYS G 2564 -1.02 51.28 82.40
C LYS G 2564 -2.20 50.41 82.81
N CYS G 2565 -1.96 49.34 83.57
CA CYS G 2565 -3.01 48.40 83.93
C CYS G 2565 -3.81 48.83 85.15
N ALA G 2566 -3.45 49.94 85.79
CA ALA G 2566 -4.16 50.36 86.99
C ALA G 2566 -5.67 50.41 86.85
N PRO G 2567 -6.26 50.92 85.77
CA PRO G 2567 -7.72 51.03 85.71
C PRO G 2567 -8.47 49.73 85.95
N LEU G 2568 -7.78 48.58 85.98
CA LEU G 2568 -8.46 47.31 86.21
C LEU G 2568 -8.68 47.01 87.69
N PHE G 2569 -8.29 47.92 88.58
CA PHE G 2569 -8.42 47.67 90.01
C PHE G 2569 -9.77 48.12 90.56
N ALA G 2570 -10.67 48.60 89.71
CA ALA G 2570 -11.90 49.22 90.21
C ALA G 2570 -12.69 48.26 91.10
N GLY G 2571 -12.93 47.05 90.63
CA GLY G 2571 -13.80 46.11 91.31
C GLY G 2571 -13.10 45.06 92.14
N THR G 2572 -11.84 45.28 92.52
CA THR G 2572 -11.07 44.26 93.22
C THR G 2572 -11.41 44.21 94.70
N GLU G 2573 -12.70 44.04 95.03
CA GLU G 2573 -13.09 43.96 96.44
C GLU G 2573 -12.38 42.81 97.14
N HIS G 2574 -12.40 41.64 96.52
CA HIS G 2574 -11.71 40.49 97.10
C HIS G 2574 -10.21 40.64 96.95
N ARG G 2575 -9.47 39.81 97.69
CA ARG G 2575 -8.01 39.78 97.66
C ARG G 2575 -7.40 41.13 98.01
N ALA G 2576 -8.01 41.85 98.95
CA ALA G 2576 -7.46 43.14 99.35
C ALA G 2576 -6.13 43.00 100.07
N ILE G 2577 -5.80 41.80 100.57
CA ILE G 2577 -4.56 41.62 101.31
C ILE G 2577 -3.36 41.91 100.42
N MET G 2578 -3.31 41.29 99.24
CA MET G 2578 -2.19 41.53 98.35
C MET G 2578 -2.17 42.98 97.87
N VAL G 2579 -3.35 43.57 97.69
CA VAL G 2579 -3.40 44.96 97.24
C VAL G 2579 -2.77 45.88 98.27
N ASP G 2580 -3.13 45.71 99.54
CA ASP G 2580 -2.53 46.54 100.58
C ASP G 2580 -1.05 46.24 100.71
N SER G 2581 -0.66 44.98 100.55
CA SER G 2581 0.77 44.65 100.60
C SER G 2581 1.53 45.37 99.51
N MET G 2582 1.00 45.38 98.29
CA MET G 2582 1.67 46.06 97.19
C MET G 2582 1.73 47.56 97.45
N LEU G 2583 0.65 48.13 97.98
CA LEU G 2583 0.65 49.56 98.26
C LEU G 2583 1.73 49.91 99.28
N HIS G 2584 1.81 49.13 100.35
CA HIS G 2584 2.79 49.36 101.45
C HIS G 2584 4.21 49.09 100.92
N THR G 2585 4.39 48.20 99.91
CA THR G 2585 5.69 47.96 99.31
C THR G 2585 6.12 49.14 98.44
N VAL G 2586 5.23 49.62 97.57
CA VAL G 2586 5.60 50.73 96.69
C VAL G 2586 5.86 51.97 97.52
N TYR G 2587 5.07 52.21 98.58
CA TYR G 2587 5.31 53.37 99.42
C TYR G 2587 6.70 53.30 100.05
N ARG G 2588 7.02 52.17 100.67
CA ARG G 2588 8.34 52.01 101.29
C ARG G 2588 9.44 52.13 100.26
N LEU G 2589 9.17 51.73 99.02
CA LEU G 2589 10.18 51.83 97.97
C LEU G 2589 10.36 53.27 97.52
N SER G 2590 9.32 54.08 97.66
CA SER G 2590 9.39 55.45 97.16
C SER G 2590 10.48 56.26 97.88
N ARG G 2591 10.83 55.87 99.10
CA ARG G 2591 11.78 56.63 99.90
C ARG G 2591 13.13 55.95 100.01
N GLY G 2592 13.60 55.33 98.94
CA GLY G 2592 14.94 54.78 98.95
C GLY G 2592 15.99 55.87 98.97
N ARG G 2593 17.23 55.47 99.29
CA ARG G 2593 18.30 56.45 99.45
C ARG G 2593 19.16 56.58 98.20
N SER G 2594 19.28 55.51 97.41
CA SER G 2594 20.19 55.48 96.28
C SER G 2594 19.49 55.71 94.94
N LEU G 2595 18.22 56.12 94.95
CA LEU G 2595 17.50 56.29 93.70
C LEU G 2595 17.77 57.68 93.12
N THR G 2596 17.57 57.79 91.81
CA THR G 2596 17.71 59.06 91.10
C THR G 2596 16.35 59.67 90.83
N LYS G 2597 16.36 60.91 90.33
CA LYS G 2597 15.11 61.60 90.07
C LYS G 2597 14.27 60.85 89.04
N ALA G 2598 14.90 60.37 87.97
CA ALA G 2598 14.18 59.67 86.92
C ALA G 2598 13.49 58.40 87.42
N GLN G 2599 13.89 57.87 88.57
CA GLN G 2599 13.25 56.72 89.19
C GLN G 2599 12.25 57.09 90.25
N ARG G 2600 12.58 58.07 91.09
CA ARG G 2600 11.64 58.52 92.11
C ARG G 2600 10.37 59.07 91.48
N ASP G 2601 10.51 59.85 90.40
CA ASP G 2601 9.34 60.41 89.75
C ASP G 2601 8.46 59.30 89.19
N VAL G 2602 9.07 58.27 88.60
CA VAL G 2602 8.29 57.15 88.06
C VAL G 2602 7.54 56.44 89.17
N ILE G 2603 8.21 56.19 90.30
CA ILE G 2603 7.53 55.50 91.39
C ILE G 2603 6.37 56.34 91.91
N GLU G 2604 6.59 57.64 92.07
CA GLU G 2604 5.51 58.51 92.55
C GLU G 2604 4.34 58.52 91.57
N ASP G 2605 4.62 58.58 90.28
CA ASP G 2605 3.55 58.56 89.29
C ASP G 2605 2.76 57.26 89.37
N CYS G 2606 3.45 56.13 89.50
CA CYS G 2606 2.76 54.86 89.60
C CYS G 2606 1.85 54.83 90.83
N LEU G 2607 2.37 55.28 91.97
CA LEU G 2607 1.58 55.25 93.20
C LEU G 2607 0.36 56.14 93.07
N MET G 2608 0.54 57.37 92.57
CA MET G 2608 -0.59 58.28 92.43
C MET G 2608 -1.63 57.71 91.48
N ALA G 2609 -1.19 57.13 90.35
CA ALA G 2609 -2.13 56.56 89.41
C ALA G 2609 -2.91 55.42 90.02
N LEU G 2610 -2.26 54.56 90.80
CA LEU G 2610 -2.97 53.48 91.46
C LEU G 2610 -4.00 54.02 92.44
N CYS G 2611 -3.62 55.06 93.21
CA CYS G 2611 -4.48 55.49 94.31
C CYS G 2611 -5.82 56.05 93.82
N ARG G 2612 -5.88 56.53 92.58
CA ARG G 2612 -7.09 57.21 92.13
C ARG G 2612 -8.14 56.26 91.57
N TYR G 2613 -7.90 54.95 91.57
CA TYR G 2613 -8.86 53.98 91.07
C TYR G 2613 -9.29 52.96 92.11
N ILE G 2614 -8.55 52.79 93.20
CA ILE G 2614 -8.89 51.78 94.19
C ILE G 2614 -10.09 52.27 95.01
N ARG G 2615 -10.85 51.31 95.51
CA ARG G 2615 -12.02 51.64 96.32
C ARG G 2615 -11.57 52.36 97.59
N PRO G 2616 -12.23 53.46 97.99
CA PRO G 2616 -11.73 54.22 99.14
C PRO G 2616 -11.71 53.42 100.43
N SER G 2617 -12.53 52.38 100.55
CA SER G 2617 -12.56 51.61 101.79
C SER G 2617 -11.37 50.67 101.92
N MET G 2618 -10.39 50.78 101.03
CA MET G 2618 -9.22 49.89 101.08
C MET G 2618 -7.94 50.63 101.44
N LEU G 2619 -8.00 51.95 101.65
CA LEU G 2619 -6.81 52.74 101.88
C LEU G 2619 -6.60 53.10 103.35
N GLN G 2620 -7.38 52.54 104.27
CA GLN G 2620 -7.21 52.88 105.67
C GLN G 2620 -5.85 52.44 106.18
N HIS G 2621 -5.38 51.27 105.75
CA HIS G 2621 -4.07 50.81 106.19
C HIS G 2621 -2.96 51.74 105.70
N LEU G 2622 -3.03 52.20 104.45
CA LEU G 2622 -2.04 53.16 103.97
C LEU G 2622 -2.14 54.48 104.72
N LEU G 2623 -3.36 54.94 104.99
CA LEU G 2623 -3.53 56.18 105.74
C LEU G 2623 -2.93 56.07 107.13
N ARG G 2624 -3.01 54.87 107.73
CA ARG G 2624 -2.47 54.65 109.09
C ARG G 2624 -0.96 54.91 109.07
N ARG G 2625 -0.24 54.45 108.04
CA ARG G 2625 1.19 54.73 107.93
C ARG G 2625 1.44 56.18 107.57
N LEU G 2626 0.60 56.76 106.72
CA LEU G 2626 0.79 58.14 106.30
C LEU G 2626 0.68 59.10 107.47
N VAL G 2627 -0.24 58.83 108.40
CA VAL G 2627 -0.48 59.74 109.50
C VAL G 2627 0.77 59.94 110.34
N PHE G 2628 1.52 58.85 110.57
CA PHE G 2628 2.72 58.95 111.40
C PHE G 2628 3.79 59.79 110.72
N ASP G 2629 3.96 59.64 109.40
CA ASP G 2629 5.10 60.23 108.70
C ASP G 2629 4.86 61.66 108.25
N VAL G 2630 3.65 61.96 107.76
CA VAL G 2630 3.41 63.27 107.14
C VAL G 2630 3.68 64.42 108.09
N PRO G 2631 3.19 64.43 109.34
CA PRO G 2631 3.37 65.61 110.19
C PRO G 2631 4.81 65.98 110.45
N ILE G 2632 5.77 65.10 110.18
CA ILE G 2632 7.19 65.44 110.26
C ILE G 2632 7.55 66.07 108.93
N LEU G 2633 7.54 67.40 108.88
CA LEU G 2633 7.70 68.11 107.62
C LEU G 2633 9.16 68.08 107.16
N ASN G 2634 9.59 66.94 106.62
CA ASN G 2634 10.92 66.81 106.05
C ASN G 2634 10.88 67.16 104.56
N GLU G 2635 12.05 67.10 103.91
CA GLU G 2635 12.09 67.34 102.48
C GLU G 2635 11.39 66.24 101.69
N PHE G 2636 11.57 64.97 102.10
CA PHE G 2636 10.96 63.80 101.41
C PHE G 2636 9.45 63.78 101.57
N ALA G 2637 8.86 64.59 102.47
CA ALA G 2637 7.44 64.51 102.77
C ALA G 2637 6.59 65.38 101.83
N LYS G 2638 7.12 65.83 100.71
CA LYS G 2638 6.34 66.67 99.81
C LYS G 2638 5.31 65.85 99.04
N MET G 2639 5.70 64.68 98.52
CA MET G 2639 4.82 63.92 97.66
C MET G 2639 3.53 63.50 98.34
N PRO G 2640 3.55 62.98 99.57
CA PRO G 2640 2.29 62.50 100.17
C PRO G 2640 1.18 63.53 100.17
N LEU G 2641 1.53 64.82 100.25
CA LEU G 2641 0.50 65.85 100.27
C LEU G 2641 -0.33 65.83 98.99
N LYS G 2642 0.31 65.64 97.84
CA LYS G 2642 -0.45 65.60 96.58
C LYS G 2642 -1.48 64.48 96.60
N LEU G 2643 -1.07 63.27 96.98
CA LEU G 2643 -2.00 62.16 96.93
C LEU G 2643 -3.09 62.31 97.98
N LEU G 2644 -2.75 62.86 99.15
CA LEU G 2644 -3.77 63.11 100.15
C LEU G 2644 -4.80 64.12 99.64
N THR G 2645 -4.33 65.20 99.03
CA THR G 2645 -5.24 66.20 98.49
C THR G 2645 -6.17 65.57 97.45
N ASN G 2646 -5.59 64.82 96.51
CA ASN G 2646 -6.41 64.21 95.46
C ASN G 2646 -7.42 63.24 96.06
N HIS G 2647 -6.98 62.42 97.02
CA HIS G 2647 -7.87 61.43 97.61
C HIS G 2647 -9.04 62.09 98.33
N TYR G 2648 -8.75 63.13 99.11
CA TYR G 2648 -9.82 63.77 99.87
C TYR G 2648 -10.70 64.64 98.97
N GLU G 2649 -10.20 65.05 97.81
CA GLU G 2649 -11.06 65.74 96.85
C GLU G 2649 -11.99 64.75 96.15
N ARG G 2650 -11.49 63.55 95.86
CA ARG G 2650 -12.30 62.56 95.16
C ARG G 2650 -13.45 62.06 96.03
N CYS G 2651 -13.15 61.67 97.27
CA CYS G 2651 -14.07 60.93 98.10
C CYS G 2651 -14.61 61.74 99.28
N TRP G 2652 -14.87 63.03 99.09
CA TRP G 2652 -15.40 63.82 100.20
C TRP G 2652 -16.80 63.38 100.58
N LYS G 2653 -17.59 62.91 99.62
CA LYS G 2653 -18.92 62.42 99.93
C LYS G 2653 -18.88 61.16 100.79
N TYR G 2654 -17.91 60.29 100.56
CA TYR G 2654 -17.84 59.04 101.32
C TYR G 2654 -17.67 59.31 102.80
N TYR G 2655 -17.18 60.50 103.17
CA TYR G 2655 -17.00 60.86 104.57
C TYR G 2655 -18.11 61.78 105.06
N CYS G 2656 -18.36 62.88 104.36
CA CYS G 2656 -19.24 63.93 104.88
C CYS G 2656 -20.69 63.44 104.99
N LEU G 2657 -21.23 62.88 103.91
CA LEU G 2657 -22.64 62.54 103.90
C LEU G 2657 -22.94 61.45 104.92
N PRO G 2658 -24.05 61.54 105.66
CA PRO G 2658 -24.42 60.45 106.57
C PRO G 2658 -24.65 59.13 105.85
N THR G 2659 -25.17 59.17 104.62
CA THR G 2659 -25.47 57.96 103.87
C THR G 2659 -24.32 57.55 102.94
N GLY G 2660 -23.20 58.26 102.96
CA GLY G 2660 -22.07 57.87 102.16
C GLY G 2660 -22.30 58.12 100.67
N TRP G 2661 -21.42 57.54 99.87
CA TRP G 2661 -21.46 57.71 98.42
C TRP G 2661 -22.53 56.78 97.85
N ALA G 2662 -22.57 56.65 96.52
CA ALA G 2662 -23.62 55.87 95.88
C ALA G 2662 -23.55 54.40 96.29
N ASN G 2663 -22.46 53.73 95.93
CA ASN G 2663 -22.30 52.32 96.25
C ASN G 2663 -21.01 52.02 96.99
N PHE G 2664 -20.21 53.02 97.32
CA PHE G 2664 -18.96 52.82 98.04
C PHE G 2664 -19.18 52.72 99.55
N GLY G 2665 -20.41 52.82 100.01
CA GLY G 2665 -20.68 52.71 101.44
C GLY G 2665 -20.40 54.02 102.16
N VAL G 2666 -20.22 53.91 103.47
CA VAL G 2666 -19.95 55.07 104.32
C VAL G 2666 -18.78 54.72 105.23
N THR G 2667 -18.12 55.77 105.73
CA THR G 2667 -16.94 55.57 106.56
C THR G 2667 -17.32 55.07 107.95
N SER G 2668 -16.30 54.75 108.73
CA SER G 2668 -16.46 54.38 110.12
C SER G 2668 -15.74 55.40 111.01
N GLU G 2669 -15.90 55.24 112.32
CA GLU G 2669 -15.34 56.21 113.25
C GLU G 2669 -13.83 56.25 113.17
N GLU G 2670 -13.21 55.14 112.75
CA GLU G 2670 -11.75 55.06 112.80
C GLU G 2670 -11.12 55.95 111.74
N GLU G 2671 -11.69 55.95 110.53
CA GLU G 2671 -11.14 56.75 109.39
C GLU G 2671 -11.38 58.22 109.68
N LEU G 2672 -12.45 58.60 110.38
CA LEU G 2672 -12.68 59.98 110.78
C LEU G 2672 -11.72 60.41 111.87
N HIS G 2673 -11.48 59.51 112.84
CA HIS G 2673 -10.56 59.80 113.97
C HIS G 2673 -9.15 59.98 113.42
N LEU G 2674 -8.73 59.18 112.44
CA LEU G 2674 -7.42 59.33 111.82
C LEU G 2674 -7.32 60.65 111.06
N THR G 2675 -8.37 61.01 110.32
CA THR G 2675 -8.36 62.25 109.56
C THR G 2675 -8.25 63.45 110.48
N ARG G 2676 -9.01 63.44 111.57
CA ARG G 2676 -8.93 64.55 112.52
C ARG G 2676 -7.53 64.66 113.11
N LYS G 2677 -6.92 63.51 113.48
CA LYS G 2677 -5.55 63.44 114.08
C LYS G 2677 -4.51 63.93 113.05
N LEU G 2678 -4.72 63.70 111.75
CA LEU G 2678 -3.83 64.21 110.72
C LEU G 2678 -3.97 65.71 110.55
N PHE G 2679 -5.22 66.19 110.49
CA PHE G 2679 -5.44 67.62 110.31
C PHE G 2679 -4.81 68.41 111.44
N TRP G 2680 -5.09 68.01 112.68
CA TRP G 2680 -4.58 68.77 113.81
C TRP G 2680 -3.06 68.70 113.89
N GLY G 2681 -2.48 67.53 113.59
CA GLY G 2681 -1.03 67.42 113.60
C GLY G 2681 -0.38 68.33 112.58
N ILE G 2682 -0.92 68.34 111.35
CA ILE G 2682 -0.35 69.20 110.33
C ILE G 2682 -0.48 70.66 110.73
N PHE G 2683 -1.65 71.04 111.25
CA PHE G 2683 -1.85 72.43 111.65
C PHE G 2683 -0.84 72.84 112.73
N ASP G 2684 -0.70 72.00 113.76
CA ASP G 2684 0.23 72.33 114.85
C ASP G 2684 1.66 72.41 114.33
N SER G 2685 2.08 71.46 113.50
CA SER G 2685 3.44 71.47 113.00
C SER G 2685 3.71 72.71 112.15
N LEU G 2686 2.73 73.11 111.32
CA LEU G 2686 2.95 74.27 110.46
C LEU G 2686 2.76 75.57 111.23
N ALA G 2687 2.22 75.51 112.44
CA ALA G 2687 1.98 76.74 113.21
C ALA G 2687 3.26 77.51 113.47
N HIS G 2688 4.34 76.82 113.87
CA HIS G 2688 5.58 77.47 114.28
C HIS G 2688 6.75 77.16 113.37
N LYS G 2689 6.50 76.71 112.15
CA LYS G 2689 7.58 76.44 111.22
C LYS G 2689 8.06 77.71 110.54
N LYS G 2690 9.32 77.75 110.16
CA LYS G 2690 9.86 78.89 109.43
C LYS G 2690 9.17 79.03 108.08
N TYR G 2691 9.02 80.27 107.63
CA TYR G 2691 8.34 80.52 106.37
C TYR G 2691 9.06 79.84 105.21
N ASP G 2692 8.28 79.31 104.27
CA ASP G 2692 8.82 78.66 103.08
C ASP G 2692 7.74 78.64 102.03
N GLN G 2693 7.92 79.39 100.94
CA GLN G 2693 6.84 79.61 100.00
C GLN G 2693 6.35 78.29 99.40
N GLU G 2694 7.28 77.38 99.08
CA GLU G 2694 6.85 76.10 98.52
C GLU G 2694 6.08 75.28 99.54
N LEU G 2695 6.62 75.15 100.74
CA LEU G 2695 5.97 74.34 101.76
C LEU G 2695 4.53 74.81 101.97
N TYR G 2696 4.35 76.12 102.14
CA TYR G 2696 3.02 76.66 102.26
C TYR G 2696 2.20 76.37 101.02
N ARG G 2697 2.81 76.51 99.83
CA ARG G 2697 2.06 76.39 98.60
C ARG G 2697 1.41 75.03 98.46
N MET G 2698 2.16 73.95 98.71
CA MET G 2698 1.48 72.64 98.64
C MET G 2698 1.00 72.13 99.98
N ALA G 2699 1.06 72.95 101.04
CA ALA G 2699 0.44 72.53 102.30
C ALA G 2699 -0.97 73.08 102.42
N MET G 2700 -1.21 74.30 101.95
CA MET G 2700 -2.53 74.90 102.13
C MET G 2700 -3.64 74.10 101.46
N PRO G 2701 -3.50 73.60 100.23
CA PRO G 2701 -4.60 72.85 99.62
C PRO G 2701 -4.98 71.60 100.38
N CYS G 2702 -4.02 70.90 100.98
CA CYS G 2702 -4.34 69.71 101.76
C CYS G 2702 -5.20 70.07 102.96
N LEU G 2703 -4.84 71.15 103.66
CA LEU G 2703 -5.67 71.59 104.77
C LEU G 2703 -7.07 71.96 104.30
N CYS G 2704 -7.16 72.67 103.17
CA CYS G 2704 -8.48 73.03 102.67
C CYS G 2704 -9.32 71.80 102.36
N ALA G 2705 -8.71 70.78 101.75
CA ALA G 2705 -9.46 69.57 101.43
C ALA G 2705 -9.92 68.84 102.69
N ILE G 2706 -9.00 68.62 103.63
CA ILE G 2706 -9.37 67.88 104.84
C ILE G 2706 -10.45 68.63 105.60
N ALA G 2707 -10.24 69.93 105.84
CA ALA G 2707 -11.30 70.74 106.42
C ALA G 2707 -12.35 70.99 105.37
N GLY G 2708 -13.37 70.15 105.34
CA GLY G 2708 -14.32 70.13 104.26
C GLY G 2708 -14.68 68.70 103.93
N ALA G 2709 -13.70 67.80 104.10
CA ALA G 2709 -14.02 66.37 104.05
C ALA G 2709 -14.77 65.93 105.30
N LEU G 2710 -14.41 66.49 106.46
CA LEU G 2710 -14.99 66.03 107.72
C LEU G 2710 -16.37 66.65 107.93
N PRO G 2711 -17.22 66.03 108.74
CA PRO G 2711 -18.47 66.68 109.14
C PRO G 2711 -18.23 67.57 110.35
N PRO G 2712 -18.85 68.75 110.41
CA PRO G 2712 -18.58 69.65 111.53
C PRO G 2712 -18.91 69.06 112.89
N ASP G 2713 -19.95 68.23 112.99
CA ASP G 2713 -20.46 67.77 114.27
C ASP G 2713 -19.84 66.46 114.73
N TYR G 2714 -18.85 65.94 114.01
CA TYR G 2714 -18.21 64.69 114.43
C TYR G 2714 -17.63 64.83 115.82
N VAL G 2715 -17.81 63.79 116.64
CA VAL G 2715 -17.32 63.76 118.01
C VAL G 2715 -16.33 62.62 118.14
N ASP G 2716 -15.15 62.93 118.68
CA ASP G 2716 -14.10 61.93 118.85
C ASP G 2716 -14.36 61.17 120.14
N ALA G 2717 -14.74 59.89 120.01
CA ALA G 2717 -15.07 59.10 121.19
C ALA G 2717 -13.87 58.96 122.12
N SER G 2718 -12.69 58.67 121.59
CA SER G 2718 -11.49 58.53 122.39
C SER G 2718 -10.84 59.87 122.72
N TYR G 2719 -11.32 60.97 122.15
CA TYR G 2719 -10.74 62.28 122.39
C TYR G 2719 -9.26 62.29 122.02
N PRO G 2737 8.21 55.75 118.04
CA PRO G 2737 7.75 55.76 119.44
C PRO G 2737 8.81 56.23 120.46
N ARG G 2738 8.42 57.10 121.36
CA ARG G 2738 9.34 57.60 122.38
C ARG G 2738 8.66 57.52 123.73
N PRO G 2739 8.60 56.32 124.31
CA PRO G 2739 7.97 56.15 125.63
C PRO G 2739 8.70 57.02 126.66
N VAL G 2740 7.99 57.52 127.66
CA VAL G 2740 8.61 58.41 128.66
C VAL G 2740 9.73 57.68 129.43
N GLU G 2741 10.82 58.41 129.67
CA GLU G 2741 12.03 57.86 130.27
C GLU G 2741 11.81 57.74 131.78
N THR G 2742 11.84 56.52 132.32
CA THR G 2742 11.46 56.23 133.73
C THR G 2742 12.66 55.81 134.57
N LEU G 2743 13.84 55.74 133.95
CA LEU G 2743 14.94 55.06 134.63
C LEU G 2743 15.35 55.75 135.94
N ASN G 2744 15.44 57.07 135.91
CA ASN G 2744 15.79 57.84 137.10
C ASN G 2744 14.58 58.40 137.88
N VAL G 2745 13.37 57.93 137.57
CA VAL G 2745 12.18 58.42 138.27
C VAL G 2745 12.03 57.59 139.55
N ILE G 2746 11.90 58.28 140.69
CA ILE G 2746 11.77 57.62 142.01
C ILE G 2746 10.32 57.62 142.48
N ILE G 2747 9.76 56.45 142.77
CA ILE G 2747 8.43 56.39 143.38
C ILE G 2747 8.58 56.69 144.88
N PRO G 2748 7.76 57.60 145.42
CA PRO G 2748 7.80 57.79 146.88
C PRO G 2748 7.47 56.52 147.67
N GLU G 2749 8.19 56.35 148.76
CA GLU G 2749 8.02 55.24 149.67
C GLU G 2749 6.58 54.92 150.00
N LYS G 2750 5.74 55.95 150.19
CA LYS G 2750 4.38 55.68 150.68
C LYS G 2750 3.46 55.04 149.62
N LEU G 2751 3.95 54.86 148.38
CA LEU G 2751 3.21 54.10 147.41
C LEU G 2751 3.55 52.65 147.42
N ASP G 2752 4.56 52.26 148.21
CA ASP G 2752 4.90 50.83 148.18
C ASP G 2752 3.74 49.89 148.54
N SER G 2753 2.92 50.34 149.47
CA SER G 2753 1.79 49.55 149.94
C SER G 2753 0.76 49.38 148.80
N PHE G 2754 0.46 50.45 148.07
CA PHE G 2754 -0.45 50.40 146.90
C PHE G 2754 0.11 49.47 145.81
N ILE G 2755 1.42 49.55 145.58
CA ILE G 2755 2.08 48.71 144.61
C ILE G 2755 1.88 47.22 144.92
N ASN G 2756 2.16 46.81 146.16
CA ASN G 2756 1.89 45.41 146.50
C ASN G 2756 0.45 45.00 146.44
N LYS G 2757 -0.47 45.86 146.87
CA LYS G 2757 -1.91 45.51 146.82
C LYS G 2757 -2.39 45.33 145.39
N PHE G 2758 -1.95 46.26 144.52
CA PHE G 2758 -2.36 46.19 143.14
C PHE G 2758 -1.66 45.02 142.47
N ALA G 2759 -0.41 44.74 142.84
CA ALA G 2759 0.27 43.55 142.29
C ALA G 2759 -0.51 42.28 142.69
N GLU G 2760 -0.87 42.20 143.96
CA GLU G 2760 -1.65 41.08 144.43
C GLU G 2760 -2.98 40.96 143.68
N TYR G 2761 -3.65 42.10 143.49
CA TYR G 2761 -4.86 42.12 142.66
C TYR G 2761 -4.66 41.55 141.25
N THR G 2762 -3.64 42.03 140.54
CA THR G 2762 -3.37 41.60 139.18
C THR G 2762 -3.11 40.09 139.13
N HIS G 2763 -2.32 39.60 140.09
CA HIS G 2763 -2.10 38.15 140.18
C HIS G 2763 -3.43 37.35 140.40
N GLU G 2764 -4.25 37.80 141.35
CA GLU G 2764 -5.52 37.14 141.69
C GLU G 2764 -6.48 37.12 140.52
N LYS G 2765 -6.51 38.22 139.76
CA LYS G 2765 -7.34 38.27 138.57
C LYS G 2765 -6.93 37.21 137.54
N TRP G 2766 -5.62 37.13 137.28
CA TRP G 2766 -5.02 36.14 136.38
C TRP G 2766 -5.29 34.72 136.85
N ALA G 2767 -5.12 34.49 138.16
CA ALA G 2767 -5.31 33.19 138.76
C ALA G 2767 -6.77 32.77 138.67
N PHE G 2768 -7.67 33.70 139.02
CA PHE G 2768 -9.11 33.53 138.87
C PHE G 2768 -9.46 33.08 137.45
N ASP G 2769 -8.94 33.77 136.44
CA ASP G 2769 -9.28 33.40 135.06
C ASP G 2769 -8.71 31.98 134.73
N LYS G 2770 -7.48 31.68 135.18
CA LYS G 2770 -6.90 30.31 135.04
C LYS G 2770 -7.73 29.19 135.67
N ILE G 2771 -8.12 29.41 136.92
CA ILE G 2771 -8.91 28.45 137.69
C ILE G 2771 -10.31 28.20 137.08
N GLN G 2772 -10.93 29.24 136.51
CA GLN G 2772 -12.21 29.11 135.78
C GLN G 2772 -12.09 28.25 134.52
N ASN G 2773 -10.87 28.16 133.97
CA ASN G 2773 -10.58 27.25 132.88
C ASN G 2773 -9.88 26.01 133.38
N ASN G 2774 -10.13 25.66 134.64
CA ASN G 2774 -9.67 24.41 135.23
C ASN G 2774 -8.15 24.16 135.29
N TRP G 2775 -7.35 25.24 135.29
CA TRP G 2775 -5.93 25.14 135.63
C TRP G 2775 -5.78 24.88 137.12
N SER G 2776 -4.68 24.27 137.53
CA SER G 2776 -4.46 24.03 138.96
C SER G 2776 -2.98 24.23 139.24
N TYR G 2777 -2.61 24.34 140.50
CA TYR G 2777 -1.20 24.37 140.86
C TYR G 2777 -0.53 23.13 140.30
N GLY G 2778 0.71 23.28 139.85
CA GLY G 2778 1.59 22.16 139.51
C GLY G 2778 3.00 22.72 139.60
N GLU G 2779 3.98 21.83 139.77
CA GLU G 2779 5.36 22.29 140.00
C GLU G 2779 5.95 22.92 138.73
N ASN G 2780 5.49 22.44 137.58
CA ASN G 2780 5.91 22.94 136.26
C ASN G 2780 4.74 23.52 135.49
N VAL G 2781 5.02 24.50 134.60
CA VAL G 2781 4.04 24.94 133.59
C VAL G 2781 3.85 23.83 132.55
N ASP G 2782 2.59 23.48 132.31
CA ASP G 2782 2.27 22.32 131.44
C ASP G 2782 0.94 22.64 130.81
N GLU G 2783 0.97 22.98 129.52
CA GLU G 2783 -0.23 23.33 128.75
C GLU G 2783 -1.20 22.17 128.52
N GLU G 2784 -0.68 20.94 128.46
CA GLU G 2784 -1.56 19.78 128.30
C GLU G 2784 -2.33 19.52 129.60
N LEU G 2785 -1.61 19.46 130.71
CA LEU G 2785 -2.19 19.24 132.05
C LEU G 2785 -2.83 20.53 132.68
N LYS G 2786 -2.62 21.69 132.08
CA LYS G 2786 -3.10 22.96 132.64
C LYS G 2786 -2.68 23.14 134.09
N THR G 2787 -1.36 22.98 134.34
CA THR G 2787 -0.76 23.29 135.64
C THR G 2787 0.09 24.55 135.50
N HIS G 2788 0.17 25.31 136.58
CA HIS G 2788 1.08 26.45 136.64
C HIS G 2788 1.54 26.65 138.10
N PRO G 2789 2.86 26.78 138.33
CA PRO G 2789 3.40 26.92 139.68
C PRO G 2789 3.05 28.27 140.31
N MET G 2790 2.58 29.22 139.52
CA MET G 2790 2.12 30.47 140.11
C MET G 2790 0.67 30.47 140.57
N LEU G 2791 -0.01 29.33 140.36
CA LEU G 2791 -1.37 29.18 140.86
C LEU G 2791 -1.40 28.87 142.34
N ARG G 2792 -1.07 29.89 143.12
CA ARG G 2792 -1.04 29.87 144.57
C ARG G 2792 -1.06 31.33 145.05
N PRO G 2793 -1.26 31.54 146.36
CA PRO G 2793 -1.37 32.92 146.89
C PRO G 2793 -0.15 33.78 146.64
N TYR G 2794 -0.39 35.02 146.21
CA TYR G 2794 0.68 36.01 146.03
C TYR G 2794 1.51 36.10 147.29
N LYS G 2795 0.87 35.95 148.45
CA LYS G 2795 1.60 36.07 149.70
C LYS G 2795 2.71 35.02 149.85
N THR G 2796 2.57 33.90 149.14
CA THR G 2796 3.54 32.81 149.25
C THR G 2796 4.71 32.93 148.25
N PHE G 2797 4.72 33.98 147.44
CA PHE G 2797 5.80 34.21 146.48
C PHE G 2797 7.10 34.72 147.10
N SER G 2798 8.23 34.37 146.48
CA SER G 2798 9.50 35.06 146.71
C SER G 2798 9.39 36.53 146.22
N GLU G 2799 10.34 37.38 146.59
CA GLU G 2799 10.41 38.73 146.03
C GLU G 2799 10.55 38.73 144.50
N LYS G 2800 11.39 37.85 143.95
CA LYS G 2800 11.50 37.73 142.49
C LYS G 2800 10.14 37.49 141.81
N ASP G 2801 9.32 36.59 142.36
CA ASP G 2801 8.03 36.30 141.76
C ASP G 2801 6.98 37.40 141.97
N LYS G 2802 7.03 38.09 143.11
CA LYS G 2802 6.16 39.26 143.30
C LYS G 2802 6.54 40.33 142.28
N GLU G 2803 7.83 40.48 142.04
CA GLU G 2803 8.33 41.47 141.09
C GLU G 2803 7.78 41.31 139.65
N ILE G 2804 7.41 40.10 139.30
CA ILE G 2804 6.75 39.84 138.02
C ILE G 2804 5.50 40.74 137.87
N TYR G 2805 4.77 40.91 138.97
CA TYR G 2805 3.57 41.71 138.98
C TYR G 2805 3.87 43.17 139.35
N ARG G 2806 4.81 43.40 140.27
CA ARG G 2806 5.13 44.78 140.72
C ARG G 2806 5.86 45.66 139.64
N TRP G 2807 6.78 45.05 138.85
CA TRP G 2807 7.56 45.78 137.82
C TRP G 2807 6.69 46.65 136.90
N PRO G 2808 5.66 46.02 136.24
CA PRO G 2808 4.87 46.81 135.28
C PRO G 2808 4.04 47.92 135.96
N ILE G 2809 3.64 47.69 137.20
CA ILE G 2809 2.91 48.70 137.96
C ILE G 2809 3.85 49.83 138.29
N LYS G 2810 5.06 49.52 138.76
CA LYS G 2810 6.09 50.55 138.94
C LYS G 2810 6.37 51.36 137.69
N GLU G 2811 6.42 50.70 136.54
CA GLU G 2811 6.66 51.43 135.29
C GLU G 2811 5.50 52.40 134.95
N SER G 2812 4.25 51.97 135.16
CA SER G 2812 3.10 52.89 135.02
C SER G 2812 3.19 54.08 135.97
N LEU G 2813 3.43 53.83 137.26
CA LEU G 2813 3.53 54.96 138.21
C LEU G 2813 4.68 55.93 137.91
N LYS G 2814 5.82 55.40 137.52
CA LYS G 2814 6.94 56.23 137.11
C LYS G 2814 6.60 57.12 135.91
N ALA G 2815 5.87 56.62 134.91
CA ALA G 2815 5.40 57.51 133.83
C ALA G 2815 4.50 58.64 134.37
N MET G 2816 3.52 58.30 135.21
CA MET G 2816 2.68 59.35 135.80
C MET G 2816 3.51 60.41 136.56
N ILE G 2817 4.50 59.96 137.35
CA ILE G 2817 5.37 60.88 138.13
C ILE G 2817 6.22 61.71 137.18
N ALA G 2818 6.77 61.06 136.16
CA ALA G 2818 7.51 61.76 135.10
C ALA G 2818 6.71 62.90 134.43
N TRP G 2819 5.41 62.72 134.30
CA TRP G 2819 4.50 63.70 133.65
C TRP G 2819 4.03 64.78 134.66
N GLU G 2820 4.52 64.68 135.90
CA GLU G 2820 4.19 65.56 137.03
C GLU G 2820 2.73 65.53 137.47
N TRP G 2821 2.15 64.32 137.43
CA TRP G 2821 0.82 64.11 137.92
C TRP G 2821 0.96 63.93 139.42
N THR G 2822 -0.04 64.31 140.19
CA THR G 2822 0.02 64.08 141.64
C THR G 2822 -0.81 62.88 141.99
N ILE G 2823 -0.32 62.09 142.93
CA ILE G 2823 -1.02 60.89 143.39
C ILE G 2823 -1.08 61.00 144.90
N GLU G 2824 -2.26 61.27 145.46
CA GLU G 2824 -2.38 61.52 146.91
C GLU G 2824 -3.53 60.72 147.52
N LYS G 2825 -3.29 60.11 148.69
CA LYS G 2825 -4.33 59.34 149.39
C LYS G 2825 -5.30 60.35 150.04
N ALA G 2826 -6.38 60.67 149.35
CA ALA G 2826 -7.31 61.71 149.79
C ALA G 2826 -8.41 61.18 150.71
N ARG G 2827 -8.71 59.89 150.56
CA ARG G 2827 -9.79 59.24 151.29
C ARG G 2827 -9.39 57.88 151.82
N GLU G 2828 -10.20 57.34 152.73
CA GLU G 2828 -10.07 55.94 153.09
C GLU G 2828 -10.46 55.09 151.86
N GLY G 2829 -9.88 53.90 151.70
CA GLY G 2829 -10.25 52.98 150.58
C GLY G 2829 -11.62 52.34 150.80
N GLU G 2830 -12.20 51.72 149.77
CA GLU G 2830 -13.62 51.21 149.80
C GLU G 2830 -13.88 50.02 150.72
N TYR G 2855 -6.46 26.50 146.65
CA TYR G 2855 -6.36 27.96 146.48
C TYR G 2855 -7.56 28.49 145.69
N ASN G 2856 -8.20 29.51 146.26
CA ASN G 2856 -9.48 29.99 145.73
C ASN G 2856 -9.57 31.55 145.64
N PRO G 2857 -8.89 32.13 144.63
CA PRO G 2857 -8.84 33.60 144.52
C PRO G 2857 -10.19 34.18 144.16
N GLN G 2858 -10.63 35.17 144.92
CA GLN G 2858 -11.83 35.92 144.56
C GLN G 2858 -11.44 37.41 144.58
N PRO G 2859 -10.88 37.92 143.46
CA PRO G 2859 -10.42 39.32 143.45
C PRO G 2859 -11.61 40.28 143.41
N PRO G 2860 -11.43 41.52 143.90
CA PRO G 2860 -12.53 42.49 143.81
C PRO G 2860 -12.97 42.69 142.36
N ASP G 2861 -14.24 43.06 142.20
CA ASP G 2861 -14.75 43.38 140.87
C ASP G 2861 -14.59 44.90 140.63
N LEU G 2862 -14.01 45.28 139.50
CA LEU G 2862 -13.77 46.71 139.19
C LEU G 2862 -14.76 47.23 138.13
N SER G 2863 -15.83 46.45 137.94
CA SER G 2863 -16.83 46.74 136.92
C SER G 2863 -17.62 47.98 137.25
N GLY G 2864 -17.82 48.19 138.55
CA GLY G 2864 -18.66 49.25 139.08
C GLY G 2864 -17.90 50.51 139.40
N VAL G 2865 -16.62 50.56 139.04
CA VAL G 2865 -15.83 51.77 139.31
C VAL G 2865 -15.94 52.67 138.07
N THR G 2866 -16.45 53.88 138.29
CA THR G 2866 -16.60 54.88 137.23
C THR G 2866 -15.48 55.91 137.33
N LEU G 2867 -14.80 56.14 136.21
CA LEU G 2867 -13.76 57.15 136.20
C LEU G 2867 -14.34 58.43 135.61
N SER G 2868 -13.98 59.56 136.20
CA SER G 2868 -14.37 60.85 135.64
C SER G 2868 -13.92 60.95 134.18
N ARG G 2869 -14.52 61.86 133.42
CA ARG G 2869 -13.97 62.15 132.09
C ARG G 2869 -12.49 62.49 132.12
N GLU G 2870 -12.10 63.31 133.11
CA GLU G 2870 -10.73 63.72 133.34
C GLU G 2870 -9.74 62.53 133.52
N LEU G 2871 -10.13 61.59 134.37
CA LEU G 2871 -9.35 60.36 134.56
C LEU G 2871 -9.32 59.46 133.32
N GLN G 2872 -10.45 59.38 132.62
CA GLN G 2872 -10.49 58.65 131.34
C GLN G 2872 -9.51 59.30 130.34
N ALA G 2873 -9.44 60.63 130.33
CA ALA G 2873 -8.46 61.35 129.48
C ALA G 2873 -7.01 61.00 129.85
N MET G 2874 -6.74 61.03 131.17
CA MET G 2874 -5.43 60.56 131.67
C MET G 2874 -5.10 59.13 131.26
N ALA G 2875 -6.11 58.24 131.32
CA ALA G 2875 -5.95 56.85 130.85
C ALA G 2875 -5.47 56.82 129.40
N GLU G 2876 -5.88 57.79 128.55
CA GLU G 2876 -5.44 57.85 127.13
C GLU G 2876 -3.96 58.12 127.00
N GLN G 2877 -3.40 58.99 127.86
CA GLN G 2877 -1.97 59.24 127.86
C GLN G 2877 -1.19 58.00 128.35
N LEU G 2878 -1.70 57.37 129.40
CA LEU G 2878 -1.08 56.11 129.83
C LEU G 2878 -1.10 55.03 128.72
N ALA G 2879 -2.27 54.85 128.08
CA ALA G 2879 -2.41 53.86 127.02
C ALA G 2879 -1.45 54.13 125.87
N GLU G 2880 -1.37 55.39 125.46
CA GLU G 2880 -0.46 55.75 124.40
C GLU G 2880 0.97 55.44 124.79
N ASN G 2881 1.33 55.70 126.05
CA ASN G 2881 2.67 55.35 126.52
C ASN G 2881 2.90 53.81 126.51
N TYR G 2882 1.93 53.02 126.96
CA TYR G 2882 2.09 51.55 126.83
C TYR G 2882 2.32 51.15 125.36
N HIS G 2883 1.53 51.74 124.46
CA HIS G 2883 1.73 51.46 123.01
C HIS G 2883 3.15 51.85 122.53
N ASN G 2884 3.66 52.99 123.00
CA ASN G 2884 4.98 53.45 122.58
C ASN G 2884 6.06 52.58 123.16
N THR G 2885 5.84 52.12 124.39
CA THR G 2885 6.82 51.18 125.00
C THR G 2885 6.87 49.84 124.21
N TRP G 2886 5.68 49.29 123.94
CA TRP G 2886 5.58 48.08 123.10
C TRP G 2886 6.23 48.31 121.73
N GLY G 2887 5.96 49.48 121.09
CA GLY G 2887 6.37 49.70 119.70
C GLY G 2887 7.90 49.86 119.67
N ARG G 2888 8.48 50.52 120.67
CA ARG G 2888 9.93 50.72 120.72
C ARG G 2888 10.66 49.39 120.95
N LYS G 2889 10.15 48.61 121.88
CA LYS G 2889 10.70 47.28 122.13
C LYS G 2889 10.54 46.40 120.89
N LYS G 2890 9.39 46.52 120.23
CA LYS G 2890 9.10 45.70 119.06
C LYS G 2890 10.05 46.02 117.88
N LYS G 2891 10.34 47.31 117.69
CA LYS G 2891 11.31 47.66 116.65
C LYS G 2891 12.67 47.07 116.97
N GLN G 2892 13.05 47.06 118.26
CA GLN G 2892 14.34 46.46 118.59
C GLN G 2892 14.34 44.96 118.35
N GLU G 2893 13.24 44.33 118.70
CA GLU G 2893 13.11 42.89 118.54
C GLU G 2893 13.20 42.52 117.05
N LEU G 2894 12.46 43.24 116.20
CA LEU G 2894 12.52 42.99 114.76
C LEU G 2894 13.93 43.12 114.19
N GLU G 2895 14.61 44.20 114.55
CA GLU G 2895 15.99 44.42 114.07
C GLU G 2895 16.92 43.31 114.56
N ALA G 2896 16.76 42.91 115.82
CA ALA G 2896 17.59 41.83 116.37
C ALA G 2896 17.42 40.50 115.63
N LYS G 2897 16.26 40.31 114.99
CA LYS G 2897 15.88 39.06 114.34
C LYS G 2897 15.99 39.14 112.81
N GLY G 2898 16.52 40.22 112.25
CA GLY G 2898 16.75 40.25 110.82
C GLY G 2898 15.94 41.26 110.06
N GLY G 2899 15.08 42.01 110.75
CA GLY G 2899 14.30 43.06 110.13
C GLY G 2899 12.88 42.58 109.93
N GLY G 2900 12.08 43.39 109.26
CA GLY G 2900 10.68 43.03 109.09
C GLY G 2900 9.78 44.10 109.70
N THR G 2901 8.51 43.80 109.74
CA THR G 2901 7.52 44.83 110.07
C THR G 2901 6.40 44.26 110.92
N HIS G 2902 5.52 45.14 111.39
CA HIS G 2902 4.41 44.75 112.23
C HIS G 2902 3.28 45.74 111.95
N PRO G 2903 2.07 45.24 111.71
CA PRO G 2903 1.00 46.18 111.32
C PRO G 2903 0.63 47.18 112.44
N LEU G 2904 0.91 46.86 113.71
CA LEU G 2904 0.61 47.82 114.78
C LEU G 2904 1.69 48.87 115.04
N LEU G 2905 2.81 48.84 114.29
CA LEU G 2905 3.82 49.91 114.40
C LEU G 2905 3.33 51.22 113.74
N VAL G 2906 2.23 51.75 114.26
CA VAL G 2906 1.73 53.07 113.86
C VAL G 2906 1.42 53.86 115.15
N PRO G 2907 1.27 55.21 115.03
CA PRO G 2907 0.92 56.02 116.19
C PRO G 2907 -0.37 55.55 116.80
N TYR G 2908 -0.39 55.53 118.14
CA TYR G 2908 -1.54 55.14 118.93
C TYR G 2908 -2.86 55.76 118.40
N ASP G 2909 -2.82 57.04 118.07
CA ASP G 2909 -4.05 57.75 117.62
C ASP G 2909 -4.62 57.25 116.31
N THR G 2910 -3.81 56.56 115.52
CA THR G 2910 -4.23 56.04 114.23
C THR G 2910 -4.79 54.61 114.42
N LEU G 2911 -4.60 54.01 115.60
CA LEU G 2911 -5.12 52.68 115.87
C LEU G 2911 -6.66 52.69 115.86
N THR G 2912 -7.27 51.53 115.57
CA THR G 2912 -8.71 51.38 115.66
C THR G 2912 -9.11 51.29 117.13
N ALA G 2913 -10.39 51.54 117.41
CA ALA G 2913 -10.89 51.27 118.76
C ALA G 2913 -10.53 49.85 119.20
N LYS G 2914 -10.70 48.86 118.32
CA LYS G 2914 -10.37 47.51 118.72
C LYS G 2914 -8.89 47.35 119.14
N GLU G 2915 -8.01 47.95 118.36
CA GLU G 2915 -6.55 47.94 118.55
C GLU G 2915 -6.10 48.69 119.83
N LYS G 2916 -6.87 49.71 120.20
CA LYS G 2916 -6.57 50.49 121.43
C LYS G 2916 -7.03 49.81 122.72
N ALA G 2917 -7.93 48.85 122.61
CA ALA G 2917 -8.63 48.32 123.81
C ALA G 2917 -7.72 47.81 124.93
N ARG G 2918 -6.70 47.04 124.55
CA ARG G 2918 -5.87 46.37 125.53
C ARG G 2918 -5.07 47.44 126.31
N ASP G 2919 -4.64 48.51 125.65
CA ASP G 2919 -3.84 49.53 126.36
C ASP G 2919 -4.78 50.39 127.23
N ARG G 2920 -6.00 50.61 126.73
CA ARG G 2920 -7.03 51.35 127.51
C ARG G 2920 -7.42 50.56 128.73
N GLU G 2921 -7.56 49.25 128.56
CA GLU G 2921 -7.99 48.45 129.70
C GLU G 2921 -6.96 48.43 130.82
N LYS G 2922 -5.70 48.31 130.45
CA LYS G 2922 -4.59 48.36 131.42
C LYS G 2922 -4.53 49.71 132.18
N ALA G 2923 -4.58 50.80 131.42
CA ALA G 2923 -4.64 52.18 132.00
C ALA G 2923 -5.87 52.38 132.90
N GLN G 2924 -7.07 51.96 132.44
CA GLN G 2924 -8.24 52.05 133.30
C GLN G 2924 -8.12 51.21 134.58
N GLU G 2925 -7.57 49.98 134.50
CA GLU G 2925 -7.51 49.14 135.69
C GLU G 2925 -6.68 49.83 136.78
N LEU G 2926 -5.56 50.42 136.38
CA LEU G 2926 -4.68 51.11 137.34
C LEU G 2926 -5.40 52.30 138.00
N LEU G 2927 -6.02 53.11 137.16
CA LEU G 2927 -6.68 54.31 137.69
C LEU G 2927 -7.90 53.92 138.53
N LYS G 2928 -8.62 52.88 138.14
CA LYS G 2928 -9.74 52.36 138.97
C LYS G 2928 -9.28 51.82 140.33
N PHE G 2929 -8.16 51.13 140.33
CA PHE G 2929 -7.69 50.55 141.63
C PHE G 2929 -7.16 51.65 142.59
N LEU G 2930 -6.49 52.64 142.01
CA LEU G 2930 -6.10 53.83 142.72
C LEU G 2930 -7.32 54.48 143.35
N GLN G 2931 -8.35 54.74 142.53
CA GLN G 2931 -9.56 55.39 143.02
C GLN G 2931 -10.18 54.60 144.16
N MET G 2932 -10.29 53.28 143.95
CA MET G 2932 -10.88 52.39 144.94
C MET G 2932 -10.12 52.41 146.26
N ASN G 2933 -8.82 52.59 146.20
CA ASN G 2933 -8.00 52.68 147.40
C ASN G 2933 -7.92 54.10 147.99
N GLY G 2934 -8.75 55.03 147.45
CA GLY G 2934 -8.88 56.43 147.94
C GLY G 2934 -7.84 57.42 147.43
N TYR G 2935 -7.17 57.12 146.32
CA TYR G 2935 -6.15 58.02 145.80
C TYR G 2935 -6.82 58.95 144.82
N ALA G 2936 -6.49 60.22 144.96
CA ALA G 2936 -6.83 61.22 143.92
C ALA G 2936 -5.60 61.36 143.01
N VAL G 2937 -5.83 61.28 141.71
CA VAL G 2937 -4.83 61.47 140.66
C VAL G 2937 -5.19 62.72 139.86
N THR G 2938 -4.30 63.71 139.85
CA THR G 2938 -4.57 65.00 139.21
C THR G 2938 -3.34 65.45 138.41
N ARG G 2939 -3.49 66.41 137.50
CA ARG G 2939 -2.28 66.82 136.82
C ARG G 2939 -1.97 68.29 136.86
N SER G 2950 -19.22 67.43 125.94
CA SER G 2950 -19.98 66.80 124.86
C SER G 2950 -19.93 67.65 123.60
N ILE G 2951 -20.67 68.76 123.61
CA ILE G 2951 -20.71 69.67 122.48
C ILE G 2951 -19.31 70.21 122.24
N GLU G 2952 -18.58 70.46 123.32
CA GLU G 2952 -17.24 71.02 123.21
C GLU G 2952 -16.29 70.08 122.48
N LYS G 2953 -16.65 68.80 122.34
CA LYS G 2953 -15.77 67.85 121.68
C LYS G 2953 -15.90 67.89 120.16
N ARG G 2954 -16.83 68.67 119.62
CA ARG G 2954 -17.03 68.71 118.18
C ARG G 2954 -15.86 69.43 117.50
N PHE G 2955 -15.59 69.03 116.25
CA PHE G 2955 -14.44 69.58 115.53
C PHE G 2955 -14.56 71.07 115.33
N ALA G 2956 -15.74 71.54 114.93
CA ALA G 2956 -15.93 72.97 114.67
C ALA G 2956 -15.64 73.80 115.91
N PHE G 2957 -15.99 73.28 117.09
CA PHE G 2957 -15.73 74.04 118.32
C PHE G 2957 -14.25 74.33 118.48
N GLY G 2958 -13.41 73.29 118.40
CA GLY G 2958 -11.98 73.51 118.53
C GLY G 2958 -11.41 74.37 117.43
N PHE G 2959 -11.90 74.16 116.20
CA PHE G 2959 -11.43 74.98 115.09
C PHE G 2959 -11.69 76.46 115.36
N LEU G 2960 -12.90 76.78 115.80
CA LEU G 2960 -13.24 78.17 116.09
C LEU G 2960 -12.45 78.70 117.28
N GLN G 2961 -12.21 77.85 118.27
CA GLN G 2961 -11.40 78.27 119.41
C GLN G 2961 -10.01 78.69 118.96
N GLN G 2962 -9.37 77.88 118.12
CA GLN G 2962 -8.05 78.23 117.61
C GLN G 2962 -8.10 79.49 116.77
N LEU G 2963 -9.15 79.63 115.95
CA LEU G 2963 -9.27 80.84 115.14
C LEU G 2963 -9.36 82.08 116.02
N LEU G 2964 -10.14 82.01 117.09
CA LEU G 2964 -10.27 83.14 117.99
C LEU G 2964 -8.94 83.45 118.69
N ARG G 2965 -8.22 82.41 119.11
CA ARG G 2965 -6.93 82.64 119.74
C ARG G 2965 -5.99 83.37 118.78
N TRP G 2966 -5.98 82.94 117.52
CA TRP G 2966 -5.09 83.58 116.55
C TRP G 2966 -5.55 85.01 116.25
N MET G 2967 -6.86 85.25 116.24
CA MET G 2967 -7.36 86.61 116.08
C MET G 2967 -6.87 87.50 117.21
N ASP G 2968 -6.91 86.98 118.44
CA ASP G 2968 -6.39 87.74 119.58
C ASP G 2968 -4.91 88.02 119.43
N ILE G 2969 -4.16 87.02 118.92
CA ILE G 2969 -2.71 87.18 118.63
C ILE G 2969 -2.58 88.36 117.66
N SER G 2970 -3.43 88.43 116.64
CA SER G 2970 -3.38 89.48 115.59
C SER G 2970 -3.54 90.88 116.19
N GLN G 2971 -4.37 91.06 117.21
CA GLN G 2971 -4.48 92.38 117.89
C GLN G 2971 -3.06 92.90 118.19
N GLU G 2972 -2.09 92.02 118.47
CA GLU G 2972 -0.72 92.41 118.88
C GLU G 2972 0.17 92.86 117.71
N PHE G 2973 0.27 92.11 116.60
CA PHE G 2973 1.24 92.43 115.51
C PHE G 2973 0.72 93.57 114.63
N ILE G 2974 -0.57 93.88 114.64
CA ILE G 2974 -1.14 95.03 113.87
C ILE G 2974 -0.79 96.31 114.65
N ALA G 2975 -0.59 96.21 115.97
CA ALA G 2975 -0.26 97.34 116.85
C ALA G 2975 1.19 97.76 116.62
N HIS G 2976 2.14 96.81 116.66
CA HIS G 2976 3.58 97.12 116.50
C HIS G 2976 3.85 97.69 115.11
N LEU G 2977 3.19 97.19 114.06
CA LEU G 2977 3.35 97.73 112.69
C LEU G 2977 2.57 99.04 112.57
N PRO G 2990 10.43 90.89 113.26
CA PRO G 2990 10.13 90.58 114.67
C PRO G 2990 9.10 89.45 114.81
N HIS G 2991 8.06 89.49 113.97
CA HIS G 2991 7.03 88.47 113.99
C HIS G 2991 6.63 88.01 112.60
N GLU G 2992 7.50 88.22 111.60
CA GLU G 2992 7.10 87.99 110.22
C GLU G 2992 6.55 86.59 110.00
N GLN G 2993 7.01 85.62 110.78
CA GLN G 2993 6.45 84.28 110.68
C GLN G 2993 4.95 84.30 110.97
N GLU G 2994 4.54 85.01 112.02
CA GLU G 2994 3.12 85.11 112.34
C GLU G 2994 2.35 85.83 111.24
N ILE G 2995 2.93 86.90 110.70
CA ILE G 2995 2.25 87.64 109.63
C ILE G 2995 1.99 86.72 108.46
N LYS G 2996 3.02 85.99 108.04
CA LYS G 2996 2.88 85.13 106.87
C LYS G 2996 1.91 83.99 107.14
N PHE G 2997 1.96 83.39 108.34
CA PHE G 2997 1.02 82.32 108.65
C PHE G 2997 -0.42 82.83 108.62
N PHE G 2998 -0.65 84.01 109.19
CA PHE G 2998 -2.00 84.56 109.21
C PHE G 2998 -2.49 84.89 107.81
N ALA G 2999 -1.64 85.53 107.00
CA ALA G 2999 -2.08 86.01 105.70
C ALA G 2999 -2.24 84.89 104.69
N LYS G 3000 -1.27 83.96 104.65
CA LYS G 3000 -1.22 82.98 103.58
C LYS G 3000 -1.95 81.68 103.88
N ILE G 3001 -2.42 81.49 105.12
CA ILE G 3001 -3.04 80.23 105.53
C ILE G 3001 -4.43 80.46 106.10
N LEU G 3002 -4.54 81.31 107.12
CA LEU G 3002 -5.81 81.43 107.83
C LEU G 3002 -6.91 81.97 106.92
N LEU G 3003 -6.62 82.99 106.12
CA LEU G 3003 -7.68 83.59 105.31
C LEU G 3003 -8.21 82.63 104.26
N PRO G 3004 -7.38 82.00 103.42
CA PRO G 3004 -7.95 81.03 102.47
C PRO G 3004 -8.66 79.88 103.15
N LEU G 3005 -8.14 79.43 104.29
CA LEU G 3005 -8.79 78.33 105.00
C LEU G 3005 -10.17 78.73 105.48
N ILE G 3006 -10.30 79.92 106.05
CA ILE G 3006 -11.61 80.40 106.49
C ILE G 3006 -12.54 80.52 105.30
N ASN G 3007 -12.06 81.10 104.21
CA ASN G 3007 -12.90 81.27 103.03
C ASN G 3007 -13.44 79.92 102.56
N GLN G 3008 -12.55 78.95 102.38
CA GLN G 3008 -12.98 77.64 101.89
C GLN G 3008 -13.92 76.96 102.88
N TYR G 3009 -13.57 76.99 104.17
CA TYR G 3009 -14.35 76.24 105.14
C TYR G 3009 -15.76 76.78 105.26
N PHE G 3010 -15.91 78.11 105.32
CA PHE G 3010 -17.24 78.68 105.49
C PHE G 3010 -17.98 78.87 104.17
N THR G 3011 -17.31 78.74 103.03
CA THR G 3011 -18.05 78.63 101.78
C THR G 3011 -18.91 77.38 101.78
N ASN G 3012 -18.36 76.27 102.26
CA ASN G 3012 -19.15 75.08 102.54
C ASN G 3012 -19.64 75.12 103.98
N HIS G 3013 -20.51 74.18 104.32
CA HIS G 3013 -21.03 74.11 105.69
C HIS G 3013 -21.73 75.40 106.07
N CYS G 3014 -22.13 76.20 105.08
CA CYS G 3014 -22.84 77.43 105.38
C CYS G 3014 -24.18 77.14 106.04
N LEU G 3015 -24.88 76.10 105.54
CA LEU G 3015 -26.19 75.77 106.08
C LEU G 3015 -26.12 75.19 107.48
N TYR G 3016 -25.04 74.46 107.81
CA TYR G 3016 -24.95 73.85 109.12
C TYR G 3016 -25.06 74.89 110.24
N PHE G 3017 -24.56 76.10 110.00
CA PHE G 3017 -24.49 77.16 111.04
C PHE G 3017 -25.85 77.86 111.18
N LEU G 3018 -26.63 77.89 110.11
CA LEU G 3018 -27.96 78.56 110.10
C LEU G 3018 -29.07 77.51 110.05
N SER G 3019 -28.73 76.23 110.15
CA SER G 3019 -29.72 75.13 110.23
C SER G 3019 -30.64 75.45 111.40
N THR G 3020 -30.10 75.46 112.62
CA THR G 3020 -30.88 75.69 113.87
C THR G 3020 -31.67 74.41 114.19
N PRO G 3021 -32.13 74.18 115.44
CA PRO G 3021 -32.87 72.94 115.74
C PRO G 3021 -34.24 72.93 115.05
N ALA G 3022 -34.75 74.08 114.59
CA ALA G 3022 -36.04 74.20 113.86
C ALA G 3022 -35.73 74.78 112.48
N LYS G 3023 -36.47 74.38 111.45
CA LYS G 3023 -36.28 74.91 110.08
C LYS G 3023 -34.85 74.62 109.62
N VAL G 3024 -34.34 73.40 109.87
CA VAL G 3024 -32.99 72.99 109.40
C VAL G 3024 -32.96 73.13 107.88
N LEU G 3025 -31.90 73.72 107.33
CA LEU G 3025 -31.73 73.90 105.87
C LEU G 3025 -30.84 72.78 105.35
N GLY G 3026 -29.85 72.35 106.13
CA GLY G 3026 -28.86 71.39 105.69
C GLY G 3026 -29.37 69.97 105.68
N SER G 3027 -28.52 69.07 105.18
CA SER G 3027 -28.91 67.66 105.11
C SER G 3027 -29.18 67.09 106.50
N GLY G 3028 -28.33 67.41 107.47
CA GLY G 3028 -28.53 66.93 108.83
C GLY G 3028 -27.69 67.69 109.83
N GLY G 3029 -28.17 67.79 111.07
CA GLY G 3029 -27.43 68.47 112.12
C GLY G 3029 -27.64 69.97 112.09
N HIS G 3030 -27.29 70.63 113.19
CA HIS G 3030 -27.42 72.07 113.29
C HIS G 3030 -26.52 72.57 114.40
N ALA G 3031 -25.88 73.71 114.16
CA ALA G 3031 -24.93 74.26 115.11
C ALA G 3031 -25.63 74.64 116.42
N SER G 3032 -24.87 74.58 117.51
CA SER G 3032 -25.38 74.99 118.80
C SER G 3032 -25.20 76.49 118.99
N ASN G 3033 -25.83 77.01 120.04
CA ASN G 3033 -25.79 78.45 120.28
C ASN G 3033 -24.35 78.93 120.50
N LYS G 3034 -23.51 78.09 121.13
CA LYS G 3034 -22.13 78.49 121.36
C LYS G 3034 -21.41 78.74 120.04
N GLU G 3035 -21.63 77.86 119.05
CA GLU G 3035 -20.97 78.04 117.76
C GLU G 3035 -21.41 79.34 117.10
N LYS G 3036 -22.72 79.63 117.14
CA LYS G 3036 -23.20 80.87 116.54
C LYS G 3036 -22.61 82.08 117.25
N GLU G 3037 -22.52 82.03 118.57
CA GLU G 3037 -21.93 83.14 119.30
C GLU G 3037 -20.46 83.33 118.92
N MET G 3038 -19.71 82.22 118.82
CA MET G 3038 -18.30 82.35 118.48
C MET G 3038 -18.12 82.90 117.08
N ILE G 3039 -18.94 82.46 116.13
CA ILE G 3039 -18.78 82.96 114.76
C ILE G 3039 -19.14 84.42 114.68
N THR G 3040 -20.19 84.85 115.39
CA THR G 3040 -20.52 86.27 115.40
C THR G 3040 -19.40 87.09 116.00
N SER G 3041 -18.82 86.62 117.11
CA SER G 3041 -17.70 87.34 117.71
C SER G 3041 -16.52 87.41 116.76
N LEU G 3042 -16.24 86.32 116.04
CA LEU G 3042 -15.15 86.31 115.08
C LEU G 3042 -15.38 87.35 113.99
N PHE G 3043 -16.61 87.40 113.46
CA PHE G 3043 -16.92 88.39 112.43
C PHE G 3043 -16.73 89.79 112.95
N CYS G 3044 -17.22 90.06 114.16
CA CYS G 3044 -17.10 91.40 114.73
C CYS G 3044 -15.63 91.79 114.89
N LYS G 3045 -14.83 90.88 115.44
CA LYS G 3045 -13.41 91.19 115.65
C LYS G 3045 -12.68 91.41 114.34
N LEU G 3046 -12.93 90.56 113.35
CA LEU G 3046 -12.25 90.72 112.07
C LEU G 3046 -12.65 92.04 111.42
N ALA G 3047 -13.93 92.39 111.46
CA ALA G 3047 -14.36 93.67 110.90
C ALA G 3047 -13.69 94.83 111.62
N ALA G 3048 -13.63 94.77 112.95
CA ALA G 3048 -13.01 95.86 113.70
C ALA G 3048 -11.52 95.97 113.40
N LEU G 3049 -10.87 94.85 113.07
CA LEU G 3049 -9.43 94.88 112.85
C LEU G 3049 -9.05 95.80 111.70
N VAL G 3050 -9.78 95.73 110.59
CA VAL G 3050 -9.36 96.43 109.37
C VAL G 3050 -9.70 97.91 109.40
N ARG G 3051 -10.55 98.35 110.35
CA ARG G 3051 -11.01 99.74 110.37
C ARG G 3051 -9.85 100.72 110.23
N HIS G 3052 -9.89 101.52 109.16
CA HIS G 3052 -8.92 102.58 108.92
C HIS G 3052 -7.50 102.05 108.76
N ARG G 3053 -7.35 100.78 108.38
CA ARG G 3053 -6.03 100.17 108.22
C ARG G 3053 -5.94 99.34 106.95
N VAL G 3054 -6.65 99.71 105.90
CA VAL G 3054 -6.66 98.92 104.68
C VAL G 3054 -5.27 98.91 104.04
N SER G 3055 -4.59 100.06 104.03
CA SER G 3055 -3.31 100.16 103.36
C SER G 3055 -2.26 99.24 103.96
N LEU G 3056 -2.34 98.96 105.26
CA LEU G 3056 -1.32 98.13 105.90
C LEU G 3056 -1.27 96.74 105.28
N PHE G 3057 -2.43 96.14 105.03
CA PHE G 3057 -2.47 94.79 104.46
C PHE G 3057 -2.01 94.77 103.01
N GLY G 3058 -2.01 95.91 102.34
CA GLY G 3058 -1.53 95.98 100.96
C GLY G 3058 -2.32 95.11 100.01
N THR G 3059 -1.64 94.19 99.34
CA THR G 3059 -2.27 93.35 98.32
C THR G 3059 -3.25 92.35 98.91
N ASP G 3060 -3.27 92.17 100.23
CA ASP G 3060 -4.13 91.18 100.85
C ASP G 3060 -5.53 91.70 101.17
N ALA G 3061 -5.81 92.98 100.91
CA ALA G 3061 -7.14 93.51 101.17
C ALA G 3061 -8.24 92.70 100.51
N PRO G 3062 -8.12 92.30 99.23
CA PRO G 3062 -9.18 91.49 98.63
C PRO G 3062 -9.48 90.22 99.38
N ALA G 3063 -8.45 89.53 99.90
CA ALA G 3063 -8.69 88.29 100.61
C ALA G 3063 -9.49 88.53 101.88
N VAL G 3064 -9.14 89.57 102.65
CA VAL G 3064 -9.84 89.83 103.90
C VAL G 3064 -11.28 90.28 103.63
N VAL G 3065 -11.48 91.11 102.60
CA VAL G 3065 -12.85 91.54 102.30
C VAL G 3065 -13.68 90.36 101.82
N ASN G 3066 -13.07 89.44 101.07
CA ASN G 3066 -13.79 88.23 100.66
C ASN G 3066 -14.15 87.39 101.86
N CYS G 3067 -13.24 87.27 102.82
CA CYS G 3067 -13.55 86.53 104.05
C CYS G 3067 -14.72 87.18 104.78
N LEU G 3068 -14.74 88.51 104.86
CA LEU G 3068 -15.84 89.20 105.49
C LEU G 3068 -17.15 88.93 104.75
N HIS G 3069 -17.11 88.98 103.41
CA HIS G 3069 -18.30 88.66 102.63
C HIS G 3069 -18.81 87.27 102.96
N ILE G 3070 -17.92 86.28 102.97
CA ILE G 3070 -18.35 84.91 103.24
C ILE G 3070 -18.93 84.80 104.64
N LEU G 3071 -18.28 85.42 105.63
CA LEU G 3071 -18.77 85.33 107.00
C LEU G 3071 -20.16 85.96 107.13
N ALA G 3072 -20.38 87.09 106.46
CA ALA G 3072 -21.67 87.77 106.58
C ALA G 3072 -22.80 86.86 106.15
N ARG G 3073 -22.55 85.89 105.26
CA ARG G 3073 -23.62 85.00 104.75
C ARG G 3073 -23.94 83.89 105.76
N SER G 3074 -23.15 83.70 106.83
CA SER G 3074 -23.34 82.58 107.74
C SER G 3074 -23.76 83.03 109.14
N LEU G 3075 -24.32 84.23 109.28
CA LEU G 3075 -24.73 84.71 110.59
C LEU G 3075 -26.20 84.43 110.83
N ASP G 3076 -26.51 83.90 112.01
CA ASP G 3076 -27.89 83.71 112.46
C ASP G 3076 -28.10 84.68 113.63
N ALA G 3077 -28.49 85.90 113.29
CA ALA G 3077 -28.58 86.96 114.30
C ALA G 3077 -29.80 86.79 115.20
N ARG G 3078 -30.85 86.14 114.72
CA ARG G 3078 -32.08 86.07 115.50
C ARG G 3078 -31.83 85.42 116.86
N THR G 3079 -31.22 84.23 116.86
CA THR G 3079 -31.05 83.51 118.11
C THR G 3079 -30.13 84.27 119.07
N VAL G 3080 -28.99 84.73 118.58
CA VAL G 3080 -28.02 85.40 119.45
C VAL G 3080 -28.62 86.67 120.03
N MET G 3081 -29.28 87.48 119.19
CA MET G 3081 -29.86 88.73 119.69
C MET G 3081 -31.00 88.46 120.66
N LYS G 3082 -31.86 87.49 120.36
CA LYS G 3082 -32.95 87.18 121.27
C LYS G 3082 -32.44 86.67 122.61
N SER G 3083 -31.39 85.85 122.57
CA SER G 3083 -30.83 85.28 123.80
C SER G 3083 -29.34 85.10 123.60
N GLY G 3084 -28.54 85.79 124.42
CA GLY G 3084 -27.10 85.66 124.37
C GLY G 3084 -26.42 86.62 125.32
N PRO G 3085 -25.14 86.36 125.61
CA PRO G 3085 -24.40 87.28 126.50
C PRO G 3085 -24.30 88.67 125.91
N GLU G 3086 -24.34 89.67 126.80
CA GLU G 3086 -24.34 91.04 126.35
C GLU G 3086 -23.01 91.46 125.75
N ILE G 3087 -21.94 90.70 126.02
CA ILE G 3087 -20.61 91.10 125.57
C ILE G 3087 -20.55 91.13 124.05
N VAL G 3088 -21.06 90.09 123.39
CA VAL G 3088 -21.02 90.03 121.94
C VAL G 3088 -21.96 91.05 121.32
N LYS G 3089 -23.14 91.22 121.91
CA LYS G 3089 -24.08 92.18 121.38
C LYS G 3089 -23.55 93.60 121.48
N ALA G 3090 -22.75 93.88 122.52
CA ALA G 3090 -22.12 95.20 122.61
C ALA G 3090 -21.22 95.46 121.41
N GLY G 3091 -20.37 94.48 121.07
CA GLY G 3091 -19.53 94.65 119.90
C GLY G 3091 -20.33 94.77 118.62
N LEU G 3092 -21.41 93.99 118.51
CA LEU G 3092 -22.23 94.06 117.31
C LEU G 3092 -22.83 95.45 117.14
N ARG G 3093 -23.38 96.01 118.23
CA ARG G 3093 -23.92 97.37 118.16
C ARG G 3093 -22.82 98.38 117.85
N SER G 3094 -21.65 98.21 118.46
CA SER G 3094 -20.54 99.11 118.17
C SER G 3094 -20.17 99.07 116.70
N PHE G 3095 -20.32 97.92 116.06
CA PHE G 3095 -20.03 97.83 114.63
C PHE G 3095 -20.91 98.78 113.83
N PHE G 3096 -22.22 98.72 114.07
CA PHE G 3096 -23.14 99.62 113.36
C PHE G 3096 -22.85 101.07 113.72
N GLU G 3097 -22.56 101.35 114.99
CA GLU G 3097 -22.30 102.73 115.39
C GLU G 3097 -21.08 103.28 114.66
N SER G 3098 -20.01 102.49 114.60
CA SER G 3098 -18.81 102.91 113.90
C SER G 3098 -19.06 103.09 112.42
N ALA G 3099 -19.85 102.20 111.82
CA ALA G 3099 -20.19 102.35 110.41
C ALA G 3099 -20.91 103.66 110.17
N SER G 3100 -21.89 103.98 111.02
CA SER G 3100 -22.64 105.22 110.85
C SER G 3100 -21.73 106.42 111.01
N GLU G 3101 -20.87 106.40 112.03
CA GLU G 3101 -19.97 107.54 112.25
C GLU G 3101 -19.04 107.73 111.05
N ASP G 3102 -18.48 106.64 110.54
CA ASP G 3102 -17.59 106.74 109.39
C ASP G 3102 -18.32 107.27 108.17
N ILE G 3103 -19.55 106.80 107.95
CA ILE G 3103 -20.33 107.28 106.81
C ILE G 3103 -20.57 108.78 106.94
N GLU G 3104 -20.95 109.23 108.14
CA GLU G 3104 -21.20 110.66 108.33
C GLU G 3104 -19.95 111.47 108.08
N LYS G 3105 -18.81 111.05 108.63
CA LYS G 3105 -17.59 111.80 108.44
C LYS G 3105 -17.22 111.85 106.96
N MET G 3106 -17.30 110.73 106.25
CA MET G 3106 -16.83 110.66 104.84
C MET G 3106 -17.82 111.33 103.87
N VAL G 3107 -19.06 111.61 104.28
CA VAL G 3107 -20.09 112.28 103.42
C VAL G 3107 -20.07 113.79 103.69
N GLU G 3108 -19.70 114.25 104.89
CA GLU G 3108 -19.56 115.70 105.21
C GLU G 3108 -18.34 116.19 104.44
N ASN G 3109 -17.21 115.50 104.58
CA ASN G 3109 -15.98 115.77 103.84
C ASN G 3109 -16.23 115.77 102.34
N LEU G 3110 -17.07 114.84 101.85
CA LEU G 3110 -17.32 114.76 100.42
C LEU G 3110 -17.91 116.05 99.89
N ARG G 3111 -18.88 116.63 100.59
CA ARG G 3111 -19.45 117.89 100.16
C ARG G 3111 -18.37 118.96 100.16
N GLY G 3126 -8.36 111.07 103.32
CA GLY G 3126 -8.70 110.26 102.17
C GLY G 3126 -8.60 108.78 102.47
N GLN G 3127 -7.81 108.43 103.48
CA GLN G 3127 -7.67 107.02 103.84
C GLN G 3127 -9.00 106.43 104.27
N ASN G 3128 -9.77 107.17 105.08
CA ASN G 3128 -11.08 106.69 105.49
C ASN G 3128 -12.03 106.62 104.32
N LEU G 3129 -11.93 107.57 103.37
CA LEU G 3129 -12.79 107.53 102.20
C LEU G 3129 -12.52 106.27 101.39
N THR G 3130 -11.24 105.94 101.17
CA THR G 3130 -10.91 104.73 100.44
C THR G 3130 -11.36 103.49 101.20
N TYR G 3131 -11.18 103.48 102.51
CA TYR G 3131 -11.63 102.33 103.31
C TYR G 3131 -13.13 102.15 103.19
N THR G 3132 -13.89 103.24 103.24
CA THR G 3132 -15.35 103.14 103.14
C THR G 3132 -15.76 102.68 101.74
N THR G 3133 -15.15 103.25 100.70
CA THR G 3133 -15.58 102.94 99.35
C THR G 3133 -15.12 101.55 98.90
N VAL G 3134 -14.14 100.97 99.60
CA VAL G 3134 -13.61 99.67 99.20
C VAL G 3134 -14.16 98.56 100.06
N ALA G 3135 -14.20 98.74 101.37
CA ALA G 3135 -14.56 97.67 102.30
C ALA G 3135 -15.93 97.85 102.93
N LEU G 3136 -16.23 99.04 103.45
CA LEU G 3136 -17.45 99.20 104.24
C LEU G 3136 -18.70 98.96 103.41
N LEU G 3137 -18.82 99.63 102.27
CA LEU G 3137 -20.06 99.56 101.51
C LEU G 3137 -20.38 98.16 101.03
N PRO G 3138 -19.46 97.41 100.42
CA PRO G 3138 -19.81 96.06 99.95
C PRO G 3138 -20.25 95.14 101.08
N VAL G 3139 -19.49 95.09 102.18
CA VAL G 3139 -19.85 94.18 103.26
C VAL G 3139 -21.16 94.59 103.89
N LEU G 3140 -21.38 95.90 104.07
CA LEU G 3140 -22.64 96.35 104.64
C LEU G 3140 -23.81 95.98 103.73
N THR G 3141 -23.65 96.15 102.42
CA THR G 3141 -24.72 95.78 101.49
C THR G 3141 -25.00 94.28 101.58
N THR G 3142 -23.95 93.47 101.61
CA THR G 3142 -24.15 92.03 101.69
C THR G 3142 -24.87 91.65 102.98
N LEU G 3143 -24.48 92.26 104.09
CA LEU G 3143 -25.13 91.96 105.37
C LEU G 3143 -26.61 92.33 105.34
N PHE G 3144 -26.93 93.51 104.81
CA PHE G 3144 -28.33 93.92 104.76
C PHE G 3144 -29.14 93.01 103.84
N GLN G 3145 -28.58 92.63 102.69
CA GLN G 3145 -29.28 91.71 101.80
C GLN G 3145 -29.53 90.38 102.49
N HIS G 3146 -28.53 89.86 103.20
CA HIS G 3146 -28.68 88.60 103.89
C HIS G 3146 -29.77 88.69 104.95
N ILE G 3147 -29.79 89.79 105.71
CA ILE G 3147 -30.83 89.97 106.71
C ILE G 3147 -32.20 89.99 106.05
N ALA G 3148 -32.33 90.74 104.94
CA ALA G 3148 -33.62 90.84 104.28
C ALA G 3148 -34.09 89.48 103.76
N GLN G 3149 -33.18 88.67 103.23
CA GLN G 3149 -33.58 87.40 102.64
C GLN G 3149 -34.19 86.47 103.67
N HIS G 3150 -33.69 86.50 104.90
CA HIS G 3150 -34.15 85.60 105.95
C HIS G 3150 -35.09 86.25 106.95
N GLN G 3151 -35.60 87.46 106.65
CA GLN G 3151 -36.49 88.19 107.54
C GLN G 3151 -36.04 88.11 108.99
N PHE G 3152 -34.83 88.58 109.25
CA PHE G 3152 -34.37 88.82 110.61
C PHE G 3152 -34.50 90.28 111.03
N GLY G 3153 -35.06 91.14 110.18
CA GLY G 3153 -35.04 92.57 110.46
C GLY G 3153 -35.76 92.92 111.74
N ASP G 3154 -36.96 92.39 111.94
CA ASP G 3154 -37.74 92.73 113.12
C ASP G 3154 -37.07 92.26 114.41
N ASP G 3155 -36.31 91.16 114.36
CA ASP G 3155 -35.70 90.61 115.55
C ASP G 3155 -34.29 91.13 115.83
N VAL G 3156 -33.71 91.91 114.92
CA VAL G 3156 -32.34 92.36 115.05
C VAL G 3156 -32.23 93.87 115.18
N ILE G 3157 -32.94 94.58 114.29
CA ILE G 3157 -32.88 96.06 114.19
C ILE G 3157 -33.89 96.60 115.17
N LEU G 3158 -33.53 96.68 116.43
CA LEU G 3158 -34.38 97.29 117.48
C LEU G 3158 -33.41 98.11 118.31
N ASP G 3159 -33.85 99.16 118.99
CA ASP G 3159 -33.01 100.02 119.85
C ASP G 3159 -31.88 100.76 119.11
N ASP G 3160 -30.60 100.71 119.53
CA ASP G 3160 -29.49 101.58 119.04
C ASP G 3160 -29.18 101.47 117.54
N VAL G 3161 -29.07 100.28 116.99
CA VAL G 3161 -28.91 99.97 115.57
C VAL G 3161 -29.96 100.71 114.76
N GLN G 3162 -31.18 100.82 115.28
CA GLN G 3162 -32.22 101.56 114.57
C GLN G 3162 -31.83 103.02 114.40
N VAL G 3163 -31.29 103.62 115.46
CA VAL G 3163 -30.86 105.01 115.39
C VAL G 3163 -29.73 105.17 114.37
N SER G 3164 -28.78 104.24 114.38
CA SER G 3164 -27.68 104.31 113.43
C SER G 3164 -28.19 104.21 111.99
N CYS G 3165 -29.12 103.30 111.75
CA CYS G 3165 -29.70 103.17 110.41
C CYS G 3165 -30.44 104.44 110.01
N TYR G 3166 -31.19 105.03 110.95
CA TYR G 3166 -31.87 106.29 110.65
C TYR G 3166 -30.86 107.35 110.22
N ARG G 3167 -29.77 107.48 110.98
CA ARG G 3167 -28.78 108.49 110.67
C ARG G 3167 -28.14 108.23 109.31
N THR G 3168 -27.83 106.97 109.02
CA THR G 3168 -27.23 106.64 107.73
C THR G 3168 -28.18 106.99 106.59
N LEU G 3169 -29.47 106.67 106.77
CA LEU G 3169 -30.50 106.90 105.73
C LEU G 3169 -30.70 108.40 105.52
N CYS G 3170 -30.62 109.22 106.58
CA CYS G 3170 -30.71 110.67 106.44
C CYS G 3170 -29.47 111.23 105.73
N SER G 3171 -28.28 110.77 106.10
CA SER G 3171 -27.06 111.26 105.47
C SER G 3171 -27.07 110.94 103.98
N ILE G 3172 -27.40 109.70 103.63
CA ILE G 3172 -27.38 109.31 102.22
C ILE G 3172 -28.37 110.15 101.42
N TYR G 3173 -29.59 110.29 101.93
CA TYR G 3173 -30.58 111.06 101.19
C TYR G 3173 -30.16 112.51 101.05
N SER G 3174 -29.64 113.12 102.13
CA SER G 3174 -29.19 114.49 102.05
C SER G 3174 -28.04 114.66 101.07
N LEU G 3175 -27.23 113.61 100.87
CA LEU G 3175 -26.14 113.71 99.91
C LEU G 3175 -26.63 114.08 98.51
N GLY G 3176 -27.88 113.72 98.19
CA GLY G 3176 -28.38 113.91 96.84
C GLY G 3176 -28.35 115.35 96.36
N THR G 3177 -28.77 116.30 97.20
CA THR G 3177 -28.88 117.68 96.75
C THR G 3177 -27.56 118.26 96.26
N THR G 3178 -26.43 117.82 96.80
CA THR G 3178 -25.15 118.35 96.40
C THR G 3178 -24.79 117.89 94.99
N LYS G 3179 -23.89 118.64 94.36
CA LYS G 3179 -23.41 118.34 93.02
C LYS G 3179 -21.88 118.37 93.02
N ASN G 3180 -21.27 117.29 92.55
CA ASN G 3180 -19.82 117.20 92.51
C ASN G 3180 -19.43 116.15 91.47
N THR G 3181 -18.19 116.24 91.01
CA THR G 3181 -17.68 115.26 90.07
C THR G 3181 -17.46 113.90 90.72
N TYR G 3182 -16.94 113.88 91.96
CA TYR G 3182 -16.64 112.62 92.62
C TYR G 3182 -17.89 111.77 92.81
N VAL G 3183 -19.00 112.38 93.22
CA VAL G 3183 -20.22 111.61 93.48
C VAL G 3183 -20.70 110.94 92.20
N GLU G 3184 -20.32 111.46 91.04
CA GLU G 3184 -20.84 110.91 89.79
C GLU G 3184 -20.50 109.43 89.65
N LYS G 3185 -19.28 109.05 90.04
CA LYS G 3185 -18.89 107.65 89.96
C LYS G 3185 -19.21 106.88 91.24
N LEU G 3186 -19.81 107.53 92.23
CA LEU G 3186 -20.06 106.90 93.52
C LEU G 3186 -21.55 106.64 93.78
N ARG G 3187 -22.43 107.19 92.96
CA ARG G 3187 -23.88 107.05 93.18
C ARG G 3187 -24.37 105.60 93.17
N PRO G 3188 -24.05 104.77 92.18
CA PRO G 3188 -24.67 103.43 92.13
C PRO G 3188 -24.45 102.60 93.38
N ALA G 3189 -23.27 102.66 93.99
CA ALA G 3189 -23.04 101.90 95.21
C ALA G 3189 -23.97 102.36 96.32
N LEU G 3190 -24.11 103.67 96.49
CA LEU G 3190 -25.03 104.20 97.49
C LEU G 3190 -26.46 103.78 97.18
N GLY G 3191 -26.84 103.82 95.91
CA GLY G 3191 -28.18 103.39 95.54
C GLY G 3191 -28.45 101.95 95.93
N GLU G 3192 -27.50 101.07 95.63
CA GLU G 3192 -27.68 99.66 95.99
C GLU G 3192 -27.76 99.48 97.50
N CYS G 3193 -26.87 100.15 98.23
CA CYS G 3193 -26.87 100.01 99.69
C CYS G 3193 -28.18 100.49 100.28
N LEU G 3194 -28.68 101.64 99.80
CA LEU G 3194 -29.94 102.15 100.31
C LEU G 3194 -31.11 101.27 99.91
N ALA G 3195 -31.08 100.69 98.72
CA ALA G 3195 -32.14 99.78 98.31
C ALA G 3195 -32.21 98.58 99.23
N ARG G 3196 -31.06 98.01 99.59
CA ARG G 3196 -31.07 96.91 100.54
C ARG G 3196 -31.54 97.37 101.92
N LEU G 3197 -31.09 98.55 102.34
CA LEU G 3197 -31.52 99.08 103.64
C LEU G 3197 -33.03 99.17 103.71
N ALA G 3198 -33.67 99.66 102.64
CA ALA G 3198 -35.11 99.85 102.65
C ALA G 3198 -35.84 98.53 102.92
N ALA G 3199 -35.41 97.45 102.28
CA ALA G 3199 -35.99 96.15 102.56
C ALA G 3199 -35.68 95.69 103.98
N ALA G 3200 -34.46 95.95 104.46
CA ALA G 3200 -34.08 95.48 105.78
C ALA G 3200 -34.93 96.12 106.88
N MET G 3201 -35.21 97.42 106.76
CA MET G 3201 -35.89 98.14 107.84
C MET G 3201 -37.22 97.48 108.17
N PRO G 3202 -37.56 97.29 109.44
CA PRO G 3202 -38.87 96.74 109.81
C PRO G 3202 -39.93 97.78 110.15
N VAL G 3203 -39.62 99.07 110.08
CA VAL G 3203 -40.56 100.14 110.41
C VAL G 3203 -40.67 101.07 109.23
N ALA G 3204 -41.89 101.35 108.79
CA ALA G 3204 -42.13 102.29 107.71
C ALA G 3204 -41.70 103.68 108.17
N PHE G 3205 -41.01 104.41 107.30
CA PHE G 3205 -40.54 105.75 107.63
C PHE G 3205 -41.02 106.82 106.66
N LEU G 3206 -41.66 106.42 105.56
CA LEU G 3206 -42.25 107.38 104.63
C LEU G 3206 -43.65 107.79 105.03
N GLU G 3207 -44.28 107.08 105.98
CA GLU G 3207 -45.61 107.42 106.46
C GLU G 3207 -45.61 107.37 107.99
N PRO G 3208 -44.95 108.33 108.64
CA PRO G 3208 -44.83 108.27 110.10
C PRO G 3208 -46.16 108.32 110.83
N GLN G 3209 -47.19 108.91 110.25
CA GLN G 3209 -48.46 109.09 110.94
C GLN G 3209 -49.15 107.77 111.29
N LEU G 3210 -48.60 106.60 110.94
CA LEU G 3210 -49.20 105.33 111.31
C LEU G 3210 -48.29 104.48 112.19
N ASN G 3211 -47.10 104.96 112.55
CA ASN G 3211 -46.17 104.15 113.31
C ASN G 3211 -46.71 103.79 114.70
N GLU G 3212 -47.73 104.49 115.18
CA GLU G 3212 -48.29 104.19 116.49
C GLU G 3212 -48.77 102.75 116.59
N TYR G 3213 -49.19 102.15 115.47
CA TYR G 3213 -49.66 100.78 115.46
C TYR G 3213 -48.55 99.78 115.21
N ASN G 3214 -47.31 100.23 114.99
CA ASN G 3214 -46.19 99.34 114.75
C ASN G 3214 -45.56 98.94 116.08
N ALA G 3215 -45.46 97.63 116.33
CA ALA G 3215 -44.90 97.15 117.58
C ALA G 3215 -43.38 97.28 117.63
N CYS G 3216 -42.72 97.38 116.47
CA CYS G 3216 -41.27 97.43 116.43
C CYS G 3216 -40.71 98.83 116.56
N SER G 3217 -41.55 99.85 116.61
CA SER G 3217 -41.07 101.21 116.75
C SER G 3217 -40.34 101.39 118.08
N VAL G 3218 -39.27 102.18 118.06
CA VAL G 3218 -38.52 102.44 119.28
C VAL G 3218 -39.40 103.15 120.30
N TYR G 3219 -40.21 104.11 119.84
CA TYR G 3219 -41.07 104.84 120.76
C TYR G 3219 -42.07 103.93 121.45
N THR G 3220 -42.67 102.99 120.71
CA THR G 3220 -43.65 102.10 121.31
C THR G 3220 -43.04 101.26 122.42
N THR G 3221 -41.83 100.72 122.18
CA THR G 3221 -41.23 99.81 123.15
C THR G 3221 -40.71 100.54 124.38
N LYS G 3222 -40.08 101.69 124.20
CA LYS G 3222 -39.42 102.40 125.29
C LYS G 3222 -40.35 103.46 125.85
N SER G 3223 -40.37 103.56 127.19
CA SER G 3223 -41.17 104.58 127.85
C SER G 3223 -40.57 105.97 127.58
N PRO G 3224 -41.39 107.01 127.63
CA PRO G 3224 -40.86 108.35 127.37
C PRO G 3224 -39.74 108.76 128.30
N ARG G 3225 -39.79 108.33 129.56
CA ARG G 3225 -38.72 108.70 130.49
C ARG G 3225 -37.39 108.12 130.05
N GLU G 3226 -37.38 106.84 129.66
CA GLU G 3226 -36.13 106.22 129.22
C GLU G 3226 -35.56 106.93 128.00
N ARG G 3227 -36.40 107.25 127.02
CA ARG G 3227 -35.92 107.95 125.85
C ARG G 3227 -35.39 109.33 126.20
N ALA G 3228 -36.12 110.06 127.05
CA ALA G 3228 -35.66 111.37 127.50
C ALA G 3228 -34.35 111.27 128.27
N ILE G 3229 -34.06 110.11 128.85
CA ILE G 3229 -32.80 109.91 129.56
C ILE G 3229 -31.59 110.17 128.67
N LEU G 3230 -31.75 110.08 127.35
CA LEU G 3230 -30.67 110.36 126.41
C LEU G 3230 -31.27 110.99 125.17
N GLY G 3231 -30.49 111.06 124.09
CA GLY G 3231 -30.83 111.90 122.96
C GLY G 3231 -31.74 111.32 121.90
N LEU G 3232 -32.93 110.88 122.27
CA LEU G 3232 -33.95 110.56 121.28
C LEU G 3232 -34.92 111.74 121.14
N PRO G 3233 -35.12 112.27 119.95
CA PRO G 3233 -36.08 113.37 119.80
C PRO G 3233 -37.47 112.96 120.26
N ASN G 3234 -38.16 113.90 120.89
CA ASN G 3234 -39.45 113.60 121.51
C ASN G 3234 -40.53 113.25 120.50
N SER G 3235 -40.31 113.50 119.22
CA SER G 3235 -41.29 113.25 118.18
C SER G 3235 -40.68 112.39 117.08
N VAL G 3236 -41.54 111.72 116.33
CA VAL G 3236 -41.08 110.88 115.23
C VAL G 3236 -41.03 111.67 113.93
N GLU G 3237 -42.01 112.56 113.70
CA GLU G 3237 -42.02 113.34 112.48
C GLU G 3237 -40.80 114.26 112.38
N GLU G 3238 -40.28 114.74 113.50
CA GLU G 3238 -39.14 115.64 113.47
C GLU G 3238 -37.89 114.99 112.90
N MET G 3239 -37.61 113.74 113.27
CA MET G 3239 -36.45 113.06 112.72
C MET G 3239 -36.67 112.78 111.23
N CYS G 3240 -35.57 112.70 110.49
CA CYS G 3240 -35.62 112.56 109.05
C CYS G 3240 -36.41 113.72 108.46
N PRO G 3241 -36.10 114.96 108.83
CA PRO G 3241 -36.89 116.09 108.34
C PRO G 3241 -36.84 116.26 106.83
N ASP G 3242 -35.77 115.81 106.18
CA ASP G 3242 -35.61 116.05 104.75
C ASP G 3242 -36.27 114.99 103.89
N ILE G 3243 -36.88 113.97 104.49
CA ILE G 3243 -37.53 112.90 103.74
C ILE G 3243 -38.99 113.28 103.52
N PRO G 3244 -39.44 113.48 102.29
CA PRO G 3244 -40.84 113.81 102.06
C PRO G 3244 -41.73 112.58 102.22
N VAL G 3245 -43.04 112.82 102.32
CA VAL G 3245 -43.98 111.72 102.45
C VAL G 3245 -44.12 110.98 101.13
N LEU G 3246 -44.73 109.81 101.19
CA LEU G 3246 -44.86 108.95 100.02
C LEU G 3246 -45.65 109.64 98.92
N ASP G 3247 -46.76 110.27 99.27
CA ASP G 3247 -47.62 110.87 98.27
C ASP G 3247 -46.88 111.96 97.49
N ARG G 3248 -46.11 112.78 98.19
CA ARG G 3248 -45.34 113.81 97.50
C ARG G 3248 -44.33 113.20 96.55
N LEU G 3249 -43.68 112.12 96.96
CA LEU G 3249 -42.73 111.46 96.08
C LEU G 3249 -43.41 110.93 94.83
N MET G 3250 -44.55 110.28 94.98
CA MET G 3250 -45.25 109.77 93.80
C MET G 3250 -45.69 110.89 92.88
N ALA G 3251 -46.22 111.97 93.45
CA ALA G 3251 -46.66 113.10 92.63
C ALA G 3251 -45.48 113.70 91.88
N ASP G 3252 -44.34 113.87 92.56
CA ASP G 3252 -43.17 114.44 91.90
C ASP G 3252 -42.68 113.52 90.79
N ILE G 3253 -42.65 112.22 91.03
CA ILE G 3253 -42.20 111.28 90.01
C ILE G 3253 -43.11 111.36 88.79
N GLY G 3254 -44.42 111.38 89.01
CA GLY G 3254 -45.34 111.45 87.89
C GLY G 3254 -45.18 112.74 87.11
N GLY G 3255 -45.10 113.87 87.82
CA GLY G 3255 -44.95 115.15 87.14
C GLY G 3255 -43.66 115.24 86.36
N LEU G 3256 -42.58 114.67 86.89
CA LEU G 3256 -41.31 114.71 86.18
C LEU G 3256 -41.33 113.79 84.97
N ALA G 3257 -41.97 112.63 85.11
CA ALA G 3257 -42.05 111.68 84.00
C ALA G 3257 -42.86 112.26 82.84
N GLU G 3258 -44.02 112.85 83.14
CA GLU G 3258 -44.85 113.38 82.07
C GLU G 3258 -44.19 114.55 81.37
N SER G 3259 -43.27 115.24 82.04
CA SER G 3259 -42.63 116.42 81.47
C SER G 3259 -41.60 116.08 80.39
N GLY G 3260 -41.23 114.81 80.25
CA GLY G 3260 -40.23 114.44 79.27
C GLY G 3260 -38.82 114.86 79.62
N ALA G 3261 -38.48 114.92 80.90
CA ALA G 3261 -37.15 115.33 81.30
C ALA G 3261 -36.12 114.27 80.90
N ARG G 3262 -34.85 114.68 80.91
CA ARG G 3262 -33.75 113.80 80.55
C ARG G 3262 -32.94 113.41 81.78
N TYR G 3263 -32.09 112.40 81.60
CA TYR G 3263 -31.29 111.90 82.71
C TYR G 3263 -30.34 112.96 83.25
N THR G 3264 -29.98 113.93 82.41
CA THR G 3264 -28.98 114.92 82.82
C THR G 3264 -29.44 115.74 84.01
N GLU G 3265 -30.70 116.13 84.04
CA GLU G 3265 -31.22 117.04 85.07
C GLU G 3265 -31.82 116.31 86.26
N MET G 3266 -31.75 114.99 86.31
CA MET G 3266 -32.31 114.26 87.44
C MET G 3266 -31.56 112.94 87.66
N PRO G 3267 -30.23 112.99 87.85
CA PRO G 3267 -29.51 111.74 88.11
C PRO G 3267 -29.78 111.17 89.48
N HIS G 3268 -29.90 112.02 90.49
CA HIS G 3268 -30.11 111.54 91.85
C HIS G 3268 -31.43 110.79 91.96
N VAL G 3269 -32.48 111.28 91.30
CA VAL G 3269 -33.78 110.63 91.37
C VAL G 3269 -33.69 109.20 90.84
N ILE G 3270 -33.04 109.03 89.69
CA ILE G 3270 -32.94 107.70 89.10
C ILE G 3270 -32.04 106.80 89.92
N GLU G 3271 -30.90 107.33 90.36
CA GLU G 3271 -29.88 106.48 90.96
C GLU G 3271 -30.21 106.08 92.40
N ILE G 3272 -31.07 106.83 93.08
CA ILE G 3272 -31.33 106.63 94.50
C ILE G 3272 -32.82 106.36 94.76
N THR G 3273 -33.67 107.34 94.42
CA THR G 3273 -35.06 107.25 94.83
C THR G 3273 -35.76 106.04 94.23
N LEU G 3274 -35.53 105.77 92.94
CA LEU G 3274 -36.22 104.67 92.30
C LEU G 3274 -35.91 103.32 92.94
N PRO G 3275 -34.65 102.96 93.17
CA PRO G 3275 -34.38 101.72 93.92
C PRO G 3275 -35.00 101.71 95.29
N MET G 3276 -35.00 102.85 95.99
CA MET G 3276 -35.64 102.91 97.29
C MET G 3276 -37.10 102.51 97.20
N LEU G 3277 -37.84 103.12 96.28
CA LEU G 3277 -39.26 102.80 96.14
C LEU G 3277 -39.46 101.36 95.72
N CYS G 3278 -38.62 100.88 94.79
CA CYS G 3278 -38.76 99.50 94.31
C CYS G 3278 -38.58 98.50 95.44
N SER G 3279 -37.60 98.73 96.31
CA SER G 3279 -37.38 97.83 97.44
C SER G 3279 -38.35 98.07 98.58
N TYR G 3280 -39.00 99.23 98.61
CA TYR G 3280 -39.87 99.56 99.73
C TYR G 3280 -41.28 99.03 99.52
N LEU G 3281 -41.88 99.36 98.38
CA LEU G 3281 -43.30 99.05 98.18
C LEU G 3281 -43.60 97.56 98.33
N PRO G 3282 -42.88 96.65 97.69
CA PRO G 3282 -43.17 95.22 97.89
C PRO G 3282 -43.02 94.77 99.33
N ARG G 3283 -42.06 95.31 100.06
CA ARG G 3283 -41.81 94.90 101.44
C ARG G 3283 -42.95 95.28 102.37
N TRP G 3284 -43.87 96.14 101.94
CA TRP G 3284 -45.00 96.54 102.76
C TRP G 3284 -46.35 96.19 102.17
N TRP G 3285 -46.44 95.91 100.86
CA TRP G 3285 -47.73 95.60 100.28
C TRP G 3285 -48.35 94.37 100.93
N GLU G 3286 -47.55 93.32 101.13
CA GLU G 3286 -48.07 92.12 101.77
C GLU G 3286 -48.56 92.38 103.19
N ARG G 3287 -48.01 93.39 103.87
CA ARG G 3287 -48.47 93.75 105.20
C ARG G 3287 -49.63 94.74 105.18
N GLY G 3288 -50.01 95.22 104.00
CA GLY G 3288 -51.10 96.17 103.89
C GLY G 3288 -52.45 95.49 103.91
N PRO G 3289 -53.50 96.31 103.82
CA PRO G 3289 -54.87 95.75 103.84
C PRO G 3289 -55.15 94.79 102.71
N GLU G 3290 -54.49 94.93 101.57
CA GLU G 3290 -54.79 94.11 100.41
C GLU G 3290 -54.55 92.63 100.64
N ALA G 3291 -53.74 92.27 101.64
CA ALA G 3291 -53.46 90.86 101.92
C ALA G 3291 -54.30 90.37 103.10
N PRO G 3301 -56.04 94.92 115.38
CA PRO G 3301 -54.77 94.83 114.66
C PRO G 3301 -54.71 95.80 113.47
N PRO G 3302 -54.80 97.10 113.74
CA PRO G 3302 -54.79 98.07 112.65
C PRO G 3302 -53.45 98.09 111.94
N PRO G 3303 -53.41 97.90 110.63
CA PRO G 3303 -52.14 97.94 109.91
C PRO G 3303 -51.55 99.35 109.90
N CYS G 3304 -50.22 99.40 109.78
CA CYS G 3304 -49.49 100.66 109.80
C CYS G 3304 -49.14 101.17 108.41
N THR G 3305 -49.71 100.57 107.36
CA THR G 3305 -49.42 100.98 106.00
C THR G 3305 -50.69 100.87 105.18
N ALA G 3306 -50.80 101.74 104.17
CA ALA G 3306 -51.99 101.80 103.32
C ALA G 3306 -51.64 101.73 101.83
N VAL G 3307 -50.58 101.01 101.46
CA VAL G 3307 -50.23 100.89 100.06
C VAL G 3307 -51.19 99.91 99.38
N THR G 3308 -51.37 100.10 98.07
CA THR G 3308 -52.23 99.24 97.28
C THR G 3308 -51.61 99.05 95.91
N SER G 3309 -52.19 98.13 95.14
CA SER G 3309 -51.66 97.84 93.81
C SER G 3309 -51.68 99.07 92.92
N ASP G 3310 -52.52 100.06 93.25
CA ASP G 3310 -52.56 101.29 92.46
C ASP G 3310 -51.21 102.00 92.50
N HIS G 3311 -50.56 102.01 93.66
CA HIS G 3311 -49.25 102.64 93.77
C HIS G 3311 -48.25 101.95 92.83
N LEU G 3312 -48.24 100.62 92.85
CA LEU G 3312 -47.31 99.89 91.99
C LEU G 3312 -47.61 100.15 90.52
N ASN G 3313 -48.89 100.17 90.14
CA ASN G 3313 -49.25 100.43 88.75
C ASN G 3313 -48.78 101.81 88.33
N SER G 3314 -49.02 102.82 89.16
CA SER G 3314 -48.61 104.17 88.82
C SER G 3314 -47.09 104.26 88.71
N LEU G 3315 -46.36 103.64 89.64
CA LEU G 3315 -44.91 103.67 89.57
C LEU G 3315 -44.41 102.99 88.31
N LEU G 3316 -45.00 101.86 87.95
CA LEU G 3316 -44.57 101.16 86.74
C LEU G 3316 -44.83 102.01 85.50
N GLY G 3317 -45.99 102.65 85.43
CA GLY G 3317 -46.26 103.53 84.31
C GLY G 3317 -45.26 104.67 84.22
N ASN G 3318 -44.97 105.30 85.37
CA ASN G 3318 -44.04 106.41 85.37
C ASN G 3318 -42.65 105.98 84.93
N ILE G 3319 -42.19 104.83 85.43
CA ILE G 3319 -40.85 104.38 85.05
C ILE G 3319 -40.82 104.00 83.57
N LEU G 3320 -41.91 103.45 83.04
CA LEU G 3320 -41.96 103.17 81.61
C LEU G 3320 -41.85 104.46 80.81
N ARG G 3321 -42.57 105.50 81.24
CA ARG G 3321 -42.44 106.79 80.55
C ARG G 3321 -41.01 107.31 80.62
N ILE G 3322 -40.38 107.19 81.78
CA ILE G 3322 -39.00 107.66 81.92
C ILE G 3322 -38.08 106.92 80.96
N ILE G 3323 -38.19 105.59 80.91
CA ILE G 3323 -37.29 104.82 80.05
C ILE G 3323 -37.53 105.17 78.58
N VAL G 3324 -38.80 105.29 78.17
CA VAL G 3324 -39.06 105.56 76.76
C VAL G 3324 -38.58 106.96 76.39
N ASN G 3325 -38.60 107.90 77.34
CA ASN G 3325 -38.20 109.26 77.02
C ASN G 3325 -36.74 109.37 76.60
N ASN G 3326 -35.93 108.35 76.88
CA ASN G 3326 -34.49 108.42 76.67
C ASN G 3326 -33.98 107.38 75.68
N LEU G 3327 -34.67 107.20 74.55
CA LEU G 3327 -34.23 106.19 73.58
C LEU G 3327 -33.03 106.67 72.77
N GLY G 3328 -32.95 107.96 72.48
CA GLY G 3328 -31.93 108.48 71.59
C GLY G 3328 -30.57 108.69 72.19
N ILE G 3329 -30.40 108.48 73.50
CA ILE G 3329 -29.12 108.72 74.14
C ILE G 3329 -28.09 107.73 73.60
N ASP G 3330 -26.91 108.23 73.27
CA ASP G 3330 -25.85 107.37 72.74
C ASP G 3330 -25.25 106.49 73.83
N GLU G 3331 -25.08 107.05 75.04
CA GLU G 3331 -24.45 106.33 76.14
C GLU G 3331 -25.29 106.51 77.39
N ALA G 3332 -25.82 105.40 77.92
CA ALA G 3332 -26.57 105.40 79.17
C ALA G 3332 -26.46 103.99 79.76
N THR G 3333 -25.59 103.85 80.76
CA THR G 3333 -25.37 102.55 81.37
C THR G 3333 -26.31 102.28 82.54
N TRP G 3334 -27.06 103.29 82.98
CA TRP G 3334 -27.94 103.11 84.12
C TRP G 3334 -29.19 102.32 83.78
N MET G 3335 -29.44 102.09 82.49
CA MET G 3335 -30.69 101.47 82.08
C MET G 3335 -30.79 100.04 82.60
N LYS G 3336 -29.71 99.26 82.47
CA LYS G 3336 -29.75 97.88 82.94
C LYS G 3336 -29.93 97.80 84.45
N ARG G 3337 -29.23 98.68 85.19
CA ARG G 3337 -29.37 98.69 86.64
C ARG G 3337 -30.81 99.02 87.02
N LEU G 3338 -31.40 100.02 86.37
CA LEU G 3338 -32.78 100.37 86.67
C LEU G 3338 -33.72 99.22 86.35
N ALA G 3339 -33.49 98.52 85.23
CA ALA G 3339 -34.35 97.41 84.86
C ALA G 3339 -34.28 96.29 85.90
N VAL G 3340 -33.06 95.95 86.34
CA VAL G 3340 -32.95 94.87 87.31
C VAL G 3340 -33.56 95.29 88.64
N PHE G 3341 -33.43 96.56 89.01
CA PHE G 3341 -34.06 97.02 90.25
C PHE G 3341 -35.58 96.95 90.16
N ALA G 3342 -36.14 97.30 89.00
CA ALA G 3342 -37.59 97.38 88.86
C ALA G 3342 -38.23 96.03 88.57
N GLN G 3343 -37.45 95.02 88.18
CA GLN G 3343 -38.04 93.74 87.82
C GLN G 3343 -38.95 93.14 88.90
N PRO G 3344 -38.58 93.13 90.18
CA PRO G 3344 -39.41 92.41 91.17
C PRO G 3344 -40.85 92.90 91.25
N ILE G 3345 -41.10 94.19 91.09
CA ILE G 3345 -42.45 94.71 91.30
C ILE G 3345 -43.38 94.45 90.12
N VAL G 3346 -42.83 94.04 88.97
CA VAL G 3346 -43.67 93.85 87.80
C VAL G 3346 -44.66 92.71 87.98
N SER G 3347 -44.47 91.87 89.00
CA SER G 3347 -45.35 90.73 89.21
C SER G 3347 -46.78 91.13 89.56
N ARG G 3348 -46.99 92.38 89.98
CA ARG G 3348 -48.35 92.88 90.31
C ARG G 3348 -48.66 94.08 89.43
N ALA G 3349 -49.43 93.87 88.36
CA ALA G 3349 -49.84 94.95 87.46
C ALA G 3349 -51.19 94.62 86.86
N ARG G 3350 -51.93 95.66 86.50
CA ARG G 3350 -53.24 95.49 85.91
C ARG G 3350 -53.14 95.26 84.41
N PRO G 3351 -54.11 94.57 83.81
CA PRO G 3351 -54.06 94.31 82.37
C PRO G 3351 -54.03 95.57 81.52
N GLU G 3352 -54.65 96.66 81.97
CA GLU G 3352 -54.73 97.85 81.14
C GLU G 3352 -53.35 98.38 80.79
N LEU G 3353 -52.33 98.05 81.58
CA LEU G 3353 -50.99 98.55 81.32
C LEU G 3353 -50.49 98.09 79.96
N LEU G 3354 -50.81 96.86 79.57
CA LEU G 3354 -50.38 96.35 78.28
C LEU G 3354 -50.78 97.29 77.15
N HIS G 3355 -52.06 97.64 77.11
CA HIS G 3355 -52.54 98.56 76.09
C HIS G 3355 -52.00 99.96 76.31
N SER G 3356 -51.76 100.34 77.57
CA SER G 3356 -51.39 101.71 77.87
C SER G 3356 -50.04 102.09 77.29
N HIS G 3357 -49.00 101.29 77.55
CA HIS G 3357 -47.63 101.70 77.25
C HIS G 3357 -46.88 100.76 76.31
N PHE G 3358 -47.11 99.46 76.44
CA PHE G 3358 -46.24 98.52 75.74
C PHE G 3358 -46.36 98.65 74.22
N ILE G 3359 -47.57 98.74 73.70
CA ILE G 3359 -47.79 98.65 72.26
C ILE G 3359 -47.11 99.80 71.54
N PRO G 3360 -47.31 101.06 71.95
CA PRO G 3360 -46.64 102.16 71.24
C PRO G 3360 -45.12 102.06 71.29
N THR G 3361 -44.56 101.66 72.44
CA THR G 3361 -43.12 101.56 72.56
C THR G 3361 -42.57 100.51 71.61
N ILE G 3362 -43.17 99.32 71.61
CA ILE G 3362 -42.68 98.27 70.72
C ILE G 3362 -42.91 98.64 69.27
N GLY G 3363 -43.97 99.39 68.98
CA GLY G 3363 -44.17 99.84 67.61
C GLY G 3363 -43.10 100.79 67.14
N ARG G 3364 -42.72 101.74 68.01
CA ARG G 3364 -41.62 102.63 67.66
C ARG G 3364 -40.32 101.85 67.49
N LEU G 3365 -40.11 100.85 68.33
CA LEU G 3365 -38.92 100.02 68.19
C LEU G 3365 -38.90 99.30 66.85
N ARG G 3366 -40.06 98.76 66.45
CA ARG G 3366 -40.15 98.09 65.16
C ARG G 3366 -39.88 99.06 64.02
N LYS G 3367 -40.42 100.28 64.12
CA LYS G 3367 -40.15 101.28 63.09
C LYS G 3367 -38.66 101.55 62.97
N ARG G 3368 -37.99 101.71 64.10
CA ARG G 3368 -36.55 101.96 64.08
C ARG G 3368 -35.81 100.78 63.45
N ALA G 3369 -36.20 99.56 63.82
CA ALA G 3369 -35.55 98.38 63.25
C ALA G 3369 -35.73 98.34 61.74
N GLY G 3370 -36.94 98.60 61.26
CA GLY G 3370 -37.17 98.63 59.83
C GLY G 3370 -36.34 99.69 59.13
N LYS G 3371 -36.25 100.89 59.72
CA LYS G 3371 -35.47 101.95 59.10
C LYS G 3371 -34.01 101.52 58.98
N VAL G 3372 -33.44 100.99 60.07
CA VAL G 3372 -32.02 100.66 60.06
C VAL G 3372 -31.74 99.51 59.09
N VAL G 3373 -32.61 98.51 59.06
CA VAL G 3373 -32.37 97.38 58.16
C VAL G 3373 -32.51 97.82 56.71
N ALA G 3374 -33.46 98.71 56.41
CA ALA G 3374 -33.57 99.24 55.06
C ALA G 3374 -32.32 100.01 54.66
N GLU G 3375 -31.81 100.82 55.59
CA GLU G 3375 -30.57 101.56 55.30
C GLU G 3375 -29.41 100.61 55.02
N GLU G 3376 -29.28 99.56 55.83
CA GLU G 3376 -28.20 98.61 55.60
C GLU G 3376 -28.35 97.93 54.24
N GLU G 3377 -29.58 97.53 53.89
CA GLU G 3377 -29.80 96.88 52.60
C GLU G 3377 -29.44 97.81 51.46
N GLN G 3378 -29.82 99.08 51.51
CA GLN G 3378 -29.44 100.07 50.46
C GLN G 3378 -27.93 100.08 50.27
N LEU G 3379 -27.13 100.07 51.35
CA LEU G 3379 -25.65 100.05 51.29
C LEU G 3379 -25.16 98.77 50.61
N ARG G 3380 -25.79 97.63 50.86
CA ARG G 3380 -25.44 96.36 50.18
C ARG G 3380 -25.71 96.54 48.69
N LEU G 3381 -26.78 97.25 48.34
CA LEU G 3381 -27.19 97.43 46.93
C LEU G 3381 -26.09 98.16 46.15
N GLU G 3382 -25.47 99.17 46.73
CA GLU G 3382 -24.35 99.90 46.08
C GLU G 3382 -23.06 99.57 46.82
N ALA G 3383 -22.03 99.05 46.14
CA ALA G 3383 -20.78 98.62 46.79
C ALA G 3383 -19.67 99.63 46.51
N LYS G 3384 -19.03 100.15 47.56
CA LYS G 3384 -17.99 101.20 47.43
C LYS G 3384 -17.07 101.22 48.66
N ALA G 3385 -15.92 101.88 48.58
CA ALA G 3385 -15.04 102.10 49.74
C ALA G 3385 -15.85 102.95 50.72
N GLU G 3386 -16.65 103.88 50.19
CA GLU G 3386 -17.51 104.78 50.99
C GLU G 3386 -18.46 103.90 51.79
N ALA G 3387 -18.91 102.79 51.20
CA ALA G 3387 -19.86 101.85 51.84
C ALA G 3387 -19.20 101.33 53.11
N GLU G 3388 -17.88 101.12 53.10
CA GLU G 3388 -17.14 100.63 54.28
C GLU G 3388 -17.34 101.65 55.40
N GLU G 3389 -17.34 102.93 55.08
CA GLU G 3389 -17.62 104.00 56.08
C GLU G 3389 -19.03 103.83 56.64
N GLY G 3390 -20.02 103.49 55.80
CA GLY G 3390 -21.42 103.33 56.23
C GLY G 3390 -21.62 102.22 57.26
N GLU G 3391 -20.94 101.09 57.10
CA GLU G 3391 -21.06 99.93 58.02
C GLU G 3391 -20.98 100.30 59.49
N LEU G 3392 -20.20 101.31 59.87
CA LEU G 3392 -19.91 101.70 61.24
C LEU G 3392 -21.10 102.39 61.88
N LEU G 3393 -21.73 103.32 61.15
CA LEU G 3393 -22.89 104.02 61.72
C LEU G 3393 -24.05 103.07 62.00
N VAL G 3394 -24.34 102.16 61.06
CA VAL G 3394 -25.44 101.25 61.29
C VAL G 3394 -25.09 100.24 62.39
N ARG G 3395 -23.81 99.92 62.55
CA ARG G 3395 -23.40 99.08 63.67
C ARG G 3395 -23.63 99.80 64.99
N ASP G 3396 -23.34 101.09 65.05
CA ASP G 3396 -23.63 101.87 66.25
C ASP G 3396 -25.13 101.90 66.51
N GLU G 3397 -25.92 102.05 65.45
CA GLU G 3397 -27.37 102.03 65.60
C GLU G 3397 -27.84 100.68 66.13
N PHE G 3398 -27.26 99.59 65.62
CA PHE G 3398 -27.60 98.27 66.12
C PHE G 3398 -27.21 98.12 67.59
N SER G 3399 -26.07 98.70 67.98
CA SER G 3399 -25.68 98.65 69.39
C SER G 3399 -26.71 99.37 70.25
N VAL G 3400 -27.15 100.54 69.82
CA VAL G 3400 -28.17 101.27 70.57
C VAL G 3400 -29.44 100.44 70.65
N LEU G 3401 -29.84 99.83 69.54
CA LEU G 3401 -31.06 99.04 69.53
C LEU G 3401 -30.95 97.84 70.46
N CYS G 3402 -29.80 97.17 70.47
CA CYS G 3402 -29.60 96.05 71.38
C CYS G 3402 -29.66 96.50 72.83
N ARG G 3403 -29.04 97.65 73.14
CA ARG G 3403 -29.11 98.18 74.49
C ARG G 3403 -30.55 98.41 74.90
N ASP G 3404 -31.34 99.05 74.03
CA ASP G 3404 -32.73 99.31 74.35
C ASP G 3404 -33.52 98.01 74.51
N LEU G 3405 -33.27 97.03 73.64
CA LEU G 3405 -33.97 95.75 73.73
C LEU G 3405 -33.68 95.08 75.06
N TYR G 3406 -32.42 95.08 75.48
CA TYR G 3406 -32.08 94.42 76.73
C TYR G 3406 -32.56 95.22 77.93
N ALA G 3407 -32.77 96.53 77.77
CA ALA G 3407 -33.34 97.31 78.86
C ALA G 3407 -34.84 97.08 78.97
N LEU G 3408 -35.51 96.77 77.86
CA LEU G 3408 -36.97 96.69 77.86
C LEU G 3408 -37.51 95.27 78.05
N TYR G 3409 -36.89 94.28 77.41
CA TYR G 3409 -37.54 92.98 77.29
C TYR G 3409 -37.87 92.29 78.61
N PRO G 3410 -36.96 92.20 79.59
CA PRO G 3410 -37.29 91.37 80.77
C PRO G 3410 -38.59 91.73 81.44
N LEU G 3411 -38.93 93.02 81.49
CA LEU G 3411 -40.21 93.42 82.06
C LEU G 3411 -41.37 92.79 81.29
N LEU G 3412 -41.30 92.84 79.96
CA LEU G 3412 -42.34 92.22 79.15
C LEU G 3412 -42.37 90.71 79.34
N ILE G 3413 -41.19 90.10 79.50
CA ILE G 3413 -41.14 88.66 79.72
C ILE G 3413 -41.90 88.30 80.99
N ARG G 3414 -41.63 89.02 82.08
CA ARG G 3414 -42.35 88.74 83.32
C ARG G 3414 -43.84 89.00 83.15
N TYR G 3415 -44.20 90.10 82.48
CA TYR G 3415 -45.61 90.41 82.29
C TYR G 3415 -46.33 89.28 81.58
N VAL G 3416 -45.76 88.80 80.47
CA VAL G 3416 -46.42 87.75 79.71
C VAL G 3416 -46.45 86.45 80.50
N ASP G 3417 -45.34 86.12 81.19
CA ASP G 3417 -45.33 84.92 82.01
C ASP G 3417 -46.46 84.95 83.02
N ASN G 3418 -46.76 86.12 83.57
CA ASN G 3418 -47.84 86.22 84.55
C ASN G 3418 -49.20 86.12 83.88
N ASN G 3419 -49.39 86.80 82.75
CA ASN G 3419 -50.72 87.01 82.21
C ASN G 3419 -51.09 86.07 81.06
N ARG G 3420 -50.25 85.09 80.74
CA ARG G 3420 -50.55 84.23 79.60
C ARG G 3420 -51.84 83.44 79.80
N ALA G 3421 -52.13 83.06 81.05
CA ALA G 3421 -53.27 82.17 81.29
C ALA G 3421 -54.58 82.81 80.86
N HIS G 3422 -54.81 84.06 81.26
CA HIS G 3422 -56.07 84.71 80.91
C HIS G 3422 -56.19 84.88 79.41
N TRP G 3423 -55.11 85.27 78.74
CA TRP G 3423 -55.17 85.41 77.29
C TRP G 3423 -55.49 84.09 76.62
N LEU G 3424 -54.89 82.99 77.09
CA LEU G 3424 -55.21 81.69 76.51
C LEU G 3424 -56.66 81.32 76.75
N THR G 3425 -57.17 81.58 77.95
CA THR G 3425 -58.59 81.30 78.21
C THR G 3425 -59.51 82.15 77.36
N GLU G 3426 -59.21 83.44 77.21
CA GLU G 3426 -60.04 84.34 76.43
C GLU G 3426 -59.12 85.15 75.50
N PRO G 3427 -59.10 84.85 74.20
CA PRO G 3427 -58.20 85.56 73.30
C PRO G 3427 -58.46 87.06 73.30
N ASN G 3428 -57.40 87.84 73.16
CA ASN G 3428 -57.46 89.29 73.11
C ASN G 3428 -56.72 89.79 71.88
N ALA G 3429 -57.28 90.82 71.23
CA ALA G 3429 -56.65 91.35 70.03
C ALA G 3429 -55.27 91.93 70.34
N ASN G 3430 -55.15 92.63 71.47
CA ASN G 3430 -53.88 93.28 71.80
C ASN G 3430 -52.75 92.27 71.89
N ALA G 3431 -53.03 91.09 72.46
CA ALA G 3431 -52.01 90.06 72.52
C ALA G 3431 -51.57 89.65 71.11
N GLU G 3432 -52.52 89.56 70.18
CA GLU G 3432 -52.18 89.19 68.81
C GLU G 3432 -51.30 90.27 68.18
N GLU G 3433 -51.63 91.54 68.40
CA GLU G 3433 -50.81 92.60 67.84
C GLU G 3433 -49.40 92.55 68.40
N LEU G 3434 -49.29 92.32 69.71
CA LEU G 3434 -47.98 92.21 70.34
C LEU G 3434 -47.19 91.07 69.73
N PHE G 3435 -47.85 89.92 69.54
CA PHE G 3435 -47.18 88.78 68.93
C PHE G 3435 -46.69 89.11 67.54
N ARG G 3436 -47.52 89.79 66.75
CA ARG G 3436 -47.12 90.16 65.40
C ARG G 3436 -45.86 91.01 65.43
N MET G 3437 -45.83 92.03 66.28
CA MET G 3437 -44.70 92.95 66.24
C MET G 3437 -43.44 92.27 66.78
N VAL G 3438 -43.58 91.43 67.81
CA VAL G 3438 -42.42 90.71 68.32
C VAL G 3438 -41.87 89.77 67.27
N GLY G 3439 -42.76 89.09 66.54
CA GLY G 3439 -42.30 88.21 65.47
C GLY G 3439 -41.60 88.99 64.37
N GLU G 3440 -42.10 90.18 64.05
CA GLU G 3440 -41.42 91.00 63.05
C GLU G 3440 -40.02 91.37 63.51
N ILE G 3441 -39.88 91.75 64.78
CA ILE G 3441 -38.55 92.06 65.31
C ILE G 3441 -37.65 90.84 65.21
N PHE G 3442 -38.18 89.67 65.55
CA PHE G 3442 -37.37 88.45 65.50
C PHE G 3442 -36.94 88.15 64.07
N ILE G 3443 -37.83 88.34 63.11
CA ILE G 3443 -37.48 88.11 61.71
C ILE G 3443 -36.36 89.05 61.29
N TYR G 3444 -36.50 90.34 61.63
CA TYR G 3444 -35.45 91.30 61.29
C TYR G 3444 -34.12 90.87 61.89
N TRP G 3445 -34.13 90.44 63.14
CA TRP G 3445 -32.89 89.99 63.78
C TRP G 3445 -32.31 88.79 63.04
N SER G 3446 -33.15 87.82 62.68
CA SER G 3446 -32.66 86.62 62.03
C SER G 3446 -32.04 86.92 60.67
N LYS G 3447 -32.69 87.77 59.87
CA LYS G 3447 -32.24 87.97 58.49
C LYS G 3447 -30.85 88.60 58.45
N SER G 3448 -30.66 89.71 59.15
CA SER G 3448 -29.41 90.44 59.08
C SER G 3448 -28.31 89.71 59.85
N HIS G 3449 -27.06 90.01 59.47
CA HIS G 3449 -25.88 89.44 60.12
C HIS G 3449 -25.21 90.39 61.08
N ASN G 3450 -25.08 91.67 60.71
CA ASN G 3450 -24.48 92.64 61.62
C ASN G 3450 -25.24 92.71 62.94
N PHE G 3451 -26.55 92.47 62.91
CA PHE G 3451 -27.36 92.54 64.12
C PHE G 3451 -26.86 91.52 65.14
N LYS G 3452 -26.66 90.27 64.70
CA LYS G 3452 -26.23 89.23 65.63
C LYS G 3452 -24.85 89.53 66.19
N ARG G 3453 -23.91 89.95 65.33
CA ARG G 3453 -22.57 90.25 65.80
C ARG G 3453 -22.58 91.41 66.79
N GLU G 3454 -23.37 92.45 66.51
CA GLU G 3454 -23.44 93.58 67.42
C GLU G 3454 -24.03 93.17 68.76
N GLU G 3455 -25.07 92.33 68.74
CA GLU G 3455 -25.65 91.85 70.00
C GLU G 3455 -24.62 91.04 70.78
N GLN G 3456 -23.86 90.20 70.07
CA GLN G 3456 -22.83 89.41 70.74
C GLN G 3456 -21.79 90.32 71.38
N ASN G 3457 -21.37 91.37 70.66
CA ASN G 3457 -20.41 92.31 71.23
C ASN G 3457 -20.99 92.98 72.47
N PHE G 3458 -22.29 93.26 72.51
CA PHE G 3458 -22.93 93.93 73.65
C PHE G 3458 -22.93 93.05 74.90
N VAL G 3459 -23.40 91.83 74.81
CA VAL G 3459 -23.55 90.96 76.01
C VAL G 3459 -22.17 90.69 76.61
N VAL G 3460 -21.14 90.43 75.82
CA VAL G 3460 -19.77 90.21 76.36
C VAL G 3460 -19.20 91.48 77.00
N GLN G 3461 -19.35 92.65 76.37
CA GLN G 3461 -18.74 93.91 76.89
C GLN G 3461 -19.40 94.21 78.23
N ASN G 3462 -20.71 94.08 78.30
CA ASN G 3462 -21.46 94.23 79.56
C ASN G 3462 -21.30 92.91 80.29
N GLU G 3463 -21.62 92.83 81.56
CA GLU G 3463 -21.42 91.63 82.41
C GLU G 3463 -22.78 90.94 82.48
N ILE G 3464 -23.68 91.24 81.54
CA ILE G 3464 -25.10 90.83 81.64
C ILE G 3464 -25.23 89.31 81.73
N ASN G 3465 -26.16 88.84 82.56
CA ASN G 3465 -26.42 87.41 82.81
C ASN G 3465 -27.90 87.16 82.56
N ASN G 3466 -28.34 85.94 82.27
CA ASN G 3466 -29.76 85.70 81.91
C ASN G 3466 -30.67 86.08 83.07
N MET G 3467 -31.70 86.87 82.80
CA MET G 3467 -32.70 87.31 83.81
C MET G 3467 -33.55 86.14 84.31
N SER G 3468 -33.96 85.23 83.43
CA SER G 3468 -34.85 84.10 83.78
C SER G 3468 -34.49 83.52 85.14
N GLN G 3506 -24.96 81.00 72.48
CA GLN G 3506 -25.73 81.42 73.64
C GLN G 3506 -27.19 81.61 73.28
N THR G 3507 -28.04 81.69 74.31
CA THR G 3507 -29.47 81.89 74.11
C THR G 3507 -29.80 83.37 74.32
N SER G 3508 -30.24 84.03 73.27
CA SER G 3508 -30.57 85.45 73.34
C SER G 3508 -31.93 85.66 74.00
N LEU G 3509 -32.21 86.92 74.34
CA LEU G 3509 -33.52 87.26 74.88
C LEU G 3509 -34.59 87.21 73.81
N ILE G 3510 -34.23 87.53 72.56
CA ILE G 3510 -35.22 87.60 71.50
C ILE G 3510 -35.87 86.24 71.29
N VAL G 3511 -35.06 85.20 71.15
CA VAL G 3511 -35.61 83.87 70.90
C VAL G 3511 -36.42 83.40 72.11
N ALA G 3512 -35.94 83.69 73.31
CA ALA G 3512 -36.66 83.26 74.51
C ALA G 3512 -38.05 83.90 74.56
N THR G 3513 -38.12 85.21 74.33
CA THR G 3513 -39.42 85.87 74.37
C THR G 3513 -40.31 85.42 73.22
N LEU G 3514 -39.72 85.11 72.06
CA LEU G 3514 -40.53 84.61 70.96
C LEU G 3514 -41.14 83.26 71.33
N LYS G 3515 -40.34 82.39 71.96
CA LYS G 3515 -40.89 81.11 72.41
C LYS G 3515 -41.99 81.32 73.44
N LYS G 3516 -41.79 82.27 74.35
CA LYS G 3516 -42.82 82.56 75.35
C LYS G 3516 -44.11 83.02 74.69
N MET G 3517 -44.01 83.85 73.65
CA MET G 3517 -45.20 84.42 73.02
C MET G 3517 -45.82 83.48 72.00
N LEU G 3518 -45.11 82.44 71.58
CA LEU G 3518 -45.60 81.58 70.51
C LEU G 3518 -46.94 80.92 70.79
N PRO G 3519 -47.19 80.35 71.97
CA PRO G 3519 -48.43 79.58 72.16
C PRO G 3519 -49.70 80.35 71.84
N ILE G 3520 -49.77 81.64 72.19
CA ILE G 3520 -50.95 82.40 71.82
C ILE G 3520 -51.06 82.54 70.30
N GLY G 3521 -49.93 82.77 69.63
CA GLY G 3521 -49.96 82.83 68.18
C GLY G 3521 -50.50 81.55 67.57
N LEU G 3522 -50.05 80.40 68.07
CA LEU G 3522 -50.59 79.13 67.59
C LEU G 3522 -52.09 79.02 67.90
N ASN G 3523 -52.50 79.41 69.10
CA ASN G 3523 -53.91 79.37 69.45
C ASN G 3523 -54.76 80.28 68.59
N MET G 3524 -54.15 81.27 67.94
CA MET G 3524 -54.93 82.20 67.13
C MET G 3524 -55.61 81.49 65.96
N CYS G 3525 -54.92 80.54 65.32
CA CYS G 3525 -55.44 79.85 64.15
C CYS G 3525 -55.96 78.47 64.53
N ALA G 3526 -57.02 78.04 63.84
CA ALA G 3526 -57.64 76.76 64.15
C ALA G 3526 -56.83 75.61 63.57
N PRO G 3527 -56.95 74.39 64.13
CA PRO G 3527 -56.17 73.26 63.61
C PRO G 3527 -56.48 72.91 62.16
N THR G 3528 -57.69 73.20 61.69
CA THR G 3528 -58.05 72.83 60.33
C THR G 3528 -57.07 73.40 59.31
N ASP G 3529 -56.45 74.54 59.61
CA ASP G 3529 -55.52 75.19 58.69
C ASP G 3529 -54.12 74.62 58.75
N GLN G 3530 -53.96 73.40 59.28
CA GLN G 3530 -52.62 72.86 59.51
C GLN G 3530 -51.83 72.72 58.20
N ASP G 3531 -52.46 72.15 57.17
CA ASP G 3531 -51.73 71.81 55.95
C ASP G 3531 -51.18 73.05 55.27
N LEU G 3532 -51.98 74.12 55.23
CA LEU G 3532 -51.50 75.36 54.62
C LEU G 3532 -50.24 75.87 55.28
N ILE G 3533 -50.02 75.55 56.56
CA ILE G 3533 -48.81 75.98 57.23
C ILE G 3533 -47.58 75.26 56.66
N MET G 3534 -47.66 73.94 56.50
CA MET G 3534 -46.63 73.22 55.77
C MET G 3534 -46.44 73.75 54.36
N LEU G 3535 -47.53 74.05 53.66
CA LEU G 3535 -47.39 74.57 52.30
C LEU G 3535 -46.63 75.88 52.30
N ALA G 3536 -46.97 76.78 53.21
CA ALA G 3536 -46.27 78.06 53.30
C ALA G 3536 -44.81 77.87 53.70
N LYS G 3537 -44.54 76.94 54.61
CA LYS G 3537 -43.16 76.67 54.99
C LYS G 3537 -42.34 76.19 53.78
N THR G 3538 -42.93 75.28 53.01
CA THR G 3538 -42.24 74.81 51.81
C THR G 3538 -42.00 75.95 50.83
N ARG G 3539 -43.01 76.78 50.59
CA ARG G 3539 -42.84 77.92 49.70
C ARG G 3539 -41.81 78.90 50.23
N TYR G 3540 -41.63 78.97 51.55
CA TYR G 3540 -40.58 79.78 52.15
C TYR G 3540 -39.22 79.12 52.07
N ALA G 3541 -39.17 77.80 51.86
CA ALA G 3541 -37.88 77.17 51.58
C ALA G 3541 -37.21 77.83 50.39
N LEU G 3542 -37.96 78.04 49.32
CA LEU G 3542 -37.53 78.95 48.26
C LEU G 3542 -37.89 80.38 48.66
N LYS G 3543 -37.18 81.36 48.08
CA LYS G 3543 -37.39 82.79 48.39
C LYS G 3543 -38.69 83.28 47.74
N ASP G 3544 -39.84 82.76 48.18
CA ASP G 3544 -41.17 83.19 47.67
C ASP G 3544 -41.49 84.51 48.39
N THR G 3545 -41.45 85.63 47.67
CA THR G 3545 -41.78 86.97 48.25
C THR G 3545 -43.03 86.81 49.10
N ASP G 3546 -43.17 87.57 50.20
CA ASP G 3546 -44.32 87.52 51.10
C ASP G 3546 -45.62 87.76 50.33
N GLU G 3547 -45.66 88.85 49.55
CA GLU G 3547 -46.86 89.12 48.77
C GLU G 3547 -47.13 88.04 47.73
N GLU G 3548 -46.06 87.46 47.18
CA GLU G 3548 -46.25 86.36 46.24
C GLU G 3548 -46.95 85.19 46.90
N VAL G 3549 -46.52 84.82 48.10
CA VAL G 3549 -47.20 83.75 48.84
C VAL G 3549 -48.64 84.16 49.15
N ARG G 3550 -48.83 85.42 49.56
CA ARG G 3550 -50.17 85.88 49.90
C ARG G 3550 -51.12 85.69 48.73
N GLU G 3551 -50.74 86.20 47.56
CA GLU G 3551 -51.61 86.03 46.39
C GLU G 3551 -51.74 84.56 46.00
N PHE G 3552 -50.65 83.80 46.11
CA PHE G 3552 -50.70 82.39 45.72
C PHE G 3552 -51.78 81.65 46.51
N LEU G 3553 -51.74 81.78 47.83
CA LEU G 3553 -52.67 81.02 48.72
C LEU G 3553 -54.08 81.61 48.60
N GLN G 3554 -54.19 82.84 48.07
CA GLN G 3554 -55.50 83.49 47.84
C GLN G 3554 -56.36 82.56 46.96
N ASN G 3555 -55.75 81.79 46.06
CA ASN G 3555 -56.47 80.81 45.19
C ASN G 3555 -56.51 79.37 45.71
N ASN G 3556 -55.53 78.85 46.46
CA ASN G 3556 -55.51 77.43 46.84
C ASN G 3556 -56.20 77.19 48.18
N LEU G 3557 -57.08 78.10 48.61
CA LEU G 3557 -57.69 77.97 49.93
C LEU G 3557 -58.43 76.65 50.07
N HIS G 3558 -59.02 76.14 48.97
CA HIS G 3558 -59.85 74.96 49.06
C HIS G 3558 -59.09 73.75 49.59
N LEU G 3559 -57.76 73.74 49.50
CA LEU G 3559 -56.99 72.58 49.91
C LEU G 3559 -56.99 72.37 51.42
N GLN G 3560 -57.57 73.30 52.20
CA GLN G 3560 -57.67 73.19 53.67
C GLN G 3560 -58.19 71.81 54.08
N GLY G 3561 -57.86 71.35 55.28
CA GLY G 3561 -58.26 70.00 55.71
C GLY G 3561 -59.76 69.85 55.80
N LYS G 3562 -60.32 68.76 55.29
CA LYS G 3562 -61.78 68.46 55.35
C LYS G 3562 -62.19 68.05 56.76
N VAL G 3563 -63.40 68.40 57.18
CA VAL G 3563 -63.93 67.96 58.51
C VAL G 3563 -64.03 66.44 58.44
N GLU G 3564 -64.51 65.89 57.33
CA GLU G 3564 -64.50 64.42 57.14
C GLU G 3564 -63.02 64.13 57.13
N GLY G 3565 -62.58 63.05 57.76
CA GLY G 3565 -61.13 62.88 57.91
C GLY G 3565 -60.75 62.16 59.16
N SER G 3566 -59.61 62.48 59.71
CA SER G 3566 -59.00 61.73 60.82
C SER G 3566 -59.74 61.84 62.15
N PRO G 3567 -59.52 60.86 63.05
CA PRO G 3567 -60.05 60.92 64.39
C PRO G 3567 -59.43 62.14 65.05
N SER G 3568 -58.17 62.47 64.75
CA SER G 3568 -57.42 63.52 65.48
C SER G 3568 -58.13 64.86 65.33
N LEU G 3569 -58.61 65.20 64.15
CA LEU G 3569 -59.29 66.51 63.90
C LEU G 3569 -60.55 66.60 64.77
N ARG G 3570 -61.25 65.47 64.98
CA ARG G 3570 -62.57 65.45 65.66
C ARG G 3570 -62.53 66.03 67.07
N TRP G 3571 -61.72 65.48 67.97
CA TRP G 3571 -61.72 65.93 69.40
C TRP G 3571 -61.05 67.30 69.53
N GLN G 3572 -60.12 67.65 68.64
CA GLN G 3572 -59.48 68.97 68.64
C GLN G 3572 -60.50 70.06 68.32
N MET G 3573 -61.32 69.84 67.29
CA MET G 3573 -62.35 70.82 66.95
C MET G 3573 -63.36 70.94 68.08
N ALA G 3574 -63.72 69.84 68.72
CA ALA G 3574 -64.59 69.96 69.89
C ALA G 3574 -64.09 71.17 70.68
N LEU G 3575 -62.83 71.16 71.09
CA LEU G 3575 -62.21 72.24 71.90
C LEU G 3575 -62.12 73.60 71.18
N TYR G 3576 -61.77 73.68 69.89
CA TYR G 3576 -61.59 75.03 69.28
C TYR G 3576 -62.90 75.76 69.30
N ARG G 3577 -64.00 75.09 68.98
CA ARG G 3577 -65.35 75.68 69.18
C ARG G 3577 -65.54 75.60 70.70
N GLY G 3578 -66.32 76.48 71.30
CA GLY G 3578 -66.46 76.52 72.77
C GLY G 3578 -65.42 77.40 73.42
N LEU G 3579 -64.56 78.04 72.67
CA LEU G 3579 -63.65 79.09 73.20
C LEU G 3579 -64.61 80.25 73.45
N PRO G 3580 -64.32 81.25 74.29
CA PRO G 3580 -65.34 82.24 74.62
C PRO G 3580 -65.84 82.98 73.39
N GLY G 3581 -64.96 83.34 72.47
CA GLY G 3581 -65.37 84.01 71.23
C GLY G 3581 -66.57 83.32 70.60
N PRO G 3589 -62.08 85.73 55.65
CA PRO G 3589 -61.44 84.75 54.76
C PRO G 3589 -59.98 85.08 54.50
N GLU G 3590 -59.73 86.23 53.85
CA GLU G 3590 -58.34 86.66 53.65
C GLU G 3590 -57.58 86.76 54.95
N LYS G 3591 -58.27 87.05 56.06
CA LYS G 3591 -57.63 86.99 57.36
C LYS G 3591 -56.99 85.63 57.59
N ILE G 3592 -57.61 84.58 57.05
CA ILE G 3592 -57.07 83.23 57.25
C ILE G 3592 -55.69 83.11 56.62
N VAL G 3593 -55.57 83.53 55.35
CA VAL G 3593 -54.28 83.44 54.68
C VAL G 3593 -53.28 84.37 55.36
N ARG G 3594 -53.74 85.53 55.82
CA ARG G 3594 -52.84 86.43 56.54
C ARG G 3594 -52.25 85.74 57.76
N ARG G 3595 -53.11 85.12 58.58
CA ARG G 3595 -52.66 84.43 59.78
C ARG G 3595 -51.70 83.30 59.43
N VAL G 3596 -52.03 82.52 58.40
CA VAL G 3596 -51.19 81.38 58.05
C VAL G 3596 -49.81 81.85 57.61
N GLN G 3597 -49.77 82.89 56.77
CA GLN G 3597 -48.48 83.41 56.33
C GLN G 3597 -47.68 83.94 57.49
N GLU G 3598 -48.32 84.71 58.38
CA GLU G 3598 -47.61 85.28 59.51
C GLU G 3598 -47.00 84.19 60.39
N VAL G 3599 -47.79 83.17 60.72
CA VAL G 3599 -47.29 82.10 61.57
C VAL G 3599 -46.17 81.34 60.86
N SER G 3600 -46.38 81.03 59.58
CA SER G 3600 -45.43 80.19 58.85
C SER G 3600 -44.08 80.88 58.71
N ALA G 3601 -44.07 82.19 58.47
CA ALA G 3601 -42.80 82.89 58.33
C ALA G 3601 -41.92 82.68 59.56
N VAL G 3602 -42.48 82.98 60.74
CA VAL G 3602 -41.70 82.86 61.97
C VAL G 3602 -41.37 81.40 62.24
N LEU G 3603 -42.28 80.48 61.93
CA LEU G 3603 -41.99 79.07 62.14
C LEU G 3603 -40.77 78.63 61.33
N TYR G 3604 -40.76 78.97 60.03
CA TYR G 3604 -39.66 78.59 59.17
C TYR G 3604 -38.36 79.24 59.63
N HIS G 3605 -38.41 80.53 59.97
CA HIS G 3605 -37.19 81.20 60.41
C HIS G 3605 -36.66 80.60 61.70
N LEU G 3606 -37.53 80.29 62.66
CA LEU G 3606 -37.09 79.66 63.89
C LEU G 3606 -36.49 78.29 63.62
N GLU G 3607 -37.11 77.51 62.73
CA GLU G 3607 -36.56 76.20 62.41
C GLU G 3607 -35.17 76.32 61.79
N GLN G 3608 -34.97 77.31 60.92
CA GLN G 3608 -33.67 77.46 60.28
C GLN G 3608 -32.55 77.70 61.30
N THR G 3609 -32.89 78.00 62.56
CA THR G 3609 -31.89 78.21 63.59
C THR G 3609 -32.12 77.26 64.76
N GLU G 3610 -32.36 75.99 64.47
CA GLU G 3610 -32.57 75.00 65.51
C GLU G 3610 -31.34 74.86 66.40
N MET G 3638 17.36 80.59 61.01
CA MET G 3638 16.45 81.71 60.79
C MET G 3638 17.11 83.04 61.13
N THR G 3639 18.37 82.98 61.52
CA THR G 3639 19.10 84.20 61.87
C THR G 3639 19.37 85.03 60.62
N PRO G 3640 19.52 86.34 60.77
CA PRO G 3640 19.84 87.17 59.60
C PRO G 3640 21.21 86.85 59.05
N LEU G 3641 21.38 87.03 57.75
CA LEU G 3641 22.65 86.71 57.11
C LEU G 3641 23.77 87.60 57.61
N TYR G 3642 23.44 88.79 58.13
CA TYR G 3642 24.48 89.73 58.53
C TYR G 3642 25.02 89.46 59.93
N ASN G 3643 24.66 88.33 60.54
CA ASN G 3643 25.14 88.00 61.88
C ASN G 3643 26.09 86.82 61.90
N LEU G 3644 26.23 86.09 60.80
CA LEU G 3644 27.09 84.91 60.79
C LEU G 3644 28.56 85.31 60.75
N PRO G 3645 29.45 84.42 61.18
CA PRO G 3645 30.89 84.69 61.02
C PRO G 3645 31.28 84.76 59.56
N THR G 3646 32.34 85.51 59.29
CA THR G 3646 32.69 85.80 57.90
C THR G 3646 33.02 84.54 57.12
N HIS G 3647 33.77 83.62 57.73
CA HIS G 3647 34.25 82.46 56.98
C HIS G 3647 33.11 81.55 56.56
N ARG G 3648 32.11 81.35 57.43
CA ARG G 3648 30.96 80.54 57.04
C ARG G 3648 30.22 81.17 55.88
N ALA G 3649 30.03 82.49 55.92
CA ALA G 3649 29.40 83.18 54.81
C ALA G 3649 30.22 83.00 53.53
N CYS G 3650 31.54 83.06 53.64
CA CYS G 3650 32.38 82.88 52.46
C CYS G 3650 32.20 81.49 51.87
N ASN G 3651 32.15 80.46 52.72
CA ASN G 3651 31.96 79.11 52.23
C ASN G 3651 30.61 78.97 51.52
N MET G 3652 29.56 79.52 52.12
CA MET G 3652 28.25 79.46 51.50
C MET G 3652 28.25 80.20 50.17
N PHE G 3653 28.91 81.36 50.11
CA PHE G 3653 28.98 82.10 48.86
C PHE G 3653 29.69 81.30 47.79
N LEU G 3654 30.80 80.65 48.14
CA LEU G 3654 31.50 79.84 47.15
C LEU G 3654 30.61 78.73 46.63
N GLU G 3655 29.89 78.06 47.53
CA GLU G 3655 28.99 77.00 47.10
C GLU G 3655 27.96 77.55 46.12
N SER G 3656 27.29 78.63 46.48
CA SER G 3656 26.24 79.18 45.62
C SER G 3656 26.80 79.64 44.29
N TYR G 3657 27.95 80.32 44.30
CA TYR G 3657 28.52 80.82 43.06
C TYR G 3657 28.89 79.67 42.13
N LYS G 3658 29.45 78.60 42.68
CA LYS G 3658 29.76 77.44 41.84
C LYS G 3658 28.48 76.84 41.27
N ALA G 3659 27.44 76.73 42.10
CA ALA G 3659 26.21 76.08 41.65
C ALA G 3659 25.53 76.88 40.54
N ALA G 3660 25.50 78.21 40.68
CA ALA G 3660 24.66 79.03 39.81
C ALA G 3660 25.39 79.63 38.63
N TRP G 3661 26.63 80.08 38.82
CA TRP G 3661 27.32 80.87 37.81
C TRP G 3661 28.38 80.10 37.03
N ILE G 3662 28.99 79.08 37.61
CA ILE G 3662 30.11 78.41 36.97
C ILE G 3662 29.61 77.37 35.97
N LEU G 3663 28.89 76.36 36.46
CA LEU G 3663 28.53 75.25 35.58
C LEU G 3663 27.49 75.63 34.55
N THR G 3664 26.73 76.70 34.76
CA THR G 3664 25.77 77.16 33.76
C THR G 3664 26.44 77.72 32.52
N GLU G 3665 27.71 78.09 32.61
CA GLU G 3665 28.42 78.63 31.45
C GLU G 3665 28.55 77.57 30.37
N ASP G 3666 28.45 78.00 29.11
CA ASP G 3666 28.61 77.12 27.97
C ASP G 3666 29.91 77.41 27.26
N HIS G 3667 30.59 76.36 26.80
CA HIS G 3667 31.86 76.51 26.10
C HIS G 3667 32.07 75.29 25.23
N SER G 3668 32.03 75.49 23.91
CA SER G 3668 32.18 74.41 22.95
C SER G 3668 33.60 74.45 22.39
N PHE G 3669 34.33 73.35 22.54
CA PHE G 3669 35.69 73.27 22.06
C PHE G 3669 35.97 71.95 21.36
N GLU G 3670 35.03 71.00 21.45
CA GLU G 3670 35.29 69.65 20.96
C GLU G 3670 35.60 69.64 19.47
N ASP G 3671 34.80 70.37 18.68
CA ASP G 3671 35.02 70.39 17.24
C ASP G 3671 36.39 70.94 16.91
N ARG G 3672 36.76 72.05 17.55
CA ARG G 3672 38.06 72.66 17.29
C ARG G 3672 39.19 71.72 17.71
N MET G 3673 39.00 71.03 18.85
CA MET G 3673 40.03 70.12 19.41
C MET G 3673 40.22 68.92 18.48
N ILE G 3674 39.16 68.39 17.85
CA ILE G 3674 39.28 67.28 16.93
C ILE G 3674 39.88 67.75 15.61
N ASP G 3675 39.46 68.93 15.14
CA ASP G 3675 40.01 69.47 13.91
C ASP G 3675 41.51 69.68 14.03
N ASP G 3676 41.96 70.22 15.17
CA ASP G 3676 43.38 70.43 15.37
C ASP G 3676 44.14 69.11 15.42
N LEU G 3677 43.58 68.12 16.11
CA LEU G 3677 44.28 66.85 16.25
C LEU G 3677 44.28 66.03 14.97
N SER G 3678 43.39 66.33 14.03
CA SER G 3678 43.29 65.53 12.82
C SER G 3678 44.26 65.94 11.72
N LYS G 3679 44.96 67.06 11.87
CA LYS G 3679 45.87 67.52 10.84
C LYS G 3679 47.22 66.83 10.94
N ALA G 3680 48.06 67.05 9.93
CA ALA G 3680 49.42 66.54 9.91
C ALA G 3680 50.32 67.57 9.23
N GLY G 3681 51.60 67.50 9.53
CA GLY G 3681 52.58 68.41 9.00
C GLY G 3681 53.33 67.83 7.81
N GLU G 3682 54.46 68.46 7.49
CA GLU G 3682 55.30 68.03 6.39
C GLU G 3682 54.54 68.08 5.08
N LYS G 3693 52.93 55.95 5.47
CA LYS G 3693 52.65 57.12 6.28
C LYS G 3693 52.45 56.72 7.75
N LYS G 3694 52.96 57.55 8.64
CA LYS G 3694 52.81 57.29 10.06
C LYS G 3694 51.50 57.87 10.59
N PRO G 3695 50.99 57.34 11.70
CA PRO G 3695 49.70 57.83 12.20
C PRO G 3695 49.77 59.28 12.65
N ASP G 3696 48.63 59.97 12.54
CA ASP G 3696 48.51 61.32 13.06
C ASP G 3696 48.02 61.27 14.51
N PRO G 3697 48.08 62.38 15.23
CA PRO G 3697 47.87 62.32 16.69
C PRO G 3697 46.59 61.64 17.13
N LEU G 3698 45.47 61.89 16.44
CA LEU G 3698 44.22 61.25 16.83
C LEU G 3698 44.31 59.74 16.69
N HIS G 3699 44.93 59.27 15.60
CA HIS G 3699 45.14 57.85 15.43
C HIS G 3699 45.98 57.28 16.55
N GLN G 3700 47.01 58.00 16.98
CA GLN G 3700 47.86 57.51 18.07
C GLN G 3700 47.08 57.42 19.37
N LEU G 3701 46.21 58.40 19.65
CA LEU G 3701 45.40 58.35 20.85
C LEU G 3701 44.48 57.13 20.84
N VAL G 3702 43.80 56.90 19.71
CA VAL G 3702 42.91 55.75 19.61
C VAL G 3702 43.69 54.45 19.80
N LEU G 3703 44.87 54.37 19.18
CA LEU G 3703 45.68 53.16 19.31
C LEU G 3703 46.10 52.95 20.76
N HIS G 3704 46.44 54.02 21.47
CA HIS G 3704 46.82 53.88 22.87
C HIS G 3704 45.67 53.31 23.69
N PHE G 3705 44.46 53.83 23.47
CA PHE G 3705 43.32 53.32 24.24
C PHE G 3705 43.04 51.85 23.89
N SER G 3706 43.18 51.50 22.61
CA SER G 3706 43.02 50.09 22.23
C SER G 3706 44.04 49.22 22.93
N ARG G 3707 45.30 49.68 22.99
CA ARG G 3707 46.34 48.90 23.66
C ARG G 3707 45.98 48.68 25.12
N THR G 3708 45.51 49.73 25.79
CA THR G 3708 45.12 49.56 27.19
C THR G 3708 43.97 48.57 27.32
N ALA G 3709 43.01 48.62 26.40
CA ALA G 3709 41.88 47.71 26.46
C ALA G 3709 42.30 46.26 26.29
N LEU G 3710 43.25 46.00 25.38
CA LEU G 3710 43.62 44.62 25.05
C LEU G 3710 44.46 43.94 26.10
N THR G 3711 45.02 44.67 27.06
CA THR G 3711 45.88 44.04 28.06
C THR G 3711 45.09 43.01 28.87
N GLU G 3712 45.74 41.89 29.18
CA GLU G 3712 45.09 40.79 29.88
C GLU G 3712 45.08 41.10 31.38
N LYS G 3713 43.88 41.26 31.94
CA LYS G 3713 43.71 41.57 33.35
C LYS G 3713 42.40 40.99 33.85
N SER G 3714 42.29 40.87 35.17
CA SER G 3714 41.08 40.31 35.76
C SER G 3714 39.94 41.32 35.78
N LYS G 3715 40.25 42.59 36.00
CA LYS G 3715 39.24 43.63 36.13
C LYS G 3715 39.66 44.86 35.36
N LEU G 3716 38.69 45.62 34.88
CA LEU G 3716 38.96 46.86 34.15
C LEU G 3716 39.02 48.02 35.13
N ASP G 3717 40.18 48.64 35.26
CA ASP G 3717 40.34 49.75 36.17
C ASP G 3717 39.68 51.01 35.59
N GLU G 3718 39.05 51.79 36.46
CA GLU G 3718 38.40 53.02 36.03
C GLU G 3718 39.42 54.15 35.96
N ASP G 3719 39.49 54.81 34.81
CA ASP G 3719 40.38 55.96 34.63
C ASP G 3719 39.59 57.09 33.99
N TYR G 3720 39.80 58.30 34.51
CA TYR G 3720 39.00 59.44 34.09
C TYR G 3720 39.41 59.95 32.71
N LEU G 3721 40.67 59.75 32.31
CA LEU G 3721 41.12 60.28 31.04
C LEU G 3721 40.35 59.66 29.88
N TYR G 3722 40.16 58.34 29.91
CA TYR G 3722 39.41 57.69 28.85
C TYR G 3722 37.99 58.22 28.78
N MET G 3723 37.36 58.39 29.94
CA MET G 3723 35.99 58.88 29.94
C MET G 3723 35.91 60.29 29.35
N ALA G 3724 36.83 61.16 29.73
CA ALA G 3724 36.82 62.52 29.22
C ALA G 3724 37.00 62.53 27.70
N TYR G 3725 37.96 61.77 27.19
CA TYR G 3725 38.22 61.81 25.75
C TYR G 3725 37.09 61.12 24.98
N ALA G 3726 36.49 60.08 25.55
CA ALA G 3726 35.33 59.47 24.90
C ALA G 3726 34.18 60.46 24.81
N ASP G 3727 33.97 61.23 25.88
CA ASP G 3727 32.90 62.23 25.84
C ASP G 3727 33.20 63.27 24.78
N ILE G 3728 34.46 63.72 24.68
CA ILE G 3728 34.82 64.70 23.67
C ILE G 3728 34.53 64.15 22.27
N MET G 3729 35.02 62.94 21.98
CA MET G 3729 34.82 62.36 20.66
C MET G 3729 33.34 62.20 20.35
N ALA G 3730 32.56 61.74 21.32
CA ALA G 3730 31.13 61.56 21.08
C ALA G 3730 30.46 62.89 20.76
N LYS G 3731 30.79 63.94 21.51
CA LYS G 3731 30.16 65.23 21.25
C LYS G 3731 30.67 65.88 19.96
N SER G 3732 31.79 65.42 19.42
CA SER G 3732 32.28 65.99 18.17
C SER G 3732 31.35 65.68 17.01
N CYS G 3733 30.49 64.66 17.13
CA CYS G 3733 29.48 64.32 16.08
C CYS G 3733 28.11 64.87 16.51
N HIS G 3734 27.56 65.83 15.76
CA HIS G 3734 26.22 66.42 16.05
C HIS G 3734 25.17 65.31 16.02
N VAL G 3751 12.83 73.73 6.06
CA VAL G 3751 12.82 72.30 5.79
C VAL G 3751 13.16 72.04 4.33
N SER G 3752 14.07 72.85 3.78
CA SER G 3752 14.46 72.70 2.39
C SER G 3752 15.19 71.39 2.18
N PHE G 3753 15.13 70.89 0.95
CA PHE G 3753 15.83 69.65 0.62
C PHE G 3753 17.34 69.83 0.67
N GLU G 3754 17.84 70.97 0.16
CA GLU G 3754 19.28 71.17 0.08
C GLU G 3754 19.92 71.21 1.46
N GLU G 3755 19.31 71.92 2.39
CA GLU G 3755 19.89 72.02 3.73
C GLU G 3755 19.95 70.65 4.40
N LYS G 3756 18.89 69.86 4.27
CA LYS G 3756 18.87 68.55 4.92
C LYS G 3756 19.79 67.55 4.23
N GLU G 3757 20.06 67.73 2.94
CA GLU G 3757 21.06 66.90 2.28
C GLU G 3757 22.47 67.26 2.72
N MET G 3758 22.76 68.56 2.80
CA MET G 3758 24.09 68.98 3.21
C MET G 3758 24.35 68.62 4.67
N GLU G 3759 23.32 68.66 5.51
CA GLU G 3759 23.52 68.25 6.91
C GLU G 3759 23.86 66.77 6.99
N LYS G 3760 23.20 65.94 6.19
CA LYS G 3760 23.55 64.53 6.17
C LYS G 3760 24.98 64.32 5.69
N GLN G 3761 25.39 65.07 4.67
CA GLN G 3761 26.76 64.97 4.20
C GLN G 3761 27.75 65.35 5.29
N ARG G 3762 27.46 66.43 6.02
CA ARG G 3762 28.35 66.86 7.09
C ARG G 3762 28.43 65.82 8.19
N LEU G 3763 27.30 65.22 8.55
CA LEU G 3763 27.31 64.19 9.59
C LEU G 3763 28.12 62.99 9.13
N LEU G 3764 27.97 62.58 7.88
CA LEU G 3764 28.77 61.48 7.35
C LEU G 3764 30.25 61.80 7.41
N TYR G 3765 30.63 63.03 7.05
CA TYR G 3765 32.03 63.40 7.10
C TYR G 3765 32.56 63.35 8.52
N GLN G 3766 31.77 63.86 9.47
CA GLN G 3766 32.22 63.85 10.86
C GLN G 3766 32.39 62.44 11.37
N GLN G 3767 31.48 61.53 11.03
CA GLN G 3767 31.61 60.16 11.49
C GLN G 3767 32.79 59.46 10.83
N SER G 3768 33.05 59.77 9.55
CA SER G 3768 34.22 59.21 8.90
C SER G 3768 35.50 59.66 9.58
N ARG G 3769 35.56 60.95 9.94
CA ARG G 3769 36.74 61.48 10.61
C ARG G 3769 37.18 60.58 11.76
N LEU G 3770 36.25 59.91 12.43
CA LEU G 3770 36.57 59.03 13.54
C LEU G 3770 36.75 57.58 13.09
N HIS G 3771 35.79 57.04 12.35
CA HIS G 3771 35.84 55.61 12.08
C HIS G 3771 36.90 55.24 11.06
N THR G 3772 37.53 56.21 10.41
CA THR G 3772 38.67 55.88 9.55
C THR G 3772 39.94 55.63 10.35
N ARG G 3773 39.92 55.87 11.66
CA ARG G 3773 41.10 55.72 12.51
C ARG G 3773 40.92 54.65 13.57
N GLY G 3774 39.96 53.75 13.40
CA GLY G 3774 39.82 52.60 14.26
C GLY G 3774 39.06 52.84 15.55
N ALA G 3775 37.93 53.53 15.50
CA ALA G 3775 37.16 53.75 16.72
C ALA G 3775 36.19 52.60 17.00
N ALA G 3776 35.65 52.00 15.94
CA ALA G 3776 34.70 50.90 16.14
C ALA G 3776 35.34 49.72 16.84
N GLU G 3777 36.56 49.37 16.44
CA GLU G 3777 37.28 48.29 17.09
C GLU G 3777 37.53 48.62 18.55
N MET G 3778 37.87 49.88 18.85
CA MET G 3778 38.07 50.28 20.23
C MET G 3778 36.79 50.11 21.04
N VAL G 3779 35.65 50.51 20.48
CA VAL G 3779 34.39 50.36 21.20
C VAL G 3779 34.12 48.90 21.50
N LEU G 3780 34.28 48.04 20.50
CA LEU G 3780 34.02 46.62 20.71
C LEU G 3780 34.97 46.05 21.77
N GLN G 3781 36.25 46.42 21.70
CA GLN G 3781 37.22 45.90 22.66
C GLN G 3781 36.89 46.33 24.07
N MET G 3782 36.50 47.60 24.25
CA MET G 3782 36.15 48.06 25.59
C MET G 3782 34.92 47.34 26.12
N ILE G 3783 33.91 47.14 25.27
CA ILE G 3783 32.72 46.43 25.74
C ILE G 3783 33.10 45.00 26.15
N SER G 3784 33.96 44.35 25.37
CA SER G 3784 34.40 43.01 25.74
C SER G 3784 35.16 43.03 27.06
N ALA G 3785 36.00 44.03 27.27
CA ALA G 3785 36.81 44.11 28.48
C ALA G 3785 35.99 44.39 29.73
N CYS G 3786 34.88 45.10 29.62
CA CYS G 3786 34.10 45.42 30.82
C CYS G 3786 33.65 44.17 31.57
N LYS G 3787 33.49 43.04 30.87
CA LYS G 3787 33.11 41.77 31.48
C LYS G 3787 31.78 41.88 32.21
N GLY G 3788 30.83 42.60 31.64
CA GLY G 3788 29.48 42.67 32.18
C GLY G 3788 29.37 43.34 33.53
N GLU G 3789 30.12 44.39 33.78
CA GLU G 3789 30.04 45.13 35.03
C GLU G 3789 29.57 46.56 34.75
N THR G 3790 28.49 46.96 35.41
CA THR G 3790 27.98 48.31 35.22
C THR G 3790 28.95 49.34 35.76
N GLY G 3791 28.96 50.51 35.15
CA GLY G 3791 29.85 51.57 35.56
C GLY G 3791 29.83 52.70 34.56
N ALA G 3792 30.70 53.68 34.83
CA ALA G 3792 30.79 54.84 33.94
C ALA G 3792 31.50 54.51 32.65
N MET G 3793 32.46 53.58 32.69
CA MET G 3793 33.23 53.26 31.50
C MET G 3793 32.34 52.69 30.40
N VAL G 3794 31.54 51.68 30.74
CA VAL G 3794 30.66 51.06 29.75
C VAL G 3794 29.61 52.05 29.27
N SER G 3795 29.13 52.91 30.17
CA SER G 3795 28.16 53.93 29.79
C SER G 3795 28.73 54.87 28.74
N SER G 3796 29.94 55.38 28.98
CA SER G 3796 30.57 56.26 28.01
C SER G 3796 30.87 55.54 26.70
N THR G 3797 31.28 54.27 26.77
CA THR G 3797 31.53 53.51 25.56
C THR G 3797 30.26 53.37 24.73
N LEU G 3798 29.14 53.05 25.38
CA LEU G 3798 27.88 52.95 24.65
C LEU G 3798 27.48 54.28 24.05
N LYS G 3799 27.70 55.38 24.78
CA LYS G 3799 27.41 56.69 24.23
C LYS G 3799 28.22 56.95 22.97
N LEU G 3800 29.51 56.62 23.00
CA LEU G 3800 30.36 56.83 21.83
C LEU G 3800 29.89 55.97 20.66
N GLY G 3801 29.53 54.71 20.94
CA GLY G 3801 29.04 53.85 19.88
C GLY G 3801 27.77 54.40 19.24
N ILE G 3802 26.82 54.83 20.06
CA ILE G 3802 25.60 55.46 19.54
C ILE G 3802 25.96 56.64 18.65
N SER G 3803 26.83 57.51 19.15
CA SER G 3803 27.15 58.73 18.39
C SER G 3803 27.79 58.39 17.06
N ILE G 3804 28.69 57.41 17.01
CA ILE G 3804 29.37 57.10 15.76
C ILE G 3804 28.51 56.26 14.83
N LEU G 3805 27.45 55.63 15.33
CA LEU G 3805 26.63 54.72 14.54
C LEU G 3805 25.30 55.31 14.11
N ASN G 3806 25.05 56.59 14.38
CA ASN G 3806 23.75 57.18 14.09
C ASN G 3806 23.45 57.16 12.60
N GLY G 3807 22.17 57.07 12.26
CA GLY G 3807 21.74 57.12 10.88
C GLY G 3807 21.97 55.87 10.08
N GLY G 3808 22.25 54.75 10.73
CA GLY G 3808 22.47 53.50 10.02
C GLY G 3808 23.65 53.55 9.07
N ASN G 3809 24.78 54.06 9.54
CA ASN G 3809 25.99 54.12 8.73
C ASN G 3809 26.40 52.70 8.33
N ALA G 3810 26.51 52.46 7.03
CA ALA G 3810 26.79 51.10 6.56
C ALA G 3810 28.25 50.71 6.73
N GLU G 3811 29.18 51.64 6.52
CA GLU G 3811 30.59 51.30 6.64
C GLU G 3811 30.93 50.84 8.05
N VAL G 3812 30.39 51.52 9.06
CA VAL G 3812 30.67 51.15 10.44
C VAL G 3812 30.14 49.75 10.72
N GLN G 3813 28.93 49.45 10.25
CA GLN G 3813 28.37 48.13 10.46
C GLN G 3813 29.24 47.06 9.81
N GLN G 3814 29.70 47.31 8.58
CA GLN G 3814 30.53 46.34 7.89
C GLN G 3814 31.84 46.13 8.65
N LYS G 3815 32.45 47.20 9.12
CA LYS G 3815 33.72 47.07 9.84
C LYS G 3815 33.54 46.29 11.14
N MET G 3816 32.50 46.61 11.90
CA MET G 3816 32.25 45.87 13.13
C MET G 3816 32.02 44.40 12.86
N LEU G 3817 31.20 44.08 11.85
CA LEU G 3817 30.93 42.68 11.58
C LEU G 3817 32.19 41.94 11.14
N ASP G 3818 33.01 42.57 10.29
CA ASP G 3818 34.24 41.94 9.86
C ASP G 3818 35.17 41.68 11.04
N TYR G 3819 35.34 42.67 11.92
CA TYR G 3819 36.21 42.49 13.06
C TYR G 3819 35.71 41.35 13.95
N LEU G 3820 34.41 41.34 14.24
CA LEU G 3820 33.86 40.31 15.12
C LEU G 3820 34.05 38.93 14.52
N LYS G 3821 33.79 38.77 13.22
CA LYS G 3821 33.95 37.47 12.60
C LYS G 3821 35.42 37.07 12.53
N ASP G 3822 36.33 38.03 12.42
CA ASP G 3822 37.75 37.71 12.31
C ASP G 3822 38.31 37.23 13.64
N LYS G 3823 37.98 37.93 14.73
CA LYS G 3823 38.59 37.58 16.01
C LYS G 3823 38.02 36.31 16.62
N LYS G 3824 36.73 36.03 16.40
CA LYS G 3824 36.09 34.84 16.95
C LYS G 3824 36.20 34.79 18.48
N GLU G 3825 35.93 35.91 19.14
CA GLU G 3825 35.98 35.99 20.59
C GLU G 3825 34.57 36.00 21.17
N VAL G 3826 34.40 35.32 22.31
CA VAL G 3826 33.09 35.15 22.91
C VAL G 3826 32.83 36.12 24.06
N GLY G 3827 33.78 36.99 24.39
CA GLY G 3827 33.56 37.92 25.48
C GLY G 3827 32.49 38.93 25.20
N PHE G 3828 32.36 39.36 23.94
CA PHE G 3828 31.44 40.44 23.59
C PHE G 3828 30.00 40.08 23.98
N PHE G 3829 29.53 38.93 23.51
CA PHE G 3829 28.14 38.58 23.74
C PHE G 3829 27.90 38.14 25.17
N GLN G 3830 28.89 37.53 25.82
CA GLN G 3830 28.75 37.22 27.23
C GLN G 3830 28.56 38.49 28.06
N SER G 3831 29.38 39.50 27.78
CA SER G 3831 29.24 40.78 28.49
C SER G 3831 27.89 41.41 28.22
N ILE G 3832 27.43 41.36 26.96
CA ILE G 3832 26.14 41.96 26.64
C ILE G 3832 25.02 41.23 27.40
N GLN G 3833 25.09 39.91 27.44
CA GLN G 3833 24.08 39.13 28.15
C GLN G 3833 24.06 39.47 29.63
N ALA G 3834 25.24 39.57 30.24
CA ALA G 3834 25.29 39.93 31.65
C ALA G 3834 24.71 41.32 31.89
N LEU G 3835 25.07 42.27 31.03
CA LEU G 3835 24.54 43.62 31.17
C LEU G 3835 23.02 43.63 31.08
N MET G 3836 22.46 42.90 30.13
CA MET G 3836 21.01 42.83 30.04
C MET G 3836 20.40 42.21 31.29
N GLN G 3837 21.01 41.14 31.81
CA GLN G 3837 20.47 40.52 33.02
C GLN G 3837 20.55 41.44 34.22
N THR G 3838 21.46 42.42 34.22
CA THR G 3838 21.59 43.32 35.36
C THR G 3838 20.64 44.51 35.30
N CYS G 3839 19.85 44.65 34.24
CA CYS G 3839 18.97 45.81 34.11
C CYS G 3839 17.86 45.77 35.16
N SER G 3840 17.36 46.96 35.51
CA SER G 3840 16.38 47.09 36.59
C SER G 3840 14.98 47.36 36.03
N VAL G 3841 13.99 47.20 36.90
CA VAL G 3841 12.58 47.41 36.57
C VAL G 3841 11.91 48.10 37.75
N LEU G 3842 10.60 48.32 37.62
CA LEU G 3842 9.85 48.97 38.69
C LEU G 3842 9.79 48.09 39.92
N ASP G 3843 9.74 48.72 41.09
CA ASP G 3843 9.64 48.02 42.37
C ASP G 3843 8.71 48.79 43.28
N LEU G 3844 7.71 48.11 43.84
CA LEU G 3844 6.75 48.78 44.72
C LEU G 3844 7.34 49.05 46.11
N ASN G 3845 8.18 48.15 46.62
CA ASN G 3845 8.71 48.33 47.97
C ASN G 3845 9.53 49.60 48.07
N ALA G 3846 10.39 49.85 47.08
CA ALA G 3846 11.19 51.07 47.10
C ALA G 3846 10.30 52.30 47.03
N PHE G 3847 9.25 52.24 46.20
CA PHE G 3847 8.34 53.38 46.08
C PHE G 3847 7.67 53.67 47.42
N GLU G 3848 7.19 52.63 48.10
CA GLU G 3848 6.53 52.81 49.39
C GLU G 3848 7.51 53.35 50.43
N ARG G 3849 8.74 52.83 50.44
CA ARG G 3849 9.75 53.34 51.37
C ARG G 3849 10.01 54.81 51.11
N GLN G 3850 10.13 55.21 49.85
CA GLN G 3850 10.38 56.61 49.53
C GLN G 3850 9.22 57.48 49.97
N ASN G 3851 7.99 57.01 49.74
CA ASN G 3851 6.83 57.78 50.19
C ASN G 3851 6.84 57.96 51.70
N LYS G 3852 7.14 56.88 52.43
CA LYS G 3852 7.22 56.89 53.91
C LYS G 3852 8.28 57.91 54.33
N ALA G 3853 9.44 57.90 53.68
CA ALA G 3853 10.53 58.81 54.03
C ALA G 3853 10.15 60.25 53.78
N GLU G 3854 9.52 60.53 52.64
CA GLU G 3854 9.08 61.89 52.36
C GLU G 3854 7.99 62.34 53.32
N GLY G 3855 7.23 61.39 53.87
CA GLY G 3855 6.22 61.74 54.86
C GLY G 3855 6.79 62.38 56.11
N LEU G 3856 8.08 62.22 56.36
CA LEU G 3856 8.71 62.81 57.54
C LEU G 3856 9.06 64.29 57.35
N LYS G 3873 16.57 54.55 44.63
CA LYS G 3873 15.34 54.99 43.99
C LYS G 3873 14.74 53.84 43.17
N VAL G 3874 13.75 54.16 42.36
CA VAL G 3874 13.08 53.18 41.50
C VAL G 3874 13.41 53.50 40.05
N MET G 3875 14.00 52.54 39.34
CA MET G 3875 14.42 52.72 37.96
C MET G 3875 15.38 53.91 37.85
N ALA G 3876 16.48 53.81 38.59
CA ALA G 3876 17.48 54.87 38.61
C ALA G 3876 18.43 54.83 37.42
N ASP G 3877 18.45 53.73 36.66
CA ASP G 3877 19.36 53.57 35.53
C ASP G 3877 18.59 53.38 34.21
N ASP G 3878 17.47 54.08 34.04
CA ASP G 3878 16.68 53.90 32.83
C ASP G 3878 17.45 54.33 31.59
N GLU G 3879 18.19 55.45 31.67
CA GLU G 3879 18.91 55.93 30.51
C GLU G 3879 19.94 54.92 30.03
N PHE G 3880 20.59 54.19 30.96
CA PHE G 3880 21.54 53.17 30.54
C PHE G 3880 20.85 52.06 29.75
N THR G 3881 19.68 51.62 30.21
CA THR G 3881 18.95 50.59 29.49
C THR G 3881 18.54 51.08 28.11
N GLN G 3882 18.06 52.32 28.02
CA GLN G 3882 17.69 52.88 26.73
C GLN G 3882 18.89 52.92 25.81
N ASP G 3883 20.06 53.33 26.32
CA ASP G 3883 21.25 53.38 25.48
C ASP G 3883 21.65 51.99 25.00
N LEU G 3884 21.59 51.00 25.89
CA LEU G 3884 21.97 49.64 25.49
C LEU G 3884 21.07 49.15 24.36
N PHE G 3885 19.76 49.31 24.51
CA PHE G 3885 18.86 48.78 23.49
C PHE G 3885 18.91 49.60 22.21
N ARG G 3886 19.14 50.91 22.31
CA ARG G 3886 19.34 51.72 21.11
C ARG G 3886 20.59 51.28 20.36
N PHE G 3887 21.66 50.99 21.09
CA PHE G 3887 22.87 50.50 20.44
C PHE G 3887 22.62 49.18 19.73
N LEU G 3888 21.90 48.26 20.39
CA LEU G 3888 21.59 47.00 19.73
C LEU G 3888 20.74 47.21 18.48
N GLN G 3889 19.78 48.14 18.55
CA GLN G 3889 18.95 48.41 17.39
C GLN G 3889 19.77 48.96 16.23
N LEU G 3890 20.67 49.90 16.50
CA LEU G 3890 21.38 50.56 15.41
C LEU G 3890 22.25 49.61 14.61
N LEU G 3891 22.56 48.43 15.15
CA LEU G 3891 23.38 47.48 14.39
C LEU G 3891 22.59 46.88 13.23
N CYS G 3892 21.29 46.65 13.40
CA CYS G 3892 20.47 46.03 12.37
C CYS G 3892 19.75 47.03 11.48
N GLU G 3893 19.82 48.32 11.79
CA GLU G 3893 19.05 49.30 11.04
C GLU G 3893 19.47 49.33 9.58
N GLY G 3894 18.50 49.55 8.70
CA GLY G 3894 18.75 49.53 7.27
C GLY G 3894 18.53 48.19 6.62
N HIS G 3895 17.89 47.24 7.31
CA HIS G 3895 17.65 45.91 6.76
C HIS G 3895 18.96 45.19 6.46
N ASN G 3896 19.84 45.12 7.46
CA ASN G 3896 21.11 44.42 7.33
C ASN G 3896 20.90 42.96 7.67
N ASN G 3897 20.82 42.10 6.66
CA ASN G 3897 20.55 40.69 6.90
C ASN G 3897 21.69 40.01 7.63
N ASP G 3898 22.94 40.38 7.33
CA ASP G 3898 24.08 39.70 7.92
C ASP G 3898 24.07 39.84 9.44
N PHE G 3899 23.91 41.05 9.94
CA PHE G 3899 23.89 41.25 11.38
C PHE G 3899 22.64 40.65 12.01
N GLN G 3900 21.51 40.70 11.30
CA GLN G 3900 20.29 40.10 11.82
C GLN G 3900 20.47 38.61 12.04
N ASN G 3901 21.15 37.93 11.12
CA ASN G 3901 21.42 36.51 11.31
C ASN G 3901 22.50 36.27 12.36
N TYR G 3902 23.54 37.12 12.39
CA TYR G 3902 24.63 36.90 13.32
C TYR G 3902 24.15 37.01 14.76
N LEU G 3903 23.23 37.92 15.05
CA LEU G 3903 22.75 38.10 16.41
C LEU G 3903 22.06 36.86 16.96
N ARG G 3904 21.61 35.96 16.09
CA ARG G 3904 20.91 34.75 16.54
C ARG G 3904 21.88 33.60 16.79
N THR G 3905 22.87 33.43 15.92
CA THR G 3905 23.83 32.35 16.05
C THR G 3905 25.19 32.81 15.53
N GLN G 3906 26.24 32.47 16.27
CA GLN G 3906 27.62 32.72 15.86
C GLN G 3906 28.20 31.41 15.38
N THR G 3907 28.69 31.39 14.13
CA THR G 3907 29.09 30.13 13.52
C THR G 3907 30.45 29.65 14.00
N GLY G 3908 31.49 30.45 13.77
CA GLY G 3908 32.84 30.01 14.07
C GLY G 3908 33.15 29.91 15.55
N ASN G 3909 32.36 30.59 16.38
CA ASN G 3909 32.64 30.62 17.80
C ASN G 3909 32.44 29.25 18.43
N THR G 3910 33.16 29.01 19.53
CA THR G 3910 33.01 27.76 20.25
C THR G 3910 31.61 27.60 20.82
N THR G 3911 31.04 28.67 21.36
CA THR G 3911 29.68 28.65 21.91
C THR G 3911 28.87 29.75 21.25
N THR G 3912 27.56 29.72 21.51
CA THR G 3912 26.63 30.64 20.88
C THR G 3912 25.66 31.17 21.91
N ILE G 3913 25.22 32.41 21.71
CA ILE G 3913 24.24 33.07 22.56
C ILE G 3913 23.20 33.74 21.68
N ASN G 3914 21.94 33.61 22.07
CA ASN G 3914 20.83 34.18 21.32
C ASN G 3914 20.35 35.44 22.03
N ILE G 3915 20.35 36.56 21.31
CA ILE G 3915 19.99 37.84 21.92
C ILE G 3915 18.49 38.09 21.90
N ILE G 3916 17.77 37.49 20.97
CA ILE G 3916 16.32 37.70 20.91
C ILE G 3916 15.66 37.16 22.18
N ILE G 3917 16.13 36.01 22.65
CA ILE G 3917 15.58 35.42 23.86
C ILE G 3917 15.81 36.34 25.05
N CYS G 3918 17.01 36.92 25.14
CA CYS G 3918 17.29 37.85 26.23
C CYS G 3918 16.38 39.06 26.17
N THR G 3919 16.17 39.60 24.97
CA THR G 3919 15.31 40.76 24.83
C THR G 3919 13.88 40.44 25.28
N VAL G 3920 13.36 39.29 24.85
CA VAL G 3920 11.99 38.95 25.25
C VAL G 3920 11.91 38.70 26.74
N ASP G 3921 12.95 38.12 27.34
CA ASP G 3921 12.92 37.91 28.79
C ASP G 3921 12.85 39.25 29.53
N TYR G 3922 13.67 40.21 29.14
CA TYR G 3922 13.60 41.52 29.79
C TYR G 3922 12.22 42.14 29.58
N LEU G 3923 11.67 42.01 28.38
CA LEU G 3923 10.34 42.57 28.13
C LEU G 3923 9.30 41.95 29.06
N LEU G 3924 9.39 40.64 29.27
CA LEU G 3924 8.45 39.97 30.16
C LEU G 3924 8.57 40.50 31.58
N ARG G 3925 9.81 40.66 32.07
CA ARG G 3925 9.98 41.20 33.42
C ARG G 3925 9.36 42.59 33.53
N LEU G 3926 9.62 43.45 32.55
CA LEU G 3926 9.07 44.80 32.58
C LEU G 3926 7.55 44.77 32.58
N GLN G 3927 6.96 43.89 31.76
CA GLN G 3927 5.51 43.80 31.69
C GLN G 3927 4.93 43.39 33.05
N GLU G 3928 5.55 42.42 33.71
CA GLU G 3928 5.06 42.01 35.02
C GLU G 3928 5.12 43.17 36.01
N SER G 3929 6.23 43.92 35.99
CA SER G 3929 6.32 45.06 36.91
C SER G 3929 5.21 46.07 36.65
N ILE G 3930 4.94 46.37 35.38
CA ILE G 3930 3.89 47.34 35.07
C ILE G 3930 2.53 46.82 35.51
N SER G 3931 2.27 45.53 35.32
CA SER G 3931 1.00 44.96 35.77
C SER G 3931 0.84 45.10 37.27
N ASP G 3932 1.91 44.83 38.02
CA ASP G 3932 1.84 45.01 39.48
C ASP G 3932 1.53 46.46 39.84
N PHE G 3933 2.17 47.40 39.16
CA PHE G 3933 1.90 48.81 39.45
C PHE G 3933 0.44 49.15 39.20
N TYR G 3934 -0.12 48.70 38.08
CA TYR G 3934 -1.52 49.01 37.81
C TYR G 3934 -2.44 48.37 38.85
N TRP G 3935 -2.14 47.13 39.24
CA TRP G 3935 -2.95 46.49 40.27
C TRP G 3935 -2.92 47.30 41.55
N TYR G 3936 -1.75 47.82 41.93
CA TYR G 3936 -1.68 48.67 43.11
C TYR G 3936 -2.55 49.90 42.95
N TYR G 3937 -2.53 50.52 41.78
CA TYR G 3937 -3.22 51.81 41.62
C TYR G 3937 -4.69 51.69 41.21
N SER G 3938 -5.19 50.47 40.94
CA SER G 3938 -6.52 50.36 40.35
C SER G 3938 -7.60 50.89 41.28
N GLY G 3939 -7.54 50.55 42.56
CA GLY G 3939 -8.63 50.87 43.46
C GLY G 3939 -8.91 52.35 43.58
N LYS G 3940 -7.88 53.16 43.78
CA LYS G 3940 -8.06 54.60 43.86
C LYS G 3940 -8.21 55.20 42.47
N ASP G 3941 -8.66 56.45 42.42
CA ASP G 3941 -9.00 57.07 41.15
C ASP G 3941 -7.91 58.05 40.70
N VAL G 3942 -7.55 59.00 41.56
CA VAL G 3942 -6.59 60.03 41.17
C VAL G 3942 -5.18 59.46 41.19
N ILE G 3943 -4.26 60.19 40.57
CA ILE G 3943 -2.84 59.84 40.54
C ILE G 3943 -2.03 61.10 40.81
N GLU G 3944 -1.01 60.98 41.65
CA GLU G 3944 -0.14 62.10 41.94
C GLU G 3944 1.04 62.13 40.95
N GLU G 3945 1.97 63.05 41.20
CA GLU G 3945 3.05 63.29 40.25
C GLU G 3945 3.96 62.07 40.11
N GLN G 3946 4.31 61.43 41.22
CA GLN G 3946 5.30 60.36 41.17
C GLN G 3946 4.82 59.19 40.33
N GLY G 3947 3.56 58.79 40.51
CA GLY G 3947 3.02 57.71 39.70
C GLY G 3947 3.06 58.03 38.22
N LYS G 3948 2.70 59.27 37.87
CA LYS G 3948 2.70 59.66 36.46
C LYS G 3948 4.12 59.64 35.90
N ARG G 3949 5.10 60.13 36.66
CA ARG G 3949 6.47 60.12 36.18
C ARG G 3949 6.97 58.70 35.96
N ASN G 3950 6.70 57.82 36.93
CA ASN G 3950 7.14 56.43 36.79
C ASN G 3950 6.48 55.76 35.60
N PHE G 3951 5.18 56.03 35.40
CA PHE G 3951 4.48 55.46 34.26
C PHE G 3951 5.11 55.95 32.96
N SER G 3952 5.40 57.25 32.88
CA SER G 3952 5.97 57.79 31.66
C SER G 3952 7.30 57.15 31.33
N LYS G 3953 8.18 57.01 32.34
CA LYS G 3953 9.51 56.48 32.04
C LYS G 3953 9.46 54.99 31.73
N ALA G 3954 8.63 54.22 32.44
CA ALA G 3954 8.48 52.81 32.09
C ALA G 3954 7.94 52.65 30.68
N MET G 3955 6.98 53.49 30.29
CA MET G 3955 6.43 53.40 28.95
C MET G 3955 7.48 53.78 27.91
N SER G 3956 8.34 54.75 28.23
CA SER G 3956 9.42 55.09 27.30
C SER G 3956 10.35 53.90 27.08
N VAL G 3957 10.74 53.22 28.16
CA VAL G 3957 11.61 52.06 28.01
C VAL G 3957 10.90 50.97 27.19
N ALA G 3958 9.62 50.76 27.46
CA ALA G 3958 8.87 49.76 26.71
C ALA G 3958 8.83 50.10 25.23
N LYS G 3959 8.67 51.40 24.92
CA LYS G 3959 8.57 51.88 23.53
C LYS G 3959 9.92 51.66 22.83
N GLN G 3960 11.04 51.83 23.52
CA GLN G 3960 12.36 51.54 22.95
C GLN G 3960 12.52 50.05 22.68
N VAL G 3961 12.10 49.21 23.62
CA VAL G 3961 12.25 47.77 23.43
C VAL G 3961 11.41 47.30 22.25
N PHE G 3962 10.19 47.83 22.12
CA PHE G 3962 9.35 47.44 20.98
C PHE G 3962 9.98 47.84 19.67
N ASN G 3963 10.56 49.04 19.60
CA ASN G 3963 11.23 49.45 18.37
C ASN G 3963 12.39 48.53 18.04
N SER G 3964 13.17 48.14 19.05
CA SER G 3964 14.27 47.22 18.80
C SER G 3964 13.77 45.89 18.26
N LEU G 3965 12.69 45.37 18.86
CA LEU G 3965 12.15 44.10 18.38
C LEU G 3965 11.67 44.22 16.94
N THR G 3966 11.03 45.34 16.59
CA THR G 3966 10.61 45.55 15.21
C THR G 3966 11.81 45.53 14.29
N GLU G 3967 12.89 46.23 14.68
CA GLU G 3967 14.07 46.27 13.81
C GLU G 3967 14.68 44.90 13.62
N TYR G 3968 14.59 44.02 14.62
CA TYR G 3968 15.14 42.68 14.46
C TYR G 3968 14.47 41.89 13.34
N ILE G 3969 13.24 42.23 12.96
CA ILE G 3969 12.43 41.37 12.12
C ILE G 3969 12.39 41.84 10.67
N GLN G 3970 12.15 43.13 10.46
CA GLN G 3970 11.82 43.62 9.12
C GLN G 3970 12.87 43.18 8.10
N GLY G 3971 12.46 43.17 6.84
CA GLY G 3971 13.33 42.84 5.74
C GLY G 3971 12.74 41.85 4.75
N PRO G 3972 12.05 40.80 5.22
CA PRO G 3972 12.00 40.21 6.57
C PRO G 3972 13.09 39.17 6.79
N CYS G 3973 13.36 38.78 8.03
CA CYS G 3973 14.30 37.71 8.34
C CYS G 3973 13.50 36.54 8.88
N THR G 3974 13.57 35.40 8.19
CA THR G 3974 12.71 34.27 8.54
C THR G 3974 13.13 33.62 9.85
N GLY G 3975 14.44 33.44 10.05
CA GLY G 3975 14.90 32.81 11.28
C GLY G 3975 14.46 33.55 12.52
N ASN G 3976 14.55 34.88 12.50
CA ASN G 3976 14.13 35.66 13.66
C ASN G 3976 12.63 35.52 13.91
N GLN G 3977 11.83 35.54 12.85
CA GLN G 3977 10.39 35.38 13.02
C GLN G 3977 10.07 34.02 13.62
N GLN G 3978 10.72 32.97 13.13
CA GLN G 3978 10.48 31.64 13.70
C GLN G 3978 10.89 31.59 15.16
N SER G 3979 12.04 32.18 15.50
CA SER G 3979 12.47 32.18 16.90
C SER G 3979 11.46 32.90 17.77
N LEU G 3980 10.96 34.05 17.31
CA LEU G 3980 10.00 34.81 18.12
C LEU G 3980 8.68 34.05 18.26
N ALA G 3981 8.23 33.38 17.22
CA ALA G 3981 6.94 32.69 17.29
C ALA G 3981 6.93 31.64 18.40
N HIS G 3982 8.07 31.03 18.68
CA HIS G 3982 8.17 30.06 19.77
C HIS G 3982 8.60 30.68 21.09
N SER G 3983 8.74 32.00 21.14
CA SER G 3983 9.16 32.69 22.34
C SER G 3983 7.97 32.88 23.28
N ARG G 3984 8.18 33.69 24.31
CA ARG G 3984 7.18 33.93 25.34
C ARG G 3984 6.50 35.29 25.21
N LEU G 3985 6.83 36.00 24.13
CA LEU G 3985 6.33 37.36 23.86
C LEU G 3985 4.80 37.36 23.74
N TRP G 3986 4.20 36.19 23.55
CA TRP G 3986 2.72 36.05 23.47
C TRP G 3986 2.07 36.49 24.76
N ASP G 3987 2.70 36.16 25.87
CA ASP G 3987 2.14 36.44 27.23
C ASP G 3987 2.27 37.93 27.53
N ALA G 3988 3.35 38.58 27.10
CA ALA G 3988 3.60 40.01 27.27
C ALA G 3988 2.56 40.82 26.52
N VAL G 3989 2.24 40.42 25.29
CA VAL G 3989 1.23 41.13 24.52
C VAL G 3989 -0.12 41.08 25.21
N VAL G 3990 -0.47 39.91 25.77
CA VAL G 3990 -1.76 39.79 26.46
C VAL G 3990 -1.81 40.74 27.65
N GLY G 3991 -0.77 40.73 28.48
CA GLY G 3991 -0.74 41.63 29.62
C GLY G 3991 -0.84 43.08 29.20
N PHE G 3992 -0.11 43.44 28.14
CA PHE G 3992 -0.15 44.82 27.68
C PHE G 3992 -1.54 45.21 27.20
N LEU G 3993 -2.23 44.29 26.52
CA LEU G 3993 -3.60 44.57 26.09
C LEU G 3993 -4.50 44.83 27.29
N HIS G 3994 -4.41 43.98 28.31
CA HIS G 3994 -5.24 44.18 29.49
C HIS G 3994 -4.98 45.54 30.12
N VAL G 3995 -3.70 45.86 30.31
CA VAL G 3995 -3.33 47.13 30.93
C VAL G 3995 -3.82 48.30 30.10
N PHE G 3996 -3.64 48.24 28.78
CA PHE G 3996 -4.09 49.33 27.93
C PHE G 3996 -5.59 49.53 28.06
N ALA G 3997 -6.36 48.45 27.97
CA ALA G 3997 -7.81 48.60 28.06
C ALA G 3997 -8.21 49.27 29.36
N HIS G 3998 -7.73 48.76 30.48
CA HIS G 3998 -8.19 49.30 31.76
C HIS G 3998 -7.67 50.70 32.01
N MET G 3999 -6.42 50.98 31.64
CA MET G 3999 -5.90 52.33 31.78
C MET G 3999 -6.68 53.32 30.94
N MET G 4000 -7.02 52.95 29.71
CA MET G 4000 -7.79 53.86 28.87
C MET G 4000 -9.15 54.13 29.50
N MET G 4001 -9.83 53.09 29.96
CA MET G 4001 -11.11 53.30 30.61
C MET G 4001 -10.97 54.26 31.80
N LYS G 4002 -9.98 54.01 32.66
CA LYS G 4002 -9.82 54.82 33.86
C LYS G 4002 -9.49 56.28 33.53
N LEU G 4003 -8.63 56.49 32.50
CA LEU G 4003 -8.06 57.81 32.12
C LEU G 4003 -9.01 58.77 31.40
N ALA G 4004 -8.53 59.98 31.10
CA ALA G 4004 -9.24 60.97 30.26
C ALA G 4004 -10.68 61.21 30.73
N GLN G 4005 -10.99 60.99 32.01
CA GLN G 4005 -12.31 61.37 32.59
C GLN G 4005 -12.04 62.70 33.28
N ASP G 4006 -10.80 63.20 33.19
CA ASP G 4006 -10.39 64.53 33.73
C ASP G 4006 -9.20 64.96 32.87
N SER G 4007 -9.16 66.20 32.41
CA SER G 4007 -8.09 66.69 31.50
C SER G 4007 -6.76 66.85 32.24
N SER G 4008 -6.71 66.59 33.55
CA SER G 4008 -5.47 66.69 34.37
C SER G 4008 -4.35 65.84 33.78
N GLN G 4009 -4.67 64.70 33.19
CA GLN G 4009 -3.65 63.76 32.66
C GLN G 4009 -4.06 63.28 31.28
N ILE G 4010 -4.52 64.15 30.38
CA ILE G 4010 -4.81 63.72 28.99
C ILE G 4010 -3.47 63.38 28.34
N GLU G 4011 -2.38 64.04 28.75
CA GLU G 4011 -1.00 63.80 28.22
C GLU G 4011 -0.64 62.32 28.38
N LEU G 4012 -0.93 61.70 29.51
CA LEU G 4012 -0.72 60.29 29.79
C LEU G 4012 -1.46 59.41 28.80
N LEU G 4013 -2.71 59.76 28.49
CA LEU G 4013 -3.45 59.00 27.49
C LEU G 4013 -2.77 59.08 26.13
N LYS G 4014 -2.23 60.25 25.79
CA LYS G 4014 -1.54 60.40 24.52
C LYS G 4014 -0.34 59.45 24.44
N GLU G 4015 0.48 59.43 25.49
CA GLU G 4015 1.64 58.55 25.49
C GLU G 4015 1.23 57.08 25.45
N LEU G 4016 0.17 56.72 26.18
CA LEU G 4016 -0.30 55.34 26.14
C LEU G 4016 -0.73 54.95 24.74
N LEU G 4017 -1.44 55.85 24.06
CA LEU G 4017 -1.88 55.56 22.69
C LEU G 4017 -0.69 55.41 21.76
N ASP G 4018 0.34 56.24 21.93
CA ASP G 4018 1.54 56.12 21.10
C ASP G 4018 2.20 54.76 21.32
N LEU G 4019 2.33 54.33 22.57
CA LEU G 4019 2.92 53.03 22.85
C LEU G 4019 2.09 51.91 22.22
N GLN G 4020 0.77 52.03 22.28
CA GLN G 4020 -0.09 51.05 21.63
C GLN G 4020 0.16 51.00 20.14
N LYS G 4021 0.28 52.17 19.51
CA LYS G 4021 0.56 52.24 18.08
C LYS G 4021 1.85 51.49 17.75
N ASP G 4022 2.90 51.73 18.53
CA ASP G 4022 4.16 51.05 18.27
C ASP G 4022 4.04 49.54 18.44
N MET G 4023 3.32 49.09 19.47
CA MET G 4023 3.16 47.65 19.66
C MET G 4023 2.44 47.02 18.49
N VAL G 4024 1.38 47.67 18.00
CA VAL G 4024 0.64 47.08 16.89
C VAL G 4024 1.46 47.09 15.62
N VAL G 4025 2.29 48.11 15.42
CA VAL G 4025 3.18 48.10 14.27
C VAL G 4025 4.14 46.93 14.36
N MET G 4026 4.68 46.68 15.56
CA MET G 4026 5.56 45.53 15.74
C MET G 4026 4.84 44.24 15.40
N LEU G 4027 3.57 44.11 15.82
CA LEU G 4027 2.82 42.92 15.49
C LEU G 4027 2.63 42.77 13.99
N LEU G 4028 2.28 43.87 13.32
CA LEU G 4028 2.12 43.82 11.87
C LEU G 4028 3.40 43.35 11.19
N SER G 4029 4.55 43.77 11.70
CA SER G 4029 5.81 43.41 11.07
C SER G 4029 6.02 41.90 11.00
N LEU G 4030 5.34 41.13 11.86
CA LEU G 4030 5.50 39.68 11.89
C LEU G 4030 4.75 38.97 10.77
N LEU G 4031 3.89 39.67 10.04
CA LEU G 4031 3.09 39.05 8.98
C LEU G 4031 3.67 39.31 7.59
N GLU G 4032 4.86 39.88 7.50
CA GLU G 4032 5.48 40.08 6.20
C GLU G 4032 5.75 38.73 5.54
N GLY G 4033 5.38 38.61 4.27
CA GLY G 4033 5.62 37.39 3.54
C GLY G 4033 4.96 36.17 4.13
N ASN G 4034 3.71 36.28 4.56
CA ASN G 4034 3.02 35.13 5.13
C ASN G 4034 2.34 34.32 4.02
N VAL G 4035 1.87 33.14 4.39
CA VAL G 4035 1.18 32.24 3.48
C VAL G 4035 -0.16 31.88 4.10
N VAL G 4036 -1.11 31.49 3.24
CA VAL G 4036 -2.42 31.11 3.75
C VAL G 4036 -2.27 29.96 4.72
N ASN G 4037 -2.97 30.07 5.85
CA ASN G 4037 -2.90 29.08 6.92
C ASN G 4037 -1.49 28.91 7.46
N GLY G 4038 -0.72 30.00 7.52
CA GLY G 4038 0.60 29.92 8.13
C GLY G 4038 0.50 29.72 9.63
N MET G 4039 1.59 29.24 10.22
CA MET G 4039 1.60 28.96 11.65
C MET G 4039 1.56 30.23 12.48
N ILE G 4040 2.27 31.28 12.04
CA ILE G 4040 2.28 32.53 12.79
C ILE G 4040 0.88 33.12 12.86
N ALA G 4041 0.15 33.08 11.74
CA ALA G 4041 -1.21 33.60 11.75
C ALA G 4041 -2.09 32.83 12.73
N ARG G 4042 -1.93 31.50 12.77
CA ARG G 4042 -2.74 30.72 13.68
C ARG G 4042 -2.44 31.07 15.13
N GLN G 4043 -1.15 31.23 15.47
CA GLN G 4043 -0.83 31.60 16.84
C GLN G 4043 -1.35 32.99 17.19
N MET G 4044 -1.28 33.92 16.24
CA MET G 4044 -1.85 35.24 16.48
C MET G 4044 -3.34 35.15 16.74
N VAL G 4045 -4.04 34.31 15.99
CA VAL G 4045 -5.48 34.14 16.20
C VAL G 4045 -5.74 33.58 17.59
N ASP G 4046 -4.95 32.60 18.01
CA ASP G 4046 -5.13 32.06 19.36
C ASP G 4046 -4.94 33.13 20.41
N MET G 4047 -3.90 33.96 20.27
CA MET G 4047 -3.67 35.00 21.25
C MET G 4047 -4.82 36.00 21.28
N LEU G 4048 -5.36 36.34 20.11
CA LEU G 4048 -6.49 37.25 20.08
C LEU G 4048 -7.70 36.64 20.76
N VAL G 4049 -7.95 35.36 20.53
CA VAL G 4049 -9.06 34.68 21.20
C VAL G 4049 -8.87 34.78 22.71
N GLU G 4050 -7.64 34.61 23.17
CA GLU G 4050 -7.38 34.74 24.60
C GLU G 4050 -7.68 36.15 25.10
N SER G 4051 -7.27 37.18 24.36
CA SER G 4051 -7.45 38.57 24.77
C SER G 4051 -8.84 39.11 24.44
N SER G 4052 -9.74 38.23 23.97
CA SER G 4052 -11.07 38.63 23.52
C SER G 4052 -11.67 39.76 24.35
N SER G 4053 -11.74 39.61 25.68
CA SER G 4053 -12.45 40.59 26.49
C SER G 4053 -11.81 41.97 26.40
N ASN G 4054 -10.49 42.04 26.56
CA ASN G 4054 -9.82 43.34 26.54
C ASN G 4054 -9.90 43.96 25.15
N VAL G 4055 -9.75 43.16 24.10
CA VAL G 4055 -9.85 43.72 22.76
C VAL G 4055 -11.27 44.23 22.52
N GLU G 4056 -12.26 43.54 23.07
CA GLU G 4056 -13.64 44.01 22.95
C GLU G 4056 -13.82 45.35 23.64
N MET G 4057 -13.24 45.51 24.83
CA MET G 4057 -13.32 46.79 25.52
C MET G 4057 -12.67 47.90 24.69
N ILE G 4058 -11.51 47.62 24.10
CA ILE G 4058 -10.84 48.63 23.29
C ILE G 4058 -11.70 49.01 22.09
N LEU G 4059 -12.10 48.00 21.31
CA LEU G 4059 -12.94 48.22 20.11
C LEU G 4059 -14.13 49.03 20.58
N LYS G 4060 -14.64 48.67 21.75
CA LYS G 4060 -15.76 49.42 22.34
C LYS G 4060 -15.30 50.85 22.61
N PHE G 4061 -14.00 51.10 22.70
CA PHE G 4061 -13.49 52.44 23.09
C PHE G 4061 -13.37 53.36 21.87
N PHE G 4062 -13.30 52.80 20.65
CA PHE G 4062 -13.10 53.65 19.45
C PHE G 4062 -14.45 53.93 18.79
N ASP G 4063 -15.26 52.90 18.55
CA ASP G 4063 -16.53 53.12 17.79
C ASP G 4063 -17.41 54.12 18.54
N MET G 4064 -17.56 53.95 19.85
CA MET G 4064 -18.44 54.85 20.66
C MET G 4064 -18.03 56.30 20.38
N PHE G 4065 -16.74 56.62 20.53
CA PHE G 4065 -16.22 57.99 20.25
C PHE G 4065 -16.37 58.32 18.76
N LEU G 4066 -16.28 57.32 17.88
CA LEU G 4066 -16.52 57.58 16.44
C LEU G 4066 -17.98 58.01 16.23
N LYS G 4067 -18.94 57.31 16.85
CA LYS G 4067 -20.39 57.62 16.69
C LYS G 4067 -20.70 58.96 17.35
N LEU G 4068 -20.17 59.19 18.55
CA LEU G 4068 -20.38 60.49 19.19
C LEU G 4068 -20.08 61.64 18.24
N LYS G 4069 -19.11 61.45 17.36
CA LYS G 4069 -18.74 62.50 16.42
C LYS G 4069 -19.89 62.86 15.49
N ASP G 4070 -20.59 61.84 14.98
CA ASP G 4070 -21.71 62.09 14.08
C ASP G 4070 -23.01 62.44 14.82
N ILE G 4071 -23.13 62.05 16.09
CA ILE G 4071 -24.35 62.37 16.83
C ILE G 4071 -24.43 63.85 17.13
N VAL G 4072 -23.32 64.45 17.57
CA VAL G 4072 -23.32 65.87 17.90
C VAL G 4072 -23.60 66.74 16.69
N GLY G 4073 -23.25 66.27 15.50
CA GLY G 4073 -23.59 66.97 14.28
C GLY G 4073 -24.97 66.70 13.74
N SER G 4074 -25.72 65.80 14.36
CA SER G 4074 -27.05 65.48 13.89
C SER G 4074 -28.04 66.60 14.24
N GLU G 4075 -29.14 66.65 13.48
CA GLU G 4075 -30.15 67.66 13.71
C GLU G 4075 -30.91 67.40 15.02
N ALA G 4076 -31.12 66.14 15.36
CA ALA G 4076 -31.84 65.82 16.59
C ALA G 4076 -31.08 66.29 17.83
N PHE G 4077 -29.75 66.13 17.83
CA PHE G 4077 -28.96 66.58 18.96
C PHE G 4077 -29.01 68.10 19.10
N GLN G 4078 -28.96 68.82 17.97
CA GLN G 4078 -28.99 70.28 18.02
C GLN G 4078 -30.31 70.81 18.57
N ASP G 4079 -31.39 70.03 18.47
CA ASP G 4079 -32.66 70.44 19.06
C ASP G 4079 -32.57 70.57 20.58
N TYR G 4080 -31.76 69.73 21.23
CA TYR G 4080 -31.59 69.82 22.67
C TYR G 4080 -30.70 70.98 23.09
N VAL G 4081 -29.71 71.33 22.26
CA VAL G 4081 -28.79 72.42 22.59
C VAL G 4081 -29.57 73.73 22.58
N THR G 4082 -29.76 74.32 23.75
CA THR G 4082 -30.47 75.59 23.88
C THR G 4082 -29.58 76.74 24.34
N ASP G 4083 -28.43 76.46 24.93
CA ASP G 4083 -27.54 77.51 25.40
C ASP G 4083 -26.97 78.27 24.21
N PRO G 4084 -27.09 79.61 24.17
CA PRO G 4084 -26.52 80.36 23.05
C PRO G 4084 -25.02 80.23 22.93
N ARG G 4085 -24.32 79.95 24.04
CA ARG G 4085 -22.87 79.82 23.99
C ARG G 4085 -22.41 78.57 23.24
N GLY G 4086 -23.32 77.63 22.99
CA GLY G 4086 -22.98 76.39 22.34
C GLY G 4086 -22.64 75.25 23.27
N LEU G 4087 -23.10 75.30 24.52
CA LEU G 4087 -22.85 74.25 25.51
C LEU G 4087 -24.13 73.46 25.73
N ILE G 4088 -24.01 72.40 26.53
CA ILE G 4088 -25.15 71.54 26.85
C ILE G 4088 -24.94 70.96 28.24
N SER G 4089 -26.00 70.93 29.04
CA SER G 4089 -25.91 70.41 30.39
C SER G 4089 -25.85 68.88 30.36
N LYS G 4090 -25.33 68.31 31.45
CA LYS G 4090 -25.22 66.85 31.55
C LYS G 4090 -26.58 66.19 31.50
N LYS G 4091 -27.57 66.77 32.20
CA LYS G 4091 -28.93 66.23 32.14
C LYS G 4091 -29.48 66.32 30.72
N ASP G 4092 -29.26 67.45 30.04
CA ASP G 4092 -29.66 67.57 28.65
C ASP G 4092 -28.87 66.62 27.77
N PHE G 4093 -27.58 66.45 28.06
CA PHE G 4093 -26.77 65.48 27.32
C PHE G 4093 -27.28 64.06 27.56
N GLN G 4094 -27.69 63.77 28.79
CA GLN G 4094 -28.19 62.43 29.11
C GLN G 4094 -29.44 62.11 28.29
N LYS G 4095 -30.38 63.06 28.21
CA LYS G 4095 -31.61 62.80 27.46
C LYS G 4095 -31.38 62.92 25.96
N ALA G 4096 -30.29 63.53 25.53
CA ALA G 4096 -29.99 63.60 24.10
C ALA G 4096 -29.48 62.26 23.58
N MET G 4097 -28.59 61.60 24.35
CA MET G 4097 -27.94 60.40 23.85
C MET G 4097 -28.90 59.21 23.80
N ASP G 4098 -29.68 59.01 24.86
CA ASP G 4098 -30.60 57.88 24.88
C ASP G 4098 -31.76 58.05 23.90
N SER G 4099 -32.02 59.28 23.44
CA SER G 4099 -32.99 59.49 22.39
C SER G 4099 -32.49 59.00 21.04
N GLN G 4100 -31.16 58.91 20.87
CA GLN G 4100 -30.59 58.36 19.64
C GLN G 4100 -30.68 56.84 19.59
N LYS G 4101 -30.89 56.18 20.73
CA LYS G 4101 -30.99 54.73 20.82
C LYS G 4101 -29.77 54.02 20.23
N GLN G 4102 -28.58 54.59 20.44
CA GLN G 4102 -27.34 53.99 19.98
C GLN G 4102 -26.41 53.56 21.10
N PHE G 4103 -26.50 54.19 22.27
CA PHE G 4103 -25.69 53.83 23.42
C PHE G 4103 -26.57 53.22 24.50
N THR G 4104 -25.94 52.49 25.41
CA THR G 4104 -26.63 51.88 26.53
C THR G 4104 -26.49 52.76 27.77
N GLY G 4105 -26.96 52.25 28.90
CA GLY G 4105 -26.89 52.96 30.15
C GLY G 4105 -25.47 53.29 30.58
N PRO G 4106 -24.65 52.26 30.81
CA PRO G 4106 -23.25 52.51 31.21
C PRO G 4106 -22.47 53.31 30.19
N GLU G 4107 -22.74 53.13 28.90
CA GLU G 4107 -21.98 53.86 27.88
C GLU G 4107 -22.22 55.35 27.97
N ILE G 4108 -23.48 55.76 28.20
CA ILE G 4108 -23.78 57.19 28.36
C ILE G 4108 -23.11 57.73 29.61
N GLN G 4109 -23.13 56.97 30.70
CA GLN G 4109 -22.48 57.41 31.93
C GLN G 4109 -20.98 57.57 31.74
N PHE G 4110 -20.36 56.64 31.00
CA PHE G 4110 -18.93 56.76 30.72
C PHE G 4110 -18.64 58.00 29.89
N LEU G 4111 -19.49 58.30 28.91
CA LEU G 4111 -19.30 59.51 28.10
C LEU G 4111 -19.44 60.76 28.96
N LEU G 4112 -20.35 60.75 29.92
CA LEU G 4112 -20.48 61.88 30.83
C LEU G 4112 -19.20 62.09 31.65
N SER G 4113 -18.61 60.99 32.12
CA SER G 4113 -17.36 61.11 32.86
C SER G 4113 -16.23 61.65 32.00
N CYS G 4114 -16.16 61.19 30.75
CA CYS G 4114 -15.12 61.69 29.84
C CYS G 4114 -15.32 63.15 29.48
N SER G 4115 -16.58 63.59 29.42
CA SER G 4115 -16.85 64.99 29.11
C SER G 4115 -16.35 65.88 30.23
N GLU G 4116 -15.62 66.93 29.88
CA GLU G 4116 -15.04 67.85 30.86
C GLU G 4116 -16.07 68.91 31.27
N ALA G 4117 -17.10 68.45 31.96
CA ALA G 4117 -18.13 69.36 32.44
C ALA G 4117 -17.57 70.31 33.49
N ASP G 4118 -17.97 71.57 33.40
CA ASP G 4118 -17.49 72.59 34.33
C ASP G 4118 -18.28 72.50 35.63
N GLU G 4119 -18.13 73.51 36.49
CA GLU G 4119 -18.87 73.54 37.74
C GLU G 4119 -20.36 73.72 37.52
N ASN G 4120 -20.77 74.21 36.36
CA ASN G 4120 -22.17 74.38 36.01
C ASN G 4120 -22.71 73.20 35.20
N GLU G 4121 -21.97 72.10 35.15
CA GLU G 4121 -22.36 70.88 34.42
C GLU G 4121 -22.57 71.17 32.94
N MET G 4122 -21.86 72.15 32.39
CA MET G 4122 -21.97 72.47 30.97
C MET G 4122 -20.87 71.75 30.20
N ILE G 4123 -21.24 71.19 29.06
CA ILE G 4123 -20.33 70.36 28.26
C ILE G 4123 -20.12 71.04 26.92
N ASN G 4124 -18.86 71.24 26.56
CA ASN G 4124 -18.50 71.76 25.24
C ASN G 4124 -18.40 70.55 24.31
N PHE G 4125 -19.53 70.17 23.71
CA PHE G 4125 -19.58 68.96 22.90
C PHE G 4125 -18.79 69.11 21.60
N GLU G 4126 -18.50 70.34 21.17
CA GLU G 4126 -17.70 70.51 19.95
C GLU G 4126 -16.29 69.97 20.13
N GLU G 4127 -15.63 70.36 21.22
CA GLU G 4127 -14.29 69.85 21.50
C GLU G 4127 -14.32 68.43 22.04
N PHE G 4128 -15.41 68.04 22.70
CA PHE G 4128 -15.53 66.69 23.23
C PHE G 4128 -15.51 65.66 22.11
N ALA G 4129 -16.24 65.93 21.03
CA ALA G 4129 -16.29 64.97 19.93
C ALA G 4129 -14.94 64.87 19.21
N ASN G 4130 -14.24 65.99 19.08
CA ASN G 4130 -12.97 66.03 18.34
C ASN G 4130 -11.76 65.76 19.22
N ARG G 4131 -11.97 65.47 20.51
CA ARG G 4131 -10.83 65.29 21.41
C ARG G 4131 -10.00 64.06 21.06
N PHE G 4132 -10.66 62.96 20.73
CA PHE G 4132 -9.98 61.69 20.49
C PHE G 4132 -9.94 61.28 19.03
N GLN G 4133 -10.51 62.08 18.12
CA GLN G 4133 -10.56 61.69 16.72
C GLN G 4133 -9.16 61.61 16.12
N GLU G 4134 -8.32 62.59 16.41
CA GLU G 4134 -6.97 62.63 15.85
C GLU G 4134 -6.01 61.68 16.58
N PRO G 4135 -5.88 61.74 17.93
CA PRO G 4135 -4.90 60.93 18.64
C PRO G 4135 -5.24 59.43 18.58
N ALA G 4136 -6.46 59.11 18.17
CA ALA G 4136 -6.89 57.68 18.16
C ALA G 4136 -7.21 57.24 16.73
N ARG G 4137 -7.16 58.14 15.74
CA ARG G 4137 -7.40 57.74 14.32
C ARG G 4137 -6.33 56.73 13.94
N ASP G 4138 -5.05 57.01 14.19
CA ASP G 4138 -3.92 56.13 13.79
C ASP G 4138 -4.16 54.70 14.25
N ILE G 4139 -4.42 54.46 15.54
CA ILE G 4139 -4.57 53.13 16.11
C ILE G 4139 -5.76 52.41 15.50
N GLY G 4140 -6.85 53.14 15.24
CA GLY G 4140 -7.99 52.51 14.59
C GLY G 4140 -7.63 51.96 13.22
N PHE G 4141 -6.93 52.76 12.42
CA PHE G 4141 -6.55 52.29 11.09
C PHE G 4141 -5.65 51.07 11.18
N ASN G 4142 -4.68 51.09 12.10
CA ASN G 4142 -3.75 49.97 12.18
C ASN G 4142 -4.43 48.70 12.64
N VAL G 4143 -5.32 48.79 13.64
CA VAL G 4143 -6.01 47.58 14.08
C VAL G 4143 -6.94 47.08 12.99
N ALA G 4144 -7.57 47.98 12.24
CA ALA G 4144 -8.39 47.54 11.11
C ALA G 4144 -7.56 46.78 10.09
N VAL G 4145 -6.37 47.29 9.77
CA VAL G 4145 -5.50 46.60 8.81
C VAL G 4145 -5.13 45.23 9.34
N LEU G 4146 -4.80 45.14 10.62
CA LEU G 4146 -4.42 43.86 11.20
C LEU G 4146 -5.55 42.85 11.07
N LEU G 4147 -6.77 43.26 11.44
CA LEU G 4147 -7.90 42.32 11.36
C LEU G 4147 -8.17 41.92 9.93
N THR G 4148 -8.12 42.86 8.99
CA THR G 4148 -8.36 42.53 7.59
C THR G 4148 -7.34 41.51 7.08
N ASN G 4149 -6.07 41.74 7.37
CA ASN G 4149 -5.04 40.81 6.93
C ASN G 4149 -5.24 39.43 7.53
N LEU G 4150 -5.53 39.37 8.83
CA LEU G 4150 -5.75 38.08 9.47
C LEU G 4150 -6.92 37.34 8.83
N SER G 4151 -8.03 38.04 8.60
CA SER G 4151 -9.18 37.38 8.00
C SER G 4151 -8.89 36.93 6.59
N GLU G 4152 -8.09 37.69 5.84
CA GLU G 4152 -7.79 37.31 4.47
C GLU G 4152 -6.87 36.09 4.40
N HIS G 4153 -5.97 35.92 5.36
CA HIS G 4153 -5.02 34.81 5.30
C HIS G 4153 -5.44 33.59 6.10
N VAL G 4154 -6.53 33.65 6.86
CA VAL G 4154 -7.03 32.49 7.60
C VAL G 4154 -8.55 32.46 7.45
N PRO G 4155 -9.08 32.10 6.30
CA PRO G 4155 -10.50 32.35 6.03
C PRO G 4155 -11.47 31.38 6.68
N HIS G 4156 -11.02 30.16 7.00
CA HIS G 4156 -11.93 29.12 7.42
C HIS G 4156 -12.17 29.08 8.93
N ASP G 4157 -11.46 29.87 9.71
CA ASP G 4157 -11.60 29.80 11.16
C ASP G 4157 -12.91 30.46 11.59
N PRO G 4158 -13.77 29.78 12.36
CA PRO G 4158 -15.03 30.40 12.76
C PRO G 4158 -14.88 31.41 13.89
N ARG G 4159 -13.88 31.27 14.74
CA ARG G 4159 -13.74 32.17 15.88
C ARG G 4159 -13.49 33.60 15.43
N LEU G 4160 -12.68 33.77 14.38
CA LEU G 4160 -12.37 35.11 13.91
C LEU G 4160 -13.62 35.83 13.41
N ARG G 4161 -14.67 35.08 13.08
CA ARG G 4161 -15.90 35.70 12.60
C ARG G 4161 -16.51 36.60 13.66
N ASN G 4162 -16.49 36.16 14.92
CA ASN G 4162 -17.06 36.98 15.98
C ASN G 4162 -16.32 38.30 16.10
N PHE G 4163 -14.99 38.28 16.05
CA PHE G 4163 -14.23 39.51 16.08
C PHE G 4163 -14.59 40.40 14.91
N LEU G 4164 -14.63 39.82 13.70
CA LEU G 4164 -14.98 40.63 12.54
C LEU G 4164 -16.36 41.25 12.69
N GLU G 4165 -17.27 40.55 13.38
CA GLU G 4165 -18.60 41.11 13.61
C GLU G 4165 -18.58 42.23 14.64
N LEU G 4166 -17.71 42.12 15.66
CA LEU G 4166 -17.66 43.16 16.68
C LEU G 4166 -17.00 44.44 16.17
N ALA G 4167 -16.16 44.35 15.15
CA ALA G 4167 -15.42 45.48 14.64
C ALA G 4167 -16.01 46.08 13.37
N GLU G 4168 -17.25 45.70 13.02
CA GLU G 4168 -17.82 46.15 11.76
C GLU G 4168 -17.88 47.68 11.69
N SER G 4169 -18.03 48.35 12.82
CA SER G 4169 -18.17 49.80 12.80
C SER G 4169 -16.90 50.46 12.27
N ILE G 4170 -15.75 50.14 12.87
CA ILE G 4170 -14.51 50.76 12.42
C ILE G 4170 -14.13 50.27 11.03
N LEU G 4171 -14.39 49.01 10.74
CA LEU G 4171 -14.10 48.49 9.40
C LEU G 4171 -14.88 49.25 8.34
N GLU G 4172 -16.14 49.56 8.63
CA GLU G 4172 -16.93 50.34 7.68
C GLU G 4172 -16.43 51.78 7.62
N TYR G 4173 -16.06 52.36 8.77
CA TYR G 4173 -15.62 53.74 8.77
C TYR G 4173 -14.35 53.91 7.94
N PHE G 4174 -13.42 52.97 8.04
CA PHE G 4174 -12.14 53.08 7.34
C PHE G 4174 -12.16 52.43 5.96
N ARG G 4175 -13.28 51.90 5.52
CA ARG G 4175 -13.32 51.21 4.23
C ARG G 4175 -12.81 52.05 3.07
N PRO G 4176 -13.26 53.30 2.88
CA PRO G 4176 -12.78 54.07 1.73
C PRO G 4176 -11.31 54.39 1.76
N TYR G 4177 -10.67 54.38 2.94
CA TYR G 4177 -9.28 54.82 3.05
C TYR G 4177 -8.28 53.67 3.09
N LEU G 4178 -8.71 52.43 2.95
CA LEU G 4178 -7.81 51.29 3.01
C LEU G 4178 -7.63 50.73 1.61
N GLY G 4179 -6.41 50.79 1.10
CA GLY G 4179 -6.09 50.30 -0.23
C GLY G 4179 -5.20 49.08 -0.19
N ARG G 4180 -5.38 48.19 -1.16
CA ARG G 4180 -4.61 46.96 -1.24
C ARG G 4180 -4.19 46.70 -2.68
N ILE G 4181 -3.05 46.05 -2.85
CA ILE G 4181 -2.52 45.70 -4.16
C ILE G 4181 -1.81 44.35 -4.06
N GLU G 4182 -1.28 43.90 -5.18
CA GLU G 4182 -0.52 42.66 -5.26
C GLU G 4182 0.78 42.91 -6.01
N ILE G 4183 1.81 42.14 -5.67
CA ILE G 4183 3.12 42.24 -6.31
C ILE G 4183 3.78 40.88 -6.33
N MET G 4184 4.82 40.77 -7.15
CA MET G 4184 5.61 39.55 -7.25
C MET G 4184 6.78 39.69 -6.29
N GLY G 4185 6.65 39.10 -5.12
CA GLY G 4185 7.61 39.31 -4.06
C GLY G 4185 8.98 38.76 -4.40
N ALA G 4186 9.95 39.11 -3.54
CA ALA G 4186 11.32 38.66 -3.74
C ALA G 4186 11.45 37.15 -3.64
N SER G 4187 10.60 36.50 -2.86
CA SER G 4187 10.65 35.06 -2.68
C SER G 4187 10.01 34.29 -3.82
N ARG G 4188 9.75 34.95 -4.95
CA ARG G 4188 9.09 34.31 -6.09
C ARG G 4188 7.68 33.88 -5.72
N ARG G 4189 6.94 34.78 -5.06
CA ARG G 4189 5.59 34.49 -4.60
C ARG G 4189 4.76 35.75 -4.68
N ILE G 4190 3.46 35.59 -4.84
CA ILE G 4190 2.54 36.72 -4.85
C ILE G 4190 2.24 37.13 -3.42
N GLU G 4191 2.04 38.42 -3.21
CA GLU G 4191 1.82 38.96 -1.88
C GLU G 4191 0.84 40.12 -1.97
N ARG G 4192 0.25 40.47 -0.83
CA ARG G 4192 -0.65 41.61 -0.74
C ARG G 4192 -0.05 42.67 0.16
N ILE G 4193 -0.32 43.93 -0.15
CA ILE G 4193 0.21 45.06 0.58
C ILE G 4193 -0.95 45.99 0.93
N TYR G 4194 -1.02 46.38 2.20
CA TYR G 4194 -2.07 47.27 2.69
C TYR G 4194 -1.46 48.60 3.10
N PHE G 4195 -2.08 49.69 2.67
CA PHE G 4195 -1.55 51.02 2.92
C PHE G 4195 -2.70 52.00 3.11
N GLU G 4196 -2.35 53.25 3.39
CA GLU G 4196 -3.31 54.29 3.71
C GLU G 4196 -3.47 55.24 2.53
N ILE G 4197 -4.70 55.69 2.31
CA ILE G 4197 -5.02 56.64 1.25
C ILE G 4197 -5.58 57.90 1.89
N SER G 4198 -4.96 59.04 1.61
CA SER G 4198 -5.45 60.30 2.14
C SER G 4198 -6.77 60.69 1.47
N GLU G 4199 -7.62 61.36 2.25
CA GLU G 4199 -8.93 61.74 1.73
C GLU G 4199 -8.82 62.71 0.57
N THR G 4200 -7.90 63.68 0.67
CA THR G 4200 -7.80 64.70 -0.37
C THR G 4200 -7.45 64.08 -1.72
N ASN G 4201 -6.55 63.10 -1.73
CA ASN G 4201 -6.19 62.46 -2.98
C ASN G 4201 -7.37 61.75 -3.61
N ARG G 4202 -8.13 61.01 -2.81
CA ARG G 4202 -9.31 60.32 -3.34
C ARG G 4202 -10.31 61.32 -3.88
N ALA G 4203 -10.49 62.43 -3.18
CA ALA G 4203 -11.40 63.46 -3.67
C ALA G 4203 -10.94 63.99 -5.02
N GLN G 4204 -9.66 64.35 -5.11
CA GLN G 4204 -9.15 64.97 -6.33
C GLN G 4204 -9.14 64.01 -7.50
N TRP G 4205 -9.12 62.70 -7.23
CA TRP G 4205 -9.08 61.73 -8.31
C TRP G 4205 -10.41 61.66 -9.07
N GLU G 4206 -11.45 62.36 -8.61
CA GLU G 4206 -12.79 62.16 -9.14
C GLU G 4206 -13.24 63.25 -10.10
N MET G 4207 -12.41 64.25 -10.38
CA MET G 4207 -12.83 65.30 -11.30
C MET G 4207 -13.09 64.71 -12.69
N PRO G 4208 -14.02 65.29 -13.43
CA PRO G 4208 -14.29 64.74 -14.77
C PRO G 4208 -13.11 64.84 -15.73
N GLN G 4209 -12.28 65.87 -15.62
CA GLN G 4209 -11.18 66.02 -16.57
C GLN G 4209 -10.18 64.89 -16.44
N VAL G 4210 -9.85 64.49 -15.21
CA VAL G 4210 -8.92 63.40 -15.01
C VAL G 4210 -9.53 62.09 -15.52
N LYS G 4211 -10.83 61.91 -15.33
CA LYS G 4211 -11.48 60.72 -15.86
C LYS G 4211 -11.42 60.68 -17.38
N GLU G 4212 -11.63 61.83 -18.03
CA GLU G 4212 -11.52 61.89 -19.48
C GLU G 4212 -10.11 61.58 -19.93
N SER G 4213 -9.11 62.11 -19.22
CA SER G 4213 -7.72 61.80 -19.56
C SER G 4213 -7.44 60.31 -19.43
N LYS G 4214 -7.95 59.68 -18.37
CA LYS G 4214 -7.76 58.25 -18.20
C LYS G 4214 -8.42 57.48 -19.33
N ARG G 4215 -9.63 57.88 -19.71
CA ARG G 4215 -10.31 57.20 -20.81
C ARG G 4215 -9.50 57.30 -22.09
N GLN G 4216 -8.96 58.50 -22.36
CA GLN G 4216 -8.15 58.68 -23.56
C GLN G 4216 -6.90 57.81 -23.51
N PHE G 4217 -6.25 57.74 -22.35
CA PHE G 4217 -5.05 56.93 -22.22
C PHE G 4217 -5.37 55.46 -22.50
N ILE G 4218 -6.45 54.95 -21.93
CA ILE G 4218 -6.81 53.55 -22.14
C ILE G 4218 -7.11 53.31 -23.61
N PHE G 4219 -7.86 54.23 -24.24
CA PHE G 4219 -8.15 54.08 -25.66
C PHE G 4219 -6.88 53.99 -26.46
N ASP G 4220 -5.94 54.90 -26.22
CA ASP G 4220 -4.69 54.90 -26.99
C ASP G 4220 -3.93 53.60 -26.79
N VAL G 4221 -3.78 53.17 -25.54
CA VAL G 4221 -3.00 51.98 -25.25
C VAL G 4221 -3.61 50.76 -25.92
N VAL G 4222 -4.92 50.60 -25.80
CA VAL G 4222 -5.57 49.43 -26.39
C VAL G 4222 -5.51 49.48 -27.91
N ASN G 4223 -5.66 50.68 -28.49
CA ASN G 4223 -5.70 50.79 -29.94
C ASN G 4223 -4.35 50.51 -30.57
N GLU G 4224 -3.28 51.07 -29.99
CA GLU G 4224 -1.95 50.91 -30.60
C GLU G 4224 -0.86 50.54 -29.61
N GLY G 4225 -1.13 50.54 -28.31
CA GLY G 4225 -0.08 50.26 -27.35
C GLY G 4225 0.53 48.89 -27.55
N GLY G 4226 1.85 48.82 -27.40
CA GLY G 4226 2.54 47.56 -27.50
C GLY G 4226 2.28 46.66 -26.30
N GLU G 4227 2.47 45.36 -26.50
CA GLU G 4227 2.20 44.41 -25.43
C GLU G 4227 3.36 44.33 -24.44
N ALA G 4228 4.54 44.84 -24.81
CA ALA G 4228 5.71 44.74 -23.95
C ALA G 4228 5.88 45.98 -23.08
N GLU G 4229 5.87 47.15 -23.68
CA GLU G 4229 6.15 48.39 -22.98
C GLU G 4229 4.92 48.99 -22.30
N LYS G 4230 3.87 48.18 -22.07
CA LYS G 4230 2.65 48.73 -21.50
C LYS G 4230 2.89 49.30 -20.12
N MET G 4231 3.69 48.62 -19.30
CA MET G 4231 3.91 49.08 -17.94
C MET G 4231 4.65 50.42 -17.93
N GLU G 4232 5.58 50.64 -18.85
CA GLU G 4232 6.25 51.93 -18.92
C GLU G 4232 5.26 53.04 -19.20
N LEU G 4233 4.35 52.83 -20.14
CA LEU G 4233 3.33 53.82 -20.43
C LEU G 4233 2.45 54.06 -19.21
N PHE G 4234 2.09 52.99 -18.52
CA PHE G 4234 1.24 53.13 -17.34
C PHE G 4234 1.92 53.99 -16.27
N VAL G 4235 3.19 53.73 -16.00
CA VAL G 4235 3.87 54.50 -14.97
C VAL G 4235 4.06 55.95 -15.40
N SER G 4236 4.33 56.19 -16.68
CA SER G 4236 4.41 57.58 -17.15
C SER G 4236 3.07 58.30 -16.95
N PHE G 4237 1.97 57.61 -17.26
CA PHE G 4237 0.65 58.20 -17.05
C PHE G 4237 0.44 58.52 -15.57
N CYS G 4238 0.84 57.60 -14.70
CA CYS G 4238 0.70 57.85 -13.26
C CYS G 4238 1.48 59.09 -12.83
N GLU G 4239 2.71 59.23 -13.33
CA GLU G 4239 3.52 60.39 -12.97
C GLU G 4239 2.85 61.68 -13.44
N ASP G 4240 2.35 61.69 -14.67
CA ASP G 4240 1.68 62.89 -15.17
C ASP G 4240 0.46 63.23 -14.32
N THR G 4241 -0.33 62.22 -13.96
CA THR G 4241 -1.50 62.48 -13.13
C THR G 4241 -1.11 63.03 -11.77
N ILE G 4242 -0.03 62.51 -11.19
CA ILE G 4242 0.42 63.03 -9.90
C ILE G 4242 0.81 64.49 -10.01
N PHE G 4243 1.53 64.84 -11.08
CA PHE G 4243 1.92 66.24 -11.24
C PHE G 4243 0.70 67.14 -11.40
N GLU G 4244 -0.28 66.69 -12.18
CA GLU G 4244 -1.50 67.46 -12.33
C GLU G 4244 -2.20 67.65 -11.00
N MET G 4245 -2.25 66.60 -10.18
CA MET G 4245 -2.87 66.73 -8.86
C MET G 4245 -2.13 67.76 -8.03
N GLN G 4246 -0.80 67.74 -8.08
CA GLN G 4246 -0.04 68.74 -7.33
C GLN G 4246 -0.39 70.15 -7.77
N ILE G 4247 -0.45 70.39 -9.08
CA ILE G 4247 -0.76 71.73 -9.56
C ILE G 4247 -2.16 72.14 -9.12
N ALA G 4248 -3.13 71.26 -9.28
CA ALA G 4248 -4.50 71.60 -8.93
C ALA G 4248 -4.63 71.91 -7.44
N ALA G 4249 -3.98 71.11 -6.60
CA ALA G 4249 -3.99 71.42 -5.17
C ALA G 4249 -3.33 72.76 -4.90
N GLN G 4250 -2.28 73.09 -5.66
CA GLN G 4250 -1.59 74.35 -5.43
C GLN G 4250 -2.48 75.55 -5.72
N ILE G 4251 -3.13 75.57 -6.89
CA ILE G 4251 -3.88 76.77 -7.27
C ILE G 4251 -5.07 77.01 -6.35
N SER G 4252 -5.82 75.99 -5.98
CA SER G 4252 -7.00 76.20 -5.15
C SER G 4252 -6.59 76.71 -3.77
N GLU G 4253 -7.44 77.56 -3.20
CA GLU G 4253 -7.16 78.15 -1.90
C GLU G 4253 -7.58 77.21 -0.77
N GLY G 4542 5.82 95.40 -2.16
CA GLY G 4542 5.41 94.94 -0.84
C GLY G 4542 4.32 93.90 -0.90
N GLU G 4543 3.07 94.33 -0.71
CA GLU G 4543 1.93 93.42 -0.74
C GLU G 4543 1.43 93.16 -2.15
N LEU G 4544 2.05 93.77 -3.16
CA LEU G 4544 1.63 93.54 -4.53
C LEU G 4544 1.69 92.06 -4.90
N GLU G 4545 2.58 91.31 -4.26
CA GLU G 4545 2.71 89.89 -4.58
C GLU G 4545 1.44 89.14 -4.25
N VAL G 4546 0.78 89.50 -3.13
CA VAL G 4546 -0.46 88.83 -2.76
C VAL G 4546 -1.51 89.04 -3.85
N GLN G 4547 -1.67 90.28 -4.31
CA GLN G 4547 -2.63 90.55 -5.37
C GLN G 4547 -2.24 89.83 -6.65
N ARG G 4548 -0.95 89.79 -6.96
CA ARG G 4548 -0.51 89.11 -8.18
C ARG G 4548 -0.87 87.64 -8.15
N VAL G 4549 -0.57 86.96 -7.04
CA VAL G 4549 -0.85 85.54 -6.96
C VAL G 4549 -2.36 85.29 -6.93
N LYS G 4550 -3.11 86.15 -6.24
CA LYS G 4550 -4.56 86.02 -6.27
C LYS G 4550 -5.09 86.11 -7.70
N PHE G 4551 -4.63 87.10 -8.45
CA PHE G 4551 -5.09 87.29 -9.82
C PHE G 4551 -4.72 86.09 -10.69
N LEU G 4552 -3.47 85.62 -10.57
CA LEU G 4552 -3.04 84.50 -11.40
C LEU G 4552 -3.82 83.23 -11.06
N ASN G 4553 -4.06 82.97 -9.78
CA ASN G 4553 -4.85 81.79 -9.42
C ASN G 4553 -6.28 81.92 -9.94
N TYR G 4554 -6.87 83.11 -9.84
CA TYR G 4554 -8.22 83.29 -10.36
C TYR G 4554 -8.26 83.03 -11.86
N LEU G 4555 -7.25 83.51 -12.59
CA LEU G 4555 -7.20 83.25 -14.02
C LEU G 4555 -7.06 81.76 -14.30
N SER G 4556 -6.21 81.07 -13.55
CA SER G 4556 -5.98 79.65 -13.82
C SER G 4556 -7.20 78.81 -13.50
N ARG G 4557 -8.00 79.24 -12.51
CA ARG G 4557 -9.16 78.44 -12.14
C ARG G 4557 -10.29 78.55 -13.15
N ASN G 4558 -10.33 79.61 -13.95
CA ASN G 4558 -11.44 79.87 -14.84
C ASN G 4558 -11.02 79.95 -16.30
N PHE G 4559 -10.18 79.02 -16.76
CA PHE G 4559 -9.72 79.05 -18.15
C PHE G 4559 -10.87 78.76 -19.12
N TYR G 4560 -11.60 77.68 -18.88
CA TYR G 4560 -12.64 77.27 -19.81
C TYR G 4560 -13.82 78.22 -19.84
N THR G 4561 -14.16 78.82 -18.70
CA THR G 4561 -15.21 79.84 -18.69
C THR G 4561 -14.82 81.00 -19.59
N LEU G 4562 -13.56 81.44 -19.51
CA LEU G 4562 -13.10 82.52 -20.37
C LEU G 4562 -13.17 82.13 -21.84
N ARG G 4563 -12.79 80.88 -22.16
CA ARG G 4563 -12.88 80.44 -23.55
C ARG G 4563 -14.31 80.49 -24.06
N PHE G 4564 -15.26 79.98 -23.25
CA PHE G 4564 -16.66 80.01 -23.66
C PHE G 4564 -17.14 81.44 -23.83
N LEU G 4565 -16.73 82.33 -22.94
CA LEU G 4565 -17.13 83.73 -23.06
C LEU G 4565 -16.60 84.34 -24.35
N ALA G 4566 -15.37 84.01 -24.71
CA ALA G 4566 -14.81 84.53 -25.97
C ALA G 4566 -15.62 84.05 -27.15
N LEU G 4567 -16.00 82.77 -27.16
CA LEU G 4567 -16.82 82.27 -28.26
C LEU G 4567 -18.15 83.01 -28.33
N PHE G 4568 -18.80 83.22 -27.19
CA PHE G 4568 -20.08 83.91 -27.18
C PHE G 4568 -19.95 85.33 -27.71
N LEU G 4569 -18.90 86.04 -27.30
CA LEU G 4569 -18.70 87.41 -27.79
C LEU G 4569 -18.47 87.42 -29.30
N ALA G 4570 -17.70 86.46 -29.81
CA ALA G 4570 -17.49 86.40 -31.25
C ALA G 4570 -18.80 86.21 -31.98
N PHE G 4571 -19.66 85.32 -31.49
CA PHE G 4571 -20.96 85.12 -32.13
C PHE G 4571 -21.78 86.40 -32.10
N ALA G 4572 -21.79 87.11 -30.97
CA ALA G 4572 -22.57 88.35 -30.88
C ALA G 4572 -22.08 89.38 -31.89
N ILE G 4573 -20.77 89.56 -31.99
CA ILE G 4573 -20.23 90.54 -32.93
C ILE G 4573 -20.60 90.17 -34.35
N ASN G 4574 -20.46 88.90 -34.70
CA ASN G 4574 -20.76 88.50 -36.07
C ASN G 4574 -22.24 88.64 -36.38
N PHE G 4575 -23.12 88.39 -35.41
CA PHE G 4575 -24.54 88.64 -35.64
C PHE G 4575 -24.79 90.11 -35.90
N ILE G 4576 -24.17 91.00 -35.11
CA ILE G 4576 -24.40 92.43 -35.31
C ILE G 4576 -23.89 92.86 -36.67
N LEU G 4577 -22.85 92.20 -37.18
CA LEU G 4577 -22.28 92.62 -38.46
C LEU G 4577 -23.22 92.38 -39.64
N LEU G 4578 -24.32 91.65 -39.44
CA LEU G 4578 -25.22 91.36 -40.56
C LEU G 4578 -25.97 92.58 -41.05
N PHE G 4579 -25.91 93.71 -40.37
CA PHE G 4579 -26.68 94.89 -40.72
C PHE G 4579 -25.89 95.90 -41.52
N TYR G 4580 -24.73 95.53 -42.05
CA TYR G 4580 -23.92 96.49 -42.77
C TYR G 4580 -24.53 96.79 -44.13
N LYS G 4581 -24.10 97.92 -44.71
CA LYS G 4581 -24.62 98.40 -45.98
C LYS G 4581 -23.53 99.22 -46.66
N VAL G 4582 -23.65 99.36 -47.97
CA VAL G 4582 -22.71 100.13 -48.78
C VAL G 4582 -23.48 101.12 -49.63
N SER G 4583 -22.94 102.33 -49.78
CA SER G 4583 -23.58 103.37 -50.57
C SER G 4583 -22.52 104.37 -50.99
N ASP G 4584 -22.88 105.20 -51.97
CA ASP G 4584 -21.97 106.22 -52.49
C ASP G 4584 -21.80 107.40 -51.55
N SER G 4585 -22.80 107.72 -50.72
CA SER G 4585 -22.72 108.81 -49.78
C SER G 4585 -23.42 108.40 -48.49
N PRO G 4586 -23.04 108.99 -47.34
CA PRO G 4586 -23.72 108.63 -46.10
C PRO G 4586 -25.20 109.03 -46.08
N MET G 4627 -15.42 107.31 -54.24
CA MET G 4627 -15.30 106.09 -53.46
C MET G 4627 -16.64 105.74 -52.82
N VAL G 4628 -16.65 104.71 -51.98
CA VAL G 4628 -17.88 104.18 -51.41
C VAL G 4628 -17.78 104.19 -49.89
N TYR G 4629 -18.93 104.19 -49.24
CA TYR G 4629 -19.03 104.25 -47.78
C TYR G 4629 -19.66 102.97 -47.25
N TYR G 4630 -19.11 102.47 -46.14
CA TYR G 4630 -19.70 101.36 -45.40
C TYR G 4630 -20.24 101.89 -44.09
N PHE G 4631 -21.47 101.50 -43.76
CA PHE G 4631 -22.08 101.97 -42.52
C PHE G 4631 -23.20 101.03 -42.13
N LEU G 4632 -23.53 101.06 -40.84
CA LEU G 4632 -24.63 100.27 -40.32
C LEU G 4632 -25.97 100.90 -40.68
N GLU G 4633 -27.05 100.15 -40.47
CA GLU G 4633 -28.39 100.61 -40.82
C GLU G 4633 -29.39 99.90 -39.93
N GLU G 4634 -29.86 100.59 -38.90
CA GLU G 4634 -30.86 100.07 -37.99
C GLU G 4634 -31.67 101.22 -37.40
N SER G 4635 -32.88 100.91 -36.96
CA SER G 4635 -33.77 101.93 -36.40
C SER G 4635 -33.38 102.31 -34.97
N THR G 4636 -33.00 101.33 -34.15
CA THR G 4636 -32.77 101.59 -32.74
C THR G 4636 -31.63 102.57 -32.50
N GLY G 4637 -30.54 102.42 -33.23
CA GLY G 4637 -29.36 103.24 -32.99
C GLY G 4637 -28.48 102.77 -31.87
N TYR G 4638 -28.76 101.60 -31.28
CA TYR G 4638 -28.02 101.11 -30.13
C TYR G 4638 -26.98 100.06 -30.47
N MET G 4639 -26.84 99.66 -31.73
CA MET G 4639 -25.85 98.63 -32.05
C MET G 4639 -24.50 99.23 -32.40
N GLU G 4640 -24.46 100.43 -32.96
CA GLU G 4640 -23.17 101.06 -33.23
C GLU G 4640 -22.38 101.26 -31.95
N PRO G 4641 -22.95 101.82 -30.87
CA PRO G 4641 -22.18 101.88 -29.62
C PRO G 4641 -21.81 100.51 -29.07
N ALA G 4642 -22.70 99.53 -29.21
CA ALA G 4642 -22.46 98.22 -28.62
C ALA G 4642 -21.29 97.52 -29.30
N LEU G 4643 -21.12 97.74 -30.59
CA LEU G 4643 -20.05 97.07 -31.32
C LEU G 4643 -18.68 97.44 -30.75
N TRP G 4644 -18.47 98.71 -30.44
CA TRP G 4644 -17.20 99.16 -29.89
C TRP G 4644 -16.89 98.45 -28.58
N CYS G 4645 -17.86 98.42 -27.67
CA CYS G 4645 -17.66 97.78 -26.37
C CYS G 4645 -17.39 96.30 -26.55
N LEU G 4646 -18.15 95.63 -27.42
CA LEU G 4646 -17.95 94.20 -27.62
C LEU G 4646 -16.55 93.93 -28.17
N SER G 4647 -16.07 94.76 -29.08
CA SER G 4647 -14.72 94.57 -29.60
C SER G 4647 -13.67 94.68 -28.50
N LEU G 4648 -13.76 95.74 -27.69
CA LEU G 4648 -12.78 95.90 -26.62
C LEU G 4648 -12.83 94.72 -25.66
N LEU G 4649 -14.03 94.30 -25.29
CA LEU G 4649 -14.17 93.19 -24.35
C LEU G 4649 -13.58 91.91 -24.94
N HIS G 4650 -13.82 91.66 -26.22
CA HIS G 4650 -13.27 90.46 -26.85
C HIS G 4650 -11.75 90.46 -26.80
N THR G 4651 -11.13 91.60 -27.13
CA THR G 4651 -9.67 91.65 -27.08
C THR G 4651 -9.16 91.38 -25.67
N LEU G 4652 -9.79 91.99 -24.67
CA LEU G 4652 -9.35 91.80 -23.29
C LEU G 4652 -9.46 90.32 -22.89
N VAL G 4653 -10.59 89.69 -23.24
CA VAL G 4653 -10.79 88.30 -22.85
C VAL G 4653 -9.77 87.40 -23.53
N ALA G 4654 -9.44 87.68 -24.80
CA ALA G 4654 -8.43 86.87 -25.46
C ALA G 4654 -7.08 86.99 -24.75
N PHE G 4655 -6.70 88.20 -24.36
CA PHE G 4655 -5.43 88.36 -23.65
C PHE G 4655 -5.43 87.59 -22.33
N LEU G 4656 -6.54 87.68 -21.59
CA LEU G 4656 -6.63 86.95 -20.33
C LEU G 4656 -6.53 85.44 -20.56
N CYS G 4657 -7.13 84.95 -21.65
CA CYS G 4657 -7.03 83.53 -21.96
C CYS G 4657 -5.57 83.13 -22.20
N ILE G 4658 -4.83 83.96 -22.93
CA ILE G 4658 -3.42 83.66 -23.15
C ILE G 4658 -2.68 83.55 -21.83
N ILE G 4659 -2.89 84.53 -20.94
CA ILE G 4659 -2.18 84.51 -19.66
C ILE G 4659 -2.55 83.27 -18.86
N GLY G 4660 -3.85 82.94 -18.81
CA GLY G 4660 -4.28 81.77 -18.08
C GLY G 4660 -3.65 80.49 -18.58
N TYR G 4661 -3.64 80.31 -19.91
CA TYR G 4661 -3.00 79.12 -20.46
C TYR G 4661 -1.53 79.08 -20.07
N ASN G 4662 -0.84 80.22 -20.18
CA ASN G 4662 0.57 80.23 -19.84
C ASN G 4662 0.78 79.81 -18.39
N CYS G 4663 -0.15 80.18 -17.50
CA CYS G 4663 0.02 79.87 -16.09
C CYS G 4663 -0.56 78.53 -15.68
N LEU G 4664 -1.25 77.81 -16.56
CA LEU G 4664 -1.90 76.56 -16.19
C LEU G 4664 -1.31 75.32 -16.86
N LYS G 4665 -0.96 75.41 -18.14
CA LYS G 4665 -0.61 74.21 -18.91
C LYS G 4665 0.87 74.11 -19.26
N VAL G 4666 1.62 75.21 -19.20
CA VAL G 4666 3.05 75.14 -19.50
C VAL G 4666 3.78 74.20 -18.56
N PRO G 4667 3.56 74.22 -17.24
CA PRO G 4667 4.38 73.38 -16.36
C PRO G 4667 4.35 71.91 -16.74
N LEU G 4668 3.23 71.37 -17.20
CA LEU G 4668 3.22 69.96 -17.60
C LEU G 4668 4.14 69.73 -18.78
N VAL G 4669 4.14 70.63 -19.76
CA VAL G 4669 5.00 70.47 -20.92
C VAL G 4669 6.46 70.49 -20.49
N ILE G 4670 6.82 71.44 -19.63
CA ILE G 4670 8.20 71.50 -19.16
C ILE G 4670 8.57 70.24 -18.39
N PHE G 4671 7.65 69.77 -17.53
CA PHE G 4671 7.90 68.57 -16.76
C PHE G 4671 8.19 67.39 -17.68
N LYS G 4672 7.37 67.21 -18.70
CA LYS G 4672 7.57 66.07 -19.60
C LYS G 4672 8.88 66.20 -20.37
N ARG G 4673 9.21 67.39 -20.86
CA ARG G 4673 10.48 67.55 -21.58
C ARG G 4673 11.66 67.21 -20.68
N GLU G 4674 11.65 67.72 -19.45
CA GLU G 4674 12.75 67.46 -18.54
C GLU G 4674 12.85 65.98 -18.21
N LYS G 4675 11.70 65.33 -17.98
CA LYS G 4675 11.70 63.91 -17.66
C LYS G 4675 12.34 63.09 -18.76
N GLU G 4676 11.87 63.29 -20.01
CA GLU G 4676 12.46 62.54 -21.12
C GLU G 4676 13.95 62.85 -21.27
N LEU G 4677 14.35 64.11 -21.13
CA LEU G 4677 15.77 64.42 -21.30
C LEU G 4677 16.60 63.69 -20.25
N ALA G 4678 16.16 63.72 -18.99
CA ALA G 4678 16.92 63.06 -17.94
C ALA G 4678 16.99 61.55 -18.18
N ARG G 4679 15.87 60.95 -18.56
CA ARG G 4679 15.86 59.50 -18.79
C ARG G 4679 16.82 59.13 -19.90
N LYS G 4680 16.77 59.84 -21.02
CA LYS G 4680 17.67 59.52 -22.13
C LYS G 4680 19.13 59.71 -21.72
N LEU G 4681 19.44 60.82 -21.05
CA LEU G 4681 20.82 61.05 -20.63
C LEU G 4681 21.31 59.91 -19.74
N GLU G 4682 20.50 59.53 -18.76
CA GLU G 4682 20.98 58.56 -17.76
C GLU G 4682 21.09 57.16 -18.34
N PHE G 4683 20.08 56.71 -19.09
CA PHE G 4683 20.04 55.32 -19.51
C PHE G 4683 20.61 55.08 -20.90
N ASP G 4684 21.00 56.12 -21.65
CA ASP G 4684 21.55 55.94 -22.98
C ASP G 4684 22.82 56.74 -23.23
N GLY G 4685 23.21 57.64 -22.34
CA GLY G 4685 24.37 58.46 -22.62
C GLY G 4685 24.25 59.23 -23.92
N LEU G 4686 23.08 59.84 -24.16
CA LEU G 4686 22.80 60.43 -25.46
C LEU G 4686 23.89 61.39 -25.89
N TYR G 4687 24.37 62.27 -25.00
CA TYR G 4687 25.51 63.17 -25.34
C TYR G 4687 26.86 62.49 -25.05
N ILE G 4688 26.97 61.71 -23.97
CA ILE G 4688 28.22 61.05 -23.52
C ILE G 4688 28.77 60.10 -24.58
N THR G 4689 27.96 59.14 -25.04
CA THR G 4689 28.40 58.07 -25.98
C THR G 4689 27.85 58.35 -27.37
N GLU G 4690 26.53 58.46 -27.52
CA GLU G 4690 25.87 58.77 -28.82
C GLU G 4690 26.11 60.24 -29.12
N GLN G 4691 25.62 60.73 -30.26
CA GLN G 4691 25.72 62.17 -30.64
C GLN G 4691 24.65 62.41 -31.71
N PRO G 4692 23.40 62.78 -31.35
CA PRO G 4692 22.31 62.95 -32.32
C PRO G 4692 22.75 63.88 -33.45
N GLY G 4693 22.52 63.52 -34.72
CA GLY G 4693 22.84 64.34 -35.86
C GLY G 4693 21.95 65.57 -35.97
N ASP G 4694 22.26 66.40 -36.96
CA ASP G 4694 21.54 67.66 -37.15
C ASP G 4694 20.07 67.46 -37.48
N ASP G 4695 19.66 66.26 -37.90
CA ASP G 4695 18.26 66.04 -38.24
C ASP G 4695 17.36 66.23 -37.04
N ASP G 4696 17.76 65.73 -35.87
CA ASP G 4696 16.96 65.85 -34.66
C ASP G 4696 17.14 67.25 -34.09
N VAL G 4697 16.26 68.17 -34.49
CA VAL G 4697 16.34 69.54 -33.99
C VAL G 4697 16.09 69.58 -32.50
N LYS G 4698 15.25 68.70 -31.98
CA LYS G 4698 14.96 68.69 -30.55
C LYS G 4698 16.22 68.47 -29.73
N GLY G 4699 17.05 67.51 -30.14
CA GLY G 4699 18.29 67.26 -29.42
C GLY G 4699 19.24 68.44 -29.51
N GLN G 4700 19.36 69.04 -30.69
CA GLN G 4700 20.21 70.22 -30.82
C GLN G 4700 19.77 71.31 -29.88
N TRP G 4701 18.47 71.61 -29.83
CA TRP G 4701 17.99 72.65 -28.94
C TRP G 4701 18.23 72.28 -27.48
N ASP G 4702 17.95 71.03 -27.11
CA ASP G 4702 18.15 70.60 -25.73
C ASP G 4702 19.60 70.70 -25.31
N ARG G 4703 20.53 70.58 -26.24
CA ARG G 4703 21.94 70.71 -25.89
C ARG G 4703 22.22 71.98 -25.10
N LEU G 4704 21.35 72.98 -25.20
CA LEU G 4704 21.62 74.29 -24.60
C LEU G 4704 21.40 74.29 -23.10
N VAL G 4705 20.59 73.40 -22.57
CA VAL G 4705 20.23 73.46 -21.15
C VAL G 4705 21.11 72.59 -20.26
N LEU G 4706 21.92 71.69 -20.84
CA LEU G 4706 22.61 70.69 -20.05
C LEU G 4706 23.41 71.33 -18.91
N ASN G 4707 24.23 72.33 -19.22
CA ASN G 4707 25.15 72.87 -18.24
C ASN G 4707 24.56 73.99 -17.42
N THR G 4708 23.25 74.08 -17.30
CA THR G 4708 22.64 75.13 -16.49
C THR G 4708 22.61 74.71 -15.02
N PRO G 4709 22.57 75.67 -14.10
CA PRO G 4709 22.55 75.33 -12.68
C PRO G 4709 21.17 75.03 -12.12
N SER G 4710 20.12 75.04 -12.95
CA SER G 4710 18.77 74.76 -12.49
C SER G 4710 18.03 73.81 -13.41
N PHE G 4711 18.75 72.90 -14.08
CA PHE G 4711 18.14 72.04 -15.09
C PHE G 4711 16.94 71.25 -14.60
N PRO G 4712 17.00 70.52 -13.49
CA PRO G 4712 15.80 69.80 -13.03
C PRO G 4712 14.87 70.70 -12.22
N SER G 4713 14.35 71.75 -12.89
CA SER G 4713 13.53 72.72 -12.19
C SER G 4713 12.16 72.17 -11.83
N ASN G 4714 11.50 71.48 -12.77
CA ASN G 4714 10.16 70.93 -12.54
C ASN G 4714 10.18 69.46 -12.17
N TYR G 4715 10.96 68.64 -12.88
CA TYR G 4715 11.11 67.25 -12.50
C TYR G 4715 11.71 67.16 -11.09
N TRP G 4716 11.17 66.25 -10.29
CA TRP G 4716 11.47 66.27 -8.86
C TRP G 4716 12.74 65.52 -8.49
N ASP G 4717 13.43 64.90 -9.45
CA ASP G 4717 14.65 64.16 -9.16
C ASP G 4717 15.83 65.11 -9.27
N LYS G 4718 16.45 65.43 -8.13
CA LYS G 4718 17.54 66.45 -8.08
C LYS G 4718 18.91 65.78 -8.17
N PHE G 4719 18.99 64.43 -8.25
CA PHE G 4719 20.27 63.74 -8.25
C PHE G 4719 20.64 63.17 -9.61
N VAL G 4720 20.05 63.68 -10.70
CA VAL G 4720 20.35 63.15 -12.02
C VAL G 4720 21.83 63.32 -12.33
N LYS G 4721 22.38 64.51 -12.05
CA LYS G 4721 23.77 64.77 -12.37
C LYS G 4721 24.71 63.83 -11.63
N ARG G 4722 24.46 63.64 -10.33
CA ARG G 4722 25.32 62.75 -9.55
C ARG G 4722 25.26 61.33 -10.08
N LYS G 4723 24.06 60.85 -10.41
CA LYS G 4723 23.94 59.48 -10.92
C LYS G 4723 24.68 59.32 -12.24
N VAL G 4724 24.50 60.27 -13.16
CA VAL G 4724 25.17 60.17 -14.44
C VAL G 4724 26.69 60.19 -14.25
N LEU G 4725 27.17 61.08 -13.39
CA LEU G 4725 28.60 61.14 -13.12
C LEU G 4725 29.10 59.81 -12.58
N ASP G 4726 28.47 59.31 -11.52
CA ASP G 4726 28.91 58.04 -10.94
C ASP G 4726 28.89 56.93 -11.97
N LYS G 4727 27.96 56.98 -12.93
CA LYS G 4727 27.88 55.91 -13.91
C LYS G 4727 28.98 56.00 -14.95
N HIS G 4728 29.31 57.19 -15.44
CA HIS G 4728 30.13 57.31 -16.64
C HIS G 4728 31.49 57.96 -16.46
N GLY G 4729 31.79 58.55 -15.30
CA GLY G 4729 33.00 59.32 -15.15
C GLY G 4729 34.28 58.52 -15.33
N ASP G 4730 34.34 57.31 -14.78
CA ASP G 4730 35.57 56.53 -14.86
C ASP G 4730 35.96 56.26 -16.31
N ILE G 4731 35.00 55.84 -17.13
CA ILE G 4731 35.29 55.54 -18.52
C ILE G 4731 35.57 56.83 -19.29
N PHE G 4732 34.73 57.84 -19.11
CA PHE G 4732 34.80 59.04 -19.94
C PHE G 4732 35.46 60.22 -19.23
N GLY G 4733 35.99 60.02 -18.03
CA GLY G 4733 36.73 61.07 -17.37
C GLY G 4733 35.84 61.97 -16.55
N ARG G 4734 36.03 62.01 -15.22
CA ARG G 4734 35.16 62.80 -14.31
C ARG G 4734 35.45 64.29 -14.53
N GLU G 4735 36.55 64.63 -15.18
CA GLU G 4735 36.90 66.04 -15.54
C GLU G 4735 36.16 66.44 -16.80
N ARG G 4736 35.89 65.51 -17.73
CA ARG G 4736 35.18 65.80 -19.00
C ARG G 4736 33.69 66.01 -18.68
N ILE G 4737 33.11 65.18 -17.80
CA ILE G 4737 31.70 65.24 -17.46
C ILE G 4737 31.40 66.47 -16.61
N ALA G 4738 32.28 66.79 -15.66
CA ALA G 4738 32.08 68.00 -14.87
C ALA G 4738 32.04 69.23 -15.76
N GLU G 4739 32.91 69.30 -16.76
CA GLU G 4739 32.88 70.41 -17.70
C GLU G 4739 31.57 70.43 -18.48
N LEU G 4740 31.12 69.26 -18.92
CA LEU G 4740 29.92 69.21 -19.75
C LEU G 4740 28.69 69.64 -18.97
N LEU G 4741 28.58 69.23 -17.71
CA LEU G 4741 27.39 69.48 -16.91
C LEU G 4741 27.54 70.64 -15.94
N GLY G 4742 28.61 71.43 -16.07
CA GLY G 4742 28.81 72.55 -15.19
C GLY G 4742 28.69 72.19 -13.73
N MET G 4743 29.61 71.36 -13.24
CA MET G 4743 29.58 70.87 -11.87
C MET G 4743 30.97 70.97 -11.28
N ASP G 4744 31.02 71.19 -9.97
CA ASP G 4744 32.28 71.29 -9.25
C ASP G 4744 32.68 69.91 -8.74
N LEU G 4745 33.79 69.39 -9.24
CA LEU G 4745 34.30 68.11 -8.76
C LEU G 4745 34.65 68.17 -7.28
N ALA G 4746 35.17 69.30 -6.80
CA ALA G 4746 35.53 69.43 -5.39
C ALA G 4746 34.35 69.22 -4.46
N SER G 4747 33.12 69.44 -4.94
CA SER G 4747 31.94 69.26 -4.12
C SER G 4747 30.76 68.80 -4.97
N THR G 4766 19.45 92.07 -5.98
CA THR G 4766 17.99 91.85 -5.92
C THR G 4766 17.58 90.89 -7.06
N TRP G 4767 16.55 91.27 -7.83
CA TRP G 4767 16.15 90.42 -8.98
C TRP G 4767 16.94 90.81 -10.23
N LEU G 4768 18.07 91.52 -10.05
CA LEU G 4768 18.96 91.79 -11.21
C LEU G 4768 19.66 90.46 -11.48
N MET G 4769 20.43 89.96 -10.50
CA MET G 4769 21.01 88.60 -10.63
C MET G 4769 19.91 87.64 -10.15
N SER G 4770 20.18 86.33 -9.97
CA SER G 4770 19.23 85.28 -9.52
C SER G 4770 18.37 84.81 -10.70
N ILE G 4771 18.57 85.36 -11.91
CA ILE G 4771 17.86 84.92 -13.13
C ILE G 4771 18.89 84.20 -14.00
N ASP G 4772 18.61 82.99 -14.44
CA ASP G 4772 19.53 82.26 -15.34
C ASP G 4772 19.02 82.58 -16.73
N VAL G 4773 19.79 83.35 -17.48
CA VAL G 4773 19.36 83.81 -18.81
C VAL G 4773 19.22 82.55 -19.65
N LYS G 4774 20.11 81.59 -19.52
CA LYS G 4774 20.13 80.38 -20.37
C LYS G 4774 18.90 79.48 -20.13
N TYR G 4775 18.42 79.25 -18.91
CA TYR G 4775 17.29 78.35 -18.69
C TYR G 4775 16.00 79.00 -19.19
N GLN G 4776 15.82 80.29 -18.92
CA GLN G 4776 14.62 80.97 -19.39
C GLN G 4776 14.56 80.97 -20.91
N ILE G 4777 15.70 81.19 -21.57
CA ILE G 4777 15.72 81.18 -23.03
C ILE G 4777 15.31 79.82 -23.54
N TRP G 4778 15.85 78.75 -22.95
CA TRP G 4778 15.49 77.41 -23.38
C TRP G 4778 14.00 77.17 -23.19
N LYS G 4779 13.46 77.57 -22.04
CA LYS G 4779 12.05 77.31 -21.78
C LYS G 4779 11.16 78.08 -22.75
N PHE G 4780 11.51 79.33 -23.06
CA PHE G 4780 10.71 80.09 -24.01
C PHE G 4780 10.80 79.47 -25.39
N GLY G 4781 11.98 79.00 -25.79
CA GLY G 4781 12.09 78.29 -27.05
C GLY G 4781 11.22 77.05 -27.10
N VAL G 4782 11.12 76.32 -25.99
CA VAL G 4782 10.23 75.17 -25.95
C VAL G 4782 8.78 75.61 -26.08
N ILE G 4783 8.40 76.67 -25.37
CA ILE G 4783 7.01 77.11 -25.36
C ILE G 4783 6.58 77.54 -26.75
N PHE G 4784 7.42 78.32 -27.43
CA PHE G 4784 7.01 78.90 -28.70
C PHE G 4784 6.86 77.88 -29.82
N THR G 4785 6.99 76.59 -29.53
CA THR G 4785 6.74 75.55 -30.53
C THR G 4785 5.48 74.74 -30.24
N ASP G 4786 4.89 74.89 -29.06
CA ASP G 4786 3.66 74.17 -28.75
C ASP G 4786 2.53 74.63 -29.67
N ASN G 4787 1.65 73.70 -30.03
CA ASN G 4787 0.58 74.04 -30.97
C ASN G 4787 -0.46 74.93 -30.32
N SER G 4788 -0.85 74.63 -29.09
CA SER G 4788 -1.90 75.41 -28.44
C SER G 4788 -1.48 76.86 -28.25
N PHE G 4789 -0.22 77.09 -27.86
CA PHE G 4789 0.25 78.45 -27.69
C PHE G 4789 0.19 79.22 -29.00
N LEU G 4790 0.61 78.59 -30.10
CA LEU G 4790 0.53 79.26 -31.38
C LEU G 4790 -0.91 79.55 -31.77
N TYR G 4791 -1.81 78.62 -31.48
CA TYR G 4791 -3.22 78.86 -31.79
C TYR G 4791 -3.75 80.06 -31.03
N LEU G 4792 -3.42 80.17 -29.74
CA LEU G 4792 -3.88 81.30 -28.96
C LEU G 4792 -3.25 82.61 -29.46
N GLY G 4793 -1.99 82.56 -29.87
CA GLY G 4793 -1.37 83.75 -30.42
C GLY G 4793 -2.04 84.22 -31.69
N TRP G 4794 -2.39 83.27 -32.56
CA TRP G 4794 -3.12 83.62 -33.78
C TRP G 4794 -4.48 84.22 -33.43
N TYR G 4795 -5.16 83.65 -32.44
CA TYR G 4795 -6.40 84.24 -31.96
C TYR G 4795 -6.19 85.71 -31.56
N MET G 4796 -5.13 85.97 -30.80
CA MET G 4796 -4.87 87.33 -30.34
C MET G 4796 -4.60 88.28 -31.51
N VAL G 4797 -3.77 87.86 -32.47
CA VAL G 4797 -3.43 88.77 -33.56
C VAL G 4797 -4.66 89.04 -34.42
N MET G 4798 -5.50 88.02 -34.63
CA MET G 4798 -6.74 88.28 -35.35
C MET G 4798 -7.63 89.26 -34.60
N SER G 4799 -7.73 89.10 -33.28
CA SER G 4799 -8.54 90.04 -32.51
C SER G 4799 -8.01 91.46 -32.64
N LEU G 4800 -6.68 91.62 -32.57
CA LEU G 4800 -6.11 92.96 -32.71
C LEU G 4800 -6.39 93.54 -34.09
N LEU G 4801 -6.23 92.73 -35.14
CA LEU G 4801 -6.54 93.21 -36.49
C LEU G 4801 -8.01 93.57 -36.63
N GLY G 4802 -8.87 92.97 -35.81
CA GLY G 4802 -10.29 93.28 -35.87
C GLY G 4802 -10.59 94.75 -35.71
N HIS G 4803 -9.77 95.49 -34.95
CA HIS G 4803 -10.02 96.91 -34.76
C HIS G 4803 -9.65 97.74 -35.97
N TYR G 4804 -8.73 97.27 -36.81
CA TYR G 4804 -8.41 97.99 -38.03
C TYR G 4804 -9.51 97.86 -39.07
N ASN G 4805 -10.22 96.73 -39.06
CA ASN G 4805 -11.34 96.51 -39.97
C ASN G 4805 -12.25 95.48 -39.32
N ASN G 4806 -13.51 95.86 -39.09
CA ASN G 4806 -14.39 95.05 -38.26
C ASN G 4806 -14.69 93.69 -38.86
N PHE G 4807 -14.40 93.48 -40.15
CA PHE G 4807 -14.76 92.21 -40.77
C PHE G 4807 -13.78 91.10 -40.46
N PHE G 4808 -12.66 91.41 -39.81
CA PHE G 4808 -11.73 90.34 -39.43
C PHE G 4808 -12.24 89.51 -38.26
N PHE G 4809 -13.29 89.97 -37.59
CA PHE G 4809 -13.86 89.19 -36.50
C PHE G 4809 -14.59 87.95 -36.97
N ALA G 4810 -14.79 87.81 -38.28
CA ALA G 4810 -15.41 86.59 -38.80
C ALA G 4810 -14.51 85.38 -38.57
N ALA G 4811 -13.19 85.56 -38.68
CA ALA G 4811 -12.28 84.43 -38.57
C ALA G 4811 -12.38 83.72 -37.23
N HIS G 4812 -12.91 84.39 -36.20
CA HIS G 4812 -13.02 83.76 -34.89
C HIS G 4812 -14.15 82.75 -34.82
N LEU G 4813 -15.00 82.67 -35.85
CA LEU G 4813 -16.06 81.67 -35.86
C LEU G 4813 -15.53 80.27 -36.14
N LEU G 4814 -14.31 80.15 -36.66
CA LEU G 4814 -13.72 78.84 -36.87
C LEU G 4814 -13.37 78.15 -35.55
N ASP G 4815 -13.40 78.91 -34.45
CA ASP G 4815 -13.11 78.39 -33.09
C ASP G 4815 -14.08 77.27 -32.73
N ILE G 4816 -15.27 77.18 -33.35
CA ILE G 4816 -16.26 76.19 -32.94
C ILE G 4816 -15.76 74.79 -33.18
N ALA G 4817 -14.92 74.59 -34.19
CA ALA G 4817 -14.40 73.26 -34.46
C ALA G 4817 -13.59 72.73 -33.28
N MET G 4818 -12.75 73.57 -32.68
CA MET G 4818 -12.00 73.14 -31.50
C MET G 4818 -12.83 73.25 -30.23
N GLY G 4819 -13.92 74.00 -30.26
CA GLY G 4819 -14.65 74.27 -29.04
C GLY G 4819 -15.73 73.27 -28.72
N VAL G 4820 -16.10 72.43 -29.68
CA VAL G 4820 -17.19 71.48 -29.52
C VAL G 4820 -16.66 70.08 -29.85
N LYS G 4821 -16.92 69.13 -28.94
CA LYS G 4821 -16.41 67.78 -29.14
C LYS G 4821 -17.09 67.06 -30.30
N THR G 4822 -18.41 67.22 -30.43
CA THR G 4822 -19.12 66.49 -31.48
C THR G 4822 -18.71 66.96 -32.86
N LEU G 4823 -18.45 68.26 -33.01
CA LEU G 4823 -17.92 68.77 -34.27
C LEU G 4823 -16.58 68.13 -34.58
N ARG G 4824 -15.73 67.98 -33.57
CA ARG G 4824 -14.44 67.34 -33.79
C ARG G 4824 -14.60 65.90 -34.23
N THR G 4825 -15.54 65.18 -33.60
CA THR G 4825 -15.75 63.79 -34.00
C THR G 4825 -16.25 63.71 -35.43
N ILE G 4826 -17.15 64.62 -35.83
CA ILE G 4826 -17.66 64.59 -37.19
C ILE G 4826 -16.55 64.90 -38.18
N LEU G 4827 -15.70 65.88 -37.88
CA LEU G 4827 -14.65 66.27 -38.81
C LEU G 4827 -13.53 65.24 -38.86
N SER G 4828 -13.37 64.44 -37.80
CA SER G 4828 -12.33 63.41 -37.82
C SER G 4828 -12.54 62.45 -38.99
N SER G 4829 -13.79 62.22 -39.40
CA SER G 4829 -14.02 61.37 -40.56
C SER G 4829 -13.42 61.96 -41.82
N VAL G 4830 -13.57 63.28 -42.01
CA VAL G 4830 -12.96 63.92 -43.18
C VAL G 4830 -11.45 63.87 -43.07
N THR G 4831 -10.90 64.13 -41.88
CA THR G 4831 -9.44 64.18 -41.74
C THR G 4831 -8.81 62.80 -41.59
N HIS G 4832 -9.61 61.74 -41.46
CA HIS G 4832 -9.05 60.41 -41.28
C HIS G 4832 -8.27 59.97 -42.51
N ASN G 4833 -8.66 60.43 -43.70
CA ASN G 4833 -8.06 60.01 -44.95
C ASN G 4833 -7.72 61.20 -45.85
N GLY G 4834 -7.08 62.22 -45.31
CA GLY G 4834 -6.76 63.38 -46.11
C GLY G 4834 -5.81 63.07 -47.26
N LYS G 4835 -4.82 62.21 -47.03
CA LYS G 4835 -3.83 61.93 -48.05
C LYS G 4835 -4.47 61.30 -49.28
N GLN G 4836 -5.40 60.37 -49.05
CA GLN G 4836 -6.09 59.75 -50.18
C GLN G 4836 -6.89 60.77 -50.96
N LEU G 4837 -7.55 61.70 -50.27
CA LEU G 4837 -8.32 62.74 -50.96
C LEU G 4837 -7.41 63.60 -51.81
N VAL G 4838 -6.24 63.99 -51.28
CA VAL G 4838 -5.32 64.81 -52.04
C VAL G 4838 -4.83 64.06 -53.28
N MET G 4839 -4.48 62.79 -53.11
CA MET G 4839 -4.04 62.00 -54.26
C MET G 4839 -5.14 61.88 -55.30
N THR G 4840 -6.39 61.73 -54.86
CA THR G 4840 -7.50 61.65 -55.81
C THR G 4840 -7.65 62.95 -56.59
N VAL G 4841 -7.50 64.09 -55.92
CA VAL G 4841 -7.58 65.36 -56.62
C VAL G 4841 -6.47 65.45 -57.68
N GLY G 4842 -5.25 65.03 -57.32
CA GLY G 4842 -4.18 65.03 -58.30
C GLY G 4842 -4.46 64.15 -59.49
N LEU G 4843 -5.02 62.97 -59.25
CA LEU G 4843 -5.35 62.07 -60.35
C LEU G 4843 -6.41 62.70 -61.26
N LEU G 4844 -7.40 63.36 -60.67
CA LEU G 4844 -8.38 64.07 -61.48
C LEU G 4844 -7.71 65.11 -62.36
N ALA G 4845 -6.76 65.85 -61.80
CA ALA G 4845 -6.06 66.85 -62.59
C ALA G 4845 -5.36 66.23 -63.79
N VAL G 4846 -4.67 65.10 -63.57
CA VAL G 4846 -3.95 64.47 -64.67
C VAL G 4846 -4.91 64.01 -65.76
N VAL G 4847 -6.03 63.38 -65.36
CA VAL G 4847 -6.97 62.87 -66.35
C VAL G 4847 -7.53 64.02 -67.19
N VAL G 4848 -7.90 65.12 -66.53
CA VAL G 4848 -8.42 66.26 -67.27
C VAL G 4848 -7.36 66.80 -68.21
N TYR G 4849 -6.09 66.77 -67.80
CA TYR G 4849 -5.04 67.24 -68.70
C TYR G 4849 -4.96 66.40 -69.97
N LEU G 4850 -5.06 65.08 -69.83
CA LEU G 4850 -5.03 64.24 -71.02
C LEU G 4850 -6.20 64.55 -71.94
N TYR G 4851 -7.39 64.72 -71.38
CA TYR G 4851 -8.53 65.10 -72.21
C TYR G 4851 -8.28 66.43 -72.90
N THR G 4852 -7.64 67.37 -72.21
CA THR G 4852 -7.31 68.65 -72.81
C THR G 4852 -6.39 68.48 -74.01
N VAL G 4853 -5.38 67.62 -73.89
CA VAL G 4853 -4.46 67.40 -75.00
C VAL G 4853 -5.22 66.90 -76.22
N VAL G 4854 -6.07 65.89 -76.02
CA VAL G 4854 -6.81 65.34 -77.16
C VAL G 4854 -7.69 66.42 -77.78
N ALA G 4855 -8.42 67.17 -76.96
CA ALA G 4855 -9.31 68.19 -77.48
C ALA G 4855 -8.55 69.23 -78.28
N PHE G 4856 -7.44 69.73 -77.72
CA PHE G 4856 -6.65 70.74 -78.42
C PHE G 4856 -6.16 70.22 -79.76
N ASN G 4857 -5.81 68.94 -79.84
CA ASN G 4857 -5.28 68.45 -81.10
C ASN G 4857 -6.36 68.22 -82.16
N PHE G 4858 -7.55 67.75 -81.76
CA PHE G 4858 -8.49 67.24 -82.76
C PHE G 4858 -9.83 67.96 -82.85
N PHE G 4859 -10.33 68.59 -81.77
CA PHE G 4859 -11.69 69.12 -81.77
C PHE G 4859 -11.74 70.63 -81.56
N ARG G 4860 -10.83 71.40 -82.15
CA ARG G 4860 -10.77 72.83 -81.85
C ARG G 4860 -12.03 73.56 -82.30
N LYS G 4861 -12.56 73.21 -83.47
CA LYS G 4861 -13.64 74.00 -84.06
C LYS G 4861 -14.89 74.05 -83.18
N PHE G 4862 -15.07 73.07 -82.29
CA PHE G 4862 -16.30 72.99 -81.51
C PHE G 4862 -16.32 73.92 -80.30
N TYR G 4863 -15.21 74.59 -79.98
CA TYR G 4863 -15.09 75.35 -78.75
C TYR G 4863 -15.36 76.84 -78.93
N ASN G 4864 -16.23 77.21 -79.86
CA ASN G 4864 -16.60 78.61 -80.03
C ASN G 4864 -17.80 78.95 -79.14
N LYS G 4865 -17.71 80.05 -78.41
CA LYS G 4865 -18.71 80.41 -77.42
C LYS G 4865 -19.40 81.73 -77.71
N SER G 4866 -18.99 82.46 -78.74
CA SER G 4866 -19.63 83.72 -79.06
C SER G 4866 -21.00 83.49 -79.69
N GLU G 4867 -21.89 84.45 -79.50
CA GLU G 4867 -23.24 84.39 -80.05
C GLU G 4867 -23.39 85.19 -81.33
N ASP G 4868 -22.30 85.69 -81.89
CA ASP G 4868 -22.36 86.48 -83.12
C ASP G 4868 -21.14 86.15 -83.96
N GLU G 4869 -21.29 86.35 -85.28
CA GLU G 4869 -20.21 86.05 -86.21
C GLU G 4869 -19.20 87.18 -86.35
N ASP G 4870 -19.43 88.31 -85.68
CA ASP G 4870 -18.51 89.45 -85.79
C ASP G 4870 -17.39 89.40 -84.76
N GLU G 4871 -17.63 88.80 -83.60
CA GLU G 4871 -16.65 88.73 -82.51
C GLU G 4871 -16.54 87.29 -82.03
N PRO G 4872 -15.94 86.41 -82.83
CA PRO G 4872 -15.78 85.02 -82.39
C PRO G 4872 -14.92 84.94 -81.14
N ASP G 4873 -15.28 84.00 -80.26
CA ASP G 4873 -14.55 83.76 -79.02
C ASP G 4873 -14.23 82.27 -78.95
N MET G 4874 -12.96 81.94 -79.00
CA MET G 4874 -12.50 80.55 -79.03
C MET G 4874 -11.77 80.23 -77.74
N LYS G 4875 -12.15 79.13 -77.08
CA LYS G 4875 -11.57 78.75 -75.76
C LYS G 4875 -10.46 77.72 -75.94
N CYS G 4876 -10.18 77.22 -77.16
CA CYS G 4876 -9.17 76.16 -77.40
C CYS G 4876 -8.10 76.60 -78.40
N ASP G 4877 -7.83 77.91 -78.51
CA ASP G 4877 -6.78 78.44 -79.42
C ASP G 4877 -5.43 78.33 -78.72
N ASP G 4878 -5.38 77.96 -77.43
CA ASP G 4878 -4.15 77.82 -76.67
C ASP G 4878 -4.36 76.74 -75.64
N MET G 4879 -3.26 76.10 -75.23
CA MET G 4879 -3.39 74.96 -74.33
C MET G 4879 -3.81 75.39 -72.94
N MET G 4880 -3.25 76.49 -72.43
CA MET G 4880 -3.56 76.91 -71.08
C MET G 4880 -5.03 77.29 -70.95
N THR G 4881 -5.53 78.01 -71.97
CA THR G 4881 -6.92 78.50 -72.02
C THR G 4881 -7.89 77.34 -72.19
N CYS G 4882 -7.55 76.34 -73.00
CA CYS G 4882 -8.41 75.14 -73.18
C CYS G 4882 -8.36 74.36 -71.86
N TYR G 4883 -7.21 74.27 -71.18
CA TYR G 4883 -7.06 73.47 -69.93
C TYR G 4883 -7.88 74.09 -68.79
N LEU G 4884 -7.81 75.40 -68.57
CA LEU G 4884 -8.62 76.11 -67.57
C LEU G 4884 -10.10 75.93 -67.86
N PHE G 4885 -10.49 75.97 -69.13
CA PHE G 4885 -11.88 75.77 -69.49
C PHE G 4885 -12.36 74.39 -69.05
N HIS G 4886 -11.56 73.36 -69.31
CA HIS G 4886 -11.95 72.01 -68.92
C HIS G 4886 -12.07 71.88 -67.40
N MET G 4887 -11.14 72.48 -66.66
CA MET G 4887 -11.15 72.31 -65.21
C MET G 4887 -12.27 73.12 -64.57
N TYR G 4888 -12.61 74.27 -65.12
CA TYR G 4888 -13.57 75.16 -64.47
C TYR G 4888 -15.00 74.91 -64.92
N VAL G 4889 -15.22 74.67 -66.20
CA VAL G 4889 -16.58 74.53 -66.73
C VAL G 4889 -16.89 73.07 -66.99
N GLY G 4890 -15.87 72.22 -66.99
CA GLY G 4890 -16.10 70.81 -67.32
C GLY G 4890 -16.57 70.01 -66.13
N VAL G 4891 -15.78 69.99 -65.06
CA VAL G 4891 -16.09 69.12 -63.93
C VAL G 4891 -17.36 69.54 -63.21
N ARG G 4892 -17.65 70.84 -63.13
CA ARG G 4892 -18.82 71.29 -62.40
C ARG G 4892 -20.13 71.07 -63.14
N ALA G 4893 -20.08 70.72 -64.42
CA ALA G 4893 -21.30 70.50 -65.17
C ALA G 4893 -21.94 69.18 -64.78
N GLY G 4894 -23.26 69.11 -64.94
CA GLY G 4894 -23.98 67.90 -64.56
C GLY G 4894 -23.68 66.73 -65.46
N GLY G 4895 -23.60 66.96 -66.77
CA GLY G 4895 -23.35 65.92 -67.74
C GLY G 4895 -21.94 65.88 -68.30
N GLY G 4896 -20.99 66.58 -67.71
CA GLY G 4896 -19.64 66.58 -68.22
C GLY G 4896 -19.41 67.69 -69.24
N ILE G 4897 -18.32 67.54 -69.99
CA ILE G 4897 -17.93 68.57 -70.94
C ILE G 4897 -18.91 68.68 -72.09
N GLY G 4898 -19.56 67.57 -72.45
CA GLY G 4898 -20.46 67.58 -73.59
C GLY G 4898 -21.65 68.51 -73.44
N ASP G 4899 -21.94 68.96 -72.22
CA ASP G 4899 -23.07 69.86 -72.01
C ASP G 4899 -22.77 71.29 -72.42
N GLU G 4900 -21.50 71.64 -72.64
CA GLU G 4900 -21.10 73.01 -72.89
C GLU G 4900 -20.38 73.18 -74.22
N ILE G 4901 -20.67 72.35 -75.21
CA ILE G 4901 -19.98 72.38 -76.49
C ILE G 4901 -21.01 72.27 -77.60
N GLU G 4902 -20.59 72.67 -78.81
CA GLU G 4902 -21.49 72.64 -79.94
C GLU G 4902 -21.92 71.22 -80.26
N ASP G 4903 -23.12 71.08 -80.82
CA ASP G 4903 -23.68 69.78 -81.15
C ASP G 4903 -22.90 69.15 -82.31
N PRO G 4904 -22.40 67.92 -82.17
CA PRO G 4904 -21.62 67.32 -83.26
C PRO G 4904 -22.44 66.68 -84.36
N ALA G 4905 -23.77 66.76 -84.30
CA ALA G 4905 -24.59 66.09 -85.30
C ALA G 4905 -24.28 66.61 -86.69
N GLY G 4906 -24.16 65.68 -87.65
CA GLY G 4906 -23.92 66.02 -89.02
C GLY G 4906 -22.46 66.11 -89.42
N ASP G 4907 -21.53 65.98 -88.48
CA ASP G 4907 -20.11 66.08 -88.80
C ASP G 4907 -19.52 64.69 -89.02
N GLU G 4908 -18.34 64.67 -89.64
CA GLU G 4908 -17.68 63.40 -89.92
C GLU G 4908 -17.10 62.77 -88.65
N TYR G 4909 -16.71 63.58 -87.68
CA TYR G 4909 -16.14 63.10 -86.43
C TYR G 4909 -17.19 62.91 -85.34
N GLU G 4910 -18.43 62.61 -85.73
CA GLU G 4910 -19.51 62.50 -84.75
C GLU G 4910 -19.24 61.40 -83.74
N LEU G 4911 -18.88 60.20 -84.21
CA LEU G 4911 -18.68 59.08 -83.31
C LEU G 4911 -17.54 59.33 -82.34
N TYR G 4912 -16.44 59.93 -82.82
CA TYR G 4912 -15.35 60.27 -81.91
C TYR G 4912 -15.82 61.25 -80.85
N ARG G 4913 -16.68 62.19 -81.26
CA ARG G 4913 -17.21 63.24 -80.35
C ARG G 4913 -18.13 62.62 -79.29
N VAL G 4914 -18.88 61.55 -79.61
CA VAL G 4914 -19.76 60.91 -78.64
C VAL G 4914 -18.94 60.03 -77.70
N VAL G 4915 -17.92 59.36 -78.23
CA VAL G 4915 -17.04 58.58 -77.36
C VAL G 4915 -16.33 59.50 -76.38
N PHE G 4916 -15.83 60.63 -76.85
CA PHE G 4916 -15.20 61.62 -75.99
C PHE G 4916 -16.13 61.99 -74.84
N ASP G 4917 -17.37 62.36 -75.16
CA ASP G 4917 -18.32 62.80 -74.15
C ASP G 4917 -18.60 61.69 -73.14
N ILE G 4918 -18.93 60.49 -73.63
CA ILE G 4918 -19.36 59.43 -72.72
C ILE G 4918 -18.21 59.02 -71.81
N THR G 4919 -17.00 58.90 -72.36
CA THR G 4919 -15.87 58.54 -71.51
C THR G 4919 -15.58 59.61 -70.47
N PHE G 4920 -15.65 60.89 -70.84
CA PHE G 4920 -15.48 61.94 -69.85
C PHE G 4920 -16.51 61.78 -68.73
N PHE G 4921 -17.77 61.58 -69.11
CA PHE G 4921 -18.83 61.44 -68.12
C PHE G 4921 -18.56 60.28 -67.19
N PHE G 4922 -18.17 59.13 -67.74
CA PHE G 4922 -17.95 57.95 -66.91
C PHE G 4922 -16.77 58.12 -65.97
N PHE G 4923 -15.62 58.54 -66.51
CA PHE G 4923 -14.41 58.50 -65.69
C PHE G 4923 -14.35 59.66 -64.71
N VAL G 4924 -14.84 60.83 -65.09
CA VAL G 4924 -14.71 61.99 -64.21
C VAL G 4924 -15.91 62.09 -63.28
N ILE G 4925 -17.10 62.22 -63.85
CA ILE G 4925 -18.28 62.54 -63.05
C ILE G 4925 -18.70 61.37 -62.17
N VAL G 4926 -18.72 60.16 -62.72
CA VAL G 4926 -19.31 59.03 -62.02
C VAL G 4926 -18.33 58.39 -61.06
N ILE G 4927 -17.15 58.02 -61.56
CA ILE G 4927 -16.27 57.15 -60.78
C ILE G 4927 -15.51 57.95 -59.73
N LEU G 4928 -14.86 59.05 -60.13
CA LEU G 4928 -13.98 59.74 -59.20
C LEU G 4928 -14.76 60.33 -58.02
N LEU G 4929 -15.94 60.89 -58.26
CA LEU G 4929 -16.75 61.34 -57.14
C LEU G 4929 -17.17 60.18 -56.26
N ALA G 4930 -17.43 59.01 -56.85
CA ALA G 4930 -17.73 57.83 -56.06
C ALA G 4930 -16.56 57.47 -55.15
N ILE G 4931 -15.34 57.57 -55.66
CA ILE G 4931 -14.16 57.31 -54.84
C ILE G 4931 -14.09 58.31 -53.69
N ILE G 4932 -14.31 59.59 -53.99
CA ILE G 4932 -14.22 60.61 -52.95
C ILE G 4932 -15.25 60.36 -51.86
N GLN G 4933 -16.44 59.92 -52.24
CA GLN G 4933 -17.48 59.69 -51.24
C GLN G 4933 -17.23 58.40 -50.46
N GLY G 4934 -16.68 57.38 -51.12
CA GLY G 4934 -16.35 56.16 -50.41
C GLY G 4934 -15.27 56.37 -49.37
N LEU G 4935 -14.28 57.20 -49.70
CA LEU G 4935 -13.22 57.46 -48.74
C LEU G 4935 -13.76 58.11 -47.47
N ILE G 4936 -14.88 58.81 -47.55
CA ILE G 4936 -15.49 59.40 -46.37
C ILE G 4936 -16.38 58.38 -45.66
N ILE G 4937 -17.18 57.65 -46.42
CA ILE G 4937 -18.11 56.69 -45.81
C ILE G 4937 -17.35 55.60 -45.06
N ASP G 4938 -16.10 55.34 -45.49
CA ASP G 4938 -15.25 54.28 -44.89
C ASP G 4938 -14.75 54.68 -43.51
N ALA G 4939 -14.65 55.99 -43.21
CA ALA G 4939 -14.09 56.46 -41.94
C ALA G 4939 -15.04 56.20 -40.78
N PHE G 4940 -16.35 56.40 -40.99
CA PHE G 4940 -17.30 56.14 -39.91
C PHE G 4940 -17.21 54.70 -39.44
N GLY G 4941 -17.25 53.75 -40.38
CA GLY G 4941 -17.16 52.36 -40.01
C GLY G 4941 -15.86 52.04 -39.30
N GLU G 4942 -14.75 52.57 -39.81
CA GLU G 4942 -13.46 52.28 -39.18
C GLU G 4942 -13.42 52.77 -37.74
N LEU G 4943 -13.86 54.00 -37.51
CA LEU G 4943 -13.83 54.56 -36.16
C LEU G 4943 -14.75 53.80 -35.21
N ARG G 4944 -15.96 53.45 -35.69
CA ARG G 4944 -16.86 52.68 -34.85
C ARG G 4944 -16.25 51.34 -34.48
N ASP G 4945 -15.60 50.68 -35.44
CA ASP G 4945 -14.96 49.41 -35.16
C ASP G 4945 -13.87 49.57 -34.11
N GLN G 4946 -13.06 50.62 -34.22
CA GLN G 4946 -12.03 50.86 -33.20
C GLN G 4946 -12.65 50.98 -31.82
N GLN G 4947 -13.71 51.80 -31.71
CA GLN G 4947 -14.32 52.01 -30.40
C GLN G 4947 -14.87 50.71 -29.82
N GLU G 4948 -15.58 49.94 -30.65
CA GLU G 4948 -16.15 48.69 -30.17
C GLU G 4948 -15.07 47.72 -29.74
N GLN G 4949 -13.98 47.64 -30.50
CA GLN G 4949 -12.90 46.73 -30.15
C GLN G 4949 -12.30 47.12 -28.81
N VAL G 4950 -12.10 48.42 -28.58
CA VAL G 4950 -11.56 48.85 -27.29
C VAL G 4950 -12.49 48.44 -26.16
N LYS G 4951 -13.79 48.67 -26.34
CA LYS G 4951 -14.75 48.30 -25.30
C LYS G 4951 -14.66 46.81 -25.00
N GLU G 4952 -14.70 45.99 -26.03
CA GLU G 4952 -14.70 44.54 -25.82
C GLU G 4952 -13.41 44.10 -25.12
N ASP G 4953 -12.28 44.68 -25.54
CA ASP G 4953 -10.95 44.32 -25.00
C ASP G 4953 -10.93 44.63 -23.51
N MET G 4954 -11.40 45.81 -23.14
CA MET G 4954 -11.41 46.20 -21.73
C MET G 4954 -12.43 45.38 -20.93
N GLU G 4955 -13.45 44.84 -21.59
CA GLU G 4955 -14.48 44.07 -20.90
C GLU G 4955 -14.20 42.59 -20.82
N THR G 4956 -13.17 42.09 -21.51
CA THR G 4956 -12.97 40.64 -21.57
C THR G 4956 -11.79 40.13 -20.75
N LYS G 4957 -10.76 40.95 -20.53
CA LYS G 4957 -9.56 40.51 -19.83
C LYS G 4957 -9.11 41.56 -18.84
N CYS G 4958 -8.34 41.13 -17.84
CA CYS G 4958 -7.79 42.06 -16.87
C CYS G 4958 -6.65 42.85 -17.48
N PHE G 4959 -6.61 44.15 -17.18
CA PHE G 4959 -5.59 45.01 -17.77
C PHE G 4959 -4.20 44.66 -17.25
N ILE G 4960 -4.11 44.26 -15.98
CA ILE G 4960 -2.81 44.10 -15.35
C ILE G 4960 -2.23 42.72 -15.64
N CYS G 4961 -2.92 41.66 -15.21
CA CYS G 4961 -2.37 40.32 -15.32
C CYS G 4961 -2.72 39.63 -16.64
N GLY G 4962 -3.84 39.98 -17.27
CA GLY G 4962 -4.19 39.41 -18.55
C GLY G 4962 -4.97 38.11 -18.50
N ILE G 4963 -5.40 37.67 -17.32
CA ILE G 4963 -6.19 36.45 -17.22
C ILE G 4963 -7.58 36.70 -17.79
N GLY G 4964 -8.15 35.68 -18.43
CA GLY G 4964 -9.47 35.83 -19.00
C GLY G 4964 -10.56 35.88 -17.94
N SER G 4965 -11.66 36.53 -18.29
CA SER G 4965 -12.75 36.68 -17.33
C SER G 4965 -13.43 35.35 -17.06
N ASP G 4966 -13.40 34.43 -18.01
CA ASP G 4966 -14.03 33.13 -17.82
C ASP G 4966 -13.46 32.40 -16.61
N TYR G 4967 -12.16 32.53 -16.36
CA TYR G 4967 -11.57 31.87 -15.19
C TYR G 4967 -12.16 32.41 -13.90
N PHE G 4968 -12.27 33.73 -13.78
CA PHE G 4968 -12.78 34.31 -12.54
C PHE G 4968 -14.27 34.09 -12.39
N ASP G 4969 -14.99 33.93 -13.50
CA ASP G 4969 -16.44 33.83 -13.42
C ASP G 4969 -16.89 32.50 -12.81
N THR G 4970 -15.95 31.59 -12.56
CA THR G 4970 -16.30 30.35 -11.87
C THR G 4970 -16.95 30.63 -10.52
N THR G 4971 -16.65 31.76 -9.91
CA THR G 4971 -17.29 32.22 -8.68
C THR G 4971 -18.25 33.35 -9.02
N PRO G 4972 -19.40 33.44 -8.35
CA PRO G 4972 -20.36 34.50 -8.68
C PRO G 4972 -19.71 35.88 -8.62
N HIS G 4973 -19.77 36.59 -9.75
CA HIS G 4973 -19.24 37.95 -9.84
C HIS G 4973 -17.74 38.01 -9.57
N GLY G 4974 -17.01 36.98 -9.96
CA GLY G 4974 -15.58 36.97 -9.71
C GLY G 4974 -14.86 38.10 -10.43
N PHE G 4975 -15.21 38.33 -11.69
CA PHE G 4975 -14.48 39.32 -12.47
C PHE G 4975 -14.66 40.72 -11.92
N GLU G 4976 -15.88 41.07 -11.48
CA GLU G 4976 -16.11 42.39 -10.93
C GLU G 4976 -15.25 42.62 -9.70
N THR G 4977 -15.23 41.65 -8.79
CA THR G 4977 -14.41 41.79 -7.59
C THR G 4977 -12.93 41.89 -7.95
N HIS G 4978 -12.48 41.06 -8.90
CA HIS G 4978 -11.08 41.11 -9.29
C HIS G 4978 -10.70 42.49 -9.81
N THR G 4979 -11.52 43.05 -10.69
CA THR G 4979 -11.19 44.33 -11.28
C THR G 4979 -11.45 45.50 -10.35
N LEU G 4980 -12.22 45.31 -9.28
CA LEU G 4980 -12.54 46.42 -8.39
C LEU G 4980 -11.63 46.48 -7.16
N GLU G 4981 -11.23 45.33 -6.62
CA GLU G 4981 -10.49 45.33 -5.36
C GLU G 4981 -9.31 44.38 -5.31
N GLU G 4982 -8.86 43.82 -6.44
CA GLU G 4982 -7.65 43.01 -6.46
C GLU G 4982 -6.61 43.59 -7.40
N HIS G 4983 -7.01 43.95 -8.62
CA HIS G 4983 -6.11 44.53 -9.61
C HIS G 4983 -6.60 45.88 -10.08
N ASN G 4984 -7.13 46.67 -9.15
CA ASN G 4984 -7.62 48.00 -9.50
C ASN G 4984 -6.47 48.88 -9.95
N LEU G 4985 -6.75 49.81 -10.87
CA LEU G 4985 -5.70 50.66 -11.41
C LEU G 4985 -5.40 51.83 -10.48
N ALA G 4986 -6.44 52.50 -9.98
CA ALA G 4986 -6.22 53.68 -9.15
C ALA G 4986 -5.36 53.34 -7.93
N ASN G 4987 -5.46 52.11 -7.44
CA ASN G 4987 -4.70 51.73 -6.25
C ASN G 4987 -3.21 51.81 -6.50
N TYR G 4988 -2.76 51.47 -7.70
CA TYR G 4988 -1.33 51.55 -7.98
C TYR G 4988 -0.84 52.99 -7.99
N MET G 4989 -1.62 53.91 -8.54
CA MET G 4989 -1.24 55.32 -8.49
C MET G 4989 -1.19 55.79 -7.05
N PHE G 4990 -2.20 55.41 -6.25
CA PHE G 4990 -2.21 55.81 -4.86
C PHE G 4990 -1.00 55.27 -4.11
N PHE G 4991 -0.62 54.02 -4.39
CA PHE G 4991 0.57 53.44 -3.77
C PHE G 4991 1.82 54.20 -4.18
N LEU G 4992 1.92 54.58 -5.45
CA LEU G 4992 3.08 55.34 -5.89
C LEU G 4992 3.18 56.67 -5.15
N MET G 4993 2.05 57.38 -5.01
CA MET G 4993 2.05 58.62 -4.26
C MET G 4993 2.46 58.39 -2.82
N TYR G 4994 1.91 57.35 -2.20
CA TYR G 4994 2.21 57.05 -0.82
C TYR G 4994 3.68 56.76 -0.62
N LEU G 4995 4.29 56.02 -1.55
CA LEU G 4995 5.71 55.76 -1.48
C LEU G 4995 6.52 57.04 -1.61
N ILE G 4996 6.19 57.86 -2.62
CA ILE G 4996 6.97 59.07 -2.85
C ILE G 4996 6.91 59.99 -1.64
N ASN G 4997 5.75 60.12 -1.03
CA ASN G 4997 5.60 61.05 0.09
C ASN G 4997 6.52 60.67 1.25
N LYS G 4998 6.28 59.52 1.87
CA LYS G 4998 6.96 59.20 3.11
C LYS G 4998 8.46 59.00 2.90
N ASP G 4999 9.22 59.29 3.95
CA ASP G 4999 10.68 59.24 3.88
C ASP G 4999 11.17 57.79 3.89
N GLU G 5000 12.37 57.59 3.33
CA GLU G 5000 12.93 56.25 3.22
C GLU G 5000 13.12 55.61 4.58
N THR G 5001 13.42 56.39 5.61
CA THR G 5001 13.79 55.83 6.89
C THR G 5001 12.67 55.00 7.50
N GLU G 5002 11.43 55.16 7.04
CA GLU G 5002 10.30 54.40 7.57
C GLU G 5002 9.84 53.30 6.63
N HIS G 5003 10.41 53.19 5.45
CA HIS G 5003 10.01 52.14 4.52
C HIS G 5003 10.17 50.78 5.17
N THR G 5004 9.19 49.90 4.96
CA THR G 5004 9.31 48.53 5.40
C THR G 5004 10.04 47.71 4.35
N GLY G 5005 10.11 46.40 4.57
CA GLY G 5005 10.81 45.55 3.63
C GLY G 5005 10.22 45.59 2.24
N GLN G 5006 8.90 45.43 2.13
CA GLN G 5006 8.25 45.41 0.83
C GLN G 5006 8.29 46.78 0.18
N GLU G 5007 8.04 47.85 0.95
CA GLU G 5007 8.08 49.18 0.39
C GLU G 5007 9.48 49.50 -0.14
N SER G 5008 10.51 49.14 0.63
CA SER G 5008 11.87 49.39 0.18
C SER G 5008 12.20 48.57 -1.06
N TYR G 5009 11.75 47.32 -1.12
CA TYR G 5009 11.97 46.50 -2.30
C TYR G 5009 11.36 47.17 -3.53
N VAL G 5010 10.10 47.58 -3.42
CA VAL G 5010 9.44 48.21 -4.56
C VAL G 5010 10.12 49.52 -4.93
N TRP G 5011 10.53 50.30 -3.92
CA TRP G 5011 11.19 51.57 -4.19
C TRP G 5011 12.48 51.35 -4.96
N LYS G 5012 13.29 50.38 -4.54
CA LYS G 5012 14.54 50.12 -5.25
C LYS G 5012 14.27 49.65 -6.67
N MET G 5013 13.27 48.79 -6.85
CA MET G 5013 12.98 48.32 -8.20
C MET G 5013 12.51 49.47 -9.09
N TYR G 5014 11.74 50.40 -8.53
CA TYR G 5014 11.26 51.53 -9.31
C TYR G 5014 12.39 52.50 -9.64
N GLN G 5015 13.35 52.64 -8.72
CA GLN G 5015 14.49 53.53 -8.99
C GLN G 5015 15.26 53.06 -10.21
N GLU G 5016 15.56 51.77 -10.30
CA GLU G 5016 16.29 51.21 -11.42
C GLU G 5016 15.42 51.08 -12.67
N ARG G 5017 14.12 51.28 -12.55
CA ARG G 5017 13.21 51.21 -13.69
C ARG G 5017 13.10 49.78 -14.22
N CYS G 5018 12.82 48.85 -13.31
CA CYS G 5018 12.56 47.46 -13.66
C CYS G 5018 11.13 47.14 -13.24
N TRP G 5019 10.32 46.68 -14.19
CA TRP G 5019 8.89 46.47 -13.96
C TRP G 5019 8.54 45.00 -13.71
N ASP G 5020 9.41 44.27 -13.01
CA ASP G 5020 9.16 42.86 -12.75
C ASP G 5020 8.22 42.62 -11.59
N PHE G 5021 7.93 43.64 -10.78
CA PHE G 5021 7.06 43.41 -9.62
C PHE G 5021 5.58 43.43 -9.97
N PHE G 5022 5.23 43.87 -11.17
CA PHE G 5022 3.84 43.78 -11.60
C PHE G 5022 3.49 42.33 -11.87
N PRO G 5023 2.40 41.80 -11.32
CA PRO G 5023 2.01 40.43 -11.64
C PRO G 5023 1.69 40.30 -13.13
N ALA G 5024 2.04 39.15 -13.70
CA ALA G 5024 1.82 38.90 -15.12
C ALA G 5024 1.62 37.41 -15.32
N GLY G 5025 0.39 37.02 -15.66
CA GLY G 5025 0.08 35.61 -15.81
C GLY G 5025 -0.10 34.86 -14.51
N ASP G 5026 -0.27 35.57 -13.40
CA ASP G 5026 -0.48 34.93 -12.11
C ASP G 5026 -1.21 35.90 -11.20
N CYS G 5027 -1.81 35.36 -10.14
CA CYS G 5027 -2.55 36.19 -9.20
C CYS G 5027 -2.65 35.45 -7.88
N PHE G 5028 -3.04 36.19 -6.84
CA PHE G 5028 -3.16 35.61 -5.51
C PHE G 5028 -4.16 34.47 -5.48
N ARG G 5029 -5.31 34.67 -6.12
CA ARG G 5029 -6.35 33.64 -6.11
C ARG G 5029 -5.87 32.37 -6.79
N LYS G 5030 -5.20 32.50 -7.93
CA LYS G 5030 -4.71 31.32 -8.63
C LYS G 5030 -3.63 30.60 -7.82
N GLN G 5031 -2.79 31.35 -7.13
CA GLN G 5031 -1.66 30.75 -6.42
C GLN G 5031 -2.14 29.78 -5.35
N TYR G 5032 -3.11 30.18 -4.52
CA TYR G 5032 -3.52 29.40 -3.36
C TYR G 5032 -4.87 28.73 -3.56
N GLU G 5033 -5.26 28.48 -4.81
CA GLU G 5033 -6.56 27.85 -5.05
C GLU G 5033 -6.65 26.48 -4.40
N ASP G 5034 -5.50 25.83 -4.17
CA ASP G 5034 -5.51 24.53 -3.51
C ASP G 5034 -6.03 24.64 -2.09
N GLN G 5035 -5.63 25.68 -1.36
CA GLN G 5035 -6.00 25.86 0.03
C GLN G 5035 -7.24 26.74 0.19
N LEU G 5036 -8.13 26.74 -0.81
CA LEU G 5036 -9.34 27.54 -0.74
C LEU G 5036 -10.50 26.80 -1.38
N GLY H 5 89.26 53.71 82.32
CA GLY H 5 89.91 52.73 81.43
C GLY H 5 89.97 53.22 80.00
N VAL H 6 90.60 54.36 79.76
CA VAL H 6 90.72 54.94 78.39
C VAL H 6 92.17 55.33 78.17
N GLU H 7 92.71 54.96 77.01
CA GLU H 7 94.10 55.30 76.64
C GLU H 7 94.09 56.58 75.82
N ILE H 8 94.98 57.51 76.14
CA ILE H 8 95.06 58.81 75.44
C ILE H 8 96.50 59.02 74.99
N GLU H 9 96.67 59.42 73.73
CA GLU H 9 98.01 59.70 73.17
C GLU H 9 97.98 61.08 72.54
N THR H 10 99.05 61.84 72.71
CA THR H 10 99.13 63.22 72.18
C THR H 10 99.68 63.22 70.77
N ILE H 11 99.16 64.10 69.93
CA ILE H 11 99.63 64.26 68.53
C ILE H 11 100.24 65.66 68.37
N SER H 12 99.55 66.69 68.84
CA SER H 12 100.06 68.07 68.77
C SER H 12 99.84 68.72 70.13
N PRO H 13 100.72 69.64 70.55
CA PRO H 13 100.54 70.29 71.84
C PRO H 13 99.45 71.35 71.83
N GLY H 14 98.90 71.64 73.01
CA GLY H 14 97.87 72.69 73.16
C GLY H 14 98.40 73.83 74.00
N ASP H 15 97.51 74.71 74.42
CA ASP H 15 97.90 75.86 75.28
C ASP H 15 98.44 75.33 76.62
N GLY H 16 97.87 74.25 77.13
CA GLY H 16 98.29 73.66 78.42
C GLY H 16 97.75 74.40 79.64
N ARG H 17 96.91 75.41 79.49
CA ARG H 17 96.40 76.20 80.64
C ARG H 17 94.87 76.22 80.72
N THR H 18 94.18 76.04 79.60
CA THR H 18 92.70 76.08 79.57
C THR H 18 92.17 74.66 79.46
N PHE H 19 91.26 74.29 80.35
CA PHE H 19 90.67 72.95 80.36
C PHE H 19 89.15 73.07 80.46
N PRO H 20 88.40 72.05 80.00
CA PRO H 20 86.96 72.12 80.11
C PRO H 20 86.50 72.23 81.56
N LYS H 21 85.46 73.04 81.78
CA LYS H 21 84.92 73.26 83.12
C LYS H 21 83.41 73.03 83.10
N LYS H 22 82.85 72.77 84.27
CA LYS H 22 81.40 72.48 84.36
C LYS H 22 80.61 73.65 83.80
N GLY H 23 79.59 73.35 83.01
CA GLY H 23 78.72 74.38 82.43
C GLY H 23 79.22 74.95 81.12
N GLN H 24 80.22 74.33 80.51
CA GLN H 24 80.77 74.79 79.22
C GLN H 24 80.39 73.82 78.11
N THR H 25 80.52 74.28 76.88
CA THR H 25 80.22 73.48 75.68
C THR H 25 81.50 73.32 74.87
N CYS H 26 81.81 72.10 74.46
CA CYS H 26 83.04 71.82 73.71
C CYS H 26 82.72 71.72 72.22
N VAL H 27 83.54 72.39 71.42
CA VAL H 27 83.40 72.34 69.94
C VAL H 27 84.63 71.63 69.40
N VAL H 28 84.42 70.49 68.74
CA VAL H 28 85.56 69.66 68.29
C VAL H 28 85.36 69.17 66.87
N HIS H 29 86.47 68.83 66.21
CA HIS H 29 86.44 68.15 64.91
C HIS H 29 87.04 66.77 65.15
N TYR H 30 86.30 65.72 64.80
CA TYR H 30 86.74 64.35 65.11
C TYR H 30 86.60 63.42 63.91
N THR H 31 87.38 62.36 63.92
CA THR H 31 87.31 61.31 62.89
C THR H 31 87.33 59.97 63.61
N GLY H 32 86.36 59.11 63.32
CA GLY H 32 86.23 57.82 63.99
C GLY H 32 86.52 56.67 63.05
N MET H 33 87.05 55.59 63.60
CA MET H 33 87.37 54.39 62.79
C MET H 33 87.41 53.19 63.71
N LEU H 34 87.28 52.01 63.11
CA LEU H 34 87.32 50.75 63.88
C LEU H 34 88.78 50.36 64.17
N GLN H 35 88.95 49.31 64.96
CA GLN H 35 90.30 48.86 65.34
C GLN H 35 91.07 48.33 64.13
N ASN H 36 90.37 47.98 63.04
CA ASN H 36 91.00 47.41 61.83
C ASN H 36 91.26 48.51 60.79
N GLY H 37 91.08 49.79 61.15
CA GLY H 37 91.36 50.91 60.24
C GLY H 37 90.23 51.22 59.29
N LYS H 38 89.04 50.67 59.52
CA LYS H 38 87.87 50.94 58.66
C LYS H 38 87.15 52.17 59.20
N LYS H 39 87.25 53.28 58.48
CA LYS H 39 86.58 54.52 58.90
C LYS H 39 85.06 54.34 58.86
N PHE H 40 84.37 54.93 59.83
CA PHE H 40 82.89 54.84 59.88
C PHE H 40 82.23 56.20 60.15
N ASP H 41 82.99 57.21 60.55
CA ASP H 41 82.40 58.54 60.81
C ASP H 41 83.49 59.61 60.76
N SER H 42 83.12 60.80 60.32
CA SER H 42 84.05 61.93 60.26
C SER H 42 83.24 63.21 60.16
N SER H 43 83.42 64.13 61.10
CA SER H 43 82.69 65.41 61.08
C SER H 43 83.24 66.35 59.99
N ARG H 44 84.47 66.12 59.54
CA ARG H 44 85.08 66.99 58.52
C ARG H 44 84.43 66.78 57.15
N ASP H 45 83.85 65.62 56.90
CA ASP H 45 83.14 65.39 55.62
C ASP H 45 81.96 66.34 55.51
N ARG H 46 81.23 66.53 56.60
CA ARG H 46 80.06 67.46 56.60
C ARG H 46 80.52 68.91 56.72
N ASN H 47 81.79 69.16 57.02
CA ASN H 47 82.32 70.54 57.13
C ASN H 47 81.54 71.31 58.20
N LYS H 48 81.25 70.65 59.31
CA LYS H 48 80.48 71.29 60.39
C LYS H 48 80.99 70.77 61.75
N PRO H 49 81.55 71.61 62.63
CA PRO H 49 82.02 71.11 63.90
C PRO H 49 80.89 70.58 64.78
N PHE H 50 81.21 69.63 65.64
CA PHE H 50 80.21 69.00 66.53
C PHE H 50 80.27 69.65 67.90
N LYS H 51 79.10 69.99 68.43
CA LYS H 51 79.00 70.64 69.76
C LYS H 51 78.30 69.71 70.74
N PHE H 52 78.85 69.61 71.94
CA PHE H 52 78.23 68.79 73.01
C PHE H 52 78.55 69.43 74.36
N ARG H 53 77.74 69.09 75.35
CA ARG H 53 77.86 69.68 76.70
C ARG H 53 78.11 68.59 77.72
N ILE H 54 78.98 68.89 78.68
CA ILE H 54 79.42 67.87 79.66
C ILE H 54 78.34 67.64 80.72
N GLY H 55 78.20 66.40 81.17
CA GLY H 55 77.31 66.08 82.30
C GLY H 55 75.88 65.78 81.91
N LYS H 56 75.50 65.99 80.65
CA LYS H 56 74.08 65.81 80.24
C LYS H 56 73.92 64.50 79.48
N GLN H 57 74.96 63.67 79.42
CA GLN H 57 74.88 62.34 78.77
C GLN H 57 74.40 62.51 77.33
N GLU H 58 75.17 63.22 76.53
CA GLU H 58 74.82 63.44 75.10
C GLU H 58 75.68 62.55 74.21
N VAL H 59 76.82 62.08 74.71
CA VAL H 59 77.74 61.22 73.91
C VAL H 59 78.19 60.06 74.78
N ILE H 60 78.86 59.10 74.16
CA ILE H 60 79.36 57.93 74.90
C ILE H 60 80.34 58.36 75.98
N LYS H 61 80.52 57.52 76.98
CA LYS H 61 81.41 57.87 78.12
C LYS H 61 82.84 58.05 77.63
N GLY H 62 83.30 57.17 76.75
CA GLY H 62 84.69 57.25 76.27
C GLY H 62 85.01 58.64 75.74
N PHE H 63 84.14 59.17 74.90
CA PHE H 63 84.38 60.49 74.28
C PHE H 63 84.46 61.57 75.36
N GLU H 64 83.54 61.55 76.32
CA GLU H 64 83.50 62.62 77.35
C GLU H 64 84.76 62.56 78.21
N GLU H 65 85.14 61.37 78.66
CA GLU H 65 86.34 61.22 79.51
C GLU H 65 87.58 61.62 78.70
N GLY H 66 87.64 61.26 77.43
CA GLY H 66 88.78 61.63 76.59
C GLY H 66 88.88 63.13 76.44
N ALA H 67 87.75 63.80 76.21
CA ALA H 67 87.74 65.25 75.98
C ALA H 67 88.05 66.00 77.27
N ALA H 68 87.62 65.47 78.42
CA ALA H 68 87.79 66.17 79.71
C ALA H 68 89.27 66.36 80.04
N GLN H 69 90.16 65.54 79.46
CA GLN H 69 91.60 65.61 79.79
C GLN H 69 92.38 66.38 78.73
N MET H 70 91.71 67.05 77.80
CA MET H 70 92.40 67.75 76.70
C MET H 70 92.40 69.25 76.93
N SER H 71 93.49 69.90 76.54
CA SER H 71 93.60 71.37 76.62
C SER H 71 93.11 71.99 75.32
N LEU H 72 92.82 73.29 75.37
CA LEU H 72 92.34 74.01 74.18
C LEU H 72 93.40 73.95 73.07
N GLY H 73 92.97 73.62 71.87
CA GLY H 73 93.89 73.58 70.71
C GLY H 73 94.69 72.30 70.62
N GLN H 74 94.47 71.33 71.51
CA GLN H 74 95.27 70.09 71.50
C GLN H 74 94.67 69.06 70.54
N ARG H 75 95.53 68.31 69.87
CA ARG H 75 95.11 67.22 68.99
C ARG H 75 95.62 65.92 69.59
N ALA H 76 94.73 64.96 69.82
CA ALA H 76 95.09 63.70 70.49
C ALA H 76 94.26 62.56 69.94
N LYS H 77 94.68 61.34 70.27
CA LYS H 77 93.97 60.12 69.84
C LYS H 77 93.39 59.42 71.06
N LEU H 78 92.19 58.88 70.92
CA LEU H 78 91.49 58.20 72.03
C LEU H 78 91.15 56.77 71.64
N THR H 79 91.19 55.89 72.62
CA THR H 79 90.82 54.46 72.42
C THR H 79 89.77 54.10 73.46
N CYS H 80 88.67 53.53 73.02
CA CYS H 80 87.55 53.17 73.93
C CYS H 80 87.28 51.67 73.84
N THR H 81 87.13 51.03 74.99
CA THR H 81 86.84 49.58 75.04
C THR H 81 85.37 49.34 74.75
N PRO H 82 84.98 48.12 74.36
CA PRO H 82 83.59 47.86 74.02
C PRO H 82 82.62 48.17 75.17
N ASP H 83 83.03 47.90 76.40
CA ASP H 83 82.15 48.08 77.57
C ASP H 83 81.90 49.57 77.85
N VAL H 84 82.65 50.48 77.23
CA VAL H 84 82.52 51.93 77.52
C VAL H 84 81.84 52.67 76.36
N ALA H 85 81.74 52.08 75.18
CA ALA H 85 81.18 52.77 74.00
C ALA H 85 79.78 52.24 73.65
N TYR H 86 79.66 50.97 73.29
CA TYR H 86 78.35 50.42 72.85
C TYR H 86 78.04 49.04 73.44
N GLY H 87 79.02 48.35 74.00
CA GLY H 87 78.74 47.05 74.63
C GLY H 87 78.46 45.97 73.61
N ALA H 88 77.60 45.01 73.94
CA ALA H 88 77.35 43.84 73.08
C ALA H 88 76.22 44.07 72.08
N THR H 89 75.66 45.27 72.02
CA THR H 89 74.57 45.58 71.07
C THR H 89 75.10 46.31 69.84
N GLY H 90 75.90 47.35 70.05
CA GLY H 90 76.45 48.13 68.92
C GLY H 90 75.42 48.99 68.25
N HIS H 91 75.81 49.62 67.15
CA HIS H 91 74.91 50.48 66.37
C HIS H 91 74.44 49.68 65.14
N PRO H 92 73.16 49.30 65.03
CA PRO H 92 72.73 48.47 63.91
C PRO H 92 73.13 49.04 62.55
N GLY H 93 73.87 48.26 61.77
CA GLY H 93 74.25 48.67 60.41
C GLY H 93 75.48 49.56 60.34
N VAL H 94 76.10 49.88 61.46
CA VAL H 94 77.28 50.77 61.48
C VAL H 94 78.41 50.10 62.25
N ILE H 95 78.16 49.74 63.49
CA ILE H 95 79.21 49.16 64.36
C ILE H 95 78.76 47.75 64.76
N PRO H 96 79.61 46.72 64.62
CA PRO H 96 79.22 45.39 65.05
C PRO H 96 79.34 45.23 66.57
N PRO H 97 78.78 44.15 67.14
CA PRO H 97 78.88 43.95 68.58
C PRO H 97 80.32 43.78 69.05
N ASN H 98 80.59 44.22 70.28
CA ASN H 98 81.93 44.06 70.90
C ASN H 98 83.00 44.61 69.98
N ALA H 99 82.95 45.92 69.74
CA ALA H 99 83.92 46.59 68.85
C ALA H 99 84.71 47.64 69.63
N THR H 100 86.00 47.74 69.37
CA THR H 100 86.86 48.76 70.00
C THR H 100 86.96 49.95 69.06
N LEU H 101 86.74 51.15 69.58
CA LEU H 101 86.70 52.37 68.76
C LEU H 101 87.95 53.21 68.96
N ILE H 102 88.42 53.84 67.88
CA ILE H 102 89.59 54.73 67.93
C ILE H 102 89.17 56.06 67.33
N PHE H 103 89.50 57.15 68.02
CA PHE H 103 89.07 58.50 67.59
C PHE H 103 90.27 59.43 67.42
N ASP H 104 90.13 60.38 66.50
CA ASP H 104 91.16 61.42 66.27
C ASP H 104 90.46 62.74 66.57
N VAL H 105 90.60 63.22 67.80
CA VAL H 105 89.85 64.40 68.26
C VAL H 105 90.75 65.62 68.35
N GLU H 106 90.25 66.76 67.90
CA GLU H 106 90.97 68.05 68.03
C GLU H 106 90.00 69.04 68.66
N LEU H 107 90.45 69.74 69.70
CA LEU H 107 89.59 70.72 70.39
C LEU H 107 89.81 72.09 69.77
N LEU H 108 88.74 72.69 69.27
CA LEU H 108 88.84 73.99 68.56
C LEU H 108 88.57 75.16 69.51
N ASN H 109 87.40 75.19 70.13
CA ASN H 109 87.02 76.33 70.97
C ASN H 109 86.21 75.85 72.16
N LEU H 110 86.21 76.64 73.23
CA LEU H 110 85.44 76.33 74.45
C LEU H 110 84.50 77.49 74.74
N GLU H 111 83.30 77.18 75.22
CA GLU H 111 82.30 78.21 75.54
C GLU H 111 81.23 77.58 76.44
CA CA I . 32.04 12.51 -40.09
ZN ZN J . 5.57 27.60 -32.68
ZN ZN K . -16.78 14.52 -37.00
CA CA L . -27.76 -14.32 -42.60
ZN ZN M . -28.24 27.62 -17.33
CA CA N . -46.77 23.35 7.61
ZN ZN O . -5.89 40.70 -13.02
CA CA P . 13.03 50.18 10.12
#